data_6YFN
#
_entry.id   6YFN
#
_cell.length_a   500.893
_cell.length_b   500.893
_cell.length_c   287.055
_cell.angle_alpha   90.000
_cell.angle_beta   90.000
_cell.angle_gamma   120.000
#
_symmetry.space_group_name_H-M   'P 32 2 1'
#
loop_
_entity.id
_entity.type
_entity.pdbx_description
1 polymer 'coat protein'
2 non-polymer 'CALCIUM ION'
#
_entity_poly.entity_id   1
_entity_poly.type   'polypeptide(L)'
_entity_poly.pdbx_seq_one_letter_code
;PQAADIVIADAQATPVNHTFVPIGPDPKDATIYWWEDQSQASPAGYWRLSMQLVRPAPAKAGQNTNQRMIRVRVSTFEPI
LEVAVTATYSGIAPSPTVSYVPKAFTEFVLPERATLDNRKDIRKMHALALTTSEAIAMIESLQFVY
;
_entity_poly.pdbx_strand_id   AA,AB,AC,AD,AE,AF,AG,AH,AI,AJ,AK,AL,AM,AN,AO,AP,AQ,AR,AS,AT,AU,AV,AW,AX,AY,AZ,BA,BB,BC,BD,BE,BF,BG,BH,BI,BJ,BK,BL,BM,BN,BO,BP,BQ,BR,BS,BT,BU,BV,BW,BX,BY,BZ,CA,CB,CC,CD,CE,CF,CG,CH,CI,CJ,CK,CL,CM,CN,CO,CP,CQ,CR,CS,CT,CU,CV,CW,CX,CY,CZ,DA,DB,DC,DD,DE,DF,DG,DH,DI,DJ,DK,DL
#
# COMPACT_ATOMS: atom_id res chain seq x y z
N PRO A 1 43.75 99.76 10.73
CA PRO A 1 43.96 100.88 9.82
C PRO A 1 44.16 100.41 8.38
N GLN A 2 43.85 101.27 7.42
CA GLN A 2 44.05 100.90 6.02
C GLN A 2 45.52 100.87 5.68
N ALA A 3 45.88 99.95 4.78
CA ALA A 3 47.28 99.74 4.44
C ALA A 3 47.79 100.86 3.53
N ALA A 4 48.97 101.38 3.87
CA ALA A 4 49.59 102.42 3.06
C ALA A 4 51.10 102.23 3.07
N ASP A 5 51.79 103.07 2.29
CA ASP A 5 53.24 102.98 2.15
C ASP A 5 53.92 103.03 3.50
N ILE A 6 55.00 102.25 3.65
CA ILE A 6 55.82 102.26 4.86
C ILE A 6 57.21 102.74 4.47
N VAL A 7 57.66 103.84 5.07
CA VAL A 7 58.94 104.42 4.68
C VAL A 7 59.93 104.24 5.82
N ILE A 8 61.07 103.61 5.51
CA ILE A 8 62.08 103.28 6.50
C ILE A 8 63.44 103.78 6.00
N ALA A 9 64.20 104.40 6.90
CA ALA A 9 65.46 105.02 6.53
C ALA A 9 66.59 103.99 6.40
N ASP A 10 67.49 104.26 5.47
CA ASP A 10 68.68 103.45 5.25
C ASP A 10 69.66 103.62 6.41
N ALA A 11 70.76 102.89 6.35
CA ALA A 11 71.86 103.06 7.28
C ALA A 11 73.13 103.55 6.57
N GLN A 12 72.97 104.22 5.43
CA GLN A 12 74.11 104.76 4.71
C GLN A 12 74.66 105.98 5.43
N ALA A 13 75.83 106.44 4.96
CA ALA A 13 76.40 107.68 5.46
C ALA A 13 75.38 108.81 5.38
N THR A 14 74.83 109.05 4.20
CA THR A 14 73.64 109.85 4.05
C THR A 14 72.46 108.92 3.89
N PRO A 15 71.60 108.77 4.90
CA PRO A 15 70.51 107.77 4.81
C PRO A 15 69.61 108.03 3.62
N VAL A 16 69.08 106.94 3.07
CA VAL A 16 68.19 106.95 1.91
C VAL A 16 66.87 106.31 2.30
N ASN A 17 65.77 107.01 2.06
CA ASN A 17 64.46 106.47 2.42
C ASN A 17 64.07 105.36 1.44
N HIS A 18 63.77 104.19 1.98
CA HIS A 18 63.20 103.09 1.21
C HIS A 18 61.70 103.07 1.46
N THR A 19 60.92 103.08 0.36
CA THR A 19 59.47 103.11 0.44
C THR A 19 58.93 101.73 0.09
N PHE A 20 58.32 101.06 1.07
CA PHE A 20 57.70 99.75 0.92
C PHE A 20 56.23 99.97 0.57
N VAL A 21 55.91 99.76 -0.71
CA VAL A 21 54.54 99.85 -1.20
C VAL A 21 53.76 98.62 -0.74
N PRO A 22 52.50 98.76 -0.32
CA PRO A 22 51.74 97.56 0.08
C PRO A 22 51.44 96.69 -1.11
N ILE A 23 51.90 95.45 -1.06
CA ILE A 23 51.54 94.46 -2.08
C ILE A 23 50.22 93.79 -1.75
N GLY A 24 49.98 93.47 -0.48
CA GLY A 24 48.72 92.89 -0.11
C GLY A 24 48.86 91.69 0.80
N PRO A 25 47.75 91.05 1.12
CA PRO A 25 47.81 89.90 2.02
C PRO A 25 48.39 88.68 1.33
N ASP A 26 49.01 87.81 2.12
CA ASP A 26 49.59 86.58 1.62
C ASP A 26 48.50 85.64 1.13
N PRO A 27 48.62 85.09 -0.09
CA PRO A 27 47.57 84.18 -0.58
C PRO A 27 47.34 82.97 0.32
N LYS A 28 48.40 82.43 0.92
CA LYS A 28 48.29 81.24 1.75
C LYS A 28 47.69 81.57 3.11
N ASP A 29 48.09 82.69 3.71
CA ASP A 29 47.66 83.05 5.07
C ASP A 29 47.06 84.45 5.05
N ALA A 30 45.80 84.56 5.45
CA ALA A 30 45.12 85.85 5.46
C ALA A 30 45.57 86.74 6.61
N THR A 31 46.37 86.23 7.55
CA THR A 31 46.79 86.99 8.72
C THR A 31 48.10 87.72 8.52
N ILE A 32 48.76 87.55 7.38
CA ILE A 32 50.06 88.13 7.15
C ILE A 32 49.98 89.00 5.90
N TYR A 33 50.53 90.21 5.99
CA TYR A 33 50.41 91.25 4.97
C TYR A 33 51.80 91.69 4.54
N TRP A 34 51.94 91.96 3.24
CA TRP A 34 53.24 92.16 2.60
C TRP A 34 53.34 93.54 1.96
N TRP A 35 54.39 94.27 2.34
CA TRP A 35 54.88 95.47 1.67
C TRP A 35 56.21 95.15 0.99
N GLU A 36 56.51 95.89 -0.08
CA GLU A 36 57.67 95.61 -0.92
C GLU A 36 58.33 96.89 -1.39
N ASP A 37 59.64 96.98 -1.19
CA ASP A 37 60.48 98.04 -1.73
C ASP A 37 60.96 97.62 -3.11
N GLN A 38 60.47 98.32 -4.14
CA GLN A 38 60.65 97.98 -5.54
C GLN A 38 61.73 98.83 -6.21
N SER A 39 62.64 99.38 -5.43
CA SER A 39 63.68 100.27 -5.95
C SER A 39 64.93 99.54 -6.40
N GLN A 40 64.98 98.22 -6.25
CA GLN A 40 66.18 97.46 -6.53
C GLN A 40 66.24 97.14 -8.02
N ALA A 41 67.24 96.34 -8.42
CA ALA A 41 67.52 96.13 -9.85
C ALA A 41 66.38 95.41 -10.55
N SER A 42 66.09 94.18 -10.16
CA SER A 42 65.01 93.41 -10.74
C SER A 42 64.18 92.82 -9.59
N PRO A 43 62.95 92.39 -9.87
CA PRO A 43 62.04 92.05 -8.75
C PRO A 43 62.53 90.95 -7.83
N ALA A 44 63.49 90.13 -8.26
CA ALA A 44 64.03 89.09 -7.38
C ALA A 44 64.79 89.66 -6.20
N GLY A 45 65.27 90.90 -6.30
CA GLY A 45 66.00 91.57 -5.26
C GLY A 45 65.23 92.64 -4.51
N TYR A 46 63.91 92.71 -4.70
CA TYR A 46 63.07 93.68 -4.02
C TYR A 46 63.06 93.39 -2.51
N TRP A 47 63.17 94.44 -1.70
CA TRP A 47 63.15 94.20 -0.25
C TRP A 47 61.71 94.06 0.23
N ARG A 48 61.52 93.21 1.24
CA ARG A 48 60.16 92.89 1.64
C ARG A 48 59.98 93.05 3.14
N LEU A 49 58.75 93.35 3.52
CA LEU A 49 58.38 93.57 4.91
C LEU A 49 57.02 92.92 5.12
N SER A 50 56.93 92.02 6.09
CA SER A 50 55.70 91.28 6.36
C SER A 50 55.28 91.52 7.80
N MET A 51 54.00 91.82 8.01
CA MET A 51 53.45 91.97 9.35
C MET A 51 52.25 91.05 9.50
N GLN A 52 52.20 90.31 10.61
CA GLN A 52 51.22 89.27 10.84
C GLN A 52 50.60 89.40 12.22
N LEU A 53 49.27 89.34 12.29
CA LEU A 53 48.51 89.44 13.52
C LEU A 53 47.60 88.23 13.62
N VAL A 54 47.89 87.32 14.54
CA VAL A 54 47.13 86.10 14.74
C VAL A 54 46.36 86.24 16.04
N ARG A 55 45.06 86.54 15.90
CA ARG A 55 44.09 86.58 16.99
C ARG A 55 43.51 85.19 17.21
N PRO A 56 43.32 84.78 18.46
CA PRO A 56 42.58 83.54 18.71
C PRO A 56 41.09 83.72 18.43
N ALA A 57 40.42 82.59 18.22
CA ALA A 57 39.00 82.64 17.82
C ALA A 57 38.13 83.16 18.96
N PRO A 58 37.11 83.97 18.67
CA PRO A 58 36.30 84.54 19.77
C PRO A 58 35.58 83.48 20.58
N ALA A 59 35.78 83.52 21.90
CA ALA A 59 35.15 82.57 22.79
C ALA A 59 35.03 83.15 24.18
N THR A 65 41.60 78.18 28.49
CA THR A 65 41.16 79.47 27.96
C THR A 65 41.90 80.65 28.58
N ASN A 66 42.72 80.38 29.60
CA ASN A 66 43.71 81.35 30.06
C ASN A 66 45.05 81.13 29.38
N GLN A 67 45.11 80.24 28.39
CA GLN A 67 46.27 80.03 27.54
C GLN A 67 45.98 80.51 26.13
N ARG A 68 45.26 81.61 25.99
CA ARG A 68 44.90 82.17 24.70
C ARG A 68 45.82 83.35 24.45
N MET A 69 46.60 83.29 23.40
CA MET A 69 47.63 84.28 23.21
C MET A 69 47.57 84.83 21.80
N ILE A 70 47.67 86.15 21.69
CA ILE A 70 47.74 86.86 20.42
C ILE A 70 49.18 86.92 19.97
N ARG A 71 49.45 86.61 18.72
CA ARG A 71 50.82 86.67 18.22
C ARG A 71 50.95 87.74 17.15
N VAL A 72 52.11 88.39 17.12
CA VAL A 72 52.40 89.42 16.11
C VAL A 72 53.81 89.16 15.60
N ARG A 73 53.97 89.03 14.29
CA ARG A 73 55.27 88.75 13.69
C ARG A 73 55.59 89.83 12.65
N VAL A 74 56.72 90.48 12.82
CA VAL A 74 57.23 91.46 11.86
C VAL A 74 58.53 90.91 11.29
N SER A 75 58.62 90.84 9.97
CA SER A 75 59.75 90.22 9.30
C SER A 75 60.24 91.12 8.17
N THR A 76 61.56 91.30 8.08
CA THR A 76 62.16 92.12 7.03
C THR A 76 63.21 91.30 6.28
N PHE A 77 63.09 91.28 4.96
CA PHE A 77 64.02 90.58 4.08
C PHE A 77 64.69 91.60 3.17
N GLU A 78 66.02 91.56 3.09
CA GLU A 78 66.80 92.48 2.27
C GLU A 78 67.76 91.71 1.37
N PRO A 79 67.24 91.03 0.34
CA PRO A 79 68.11 90.26 -0.54
C PRO A 79 69.06 91.15 -1.33
N ILE A 80 70.26 90.63 -1.57
CA ILE A 80 71.30 91.34 -2.30
C ILE A 80 71.57 90.60 -3.60
N LEU A 81 71.32 91.26 -4.73
CA LEU A 81 71.50 90.63 -6.03
C LEU A 81 72.97 90.61 -6.43
N GLU A 82 73.32 89.66 -7.30
CA GLU A 82 74.64 89.63 -7.89
C GLU A 82 74.76 90.70 -8.96
N VAL A 83 75.97 91.28 -9.08
CA VAL A 83 76.18 92.37 -10.02
C VAL A 83 76.17 91.83 -11.46
N ALA A 84 75.77 92.68 -12.40
CA ALA A 84 75.74 92.29 -13.81
C ALA A 84 77.09 91.75 -14.24
N VAL A 85 77.05 90.68 -15.06
CA VAL A 85 78.27 89.99 -15.48
C VAL A 85 78.89 90.70 -16.68
N THR A 86 80.22 90.71 -16.73
CA THR A 86 80.94 91.26 -17.86
C THR A 86 81.32 90.20 -18.88
N ALA A 87 81.35 88.94 -18.46
CA ALA A 87 81.72 87.85 -19.36
C ALA A 87 81.31 86.53 -18.73
N THR A 88 80.74 85.65 -19.54
CA THR A 88 80.42 84.29 -19.10
C THR A 88 80.98 83.31 -20.12
N TYR A 89 80.84 82.01 -19.83
CA TYR A 89 81.46 81.02 -20.69
C TYR A 89 80.80 80.98 -22.07
N SER A 90 79.49 81.23 -22.12
CA SER A 90 78.73 81.13 -23.35
C SER A 90 78.49 82.47 -24.02
N GLY A 91 78.67 83.58 -23.31
CA GLY A 91 78.41 84.88 -23.86
C GLY A 91 77.01 85.40 -23.63
N ILE A 92 76.14 84.63 -23.00
CA ILE A 92 74.79 85.06 -22.65
C ILE A 92 74.77 85.33 -21.14
N ALA A 93 74.31 86.52 -20.77
CA ALA A 93 74.30 86.89 -19.36
C ALA A 93 73.25 86.07 -18.60
N PRO A 94 73.57 85.60 -17.40
CA PRO A 94 72.61 84.80 -16.63
C PRO A 94 71.48 85.66 -16.10
N SER A 95 70.38 84.98 -15.76
CA SER A 95 69.23 85.64 -15.17
C SER A 95 69.63 86.28 -13.85
N PRO A 96 68.96 87.35 -13.44
CA PRO A 96 69.29 87.97 -12.15
C PRO A 96 69.13 86.97 -11.03
N THR A 97 70.19 86.79 -10.24
CA THR A 97 70.23 85.81 -9.18
C THR A 97 70.52 86.47 -7.85
N VAL A 98 70.03 85.86 -6.78
CA VAL A 98 70.20 86.40 -5.44
C VAL A 98 71.48 85.85 -4.85
N SER A 99 72.36 86.75 -4.39
CA SER A 99 73.64 86.32 -3.84
C SER A 99 73.48 85.78 -2.41
N TYR A 100 72.85 86.57 -1.54
CA TYR A 100 72.62 86.18 -0.16
C TYR A 100 71.51 87.05 0.40
N VAL A 101 70.92 86.62 1.51
CA VAL A 101 69.78 87.34 2.06
C VAL A 101 69.90 87.55 3.56
N PRO A 102 70.31 88.73 4.02
CA PRO A 102 70.16 89.05 5.43
C PRO A 102 68.70 89.33 5.76
N LYS A 103 68.24 88.80 6.90
CA LYS A 103 66.83 88.94 7.23
C LYS A 103 66.66 89.01 8.73
N ALA A 104 65.46 89.41 9.14
CA ALA A 104 65.14 89.54 10.56
C ALA A 104 63.68 89.17 10.79
N PHE A 105 63.43 88.53 11.93
CA PHE A 105 62.11 87.99 12.28
C PHE A 105 61.87 88.30 13.75
N THR A 106 60.81 89.05 14.06
CA THR A 106 60.47 89.40 15.44
C THR A 106 59.05 88.93 15.72
N GLU A 107 58.85 88.27 16.87
CA GLU A 107 57.56 87.73 17.26
C GLU A 107 57.23 88.19 18.67
N PHE A 108 56.07 88.82 18.81
CA PHE A 108 55.50 89.18 20.10
C PHE A 108 54.44 88.15 20.45
N VAL A 109 54.53 87.63 21.68
CA VAL A 109 53.52 86.76 22.27
C VAL A 109 52.84 87.56 23.35
N LEU A 110 51.56 87.87 23.15
CA LEU A 110 50.81 88.78 23.99
C LEU A 110 49.59 88.06 24.53
N PRO A 111 49.61 87.61 25.78
CA PRO A 111 48.42 86.92 26.34
C PRO A 111 47.19 87.81 26.27
N GLU A 112 46.04 87.16 26.09
CA GLU A 112 44.79 87.91 25.92
C GLU A 112 44.43 88.68 27.18
N ARG A 113 44.91 88.27 28.34
CA ARG A 113 44.70 89.02 29.57
C ARG A 113 45.58 90.26 29.68
N ALA A 114 46.54 90.44 28.79
CA ALA A 114 47.54 91.50 28.95
C ALA A 114 46.95 92.85 28.59
N THR A 115 47.23 93.84 29.42
CA THR A 115 46.63 95.15 29.26
C THR A 115 47.41 95.99 28.25
N LEU A 116 46.74 97.04 27.76
CA LEU A 116 47.36 97.95 26.80
C LEU A 116 48.71 98.46 27.31
N ASP A 117 48.80 98.71 28.63
CA ASP A 117 50.07 99.15 29.18
C ASP A 117 51.15 98.08 29.01
N ASN A 118 50.80 96.82 29.26
CA ASN A 118 51.76 95.72 29.07
C ASN A 118 52.23 95.65 27.62
N ARG A 119 51.29 95.81 26.67
CA ARG A 119 51.66 95.72 25.26
C ARG A 119 52.57 96.87 24.86
N LYS A 120 52.24 98.10 25.29
CA LYS A 120 53.11 99.24 25.01
C LYS A 120 54.49 99.04 25.61
N ASP A 121 54.55 98.50 26.83
CA ASP A 121 55.82 98.22 27.49
C ASP A 121 56.67 97.25 26.66
N ILE A 122 56.10 96.10 26.31
CA ILE A 122 56.89 95.08 25.63
C ILE A 122 57.35 95.57 24.26
N ARG A 123 56.47 96.26 23.52
CA ARG A 123 56.85 96.78 22.21
C ARG A 123 58.00 97.80 22.34
N LYS A 124 57.79 98.86 23.14
CA LYS A 124 58.80 99.89 23.26
C LYS A 124 60.12 99.32 23.75
N MET A 125 60.06 98.43 24.75
CA MET A 125 61.27 97.97 25.40
C MET A 125 62.05 97.00 24.54
N HIS A 126 61.36 96.14 23.78
CA HIS A 126 62.07 95.26 22.87
C HIS A 126 62.70 96.05 21.71
N ALA A 127 61.92 96.96 21.11
CA ALA A 127 62.47 97.80 20.04
C ALA A 127 63.71 98.53 20.52
N LEU A 128 63.69 99.03 21.76
CA LEU A 128 64.88 99.66 22.32
C LEU A 128 66.00 98.65 22.52
N ALA A 129 65.66 97.44 22.98
CA ALA A 129 66.68 96.41 23.21
C ALA A 129 67.42 96.05 21.94
N LEU A 130 66.81 96.29 20.78
CA LEU A 130 67.51 96.09 19.51
C LEU A 130 68.48 97.20 19.18
N THR A 131 68.48 98.32 19.92
CA THR A 131 69.34 99.45 19.62
C THR A 131 70.37 99.72 20.70
N THR A 132 70.49 98.84 21.70
CA THR A 132 71.49 99.00 22.74
C THR A 132 72.90 98.86 22.16
N SER A 133 73.88 99.38 22.89
CA SER A 133 75.27 99.27 22.44
C SER A 133 75.68 97.80 22.30
N GLU A 134 75.17 96.95 23.20
CA GLU A 134 75.44 95.53 23.11
C GLU A 134 74.82 94.91 21.86
N ALA A 135 73.56 95.26 21.57
CA ALA A 135 72.91 94.76 20.37
C ALA A 135 73.64 95.21 19.11
N ILE A 136 74.10 96.45 19.09
CA ILE A 136 74.81 96.96 17.92
C ILE A 136 76.15 96.25 17.77
N ALA A 137 76.84 95.99 18.88
CA ALA A 137 78.11 95.26 18.83
C ALA A 137 77.91 93.83 18.33
N MET A 138 76.80 93.20 18.72
CA MET A 138 76.57 91.81 18.31
C MET A 138 76.15 91.71 16.85
N ILE A 139 75.22 92.58 16.41
CA ILE A 139 74.69 92.43 15.06
C ILE A 139 75.61 93.05 14.01
N GLU A 140 76.22 94.20 14.31
CA GLU A 140 77.03 94.87 13.31
C GLU A 140 78.49 94.45 13.37
N SER A 141 79.07 94.41 14.55
CA SER A 141 80.48 94.09 14.72
C SER A 141 80.72 92.63 15.07
N LEU A 142 79.67 91.88 15.36
CA LEU A 142 79.78 90.44 15.57
C LEU A 142 80.65 90.13 16.78
N GLN A 143 80.33 90.75 17.91
CA GLN A 143 81.06 90.58 19.15
C GLN A 143 80.11 90.13 20.26
N PHE A 144 80.56 89.17 21.06
CA PHE A 144 79.77 88.72 22.20
C PHE A 144 80.16 89.53 23.44
N VAL A 145 79.39 89.35 24.52
CA VAL A 145 79.67 90.01 25.80
C VAL A 145 80.39 89.03 26.72
N TYR A 146 81.40 89.53 27.41
CA TYR A 146 82.29 88.69 28.22
C TYR A 146 82.39 89.19 29.66
N PRO B 1 30.06 98.32 0.65
CA PRO B 1 30.52 99.40 1.52
C PRO B 1 31.93 99.15 2.05
N GLN B 2 32.63 100.20 2.43
CA GLN B 2 33.97 100.06 2.95
C GLN B 2 33.92 99.64 4.42
N ALA B 3 35.04 99.10 4.90
CA ALA B 3 35.15 98.79 6.32
C ALA B 3 35.23 100.08 7.11
N ALA B 4 34.26 100.30 8.00
CA ALA B 4 34.21 101.50 8.82
C ALA B 4 33.80 101.11 10.24
N ASP B 5 34.00 102.06 11.16
CA ASP B 5 33.54 101.87 12.53
C ASP B 5 32.03 101.63 12.54
N ILE B 6 31.58 100.78 13.45
CA ILE B 6 30.15 100.54 13.66
C ILE B 6 29.83 100.93 15.08
N VAL B 7 28.89 101.86 15.27
CA VAL B 7 28.60 102.38 16.60
C VAL B 7 27.22 101.91 17.03
N ILE B 8 27.17 101.27 18.20
CA ILE B 8 25.95 100.66 18.72
C ILE B 8 25.76 101.11 20.16
N ALA B 9 24.52 101.45 20.51
CA ALA B 9 24.21 102.03 21.81
C ALA B 9 24.06 100.96 22.90
N ASP B 10 24.52 101.30 24.10
CA ASP B 10 24.37 100.46 25.28
C ASP B 10 22.91 100.45 25.72
N ALA B 11 22.59 99.55 26.65
CA ALA B 11 21.28 99.52 27.29
C ALA B 11 21.31 100.06 28.71
N GLN B 12 22.26 100.93 29.03
CA GLN B 12 22.32 101.51 30.36
C GLN B 12 21.24 102.57 30.54
N ALA B 13 21.08 103.03 31.78
CA ALA B 13 20.16 104.12 32.07
C ALA B 13 20.43 105.31 31.17
N THR B 14 21.68 105.78 31.16
CA THR B 14 22.14 106.71 30.14
C THR B 14 22.95 105.93 29.14
N PRO B 15 22.41 105.61 27.97
CA PRO B 15 23.13 104.72 27.03
C PRO B 15 24.51 105.24 26.69
N VAL B 16 25.45 104.30 26.54
CA VAL B 16 26.83 104.57 26.20
C VAL B 16 27.12 103.99 24.81
N ASN B 17 27.69 104.80 23.93
CA ASN B 17 27.99 104.34 22.58
C ASN B 17 29.24 103.46 22.61
N HIS B 18 29.11 102.23 22.13
CA HIS B 18 30.24 101.34 21.92
C HIS B 18 30.64 101.40 20.46
N THR B 19 31.92 101.68 20.20
CA THR B 19 32.42 101.81 18.85
C THR B 19 33.23 100.56 18.48
N PHE B 20 32.74 99.82 17.50
CA PHE B 20 33.38 98.61 16.99
C PHE B 20 34.26 98.98 15.80
N VAL B 21 35.57 99.01 16.03
CA VAL B 21 36.57 99.32 15.02
C VAL B 21 36.77 98.06 14.18
N PRO B 22 36.88 98.14 12.86
CA PRO B 22 37.12 96.92 12.07
C PRO B 22 38.48 96.31 12.36
N ILE B 23 38.50 95.04 12.75
CA ILE B 23 39.73 94.28 12.89
C ILE B 23 40.18 93.75 11.53
N GLY B 24 39.22 93.29 10.72
CA GLY B 24 39.58 92.82 9.40
C GLY B 24 38.85 91.54 9.08
N PRO B 25 39.20 90.93 7.96
CA PRO B 25 38.58 89.67 7.57
C PRO B 25 39.06 88.54 8.46
N ASP B 26 38.23 87.51 8.52
CA ASP B 26 38.53 86.35 9.34
C ASP B 26 39.77 85.64 8.79
N PRO B 27 40.62 85.08 9.65
CA PRO B 27 41.84 84.44 9.15
C PRO B 27 41.59 83.25 8.24
N LYS B 28 40.57 82.47 8.55
CA LYS B 28 40.35 81.19 7.90
C LYS B 28 39.20 81.20 6.90
N ASP B 29 38.29 82.17 7.00
CA ASP B 29 37.16 82.31 6.07
C ASP B 29 37.16 83.72 5.52
N ALA B 30 37.24 83.85 4.20
CA ALA B 30 37.28 85.12 3.51
C ALA B 30 35.91 85.74 3.37
N THR B 31 34.86 85.10 3.89
CA THR B 31 33.49 85.59 3.73
C THR B 31 32.93 86.19 5.00
N ILE B 32 33.73 86.29 6.06
CA ILE B 32 33.26 86.81 7.34
C ILE B 32 34.26 87.86 7.81
N TYR B 33 33.74 89.01 8.24
CA TYR B 33 34.52 90.19 8.59
C TYR B 33 34.24 90.55 10.05
N TRP B 34 35.24 91.17 10.70
CA TRP B 34 35.28 91.32 12.16
C TRP B 34 35.54 92.77 12.56
N TRP B 35 34.65 93.29 13.41
CA TRP B 35 34.80 94.53 14.15
C TRP B 35 34.87 94.21 15.65
N GLU B 36 35.49 95.12 16.41
CA GLU B 36 35.78 94.89 17.82
C GLU B 36 35.64 96.18 18.63
N ASP B 37 34.97 96.08 19.77
CA ASP B 37 34.86 97.13 20.78
C ASP B 37 35.96 96.90 21.81
N GLN B 38 37.00 97.74 21.74
CA GLN B 38 38.24 97.61 22.47
C GLN B 38 38.27 98.49 23.72
N SER B 39 37.12 98.88 24.23
CA SER B 39 37.02 99.78 25.36
C SER B 39 37.17 99.06 26.70
N GLN B 40 37.07 97.74 26.69
CA GLN B 40 37.00 96.95 27.91
C GLN B 40 38.38 96.90 28.58
N ALA B 41 38.47 96.17 29.69
CA ALA B 41 39.65 96.29 30.56
C ALA B 41 40.89 95.59 29.98
N SER B 42 40.71 94.42 29.37
CA SER B 42 41.77 93.71 28.65
C SER B 42 41.11 93.06 27.44
N PRO B 43 41.91 92.66 26.44
CA PRO B 43 41.28 92.08 25.23
C PRO B 43 40.37 90.89 25.52
N ALA B 44 40.61 90.14 26.59
CA ALA B 44 39.75 89.03 26.96
C ALA B 44 38.30 89.46 27.10
N GLY B 45 38.07 90.70 27.50
CA GLY B 45 36.75 91.25 27.67
C GLY B 45 36.25 92.14 26.55
N TYR B 46 37.00 92.29 25.45
CA TYR B 46 36.55 93.11 24.33
C TYR B 46 35.29 92.50 23.71
N TRP B 47 34.42 93.35 23.16
CA TRP B 47 33.21 92.83 22.52
C TRP B 47 33.38 92.76 21.01
N ARG B 48 32.86 91.71 20.40
CA ARG B 48 33.16 91.47 18.99
C ARG B 48 31.87 91.36 18.19
N LEU B 49 31.95 91.80 16.93
CA LEU B 49 30.85 91.75 15.99
C LEU B 49 31.38 91.21 14.67
N SER B 50 30.65 90.26 14.09
CA SER B 50 31.08 89.58 12.86
C SER B 50 29.93 89.53 11.88
N MET B 51 30.22 89.83 10.61
CA MET B 51 29.21 89.77 9.55
C MET B 51 29.72 88.91 8.41
N GLN B 52 28.87 88.02 7.91
CA GLN B 52 29.25 87.03 6.91
C GLN B 52 28.23 86.97 5.79
N LEU B 53 28.70 87.04 4.55
CA LEU B 53 27.87 86.91 3.36
C LEU B 53 28.41 85.74 2.54
N VAL B 54 27.58 84.72 2.37
CA VAL B 54 27.93 83.54 1.60
C VAL B 54 27.02 83.49 0.39
N ARG B 55 27.59 83.77 -0.77
CA ARG B 55 27.04 83.78 -2.11
C ARG B 55 27.28 82.44 -2.78
N PRO B 56 26.37 81.99 -3.63
CA PRO B 56 26.61 80.75 -4.38
C PRO B 56 27.48 80.99 -5.60
N ALA B 57 28.01 79.90 -6.15
CA ALA B 57 28.84 79.99 -7.34
C ALA B 57 28.00 80.54 -8.49
N PRO B 58 28.62 81.27 -9.42
CA PRO B 58 27.83 81.96 -10.45
C PRO B 58 27.00 80.99 -11.27
N ALA B 59 25.85 81.48 -11.73
CA ALA B 59 24.91 80.62 -12.42
C ALA B 59 25.45 80.22 -13.79
N LYS B 60 25.16 78.99 -14.19
CA LYS B 60 25.57 78.50 -15.50
C LYS B 60 24.44 78.69 -16.51
N ALA B 61 24.82 78.75 -17.78
CA ALA B 61 23.85 79.00 -18.84
C ALA B 61 22.85 77.86 -18.90
N GLY B 62 21.56 78.21 -18.86
CA GLY B 62 20.51 77.21 -18.86
C GLY B 62 20.29 76.49 -17.55
N GLN B 63 21.12 76.74 -16.54
CA GLN B 63 20.95 76.09 -15.24
C GLN B 63 19.71 76.62 -14.52
N ASN B 64 19.04 75.74 -13.79
CA ASN B 64 17.84 76.11 -13.04
C ASN B 64 18.26 76.64 -11.67
N THR B 65 17.84 77.87 -11.35
CA THR B 65 18.36 78.57 -10.18
C THR B 65 17.42 78.52 -8.98
N ASN B 66 16.34 77.74 -9.04
CA ASN B 66 15.37 77.88 -7.93
C ASN B 66 15.81 77.20 -6.72
N GLN B 67 17.03 76.67 -6.67
CA GLN B 67 17.52 76.08 -5.43
C GLN B 67 18.74 76.80 -4.85
N ARG B 68 19.32 77.76 -5.55
CA ARG B 68 20.52 78.44 -5.06
C ARG B 68 20.10 79.47 -4.03
N MET B 69 20.91 79.65 -2.98
CA MET B 69 20.54 80.50 -1.86
C MET B 69 21.74 81.25 -1.33
N ILE B 70 21.48 82.42 -0.75
CA ILE B 70 22.46 83.31 -0.17
C ILE B 70 22.24 83.34 1.34
N ARG B 71 23.32 83.29 2.10
CA ARG B 71 23.21 83.31 3.56
C ARG B 71 23.94 84.53 4.12
N VAL B 72 23.34 85.13 5.14
CA VAL B 72 23.95 86.25 5.85
C VAL B 72 23.93 85.93 7.33
N ARG B 73 25.06 86.05 8.00
CA ARG B 73 25.16 85.75 9.42
C ARG B 73 25.78 86.93 10.15
N VAL B 74 25.06 87.44 11.14
CA VAL B 74 25.56 88.48 12.03
C VAL B 74 25.72 87.88 13.42
N SER B 75 26.82 88.21 14.09
CA SER B 75 27.12 87.56 15.36
C SER B 75 27.74 88.59 16.30
N THR B 76 27.26 88.62 17.54
CA THR B 76 27.79 89.54 18.55
C THR B 76 28.18 88.77 19.79
N PHE B 77 29.37 89.05 20.31
CA PHE B 77 29.93 88.40 21.49
C PHE B 77 30.25 89.47 22.52
N GLU B 78 29.71 89.31 23.73
CA GLU B 78 29.88 90.30 24.80
C GLU B 78 30.39 89.62 26.06
N PRO B 79 31.65 89.20 26.09
CA PRO B 79 32.19 88.57 27.29
C PRO B 79 32.21 89.53 28.48
N ILE B 80 31.94 88.98 29.66
CA ILE B 80 31.94 89.73 30.91
C ILE B 80 33.11 89.24 31.76
N LEU B 81 33.85 90.18 32.34
CA LEU B 81 35.02 89.84 33.12
C LEU B 81 34.69 89.74 34.61
N GLU B 82 35.63 89.15 35.35
CA GLU B 82 35.61 89.10 36.80
C GLU B 82 37.04 89.24 37.30
N VAL B 83 37.17 89.69 38.55
CA VAL B 83 38.47 89.96 39.16
C VAL B 83 38.50 89.29 40.53
N ALA B 84 39.70 88.81 40.91
CA ALA B 84 39.86 88.13 42.20
C ALA B 84 40.01 89.09 43.37
N VAL B 85 40.48 90.31 43.12
CA VAL B 85 40.66 91.31 44.18
C VAL B 85 40.58 92.70 43.54
N THR B 86 40.07 93.66 44.28
CA THR B 86 39.68 94.95 43.70
C THR B 86 40.69 96.07 43.92
N ALA B 87 41.79 95.83 44.63
CA ALA B 87 42.78 96.87 44.88
C ALA B 87 44.10 96.49 44.22
N THR B 88 45.08 97.38 44.37
CA THR B 88 46.43 97.15 43.88
C THR B 88 47.40 97.19 45.05
N TYR B 89 48.29 96.20 45.10
CA TYR B 89 49.28 96.06 46.17
C TYR B 89 50.67 96.15 45.56
N SER B 90 51.49 97.07 46.10
CA SER B 90 52.90 97.14 45.73
C SER B 90 53.08 97.16 44.21
N GLY B 91 52.22 97.93 43.53
CA GLY B 91 52.27 98.07 42.10
C GLY B 91 51.72 96.91 41.30
N ILE B 92 51.14 95.89 41.94
CA ILE B 92 50.58 94.75 41.23
C ILE B 92 49.10 95.01 41.04
N ALA B 93 48.69 95.16 39.77
CA ALA B 93 47.26 95.42 39.65
C ALA B 93 46.47 94.12 39.49
N PRO B 94 45.19 94.16 39.83
CA PRO B 94 44.33 93.01 39.57
C PRO B 94 44.20 92.76 38.08
N SER B 95 44.30 91.49 37.69
CA SER B 95 44.20 91.11 36.28
C SER B 95 42.93 90.31 36.10
N PRO B 96 41.95 90.83 35.36
CA PRO B 96 40.67 90.14 35.23
C PRO B 96 40.72 88.97 34.27
N THR B 97 39.84 88.00 34.50
CA THR B 97 39.61 86.89 33.59
C THR B 97 38.18 86.93 33.11
N VAL B 98 37.90 86.13 32.08
CA VAL B 98 36.54 86.04 31.59
C VAL B 98 35.70 85.22 32.56
N SER B 99 34.49 85.69 32.84
CA SER B 99 33.57 85.03 33.75
C SER B 99 32.49 84.24 33.02
N TYR B 100 31.87 84.86 32.01
CA TYR B 100 30.88 84.19 31.17
C TYR B 100 30.73 85.00 29.89
N VAL B 101 30.17 84.37 28.87
CA VAL B 101 30.03 85.07 27.59
C VAL B 101 28.62 84.96 27.05
N PRO B 102 27.78 85.98 27.25
CA PRO B 102 26.53 86.05 26.49
C PRO B 102 26.80 86.41 25.04
N LYS B 103 26.04 85.79 24.13
CA LYS B 103 26.30 86.01 22.72
C LYS B 103 24.99 85.83 21.94
N ALA B 104 25.01 86.31 20.70
CA ALA B 104 23.85 86.23 19.83
C ALA B 104 24.30 85.95 18.40
N PHE B 105 23.50 85.14 17.70
CA PHE B 105 23.81 84.68 16.36
C PHE B 105 22.54 84.76 15.53
N THR B 106 22.56 85.51 14.43
CA THR B 106 21.41 85.66 13.53
C THR B 106 21.82 85.22 12.12
N GLU B 107 20.95 84.45 11.47
CA GLU B 107 21.19 83.94 10.12
C GLU B 107 19.97 84.21 9.26
N PHE B 108 20.18 84.91 8.15
CA PHE B 108 19.20 85.11 7.09
C PHE B 108 19.49 84.12 5.98
N VAL B 109 18.45 83.38 5.58
CA VAL B 109 18.48 82.54 4.40
C VAL B 109 17.63 83.23 3.34
N LEU B 110 18.30 83.80 2.33
CA LEU B 110 17.66 84.54 1.26
C LEU B 110 17.83 83.77 -0.04
N PRO B 111 16.79 83.12 -0.55
CA PRO B 111 16.92 82.45 -1.85
C PRO B 111 17.27 83.44 -2.94
N GLU B 112 18.19 83.02 -3.82
CA GLU B 112 18.72 83.94 -4.83
C GLU B 112 17.65 84.54 -5.72
N ARG B 113 16.55 83.83 -5.94
CA ARG B 113 15.48 84.36 -6.78
C ARG B 113 14.61 85.39 -6.07
N ALA B 114 14.91 85.77 -4.84
CA ALA B 114 14.01 86.64 -4.09
C ALA B 114 14.16 88.08 -4.54
N THR B 115 13.08 88.84 -4.37
CA THR B 115 13.06 90.24 -4.75
C THR B 115 13.73 91.10 -3.68
N LEU B 116 14.25 92.25 -4.12
CA LEU B 116 14.69 93.27 -3.17
C LEU B 116 13.61 93.54 -2.14
N ASP B 117 12.35 93.54 -2.56
CA ASP B 117 11.26 93.76 -1.62
C ASP B 117 11.21 92.64 -0.59
N ASN B 118 11.35 91.38 -1.02
CA ASN B 118 11.35 90.27 -0.08
C ASN B 118 12.49 90.41 0.93
N ARG B 119 13.65 90.86 0.47
CA ARG B 119 14.81 90.98 1.37
C ARG B 119 14.58 92.11 2.38
N LYS B 120 14.08 93.26 1.91
CA LYS B 120 13.77 94.35 2.82
C LYS B 120 12.73 93.90 3.85
N ASP B 121 11.73 93.14 3.40
CA ASP B 121 10.70 92.62 4.28
C ASP B 121 11.30 91.75 5.38
N ILE B 122 12.08 90.74 5.00
CA ILE B 122 12.59 89.80 5.99
C ILE B 122 13.53 90.51 6.96
N ARG B 123 14.40 91.39 6.46
CA ARG B 123 15.31 92.12 7.33
C ARG B 123 14.55 92.98 8.34
N LYS B 124 13.71 93.90 7.85
CA LYS B 124 12.98 94.79 8.75
C LYS B 124 12.15 94.02 9.75
N MET B 125 11.42 93.00 9.27
CA MET B 125 10.44 92.35 10.11
C MET B 125 11.11 91.48 11.17
N HIS B 126 12.23 90.82 10.84
CA HIS B 126 12.94 90.08 11.86
C HIS B 126 13.56 91.02 12.90
N ALA B 127 14.22 92.09 12.44
CA ALA B 127 14.79 93.06 13.37
C ALA B 127 13.72 93.59 14.32
N LEU B 128 12.52 93.82 13.80
CA LEU B 128 11.41 94.26 14.64
C LEU B 128 10.97 93.16 15.59
N ALA B 129 10.93 91.91 15.10
CA ALA B 129 10.51 90.80 15.95
C ALA B 129 11.43 90.62 17.14
N LEU B 130 12.68 91.07 17.02
CA LEU B 130 13.58 91.04 18.16
C LEU B 130 13.27 92.11 19.21
N THR B 131 12.41 93.07 18.90
CA THR B 131 12.09 94.16 19.83
C THR B 131 10.66 94.14 20.32
N THR B 132 9.88 93.11 19.97
CA THR B 132 8.50 92.99 20.44
C THR B 132 8.48 92.83 21.95
N SER B 133 7.33 93.18 22.56
CA SER B 133 7.19 93.02 24.00
C SER B 133 7.41 91.59 24.43
N GLU B 134 6.97 90.63 23.61
CA GLU B 134 7.19 89.22 23.89
C GLU B 134 8.67 88.87 23.85
N ALA B 135 9.39 89.34 22.83
CA ALA B 135 10.83 89.09 22.75
C ALA B 135 11.56 89.68 23.93
N ILE B 136 11.14 90.88 24.37
CA ILE B 136 11.79 91.50 25.52
C ILE B 136 11.50 90.72 26.78
N ALA B 137 10.26 90.25 26.94
CA ALA B 137 9.91 89.44 28.11
C ALA B 137 10.67 88.13 28.13
N MET B 138 10.96 87.55 26.96
CA MET B 138 11.64 86.26 26.94
C MET B 138 13.16 86.41 27.12
N ILE B 139 13.77 87.42 26.52
CA ILE B 139 15.22 87.56 26.59
C ILE B 139 15.66 88.28 27.87
N GLU B 140 14.97 89.35 28.26
CA GLU B 140 15.37 90.13 29.41
C GLU B 140 14.74 89.60 30.70
N SER B 141 13.43 89.35 30.68
CA SER B 141 12.70 88.92 31.87
C SER B 141 12.64 87.40 32.01
N LEU B 142 13.02 86.65 30.98
CA LEU B 142 13.10 85.19 31.07
C LEU B 142 11.74 84.56 31.40
N GLN B 143 10.70 85.03 30.73
CA GLN B 143 9.35 84.53 30.92
C GLN B 143 8.78 84.11 29.57
N PHE B 144 8.31 82.87 29.47
CA PHE B 144 7.68 82.36 28.28
C PHE B 144 6.23 82.85 28.19
N VAL B 145 5.56 82.54 27.07
CA VAL B 145 4.18 82.93 26.84
C VAL B 145 3.27 81.75 27.17
N TYR B 146 2.24 81.99 27.98
CA TYR B 146 1.36 80.93 28.46
C TYR B 146 -0.12 81.22 28.12
N PRO C 1 46.81 99.10 -4.12
CA PRO C 1 45.60 99.93 -4.21
C PRO C 1 44.44 99.29 -3.46
N GLN C 2 43.80 100.03 -2.55
CA GLN C 2 42.67 99.48 -1.84
C GLN C 2 41.52 99.22 -2.81
N ALA C 3 40.74 98.18 -2.55
CA ALA C 3 39.64 97.84 -3.43
C ALA C 3 38.58 98.95 -3.41
N ALA C 4 38.11 99.32 -4.60
CA ALA C 4 37.05 100.30 -4.70
C ALA C 4 36.22 100.00 -5.94
N ASP C 5 35.11 100.71 -6.07
CA ASP C 5 34.21 100.52 -7.22
C ASP C 5 34.98 100.73 -8.52
N ILE C 6 34.67 99.91 -9.52
CA ILE C 6 35.26 100.01 -10.85
C ILE C 6 34.13 100.39 -11.81
N VAL C 7 34.24 101.53 -12.46
CA VAL C 7 33.17 102.02 -13.33
C VAL C 7 33.62 101.93 -14.78
N ILE C 8 32.83 101.22 -15.58
CA ILE C 8 33.16 100.97 -16.98
C ILE C 8 31.96 101.35 -17.84
N ALA C 9 32.23 102.02 -18.96
CA ALA C 9 31.15 102.54 -19.79
C ALA C 9 30.56 101.45 -20.68
N ASP C 10 29.25 101.55 -20.93
CA ASP C 10 28.55 100.66 -21.83
C ASP C 10 28.95 100.95 -23.28
N ALA C 11 28.36 100.19 -24.20
CA ALA C 11 28.55 100.45 -25.63
C ALA C 11 27.25 100.88 -26.30
N GLN C 12 26.32 101.47 -25.55
CA GLN C 12 25.05 101.87 -26.11
C GLN C 12 25.19 103.16 -26.91
N ALA C 13 24.10 103.52 -27.60
CA ALA C 13 24.03 104.81 -28.29
C ALA C 13 24.50 105.93 -27.39
N THR C 14 23.83 106.09 -26.26
CA THR C 14 24.36 106.91 -25.18
C THR C 14 24.97 105.96 -24.16
N PRO C 15 26.30 105.92 -24.04
CA PRO C 15 26.93 104.98 -23.11
C PRO C 15 26.37 105.11 -21.70
N VAL C 16 26.16 103.98 -21.05
CA VAL C 16 25.63 103.90 -19.69
C VAL C 16 26.71 103.32 -18.78
N ASN C 17 27.02 104.03 -17.70
CA ASN C 17 28.08 103.58 -16.80
C ASN C 17 27.59 102.40 -15.96
N HIS C 18 28.38 101.32 -15.97
CA HIS C 18 28.16 100.18 -15.09
C HIS C 18 29.16 100.26 -13.94
N THR C 19 28.65 100.19 -12.71
CA THR C 19 29.49 100.27 -11.52
C THR C 19 29.63 98.87 -10.92
N PHE C 20 30.87 98.38 -10.86
CA PHE C 20 31.21 97.08 -10.31
C PHE C 20 31.69 97.28 -8.87
N VAL C 21 30.84 96.93 -7.91
CA VAL C 21 31.17 97.00 -6.49
C VAL C 21 32.01 95.78 -6.15
N PRO C 22 33.10 95.92 -5.39
CA PRO C 22 33.87 94.73 -5.02
C PRO C 22 33.07 93.78 -4.15
N ILE C 23 33.07 92.51 -4.54
CA ILE C 23 32.60 91.44 -3.69
C ILE C 23 33.71 90.96 -2.76
N GLY C 24 34.94 90.97 -3.24
CA GLY C 24 36.06 90.55 -2.42
C GLY C 24 36.84 89.41 -3.03
N PRO C 25 37.78 88.87 -2.28
CA PRO C 25 38.61 87.79 -2.82
C PRO C 25 37.83 86.48 -2.87
N ASP C 26 38.15 85.68 -3.89
CA ASP C 26 37.53 84.37 -4.04
C ASP C 26 37.87 83.53 -2.81
N PRO C 27 36.89 82.95 -2.12
CA PRO C 27 37.21 82.09 -0.98
C PRO C 27 38.02 80.88 -1.37
N LYS C 28 37.82 80.36 -2.59
CA LYS C 28 38.55 79.18 -3.03
C LYS C 28 40.00 79.52 -3.39
N ASP C 29 40.24 80.70 -3.99
CA ASP C 29 41.57 81.14 -4.39
C ASP C 29 41.77 82.59 -3.98
N ALA C 30 42.73 82.82 -3.08
CA ALA C 30 42.96 84.16 -2.55
C ALA C 30 43.63 85.11 -3.54
N THR C 31 44.18 84.60 -4.64
CA THR C 31 44.89 85.43 -5.61
C THR C 31 43.97 86.03 -6.66
N ILE C 32 42.66 85.88 -6.52
CA ILE C 32 41.74 86.40 -7.51
C ILE C 32 40.65 87.18 -6.78
N TYR C 33 40.38 88.40 -7.24
CA TYR C 33 39.47 89.33 -6.60
C TYR C 33 38.30 89.62 -7.53
N TRP C 34 37.13 89.87 -6.95
CA TRP C 34 35.87 89.92 -7.68
C TRP C 34 35.12 91.22 -7.38
N TRP C 35 34.71 91.89 -8.46
CA TRP C 35 33.74 92.98 -8.47
C TRP C 35 32.49 92.51 -9.22
N GLU C 36 31.35 93.12 -8.90
CA GLU C 36 30.04 92.71 -9.41
C GLU C 36 29.20 93.92 -9.77
N ASP C 37 28.57 93.86 -10.94
CA ASP C 37 27.65 94.89 -11.40
C ASP C 37 26.23 94.45 -11.04
N GLN C 38 25.61 95.13 -10.09
CA GLN C 38 24.33 94.71 -9.54
C GLN C 38 23.14 95.37 -10.21
N SER C 39 23.31 95.91 -11.42
CA SER C 39 22.25 96.65 -12.08
C SER C 39 21.33 95.77 -12.90
N GLN C 40 21.57 94.47 -12.94
CA GLN C 40 20.81 93.57 -13.79
C GLN C 40 19.50 93.16 -13.10
N ALA C 41 18.77 92.25 -13.74
CA ALA C 41 17.38 92.00 -13.35
C ALA C 41 17.27 91.20 -12.05
N SER C 42 18.13 90.20 -11.87
CA SER C 42 18.19 89.41 -10.64
C SER C 42 19.61 88.92 -10.49
N PRO C 43 20.00 88.47 -9.29
CA PRO C 43 21.43 88.24 -9.02
C PRO C 43 22.09 87.26 -9.98
N ALA C 44 21.37 86.23 -10.43
CA ALA C 44 21.98 85.25 -11.35
C ALA C 44 22.55 85.92 -12.59
N GLY C 45 21.99 87.06 -13.00
CA GLY C 45 22.44 87.80 -14.16
C GLY C 45 23.35 88.97 -13.90
N TYR C 46 23.81 89.17 -12.65
CA TYR C 46 24.74 90.26 -12.34
C TYR C 46 26.05 90.07 -13.09
N TRP C 47 26.50 91.11 -13.78
CA TRP C 47 27.79 91.03 -14.47
C TRP C 47 28.93 91.05 -13.45
N ARG C 48 30.01 90.35 -13.77
CA ARG C 48 31.12 90.23 -12.84
C ARG C 48 32.44 90.50 -13.55
N LEU C 49 33.42 90.91 -12.75
CA LEU C 49 34.75 91.23 -13.22
C LEU C 49 35.73 90.66 -12.20
N SER C 50 36.80 90.02 -12.67
CA SER C 50 37.75 89.33 -11.80
C SER C 50 39.18 89.69 -12.22
N MET C 51 40.02 89.97 -11.23
CA MET C 51 41.43 90.26 -11.50
C MET C 51 42.30 89.37 -10.60
N GLN C 52 43.30 88.74 -11.20
CA GLN C 52 44.13 87.76 -10.52
C GLN C 52 45.60 88.07 -10.72
N LEU C 53 46.35 88.06 -9.62
CA LEU C 53 47.79 88.28 -9.62
C LEU C 53 48.45 87.08 -8.95
N VAL C 54 49.25 86.35 -9.71
CA VAL C 54 49.96 85.18 -9.21
C VAL C 54 51.45 85.47 -9.33
N ARG C 55 52.06 85.84 -8.21
CA ARG C 55 53.48 86.07 -8.00
C ARG C 55 54.13 84.79 -7.49
N PRO C 56 55.32 84.48 -7.95
CA PRO C 56 55.98 83.24 -7.55
C PRO C 56 56.57 83.35 -6.16
N ALA C 57 56.83 82.19 -5.57
CA ALA C 57 57.49 82.15 -4.28
C ALA C 57 58.83 82.90 -4.36
N PRO C 58 59.23 83.57 -3.29
CA PRO C 58 60.38 84.48 -3.38
C PRO C 58 61.65 83.77 -3.83
N ALA C 59 62.46 84.52 -4.58
CA ALA C 59 63.74 84.00 -5.04
C ALA C 59 64.62 83.62 -3.87
N LYS C 60 65.35 82.51 -4.00
CA LYS C 60 66.23 82.03 -2.95
C LYS C 60 67.68 82.29 -3.33
N ALA C 61 68.54 82.27 -2.30
CA ALA C 61 69.95 82.58 -2.51
C ALA C 61 70.59 81.56 -3.45
N GLY C 62 71.26 82.06 -4.49
CA GLY C 62 71.88 81.20 -5.47
C GLY C 62 70.93 80.47 -6.40
N GLN C 63 69.64 80.73 -6.32
CA GLN C 63 68.66 80.06 -7.16
C GLN C 63 68.69 80.66 -8.57
N ASN C 64 68.20 79.90 -9.54
CA ASN C 64 68.18 80.34 -10.92
C ASN C 64 66.81 80.88 -11.27
N THR C 65 66.78 82.10 -11.79
CA THR C 65 65.53 82.83 -11.99
C THR C 65 64.91 82.65 -13.37
N ASN C 66 65.65 82.08 -14.33
CA ASN C 66 65.36 82.28 -15.74
C ASN C 66 64.03 81.65 -16.15
N GLN C 67 63.34 80.95 -15.25
CA GLN C 67 62.04 80.39 -15.57
C GLN C 67 60.90 80.87 -14.67
N ARG C 68 61.19 81.64 -13.63
CA ARG C 68 60.13 82.09 -12.73
C ARG C 68 59.33 83.19 -13.40
N MET C 69 58.01 83.15 -13.25
CA MET C 69 57.13 84.05 -13.99
C MET C 69 55.92 84.46 -13.16
N ILE C 70 55.42 85.67 -13.46
CA ILE C 70 54.26 86.28 -12.82
C ILE C 70 53.13 86.25 -13.82
N ARG C 71 51.92 85.93 -13.35
CA ARG C 71 50.75 85.90 -14.22
C ARG C 71 49.69 86.87 -13.72
N VAL C 72 48.99 87.51 -14.64
CA VAL C 72 47.89 88.40 -14.31
C VAL C 72 46.73 88.07 -15.23
N ARG C 73 45.57 87.77 -14.66
CA ARG C 73 44.39 87.40 -15.45
C ARG C 73 43.23 88.33 -15.13
N VAL C 74 42.73 89.02 -16.14
CA VAL C 74 41.55 89.87 -16.03
C VAL C 74 40.43 89.22 -16.83
N SER C 75 39.29 89.03 -16.19
CA SER C 75 38.17 88.31 -16.78
C SER C 75 36.88 89.10 -16.58
N THR C 76 36.04 89.17 -17.63
CA THR C 76 34.75 89.86 -17.53
C THR C 76 33.65 88.94 -18.03
N PHE C 77 32.59 88.82 -17.24
CA PHE C 77 31.43 87.99 -17.54
C PHE C 77 30.19 88.85 -17.57
N GLU C 78 29.44 88.79 -18.67
CA GLU C 78 28.24 89.60 -18.86
C GLU C 78 27.05 88.70 -19.19
N PRO C 79 26.62 87.87 -18.24
CA PRO C 79 25.51 86.95 -18.53
C PRO C 79 24.21 87.69 -18.85
N ILE C 80 23.49 87.17 -19.84
CA ILE C 80 22.22 87.73 -20.28
C ILE C 80 21.11 86.85 -19.75
N LEU C 81 20.23 87.43 -18.93
CA LEU C 81 19.15 86.66 -18.33
C LEU C 81 18.08 86.30 -19.36
N GLU C 82 17.55 85.08 -19.24
CA GLU C 82 16.47 84.67 -20.12
C GLU C 82 15.23 85.50 -19.83
N VAL C 83 14.52 85.89 -20.89
CA VAL C 83 13.24 86.58 -20.75
C VAL C 83 12.13 85.54 -20.80
N ALA C 84 11.22 85.61 -19.82
CA ALA C 84 10.21 84.58 -19.68
C ALA C 84 9.11 84.74 -20.72
N VAL C 85 8.59 83.61 -21.18
CA VAL C 85 7.35 83.59 -21.96
C VAL C 85 6.37 82.70 -21.22
N THR C 86 5.18 82.52 -21.80
CA THR C 86 4.13 81.78 -21.12
C THR C 86 4.53 80.30 -21.01
N ALA C 87 4.58 79.81 -19.77
CA ALA C 87 4.83 78.39 -19.51
C ALA C 87 3.51 77.64 -19.60
N THR C 88 3.49 76.55 -20.37
CA THR C 88 2.25 75.87 -20.69
C THR C 88 2.09 74.52 -20.01
N TYR C 89 3.17 73.90 -19.55
CA TYR C 89 3.02 72.62 -18.87
C TYR C 89 2.43 72.80 -17.47
N SER C 90 3.04 73.66 -16.66
CA SER C 90 2.61 73.85 -15.29
C SER C 90 1.95 75.20 -15.02
N GLY C 91 2.04 76.14 -15.96
CA GLY C 91 1.52 77.47 -15.73
C GLY C 91 2.28 78.26 -14.70
N ILE C 92 3.41 77.74 -14.24
CA ILE C 92 4.26 78.37 -13.24
C ILE C 92 5.49 78.92 -13.95
N ALA C 93 5.64 80.24 -13.94
CA ALA C 93 6.76 80.86 -14.63
C ALA C 93 8.07 80.36 -14.04
N PRO C 94 9.11 80.19 -14.85
CA PRO C 94 10.33 79.55 -14.38
C PRO C 94 11.20 80.49 -13.57
N SER C 95 12.01 79.88 -12.71
CA SER C 95 13.01 80.62 -11.96
C SER C 95 13.90 81.40 -12.92
N PRO C 96 14.47 82.53 -12.49
CA PRO C 96 15.37 83.27 -13.38
C PRO C 96 16.53 82.38 -13.79
N THR C 97 16.71 82.23 -15.10
CA THR C 97 17.73 81.36 -15.64
C THR C 97 18.62 82.15 -16.59
N VAL C 98 19.91 81.83 -16.59
CA VAL C 98 20.85 82.51 -17.46
C VAL C 98 20.73 81.92 -18.86
N SER C 99 20.52 82.79 -19.85
CA SER C 99 20.31 82.31 -21.22
C SER C 99 21.64 81.98 -21.90
N TYR C 100 22.59 82.92 -21.87
CA TYR C 100 23.91 82.69 -22.45
C TYR C 100 24.87 83.70 -21.84
N VAL C 101 26.16 83.43 -21.96
CA VAL C 101 27.14 84.32 -21.32
C VAL C 101 28.24 84.73 -22.29
N PRO C 102 28.22 85.96 -22.79
CA PRO C 102 29.39 86.51 -23.46
C PRO C 102 30.47 86.84 -22.44
N LYS C 103 31.70 86.40 -22.70
CA LYS C 103 32.74 86.59 -21.70
C LYS C 103 34.08 86.83 -22.37
N ALA C 104 35.02 87.35 -21.59
CA ALA C 104 36.37 87.62 -22.08
C ALA C 104 37.38 87.32 -20.99
N PHE C 105 38.54 86.82 -21.42
CA PHE C 105 39.59 86.34 -20.53
C PHE C 105 40.93 86.80 -21.09
N THR C 106 41.66 87.61 -20.34
CA THR C 106 42.98 88.11 -20.76
C THR C 106 44.01 87.67 -19.74
N GLU C 107 45.11 87.06 -20.22
CA GLU C 107 46.20 86.59 -19.38
C GLU C 107 47.51 87.21 -19.84
N PHE C 108 48.16 87.92 -18.93
CA PHE C 108 49.51 88.43 -19.12
C PHE C 108 50.48 87.46 -18.47
N VAL C 109 51.48 87.03 -19.24
CA VAL C 109 52.61 86.28 -18.73
C VAL C 109 53.80 87.23 -18.73
N LEU C 110 54.21 87.64 -17.53
CA LEU C 110 55.31 88.58 -17.33
C LEU C 110 56.42 87.84 -16.61
N PRO C 111 57.50 87.46 -17.28
CA PRO C 111 58.60 86.82 -16.55
C PRO C 111 59.19 87.77 -15.52
N GLU C 112 59.53 87.23 -14.35
CA GLU C 112 60.01 88.06 -13.24
C GLU C 112 61.20 88.90 -13.67
N ARG C 113 62.08 88.33 -14.48
CA ARG C 113 63.21 89.03 -15.07
C ARG C 113 62.82 90.34 -15.77
N ALA C 114 61.60 90.48 -16.26
CA ALA C 114 61.26 91.59 -17.14
C ALA C 114 61.23 92.91 -16.37
N THR C 115 61.57 94.00 -17.09
CA THR C 115 61.64 95.32 -16.50
C THR C 115 60.27 95.99 -16.48
N LEU C 116 60.16 97.02 -15.63
CA LEU C 116 58.95 97.83 -15.56
C LEU C 116 58.57 98.34 -16.94
N ASP C 117 59.55 98.76 -17.72
CA ASP C 117 59.26 99.21 -19.09
C ASP C 117 58.65 98.10 -19.91
N ASN C 118 59.16 96.87 -19.78
CA ASN C 118 58.57 95.74 -20.50
C ASN C 118 57.12 95.53 -20.12
N ARG C 119 56.82 95.63 -18.82
CA ARG C 119 55.45 95.40 -18.36
C ARG C 119 54.51 96.50 -18.83
N LYS C 120 54.97 97.76 -18.76
CA LYS C 120 54.16 98.87 -19.26
C LYS C 120 53.90 98.72 -20.76
N ASP C 121 54.93 98.29 -21.50
CA ASP C 121 54.80 98.04 -22.94
C ASP C 121 53.72 97.01 -23.23
N ILE C 122 53.83 95.84 -22.60
CA ILE C 122 52.90 94.76 -22.94
C ILE C 122 51.47 95.15 -22.55
N ARG C 123 51.28 95.76 -21.37
CA ARG C 123 49.95 96.17 -20.96
C ARG C 123 49.35 97.18 -21.93
N LYS C 124 50.05 98.30 -22.15
CA LYS C 124 49.50 99.33 -23.03
C LYS C 124 49.24 98.81 -24.42
N MET C 125 50.19 98.05 -24.97
CA MET C 125 50.10 97.67 -26.39
C MET C 125 49.02 96.63 -26.61
N HIS C 126 48.83 95.71 -25.65
CA HIS C 126 47.72 94.77 -25.79
C HIS C 126 46.37 95.47 -25.63
N ALA C 127 46.24 96.32 -24.59
CA ALA C 127 44.99 97.04 -24.39
C ALA C 127 44.62 97.86 -25.61
N LEU C 128 45.63 98.36 -26.33
CA LEU C 128 45.37 99.06 -27.58
C LEU C 128 45.02 98.08 -28.70
N ALA C 129 45.69 96.92 -28.74
CA ALA C 129 45.42 95.95 -29.80
C ALA C 129 43.97 95.48 -29.76
N LEU C 130 43.35 95.52 -28.58
CA LEU C 130 41.94 95.18 -28.48
C LEU C 130 41.01 96.25 -29.03
N THR C 131 41.54 97.43 -29.38
CA THR C 131 40.71 98.51 -29.91
C THR C 131 40.98 98.81 -31.38
N THR C 132 41.82 98.03 -32.03
CA THR C 132 42.12 98.23 -33.45
C THR C 132 40.88 97.97 -34.29
N SER C 133 40.85 98.58 -35.49
CA SER C 133 39.73 98.36 -36.39
C SER C 133 39.56 96.89 -36.73
N GLU C 134 40.68 96.15 -36.82
CA GLU C 134 40.63 94.73 -37.10
C GLU C 134 39.97 93.96 -35.95
N ALA C 135 40.36 94.27 -34.71
CA ALA C 135 39.73 93.63 -33.55
C ALA C 135 38.25 93.96 -33.47
N ILE C 136 37.89 95.21 -33.77
CA ILE C 136 36.48 95.60 -33.77
C ILE C 136 35.71 94.82 -34.83
N ALA C 137 36.30 94.66 -36.02
CA ALA C 137 35.64 93.93 -37.09
C ALA C 137 35.46 92.45 -36.74
N MET C 138 36.46 91.85 -36.09
CA MET C 138 36.36 90.43 -35.75
C MET C 138 35.35 90.17 -34.64
N ILE C 139 35.39 90.99 -33.58
CA ILE C 139 34.55 90.70 -32.43
C ILE C 139 33.12 91.18 -32.66
N GLU C 140 32.95 92.36 -33.25
CA GLU C 140 31.61 92.92 -33.39
C GLU C 140 30.93 92.46 -34.69
N SER C 141 31.64 92.49 -35.80
CA SER C 141 31.07 92.20 -37.11
C SER C 141 31.41 90.81 -37.63
N LEU C 142 32.26 90.07 -36.91
CA LEU C 142 32.53 88.66 -37.23
C LEU C 142 33.18 88.51 -38.61
N GLN C 143 34.18 89.35 -38.88
CA GLN C 143 34.88 89.36 -40.15
C GLN C 143 36.37 89.16 -39.92
N PHE C 144 36.96 88.26 -40.72
CA PHE C 144 38.40 88.03 -40.67
C PHE C 144 39.12 89.02 -41.58
N VAL C 145 40.45 88.92 -41.64
CA VAL C 145 41.25 89.77 -42.51
C VAL C 145 41.81 88.92 -43.65
N TYR C 146 41.97 89.53 -44.82
CA TYR C 146 42.28 88.76 -46.02
C TYR C 146 43.30 89.44 -46.92
N PRO D 1 -11.13 10.66 100.93
CA PRO D 1 -11.04 11.93 101.67
C PRO D 1 -10.18 12.96 100.94
N GLN D 2 -10.42 14.25 101.18
CA GLN D 2 -9.63 15.27 100.55
C GLN D 2 -8.22 15.30 101.15
N ALA D 3 -7.25 15.62 100.30
CA ALA D 3 -5.85 15.59 100.71
C ALA D 3 -5.52 16.78 101.60
N ALA D 4 -4.83 16.52 102.70
CA ALA D 4 -4.41 17.58 103.60
C ALA D 4 -3.04 17.22 104.20
N ASP D 5 -2.51 18.15 104.99
CA ASP D 5 -1.18 17.98 105.58
C ASP D 5 -1.10 16.69 106.37
N ILE D 6 0.06 16.03 106.31
CA ILE D 6 0.32 14.82 107.09
C ILE D 6 1.47 15.14 108.04
N VAL D 7 1.22 15.01 109.34
CA VAL D 7 2.23 15.38 110.33
C VAL D 7 2.73 14.13 111.02
N ILE D 8 4.05 13.93 110.98
CA ILE D 8 4.69 12.73 111.51
C ILE D 8 5.83 13.15 112.43
N ALA D 9 5.92 12.49 113.58
CA ALA D 9 6.89 12.86 114.60
C ALA D 9 8.29 12.34 114.27
N ASP D 10 9.30 13.12 114.66
CA ASP D 10 10.69 12.75 114.52
C ASP D 10 11.05 11.63 115.49
N ALA D 11 12.29 11.16 115.41
CA ALA D 11 12.83 10.23 116.39
C ALA D 11 13.98 10.85 117.19
N GLN D 12 14.00 12.17 117.30
CA GLN D 12 15.02 12.84 118.08
C GLN D 12 14.77 12.65 119.57
N ALA D 13 15.76 13.06 120.37
CA ALA D 13 15.60 13.07 121.82
C ALA D 13 14.33 13.81 122.21
N THR D 14 14.20 15.05 121.77
CA THR D 14 12.92 15.75 121.80
C THR D 14 12.33 15.68 120.40
N PRO D 15 11.30 14.87 120.16
CA PRO D 15 10.79 14.71 118.80
C PRO D 15 10.34 16.03 118.19
N VAL D 16 10.50 16.13 116.88
CA VAL D 16 10.16 17.31 116.09
C VAL D 16 9.13 16.91 115.04
N ASN D 17 8.02 17.64 115.00
CA ASN D 17 6.98 17.32 114.03
C ASN D 17 7.41 17.75 112.62
N HIS D 18 7.41 16.81 111.69
CA HIS D 18 7.62 17.11 110.28
C HIS D 18 6.25 17.15 109.60
N THR D 19 5.98 18.24 108.89
CA THR D 19 4.70 18.44 108.22
C THR D 19 4.89 18.25 106.72
N PHE D 20 4.27 17.19 106.18
CA PHE D 20 4.29 16.87 104.76
C PHE D 20 3.09 17.52 104.10
N VAL D 21 3.35 18.62 103.39
CA VAL D 21 2.32 19.34 102.63
C VAL D 21 1.96 18.53 101.40
N PRO D 22 0.68 18.43 101.02
CA PRO D 22 0.35 17.68 99.79
C PRO D 22 0.84 18.41 98.55
N ILE D 23 1.69 17.73 97.78
CA ILE D 23 2.13 18.25 96.50
C ILE D 23 1.13 17.90 95.40
N GLY D 24 0.60 16.69 95.42
CA GLY D 24 -0.39 16.33 94.44
C GLY D 24 -0.14 14.98 93.81
N PRO D 25 -0.98 14.60 92.85
CA PRO D 25 -0.80 13.29 92.22
C PRO D 25 0.40 13.27 91.29
N ASP D 26 0.97 12.08 91.14
CA ASP D 26 2.13 11.88 90.27
C ASP D 26 1.72 12.09 88.81
N PRO D 27 2.47 12.89 88.04
CA PRO D 27 2.09 13.11 86.63
C PRO D 27 2.04 11.83 85.81
N LYS D 28 2.94 10.89 86.08
CA LYS D 28 2.98 9.65 85.32
C LYS D 28 1.86 8.69 85.71
N ASP D 29 1.56 8.58 87.00
CA ASP D 29 0.57 7.63 87.50
C ASP D 29 -0.45 8.37 88.34
N ALA D 30 -1.72 8.29 87.92
CA ALA D 30 -2.79 8.95 88.66
C ALA D 30 -3.17 8.26 89.95
N THR D 31 -2.63 7.07 90.21
CA THR D 31 -2.98 6.30 91.42
C THR D 31 -2.07 6.57 92.59
N ILE D 32 -1.02 7.38 92.41
CA ILE D 32 -0.05 7.61 93.48
C ILE D 32 -0.01 9.10 93.75
N TYR D 33 -0.03 9.46 95.03
CA TYR D 33 -0.16 10.83 95.50
C TYR D 33 1.02 11.17 96.41
N TRP D 34 1.51 12.41 96.31
CA TRP D 34 2.77 12.82 96.91
C TRP D 34 2.55 13.98 97.88
N TRP D 35 3.04 13.78 99.11
CA TRP D 35 3.24 14.82 100.11
C TRP D 35 4.74 15.05 100.30
N GLU D 36 5.10 16.26 100.72
CA GLU D 36 6.50 16.67 100.80
C GLU D 36 6.75 17.53 102.04
N ASP D 37 7.76 17.17 102.80
CA ASP D 37 8.27 17.96 103.92
C ASP D 37 9.34 18.90 103.39
N GLN D 38 9.01 20.20 103.40
CA GLN D 38 9.80 21.25 102.79
C GLN D 38 10.65 22.02 103.79
N SER D 39 10.93 21.42 104.93
CA SER D 39 11.66 22.09 106.01
C SER D 39 13.17 21.94 105.89
N GLN D 40 13.66 21.22 104.89
CA GLN D 40 15.07 20.92 104.77
C GLN D 40 15.78 22.09 104.07
N ALA D 41 17.08 21.92 103.79
CA ALA D 41 17.92 23.02 103.33
C ALA D 41 17.47 23.54 101.96
N SER D 42 17.54 22.69 100.94
CA SER D 42 17.12 23.05 99.60
C SER D 42 16.23 21.93 99.07
N PRO D 43 15.44 22.20 98.02
CA PRO D 43 14.39 21.23 97.64
C PRO D 43 14.90 19.85 97.28
N ALA D 44 16.18 19.70 96.94
CA ALA D 44 16.71 18.38 96.63
C ALA D 44 16.72 17.45 97.84
N GLY D 45 16.70 18.00 99.06
CA GLY D 45 16.70 17.24 100.29
C GLY D 45 15.37 17.20 101.00
N TYR D 46 14.29 17.63 100.35
CA TYR D 46 12.94 17.59 100.94
C TYR D 46 12.51 16.15 101.17
N TRP D 47 11.90 15.87 102.32
CA TRP D 47 11.47 14.50 102.57
C TRP D 47 10.12 14.25 101.89
N ARG D 48 9.91 13.04 101.42
CA ARG D 48 8.74 12.78 100.60
C ARG D 48 7.99 11.56 101.12
N LEU D 49 6.68 11.57 100.87
CA LEU D 49 5.79 10.51 101.29
C LEU D 49 4.79 10.28 100.17
N SER D 50 4.71 9.05 99.68
CA SER D 50 3.84 8.70 98.55
C SER D 50 2.88 7.60 98.99
N MET D 51 1.60 7.78 98.67
CA MET D 51 0.58 6.76 98.93
C MET D 51 -0.14 6.44 97.63
N GLN D 52 -0.30 5.13 97.36
CA GLN D 52 -0.83 4.66 96.09
C GLN D 52 -1.90 3.61 96.32
N LEU D 53 -3.03 3.76 95.64
CA LEU D 53 -4.16 2.84 95.73
C LEU D 53 -4.52 2.38 94.32
N VAL D 54 -4.25 1.11 94.02
CA VAL D 54 -4.52 0.54 92.71
C VAL D 54 -5.69 -0.41 92.85
N ARG D 55 -6.87 0.07 92.41
CA ARG D 55 -8.10 -0.70 92.29
C ARG D 55 -8.14 -1.40 90.95
N PRO D 56 -8.60 -2.64 90.91
CA PRO D 56 -8.85 -3.28 89.61
C PRO D 56 -10.09 -2.70 88.94
N ALA D 57 -10.16 -2.88 87.62
CA ALA D 57 -11.23 -2.27 86.84
C ALA D 57 -12.59 -2.89 87.20
N PRO D 58 -13.66 -2.09 87.26
CA PRO D 58 -14.97 -2.66 87.66
C PRO D 58 -15.46 -3.72 86.69
N ALA D 59 -15.78 -4.90 87.23
CA ALA D 59 -16.28 -5.99 86.42
C ALA D 59 -17.11 -6.95 87.27
N THR D 65 -11.18 -14.07 87.77
CA THR D 65 -11.84 -12.96 88.44
C THR D 65 -11.88 -13.13 89.97
N ASN D 66 -11.45 -14.29 90.47
CA ASN D 66 -11.14 -14.43 91.88
C ASN D 66 -9.66 -14.17 92.15
N GLN D 67 -8.92 -13.70 91.15
CA GLN D 67 -7.54 -13.25 91.29
C GLN D 67 -7.47 -11.74 91.10
N ARG D 68 -8.45 -11.01 91.60
CA ARG D 68 -8.51 -9.56 91.48
C ARG D 68 -8.09 -8.99 92.82
N MET D 69 -7.01 -8.22 92.83
CA MET D 69 -6.43 -7.81 94.09
C MET D 69 -6.19 -6.30 94.06
N ILE D 70 -6.56 -5.65 95.15
CA ILE D 70 -6.32 -4.23 95.37
C ILE D 70 -4.95 -4.07 96.00
N ARG D 71 -4.16 -3.15 95.48
CA ARG D 71 -2.83 -2.92 96.06
C ARG D 71 -2.74 -1.53 96.66
N VAL D 72 -1.99 -1.41 97.76
CA VAL D 72 -1.76 -0.14 98.43
C VAL D 72 -0.28 -0.05 98.75
N ARG D 73 0.38 1.03 98.32
CA ARG D 73 1.81 1.20 98.54
C ARG D 73 2.04 2.54 99.25
N VAL D 74 2.70 2.48 100.40
CA VAL D 74 3.10 3.66 101.16
C VAL D 74 4.63 3.69 101.16
N SER D 75 5.20 4.81 100.75
CA SER D 75 6.64 4.93 100.59
C SER D 75 7.13 6.23 101.21
N THR D 76 8.21 6.16 101.99
CA THR D 76 8.80 7.34 102.62
C THR D 76 10.26 7.45 102.24
N PHE D 77 10.65 8.63 101.76
CA PHE D 77 12.02 8.93 101.39
C PHE D 77 12.53 10.06 102.25
N GLU D 78 13.72 9.88 102.85
CA GLU D 78 14.33 10.88 103.73
C GLU D 78 15.76 11.17 103.29
N PRO D 79 15.94 11.86 102.17
CA PRO D 79 17.29 12.14 101.70
C PRO D 79 18.05 13.06 102.65
N ILE D 80 19.36 12.84 102.74
CA ILE D 80 20.24 13.61 103.61
C ILE D 80 21.22 14.38 102.74
N LEU D 81 21.16 15.71 102.81
CA LEU D 81 22.02 16.55 101.98
C LEU D 81 23.42 16.64 102.56
N GLU D 82 24.39 16.92 101.69
CA GLU D 82 25.74 17.19 102.14
C GLU D 82 25.83 18.59 102.74
N VAL D 83 26.68 18.74 103.76
CA VAL D 83 26.78 20.01 104.46
C VAL D 83 27.50 21.03 103.58
N ALA D 84 27.16 22.31 103.79
CA ALA D 84 27.79 23.38 103.02
C ALA D 84 29.31 23.28 103.11
N VAL D 85 29.97 23.55 101.98
CA VAL D 85 31.43 23.40 101.88
C VAL D 85 32.12 24.67 102.39
N THR D 86 33.27 24.47 103.04
CA THR D 86 34.08 25.59 103.50
C THR D 86 35.17 25.95 102.50
N ALA D 87 35.52 25.03 101.61
CA ALA D 87 36.58 25.26 100.64
C ALA D 87 36.50 24.21 99.56
N THR D 88 36.64 24.63 98.31
CA THR D 88 36.73 23.71 97.18
C THR D 88 37.94 24.07 96.34
N TYR D 89 38.20 23.28 95.30
CA TYR D 89 39.42 23.49 94.54
C TYR D 89 39.37 24.79 93.76
N SER D 90 38.18 25.17 93.30
CA SER D 90 38.01 26.35 92.46
C SER D 90 37.54 27.58 93.23
N GLY D 91 37.02 27.41 94.44
CA GLY D 91 36.50 28.52 95.20
C GLY D 91 35.02 28.79 95.01
N ILE D 92 34.35 28.04 94.14
CA ILE D 92 32.90 28.15 93.94
C ILE D 92 32.24 26.95 94.61
N ALA D 93 31.26 27.22 95.47
CA ALA D 93 30.61 26.15 96.21
C ALA D 93 29.76 25.31 95.26
N PRO D 94 29.78 23.99 95.40
CA PRO D 94 28.99 23.13 94.52
C PRO D 94 27.50 23.22 94.82
N SER D 95 26.71 22.83 93.82
CA SER D 95 25.26 22.81 93.98
C SER D 95 24.89 21.85 95.11
N PRO D 96 23.76 22.07 95.78
CA PRO D 96 23.34 21.16 96.84
C PRO D 96 23.18 19.75 96.29
N THR D 97 23.88 18.80 96.91
CA THR D 97 23.89 17.43 96.45
C THR D 97 23.41 16.49 97.56
N VAL D 98 22.84 15.37 97.15
CA VAL D 98 22.29 14.39 98.08
C VAL D 98 23.39 13.41 98.44
N SER D 99 23.64 13.25 99.75
CA SER D 99 24.69 12.34 100.20
C SER D 99 24.24 10.88 100.13
N TYR D 100 23.09 10.57 100.72
CA TYR D 100 22.55 9.21 100.72
C TYR D 100 21.07 9.31 101.05
N VAL D 101 20.34 8.25 100.75
CA VAL D 101 18.89 8.29 100.95
C VAL D 101 18.38 7.03 101.64
N PRO D 102 18.12 7.07 102.95
CA PRO D 102 17.35 5.99 103.58
C PRO D 102 15.88 6.08 103.19
N LYS D 103 15.29 4.94 102.88
CA LYS D 103 13.91 4.95 102.40
C LYS D 103 13.20 3.68 102.83
N ALA D 104 11.87 3.71 102.69
CA ALA D 104 11.04 2.58 103.08
C ALA D 104 9.85 2.47 102.13
N PHE D 105 9.48 1.22 101.84
CA PHE D 105 8.44 0.90 100.86
C PHE D 105 7.58 -0.20 101.46
N THR D 106 6.28 0.03 101.63
CA THR D 106 5.35 -0.96 102.17
C THR D 106 4.22 -1.17 101.18
N GLU D 107 3.89 -2.44 100.90
CA GLU D 107 2.86 -2.80 99.95
C GLU D 107 1.89 -3.77 100.59
N PHE D 108 0.61 -3.42 100.57
CA PHE D 108 -0.47 -4.29 100.98
C PHE D 108 -1.11 -4.87 99.74
N VAL D 109 -1.28 -6.19 99.73
CA VAL D 109 -2.02 -6.91 98.70
C VAL D 109 -3.30 -7.40 99.36
N LEU D 110 -4.42 -6.85 98.92
CA LEU D 110 -5.72 -7.07 99.56
C LEU D 110 -6.67 -7.66 98.53
N PRO D 111 -6.95 -8.96 98.56
CA PRO D 111 -7.88 -9.54 97.59
C PRO D 111 -9.25 -8.87 97.69
N GLU D 112 -9.93 -8.79 96.54
CA GLU D 112 -11.21 -8.09 96.47
C GLU D 112 -12.27 -8.79 97.31
N ARG D 113 -12.12 -10.09 97.57
CA ARG D 113 -13.03 -10.80 98.46
C ARG D 113 -12.78 -10.51 99.93
N ALA D 114 -11.70 -9.81 100.28
CA ALA D 114 -11.31 -9.67 101.68
C ALA D 114 -12.20 -8.66 102.38
N THR D 115 -12.64 -9.00 103.59
CA THR D 115 -13.59 -8.18 104.32
C THR D 115 -12.88 -7.05 105.07
N LEU D 116 -13.67 -6.04 105.44
CA LEU D 116 -13.14 -4.91 106.19
C LEU D 116 -12.37 -5.37 107.42
N ASP D 117 -12.85 -6.43 108.08
CA ASP D 117 -12.14 -6.96 109.23
C ASP D 117 -10.75 -7.45 108.84
N ASN D 118 -10.66 -8.18 107.71
CA ASN D 118 -9.36 -8.65 107.24
C ASN D 118 -8.41 -7.50 106.96
N ARG D 119 -8.93 -6.43 106.34
CA ARG D 119 -8.08 -5.28 106.01
C ARG D 119 -7.59 -4.58 107.27
N LYS D 120 -8.50 -4.38 108.24
CA LYS D 120 -8.09 -3.77 109.51
C LYS D 120 -7.05 -4.63 110.21
N ASP D 121 -7.23 -5.96 110.17
CA ASP D 121 -6.28 -6.88 110.78
C ASP D 121 -4.90 -6.73 110.16
N ILE D 122 -4.81 -6.82 108.83
CA ILE D 122 -3.51 -6.81 108.17
C ILE D 122 -2.81 -5.47 108.38
N ARG D 123 -3.55 -4.36 108.29
CA ARG D 123 -2.95 -3.04 108.50
C ARG D 123 -2.41 -2.91 109.92
N LYS D 124 -3.28 -3.11 110.93
CA LYS D 124 -2.84 -2.94 112.31
C LYS D 124 -1.68 -3.86 112.64
N MET D 125 -1.76 -5.12 112.19
CA MET D 125 -0.79 -6.11 112.61
C MET D 125 0.56 -5.91 111.94
N HIS D 126 0.57 -5.50 110.67
CA HIS D 126 1.84 -5.21 110.02
C HIS D 126 2.48 -3.96 110.61
N ALA D 127 1.69 -2.89 110.79
CA ALA D 127 2.23 -1.68 111.41
C ALA D 127 2.84 -1.99 112.77
N LEU D 128 2.18 -2.86 113.55
CA LEU D 128 2.75 -3.29 114.82
C LEU D 128 4.02 -4.11 114.60
N ALA D 129 4.03 -4.98 113.60
CA ALA D 129 5.20 -5.82 113.32
C ALA D 129 6.43 -4.98 113.01
N LEU D 130 6.25 -3.75 112.54
CA LEU D 130 7.36 -2.85 112.34
C LEU D 130 7.89 -2.23 113.63
N THR D 131 7.20 -2.40 114.75
CA THR D 131 7.62 -1.79 116.01
C THR D 131 8.01 -2.80 117.07
N THR D 132 8.08 -4.09 116.72
CA THR D 132 8.50 -5.11 117.66
C THR D 132 9.96 -4.91 118.06
N SER D 133 10.33 -5.50 119.19
CA SER D 133 11.72 -5.40 119.64
C SER D 133 12.67 -5.99 118.62
N GLU D 134 12.25 -7.07 117.95
CA GLU D 134 13.05 -7.66 116.89
C GLU D 134 13.20 -6.72 115.70
N ALA D 135 12.10 -6.09 115.28
CA ALA D 135 12.17 -5.14 114.17
C ALA D 135 13.07 -3.96 114.51
N ILE D 136 13.00 -3.48 115.76
CA ILE D 136 13.83 -2.35 116.15
C ILE D 136 15.30 -2.76 116.18
N ALA D 137 15.58 -3.98 116.65
CA ALA D 137 16.95 -4.47 116.66
C ALA D 137 17.50 -4.63 115.25
N MET D 138 16.65 -5.05 114.31
CA MET D 138 17.13 -5.26 112.94
C MET D 138 17.33 -3.95 112.20
N ILE D 139 16.39 -3.01 112.31
CA ILE D 139 16.46 -1.80 111.52
C ILE D 139 17.39 -0.77 112.16
N GLU D 140 17.37 -0.64 113.47
CA GLU D 140 18.17 0.41 114.12
C GLU D 140 19.56 -0.08 114.52
N SER D 141 19.65 -1.26 115.13
CA SER D 141 20.91 -1.78 115.62
C SER D 141 21.55 -2.77 114.65
N LEU D 142 20.82 -3.18 113.61
CA LEU D 142 21.38 -4.01 112.56
C LEU D 142 21.81 -5.37 113.11
N GLN D 143 20.89 -6.04 113.80
CA GLN D 143 21.14 -7.34 114.41
C GLN D 143 20.10 -8.34 113.92
N PHE D 144 20.55 -9.54 113.61
CA PHE D 144 19.65 -10.61 113.20
C PHE D 144 19.23 -11.42 114.43
N VAL D 145 18.25 -12.32 114.23
CA VAL D 145 17.78 -13.20 115.30
C VAL D 145 18.43 -14.56 115.15
N TYR D 146 18.86 -15.13 116.27
CA TYR D 146 19.64 -16.37 116.27
C TYR D 146 19.02 -17.44 117.17
N PRO E 1 -18.63 21.33 89.92
CA PRO E 1 -18.96 20.95 91.29
C PRO E 1 -17.86 20.13 91.94
N GLN E 2 -17.80 20.14 93.26
CA GLN E 2 -16.79 19.37 93.96
C GLN E 2 -17.20 17.91 94.05
N ALA E 3 -16.22 17.06 94.31
CA ALA E 3 -16.51 15.65 94.54
C ALA E 3 -17.22 15.50 95.88
N ALA E 4 -18.45 14.99 95.85
CA ALA E 4 -19.24 14.79 97.06
C ALA E 4 -19.95 13.45 96.99
N ASP E 5 -20.47 13.02 98.13
CA ASP E 5 -21.28 11.81 98.17
C ASP E 5 -22.48 11.97 97.24
N ILE E 6 -22.88 10.87 96.61
CA ILE E 6 -24.07 10.84 95.78
C ILE E 6 -25.01 9.80 96.38
N VAL E 7 -26.22 10.22 96.73
CA VAL E 7 -27.15 9.33 97.42
C VAL E 7 -28.30 8.98 96.50
N ILE E 8 -28.52 7.68 96.30
CA ILE E 8 -29.53 7.17 95.37
C ILE E 8 -30.38 6.13 96.09
N ALA E 9 -31.68 6.19 95.87
CA ALA E 9 -32.64 5.34 96.58
C ALA E 9 -32.75 3.95 95.98
N ASP E 10 -32.91 2.96 96.85
CA ASP E 10 -33.15 1.59 96.44
C ASP E 10 -34.55 1.44 95.86
N ALA E 11 -34.82 0.28 95.26
CA ALA E 11 -36.15 -0.06 94.78
C ALA E 11 -36.85 -1.09 95.68
N GLN E 12 -36.48 -1.15 96.95
CA GLN E 12 -37.12 -2.07 97.87
C GLN E 12 -38.51 -1.57 98.26
N ALA E 13 -39.26 -2.44 98.93
CA ALA E 13 -40.58 -2.05 99.46
C ALA E 13 -40.47 -0.78 100.28
N THR E 14 -39.58 -0.79 101.27
CA THR E 14 -39.18 0.44 101.94
C THR E 14 -37.82 0.82 101.39
N PRO E 15 -37.73 1.82 100.51
CA PRO E 15 -36.47 2.13 99.85
C PRO E 15 -35.35 2.41 100.84
N VAL E 16 -34.14 1.97 100.49
CA VAL E 16 -32.94 2.14 101.29
C VAL E 16 -31.97 3.06 100.53
N ASN E 17 -31.49 4.10 101.20
CA ASN E 17 -30.56 5.02 100.56
C ASN E 17 -29.18 4.40 100.47
N HIS E 18 -28.65 4.29 99.26
CA HIS E 18 -27.27 3.89 99.03
C HIS E 18 -26.43 5.14 98.82
N THR E 19 -25.36 5.25 99.59
CA THR E 19 -24.48 6.42 99.53
C THR E 19 -23.19 6.05 98.79
N PHE E 20 -22.97 6.68 97.65
CA PHE E 20 -21.79 6.48 96.82
C PHE E 20 -20.75 7.54 97.18
N VAL E 21 -19.73 7.12 97.93
CA VAL E 21 -18.62 7.97 98.36
C VAL E 21 -17.67 8.12 97.17
N PRO E 22 -17.14 9.30 96.89
CA PRO E 22 -16.19 9.42 95.77
C PRO E 22 -14.90 8.65 96.04
N ILE E 23 -14.54 7.75 95.11
CA ILE E 23 -13.25 7.08 95.15
C ILE E 23 -12.19 7.96 94.52
N GLY E 24 -12.54 8.64 93.43
CA GLY E 24 -11.59 9.53 92.81
C GLY E 24 -11.59 9.38 91.32
N PRO E 25 -10.67 10.03 90.65
CA PRO E 25 -10.58 9.93 89.20
C PRO E 25 -10.06 8.57 88.79
N ASP E 26 -10.41 8.21 87.56
CA ASP E 26 -10.00 6.92 87.02
C ASP E 26 -8.48 6.88 86.87
N PRO E 27 -7.85 5.72 87.11
CA PRO E 27 -6.38 5.66 87.03
C PRO E 27 -5.81 5.99 85.66
N LYS E 28 -6.51 5.55 84.61
CA LYS E 28 -5.98 5.60 83.26
C LYS E 28 -6.60 6.70 82.41
N ASP E 29 -7.78 7.19 82.77
CA ASP E 29 -8.46 8.27 82.05
C ASP E 29 -8.80 9.37 83.03
N ALA E 30 -8.30 10.57 82.76
CA ALA E 30 -8.50 11.73 83.60
C ALA E 30 -9.85 12.38 83.39
N THR E 31 -10.69 11.82 82.51
CA THR E 31 -11.98 12.42 82.19
C THR E 31 -13.16 11.65 82.79
N ILE E 32 -12.89 10.63 83.59
CA ILE E 32 -13.95 9.81 84.18
C ILE E 32 -13.66 9.69 85.66
N TYR E 33 -14.69 9.91 86.49
CA TYR E 33 -14.60 9.97 87.94
C TYR E 33 -15.51 8.90 88.55
N TRP E 34 -15.12 8.41 89.74
CA TRP E 34 -15.67 7.20 90.33
C TRP E 34 -16.13 7.43 91.76
N TRP E 35 -17.40 7.08 92.01
CA TRP E 35 -18.02 6.93 93.32
C TRP E 35 -18.36 5.46 93.56
N GLU E 36 -18.46 5.08 94.84
CA GLU E 36 -18.63 3.69 95.23
C GLU E 36 -19.52 3.58 96.46
N ASP E 37 -20.47 2.64 96.41
CA ASP E 37 -21.32 2.24 97.52
C ASP E 37 -20.67 1.03 98.18
N GLN E 38 -20.08 1.28 99.36
CA GLN E 38 -19.24 0.36 100.08
C GLN E 38 -19.99 -0.36 101.20
N SER E 39 -21.31 -0.44 101.10
CA SER E 39 -22.14 -1.02 102.15
C SER E 39 -22.21 -2.53 102.05
N GLN E 40 -21.80 -3.09 100.92
CA GLN E 40 -22.00 -4.51 100.62
C GLN E 40 -21.03 -5.35 101.47
N ALA E 41 -21.08 -6.67 101.26
CA ALA E 41 -20.44 -7.59 102.20
C ALA E 41 -18.91 -7.61 102.06
N SER E 42 -18.39 -7.55 100.84
CA SER E 42 -16.97 -7.43 100.56
C SER E 42 -16.84 -6.54 99.32
N PRO E 43 -15.67 -5.96 99.09
CA PRO E 43 -15.53 -5.04 97.93
C PRO E 43 -15.97 -5.65 96.60
N ALA E 44 -15.86 -6.97 96.46
CA ALA E 44 -16.30 -7.64 95.22
C ALA E 44 -17.76 -7.32 94.91
N GLY E 45 -18.57 -7.08 95.93
CA GLY E 45 -19.96 -6.75 95.78
C GLY E 45 -20.32 -5.29 95.91
N TYR E 46 -19.34 -4.39 96.07
CA TYR E 46 -19.64 -2.96 96.16
C TYR E 46 -20.26 -2.46 94.86
N TRP E 47 -21.12 -1.45 94.95
CA TRP E 47 -21.74 -0.90 93.74
C TRP E 47 -21.01 0.36 93.30
N ARG E 48 -20.83 0.53 92.00
CA ARG E 48 -19.99 1.62 91.52
C ARG E 48 -20.75 2.51 90.55
N LEU E 49 -20.40 3.78 90.56
CA LEU E 49 -20.98 4.79 89.68
C LEU E 49 -19.85 5.62 89.10
N SER E 50 -19.90 5.85 87.79
CA SER E 50 -18.84 6.56 87.07
C SER E 50 -19.44 7.60 86.15
N MET E 51 -18.86 8.80 86.15
CA MET E 51 -19.32 9.87 85.28
C MET E 51 -18.15 10.42 84.48
N GLN E 52 -18.35 10.62 83.18
CA GLN E 52 -17.29 11.00 82.26
C GLN E 52 -17.74 12.13 81.36
N LEU E 53 -16.92 13.17 81.27
CA LEU E 53 -17.15 14.31 80.39
C LEU E 53 -15.96 14.42 79.45
N VAL E 54 -16.22 14.28 78.15
CA VAL E 54 -15.19 14.36 77.12
C VAL E 54 -15.51 15.57 76.26
N ARG E 55 -14.71 16.62 76.41
CA ARG E 55 -14.71 17.90 75.74
C ARG E 55 -13.75 17.85 74.56
N PRO E 56 -14.05 18.56 73.48
CA PRO E 56 -13.11 18.64 72.36
C PRO E 56 -12.02 19.67 72.62
N ALA E 57 -10.95 19.57 71.81
CA ALA E 57 -9.86 20.52 71.93
C ALA E 57 -10.36 21.93 71.61
N PRO E 58 -9.78 22.96 72.22
CA PRO E 58 -10.35 24.30 72.09
C PRO E 58 -10.39 24.75 70.63
N ALA E 59 -11.38 25.56 70.32
CA ALA E 59 -11.61 25.96 68.94
C ALA E 59 -10.51 26.89 68.46
N LYS E 60 -10.14 26.76 67.19
CA LYS E 60 -9.15 27.63 66.58
C LYS E 60 -9.81 28.80 65.88
N ALA E 61 -9.05 29.88 65.72
CA ALA E 61 -9.60 31.09 65.12
C ALA E 61 -10.00 30.82 63.67
N GLY E 62 -11.24 31.16 63.34
CA GLY E 62 -11.76 30.91 62.02
C GLY E 62 -12.15 29.48 61.73
N GLN E 63 -11.90 28.54 62.64
CA GLN E 63 -12.26 27.15 62.43
C GLN E 63 -13.78 26.98 62.48
N ASN E 64 -14.28 26.06 61.65
CA ASN E 64 -15.71 25.76 61.60
C ASN E 64 -16.05 24.72 62.66
N THR E 65 -16.98 25.05 63.56
CA THR E 65 -17.24 24.24 64.74
C THR E 65 -18.45 23.33 64.60
N ASN E 66 -19.05 23.23 63.42
CA ASN E 66 -20.33 22.49 63.40
C ASN E 66 -20.13 21.04 63.43
N GLN E 67 -18.90 20.54 63.62
CA GLN E 67 -18.71 19.11 63.77
C GLN E 67 -18.15 18.69 65.13
N ARG E 68 -17.77 19.64 65.98
CA ARG E 68 -17.19 19.29 67.27
C ARG E 68 -18.31 18.92 68.23
N MET E 69 -18.04 17.93 69.09
CA MET E 69 -19.10 17.38 69.95
C MET E 69 -18.54 17.03 71.32
N ILE E 70 -19.43 17.08 72.31
CA ILE E 70 -19.13 16.79 73.70
C ILE E 70 -19.87 15.52 74.08
N ARG E 71 -19.21 14.62 74.81
CA ARG E 71 -19.83 13.37 75.23
C ARG E 71 -19.87 13.29 76.74
N VAL E 72 -20.98 12.76 77.26
CA VAL E 72 -21.13 12.52 78.69
C VAL E 72 -21.57 11.07 78.87
N ARG E 73 -20.88 10.34 79.73
CA ARG E 73 -21.20 8.93 79.97
C ARG E 73 -21.38 8.70 81.46
N VAL E 74 -22.55 8.18 81.84
CA VAL E 74 -22.83 7.77 83.20
C VAL E 74 -22.97 6.25 83.22
N SER E 75 -22.39 5.62 84.23
CA SER E 75 -22.35 4.16 84.25
C SER E 75 -22.55 3.67 85.67
N THR E 76 -23.41 2.68 85.84
CA THR E 76 -23.68 2.11 87.17
C THR E 76 -23.50 0.60 87.11
N PHE E 77 -22.77 0.07 88.09
CA PHE E 77 -22.48 -1.36 88.20
C PHE E 77 -22.97 -1.85 89.54
N GLU E 78 -23.82 -2.90 89.52
CA GLU E 78 -24.43 -3.44 90.74
C GLU E 78 -24.19 -4.94 90.82
N PRO E 79 -22.97 -5.36 91.11
CA PRO E 79 -22.69 -6.81 91.23
C PRO E 79 -23.46 -7.43 92.39
N ILE E 80 -23.91 -8.66 92.19
CA ILE E 80 -24.65 -9.43 93.18
C ILE E 80 -23.78 -10.59 93.61
N LEU E 81 -23.71 -10.83 94.92
CA LEU E 81 -22.86 -11.88 95.46
C LEU E 81 -23.64 -13.17 95.67
N GLU E 82 -22.89 -14.24 95.89
CA GLU E 82 -23.40 -15.54 96.28
C GLU E 82 -22.41 -16.17 97.26
N VAL E 83 -22.93 -17.09 98.08
CA VAL E 83 -22.13 -17.74 99.11
C VAL E 83 -22.34 -19.25 99.02
N ALA E 84 -21.28 -20.01 99.32
CA ALA E 84 -21.35 -21.47 99.25
C ALA E 84 -22.00 -22.10 100.46
N VAL E 85 -21.98 -21.43 101.62
CA VAL E 85 -22.59 -21.94 102.84
C VAL E 85 -22.94 -20.76 103.73
N THR E 86 -24.02 -20.91 104.51
CA THR E 86 -24.63 -19.76 105.18
C THR E 86 -24.28 -19.64 106.66
N ALA E 87 -23.50 -20.56 107.22
CA ALA E 87 -23.14 -20.50 108.63
C ALA E 87 -21.63 -20.32 108.77
N THR E 88 -21.19 -20.23 110.03
CA THR E 88 -19.78 -20.14 110.35
C THR E 88 -19.38 -21.33 111.22
N TYR E 89 -18.26 -21.96 110.86
CA TYR E 89 -17.76 -23.13 111.57
C TYR E 89 -16.39 -22.81 112.14
N SER E 90 -16.22 -23.02 113.46
CA SER E 90 -14.91 -22.90 114.09
C SER E 90 -14.22 -21.59 113.72
N GLY E 91 -15.01 -20.51 113.73
CA GLY E 91 -14.50 -19.18 113.41
C GLY E 91 -14.24 -18.91 111.95
N ILE E 92 -14.58 -19.81 111.04
CA ILE E 92 -14.37 -19.59 109.62
C ILE E 92 -15.66 -19.04 109.03
N ALA E 93 -15.62 -17.80 108.57
CA ALA E 93 -16.88 -17.32 108.04
C ALA E 93 -17.01 -17.61 106.55
N PRO E 94 -18.24 -17.67 106.05
CA PRO E 94 -18.44 -17.80 104.61
C PRO E 94 -17.93 -16.56 103.88
N SER E 95 -17.22 -16.79 102.78
CA SER E 95 -16.65 -15.71 102.00
C SER E 95 -17.36 -15.68 100.66
N PRO E 96 -18.13 -14.63 100.37
CA PRO E 96 -18.92 -14.59 99.14
C PRO E 96 -18.09 -14.26 97.92
N THR E 97 -18.55 -14.75 96.77
CA THR E 97 -18.00 -14.39 95.47
C THR E 97 -19.06 -13.70 94.63
N VAL E 98 -18.63 -13.10 93.54
CA VAL E 98 -19.57 -12.46 92.65
C VAL E 98 -20.32 -13.53 91.87
N SER E 99 -21.64 -13.34 91.73
CA SER E 99 -22.50 -14.28 91.02
C SER E 99 -22.86 -13.79 89.63
N TYR E 100 -23.25 -12.53 89.51
CA TYR E 100 -23.55 -11.91 88.22
C TYR E 100 -23.53 -10.40 88.42
N VAL E 101 -23.39 -9.68 87.31
CA VAL E 101 -23.32 -8.22 87.42
C VAL E 101 -24.29 -7.55 86.46
N PRO E 102 -25.46 -7.12 86.94
CA PRO E 102 -26.28 -6.20 86.15
C PRO E 102 -25.66 -4.81 86.13
N LYS E 103 -25.75 -4.16 84.98
CA LYS E 103 -25.11 -2.86 84.85
C LYS E 103 -25.88 -2.02 83.82
N ALA E 104 -25.59 -0.72 83.83
CA ALA E 104 -26.24 0.22 82.93
C ALA E 104 -25.24 1.27 82.48
N PHE E 105 -25.36 1.67 81.22
CA PHE E 105 -24.44 2.59 80.58
C PHE E 105 -25.26 3.58 79.76
N THR E 106 -25.12 4.88 80.04
CA THR E 106 -25.83 5.93 79.32
C THR E 106 -24.82 6.92 78.74
N GLU E 107 -25.03 7.30 77.48
CA GLU E 107 -24.16 8.22 76.76
C GLU E 107 -24.99 9.32 76.11
N PHE E 108 -24.67 10.57 76.46
CA PHE E 108 -25.20 11.75 75.81
C PHE E 108 -24.18 12.24 74.79
N VAL E 109 -24.64 12.46 73.57
CA VAL E 109 -23.86 13.13 72.53
C VAL E 109 -24.48 14.51 72.35
N LEU E 110 -23.76 15.52 72.82
CA LEU E 110 -24.20 16.91 72.78
C LEU E 110 -23.30 17.69 71.84
N PRO E 111 -23.76 18.04 70.64
CA PRO E 111 -22.92 18.85 69.76
C PRO E 111 -22.61 20.19 70.40
N GLU E 112 -21.35 20.64 70.24
CA GLU E 112 -20.87 21.82 70.94
C GLU E 112 -21.71 23.06 70.62
N ARG E 113 -22.29 23.14 69.44
CA ARG E 113 -23.10 24.29 69.08
C ARG E 113 -24.49 24.29 69.71
N ALA E 114 -24.82 23.30 70.56
CA ALA E 114 -26.18 23.19 71.04
C ALA E 114 -26.45 24.19 72.16
N THR E 115 -27.72 24.57 72.29
CA THR E 115 -28.13 25.53 73.31
C THR E 115 -28.27 24.84 74.67
N LEU E 116 -28.11 25.64 75.72
CA LEU E 116 -28.45 25.18 77.06
C LEU E 116 -29.84 24.58 77.07
N ASP E 117 -30.77 25.17 76.31
CA ASP E 117 -32.12 24.62 76.25
C ASP E 117 -32.12 23.23 75.63
N ASN E 118 -31.36 23.03 74.55
CA ASN E 118 -31.27 21.72 73.93
C ASN E 118 -30.72 20.69 74.91
N ARG E 119 -29.72 21.09 75.72
CA ARG E 119 -29.12 20.15 76.66
C ARG E 119 -30.09 19.80 77.78
N LYS E 120 -30.78 20.80 78.32
CA LYS E 120 -31.80 20.53 79.34
C LYS E 120 -32.88 19.62 78.78
N ASP E 121 -33.29 19.85 77.53
CA ASP E 121 -34.29 19.02 76.86
C ASP E 121 -33.84 17.57 76.80
N ILE E 122 -32.66 17.33 76.24
CA ILE E 122 -32.23 15.94 76.03
C ILE E 122 -32.03 15.23 77.37
N ARG E 123 -31.46 15.93 78.36
CA ARG E 123 -31.26 15.31 79.68
C ARG E 123 -32.60 14.93 80.31
N LYS E 124 -33.49 15.91 80.48
CA LYS E 124 -34.77 15.65 81.14
C LYS E 124 -35.55 14.58 80.41
N MET E 125 -35.61 14.68 79.07
CA MET E 125 -36.50 13.81 78.32
C MET E 125 -35.98 12.38 78.26
N HIS E 126 -34.67 12.20 78.18
CA HIS E 126 -34.13 10.84 78.24
C HIS E 126 -34.33 10.23 79.62
N ALA E 127 -34.02 11.00 80.69
CA ALA E 127 -34.23 10.49 82.04
C ALA E 127 -35.69 10.08 82.24
N LEU E 128 -36.61 10.85 81.68
CA LEU E 128 -38.02 10.51 81.76
C LEU E 128 -38.32 9.26 80.93
N ALA E 129 -37.71 9.14 79.74
CA ALA E 129 -37.95 7.99 78.88
C ALA E 129 -37.52 6.69 79.56
N LEU E 130 -36.59 6.78 80.51
CA LEU E 130 -36.22 5.60 81.29
C LEU E 130 -37.26 5.20 82.32
N THR E 131 -38.26 6.05 82.58
CA THR E 131 -39.27 5.77 83.60
C THR E 131 -40.67 5.57 83.02
N THR E 132 -40.81 5.57 81.70
CA THR E 132 -42.10 5.35 81.07
C THR E 132 -42.61 3.94 81.39
N SER E 133 -43.93 3.77 81.30
CA SER E 133 -44.52 2.45 81.56
C SER E 133 -43.95 1.40 80.61
N GLU E 134 -43.67 1.79 79.37
CA GLU E 134 -43.05 0.87 78.42
C GLU E 134 -41.63 0.50 78.84
N ALA E 135 -40.83 1.48 79.27
CA ALA E 135 -39.48 1.19 79.75
C ALA E 135 -39.51 0.27 80.96
N ILE E 136 -40.46 0.49 81.86
CA ILE E 136 -40.57 -0.36 83.04
C ILE E 136 -40.98 -1.77 82.65
N ALA E 137 -41.92 -1.89 81.71
CA ALA E 137 -42.33 -3.21 81.24
C ALA E 137 -41.19 -3.95 80.55
N MET E 138 -40.29 -3.23 79.86
CA MET E 138 -39.22 -3.89 79.15
C MET E 138 -38.05 -4.25 80.06
N ILE E 139 -37.70 -3.39 81.01
CA ILE E 139 -36.53 -3.65 81.85
C ILE E 139 -36.89 -4.53 83.05
N GLU E 140 -38.02 -4.28 83.69
CA GLU E 140 -38.40 -5.03 84.88
C GLU E 140 -39.19 -6.28 84.54
N SER E 141 -40.20 -6.14 83.69
CA SER E 141 -41.09 -7.25 83.34
C SER E 141 -40.62 -8.03 82.12
N LEU E 142 -39.65 -7.53 81.37
CA LEU E 142 -39.05 -8.26 80.26
C LEU E 142 -40.09 -8.59 79.19
N GLN E 143 -40.92 -7.61 78.85
CA GLN E 143 -41.95 -7.74 77.82
C GLN E 143 -41.78 -6.64 76.80
N PHE E 144 -41.69 -7.04 75.53
CA PHE E 144 -41.60 -6.09 74.43
C PHE E 144 -43.00 -5.53 74.09
N VAL E 145 -43.04 -4.57 73.17
CA VAL E 145 -44.28 -3.96 72.72
C VAL E 145 -44.73 -4.61 71.42
N TYR E 146 -45.99 -5.04 71.36
CA TYR E 146 -46.52 -5.76 70.20
C TYR E 146 -47.75 -5.07 69.62
N PRO F 1 -2.93 22.93 97.32
CA PRO F 1 -4.24 23.57 97.37
C PRO F 1 -5.27 22.85 96.51
N GLN F 2 -6.41 22.50 97.08
CA GLN F 2 -7.43 21.81 96.28
C GLN F 2 -7.96 22.77 95.22
N ALA F 3 -8.32 22.21 94.07
CA ALA F 3 -8.82 23.03 92.98
C ALA F 3 -10.14 23.68 93.37
N ALA F 4 -10.26 24.98 93.08
CA ALA F 4 -11.51 25.69 93.32
C ALA F 4 -11.65 26.79 92.29
N ASP F 5 -12.83 27.42 92.27
CA ASP F 5 -13.10 28.50 91.32
C ASP F 5 -12.05 29.60 91.46
N ILE F 6 -11.65 30.17 90.33
CA ILE F 6 -10.71 31.29 90.30
C ILE F 6 -11.47 32.50 89.75
N VAL F 7 -11.58 33.56 90.55
CA VAL F 7 -12.36 34.72 90.14
C VAL F 7 -11.43 35.88 89.84
N ILE F 8 -11.54 36.41 88.63
CA ILE F 8 -10.65 37.48 88.16
C ILE F 8 -11.51 38.61 87.62
N ALA F 9 -11.15 39.85 87.95
CA ALA F 9 -11.96 40.99 87.58
C ALA F 9 -11.73 41.41 86.12
N ASP F 10 -12.80 41.90 85.50
CA ASP F 10 -12.72 42.43 84.14
C ASP F 10 -11.98 43.76 84.13
N ALA F 11 -11.86 44.34 82.94
CA ALA F 11 -11.28 45.68 82.80
C ALA F 11 -12.32 46.69 82.30
N GLN F 12 -13.60 46.44 82.56
CA GLN F 12 -14.63 47.35 82.08
C GLN F 12 -14.71 48.59 82.95
N ALA F 13 -15.54 49.54 82.51
CA ALA F 13 -15.83 50.73 83.30
C ALA F 13 -16.18 50.35 84.73
N THR F 14 -17.23 49.55 84.88
CA THR F 14 -17.47 48.86 86.13
C THR F 14 -16.95 47.43 85.98
N PRO F 15 -15.85 47.08 86.64
CA PRO F 15 -15.29 45.73 86.47
C PRO F 15 -16.32 44.65 86.74
N VAL F 16 -16.30 43.61 85.92
CA VAL F 16 -17.22 42.48 86.01
C VAL F 16 -16.41 41.23 86.35
N ASN F 17 -16.80 40.54 87.41
CA ASN F 17 -16.05 39.36 87.84
C ASN F 17 -16.31 38.18 86.90
N HIS F 18 -15.24 37.58 86.41
CA HIS F 18 -15.30 36.34 85.64
C HIS F 18 -14.89 35.19 86.55
N THR F 19 -15.74 34.17 86.63
CA THR F 19 -15.49 33.01 87.47
C THR F 19 -15.05 31.84 86.58
N PHE F 20 -13.82 31.35 86.81
CA PHE F 20 -13.24 30.22 86.09
C PHE F 20 -13.42 28.98 86.94
N VAL F 21 -14.36 28.12 86.53
CA VAL F 21 -14.62 26.84 87.18
C VAL F 21 -13.56 25.86 86.72
N PRO F 22 -12.96 25.07 87.59
CA PRO F 22 -11.98 24.08 87.12
C PRO F 22 -12.62 23.03 86.22
N ILE F 23 -11.99 22.82 85.07
CA ILE F 23 -12.30 21.67 84.23
C ILE F 23 -11.51 20.46 84.67
N GLY F 24 -10.28 20.66 85.13
CA GLY F 24 -9.48 19.56 85.59
C GLY F 24 -8.15 19.47 84.86
N PRO F 25 -7.41 18.40 85.10
CA PRO F 25 -6.11 18.26 84.47
C PRO F 25 -6.25 17.87 83.01
N ASP F 26 -5.31 18.34 82.21
CA ASP F 26 -5.30 18.01 80.78
C ASP F 26 -5.12 16.51 80.64
N PRO F 27 -6.00 15.81 79.91
CA PRO F 27 -5.80 14.37 79.73
C PRO F 27 -4.51 14.04 79.00
N LYS F 28 -4.05 14.93 78.11
CA LYS F 28 -2.81 14.66 77.38
C LYS F 28 -1.58 14.88 78.25
N ASP F 29 -1.61 15.88 79.14
CA ASP F 29 -0.50 16.19 80.03
C ASP F 29 -1.03 16.43 81.44
N ALA F 30 -0.61 15.58 82.38
CA ALA F 30 -1.11 15.66 83.75
C ALA F 30 -0.55 16.82 84.54
N THR F 31 0.51 17.48 84.06
CA THR F 31 1.14 18.57 84.79
C THR F 31 0.51 19.92 84.49
N ILE F 32 -0.60 19.96 83.78
CA ILE F 32 -1.22 21.23 83.45
C ILE F 32 -2.71 21.11 83.76
N TYR F 33 -3.23 22.10 84.48
CA TYR F 33 -4.60 22.11 84.99
C TYR F 33 -5.37 23.26 84.36
N TRP F 34 -6.67 23.06 84.16
CA TRP F 34 -7.51 23.95 83.37
C TRP F 34 -8.74 24.39 84.14
N TRP F 35 -8.95 25.71 84.16
CA TRP F 35 -10.20 26.36 84.55
C TRP F 35 -10.82 27.03 83.34
N GLU F 36 -12.14 27.23 83.37
CA GLU F 36 -12.90 27.73 82.24
C GLU F 36 -13.95 28.73 82.70
N ASP F 37 -14.06 29.84 81.97
CA ASP F 37 -15.07 30.86 82.21
C ASP F 37 -16.23 30.60 81.27
N GLN F 38 -17.36 30.17 81.82
CA GLN F 38 -18.49 29.72 81.01
C GLN F 38 -19.52 30.82 80.76
N SER F 39 -19.14 32.07 80.91
CA SER F 39 -20.08 33.18 80.79
C SER F 39 -20.24 33.68 79.36
N GLN F 40 -19.53 33.09 78.41
CA GLN F 40 -19.53 33.58 77.04
C GLN F 40 -20.74 33.03 76.28
N ALA F 41 -20.79 33.31 74.98
CA ALA F 41 -22.02 33.11 74.21
C ALA F 41 -22.27 31.64 73.90
N SER F 42 -21.23 30.88 73.57
CA SER F 42 -21.32 29.45 73.35
C SER F 42 -19.98 28.83 73.68
N PRO F 43 -19.91 27.52 73.89
CA PRO F 43 -18.69 26.93 74.47
C PRO F 43 -17.41 27.23 73.71
N ALA F 44 -17.47 27.30 72.38
CA ALA F 44 -16.27 27.57 71.60
C ALA F 44 -15.58 28.85 72.04
N GLY F 45 -16.34 29.82 72.57
CA GLY F 45 -15.83 31.08 73.03
C GLY F 45 -15.59 31.21 74.52
N TYR F 46 -15.71 30.12 75.28
CA TYR F 46 -15.45 30.16 76.72
C TYR F 46 -13.99 30.50 76.98
N TRP F 47 -13.75 31.49 77.85
CA TRP F 47 -12.37 31.84 78.20
C TRP F 47 -11.77 30.75 79.09
N ARG F 48 -10.47 30.55 78.95
CA ARG F 48 -9.81 29.47 79.69
C ARG F 48 -8.53 29.98 80.34
N LEU F 49 -8.14 29.29 81.40
CA LEU F 49 -6.96 29.59 82.17
C LEU F 49 -6.27 28.27 82.52
N SER F 50 -4.95 28.23 82.37
CA SER F 50 -4.19 26.99 82.54
C SER F 50 -2.96 27.27 83.41
N MET F 51 -2.70 26.38 84.35
CA MET F 51 -1.52 26.48 85.20
C MET F 51 -0.76 25.15 85.18
N GLN F 52 0.55 25.23 84.98
CA GLN F 52 1.38 24.05 84.79
C GLN F 52 2.59 24.10 85.72
N LEU F 53 2.84 23.00 86.41
CA LEU F 53 3.99 22.85 87.29
C LEU F 53 4.76 21.61 86.85
N VAL F 54 5.99 21.82 86.42
CA VAL F 54 6.86 20.74 85.96
C VAL F 54 8.05 20.71 86.89
N ARG F 55 8.04 19.78 87.85
CA ARG F 55 9.10 19.45 88.79
C ARG F 55 9.94 18.32 88.23
N PRO F 56 11.24 18.38 88.42
CA PRO F 56 12.13 17.37 87.86
C PRO F 56 12.08 16.08 88.67
N ALA F 57 12.55 15.00 88.04
CA ALA F 57 12.66 13.73 88.73
C ALA F 57 13.54 13.90 89.97
N PRO F 58 13.25 13.18 91.04
CA PRO F 58 13.91 13.46 92.32
C PRO F 58 15.42 13.32 92.23
N ALA F 59 16.11 14.17 93.00
CA ALA F 59 17.56 14.13 93.07
C ALA F 59 18.03 12.76 93.55
N LYS F 60 19.12 12.28 92.97
CA LYS F 60 19.67 10.98 93.34
C LYS F 60 20.95 11.17 94.14
N ALA F 61 21.33 10.11 94.86
CA ALA F 61 22.49 10.18 95.74
C ALA F 61 23.75 10.45 94.94
N GLY F 62 24.51 11.46 95.36
CA GLY F 62 25.71 11.84 94.67
C GLY F 62 25.52 12.50 93.32
N GLN F 63 24.28 12.77 92.91
CA GLN F 63 24.01 13.40 91.62
C GLN F 63 24.30 14.89 91.70
N ASN F 64 24.54 15.49 90.54
CA ASN F 64 24.85 16.91 90.46
C ASN F 64 23.60 17.71 90.12
N THR F 65 23.29 18.70 90.94
CA THR F 65 22.02 19.42 90.86
C THR F 65 22.06 20.66 89.98
N ASN F 66 23.25 21.12 89.59
CA ASN F 66 23.43 22.51 89.16
C ASN F 66 22.69 22.82 87.87
N GLN F 67 22.04 21.84 87.24
CA GLN F 67 21.26 22.11 86.04
C GLN F 67 19.78 21.74 86.16
N ARG F 68 19.37 21.09 87.25
CA ARG F 68 17.97 20.69 87.37
C ARG F 68 17.12 21.91 87.67
N MET F 69 15.95 21.99 87.02
CA MET F 69 15.12 23.18 87.10
C MET F 69 13.63 22.85 87.10
N ILE F 70 12.86 23.74 87.73
CA ILE F 70 11.41 23.64 87.86
C ILE F 70 10.80 24.71 86.97
N ARG F 71 9.74 24.36 86.27
CA ARG F 71 9.07 25.33 85.39
C ARG F 71 7.61 25.49 85.82
N VAL F 72 7.10 26.72 85.72
CA VAL F 72 5.70 27.01 86.00
C VAL F 72 5.17 27.88 84.87
N ARG F 73 4.09 27.46 84.23
CA ARG F 73 3.51 28.19 83.10
C ARG F 73 2.06 28.51 83.39
N VAL F 74 1.73 29.80 83.40
CA VAL F 74 0.36 30.28 83.55
C VAL F 74 -0.06 30.89 82.22
N SER F 75 -1.20 30.45 81.70
CA SER F 75 -1.66 30.86 80.38
C SER F 75 -3.14 31.25 80.45
N THR F 76 -3.50 32.35 79.77
CA THR F 76 -4.89 32.79 79.73
C THR F 76 -5.31 33.03 78.28
N PHE F 77 -6.45 32.46 77.91
CA PHE F 77 -7.01 32.56 76.57
C PHE F 77 -8.39 33.19 76.65
N GLU F 78 -8.61 34.26 75.89
CA GLU F 78 -9.87 34.99 75.90
C GLU F 78 -10.42 35.11 74.48
N PRO F 79 -10.82 33.98 73.89
CA PRO F 79 -11.31 34.02 72.50
C PRO F 79 -12.57 34.86 72.38
N ILE F 80 -12.64 35.63 71.29
CA ILE F 80 -13.78 36.48 70.98
C ILE F 80 -14.58 35.82 69.88
N LEU F 81 -15.86 35.52 70.17
CA LEU F 81 -16.70 34.84 69.20
C LEU F 81 -17.10 35.77 68.07
N GLU F 82 -17.14 35.23 66.85
CA GLU F 82 -17.58 36.00 65.71
C GLU F 82 -19.07 36.34 65.86
N VAL F 83 -19.43 37.56 65.50
CA VAL F 83 -20.84 37.97 65.48
C VAL F 83 -21.37 37.76 64.08
N ALA F 84 -22.52 37.09 63.99
CA ALA F 84 -23.05 36.68 62.70
C ALA F 84 -23.66 37.86 61.96
N VAL F 85 -23.52 37.86 60.64
CA VAL F 85 -24.29 38.75 59.78
C VAL F 85 -25.06 37.88 58.80
N THR F 86 -25.79 38.52 57.89
CA THR F 86 -26.65 37.78 56.97
C THR F 86 -25.79 36.97 56.01
N ALA F 87 -26.00 35.65 56.01
CA ALA F 87 -25.34 34.76 55.06
C ALA F 87 -26.15 34.74 53.78
N THR F 88 -25.47 34.94 52.64
CA THR F 88 -26.17 35.14 51.38
C THR F 88 -26.04 33.98 50.40
N TYR F 89 -25.04 33.11 50.58
CA TYR F 89 -24.93 31.97 49.67
C TYR F 89 -26.00 30.92 49.96
N SER F 90 -26.11 30.49 51.21
CA SER F 90 -27.03 29.43 51.57
C SER F 90 -28.20 29.91 52.42
N GLY F 91 -28.14 31.13 52.94
CA GLY F 91 -29.19 31.60 53.85
C GLY F 91 -29.20 30.91 55.18
N ILE F 92 -28.19 30.08 55.45
CA ILE F 92 -28.08 29.33 56.69
C ILE F 92 -26.99 29.97 57.52
N ALA F 93 -27.36 30.52 58.68
CA ALA F 93 -26.39 31.20 59.53
C ALA F 93 -25.29 30.23 59.95
N PRO F 94 -24.05 30.70 60.07
CA PRO F 94 -22.94 29.77 60.29
C PRO F 94 -22.84 29.32 61.73
N SER F 95 -22.23 28.16 61.90
CA SER F 95 -21.93 27.65 63.23
C SER F 95 -21.12 28.68 64.00
N PRO F 96 -21.21 28.70 65.33
CA PRO F 96 -20.41 29.65 66.10
C PRO F 96 -18.94 29.41 65.83
N THR F 97 -18.26 30.46 65.39
CA THR F 97 -16.85 30.39 65.00
C THR F 97 -16.07 31.41 65.81
N VAL F 98 -14.84 31.04 66.18
CA VAL F 98 -13.98 31.94 66.92
C VAL F 98 -13.36 32.94 65.96
N SER F 99 -13.52 34.23 66.25
CA SER F 99 -13.02 35.26 65.35
C SER F 99 -11.51 35.49 65.52
N TYR F 100 -11.06 35.70 66.76
CA TYR F 100 -9.65 35.89 67.04
C TYR F 100 -9.44 35.62 68.52
N VAL F 101 -8.18 35.38 68.90
CA VAL F 101 -7.92 35.04 70.30
C VAL F 101 -6.78 35.87 70.87
N PRO F 102 -7.10 36.86 71.72
CA PRO F 102 -6.06 37.49 72.54
C PRO F 102 -5.63 36.54 73.65
N LYS F 103 -4.32 36.37 73.81
CA LYS F 103 -3.87 35.38 74.80
C LYS F 103 -2.57 35.85 75.43
N ALA F 104 -2.24 35.21 76.56
CA ALA F 104 -1.03 35.53 77.29
C ALA F 104 -0.44 34.26 77.88
N PHE F 105 0.89 34.22 77.91
CA PHE F 105 1.64 33.04 78.32
C PHE F 105 2.82 33.50 79.17
N THR F 106 2.86 33.07 80.44
CA THR F 106 3.94 33.42 81.36
C THR F 106 4.63 32.15 81.82
N GLU F 107 5.96 32.12 81.71
CA GLU F 107 6.77 30.97 82.13
C GLU F 107 7.82 31.42 83.13
N PHE F 108 7.78 30.82 84.31
CA PHE F 108 8.81 30.97 85.33
C PHE F 108 9.76 29.80 85.22
N VAL F 109 11.06 30.11 85.12
CA VAL F 109 12.13 29.14 85.23
C VAL F 109 12.78 29.35 86.59
N LEU F 110 12.54 28.40 87.50
CA LEU F 110 13.05 28.44 88.86
C LEU F 110 14.01 27.28 89.03
N PRO F 111 15.32 27.51 89.04
CA PRO F 111 16.25 26.40 89.29
C PRO F 111 16.01 25.82 90.67
N GLU F 112 16.09 24.48 90.76
CA GLU F 112 15.78 23.79 92.01
C GLU F 112 16.63 24.32 93.16
N ARG F 113 17.89 24.63 92.86
CA ARG F 113 18.80 25.27 93.82
C ARG F 113 18.22 26.52 94.47
N ALA F 114 17.31 27.23 93.83
CA ALA F 114 16.91 28.56 94.31
C ALA F 114 16.12 28.46 95.60
N THR F 115 16.25 29.52 96.43
CA THR F 115 15.59 29.56 97.72
C THR F 115 14.16 30.08 97.60
N LEU F 116 13.38 29.80 98.64
CA LEU F 116 12.01 30.32 98.72
C LEU F 116 11.98 31.82 98.54
N ASP F 117 12.95 32.52 99.12
CA ASP F 117 13.02 33.96 98.92
C ASP F 117 13.21 34.31 97.46
N ASN F 118 14.07 33.58 96.75
CA ASN F 118 14.26 33.81 95.33
C ASN F 118 12.96 33.63 94.55
N ARG F 119 12.20 32.59 94.88
CA ARG F 119 10.95 32.32 94.16
C ARG F 119 9.90 33.39 94.46
N LYS F 120 9.79 33.80 95.73
CA LYS F 120 8.86 34.87 96.08
C LYS F 120 9.24 36.17 95.37
N ASP F 121 10.54 36.46 95.29
CA ASP F 121 11.05 37.63 94.59
C ASP F 121 10.62 37.62 93.13
N ILE F 122 10.93 36.54 92.42
CA ILE F 122 10.66 36.53 90.98
C ILE F 122 9.16 36.60 90.71
N ARG F 123 8.35 35.87 91.48
CA ARG F 123 6.91 35.92 91.29
C ARG F 123 6.37 37.33 91.52
N LYS F 124 6.61 37.89 92.71
CA LYS F 124 6.07 39.21 93.01
C LYS F 124 6.55 40.25 92.01
N MET F 125 7.84 40.25 91.70
CA MET F 125 8.41 41.33 90.91
C MET F 125 7.97 41.26 89.46
N HIS F 126 7.81 40.05 88.91
CA HIS F 126 7.27 39.95 87.56
C HIS F 126 5.80 40.35 87.51
N ALA F 127 5.00 39.83 88.47
CA ALA F 127 3.58 40.19 88.49
C ALA F 127 3.40 41.70 88.61
N LEU F 128 4.32 42.37 89.29
CA LEU F 128 4.30 43.82 89.34
C LEU F 128 4.76 44.44 88.03
N ALA F 129 5.79 43.86 87.40
CA ALA F 129 6.30 44.41 86.15
C ALA F 129 5.24 44.41 85.07
N LEU F 130 4.27 43.50 85.16
CA LEU F 130 3.16 43.51 84.21
C LEU F 130 2.16 44.63 84.47
N THR F 131 2.28 45.37 85.58
CA THR F 131 1.36 46.45 85.89
C THR F 131 2.00 47.83 85.81
N THR F 132 3.25 47.92 85.39
CA THR F 132 3.94 49.21 85.26
C THR F 132 3.28 50.05 84.18
N SER F 133 3.46 51.37 84.29
CA SER F 133 2.90 52.27 83.28
C SER F 133 3.45 51.95 81.89
N GLU F 134 4.71 51.51 81.83
CA GLU F 134 5.31 51.14 80.55
C GLU F 134 4.63 49.91 79.95
N ALA F 135 4.38 48.88 80.78
CA ALA F 135 3.68 47.69 80.31
C ALA F 135 2.27 48.04 79.87
N ILE F 136 1.59 48.90 80.62
CA ILE F 136 0.24 49.32 80.24
C ILE F 136 0.27 50.04 78.90
N ALA F 137 1.26 50.92 78.70
CA ALA F 137 1.35 51.65 77.44
C ALA F 137 1.64 50.73 76.27
N MET F 138 2.48 49.71 76.47
CA MET F 138 2.82 48.82 75.36
C MET F 138 1.64 47.91 75.01
N ILE F 139 1.00 47.31 76.01
CA ILE F 139 -0.03 46.32 75.72
C ILE F 139 -1.34 46.98 75.33
N GLU F 140 -1.73 48.05 76.03
CA GLU F 140 -3.03 48.66 75.78
C GLU F 140 -2.97 49.71 74.68
N SER F 141 -1.97 50.59 74.71
CA SER F 141 -1.87 51.72 73.79
C SER F 141 -0.87 51.49 72.66
N LEU F 142 -0.13 50.40 72.70
CA LEU F 142 0.75 50.01 71.59
C LEU F 142 1.86 51.05 71.36
N GLN F 143 2.49 51.47 72.45
CA GLN F 143 3.54 52.48 72.41
C GLN F 143 4.81 51.93 73.05
N PHE F 144 5.94 52.13 72.37
CA PHE F 144 7.23 51.72 72.90
C PHE F 144 7.80 52.84 73.78
N VAL F 145 8.99 52.62 74.33
CA VAL F 145 9.66 53.61 75.15
C VAL F 145 10.87 54.15 74.39
N TYR F 146 11.19 55.41 74.60
CA TYR F 146 12.19 56.07 73.76
C TYR F 146 13.13 57.00 74.54
N PRO G 1 75.85 51.89 -110.68
CA PRO G 1 76.89 51.91 -111.72
C PRO G 1 77.72 50.63 -111.70
N GLN G 2 78.31 50.28 -112.84
CA GLN G 2 79.14 49.09 -112.90
C GLN G 2 80.45 49.32 -112.16
N ALA G 3 80.96 48.26 -111.55
CA ALA G 3 82.14 48.36 -110.71
C ALA G 3 83.39 48.48 -111.57
N ALA G 4 84.26 49.44 -111.21
CA ALA G 4 85.52 49.63 -111.93
C ALA G 4 86.59 50.05 -110.94
N ASP G 5 87.83 50.18 -111.45
CA ASP G 5 88.97 50.51 -110.61
C ASP G 5 88.73 51.81 -109.84
N ILE G 6 89.21 51.84 -108.60
CA ILE G 6 89.13 53.04 -107.76
C ILE G 6 90.56 53.49 -107.48
N VAL G 7 90.90 54.71 -107.88
CA VAL G 7 92.26 55.18 -107.74
C VAL G 7 92.30 56.29 -106.68
N ILE G 8 93.15 56.09 -105.67
CA ILE G 8 93.25 57.00 -104.53
C ILE G 8 94.70 57.37 -104.32
N ALA G 9 94.94 58.66 -104.08
CA ALA G 9 96.31 59.17 -103.98
C ALA G 9 96.92 58.87 -102.61
N ASP G 10 98.23 58.63 -102.61
CA ASP G 10 99.00 58.42 -101.39
C ASP G 10 99.12 59.72 -100.61
N ALA G 11 99.77 59.64 -99.45
CA ALA G 11 100.13 60.83 -98.68
C ALA G 11 101.64 61.00 -98.57
N GLN G 12 102.38 60.47 -99.54
CA GLN G 12 103.82 60.62 -99.54
C GLN G 12 104.20 62.04 -99.95
N ALA G 13 105.50 62.34 -99.80
CA ALA G 13 106.03 63.61 -100.28
C ALA G 13 105.64 63.85 -101.72
N THR G 14 105.99 62.89 -102.59
CA THR G 14 105.42 62.84 -103.92
C THR G 14 104.33 61.78 -103.92
N PRO G 15 103.05 62.16 -103.95
CA PRO G 15 101.99 61.15 -103.82
C PRO G 15 102.05 60.09 -104.90
N VAL G 16 101.64 58.89 -104.54
CA VAL G 16 101.64 57.71 -105.41
C VAL G 16 100.22 57.19 -105.53
N ASN G 17 99.75 57.03 -106.76
CA ASN G 17 98.38 56.54 -106.97
C ASN G 17 98.31 55.05 -106.65
N HIS G 18 97.41 54.70 -105.73
CA HIS G 18 97.08 53.30 -105.46
C HIS G 18 95.80 52.95 -106.21
N THR G 19 95.84 51.88 -106.98
CA THR G 19 94.71 51.45 -107.79
C THR G 19 94.08 50.22 -107.15
N PHE G 20 92.85 50.38 -106.66
CA PHE G 20 92.06 49.31 -106.05
C PHE G 20 91.22 48.66 -107.14
N VAL G 21 91.65 47.47 -107.57
CA VAL G 21 90.93 46.68 -108.57
C VAL G 21 89.70 46.07 -107.91
N PRO G 22 88.53 46.04 -108.57
CA PRO G 22 87.37 45.41 -107.95
C PRO G 22 87.55 43.90 -107.83
N ILE G 23 87.48 43.40 -106.61
CA ILE G 23 87.49 41.96 -106.37
C ILE G 23 86.10 41.37 -106.50
N GLY G 24 85.10 42.06 -105.98
CA GLY G 24 83.74 41.58 -106.12
C GLY G 24 82.96 41.65 -104.83
N PRO G 25 81.73 41.15 -104.85
CA PRO G 25 80.90 41.19 -103.65
C PRO G 25 81.37 40.18 -102.61
N ASP G 26 81.10 40.50 -101.35
CA ASP G 26 81.47 39.63 -100.24
C ASP G 26 80.63 38.36 -100.29
N PRO G 27 81.25 37.17 -100.18
CA PRO G 27 80.46 35.94 -100.23
C PRO G 27 79.40 35.84 -99.14
N LYS G 28 79.69 36.36 -97.94
CA LYS G 28 78.75 36.27 -96.83
C LYS G 28 77.62 37.28 -96.97
N ASP G 29 77.91 38.50 -97.43
CA ASP G 29 76.92 39.57 -97.51
C ASP G 29 76.91 40.14 -98.92
N ALA G 30 75.76 40.07 -99.58
CA ALA G 30 75.64 40.57 -100.93
C ALA G 30 75.59 42.10 -101.00
N THR G 31 75.48 42.78 -99.87
CA THR G 31 75.37 44.24 -99.84
C THR G 31 76.71 44.95 -99.75
N ILE G 32 77.80 44.22 -99.61
CA ILE G 32 79.11 44.83 -99.40
C ILE G 32 80.03 44.35 -100.52
N TYR G 33 80.78 45.29 -101.10
CA TYR G 33 81.59 45.06 -102.29
C TYR G 33 83.02 45.46 -102.00
N TRP G 34 83.97 44.69 -102.54
CA TRP G 34 85.38 44.77 -102.17
C TRP G 34 86.24 45.10 -103.38
N TRP G 35 87.05 46.15 -103.23
CA TRP G 35 88.17 46.49 -104.10
C TRP G 35 89.47 46.26 -103.33
N GLU G 36 90.55 45.96 -104.07
CA GLU G 36 91.82 45.58 -103.48
C GLU G 36 92.99 46.18 -104.25
N ASP G 37 93.89 46.83 -103.51
CA ASP G 37 95.16 47.31 -104.04
C ASP G 37 96.19 46.20 -103.88
N GLN G 38 96.63 45.66 -105.02
CA GLN G 38 97.47 44.48 -105.12
C GLN G 38 98.94 44.82 -105.37
N SER G 39 99.35 46.03 -105.04
CA SER G 39 100.70 46.49 -105.31
C SER G 39 101.68 46.18 -104.20
N GLN G 40 101.23 45.57 -103.11
CA GLN G 40 102.06 45.33 -101.95
C GLN G 40 102.87 44.05 -102.15
N ALA G 41 103.61 43.65 -101.11
CA ALA G 41 104.58 42.56 -101.24
C ALA G 41 103.91 41.22 -101.56
N SER G 42 103.08 40.74 -100.64
CA SER G 42 102.35 39.50 -100.84
C SER G 42 100.89 39.75 -100.49
N PRO G 43 99.98 38.86 -100.92
CA PRO G 43 98.55 39.19 -100.82
C PRO G 43 98.05 39.45 -99.40
N ALA G 44 98.76 38.99 -98.38
CA ALA G 44 98.34 39.24 -97.01
C ALA G 44 98.42 40.72 -96.64
N GLY G 45 99.22 41.51 -97.35
CA GLY G 45 99.38 42.93 -97.13
C GLY G 45 98.70 43.82 -98.14
N TYR G 46 97.84 43.26 -98.99
CA TYR G 46 97.09 44.04 -99.98
C TYR G 46 96.14 44.99 -99.29
N TRP G 47 96.06 46.23 -99.77
CA TRP G 47 95.15 47.17 -99.13
C TRP G 47 93.73 46.98 -99.66
N ARG G 48 92.75 47.18 -98.81
CA ARG G 48 91.38 46.83 -99.19
C ARG G 48 90.44 47.99 -98.94
N LEU G 49 89.38 48.03 -99.73
CA LEU G 49 88.37 49.06 -99.65
C LEU G 49 87.01 48.39 -99.84
N SER G 50 86.10 48.57 -98.89
CA SER G 50 84.79 47.94 -98.93
C SER G 50 83.72 49.02 -98.89
N MET G 51 82.73 48.90 -99.76
CA MET G 51 81.58 49.80 -99.76
C MET G 51 80.30 48.98 -99.66
N GLN G 52 79.40 49.39 -98.77
CA GLN G 52 78.19 48.63 -98.45
C GLN G 52 76.97 49.53 -98.45
N LEU G 53 75.92 49.09 -99.13
CA LEU G 53 74.66 49.82 -99.22
C LEU G 53 73.52 48.89 -98.78
N VAL G 54 72.95 49.19 -97.62
CA VAL G 54 71.88 48.38 -97.05
C VAL G 54 70.59 49.17 -97.17
N ARG G 55 69.77 48.79 -98.16
CA ARG G 55 68.42 49.29 -98.39
C ARG G 55 67.44 48.47 -97.58
N PRO G 56 66.45 49.12 -96.98
CA PRO G 56 65.36 48.36 -96.35
C PRO G 56 64.45 47.73 -97.41
N ALA G 57 63.70 46.70 -96.98
CA ALA G 57 62.89 45.95 -97.93
C ALA G 57 61.74 46.80 -98.46
N PRO G 58 61.37 46.68 -99.74
CA PRO G 58 60.31 47.54 -100.28
C PRO G 58 58.97 47.31 -99.60
N ALA G 59 58.37 48.39 -99.10
CA ALA G 59 57.09 48.32 -98.44
C ALA G 59 56.37 49.65 -98.51
N THR G 65 57.32 52.35 -89.67
CA THR G 65 57.69 52.53 -91.07
C THR G 65 58.26 53.92 -91.35
N ASN G 66 58.20 54.81 -90.37
CA ASN G 66 58.98 56.04 -90.42
C ASN G 66 60.33 55.87 -89.72
N GLN G 67 60.66 54.65 -89.32
CA GLN G 67 61.97 54.28 -88.78
C GLN G 67 62.72 53.39 -89.77
N ARG G 68 62.58 53.66 -91.05
CA ARG G 68 63.23 52.88 -92.10
C ARG G 68 64.43 53.68 -92.58
N MET G 69 65.62 53.12 -92.42
CA MET G 69 66.82 53.90 -92.67
C MET G 69 67.75 53.11 -93.58
N ILE G 70 68.29 53.81 -94.56
CA ILE G 70 69.29 53.27 -95.48
C ILE G 70 70.66 53.48 -94.85
N ARG G 71 71.49 52.45 -94.88
CA ARG G 71 72.84 52.58 -94.31
C ARG G 71 73.89 52.42 -95.41
N VAL G 72 74.97 53.16 -95.28
CA VAL G 72 76.09 53.09 -96.21
C VAL G 72 77.37 53.04 -95.39
N ARG G 73 78.21 52.04 -95.63
CA ARG G 73 79.47 51.88 -94.88
C ARG G 73 80.63 51.80 -95.86
N VAL G 74 81.59 52.71 -95.69
CA VAL G 74 82.84 52.70 -96.46
C VAL G 74 83.97 52.41 -95.49
N SER G 75 84.78 51.41 -95.82
CA SER G 75 85.83 50.95 -94.92
C SER G 75 87.13 50.78 -95.70
N THR G 76 88.24 51.26 -95.13
CA THR G 76 89.55 51.14 -95.76
C THR G 76 90.52 50.47 -94.78
N PHE G 77 91.19 49.43 -95.26
CA PHE G 77 92.19 48.71 -94.49
C PHE G 77 93.53 48.82 -95.18
N GLU G 78 94.57 49.20 -94.43
CA GLU G 78 95.92 49.36 -94.98
C GLU G 78 96.93 48.58 -94.15
N PRO G 79 96.91 47.25 -94.23
CA PRO G 79 97.84 46.45 -93.43
C PRO G 79 99.29 46.69 -93.84
N ILE G 80 100.18 46.62 -92.86
CA ILE G 80 101.61 46.83 -93.06
C ILE G 80 102.34 45.53 -92.75
N LEU G 81 103.01 44.98 -93.76
CA LEU G 81 103.69 43.70 -93.59
C LEU G 81 105.03 43.90 -92.89
N GLU G 82 105.50 42.83 -92.25
CA GLU G 82 106.83 42.83 -91.67
C GLU G 82 107.88 42.66 -92.76
N VAL G 83 109.02 43.31 -92.58
CA VAL G 83 110.08 43.28 -93.60
C VAL G 83 110.72 41.90 -93.65
N ALA G 84 111.23 41.54 -94.82
CA ALA G 84 111.90 40.25 -94.99
C ALA G 84 113.00 40.08 -93.96
N VAL G 85 113.12 38.85 -93.43
CA VAL G 85 114.07 38.57 -92.35
C VAL G 85 115.45 38.27 -92.94
N THR G 86 116.48 38.71 -92.22
CA THR G 86 117.86 38.42 -92.60
C THR G 86 118.40 37.18 -91.90
N ALA G 87 117.79 36.79 -90.79
CA ALA G 87 118.25 35.64 -90.03
C ALA G 87 117.17 35.23 -89.05
N THR G 88 116.94 33.92 -88.95
CA THR G 88 116.03 33.37 -87.94
C THR G 88 116.74 32.25 -87.20
N TYR G 89 116.06 31.69 -86.20
CA TYR G 89 116.72 30.70 -85.36
C TYR G 89 117.00 29.42 -86.14
N SER G 90 116.13 29.07 -87.07
CA SER G 90 116.23 27.83 -87.80
C SER G 90 116.84 28.00 -89.18
N GLY G 91 116.91 29.21 -89.71
CA GLY G 91 117.43 29.44 -91.03
C GLY G 91 116.41 29.43 -92.14
N ILE G 92 115.14 29.16 -91.82
CA ILE G 92 114.05 29.22 -92.80
C ILE G 92 113.25 30.49 -92.53
N ALA G 93 113.05 31.27 -93.58
CA ALA G 93 112.35 32.54 -93.43
C ALA G 93 110.86 32.29 -93.14
N PRO G 94 110.27 33.04 -92.21
CA PRO G 94 108.86 32.84 -91.89
C PRO G 94 107.94 33.33 -93.01
N SER G 95 106.73 32.81 -92.99
CA SER G 95 105.71 33.24 -93.95
C SER G 95 105.44 34.73 -93.79
N PRO G 96 105.04 35.42 -94.86
CA PRO G 96 104.73 36.84 -94.74
C PRO G 96 103.66 37.07 -93.69
N THR G 97 103.96 37.92 -92.72
CA THR G 97 103.06 38.18 -91.60
C THR G 97 102.72 39.66 -91.54
N VAL G 98 101.54 39.95 -91.00
CA VAL G 98 101.06 41.31 -90.89
C VAL G 98 101.52 41.89 -89.56
N SER G 99 102.20 43.04 -89.61
CA SER G 99 102.71 43.66 -88.39
C SER G 99 101.61 44.37 -87.62
N TYR G 100 100.86 45.24 -88.29
CA TYR G 100 99.77 46.00 -87.68
C TYR G 100 98.88 46.53 -88.79
N VAL G 101 97.66 46.90 -88.43
CA VAL G 101 96.71 47.34 -89.45
C VAL G 101 96.00 48.63 -89.05
N PRO G 102 96.41 49.77 -89.59
CA PRO G 102 95.57 50.97 -89.46
C PRO G 102 94.37 50.87 -90.38
N LYS G 103 93.20 51.26 -89.88
CA LYS G 103 91.99 51.10 -90.66
C LYS G 103 91.00 52.22 -90.33
N ALA G 104 89.98 52.34 -91.18
CA ALA G 104 88.97 53.37 -91.01
C ALA G 104 87.62 52.84 -91.46
N PHE G 105 86.56 53.24 -90.74
CA PHE G 105 85.21 52.75 -90.94
C PHE G 105 84.28 53.96 -90.85
N THR G 106 83.53 54.24 -91.91
CA THR G 106 82.58 55.35 -91.94
C THR G 106 81.19 54.80 -92.27
N GLU G 107 80.19 55.24 -91.51
CA GLU G 107 78.81 54.79 -91.69
C GLU G 107 77.89 55.99 -91.78
N PHE G 108 77.13 56.05 -92.85
CA PHE G 108 76.06 57.01 -93.04
C PHE G 108 74.74 56.34 -92.73
N VAL G 109 73.94 57.00 -91.89
CA VAL G 109 72.57 56.60 -91.60
C VAL G 109 71.68 57.64 -92.25
N LEU G 110 70.93 57.21 -93.25
CA LEU G 110 70.15 58.11 -94.10
C LEU G 110 68.70 57.68 -94.05
N PRO G 111 67.84 58.38 -93.29
CA PRO G 111 66.42 58.00 -93.25
C PRO G 111 65.80 58.02 -94.64
N GLU G 112 64.83 57.13 -94.85
CA GLU G 112 64.22 57.00 -96.16
C GLU G 112 63.46 58.24 -96.57
N ARG G 113 63.02 59.05 -95.60
CA ARG G 113 62.38 60.33 -95.91
C ARG G 113 63.37 61.41 -96.32
N ALA G 114 64.67 61.17 -96.21
CA ALA G 114 65.65 62.23 -96.42
C ALA G 114 65.83 62.52 -97.90
N THR G 115 65.87 63.81 -98.24
CA THR G 115 65.91 64.22 -99.63
C THR G 115 67.35 64.19 -100.17
N LEU G 116 67.45 64.18 -101.49
CA LEU G 116 68.75 64.19 -102.16
C LEU G 116 69.63 65.32 -101.63
N ASP G 117 69.02 66.48 -101.35
CA ASP G 117 69.79 67.60 -100.80
C ASP G 117 70.39 67.23 -99.44
N ASN G 118 69.59 66.58 -98.59
CA ASN G 118 70.08 66.16 -97.28
C ASN G 118 71.24 65.19 -97.42
N ARG G 119 71.13 64.24 -98.36
CA ARG G 119 72.19 63.25 -98.55
C ARG G 119 73.48 63.91 -99.05
N LYS G 120 73.35 64.82 -100.03
CA LYS G 120 74.53 65.55 -100.52
C LYS G 120 75.16 66.35 -99.41
N ASP G 121 74.34 66.99 -98.56
CA ASP G 121 74.84 67.77 -97.44
C ASP G 121 75.65 66.90 -96.48
N ILE G 122 75.07 65.78 -96.03
CA ILE G 122 75.74 64.97 -95.02
C ILE G 122 77.03 64.37 -95.58
N ARG G 123 77.00 63.91 -96.84
CA ARG G 123 78.22 63.35 -97.44
C ARG G 123 79.32 64.41 -97.54
N LYS G 124 79.03 65.53 -98.22
CA LYS G 124 80.04 66.57 -98.41
C LYS G 124 80.57 67.06 -97.07
N MET G 125 79.68 67.29 -96.11
CA MET G 125 80.07 67.94 -94.88
C MET G 125 80.87 67.01 -93.98
N HIS G 126 80.52 65.71 -93.94
CA HIS G 126 81.32 64.78 -93.16
C HIS G 126 82.69 64.58 -93.78
N ALA G 127 82.74 64.37 -95.10
CA ALA G 127 84.02 64.22 -95.78
C ALA G 127 84.91 65.43 -95.50
N LEU G 128 84.33 66.63 -95.51
CA LEU G 128 85.11 67.82 -95.15
C LEU G 128 85.52 67.78 -93.69
N ALA G 129 84.63 67.32 -92.80
CA ALA G 129 84.95 67.27 -91.37
C ALA G 129 86.14 66.37 -91.08
N LEU G 130 86.41 65.42 -91.98
CA LEU G 130 87.62 64.60 -91.84
C LEU G 130 88.90 65.31 -92.26
N THR G 131 88.80 66.48 -92.88
CA THR G 131 89.97 67.20 -93.36
C THR G 131 90.22 68.52 -92.64
N THR G 132 89.46 68.81 -91.60
CA THR G 132 89.66 70.03 -90.83
C THR G 132 91.02 70.00 -90.12
N SER G 133 91.50 71.19 -89.74
CA SER G 133 92.77 71.26 -89.02
C SER G 133 92.70 70.47 -87.72
N GLU G 134 91.55 70.49 -87.05
CA GLU G 134 91.37 69.72 -85.84
C GLU G 134 91.43 68.21 -86.12
N ALA G 135 90.76 67.76 -87.18
CA ALA G 135 90.80 66.34 -87.55
C ALA G 135 92.22 65.90 -87.89
N ILE G 136 92.96 66.76 -88.58
CA ILE G 136 94.32 66.40 -88.95
C ILE G 136 95.21 66.35 -87.71
N ALA G 137 95.00 67.28 -86.77
CA ALA G 137 95.76 67.26 -85.53
C ALA G 137 95.46 66.02 -84.71
N MET G 138 94.21 65.57 -84.71
CA MET G 138 93.83 64.40 -83.91
C MET G 138 94.33 63.10 -84.53
N ILE G 139 94.15 62.94 -85.84
CA ILE G 139 94.47 61.66 -86.47
C ILE G 139 95.97 61.54 -86.76
N GLU G 140 96.62 62.62 -87.20
CA GLU G 140 98.02 62.53 -87.59
C GLU G 140 98.96 62.84 -86.44
N SER G 141 98.71 63.91 -85.69
CA SER G 141 99.58 64.33 -84.62
C SER G 141 99.11 63.85 -83.26
N LEU G 142 97.91 63.29 -83.17
CA LEU G 142 97.42 62.68 -81.94
C LEU G 142 97.30 63.71 -80.83
N GLN G 143 96.58 64.80 -81.12
CA GLN G 143 96.37 65.89 -80.18
C GLN G 143 94.88 66.14 -80.03
N PHE G 144 94.46 66.36 -78.79
CA PHE G 144 93.06 66.69 -78.50
C PHE G 144 92.90 68.21 -78.51
N VAL G 145 91.63 68.66 -78.45
CA VAL G 145 91.31 70.08 -78.41
C VAL G 145 91.02 70.47 -76.96
N TYR G 146 91.54 71.63 -76.55
CA TYR G 146 91.48 72.06 -75.16
C TYR G 146 90.88 73.47 -75.02
N PRO H 1 70.87 38.80 -120.43
CA PRO H 1 71.05 40.22 -120.71
C PRO H 1 71.74 40.95 -119.57
N GLN H 2 72.37 42.08 -119.88
CA GLN H 2 73.04 42.84 -118.84
C GLN H 2 72.02 43.70 -118.08
N ALA H 3 72.42 44.14 -116.89
CA ALA H 3 71.59 45.07 -116.14
C ALA H 3 71.60 46.42 -116.84
N ALA H 4 70.41 46.87 -117.25
CA ALA H 4 70.28 48.14 -117.93
C ALA H 4 69.03 48.86 -117.42
N ASP H 5 68.94 50.15 -117.73
CA ASP H 5 67.74 50.91 -117.41
C ASP H 5 66.52 50.27 -118.07
N ILE H 6 65.39 50.32 -117.38
CA ILE H 6 64.11 49.84 -117.91
C ILE H 6 63.17 51.03 -117.95
N VAL H 7 62.65 51.36 -119.11
CA VAL H 7 61.82 52.56 -119.26
C VAL H 7 60.38 52.15 -119.53
N ILE H 8 59.47 52.64 -118.68
CA ILE H 8 58.05 52.28 -118.74
C ILE H 8 57.21 53.55 -118.73
N ALA H 9 56.18 53.58 -119.57
CA ALA H 9 55.38 54.78 -119.76
C ALA H 9 54.31 54.94 -118.68
N ASP H 10 54.08 56.19 -118.30
CA ASP H 10 53.02 56.54 -117.37
C ASP H 10 51.65 56.36 -118.03
N ALA H 11 50.60 56.47 -117.22
CA ALA H 11 49.23 56.46 -117.72
C ALA H 11 48.59 57.85 -117.66
N GLN H 12 49.39 58.90 -117.70
CA GLN H 12 48.86 60.25 -117.69
C GLN H 12 48.27 60.61 -119.05
N ALA H 13 47.57 61.74 -119.09
CA ALA H 13 47.04 62.26 -120.35
C ALA H 13 48.13 62.35 -121.40
N THR H 14 49.22 63.03 -121.07
CA THR H 14 50.44 62.95 -121.85
C THR H 14 51.40 62.04 -121.11
N PRO H 15 51.58 60.79 -121.54
CA PRO H 15 52.37 59.83 -120.76
C PRO H 15 53.79 60.34 -120.51
N VAL H 16 54.29 60.01 -119.30
CA VAL H 16 55.62 60.40 -118.85
C VAL H 16 56.45 59.13 -118.69
N ASN H 17 57.65 59.12 -119.28
CA ASN H 17 58.50 57.95 -119.18
C ASN H 17 59.16 57.90 -117.81
N HIS H 18 58.96 56.81 -117.09
CA HIS H 18 59.66 56.54 -115.84
C HIS H 18 60.83 55.61 -116.14
N THR H 19 62.03 56.02 -115.72
CA THR H 19 63.23 55.24 -115.97
C THR H 19 63.67 54.55 -114.68
N PHE H 20 63.64 53.21 -114.70
CA PHE H 20 64.04 52.37 -113.57
C PHE H 20 65.51 51.99 -113.75
N VAL H 21 66.38 52.63 -112.98
CA VAL H 21 67.82 52.39 -112.98
C VAL H 21 68.05 51.13 -112.16
N PRO H 22 68.93 50.21 -112.59
CA PRO H 22 69.19 49.02 -111.77
C PRO H 22 69.87 49.37 -110.45
N ILE H 23 69.26 48.94 -109.34
CA ILE H 23 69.88 49.03 -108.02
C ILE H 23 70.83 47.87 -107.82
N GLY H 24 70.44 46.68 -108.26
CA GLY H 24 71.31 45.55 -108.10
C GLY H 24 70.56 44.33 -107.64
N PRO H 25 71.29 43.27 -107.34
CA PRO H 25 70.65 42.06 -106.83
C PRO H 25 70.15 42.26 -105.42
N ASP H 26 69.18 41.44 -105.08
CA ASP H 26 68.57 41.50 -103.76
C ASP H 26 69.60 41.11 -102.70
N PRO H 27 69.59 41.74 -101.52
CA PRO H 27 70.59 41.42 -100.49
C PRO H 27 70.56 39.98 -100.02
N LYS H 28 69.37 39.42 -99.89
CA LYS H 28 69.18 38.14 -99.24
C LYS H 28 68.90 37.00 -100.22
N ASP H 29 68.45 37.30 -101.43
CA ASP H 29 68.18 36.30 -102.46
C ASP H 29 68.93 36.68 -103.73
N ALA H 30 69.79 35.78 -104.19
CA ALA H 30 70.61 35.99 -105.36
C ALA H 30 69.86 35.76 -106.66
N THR H 31 68.56 35.43 -106.58
CA THR H 31 67.77 35.12 -107.77
C THR H 31 66.79 36.22 -108.13
N ILE H 32 66.81 37.35 -107.43
CA ILE H 32 65.89 38.44 -107.69
C ILE H 32 66.69 39.72 -107.78
N TYR H 33 66.41 40.52 -108.82
CA TYR H 33 67.15 41.72 -109.17
C TYR H 33 66.22 42.93 -109.14
N TRP H 34 66.78 44.10 -108.84
CA TRP H 34 66.02 45.30 -108.47
C TRP H 34 66.43 46.50 -109.31
N TRP H 35 65.43 47.12 -109.94
CA TRP H 35 65.49 48.43 -110.57
C TRP H 35 64.59 49.40 -109.80
N GLU H 36 64.89 50.70 -109.91
CA GLU H 36 64.23 51.73 -109.12
C GLU H 36 64.07 53.02 -109.93
N ASP H 37 62.87 53.59 -109.87
CA ASP H 37 62.52 54.90 -110.41
C ASP H 37 62.68 55.92 -109.29
N GLN H 38 63.77 56.70 -109.39
CA GLN H 38 64.24 57.61 -108.35
C GLN H 38 63.82 59.05 -108.61
N SER H 39 62.77 59.26 -109.39
CA SER H 39 62.32 60.58 -109.77
C SER H 39 61.44 61.23 -108.71
N GLN H 40 60.96 60.45 -107.75
CA GLN H 40 59.96 60.89 -106.80
C GLN H 40 60.61 61.85 -105.78
N ALA H 41 59.81 62.30 -104.81
CA ALA H 41 60.24 63.43 -103.97
C ALA H 41 61.30 63.02 -102.94
N SER H 42 61.15 61.85 -102.33
CA SER H 42 62.14 61.27 -101.43
C SER H 42 62.14 59.77 -101.67
N PRO H 43 63.20 59.06 -101.25
CA PRO H 43 63.25 57.62 -101.53
C PRO H 43 62.02 56.85 -101.05
N ALA H 44 61.36 57.32 -100.00
CA ALA H 44 60.16 56.67 -99.50
C ALA H 44 59.10 56.52 -100.58
N GLY H 45 59.08 57.44 -101.54
CA GLY H 45 58.15 57.42 -102.65
C GLY H 45 58.71 56.90 -103.97
N TYR H 46 59.95 56.43 -104.00
CA TYR H 46 60.51 55.88 -105.25
C TYR H 46 59.73 54.65 -105.68
N TRP H 47 59.65 54.40 -106.99
CA TRP H 47 58.94 53.22 -107.48
C TRP H 47 59.92 52.11 -107.80
N ARG H 48 59.56 50.88 -107.48
CA ARG H 48 60.52 49.78 -107.59
C ARG H 48 59.98 48.68 -108.48
N LEU H 49 60.90 48.01 -109.16
CA LEU H 49 60.59 46.89 -110.05
C LEU H 49 61.59 45.78 -109.76
N SER H 50 61.09 44.55 -109.62
CA SER H 50 61.90 43.40 -109.25
C SER H 50 61.59 42.24 -110.17
N MET H 51 62.62 41.55 -110.65
CA MET H 51 62.44 40.38 -111.49
C MET H 51 63.24 39.21 -110.92
N GLN H 52 62.60 38.04 -110.87
CA GLN H 52 63.16 36.86 -110.21
C GLN H 52 63.01 35.64 -111.09
N LEU H 53 64.12 34.91 -111.28
CA LEU H 53 64.13 33.65 -112.02
C LEU H 53 64.65 32.57 -111.09
N VAL H 54 63.81 31.57 -110.83
CA VAL H 54 64.15 30.45 -109.96
C VAL H 54 64.15 29.19 -110.82
N ARG H 55 65.34 28.68 -111.09
CA ARG H 55 65.69 27.49 -111.84
C ARG H 55 65.86 26.31 -110.88
N PRO H 56 65.51 25.11 -111.31
CA PRO H 56 65.75 23.93 -110.47
C PRO H 56 67.19 23.45 -110.56
N ALA H 57 67.57 22.62 -109.60
CA ALA H 57 68.90 22.05 -109.60
C ALA H 57 69.11 21.21 -110.85
N PRO H 58 70.34 21.14 -111.37
CA PRO H 58 70.55 20.48 -112.66
C PRO H 58 70.11 19.03 -112.64
N ALA H 59 69.64 18.56 -113.80
CA ALA H 59 69.07 17.22 -113.89
C ALA H 59 70.14 16.16 -113.72
N LYS H 60 69.77 15.07 -113.06
CA LYS H 60 70.69 13.95 -112.88
C LYS H 60 70.47 12.92 -113.98
N ALA H 61 71.52 12.12 -114.22
CA ALA H 61 71.47 11.13 -115.28
C ALA H 61 70.39 10.10 -115.00
N GLY H 62 69.50 9.89 -115.96
CA GLY H 62 68.40 8.96 -115.78
C GLY H 62 67.26 9.46 -114.94
N GLN H 63 67.37 10.65 -114.34
CA GLN H 63 66.30 11.20 -113.52
C GLN H 63 65.12 11.61 -114.40
N ASN H 64 63.91 11.44 -113.86
CA ASN H 64 62.69 11.81 -114.55
C ASN H 64 62.38 13.27 -114.30
N THR H 65 62.25 14.06 -115.37
CA THR H 65 62.18 15.51 -115.25
C THR H 65 60.76 16.07 -115.35
N ASN H 66 59.74 15.21 -115.38
CA ASN H 66 58.42 15.78 -115.67
C ASN H 66 57.84 16.46 -114.51
N GLN H 67 58.57 16.62 -113.40
CA GLN H 67 58.04 17.39 -112.28
C GLN H 67 58.85 18.65 -111.97
N ARG H 68 59.99 18.86 -112.61
CA ARG H 68 60.82 20.02 -112.31
C ARG H 68 60.23 21.24 -113.01
N MET H 69 60.29 22.40 -112.35
CA MET H 69 59.63 23.60 -112.86
C MET H 69 60.47 24.84 -112.59
N ILE H 70 60.28 25.83 -113.46
CA ILE H 70 60.98 27.12 -113.40
C ILE H 70 59.95 28.18 -113.07
N ARG H 71 60.30 29.11 -112.19
CA ARG H 71 59.39 30.17 -111.79
C ARG H 71 59.98 31.52 -112.14
N VAL H 72 59.14 32.43 -112.62
CA VAL H 72 59.53 33.80 -112.91
C VAL H 72 58.56 34.73 -112.21
N ARG H 73 59.07 35.69 -111.44
CA ARG H 73 58.23 36.62 -110.70
C ARG H 73 58.64 38.05 -111.04
N VAL H 74 57.68 38.83 -111.51
CA VAL H 74 57.87 40.26 -111.75
C VAL H 74 57.00 41.01 -110.75
N SER H 75 57.55 42.07 -110.17
CA SER H 75 56.85 42.78 -109.11
C SER H 75 57.09 44.27 -109.24
N THR H 76 56.02 45.06 -109.14
CA THR H 76 56.11 46.52 -109.24
C THR H 76 55.45 47.15 -108.02
N PHE H 77 56.15 48.11 -107.42
CA PHE H 77 55.68 48.82 -106.24
C PHE H 77 55.66 50.31 -106.54
N GLU H 78 54.52 50.94 -106.34
CA GLU H 78 54.33 52.36 -106.65
C GLU H 78 53.77 53.11 -105.44
N PRO H 79 54.58 53.32 -104.42
CA PRO H 79 54.11 54.06 -103.24
C PRO H 79 53.73 55.49 -103.59
N ILE H 80 52.68 55.98 -102.95
CA ILE H 80 52.17 57.34 -103.12
C ILE H 80 52.42 58.12 -101.83
N LEU H 81 52.93 59.32 -101.94
CA LEU H 81 53.27 60.13 -100.78
C LEU H 81 52.12 61.08 -100.42
N GLU H 82 52.23 61.63 -99.21
CA GLU H 82 51.36 62.67 -98.71
C GLU H 82 52.20 63.63 -97.87
N VAL H 83 51.72 64.87 -97.75
CA VAL H 83 52.43 65.91 -97.03
C VAL H 83 51.46 66.58 -96.06
N ALA H 84 51.99 67.01 -94.90
CA ALA H 84 51.16 67.65 -93.88
C ALA H 84 50.90 69.13 -94.15
N VAL H 85 51.77 69.79 -94.93
CA VAL H 85 51.61 71.20 -95.25
C VAL H 85 52.35 71.48 -96.56
N THR H 86 51.82 72.42 -97.35
CA THR H 86 52.26 72.56 -98.73
C THR H 86 53.24 73.70 -98.96
N ALA H 87 53.60 74.48 -97.94
CA ALA H 87 54.52 75.59 -98.11
C ALA H 87 55.79 75.35 -97.28
N THR H 88 56.70 76.29 -97.37
CA THR H 88 57.94 76.26 -96.61
C THR H 88 58.00 77.49 -95.72
N TYR H 89 58.36 77.28 -94.45
CA TYR H 89 58.43 78.34 -93.46
C TYR H 89 59.86 78.43 -92.95
N SER H 90 60.46 79.61 -93.02
CA SER H 90 61.77 79.87 -92.41
C SER H 90 62.78 78.79 -92.80
N GLY H 91 62.77 78.43 -94.09
CA GLY H 91 63.67 77.44 -94.62
C GLY H 91 63.36 76.00 -94.29
N ILE H 92 62.24 75.71 -93.65
CA ILE H 92 61.87 74.35 -93.30
C ILE H 92 60.94 73.83 -94.39
N ALA H 93 61.40 72.83 -95.13
CA ALA H 93 60.48 72.39 -96.17
C ALA H 93 59.57 71.27 -95.65
N PRO H 94 58.42 71.10 -96.30
CA PRO H 94 57.57 69.96 -95.97
C PRO H 94 58.25 68.66 -96.34
N SER H 95 58.16 67.69 -95.43
CA SER H 95 58.78 66.39 -95.64
C SER H 95 57.67 65.35 -95.80
N PRO H 96 57.53 64.75 -96.97
CA PRO H 96 56.41 63.83 -97.19
C PRO H 96 56.65 62.47 -96.58
N THR H 97 55.55 61.80 -96.26
CA THR H 97 55.56 60.40 -95.82
C THR H 97 54.76 59.56 -96.79
N VAL H 98 54.89 58.25 -96.67
CA VAL H 98 54.13 57.36 -97.51
C VAL H 98 52.68 57.34 -97.04
N SER H 99 51.75 57.39 -97.99
CA SER H 99 50.33 57.39 -97.71
C SER H 99 49.69 56.03 -97.93
N TYR H 100 49.99 55.40 -99.07
CA TYR H 100 49.53 54.06 -99.38
C TYR H 100 50.40 53.50 -100.50
N VAL H 101 50.37 52.18 -100.66
CA VAL H 101 51.22 51.58 -101.68
C VAL H 101 50.42 50.62 -102.55
N PRO H 102 50.00 51.04 -103.73
CA PRO H 102 49.50 50.09 -104.73
C PRO H 102 50.65 49.29 -105.31
N LYS H 103 50.42 48.01 -105.55
CA LYS H 103 51.49 47.15 -106.03
C LYS H 103 50.90 46.02 -106.87
N ALA H 104 51.79 45.36 -107.61
CA ALA H 104 51.38 44.26 -108.49
C ALA H 104 52.45 43.19 -108.47
N PHE H 105 52.00 41.93 -108.53
CA PHE H 105 52.87 40.77 -108.42
C PHE H 105 52.41 39.75 -109.46
N THR H 106 53.30 39.36 -110.37
CA THR H 106 53.00 38.37 -111.41
C THR H 106 53.98 37.21 -111.30
N GLU H 107 53.47 35.98 -111.41
CA GLU H 107 54.26 34.77 -111.31
C GLU H 107 53.93 33.84 -112.47
N PHE H 108 54.94 33.48 -113.25
CA PHE H 108 54.87 32.47 -114.27
C PHE H 108 55.42 31.16 -113.71
N VAL H 109 54.66 30.10 -113.85
CA VAL H 109 55.09 28.74 -113.57
C VAL H 109 55.27 28.05 -114.91
N LEU H 110 56.52 27.83 -115.30
CA LEU H 110 56.89 27.23 -116.56
C LEU H 110 57.53 25.87 -116.29
N PRO H 111 56.85 24.77 -116.55
CA PRO H 111 57.48 23.46 -116.35
C PRO H 111 58.68 23.32 -117.28
N GLU H 112 59.76 22.72 -116.73
CA GLU H 112 61.03 22.68 -117.44
C GLU H 112 60.91 21.99 -118.79
N ARG H 113 60.00 21.03 -118.94
CA ARG H 113 59.83 20.33 -120.21
C ARG H 113 59.08 21.14 -121.26
N ALA H 114 58.72 22.39 -120.98
CA ALA H 114 57.87 23.12 -121.91
C ALA H 114 58.67 23.66 -123.08
N THR H 115 58.01 23.84 -124.21
CA THR H 115 58.64 24.33 -125.42
C THR H 115 58.79 25.86 -125.37
N LEU H 116 59.80 26.35 -126.09
CA LEU H 116 59.90 27.78 -126.33
C LEU H 116 58.57 28.35 -126.80
N ASP H 117 57.86 27.59 -127.64
CA ASP H 117 56.56 28.05 -128.11
C ASP H 117 55.58 28.18 -126.96
N ASN H 118 55.55 27.19 -126.05
CA ASN H 118 54.66 27.28 -124.89
C ASN H 118 54.98 28.51 -124.05
N ARG H 119 56.27 28.81 -123.89
CA ARG H 119 56.66 29.95 -123.06
C ARG H 119 56.26 31.27 -123.72
N LYS H 120 56.51 31.39 -125.03
CA LYS H 120 56.08 32.59 -125.74
C LYS H 120 54.56 32.75 -125.67
N ASP H 121 53.83 31.63 -125.78
CA ASP H 121 52.37 31.65 -125.67
C ASP H 121 51.93 32.21 -124.32
N ILE H 122 52.43 31.61 -123.23
CA ILE H 122 51.95 32.00 -121.91
C ILE H 122 52.32 33.45 -121.61
N ARG H 123 53.54 33.87 -121.97
CA ARG H 123 53.95 35.26 -121.75
C ARG H 123 53.05 36.22 -122.51
N LYS H 124 52.99 36.08 -123.84
CA LYS H 124 52.20 37.01 -124.64
C LYS H 124 50.75 37.04 -124.19
N MET H 125 50.17 35.86 -123.97
CA MET H 125 48.73 35.79 -123.74
C MET H 125 48.36 36.32 -122.37
N HIS H 126 49.20 36.09 -121.35
CA HIS H 126 48.92 36.69 -120.05
C HIS H 126 49.08 38.21 -120.10
N ALA H 127 50.18 38.69 -120.70
CA ALA H 127 50.36 40.14 -120.82
C ALA H 127 49.18 40.78 -121.53
N LEU H 128 48.63 40.10 -122.54
CA LEU H 128 47.45 40.61 -123.22
C LEU H 128 46.22 40.54 -122.31
N ALA H 129 46.09 39.47 -121.54
CA ALA H 129 44.94 39.32 -120.65
C ALA H 129 44.89 40.43 -119.62
N LEU H 130 46.05 41.04 -119.30
CA LEU H 130 46.06 42.19 -118.41
C LEU H 130 45.54 43.46 -119.08
N THR H 131 45.37 43.48 -120.40
CA THR H 131 44.94 44.69 -121.10
C THR H 131 43.56 44.54 -121.74
N THR H 132 42.86 43.43 -121.49
CA THR H 132 41.52 43.24 -122.01
C THR H 132 40.56 44.28 -121.41
N SER H 133 39.46 44.53 -122.12
CA SER H 133 38.48 45.50 -121.64
C SER H 133 37.94 45.07 -120.27
N GLU H 134 37.78 43.77 -120.05
CA GLU H 134 37.36 43.26 -118.75
C GLU H 134 38.40 43.54 -117.67
N ALA H 135 39.67 43.29 -117.96
CA ALA H 135 40.73 43.58 -116.99
C ALA H 135 40.78 45.07 -116.66
N ILE H 136 40.58 45.92 -117.67
CA ILE H 136 40.61 47.36 -117.42
C ILE H 136 39.40 47.77 -116.58
N ALA H 137 38.23 47.20 -116.87
CA ALA H 137 37.05 47.50 -116.07
C ALA H 137 37.20 47.04 -114.62
N MET H 138 37.93 45.94 -114.39
CA MET H 138 38.06 45.42 -113.04
C MET H 138 39.14 46.17 -112.24
N ILE H 139 40.26 46.49 -112.87
CA ILE H 139 41.36 47.13 -112.13
C ILE H 139 41.18 48.64 -112.04
N GLU H 140 40.77 49.29 -113.12
CA GLU H 140 40.63 50.74 -113.12
C GLU H 140 39.26 51.19 -112.66
N SER H 141 38.20 50.59 -113.21
CA SER H 141 36.83 50.99 -112.90
C SER H 141 36.23 50.22 -111.73
N LEU H 142 36.88 49.15 -111.27
CA LEU H 142 36.44 48.43 -110.08
C LEU H 142 35.03 47.86 -110.25
N GLN H 143 34.77 47.26 -111.40
CA GLN H 143 33.49 46.64 -111.71
C GLN H 143 33.71 45.21 -112.14
N PHE H 144 33.02 44.28 -111.47
CA PHE H 144 33.08 42.87 -111.81
C PHE H 144 32.19 42.59 -113.03
N VAL H 145 32.24 41.34 -113.52
CA VAL H 145 31.43 40.91 -114.66
C VAL H 145 30.20 40.18 -114.14
N TYR H 146 29.02 40.57 -114.65
CA TYR H 146 27.76 40.02 -114.19
C TYR H 146 26.93 39.43 -115.33
N PRO I 1 86.53 41.40 -113.22
CA PRO I 1 85.93 41.39 -114.55
C PRO I 1 84.41 41.20 -114.48
N GLN I 2 83.65 42.07 -115.11
CA GLN I 2 82.20 41.91 -115.09
C GLN I 2 81.81 40.64 -115.84
N ALA I 3 80.75 39.98 -115.39
CA ALA I 3 80.32 38.75 -116.03
C ALA I 3 79.85 39.02 -117.45
N ALA I 4 80.30 38.19 -118.38
CA ALA I 4 79.85 38.29 -119.77
C ALA I 4 79.86 36.90 -120.39
N ASP I 5 79.30 36.81 -121.60
CA ASP I 5 79.24 35.54 -122.31
C ASP I 5 80.63 34.94 -122.45
N ILE I 6 80.71 33.62 -122.32
CA ILE I 6 81.96 32.88 -122.50
C ILE I 6 81.78 31.98 -123.72
N VAL I 7 82.60 32.18 -124.75
CA VAL I 7 82.43 31.44 -125.99
C VAL I 7 83.57 30.45 -126.14
N ILE I 8 83.24 29.17 -126.29
CA ILE I 8 84.21 28.09 -126.36
C ILE I 8 83.91 27.26 -127.60
N ALA I 9 84.96 26.88 -128.32
CA ALA I 9 84.80 26.18 -129.58
C ALA I 9 84.53 24.69 -129.36
N ASP I 10 83.71 24.11 -130.24
CA ASP I 10 83.43 22.69 -130.24
C ASP I 10 84.65 21.90 -130.70
N ALA I 11 84.51 20.58 -130.74
CA ALA I 11 85.55 19.71 -131.30
C ALA I 11 85.09 19.00 -132.56
N GLN I 12 84.14 19.59 -133.29
CA GLN I 12 83.63 18.94 -134.48
C GLN I 12 84.59 19.13 -135.65
N ALA I 13 84.28 18.44 -136.75
CA ALA I 13 85.02 18.61 -138.00
C ALA I 13 85.19 20.08 -138.31
N THR I 14 84.08 20.80 -138.45
CA THR I 14 84.11 22.25 -138.43
C THR I 14 83.70 22.69 -137.04
N PRO I 15 84.62 23.21 -136.23
CA PRO I 15 84.27 23.60 -134.86
C PRO I 15 83.08 24.55 -134.83
N VAL I 16 82.19 24.32 -133.86
CA VAL I 16 80.99 25.12 -133.66
C VAL I 16 81.09 25.85 -132.33
N ASN I 17 80.93 27.16 -132.35
CA ASN I 17 81.06 27.95 -131.14
C ASN I 17 79.86 27.75 -130.22
N HIS I 18 80.12 27.41 -128.97
CA HIS I 18 79.09 27.35 -127.93
C HIS I 18 79.21 28.60 -127.07
N THR I 19 78.10 29.32 -126.90
CA THR I 19 78.06 30.54 -126.12
C THR I 19 77.39 30.25 -124.78
N PHE I 20 78.15 30.45 -123.69
CA PHE I 20 77.69 30.26 -122.32
C PHE I 20 77.28 31.61 -121.76
N VAL I 21 75.98 31.84 -121.65
CA VAL I 21 75.42 33.05 -121.07
C VAL I 21 75.49 32.93 -119.56
N PRO I 22 75.92 33.94 -118.82
CA PRO I 22 75.93 33.82 -117.35
C PRO I 22 74.52 33.67 -116.79
N ILE I 23 74.35 32.65 -115.95
CA ILE I 23 73.17 32.53 -115.11
C ILE I 23 73.33 33.35 -113.84
N GLY I 24 74.55 33.41 -113.30
CA GLY I 24 74.77 34.17 -112.10
C GLY I 24 75.38 33.34 -111.00
N PRO I 25 75.49 33.92 -109.81
CA PRO I 25 76.09 33.19 -108.70
C PRO I 25 75.13 32.15 -108.15
N ASP I 26 75.71 31.05 -107.68
CA ASP I 26 74.92 29.99 -107.07
C ASP I 26 74.22 30.55 -105.84
N PRO I 27 72.89 30.41 -105.73
CA PRO I 27 72.22 30.91 -104.52
C PRO I 27 72.67 30.19 -103.26
N LYS I 28 73.07 28.92 -103.37
CA LYS I 28 73.51 28.18 -102.19
C LYS I 28 74.92 28.59 -101.77
N ASP I 29 75.80 28.89 -102.72
CA ASP I 29 77.19 29.29 -102.44
C ASP I 29 77.55 30.49 -103.31
N ALA I 30 77.83 31.62 -102.68
CA ALA I 30 78.11 32.85 -103.40
C ALA I 30 79.47 32.88 -104.07
N THR I 31 80.37 31.96 -103.73
CA THR I 31 81.72 31.93 -104.29
C THR I 31 81.82 31.16 -105.58
N ILE I 32 80.70 30.74 -106.16
CA ILE I 32 80.74 29.97 -107.40
C ILE I 32 79.74 30.57 -108.35
N TYR I 33 80.17 30.83 -109.59
CA TYR I 33 79.40 31.52 -110.61
C TYR I 33 79.15 30.57 -111.78
N TRP I 34 77.99 30.75 -112.43
CA TRP I 34 77.48 29.80 -113.41
C TRP I 34 77.15 30.50 -114.73
N TRP I 35 77.66 29.93 -115.82
CA TRP I 35 77.27 30.19 -117.18
C TRP I 35 76.61 28.94 -117.77
N GLU I 36 75.75 29.14 -118.76
CA GLU I 36 74.94 28.06 -119.33
C GLU I 36 74.89 28.19 -120.85
N ASP I 37 75.06 27.06 -121.54
CA ASP I 37 74.94 26.97 -122.98
C ASP I 37 73.53 26.50 -123.32
N GLN I 38 72.72 27.40 -123.89
CA GLN I 38 71.31 27.13 -124.10
C GLN I 38 70.99 26.58 -125.49
N SER I 39 72.00 26.04 -126.18
CA SER I 39 71.81 25.60 -127.55
C SER I 39 71.31 24.16 -127.65
N GLN I 40 71.11 23.49 -126.53
CA GLN I 40 70.75 22.08 -126.53
C GLN I 40 69.24 21.93 -126.73
N ALA I 41 68.76 20.68 -126.64
CA ALA I 41 67.41 20.36 -127.11
C ALA I 41 66.33 20.83 -126.14
N SER I 42 66.56 20.70 -124.84
CA SER I 42 65.67 21.21 -123.81
C SER I 42 66.49 21.53 -122.58
N PRO I 43 65.96 22.33 -121.64
CA PRO I 43 66.82 22.87 -120.59
C PRO I 43 67.57 21.83 -119.77
N ALA I 44 66.97 20.67 -119.52
CA ALA I 44 67.65 19.64 -118.73
C ALA I 44 69.01 19.29 -119.32
N GLY I 45 69.17 19.41 -120.63
CA GLY I 45 70.41 19.11 -121.33
C GLY I 45 71.31 20.29 -121.64
N TYR I 46 71.00 21.49 -121.13
CA TYR I 46 71.86 22.65 -121.35
C TYR I 46 73.23 22.44 -120.71
N TRP I 47 74.29 22.67 -121.48
CA TRP I 47 75.63 22.54 -120.92
C TRP I 47 75.92 23.71 -119.98
N ARG I 48 76.70 23.44 -118.94
CA ARG I 48 76.97 24.46 -117.93
C ARG I 48 78.46 24.53 -117.63
N LEU I 49 78.86 25.71 -117.15
CA LEU I 49 80.23 26.00 -116.80
C LEU I 49 80.21 26.78 -115.49
N SER I 50 81.09 26.42 -114.56
CA SER I 50 81.12 27.02 -113.23
C SER I 50 82.53 27.40 -112.85
N MET I 51 82.69 28.59 -112.27
CA MET I 51 83.99 29.04 -111.79
C MET I 51 83.87 29.51 -110.35
N GLN I 52 84.77 29.05 -109.49
CA GLN I 52 84.70 29.29 -108.06
C GLN I 52 86.02 29.82 -107.54
N LEU I 53 85.96 30.90 -106.77
CA LEU I 53 87.11 31.51 -106.13
C LEU I 53 86.86 31.58 -104.63
N VAL I 54 87.67 30.87 -103.87
CA VAL I 54 87.56 30.82 -102.41
C VAL I 54 88.84 31.42 -101.86
N ARG I 55 88.77 32.68 -101.44
CA ARG I 55 89.80 33.45 -100.75
C ARG I 55 89.59 33.35 -99.25
N PRO I 56 90.68 33.23 -98.49
CA PRO I 56 90.55 33.06 -97.05
C PRO I 56 90.22 34.37 -96.37
N ALA I 57 89.74 34.25 -95.13
CA ALA I 57 89.47 35.43 -94.32
C ALA I 57 90.76 36.24 -94.19
N PRO I 58 90.65 37.57 -94.14
CA PRO I 58 91.85 38.41 -94.22
C PRO I 58 92.86 38.12 -93.11
N ALA I 59 94.14 38.24 -93.46
CA ALA I 59 95.21 38.04 -92.51
C ALA I 59 95.08 39.01 -91.35
N LYS I 60 95.37 38.55 -90.14
CA LYS I 60 95.28 39.36 -88.95
C LYS I 60 96.67 39.72 -88.45
N ALA I 61 96.73 40.77 -87.63
CA ALA I 61 98.01 41.27 -87.15
C ALA I 61 98.72 40.21 -86.32
N GLY I 62 99.98 39.96 -86.65
CA GLY I 62 100.75 38.95 -85.96
C GLY I 62 100.35 37.52 -86.23
N GLN I 63 99.40 37.27 -87.13
CA GLN I 63 98.94 35.92 -87.42
C GLN I 63 99.95 35.22 -88.32
N ASN I 64 99.91 33.89 -88.31
CA ASN I 64 100.83 33.09 -89.10
C ASN I 64 100.16 32.66 -90.41
N THR I 65 100.81 32.95 -91.53
CA THR I 65 100.21 32.78 -92.84
C THR I 65 100.48 31.43 -93.49
N ASN I 66 101.42 30.64 -92.94
CA ASN I 66 102.07 29.59 -93.71
C ASN I 66 101.11 28.47 -94.10
N GLN I 67 99.86 28.52 -93.64
CA GLN I 67 98.88 27.51 -94.05
C GLN I 67 97.65 28.07 -94.77
N ARG I 68 97.50 29.39 -94.86
CA ARG I 68 96.33 29.95 -95.51
C ARG I 68 96.46 29.78 -97.02
N MET I 69 95.35 29.41 -97.67
CA MET I 69 95.39 29.07 -99.09
C MET I 69 94.12 29.51 -99.80
N ILE I 70 94.29 29.79 -101.10
CA ILE I 70 93.23 30.22 -102.02
C ILE I 70 92.94 29.06 -102.95
N ARG I 71 91.66 28.81 -103.22
CA ARG I 71 91.27 27.74 -104.13
C ARG I 71 90.47 28.30 -105.30
N VAL I 72 90.68 27.74 -106.48
CA VAL I 72 89.92 28.11 -107.67
C VAL I 72 89.48 26.82 -108.36
N ARG I 73 88.18 26.68 -108.60
CA ARG I 73 87.63 25.46 -109.21
C ARG I 73 86.85 25.84 -110.47
N VAL I 74 87.27 25.29 -111.60
CA VAL I 74 86.59 25.46 -112.87
C VAL I 74 85.99 24.10 -113.25
N SER I 75 84.69 24.08 -113.54
CA SER I 75 83.98 22.85 -113.81
C SER I 75 83.13 23.00 -115.07
N THR I 76 83.12 21.96 -115.92
CA THR I 76 82.30 21.98 -117.13
C THR I 76 81.48 20.71 -117.21
N PHE I 77 80.18 20.87 -117.44
CA PHE I 77 79.22 19.78 -117.54
C PHE I 77 78.56 19.81 -118.91
N GLU I 78 78.62 18.70 -119.62
CA GLU I 78 78.06 18.59 -120.97
C GLU I 78 77.08 17.43 -121.06
N PRO I 79 75.95 17.52 -120.37
CA PRO I 79 75.00 16.40 -120.36
C PRO I 79 74.43 16.14 -121.75
N ILE I 80 74.30 14.86 -122.08
CA ILE I 80 73.76 14.41 -123.35
C ILE I 80 72.33 13.92 -123.11
N LEU I 81 71.37 14.56 -123.80
CA LEU I 81 69.98 14.21 -123.62
C LEU I 81 69.66 12.87 -124.26
N GLU I 82 68.82 12.09 -123.59
CA GLU I 82 68.37 10.82 -124.15
C GLU I 82 67.52 11.07 -125.39
N VAL I 83 67.71 10.25 -126.42
CA VAL I 83 66.88 10.31 -127.62
C VAL I 83 65.75 9.30 -127.46
N ALA I 84 64.52 9.77 -127.70
CA ALA I 84 63.35 8.95 -127.43
C ALA I 84 63.18 7.87 -128.49
N VAL I 85 62.70 6.71 -128.06
CA VAL I 85 62.20 5.69 -128.98
C VAL I 85 60.77 5.40 -128.61
N THR I 86 60.14 4.47 -129.32
CA THR I 86 58.73 4.19 -129.12
C THR I 86 58.50 3.59 -127.73
N ALA I 87 57.69 4.26 -126.93
CA ALA I 87 57.29 3.74 -125.63
C ALA I 87 56.10 2.80 -125.80
N THR I 88 56.21 1.60 -125.23
CA THR I 88 55.24 0.55 -125.50
C THR I 88 54.31 0.24 -124.34
N TYR I 89 54.67 0.61 -123.11
CA TYR I 89 53.76 0.35 -122.00
C TYR I 89 52.57 1.30 -122.02
N SER I 90 52.82 2.60 -122.08
CA SER I 90 51.77 3.60 -122.02
C SER I 90 51.53 4.32 -123.34
N GLY I 91 52.43 4.18 -124.31
CA GLY I 91 52.32 4.93 -125.56
C GLY I 91 52.53 6.41 -125.40
N ILE I 92 52.98 6.85 -124.23
CA ILE I 92 53.23 8.25 -123.92
C ILE I 92 54.74 8.44 -123.88
N ALA I 93 55.25 9.25 -124.81
CA ALA I 93 56.69 9.46 -124.88
C ALA I 93 57.19 10.07 -123.58
N PRO I 94 58.39 9.73 -123.13
CA PRO I 94 58.83 10.13 -121.81
C PRO I 94 59.32 11.58 -121.78
N SER I 95 59.24 12.16 -120.59
CA SER I 95 59.80 13.49 -120.37
C SER I 95 61.28 13.50 -120.78
N PRO I 96 61.80 14.65 -121.18
CA PRO I 96 63.22 14.72 -121.54
C PRO I 96 64.06 14.31 -120.34
N THR I 97 64.91 13.31 -120.53
CA THR I 97 65.73 12.75 -119.47
C THR I 97 67.19 12.79 -119.90
N VAL I 98 68.06 13.06 -118.93
CA VAL I 98 69.48 13.11 -119.20
C VAL I 98 70.02 11.69 -119.27
N SER I 99 70.70 11.35 -120.37
CA SER I 99 71.19 9.99 -120.56
C SER I 99 72.48 9.76 -119.79
N TYR I 100 73.47 10.62 -119.95
CA TYR I 100 74.74 10.52 -119.23
C TYR I 100 75.42 11.87 -119.29
N VAL I 101 76.38 12.08 -118.39
CA VAL I 101 77.03 13.39 -118.32
C VAL I 101 78.54 13.28 -118.33
N PRO I 102 79.19 13.58 -119.46
CA PRO I 102 80.65 13.79 -119.43
C PRO I 102 80.96 15.12 -118.76
N LYS I 103 81.91 15.09 -117.82
CA LYS I 103 82.18 16.31 -117.08
C LYS I 103 83.66 16.41 -116.72
N ALA I 104 84.08 17.61 -116.34
CA ALA I 104 85.46 17.84 -115.97
C ALA I 104 85.50 18.85 -114.81
N PHE I 105 86.48 18.65 -113.93
CA PHE I 105 86.60 19.41 -112.69
C PHE I 105 88.09 19.71 -112.48
N THR I 106 88.46 20.98 -112.46
CA THR I 106 89.84 21.40 -112.24
C THR I 106 89.91 22.28 -110.99
N GLU I 107 90.83 21.94 -110.08
CA GLU I 107 91.02 22.69 -108.83
C GLU I 107 92.46 23.14 -108.74
N PHE I 108 92.66 24.44 -108.62
CA PHE I 108 93.93 25.06 -108.33
C PHE I 108 93.99 25.33 -106.84
N VAL I 109 95.05 24.85 -106.20
CA VAL I 109 95.40 25.20 -104.83
C VAL I 109 96.58 26.15 -104.89
N LEU I 110 96.33 27.42 -104.59
CA LEU I 110 97.33 28.48 -104.65
C LEU I 110 97.52 28.99 -103.22
N PRO I 111 98.62 28.65 -102.54
CA PRO I 111 98.84 29.21 -101.21
C PRO I 111 98.98 30.73 -101.28
N GLU I 112 98.40 31.41 -100.30
CA GLU I 112 98.37 32.87 -100.32
C GLU I 112 99.78 33.44 -100.44
N ARG I 113 100.73 32.81 -99.77
CA ARG I 113 102.14 33.15 -99.87
C ARG I 113 102.66 33.24 -101.31
N ALA I 114 102.06 32.51 -102.25
CA ALA I 114 102.66 32.37 -103.58
C ALA I 114 102.61 33.67 -104.36
N THR I 115 103.61 33.86 -105.23
CA THR I 115 103.72 35.08 -106.02
C THR I 115 102.88 35.00 -107.30
N LEU I 116 102.63 36.18 -107.86
CA LEU I 116 101.92 36.27 -109.14
C LEU I 116 102.58 35.40 -110.19
N ASP I 117 103.92 35.37 -110.21
CA ASP I 117 104.61 34.51 -111.15
C ASP I 117 104.28 33.04 -110.91
N ASN I 118 104.23 32.62 -109.64
CA ASN I 118 103.85 31.25 -109.33
C ASN I 118 102.45 30.93 -109.86
N ARG I 119 101.52 31.85 -109.69
CA ARG I 119 100.14 31.60 -110.12
C ARG I 119 100.05 31.53 -111.65
N LYS I 120 100.73 32.46 -112.34
CA LYS I 120 100.76 32.43 -113.79
C LYS I 120 101.38 31.13 -114.29
N ASP I 121 102.46 30.68 -113.63
CA ASP I 121 103.12 29.42 -113.97
C ASP I 121 102.15 28.25 -113.87
N ILE I 122 101.50 28.10 -112.72
CA ILE I 122 100.65 26.92 -112.51
C ILE I 122 99.47 26.93 -113.48
N ARG I 123 98.85 28.10 -113.68
CA ARG I 123 97.71 28.19 -114.60
C ARG I 123 98.14 27.82 -116.02
N LYS I 124 99.15 28.52 -116.57
CA LYS I 124 99.56 28.26 -117.94
C LYS I 124 100.00 26.81 -118.13
N MET I 125 100.80 26.30 -117.20
CA MET I 125 101.42 25.01 -117.41
C MET I 125 100.42 23.87 -117.27
N HIS I 126 99.44 24.01 -116.37
CA HIS I 126 98.39 22.99 -116.31
C HIS I 126 97.50 23.05 -117.54
N ALA I 127 97.06 24.26 -117.94
CA ALA I 127 96.22 24.39 -119.12
C ALA I 127 96.90 23.81 -120.35
N LEU I 128 98.23 23.89 -120.40
CA LEU I 128 98.98 23.26 -121.48
C LEU I 128 99.05 21.74 -121.28
N ALA I 129 99.23 21.28 -120.04
CA ALA I 129 99.33 19.85 -119.78
C ALA I 129 98.07 19.12 -120.20
N LEU I 130 96.93 19.82 -120.21
CA LEU I 130 95.70 19.21 -120.70
C LEU I 130 95.65 19.09 -122.21
N THR I 131 96.61 19.66 -122.94
CA THR I 131 96.62 19.59 -124.40
C THR I 131 97.76 18.75 -124.95
N THR I 132 98.55 18.11 -124.09
CA THR I 132 99.64 17.25 -124.54
C THR I 132 99.11 16.05 -125.30
N SER I 133 99.97 15.49 -126.16
CA SER I 133 99.58 14.30 -126.90
C SER I 133 99.19 13.16 -125.98
N GLU I 134 99.86 13.06 -124.82
CA GLU I 134 99.55 12.03 -123.84
C GLU I 134 98.15 12.23 -123.25
N ALA I 135 97.82 13.48 -122.88
CA ALA I 135 96.48 13.77 -122.37
C ALA I 135 95.42 13.50 -123.43
N ILE I 136 95.69 13.86 -124.68
CA ILE I 136 94.75 13.59 -125.75
C ILE I 136 94.54 12.10 -125.92
N ALA I 137 95.63 11.32 -125.85
CA ALA I 137 95.51 9.87 -126.01
C ALA I 137 94.73 9.24 -124.85
N MET I 138 94.92 9.74 -123.63
CA MET I 138 94.20 9.15 -122.49
C MET I 138 92.73 9.50 -122.52
N ILE I 139 92.41 10.77 -122.76
CA ILE I 139 91.01 11.18 -122.64
C ILE I 139 90.21 10.79 -123.88
N GLU I 140 90.78 10.95 -125.07
CA GLU I 140 90.02 10.69 -126.29
C GLU I 140 90.11 9.24 -126.72
N SER I 141 91.31 8.66 -126.72
CA SER I 141 91.55 7.31 -127.23
C SER I 141 91.67 6.26 -126.13
N LEU I 142 91.67 6.67 -124.86
CA LEU I 142 91.63 5.74 -123.74
C LEU I 142 92.86 4.83 -123.71
N GLN I 143 94.03 5.45 -123.87
CA GLN I 143 95.30 4.74 -123.90
C GLN I 143 96.23 5.31 -122.85
N PHE I 144 96.87 4.42 -122.08
CA PHE I 144 97.85 4.81 -121.09
C PHE I 144 99.23 4.93 -121.74
N VAL I 145 100.24 5.28 -120.94
CA VAL I 145 101.61 5.39 -121.42
C VAL I 145 102.43 4.25 -120.82
N TYR I 146 103.41 3.76 -121.58
CA TYR I 146 104.10 2.54 -121.19
C TYR I 146 105.60 2.59 -121.43
N PRO J 1 78.08 90.03 39.84
CA PRO J 1 79.35 90.76 40.03
C PRO J 1 80.53 90.03 39.41
N GLN J 2 81.58 90.76 39.05
CA GLN J 2 82.75 90.13 38.47
C GLN J 2 83.52 89.35 39.54
N ALA J 3 84.12 88.25 39.12
CA ALA J 3 84.80 87.36 40.04
C ALA J 3 86.13 87.94 40.48
N ALA J 4 86.38 87.90 41.79
CA ALA J 4 87.64 88.39 42.33
C ALA J 4 88.05 87.52 43.52
N ASP J 5 89.24 87.81 44.06
CA ASP J 5 89.79 87.02 45.16
C ASP J 5 88.82 86.98 46.33
N ILE J 6 88.77 85.82 47.00
CA ILE J 6 87.96 85.63 48.20
C ILE J 6 88.90 85.34 49.35
N VAL J 7 88.89 86.18 50.38
CA VAL J 7 89.82 86.03 51.47
C VAL J 7 89.06 85.59 52.73
N ILE J 8 89.49 84.47 53.31
CA ILE J 8 88.83 83.85 54.45
C ILE J 8 89.86 83.59 55.53
N ALA J 9 89.50 83.91 56.78
CA ALA J 9 90.44 83.80 57.89
C ALA J 9 90.57 82.37 58.38
N ASP J 10 91.78 82.04 58.83
CA ASP J 10 92.07 80.74 59.42
C ASP J 10 91.40 80.61 60.79
N ALA J 11 91.57 79.45 61.41
CA ALA J 11 91.15 79.24 62.79
C ALA J 11 92.35 78.96 63.70
N GLN J 12 93.52 79.43 63.32
CA GLN J 12 94.70 79.25 64.15
C GLN J 12 94.65 80.18 65.36
N ALA J 13 95.59 79.96 66.28
CA ALA J 13 95.74 80.85 67.43
C ALA J 13 95.87 82.29 66.96
N THR J 14 96.83 82.56 66.08
CA THR J 14 96.84 83.80 65.34
C THR J 14 96.30 83.51 63.95
N PRO J 15 95.08 83.93 63.61
CA PRO J 15 94.49 83.56 62.33
C PRO J 15 95.34 84.02 61.15
N VAL J 16 95.30 83.22 60.08
CA VAL J 16 96.06 83.47 58.86
C VAL J 16 95.07 83.59 57.70
N ASN J 17 95.18 84.67 56.94
CA ASN J 17 94.27 84.88 55.81
C ASN J 17 94.64 83.93 54.67
N HIS J 18 93.67 83.14 54.22
CA HIS J 18 93.81 82.33 53.03
C HIS J 18 93.11 83.05 51.88
N THR J 19 93.83 83.23 50.77
CA THR J 19 93.32 83.96 49.62
C THR J 19 93.00 82.95 48.52
N PHE J 20 91.71 82.82 48.20
CA PHE J 20 91.21 81.94 47.14
C PHE J 20 91.14 82.75 45.85
N VAL J 21 92.10 82.52 44.97
CA VAL J 21 92.13 83.16 43.66
C VAL J 21 91.06 82.53 42.77
N PRO J 22 90.34 83.30 41.95
CA PRO J 22 89.34 82.68 41.07
C PRO J 22 90.01 81.87 39.98
N ILE J 23 89.70 80.58 39.93
CA ILE J 23 90.15 79.72 38.84
C ILE J 23 89.22 79.81 37.65
N GLY J 24 87.92 79.85 37.88
CA GLY J 24 87.00 80.00 36.79
C GLY J 24 85.83 79.03 36.87
N PRO J 25 84.97 79.05 35.85
CA PRO J 25 83.81 78.16 35.87
C PRO J 25 84.21 76.72 35.60
N ASP J 26 83.40 75.81 36.14
CA ASP J 26 83.63 74.37 35.96
C ASP J 26 83.41 73.99 34.51
N PRO J 27 84.33 73.26 33.88
CA PRO J 27 84.14 72.88 32.47
C PRO J 27 82.87 72.08 32.23
N LYS J 28 82.50 71.21 33.18
CA LYS J 28 81.32 70.36 32.99
C LYS J 28 80.03 71.14 33.22
N ASP J 29 80.00 72.03 34.20
CA ASP J 29 78.78 72.76 34.57
C ASP J 29 79.07 74.26 34.58
N ALA J 30 78.36 75.01 33.74
CA ALA J 30 78.55 76.45 33.66
C ALA J 30 77.98 77.20 34.85
N THR J 31 77.22 76.54 35.72
CA THR J 31 76.58 77.19 36.86
C THR J 31 77.41 77.19 38.11
N ILE J 32 78.58 76.54 38.10
CA ILE J 32 79.38 76.40 39.30
C ILE J 32 80.76 77.00 39.01
N TYR J 33 81.26 77.81 39.94
CA TYR J 33 82.47 78.60 39.77
C TYR J 33 83.44 78.26 40.90
N TRP J 34 84.73 78.22 40.56
CA TRP J 34 85.77 77.69 41.43
C TRP J 34 86.83 78.74 41.74
N TRP J 35 87.08 78.94 43.02
CA TRP J 35 88.22 79.65 43.58
C TRP J 35 89.15 78.65 44.26
N GLU J 36 90.44 78.97 44.32
CA GLU J 36 91.46 78.05 44.82
C GLU J 36 92.51 78.78 45.63
N ASP J 37 92.78 78.28 46.83
CA ASP J 37 93.88 78.73 47.68
C ASP J 37 95.11 77.91 47.33
N GLN J 38 96.10 78.58 46.74
CA GLN J 38 97.29 77.98 46.16
C GLN J 38 98.50 78.10 47.06
N SER J 39 98.29 78.29 48.36
CA SER J 39 99.38 78.50 49.31
C SER J 39 99.92 77.20 49.89
N GLN J 40 99.37 76.06 49.51
CA GLN J 40 99.73 74.79 50.11
C GLN J 40 100.97 74.23 49.40
N ALA J 41 101.38 73.01 49.76
CA ALA J 41 102.66 72.47 49.30
C ALA J 41 102.70 72.27 47.79
N SER J 42 101.84 71.39 47.29
CA SER J 42 101.75 71.13 45.86
C SER J 42 100.28 71.19 45.46
N PRO J 43 99.98 71.35 44.17
CA PRO J 43 98.60 71.65 43.76
C PRO J 43 97.57 70.62 44.18
N ALA J 44 97.97 69.39 44.48
CA ALA J 44 97.02 68.38 44.91
C ALA J 44 96.40 68.71 46.27
N GLY J 45 97.06 69.55 47.08
CA GLY J 45 96.58 69.96 48.38
C GLY J 45 96.03 71.37 48.45
N TYR J 46 95.82 72.02 47.30
CA TYR J 46 95.26 73.36 47.25
C TYR J 46 93.83 73.35 47.79
N TRP J 47 93.49 74.34 48.60
CA TRP J 47 92.13 74.38 49.13
C TRP J 47 91.18 75.00 48.10
N ARG J 48 89.95 74.53 48.06
CA ARG J 48 89.06 74.94 46.99
C ARG J 48 87.73 75.41 47.55
N LEU J 49 87.09 76.31 46.81
CA LEU J 49 85.82 76.89 47.18
C LEU J 49 84.99 77.00 45.91
N SER J 50 83.79 76.41 45.92
CA SER J 50 82.92 76.38 44.76
C SER J 50 81.58 77.02 45.12
N MET J 51 81.10 77.91 44.26
CA MET J 51 79.78 78.52 44.43
C MET J 51 78.96 78.30 43.17
N GLN J 52 77.71 77.85 43.35
CA GLN J 52 76.85 77.45 42.25
C GLN J 52 75.47 78.07 42.39
N LEU J 53 74.98 78.65 41.29
CA LEU J 53 73.67 79.28 41.24
C LEU J 53 72.89 78.68 40.08
N VAL J 54 71.86 77.90 40.40
CA VAL J 54 71.04 77.23 39.40
C VAL J 54 69.68 77.92 39.38
N ARG J 55 69.49 78.77 38.36
CA ARG J 55 68.24 79.42 38.03
C ARG J 55 67.40 78.53 37.15
N PRO J 56 66.09 78.46 37.38
CA PRO J 56 65.22 77.77 36.43
C PRO J 56 65.06 78.58 35.14
N ALA J 57 64.65 77.87 34.07
CA ALA J 57 64.57 78.50 32.76
C ALA J 57 63.47 79.55 32.73
N PRO J 58 63.67 80.68 32.05
CA PRO J 58 62.64 81.74 32.05
C PRO J 58 61.32 81.27 31.42
N ALA J 59 60.24 81.43 32.17
CA ALA J 59 58.93 81.04 31.69
C ALA J 59 57.84 81.83 32.40
N THR J 65 54.43 75.14 37.88
CA THR J 65 55.20 76.38 37.75
C THR J 65 55.28 77.16 39.07
N ASN J 66 54.53 76.71 40.08
CA ASN J 66 54.77 77.16 41.45
C ASN J 66 55.72 76.24 42.19
N GLN J 67 56.32 75.28 41.48
CA GLN J 67 57.37 74.42 42.00
C GLN J 67 58.70 74.74 41.32
N ARG J 68 58.95 76.02 41.07
CA ARG J 68 60.18 76.46 40.41
C ARG J 68 61.08 77.02 41.50
N MET J 69 62.24 76.43 41.68
CA MET J 69 63.07 76.78 42.81
C MET J 69 64.49 77.06 42.34
N ILE J 70 65.06 78.14 42.86
CA ILE J 70 66.44 78.51 42.62
C ILE J 70 67.31 77.83 43.66
N ARG J 71 68.41 77.23 43.22
CA ARG J 71 69.30 76.56 44.15
C ARG J 71 70.65 77.26 44.20
N VAL J 72 71.27 77.28 45.38
CA VAL J 72 72.59 77.87 45.56
C VAL J 72 73.41 76.90 46.41
N ARG J 73 74.57 76.51 45.92
CA ARG J 73 75.43 75.56 46.64
C ARG J 73 76.81 76.18 46.83
N VAL J 74 77.24 76.26 48.09
CA VAL J 74 78.57 76.71 48.46
C VAL J 74 79.31 75.54 49.08
N SER J 75 80.49 75.23 48.56
CA SER J 75 81.23 74.05 48.98
C SER J 75 82.69 74.41 49.23
N THR J 76 83.25 73.94 50.34
CA THR J 76 84.65 74.20 50.69
C THR J 76 85.36 72.89 50.93
N PHE J 77 86.50 72.71 50.26
CA PHE J 77 87.34 71.53 50.40
C PHE J 77 88.70 71.95 50.92
N GLU J 78 89.17 71.28 51.98
CA GLU J 78 90.46 71.59 52.60
C GLU J 78 91.31 70.33 52.72
N PRO J 79 91.82 69.81 51.61
CA PRO J 79 92.63 68.59 51.67
C PRO J 79 93.92 68.80 52.43
N ILE J 80 94.35 67.75 53.13
CA ILE J 80 95.56 67.76 53.95
C ILE J 80 96.55 66.78 53.33
N LEU J 81 97.70 67.29 52.88
CA LEU J 81 98.69 66.45 52.24
C LEU J 81 99.51 65.69 53.27
N GLU J 82 100.08 64.56 52.84
CA GLU J 82 101.00 63.81 53.68
C GLU J 82 102.36 64.51 53.70
N VAL J 83 103.03 64.44 54.85
CA VAL J 83 104.30 65.13 55.01
C VAL J 83 105.39 64.44 54.19
N ALA J 84 106.38 65.22 53.77
CA ALA J 84 107.48 64.66 53.00
C ALA J 84 108.12 63.49 53.73
N VAL J 85 108.48 62.45 52.96
CA VAL J 85 109.02 61.21 53.53
C VAL J 85 110.51 61.34 53.78
N THR J 86 110.98 60.72 54.87
CA THR J 86 112.41 60.69 55.18
C THR J 86 113.07 59.42 54.66
N ALA J 87 112.28 58.38 54.40
CA ALA J 87 112.83 57.11 53.94
C ALA J 87 111.70 56.26 53.38
N THR J 88 111.94 55.62 52.24
CA THR J 88 111.01 54.67 51.68
C THR J 88 111.75 53.38 51.35
N TYR J 89 111.02 52.38 50.88
CA TYR J 89 111.65 51.07 50.66
C TYR J 89 112.64 51.12 49.52
N SER J 90 112.37 51.94 48.51
CA SER J 90 113.19 52.01 47.30
C SER J 90 114.14 53.18 47.31
N GLY J 91 113.94 54.18 48.16
CA GLY J 91 114.79 55.35 48.18
C GLY J 91 114.31 56.49 47.32
N ILE J 92 113.22 56.32 46.58
CA ILE J 92 112.62 57.39 45.78
C ILE J 92 111.38 57.88 46.50
N ALA J 93 111.30 59.18 46.72
CA ALA J 93 110.16 59.74 47.45
C ALA J 93 108.89 59.64 46.63
N PRO J 94 107.77 59.27 47.24
CA PRO J 94 106.51 59.15 46.48
C PRO J 94 105.96 60.51 46.07
N SER J 95 105.10 60.48 45.07
CA SER J 95 104.43 61.68 44.61
C SER J 95 103.59 62.27 45.74
N PRO J 96 103.38 63.59 45.76
CA PRO J 96 102.54 64.18 46.81
C PRO J 96 101.16 63.55 46.80
N THR J 97 100.74 63.04 47.96
CA THR J 97 99.48 62.34 48.07
C THR J 97 98.62 63.00 49.14
N VAL J 98 97.30 62.87 48.98
CA VAL J 98 96.35 63.48 49.88
C VAL J 98 96.04 62.49 50.99
N SER J 99 96.21 62.94 52.25
CA SER J 99 95.97 62.06 53.39
C SER J 99 94.49 61.90 53.68
N TYR J 100 93.77 63.01 53.81
CA TYR J 100 92.34 63.01 54.08
C TYR J 100 91.79 64.37 53.72
N VAL J 101 90.48 64.44 53.55
CA VAL J 101 89.87 65.70 53.11
C VAL J 101 88.65 66.06 53.93
N PRO J 102 88.76 66.97 54.89
CA PRO J 102 87.56 67.55 55.50
C PRO J 102 86.91 68.52 54.53
N LYS J 103 85.58 68.46 54.45
CA LYS J 103 84.89 69.30 53.48
C LYS J 103 83.51 69.68 54.00
N ALA J 104 82.91 70.66 53.34
CA ALA J 104 81.59 71.15 53.73
C ALA J 104 80.80 71.54 52.49
N PHE J 105 79.49 71.29 52.54
CA PHE J 105 78.58 71.48 51.42
C PHE J 105 77.31 72.11 51.96
N THR J 106 76.95 73.30 51.49
CA THR J 106 75.74 73.99 51.92
C THR J 106 74.87 74.29 50.70
N GLU J 107 73.57 74.00 50.79
CA GLU J 107 72.63 74.19 49.71
C GLU J 107 71.44 74.97 50.20
N PHE J 108 71.15 76.08 49.53
CA PHE J 108 69.96 76.87 49.74
C PHE J 108 68.96 76.52 48.65
N VAL J 109 67.73 76.22 49.05
CA VAL J 109 66.59 76.03 48.16
C VAL J 109 65.69 77.24 48.36
N LEU J 110 65.57 78.06 47.33
CA LEU J 110 64.88 79.34 47.40
C LEU J 110 63.78 79.35 46.37
N PRO J 111 62.51 79.16 46.76
CA PRO J 111 61.42 79.21 45.77
C PRO J 111 61.38 80.54 45.04
N GLU J 112 60.96 80.50 43.78
CA GLU J 112 60.97 81.69 42.94
C GLU J 112 60.01 82.75 43.46
N ARG J 113 58.99 82.34 44.21
CA ARG J 113 58.08 83.30 44.84
C ARG J 113 58.67 83.97 46.07
N ALA J 114 59.83 83.54 46.55
CA ALA J 114 60.35 84.02 47.82
C ALA J 114 60.93 85.41 47.66
N THR J 115 60.63 86.28 48.62
CA THR J 115 61.01 87.68 48.53
C THR J 115 62.44 87.88 49.05
N LEU J 116 63.01 89.03 48.66
CA LEU J 116 64.36 89.37 49.10
C LEU J 116 64.50 89.27 50.61
N ASP J 117 63.45 89.65 51.35
CA ASP J 117 63.50 89.53 52.80
C ASP J 117 63.64 88.08 53.22
N ASN J 118 62.89 87.18 52.59
CA ASN J 118 62.99 85.76 52.89
C ASN J 118 64.40 85.23 52.63
N ARG J 119 65.00 85.65 51.51
CA ARG J 119 66.34 85.18 51.17
C ARG J 119 67.37 85.68 52.17
N LYS J 120 67.29 86.98 52.53
CA LYS J 120 68.20 87.53 53.53
C LYS J 120 68.04 86.80 54.86
N ASP J 121 66.79 86.50 55.24
CA ASP J 121 66.51 85.77 56.48
C ASP J 121 67.18 84.41 56.47
N ILE J 122 66.94 83.61 55.42
CA ILE J 122 67.46 82.24 55.41
C ILE J 122 68.98 82.23 55.38
N ARG J 123 69.59 83.13 54.59
CA ARG J 123 71.05 83.18 54.54
C ARG J 123 71.64 83.56 55.89
N LYS J 124 71.22 84.71 56.46
CA LYS J 124 71.77 85.16 57.73
C LYS J 124 71.55 84.11 58.82
N MET J 125 70.36 83.53 58.87
CA MET J 125 70.00 82.68 59.99
C MET J 125 70.70 81.32 59.90
N HIS J 126 70.86 80.77 58.70
CA HIS J 126 71.60 79.53 58.57
C HIS J 126 73.08 79.74 58.88
N ALA J 127 73.68 80.80 58.32
CA ALA J 127 75.08 81.10 58.62
C ALA J 127 75.30 81.23 60.11
N LEU J 128 74.36 81.89 60.81
CA LEU J 128 74.44 81.97 62.26
C LEU J 128 74.29 80.60 62.90
N ALA J 129 73.37 79.77 62.38
CA ALA J 129 73.13 78.44 62.94
C ALA J 129 74.38 77.58 62.89
N LEU J 130 75.30 77.88 61.96
CA LEU J 130 76.58 77.17 61.93
C LEU J 130 77.56 77.64 63.00
N THR J 131 77.26 78.73 63.71
CA THR J 131 78.18 79.26 64.71
C THR J 131 77.64 79.19 66.13
N THR J 132 76.50 78.53 66.33
CA THR J 132 75.94 78.38 67.66
C THR J 132 76.85 77.51 68.52
N SER J 133 76.68 77.61 69.85
CA SER J 133 77.48 76.80 70.75
C SER J 133 77.25 75.31 70.49
N GLU J 134 76.01 74.95 70.17
CA GLU J 134 75.70 73.57 69.83
C GLU J 134 76.41 73.13 68.54
N ALA J 135 76.39 73.97 67.51
CA ALA J 135 77.07 73.64 66.27
C ALA J 135 78.58 73.50 66.49
N ILE J 136 79.16 74.35 67.33
CA ILE J 136 80.59 74.27 67.59
C ILE J 136 80.91 73.00 68.37
N ALA J 137 80.04 72.64 69.33
CA ALA J 137 80.26 71.41 70.08
C ALA J 137 80.16 70.18 69.19
N MET J 138 79.26 70.21 68.20
CA MET J 138 79.07 69.04 67.33
C MET J 138 80.20 68.92 66.32
N ILE J 139 80.60 70.02 65.69
CA ILE J 139 81.58 69.93 64.60
C ILE J 139 83.00 69.87 65.14
N GLU J 140 83.31 70.63 66.20
CA GLU J 140 84.68 70.69 66.68
C GLU J 140 84.95 69.64 67.76
N SER J 141 84.07 69.53 68.74
CA SER J 141 84.27 68.62 69.86
C SER J 141 83.54 67.29 69.67
N LEU J 142 82.70 67.18 68.66
CA LEU J 142 82.07 65.91 68.32
C LEU J 142 81.16 65.42 69.45
N GLN J 143 80.26 66.30 69.88
CA GLN J 143 79.33 66.00 70.97
C GLN J 143 77.91 66.24 70.49
N PHE J 144 77.02 65.34 70.85
CA PHE J 144 75.61 65.48 70.54
C PHE J 144 74.90 66.20 71.69
N VAL J 145 73.64 66.59 71.45
CA VAL J 145 72.81 67.24 72.47
C VAL J 145 71.89 66.19 73.11
N TYR J 146 71.76 66.27 74.43
CA TYR J 146 71.04 65.25 75.20
C TYR J 146 69.96 65.87 76.10
N PRO K 1 82.24 93.54 23.67
CA PRO K 1 81.97 94.40 24.82
C PRO K 1 81.87 93.61 26.11
N GLN K 2 82.11 94.28 27.24
CA GLN K 2 82.02 93.60 28.52
C GLN K 2 80.55 93.50 28.96
N ALA K 3 80.31 92.59 29.90
CA ALA K 3 78.97 92.49 30.48
C ALA K 3 78.72 93.71 31.36
N ALA K 4 77.71 94.49 31.02
CA ALA K 4 77.36 95.68 31.77
C ALA K 4 75.84 95.78 31.90
N ASP K 5 75.41 96.65 32.80
CA ASP K 5 73.98 96.92 32.94
C ASP K 5 73.42 97.43 31.62
N ILE K 6 72.18 97.04 31.33
CA ILE K 6 71.46 97.53 30.15
C ILE K 6 70.22 98.25 30.64
N VAL K 7 70.08 99.52 30.28
CA VAL K 7 68.98 100.33 30.81
C VAL K 7 68.00 100.64 29.69
N ILE K 8 66.73 100.28 29.91
CA ILE K 8 65.68 100.42 28.90
C ILE K 8 64.49 101.13 29.53
N ALA K 9 63.89 102.06 28.78
CA ALA K 9 62.84 102.91 29.30
C ALA K 9 61.47 102.22 29.26
N ASP K 10 60.67 102.50 30.28
CA ASP K 10 59.29 102.03 30.35
C ASP K 10 58.43 102.78 29.32
N ALA K 11 57.20 102.29 29.15
CA ALA K 11 56.22 102.98 28.33
C ALA K 11 55.13 103.67 29.15
N GLN K 12 55.45 104.04 30.39
CA GLN K 12 54.48 104.72 31.22
C GLN K 12 54.34 106.18 30.79
N ALA K 13 53.33 106.85 31.37
CA ALA K 13 53.15 108.28 31.12
C ALA K 13 54.44 109.04 31.39
N THR K 14 54.99 108.87 32.59
CA THR K 14 56.35 109.30 32.87
C THR K 14 57.24 108.07 32.83
N PRO K 15 58.01 107.86 31.77
CA PRO K 15 58.76 106.60 31.62
C PRO K 15 59.69 106.35 32.81
N VAL K 16 59.80 105.07 33.17
CA VAL K 16 60.63 104.60 34.27
C VAL K 16 61.75 103.74 33.70
N ASN K 17 62.99 104.05 34.09
CA ASN K 17 64.13 103.28 33.59
C ASN K 17 64.20 101.95 34.32
N HIS K 18 64.17 100.85 33.56
CA HIS K 18 64.41 99.52 34.08
C HIS K 18 65.86 99.15 33.80
N THR K 19 66.59 98.75 34.84
CA THR K 19 68.00 98.41 34.73
C THR K 19 68.15 96.89 34.78
N PHE K 20 68.63 96.31 33.69
CA PHE K 20 68.88 94.88 33.55
C PHE K 20 70.34 94.60 33.91
N VAL K 21 70.56 94.05 35.09
CA VAL K 21 71.88 93.69 35.61
C VAL K 21 72.26 92.37 34.95
N PRO K 22 73.50 92.17 34.49
CA PRO K 22 73.86 90.87 33.92
C PRO K 22 73.83 89.76 34.95
N ILE K 23 73.07 88.70 34.65
CA ILE K 23 73.08 87.49 35.46
C ILE K 23 74.24 86.61 35.05
N GLY K 24 74.51 86.52 33.75
CA GLY K 24 75.63 85.73 33.31
C GLY K 24 75.27 84.90 32.10
N PRO K 25 76.17 84.03 31.68
CA PRO K 25 75.90 83.16 30.55
C PRO K 25 74.88 82.10 30.93
N ASP K 26 74.22 81.60 29.89
CA ASP K 26 73.20 80.58 30.07
C ASP K 26 73.84 79.31 30.59
N PRO K 27 73.16 78.55 31.46
CA PRO K 27 73.77 77.34 32.03
C PRO K 27 74.11 76.28 30.99
N LYS K 28 73.24 76.13 30.00
CA LYS K 28 73.32 75.02 29.07
C LYS K 28 73.86 75.41 27.70
N ASP K 29 73.80 76.68 27.34
CA ASP K 29 74.32 77.18 26.06
C ASP K 29 75.28 78.33 26.34
N ALA K 30 76.52 78.17 25.87
CA ALA K 30 77.57 79.16 26.08
C ALA K 30 77.48 80.31 25.11
N THR K 31 76.47 80.34 24.23
CA THR K 31 76.34 81.37 23.21
C THR K 31 75.23 82.36 23.51
N ILE K 32 74.58 82.24 24.66
CA ILE K 32 73.47 83.12 25.01
C ILE K 32 73.71 83.64 26.42
N TYR K 33 73.56 84.96 26.59
CA TYR K 33 73.88 85.68 27.83
C TYR K 33 72.62 86.35 28.35
N TRP K 34 72.56 86.53 29.69
CA TRP K 34 71.33 86.87 30.39
C TRP K 34 71.54 88.07 31.31
N TRP K 35 70.69 89.09 31.12
CA TRP K 35 70.48 90.22 32.02
C TRP K 35 69.07 90.14 32.62
N GLU K 36 68.89 90.77 33.77
CA GLU K 36 67.65 90.66 34.55
C GLU K 36 67.33 91.98 35.25
N ASP K 37 66.07 92.39 35.14
CA ASP K 37 65.49 93.51 35.88
C ASP K 37 64.84 92.97 37.14
N GLN K 38 65.51 93.20 38.27
CA GLN K 38 65.20 92.63 39.57
C GLN K 38 64.41 93.58 40.45
N SER K 39 63.72 94.54 39.85
CA SER K 39 62.98 95.55 40.60
C SER K 39 61.61 95.07 41.03
N GLN K 40 61.13 93.97 40.46
CA GLN K 40 59.77 93.51 40.65
C GLN K 40 59.60 92.93 42.05
N ALA K 41 58.39 92.43 42.35
CA ALA K 41 58.03 92.12 43.73
C ALA K 41 58.71 90.85 44.26
N SER K 42 58.80 89.82 43.43
CA SER K 42 59.53 88.60 43.73
C SER K 42 60.18 88.13 42.43
N PRO K 43 61.19 87.26 42.51
CA PRO K 43 61.87 86.85 41.26
C PRO K 43 60.93 86.29 40.19
N ALA K 44 59.81 85.70 40.60
CA ALA K 44 58.84 85.19 39.63
C ALA K 44 58.40 86.25 38.65
N GLY K 45 58.38 87.52 39.09
CA GLY K 45 58.01 88.64 38.27
C GLY K 45 59.14 89.46 37.69
N TYR K 46 60.40 89.06 37.90
CA TYR K 46 61.52 89.81 37.33
C TYR K 46 61.47 89.76 35.81
N TRP K 47 61.97 90.82 35.16
CA TRP K 47 61.98 90.83 33.70
C TRP K 47 63.35 90.44 33.17
N ARG K 48 63.38 89.67 32.09
CA ARG K 48 64.64 89.09 31.64
C ARG K 48 64.92 89.48 30.20
N LEU K 49 66.20 89.62 29.88
CA LEU K 49 66.67 89.94 28.54
C LEU K 49 67.83 89.01 28.22
N SER K 50 67.80 88.42 27.02
CA SER K 50 68.80 87.43 26.61
C SER K 50 69.30 87.77 25.21
N MET K 51 70.61 87.70 25.01
CA MET K 51 71.20 87.94 23.70
C MET K 51 72.10 86.77 23.31
N GLN K 52 71.97 86.31 22.07
CA GLN K 52 72.66 85.10 21.60
C GLN K 52 73.30 85.35 20.25
N LEU K 53 74.58 84.99 20.14
CA LEU K 53 75.32 85.07 18.89
C LEU K 53 75.83 83.68 18.55
N VAL K 54 75.40 83.15 17.42
CA VAL K 54 75.78 81.83 16.95
C VAL K 54 76.56 82.01 15.66
N ARG K 55 77.85 81.81 15.73
CA ARG K 55 78.89 81.86 14.70
C ARG K 55 79.11 80.47 14.13
N PRO K 56 79.41 80.36 12.84
CA PRO K 56 79.75 79.06 12.27
C PRO K 56 81.19 78.66 12.56
N ALA K 57 81.47 77.38 12.36
CA ALA K 57 82.82 76.88 12.57
C ALA K 57 83.77 77.56 11.58
N PRO K 58 85.03 77.76 11.95
CA PRO K 58 85.92 78.57 11.11
C PRO K 58 86.07 77.98 9.73
N ALA K 59 86.27 78.85 8.75
CA ALA K 59 86.31 78.43 7.35
C ALA K 59 87.56 77.62 7.08
N LYS K 60 87.42 76.62 6.21
CA LYS K 60 88.54 75.79 5.81
C LYS K 60 89.15 76.33 4.51
N ALA K 61 90.42 75.99 4.30
CA ALA K 61 91.13 76.48 3.13
C ALA K 61 90.48 75.96 1.86
N GLY K 62 90.16 76.86 0.94
CA GLY K 62 89.50 76.49 -0.29
C GLY K 62 88.02 76.17 -0.17
N GLN K 63 87.47 76.17 1.04
CA GLN K 63 86.04 75.89 1.23
C GLN K 63 85.20 77.05 0.71
N ASN K 64 84.03 76.72 0.15
CA ASN K 64 83.11 77.71 -0.38
C ASN K 64 82.21 78.21 0.75
N THR K 65 82.20 79.51 0.98
CA THR K 65 81.56 80.08 2.17
C THR K 65 80.18 80.67 1.89
N ASN K 66 79.63 80.48 0.68
CA ASN K 66 78.39 81.23 0.41
C ASN K 66 77.22 80.63 1.06
N GLN K 67 77.39 79.60 1.89
CA GLN K 67 76.25 79.07 2.61
C GLN K 67 76.35 79.22 4.14
N ARG K 68 77.48 79.66 4.66
CA ARG K 68 77.66 79.78 6.10
C ARG K 68 76.95 81.04 6.58
N MET K 69 76.33 80.98 7.76
CA MET K 69 75.51 82.08 8.24
C MET K 69 75.67 82.26 9.75
N ILE K 70 75.46 83.49 10.20
CA ILE K 70 75.56 83.90 11.59
C ILE K 70 74.16 84.28 12.07
N ARG K 71 73.80 83.85 13.27
CA ARG K 71 72.48 84.15 13.81
C ARG K 71 72.61 84.95 15.09
N VAL K 72 71.73 85.93 15.27
CA VAL K 72 71.66 86.73 16.48
C VAL K 72 70.23 86.72 16.98
N ARG K 73 70.03 86.39 18.25
CA ARG K 73 68.69 86.31 18.83
C ARG K 73 68.64 87.17 20.09
N VAL K 74 67.71 88.11 20.11
CA VAL K 74 67.43 88.92 21.29
C VAL K 74 66.04 88.54 21.79
N SER K 75 65.91 88.42 23.11
CA SER K 75 64.66 87.93 23.67
C SER K 75 64.36 88.69 24.96
N THR K 76 63.12 89.14 25.11
CA THR K 76 62.70 89.86 26.31
C THR K 76 61.45 89.20 26.89
N PHE K 77 61.48 88.97 28.20
CA PHE K 77 60.38 88.34 28.92
C PHE K 77 59.93 89.28 30.03
N GLU K 78 58.64 89.60 30.04
CA GLU K 78 58.06 90.54 31.01
C GLU K 78 56.87 89.92 31.72
N PRO K 79 57.11 88.97 32.63
CA PRO K 79 55.99 88.37 33.36
C PRO K 79 55.27 89.38 34.24
N ILE K 80 53.95 89.22 34.33
CA ILE K 80 53.09 90.08 35.13
C ILE K 80 52.55 89.25 36.28
N LEU K 81 52.57 89.81 37.49
CA LEU K 81 52.14 89.09 38.67
C LEU K 81 50.68 89.40 38.99
N GLU K 82 50.13 88.57 39.89
CA GLU K 82 48.81 88.76 40.48
C GLU K 82 48.87 88.30 41.92
N VAL K 83 47.96 88.84 42.74
CA VAL K 83 47.91 88.56 44.16
C VAL K 83 46.48 88.19 44.55
N ALA K 84 46.36 87.28 45.52
CA ALA K 84 45.05 86.81 45.95
C ALA K 84 44.37 87.77 46.94
N VAL K 85 45.14 88.58 47.66
CA VAL K 85 44.61 89.52 48.62
C VAL K 85 45.61 90.66 48.79
N THR K 86 45.11 91.86 49.04
CA THR K 86 45.92 93.07 48.93
C THR K 86 46.42 93.61 50.27
N ALA K 87 46.07 93.00 51.40
CA ALA K 87 46.51 93.49 52.70
C ALA K 87 47.38 92.43 53.38
N THR K 88 47.85 92.77 54.57
CA THR K 88 48.64 91.87 55.39
C THR K 88 47.91 91.63 56.71
N TYR K 89 47.82 90.37 57.11
CA TYR K 89 47.14 89.96 58.33
C TYR K 89 48.14 89.30 59.25
N SER K 90 48.24 89.80 60.50
CA SER K 90 49.04 89.14 61.53
C SER K 90 50.45 88.82 61.02
N GLY K 91 51.03 89.79 60.31
CA GLY K 91 52.37 89.65 59.78
C GLY K 91 52.51 88.77 58.56
N ILE K 92 51.43 88.26 57.99
CA ILE K 92 51.50 87.42 56.81
C ILE K 92 51.29 88.30 55.59
N ALA K 93 52.33 88.42 54.76
CA ALA K 93 52.09 89.29 53.63
C ALA K 93 51.53 88.50 52.44
N PRO K 94 50.84 89.19 51.53
CA PRO K 94 50.42 88.55 50.30
C PRO K 94 51.62 88.16 49.45
N SER K 95 51.57 86.94 48.90
CA SER K 95 52.66 86.43 48.09
C SER K 95 52.16 86.30 46.65
N PRO K 96 52.67 87.09 45.73
CA PRO K 96 52.15 87.06 44.36
C PRO K 96 52.63 85.87 43.56
N THR K 97 51.82 85.48 42.58
CA THR K 97 52.19 84.46 41.60
C THR K 97 52.17 85.08 40.21
N VAL K 98 52.73 84.35 39.25
CA VAL K 98 52.71 84.83 37.89
C VAL K 98 51.31 84.66 37.32
N SER K 99 50.84 85.69 36.60
CA SER K 99 49.52 85.69 36.00
C SER K 99 49.57 85.39 34.51
N TYR K 100 50.47 86.05 33.78
CA TYR K 100 50.68 85.80 32.36
C TYR K 100 52.04 86.37 31.98
N VAL K 101 52.57 85.92 30.85
CA VAL K 101 53.89 86.38 30.43
C VAL K 101 53.87 86.86 28.99
N PRO K 102 53.79 88.16 28.76
CA PRO K 102 54.08 88.69 27.41
C PRO K 102 55.57 88.63 27.15
N LYS K 103 55.93 88.31 25.90
CA LYS K 103 57.34 88.16 25.59
C LYS K 103 57.57 88.48 24.11
N ALA K 104 58.83 88.68 23.77
CA ALA K 104 59.22 89.02 22.41
C ALA K 104 60.52 88.34 22.06
N PHE K 105 60.62 87.89 20.80
CA PHE K 105 61.75 87.12 20.32
C PHE K 105 62.12 87.66 18.94
N THR K 106 63.35 88.13 18.76
CA THR K 106 63.85 88.64 17.48
C THR K 106 65.08 87.84 17.05
N GLU K 107 65.12 87.48 15.76
CA GLU K 107 66.22 86.71 15.19
C GLU K 107 66.70 87.37 13.91
N PHE K 108 67.98 87.71 13.87
CA PHE K 108 68.66 88.16 12.68
C PHE K 108 69.42 86.98 12.07
N VAL K 109 69.21 86.76 10.78
CA VAL K 109 69.98 85.82 9.99
C VAL K 109 70.88 86.65 9.08
N LEU K 110 72.18 86.67 9.40
CA LEU K 110 73.18 87.44 8.69
C LEU K 110 74.13 86.49 7.99
N PRO K 111 74.04 86.33 6.66
CA PRO K 111 75.00 85.46 5.98
C PRO K 111 76.42 85.99 6.16
N GLU K 112 77.36 85.05 6.37
CA GLU K 112 78.72 85.44 6.72
C GLU K 112 79.36 86.32 5.67
N ARG K 113 78.99 86.17 4.40
CA ARG K 113 79.56 87.01 3.35
C ARG K 113 79.01 88.42 3.31
N ALA K 114 78.14 88.80 4.23
CA ALA K 114 77.47 90.10 4.12
C ALA K 114 78.39 91.22 4.58
N THR K 115 78.17 92.40 4.03
CA THR K 115 78.96 93.58 4.36
C THR K 115 78.51 94.18 5.69
N LEU K 116 79.45 94.87 6.35
CA LEU K 116 79.09 95.70 7.49
C LEU K 116 77.92 96.61 7.14
N ASP K 117 77.90 97.13 5.92
CA ASP K 117 76.79 97.97 5.50
C ASP K 117 75.48 97.20 5.49
N ASN K 118 75.50 95.96 4.97
CA ASN K 118 74.29 95.14 4.98
C ASN K 118 73.80 94.90 6.39
N ARG K 119 74.72 94.67 7.33
CA ARG K 119 74.33 94.40 8.71
C ARG K 119 73.75 95.63 9.38
N LYS K 120 74.39 96.79 9.18
CA LYS K 120 73.83 98.04 9.70
C LYS K 120 72.45 98.30 9.13
N ASP K 121 72.28 98.03 7.83
CA ASP K 121 70.99 98.20 7.17
C ASP K 121 69.91 97.35 7.83
N ILE K 122 70.16 96.04 7.94
CA ILE K 122 69.13 95.15 8.44
C ILE K 122 68.80 95.47 9.90
N ARG K 123 69.82 95.77 10.72
CA ARG K 123 69.58 96.11 12.11
C ARG K 123 68.72 97.37 12.22
N LYS K 124 69.21 98.48 11.65
CA LYS K 124 68.48 99.75 11.77
C LYS K 124 67.07 99.63 11.22
N MET K 125 66.93 99.00 10.05
CA MET K 125 65.64 99.03 9.36
C MET K 125 64.62 98.13 10.06
N HIS K 126 65.06 96.99 10.61
CA HIS K 126 64.12 96.17 11.36
C HIS K 126 63.71 96.87 12.66
N ALA K 127 64.69 97.42 13.40
CA ALA K 127 64.36 98.14 14.62
C ALA K 127 63.36 99.25 14.34
N LEU K 128 63.53 99.93 13.20
CA LEU K 128 62.57 100.96 12.82
C LEU K 128 61.22 100.36 12.46
N ALA K 129 61.23 99.22 11.76
CA ALA K 129 59.97 98.59 11.37
C ALA K 129 59.14 98.19 12.58
N LEU K 130 59.80 97.98 13.73
CA LEU K 130 59.05 97.73 14.96
C LEU K 130 58.38 98.97 15.54
N THR K 131 58.70 100.16 15.04
CA THR K 131 58.15 101.40 15.58
C THR K 131 57.25 102.12 14.59
N THR K 132 56.97 101.54 13.43
CA THR K 132 56.09 102.16 12.45
C THR K 132 54.67 102.26 13.02
N SER K 133 53.89 103.20 12.46
CA SER K 133 52.52 103.37 12.91
C SER K 133 51.72 102.09 12.75
N GLU K 134 52.00 101.33 11.69
CA GLU K 134 51.33 100.05 11.48
C GLU K 134 51.73 99.03 12.55
N ALA K 135 53.02 98.95 12.87
CA ALA K 135 53.45 98.05 13.94
C ALA K 135 52.83 98.42 15.28
N ILE K 136 52.72 99.72 15.55
CA ILE K 136 52.12 100.14 16.80
C ILE K 136 50.63 99.81 16.82
N ALA K 137 49.94 100.02 15.70
CA ALA K 137 48.53 99.65 15.62
C ALA K 137 48.31 98.16 15.78
N MET K 138 49.25 97.33 15.31
CA MET K 138 49.05 95.89 15.39
C MET K 138 49.41 95.33 16.77
N ILE K 139 50.48 95.83 17.39
CA ILE K 139 50.91 95.29 18.68
C ILE K 139 50.16 95.92 19.85
N GLU K 140 49.97 97.23 19.82
CA GLU K 140 49.32 97.91 20.94
C GLU K 140 47.81 97.95 20.78
N SER K 141 47.33 98.34 19.61
CA SER K 141 45.90 98.50 19.36
C SER K 141 45.24 97.23 18.82
N LEU K 142 46.02 96.24 18.42
CA LEU K 142 45.47 94.95 17.99
C LEU K 142 44.54 95.08 16.79
N GLN K 143 44.97 95.87 15.80
CA GLN K 143 44.22 96.09 14.58
C GLN K 143 45.10 95.78 13.38
N PHE K 144 44.61 94.90 12.51
CA PHE K 144 45.30 94.56 11.28
C PHE K 144 45.10 95.65 10.22
N VAL K 145 45.77 95.52 9.09
CA VAL K 145 45.66 96.46 7.97
C VAL K 145 44.68 95.90 6.94
N TYR K 146 43.73 96.72 6.52
CA TYR K 146 42.67 96.30 5.61
C TYR K 146 42.61 97.18 4.36
N PRO L 1 92.02 85.63 35.74
CA PRO L 1 92.00 86.90 35.01
C PRO L 1 90.76 87.03 34.13
N GLN L 2 90.00 88.10 34.27
CA GLN L 2 88.82 88.27 33.43
C GLN L 2 89.23 88.43 31.98
N ALA L 3 88.40 87.93 31.07
CA ALA L 3 88.73 88.00 29.66
C ALA L 3 88.75 89.45 29.19
N ALA L 4 89.78 89.81 28.43
CA ALA L 4 89.87 91.15 27.85
C ALA L 4 90.61 91.06 26.53
N ASP L 5 90.61 92.18 25.80
CA ASP L 5 91.27 92.24 24.51
C ASP L 5 92.74 91.85 24.66
N ILE L 6 93.25 91.12 23.67
CA ILE L 6 94.66 90.73 23.62
C ILE L 6 95.28 91.43 22.42
N VAL L 7 96.28 92.27 22.64
CA VAL L 7 96.87 93.05 21.57
C VAL L 7 98.27 92.54 21.28
N ILE L 8 98.51 92.15 20.03
CA ILE L 8 99.76 91.55 19.60
C ILE L 8 100.27 92.31 18.38
N ALA L 9 101.57 92.59 18.36
CA ALA L 9 102.15 93.40 17.29
C ALA L 9 102.38 92.58 16.03
N ASP L 10 102.23 93.25 14.88
CA ASP L 10 102.51 92.65 13.59
C ASP L 10 104.01 92.49 13.41
N ALA L 11 104.40 91.95 12.25
CA ALA L 11 105.81 91.86 11.87
C ALA L 11 106.14 92.72 10.67
N GLN L 12 105.38 93.80 10.44
CA GLN L 12 105.61 94.64 9.29
C GLN L 12 106.80 95.57 9.53
N ALA L 13 107.18 96.29 8.47
CA ALA L 13 108.21 97.32 8.58
C ALA L 13 107.92 98.23 9.76
N THR L 14 106.76 98.87 9.76
CA THR L 14 106.24 99.50 10.95
C THR L 14 105.22 98.56 11.56
N PRO L 15 105.52 97.92 12.69
CA PRO L 15 104.57 96.96 13.27
C PRO L 15 103.20 97.57 13.46
N VAL L 16 102.17 96.78 13.16
CA VAL L 16 100.77 97.18 13.28
C VAL L 16 100.10 96.32 14.35
N ASN L 17 99.48 96.96 15.33
CA ASN L 17 98.87 96.23 16.42
C ASN L 17 97.58 95.55 15.96
N HIS L 18 97.47 94.26 16.21
CA HIS L 18 96.24 93.51 16.00
C HIS L 18 95.56 93.29 17.35
N THR L 19 94.29 93.67 17.43
CA THR L 19 93.51 93.54 18.67
C THR L 19 92.56 92.35 18.53
N PHE L 20 92.74 91.36 19.40
CA PHE L 20 91.92 90.15 19.46
C PHE L 20 90.86 90.34 20.55
N VAL L 21 89.63 90.59 20.12
CA VAL L 21 88.49 90.72 21.02
C VAL L 21 88.05 89.33 21.43
N PRO L 22 87.77 89.06 22.71
CA PRO L 22 87.29 87.72 23.08
C PRO L 22 85.94 87.42 22.44
N ILE L 23 85.87 86.25 21.81
CA ILE L 23 84.59 85.67 21.40
C ILE L 23 83.96 84.89 22.55
N GLY L 24 84.78 84.24 23.36
CA GLY L 24 84.26 83.50 24.47
C GLY L 24 84.68 82.04 24.45
N PRO L 25 84.12 81.25 25.35
CA PRO L 25 84.51 79.83 25.40
C PRO L 25 83.87 79.05 24.27
N ASP L 26 84.61 78.04 23.80
CA ASP L 26 84.10 77.17 22.76
C ASP L 26 82.85 76.47 23.26
N PRO L 27 81.72 76.55 22.54
CA PRO L 27 80.52 75.84 22.99
C PRO L 27 80.71 74.33 23.04
N LYS L 28 81.57 73.78 22.16
CA LYS L 28 81.80 72.34 22.16
C LYS L 28 82.68 71.90 23.31
N ASP L 29 83.68 72.73 23.68
CA ASP L 29 84.61 72.41 24.77
C ASP L 29 84.79 73.65 25.63
N ALA L 30 84.38 73.56 26.90
CA ALA L 30 84.43 74.69 27.81
C ALA L 30 85.83 75.04 28.28
N THR L 31 86.82 74.17 28.08
CA THR L 31 88.18 74.41 28.54
C THR L 31 89.02 75.18 27.55
N ILE L 32 88.44 75.69 26.48
CA ILE L 32 89.20 76.41 25.48
C ILE L 32 88.46 77.71 25.17
N TYR L 33 89.20 78.83 25.20
CA TYR L 33 88.65 80.16 25.05
C TYR L 33 89.20 80.81 23.79
N TRP L 34 88.39 81.67 23.17
CA TRP L 34 88.66 82.18 21.83
C TRP L 34 88.60 83.71 21.81
N TRP L 35 89.66 84.31 21.26
CA TRP L 35 89.71 85.71 20.84
C TRP L 35 89.82 85.76 19.31
N GLU L 36 89.38 86.88 18.74
CA GLU L 36 89.30 87.04 17.29
C GLU L 36 89.75 88.44 16.88
N ASP L 37 90.57 88.49 15.82
CA ASP L 37 91.03 89.74 15.24
C ASP L 37 90.12 90.07 14.06
N GLN L 38 89.30 91.12 14.21
CA GLN L 38 88.27 91.43 13.24
C GLN L 38 88.71 92.45 12.20
N SER L 39 90.01 92.64 12.02
CA SER L 39 90.52 93.68 11.13
C SER L 39 90.67 93.21 9.69
N GLN L 40 90.34 91.96 9.40
CA GLN L 40 90.55 91.38 8.08
C GLN L 40 89.39 91.76 7.15
N ALA L 41 89.42 91.21 5.94
CA ALA L 41 88.55 91.70 4.87
C ALA L 41 87.11 91.26 5.05
N SER L 42 86.87 90.02 5.46
CA SER L 42 85.55 89.52 5.77
C SER L 42 85.68 88.45 6.82
N PRO L 43 84.59 88.07 7.51
CA PRO L 43 84.73 87.24 8.71
C PRO L 43 85.46 85.92 8.49
N ALA L 44 85.29 85.29 7.32
CA ALA L 44 85.97 84.01 7.07
C ALA L 44 87.48 84.12 7.27
N GLY L 45 88.05 85.31 7.03
CA GLY L 45 89.46 85.56 7.17
C GLY L 45 89.92 86.20 8.47
N TYR L 46 89.02 86.35 9.45
CA TYR L 46 89.40 86.92 10.74
C TYR L 46 90.41 86.02 11.44
N TRP L 47 91.52 86.61 11.90
CA TRP L 47 92.51 85.82 12.63
C TRP L 47 91.98 85.47 14.02
N ARG L 48 92.37 84.31 14.52
CA ARG L 48 91.86 83.83 15.79
C ARG L 48 92.99 83.34 16.68
N LEU L 49 92.73 83.37 17.98
CA LEU L 49 93.66 82.95 19.00
C LEU L 49 92.87 82.17 20.05
N SER L 50 93.42 81.03 20.49
CA SER L 50 92.73 80.13 21.39
C SER L 50 93.67 79.71 22.53
N MET L 51 93.16 79.72 23.75
CA MET L 51 93.92 79.26 24.91
C MET L 51 93.12 78.24 25.69
N GLN L 52 93.75 77.12 26.03
CA GLN L 52 93.08 75.99 26.65
C GLN L 52 93.82 75.55 27.89
N LEU L 53 93.08 75.37 28.98
CA LEU L 53 93.61 74.88 30.24
C LEU L 53 92.83 73.65 30.65
N VAL L 54 93.50 72.51 30.72
CA VAL L 54 92.89 71.24 31.09
C VAL L 54 93.57 70.78 32.37
N ARG L 55 92.88 71.00 33.50
CA ARG L 55 93.24 70.57 34.84
C ARG L 55 92.54 69.24 35.13
N PRO L 56 93.24 68.34 35.81
CA PRO L 56 92.66 67.02 36.07
C PRO L 56 91.65 67.07 37.20
N ALA L 57 90.82 66.02 37.26
CA ALA L 57 89.88 65.89 38.34
C ALA L 57 90.62 65.90 39.69
N PRO L 58 90.02 66.48 40.73
CA PRO L 58 90.77 66.72 41.96
C PRO L 58 91.34 65.44 42.56
N ALA L 59 92.51 65.58 43.18
CA ALA L 59 93.15 64.45 43.84
C ALA L 59 92.25 63.91 44.95
N LYS L 60 92.24 62.59 45.08
CA LYS L 60 91.42 61.93 46.09
C LYS L 60 92.30 61.41 47.22
N ALA L 61 91.66 61.16 48.36
CA ALA L 61 92.39 60.74 49.55
C ALA L 61 93.09 59.40 49.30
N GLY L 62 94.38 59.35 49.60
CA GLY L 62 95.17 58.15 49.37
C GLY L 62 95.45 57.82 47.93
N GLN L 63 95.05 58.66 46.98
CA GLN L 63 95.27 58.39 45.57
C GLN L 63 96.73 58.68 45.21
N ASN L 64 97.18 58.09 44.10
CA ASN L 64 98.56 58.25 43.66
C ASN L 64 98.61 59.32 42.56
N THR L 65 99.46 60.31 42.76
CA THR L 65 99.49 61.49 41.91
C THR L 65 100.46 61.39 40.74
N ASN L 66 101.36 60.41 40.74
CA ASN L 66 102.58 60.48 39.94
C ASN L 66 102.32 60.49 38.45
N GLN L 67 101.06 60.34 38.01
CA GLN L 67 100.75 60.41 36.60
C GLN L 67 99.77 61.52 36.22
N ARG L 68 99.17 62.21 37.19
CA ARG L 68 98.21 63.24 36.86
C ARG L 68 98.92 64.46 36.31
N MET L 69 98.35 65.06 35.26
CA MET L 69 99.02 66.15 34.55
C MET L 69 98.04 67.20 34.06
N ILE L 70 98.56 68.43 33.95
CA ILE L 70 97.82 69.60 33.49
C ILE L 70 98.34 69.95 32.11
N ARG L 71 97.43 70.32 31.20
CA ARG L 71 97.83 70.69 29.85
C ARG L 71 97.37 72.10 29.54
N VAL L 72 98.20 72.85 28.81
CA VAL L 72 97.84 74.19 28.35
C VAL L 72 98.18 74.29 26.87
N ARG L 73 97.21 74.67 26.05
CA ARG L 73 97.42 74.76 24.60
C ARG L 73 97.07 76.16 24.13
N VAL L 74 98.05 76.83 23.53
CA VAL L 74 97.85 78.14 22.91
C VAL L 74 97.99 77.97 21.41
N SER L 75 97.00 78.45 20.67
CA SER L 75 96.94 78.24 19.23
C SER L 75 96.62 79.57 18.54
N THR L 76 97.30 79.84 17.42
CA THR L 76 97.04 81.06 16.65
C THR L 76 96.83 80.70 15.18
N PHE L 77 95.74 81.21 14.61
CA PHE L 77 95.37 80.98 13.21
C PHE L 77 95.30 82.30 12.50
N GLU L 78 96.01 82.42 11.38
CA GLU L 78 96.07 83.66 10.60
C GLU L 78 95.70 83.37 9.14
N PRO L 79 94.44 83.02 8.89
CA PRO L 79 94.03 82.68 7.52
C PRO L 79 94.17 83.88 6.59
N ILE L 80 94.62 83.60 5.37
CA ILE L 80 94.81 84.61 4.34
C ILE L 80 93.68 84.45 3.33
N LEU L 81 92.89 85.49 3.15
CA LEU L 81 91.75 85.43 2.25
C LEU L 81 92.21 85.45 0.79
N GLU L 82 91.53 84.66 -0.04
CA GLU L 82 91.83 84.66 -1.46
C GLU L 82 91.45 86.00 -2.06
N VAL L 83 92.30 86.50 -2.97
CA VAL L 83 92.01 87.72 -3.72
C VAL L 83 91.35 87.34 -5.03
N ALA L 84 90.22 87.97 -5.32
CA ALA L 84 89.42 87.57 -6.48
C ALA L 84 90.06 88.04 -7.77
N VAL L 85 89.92 87.23 -8.82
CA VAL L 85 90.22 87.67 -10.18
C VAL L 85 88.95 87.47 -10.99
N THR L 86 89.03 87.78 -12.28
CA THR L 86 87.86 87.73 -13.14
C THR L 86 87.38 86.29 -13.30
N ALA L 87 86.14 86.03 -12.90
CA ALA L 87 85.52 84.73 -13.09
C ALA L 87 84.92 84.67 -14.49
N THR L 88 85.24 83.61 -15.24
CA THR L 88 84.90 83.55 -16.65
C THR L 88 83.80 82.55 -16.98
N TYR L 89 83.52 81.58 -16.11
CA TYR L 89 82.44 80.65 -16.41
C TYR L 89 81.07 81.31 -16.23
N SER L 90 80.84 81.91 -15.06
CA SER L 90 79.54 82.49 -14.76
C SER L 90 79.55 84.01 -14.71
N GLY L 91 80.73 84.64 -14.69
CA GLY L 91 80.80 86.08 -14.54
C GLY L 91 80.38 86.58 -13.17
N ILE L 92 80.17 85.67 -12.23
CA ILE L 92 79.76 85.98 -10.88
C ILE L 92 80.96 85.77 -9.96
N ALA L 93 81.44 86.85 -9.36
CA ALA L 93 82.61 86.76 -8.49
C ALA L 93 82.33 85.81 -7.35
N PRO L 94 83.34 85.05 -6.90
CA PRO L 94 83.07 83.99 -5.93
C PRO L 94 82.95 84.53 -4.51
N SER L 95 82.24 83.76 -3.69
CA SER L 95 82.14 84.07 -2.27
C SER L 95 83.53 84.17 -1.68
N PRO L 96 83.71 84.95 -0.60
CA PRO L 96 85.03 85.04 0.02
C PRO L 96 85.46 83.66 0.49
N THR L 97 86.62 83.23 0.02
CA THR L 97 87.14 81.90 0.30
C THR L 97 88.53 82.04 0.92
N VAL L 98 88.83 81.16 1.87
CA VAL L 98 90.13 81.16 2.52
C VAL L 98 91.14 80.48 1.61
N SER L 99 92.23 81.18 1.31
CA SER L 99 93.23 80.64 0.40
C SER L 99 94.15 79.62 1.07
N TYR L 100 94.74 79.99 2.20
CA TYR L 100 95.59 79.08 2.96
C TYR L 100 95.69 79.62 4.39
N VAL L 101 96.11 78.75 5.31
CA VAL L 101 96.15 79.17 6.71
C VAL L 101 97.50 78.86 7.36
N PRO L 102 98.34 79.87 7.56
CA PRO L 102 99.50 79.69 8.45
C PRO L 102 99.04 79.64 9.90
N LYS L 103 99.51 78.63 10.64
CA LYS L 103 99.02 78.48 12.00
C LYS L 103 100.12 77.95 12.90
N ALA L 104 99.89 78.09 14.21
CA ALA L 104 100.85 77.63 15.20
C ALA L 104 100.09 77.06 16.40
N PHE L 105 100.67 76.02 16.99
CA PHE L 105 100.05 75.26 18.08
C PHE L 105 101.13 74.94 19.10
N THR L 106 100.97 75.43 20.33
CA THR L 106 101.92 75.19 21.42
C THR L 106 101.19 74.48 22.55
N GLU L 107 101.76 73.37 23.02
CA GLU L 107 101.20 72.58 24.11
C GLU L 107 102.24 72.43 25.22
N PHE L 108 101.87 72.89 26.42
CA PHE L 108 102.64 72.68 27.63
C PHE L 108 102.04 71.49 28.37
N VAL L 109 102.89 70.53 28.70
CA VAL L 109 102.55 69.42 29.58
C VAL L 109 103.25 69.70 30.91
N LEU L 110 102.44 70.06 31.91
CA LEU L 110 102.93 70.40 33.25
C LEU L 110 102.38 69.35 34.20
N PRO L 111 103.19 68.40 34.68
CA PRO L 111 102.69 67.45 35.67
C PRO L 111 102.28 68.18 36.95
N GLU L 112 101.17 67.72 37.53
CA GLU L 112 100.62 68.41 38.70
C GLU L 112 101.64 68.52 39.81
N ARG L 113 102.45 67.48 39.97
CA ARG L 113 103.58 67.47 40.91
C ARG L 113 104.51 68.67 40.77
N ALA L 114 104.60 69.28 39.59
CA ALA L 114 105.65 70.27 39.34
C ALA L 114 105.40 71.56 40.14
N THR L 115 106.50 72.22 40.49
CA THR L 115 106.44 73.44 41.28
C THR L 115 106.22 74.66 40.41
N LEU L 116 105.77 75.74 41.05
CA LEU L 116 105.60 77.02 40.38
C LEU L 116 106.87 77.43 39.66
N ASP L 117 108.03 77.19 40.29
CA ASP L 117 109.28 77.51 39.63
C ASP L 117 109.45 76.70 38.35
N ASN L 118 109.10 75.41 38.38
CA ASN L 118 109.17 74.58 37.18
C ASN L 118 108.30 75.14 36.07
N ARG L 119 107.08 75.58 36.41
CA ARG L 119 106.16 76.09 35.40
C ARG L 119 106.66 77.41 34.83
N LYS L 120 107.16 78.30 35.68
CA LYS L 120 107.73 79.57 35.20
C LYS L 120 108.91 79.31 34.30
N ASP L 121 109.75 78.33 34.66
CA ASP L 121 110.91 77.96 33.86
C ASP L 121 110.48 77.51 32.46
N ILE L 122 109.56 76.55 32.40
CA ILE L 122 109.21 76.00 31.08
C ILE L 122 108.55 77.06 30.21
N ARG L 123 107.65 77.86 30.81
CA ARG L 123 106.99 78.91 30.01
C ARG L 123 108.01 79.91 29.47
N LYS L 124 108.81 80.52 30.36
CA LYS L 124 109.75 81.54 29.91
C LYS L 124 110.73 80.96 28.89
N MET L 125 111.26 79.78 29.17
CA MET L 125 112.36 79.27 28.35
C MET L 125 111.87 78.83 26.97
N HIS L 126 110.66 78.27 26.90
CA HIS L 126 110.11 77.95 25.58
C HIS L 126 109.77 79.21 24.80
N ALA L 127 109.10 80.18 25.45
CA ALA L 127 108.76 81.42 24.76
C ALA L 127 110.00 82.11 24.23
N LEU L 128 111.13 81.96 24.93
CA LEU L 128 112.40 82.48 24.43
C LEU L 128 112.94 81.63 23.31
N ALA L 129 112.81 80.29 23.41
CA ALA L 129 113.34 79.41 22.38
C ALA L 129 112.69 79.66 21.04
N LEU L 130 111.46 80.18 21.05
CA LEU L 130 110.81 80.57 19.80
C LEU L 130 111.37 81.85 19.18
N THR L 131 112.24 82.57 19.89
CA THR L 131 112.80 83.81 19.39
C THR L 131 114.30 83.71 19.08
N THR L 132 114.89 82.53 19.21
CA THR L 132 116.29 82.34 18.91
C THR L 132 116.57 82.55 17.43
N SER L 133 117.82 82.90 17.12
CA SER L 133 118.20 83.10 15.72
C SER L 133 117.96 81.83 14.91
N GLU L 134 118.14 80.67 15.53
CA GLU L 134 117.90 79.39 14.84
C GLU L 134 116.42 79.22 14.52
N ALA L 135 115.54 79.51 15.48
CA ALA L 135 114.10 79.43 15.23
C ALA L 135 113.68 80.43 14.15
N ILE L 136 114.24 81.64 14.18
CA ILE L 136 113.92 82.62 13.17
C ILE L 136 114.36 82.13 11.79
N ALA L 137 115.55 81.52 11.71
CA ALA L 137 116.04 81.03 10.43
C ALA L 137 115.19 79.88 9.90
N MET L 138 114.71 79.00 10.79
CA MET L 138 113.92 77.87 10.32
C MET L 138 112.53 78.30 9.88
N ILE L 139 111.86 79.15 10.67
CA ILE L 139 110.48 79.48 10.37
C ILE L 139 110.40 80.52 9.26
N GLU L 140 111.26 81.54 9.29
CA GLU L 140 111.16 82.62 8.33
C GLU L 140 111.93 82.33 7.04
N SER L 141 113.16 81.85 7.16
CA SER L 141 114.05 81.65 6.02
C SER L 141 114.15 80.20 5.58
N LEU L 142 113.53 79.28 6.31
CA LEU L 142 113.43 77.88 5.89
C LEU L 142 114.81 77.22 5.78
N GLN L 143 115.64 77.44 6.80
CA GLN L 143 117.00 76.92 6.83
C GLN L 143 117.20 76.08 8.08
N PHE L 144 117.79 74.90 7.91
CA PHE L 144 118.12 74.03 9.03
C PHE L 144 119.49 74.41 9.59
N VAL L 145 119.93 73.70 10.62
CA VAL L 145 121.24 73.92 11.22
C VAL L 145 122.15 72.74 10.89
N TYR L 146 123.44 73.01 10.74
CA TYR L 146 124.34 71.99 10.20
C TYR L 146 125.69 71.97 10.90
N PRO M 1 59.81 70.36 77.39
CA PRO M 1 60.28 70.45 78.77
C PRO M 1 60.97 69.16 79.21
N GLN M 2 61.86 69.24 80.19
CA GLN M 2 62.53 68.05 80.69
C GLN M 2 61.55 67.20 81.50
N ALA M 3 61.75 65.88 81.43
CA ALA M 3 60.83 64.95 82.05
C ALA M 3 61.06 64.91 83.56
N ALA M 4 59.97 64.98 84.32
CA ALA M 4 60.05 64.91 85.78
C ALA M 4 58.83 64.16 86.30
N ASP M 5 58.82 63.95 87.63
CA ASP M 5 57.75 63.20 88.29
C ASP M 5 56.38 63.80 87.96
N ILE M 6 55.40 62.93 87.79
CA ILE M 6 54.01 63.35 87.57
C ILE M 6 53.19 62.85 88.74
N VAL M 7 52.55 63.75 89.47
CA VAL M 7 51.82 63.38 90.66
C VAL M 7 50.32 63.56 90.42
N ILE M 8 49.57 62.48 90.62
CA ILE M 8 48.14 62.45 90.33
C ILE M 8 47.41 61.93 91.56
N ALA M 9 46.30 62.57 91.91
CA ALA M 9 45.57 62.23 93.13
C ALA M 9 44.69 61.01 92.94
N ASP M 10 44.55 60.23 94.01
CA ASP M 10 43.69 59.06 94.04
C ASP M 10 42.22 59.49 94.03
N ALA M 11 41.32 58.52 94.02
CA ALA M 11 39.90 58.76 94.19
C ALA M 11 39.37 58.10 95.47
N GLN M 12 40.25 57.91 96.45
CA GLN M 12 39.81 57.35 97.72
C GLN M 12 39.04 58.38 98.53
N ALA M 13 38.44 57.90 99.63
CA ALA M 13 37.77 58.80 100.57
C ALA M 13 38.71 59.92 100.98
N THR M 14 39.89 59.56 101.50
CA THR M 14 40.98 60.50 101.63
C THR M 14 41.94 60.27 100.49
N PRO M 15 42.00 61.14 99.49
CA PRO M 15 42.83 60.88 98.31
C PRO M 15 44.29 60.70 98.67
N VAL M 16 44.95 59.84 97.89
CA VAL M 16 46.36 59.49 98.08
C VAL M 16 47.12 59.86 96.81
N ASN M 17 48.20 60.62 96.96
CA ASN M 17 48.97 61.03 95.79
C ASN M 17 49.79 59.85 95.27
N HIS M 18 49.60 59.54 93.99
CA HIS M 18 50.44 58.57 93.30
C HIS M 18 51.49 59.33 92.49
N THR M 19 52.75 58.97 92.68
CA THR M 19 53.87 59.65 92.01
C THR M 19 54.40 58.73 90.91
N PHE M 20 54.24 59.16 89.66
CA PHE M 20 54.72 58.46 88.48
C PHE M 20 56.11 58.97 88.15
N VAL M 21 57.12 58.18 88.49
CA VAL M 21 58.52 58.50 88.18
C VAL M 21 58.75 58.30 86.69
N PRO M 22 59.51 59.17 86.01
CA PRO M 22 59.76 58.94 84.58
C PRO M 22 60.67 57.75 84.38
N ILE M 23 60.17 56.76 83.63
CA ILE M 23 60.99 55.62 83.24
C ILE M 23 61.80 55.93 81.99
N GLY M 24 61.19 56.61 81.02
CA GLY M 24 61.92 56.98 79.83
C GLY M 24 61.15 56.70 78.56
N PRO M 25 61.79 56.95 77.43
CA PRO M 25 61.11 56.72 76.14
C PRO M 25 60.98 55.23 75.85
N ASP M 26 59.95 54.91 75.08
CA ASP M 26 59.69 53.52 74.68
C ASP M 26 60.78 53.06 73.72
N PRO M 27 61.38 51.88 73.95
CA PRO M 27 62.44 51.41 73.05
C PRO M 27 61.99 51.25 71.62
N LYS M 28 60.74 50.84 71.39
CA LYS M 28 60.25 50.62 70.04
C LYS M 28 59.90 51.93 69.34
N ASP M 29 59.32 52.88 70.06
CA ASP M 29 58.86 54.14 69.47
C ASP M 29 59.45 55.30 70.26
N ALA M 30 60.22 56.15 69.57
CA ALA M 30 60.85 57.30 70.22
C ALA M 30 59.86 58.42 70.52
N THR M 31 58.63 58.34 70.03
CA THR M 31 57.64 59.40 70.23
C THR M 31 56.79 59.21 71.46
N ILE M 32 56.94 58.12 72.18
CA ILE M 32 56.09 57.82 73.32
C ILE M 32 56.97 57.65 74.54
N TYR M 33 56.58 58.28 75.66
CA TYR M 33 57.38 58.37 76.86
C TYR M 33 56.58 57.82 78.04
N TRP M 34 57.26 57.12 78.95
CA TRP M 34 56.64 56.32 79.99
C TRP M 34 57.06 56.79 81.37
N TRP M 35 56.05 57.08 82.21
CA TRP M 35 56.16 57.25 83.65
C TRP M 35 55.51 56.06 84.34
N GLU M 36 55.96 55.76 85.56
CA GLU M 36 55.54 54.56 86.28
C GLU M 36 55.39 54.86 87.77
N ASP M 37 54.24 54.48 88.33
CA ASP M 37 53.99 54.51 89.76
C ASP M 37 54.41 53.16 90.34
N GLN M 38 55.47 53.20 91.15
CA GLN M 38 56.16 52.02 91.66
C GLN M 38 55.78 51.71 93.10
N SER M 39 54.62 52.19 93.54
CA SER M 39 54.18 52.03 94.93
C SER M 39 53.41 50.74 95.17
N GLN M 40 53.18 49.94 94.13
CA GLN M 40 52.33 48.77 94.24
C GLN M 40 53.17 47.60 94.77
N ALA M 41 52.56 46.41 94.82
CA ALA M 41 53.17 45.26 95.49
C ALA M 41 54.46 44.81 94.79
N SER M 42 54.35 44.36 93.54
CA SER M 42 55.50 43.94 92.76
C SER M 42 55.41 44.61 91.39
N PRO M 43 56.52 44.67 90.65
CA PRO M 43 56.55 45.51 89.44
C PRO M 43 55.50 45.16 88.39
N ALA M 44 54.94 43.95 88.42
CA ALA M 44 53.92 43.59 87.45
C ALA M 44 52.63 44.40 87.65
N GLY M 45 52.41 44.95 88.84
CA GLY M 45 51.24 45.75 89.15
C GLY M 45 51.49 47.23 89.23
N TYR M 46 52.66 47.71 88.79
CA TYR M 46 52.98 49.12 88.79
C TYR M 46 52.06 49.87 87.84
N TRP M 47 51.56 51.04 88.26
CA TRP M 47 50.68 51.78 87.37
C TRP M 47 51.50 52.59 86.37
N ARG M 48 50.99 52.75 85.16
CA ARG M 48 51.80 53.34 84.11
C ARG M 48 51.05 54.46 83.42
N LEU M 49 51.82 55.41 82.90
CA LEU M 49 51.28 56.57 82.21
C LEU M 49 52.18 56.84 81.01
N SER M 50 51.61 56.89 79.82
CA SER M 50 52.34 57.08 78.59
C SER M 50 51.82 58.31 77.86
N MET M 51 52.74 59.16 77.41
CA MET M 51 52.38 60.33 76.62
C MET M 51 53.16 60.31 75.31
N GLN M 52 52.46 60.53 74.20
CA GLN M 52 53.03 60.39 72.86
C GLN M 52 52.69 61.60 72.01
N LEU M 53 53.70 62.15 71.34
CA LEU M 53 53.55 63.31 70.46
C LEU M 53 54.13 62.95 69.09
N VAL M 54 53.27 62.80 68.10
CA VAL M 54 53.66 62.43 66.75
C VAL M 54 53.49 63.66 65.86
N ARG M 55 54.62 64.32 65.57
CA ARG M 55 54.74 65.42 64.63
C ARG M 55 54.95 64.87 63.24
N PRO M 56 54.31 65.46 62.23
CA PRO M 56 54.65 65.10 60.85
C PRO M 56 56.02 65.66 60.45
N ALA M 57 56.60 65.07 59.41
CA ALA M 57 57.95 65.43 59.00
C ALA M 57 57.99 66.86 58.45
N PRO M 58 59.04 67.62 58.72
CA PRO M 58 59.06 69.02 58.25
C PRO M 58 59.06 69.12 56.73
N ALA M 59 58.11 69.89 56.21
CA ALA M 59 57.99 70.08 54.78
C ALA M 59 57.29 71.40 54.47
N THR M 65 49.10 68.08 51.59
CA THR M 65 49.87 68.78 52.63
C THR M 65 48.98 69.64 53.53
N ASN M 66 47.70 69.77 53.20
CA ASN M 66 46.72 70.28 54.14
C ASN M 66 46.05 69.15 54.91
N GLN M 67 46.53 67.93 54.76
CA GLN M 67 46.12 66.77 55.54
C GLN M 67 47.24 66.32 56.47
N ARG M 68 47.98 67.27 57.03
CA ARG M 68 49.09 66.98 57.92
C ARG M 68 48.60 67.22 59.33
N MET M 69 48.61 66.20 60.16
CA MET M 69 47.98 66.32 61.46
C MET M 69 48.94 65.82 62.52
N ILE M 70 49.02 66.58 63.61
CA ILE M 70 49.80 66.22 64.79
C ILE M 70 48.92 65.40 65.71
N ARG M 71 49.44 64.29 66.21
CA ARG M 71 48.67 63.45 67.12
C ARG M 71 49.30 63.44 68.50
N VAL M 72 48.45 63.37 69.53
CA VAL M 72 48.90 63.30 70.92
C VAL M 72 48.07 62.23 71.61
N ARG M 73 48.74 61.25 72.23
CA ARG M 73 48.06 60.16 72.90
C ARG M 73 48.52 60.09 74.35
N VAL M 74 47.57 60.16 75.28
CA VAL M 74 47.82 59.99 76.70
C VAL M 74 47.09 58.74 77.16
N SER M 75 47.81 57.84 77.80
CA SER M 75 47.28 56.54 78.16
C SER M 75 47.64 56.22 79.61
N THR M 76 46.67 55.74 80.39
CA THR M 76 46.89 55.37 81.78
C THR M 76 46.45 53.93 82.00
N PHE M 77 47.35 53.14 82.60
CA PHE M 77 47.08 51.75 82.93
C PHE M 77 47.19 51.57 84.43
N GLU M 78 46.18 50.94 85.03
CA GLU M 78 46.13 50.72 86.48
C GLU M 78 45.86 49.24 86.78
N PRO M 79 46.84 48.37 86.55
CA PRO M 79 46.62 46.94 86.79
C PRO M 79 46.42 46.66 88.27
N ILE M 80 45.58 45.66 88.55
CA ILE M 80 45.24 45.24 89.91
C ILE M 80 45.76 43.83 90.12
N LEU M 81 46.70 43.66 91.06
CA LEU M 81 47.30 42.36 91.29
C LEU M 81 46.37 41.49 92.14
N GLU M 82 46.55 40.18 92.01
CA GLU M 82 45.85 39.23 92.88
C GLU M 82 46.50 39.22 94.26
N VAL M 83 45.66 39.03 95.28
CA VAL M 83 46.14 39.07 96.66
C VAL M 83 46.98 37.83 96.96
N ALA M 84 47.93 37.96 97.87
CA ALA M 84 48.78 36.84 98.26
C ALA M 84 47.93 35.65 98.67
N VAL M 85 48.38 34.45 98.28
CA VAL M 85 47.61 33.22 98.52
C VAL M 85 47.90 32.68 99.91
N THR M 86 46.88 32.11 100.54
CA THR M 86 47.04 31.47 101.84
C THR M 86 47.27 29.98 101.71
N ALA M 87 46.91 29.39 100.57
CA ALA M 87 47.06 27.96 100.37
C ALA M 87 46.91 27.65 98.90
N THR M 88 47.78 26.80 98.38
CA THR M 88 47.66 26.30 97.02
C THR M 88 47.76 24.78 97.03
N TYR M 89 47.60 24.17 95.86
CA TYR M 89 47.54 22.71 95.82
C TYR M 89 48.89 22.09 96.17
N SER M 90 49.99 22.77 95.79
CA SER M 90 51.32 22.25 95.99
C SER M 90 52.03 22.82 97.20
N GLY M 91 51.53 23.92 97.76
CA GLY M 91 52.18 24.54 98.89
C GLY M 91 53.19 25.62 98.53
N ILE M 92 53.45 25.85 97.25
CA ILE M 92 54.33 26.93 96.80
C ILE M 92 53.46 28.05 96.25
N ALA M 93 53.68 29.27 96.74
CA ALA M 93 52.87 30.39 96.33
C ALA M 93 53.17 30.76 94.88
N PRO M 94 52.16 31.07 94.08
CA PRO M 94 52.39 31.42 92.67
C PRO M 94 53.03 32.79 92.53
N SER M 95 53.64 32.99 91.37
CA SER M 95 54.24 34.28 91.05
C SER M 95 53.18 35.36 91.05
N PRO M 96 53.54 36.61 91.36
CA PRO M 96 52.54 37.69 91.33
C PRO M 96 51.91 37.79 89.95
N THR M 97 50.59 37.72 89.93
CA THR M 97 49.84 37.72 88.68
C THR M 97 48.85 38.88 88.66
N VAL M 98 48.54 39.34 87.45
CA VAL M 98 47.65 40.47 87.27
C VAL M 98 46.23 39.94 87.14
N SER M 99 45.32 40.46 87.98
CA SER M 99 43.94 39.99 87.95
C SER M 99 43.16 40.59 86.79
N TYR M 100 43.20 41.92 86.66
CA TYR M 100 42.50 42.62 85.59
C TYR M 100 43.12 44.01 85.47
N VAL M 101 42.88 44.65 84.33
CA VAL M 101 43.51 45.95 84.10
C VAL M 101 42.51 46.98 83.56
N PRO M 102 42.00 47.87 84.40
CA PRO M 102 41.28 49.04 83.87
C PRO M 102 42.27 50.03 83.27
N LYS M 103 41.90 50.57 82.11
CA LYS M 103 42.83 51.46 81.42
C LYS M 103 42.06 52.52 80.64
N ALA M 104 42.79 53.54 80.21
CA ALA M 104 42.20 54.64 79.46
C ALA M 104 43.18 55.15 78.41
N PHE M 105 42.64 55.54 77.26
CA PHE M 105 43.43 55.94 76.10
C PHE M 105 42.75 57.17 75.51
N THR M 106 43.46 58.30 75.43
CA THR M 106 42.93 59.54 74.86
C THR M 106 43.85 59.99 73.73
N GLU M 107 43.26 60.35 72.59
CA GLU M 107 43.99 60.77 71.40
C GLU M 107 43.44 62.09 70.92
N PHE M 108 44.32 63.08 70.79
CA PHE M 108 44.02 64.36 70.17
C PHE M 108 44.56 64.34 68.75
N VAL M 109 43.71 64.71 67.80
CA VAL M 109 44.09 64.92 66.41
C VAL M 109 44.03 66.42 66.17
N LEU M 110 45.19 67.02 65.93
CA LEU M 110 45.35 68.47 65.85
C LEU M 110 45.92 68.83 64.49
N PRO M 111 45.11 69.31 63.55
CA PRO M 111 45.67 69.69 62.24
C PRO M 111 46.75 70.74 62.38
N GLU M 112 47.73 70.69 61.47
CA GLU M 112 48.87 71.58 61.55
C GLU M 112 48.47 73.04 61.35
N ARG M 113 47.34 73.29 60.68
CA ARG M 113 46.82 74.64 60.54
C ARG M 113 46.15 75.16 61.80
N ALA M 114 45.95 74.32 62.81
CA ALA M 114 45.14 74.71 63.96
C ALA M 114 45.93 75.63 64.88
N THR M 115 45.28 76.69 65.35
CA THR M 115 45.95 77.71 66.14
C THR M 115 46.01 77.31 67.61
N LEU M 116 46.91 77.97 68.33
CA LEU M 116 47.08 77.72 69.76
C LEU M 116 45.74 77.82 70.48
N ASP M 117 44.90 78.76 70.08
CA ASP M 117 43.58 78.88 70.70
C ASP M 117 42.75 77.62 70.48
N ASN M 118 42.78 77.07 69.26
CA ASN M 118 42.06 75.84 68.96
C ASN M 118 42.55 74.69 69.82
N ARG M 119 43.88 74.59 69.99
CA ARG M 119 44.44 73.50 70.79
C ARG M 119 44.05 73.63 72.25
N LYS M 120 44.13 74.85 72.80
CA LYS M 120 43.71 75.08 74.18
C LYS M 120 42.24 74.74 74.36
N ASP M 121 41.41 75.12 73.38
CA ASP M 121 39.98 74.82 73.42
C ASP M 121 39.74 73.32 73.49
N ILE M 122 40.32 72.57 72.55
CA ILE M 122 40.02 71.14 72.47
C ILE M 122 40.53 70.42 73.72
N ARG M 123 41.72 70.78 74.21
CA ARG M 123 42.25 70.15 75.41
C ARG M 123 41.35 70.42 76.62
N LYS M 124 41.12 71.71 76.92
CA LYS M 124 40.31 72.06 78.09
C LYS M 124 38.93 71.43 78.01
N MET M 125 38.31 71.50 76.82
CA MET M 125 36.91 71.10 76.71
C MET M 125 36.75 69.59 76.76
N HIS M 126 37.69 68.84 76.18
CA HIS M 126 37.61 67.39 76.29
C HIS M 126 37.87 66.94 77.73
N ALA M 127 38.93 67.48 78.36
CA ALA M 127 39.20 67.14 79.75
C ALA M 127 37.98 67.41 80.63
N LEU M 128 37.29 68.53 80.38
CA LEU M 128 36.06 68.80 81.11
C LEU M 128 34.97 67.79 80.75
N ALA M 129 34.86 67.42 79.47
CA ALA M 129 33.85 66.45 79.05
C ALA M 129 34.00 65.13 79.75
N LEU M 130 35.20 64.80 80.22
CA LEU M 130 35.40 63.59 81.01
C LEU M 130 34.91 63.72 82.45
N THR M 131 34.56 64.92 82.90
CA THR M 131 34.14 65.12 84.28
C THR M 131 32.69 65.55 84.42
N THR M 132 31.93 65.55 83.32
CA THR M 132 30.52 65.89 83.38
C THR M 132 29.74 64.85 84.20
N SER M 133 28.56 65.25 84.66
CA SER M 133 27.73 64.32 85.42
C SER M 133 27.37 63.09 84.58
N GLU M 134 27.16 63.29 83.28
CA GLU M 134 26.89 62.18 82.37
C GLU M 134 28.10 61.25 82.26
N ALA M 135 29.30 61.82 82.10
CA ALA M 135 30.50 61.00 82.02
C ALA M 135 30.72 60.22 83.31
N ILE M 136 30.46 60.84 84.46
CA ILE M 136 30.65 60.14 85.72
C ILE M 136 29.62 59.03 85.87
N ALA M 137 28.39 59.27 85.44
CA ALA M 137 27.37 58.23 85.50
C ALA M 137 27.71 57.06 84.57
N MET M 138 28.31 57.34 83.41
CA MET M 138 28.63 56.26 82.47
C MET M 138 29.84 55.46 82.93
N ILE M 139 30.90 56.13 83.38
CA ILE M 139 32.13 55.42 83.69
C ILE M 139 32.08 54.78 85.08
N GLU M 140 31.50 55.48 86.07
CA GLU M 140 31.52 54.98 87.43
C GLU M 140 30.30 54.13 87.74
N SER M 141 29.12 54.60 87.39
CA SER M 141 27.87 53.90 87.70
C SER M 141 27.37 53.05 86.56
N LEU M 142 27.97 53.17 85.37
CA LEU M 142 27.64 52.31 84.25
C LEU M 142 26.19 52.50 83.81
N GLN M 143 25.81 53.76 83.57
CA GLN M 143 24.46 54.11 83.16
C GLN M 143 24.51 54.90 81.87
N PHE M 144 23.60 54.59 80.95
CA PHE M 144 23.49 55.32 79.70
C PHE M 144 22.49 56.47 79.86
N VAL M 145 22.43 57.34 78.85
CA VAL M 145 21.49 58.46 78.84
C VAL M 145 20.29 58.09 77.98
N TYR M 146 19.10 58.44 78.47
CA TYR M 146 17.85 58.03 77.84
C TYR M 146 16.93 59.21 77.55
N PRO N 1 76.65 68.78 75.12
CA PRO N 1 75.83 69.84 75.71
C PRO N 1 74.39 69.42 75.90
N GLN N 2 73.69 70.07 76.81
CA GLN N 2 72.30 69.74 77.04
C GLN N 2 71.41 70.41 75.99
N ALA N 3 70.20 69.89 75.86
CA ALA N 3 69.22 70.51 74.97
C ALA N 3 68.78 71.84 75.59
N ALA N 4 69.03 72.94 74.87
CA ALA N 4 68.66 74.26 75.34
C ALA N 4 68.10 75.06 74.18
N ASP N 5 67.45 76.18 74.51
CA ASP N 5 66.98 77.11 73.49
C ASP N 5 68.15 77.58 72.64
N ILE N 6 67.89 77.78 71.35
CA ILE N 6 68.87 78.33 70.42
C ILE N 6 68.29 79.62 69.87
N VAL N 7 69.00 80.73 70.05
CA VAL N 7 68.46 82.03 69.66
C VAL N 7 69.25 82.56 68.47
N ILE N 8 68.54 82.89 67.39
CA ILE N 8 69.14 83.32 66.14
C ILE N 8 68.45 84.60 65.67
N ALA N 9 69.25 85.55 65.20
CA ALA N 9 68.74 86.87 64.86
C ALA N 9 68.12 86.91 63.45
N ASP N 10 67.06 87.70 63.33
CA ASP N 10 66.41 87.93 62.05
C ASP N 10 67.30 88.82 61.17
N ALA N 11 66.90 88.94 59.90
CA ALA N 11 67.56 89.85 58.98
C ALA N 11 66.71 91.09 58.68
N GLN N 12 65.84 91.47 59.60
CA GLN N 12 65.03 92.66 59.41
C GLN N 12 65.86 93.93 59.64
N ALA N 13 65.26 95.06 59.29
CA ALA N 13 65.91 96.35 59.55
C ALA N 13 66.33 96.46 61.01
N THR N 14 65.38 96.25 61.91
CA THR N 14 65.71 96.04 63.31
C THR N 14 65.60 94.56 63.59
N PRO N 15 66.72 93.84 63.69
CA PRO N 15 66.66 92.37 63.81
C PRO N 15 65.80 91.92 64.98
N VAL N 16 65.08 90.82 64.77
CA VAL N 16 64.21 90.21 65.77
C VAL N 16 64.78 88.84 66.15
N ASN N 17 64.93 88.60 67.44
CA ASN N 17 65.47 87.32 67.90
C ASN N 17 64.39 86.24 67.79
N HIS N 18 64.69 85.18 67.05
CA HIS N 18 63.85 84.00 67.00
C HIS N 18 64.43 82.96 67.95
N THR N 19 63.59 82.45 68.85
CA THR N 19 64.02 81.48 69.84
C THR N 19 63.52 80.10 69.45
N PHE N 20 64.44 79.18 69.16
CA PHE N 20 64.15 77.81 68.79
C PHE N 20 64.20 76.94 70.05
N VAL N 21 63.03 76.57 70.55
CA VAL N 21 62.87 75.71 71.73
C VAL N 21 63.12 74.28 71.30
N PRO N 22 63.84 73.47 72.05
CA PRO N 22 64.03 72.07 71.64
C PRO N 22 62.73 71.28 71.66
N ILE N 23 62.39 70.66 70.51
CA ILE N 23 61.27 69.74 70.43
C ILE N 23 61.70 68.36 70.90
N GLY N 24 62.91 67.95 70.54
CA GLY N 24 63.39 66.67 70.99
C GLY N 24 64.06 65.91 69.87
N PRO N 25 64.42 64.67 70.13
CA PRO N 25 65.04 63.86 69.10
C PRO N 25 64.04 63.46 68.03
N ASP N 26 64.58 63.17 66.86
CA ASP N 26 63.75 62.78 65.73
C ASP N 26 63.06 61.45 66.03
N PRO N 27 61.82 61.27 65.58
CA PRO N 27 61.09 60.02 65.88
C PRO N 27 61.77 58.77 65.34
N LYS N 28 62.32 58.87 64.14
CA LYS N 28 62.79 57.71 63.41
C LYS N 28 64.31 57.58 63.40
N ASP N 29 65.05 58.65 63.65
CA ASP N 29 66.50 58.63 63.71
C ASP N 29 66.95 59.22 65.04
N ALA N 30 67.70 58.43 65.81
CA ALA N 30 68.18 58.84 67.12
C ALA N 30 69.40 59.72 67.04
N THR N 31 69.87 60.06 65.84
CA THR N 31 71.09 60.85 65.67
C THR N 31 70.81 62.27 65.23
N ILE N 32 69.55 62.68 65.14
CA ILE N 32 69.19 64.02 64.69
C ILE N 32 68.19 64.58 65.69
N TYR N 33 68.42 65.83 66.11
CA TYR N 33 67.68 66.51 67.16
C TYR N 33 67.05 67.77 66.59
N TRP N 34 65.90 68.18 67.17
CA TRP N 34 65.00 69.18 66.59
C TRP N 34 64.66 70.27 67.59
N TRP N 35 64.91 71.52 67.17
CA TRP N 35 64.43 72.74 67.78
C TRP N 35 63.43 73.43 66.85
N GLU N 36 62.56 74.26 67.42
CA GLU N 36 61.46 74.87 66.69
C GLU N 36 61.18 76.29 67.20
N ASP N 37 61.01 77.21 66.26
CA ASP N 37 60.56 78.58 66.50
C ASP N 37 59.05 78.62 66.31
N GLN N 38 58.34 78.70 67.44
CA GLN N 38 56.90 78.56 67.54
C GLN N 38 56.19 79.91 67.59
N SER N 39 56.82 80.96 67.11
CA SER N 39 56.28 82.31 67.18
C SER N 39 55.30 82.61 66.06
N GLN N 40 55.28 81.77 65.02
CA GLN N 40 54.54 82.03 63.81
C GLN N 40 53.03 81.85 64.07
N ALA N 41 52.22 82.02 63.01
CA ALA N 41 50.77 82.16 63.20
C ALA N 41 50.10 80.82 63.53
N SER N 42 50.51 79.74 62.88
CA SER N 42 50.06 78.39 63.17
C SER N 42 51.26 77.47 62.98
N PRO N 43 51.22 76.25 63.55
CA PRO N 43 52.39 75.36 63.42
C PRO N 43 52.85 75.14 61.98
N ALA N 44 51.94 75.22 61.01
CA ALA N 44 52.32 75.06 59.61
C ALA N 44 53.41 76.03 59.21
N GLY N 45 53.45 77.20 59.84
CA GLY N 45 54.44 78.22 59.58
C GLY N 45 55.59 78.30 60.56
N TYR N 46 55.66 77.41 61.55
CA TYR N 46 56.77 77.45 62.50
C TYR N 46 58.09 77.17 61.79
N TRP N 47 59.18 77.74 62.30
CA TRP N 47 60.48 77.51 61.69
C TRP N 47 61.25 76.45 62.46
N ARG N 48 61.96 75.58 61.74
CA ARG N 48 62.56 74.43 62.38
C ARG N 48 64.05 74.39 62.13
N LEU N 49 64.78 73.86 63.11
CA LEU N 49 66.22 73.69 63.04
C LEU N 49 66.56 72.29 63.52
N SER N 50 67.42 71.59 62.77
CA SER N 50 67.76 70.20 63.06
C SER N 50 69.27 70.02 62.99
N MET N 51 69.84 69.32 63.96
CA MET N 51 71.27 69.04 63.99
C MET N 51 71.49 67.54 64.14
N GLN N 52 72.40 66.99 63.35
CA GLN N 52 72.63 65.55 63.26
C GLN N 52 74.11 65.24 63.30
N LEU N 53 74.49 64.31 64.18
CA LEU N 53 75.85 63.82 64.30
C LEU N 53 75.84 62.32 64.07
N VAL N 54 76.53 61.88 63.03
CA VAL N 54 76.63 60.46 62.68
C VAL N 54 78.07 60.05 62.84
N ARG N 55 78.35 59.28 63.87
CA ARG N 55 79.59 58.68 64.29
C ARG N 55 79.71 57.27 63.73
N PRO N 56 80.91 56.81 63.39
CA PRO N 56 81.08 55.42 62.94
C PRO N 56 81.15 54.46 64.13
N ALA N 57 80.97 53.18 63.82
CA ALA N 57 81.04 52.16 64.84
C ALA N 57 82.45 52.14 65.44
N PRO N 58 82.58 51.80 66.73
CA PRO N 58 83.88 51.94 67.39
C PRO N 58 84.95 51.12 66.71
N ALA N 59 86.18 51.63 66.77
CA ALA N 59 87.28 51.02 66.04
C ALA N 59 87.66 49.68 66.66
N LYS N 60 88.02 48.73 65.81
CA LYS N 60 88.47 47.42 66.28
C LYS N 60 89.98 47.39 66.41
N ALA N 61 90.45 46.46 67.25
CA ALA N 61 91.88 46.37 67.52
C ALA N 61 92.64 45.99 66.25
N GLY N 62 93.65 46.79 65.90
CA GLY N 62 94.40 46.56 64.70
C GLY N 62 93.73 46.99 63.41
N GLN N 63 92.48 47.45 63.47
CA GLN N 63 91.77 47.89 62.27
C GLN N 63 92.37 49.21 61.77
N ASN N 64 92.39 49.36 60.44
CA ASN N 64 92.90 50.57 59.81
C ASN N 64 91.78 51.61 59.72
N THR N 65 92.02 52.79 60.29
CA THR N 65 90.96 53.78 60.47
C THR N 65 90.97 54.88 59.42
N ASN N 66 91.80 54.79 58.38
CA ASN N 66 91.91 55.96 57.51
C ASN N 66 90.77 56.09 56.61
N GLN N 67 89.73 55.25 56.73
CA GLN N 67 88.54 55.44 55.90
C GLN N 67 87.28 55.78 56.70
N ARG N 68 87.33 55.72 58.02
CA ARG N 68 86.14 55.99 58.82
C ARG N 68 85.92 57.50 58.90
N MET N 69 84.65 57.93 58.88
CA MET N 69 84.34 59.35 58.80
C MET N 69 83.11 59.68 59.64
N ILE N 70 83.07 60.93 60.10
CA ILE N 70 82.01 61.47 60.93
C ILE N 70 81.28 62.53 60.11
N ARG N 71 79.95 62.52 60.17
CA ARG N 71 79.15 63.50 59.43
C ARG N 71 78.34 64.34 60.38
N VAL N 72 78.23 65.63 60.07
CA VAL N 72 77.41 66.57 60.83
C VAL N 72 76.51 67.29 59.84
N ARG N 73 75.21 67.32 60.12
CA ARG N 73 74.24 67.96 59.23
C ARG N 73 73.41 68.95 60.03
N VAL N 74 73.41 70.21 59.61
CA VAL N 74 72.55 71.24 60.17
C VAL N 74 71.55 71.64 59.11
N SER N 75 70.29 71.82 59.51
CA SER N 75 69.24 72.07 58.55
C SER N 75 68.25 73.07 59.13
N THR N 76 67.89 74.07 58.33
CA THR N 76 66.93 75.09 58.75
C THR N 76 65.81 75.19 57.73
N PHE N 77 64.58 75.21 58.23
CA PHE N 77 63.38 75.29 57.42
C PHE N 77 62.57 76.50 57.85
N GLU N 78 62.25 77.39 56.91
CA GLU N 78 61.53 78.63 57.18
C GLU N 78 60.32 78.76 56.28
N PRO N 79 59.27 77.98 56.53
CA PRO N 79 58.07 78.09 55.70
C PRO N 79 57.40 79.46 55.85
N ILE N 80 56.86 79.95 54.73
CA ILE N 80 56.16 81.23 54.68
C ILE N 80 54.69 80.95 54.42
N LEU N 81 53.82 81.63 55.16
CA LEU N 81 52.39 81.40 55.06
C LEU N 81 51.75 82.40 54.09
N GLU N 82 50.50 82.10 53.72
CA GLU N 82 49.64 82.97 52.95
C GLU N 82 48.22 82.79 53.46
N VAL N 83 47.40 83.82 53.25
CA VAL N 83 46.02 83.83 53.72
C VAL N 83 45.11 84.23 52.57
N ALA N 84 43.89 83.66 52.56
CA ALA N 84 42.93 83.94 51.49
C ALA N 84 42.17 85.24 51.70
N VAL N 85 42.06 85.71 52.94
CA VAL N 85 41.35 86.96 53.26
C VAL N 85 41.91 87.50 54.56
N THR N 86 41.93 88.82 54.69
CA THR N 86 42.69 89.48 55.75
C THR N 86 41.85 89.94 56.94
N ALA N 87 40.53 89.77 56.91
CA ALA N 87 39.67 90.19 58.00
C ALA N 87 38.98 88.99 58.64
N THR N 88 38.19 89.27 59.67
CA THR N 88 37.41 88.26 60.34
C THR N 88 35.93 88.60 60.23
N TYR N 89 35.12 87.62 59.87
CA TYR N 89 33.69 87.78 59.68
C TYR N 89 32.95 86.89 60.68
N SER N 90 32.05 87.49 61.47
CA SER N 90 31.16 86.72 62.34
C SER N 90 31.95 85.70 63.17
N GLY N 91 33.09 86.15 63.69
CA GLY N 91 33.93 85.32 64.53
C GLY N 91 34.76 84.28 63.80
N ILE N 92 34.76 84.26 62.47
CA ILE N 92 35.54 83.28 61.72
C ILE N 92 36.85 83.95 61.34
N ALA N 93 37.95 83.43 61.89
CA ALA N 93 39.18 84.11 61.51
C ALA N 93 39.79 83.49 60.26
N PRO N 94 40.61 84.25 59.55
CA PRO N 94 41.35 83.68 58.43
C PRO N 94 42.35 82.65 58.92
N SER N 95 42.41 81.52 58.22
CA SER N 95 43.30 80.42 58.57
C SER N 95 44.37 80.31 57.50
N PRO N 96 45.62 80.59 57.81
CA PRO N 96 46.66 80.59 56.78
C PRO N 96 47.12 79.20 56.41
N THR N 97 47.60 79.06 55.17
CA THR N 97 48.24 77.85 54.69
C THR N 97 49.68 78.16 54.30
N VAL N 98 50.46 77.10 54.09
CA VAL N 98 51.83 77.31 53.66
C VAL N 98 51.83 77.71 52.19
N SER N 99 52.67 78.70 51.86
CA SER N 99 52.79 79.22 50.52
C SER N 99 54.03 78.68 49.80
N TYR N 100 55.18 78.71 50.47
CA TYR N 100 56.42 78.16 49.95
C TYR N 100 57.38 77.96 51.11
N VAL N 101 58.39 77.13 50.89
CA VAL N 101 59.33 76.86 51.99
C VAL N 101 60.77 77.03 51.52
N PRO N 102 61.39 78.17 51.81
CA PRO N 102 62.84 78.27 51.68
C PRO N 102 63.54 77.49 52.77
N LYS N 103 64.64 76.82 52.43
CA LYS N 103 65.31 75.98 53.40
C LYS N 103 66.80 75.92 53.07
N ALA N 104 67.57 75.45 54.04
CA ALA N 104 69.01 75.34 53.89
C ALA N 104 69.51 74.07 54.58
N PHE N 105 70.50 73.43 53.96
CA PHE N 105 71.02 72.15 54.42
C PHE N 105 72.54 72.22 54.31
N THR N 106 73.25 72.02 55.43
CA THR N 106 74.71 72.02 55.47
C THR N 106 75.21 70.68 56.02
N GLU N 107 76.24 70.13 55.37
CA GLU N 107 76.83 68.85 55.76
C GLU N 107 78.34 68.99 55.84
N PHE N 108 78.89 68.68 57.01
CA PHE N 108 80.33 68.55 57.22
C PHE N 108 80.69 67.08 57.16
N VAL N 109 81.71 66.77 56.36
CA VAL N 109 82.33 65.46 56.32
C VAL N 109 83.70 65.61 56.97
N LEU N 110 83.82 65.08 58.18
CA LEU N 110 85.04 65.17 58.98
C LEU N 110 85.63 63.77 59.12
N PRO N 111 86.71 63.46 58.42
CA PRO N 111 87.33 62.14 58.62
C PRO N 111 87.80 61.97 60.06
N GLU N 112 87.59 60.77 60.59
CA GLU N 112 87.83 60.52 62.00
C GLU N 112 89.27 60.81 62.40
N ARG N 113 90.23 60.66 61.49
CA ARG N 113 91.62 60.92 61.82
C ARG N 113 91.96 62.42 61.86
N ALA N 114 91.00 63.31 61.66
CA ALA N 114 91.34 64.72 61.53
C ALA N 114 91.60 65.34 62.90
N THR N 115 92.41 66.39 62.90
CA THR N 115 92.77 67.09 64.12
C THR N 115 91.66 68.05 64.53
N LEU N 116 91.59 68.31 65.84
CA LEU N 116 90.75 69.39 66.34
C LEU N 116 91.00 70.67 65.55
N ASP N 117 92.26 70.92 65.19
CA ASP N 117 92.56 72.11 64.39
C ASP N 117 91.89 72.05 63.03
N ASN N 118 91.94 70.88 62.37
CA ASN N 118 91.28 70.73 61.08
C ASN N 118 89.78 70.98 61.19
N ARG N 119 89.17 70.51 62.28
CA ARG N 119 87.73 70.68 62.44
C ARG N 119 87.37 72.14 62.70
N LYS N 120 88.14 72.82 63.56
CA LYS N 120 87.92 74.24 63.78
C LYS N 120 88.09 75.03 62.48
N ASP N 121 89.10 74.65 61.68
CA ASP N 121 89.34 75.28 60.38
C ASP N 121 88.13 75.15 59.48
N ILE N 122 87.66 73.92 59.25
CA ILE N 122 86.59 73.70 58.29
C ILE N 122 85.31 74.39 58.77
N ARG N 123 85.00 74.31 60.07
CA ARG N 123 83.80 74.95 60.59
C ARG N 123 83.87 76.47 60.38
N LYS N 124 84.89 77.12 60.94
CA LYS N 124 84.99 78.57 60.85
C LYS N 124 84.99 79.02 59.39
N MET N 125 85.78 78.35 58.55
CA MET N 125 85.99 78.86 57.20
C MET N 125 84.76 78.66 56.34
N HIS N 126 84.02 77.56 56.51
CA HIS N 126 82.78 77.41 55.77
C HIS N 126 81.73 78.43 56.24
N ALA N 127 81.57 78.58 57.57
CA ALA N 127 80.63 79.56 58.08
C ALA N 127 80.95 80.95 57.54
N LEU N 128 82.23 81.27 57.43
CA LEU N 128 82.63 82.54 56.84
C LEU N 128 82.31 82.59 55.35
N ALA N 129 82.54 81.48 54.64
CA ALA N 129 82.29 81.45 53.21
C ALA N 129 80.82 81.69 52.90
N LEU N 130 79.93 81.40 53.86
CA LEU N 130 78.52 81.72 53.69
C LEU N 130 78.22 83.21 53.82
N THR N 131 79.16 84.02 54.30
CA THR N 131 78.93 85.44 54.52
C THR N 131 79.78 86.34 53.61
N THR N 132 80.52 85.75 52.68
CA THR N 132 81.32 86.53 51.74
C THR N 132 80.41 87.38 50.86
N SER N 133 80.98 88.46 50.30
CA SER N 133 80.20 89.33 49.42
C SER N 133 79.66 88.55 48.23
N GLU N 134 80.44 87.59 47.73
CA GLU N 134 79.98 86.74 46.62
C GLU N 134 78.80 85.86 47.05
N ALA N 135 78.89 85.25 48.23
CA ALA N 135 77.78 84.43 48.73
C ALA N 135 76.52 85.27 48.92
N ILE N 136 76.69 86.50 49.41
CA ILE N 136 75.52 87.36 49.60
C ILE N 136 74.93 87.76 48.26
N ALA N 137 75.78 88.07 47.28
CA ALA N 137 75.29 88.41 45.94
C ALA N 137 74.57 87.23 45.29
N MET N 138 75.00 86.00 45.58
CA MET N 138 74.38 84.85 44.93
C MET N 138 73.08 84.44 45.62
N ILE N 139 73.03 84.47 46.95
CA ILE N 139 71.85 84.01 47.66
C ILE N 139 70.78 85.10 47.77
N GLU N 140 71.19 86.33 48.07
CA GLU N 140 70.22 87.41 48.27
C GLU N 140 69.90 88.13 46.96
N SER N 141 70.93 88.48 46.19
CA SER N 141 70.75 89.24 44.96
C SER N 141 70.60 88.36 43.73
N LEU N 142 70.87 87.06 43.84
CA LEU N 142 70.63 86.12 42.75
C LEU N 142 71.45 86.48 41.51
N GLN N 143 72.73 86.79 41.72
CA GLN N 143 73.65 87.13 40.65
C GLN N 143 74.89 86.25 40.75
N PHE N 144 75.21 85.57 39.65
CA PHE N 144 76.41 84.75 39.58
C PHE N 144 77.65 85.61 39.34
N VAL N 145 78.82 84.98 39.36
CA VAL N 145 80.09 85.68 39.13
C VAL N 145 80.50 85.47 37.68
N TYR N 146 80.86 86.56 37.00
CA TYR N 146 81.19 86.52 35.58
C TYR N 146 82.58 87.11 35.31
N PRO O 1 66.34 59.38 85.58
CA PRO O 1 67.41 60.37 85.70
C PRO O 1 67.84 60.90 84.33
N GLN O 2 67.85 62.22 84.15
CA GLN O 2 68.26 62.76 82.88
C GLN O 2 69.75 62.46 82.65
N ALA O 3 70.12 62.26 81.39
CA ALA O 3 71.50 61.94 81.08
C ALA O 3 72.41 63.12 81.42
N ALA O 4 73.52 62.82 82.08
CA ALA O 4 74.52 63.85 82.38
C ALA O 4 75.90 63.21 82.39
N ASP O 5 76.92 64.07 82.48
CA ASP O 5 78.30 63.59 82.51
C ASP O 5 78.50 62.59 83.64
N ILE O 6 79.29 61.55 83.37
CA ILE O 6 79.65 60.55 84.38
C ILE O 6 81.14 60.66 84.62
N VAL O 7 81.54 60.97 85.85
CA VAL O 7 82.95 61.20 86.16
C VAL O 7 83.47 60.04 87.01
N ILE O 8 84.52 59.39 86.53
CA ILE O 8 85.08 58.21 87.17
C ILE O 8 86.59 58.43 87.34
N ALA O 9 87.10 58.07 88.51
CA ALA O 9 88.50 58.34 88.82
C ALA O 9 89.43 57.30 88.18
N ASP O 10 90.62 57.75 87.79
CA ASP O 10 91.65 56.89 87.25
C ASP O 10 92.23 56.02 88.36
N ALA O 11 93.21 55.18 87.99
CA ALA O 11 93.94 54.38 88.97
C ALA O 11 95.41 54.78 89.03
N GLN O 12 95.73 56.02 88.69
CA GLN O 12 97.11 56.46 88.68
C GLN O 12 97.58 56.75 90.11
N ALA O 13 98.89 57.02 90.23
CA ALA O 13 99.46 57.46 91.49
C ALA O 13 98.63 58.58 92.10
N THR O 14 98.50 59.68 91.36
CA THR O 14 97.48 60.67 91.68
C THR O 14 96.31 60.42 90.75
N PRO O 15 95.18 59.92 91.25
CA PRO O 15 94.04 59.62 90.37
C PRO O 15 93.64 60.83 89.54
N VAL O 16 93.32 60.56 88.27
CA VAL O 16 92.91 61.59 87.31
C VAL O 16 91.46 61.33 86.90
N ASN O 17 90.62 62.34 87.05
CA ASN O 17 89.20 62.17 86.75
C ASN O 17 88.98 62.11 85.23
N HIS O 18 88.29 61.06 84.78
CA HIS O 18 87.84 60.95 83.40
C HIS O 18 86.36 61.31 83.35
N THR O 19 86.00 62.24 82.46
CA THR O 19 84.63 62.69 82.31
C THR O 19 84.05 62.08 81.03
N PHE O 20 82.99 61.28 81.20
CA PHE O 20 82.28 60.62 80.11
C PHE O 20 81.04 61.46 79.77
N VAL O 21 81.11 62.17 78.65
CA VAL O 21 80.01 62.97 78.15
C VAL O 21 79.04 62.04 77.46
N PRO O 22 77.72 62.14 77.68
CA PRO O 22 76.79 61.27 76.96
C PRO O 22 76.82 61.52 75.46
N ILE O 23 76.97 60.43 74.70
CA ILE O 23 76.73 60.46 73.26
C ILE O 23 75.26 60.26 72.96
N GLY O 24 74.56 59.45 73.76
CA GLY O 24 73.17 59.24 73.53
C GLY O 24 72.83 57.77 73.34
N PRO O 25 71.59 57.48 72.99
CA PRO O 25 71.18 56.10 72.82
C PRO O 25 71.72 55.51 71.53
N ASP O 26 72.02 54.22 71.57
CA ASP O 26 72.50 53.52 70.39
C ASP O 26 71.42 53.58 69.30
N PRO O 27 71.73 54.05 68.10
CA PRO O 27 70.72 54.06 67.05
C PRO O 27 70.23 52.67 66.68
N LYS O 28 71.09 51.65 66.82
CA LYS O 28 70.68 50.29 66.48
C LYS O 28 69.78 49.69 67.56
N ASP O 29 70.04 50.01 68.84
CA ASP O 29 69.26 49.48 69.97
C ASP O 29 68.97 50.63 70.93
N ALA O 30 67.69 50.94 71.10
CA ALA O 30 67.28 52.06 71.93
C ALA O 30 67.43 51.80 73.43
N THR O 31 67.62 50.54 73.84
CA THR O 31 67.71 50.20 75.25
C THR O 31 69.12 50.31 75.80
N ILE O 32 70.06 50.84 75.04
CA ILE O 32 71.44 50.95 75.50
C ILE O 32 71.91 52.37 75.22
N TYR O 33 72.50 53.00 76.25
CA TYR O 33 72.91 54.40 76.21
C TYR O 33 74.42 54.48 76.37
N TRP O 34 75.00 55.51 75.73
CA TRP O 34 76.45 55.61 75.57
C TRP O 34 76.97 56.96 76.06
N TRP O 35 78.00 56.90 76.91
CA TRP O 35 78.85 58.01 77.28
C TRP O 35 80.26 57.76 76.73
N GLU O 36 81.02 58.83 76.52
CA GLU O 36 82.33 58.77 75.89
C GLU O 36 83.30 59.70 76.59
N ASP O 37 84.51 59.19 76.83
CA ASP O 37 85.60 59.97 77.41
C ASP O 37 86.47 60.48 76.27
N GLN O 38 86.44 61.79 76.04
CA GLN O 38 87.08 62.38 74.87
C GLN O 38 88.49 62.90 75.16
N SER O 39 89.12 62.43 76.24
CA SER O 39 90.42 62.94 76.64
C SER O 39 91.58 62.23 75.96
N GLN O 40 91.31 61.24 75.13
CA GLN O 40 92.36 60.42 74.53
C GLN O 40 92.94 61.13 73.30
N ALA O 41 93.84 60.43 72.60
CA ALA O 41 94.68 61.09 71.60
C ALA O 41 93.93 61.41 70.32
N SER O 42 93.06 60.50 69.87
CA SER O 42 92.21 60.74 68.71
C SER O 42 90.95 59.92 68.89
N PRO O 43 89.88 60.21 68.15
CA PRO O 43 88.57 59.62 68.49
C PRO O 43 88.55 58.11 68.52
N ALA O 44 89.31 57.43 67.65
CA ALA O 44 89.31 55.98 67.65
C ALA O 44 89.66 55.40 69.02
N GLY O 45 90.44 56.13 69.81
CA GLY O 45 90.85 55.71 71.14
C GLY O 45 90.06 56.27 72.30
N TYR O 46 88.96 56.98 72.04
CA TYR O 46 88.12 57.52 73.11
C TYR O 46 87.51 56.38 73.93
N TRP O 47 87.66 56.46 75.25
CA TRP O 47 87.05 55.44 76.11
C TRP O 47 85.54 55.61 76.13
N ARG O 48 84.82 54.50 76.26
CA ARG O 48 83.36 54.54 76.21
C ARG O 48 82.77 53.74 77.35
N LEU O 49 81.54 54.10 77.70
CA LEU O 49 80.79 53.47 78.76
C LEU O 49 79.35 53.33 78.28
N SER O 50 78.75 52.17 78.52
CA SER O 50 77.42 51.85 78.01
C SER O 50 76.56 51.24 79.12
N MET O 51 75.32 51.69 79.22
CA MET O 51 74.39 51.14 80.20
C MET O 51 73.10 50.76 79.50
N GLN O 52 72.61 49.55 79.77
CA GLN O 52 71.46 48.98 79.06
C GLN O 52 70.45 48.45 80.06
N LEU O 53 69.18 48.82 79.84
CA LEU O 53 68.07 48.36 80.66
C LEU O 53 67.04 47.72 79.74
N VAL O 54 66.80 46.43 79.92
CA VAL O 54 65.86 45.68 79.11
C VAL O 54 64.78 45.18 80.07
N ARG O 55 63.64 45.87 80.06
CA ARG O 55 62.41 45.56 80.77
C ARG O 55 61.48 44.77 79.86
N PRO O 56 60.80 43.78 80.39
CA PRO O 56 59.93 42.95 79.56
C PRO O 56 58.63 43.65 79.22
N ALA O 57 57.97 43.13 78.18
CA ALA O 57 56.67 43.64 77.81
C ALA O 57 55.72 43.52 79.02
N PRO O 58 54.80 44.48 79.17
CA PRO O 58 54.02 44.55 80.41
C PRO O 58 53.23 43.28 80.68
N ALA O 59 53.10 42.96 81.96
CA ALA O 59 52.33 41.79 82.38
C ALA O 59 50.89 41.92 81.91
N LYS O 60 50.31 40.81 81.48
CA LYS O 60 48.94 40.78 81.00
C LYS O 60 48.03 40.10 82.03
N ALA O 61 46.73 40.37 81.90
CA ALA O 61 45.77 39.87 82.87
C ALA O 61 45.76 38.35 82.86
N GLY O 62 45.88 37.75 84.04
CA GLY O 62 45.92 36.31 84.16
C GLY O 62 47.18 35.64 83.65
N GLN O 63 48.18 36.40 83.22
CA GLN O 63 49.41 35.83 82.69
C GLN O 63 50.28 35.34 83.85
N ASN O 64 51.20 34.43 83.53
CA ASN O 64 52.09 33.86 84.54
C ASN O 64 53.43 34.57 84.50
N THR O 65 53.86 35.08 85.65
CA THR O 65 55.03 35.95 85.73
C THR O 65 56.34 35.22 85.99
N ASN O 66 56.29 33.93 86.37
CA ASN O 66 57.40 33.31 87.08
C ASN O 66 58.64 33.18 86.22
N GLN O 67 58.59 33.56 84.95
CA GLN O 67 59.78 33.53 84.10
C GLN O 67 60.17 34.88 83.52
N ARG O 68 59.36 35.92 83.70
CA ARG O 68 59.69 37.22 83.13
C ARG O 68 60.82 37.86 83.91
N MET O 69 61.77 38.47 83.21
CA MET O 69 62.98 38.97 83.85
C MET O 69 63.47 40.26 83.21
N ILE O 70 64.14 41.09 84.03
CA ILE O 70 64.72 42.37 83.64
C ILE O 70 66.23 42.20 83.61
N ARG O 71 66.87 42.78 82.59
CA ARG O 71 68.33 42.69 82.48
C ARG O 71 68.92 44.09 82.47
N VAL O 72 70.09 44.23 83.11
CA VAL O 72 70.83 45.49 83.10
C VAL O 72 72.28 45.16 82.78
N ARG O 73 72.85 45.81 81.76
CA ARG O 73 74.22 45.55 81.34
C ARG O 73 75.01 46.84 81.35
N VAL O 74 76.08 46.88 82.14
CA VAL O 74 77.00 47.99 82.19
C VAL O 74 78.32 47.54 81.60
N SER O 75 78.83 48.29 80.63
CA SER O 75 80.02 47.90 79.90
C SER O 75 80.99 49.08 79.80
N THR O 76 82.28 48.82 79.99
CA THR O 76 83.29 49.87 79.87
C THR O 76 84.41 49.40 78.93
N PHE O 77 84.76 50.26 77.97
CA PHE O 77 85.78 49.99 76.98
C PHE O 77 86.86 51.07 77.08
N GLU O 78 88.11 50.64 77.25
CA GLU O 78 89.24 51.56 77.40
C GLU O 78 90.31 51.24 76.36
N PRO O 79 90.02 51.48 75.08
CA PRO O 79 91.00 51.14 74.05
C PRO O 79 92.27 51.96 74.17
N ILE O 80 93.40 51.31 73.94
CA ILE O 80 94.72 51.93 74.00
C ILE O 80 95.22 52.13 72.58
N LEU O 81 95.47 53.39 72.22
CA LEU O 81 95.90 53.71 70.87
C LEU O 81 97.33 53.26 70.63
N GLU O 82 97.58 52.76 69.42
CA GLU O 82 98.94 52.37 69.06
C GLU O 82 99.82 53.62 68.97
N VAL O 83 101.05 53.51 69.47
CA VAL O 83 102.04 54.58 69.34
C VAL O 83 102.87 54.33 68.09
N ALA O 84 103.00 55.36 67.26
CA ALA O 84 103.62 55.19 65.96
C ALA O 84 105.14 55.09 66.10
N VAL O 85 105.74 54.27 65.25
CA VAL O 85 107.19 54.28 65.06
C VAL O 85 107.46 54.57 63.59
N THR O 86 108.73 54.59 63.21
CA THR O 86 109.09 54.94 61.85
C THR O 86 108.60 53.88 60.87
N ALA O 87 107.76 54.30 59.92
CA ALA O 87 107.30 53.43 58.86
C ALA O 87 108.34 53.42 57.74
N THR O 88 108.74 52.22 57.30
CA THR O 88 109.87 52.09 56.39
C THR O 88 109.48 51.68 54.98
N TYR O 89 108.30 51.11 54.78
CA TYR O 89 107.91 50.75 53.41
C TYR O 89 107.54 51.99 52.60
N SER O 90 106.62 52.82 53.12
CA SER O 90 106.15 53.98 52.39
C SER O 90 106.62 55.30 52.96
N GLY O 91 107.19 55.30 54.17
CA GLY O 91 107.57 56.54 54.82
C GLY O 91 106.40 57.40 55.24
N ILE O 92 105.18 56.87 55.13
CA ILE O 92 103.96 57.56 55.50
C ILE O 92 103.45 56.97 56.80
N ALA O 93 103.43 57.79 57.85
CA ALA O 93 103.01 57.31 59.16
C ALA O 93 101.58 56.80 59.08
N PRO O 94 101.24 55.75 59.83
CA PRO O 94 99.93 55.12 59.65
C PRO O 94 98.83 55.88 60.35
N SER O 95 97.61 55.68 59.84
CA SER O 95 96.43 56.23 60.47
C SER O 95 96.36 55.77 61.93
N PRO O 96 95.74 56.55 62.81
CA PRO O 96 95.62 56.12 64.21
C PRO O 96 94.87 54.79 64.26
N THR O 97 95.51 53.81 64.88
CA THR O 97 94.98 52.46 64.95
C THR O 97 94.90 52.03 66.41
N VAL O 98 93.86 51.29 66.74
CA VAL O 98 93.70 50.79 68.11
C VAL O 98 94.59 49.58 68.30
N SER O 99 95.43 49.63 69.34
CA SER O 99 96.37 48.54 69.57
C SER O 99 95.71 47.35 70.26
N TYR O 100 95.02 47.59 71.37
CA TYR O 100 94.31 46.53 72.07
C TYR O 100 93.26 47.18 72.96
N VAL O 101 92.28 46.40 73.39
CA VAL O 101 91.19 46.98 74.18
C VAL O 101 90.93 46.18 75.46
N PRO O 102 91.35 46.71 76.61
CA PRO O 102 90.88 46.16 77.89
C PRO O 102 89.43 46.57 78.11
N LYS O 103 88.58 45.60 78.46
CA LYS O 103 87.17 45.93 78.58
C LYS O 103 86.53 45.11 79.70
N ALA O 104 85.35 45.56 80.11
CA ALA O 104 84.60 44.87 81.16
C ALA O 104 83.12 44.93 80.85
N PHE O 105 82.42 43.85 81.21
CA PHE O 105 81.01 43.66 80.90
C PHE O 105 80.33 43.06 82.11
N THR O 106 79.36 43.77 82.69
CA THR O 106 78.61 43.29 83.84
C THR O 106 77.13 43.19 83.48
N GLU O 107 76.51 42.05 83.76
CA GLU O 107 75.11 41.81 83.48
C GLU O 107 74.40 41.39 84.76
N PHE O 108 73.38 42.15 85.14
CA PHE O 108 72.47 41.82 86.21
C PHE O 108 71.23 41.18 85.60
N VAL O 109 70.88 40.01 86.11
CA VAL O 109 69.61 39.35 85.81
C VAL O 109 68.74 39.49 87.06
N LEU O 110 67.72 40.34 86.96
CA LEU O 110 66.80 40.64 88.05
C LEU O 110 65.43 40.15 87.64
N PRO O 111 64.95 39.02 88.17
CA PRO O 111 63.59 38.60 87.84
C PRO O 111 62.57 39.63 88.31
N GLU O 112 61.54 39.86 87.48
CA GLU O 112 60.57 40.90 87.77
C GLU O 112 59.94 40.70 89.14
N ARG O 113 59.70 39.45 89.50
CA ARG O 113 59.22 39.08 90.82
C ARG O 113 60.04 39.67 91.97
N ALA O 114 61.32 39.96 91.77
CA ALA O 114 62.21 40.29 92.88
C ALA O 114 61.87 41.65 93.48
N THR O 115 62.12 41.77 94.78
CA THR O 115 61.81 43.00 95.51
C THR O 115 62.94 44.02 95.39
N LEU O 116 62.58 45.27 95.69
CA LEU O 116 63.56 46.35 95.72
C LEU O 116 64.74 45.99 96.61
N ASP O 117 64.47 45.37 97.74
CA ASP O 117 65.56 44.95 98.62
C ASP O 117 66.47 43.95 97.92
N ASN O 118 65.89 43.00 97.17
CA ASN O 118 66.69 42.04 96.42
C ASN O 118 67.60 42.75 95.42
N ARG O 119 67.06 43.75 94.72
CA ARG O 119 67.84 44.44 93.70
C ARG O 119 68.95 45.27 94.34
N LYS O 120 68.65 45.97 95.45
CA LYS O 120 69.68 46.72 96.16
C LYS O 120 70.77 45.79 96.67
N ASP O 121 70.38 44.61 97.17
CA ASP O 121 71.33 43.61 97.65
C ASP O 121 72.28 43.19 96.53
N ILE O 122 71.73 42.77 95.39
CA ILE O 122 72.59 42.23 94.34
C ILE O 122 73.51 43.31 93.79
N ARG O 123 72.99 44.53 93.59
CA ARG O 123 73.83 45.62 93.09
C ARG O 123 74.97 45.92 94.05
N LYS O 124 74.64 46.23 95.32
CA LYS O 124 75.68 46.60 96.27
C LYS O 124 76.70 45.48 96.44
N MET O 125 76.22 44.24 96.58
CA MET O 125 77.12 43.15 96.94
C MET O 125 78.03 42.77 95.79
N HIS O 126 77.53 42.83 94.55
CA HIS O 126 78.41 42.58 93.41
C HIS O 126 79.43 43.71 93.26
N ALA O 127 78.98 44.97 93.33
CA ALA O 127 79.90 46.09 93.20
C ALA O 127 80.99 46.03 94.25
N LEU O 128 80.67 45.50 95.42
CA LEU O 128 81.69 45.27 96.45
C LEU O 128 82.58 44.08 96.10
N ALA O 129 81.98 43.00 95.57
CA ALA O 129 82.76 41.81 95.24
C ALA O 129 83.84 42.12 94.22
N LEU O 130 83.62 43.14 93.38
CA LEU O 130 84.65 43.56 92.45
C LEU O 130 85.80 44.31 93.11
N THR O 131 85.69 44.66 94.39
CA THR O 131 86.75 45.39 95.09
C THR O 131 87.45 44.56 96.16
N THR O 132 87.12 43.27 96.28
CA THR O 132 87.75 42.41 97.25
C THR O 132 89.24 42.23 96.92
N SER O 133 90.02 41.89 97.94
CA SER O 133 91.45 41.64 97.72
C SER O 133 91.66 40.53 96.72
N GLU O 134 90.78 39.52 96.72
CA GLU O 134 90.87 38.42 95.77
C GLU O 134 90.64 38.91 94.34
N ALA O 135 89.62 39.73 94.13
CA ALA O 135 89.36 40.28 92.80
C ALA O 135 90.52 41.17 92.34
N ILE O 136 91.07 41.96 93.26
CA ILE O 136 92.22 42.79 92.91
C ILE O 136 93.40 41.93 92.50
N ALA O 137 93.64 40.84 93.24
CA ALA O 137 94.77 39.97 92.92
C ALA O 137 94.57 39.28 91.58
N MET O 138 93.34 38.88 91.25
CA MET O 138 93.11 38.19 89.98
C MET O 138 93.22 39.13 88.79
N ILE O 139 92.61 40.31 88.89
CA ILE O 139 92.55 41.19 87.74
C ILE O 139 93.86 41.96 87.56
N GLU O 140 94.44 42.45 88.65
CA GLU O 140 95.64 43.27 88.54
C GLU O 140 96.92 42.45 88.53
N SER O 141 97.04 41.47 89.43
CA SER O 141 98.26 40.69 89.60
C SER O 141 98.18 39.31 88.97
N LEU O 142 97.04 38.93 88.44
CA LEU O 142 96.90 37.68 87.67
C LEU O 142 97.21 36.45 88.53
N GLN O 143 96.65 36.42 89.74
CA GLN O 143 96.86 35.34 90.69
C GLN O 143 95.53 34.73 91.09
N PHE O 144 95.47 33.40 91.08
CA PHE O 144 94.30 32.68 91.52
C PHE O 144 94.35 32.47 93.04
N VAL O 145 93.33 31.81 93.59
CA VAL O 145 93.28 31.50 95.02
C VAL O 145 93.46 30.00 95.19
N TYR O 146 94.10 29.61 96.29
CA TYR O 146 94.51 28.21 96.44
C TYR O 146 94.30 27.67 97.86
N PRO P 1 82.07 80.40 -74.95
CA PRO P 1 83.13 81.38 -74.76
C PRO P 1 84.17 80.92 -73.74
N GLN P 2 85.40 81.42 -73.84
CA GLN P 2 86.42 81.05 -72.88
C GLN P 2 86.15 81.69 -71.52
N ALA P 3 86.51 80.97 -70.47
CA ALA P 3 86.21 81.41 -69.11
C ALA P 3 87.14 82.54 -68.70
N ALA P 4 86.56 83.59 -68.12
CA ALA P 4 87.35 84.71 -67.62
C ALA P 4 86.71 85.25 -66.36
N ASP P 5 87.38 86.25 -65.75
CA ASP P 5 86.93 86.84 -64.50
C ASP P 5 85.49 87.35 -64.62
N ILE P 6 84.72 87.19 -63.56
CA ILE P 6 83.36 87.70 -63.49
C ILE P 6 83.31 88.74 -62.38
N VAL P 7 82.96 89.97 -62.71
CA VAL P 7 82.99 91.05 -61.73
C VAL P 7 81.56 91.48 -61.42
N ILE P 8 81.20 91.44 -60.14
CA ILE P 8 79.85 91.73 -59.68
C ILE P 8 79.92 92.75 -58.57
N ALA P 9 79.03 93.75 -58.62
CA ALA P 9 79.06 94.85 -57.67
C ALA P 9 78.44 94.47 -56.33
N ASP P 10 78.98 95.05 -55.26
CA ASP P 10 78.47 94.88 -53.91
C ASP P 10 77.14 95.61 -53.76
N ALA P 11 76.55 95.48 -52.58
CA ALA P 11 75.37 96.26 -52.21
C ALA P 11 75.65 97.20 -51.05
N GLN P 12 76.91 97.60 -50.89
CA GLN P 12 77.27 98.53 -49.84
C GLN P 12 76.81 99.94 -50.20
N ALA P 13 76.92 100.85 -49.22
CA ALA P 13 76.65 102.26 -49.46
C ALA P 13 77.45 102.76 -50.66
N THR P 14 78.77 102.57 -50.62
CA THR P 14 79.59 102.70 -51.80
C THR P 14 79.90 101.31 -52.31
N PRO P 15 79.30 100.87 -53.40
CA PRO P 15 79.48 99.48 -53.86
C PRO P 15 80.95 99.15 -54.11
N VAL P 16 81.30 97.89 -53.85
CA VAL P 16 82.64 97.37 -54.00
C VAL P 16 82.61 96.22 -55.00
N ASN P 17 83.47 96.29 -56.02
CA ASN P 17 83.48 95.23 -57.03
C ASN P 17 84.14 93.98 -56.46
N HIS P 18 83.42 92.86 -56.51
CA HIS P 18 83.97 91.55 -56.19
C HIS P 18 84.32 90.85 -57.49
N THR P 19 85.57 90.37 -57.59
CA THR P 19 86.07 89.72 -58.79
C THR P 19 86.16 88.22 -58.53
N PHE P 20 85.33 87.45 -59.24
CA PHE P 20 85.30 85.99 -59.17
C PHE P 20 86.23 85.45 -60.23
N VAL P 21 87.40 84.99 -59.81
CA VAL P 21 88.39 84.37 -60.70
C VAL P 21 87.89 82.98 -61.07
N PRO P 22 88.05 82.54 -62.33
CA PRO P 22 87.62 81.17 -62.67
C PRO P 22 88.52 80.14 -62.01
N ILE P 23 87.91 79.27 -61.20
CA ILE P 23 88.62 78.14 -60.64
C ILE P 23 88.64 76.96 -61.60
N GLY P 24 87.53 76.70 -62.27
CA GLY P 24 87.50 75.63 -63.24
C GLY P 24 86.29 74.75 -63.11
N PRO P 25 86.23 73.70 -63.92
CA PRO P 25 85.07 72.81 -63.86
C PRO P 25 85.08 71.95 -62.61
N ASP P 26 83.88 71.56 -62.19
CA ASP P 26 83.72 70.71 -61.01
C ASP P 26 84.28 69.31 -61.29
N PRO P 27 85.11 68.77 -60.41
CA PRO P 27 85.66 67.42 -60.67
C PRO P 27 84.60 66.35 -60.82
N LYS P 28 83.51 66.44 -60.07
CA LYS P 28 82.46 65.43 -60.12
C LYS P 28 81.60 65.57 -61.37
N ASP P 29 81.27 66.80 -61.77
CA ASP P 29 80.36 67.05 -62.89
C ASP P 29 81.03 68.00 -63.87
N ALA P 30 81.21 67.53 -65.11
CA ALA P 30 81.85 68.34 -66.13
C ALA P 30 80.95 69.46 -66.66
N THR P 31 79.68 69.47 -66.30
CA THR P 31 78.73 70.47 -66.81
C THR P 31 78.64 71.71 -65.94
N ILE P 32 79.31 71.74 -64.81
CA ILE P 32 79.20 72.86 -63.88
C ILE P 32 80.59 73.45 -63.68
N TYR P 33 80.67 74.78 -63.73
CA TYR P 33 81.93 75.52 -63.72
C TYR P 33 81.91 76.52 -62.57
N TRP P 34 83.07 76.70 -61.94
CA TRP P 34 83.19 77.42 -60.67
C TRP P 34 84.14 78.60 -60.81
N TRP P 35 83.63 79.78 -60.42
CA TRP P 35 84.39 80.99 -60.17
C TRP P 35 84.39 81.27 -58.66
N GLU P 36 85.43 81.95 -58.18
CA GLU P 36 85.63 82.17 -56.76
C GLU P 36 86.19 83.56 -56.49
N ASP P 37 85.54 84.27 -55.57
CA ASP P 37 86.02 85.55 -55.04
C ASP P 37 86.90 85.27 -53.84
N GLN P 38 88.20 85.54 -54.00
CA GLN P 38 89.25 85.18 -53.06
C GLN P 38 89.68 86.36 -52.19
N SER P 39 88.82 87.36 -52.06
CA SER P 39 89.16 88.58 -51.32
C SER P 39 88.84 88.49 -49.83
N GLN P 40 88.28 87.36 -49.38
CA GLN P 40 87.83 87.24 -48.00
C GLN P 40 89.02 86.83 -47.12
N ALA P 41 88.74 86.57 -45.84
CA ALA P 41 89.79 86.38 -44.85
C ALA P 41 90.64 85.14 -45.14
N SER P 42 90.02 83.96 -45.10
CA SER P 42 90.70 82.71 -45.40
C SER P 42 89.83 81.93 -46.39
N PRO P 43 90.40 80.94 -47.07
CA PRO P 43 89.68 80.32 -48.20
C PRO P 43 88.35 79.70 -47.84
N ALA P 44 88.11 79.38 -46.57
CA ALA P 44 86.82 78.81 -46.18
C ALA P 44 85.67 79.80 -46.35
N GLY P 45 85.96 81.10 -46.39
CA GLY P 45 84.97 82.14 -46.55
C GLY P 45 84.95 82.79 -47.92
N TYR P 46 85.65 82.21 -48.90
CA TYR P 46 85.66 82.73 -50.26
C TYR P 46 84.28 82.63 -50.88
N TRP P 47 83.84 83.67 -51.59
CA TRP P 47 82.52 83.60 -52.20
C TRP P 47 82.59 82.85 -53.52
N ARG P 48 81.54 82.12 -53.84
CA ARG P 48 81.61 81.23 -54.99
C ARG P 48 80.43 81.45 -55.91
N LEU P 49 80.66 81.17 -57.19
CA LEU P 49 79.65 81.32 -58.23
C LEU P 49 79.78 80.13 -59.17
N SER P 50 78.70 79.40 -59.38
CA SER P 50 78.71 78.20 -60.20
C SER P 50 77.68 78.36 -61.32
N MET P 51 78.09 78.03 -62.54
CA MET P 51 77.18 78.03 -63.68
C MET P 51 77.22 76.67 -64.36
N GLN P 52 76.03 76.12 -64.65
CA GLN P 52 75.90 74.77 -65.16
C GLN P 52 74.97 74.73 -66.36
N LEU P 53 75.41 74.07 -67.42
CA LEU P 53 74.64 73.91 -68.66
C LEU P 53 74.54 72.42 -68.99
N VAL P 54 73.34 71.87 -68.85
CA VAL P 54 73.07 70.46 -69.10
C VAL P 54 72.28 70.36 -70.39
N ARG P 55 72.98 69.99 -71.46
CA ARG P 55 72.43 69.66 -72.77
C ARG P 55 72.03 68.20 -72.81
N PRO P 56 70.89 67.88 -73.42
CA PRO P 56 70.57 66.48 -73.65
C PRO P 56 71.44 65.90 -74.77
N ALA P 57 71.53 64.56 -74.79
CA ALA P 57 72.43 63.91 -75.73
C ALA P 57 71.93 64.07 -77.16
N PRO P 58 72.83 64.26 -78.14
CA PRO P 58 72.37 64.48 -79.52
C PRO P 58 71.59 63.29 -80.08
N ALA P 59 70.39 63.56 -80.57
CA ALA P 59 69.55 62.52 -81.15
C ALA P 59 68.57 63.12 -82.14
N THR P 65 60.78 62.31 -77.13
CA THR P 65 61.80 63.18 -77.70
C THR P 65 61.34 64.63 -77.85
N ASN P 66 60.05 64.90 -77.60
CA ASN P 66 59.58 66.26 -77.39
C ASN P 66 59.59 66.63 -75.92
N GLN P 67 60.16 65.77 -75.07
CA GLN P 67 60.38 66.06 -73.66
C GLN P 67 61.87 66.19 -73.39
N ARG P 68 62.61 66.79 -74.31
CA ARG P 68 64.05 66.98 -74.17
C ARG P 68 64.27 68.43 -73.77
N MET P 69 64.88 68.64 -72.62
CA MET P 69 64.94 69.98 -72.08
C MET P 69 66.38 70.28 -71.66
N ILE P 70 66.84 71.47 -72.02
CA ILE P 70 68.13 71.99 -71.62
C ILE P 70 67.98 72.68 -70.29
N ARG P 71 68.88 72.41 -69.35
CA ARG P 71 68.82 73.06 -68.05
C ARG P 71 70.03 73.95 -67.84
N VAL P 72 69.82 75.07 -67.15
CA VAL P 72 70.89 75.99 -66.81
C VAL P 72 70.71 76.39 -65.34
N ARG P 73 71.76 76.21 -64.54
CA ARG P 73 71.71 76.53 -63.12
C ARG P 73 72.82 77.50 -62.77
N VAL P 74 72.44 78.65 -62.20
CA VAL P 74 73.39 79.64 -61.70
C VAL P 74 73.21 79.71 -60.18
N SER P 75 74.32 79.57 -59.46
CA SER P 75 74.27 79.48 -58.01
C SER P 75 75.34 80.39 -57.40
N THR P 76 74.98 81.16 -56.39
CA THR P 76 75.91 82.06 -55.71
C THR P 76 75.91 81.75 -54.22
N PHE P 77 77.10 81.55 -53.66
CA PHE P 77 77.29 81.29 -52.25
C PHE P 77 78.15 82.40 -51.65
N GLU P 78 77.69 82.99 -50.55
CA GLU P 78 78.40 84.08 -49.88
C GLU P 78 78.59 83.77 -48.40
N PRO P 79 79.46 82.82 -48.07
CA PRO P 79 79.65 82.47 -46.65
C PRO P 79 80.26 83.62 -45.86
N ILE P 80 79.85 83.71 -44.59
CA ILE P 80 80.31 84.76 -43.68
C ILE P 80 81.11 84.09 -42.57
N LEU P 81 82.39 84.45 -42.47
CA LEU P 81 83.26 83.84 -41.47
C LEU P 81 83.05 84.48 -40.10
N GLU P 82 83.38 83.73 -39.06
CA GLU P 82 83.37 84.26 -37.71
C GLU P 82 84.59 85.15 -37.50
N VAL P 83 84.41 86.21 -36.71
CA VAL P 83 85.49 87.17 -36.49
C VAL P 83 86.57 86.55 -35.60
N ALA P 84 87.81 87.01 -35.79
CA ALA P 84 88.93 86.51 -34.99
C ALA P 84 88.62 86.63 -33.51
N VAL P 85 89.03 85.60 -32.74
CA VAL P 85 88.71 85.52 -31.32
C VAL P 85 89.74 86.31 -30.52
N THR P 86 89.28 86.95 -29.43
CA THR P 86 90.16 87.66 -28.52
C THR P 86 90.56 86.80 -27.34
N ALA P 87 89.81 85.75 -27.05
CA ALA P 87 90.10 84.89 -25.92
C ALA P 87 89.31 83.60 -26.05
N THR P 88 89.97 82.48 -25.78
CA THR P 88 89.29 81.19 -25.74
C THR P 88 89.65 80.49 -24.44
N TYR P 89 89.06 79.32 -24.22
CA TYR P 89 89.26 78.65 -22.93
C TYR P 89 90.69 78.16 -22.78
N SER P 90 91.32 77.76 -23.88
CA SER P 90 92.65 77.19 -23.86
C SER P 90 93.74 78.17 -24.24
N GLY P 91 93.39 79.30 -24.84
CA GLY P 91 94.38 80.26 -25.27
C GLY P 91 94.88 80.08 -26.69
N ILE P 92 94.42 79.05 -27.40
CA ILE P 92 94.75 78.83 -28.79
C ILE P 92 93.54 79.21 -29.64
N ALA P 93 93.75 80.07 -30.62
CA ALA P 93 92.65 80.54 -31.45
C ALA P 93 92.14 79.40 -32.34
N PRO P 94 90.82 79.26 -32.49
CA PRO P 94 90.27 78.20 -33.32
C PRO P 94 90.50 78.45 -34.80
N SER P 95 90.43 77.37 -35.57
CA SER P 95 90.56 77.47 -37.01
C SER P 95 89.44 78.35 -37.57
N PRO P 96 89.67 79.02 -38.70
CA PRO P 96 88.61 79.84 -39.29
C PRO P 96 87.39 79.00 -39.58
N THR P 97 86.24 79.43 -39.04
CA THR P 97 85.00 78.70 -39.16
C THR P 97 83.94 79.56 -39.83
N VAL P 98 83.01 78.90 -40.49
CA VAL P 98 81.94 79.59 -41.21
C VAL P 98 80.76 79.77 -40.27
N SER P 99 80.30 81.02 -40.13
CA SER P 99 79.20 81.30 -39.21
C SER P 99 77.85 80.92 -39.82
N TYR P 100 77.58 81.38 -41.04
CA TYR P 100 76.34 81.08 -41.74
C TYR P 100 76.55 81.38 -43.21
N VAL P 101 75.67 80.82 -44.05
CA VAL P 101 75.86 80.99 -45.49
C VAL P 101 74.56 81.37 -46.20
N PRO P 102 74.37 82.64 -46.53
CA PRO P 102 73.29 83.00 -47.45
C PRO P 102 73.66 82.58 -48.87
N LYS P 103 72.68 82.03 -49.58
CA LYS P 103 72.98 81.51 -50.91
C LYS P 103 71.75 81.64 -51.80
N ALA P 104 71.97 81.46 -53.10
CA ALA P 104 70.91 81.57 -54.09
C ALA P 104 71.14 80.59 -55.21
N PHE P 105 70.05 80.02 -55.72
CA PHE P 105 70.07 78.97 -56.73
C PHE P 105 68.98 79.27 -57.74
N THR P 106 69.35 79.45 -59.01
CA THR P 106 68.39 79.74 -60.09
C THR P 106 68.54 78.68 -61.17
N GLU P 107 67.42 78.13 -61.62
CA GLU P 107 67.39 77.08 -62.63
C GLU P 107 66.44 77.47 -63.75
N PHE P 108 66.95 77.49 -64.97
CA PHE P 108 66.17 77.67 -66.18
C PHE P 108 65.95 76.30 -66.80
N VAL P 109 64.68 76.02 -67.13
CA VAL P 109 64.29 74.83 -67.88
C VAL P 109 63.85 75.33 -69.25
N LEU P 110 64.62 74.97 -70.28
CA LEU P 110 64.45 75.49 -71.61
C LEU P 110 64.21 74.34 -72.57
N PRO P 111 62.97 74.08 -73.00
CA PRO P 111 62.73 72.98 -73.94
C PRO P 111 63.54 73.16 -75.21
N GLU P 112 63.93 72.03 -75.81
CA GLU P 112 64.80 72.08 -76.99
C GLU P 112 64.08 72.71 -78.18
N ARG P 113 62.75 72.69 -78.20
CA ARG P 113 62.00 73.38 -79.24
C ARG P 113 61.94 74.89 -79.05
N ALA P 114 62.40 75.41 -77.92
CA ALA P 114 62.21 76.83 -77.61
C ALA P 114 63.16 77.69 -78.41
N THR P 115 62.65 78.79 -78.96
CA THR P 115 63.41 79.63 -79.85
C THR P 115 64.26 80.63 -79.05
N LEU P 116 65.26 81.18 -79.74
CA LEU P 116 66.14 82.17 -79.13
C LEU P 116 65.34 83.31 -78.50
N ASP P 117 64.24 83.71 -79.14
CA ASP P 117 63.40 84.74 -78.57
C ASP P 117 62.81 84.31 -77.23
N ASN P 118 62.34 83.06 -77.15
CA ASN P 118 61.80 82.54 -75.90
C ASN P 118 62.86 82.54 -74.80
N ARG P 119 64.09 82.14 -75.15
CA ARG P 119 65.16 82.09 -74.15
C ARG P 119 65.51 83.50 -73.66
N LYS P 120 65.64 84.46 -74.59
CA LYS P 120 65.91 85.84 -74.19
C LYS P 120 64.80 86.38 -73.30
N ASP P 121 63.54 86.06 -73.65
CA ASP P 121 62.39 86.49 -72.84
C ASP P 121 62.49 85.96 -71.42
N ILE P 122 62.67 84.64 -71.27
CA ILE P 122 62.63 84.05 -69.93
C ILE P 122 63.81 84.56 -69.10
N ARG P 123 64.99 84.67 -69.69
CA ARG P 123 66.15 85.18 -68.95
C ARG P 123 65.92 86.61 -68.49
N LYS P 124 65.64 87.52 -69.43
CA LYS P 124 65.45 88.93 -69.08
C LYS P 124 64.34 89.09 -68.05
N MET P 125 63.23 88.39 -68.24
CA MET P 125 62.05 88.63 -67.43
C MET P 125 62.22 88.07 -66.03
N HIS P 126 62.87 86.91 -65.90
CA HIS P 126 63.12 86.38 -64.56
C HIS P 126 64.12 87.25 -63.80
N ALA P 127 65.23 87.62 -64.47
CA ALA P 127 66.20 88.50 -63.84
C ALA P 127 65.54 89.78 -63.35
N LEU P 128 64.64 90.33 -64.16
CA LEU P 128 63.88 91.51 -63.73
C LEU P 128 62.97 91.17 -62.54
N ALA P 129 62.32 90.00 -62.58
CA ALA P 129 61.42 89.60 -61.51
C ALA P 129 62.13 89.52 -60.17
N LEU P 130 63.45 89.31 -60.19
CA LEU P 130 64.21 89.34 -58.94
C LEU P 130 64.49 90.75 -58.42
N THR P 131 64.18 91.79 -59.20
CA THR P 131 64.47 93.16 -58.80
C THR P 131 63.21 93.99 -58.59
N THR P 132 62.03 93.38 -58.66
CA THR P 132 60.78 94.10 -58.43
C THR P 132 60.71 94.59 -56.98
N SER P 133 59.86 95.58 -56.75
CA SER P 133 59.68 96.09 -55.38
C SER P 133 59.20 94.99 -54.44
N GLU P 134 58.35 94.11 -54.95
CA GLU P 134 57.88 92.97 -54.17
C GLU P 134 59.02 92.01 -53.83
N ALA P 135 59.86 91.69 -54.82
CA ALA P 135 61.00 90.81 -54.57
C ALA P 135 61.96 91.43 -53.56
N ILE P 136 62.17 92.74 -53.64
CA ILE P 136 63.09 93.39 -52.70
C ILE P 136 62.49 93.39 -51.31
N ALA P 137 61.17 93.61 -51.20
CA ALA P 137 60.52 93.57 -49.90
C ALA P 137 60.58 92.17 -49.29
N MET P 138 60.48 91.13 -50.12
CA MET P 138 60.49 89.76 -49.59
C MET P 138 61.89 89.33 -49.19
N ILE P 139 62.90 89.60 -50.02
CA ILE P 139 64.23 89.09 -49.75
C ILE P 139 64.98 89.95 -48.74
N GLU P 140 64.83 91.28 -48.83
CA GLU P 140 65.61 92.15 -47.96
C GLU P 140 64.87 92.48 -46.67
N SER P 141 63.60 92.84 -46.76
CA SER P 141 62.82 93.25 -45.61
C SER P 141 61.98 92.11 -45.03
N LEU P 142 61.90 90.99 -45.72
CA LEU P 142 61.22 89.81 -45.21
C LEU P 142 59.74 90.08 -44.97
N GLN P 143 59.07 90.58 -46.01
CA GLN P 143 57.65 90.90 -45.96
C GLN P 143 56.92 90.17 -47.08
N PHE P 144 55.76 89.63 -46.76
CA PHE P 144 54.92 88.98 -47.76
C PHE P 144 53.94 89.99 -48.34
N VAL P 145 53.24 89.58 -49.40
CA VAL P 145 52.22 90.42 -50.04
C VAL P 145 50.85 90.00 -49.55
N TYR P 146 50.00 90.99 -49.26
CA TYR P 146 48.71 90.76 -48.64
C TYR P 146 47.55 91.39 -49.43
N PRO Q 1 95.65 71.63 -80.43
CA PRO Q 1 95.04 72.88 -80.89
C PRO Q 1 93.98 73.37 -79.93
N GLN Q 2 93.70 74.67 -79.96
CA GLN Q 2 92.68 75.23 -79.08
C GLN Q 2 91.29 75.00 -79.67
N ALA Q 3 90.28 75.10 -78.82
CA ALA Q 3 88.91 75.02 -79.29
C ALA Q 3 88.59 76.28 -80.09
N ALA Q 4 88.26 76.09 -81.37
CA ALA Q 4 87.92 77.20 -82.25
C ALA Q 4 86.72 76.82 -83.11
N ASP Q 5 86.14 77.83 -83.75
CA ASP Q 5 85.07 77.59 -84.70
C ASP Q 5 85.56 76.67 -85.82
N ILE Q 6 84.68 75.81 -86.31
CA ILE Q 6 84.97 74.93 -87.44
C ILE Q 6 83.96 75.27 -88.53
N VAL Q 7 84.45 75.66 -89.71
CA VAL Q 7 83.57 76.12 -90.77
C VAL Q 7 83.56 75.10 -91.90
N ILE Q 8 82.37 74.63 -92.26
CA ILE Q 8 82.20 73.58 -93.25
C ILE Q 8 81.15 74.02 -94.27
N ALA Q 9 81.42 73.77 -95.54
CA ALA Q 9 80.59 74.27 -96.62
C ALA Q 9 79.37 73.37 -96.87
N ASP Q 10 78.25 74.01 -97.20
CA ASP Q 10 77.04 73.31 -97.58
C ASP Q 10 77.20 72.66 -98.95
N ALA Q 11 76.23 71.83 -99.32
CA ALA Q 11 76.17 71.24 -100.65
C ALA Q 11 75.08 71.87 -101.52
N GLN Q 12 74.71 73.12 -101.24
CA GLN Q 12 73.71 73.79 -102.04
C GLN Q 12 74.30 74.23 -103.38
N ALA Q 13 73.41 74.68 -104.27
CA ALA Q 13 73.85 75.22 -105.56
C ALA Q 13 74.90 76.30 -105.35
N THR Q 14 74.58 77.30 -104.53
CA THR Q 14 75.57 78.23 -104.03
C THR Q 14 75.88 77.82 -102.60
N PRO Q 15 77.02 77.17 -102.35
CA PRO Q 15 77.29 76.64 -101.00
C PRO Q 15 77.22 77.70 -99.93
N VAL Q 16 76.70 77.31 -98.76
CA VAL Q 16 76.55 78.18 -97.59
C VAL Q 16 77.47 77.66 -96.49
N ASN Q 17 78.28 78.54 -95.93
CA ASN Q 17 79.19 78.15 -94.86
C ASN Q 17 78.42 77.98 -93.55
N HIS Q 18 78.50 76.79 -92.97
CA HIS Q 18 77.98 76.53 -91.64
C HIS Q 18 79.12 76.62 -90.64
N THR Q 19 78.95 77.44 -89.60
CA THR Q 19 79.98 77.66 -88.61
C THR Q 19 79.59 76.91 -87.33
N PHE Q 20 80.41 75.92 -86.95
CA PHE Q 20 80.23 75.12 -85.76
C PHE Q 20 81.05 75.74 -84.62
N VAL Q 21 80.36 76.41 -83.71
CA VAL Q 21 80.96 77.06 -82.54
C VAL Q 21 81.21 75.96 -81.51
N PRO Q 22 82.35 75.95 -80.82
CA PRO Q 22 82.57 74.91 -79.79
C PRO Q 22 81.61 75.06 -78.62
N ILE Q 23 80.88 73.98 -78.33
CA ILE Q 23 80.05 73.92 -77.13
C ILE Q 23 80.90 73.53 -75.93
N GLY Q 24 81.83 72.60 -76.12
CA GLY Q 24 82.68 72.21 -75.04
C GLY Q 24 82.86 70.72 -74.97
N PRO Q 25 83.52 70.24 -73.93
CA PRO Q 25 83.69 68.80 -73.77
C PRO Q 25 82.39 68.13 -73.39
N ASP Q 26 82.33 66.84 -73.70
CA ASP Q 26 81.14 66.06 -73.42
C ASP Q 26 80.93 65.97 -71.90
N PRO Q 27 79.68 65.97 -71.44
CA PRO Q 27 79.45 65.94 -69.98
C PRO Q 27 79.98 64.68 -69.30
N LYS Q 28 79.85 63.55 -69.98
CA LYS Q 28 80.11 62.26 -69.36
C LYS Q 28 81.44 61.62 -69.80
N ASP Q 29 81.99 62.04 -70.93
CA ASP Q 29 83.27 61.54 -71.42
C ASP Q 29 84.19 62.72 -71.69
N ALA Q 30 85.35 62.72 -71.04
CA ALA Q 30 86.31 63.79 -71.14
C ALA Q 30 87.17 63.67 -72.39
N THR Q 31 86.92 62.67 -73.24
CA THR Q 31 87.73 62.43 -74.43
C THR Q 31 87.01 62.82 -75.72
N ILE Q 32 85.82 63.39 -75.63
CA ILE Q 32 85.05 63.76 -76.81
C ILE Q 32 84.58 65.19 -76.63
N TYR Q 33 84.76 66.01 -77.68
CA TYR Q 33 84.51 67.44 -77.67
C TYR Q 33 83.47 67.78 -78.73
N TRP Q 34 82.69 68.85 -78.48
CA TRP Q 34 81.46 69.16 -79.21
C TRP Q 34 81.46 70.58 -79.73
N TRP Q 35 81.24 70.70 -81.04
CA TRP Q 35 80.91 71.93 -81.75
C TRP Q 35 79.47 71.84 -82.28
N GLU Q 36 78.86 73.00 -82.50
CA GLU Q 36 77.44 73.08 -82.86
C GLU Q 36 77.20 74.23 -83.84
N ASP Q 37 76.42 73.95 -84.89
CA ASP Q 37 75.92 74.92 -85.84
C ASP Q 37 74.53 75.34 -85.38
N GLN Q 38 74.45 76.56 -84.85
CA GLN Q 38 73.29 77.11 -84.16
C GLN Q 38 72.46 78.02 -85.06
N SER Q 39 72.59 77.86 -86.37
CA SER Q 39 71.91 78.72 -87.33
C SER Q 39 70.47 78.30 -87.59
N GLN Q 40 70.11 77.10 -87.16
CA GLN Q 40 68.83 76.50 -87.51
C GLN Q 40 67.70 77.18 -86.72
N ALA Q 41 66.47 76.69 -86.90
CA ALA Q 41 65.31 77.45 -86.43
C ALA Q 41 65.12 77.37 -84.91
N SER Q 42 65.35 76.21 -84.31
CA SER Q 42 65.36 76.00 -82.88
C SER Q 42 66.46 74.99 -82.57
N PRO Q 43 66.92 74.93 -81.31
CA PRO Q 43 68.02 74.00 -81.00
C PRO Q 43 67.75 72.55 -81.43
N ALA Q 44 66.49 72.13 -81.47
CA ALA Q 44 66.16 70.78 -81.91
C ALA Q 44 66.72 70.48 -83.29
N GLY Q 45 66.84 71.50 -84.13
CA GLY Q 45 67.38 71.37 -85.47
C GLY Q 45 68.82 71.79 -85.65
N TYR Q 46 69.53 72.18 -84.58
CA TYR Q 46 70.94 72.56 -84.72
C TYR Q 46 71.76 71.37 -85.19
N TRP Q 47 72.84 71.64 -85.93
CA TRP Q 47 73.70 70.56 -86.39
C TRP Q 47 74.92 70.42 -85.50
N ARG Q 48 75.34 69.19 -85.23
CA ARG Q 48 76.37 68.98 -84.23
C ARG Q 48 77.52 68.19 -84.82
N LEU Q 49 78.73 68.49 -84.31
CA LEU Q 49 79.96 67.82 -84.73
C LEU Q 49 80.74 67.46 -83.47
N SER Q 50 81.24 66.23 -83.40
CA SER Q 50 81.92 65.72 -82.22
C SER Q 50 83.21 65.02 -82.64
N MET Q 51 84.29 65.29 -81.92
CA MET Q 51 85.57 64.65 -82.20
C MET Q 51 86.12 64.03 -80.92
N GLN Q 52 86.60 62.79 -81.02
CA GLN Q 52 87.02 62.01 -79.87
C GLN Q 52 88.36 61.35 -80.12
N LEU Q 53 89.28 61.51 -79.18
CA LEU Q 53 90.60 60.88 -79.21
C LEU Q 53 90.74 60.04 -77.96
N VAL Q 54 90.91 58.73 -78.16
CA VAL Q 54 91.07 57.77 -77.06
C VAL Q 54 92.46 57.18 -77.18
N ARG Q 55 93.34 57.58 -76.28
CA ARG Q 55 94.72 57.20 -76.07
C ARG Q 55 94.79 56.06 -75.06
N PRO Q 56 95.74 55.15 -75.20
CA PRO Q 56 95.93 54.10 -74.19
C PRO Q 56 96.72 54.61 -73.01
N ALA Q 57 96.66 53.84 -71.91
CA ALA Q 57 97.42 54.20 -70.72
C ALA Q 57 98.91 54.16 -71.03
N PRO Q 58 99.71 55.01 -70.37
CA PRO Q 58 101.12 55.13 -70.77
C PRO Q 58 101.85 53.81 -70.66
N ALA Q 59 102.83 53.63 -71.53
CA ALA Q 59 103.54 52.36 -71.63
C ALA Q 59 104.40 52.14 -70.39
N LYS Q 60 104.48 50.88 -69.97
CA LYS Q 60 105.32 50.51 -68.84
C LYS Q 60 106.69 50.04 -69.32
N ALA Q 61 107.67 50.14 -68.43
CA ALA Q 61 109.04 49.78 -68.78
C ALA Q 61 109.12 48.31 -69.13
N GLY Q 62 109.67 48.01 -70.29
CA GLY Q 62 109.78 46.65 -70.76
C GLY Q 62 108.50 46.04 -71.29
N GLN Q 63 107.37 46.75 -71.21
CA GLN Q 63 106.11 46.24 -71.72
C GLN Q 63 106.13 46.20 -73.25
N ASN Q 64 105.47 45.18 -73.81
CA ASN Q 64 105.37 45.01 -75.26
C ASN Q 64 104.20 45.82 -75.78
N THR Q 65 104.45 46.72 -76.72
CA THR Q 65 103.46 47.70 -77.14
C THR Q 65 102.75 47.33 -78.45
N ASN Q 66 102.98 46.13 -78.99
CA ASN Q 66 102.43 45.91 -80.33
C ASN Q 66 100.99 45.65 -80.31
N GLN Q 67 100.31 45.76 -79.17
CA GLN Q 67 98.87 45.60 -79.16
C GLN Q 67 98.11 46.87 -78.74
N ARG Q 68 98.81 47.92 -78.30
CA ARG Q 68 98.13 49.12 -77.84
C ARG Q 68 97.71 49.95 -79.05
N MET Q 69 96.54 50.58 -78.97
CA MET Q 69 95.97 51.27 -80.12
C MET Q 69 95.28 52.55 -79.71
N ILE Q 70 95.24 53.50 -80.63
CA ILE Q 70 94.63 54.81 -80.46
C ILE Q 70 93.42 54.89 -81.37
N ARG Q 71 92.32 55.44 -80.87
CA ARG Q 71 91.10 55.55 -81.65
C ARG Q 71 90.71 57.01 -81.80
N VAL Q 72 90.24 57.37 -83.00
CA VAL Q 72 89.73 58.71 -83.27
C VAL Q 72 88.35 58.56 -83.89
N ARG Q 73 87.36 59.28 -83.35
CA ARG Q 73 85.99 59.20 -83.85
C ARG Q 73 85.48 60.61 -84.14
N VAL Q 74 85.05 60.82 -85.38
CA VAL Q 74 84.41 62.06 -85.79
C VAL Q 74 82.96 61.74 -86.11
N SER Q 75 82.05 62.61 -85.68
CA SER Q 75 80.63 62.33 -85.82
C SER Q 75 79.89 63.61 -86.16
N THR Q 76 79.01 63.54 -87.15
CA THR Q 76 78.22 64.70 -87.56
C THR Q 76 76.74 64.33 -87.56
N PHE Q 77 75.93 65.19 -86.96
CA PHE Q 77 74.49 65.01 -86.84
C PHE Q 77 73.79 66.21 -87.48
N GLU Q 78 72.91 65.94 -88.44
CA GLU Q 78 72.20 67.00 -89.18
C GLU Q 78 70.70 66.77 -89.13
N PRO Q 79 70.06 67.00 -87.98
CA PRO Q 79 68.61 66.82 -87.90
C PRO Q 79 67.87 67.80 -88.81
N ILE Q 80 66.78 67.31 -89.38
CA ILE Q 80 65.92 68.10 -90.28
C ILE Q 80 64.58 68.31 -89.57
N LEU Q 81 64.09 69.54 -89.61
CA LEU Q 81 62.84 69.87 -88.93
C LEU Q 81 61.65 69.78 -89.87
N GLU Q 82 60.46 69.80 -89.26
CA GLU Q 82 59.18 69.88 -89.95
C GLU Q 82 58.25 70.74 -89.11
N VAL Q 83 57.26 71.33 -89.77
CA VAL Q 83 56.31 72.23 -89.13
C VAL Q 83 54.89 71.80 -89.52
N ALA Q 84 53.96 71.99 -88.57
CA ALA Q 84 52.57 71.60 -88.81
C ALA Q 84 51.79 72.63 -89.60
N VAL Q 85 52.20 73.90 -89.58
CA VAL Q 85 51.53 74.97 -90.31
C VAL Q 85 52.53 76.08 -90.58
N THR Q 86 52.38 76.76 -91.71
CA THR Q 86 53.43 77.64 -92.22
C THR Q 86 53.20 79.12 -91.95
N ALA Q 87 52.09 79.51 -91.32
CA ALA Q 87 51.82 80.91 -91.04
C ALA Q 87 51.76 81.14 -89.54
N THR Q 88 51.53 82.40 -89.16
CA THR Q 88 51.38 82.78 -87.78
C THR Q 88 50.00 83.38 -87.58
N TYR Q 89 49.30 82.95 -86.53
CA TYR Q 89 47.96 83.40 -86.21
C TYR Q 89 47.98 84.09 -84.85
N SER Q 90 47.49 85.33 -84.79
CA SER Q 90 47.29 86.03 -83.51
C SER Q 90 48.56 85.96 -82.66
N GLY Q 91 49.70 86.16 -83.30
CA GLY Q 91 50.98 86.16 -82.62
C GLY Q 91 51.52 84.80 -82.24
N ILE Q 92 50.88 83.71 -82.63
CA ILE Q 92 51.36 82.37 -82.31
C ILE Q 92 52.17 81.87 -83.49
N ALA Q 93 53.48 81.69 -83.26
CA ALA Q 93 54.21 81.23 -84.43
C ALA Q 93 54.24 79.70 -84.50
N PRO Q 94 54.46 79.16 -85.70
CA PRO Q 94 54.65 77.72 -85.82
C PRO Q 94 55.93 77.29 -85.13
N SER Q 95 55.83 76.18 -84.38
CA SER Q 95 56.98 75.67 -83.63
C SER Q 95 57.38 74.33 -84.26
N PRO Q 96 58.56 74.26 -84.88
CA PRO Q 96 58.95 73.04 -85.57
C PRO Q 96 59.40 71.94 -84.64
N THR Q 97 59.23 70.70 -85.08
CA THR Q 97 59.77 69.52 -84.41
C THR Q 97 60.75 68.82 -85.33
N VAL Q 98 61.50 67.89 -84.76
CA VAL Q 98 62.43 67.12 -85.57
C VAL Q 98 61.64 66.10 -86.39
N SER Q 99 62.02 65.96 -87.65
CA SER Q 99 61.38 65.05 -88.58
C SER Q 99 62.18 63.77 -88.80
N TYR Q 100 63.49 63.92 -89.02
CA TYR Q 100 64.39 62.78 -89.16
C TYR Q 100 65.81 63.29 -88.98
N VAL Q 101 66.72 62.37 -88.70
CA VAL Q 101 68.10 62.78 -88.45
C VAL Q 101 69.08 61.95 -89.27
N PRO Q 102 69.55 62.46 -90.41
CA PRO Q 102 70.71 61.85 -91.07
C PRO Q 102 71.98 62.15 -90.29
N LYS Q 103 72.86 61.16 -90.23
CA LYS Q 103 74.06 61.32 -89.43
C LYS Q 103 75.18 60.48 -90.01
N ALA Q 104 76.41 60.78 -89.58
CA ALA Q 104 77.58 60.07 -90.06
C ALA Q 104 78.57 59.88 -88.92
N PHE Q 105 79.24 58.73 -88.91
CA PHE Q 105 80.14 58.33 -87.84
C PHE Q 105 81.38 57.72 -88.49
N THR Q 106 82.56 58.28 -88.22
CA THR Q 106 83.82 57.77 -88.74
C THR Q 106 84.76 57.44 -87.60
N GLU Q 107 85.43 56.29 -87.68
CA GLU Q 107 86.35 55.81 -86.65
C GLU Q 107 87.66 55.38 -87.30
N PHE Q 108 88.75 55.99 -86.87
CA PHE Q 108 90.10 55.58 -87.21
C PHE Q 108 90.65 54.74 -86.08
N VAL Q 109 91.18 53.57 -86.44
CA VAL Q 109 91.94 52.72 -85.52
C VAL Q 109 93.40 52.82 -85.96
N LEU Q 110 94.19 53.52 -85.15
CA LEU Q 110 95.60 53.77 -85.42
C LEU Q 110 96.43 53.03 -84.38
N PRO Q 111 97.07 51.92 -84.72
CA PRO Q 111 97.93 51.26 -83.73
C PRO Q 111 99.07 52.19 -83.31
N GLU Q 112 99.36 52.16 -82.00
CA GLU Q 112 100.31 53.11 -81.42
C GLU Q 112 101.68 53.03 -82.08
N ARG Q 113 102.08 51.87 -82.57
CA ARG Q 113 103.38 51.75 -83.23
C ARG Q 113 103.41 52.31 -84.64
N ALA Q 114 102.34 52.91 -85.13
CA ALA Q 114 102.30 53.31 -86.53
C ALA Q 114 103.08 54.61 -86.74
N THR Q 115 103.59 54.77 -87.96
CA THR Q 115 104.36 55.95 -88.32
C THR Q 115 103.43 57.13 -88.62
N LEU Q 116 103.97 58.33 -88.42
CA LEU Q 116 103.30 59.53 -88.91
C LEU Q 116 102.88 59.37 -90.36
N ASP Q 117 103.74 58.73 -91.16
CA ASP Q 117 103.40 58.49 -92.56
C ASP Q 117 102.17 57.60 -92.68
N ASN Q 118 102.11 56.53 -91.89
CA ASN Q 118 100.94 55.65 -91.91
C ASN Q 118 99.68 56.41 -91.57
N ARG Q 119 99.76 57.31 -90.58
CA ARG Q 119 98.59 58.06 -90.15
C ARG Q 119 98.14 59.04 -91.22
N LYS Q 120 99.09 59.77 -91.83
CA LYS Q 120 98.75 60.66 -92.92
C LYS Q 120 98.12 59.89 -94.08
N ASP Q 121 98.66 58.70 -94.37
CA ASP Q 121 98.11 57.83 -95.42
C ASP Q 121 96.66 57.48 -95.15
N ILE Q 122 96.39 56.92 -93.96
CA ILE Q 122 95.04 56.44 -93.69
C ILE Q 122 94.05 57.60 -93.67
N ARG Q 123 94.43 58.74 -93.07
CA ARG Q 123 93.55 59.91 -93.03
C ARG Q 123 93.23 60.38 -94.44
N LYS Q 124 94.26 60.74 -95.22
CA LYS Q 124 94.03 61.29 -96.55
C LYS Q 124 93.24 60.31 -97.42
N MET Q 125 93.62 59.03 -97.38
CA MET Q 125 93.05 58.07 -98.31
C MET Q 125 91.62 57.73 -97.97
N HIS Q 126 91.27 57.66 -96.68
CA HIS Q 126 89.87 57.46 -96.33
C HIS Q 126 89.03 58.68 -96.68
N ALA Q 127 89.51 59.88 -96.34
CA ALA Q 127 88.78 61.09 -96.70
C ALA Q 127 88.53 61.14 -98.20
N LEU Q 128 89.51 60.72 -98.99
CA LEU Q 128 89.33 60.68 -100.44
C LEU Q 128 88.34 59.59 -100.83
N ALA Q 129 88.39 58.44 -100.17
CA ALA Q 129 87.47 57.35 -100.49
C ALA Q 129 86.02 57.75 -100.26
N LEU Q 130 85.79 58.72 -99.38
CA LEU Q 130 84.44 59.25 -99.20
C LEU Q 130 83.98 60.14 -100.35
N THR Q 131 84.88 60.53 -101.26
CA THR Q 131 84.52 61.44 -102.35
C THR Q 131 84.63 60.78 -103.71
N THR Q 132 84.92 59.48 -103.77
CA THR Q 132 85.00 58.78 -105.05
C THR Q 132 83.64 58.77 -105.75
N SER Q 133 83.66 58.60 -107.07
CA SER Q 133 82.41 58.55 -107.82
C SER Q 133 81.51 57.43 -107.32
N GLU Q 134 82.09 56.31 -106.91
CA GLU Q 134 81.33 55.21 -106.35
C GLU Q 134 80.69 55.59 -105.01
N ALA Q 135 81.46 56.25 -104.14
CA ALA Q 135 80.90 56.70 -102.86
C ALA Q 135 79.76 57.69 -103.08
N ILE Q 136 79.92 58.58 -104.06
CA ILE Q 136 78.87 59.55 -104.32
C ILE Q 136 77.63 58.86 -104.88
N ALA Q 137 77.83 57.87 -105.77
CA ALA Q 137 76.69 57.12 -106.30
C ALA Q 137 75.97 56.34 -105.22
N MET Q 138 76.70 55.85 -104.21
CA MET Q 138 76.06 55.05 -103.17
C MET Q 138 75.37 55.90 -102.11
N ILE Q 139 75.97 57.03 -101.72
CA ILE Q 139 75.39 57.84 -100.65
C ILE Q 139 74.33 58.80 -101.19
N GLU Q 140 74.60 59.45 -102.32
CA GLU Q 140 73.67 60.44 -102.85
C GLU Q 140 72.63 59.81 -103.77
N SER Q 141 73.07 58.98 -104.70
CA SER Q 141 72.19 58.37 -105.69
C SER Q 141 71.61 57.03 -105.25
N LEU Q 142 72.13 56.44 -104.17
CA LEU Q 142 71.57 55.21 -103.60
C LEU Q 142 71.60 54.06 -104.61
N GLN Q 143 72.73 53.91 -105.28
CA GLN Q 143 72.94 52.85 -106.26
C GLN Q 143 74.21 52.08 -105.91
N PHE Q 144 74.07 50.76 -105.77
CA PHE Q 144 75.21 49.89 -105.51
C PHE Q 144 75.99 49.63 -106.80
N VAL Q 145 77.12 48.93 -106.67
CA VAL Q 145 77.96 48.58 -107.81
C VAL Q 145 77.66 47.15 -108.24
N TYR Q 146 77.42 46.96 -109.55
CA TYR Q 146 77.03 45.66 -110.07
C TYR Q 146 77.97 45.19 -111.19
N PRO R 1 93.64 79.75 -65.14
CA PRO R 1 94.43 79.89 -66.37
C PRO R 1 94.03 78.86 -67.41
N GLN R 2 93.72 79.30 -68.63
CA GLN R 2 93.35 78.35 -69.67
C GLN R 2 94.57 77.49 -70.01
N ALA R 3 94.31 76.23 -70.37
CA ALA R 3 95.40 75.33 -70.69
C ALA R 3 96.12 75.79 -71.95
N ALA R 4 97.45 75.78 -71.90
CA ALA R 4 98.25 76.13 -73.06
C ALA R 4 99.56 75.34 -73.00
N ASP R 5 100.32 75.41 -74.09
CA ASP R 5 101.59 74.72 -74.18
C ASP R 5 102.49 75.12 -73.02
N ILE R 6 103.23 74.15 -72.48
CA ILE R 6 104.21 74.39 -71.42
C ILE R 6 105.58 74.08 -71.99
N VAL R 7 106.46 75.08 -72.02
CA VAL R 7 107.78 74.91 -72.64
C VAL R 7 108.84 74.89 -71.55
N ILE R 8 109.63 73.81 -71.52
CA ILE R 8 110.64 73.61 -70.49
C ILE R 8 111.96 73.28 -71.17
N ALA R 9 113.04 73.88 -70.69
CA ALA R 9 114.34 73.74 -71.33
C ALA R 9 115.00 72.41 -70.96
N ASP R 10 115.75 71.86 -71.92
CA ASP R 10 116.53 70.66 -71.71
C ASP R 10 117.73 70.95 -70.80
N ALA R 11 118.52 69.92 -70.54
CA ALA R 11 119.77 70.08 -69.80
C ALA R 11 121.00 69.77 -70.68
N GLN R 12 120.87 69.92 -71.99
CA GLN R 12 121.97 69.61 -72.88
C GLN R 12 123.01 70.73 -72.87
N ALA R 13 124.13 70.47 -73.54
CA ALA R 13 125.16 71.48 -73.73
C ALA R 13 124.54 72.78 -74.22
N THR R 14 123.87 72.72 -75.36
CA THR R 14 122.98 73.79 -75.76
C THR R 14 121.56 73.37 -75.41
N PRO R 15 120.94 73.97 -74.40
CA PRO R 15 119.59 73.53 -73.99
C PRO R 15 118.62 73.54 -75.16
N VAL R 16 117.77 72.51 -75.21
CA VAL R 16 116.78 72.33 -76.26
C VAL R 16 115.40 72.42 -75.64
N ASN R 17 114.56 73.30 -76.16
CA ASN R 17 113.23 73.50 -75.60
C ASN R 17 112.32 72.32 -75.93
N HIS R 18 111.69 71.75 -74.91
CA HIS R 18 110.65 70.75 -75.07
C HIS R 18 109.30 71.40 -74.86
N THR R 19 108.40 71.23 -75.84
CA THR R 19 107.06 71.81 -75.76
C THR R 19 106.07 70.72 -75.42
N PHE R 20 105.38 70.88 -74.28
CA PHE R 20 104.37 69.97 -73.79
C PHE R 20 103.00 70.52 -74.17
N VAL R 21 102.38 69.90 -75.18
CA VAL R 21 101.03 70.26 -75.64
C VAL R 21 100.04 69.64 -74.67
N PRO R 22 99.01 70.35 -74.22
CA PRO R 22 98.02 69.71 -73.34
C PRO R 22 97.28 68.59 -74.04
N ILE R 23 97.22 67.44 -73.38
CA ILE R 23 96.32 66.37 -73.77
C ILE R 23 94.95 66.57 -73.15
N GLY R 24 94.90 67.11 -71.94
CA GLY R 24 93.63 67.35 -71.30
C GLY R 24 93.52 66.67 -69.96
N PRO R 25 92.33 66.71 -69.37
CA PRO R 25 92.16 66.10 -68.05
C PRO R 25 92.10 64.59 -68.15
N ASP R 26 92.61 63.93 -67.11
CA ASP R 26 92.57 62.48 -67.05
C ASP R 26 91.11 62.03 -67.05
N PRO R 27 90.71 61.14 -67.95
CA PRO R 27 89.33 60.66 -67.92
C PRO R 27 88.99 59.93 -66.63
N LYS R 28 89.96 59.26 -66.01
CA LYS R 28 89.70 58.52 -64.78
C LYS R 28 89.56 59.48 -63.58
N ASP R 29 90.36 60.56 -63.56
CA ASP R 29 90.33 61.53 -62.46
C ASP R 29 90.34 62.94 -63.04
N ALA R 30 89.28 63.69 -62.80
CA ALA R 30 89.14 65.02 -63.37
C ALA R 30 90.03 66.06 -62.72
N THR R 31 90.63 65.77 -61.57
CA THR R 31 91.46 66.73 -60.85
C THR R 31 92.91 66.71 -61.29
N ILE R 32 93.24 65.98 -62.34
CA ILE R 32 94.62 65.90 -62.80
C ILE R 32 94.63 66.13 -64.30
N TYR R 33 95.51 67.03 -64.75
CA TYR R 33 95.60 67.47 -66.14
C TYR R 33 96.94 67.08 -66.72
N TRP R 34 96.95 66.80 -68.02
CA TRP R 34 98.09 66.18 -68.69
C TRP R 34 98.52 66.99 -69.91
N TRP R 35 99.83 67.27 -69.96
CA TRP R 35 100.54 67.76 -71.14
C TRP R 35 101.52 66.68 -71.60
N GLU R 36 101.87 66.70 -72.89
CA GLU R 36 102.69 65.68 -73.52
C GLU R 36 103.70 66.31 -74.47
N ASP R 37 104.94 65.83 -74.39
CA ASP R 37 106.00 66.24 -75.29
C ASP R 37 106.11 65.22 -76.41
N GLN R 38 105.72 65.64 -77.62
CA GLN R 38 105.60 64.72 -78.74
C GLN R 38 106.84 64.65 -79.61
N SER R 39 107.99 65.08 -79.09
CA SER R 39 109.21 65.17 -79.89
C SER R 39 109.99 63.87 -79.90
N GLN R 40 109.54 62.84 -79.20
CA GLN R 40 110.29 61.61 -79.05
C GLN R 40 110.06 60.71 -80.28
N ALA R 41 110.61 59.49 -80.22
CA ALA R 41 110.73 58.66 -81.42
C ALA R 41 109.40 58.03 -81.82
N SER R 42 108.61 57.59 -80.86
CA SER R 42 107.26 57.06 -81.11
C SER R 42 106.44 57.31 -79.87
N PRO R 43 105.10 57.24 -79.97
CA PRO R 43 104.26 57.73 -78.86
C PRO R 43 104.54 57.08 -77.52
N ALA R 44 104.89 55.79 -77.49
CA ALA R 44 105.15 55.14 -76.21
C ALA R 44 106.22 55.87 -75.40
N GLY R 45 107.14 56.55 -76.08
CA GLY R 45 108.22 57.30 -75.44
C GLY R 45 108.00 58.79 -75.29
N TYR R 46 106.80 59.30 -75.58
CA TYR R 46 106.51 60.72 -75.41
C TYR R 46 106.60 61.10 -73.94
N TRP R 47 107.34 62.16 -73.64
CA TRP R 47 107.43 62.62 -72.26
C TRP R 47 106.12 63.29 -71.85
N ARG R 48 105.77 63.16 -70.57
CA ARG R 48 104.51 63.67 -70.08
C ARG R 48 104.70 64.46 -68.80
N LEU R 49 103.76 65.36 -68.57
CA LEU R 49 103.74 66.22 -67.40
C LEU R 49 102.30 66.30 -66.90
N SER R 50 102.11 66.19 -65.59
CA SER R 50 100.78 66.13 -64.98
C SER R 50 100.71 67.08 -63.80
N MET R 51 99.61 67.82 -63.70
CA MET R 51 99.39 68.71 -62.57
C MET R 51 98.02 68.44 -61.97
N GLN R 52 97.96 68.31 -60.65
CA GLN R 52 96.74 67.90 -59.96
C GLN R 52 96.45 68.86 -58.82
N LEU R 53 95.20 69.32 -58.74
CA LEU R 53 94.73 70.18 -57.67
C LEU R 53 93.52 69.52 -57.04
N VAL R 54 93.64 69.19 -55.76
CA VAL R 54 92.58 68.54 -55.00
C VAL R 54 92.21 69.50 -53.87
N ARG R 55 91.10 70.22 -54.06
CA ARG R 55 90.46 71.11 -53.12
C ARG R 55 89.37 70.36 -52.37
N PRO R 56 89.22 70.61 -51.08
CA PRO R 56 88.23 69.87 -50.30
C PRO R 56 86.82 70.39 -50.55
N ALA R 57 85.85 69.56 -50.18
CA ALA R 57 84.46 69.98 -50.26
C ALA R 57 84.26 71.25 -49.44
N PRO R 58 83.38 72.13 -49.89
CA PRO R 58 83.31 73.47 -49.27
C PRO R 58 82.98 73.41 -47.78
N ALA R 59 83.56 74.36 -47.05
CA ALA R 59 83.32 74.47 -45.62
C ALA R 59 81.84 74.67 -45.35
N LYS R 60 81.34 74.04 -44.30
CA LYS R 60 79.94 74.14 -43.92
C LYS R 60 79.79 75.01 -42.68
N ALA R 61 78.56 75.50 -42.48
CA ALA R 61 78.30 76.42 -41.38
C ALA R 61 78.56 75.73 -40.04
N GLY R 62 79.35 76.39 -39.20
CA GLY R 62 79.71 75.84 -37.92
C GLY R 62 80.66 74.65 -37.95
N GLN R 63 81.17 74.27 -39.11
CA GLN R 63 82.07 73.13 -39.23
C GLN R 63 83.46 73.53 -38.76
N ASN R 64 84.26 72.54 -38.39
CA ASN R 64 85.62 72.77 -37.91
C ASN R 64 86.62 72.56 -39.03
N THR R 65 87.44 73.55 -39.27
CA THR R 65 88.33 73.58 -40.43
C THR R 65 89.71 72.99 -40.19
N ASN R 66 90.08 72.75 -38.93
CA ASN R 66 91.49 72.63 -38.56
C ASN R 66 92.16 71.41 -39.18
N GLN R 67 91.41 70.57 -39.89
CA GLN R 67 92.02 69.43 -40.57
C GLN R 67 91.83 69.41 -42.08
N ARG R 68 91.04 70.31 -42.64
CA ARG R 68 90.80 70.31 -44.07
C ARG R 68 92.04 70.82 -44.79
N MET R 69 92.40 70.17 -45.91
CA MET R 69 93.65 70.47 -46.59
C MET R 69 93.52 70.34 -48.10
N ILE R 70 94.34 71.13 -48.80
CA ILE R 70 94.42 71.17 -50.26
C ILE R 70 95.72 70.51 -50.68
N ARG R 71 95.67 69.71 -51.74
CA ARG R 71 96.87 69.04 -52.23
C ARG R 71 97.12 69.43 -53.68
N VAL R 72 98.40 69.58 -54.03
CA VAL R 72 98.80 69.86 -55.40
C VAL R 72 99.95 68.93 -55.75
N ARG R 73 99.81 68.17 -56.85
CA ARG R 73 100.83 67.21 -57.25
C ARG R 73 101.27 67.51 -58.67
N VAL R 74 102.56 67.78 -58.84
CA VAL R 74 103.17 67.96 -60.14
C VAL R 74 104.10 66.79 -60.42
N SER R 75 103.93 66.15 -61.56
CA SER R 75 104.65 64.93 -61.89
C SER R 75 105.21 65.02 -63.30
N THR R 76 106.46 64.59 -63.49
CA THR R 76 107.08 64.59 -64.82
C THR R 76 107.66 63.21 -65.11
N PHE R 77 107.32 62.68 -66.29
CA PHE R 77 107.78 61.37 -66.75
C PHE R 77 108.54 61.55 -68.05
N GLU R 78 109.77 61.02 -68.09
CA GLU R 78 110.65 61.14 -69.25
C GLU R 78 111.11 59.75 -69.70
N PRO R 79 110.20 58.92 -70.19
CA PRO R 79 110.59 57.56 -70.59
C PRO R 79 111.58 57.57 -71.73
N ILE R 80 112.56 56.66 -71.64
CA ILE R 80 113.60 56.51 -72.65
C ILE R 80 113.29 55.26 -73.46
N LEU R 81 113.10 55.43 -74.77
CA LEU R 81 112.75 54.31 -75.62
C LEU R 81 113.94 53.39 -75.84
N GLU R 82 113.66 52.09 -75.86
CA GLU R 82 114.72 51.12 -76.14
C GLU R 82 115.20 51.28 -77.58
N VAL R 83 116.51 51.18 -77.77
CA VAL R 83 117.09 51.19 -79.12
C VAL R 83 117.25 49.76 -79.59
N ALA R 84 116.76 49.49 -80.80
CA ALA R 84 116.70 48.13 -81.29
C ALA R 84 118.07 47.64 -81.71
N VAL R 85 118.33 46.35 -81.49
CA VAL R 85 119.47 45.67 -82.09
C VAL R 85 118.93 44.50 -82.90
N THR R 86 119.82 43.73 -83.49
CA THR R 86 119.41 42.64 -84.38
C THR R 86 118.70 41.56 -83.56
N ALA R 87 117.45 41.28 -83.93
CA ALA R 87 116.69 40.18 -83.33
C ALA R 87 117.04 38.89 -84.06
N THR R 88 117.38 37.85 -83.29
CA THR R 88 117.93 36.63 -83.87
C THR R 88 116.99 35.45 -83.82
N TYR R 89 115.98 35.46 -82.94
CA TYR R 89 115.04 34.34 -82.92
C TYR R 89 114.11 34.36 -84.12
N SER R 90 113.44 35.49 -84.35
CA SER R 90 112.46 35.59 -85.42
C SER R 90 112.90 36.47 -86.58
N GLY R 91 113.97 37.25 -86.40
CA GLY R 91 114.39 38.19 -87.43
C GLY R 91 113.43 39.35 -87.62
N ILE R 92 112.45 39.48 -86.74
CA ILE R 92 111.44 40.54 -86.78
C ILE R 92 111.77 41.52 -85.67
N ALA R 93 112.10 42.75 -86.05
CA ALA R 93 112.47 43.76 -85.06
C ALA R 93 111.30 44.00 -84.12
N PRO R 94 111.56 44.26 -82.85
CA PRO R 94 110.48 44.32 -81.86
C PRO R 94 109.73 45.64 -81.91
N SER R 95 108.49 45.57 -81.45
CA SER R 95 107.68 46.77 -81.30
C SER R 95 108.42 47.78 -80.42
N PRO R 96 108.18 49.08 -80.59
CA PRO R 96 108.84 50.06 -79.72
C PRO R 96 108.47 49.80 -78.28
N THR R 97 109.49 49.62 -77.45
CA THR R 97 109.31 49.27 -76.05
C THR R 97 110.04 50.30 -75.20
N VAL R 98 109.45 50.63 -74.06
CA VAL R 98 110.06 51.58 -73.13
C VAL R 98 111.15 50.87 -72.34
N SER R 99 112.35 51.42 -72.36
CA SER R 99 113.47 50.78 -71.69
C SER R 99 113.46 51.04 -70.18
N TYR R 100 113.36 52.30 -69.78
CA TYR R 100 113.29 52.68 -68.37
C TYR R 100 112.71 54.08 -68.29
N VAL R 101 112.23 54.43 -67.10
CA VAL R 101 111.58 55.74 -66.96
C VAL R 101 112.13 56.53 -65.78
N PRO R 102 112.95 57.54 -66.02
CA PRO R 102 113.26 58.52 -64.97
C PRO R 102 112.06 59.42 -64.72
N LYS R 103 111.68 59.58 -63.46
CA LYS R 103 110.47 60.35 -63.19
C LYS R 103 110.61 61.12 -61.89
N ALA R 104 109.73 62.10 -61.72
CA ALA R 104 109.73 62.92 -60.52
C ALA R 104 108.30 63.25 -60.12
N PHE R 105 108.08 63.32 -58.81
CA PHE R 105 106.75 63.49 -58.22
C PHE R 105 106.87 64.47 -57.07
N THR R 106 106.19 65.61 -57.15
CA THR R 106 106.21 66.62 -56.09
C THR R 106 104.79 66.83 -55.59
N GLU R 107 104.60 66.77 -54.26
CA GLU R 107 103.31 66.96 -53.63
C GLU R 107 103.41 68.07 -52.60
N PHE R 108 102.58 69.09 -52.78
CA PHE R 108 102.39 70.16 -51.81
C PHE R 108 101.15 69.85 -50.99
N VAL R 109 101.31 69.85 -49.67
CA VAL R 109 100.19 69.79 -48.72
C VAL R 109 100.03 71.19 -48.15
N LEU R 110 98.96 71.86 -48.54
CA LEU R 110 98.65 73.23 -48.13
C LEU R 110 97.37 73.17 -47.32
N PRO R 111 97.42 73.29 -46.00
CA PRO R 111 96.18 73.33 -45.22
C PRO R 111 95.35 74.54 -45.61
N GLU R 112 94.03 74.34 -45.70
CA GLU R 112 93.15 75.41 -46.16
C GLU R 112 93.32 76.67 -45.33
N ARG R 113 93.52 76.50 -44.03
CA ARG R 113 93.82 77.59 -43.11
C ARG R 113 94.97 78.48 -43.57
N ALA R 114 95.91 77.97 -44.36
CA ALA R 114 97.14 78.70 -44.62
C ALA R 114 96.90 79.92 -45.50
N THR R 115 97.72 80.95 -45.29
CA THR R 115 97.60 82.20 -46.02
C THR R 115 98.31 82.14 -47.36
N LEU R 116 97.92 83.08 -48.24
CA LEU R 116 98.58 83.22 -49.53
C LEU R 116 100.09 83.34 -49.37
N ASP R 117 100.53 84.10 -48.37
CA ASP R 117 101.95 84.22 -48.12
C ASP R 117 102.57 82.87 -47.80
N ASN R 118 101.89 82.05 -46.99
CA ASN R 118 102.38 80.71 -46.68
C ASN R 118 102.54 79.87 -47.95
N ARG R 119 101.55 79.95 -48.85
CA ARG R 119 101.61 79.14 -50.07
C ARG R 119 102.72 79.62 -51.00
N LYS R 120 102.87 80.95 -51.14
CA LYS R 120 103.96 81.49 -51.95
C LYS R 120 105.31 81.08 -51.38
N ASP R 121 105.43 81.11 -50.05
CA ASP R 121 106.65 80.69 -49.36
C ASP R 121 107.00 79.25 -49.70
N ILE R 122 106.06 78.33 -49.48
CA ILE R 122 106.36 76.92 -49.66
C ILE R 122 106.70 76.62 -51.11
N ARG R 123 105.93 77.19 -52.06
CA ARG R 123 106.21 76.96 -53.47
C ARG R 123 107.59 77.45 -53.85
N LYS R 124 107.87 78.75 -53.61
CA LYS R 124 109.15 79.30 -54.01
C LYS R 124 110.31 78.57 -53.35
N MET R 125 110.19 78.30 -52.05
CA MET R 125 111.34 77.78 -51.31
C MET R 125 111.63 76.33 -51.67
N HIS R 126 110.59 75.54 -51.93
CA HIS R 126 110.83 74.18 -52.39
C HIS R 126 111.42 74.17 -53.80
N ALA R 127 110.83 74.96 -54.72
CA ALA R 127 111.36 75.01 -56.08
C ALA R 127 112.81 75.44 -56.10
N LEU R 128 113.21 76.28 -55.14
CA LEU R 128 114.62 76.64 -54.99
C LEU R 128 115.42 75.50 -54.38
N ALA R 129 114.85 74.79 -53.39
CA ALA R 129 115.57 73.71 -52.73
C ALA R 129 115.94 72.61 -53.72
N LEU R 130 115.17 72.48 -54.80
CA LEU R 130 115.51 71.52 -55.84
C LEU R 130 116.68 71.97 -56.71
N THR R 131 117.15 73.21 -56.57
CA THR R 131 118.25 73.71 -57.37
C THR R 131 119.53 73.95 -56.57
N THR R 132 119.53 73.60 -55.28
CA THR R 132 120.72 73.77 -54.45
C THR R 132 121.85 72.87 -54.94
N SER R 133 123.08 73.26 -54.60
CA SER R 133 124.24 72.45 -54.98
C SER R 133 124.13 71.05 -54.40
N GLU R 134 123.56 70.93 -53.20
CA GLU R 134 123.37 69.63 -52.57
C GLU R 134 122.40 68.76 -53.36
N ALA R 135 121.27 69.35 -53.77
CA ALA R 135 120.30 68.61 -54.57
C ALA R 135 120.91 68.20 -55.92
N ILE R 136 121.68 69.09 -56.53
CA ILE R 136 122.33 68.76 -57.79
C ILE R 136 123.31 67.61 -57.60
N ALA R 137 124.07 67.62 -56.50
CA ALA R 137 125.04 66.56 -56.25
C ALA R 137 124.34 65.22 -56.00
N MET R 138 123.20 65.23 -55.30
CA MET R 138 122.52 63.97 -55.00
C MET R 138 121.86 63.40 -56.25
N ILE R 139 121.16 64.24 -57.02
CA ILE R 139 120.39 63.70 -58.14
C ILE R 139 121.28 63.42 -59.34
N GLU R 140 122.23 64.31 -59.64
CA GLU R 140 123.04 64.14 -60.83
C GLU R 140 124.28 63.30 -60.58
N SER R 141 125.00 63.55 -59.49
CA SER R 141 126.27 62.90 -59.20
C SER R 141 126.15 61.78 -58.16
N LEU R 142 124.98 61.60 -57.57
CA LEU R 142 124.72 60.48 -56.67
C LEU R 142 125.62 60.51 -55.43
N GLN R 143 125.74 61.69 -54.83
CA GLN R 143 126.58 61.90 -53.66
C GLN R 143 125.75 62.45 -52.52
N PHE R 144 125.93 61.87 -51.34
CA PHE R 144 125.27 62.35 -50.12
C PHE R 144 126.10 63.46 -49.48
N VAL R 145 125.62 64.00 -48.37
CA VAL R 145 126.33 65.03 -47.63
C VAL R 145 126.84 64.44 -46.32
N TYR R 146 128.00 64.92 -45.87
CA TYR R 146 128.67 64.28 -44.75
C TYR R 146 129.28 65.26 -43.75
N PRO S 1 11.09 -25.21 119.19
CA PRO S 1 11.82 -25.28 120.46
C PRO S 1 13.33 -25.28 120.25
N GLN S 2 14.09 -24.81 121.24
CA GLN S 2 15.53 -24.81 121.12
C GLN S 2 16.08 -26.23 121.21
N ALA S 3 17.16 -26.47 120.48
CA ALA S 3 17.73 -27.79 120.38
C ALA S 3 18.49 -28.16 121.65
N ALA S 4 18.24 -29.37 122.15
CA ALA S 4 18.93 -29.85 123.35
C ALA S 4 19.17 -31.34 123.22
N ASP S 5 19.88 -31.91 124.20
CA ASP S 5 20.24 -33.31 124.19
C ASP S 5 19.00 -34.20 124.03
N ILE S 6 19.14 -35.29 123.28
CA ILE S 6 18.08 -36.27 123.11
C ILE S 6 18.57 -37.58 123.70
N VAL S 7 17.86 -38.10 124.71
CA VAL S 7 18.31 -39.30 125.40
C VAL S 7 17.38 -40.46 125.06
N ILE S 8 17.95 -41.54 124.54
CA ILE S 8 17.19 -42.70 124.08
C ILE S 8 17.77 -43.95 124.71
N ALA S 9 16.89 -44.83 125.19
CA ALA S 9 17.32 -46.02 125.92
C ALA S 9 17.79 -47.12 124.98
N ASP S 10 18.77 -47.88 125.44
CA ASP S 10 19.29 -49.04 124.72
C ASP S 10 18.27 -50.17 124.73
N ALA S 11 18.61 -51.27 124.06
CA ALA S 11 17.83 -52.49 124.12
C ALA S 11 18.62 -53.62 124.76
N GLN S 12 19.59 -53.29 125.61
CA GLN S 12 20.35 -54.31 126.31
C GLN S 12 19.51 -54.94 127.41
N ALA S 13 20.07 -56.02 127.99
CA ALA S 13 19.44 -56.65 129.15
C ALA S 13 19.17 -55.61 130.24
N THR S 14 20.22 -54.89 130.64
CA THR S 14 20.04 -53.68 131.42
C THR S 14 20.21 -52.50 130.48
N PRO S 15 19.13 -51.81 130.12
CA PRO S 15 19.23 -50.74 129.13
C PRO S 15 20.22 -49.66 129.54
N VAL S 16 20.87 -49.07 128.54
CA VAL S 16 21.88 -48.02 128.72
C VAL S 16 21.42 -46.78 127.97
N ASN S 17 21.38 -45.65 128.66
CA ASN S 17 20.95 -44.41 128.01
C ASN S 17 22.04 -43.90 127.07
N HIS S 18 21.67 -43.70 125.81
CA HIS S 18 22.53 -43.04 124.84
C HIS S 18 22.08 -41.58 124.72
N THR S 19 23.04 -40.66 124.88
CA THR S 19 22.75 -39.23 124.84
C THR S 19 23.26 -38.67 123.52
N PHE S 20 22.33 -38.21 122.67
CA PHE S 20 22.62 -37.60 121.39
C PHE S 20 22.72 -36.09 121.59
N VAL S 21 23.96 -35.59 121.60
CA VAL S 21 24.23 -34.16 121.73
C VAL S 21 23.88 -33.47 120.41
N PRO S 22 23.27 -32.29 120.42
CA PRO S 22 22.98 -31.61 119.15
C PRO S 22 24.26 -31.15 118.47
N ILE S 23 24.48 -31.63 117.25
CA ILE S 23 25.60 -31.15 116.44
C ILE S 23 25.21 -29.90 115.68
N GLY S 24 24.00 -29.85 115.14
CA GLY S 24 23.56 -28.65 114.46
C GLY S 24 22.90 -28.95 113.13
N PRO S 25 22.53 -27.90 112.41
CA PRO S 25 21.86 -28.11 111.12
C PRO S 25 22.84 -28.60 110.06
N ASP S 26 22.30 -29.33 109.09
CA ASP S 26 23.09 -29.87 107.98
C ASP S 26 23.58 -28.71 107.11
N PRO S 27 24.87 -28.67 106.77
CA PRO S 27 25.36 -27.57 105.92
C PRO S 27 24.67 -27.49 104.57
N LYS S 28 24.33 -28.64 103.98
CA LYS S 28 23.71 -28.66 102.65
C LYS S 28 22.23 -28.27 102.72
N ASP S 29 21.51 -28.73 103.74
CA ASP S 29 20.06 -28.49 103.85
C ASP S 29 19.76 -27.88 105.21
N ALA S 30 19.18 -26.68 105.19
CA ALA S 30 18.84 -26.00 106.44
C ALA S 30 17.62 -26.60 107.15
N THR S 31 16.90 -27.52 106.51
CA THR S 31 15.70 -28.11 107.08
C THR S 31 15.96 -29.36 107.88
N ILE S 32 17.19 -29.85 107.93
CA ILE S 32 17.49 -31.10 108.60
C ILE S 32 18.55 -30.83 109.66
N TYR S 33 18.33 -31.38 110.85
CA TYR S 33 19.12 -31.09 112.04
C TYR S 33 19.67 -32.39 112.61
N TRP S 34 20.91 -32.35 113.10
CA TRP S 34 21.67 -33.53 113.46
C TRP S 34 22.07 -33.52 114.93
N TRP S 35 21.73 -34.61 115.62
CA TRP S 35 22.23 -34.97 116.93
C TRP S 35 23.15 -36.19 116.79
N GLU S 36 24.11 -36.33 117.70
CA GLU S 36 25.13 -37.36 117.61
C GLU S 36 25.46 -37.93 118.99
N ASP S 37 25.44 -39.25 119.09
CA ASP S 37 25.89 -39.99 120.26
C ASP S 37 27.37 -40.28 120.09
N GLN S 38 28.19 -39.63 120.95
CA GLN S 38 29.64 -39.61 120.86
C GLN S 38 30.30 -40.56 121.84
N SER S 39 29.56 -41.58 122.29
CA SER S 39 30.07 -42.51 123.30
C SER S 39 30.80 -43.69 122.69
N GLN S 40 30.89 -43.78 121.38
CA GLN S 40 31.47 -44.94 120.72
C GLN S 40 32.99 -44.79 120.66
N ALA S 41 33.66 -45.73 119.99
CA ALA S 41 35.11 -45.81 120.02
C ALA S 41 35.78 -44.58 119.39
N SER S 42 35.56 -44.37 118.10
CA SER S 42 36.11 -43.23 117.39
C SER S 42 34.97 -42.59 116.60
N PRO S 43 35.14 -41.33 116.17
CA PRO S 43 33.99 -40.59 115.60
C PRO S 43 33.35 -41.25 114.40
N ALA S 44 34.05 -42.13 113.69
CA ALA S 44 33.45 -42.80 112.54
C ALA S 44 32.30 -43.72 112.93
N GLY S 45 32.26 -44.16 114.19
CA GLY S 45 31.22 -45.04 114.71
C GLY S 45 30.20 -44.37 115.60
N TYR S 46 30.20 -43.03 115.65
CA TYR S 46 29.23 -42.29 116.46
C TYR S 46 27.83 -42.50 115.92
N TRP S 47 26.85 -42.70 116.81
CA TRP S 47 25.49 -42.90 116.33
C TRP S 47 24.83 -41.56 116.05
N ARG S 48 23.98 -41.51 115.05
CA ARG S 48 23.45 -40.23 114.60
C ARG S 48 21.95 -40.27 114.50
N LEU S 49 21.34 -39.11 114.69
CA LEU S 49 19.90 -38.94 114.65
C LEU S 49 19.62 -37.63 113.93
N SER S 50 18.82 -37.68 112.87
CA SER S 50 18.50 -36.53 112.05
C SER S 50 16.99 -36.32 112.02
N MET S 51 16.57 -35.08 112.23
CA MET S 51 15.16 -34.71 112.13
C MET S 51 15.00 -33.56 111.15
N GLN S 52 14.04 -33.69 110.24
CA GLN S 52 13.86 -32.76 109.12
C GLN S 52 12.40 -32.35 109.01
N LEU S 53 12.17 -31.05 108.88
CA LEU S 53 10.83 -30.48 108.74
C LEU S 53 10.81 -29.59 107.50
N VAL S 54 10.11 -30.04 106.46
CA VAL S 54 10.03 -29.32 105.19
C VAL S 54 8.63 -28.75 105.08
N ARG S 55 8.52 -27.44 105.35
CA ARG S 55 7.33 -26.64 105.16
C ARG S 55 7.27 -26.11 103.74
N PRO S 56 6.10 -26.12 103.12
CA PRO S 56 5.97 -25.43 101.83
C PRO S 56 6.00 -23.92 101.99
N ALA S 57 6.31 -23.24 100.89
CA ALA S 57 6.49 -21.78 100.95
C ALA S 57 5.17 -21.08 101.24
N PRO S 58 5.16 -20.01 102.04
CA PRO S 58 3.89 -19.36 102.39
C PRO S 58 3.18 -18.78 101.17
N ALA S 59 1.92 -19.17 101.01
CA ALA S 59 1.12 -18.69 99.89
C ALA S 59 -0.36 -18.76 100.22
N THR S 65 -2.77 -25.95 94.85
CA THR S 65 -2.53 -25.42 96.19
C THR S 65 -3.25 -26.24 97.28
N ASN S 66 -4.08 -27.19 96.88
CA ASN S 66 -4.55 -28.22 97.79
C ASN S 66 -3.67 -29.46 97.74
N GLN S 67 -2.54 -29.38 97.03
CA GLN S 67 -1.51 -30.41 97.01
C GLN S 67 -0.26 -29.91 97.71
N ARG S 68 -0.43 -29.17 98.79
CA ARG S 68 0.70 -28.62 99.54
C ARG S 68 0.86 -29.47 100.79
N MET S 69 2.01 -30.09 100.94
CA MET S 69 2.17 -31.09 101.99
C MET S 69 3.44 -30.80 102.76
N ILE S 70 3.32 -30.87 104.08
CA ILE S 70 4.45 -30.74 105.00
C ILE S 70 5.07 -32.11 105.19
N ARG S 71 6.39 -32.19 105.10
CA ARG S 71 7.06 -33.47 105.30
C ARG S 71 7.93 -33.43 106.55
N VAL S 72 8.01 -34.56 107.24
CA VAL S 72 8.86 -34.70 108.43
C VAL S 72 9.60 -36.02 108.32
N ARG S 73 10.92 -35.99 108.42
CA ARG S 73 11.74 -37.20 108.30
C ARG S 73 12.61 -37.34 109.54
N VAL S 74 12.48 -38.48 110.21
CA VAL S 74 13.32 -38.84 111.35
C VAL S 74 14.16 -40.04 110.95
N SER S 75 15.47 -39.93 111.12
CA SER S 75 16.39 -40.97 110.66
C SER S 75 17.40 -41.28 111.75
N THR S 76 17.65 -42.56 112.00
CA THR S 76 18.61 -43.00 113.01
C THR S 76 19.63 -43.94 112.36
N PHE S 77 20.91 -43.64 112.57
CA PHE S 77 22.02 -44.44 112.06
C PHE S 77 22.82 -44.95 113.25
N GLU S 78 23.09 -46.26 113.27
CA GLU S 78 23.84 -46.90 114.35
C GLU S 78 24.99 -47.72 113.78
N PRO S 79 26.03 -47.07 113.26
CA PRO S 79 27.14 -47.82 112.69
C PRO S 79 27.89 -48.63 113.73
N ILE S 80 28.39 -49.79 113.31
CA ILE S 80 29.12 -50.70 114.18
C ILE S 80 30.56 -50.80 113.68
N LEU S 81 31.51 -50.37 114.51
CA LEU S 81 32.91 -50.37 114.12
C LEU S 81 33.52 -51.76 114.23
N GLU S 82 34.57 -51.99 113.45
CA GLU S 82 35.34 -53.23 113.56
C GLU S 82 36.21 -53.18 114.81
N VAL S 83 36.40 -54.33 115.44
CA VAL S 83 37.17 -54.40 116.69
C VAL S 83 38.65 -54.19 116.39
N ALA S 84 39.36 -53.65 117.38
CA ALA S 84 40.79 -53.41 117.24
C ALA S 84 41.51 -54.70 116.82
N VAL S 85 42.48 -54.56 115.92
CA VAL S 85 43.18 -55.71 115.35
C VAL S 85 44.32 -56.14 116.28
N THR S 86 44.55 -57.45 116.34
CA THR S 86 45.66 -57.99 117.12
C THR S 86 46.89 -58.23 116.26
N ALA S 87 46.71 -58.33 114.94
CA ALA S 87 47.81 -58.60 114.03
C ALA S 87 47.38 -58.29 112.61
N THR S 88 48.24 -57.62 111.86
CA THR S 88 48.01 -57.39 110.43
C THR S 88 49.25 -57.81 109.66
N TYR S 89 49.17 -57.73 108.33
CA TYR S 89 50.27 -58.24 107.52
C TYR S 89 51.52 -57.39 107.69
N SER S 90 51.35 -56.09 107.89
CA SER S 90 52.46 -55.16 107.97
C SER S 90 52.84 -54.80 109.40
N GLY S 91 51.98 -55.07 110.37
CA GLY S 91 52.26 -54.70 111.75
C GLY S 91 51.74 -53.35 112.17
N ILE S 92 51.15 -52.58 111.25
CA ILE S 92 50.53 -51.30 111.58
C ILE S 92 49.02 -51.49 111.58
N ALA S 93 48.38 -51.08 112.68
CA ALA S 93 46.95 -51.26 112.80
C ALA S 93 46.21 -50.35 111.83
N PRO S 94 45.16 -50.85 111.18
CA PRO S 94 44.41 -50.02 110.23
C PRO S 94 43.58 -48.96 110.93
N SER S 95 43.23 -47.93 110.16
CA SER S 95 42.37 -46.87 110.66
C SER S 95 41.02 -47.45 111.08
N PRO S 96 40.34 -46.83 112.05
CA PRO S 96 39.03 -47.34 112.45
C PRO S 96 38.08 -47.36 111.26
N THR S 97 37.50 -48.52 111.00
CA THR S 97 36.64 -48.72 109.85
C THR S 97 35.27 -49.19 110.30
N VAL S 98 34.26 -48.88 109.50
CA VAL S 98 32.89 -49.23 109.81
C VAL S 98 32.59 -50.59 109.20
N SER S 99 32.10 -51.51 110.04
CA SER S 99 31.81 -52.87 109.57
C SER S 99 30.50 -52.92 108.81
N TYR S 100 29.43 -52.41 109.41
CA TYR S 100 28.12 -52.40 108.78
C TYR S 100 27.26 -51.36 109.50
N VAL S 101 26.18 -50.95 108.86
CA VAL S 101 25.36 -49.88 109.45
C VAL S 101 23.88 -50.22 109.39
N PRO S 102 23.28 -50.68 110.50
CA PRO S 102 21.82 -50.73 110.56
C PRO S 102 21.25 -49.33 110.73
N LYS S 103 20.17 -49.04 110.00
CA LYS S 103 19.63 -47.69 110.02
C LYS S 103 18.12 -47.73 109.83
N ALA S 104 17.48 -46.60 110.11
CA ALA S 104 16.03 -46.48 109.98
C ALA S 104 15.67 -45.09 109.52
N PHE S 105 14.63 -45.01 108.68
CA PHE S 105 14.20 -43.78 108.05
C PHE S 105 12.68 -43.75 108.10
N THR S 106 12.10 -42.73 108.74
CA THR S 106 10.65 -42.57 108.84
C THR S 106 10.26 -41.22 108.27
N GLU S 107 9.22 -41.21 107.42
CA GLU S 107 8.75 -39.99 106.77
C GLU S 107 7.25 -39.86 106.97
N PHE S 108 6.84 -38.73 107.53
CA PHE S 108 5.45 -38.33 107.64
C PHE S 108 5.14 -37.36 106.53
N VAL S 109 4.05 -37.62 105.81
CA VAL S 109 3.48 -36.73 104.81
C VAL S 109 2.18 -36.20 105.40
N LEU S 110 2.16 -34.90 105.68
CA LEU S 110 1.07 -34.28 106.41
C LEU S 110 0.49 -33.16 105.55
N PRO S 111 -0.65 -33.36 104.89
CA PRO S 111 -1.23 -32.28 104.09
C PRO S 111 -1.49 -31.03 104.92
N GLU S 112 -1.37 -29.88 104.27
CA GLU S 112 -1.51 -28.61 104.98
C GLU S 112 -2.91 -28.41 105.53
N ARG S 113 -3.91 -29.07 104.93
CA ARG S 113 -5.27 -29.02 105.46
C ARG S 113 -5.47 -29.90 106.69
N ALA S 114 -4.49 -30.73 107.06
CA ALA S 114 -4.70 -31.71 108.11
C ALA S 114 -4.67 -31.06 109.47
N THR S 115 -5.60 -31.45 110.33
CA THR S 115 -5.77 -30.82 111.63
C THR S 115 -4.81 -31.42 112.65
N LEU S 116 -4.61 -30.68 113.74
CA LEU S 116 -3.75 -31.14 114.83
C LEU S 116 -4.15 -32.54 115.29
N ASP S 117 -5.45 -32.82 115.32
CA ASP S 117 -5.90 -34.16 115.71
C ASP S 117 -5.39 -35.21 114.72
N ASN S 118 -5.46 -34.92 113.42
CA ASN S 118 -4.95 -35.85 112.42
C ASN S 118 -3.46 -36.11 112.61
N ARG S 119 -2.70 -35.04 112.89
CA ARG S 119 -1.26 -35.20 113.05
C ARG S 119 -0.93 -36.03 114.29
N LYS S 120 -1.62 -35.75 115.41
CA LYS S 120 -1.42 -36.54 116.62
C LYS S 120 -1.77 -38.00 116.37
N ASP S 121 -2.86 -38.25 115.63
CA ASP S 121 -3.27 -39.61 115.30
C ASP S 121 -2.19 -40.34 114.52
N ILE S 122 -1.71 -39.73 113.42
CA ILE S 122 -0.77 -40.43 112.56
C ILE S 122 0.54 -40.69 113.29
N ARG S 123 1.02 -39.70 114.07
CA ARG S 123 2.26 -39.89 114.82
C ARG S 123 2.12 -41.01 115.84
N LYS S 124 1.14 -40.91 116.74
CA LYS S 124 0.97 -41.93 117.78
C LYS S 124 0.78 -43.30 117.18
N MET S 125 -0.05 -43.39 116.13
CA MET S 125 -0.44 -44.70 115.62
C MET S 125 0.69 -45.36 114.84
N HIS S 126 1.48 -44.58 114.10
CA HIS S 126 2.62 -45.16 113.40
C HIS S 126 3.69 -45.60 114.40
N ALA S 127 4.02 -44.74 115.38
CA ALA S 127 4.98 -45.11 116.40
C ALA S 127 4.56 -46.40 117.09
N LEU S 128 3.27 -46.55 117.38
CA LEU S 128 2.77 -47.79 117.94
C LEU S 128 2.92 -48.95 116.95
N ALA S 129 2.63 -48.70 115.67
CA ALA S 129 2.73 -49.74 114.66
C ALA S 129 4.13 -50.31 114.56
N LEU S 130 5.15 -49.53 114.95
CA LEU S 130 6.50 -50.05 115.00
C LEU S 130 6.77 -50.94 116.20
N THR S 131 5.86 -51.03 117.16
CA THR S 131 6.08 -51.82 118.36
C THR S 131 5.13 -53.00 118.49
N THR S 132 4.32 -53.27 117.46
CA THR S 132 3.41 -54.41 117.48
C THR S 132 4.20 -55.72 117.50
N SER S 133 3.53 -56.80 117.91
CA SER S 133 4.19 -58.10 117.94
C SER S 133 4.63 -58.51 116.54
N GLU S 134 3.83 -58.15 115.52
CA GLU S 134 4.21 -58.42 114.14
C GLU S 134 5.45 -57.63 113.73
N ALA S 135 5.49 -56.34 114.07
CA ALA S 135 6.66 -55.53 113.76
C ALA S 135 7.91 -56.06 114.44
N ILE S 136 7.78 -56.51 115.69
CA ILE S 136 8.93 -57.03 116.40
C ILE S 136 9.39 -58.35 115.79
N ALA S 137 8.44 -59.18 115.37
CA ALA S 137 8.81 -60.44 114.72
C ALA S 137 9.51 -60.19 113.38
N MET S 138 9.08 -59.15 112.65
CA MET S 138 9.68 -58.88 111.35
C MET S 138 11.06 -58.26 111.48
N ILE S 139 11.22 -57.28 112.36
CA ILE S 139 12.49 -56.54 112.43
C ILE S 139 13.52 -57.30 113.25
N GLU S 140 13.12 -57.94 114.36
CA GLU S 140 14.09 -58.58 115.23
C GLU S 140 14.32 -60.04 114.85
N SER S 141 13.25 -60.80 114.64
CA SER S 141 13.34 -62.22 114.35
C SER S 141 13.29 -62.52 112.87
N LEU S 142 12.99 -61.53 112.04
CA LEU S 142 13.04 -61.69 110.59
C LEU S 142 12.04 -62.74 110.11
N GLN S 143 10.78 -62.57 110.51
CA GLN S 143 9.71 -63.48 110.16
C GLN S 143 8.58 -62.70 109.50
N PHE S 144 8.03 -63.27 108.44
CA PHE S 144 6.88 -62.67 107.76
C PHE S 144 5.59 -63.22 108.36
N VAL S 145 4.46 -62.62 107.97
CA VAL S 145 3.14 -63.07 108.41
C VAL S 145 2.51 -63.93 107.33
N TYR S 146 1.89 -65.03 107.73
CA TYR S 146 1.37 -66.03 106.80
C TYR S 146 -0.11 -66.33 107.06
N PRO T 1 19.25 -10.23 118.96
CA PRO T 1 18.28 -10.81 119.89
C PRO T 1 18.01 -12.27 119.61
N GLN T 2 17.56 -13.00 120.61
CA GLN T 2 17.26 -14.41 120.42
C GLN T 2 15.89 -14.58 119.76
N ALA T 3 15.67 -15.76 119.20
CA ALA T 3 14.36 -16.08 118.66
C ALA T 3 13.38 -16.26 119.79
N ALA T 4 12.34 -15.42 119.82
CA ALA T 4 11.32 -15.48 120.86
C ALA T 4 9.95 -15.28 120.23
N ASP T 5 8.92 -15.60 121.01
CA ASP T 5 7.55 -15.34 120.56
C ASP T 5 7.37 -13.86 120.28
N ILE T 6 6.56 -13.55 119.28
CA ILE T 6 6.20 -12.17 118.94
C ILE T 6 4.70 -12.06 119.07
N VAL T 7 4.23 -11.15 119.92
CA VAL T 7 2.80 -11.05 120.20
C VAL T 7 2.27 -9.75 119.61
N ILE T 8 1.23 -9.87 118.77
CA ILE T 8 0.66 -8.74 118.04
C ILE T 8 -0.85 -8.75 118.23
N ALA T 9 -1.43 -7.58 118.46
CA ALA T 9 -2.84 -7.46 118.80
C ALA T 9 -3.73 -7.48 117.56
N ASP T 10 -4.89 -8.12 117.71
CA ASP T 10 -5.91 -8.13 116.67
C ASP T 10 -6.55 -6.75 116.52
N ALA T 11 -7.35 -6.59 115.48
CA ALA T 11 -8.15 -5.38 115.29
C ALA T 11 -9.63 -5.60 115.57
N GLN T 12 -9.96 -6.58 116.41
CA GLN T 12 -11.35 -6.83 116.76
C GLN T 12 -11.85 -5.78 117.74
N ALA T 13 -13.17 -5.79 117.97
CA ALA T 13 -13.76 -4.90 118.96
C ALA T 13 -13.06 -5.02 120.30
N THR T 14 -12.96 -6.25 120.81
CA THR T 14 -12.06 -6.54 121.92
C THR T 14 -10.83 -7.22 121.34
N PRO T 15 -9.71 -6.52 121.21
CA PRO T 15 -8.54 -7.10 120.52
C PRO T 15 -8.10 -8.41 121.14
N VAL T 16 -7.66 -9.33 120.28
CA VAL T 16 -7.18 -10.65 120.66
C VAL T 16 -5.69 -10.75 120.33
N ASN T 17 -4.89 -11.16 121.30
CA ASN T 17 -3.45 -11.27 121.09
C ASN T 17 -3.15 -12.53 120.27
N HIS T 18 -2.50 -12.35 119.13
CA HIS T 18 -1.98 -13.45 118.34
C HIS T 18 -0.51 -13.63 118.65
N THR T 19 -0.12 -14.86 119.02
CA THR T 19 1.25 -15.16 119.40
C THR T 19 1.92 -15.92 118.27
N PHE T 20 2.96 -15.30 117.68
CA PHE T 20 3.74 -15.88 116.60
C PHE T 20 4.96 -16.57 117.20
N VAL T 21 4.91 -17.90 117.25
CA VAL T 21 6.00 -18.75 117.76
C VAL T 21 7.05 -18.83 116.67
N PRO T 22 8.34 -18.75 116.98
CA PRO T 22 9.35 -18.89 115.92
C PRO T 22 9.37 -20.29 115.32
N ILE T 23 9.21 -20.37 114.00
CA ILE T 23 9.39 -21.63 113.28
C ILE T 23 10.87 -21.87 113.00
N GLY T 24 11.59 -20.82 112.65
CA GLY T 24 13.01 -20.99 112.43
C GLY T 24 13.45 -20.24 111.19
N PRO T 25 14.70 -20.44 110.80
CA PRO T 25 15.20 -19.78 109.60
C PRO T 25 14.60 -20.40 108.36
N ASP T 26 14.60 -19.61 107.30
CA ASP T 26 14.05 -20.04 106.02
C ASP T 26 14.89 -21.19 105.47
N PRO T 27 14.26 -22.17 104.81
CA PRO T 27 15.03 -23.32 104.29
C PRO T 27 16.09 -22.95 103.28
N LYS T 28 15.77 -21.99 102.41
CA LYS T 28 16.60 -21.69 101.26
C LYS T 28 17.41 -20.41 101.40
N ASP T 29 17.03 -19.51 102.29
CA ASP T 29 17.74 -18.26 102.55
C ASP T 29 18.04 -18.16 104.04
N ALA T 30 19.32 -18.04 104.38
CA ALA T 30 19.77 -17.98 105.76
C ALA T 30 19.61 -16.59 106.34
N THR T 31 19.07 -15.64 105.58
CA THR T 31 18.95 -14.25 106.03
C THR T 31 17.52 -13.87 106.39
N ILE T 32 16.58 -14.80 106.34
CA ILE T 32 15.18 -14.52 106.62
C ILE T 32 14.68 -15.57 107.60
N TYR T 33 13.99 -15.10 108.65
CA TYR T 33 13.55 -15.91 109.78
C TYR T 33 12.03 -15.84 109.88
N TRP T 34 11.42 -16.91 110.41
CA TRP T 34 9.98 -17.16 110.31
C TRP T 34 9.38 -17.46 111.67
N TRP T 35 8.35 -16.69 112.02
CA TRP T 35 7.41 -16.92 113.12
C TRP T 35 6.03 -17.22 112.55
N GLU T 36 5.21 -17.93 113.34
CA GLU T 36 3.92 -18.42 112.88
C GLU T 36 2.88 -18.39 114.02
N ASP T 37 1.70 -17.89 113.70
CA ASP T 37 0.52 -17.91 114.56
C ASP T 37 -0.30 -19.15 114.19
N GLN T 38 -0.22 -20.15 115.08
CA GLN T 38 -0.75 -21.50 114.87
C GLN T 38 -2.11 -21.69 115.53
N SER T 39 -2.83 -20.62 115.78
CA SER T 39 -4.12 -20.68 116.47
C SER T 39 -5.27 -21.03 115.55
N GLN T 40 -5.05 -20.94 114.23
CA GLN T 40 -6.10 -21.06 113.24
C GLN T 40 -6.55 -22.53 113.15
N ALA T 41 -7.50 -22.79 112.24
CA ALA T 41 -8.20 -24.08 112.25
C ALA T 41 -7.34 -25.22 111.72
N SER T 42 -6.57 -24.98 110.66
CA SER T 42 -5.60 -25.93 110.13
C SER T 42 -4.41 -25.12 109.65
N PRO T 43 -3.25 -25.76 109.47
CA PRO T 43 -2.05 -24.98 109.08
C PRO T 43 -2.25 -24.13 107.82
N ALA T 44 -3.14 -24.54 106.91
CA ALA T 44 -3.41 -23.76 105.72
C ALA T 44 -3.83 -22.34 106.06
N GLY T 45 -4.48 -22.15 107.21
CA GLY T 45 -4.92 -20.86 107.67
C GLY T 45 -4.04 -20.19 108.72
N TYR T 46 -2.90 -20.78 109.08
CA TYR T 46 -2.01 -20.14 110.06
C TYR T 46 -1.48 -18.83 109.51
N TRP T 47 -1.21 -17.87 110.41
CA TRP T 47 -0.67 -16.59 109.97
C TRP T 47 0.84 -16.55 110.15
N ARG T 48 1.54 -15.96 109.21
CA ARG T 48 3.00 -16.05 109.22
C ARG T 48 3.62 -14.66 109.20
N LEU T 49 4.78 -14.56 109.85
CA LEU T 49 5.56 -13.33 109.92
C LEU T 49 7.01 -13.67 109.63
N SER T 50 7.64 -12.88 108.77
CA SER T 50 9.01 -13.13 108.33
C SER T 50 9.82 -11.85 108.39
N MET T 51 11.04 -11.94 108.92
CA MET T 51 11.94 -10.79 108.99
C MET T 51 13.28 -11.15 108.37
N GLN T 52 13.80 -10.25 107.54
CA GLN T 52 15.00 -10.49 106.75
C GLN T 52 15.96 -9.32 106.83
N LEU T 53 17.21 -9.61 107.14
CA LEU T 53 18.28 -8.63 107.18
C LEU T 53 19.36 -9.04 106.18
N VAL T 54 19.59 -8.21 105.18
CA VAL T 54 20.60 -8.47 104.16
C VAL T 54 21.67 -7.38 104.28
N ARG T 55 22.82 -7.79 104.78
CA ARG T 55 24.05 -7.04 105.00
C ARG T 55 24.97 -7.20 103.80
N PRO T 56 25.74 -6.19 103.45
CA PRO T 56 26.72 -6.34 102.37
C PRO T 56 27.99 -7.01 102.86
N ALA T 57 28.79 -7.48 101.89
CA ALA T 57 30.05 -8.12 102.22
C ALA T 57 30.97 -7.12 102.92
N PRO T 58 31.83 -7.59 103.84
CA PRO T 58 32.60 -6.64 104.66
C PRO T 58 33.45 -5.73 103.81
N ALA T 59 33.65 -4.51 104.32
CA ALA T 59 34.35 -3.49 103.55
C ALA T 59 35.82 -3.83 103.41
N LYS T 60 36.40 -3.50 102.26
CA LYS T 60 37.81 -3.73 102.01
C LYS T 60 38.61 -2.46 102.33
N ALA T 61 39.89 -2.65 102.62
CA ALA T 61 40.74 -1.53 103.00
C ALA T 61 40.86 -0.54 101.86
N GLY T 62 40.57 0.73 102.14
CA GLY T 62 40.60 1.75 101.12
C GLY T 62 39.42 1.77 100.17
N GLN T 63 38.50 0.81 100.28
CA GLN T 63 37.33 0.77 99.41
C GLN T 63 36.37 1.91 99.77
N ASN T 64 35.71 2.46 98.75
CA ASN T 64 34.74 3.53 98.94
C ASN T 64 33.38 2.92 99.25
N THR T 65 32.80 3.31 100.39
CA THR T 65 31.60 2.65 100.90
C THR T 65 30.30 3.40 100.61
N ASN T 66 30.35 4.46 99.81
CA ASN T 66 29.11 5.26 99.72
C ASN T 66 28.10 4.64 98.87
N GLN T 67 28.32 3.42 98.37
CA GLN T 67 27.28 2.74 97.61
C GLN T 67 26.76 1.47 98.26
N ARG T 68 27.36 1.01 99.35
CA ARG T 68 26.93 -0.24 99.98
C ARG T 68 25.69 0.04 100.81
N MET T 69 24.75 -0.91 100.83
CA MET T 69 23.47 -0.69 101.47
C MET T 69 22.98 -1.96 102.17
N ILE T 70 22.17 -1.75 103.21
CA ILE T 70 21.59 -2.80 104.03
C ILE T 70 20.09 -2.79 103.79
N ARG T 71 19.51 -3.97 103.66
CA ARG T 71 18.07 -4.09 103.42
C ARG T 71 17.41 -4.86 104.55
N VAL T 72 16.22 -4.42 104.96
CA VAL T 72 15.43 -5.11 105.96
C VAL T 72 14.03 -5.29 105.39
N ARG T 73 13.51 -6.53 105.44
CA ARG T 73 12.20 -6.82 104.89
C ARG T 73 11.36 -7.53 105.96
N VAL T 74 10.21 -6.95 106.28
CA VAL T 74 9.24 -7.56 107.17
C VAL T 74 8.01 -7.93 106.34
N SER T 75 7.46 -9.11 106.59
CA SER T 75 6.37 -9.60 105.76
C SER T 75 5.36 -10.34 106.63
N THR T 76 4.08 -10.04 106.44
CA THR T 76 3.02 -10.69 107.19
C THR T 76 1.99 -11.27 106.23
N PHE T 77 1.61 -12.52 106.48
CA PHE T 77 0.65 -13.24 105.66
C PHE T 77 -0.49 -13.71 106.54
N GLU T 78 -1.72 -13.35 106.17
CA GLU T 78 -2.92 -13.66 106.95
C GLU T 78 -3.96 -14.35 106.09
N PRO T 79 -3.73 -15.61 105.72
CA PRO T 79 -4.73 -16.33 104.91
C PRO T 79 -6.04 -16.52 105.67
N ILE T 80 -7.14 -16.43 104.91
CA ILE T 80 -8.49 -16.59 105.43
C ILE T 80 -9.07 -17.87 104.86
N LEU T 81 -9.69 -18.68 105.71
CA LEU T 81 -10.23 -19.96 105.29
C LEU T 81 -11.71 -19.84 104.93
N GLU T 82 -12.20 -20.89 104.26
CA GLU T 82 -13.61 -21.08 103.96
C GLU T 82 -13.92 -22.56 104.07
N VAL T 83 -15.19 -22.87 104.32
CA VAL T 83 -15.65 -24.24 104.51
C VAL T 83 -16.86 -24.48 103.63
N ALA T 84 -16.99 -25.72 103.13
CA ALA T 84 -18.09 -26.08 102.25
C ALA T 84 -19.39 -26.40 103.01
N VAL T 85 -19.30 -26.79 104.28
CA VAL T 85 -20.47 -27.11 105.08
C VAL T 85 -20.10 -26.93 106.55
N THR T 86 -21.07 -26.52 107.36
CA THR T 86 -20.78 -26.03 108.71
C THR T 86 -21.05 -27.05 109.81
N ALA T 87 -21.54 -28.23 109.51
CA ALA T 87 -21.82 -29.24 110.53
C ALA T 87 -20.93 -30.46 110.31
N THR T 88 -21.10 -31.44 111.20
CA THR T 88 -20.39 -32.69 111.11
C THR T 88 -21.40 -33.84 110.97
N TYR T 89 -21.15 -34.74 110.03
CA TYR T 89 -22.03 -35.86 109.75
C TYR T 89 -21.27 -37.14 110.00
N SER T 90 -21.83 -38.03 110.84
CA SER T 90 -21.28 -39.38 111.03
C SER T 90 -19.77 -39.32 111.31
N GLY T 91 -19.37 -38.37 112.15
CA GLY T 91 -17.98 -38.22 112.53
C GLY T 91 -17.09 -37.56 111.50
N ILE T 92 -17.62 -37.10 110.38
CA ILE T 92 -16.81 -36.46 109.35
C ILE T 92 -16.86 -34.96 109.58
N ALA T 93 -15.72 -34.38 109.93
CA ALA T 93 -15.83 -32.94 110.15
C ALA T 93 -15.58 -32.15 108.87
N PRO T 94 -16.09 -30.93 108.80
CA PRO T 94 -15.76 -30.06 107.67
C PRO T 94 -14.28 -29.71 107.68
N SER T 95 -13.67 -29.77 106.50
CA SER T 95 -12.25 -29.48 106.36
C SER T 95 -12.11 -28.20 105.56
N PRO T 96 -11.61 -27.13 106.16
CA PRO T 96 -11.55 -25.84 105.45
C PRO T 96 -10.40 -25.78 104.47
N THR T 97 -10.58 -24.95 103.43
CA THR T 97 -9.54 -24.60 102.49
C THR T 97 -9.28 -23.12 102.54
N VAL T 98 -8.17 -22.71 101.92
CA VAL T 98 -7.87 -21.29 101.86
C VAL T 98 -8.79 -20.62 100.86
N SER T 99 -9.30 -19.45 101.23
CA SER T 99 -10.21 -18.67 100.40
C SER T 99 -9.51 -17.52 99.70
N TYR T 100 -8.72 -16.75 100.45
CA TYR T 100 -7.93 -15.65 99.90
C TYR T 100 -6.85 -15.30 100.91
N VAL T 101 -5.81 -14.62 100.44
CA VAL T 101 -4.71 -14.29 101.35
C VAL T 101 -4.37 -12.80 101.26
N PRO T 102 -4.84 -12.00 102.21
CA PRO T 102 -4.30 -10.64 102.35
C PRO T 102 -2.91 -10.70 102.96
N LYS T 103 -2.02 -9.82 102.48
CA LYS T 103 -0.65 -9.86 102.95
C LYS T 103 -0.04 -8.47 102.86
N ALA T 104 1.10 -8.31 103.54
CA ALA T 104 1.79 -7.03 103.57
C ALA T 104 3.29 -7.27 103.55
N PHE T 105 4.00 -6.39 102.84
CA PHE T 105 5.43 -6.51 102.62
C PHE T 105 6.05 -5.13 102.79
N THR T 106 6.99 -4.98 103.72
CA THR T 106 7.69 -3.73 103.97
C THR T 106 9.19 -3.93 103.80
N GLU T 107 9.84 -2.98 103.12
CA GLU T 107 11.27 -3.02 102.85
C GLU T 107 11.90 -1.68 103.21
N PHE T 108 12.88 -1.73 104.11
CA PHE T 108 13.74 -0.60 104.44
C PHE T 108 15.04 -0.74 103.66
N VAL T 109 15.42 0.33 102.97
CA VAL T 109 16.72 0.46 102.34
C VAL T 109 17.51 1.46 103.17
N LEU T 110 18.48 0.97 103.92
CA LEU T 110 19.32 1.76 104.81
C LEU T 110 20.74 1.77 104.27
N PRO T 111 21.20 2.87 103.69
CA PRO T 111 22.60 2.91 103.24
C PRO T 111 23.54 2.73 104.42
N GLU T 112 24.61 1.96 104.20
CA GLU T 112 25.50 1.57 105.29
C GLU T 112 26.11 2.77 105.99
N ARG T 113 26.31 3.89 105.29
CA ARG T 113 26.87 5.08 105.91
C ARG T 113 25.88 5.85 106.78
N ALA T 114 24.66 5.37 106.94
CA ALA T 114 23.66 6.17 107.64
C ALA T 114 23.85 6.11 109.15
N THR T 115 23.42 7.17 109.82
CA THR T 115 23.54 7.26 111.27
C THR T 115 22.44 6.46 111.95
N LEU T 116 22.75 6.02 113.18
CA LEU T 116 21.71 5.45 114.04
C LEU T 116 20.50 6.38 114.10
N ASP T 117 20.73 7.69 114.12
CA ASP T 117 19.63 8.63 114.12
C ASP T 117 18.81 8.52 112.85
N ASN T 118 19.47 8.43 111.69
CA ASN T 118 18.74 8.27 110.43
C ASN T 118 17.89 7.01 110.45
N ARG T 119 18.43 5.92 111.01
CA ARG T 119 17.69 4.66 111.03
C ARG T 119 16.48 4.74 111.95
N LYS T 120 16.67 5.32 113.15
CA LYS T 120 15.54 5.51 114.05
C LYS T 120 14.48 6.38 113.41
N ASP T 121 14.91 7.43 112.68
CA ASP T 121 13.99 8.32 111.98
C ASP T 121 13.15 7.55 110.97
N ILE T 122 13.81 6.82 110.06
CA ILE T 122 13.08 6.16 108.99
C ILE T 122 12.14 5.09 109.55
N ARG T 123 12.60 4.33 110.55
CA ARG T 123 11.75 3.31 111.16
C ARG T 123 10.51 3.93 111.79
N LYS T 124 10.71 4.84 112.75
CA LYS T 124 9.58 5.44 113.46
C LYS T 124 8.63 6.12 112.49
N MET T 125 9.17 6.89 111.54
CA MET T 125 8.32 7.73 110.72
C MET T 125 7.54 6.90 109.70
N HIS T 126 8.13 5.83 109.17
CA HIS T 126 7.35 4.97 108.28
C HIS T 126 6.27 4.21 109.06
N ALA T 127 6.63 3.65 110.21
CA ALA T 127 5.62 2.96 111.03
C ALA T 127 4.46 3.88 111.36
N LEU T 128 4.77 5.16 111.63
CA LEU T 128 3.71 6.13 111.88
C LEU T 128 2.92 6.43 110.61
N ALA T 129 3.60 6.51 109.46
CA ALA T 129 2.91 6.80 108.21
C ALA T 129 1.91 5.70 107.86
N LEU T 130 2.12 4.49 108.37
CA LEU T 130 1.14 3.43 108.18
C LEU T 130 -0.11 3.60 109.05
N THR T 131 -0.10 4.53 110.02
CA THR T 131 -1.24 4.71 110.92
C THR T 131 -1.91 6.06 110.76
N THR T 132 -1.49 6.86 109.78
CA THR T 132 -2.12 8.15 109.53
C THR T 132 -3.58 7.96 109.10
N SER T 133 -4.38 9.01 109.30
CA SER T 133 -5.79 8.94 108.91
C SER T 133 -5.93 8.65 107.42
N GLU T 134 -5.02 9.18 106.61
CA GLU T 134 -5.03 8.91 105.18
C GLU T 134 -4.71 7.44 104.88
N ALA T 135 -3.70 6.89 105.56
CA ALA T 135 -3.37 5.47 105.38
C ALA T 135 -4.54 4.59 105.80
N ILE T 136 -5.22 4.95 106.88
CA ILE T 136 -6.36 4.15 107.33
C ILE T 136 -7.50 4.25 106.33
N ALA T 137 -7.75 5.45 105.80
CA ALA T 137 -8.79 5.61 104.79
C ALA T 137 -8.48 4.83 103.52
N MET T 138 -7.20 4.71 103.16
CA MET T 138 -6.85 4.02 101.92
C MET T 138 -6.85 2.50 102.08
N ILE T 139 -6.36 1.99 103.21
CA ILE T 139 -6.24 0.54 103.38
C ILE T 139 -7.55 -0.06 103.89
N GLU T 140 -8.21 0.58 104.86
CA GLU T 140 -9.42 0.02 105.45
C GLU T 140 -10.67 0.45 104.69
N SER T 141 -10.79 1.74 104.39
CA SER T 141 -11.97 2.29 103.74
C SER T 141 -11.87 2.31 102.22
N LEU T 142 -10.68 2.08 101.67
CA LEU T 142 -10.51 1.96 100.22
C LEU T 142 -10.91 3.25 99.49
N GLN T 143 -10.48 4.38 100.03
CA GLN T 143 -10.75 5.68 99.45
C GLN T 143 -9.44 6.43 99.25
N PHE T 144 -9.22 6.90 98.02
CA PHE T 144 -8.04 7.70 97.69
C PHE T 144 -8.24 9.15 98.15
N VAL T 145 -7.19 9.96 98.01
CA VAL T 145 -7.24 11.38 98.36
C VAL T 145 -7.48 12.20 97.10
N TYR T 146 -8.45 13.11 97.16
CA TYR T 146 -8.85 13.91 96.01
C TYR T 146 -8.78 15.41 96.30
N PRO U 1 26.12 -26.10 121.18
CA PRO U 1 25.89 -24.88 121.96
C PRO U 1 25.11 -23.84 121.16
N GLN U 2 24.01 -23.34 121.72
CA GLN U 2 23.25 -22.33 121.01
C GLN U 2 24.08 -21.05 120.88
N ALA U 3 23.89 -20.34 119.78
CA ALA U 3 24.66 -19.13 119.55
C ALA U 3 24.30 -18.07 120.58
N ALA U 4 25.33 -17.43 121.15
CA ALA U 4 25.11 -16.34 122.09
C ALA U 4 26.26 -15.35 121.97
N ASP U 5 26.11 -14.21 122.65
CA ASP U 5 27.13 -13.18 122.62
C ASP U 5 28.47 -13.74 123.07
N ILE U 6 29.55 -13.30 122.42
CA ILE U 6 30.90 -13.69 122.78
C ILE U 6 31.61 -12.43 123.26
N VAL U 7 32.07 -12.42 124.51
CA VAL U 7 32.67 -11.23 125.10
C VAL U 7 34.17 -11.47 125.27
N ILE U 8 34.97 -10.58 124.68
CA ILE U 8 36.42 -10.71 124.68
C ILE U 8 37.02 -9.39 125.15
N ALA U 9 38.03 -9.48 126.02
CA ALA U 9 38.60 -8.30 126.62
C ALA U 9 39.58 -7.60 125.68
N ASP U 10 39.62 -6.27 125.77
CA ASP U 10 40.56 -5.46 125.02
C ASP U 10 41.97 -5.63 125.57
N ALA U 11 42.93 -4.93 124.95
CA ALA U 11 44.30 -4.90 125.46
C ALA U 11 44.70 -3.52 125.94
N GLN U 12 43.73 -2.70 126.36
CA GLN U 12 44.04 -1.35 126.80
C GLN U 12 44.60 -1.36 128.21
N ALA U 13 45.05 -0.18 128.65
CA ALA U 13 45.50 0.01 130.02
C ALA U 13 44.49 -0.57 131.00
N THR U 14 43.27 -0.06 130.94
CA THR U 14 42.15 -0.73 131.58
C THR U 14 41.41 -1.50 130.50
N PRO U 15 41.48 -2.83 130.48
CA PRO U 15 40.83 -3.61 129.42
C PRO U 15 39.35 -3.25 129.31
N VAL U 16 38.88 -3.17 128.06
CA VAL U 16 37.50 -2.83 127.73
C VAL U 16 36.86 -4.04 127.05
N ASN U 17 35.73 -4.49 127.59
CA ASN U 17 35.07 -5.67 127.03
C ASN U 17 34.40 -5.33 125.69
N HIS U 18 34.70 -6.12 124.67
CA HIS U 18 34.01 -6.05 123.39
C HIS U 18 33.02 -7.20 123.31
N THR U 19 31.76 -6.89 123.02
CA THR U 19 30.71 -7.88 122.91
C THR U 19 30.39 -8.12 121.45
N PHE U 20 30.59 -9.37 121.00
CA PHE U 20 30.31 -9.80 119.64
C PHE U 20 28.95 -10.48 119.62
N VAL U 21 27.95 -9.79 119.07
CA VAL U 21 26.60 -10.31 118.91
C VAL U 21 26.60 -11.22 117.70
N PRO U 22 25.99 -12.40 117.74
CA PRO U 22 25.95 -13.24 116.54
C PRO U 22 25.15 -12.58 115.42
N ILE U 23 25.75 -12.54 114.24
CA ILE U 23 25.03 -12.22 113.02
C ILE U 23 24.37 -13.45 112.43
N GLY U 24 25.01 -14.61 112.57
CA GLY U 24 24.43 -15.83 112.06
C GLY U 24 25.34 -16.53 111.07
N PRO U 25 24.84 -17.58 110.44
CA PRO U 25 25.67 -18.33 109.51
C PRO U 25 25.84 -17.58 108.20
N ASP U 26 27.01 -17.75 107.59
CA ASP U 26 27.29 -17.13 106.31
C ASP U 26 26.30 -17.66 105.28
N PRO U 27 25.57 -16.80 104.57
CA PRO U 27 24.66 -17.30 103.54
C PRO U 27 25.37 -18.05 102.43
N LYS U 28 26.62 -17.69 102.13
CA LYS U 28 27.35 -18.37 101.07
C LYS U 28 27.85 -19.74 101.51
N ASP U 29 28.26 -19.87 102.78
CA ASP U 29 28.76 -21.13 103.33
C ASP U 29 28.13 -21.36 104.70
N ALA U 30 27.37 -22.44 104.82
CA ALA U 30 26.64 -22.73 106.05
C ALA U 30 27.54 -23.23 107.18
N THR U 31 28.77 -23.63 106.89
CA THR U 31 29.67 -24.17 107.90
C THR U 31 30.47 -23.10 108.63
N ILE U 32 30.17 -21.83 108.41
CA ILE U 32 30.93 -20.77 109.06
C ILE U 32 29.92 -19.79 109.65
N TYR U 33 30.12 -19.44 110.93
CA TYR U 33 29.20 -18.62 111.70
C TYR U 33 29.90 -17.31 112.09
N TRP U 34 29.12 -16.24 112.20
CA TRP U 34 29.64 -14.89 112.33
C TRP U 34 29.03 -14.17 113.53
N TRP U 35 29.91 -13.60 114.36
CA TRP U 35 29.59 -12.62 115.39
C TRP U 35 30.22 -11.28 115.00
N GLU U 36 29.64 -10.19 115.51
CA GLU U 36 30.04 -8.84 115.14
C GLU U 36 30.07 -7.94 116.37
N ASP U 37 31.12 -7.14 116.48
CA ASP U 37 31.26 -6.15 117.53
C ASP U 37 30.79 -4.80 116.98
N GLN U 38 29.65 -4.33 117.47
CA GLN U 38 29.01 -3.14 116.92
C GLN U 38 29.39 -1.85 117.64
N SER U 39 30.49 -1.84 118.37
CA SER U 39 30.86 -0.69 119.18
C SER U 39 31.69 0.33 118.41
N GLN U 40 31.98 0.08 117.14
CA GLN U 40 32.86 0.95 116.37
C GLN U 40 32.08 2.12 115.80
N ALA U 41 32.75 2.94 114.99
CA ALA U 41 32.22 4.25 114.63
C ALA U 41 31.09 4.16 113.61
N SER U 42 31.20 3.27 112.62
CA SER U 42 30.14 3.03 111.66
C SER U 42 30.27 1.60 111.18
N PRO U 43 29.24 1.02 110.56
CA PRO U 43 29.23 -0.43 110.34
C PRO U 43 30.42 -0.96 109.56
N ALA U 44 30.95 -0.19 108.60
CA ALA U 44 32.07 -0.68 107.82
C ALA U 44 33.26 -1.06 108.71
N GLY U 45 33.39 -0.43 109.87
CA GLY U 45 34.45 -0.69 110.82
C GLY U 45 34.12 -1.61 111.97
N TYR U 46 32.94 -2.25 111.96
CA TYR U 46 32.58 -3.19 113.02
C TYR U 46 33.52 -4.39 113.01
N TRP U 47 34.07 -4.73 114.17
CA TRP U 47 34.93 -5.89 114.25
C TRP U 47 34.11 -7.17 114.15
N ARG U 48 34.69 -8.20 113.56
CA ARG U 48 33.97 -9.44 113.33
C ARG U 48 34.79 -10.64 113.76
N LEU U 49 34.08 -11.72 114.07
CA LEU U 49 34.66 -12.97 114.51
C LEU U 49 33.90 -14.09 113.81
N SER U 50 34.62 -15.08 113.30
CA SER U 50 34.05 -16.16 112.52
C SER U 50 34.58 -17.51 113.00
N MET U 51 33.69 -18.48 113.14
CA MET U 51 34.09 -19.84 113.52
C MET U 51 33.50 -20.83 112.54
N GLN U 52 34.32 -21.75 112.05
CA GLN U 52 33.95 -22.68 110.99
C GLN U 52 34.30 -24.11 111.39
N LEU U 53 33.33 -25.01 111.23
CA LEU U 53 33.51 -26.43 111.50
C LEU U 53 33.14 -27.20 110.23
N VAL U 54 34.12 -27.89 109.67
CA VAL U 54 33.94 -28.68 108.45
C VAL U 54 34.21 -30.13 108.83
N ARG U 55 33.14 -30.88 109.02
CA ARG U 55 33.10 -32.32 109.26
C ARG U 55 32.92 -33.05 107.95
N PRO U 56 33.59 -34.18 107.76
CA PRO U 56 33.49 -34.89 106.49
C PRO U 56 32.20 -35.67 106.40
N ALA U 57 31.87 -36.05 105.16
CA ALA U 57 30.70 -36.89 104.92
C ALA U 57 30.85 -38.19 105.73
N PRO U 58 29.74 -38.73 106.23
CA PRO U 58 29.83 -39.83 107.18
C PRO U 58 30.57 -41.04 106.62
N ALA U 59 31.30 -41.73 107.50
CA ALA U 59 32.02 -42.93 107.11
C ALA U 59 31.05 -43.97 106.58
N LYS U 60 31.47 -44.69 105.54
CA LYS U 60 30.66 -45.71 104.92
C LYS U 60 31.19 -47.10 105.29
N ALA U 61 30.32 -48.11 105.13
CA ALA U 61 30.66 -49.46 105.54
C ALA U 61 31.84 -49.97 104.71
N GLY U 62 32.86 -50.48 105.40
CA GLY U 62 34.06 -50.96 104.75
C GLY U 62 34.95 -49.90 104.15
N GLN U 63 34.64 -48.63 104.34
CA GLN U 63 35.46 -47.54 103.79
C GLN U 63 36.71 -47.36 104.62
N ASN U 64 37.73 -46.75 104.02
CA ASN U 64 39.00 -46.52 104.68
C ASN U 64 39.06 -45.10 105.23
N THR U 65 39.34 -44.98 106.51
CA THR U 65 39.23 -43.71 107.22
C THR U 65 40.52 -42.90 107.25
N ASN U 66 41.66 -43.50 106.88
CA ASN U 66 42.97 -43.00 107.30
C ASN U 66 43.29 -41.64 106.70
N GLN U 67 42.43 -41.10 105.83
CA GLN U 67 42.66 -39.77 105.29
C GLN U 67 41.54 -38.77 105.58
N ARG U 68 40.43 -39.20 106.16
CA ARG U 68 39.33 -38.29 106.40
C ARG U 68 39.69 -37.37 107.58
N MET U 69 39.36 -36.08 107.45
CA MET U 69 39.79 -35.09 108.43
C MET U 69 38.75 -34.01 108.66
N ILE U 70 38.76 -33.46 109.87
CA ILE U 70 37.87 -32.40 110.31
C ILE U 70 38.69 -31.12 110.42
N ARG U 71 38.12 -30.00 109.97
CA ARG U 71 38.81 -28.72 110.05
C ARG U 71 37.99 -27.74 110.87
N VAL U 72 38.69 -26.91 111.65
CA VAL U 72 38.05 -25.84 112.42
C VAL U 72 38.85 -24.57 112.20
N ARG U 73 38.19 -23.49 111.77
CA ARG U 73 38.85 -22.23 111.48
C ARG U 73 38.22 -21.12 112.31
N VAL U 74 39.01 -20.46 113.14
CA VAL U 74 38.59 -19.31 113.91
C VAL U 74 39.33 -18.08 113.36
N SER U 75 38.57 -17.05 113.03
CA SER U 75 39.13 -15.87 112.38
C SER U 75 38.61 -14.61 113.07
N THR U 76 39.50 -13.63 113.28
CA THR U 76 39.10 -12.37 113.89
C THR U 76 39.60 -11.21 113.04
N PHE U 77 38.69 -10.27 112.74
CA PHE U 77 38.97 -9.10 111.93
C PHE U 77 38.68 -7.86 112.74
N GLU U 78 39.66 -6.96 112.83
CA GLU U 78 39.53 -5.72 113.61
C GLU U 78 39.85 -4.52 112.73
N PRO U 79 39.00 -4.23 111.75
CA PRO U 79 39.29 -3.11 110.84
C PRO U 79 39.29 -1.78 111.58
N ILE U 80 40.24 -0.92 111.20
CA ILE U 80 40.40 0.41 111.78
C ILE U 80 39.87 1.42 110.78
N LEU U 81 38.86 2.18 111.18
CA LEU U 81 38.25 3.16 110.28
C LEU U 81 39.17 4.34 110.05
N GLU U 82 39.18 4.84 108.82
CA GLU U 82 39.97 6.02 108.52
C GLU U 82 39.36 7.23 109.24
N VAL U 83 40.23 8.10 109.77
CA VAL U 83 39.80 9.35 110.39
C VAL U 83 39.87 10.44 109.34
N ALA U 84 38.78 11.19 109.20
CA ALA U 84 38.67 12.16 108.12
C ALA U 84 39.51 13.39 108.40
N VAL U 85 40.07 13.97 107.34
CA VAL U 85 40.66 15.30 107.41
C VAL U 85 39.97 16.15 106.38
N THR U 86 40.39 17.40 106.25
CA THR U 86 39.71 18.34 105.36
C THR U 86 39.91 17.91 103.91
N ALA U 87 38.80 17.68 103.21
CA ALA U 87 38.83 17.37 101.79
C ALA U 87 38.85 18.67 101.01
N THR U 88 39.80 18.80 100.07
CA THR U 88 40.05 20.07 99.41
C THR U 88 39.61 20.11 97.95
N TYR U 89 39.42 18.96 97.30
CA TYR U 89 38.95 18.99 95.92
C TYR U 89 37.48 19.37 95.84
N SER U 90 36.62 18.67 96.58
CA SER U 90 35.18 18.90 96.51
C SER U 90 34.61 19.53 97.77
N GLY U 91 35.37 19.59 98.86
CA GLY U 91 34.84 20.09 100.12
C GLY U 91 33.80 19.20 100.74
N ILE U 92 33.61 18.00 100.19
CA ILE U 92 32.64 17.03 100.68
C ILE U 92 33.41 15.92 101.38
N ALA U 93 33.19 15.79 102.69
CA ALA U 93 33.91 14.79 103.47
C ALA U 93 33.61 13.40 102.92
N PRO U 94 34.58 12.49 102.94
CA PRO U 94 34.40 11.21 102.26
C PRO U 94 33.57 10.24 103.09
N SER U 95 32.95 9.31 102.38
CA SER U 95 32.24 8.22 103.01
C SER U 95 33.16 7.48 103.97
N PRO U 96 32.62 6.88 105.04
CA PRO U 96 33.49 6.12 105.95
C PRO U 96 34.20 5.02 105.19
N THR U 97 35.53 5.02 105.27
CA THR U 97 36.36 4.09 104.54
C THR U 97 37.26 3.36 105.53
N VAL U 98 37.50 2.08 105.25
CA VAL U 98 38.37 1.28 106.11
C VAL U 98 39.81 1.59 105.76
N SER U 99 40.60 1.97 106.78
CA SER U 99 41.98 2.35 106.54
C SER U 99 42.89 1.13 106.38
N TYR U 100 42.84 0.20 107.33
CA TYR U 100 43.63 -1.02 107.25
C TYR U 100 42.99 -2.05 108.18
N VAL U 101 43.34 -3.31 107.98
CA VAL U 101 42.70 -4.36 108.78
C VAL U 101 43.72 -5.31 109.39
N PRO U 102 43.98 -5.19 110.69
CA PRO U 102 44.72 -6.25 111.40
C PRO U 102 43.82 -7.46 111.59
N LYS U 103 44.32 -8.64 111.24
CA LYS U 103 43.46 -9.81 111.30
C LYS U 103 44.26 -11.04 111.71
N ALA U 104 43.53 -12.07 112.11
CA ALA U 104 44.16 -13.33 112.51
C ALA U 104 43.29 -14.49 112.08
N PHE U 105 43.96 -15.59 111.70
CA PHE U 105 43.31 -16.77 111.12
C PHE U 105 43.97 -17.99 111.72
N THR U 106 43.20 -18.82 112.44
CA THR U 106 43.70 -20.05 113.03
C THR U 106 42.94 -21.23 112.46
N GLU U 107 43.66 -22.25 111.99
CA GLU U 107 43.08 -23.46 111.43
C GLU U 107 43.61 -24.68 112.17
N PHE U 108 42.69 -25.46 112.74
CA PHE U 108 42.97 -26.75 113.33
C PHE U 108 42.64 -27.82 112.30
N VAL U 109 43.60 -28.70 112.04
CA VAL U 109 43.40 -29.91 111.25
C VAL U 109 43.40 -31.08 112.24
N LEU U 110 42.22 -31.64 112.45
CA LEU U 110 42.01 -32.74 113.39
C LEU U 110 41.58 -33.95 112.58
N PRO U 111 42.46 -34.93 112.36
CA PRO U 111 42.02 -36.15 111.65
C PRO U 111 40.93 -36.85 112.44
N GLU U 112 39.93 -37.37 111.71
CA GLU U 112 38.78 -37.99 112.36
C GLU U 112 39.21 -39.10 113.31
N ARG U 113 40.23 -39.86 112.92
CA ARG U 113 40.84 -40.88 113.76
C ARG U 113 41.23 -40.38 115.15
N ALA U 114 41.53 -39.09 115.32
CA ALA U 114 42.13 -38.62 116.56
C ALA U 114 41.17 -38.69 117.72
N THR U 115 41.71 -38.90 118.92
CA THR U 115 40.92 -39.03 120.13
C THR U 115 40.60 -37.67 120.74
N LEU U 116 39.57 -37.68 121.60
CA LEU U 116 39.19 -36.48 122.33
C LEU U 116 40.40 -35.89 123.06
N ASP U 117 41.24 -36.75 123.64
CA ASP U 117 42.43 -36.26 124.31
C ASP U 117 43.34 -35.53 123.33
N ASN U 118 43.51 -36.08 122.12
CA ASN U 118 44.32 -35.42 121.10
C ASN U 118 43.78 -34.04 120.77
N ARG U 119 42.45 -33.93 120.64
CA ARG U 119 41.85 -32.63 120.28
C ARG U 119 41.99 -31.63 121.42
N LYS U 120 41.76 -32.07 122.67
CA LYS U 120 41.95 -31.19 123.81
C LYS U 120 43.40 -30.71 123.90
N ASP U 121 44.34 -31.63 123.64
CA ASP U 121 45.76 -31.30 123.64
C ASP U 121 46.08 -30.21 122.64
N ILE U 122 45.68 -30.42 121.38
CA ILE U 122 46.07 -29.46 120.33
C ILE U 122 45.42 -28.10 120.60
N ARG U 123 44.15 -28.08 121.00
CA ARG U 123 43.48 -26.81 121.28
C ARG U 123 44.17 -26.07 122.41
N LYS U 124 44.29 -26.72 123.58
CA LYS U 124 44.89 -26.03 124.72
C LYS U 124 46.30 -25.57 124.43
N MET U 125 47.11 -26.44 123.82
CA MET U 125 48.53 -26.15 123.68
C MET U 125 48.78 -25.07 122.64
N HIS U 126 47.99 -25.03 121.57
CA HIS U 126 48.12 -23.94 120.63
C HIS U 126 47.65 -22.61 121.23
N ALA U 127 46.48 -22.63 121.90
CA ALA U 127 45.98 -21.40 122.52
C ALA U 127 46.97 -20.85 123.53
N LEU U 128 47.73 -21.74 124.18
CA LEU U 128 48.80 -21.29 125.07
C LEU U 128 50.00 -20.79 124.28
N ALA U 129 50.34 -21.47 123.17
CA ALA U 129 51.50 -21.05 122.39
C ALA U 129 51.34 -19.64 121.85
N LEU U 130 50.10 -19.20 121.67
CA LEU U 130 49.86 -17.81 121.25
C LEU U 130 50.09 -16.81 122.38
N THR U 131 50.30 -17.25 123.62
CA THR U 131 50.51 -16.35 124.74
C THR U 131 51.92 -16.40 125.30
N THR U 132 52.82 -17.15 124.67
CA THR U 132 54.20 -17.23 125.12
C THR U 132 54.90 -15.88 124.96
N SER U 133 55.96 -15.68 125.76
CA SER U 133 56.71 -14.43 125.65
C SER U 133 57.28 -14.25 124.26
N GLU U 134 57.64 -15.35 123.59
CA GLU U 134 58.17 -15.28 122.23
C GLU U 134 57.08 -14.80 121.26
N ALA U 135 55.87 -15.36 121.37
CA ALA U 135 54.77 -14.91 120.51
C ALA U 135 54.43 -13.46 120.77
N ILE U 136 54.44 -13.03 122.04
CA ILE U 136 54.18 -11.64 122.36
C ILE U 136 55.25 -10.74 121.74
N ALA U 137 56.51 -11.15 121.81
CA ALA U 137 57.58 -10.34 121.25
C ALA U 137 57.48 -10.25 119.73
N MET U 138 57.08 -11.34 119.07
CA MET U 138 56.99 -11.30 117.61
C MET U 138 55.81 -10.47 117.14
N ILE U 139 54.65 -10.66 117.75
CA ILE U 139 53.45 -9.99 117.24
C ILE U 139 53.40 -8.54 117.69
N GLU U 140 53.73 -8.26 118.95
CA GLU U 140 53.60 -6.91 119.46
C GLU U 140 54.84 -6.07 119.21
N SER U 141 56.03 -6.61 119.47
CA SER U 141 57.28 -5.86 119.38
C SER U 141 58.07 -6.14 118.11
N LEU U 142 57.61 -7.09 117.29
CA LEU U 142 58.20 -7.34 115.97
C LEU U 142 59.66 -7.78 116.08
N GLN U 143 59.92 -8.71 116.99
CA GLN U 143 61.26 -9.23 117.25
C GLN U 143 61.29 -10.73 117.07
N PHE U 144 62.29 -11.22 116.34
CA PHE U 144 62.48 -12.64 116.16
C PHE U 144 63.31 -13.22 117.31
N VAL U 145 63.58 -14.52 117.27
CA VAL U 145 64.38 -15.18 118.29
C VAL U 145 65.71 -15.58 117.67
N TYR U 146 66.78 -15.55 118.47
CA TYR U 146 68.11 -15.70 117.93
C TYR U 146 69.02 -16.58 118.80
N PRO V 1 -32.73 -136.07 -27.93
CA PRO V 1 -32.64 -137.26 -28.79
C PRO V 1 -31.27 -137.40 -29.42
N GLN V 2 -30.87 -138.62 -29.77
CA GLN V 2 -29.58 -138.83 -30.40
C GLN V 2 -29.60 -138.30 -31.84
N ALA V 3 -28.46 -137.79 -32.27
CA ALA V 3 -28.36 -137.16 -33.58
C ALA V 3 -28.35 -138.21 -34.68
N ALA V 4 -29.16 -137.97 -35.72
CA ALA V 4 -29.20 -138.88 -36.86
C ALA V 4 -29.43 -138.07 -38.13
N ASP V 5 -29.40 -138.76 -39.27
CA ASP V 5 -29.54 -138.13 -40.57
C ASP V 5 -30.82 -137.30 -40.64
N ILE V 6 -30.74 -136.15 -41.31
CA ILE V 6 -31.90 -135.29 -41.54
C ILE V 6 -32.15 -135.23 -43.03
N VAL V 7 -33.32 -135.66 -43.48
CA VAL V 7 -33.60 -135.74 -44.90
C VAL V 7 -34.64 -134.70 -45.26
N ILE V 8 -34.30 -133.83 -46.23
CA ILE V 8 -35.14 -132.71 -46.63
C ILE V 8 -35.29 -132.73 -48.14
N ALA V 9 -36.53 -132.51 -48.60
CA ALA V 9 -36.84 -132.62 -50.01
C ALA V 9 -36.41 -131.36 -50.79
N ASP V 10 -36.00 -131.58 -52.04
CA ASP V 10 -35.64 -130.51 -52.95
C ASP V 10 -36.88 -129.73 -53.37
N ALA V 11 -36.67 -128.70 -54.18
CA ALA V 11 -37.76 -127.97 -54.81
C ALA V 11 -37.72 -128.11 -56.33
N GLN V 12 -37.13 -129.19 -56.83
CA GLN V 12 -37.07 -129.42 -58.26
C GLN V 12 -38.45 -129.87 -58.77
N ALA V 13 -38.55 -129.92 -60.10
CA ALA V 13 -39.76 -130.45 -60.73
C ALA V 13 -40.09 -131.82 -60.16
N THR V 14 -39.13 -132.75 -60.23
CA THR V 14 -39.21 -133.97 -59.45
C THR V 14 -38.30 -133.81 -58.24
N PRO V 15 -38.85 -133.63 -57.05
CA PRO V 15 -38.02 -133.34 -55.87
C PRO V 15 -36.99 -134.44 -55.62
N VAL V 16 -35.84 -134.02 -55.10
CA VAL V 16 -34.72 -134.90 -54.80
C VAL V 16 -34.40 -134.80 -53.31
N ASN V 17 -34.34 -135.95 -52.63
CA ASN V 17 -34.07 -135.93 -51.21
C ASN V 17 -32.60 -135.62 -50.96
N HIS V 18 -32.33 -134.59 -50.18
CA HIS V 18 -30.99 -134.29 -49.70
C HIS V 18 -30.84 -134.82 -48.29
N THR V 19 -29.80 -135.61 -48.05
CA THR V 19 -29.56 -136.23 -46.76
C THR V 19 -28.41 -135.52 -46.07
N PHE V 20 -28.72 -134.84 -44.95
CA PHE V 20 -27.76 -134.13 -44.13
C PHE V 20 -27.26 -135.07 -43.05
N VAL V 21 -26.05 -135.58 -43.23
CA VAL V 21 -25.41 -136.47 -42.25
C VAL V 21 -24.94 -135.63 -41.06
N PRO V 22 -25.09 -136.10 -39.83
CA PRO V 22 -24.62 -135.31 -38.68
C PRO V 22 -23.09 -135.24 -38.67
N ILE V 23 -22.57 -134.02 -38.73
CA ILE V 23 -21.13 -133.81 -38.57
C ILE V 23 -20.75 -133.72 -37.10
N GLY V 24 -21.54 -133.04 -36.30
CA GLY V 24 -21.26 -132.97 -34.88
C GLY V 24 -21.39 -131.57 -34.33
N PRO V 25 -21.07 -131.41 -33.05
CA PRO V 25 -21.19 -130.08 -32.44
C PRO V 25 -20.09 -129.15 -32.91
N ASP V 26 -20.40 -127.86 -32.89
CA ASP V 26 -19.43 -126.83 -33.30
C ASP V 26 -18.30 -126.75 -32.29
N PRO V 27 -17.04 -126.76 -32.74
CA PRO V 27 -15.93 -126.70 -31.78
C PRO V 27 -15.94 -125.47 -30.90
N LYS V 28 -16.37 -124.33 -31.46
CA LYS V 28 -16.37 -123.08 -30.69
C LYS V 28 -17.52 -123.02 -29.71
N ASP V 29 -18.71 -123.50 -30.10
CA ASP V 29 -19.92 -123.41 -29.27
C ASP V 29 -20.53 -124.79 -29.12
N ALA V 30 -20.63 -125.25 -27.88
CA ALA V 30 -21.21 -126.57 -27.62
C ALA V 30 -22.72 -126.62 -27.78
N THR V 31 -23.38 -125.46 -27.95
CA THR V 31 -24.83 -125.41 -28.06
C THR V 31 -25.35 -125.51 -29.49
N ILE V 32 -24.46 -125.56 -30.48
CA ILE V 32 -24.88 -125.56 -31.86
C ILE V 32 -24.32 -126.81 -32.52
N TYR V 33 -25.17 -127.50 -33.29
CA TYR V 33 -24.87 -128.80 -33.87
C TYR V 33 -25.05 -128.73 -35.38
N TRP V 34 -24.18 -129.43 -36.11
CA TRP V 34 -24.05 -129.29 -37.56
C TRP V 34 -24.31 -130.62 -38.26
N TRP V 35 -25.23 -130.59 -39.22
CA TRP V 35 -25.43 -131.61 -40.22
C TRP V 35 -24.99 -131.07 -41.58
N GLU V 36 -24.59 -131.97 -42.48
CA GLU V 36 -24.00 -131.60 -43.76
C GLU V 36 -24.46 -132.54 -44.87
N ASP V 37 -24.94 -131.95 -45.96
CA ASP V 37 -25.27 -132.66 -47.19
C ASP V 37 -24.02 -132.68 -48.07
N GLN V 38 -23.46 -133.89 -48.23
CA GLN V 38 -22.18 -134.13 -48.87
C GLN V 38 -22.32 -134.61 -50.31
N SER V 39 -23.46 -134.33 -50.95
CA SER V 39 -23.74 -134.81 -52.29
C SER V 39 -23.25 -133.88 -53.38
N GLN V 40 -22.66 -132.74 -53.02
CA GLN V 40 -22.28 -131.72 -53.98
C GLN V 40 -20.91 -132.07 -54.54
N ALA V 41 -20.37 -131.16 -55.38
CA ALA V 41 -19.16 -131.47 -56.15
C ALA V 41 -17.95 -131.69 -55.25
N SER V 42 -17.54 -130.67 -54.52
CA SER V 42 -16.42 -130.75 -53.59
C SER V 42 -16.85 -130.17 -52.25
N PRO V 43 -16.13 -130.47 -51.18
CA PRO V 43 -16.64 -130.13 -49.84
C PRO V 43 -16.92 -128.66 -49.61
N ALA V 44 -16.33 -127.76 -50.41
CA ALA V 44 -16.59 -126.34 -50.24
C ALA V 44 -18.03 -125.97 -50.58
N GLY V 45 -18.72 -126.79 -51.36
CA GLY V 45 -20.10 -126.57 -51.77
C GLY V 45 -21.11 -127.44 -51.07
N TYR V 46 -20.71 -128.16 -50.01
CA TYR V 46 -21.61 -129.01 -49.24
C TYR V 46 -22.67 -128.16 -48.55
N TRP V 47 -23.93 -128.61 -48.58
CA TRP V 47 -24.96 -127.81 -47.93
C TRP V 47 -24.97 -128.12 -46.43
N ARG V 48 -25.29 -127.11 -45.62
CA ARG V 48 -25.15 -127.27 -44.19
C ARG V 48 -26.42 -126.85 -43.47
N LEU V 49 -26.62 -127.47 -42.31
CA LEU V 49 -27.79 -127.23 -41.48
C LEU V 49 -27.32 -127.21 -40.04
N SER V 50 -27.59 -126.13 -39.32
CA SER V 50 -27.16 -125.96 -37.95
C SER V 50 -28.37 -125.72 -37.06
N MET V 51 -28.42 -126.43 -35.93
CA MET V 51 -29.47 -126.23 -34.93
C MET V 51 -28.84 -125.94 -33.59
N GLN V 52 -29.33 -124.91 -32.90
CA GLN V 52 -28.74 -124.41 -31.67
C GLN V 52 -29.80 -124.22 -30.61
N LEU V 53 -29.53 -124.72 -29.40
CA LEU V 53 -30.44 -124.60 -28.26
C LEU V 53 -29.66 -124.00 -27.10
N VAL V 54 -29.98 -122.75 -26.74
CA VAL V 54 -29.31 -122.03 -25.67
C VAL V 54 -30.29 -121.94 -24.51
N ARG V 55 -30.06 -122.79 -23.51
CA ARG V 55 -30.74 -122.79 -22.22
C ARG V 55 -30.05 -121.84 -21.26
N PRO V 56 -30.81 -121.08 -20.49
CA PRO V 56 -30.18 -120.31 -19.41
C PRO V 56 -29.72 -121.21 -18.26
N ALA V 57 -28.79 -120.69 -17.47
CA ALA V 57 -28.19 -121.51 -16.41
C ALA V 57 -29.22 -121.82 -15.32
N PRO V 58 -29.20 -123.03 -14.75
CA PRO V 58 -30.22 -123.39 -13.75
C PRO V 58 -30.15 -122.50 -12.50
N ALA V 59 -31.29 -121.91 -12.16
CA ALA V 59 -31.36 -121.05 -10.99
C ALA V 59 -32.79 -120.98 -10.47
N THR V 65 -35.00 -112.37 -13.16
CA THR V 65 -35.17 -113.81 -13.33
C THR V 65 -36.49 -114.16 -14.05
N ASN V 66 -37.35 -113.17 -14.27
CA ASN V 66 -38.45 -113.33 -15.22
C ASN V 66 -38.07 -112.85 -16.61
N GLN V 67 -36.80 -112.53 -16.82
CA GLN V 67 -36.24 -112.20 -18.13
C GLN V 67 -35.29 -113.31 -18.58
N ARG V 68 -35.62 -114.56 -18.28
CA ARG V 68 -34.79 -115.70 -18.64
C ARG V 68 -35.43 -116.35 -19.86
N MET V 69 -34.71 -116.40 -20.95
CA MET V 69 -35.32 -116.83 -22.20
C MET V 69 -34.45 -117.88 -22.86
N ILE V 70 -35.10 -118.93 -23.34
CA ILE V 70 -34.46 -120.00 -24.10
C ILE V 70 -34.45 -119.61 -25.56
N ARG V 71 -33.32 -119.77 -26.22
CA ARG V 71 -33.24 -119.43 -27.63
C ARG V 71 -32.97 -120.68 -28.46
N VAL V 72 -33.55 -120.71 -29.67
CA VAL V 72 -33.36 -121.81 -30.60
C VAL V 72 -33.11 -121.22 -31.98
N ARG V 73 -32.00 -121.59 -32.61
CA ARG V 73 -31.64 -121.06 -33.93
C ARG V 73 -31.45 -122.21 -34.90
N VAL V 74 -32.19 -122.18 -36.01
CA VAL V 74 -32.04 -123.13 -37.09
C VAL V 74 -31.57 -122.37 -38.32
N SER V 75 -30.47 -122.84 -38.91
CA SER V 75 -29.84 -122.12 -40.01
C SER V 75 -29.51 -123.09 -41.14
N THR V 76 -29.82 -122.71 -42.37
CA THR V 76 -29.54 -123.54 -43.54
C THR V 76 -28.71 -122.75 -44.54
N PHE V 77 -27.61 -123.33 -44.99
CA PHE V 77 -26.71 -122.73 -45.97
C PHE V 77 -26.67 -123.64 -47.19
N GLU V 78 -26.87 -123.06 -48.37
CA GLU V 78 -26.87 -123.80 -49.64
C GLU V 78 -25.92 -123.15 -50.64
N PRO V 79 -24.61 -123.26 -50.42
CA PRO V 79 -23.67 -122.64 -51.35
C PRO V 79 -23.71 -123.27 -52.72
N ILE V 80 -23.49 -122.44 -53.74
CA ILE V 80 -23.51 -122.86 -55.14
C ILE V 80 -22.10 -122.68 -55.70
N LEU V 81 -21.49 -123.80 -56.12
CA LEU V 81 -20.13 -123.76 -56.63
C LEU V 81 -20.11 -123.28 -58.08
N GLU V 82 -18.97 -122.73 -58.49
CA GLU V 82 -18.75 -122.37 -59.89
C GLU V 82 -18.49 -123.63 -60.70
N VAL V 83 -18.96 -123.61 -61.95
CA VAL V 83 -18.83 -124.79 -62.81
C VAL V 83 -17.38 -124.96 -63.25
N ALA V 84 -16.98 -126.20 -63.50
CA ALA V 84 -15.63 -126.49 -63.94
C ALA V 84 -15.27 -125.66 -65.16
N VAL V 85 -14.02 -125.17 -65.19
CA VAL V 85 -13.57 -124.27 -66.24
C VAL V 85 -13.10 -125.06 -67.45
N THR V 86 -13.35 -124.51 -68.64
CA THR V 86 -12.89 -125.12 -69.88
C THR V 86 -11.57 -124.52 -70.35
N ALA V 87 -11.23 -123.33 -69.86
CA ALA V 87 -10.00 -122.67 -70.27
C ALA V 87 -9.70 -121.53 -69.31
N THR V 88 -8.44 -121.42 -68.91
CA THR V 88 -7.99 -120.29 -68.10
C THR V 88 -6.76 -119.69 -68.74
N TYR V 89 -6.26 -118.59 -68.16
CA TYR V 89 -5.15 -117.89 -68.80
C TYR V 89 -3.87 -118.71 -68.76
N SER V 90 -3.68 -119.50 -67.72
CA SER V 90 -2.46 -120.26 -67.52
C SER V 90 -2.60 -121.72 -67.92
N GLY V 91 -3.82 -122.23 -68.08
CA GLY V 91 -4.01 -123.62 -68.43
C GLY V 91 -4.19 -124.55 -67.25
N ILE V 92 -4.08 -124.04 -66.02
CA ILE V 92 -4.32 -124.82 -64.81
C ILE V 92 -5.69 -124.42 -64.25
N ALA V 93 -6.54 -125.42 -64.01
CA ALA V 93 -7.88 -125.13 -63.53
C ALA V 93 -7.83 -124.61 -62.09
N PRO V 94 -8.61 -123.59 -61.76
CA PRO V 94 -8.60 -123.05 -60.39
C PRO V 94 -9.25 -124.00 -59.40
N SER V 95 -8.91 -123.80 -58.13
CA SER V 95 -9.50 -124.58 -57.06
C SER V 95 -11.02 -124.36 -57.04
N PRO V 96 -11.80 -125.33 -56.57
CA PRO V 96 -13.24 -125.15 -56.50
C PRO V 96 -13.58 -123.94 -55.63
N THR V 97 -14.35 -123.02 -56.20
CA THR V 97 -14.68 -121.78 -55.53
C THR V 97 -16.20 -121.63 -55.43
N VAL V 98 -16.62 -120.91 -54.41
CA VAL V 98 -18.04 -120.70 -54.15
C VAL V 98 -18.49 -119.46 -54.89
N SER V 99 -19.54 -119.60 -55.70
CA SER V 99 -20.04 -118.47 -56.48
C SER V 99 -20.88 -117.52 -55.63
N TYR V 100 -21.86 -118.05 -54.92
CA TYR V 100 -22.73 -117.27 -54.06
C TYR V 100 -23.42 -118.21 -53.10
N VAL V 101 -23.96 -117.65 -52.01
CA VAL V 101 -24.55 -118.51 -50.98
C VAL V 101 -25.91 -117.98 -50.52
N PRO V 102 -27.01 -118.55 -51.01
CA PRO V 102 -28.31 -118.29 -50.38
C PRO V 102 -28.41 -119.01 -49.05
N LYS V 103 -28.94 -118.31 -48.05
CA LYS V 103 -28.98 -118.90 -46.72
C LYS V 103 -30.20 -118.39 -45.97
N ALA V 104 -30.50 -119.07 -44.86
CA ALA V 104 -31.65 -118.72 -44.04
C ALA V 104 -31.33 -118.96 -42.56
N PHE V 105 -31.85 -118.08 -41.72
CA PHE V 105 -31.56 -118.06 -40.29
C PHE V 105 -32.88 -117.81 -39.56
N THR V 106 -33.30 -118.74 -38.70
CA THR V 106 -34.53 -118.60 -37.92
C THR V 106 -34.21 -118.71 -36.44
N GLU V 107 -34.75 -117.80 -35.64
CA GLU V 107 -34.49 -117.75 -34.21
C GLU V 107 -35.81 -117.68 -33.46
N PHE V 108 -36.02 -118.62 -32.55
CA PHE V 108 -37.13 -118.62 -31.62
C PHE V 108 -36.64 -118.11 -30.29
N VAL V 109 -37.36 -117.14 -29.73
CA VAL V 109 -37.15 -116.64 -28.38
C VAL V 109 -38.34 -117.13 -27.55
N LEU V 110 -38.05 -118.01 -26.61
CA LEU V 110 -39.07 -118.72 -25.84
C LEU V 110 -38.86 -118.43 -24.36
N PRO V 111 -39.63 -117.54 -23.75
CA PRO V 111 -39.46 -117.28 -22.31
C PRO V 111 -39.62 -118.55 -21.50
N GLU V 112 -38.88 -118.61 -20.38
CA GLU V 112 -38.87 -119.81 -19.57
C GLU V 112 -40.23 -120.08 -18.93
N ARG V 113 -41.05 -119.04 -18.78
CA ARG V 113 -42.41 -119.23 -18.28
C ARG V 113 -43.37 -119.78 -19.34
N ALA V 114 -42.95 -119.88 -20.59
CA ALA V 114 -43.87 -120.22 -21.67
C ALA V 114 -44.18 -121.72 -21.65
N THR V 115 -45.46 -122.04 -21.83
CA THR V 115 -45.91 -123.41 -21.71
C THR V 115 -45.70 -124.17 -23.03
N LEU V 116 -45.73 -125.50 -22.92
CA LEU V 116 -45.58 -126.36 -24.09
C LEU V 116 -46.56 -125.97 -25.19
N ASP V 117 -47.79 -125.58 -24.81
CA ASP V 117 -48.76 -125.14 -25.81
C ASP V 117 -48.26 -123.89 -26.54
N ASN V 118 -47.70 -122.93 -25.80
CA ASN V 118 -47.16 -121.72 -26.43
C ASN V 118 -46.05 -122.07 -27.41
N ARG V 119 -45.16 -122.99 -27.02
CA ARG V 119 -44.05 -123.36 -27.88
C ARG V 119 -44.54 -124.04 -29.15
N LYS V 120 -45.49 -124.98 -29.01
CA LYS V 120 -46.06 -125.64 -30.18
C LYS V 120 -46.73 -124.63 -31.10
N ASP V 121 -47.45 -123.66 -30.50
CA ASP V 121 -48.11 -122.62 -31.28
C ASP V 121 -47.09 -121.82 -32.10
N ILE V 122 -46.05 -121.30 -31.44
CA ILE V 122 -45.12 -120.42 -32.14
C ILE V 122 -44.37 -121.18 -33.23
N ARG V 123 -43.96 -122.43 -32.95
CA ARG V 123 -43.26 -123.23 -33.96
C ARG V 123 -44.16 -123.49 -35.16
N LYS V 124 -45.34 -124.10 -34.93
CA LYS V 124 -46.22 -124.43 -36.05
C LYS V 124 -46.59 -123.18 -36.85
N MET V 125 -46.90 -122.09 -36.16
CA MET V 125 -47.45 -120.92 -36.83
C MET V 125 -46.38 -120.17 -37.61
N HIS V 126 -45.16 -120.11 -37.09
CA HIS V 126 -44.09 -119.47 -37.85
C HIS V 126 -43.72 -120.31 -39.08
N ALA V 127 -43.56 -121.62 -38.88
CA ALA V 127 -43.26 -122.50 -40.01
C ALA V 127 -44.31 -122.34 -41.10
N LEU V 128 -45.59 -122.25 -40.70
CA LEU V 128 -46.64 -122.00 -41.68
C LEU V 128 -46.49 -120.62 -42.32
N ALA V 129 -46.14 -119.61 -41.52
CA ALA V 129 -45.98 -118.25 -42.03
C ALA V 129 -44.92 -118.18 -43.12
N LEU V 130 -43.97 -119.11 -43.12
CA LEU V 130 -42.98 -119.17 -44.19
C LEU V 130 -43.53 -119.79 -45.47
N THR V 131 -44.73 -120.37 -45.45
CA THR V 131 -45.29 -121.03 -46.64
C THR V 131 -46.54 -120.34 -47.17
N THR V 132 -46.89 -119.17 -46.64
CA THR V 132 -48.04 -118.42 -47.13
C THR V 132 -47.80 -117.95 -48.56
N SER V 133 -48.89 -117.63 -49.25
CA SER V 133 -48.76 -117.12 -50.63
C SER V 133 -47.93 -115.84 -50.65
N GLU V 134 -48.10 -115.00 -49.63
CA GLU V 134 -47.31 -113.78 -49.52
C GLU V 134 -45.83 -114.09 -49.32
N ALA V 135 -45.51 -115.03 -48.44
CA ALA V 135 -44.12 -115.42 -48.22
C ALA V 135 -43.50 -115.99 -49.49
N ILE V 136 -44.27 -116.78 -50.23
CA ILE V 136 -43.73 -117.37 -51.46
C ILE V 136 -43.51 -116.29 -52.51
N ALA V 137 -44.43 -115.32 -52.59
CA ALA V 137 -44.25 -114.21 -53.53
C ALA V 137 -43.04 -113.36 -53.18
N MET V 138 -42.77 -113.18 -51.88
CA MET V 138 -41.64 -112.34 -51.47
C MET V 138 -40.31 -113.05 -51.67
N ILE V 139 -40.22 -114.33 -51.28
CA ILE V 139 -38.93 -115.01 -51.31
C ILE V 139 -38.61 -115.53 -52.71
N GLU V 140 -39.61 -116.06 -53.42
CA GLU V 140 -39.34 -116.67 -54.72
C GLU V 140 -39.47 -115.68 -55.87
N SER V 141 -40.54 -114.90 -55.89
CA SER V 141 -40.80 -113.96 -56.97
C SER V 141 -40.34 -112.55 -56.66
N LEU V 142 -39.94 -112.28 -55.43
CA LEU V 142 -39.36 -111.00 -55.05
C LEU V 142 -40.36 -109.86 -55.25
N GLN V 143 -41.55 -110.03 -54.66
CA GLN V 143 -42.63 -109.05 -54.75
C GLN V 143 -43.07 -108.65 -53.36
N PHE V 144 -43.31 -107.36 -53.16
CA PHE V 144 -43.82 -106.85 -51.90
C PHE V 144 -45.34 -106.81 -51.94
N VAL V 145 -45.96 -106.56 -50.79
CA VAL V 145 -47.41 -106.43 -50.68
C VAL V 145 -47.78 -104.95 -50.68
N TYR V 146 -48.84 -104.61 -51.42
CA TYR V 146 -49.23 -103.22 -51.64
C TYR V 146 -50.69 -102.97 -51.28
N PRO W 1 -20.82 -145.08 -19.68
CA PRO W 1 -22.21 -145.37 -20.01
C PRO W 1 -22.80 -144.34 -20.96
N GLN W 2 -23.83 -144.73 -21.69
CA GLN W 2 -24.47 -143.80 -22.62
C GLN W 2 -25.43 -142.88 -21.87
N ALA W 3 -25.76 -141.77 -22.50
CA ALA W 3 -26.77 -140.88 -21.95
C ALA W 3 -28.13 -141.54 -22.03
N ALA W 4 -28.76 -141.76 -20.88
CA ALA W 4 -30.06 -142.39 -20.82
C ALA W 4 -30.92 -141.68 -19.79
N ASP W 5 -32.23 -141.96 -19.83
CA ASP W 5 -33.13 -141.43 -18.82
C ASP W 5 -32.69 -141.90 -17.44
N ILE W 6 -32.88 -141.04 -16.44
CA ILE W 6 -32.60 -141.38 -15.05
C ILE W 6 -33.91 -141.23 -14.29
N VAL W 7 -34.36 -142.30 -13.64
CA VAL W 7 -35.66 -142.28 -12.98
C VAL W 7 -35.46 -142.33 -11.48
N ILE W 8 -36.05 -141.35 -10.79
CA ILE W 8 -35.88 -141.18 -9.35
C ILE W 8 -37.26 -141.02 -8.70
N ALA W 9 -37.46 -141.68 -7.58
CA ALA W 9 -38.76 -141.73 -6.93
C ALA W 9 -39.03 -140.49 -6.08
N ASP W 10 -40.29 -140.06 -6.08
CA ASP W 10 -40.75 -138.97 -5.25
C ASP W 10 -40.80 -139.41 -3.78
N ALA W 11 -41.00 -138.44 -2.89
CA ALA W 11 -41.22 -138.72 -1.47
C ALA W 11 -42.67 -138.53 -1.06
N GLN W 12 -43.61 -138.69 -1.99
CA GLN W 12 -45.01 -138.57 -1.66
C GLN W 12 -45.51 -139.82 -0.93
N ALA W 13 -46.73 -139.73 -0.40
CA ALA W 13 -47.35 -140.87 0.25
C ALA W 13 -47.32 -142.09 -0.67
N THR W 14 -47.85 -141.93 -1.89
CA THR W 14 -47.62 -142.89 -2.94
C THR W 14 -46.55 -142.32 -3.87
N PRO W 15 -45.31 -142.79 -3.79
CA PRO W 15 -44.23 -142.17 -4.56
C PRO W 15 -44.52 -142.12 -6.05
N VAL W 16 -44.09 -141.04 -6.67
CA VAL W 16 -44.26 -140.79 -8.11
C VAL W 16 -42.89 -140.79 -8.76
N ASN W 17 -42.72 -141.56 -9.83
CA ASN W 17 -41.45 -141.62 -10.53
C ASN W 17 -41.27 -140.36 -11.38
N HIS W 18 -40.18 -139.63 -11.14
CA HIS W 18 -39.78 -138.52 -11.98
C HIS W 18 -38.70 -139.01 -12.93
N THR W 19 -38.92 -138.79 -14.23
CA THR W 19 -37.99 -139.24 -15.27
C THR W 19 -37.21 -138.04 -15.79
N PHE W 20 -35.88 -138.07 -15.57
CA PHE W 20 -34.96 -137.04 -16.01
C PHE W 20 -34.38 -137.45 -17.37
N VAL W 21 -34.87 -136.82 -18.43
CA VAL W 21 -34.43 -137.05 -19.80
C VAL W 21 -33.11 -136.31 -19.98
N PRO W 22 -32.10 -136.88 -20.64
CA PRO W 22 -30.85 -136.13 -20.85
C PRO W 22 -31.06 -134.92 -21.76
N ILE W 23 -30.68 -133.74 -21.27
CA ILE W 23 -30.64 -132.54 -22.10
C ILE W 23 -29.35 -132.50 -22.91
N GLY W 24 -28.24 -132.89 -22.28
CA GLY W 24 -26.99 -132.90 -23.00
C GLY W 24 -25.87 -132.33 -22.16
N PRO W 25 -24.71 -132.17 -22.76
CA PRO W 25 -23.58 -131.58 -22.05
C PRO W 25 -23.80 -130.10 -21.81
N ASP W 26 -23.11 -129.61 -20.78
CA ASP W 26 -23.21 -128.22 -20.42
C ASP W 26 -22.65 -127.34 -21.53
N PRO W 27 -23.23 -126.17 -21.78
CA PRO W 27 -22.74 -125.33 -22.88
C PRO W 27 -21.30 -124.87 -22.73
N LYS W 28 -20.91 -124.56 -21.50
CA LYS W 28 -19.64 -123.91 -21.23
C LYS W 28 -18.59 -124.84 -20.64
N ASP W 29 -18.99 -125.96 -20.05
CA ASP W 29 -18.07 -126.95 -19.48
C ASP W 29 -18.39 -128.31 -20.08
N ALA W 30 -17.39 -128.92 -20.72
CA ALA W 30 -17.53 -130.21 -21.37
C ALA W 30 -17.45 -131.36 -20.39
N THR W 31 -17.31 -131.09 -19.09
CA THR W 31 -17.16 -132.14 -18.09
C THR W 31 -18.39 -132.33 -17.24
N ILE W 32 -19.48 -131.62 -17.52
CA ILE W 32 -20.69 -131.71 -16.73
C ILE W 32 -21.87 -131.91 -17.70
N TYR W 33 -22.73 -132.88 -17.37
CA TYR W 33 -23.83 -133.33 -18.22
C TYR W 33 -25.14 -133.14 -17.48
N TRP W 34 -26.22 -132.91 -18.24
CA TRP W 34 -27.50 -132.42 -17.73
C TRP W 34 -28.66 -133.28 -18.17
N TRP W 35 -29.44 -133.74 -17.18
CA TRP W 35 -30.75 -134.35 -17.33
C TRP W 35 -31.80 -133.44 -16.71
N GLU W 36 -33.05 -133.58 -17.18
CA GLU W 36 -34.14 -132.68 -16.79
C GLU W 36 -35.46 -133.44 -16.69
N ASP W 37 -36.19 -133.17 -15.61
CA ASP W 37 -37.56 -133.63 -15.39
C ASP W 37 -38.50 -132.54 -15.87
N GLN W 38 -39.13 -132.80 -17.02
CA GLN W 38 -39.92 -131.84 -17.77
C GLN W 38 -41.41 -132.01 -17.53
N SER W 39 -41.79 -132.61 -16.41
CA SER W 39 -43.18 -132.90 -16.10
C SER W 39 -43.91 -131.70 -15.50
N GLN W 40 -43.16 -130.69 -15.07
CA GLN W 40 -43.71 -129.59 -14.31
C GLN W 40 -44.53 -128.67 -15.23
N ALA W 41 -45.05 -127.58 -14.67
CA ALA W 41 -46.08 -126.80 -15.38
C ALA W 41 -45.50 -125.96 -16.51
N SER W 42 -44.33 -125.35 -16.30
CA SER W 42 -43.59 -124.63 -17.33
C SER W 42 -42.11 -124.88 -17.07
N PRO W 43 -41.25 -124.65 -18.07
CA PRO W 43 -39.82 -124.96 -17.87
C PRO W 43 -39.21 -124.29 -16.64
N ALA W 44 -39.74 -123.13 -16.21
CA ALA W 44 -39.24 -122.46 -15.02
C ALA W 44 -39.28 -123.37 -13.81
N GLY W 45 -40.23 -124.30 -13.76
CA GLY W 45 -40.37 -125.26 -12.69
C GLY W 45 -39.83 -126.64 -12.95
N TYR W 46 -39.19 -126.89 -14.09
CA TYR W 46 -38.63 -128.21 -14.35
C TYR W 46 -37.52 -128.52 -13.35
N TRP W 47 -37.35 -129.81 -13.03
CA TRP W 47 -36.29 -130.20 -12.09
C TRP W 47 -35.06 -130.69 -12.85
N ARG W 48 -33.88 -130.33 -12.36
CA ARG W 48 -32.67 -130.60 -13.13
C ARG W 48 -31.68 -131.41 -12.31
N LEU W 49 -30.92 -132.25 -13.00
CA LEU W 49 -29.89 -133.08 -12.40
C LEU W 49 -28.64 -132.97 -13.26
N SER W 50 -27.49 -132.77 -12.62
CA SER W 50 -26.22 -132.55 -13.31
C SER W 50 -25.14 -133.43 -12.69
N MET W 51 -24.34 -134.07 -13.53
CA MET W 51 -23.24 -134.90 -13.06
C MET W 51 -21.95 -134.47 -13.76
N GLN W 52 -20.87 -134.34 -12.98
CA GLN W 52 -19.61 -133.79 -13.46
C GLN W 52 -18.45 -134.66 -13.00
N LEU W 53 -17.58 -135.02 -13.94
CA LEU W 53 -16.37 -135.77 -13.67
C LEU W 53 -15.19 -134.95 -14.15
N VAL W 54 -14.30 -134.57 -13.24
CA VAL W 54 -13.11 -133.80 -13.55
C VAL W 54 -11.90 -134.66 -13.23
N ARG W 55 -11.24 -135.12 -14.27
CA ARG W 55 -10.04 -135.93 -14.34
C ARG W 55 -8.83 -135.03 -14.48
N PRO W 56 -7.69 -135.42 -13.90
CA PRO W 56 -6.46 -134.63 -14.09
C PRO W 56 -5.79 -134.97 -15.42
N ALA W 57 -4.87 -134.09 -15.82
CA ALA W 57 -4.13 -134.30 -17.04
C ALA W 57 -3.31 -135.59 -16.93
N PRO W 58 -3.09 -136.30 -18.04
CA PRO W 58 -2.46 -137.62 -17.94
C PRO W 58 -1.09 -137.55 -17.31
N ALA W 59 -0.72 -138.62 -16.61
CA ALA W 59 0.51 -138.63 -15.84
C ALA W 59 1.72 -138.65 -16.76
N LYS W 60 2.78 -137.96 -16.36
CA LYS W 60 4.02 -137.94 -17.11
C LYS W 60 4.97 -139.01 -16.59
N ALA W 61 5.90 -139.42 -17.45
CA ALA W 61 6.83 -140.48 -17.10
C ALA W 61 7.71 -140.04 -15.95
N GLY W 62 7.76 -140.85 -14.89
CA GLY W 62 8.53 -140.52 -13.72
C GLY W 62 7.91 -139.48 -12.79
N GLN W 63 6.76 -138.90 -13.17
CA GLN W 63 6.11 -137.91 -12.33
C GLN W 63 5.49 -138.57 -11.10
N ASN W 64 5.52 -137.86 -9.98
CA ASN W 64 4.97 -138.35 -8.72
C ASN W 64 3.47 -138.02 -8.68
N THR W 65 2.65 -139.05 -8.50
CA THR W 65 1.20 -138.91 -8.65
C THR W 65 0.46 -138.77 -7.34
N ASN W 66 1.16 -138.64 -6.20
CA ASN W 66 0.40 -138.71 -4.95
C ASN W 66 -0.32 -137.46 -4.66
N GLN W 67 -0.33 -136.48 -5.57
CA GLN W 67 -1.13 -135.29 -5.34
C GLN W 67 -2.26 -135.09 -6.36
N ARG W 68 -2.33 -135.90 -7.41
CA ARG W 68 -3.34 -135.73 -8.43
C ARG W 68 -4.66 -136.30 -7.92
N MET W 69 -5.77 -135.65 -8.25
CA MET W 69 -7.07 -136.03 -7.69
C MET W 69 -8.17 -135.87 -8.73
N ILE W 70 -9.21 -136.69 -8.55
CA ILE W 70 -10.38 -136.73 -9.42
C ILE W 70 -11.57 -136.22 -8.62
N ARG W 71 -12.40 -135.39 -9.24
CA ARG W 71 -13.57 -134.84 -8.56
C ARG W 71 -14.84 -135.26 -9.29
N VAL W 72 -15.88 -135.58 -8.51
CA VAL W 72 -17.18 -135.92 -9.05
C VAL W 72 -18.21 -135.06 -8.34
N ARG W 73 -19.07 -134.37 -9.10
CA ARG W 73 -20.08 -133.49 -8.52
C ARG W 73 -21.44 -133.87 -9.07
N VAL W 74 -22.37 -134.17 -8.18
CA VAL W 74 -23.77 -134.42 -8.53
C VAL W 74 -24.60 -133.29 -7.94
N SER W 75 -25.55 -132.79 -8.72
CA SER W 75 -26.30 -131.62 -8.31
C SER W 75 -27.76 -131.77 -8.73
N THR W 76 -28.68 -131.48 -7.82
CA THR W 76 -30.11 -131.58 -8.11
C THR W 76 -30.78 -130.26 -7.74
N PHE W 77 -31.61 -129.77 -8.65
CA PHE W 77 -32.34 -128.51 -8.48
C PHE W 77 -33.83 -128.79 -8.62
N GLU W 78 -34.61 -128.40 -7.63
CA GLU W 78 -36.05 -128.65 -7.60
C GLU W 78 -36.82 -127.37 -7.35
N PRO W 79 -36.88 -126.47 -8.33
CA PRO W 79 -37.64 -125.23 -8.15
C PRO W 79 -39.12 -125.50 -7.94
N ILE W 80 -39.73 -124.68 -7.08
CA ILE W 80 -41.15 -124.76 -6.76
C ILE W 80 -41.83 -123.51 -7.31
N LEU W 81 -42.96 -123.70 -7.96
CA LEU W 81 -43.67 -122.58 -8.59
C LEU W 81 -44.74 -122.03 -7.66
N GLU W 82 -45.24 -120.85 -8.03
CA GLU W 82 -46.38 -120.20 -7.41
C GLU W 82 -47.18 -119.49 -8.49
N VAL W 83 -48.47 -119.28 -8.23
CA VAL W 83 -49.38 -118.67 -9.18
C VAL W 83 -50.14 -117.55 -8.48
N ALA W 84 -50.44 -116.49 -9.24
CA ALA W 84 -51.16 -115.33 -8.68
C ALA W 84 -52.66 -115.54 -8.60
N VAL W 85 -53.22 -116.43 -9.42
CA VAL W 85 -54.65 -116.71 -9.42
C VAL W 85 -54.87 -118.11 -9.97
N THR W 86 -55.90 -118.80 -9.48
CA THR W 86 -56.04 -120.23 -9.71
C THR W 86 -57.04 -120.60 -10.79
N ALA W 87 -57.72 -119.64 -11.40
CA ALA W 87 -58.69 -119.93 -12.45
C ALA W 87 -58.25 -119.33 -13.78
N THR W 88 -59.06 -119.54 -14.80
CA THR W 88 -58.83 -118.99 -16.12
C THR W 88 -60.01 -118.11 -16.50
N TYR W 89 -59.70 -116.92 -17.00
CA TYR W 89 -60.71 -115.92 -17.38
C TYR W 89 -60.57 -115.65 -18.87
N SER W 90 -61.67 -115.80 -19.62
CA SER W 90 -61.71 -115.41 -21.03
C SER W 90 -60.52 -115.98 -21.80
N GLY W 91 -60.22 -117.25 -21.53
CA GLY W 91 -59.13 -117.94 -22.19
C GLY W 91 -57.74 -117.57 -21.73
N ILE W 92 -57.58 -116.75 -20.69
CA ILE W 92 -56.27 -116.37 -20.19
C ILE W 92 -55.93 -117.30 -19.04
N ALA W 93 -54.90 -118.13 -19.24
CA ALA W 93 -54.63 -119.01 -18.11
C ALA W 93 -53.63 -118.38 -17.14
N PRO W 94 -53.65 -118.84 -15.89
CA PRO W 94 -52.62 -118.39 -14.95
C PRO W 94 -51.26 -118.87 -15.37
N SER W 95 -50.28 -117.98 -15.28
CA SER W 95 -48.91 -118.30 -15.67
C SER W 95 -48.04 -118.30 -14.42
N PRO W 96 -47.52 -119.44 -14.01
CA PRO W 96 -46.77 -119.50 -12.75
C PRO W 96 -45.36 -118.96 -12.88
N THR W 97 -44.84 -118.46 -11.76
CA THR W 97 -43.44 -118.05 -11.64
C THR W 97 -42.76 -118.89 -10.59
N VAL W 98 -41.44 -118.81 -10.55
CA VAL W 98 -40.69 -119.53 -9.54
C VAL W 98 -40.86 -118.83 -8.21
N SER W 99 -41.07 -119.63 -7.15
CA SER W 99 -41.26 -119.12 -5.80
C SER W 99 -40.00 -119.26 -4.95
N TYR W 100 -39.38 -120.44 -4.98
CA TYR W 100 -38.14 -120.69 -4.28
C TYR W 100 -37.50 -121.93 -4.87
N VAL W 101 -36.20 -122.10 -4.64
CA VAL W 101 -35.53 -123.26 -5.22
C VAL W 101 -34.72 -124.01 -4.17
N PRO W 102 -35.24 -125.10 -3.63
CA PRO W 102 -34.40 -126.01 -2.86
C PRO W 102 -33.48 -126.79 -3.78
N LYS W 103 -32.24 -127.01 -3.32
CA LYS W 103 -31.27 -127.67 -4.17
C LYS W 103 -30.26 -128.41 -3.31
N ALA W 104 -29.51 -129.30 -3.96
CA ALA W 104 -28.51 -130.10 -3.27
C ALA W 104 -27.30 -130.28 -4.17
N PHE W 105 -26.12 -130.28 -3.54
CA PHE W 105 -24.84 -130.33 -4.24
C PHE W 105 -23.94 -131.30 -3.48
N THR W 106 -23.46 -132.34 -4.15
CA THR W 106 -22.55 -133.34 -3.55
C THR W 106 -21.26 -133.39 -4.36
N GLU W 107 -20.13 -133.43 -3.67
CA GLU W 107 -18.81 -133.49 -4.28
C GLU W 107 -17.99 -134.59 -3.64
N PHE W 108 -17.52 -135.52 -4.47
CA PHE W 108 -16.56 -136.53 -4.08
C PHE W 108 -15.18 -136.09 -4.53
N VAL W 109 -14.23 -136.12 -3.61
CA VAL W 109 -12.81 -135.93 -3.89
C VAL W 109 -12.15 -137.30 -3.74
N LEU W 110 -11.78 -137.87 -4.89
CA LEU W 110 -11.18 -139.20 -4.96
C LEU W 110 -9.74 -139.05 -5.43
N PRO W 111 -8.75 -139.21 -4.56
CA PRO W 111 -7.36 -139.13 -5.03
C PRO W 111 -7.08 -140.24 -6.04
N GLU W 112 -6.33 -139.88 -7.09
CA GLU W 112 -6.13 -140.79 -8.21
C GLU W 112 -5.51 -142.11 -7.79
N ARG W 113 -4.70 -142.12 -6.74
CA ARG W 113 -4.08 -143.35 -6.27
C ARG W 113 -5.02 -144.26 -5.50
N ALA W 114 -6.30 -143.91 -5.36
CA ALA W 114 -7.18 -144.68 -4.49
C ALA W 114 -7.63 -145.96 -5.18
N THR W 115 -7.94 -146.97 -4.36
CA THR W 115 -8.39 -148.25 -4.87
C THR W 115 -9.87 -148.21 -5.25
N LEU W 116 -10.25 -149.08 -6.18
CA LEU W 116 -11.66 -149.30 -6.45
C LEU W 116 -12.42 -149.55 -5.17
N ASP W 117 -11.80 -150.28 -4.23
CA ASP W 117 -12.46 -150.53 -2.95
C ASP W 117 -12.68 -149.23 -2.19
N ASN W 118 -11.67 -148.35 -2.16
CA ASN W 118 -11.84 -147.06 -1.50
C ASN W 118 -12.98 -146.26 -2.11
N ARG W 119 -13.09 -146.30 -3.43
CA ARG W 119 -14.14 -145.53 -4.10
C ARG W 119 -15.52 -146.10 -3.80
N LYS W 120 -15.66 -147.44 -3.86
CA LYS W 120 -16.93 -148.05 -3.50
C LYS W 120 -17.30 -147.72 -2.06
N ASP W 121 -16.30 -147.74 -1.16
CA ASP W 121 -16.51 -147.40 0.24
C ASP W 121 -17.07 -145.99 0.39
N ILE W 122 -16.38 -145.00 -0.18
CA ILE W 122 -16.79 -143.61 0.02
C ILE W 122 -18.16 -143.36 -0.60
N ARG W 123 -18.41 -143.91 -1.79
CA ARG W 123 -19.71 -143.73 -2.42
C ARG W 123 -20.83 -144.32 -1.57
N LYS W 124 -20.75 -145.63 -1.27
CA LYS W 124 -21.81 -146.28 -0.52
C LYS W 124 -22.02 -145.61 0.83
N MET W 125 -20.92 -145.31 1.53
CA MET W 125 -21.05 -144.85 2.90
C MET W 125 -21.57 -143.43 2.98
N HIS W 126 -21.19 -142.57 2.04
CA HIS W 126 -21.78 -141.23 2.03
C HIS W 126 -23.26 -141.28 1.66
N ALA W 127 -23.60 -142.05 0.61
CA ALA W 127 -25.01 -142.17 0.24
C ALA W 127 -25.84 -142.67 1.42
N LEU W 128 -25.29 -143.60 2.20
CA LEU W 128 -25.98 -144.07 3.39
C LEU W 128 -26.05 -142.99 4.46
N ALA W 129 -24.97 -142.21 4.62
CA ALA W 129 -24.96 -141.15 5.63
C ALA W 129 -26.02 -140.12 5.35
N LEU W 130 -26.45 -139.99 4.09
CA LEU W 130 -27.56 -139.09 3.77
C LEU W 130 -28.91 -139.64 4.19
N THR W 131 -29.01 -140.92 4.57
CA THR W 131 -30.27 -141.53 4.93
C THR W 131 -30.35 -141.93 6.40
N THR W 132 -29.35 -141.60 7.20
CA THR W 132 -29.37 -141.90 8.62
C THR W 132 -30.50 -141.14 9.32
N SER W 133 -30.93 -141.67 10.47
CA SER W 133 -32.00 -141.00 11.22
C SER W 133 -31.62 -139.59 11.58
N GLU W 134 -30.34 -139.36 11.89
CA GLU W 134 -29.85 -138.01 12.18
C GLU W 134 -29.94 -137.11 10.96
N ALA W 135 -29.52 -137.60 9.79
CA ALA W 135 -29.62 -136.81 8.57
C ALA W 135 -31.08 -136.48 8.25
N ILE W 136 -31.98 -137.43 8.47
CA ILE W 136 -33.39 -137.17 8.21
C ILE W 136 -33.93 -136.15 9.19
N ALA W 137 -33.54 -136.24 10.47
CA ALA W 137 -33.98 -135.26 11.46
C ALA W 137 -33.45 -133.86 11.14
N MET W 138 -32.25 -133.77 10.56
CA MET W 138 -31.67 -132.46 10.29
C MET W 138 -32.23 -131.83 9.00
N ILE W 139 -32.43 -132.63 7.96
CA ILE W 139 -32.87 -132.07 6.69
C ILE W 139 -34.39 -131.93 6.63
N GLU W 140 -35.14 -132.92 7.11
CA GLU W 140 -36.58 -132.89 7.02
C GLU W 140 -37.21 -132.21 8.24
N SER W 141 -36.78 -132.58 9.44
CA SER W 141 -37.35 -132.06 10.67
C SER W 141 -36.64 -130.80 11.19
N LEU W 142 -35.47 -130.48 10.64
CA LEU W 142 -34.77 -129.23 10.98
C LEU W 142 -34.42 -129.18 12.47
N GLN W 143 -33.89 -130.29 12.99
CA GLN W 143 -33.48 -130.40 14.37
C GLN W 143 -32.04 -130.88 14.43
N PHE W 144 -31.19 -130.12 15.13
CA PHE W 144 -29.80 -130.50 15.33
C PHE W 144 -29.69 -131.56 16.43
N VAL W 145 -28.47 -132.07 16.64
CA VAL W 145 -28.19 -133.07 17.67
C VAL W 145 -27.62 -132.37 18.91
N TYR W 146 -28.19 -132.68 20.07
CA TYR W 146 -27.81 -132.02 21.31
C TYR W 146 -27.38 -133.03 22.38
N PRO X 1 -20.96 -140.42 -36.48
CA PRO X 1 -21.08 -141.65 -35.67
C PRO X 1 -21.09 -141.33 -34.18
N GLN X 2 -22.09 -141.82 -33.46
CA GLN X 2 -22.13 -141.58 -32.02
C GLN X 2 -20.96 -142.27 -31.35
N ALA X 3 -20.44 -141.66 -30.29
CA ALA X 3 -19.30 -142.25 -29.60
C ALA X 3 -19.69 -143.57 -28.95
N ALA X 4 -18.83 -144.58 -29.12
CA ALA X 4 -19.04 -145.87 -28.49
C ALA X 4 -17.69 -146.50 -28.20
N ASP X 5 -17.73 -147.61 -27.45
CA ASP X 5 -16.50 -148.32 -27.09
C ASP X 5 -15.72 -148.69 -28.35
N ILE X 6 -14.40 -148.59 -28.26
CA ILE X 6 -13.50 -148.98 -29.34
C ILE X 6 -12.68 -150.16 -28.84
N VAL X 7 -12.79 -151.31 -29.50
CA VAL X 7 -12.13 -152.52 -29.05
C VAL X 7 -11.00 -152.86 -30.00
N ILE X 8 -9.79 -152.97 -29.47
CA ILE X 8 -8.58 -153.21 -30.25
C ILE X 8 -7.83 -154.39 -29.65
N ALA X 9 -7.35 -155.28 -30.51
CA ALA X 9 -6.72 -156.51 -30.05
C ALA X 9 -5.28 -156.26 -29.60
N ASP X 10 -4.86 -157.01 -28.59
CA ASP X 10 -3.49 -156.99 -28.12
C ASP X 10 -2.56 -157.65 -29.13
N ALA X 11 -1.27 -157.69 -28.79
CA ALA X 11 -0.28 -158.41 -29.59
C ALA X 11 0.30 -159.59 -28.84
N GLN X 12 -0.42 -160.15 -27.89
CA GLN X 12 0.10 -161.26 -27.11
C GLN X 12 0.01 -162.56 -27.89
N ALA X 13 0.60 -163.61 -27.31
CA ALA X 13 0.49 -164.95 -27.87
C ALA X 13 -0.96 -165.27 -28.20
N THR X 14 -1.82 -165.23 -27.20
CA THR X 14 -3.25 -165.19 -27.44
C THR X 14 -3.70 -163.75 -27.33
N PRO X 15 -4.05 -163.08 -28.42
CA PRO X 15 -4.44 -161.67 -28.35
C PRO X 15 -5.54 -161.44 -27.32
N VAL X 16 -5.41 -160.34 -26.57
CA VAL X 16 -6.36 -159.95 -25.54
C VAL X 16 -7.02 -158.64 -25.96
N ASN X 17 -8.35 -158.62 -25.97
CA ASN X 17 -9.06 -157.42 -26.41
C ASN X 17 -8.99 -156.34 -25.35
N HIS X 18 -8.58 -155.14 -25.75
CA HIS X 18 -8.63 -153.96 -24.90
C HIS X 18 -9.82 -153.11 -25.33
N THR X 19 -10.67 -152.76 -24.37
CA THR X 19 -11.86 -151.96 -24.64
C THR X 19 -11.61 -150.54 -24.15
N PHE X 20 -11.66 -149.58 -25.08
CA PHE X 20 -11.49 -148.16 -24.81
C PHE X 20 -12.87 -147.51 -24.71
N VAL X 21 -13.27 -147.20 -23.48
CA VAL X 21 -14.53 -146.52 -23.19
C VAL X 21 -14.33 -145.04 -23.49
N PRO X 22 -15.25 -144.36 -24.17
CA PRO X 22 -15.09 -142.92 -24.38
C PRO X 22 -15.10 -142.15 -23.08
N ILE X 23 -14.10 -141.30 -22.90
CA ILE X 23 -14.11 -140.29 -21.86
C ILE X 23 -14.84 -139.04 -22.33
N GLY X 24 -14.73 -138.71 -23.61
CA GLY X 24 -15.40 -137.55 -24.13
C GLY X 24 -14.45 -136.56 -24.77
N PRO X 25 -14.97 -135.41 -25.15
CA PRO X 25 -14.12 -134.41 -25.80
C PRO X 25 -13.20 -133.72 -24.80
N ASP X 26 -12.02 -133.37 -25.28
CA ASP X 26 -11.05 -132.66 -24.45
C ASP X 26 -11.66 -131.33 -24.04
N PRO X 27 -11.71 -131.01 -22.75
CA PRO X 27 -12.25 -129.70 -22.34
C PRO X 27 -11.43 -128.54 -22.88
N LYS X 28 -10.12 -128.73 -23.06
CA LYS X 28 -9.28 -127.64 -23.58
C LYS X 28 -9.48 -127.44 -25.09
N ASP X 29 -9.69 -128.53 -25.84
CA ASP X 29 -9.88 -128.47 -27.29
C ASP X 29 -11.05 -129.37 -27.68
N ALA X 30 -12.11 -128.77 -28.21
CA ALA X 30 -13.32 -129.51 -28.56
C ALA X 30 -13.16 -130.39 -29.78
N THR X 31 -12.12 -130.21 -30.59
CA THR X 31 -11.93 -130.97 -31.81
C THR X 31 -11.20 -132.28 -31.59
N ILE X 32 -10.96 -132.68 -30.35
CA ILE X 32 -10.24 -133.91 -30.09
C ILE X 32 -11.01 -134.69 -29.04
N TYR X 33 -11.25 -135.98 -29.32
CA TYR X 33 -12.07 -136.85 -28.49
C TYR X 33 -11.22 -137.98 -27.92
N TRP X 34 -11.58 -138.43 -26.73
CA TRP X 34 -10.75 -139.33 -25.94
C TRP X 34 -11.52 -140.56 -25.51
N TRP X 35 -10.93 -141.73 -25.77
CA TRP X 35 -11.30 -143.02 -25.20
C TRP X 35 -10.18 -143.50 -24.28
N GLU X 36 -10.52 -144.35 -23.31
CA GLU X 36 -9.59 -144.80 -22.28
C GLU X 36 -9.78 -146.29 -22.01
N ASP X 37 -8.65 -147.00 -21.91
CA ASP X 37 -8.64 -148.42 -21.56
C ASP X 37 -8.38 -148.53 -20.06
N GLN X 38 -9.40 -148.95 -19.31
CA GLN X 38 -9.35 -148.93 -17.86
C GLN X 38 -8.90 -150.26 -17.26
N SER X 39 -8.25 -151.11 -18.04
CA SER X 39 -7.89 -152.45 -17.59
C SER X 39 -6.54 -152.48 -16.87
N GLN X 40 -5.86 -151.35 -16.76
CA GLN X 40 -4.51 -151.32 -16.21
C GLN X 40 -4.58 -151.27 -14.68
N ALA X 41 -3.40 -151.13 -14.05
CA ALA X 41 -3.29 -151.37 -12.62
C ALA X 41 -3.88 -150.24 -11.79
N SER X 42 -3.67 -148.99 -12.19
CA SER X 42 -4.26 -147.83 -11.55
C SER X 42 -4.43 -146.75 -12.58
N PRO X 43 -5.25 -145.73 -12.33
CA PRO X 43 -5.63 -144.81 -13.42
C PRO X 43 -4.47 -144.14 -14.12
N ALA X 44 -3.38 -143.82 -13.40
CA ALA X 44 -2.25 -143.15 -14.05
C ALA X 44 -1.73 -143.95 -15.23
N GLY X 45 -1.89 -145.28 -15.20
CA GLY X 45 -1.44 -146.17 -16.26
C GLY X 45 -2.49 -146.60 -17.26
N TYR X 46 -3.70 -146.03 -17.22
CA TYR X 46 -4.74 -146.37 -18.18
C TYR X 46 -4.32 -145.96 -19.59
N TRP X 47 -4.42 -146.88 -20.54
CA TRP X 47 -4.09 -146.55 -21.92
C TRP X 47 -5.17 -145.66 -22.51
N ARG X 48 -4.76 -144.75 -23.41
CA ARG X 48 -5.69 -143.79 -23.97
C ARG X 48 -5.55 -143.72 -25.48
N LEU X 49 -6.63 -143.30 -26.12
CA LEU X 49 -6.72 -143.16 -27.56
C LEU X 49 -7.45 -141.86 -27.85
N SER X 50 -6.94 -141.09 -28.81
CA SER X 50 -7.48 -139.77 -29.12
C SER X 50 -7.64 -139.61 -30.62
N MET X 51 -8.78 -139.05 -31.04
CA MET X 51 -9.02 -138.77 -32.45
C MET X 51 -9.46 -137.32 -32.62
N GLN X 52 -8.85 -136.64 -33.57
CA GLN X 52 -9.04 -135.21 -33.76
C GLN X 52 -9.36 -134.90 -35.21
N LEU X 53 -10.42 -134.11 -35.41
CA LEU X 53 -10.83 -133.66 -36.73
C LEU X 53 -10.88 -132.14 -36.72
N VAL X 54 -10.04 -131.52 -37.54
CA VAL X 54 -9.96 -130.07 -37.65
C VAL X 54 -10.34 -129.72 -39.07
N ARG X 55 -11.59 -129.28 -39.25
CA ARG X 55 -12.18 -128.75 -40.48
C ARG X 55 -12.05 -127.24 -40.50
N PRO X 56 -11.76 -126.67 -41.65
CA PRO X 56 -11.55 -125.22 -41.72
C PRO X 56 -12.88 -124.47 -41.71
N ALA X 57 -12.79 -123.18 -41.40
CA ALA X 57 -13.95 -122.32 -41.45
C ALA X 57 -14.58 -122.39 -42.84
N PRO X 58 -15.90 -122.29 -42.93
CA PRO X 58 -16.56 -122.56 -44.22
C PRO X 58 -16.10 -121.63 -45.33
N ALA X 59 -16.05 -122.18 -46.54
CA ALA X 59 -15.67 -121.41 -47.71
C ALA X 59 -16.62 -120.24 -47.90
N LYS X 60 -16.06 -119.10 -48.31
CA LYS X 60 -16.84 -117.89 -48.51
C LYS X 60 -16.99 -117.62 -50.01
N ALA X 61 -17.98 -116.81 -50.34
CA ALA X 61 -18.29 -116.53 -51.74
C ALA X 61 -17.12 -115.83 -52.41
N GLY X 62 -16.69 -116.37 -53.55
CA GLY X 62 -15.56 -115.83 -54.28
C GLY X 62 -14.21 -116.05 -53.63
N GLN X 63 -14.13 -116.78 -52.52
CA GLN X 63 -12.88 -117.02 -51.84
C GLN X 63 -12.07 -118.08 -52.59
N ASN X 64 -10.76 -118.08 -52.36
CA ASN X 64 -9.87 -119.03 -53.02
C ASN X 64 -9.58 -120.20 -52.11
N THR X 65 -9.82 -121.40 -52.61
CA THR X 65 -9.78 -122.61 -51.79
C THR X 65 -8.42 -123.31 -51.76
N ASN X 66 -7.50 -122.94 -52.65
CA ASN X 66 -6.40 -123.81 -53.01
C ASN X 66 -5.44 -124.05 -51.86
N GLN X 67 -5.64 -123.40 -50.70
CA GLN X 67 -4.80 -123.67 -49.55
C GLN X 67 -5.54 -124.17 -48.32
N ARG X 68 -6.87 -124.22 -48.35
CA ARG X 68 -7.62 -124.67 -47.18
C ARG X 68 -7.49 -126.18 -47.04
N MET X 69 -7.30 -126.65 -45.81
CA MET X 69 -7.01 -128.05 -45.57
C MET X 69 -7.65 -128.57 -44.29
N ILE X 70 -7.95 -129.87 -44.29
CA ILE X 70 -8.55 -130.59 -43.18
C ILE X 70 -7.48 -131.48 -42.57
N ARG X 71 -7.42 -131.55 -41.25
CA ARG X 71 -6.45 -132.40 -40.57
C ARG X 71 -7.16 -133.41 -39.69
N VAL X 72 -6.61 -134.63 -39.63
CA VAL X 72 -7.13 -135.67 -38.75
C VAL X 72 -5.94 -136.29 -38.03
N ARG X 73 -5.99 -136.33 -36.70
CA ARG X 73 -4.89 -136.86 -35.89
C ARG X 73 -5.41 -137.97 -34.99
N VAL X 74 -4.85 -139.17 -35.15
CA VAL X 74 -5.16 -140.31 -34.30
C VAL X 74 -3.92 -140.62 -33.47
N SER X 75 -4.09 -140.69 -32.15
CA SER X 75 -2.97 -140.86 -31.24
C SER X 75 -3.28 -141.96 -30.23
N THR X 76 -2.29 -142.81 -29.94
CA THR X 76 -2.47 -143.87 -28.95
C THR X 76 -1.33 -143.84 -27.95
N PHE X 77 -1.68 -143.86 -26.67
CA PHE X 77 -0.73 -143.83 -25.56
C PHE X 77 -0.91 -145.08 -24.71
N GLU X 78 0.18 -145.80 -24.49
CA GLU X 78 0.16 -147.05 -23.73
C GLU X 78 1.17 -146.98 -22.59
N PRO X 79 0.93 -146.12 -21.60
CA PRO X 79 1.91 -145.98 -20.52
C PRO X 79 2.05 -147.26 -19.71
N ILE X 80 3.29 -147.58 -19.33
CA ILE X 80 3.61 -148.75 -18.54
C ILE X 80 3.90 -148.31 -17.12
N LEU X 81 3.12 -148.82 -16.17
CA LEU X 81 3.27 -148.43 -14.78
C LEU X 81 4.53 -149.02 -14.18
N GLU X 82 5.21 -148.24 -13.35
CA GLU X 82 6.38 -148.74 -12.65
C GLU X 82 5.96 -149.82 -11.66
N VAL X 83 6.76 -150.88 -11.57
CA VAL X 83 6.56 -151.94 -10.57
C VAL X 83 7.39 -151.61 -9.35
N ALA X 84 6.76 -151.64 -8.18
CA ALA X 84 7.41 -151.20 -6.96
C ALA X 84 8.41 -152.24 -6.47
N VAL X 85 9.52 -151.74 -5.90
CA VAL X 85 10.42 -152.60 -5.14
C VAL X 85 10.51 -152.01 -3.73
N THR X 86 11.33 -152.62 -2.89
CA THR X 86 11.42 -152.20 -1.50
C THR X 86 12.03 -150.80 -1.42
N ALA X 87 11.29 -149.87 -0.83
CA ALA X 87 11.79 -148.53 -0.56
C ALA X 87 12.55 -148.52 0.75
N THR X 88 13.78 -147.99 0.73
CA THR X 88 14.67 -148.12 1.87
C THR X 88 14.88 -146.83 2.65
N TYR X 89 14.61 -145.67 2.05
CA TYR X 89 14.78 -144.42 2.80
C TYR X 89 13.68 -144.25 3.83
N SER X 90 12.41 -144.33 3.40
CA SER X 90 11.30 -144.09 4.28
C SER X 90 10.50 -145.34 4.62
N GLY X 91 10.73 -146.46 3.91
CA GLY X 91 9.93 -147.64 4.12
C GLY X 91 8.50 -147.52 3.66
N ILE X 92 8.17 -146.41 2.99
CA ILE X 92 6.83 -146.13 2.49
C ILE X 92 6.85 -146.33 0.98
N ALA X 93 6.09 -147.32 0.51
CA ALA X 93 6.07 -147.62 -0.93
C ALA X 93 5.59 -146.40 -1.70
N PRO X 94 6.11 -146.16 -2.89
CA PRO X 94 5.81 -144.91 -3.59
C PRO X 94 4.46 -144.95 -4.28
N SER X 95 3.91 -143.75 -4.47
CA SER X 95 2.69 -143.60 -5.24
C SER X 95 2.86 -144.24 -6.62
N PRO X 96 1.78 -144.71 -7.24
CA PRO X 96 1.90 -145.28 -8.58
C PRO X 96 2.47 -144.24 -9.53
N THR X 97 3.57 -144.59 -10.18
CA THR X 97 4.28 -143.67 -11.06
C THR X 97 4.41 -144.32 -12.43
N VAL X 98 4.31 -143.51 -13.47
CA VAL X 98 4.45 -144.00 -14.83
C VAL X 98 5.93 -144.18 -15.14
N SER X 99 6.31 -145.37 -15.58
CA SER X 99 7.72 -145.66 -15.85
C SER X 99 8.17 -145.10 -17.19
N TYR X 100 7.45 -145.42 -18.26
CA TYR X 100 7.75 -144.91 -19.59
C TYR X 100 6.50 -145.04 -20.45
N VAL X 101 6.47 -144.31 -21.55
CA VAL X 101 5.27 -144.33 -22.38
C VAL X 101 5.58 -144.58 -23.84
N PRO X 102 5.33 -145.79 -24.36
CA PRO X 102 5.32 -146.00 -25.81
C PRO X 102 4.08 -145.38 -26.42
N LYS X 103 4.27 -144.59 -27.48
CA LYS X 103 3.13 -143.88 -28.03
C LYS X 103 3.26 -143.77 -29.54
N ALA X 104 2.14 -143.45 -30.18
CA ALA X 104 2.10 -143.29 -31.63
C ALA X 104 1.16 -142.15 -32.00
N PHE X 105 1.53 -141.43 -33.05
CA PHE X 105 0.84 -140.22 -33.48
C PHE X 105 0.76 -140.24 -35.00
N THR X 106 -0.45 -140.27 -35.56
CA THR X 106 -0.67 -140.27 -37.00
C THR X 106 -1.47 -139.03 -37.38
N GLU X 107 -0.99 -138.28 -38.38
CA GLU X 107 -1.65 -137.07 -38.86
C GLU X 107 -1.90 -137.20 -40.35
N PHE X 108 -3.16 -137.10 -40.75
CA PHE X 108 -3.57 -137.00 -42.13
C PHE X 108 -3.79 -135.53 -42.47
N VAL X 109 -3.14 -135.08 -43.54
CA VAL X 109 -3.39 -133.77 -44.13
C VAL X 109 -4.16 -134.02 -45.42
N LEU X 110 -5.45 -133.67 -45.40
CA LEU X 110 -6.36 -133.86 -46.52
C LEU X 110 -6.78 -132.49 -47.00
N PRO X 111 -6.26 -131.99 -48.13
CA PRO X 111 -6.74 -130.70 -48.63
C PRO X 111 -8.22 -130.78 -48.97
N GLU X 112 -8.95 -129.70 -48.66
CA GLU X 112 -10.41 -129.70 -48.84
C GLU X 112 -10.78 -130.04 -50.27
N ARG X 113 -9.99 -129.54 -51.22
CA ARG X 113 -10.13 -129.86 -52.64
C ARG X 113 -10.20 -131.35 -52.92
N ALA X 114 -9.61 -132.21 -52.09
CA ALA X 114 -9.43 -133.61 -52.44
C ALA X 114 -10.76 -134.35 -52.46
N THR X 115 -10.83 -135.36 -53.33
CA THR X 115 -12.05 -136.15 -53.49
C THR X 115 -12.13 -137.28 -52.46
N LEU X 116 -13.35 -137.78 -52.30
CA LEU X 116 -13.58 -138.92 -51.42
C LEU X 116 -12.67 -140.08 -51.78
N ASP X 117 -12.46 -140.31 -53.07
CA ASP X 117 -11.54 -141.37 -53.49
C ASP X 117 -10.13 -141.09 -52.99
N ASN X 118 -9.68 -139.84 -53.07
CA ASN X 118 -8.36 -139.48 -52.56
C ASN X 118 -8.25 -139.79 -51.06
N ARG X 119 -9.30 -139.46 -50.30
CA ARG X 119 -9.25 -139.68 -48.85
C ARG X 119 -9.26 -141.17 -48.52
N LYS X 120 -10.10 -141.94 -49.21
CA LYS X 120 -10.12 -143.38 -49.01
C LYS X 120 -8.76 -144.00 -49.36
N ASP X 121 -8.14 -143.52 -50.44
CA ASP X 121 -6.82 -143.98 -50.84
C ASP X 121 -5.79 -143.74 -49.75
N ILE X 122 -5.69 -142.50 -49.28
CA ILE X 122 -4.64 -142.18 -48.32
C ILE X 122 -4.86 -142.95 -47.01
N ARG X 123 -6.10 -143.02 -46.54
CA ARG X 123 -6.37 -143.75 -45.30
C ARG X 123 -6.00 -145.23 -45.45
N LYS X 124 -6.57 -145.92 -46.44
CA LYS X 124 -6.31 -147.35 -46.58
C LYS X 124 -4.82 -147.62 -46.78
N MET X 125 -4.17 -146.84 -47.64
CA MET X 125 -2.81 -147.16 -48.02
C MET X 125 -1.82 -146.89 -46.90
N HIS X 126 -2.06 -145.84 -46.11
CA HIS X 126 -1.20 -145.62 -44.95
C HIS X 126 -1.42 -146.70 -43.89
N ALA X 127 -2.70 -147.00 -43.58
CA ALA X 127 -2.99 -148.04 -42.59
C ALA X 127 -2.36 -149.37 -42.97
N LEU X 128 -2.26 -149.62 -44.28
CA LEU X 128 -1.57 -150.82 -44.76
C LEU X 128 -0.05 -150.65 -44.63
N ALA X 129 0.47 -149.46 -44.94
CA ALA X 129 1.91 -149.24 -44.87
C ALA X 129 2.44 -149.46 -43.47
N LEU X 130 1.59 -149.28 -42.46
CA LEU X 130 2.00 -149.58 -41.09
C LEU X 130 2.07 -151.07 -40.79
N THR X 131 1.61 -151.93 -41.70
CA THR X 131 1.61 -153.37 -41.47
C THR X 131 2.59 -154.11 -42.39
N THR X 132 3.37 -153.39 -43.18
CA THR X 132 4.34 -154.01 -44.07
C THR X 132 5.44 -154.70 -43.25
N SER X 133 6.09 -155.69 -43.88
CA SER X 133 7.19 -156.38 -43.21
C SER X 133 8.29 -155.42 -42.82
N GLU X 134 8.52 -154.39 -43.64
CA GLU X 134 9.53 -153.39 -43.33
C GLU X 134 9.15 -152.59 -42.09
N ALA X 135 7.90 -152.15 -42.00
CA ALA X 135 7.44 -151.42 -40.82
C ALA X 135 7.52 -152.30 -39.58
N ILE X 136 7.15 -153.57 -39.70
CA ILE X 136 7.25 -154.50 -38.57
C ILE X 136 8.69 -154.64 -38.13
N ALA X 137 9.62 -154.76 -39.09
CA ALA X 137 11.02 -154.91 -38.75
C ALA X 137 11.59 -153.67 -38.07
N MET X 138 11.17 -152.48 -38.51
CA MET X 138 11.69 -151.24 -37.92
C MET X 138 11.14 -151.02 -36.52
N ILE X 139 9.83 -151.20 -36.34
CA ILE X 139 9.23 -150.86 -35.06
C ILE X 139 9.46 -151.95 -34.02
N GLU X 140 9.34 -153.22 -34.42
CA GLU X 140 9.45 -154.30 -33.45
C GLU X 140 10.89 -154.77 -33.27
N SER X 141 11.62 -154.96 -34.36
CA SER X 141 12.97 -155.52 -34.32
C SER X 141 14.07 -154.48 -34.45
N LEU X 142 13.70 -153.22 -34.70
CA LEU X 142 14.67 -152.11 -34.71
C LEU X 142 15.73 -152.29 -35.80
N GLN X 143 15.27 -152.63 -37.01
CA GLN X 143 16.15 -152.87 -38.14
C GLN X 143 15.76 -151.97 -39.30
N PHE X 144 16.76 -151.33 -39.90
CA PHE X 144 16.55 -150.50 -41.07
C PHE X 144 16.59 -151.36 -42.33
N VAL X 145 16.42 -150.73 -43.50
CA VAL X 145 16.48 -151.42 -44.78
C VAL X 145 17.74 -150.98 -45.50
N TYR X 146 18.33 -151.89 -46.27
CA TYR X 146 19.65 -151.63 -46.83
C TYR X 146 19.80 -152.11 -48.28
N PRO Y 1 -71.09 14.93 15.11
CA PRO Y 1 -71.99 14.75 16.25
C PRO Y 1 -71.32 14.02 17.39
N GLN Y 2 -71.79 14.24 18.63
CA GLN Y 2 -71.21 13.54 19.76
C GLN Y 2 -71.59 12.07 19.75
N ALA Y 3 -70.67 11.23 20.23
CA ALA Y 3 -70.87 9.80 20.18
C ALA Y 3 -71.86 9.35 21.24
N ALA Y 4 -72.81 8.50 20.83
CA ALA Y 4 -73.79 7.96 21.76
C ALA Y 4 -74.12 6.53 21.36
N ASP Y 5 -74.95 5.88 22.18
CA ASP Y 5 -75.31 4.48 21.98
C ASP Y 5 -75.89 4.27 20.58
N ILE Y 6 -75.56 3.13 19.98
CA ILE Y 6 -76.10 2.75 18.68
C ILE Y 6 -76.91 1.48 18.88
N VAL Y 7 -78.20 1.53 18.56
CA VAL Y 7 -79.08 0.39 18.81
C VAL Y 7 -79.49 -0.23 17.48
N ILE Y 8 -79.22 -1.53 17.34
CA ILE Y 8 -79.47 -2.26 16.10
C ILE Y 8 -80.27 -3.51 16.41
N ALA Y 9 -81.28 -3.79 15.59
CA ALA Y 9 -82.19 -4.89 15.84
C ALA Y 9 -81.59 -6.24 15.42
N ASP Y 10 -81.94 -7.28 16.17
CA ASP Y 10 -81.54 -8.64 15.87
C ASP Y 10 -82.27 -9.14 14.63
N ALA Y 11 -81.95 -10.37 14.22
CA ALA Y 11 -82.68 -11.07 13.17
C ALA Y 11 -83.38 -12.31 13.70
N GLN Y 12 -83.69 -12.32 15.00
CA GLN Y 12 -84.41 -13.44 15.57
C GLN Y 12 -85.88 -13.42 15.16
N ALA Y 13 -86.59 -14.51 15.48
CA ALA Y 13 -88.02 -14.56 15.27
C ALA Y 13 -88.70 -13.36 15.89
N THR Y 14 -88.48 -13.16 17.19
CA THR Y 14 -88.80 -11.89 17.82
C THR Y 14 -87.51 -11.09 17.95
N PRO Y 15 -87.30 -10.05 17.15
CA PRO Y 15 -86.02 -9.34 17.18
C PRO Y 15 -85.69 -8.79 18.55
N VAL Y 16 -84.38 -8.76 18.85
CA VAL Y 16 -83.85 -8.29 20.12
C VAL Y 16 -82.91 -7.13 19.86
N ASN Y 17 -83.14 -6.01 20.54
CA ASN Y 17 -82.29 -4.83 20.33
C ASN Y 17 -80.93 -5.06 20.98
N HIS Y 18 -79.87 -4.93 20.19
CA HIS Y 18 -78.51 -4.92 20.71
C HIS Y 18 -78.04 -3.47 20.81
N THR Y 19 -77.56 -3.09 21.98
CA THR Y 19 -77.12 -1.71 22.24
C THR Y 19 -75.59 -1.68 22.27
N PHE Y 20 -75.00 -1.00 21.29
CA PHE Y 20 -73.56 -0.82 21.18
C PHE Y 20 -73.18 0.48 21.88
N VAL Y 21 -72.61 0.33 23.08
CA VAL Y 21 -72.14 1.48 23.87
C VAL Y 21 -70.86 2.01 23.24
N PRO Y 22 -70.66 3.32 23.15
CA PRO Y 22 -69.40 3.83 22.58
C PRO Y 22 -68.23 3.52 23.51
N ILE Y 23 -67.25 2.79 22.98
CA ILE Y 23 -66.00 2.56 23.70
C ILE Y 23 -65.03 3.71 23.49
N GLY Y 24 -64.93 4.21 22.27
CA GLY Y 24 -64.06 5.34 22.03
C GLY Y 24 -63.21 5.17 20.78
N PRO Y 25 -62.33 6.12 20.54
CA PRO Y 25 -61.48 6.03 19.35
C PRO Y 25 -60.41 4.98 19.50
N ASP Y 26 -59.98 4.43 18.36
CA ASP Y 26 -58.93 3.41 18.34
C ASP Y 26 -57.60 4.03 18.75
N PRO Y 27 -56.87 3.41 19.68
CA PRO Y 27 -55.58 3.99 20.10
C PRO Y 27 -54.60 4.16 18.96
N LYS Y 28 -54.59 3.22 18.00
CA LYS Y 28 -53.63 3.27 16.90
C LYS Y 28 -54.03 4.30 15.85
N ASP Y 29 -55.32 4.42 15.54
CA ASP Y 29 -55.81 5.31 14.50
C ASP Y 29 -56.90 6.21 15.06
N ALA Y 30 -56.66 7.52 15.00
CA ALA Y 30 -57.63 8.49 15.52
C ALA Y 30 -58.85 8.66 14.62
N THR Y 31 -58.85 8.07 13.42
CA THR Y 31 -59.95 8.23 12.47
C THR Y 31 -61.01 7.15 12.61
N ILE Y 32 -60.81 6.17 13.46
CA ILE Y 32 -61.74 5.05 13.56
C ILE Y 32 -62.23 4.98 15.00
N TYR Y 33 -63.54 4.81 15.16
CA TYR Y 33 -64.22 4.89 16.44
C TYR Y 33 -65.00 3.60 16.68
N TRP Y 34 -65.01 3.14 17.93
CA TRP Y 34 -65.49 1.81 18.30
C TRP Y 34 -66.64 1.89 19.29
N TRP Y 35 -67.74 1.22 18.93
CA TRP Y 35 -68.85 0.89 19.81
C TRP Y 35 -68.85 -0.61 20.05
N GLU Y 36 -69.39 -1.03 21.20
CA GLU Y 36 -69.33 -2.42 21.65
C GLU Y 36 -70.63 -2.83 22.32
N ASP Y 37 -71.19 -3.96 21.88
CA ASP Y 37 -72.33 -4.61 22.52
C ASP Y 37 -71.79 -5.58 23.57
N GLN Y 38 -72.05 -5.25 24.83
CA GLN Y 38 -71.49 -5.92 25.99
C GLN Y 38 -72.47 -6.90 26.63
N SER Y 39 -73.46 -7.36 25.87
CA SER Y 39 -74.50 -8.23 26.40
C SER Y 39 -74.14 -9.71 26.33
N GLN Y 40 -72.99 -10.05 25.77
CA GLN Y 40 -72.62 -11.44 25.54
C GLN Y 40 -72.02 -12.01 26.82
N ALA Y 41 -71.53 -13.26 26.74
CA ALA Y 41 -71.12 -14.00 27.93
C ALA Y 41 -69.93 -13.35 28.63
N SER Y 42 -68.79 -13.29 27.95
CA SER Y 42 -67.59 -12.67 28.49
C SER Y 42 -67.04 -11.72 27.43
N PRO Y 43 -66.17 -10.78 27.82
CA PRO Y 43 -65.80 -9.71 26.89
C PRO Y 43 -65.17 -10.17 25.59
N ALA Y 44 -64.62 -11.38 25.54
CA ALA Y 44 -64.04 -11.88 24.29
C ALA Y 44 -65.08 -12.08 23.20
N GLY Y 45 -66.36 -12.23 23.56
CA GLY Y 45 -67.45 -12.41 22.63
C GLY Y 45 -68.33 -11.21 22.43
N TYR Y 46 -67.92 -10.03 22.92
CA TYR Y 46 -68.69 -8.81 22.75
C TYR Y 46 -68.74 -8.43 21.28
N TRP Y 47 -69.91 -8.00 20.81
CA TRP Y 47 -70.01 -7.62 19.41
C TRP Y 47 -69.51 -6.19 19.22
N ARG Y 48 -68.89 -5.93 18.08
CA ARG Y 48 -68.23 -4.64 17.91
C ARG Y 48 -68.65 -3.99 16.60
N LEU Y 49 -68.60 -2.66 16.61
CA LEU Y 49 -68.98 -1.85 15.46
C LEU Y 49 -67.99 -0.71 15.37
N SER Y 50 -67.34 -0.57 14.22
CA SER Y 50 -66.31 0.46 14.01
C SER Y 50 -66.71 1.33 12.84
N MET Y 51 -66.61 2.64 13.02
CA MET Y 51 -66.86 3.60 11.94
C MET Y 51 -65.64 4.51 11.78
N GLN Y 52 -65.20 4.68 10.54
CA GLN Y 52 -63.96 5.39 10.22
C GLN Y 52 -64.19 6.40 9.12
N LEU Y 53 -63.71 7.63 9.33
CA LEU Y 53 -63.81 8.72 8.38
C LEU Y 53 -62.42 9.29 8.12
N VAL Y 54 -61.89 9.04 6.92
CA VAL Y 54 -60.56 9.49 6.54
C VAL Y 54 -60.72 10.63 5.55
N ARG Y 55 -60.53 11.85 6.04
CA ARG Y 55 -60.48 13.08 5.27
C ARG Y 55 -59.07 13.32 4.77
N PRO Y 56 -58.91 13.76 3.53
CA PRO Y 56 -57.58 14.19 3.08
C PRO Y 56 -57.19 15.52 3.72
N ALA Y 57 -55.88 15.78 3.73
CA ALA Y 57 -55.37 16.97 4.42
C ALA Y 57 -55.82 18.25 3.71
N PRO Y 58 -56.15 19.32 4.44
CA PRO Y 58 -56.65 20.53 3.78
C PRO Y 58 -55.61 21.16 2.86
N ALA Y 59 -56.01 21.38 1.61
CA ALA Y 59 -55.12 21.99 0.63
C ALA Y 59 -55.92 22.68 -0.47
N THR Y 65 -54.48 16.64 -7.39
CA THR Y 65 -55.39 17.22 -6.41
C THR Y 65 -56.87 17.03 -6.81
N ASN Y 66 -57.12 16.52 -8.01
CA ASN Y 66 -58.43 15.99 -8.35
C ASN Y 66 -58.52 14.50 -8.08
N GLN Y 67 -57.51 13.93 -7.44
CA GLN Y 67 -57.51 12.54 -6.98
C GLN Y 67 -57.54 12.51 -5.45
N ARG Y 68 -58.29 13.42 -4.84
CA ARG Y 68 -58.39 13.50 -3.39
C ARG Y 68 -59.73 12.90 -3.02
N MET Y 69 -59.70 11.84 -2.22
CA MET Y 69 -60.92 11.09 -1.98
C MET Y 69 -61.09 10.88 -0.48
N ILE Y 70 -62.31 11.09 -0.01
CA ILE Y 70 -62.70 10.83 1.37
C ILE Y 70 -63.14 9.39 1.48
N ARG Y 71 -62.66 8.68 2.49
CA ARG Y 71 -63.07 7.29 2.68
C ARG Y 71 -63.86 7.13 3.97
N VAL Y 72 -64.84 6.23 3.94
CA VAL Y 72 -65.65 5.91 5.11
C VAL Y 72 -65.77 4.41 5.21
N ARG Y 73 -65.41 3.83 6.36
CA ARG Y 73 -65.46 2.38 6.54
C ARG Y 73 -66.31 2.07 7.76
N VAL Y 74 -67.34 1.24 7.55
CA VAL Y 74 -68.19 0.74 8.63
C VAL Y 74 -67.99 -0.76 8.70
N SER Y 75 -67.67 -1.26 9.90
CA SER Y 75 -67.32 -2.65 10.08
C SER Y 75 -68.06 -3.21 11.28
N THR Y 76 -68.65 -4.40 11.13
CA THR Y 76 -69.36 -5.06 12.23
C THR Y 76 -68.79 -6.45 12.45
N PHE Y 77 -68.45 -6.75 13.70
CA PHE Y 77 -67.93 -8.06 14.10
C PHE Y 77 -68.88 -8.68 15.10
N GLU Y 78 -69.27 -9.93 14.87
CA GLU Y 78 -70.18 -10.66 15.75
C GLU Y 78 -69.60 -12.00 16.15
N PRO Y 79 -68.59 -12.00 17.00
CA PRO Y 79 -67.97 -13.27 17.40
C PRO Y 79 -68.93 -14.15 18.19
N ILE Y 80 -68.80 -15.46 18.00
CA ILE Y 80 -69.63 -16.45 18.67
C ILE Y 80 -68.76 -17.29 19.59
N LEU Y 81 -69.03 -17.22 20.89
CA LEU Y 81 -68.22 -17.94 21.87
C LEU Y 81 -68.61 -19.41 21.92
N GLU Y 82 -67.66 -20.23 22.36
CA GLU Y 82 -67.94 -21.64 22.60
C GLU Y 82 -68.73 -21.80 23.90
N VAL Y 83 -69.63 -22.78 23.92
CA VAL Y 83 -70.50 -22.98 25.08
C VAL Y 83 -69.68 -23.54 26.25
N ALA Y 84 -70.13 -23.24 27.47
CA ALA Y 84 -69.45 -23.73 28.66
C ALA Y 84 -69.30 -25.25 28.60
N VAL Y 85 -68.14 -25.73 29.06
CA VAL Y 85 -67.81 -27.15 28.98
C VAL Y 85 -68.40 -27.90 30.17
N THR Y 86 -68.84 -29.13 29.92
CA THR Y 86 -69.35 -29.99 30.99
C THR Y 86 -68.26 -30.92 31.52
N ALA Y 87 -67.20 -31.14 30.76
CA ALA Y 87 -66.14 -32.04 31.18
C ALA Y 87 -64.93 -31.81 30.28
N THR Y 88 -63.75 -31.76 30.90
CA THR Y 88 -62.50 -31.69 30.16
C THR Y 88 -61.55 -32.77 30.68
N TYR Y 89 -60.38 -32.88 30.05
CA TYR Y 89 -59.49 -33.98 30.42
C TYR Y 89 -58.93 -33.79 31.82
N SER Y 90 -58.72 -32.55 32.24
CA SER Y 90 -58.10 -32.24 33.51
C SER Y 90 -59.10 -31.87 34.59
N GLY Y 91 -60.34 -31.53 34.23
CA GLY Y 91 -61.32 -31.12 35.19
C GLY Y 91 -61.39 -29.63 35.44
N ILE Y 92 -60.53 -28.84 34.81
CA ILE Y 92 -60.56 -27.39 34.90
C ILE Y 92 -61.13 -26.84 33.60
N ALA Y 93 -62.15 -25.99 33.70
CA ALA Y 93 -62.80 -25.47 32.51
C ALA Y 93 -61.87 -24.49 31.80
N PRO Y 94 -61.80 -24.56 30.47
CA PRO Y 94 -60.92 -23.65 29.72
C PRO Y 94 -61.44 -22.22 29.73
N SER Y 95 -60.53 -21.30 29.46
CA SER Y 95 -60.88 -19.89 29.35
C SER Y 95 -61.90 -19.70 28.22
N PRO Y 96 -62.75 -18.68 28.32
CA PRO Y 96 -63.72 -18.43 27.23
C PRO Y 96 -62.98 -18.22 25.93
N THR Y 97 -63.35 -19.00 24.91
CA THR Y 97 -62.68 -18.97 23.63
C THR Y 97 -63.69 -18.66 22.52
N VAL Y 98 -63.20 -18.05 21.45
CA VAL Y 98 -64.05 -17.66 20.34
C VAL Y 98 -64.09 -18.81 19.34
N SER Y 99 -65.31 -19.24 19.00
CA SER Y 99 -65.46 -20.36 18.07
C SER Y 99 -65.23 -19.93 16.62
N TYR Y 100 -65.92 -18.88 16.19
CA TYR Y 100 -65.80 -18.36 14.83
C TYR Y 100 -66.35 -16.94 14.82
N VAL Y 101 -66.00 -16.19 13.79
CA VAL Y 101 -66.42 -14.79 13.75
C VAL Y 101 -66.97 -14.39 12.39
N PRO Y 102 -68.29 -14.32 12.23
CA PRO Y 102 -68.85 -13.68 11.04
C PRO Y 102 -68.69 -12.18 11.14
N LYS Y 103 -68.31 -11.54 10.03
CA LYS Y 103 -68.04 -10.12 10.07
C LYS Y 103 -68.37 -9.48 8.74
N ALA Y 104 -68.44 -8.16 8.73
CA ALA Y 104 -68.76 -7.40 7.53
C ALA Y 104 -68.00 -6.09 7.52
N PHE Y 105 -67.57 -5.69 6.33
CA PHE Y 105 -66.71 -4.51 6.12
C PHE Y 105 -67.25 -3.77 4.90
N THR Y 106 -67.64 -2.52 5.08
CA THR Y 106 -68.15 -1.68 3.98
C THR Y 106 -67.31 -0.42 3.88
N GLU Y 107 -66.91 -0.07 2.66
CA GLU Y 107 -66.06 1.09 2.41
C GLU Y 107 -66.68 1.94 1.32
N PHE Y 108 -66.91 3.21 1.63
CA PHE Y 108 -67.33 4.22 0.67
C PHE Y 108 -66.12 5.02 0.26
N VAL Y 109 -65.93 5.17 -1.05
CA VAL Y 109 -64.93 6.05 -1.63
C VAL Y 109 -65.68 7.22 -2.25
N LEU Y 110 -65.50 8.40 -1.69
CA LEU Y 110 -66.27 9.58 -2.04
C LEU Y 110 -65.32 10.67 -2.50
N PRO Y 111 -65.18 10.92 -3.80
CA PRO Y 111 -64.28 11.99 -4.26
C PRO Y 111 -64.68 13.33 -3.66
N GLU Y 112 -63.67 14.17 -3.44
CA GLU Y 112 -63.90 15.45 -2.79
C GLU Y 112 -64.77 16.38 -3.62
N ARG Y 113 -64.79 16.17 -4.94
CA ARG Y 113 -65.69 16.93 -5.81
C ARG Y 113 -67.14 16.47 -5.74
N ALA Y 114 -67.43 15.36 -5.06
CA ALA Y 114 -68.77 14.77 -5.11
C ALA Y 114 -69.73 15.56 -4.24
N THR Y 115 -70.92 15.81 -4.78
CA THR Y 115 -71.89 16.65 -4.11
C THR Y 115 -72.69 15.84 -3.08
N LEU Y 116 -73.33 16.58 -2.17
CA LEU Y 116 -74.16 15.97 -1.14
C LEU Y 116 -75.18 15.01 -1.76
N ASP Y 117 -75.74 15.38 -2.92
CA ASP Y 117 -76.68 14.51 -3.59
C ASP Y 117 -76.02 13.18 -3.98
N ASN Y 118 -74.79 13.25 -4.51
CA ASN Y 118 -74.07 12.03 -4.87
C ASN Y 118 -73.84 11.15 -3.65
N ARG Y 119 -73.47 11.76 -2.53
CA ARG Y 119 -73.20 10.99 -1.32
C ARG Y 119 -74.47 10.32 -0.79
N LYS Y 120 -75.58 11.08 -0.77
CA LYS Y 120 -76.85 10.49 -0.34
C LYS Y 120 -77.25 9.35 -1.25
N ASP Y 121 -77.04 9.52 -2.57
CA ASP Y 121 -77.35 8.48 -3.54
C ASP Y 121 -76.57 7.21 -3.25
N ILE Y 122 -75.24 7.32 -3.14
CA ILE Y 122 -74.42 6.13 -2.99
C ILE Y 122 -74.72 5.42 -1.68
N ARG Y 123 -74.91 6.19 -0.59
CA ARG Y 123 -75.22 5.56 0.69
C ARG Y 123 -76.56 4.82 0.64
N LYS Y 124 -77.64 5.54 0.26
CA LYS Y 124 -78.95 4.91 0.23
C LYS Y 124 -78.97 3.69 -0.69
N MET Y 125 -78.34 3.82 -1.86
CA MET Y 125 -78.47 2.78 -2.88
C MET Y 125 -77.66 1.55 -2.53
N HIS Y 126 -76.47 1.74 -1.93
CA HIS Y 126 -75.69 0.58 -1.50
C HIS Y 126 -76.38 -0.13 -0.34
N ALA Y 127 -76.82 0.63 0.66
CA ALA Y 127 -77.54 0.03 1.78
C ALA Y 127 -78.72 -0.78 1.29
N LEU Y 128 -79.46 -0.25 0.30
CA LEU Y 128 -80.55 -1.01 -0.29
C LEU Y 128 -80.02 -2.25 -1.02
N ALA Y 129 -78.91 -2.12 -1.74
CA ALA Y 129 -78.34 -3.24 -2.48
C ALA Y 129 -77.99 -4.40 -1.57
N LEU Y 130 -77.75 -4.13 -0.29
CA LEU Y 130 -77.51 -5.20 0.67
C LEU Y 130 -78.79 -5.91 1.11
N THR Y 131 -79.98 -5.38 0.75
CA THR Y 131 -81.23 -5.97 1.18
C THR Y 131 -82.06 -6.53 0.03
N THR Y 132 -81.51 -6.56 -1.18
CA THR Y 132 -82.22 -7.13 -2.32
C THR Y 132 -82.43 -8.63 -2.13
N SER Y 133 -83.39 -9.18 -2.87
CA SER Y 133 -83.64 -10.62 -2.79
C SER Y 133 -82.41 -11.41 -3.20
N GLU Y 134 -81.66 -10.91 -4.17
CA GLU Y 134 -80.41 -11.55 -4.58
C GLU Y 134 -79.37 -11.51 -3.46
N ALA Y 135 -79.22 -10.35 -2.81
CA ALA Y 135 -78.27 -10.25 -1.71
C ALA Y 135 -78.65 -11.18 -0.55
N ILE Y 136 -79.95 -11.29 -0.27
CA ILE Y 136 -80.38 -12.16 0.82
C ILE Y 136 -80.15 -13.62 0.45
N ALA Y 137 -80.38 -13.98 -0.82
CA ALA Y 137 -80.12 -15.35 -1.26
C ALA Y 137 -78.64 -15.68 -1.18
N MET Y 138 -77.76 -14.71 -1.48
CA MET Y 138 -76.33 -14.98 -1.48
C MET Y 138 -75.77 -15.06 -0.06
N ILE Y 139 -76.17 -14.12 0.82
CA ILE Y 139 -75.56 -14.07 2.14
C ILE Y 139 -76.20 -15.07 3.09
N GLU Y 140 -77.52 -15.25 3.02
CA GLU Y 140 -78.19 -16.10 3.98
C GLU Y 140 -78.30 -17.55 3.48
N SER Y 141 -78.72 -17.74 2.24
CA SER Y 141 -78.93 -19.07 1.68
C SER Y 141 -77.75 -19.56 0.88
N LEU Y 142 -76.77 -18.70 0.61
CA LEU Y 142 -75.53 -19.11 -0.05
C LEU Y 142 -75.81 -19.64 -1.46
N GLN Y 143 -76.51 -18.82 -2.25
CA GLN Y 143 -76.86 -19.17 -3.62
C GLN Y 143 -76.38 -18.09 -4.56
N PHE Y 144 -75.83 -18.50 -5.69
CA PHE Y 144 -75.41 -17.56 -6.72
C PHE Y 144 -76.54 -17.34 -7.71
N VAL Y 145 -76.37 -16.36 -8.61
CA VAL Y 145 -77.34 -16.06 -9.65
C VAL Y 145 -76.89 -16.69 -10.95
N TYR Y 146 -77.83 -17.29 -11.67
CA TYR Y 146 -77.53 -18.07 -12.87
C TYR Y 146 -78.34 -17.61 -14.08
N PRO Z 1 -63.03 24.11 27.02
CA PRO Z 1 -64.37 24.22 26.43
C PRO Z 1 -64.72 23.02 25.57
N GLN Z 2 -66.00 22.77 25.38
CA GLN Z 2 -66.42 21.66 24.56
C GLN Z 2 -66.36 22.03 23.08
N ALA Z 3 -66.33 21.02 22.23
CA ALA Z 3 -66.40 21.25 20.79
C ALA Z 3 -67.78 21.75 20.43
N ALA Z 4 -67.85 22.97 19.89
CA ALA Z 4 -69.12 23.57 19.48
C ALA Z 4 -68.94 24.27 18.15
N ASP Z 5 -70.08 24.61 17.54
CA ASP Z 5 -70.05 25.39 16.31
C ASP Z 5 -69.34 26.72 16.56
N ILE Z 6 -68.61 27.19 15.55
CA ILE Z 6 -67.95 28.50 15.60
C ILE Z 6 -68.52 29.32 14.46
N VAL Z 7 -69.10 30.48 14.77
CA VAL Z 7 -69.78 31.27 13.76
C VAL Z 7 -68.99 32.55 13.52
N ILE Z 8 -68.64 32.78 12.25
CA ILE Z 8 -67.79 33.91 11.86
C ILE Z 8 -68.44 34.63 10.69
N ALA Z 9 -68.43 35.96 10.74
CA ALA Z 9 -69.15 36.78 9.78
C ALA Z 9 -68.35 36.96 8.47
N ASP Z 10 -69.09 36.99 7.36
CA ASP Z 10 -68.51 37.27 6.05
C ASP Z 10 -68.13 38.74 5.96
N ALA Z 11 -67.40 39.08 4.89
CA ALA Z 11 -67.07 40.46 4.57
C ALA Z 11 -67.89 41.01 3.40
N GLN Z 12 -69.08 40.46 3.17
CA GLN Z 12 -69.92 40.94 2.09
C GLN Z 12 -70.57 42.26 2.49
N ALA Z 13 -71.21 42.90 1.50
CA ALA Z 13 -71.97 44.12 1.76
C ALA Z 13 -72.97 43.91 2.90
N THR Z 14 -73.80 42.88 2.77
CA THR Z 14 -74.59 42.40 3.89
C THR Z 14 -73.91 41.13 4.41
N PRO Z 15 -73.18 41.20 5.53
CA PRO Z 15 -72.41 40.05 5.97
C PRO Z 15 -73.26 38.80 6.14
N VAL Z 16 -72.67 37.65 5.80
CA VAL Z 16 -73.30 36.34 5.89
C VAL Z 16 -72.57 35.52 6.94
N ASN Z 17 -73.31 34.95 7.89
CA ASN Z 17 -72.69 34.14 8.93
C ASN Z 17 -72.31 32.78 8.37
N HIS Z 18 -71.02 32.44 8.46
CA HIS Z 18 -70.54 31.10 8.14
C HIS Z 18 -70.40 30.31 9.44
N THR Z 19 -71.03 29.13 9.48
CA THR Z 19 -71.01 28.29 10.67
C THR Z 19 -70.05 27.13 10.45
N PHE Z 20 -68.99 27.08 11.26
CA PHE Z 20 -67.98 26.03 11.22
C PHE Z 20 -68.35 24.96 12.24
N VAL Z 21 -68.87 23.84 11.76
CA VAL Z 21 -69.26 22.69 12.57
C VAL Z 21 -67.99 21.93 12.91
N PRO Z 22 -67.81 21.45 14.15
CA PRO Z 22 -66.60 20.69 14.46
C PRO Z 22 -66.55 19.36 13.71
N ILE Z 23 -65.46 19.13 12.96
CA ILE Z 23 -65.20 17.84 12.34
C ILE Z 23 -64.58 16.90 13.34
N GLY Z 24 -63.67 17.41 14.17
CA GLY Z 24 -63.06 16.57 15.17
C GLY Z 24 -61.56 16.80 15.24
N PRO Z 25 -60.89 16.00 16.03
CA PRO Z 25 -59.44 16.12 16.14
C PRO Z 25 -58.76 15.65 14.87
N ASP Z 26 -57.55 16.17 14.68
CA ASP Z 26 -56.77 15.83 13.51
C ASP Z 26 -56.40 14.35 13.54
N PRO Z 27 -56.35 13.68 12.39
CA PRO Z 27 -56.05 12.23 12.39
C PRO Z 27 -54.69 11.89 12.93
N LYS Z 28 -53.70 12.72 12.63
CA LYS Z 28 -52.31 12.39 12.90
C LYS Z 28 -51.73 13.15 14.09
N ASP Z 29 -52.33 14.27 14.48
CA ASP Z 29 -51.89 15.05 15.62
C ASP Z 29 -53.06 15.26 16.58
N ALA Z 30 -52.90 14.82 17.82
CA ALA Z 30 -53.94 14.91 18.83
C ALA Z 30 -54.03 16.28 19.45
N THR Z 31 -53.20 17.24 19.00
CA THR Z 31 -53.17 18.57 19.60
C THR Z 31 -53.81 19.63 18.71
N ILE Z 32 -54.39 19.24 17.58
CA ILE Z 32 -55.00 20.19 16.66
C ILE Z 32 -56.40 19.68 16.32
N TYR Z 33 -57.37 20.58 16.39
CA TYR Z 33 -58.79 20.27 16.23
C TYR Z 33 -59.35 21.07 15.06
N TRP Z 34 -60.39 20.50 14.40
CA TRP Z 34 -60.86 20.94 13.09
C TRP Z 34 -62.36 21.20 13.10
N TRP Z 35 -62.74 22.41 12.67
CA TRP Z 35 -64.08 22.82 12.32
C TRP Z 35 -64.14 23.11 10.82
N GLU Z 36 -65.35 23.01 10.25
CA GLU Z 36 -65.54 23.11 8.80
C GLU Z 36 -66.87 23.81 8.48
N ASP Z 37 -66.80 24.74 7.53
CA ASP Z 37 -67.95 25.42 6.94
C ASP Z 37 -68.32 24.66 5.67
N GLN Z 38 -69.43 23.91 5.76
CA GLN Z 38 -69.87 22.95 4.76
C GLN Z 38 -70.97 23.52 3.87
N SER Z 39 -71.05 24.84 3.76
CA SER Z 39 -72.09 25.50 3.00
C SER Z 39 -71.77 25.58 1.52
N GLN Z 40 -70.53 25.33 1.14
CA GLN Z 40 -70.05 25.55 -0.21
C GLN Z 40 -70.61 24.47 -1.15
N ALA Z 41 -70.21 24.52 -2.42
CA ALA Z 41 -70.90 23.74 -3.45
C ALA Z 41 -70.55 22.24 -3.39
N SER Z 42 -69.29 21.92 -3.13
CA SER Z 42 -68.83 20.56 -2.91
C SER Z 42 -67.74 20.62 -1.85
N PRO Z 43 -67.43 19.50 -1.21
CA PRO Z 43 -66.41 19.55 -0.13
C PRO Z 43 -65.08 20.17 -0.54
N ALA Z 44 -64.72 20.08 -1.83
CA ALA Z 44 -63.48 20.68 -2.31
C ALA Z 44 -63.43 22.17 -2.00
N GLY Z 45 -64.58 22.83 -1.94
CA GLY Z 45 -64.69 24.23 -1.64
C GLY Z 45 -65.09 24.58 -0.22
N TYR Z 46 -65.25 23.60 0.67
CA TYR Z 46 -65.59 23.90 2.07
C TYR Z 46 -64.48 24.71 2.73
N TRP Z 47 -64.85 25.56 3.68
CA TRP Z 47 -63.84 26.35 4.38
C TRP Z 47 -63.50 25.71 5.72
N ARG Z 48 -62.23 25.74 6.09
CA ARG Z 48 -61.80 24.98 7.26
C ARG Z 48 -61.09 25.89 8.26
N LEU Z 49 -61.25 25.55 9.53
CA LEU Z 49 -60.63 26.27 10.64
C LEU Z 49 -60.02 25.25 11.58
N SER Z 50 -58.78 25.49 12.00
CA SER Z 50 -58.04 24.56 12.84
C SER Z 50 -57.39 25.31 13.99
N MET Z 51 -57.48 24.75 15.19
CA MET Z 51 -56.86 25.34 16.37
C MET Z 51 -55.99 24.30 17.07
N GLN Z 52 -54.78 24.70 17.45
CA GLN Z 52 -53.78 23.79 18.00
C GLN Z 52 -53.14 24.38 19.24
N LEU Z 53 -53.09 23.59 20.31
CA LEU Z 53 -52.43 23.96 21.55
C LEU Z 53 -51.36 22.93 21.84
N VAL Z 54 -50.11 23.37 21.89
CA VAL Z 54 -48.97 22.51 22.17
C VAL Z 54 -48.35 22.97 23.47
N ARG Z 55 -48.55 22.17 24.52
CA ARG Z 55 -48.08 22.28 25.88
C ARG Z 55 -46.79 21.51 26.04
N PRO Z 56 -45.88 21.97 26.90
CA PRO Z 56 -44.65 21.20 27.17
C PRO Z 56 -44.91 20.10 28.18
N ALA Z 57 -43.96 19.16 28.24
CA ALA Z 57 -44.06 18.08 29.21
C ALA Z 57 -44.03 18.63 30.62
N PRO Z 58 -44.70 17.99 31.56
CA PRO Z 58 -44.86 18.58 32.90
C PRO Z 58 -43.51 18.84 33.55
N ALA Z 59 -43.47 19.88 34.37
CA ALA Z 59 -42.22 20.32 34.97
C ALA Z 59 -41.73 19.31 36.00
N LYS Z 60 -40.42 19.13 36.07
CA LYS Z 60 -39.82 18.25 37.04
C LYS Z 60 -39.40 19.03 38.28
N ALA Z 61 -39.30 18.31 39.40
CA ALA Z 61 -38.97 18.94 40.67
C ALA Z 61 -37.58 19.56 40.61
N GLY Z 62 -37.48 20.84 40.95
CA GLY Z 62 -36.23 21.55 40.88
C GLY Z 62 -35.77 21.95 39.49
N GLN Z 63 -36.50 21.56 38.45
CA GLN Z 63 -36.13 21.93 37.09
C GLN Z 63 -36.37 23.43 36.86
N ASN Z 64 -35.50 24.03 36.05
CA ASN Z 64 -35.60 25.45 35.72
C ASN Z 64 -36.54 25.61 34.52
N THR Z 65 -37.58 26.41 34.69
CA THR Z 65 -38.67 26.48 33.70
C THR Z 65 -38.57 27.69 32.77
N ASN Z 66 -37.49 28.46 32.84
CA ASN Z 66 -37.54 29.71 32.06
C ASN Z 66 -37.32 29.50 30.64
N GLN Z 67 -37.25 28.25 30.15
CA GLN Z 67 -37.14 28.02 28.72
C GLN Z 67 -38.34 27.26 28.13
N ARG Z 68 -39.24 26.77 28.95
CA ARG Z 68 -40.37 26.00 28.44
C ARG Z 68 -41.42 26.95 27.88
N MET Z 69 -42.07 26.57 26.78
CA MET Z 69 -42.97 27.48 26.09
C MET Z 69 -44.18 26.71 25.55
N ILE Z 70 -45.29 27.44 25.42
CA ILE Z 70 -46.57 26.94 24.93
C ILE Z 70 -46.85 27.60 23.60
N ARG Z 71 -47.33 26.83 22.64
CA ARG Z 71 -47.63 27.37 21.31
C ARG Z 71 -49.10 27.19 20.99
N VAL Z 72 -49.69 28.19 20.35
CA VAL Z 72 -51.08 28.14 19.91
C VAL Z 72 -51.10 28.53 18.44
N ARG Z 73 -51.74 27.71 17.61
CA ARG Z 73 -51.79 27.97 16.16
C ARG Z 73 -53.25 27.93 15.71
N VAL Z 74 -53.70 29.01 15.11
CA VAL Z 74 -55.01 29.10 14.48
C VAL Z 74 -54.81 29.21 12.98
N SER Z 75 -55.62 28.48 12.22
CA SER Z 75 -55.41 28.42 10.77
C SER Z 75 -56.77 28.40 10.07
N THR Z 76 -56.90 29.22 9.04
CA THR Z 76 -58.16 29.28 8.27
C THR Z 76 -57.84 29.09 6.79
N PHE Z 77 -58.61 28.22 6.15
CA PHE Z 77 -58.45 27.91 4.74
C PHE Z 77 -59.77 28.19 4.03
N GLU Z 78 -59.73 29.01 2.97
CA GLU Z 78 -60.92 29.43 2.23
C GLU Z 78 -60.73 29.16 0.74
N PRO Z 79 -60.77 27.90 0.32
CA PRO Z 79 -60.63 27.60 -1.10
C PRO Z 79 -61.78 28.19 -1.92
N ILE Z 80 -61.45 28.65 -3.12
CA ILE Z 80 -62.41 29.22 -4.06
C ILE Z 80 -62.54 28.28 -5.24
N LEU Z 81 -63.77 28.02 -5.66
CA LEU Z 81 -64.01 27.09 -6.76
C LEU Z 81 -64.14 27.81 -8.09
N GLU Z 82 -64.08 27.03 -9.15
CA GLU Z 82 -64.34 27.46 -10.52
C GLU Z 82 -65.06 26.33 -11.25
N VAL Z 83 -65.79 26.70 -12.30
CA VAL Z 83 -66.59 25.76 -13.07
C VAL Z 83 -66.28 25.96 -14.55
N ALA Z 84 -66.32 24.86 -15.32
CA ALA Z 84 -66.04 24.92 -16.74
C ALA Z 84 -67.23 25.38 -17.58
N VAL Z 85 -68.45 25.20 -17.09
CA VAL Z 85 -69.66 25.61 -17.79
C VAL Z 85 -70.77 25.84 -16.78
N THR Z 86 -71.65 26.78 -17.07
CA THR Z 86 -72.57 27.31 -16.05
C THR Z 86 -73.99 26.74 -16.15
N ALA Z 87 -74.28 25.87 -17.11
CA ALA Z 87 -75.62 25.31 -17.24
C ALA Z 87 -75.57 23.80 -17.05
N THR Z 88 -76.74 23.18 -17.13
CA THR Z 88 -76.87 21.74 -17.03
C THR Z 88 -77.47 21.20 -18.32
N TYR Z 89 -76.87 20.15 -18.86
CA TYR Z 89 -77.30 19.52 -20.10
C TYR Z 89 -77.72 18.10 -19.82
N SER Z 90 -78.95 17.73 -20.22
CA SER Z 90 -79.40 16.34 -20.16
C SER Z 90 -79.13 15.73 -18.79
N GLY Z 91 -79.42 16.51 -17.75
CA GLY Z 91 -79.25 16.08 -16.38
C GLY Z 91 -77.82 16.03 -15.87
N ILE Z 92 -76.84 16.50 -16.64
CA ILE Z 92 -75.45 16.51 -16.21
C ILE Z 92 -75.15 17.88 -15.62
N ALA Z 93 -74.89 17.92 -14.32
CA ALA Z 93 -74.62 19.24 -13.80
C ALA Z 93 -73.14 19.59 -13.88
N PRO Z 94 -72.82 20.88 -13.89
CA PRO Z 94 -71.42 21.29 -13.82
C PRO Z 94 -70.82 20.91 -12.48
N SER Z 95 -69.60 20.37 -12.52
CA SER Z 95 -68.92 19.93 -11.32
C SER Z 95 -67.72 20.84 -11.10
N PRO Z 96 -67.71 21.65 -10.05
CA PRO Z 96 -66.62 22.62 -9.86
C PRO Z 96 -65.36 21.98 -9.32
N THR Z 97 -64.23 22.59 -9.64
CA THR Z 97 -62.94 22.24 -9.08
C THR Z 97 -62.38 23.43 -8.31
N VAL Z 98 -61.33 23.17 -7.54
CA VAL Z 98 -60.69 24.25 -6.80
C VAL Z 98 -59.88 25.09 -7.77
N SER Z 99 -59.96 26.41 -7.61
CA SER Z 99 -59.27 27.36 -8.46
C SER Z 99 -58.03 27.92 -7.78
N TYR Z 100 -58.16 28.34 -6.53
CA TYR Z 100 -57.03 28.84 -5.73
C TYR Z 100 -57.45 28.80 -4.27
N VAL Z 101 -56.45 28.85 -3.39
CA VAL Z 101 -56.78 28.77 -1.96
C VAL Z 101 -56.09 29.89 -1.19
N PRO Z 102 -56.79 30.97 -0.87
CA PRO Z 102 -56.28 31.91 0.12
C PRO Z 102 -56.37 31.32 1.51
N LYS Z 103 -55.35 31.59 2.34
CA LYS Z 103 -55.32 30.99 3.66
C LYS Z 103 -54.58 31.90 4.62
N ALA Z 104 -54.74 31.62 5.91
CA ALA Z 104 -54.10 32.42 6.95
C ALA Z 104 -53.67 31.51 8.09
N PHE Z 105 -52.51 31.82 8.66
CA PHE Z 105 -51.89 31.01 9.70
C PHE Z 105 -51.36 31.96 10.78
N THR Z 106 -51.82 31.80 12.03
CA THR Z 106 -51.37 32.61 13.15
C THR Z 106 -50.80 31.71 14.23
N GLU Z 107 -49.66 32.11 14.81
CA GLU Z 107 -48.98 31.36 15.85
C GLU Z 107 -48.64 32.29 17.00
N PHE Z 108 -49.11 31.94 18.19
CA PHE Z 108 -48.73 32.58 19.43
C PHE Z 108 -47.67 31.72 20.11
N VAL Z 109 -46.56 32.36 20.49
CA VAL Z 109 -45.54 31.75 21.34
C VAL Z 109 -45.67 32.41 22.70
N LEU Z 110 -46.18 31.64 23.67
CA LEU Z 110 -46.42 32.10 25.03
C LEU Z 110 -45.48 31.35 25.96
N PRO Z 111 -44.43 31.98 26.47
CA PRO Z 111 -43.57 31.30 27.44
C PRO Z 111 -44.36 30.90 28.69
N GLU Z 112 -44.08 29.70 29.18
CA GLU Z 112 -44.88 29.14 30.27
C GLU Z 112 -44.88 30.01 31.50
N ARG Z 113 -43.82 30.77 31.74
CA ARG Z 113 -43.77 31.64 32.91
C ARG Z 113 -44.59 32.92 32.76
N ALA Z 114 -45.30 33.11 31.66
CA ALA Z 114 -45.96 34.38 31.42
C ALA Z 114 -47.24 34.50 32.23
N THR Z 115 -47.62 35.73 32.55
CA THR Z 115 -48.81 36.01 33.33
C THR Z 115 -50.05 35.93 32.45
N LEU Z 116 -51.19 35.61 33.08
CA LEU Z 116 -52.47 35.76 32.42
C LEU Z 116 -52.59 37.13 31.78
N ASP Z 117 -52.08 38.16 32.44
CA ASP Z 117 -52.13 39.50 31.86
C ASP Z 117 -51.31 39.57 30.58
N ASN Z 118 -50.12 38.98 30.58
CA ASN Z 118 -49.29 38.97 29.37
C ASN Z 118 -50.02 38.27 28.22
N ARG Z 119 -50.72 37.17 28.53
CA ARG Z 119 -51.41 36.43 27.49
C ARG Z 119 -52.59 37.22 26.94
N LYS Z 120 -53.38 37.83 27.82
CA LYS Z 120 -54.48 38.68 27.37
C LYS Z 120 -53.95 39.83 26.51
N ASP Z 121 -52.81 40.41 26.92
CA ASP Z 121 -52.19 41.49 26.16
C ASP Z 121 -51.84 41.04 24.75
N ILE Z 122 -51.08 39.95 24.63
CA ILE Z 122 -50.61 39.54 23.32
C ILE Z 122 -51.78 39.15 22.42
N ARG Z 123 -52.77 38.43 22.97
CA ARG Z 123 -53.94 38.04 22.18
C ARG Z 123 -54.68 39.27 21.67
N LYS Z 124 -55.14 40.13 22.59
CA LYS Z 124 -55.92 41.30 22.18
C LYS Z 124 -55.16 42.17 21.20
N MET Z 125 -53.88 42.42 21.50
CA MET Z 125 -53.14 43.40 20.72
C MET Z 125 -52.79 42.89 19.34
N HIS Z 126 -52.49 41.58 19.21
CA HIS Z 126 -52.26 41.04 17.88
C HIS Z 126 -53.56 41.03 17.07
N ALA Z 127 -54.66 40.56 17.67
CA ALA Z 127 -55.95 40.57 16.96
C ALA Z 127 -56.29 41.97 16.48
N LEU Z 128 -55.99 42.98 17.30
CA LEU Z 128 -56.21 44.36 16.89
C LEU Z 128 -55.26 44.76 15.78
N ALA Z 129 -53.99 44.33 15.86
CA ALA Z 129 -53.01 44.69 14.83
C ALA Z 129 -53.41 44.15 13.48
N LEU Z 130 -54.22 43.09 13.44
CA LEU Z 130 -54.74 42.59 12.17
C LEU Z 130 -55.84 43.47 11.60
N THR Z 131 -56.38 44.43 12.35
CA THR Z 131 -57.48 45.27 11.90
C THR Z 131 -57.09 46.73 11.74
N THR Z 132 -55.81 47.07 11.94
CA THR Z 132 -55.36 48.44 11.76
C THR Z 132 -55.52 48.88 10.31
N SER Z 133 -55.59 50.20 10.10
CA SER Z 133 -55.73 50.72 8.75
C SER Z 133 -54.57 50.28 7.87
N GLU Z 134 -53.37 50.19 8.45
CA GLU Z 134 -52.21 49.71 7.70
C GLU Z 134 -52.37 48.24 7.32
N ALA Z 135 -52.82 47.40 8.25
CA ALA Z 135 -53.04 46.00 7.94
C ALA Z 135 -54.09 45.83 6.85
N ILE Z 136 -55.15 46.65 6.90
CA ILE Z 136 -56.18 46.56 5.89
C ILE Z 136 -55.64 47.01 4.53
N ALA Z 137 -54.85 48.08 4.52
CA ALA Z 137 -54.25 48.54 3.27
C ALA Z 137 -53.29 47.50 2.68
N MET Z 138 -52.61 46.73 3.53
CA MET Z 138 -51.64 45.77 3.02
C MET Z 138 -52.31 44.47 2.56
N ILE Z 139 -53.32 43.99 3.29
CA ILE Z 139 -53.93 42.71 2.94
C ILE Z 139 -55.03 42.88 1.88
N GLU Z 140 -55.86 43.91 2.00
CA GLU Z 140 -56.96 44.08 1.07
C GLU Z 140 -56.56 44.91 -0.15
N SER Z 141 -55.89 46.04 0.08
CA SER Z 141 -55.51 46.96 -0.99
C SER Z 141 -54.13 46.66 -1.57
N LEU Z 142 -53.33 45.82 -0.92
CA LEU Z 142 -52.04 45.39 -1.46
C LEU Z 142 -51.09 46.57 -1.67
N GLN Z 143 -51.03 47.44 -0.67
CA GLN Z 143 -50.16 48.62 -0.69
C GLN Z 143 -49.30 48.62 0.57
N PHE Z 144 -47.99 48.71 0.37
CA PHE Z 144 -47.04 48.80 1.47
C PHE Z 144 -46.99 50.23 2.01
N VAL Z 145 -46.25 50.42 3.11
CA VAL Z 145 -46.08 51.73 3.73
C VAL Z 145 -44.78 52.35 3.27
N TYR Z 146 -44.84 53.60 2.81
CA TYR Z 146 -43.67 54.28 2.25
C TYR Z 146 -43.38 55.61 2.98
N PRO AA 1 -68.25 7.50 28.03
CA PRO AA 1 -68.59 8.80 28.62
C PRO AA 1 -67.78 9.93 28.00
N GLN AA 2 -68.45 10.97 27.52
CA GLN AA 2 -67.73 12.08 26.93
C GLN AA 2 -66.90 12.78 28.01
N ALA AA 3 -65.74 13.30 27.62
CA ALA AA 3 -64.87 13.96 28.58
C ALA AA 3 -65.54 15.22 29.12
N ALA AA 4 -65.47 15.39 30.44
CA ALA AA 4 -66.00 16.60 31.06
C ALA AA 4 -65.17 16.91 32.31
N ASP AA 5 -65.42 18.08 32.89
CA ASP AA 5 -64.71 18.50 34.09
C ASP AA 5 -64.85 17.45 35.19
N ILE AA 6 -63.78 17.23 35.93
CA ILE AA 6 -63.78 16.33 37.08
C ILE AA 6 -63.54 17.17 38.33
N VAL AA 7 -64.49 17.17 39.26
CA VAL AA 7 -64.39 18.02 40.43
C VAL AA 7 -64.15 17.15 41.66
N ILE AA 8 -63.06 17.44 42.37
CA ILE AA 8 -62.62 16.66 43.52
C ILE AA 8 -62.39 17.60 44.69
N ALA AA 9 -62.85 17.20 45.87
CA ALA AA 9 -62.78 18.07 47.03
C ALA AA 9 -61.38 18.06 47.67
N ASP AA 10 -61.00 19.21 48.21
CA ASP AA 10 -59.75 19.35 48.94
C ASP AA 10 -59.84 18.63 50.28
N ALA AA 11 -58.74 18.69 51.04
CA ALA AA 11 -58.72 18.16 52.40
C ALA AA 11 -58.53 19.26 53.44
N GLN AA 12 -58.94 20.50 53.11
CA GLN AA 12 -58.76 21.60 54.04
C GLN AA 12 -59.82 21.56 55.14
N ALA AA 13 -59.65 22.45 56.12
CA ALA AA 13 -60.64 22.64 57.17
C ALA AA 13 -62.03 22.78 56.56
N THR AA 14 -62.21 23.78 55.71
CA THR AA 14 -63.35 23.82 54.83
C THR AA 14 -62.92 23.32 53.47
N PRO AA 15 -63.35 22.13 53.05
CA PRO AA 15 -62.90 21.58 51.77
C PRO AA 15 -63.15 22.55 50.63
N VAL AA 16 -62.18 22.64 49.71
CA VAL AA 16 -62.23 23.51 48.56
C VAL AA 16 -62.25 22.65 47.29
N ASN AA 17 -63.25 22.88 46.44
CA ASN AA 17 -63.38 22.07 45.24
C ASN AA 17 -62.31 22.44 44.21
N HIS AA 18 -61.59 21.45 43.72
CA HIS AA 18 -60.66 21.61 42.60
C HIS AA 18 -61.32 21.06 41.36
N THR AA 19 -61.36 21.88 40.30
CA THR AA 19 -61.96 21.48 39.04
C THR AA 19 -60.85 21.17 38.03
N PHE AA 20 -60.83 19.92 37.56
CA PHE AA 20 -59.87 19.43 36.57
C PHE AA 20 -60.54 19.48 35.20
N VAL AA 21 -60.14 20.46 34.39
CA VAL AA 21 -60.62 20.61 33.02
C VAL AA 21 -59.87 19.61 32.15
N PRO AA 22 -60.51 18.87 31.26
CA PRO AA 22 -59.76 17.96 30.38
C PRO AA 22 -58.82 18.72 29.46
N ILE AA 23 -57.56 18.27 29.44
CA ILE AA 23 -56.61 18.69 28.42
C ILE AA 23 -56.75 17.82 27.18
N GLY AA 24 -57.06 16.54 27.36
CA GLY AA 24 -57.21 15.67 26.23
C GLY AA 24 -56.30 14.47 26.29
N PRO AA 25 -56.27 13.68 25.22
CA PRO AA 25 -55.43 12.48 25.22
C PRO AA 25 -53.97 12.84 25.04
N ASP AA 26 -53.12 12.04 25.68
CA ASP AA 26 -51.67 12.23 25.55
C ASP AA 26 -51.28 12.06 24.09
N PRO AA 27 -50.59 13.03 23.49
CA PRO AA 27 -50.16 12.84 22.10
C PRO AA 27 -49.21 11.67 21.93
N LYS AA 28 -48.41 11.35 22.94
CA LYS AA 28 -47.47 10.24 22.84
C LYS AA 28 -48.19 8.89 22.96
N ASP AA 29 -49.21 8.80 23.81
CA ASP AA 29 -49.97 7.56 24.03
C ASP AA 29 -51.46 7.89 24.03
N ALA AA 30 -52.19 7.33 23.07
CA ALA AA 30 -53.60 7.63 22.92
C ALA AA 30 -54.48 6.97 23.98
N THR AA 31 -53.95 6.00 24.73
CA THR AA 31 -54.74 5.28 25.73
C THR AA 31 -54.75 5.96 27.08
N ILE AA 32 -54.22 7.15 27.19
CA ILE AA 32 -54.17 7.84 28.48
C ILE AA 32 -54.69 9.26 28.26
N TYR AA 33 -55.62 9.68 29.12
CA TYR AA 33 -56.31 10.97 29.00
C TYR AA 33 -55.98 11.83 30.21
N TRP AA 34 -55.95 13.15 30.00
CA TRP AA 34 -55.43 14.10 30.97
C TRP AA 34 -56.43 15.21 31.25
N TRP AA 35 -56.68 15.43 32.54
CA TRP AA 35 -57.34 16.61 33.08
C TRP AA 35 -56.34 17.41 33.91
N GLU AA 36 -56.60 18.72 34.05
CA GLU AA 36 -55.67 19.64 34.69
C GLU AA 36 -56.43 20.62 35.57
N ASP AA 37 -55.91 20.84 36.77
CA ASP AA 37 -56.44 21.82 37.71
C ASP AA 37 -55.65 23.11 37.55
N GLN AA 38 -56.28 24.14 37.01
CA GLN AA 38 -55.59 25.38 36.65
C GLN AA 38 -55.65 26.44 37.74
N SER AA 39 -55.94 26.05 38.98
CA SER AA 39 -56.13 27.02 40.05
C SER AA 39 -54.83 27.39 40.75
N GLN AA 40 -53.71 26.82 40.34
CA GLN AA 40 -52.44 27.03 41.03
C GLN AA 40 -51.79 28.33 40.54
N ALA AA 41 -50.57 28.58 41.03
CA ALA AA 41 -49.97 29.91 40.89
C ALA AA 41 -49.48 30.19 39.47
N SER AA 42 -48.88 29.20 38.82
CA SER AA 42 -48.46 29.30 37.43
C SER AA 42 -48.50 27.93 36.82
N PRO AA 43 -48.49 27.81 35.48
CA PRO AA 43 -48.80 26.50 34.86
C PRO AA 43 -47.91 25.37 35.31
N ALA AA 44 -46.62 25.63 35.58
CA ALA AA 44 -45.74 24.55 36.00
C ALA AA 44 -46.27 23.81 37.23
N GLY AA 45 -47.03 24.50 38.08
CA GLY AA 45 -47.60 23.94 39.27
C GLY AA 45 -49.05 23.48 39.19
N TYR AA 46 -49.65 23.48 38.00
CA TYR AA 46 -51.02 23.00 37.83
C TYR AA 46 -51.13 21.52 38.18
N TRP AA 47 -52.07 21.17 39.03
CA TRP AA 47 -52.27 19.77 39.37
C TRP AA 47 -52.90 19.03 38.19
N ARG AA 48 -52.54 17.76 38.04
CA ARG AA 48 -53.00 16.99 36.89
C ARG AA 48 -53.53 15.63 37.34
N LEU AA 49 -54.40 15.08 36.51
CA LEU AA 49 -55.04 13.80 36.74
C LEU AA 49 -55.07 13.06 35.41
N SER AA 50 -54.72 11.77 35.43
CA SER AA 50 -54.60 10.97 34.21
C SER AA 50 -55.32 9.64 34.40
N MET AA 51 -56.06 9.22 33.38
CA MET AA 51 -56.73 7.93 33.39
C MET AA 51 -56.40 7.17 32.12
N GLN AA 52 -56.03 5.90 32.26
CA GLN AA 52 -55.54 5.10 31.15
C GLN AA 52 -56.28 3.77 31.11
N LEU AA 53 -56.76 3.40 29.92
CA LEU AA 53 -57.43 2.14 29.67
C LEU AA 53 -56.71 1.43 28.55
N VAL AA 54 -56.13 0.27 28.86
CA VAL AA 54 -55.40 -0.53 27.89
C VAL AA 54 -56.13 -1.86 27.76
N ARG AA 55 -56.91 -1.98 26.70
CA ARG AA 55 -57.64 -3.17 26.27
C ARG AA 55 -56.80 -3.94 25.26
N PRO AA 56 -56.81 -5.26 25.34
CA PRO AA 56 -55.97 -6.05 24.44
C PRO AA 56 -56.58 -6.15 23.05
N ALA AA 57 -55.72 -6.53 22.10
CA ALA AA 57 -56.20 -6.76 20.75
C ALA AA 57 -57.30 -7.81 20.76
N PRO AA 58 -58.30 -7.68 19.88
CA PRO AA 58 -59.49 -8.53 19.99
C PRO AA 58 -59.17 -10.02 19.91
N ALA AA 59 -59.94 -10.80 20.65
CA ALA AA 59 -59.79 -12.24 20.66
C ALA AA 59 -59.99 -12.79 19.25
N LYS AA 60 -59.19 -13.79 18.90
CA LYS AA 60 -59.26 -14.40 17.58
C LYS AA 60 -59.90 -15.79 17.68
N ALA AA 61 -60.39 -16.27 16.55
CA ALA AA 61 -61.10 -17.55 16.52
C ALA AA 61 -60.16 -18.67 16.95
N GLY AA 62 -60.62 -19.48 17.91
CA GLY AA 62 -59.82 -20.57 18.43
C GLY AA 62 -58.64 -20.17 19.28
N GLN AA 63 -58.46 -18.87 19.57
CA GLN AA 63 -57.34 -18.41 20.37
C GLN AA 63 -57.59 -18.71 21.85
N ASN AA 64 -56.52 -18.75 22.62
CA ASN AA 64 -56.61 -19.03 24.04
C ASN AA 64 -56.58 -17.73 24.84
N THR AA 65 -57.58 -17.53 25.68
CA THR AA 65 -57.79 -16.26 26.36
C THR AA 65 -57.11 -16.16 27.73
N ASN AA 66 -56.62 -17.28 28.28
CA ASN AA 66 -56.40 -17.37 29.72
C ASN AA 66 -55.29 -16.44 30.20
N GLN AA 67 -54.61 -15.72 29.30
CA GLN AA 67 -53.60 -14.77 29.72
C GLN AA 67 -53.87 -13.33 29.27
N ARG AA 68 -54.90 -13.09 28.46
CA ARG AA 68 -55.16 -11.73 28.01
C ARG AA 68 -55.75 -10.91 29.14
N MET AA 69 -55.30 -9.66 29.28
CA MET AA 69 -55.68 -8.84 30.42
C MET AA 69 -55.85 -7.37 30.04
N ILE AA 70 -56.72 -6.70 30.79
CA ILE AA 70 -57.03 -5.28 30.62
C ILE AA 70 -56.42 -4.53 31.79
N ARG AA 71 -55.83 -3.38 31.53
CA ARG AA 71 -55.22 -2.57 32.59
C ARG AA 71 -55.87 -1.20 32.63
N VAL AA 72 -56.03 -0.67 33.84
CA VAL AA 72 -56.55 0.69 34.03
C VAL AA 72 -55.66 1.38 35.05
N ARG AA 73 -55.13 2.55 34.69
CA ARG AA 73 -54.21 3.29 35.56
C ARG AA 73 -54.76 4.69 35.79
N VAL AA 74 -55.01 5.02 37.06
CA VAL AA 74 -55.43 6.36 37.46
C VAL AA 74 -54.28 6.99 38.25
N SER AA 75 -53.87 8.18 37.85
CA SER AA 75 -52.71 8.83 38.44
C SER AA 75 -53.05 10.29 38.77
N THR AA 76 -52.61 10.76 39.93
CA THR AA 76 -52.84 12.15 40.34
C THR AA 76 -51.52 12.77 40.77
N PHE AA 77 -51.23 13.96 40.23
CA PHE AA 77 -50.02 14.71 40.51
C PHE AA 77 -50.40 16.07 41.07
N GLU AA 78 -49.84 16.41 42.24
CA GLU AA 78 -50.15 17.67 42.91
C GLU AA 78 -48.86 18.42 43.21
N PRO AA 79 -48.16 18.90 42.18
CA PRO AA 79 -46.89 19.58 42.41
C PRO AA 79 -47.07 20.86 43.21
N ILE AA 80 -46.13 21.10 44.13
CA ILE AA 80 -46.13 22.28 44.99
C ILE AA 80 -45.06 23.23 44.46
N LEU AA 81 -45.48 24.44 44.08
CA LEU AA 81 -44.56 25.41 43.53
C LEU AA 81 -43.65 25.98 44.60
N GLU AA 82 -42.39 26.19 44.25
CA GLU AA 82 -41.46 26.81 45.18
C GLU AA 82 -41.86 28.26 45.42
N VAL AA 83 -41.75 28.69 46.68
CA VAL AA 83 -41.99 30.09 47.04
C VAL AA 83 -40.67 30.82 47.03
N ALA AA 84 -40.64 31.96 46.34
CA ALA AA 84 -39.39 32.67 46.10
C ALA AA 84 -38.95 33.40 47.35
N VAL AA 85 -37.63 33.45 47.56
CA VAL AA 85 -37.03 34.35 48.54
C VAL AA 85 -36.06 35.24 47.81
N THR AA 86 -35.38 36.11 48.55
CA THR AA 86 -34.49 37.08 47.93
C THR AA 86 -33.30 36.38 47.28
N ALA AA 87 -33.13 36.57 45.99
CA ALA AA 87 -31.97 36.04 45.26
C ALA AA 87 -30.82 37.04 45.40
N THR AA 88 -29.65 36.55 45.80
CA THR AA 88 -28.55 37.41 46.16
C THR AA 88 -27.41 37.42 45.17
N TYR AA 89 -27.29 36.40 44.31
CA TYR AA 89 -26.21 36.40 43.32
C TYR AA 89 -26.49 37.41 42.21
N SER AA 90 -27.66 37.32 41.59
CA SER AA 90 -27.99 38.17 40.46
C SER AA 90 -29.07 39.21 40.76
N GLY AA 91 -29.77 39.09 41.90
CA GLY AA 91 -30.86 39.99 42.19
C GLY AA 91 -32.06 39.80 41.31
N ILE AA 92 -32.06 38.76 40.49
CA ILE AA 92 -33.14 38.45 39.55
C ILE AA 92 -33.89 37.25 40.11
N ALA AA 93 -35.16 37.46 40.47
CA ALA AA 93 -35.95 36.39 41.05
C ALA AA 93 -36.05 35.23 40.07
N PRO AA 94 -36.06 33.99 40.55
CA PRO AA 94 -35.98 32.84 39.64
C PRO AA 94 -37.31 32.53 38.98
N SER AA 95 -37.20 31.88 37.83
CA SER AA 95 -38.38 31.39 37.14
C SER AA 95 -39.18 30.47 38.07
N PRO AA 96 -40.49 30.37 37.88
CA PRO AA 96 -41.29 29.47 38.74
C PRO AA 96 -40.76 28.06 38.59
N THR AA 97 -40.39 27.46 39.72
CA THR AA 97 -39.80 26.14 39.75
C THR AA 97 -40.63 25.24 40.67
N VAL AA 98 -40.76 23.98 40.29
CA VAL AA 98 -41.50 23.03 41.10
C VAL AA 98 -40.62 22.56 42.25
N SER AA 99 -41.13 22.70 43.47
CA SER AA 99 -40.33 22.34 44.64
C SER AA 99 -40.31 20.83 44.89
N TYR AA 100 -41.49 20.21 44.94
CA TYR AA 100 -41.59 18.77 45.11
C TYR AA 100 -42.97 18.33 44.65
N VAL AA 101 -43.12 17.04 44.38
CA VAL AA 101 -44.40 16.56 43.85
C VAL AA 101 -44.93 15.36 44.63
N PRO AA 102 -45.94 15.56 45.47
CA PRO AA 102 -46.69 14.42 46.01
C PRO AA 102 -47.57 13.82 44.92
N LYS AA 103 -47.51 12.50 44.76
CA LYS AA 103 -48.25 11.90 43.67
C LYS AA 103 -48.77 10.53 44.07
N ALA AA 104 -49.72 10.03 43.29
CA ALA AA 104 -50.31 8.73 43.53
C ALA AA 104 -50.61 8.03 42.21
N PHE AA 105 -50.44 6.72 42.21
CA PHE AA 105 -50.55 5.89 41.00
C PHE AA 105 -51.29 4.62 41.37
N THR AA 106 -52.45 4.38 40.77
CA THR AA 106 -53.25 3.18 41.01
C THR AA 106 -53.40 2.41 39.70
N GLU AA 107 -53.10 1.11 39.74
CA GLU AA 107 -53.22 0.24 38.56
C GLU AA 107 -54.12 -0.93 38.90
N PHE AA 108 -55.18 -1.08 38.13
CA PHE AA 108 -56.06 -2.24 38.17
C PHE AA 108 -55.63 -3.19 37.05
N VAL AA 109 -55.40 -4.44 37.42
CA VAL AA 109 -55.20 -5.54 36.48
C VAL AA 109 -56.46 -6.38 36.50
N LEU AA 110 -57.24 -6.29 35.42
CA LEU AA 110 -58.51 -6.99 35.28
C LEU AA 110 -58.35 -7.98 34.14
N PRO AA 111 -58.21 -9.27 34.41
CA PRO AA 111 -58.15 -10.24 33.31
C PRO AA 111 -59.45 -10.22 32.52
N GLU AA 112 -59.32 -10.33 31.18
CA GLU AA 112 -60.48 -10.21 30.31
C GLU AA 112 -61.56 -11.21 30.69
N ARG AA 113 -61.14 -12.41 31.08
CA ARG AA 113 -62.03 -13.45 31.59
C ARG AA 113 -62.95 -12.97 32.72
N ALA AA 114 -62.56 -11.95 33.49
CA ALA AA 114 -63.28 -11.62 34.70
C ALA AA 114 -64.65 -11.02 34.40
N THR AA 115 -65.61 -11.27 35.31
CA THR AA 115 -66.97 -10.81 35.14
C THR AA 115 -67.14 -9.37 35.64
N LEU AA 116 -68.23 -8.75 35.18
CA LEU AA 116 -68.59 -7.41 35.63
C LEU AA 116 -68.63 -7.33 37.14
N ASP AA 117 -69.17 -8.38 37.79
CA ASP AA 117 -69.18 -8.39 39.24
C ASP AA 117 -67.78 -8.36 39.81
N ASN AA 118 -66.85 -9.11 39.21
CA ASN AA 118 -65.46 -9.09 39.66
C ASN AA 118 -64.87 -7.68 39.56
N ARG AA 119 -65.15 -6.99 38.45
CA ARG AA 119 -64.58 -5.66 38.26
C ARG AA 119 -65.19 -4.66 39.23
N LYS AA 120 -66.51 -4.72 39.45
CA LYS AA 120 -67.15 -3.85 40.42
C LYS AA 120 -66.60 -4.10 41.82
N ASP AA 121 -66.38 -5.38 42.15
CA ASP AA 121 -65.79 -5.76 43.45
C ASP AA 121 -64.43 -5.12 43.64
N ILE AA 122 -63.53 -5.33 42.68
CA ILE AA 122 -62.15 -4.85 42.87
C ILE AA 122 -62.12 -3.33 42.93
N ARG AA 123 -62.89 -2.65 42.07
CA ARG AA 123 -62.91 -1.19 42.10
C ARG AA 123 -63.42 -0.68 43.44
N LYS AA 124 -64.63 -1.09 43.83
CA LYS AA 124 -65.21 -0.59 45.07
C LYS AA 124 -64.32 -0.90 46.27
N MET AA 125 -63.82 -2.13 46.34
CA MET AA 125 -63.14 -2.56 47.56
C MET AA 125 -61.78 -1.91 47.69
N HIS AA 126 -61.08 -1.69 46.56
CA HIS AA 126 -59.81 -0.96 46.65
C HIS AA 126 -60.05 0.51 47.00
N ALA AA 127 -61.02 1.16 46.33
CA ALA AA 127 -61.31 2.56 46.63
C ALA AA 127 -61.68 2.74 48.09
N LEU AA 128 -62.31 1.73 48.69
CA LEU AA 128 -62.59 1.77 50.12
C LEU AA 128 -61.32 1.51 50.94
N ALA AA 129 -60.48 0.58 50.49
CA ALA AA 129 -59.26 0.26 51.23
C ALA AA 129 -58.36 1.47 51.36
N LEU AA 130 -58.44 2.41 50.42
CA LEU AA 130 -57.69 3.64 50.53
C LEU AA 130 -58.25 4.61 51.57
N THR AA 131 -59.43 4.33 52.13
CA THR AA 131 -60.04 5.21 53.13
C THR AA 131 -60.07 4.61 54.52
N THR AA 132 -59.49 3.42 54.72
CA THR AA 132 -59.46 2.79 56.02
C THR AA 132 -58.63 3.61 57.01
N SER AA 133 -58.91 3.43 58.30
CA SER AA 133 -58.14 4.13 59.32
C SER AA 133 -56.67 3.80 59.23
N GLU AA 134 -56.34 2.56 58.84
CA GLU AA 134 -54.96 2.15 58.68
C GLU AA 134 -54.29 2.89 57.54
N ALA AA 135 -54.97 3.00 56.39
CA ALA AA 135 -54.43 3.75 55.27
C ALA AA 135 -54.26 5.22 55.62
N ILE AA 136 -55.22 5.79 56.35
CA ILE AA 136 -55.11 7.19 56.77
C ILE AA 136 -53.91 7.37 57.68
N ALA AA 137 -53.70 6.43 58.61
CA ALA AA 137 -52.57 6.53 59.52
C ALA AA 137 -51.23 6.41 58.80
N MET AA 138 -51.16 5.54 57.79
CA MET AA 138 -49.89 5.36 57.08
C MET AA 138 -49.57 6.56 56.19
N ILE AA 139 -50.57 7.03 55.44
CA ILE AA 139 -50.27 8.09 54.46
C ILE AA 139 -50.19 9.45 55.14
N GLU AA 140 -51.08 9.75 56.07
CA GLU AA 140 -51.12 11.07 56.67
C GLU AA 140 -50.19 11.19 57.88
N SER AA 141 -50.21 10.21 58.77
CA SER AA 141 -49.47 10.26 60.03
C SER AA 141 -48.19 9.44 60.01
N LEU AA 142 -47.94 8.69 58.94
CA LEU AA 142 -46.68 7.97 58.75
C LEU AA 142 -46.46 6.92 59.84
N GLN AA 143 -47.49 6.15 60.13
CA GLN AA 143 -47.47 5.12 61.16
C GLN AA 143 -47.82 3.77 60.57
N PHE AA 144 -47.02 2.76 60.90
CA PHE AA 144 -47.28 1.40 60.47
C PHE AA 144 -48.24 0.71 61.47
N VAL AA 145 -48.57 -0.55 61.20
CA VAL AA 145 -49.43 -1.33 62.09
C VAL AA 145 -48.58 -2.40 62.77
N TYR AA 146 -48.93 -2.74 64.00
CA TYR AA 146 -48.07 -3.59 64.81
C TYR AA 146 -48.83 -4.62 65.63
N PRO BA 1 -4.39 -13.31 -129.34
CA PRO BA 1 -4.66 -12.09 -130.10
C PRO BA 1 -4.01 -10.86 -129.46
N GLN BA 2 -3.73 -9.83 -130.25
CA GLN BA 2 -3.16 -8.62 -129.69
C GLN BA 2 -4.19 -7.86 -128.87
N ALA BA 3 -3.71 -7.21 -127.82
CA ALA BA 3 -4.59 -6.52 -126.89
C ALA BA 3 -5.10 -5.23 -127.49
N ALA BA 4 -6.41 -5.01 -127.37
CA ALA BA 4 -7.02 -3.77 -127.87
C ALA BA 4 -8.16 -3.37 -126.93
N ASP BA 5 -8.75 -2.20 -127.22
CA ASP BA 5 -9.81 -1.65 -126.38
C ASP BA 5 -10.95 -2.64 -126.22
N ILE BA 6 -11.54 -2.67 -125.02
CA ILE BA 6 -12.70 -3.51 -124.74
C ILE BA 6 -13.85 -2.59 -124.40
N VAL BA 7 -14.93 -2.66 -125.16
CA VAL BA 7 -16.06 -1.75 -124.97
C VAL BA 7 -17.24 -2.52 -124.42
N ILE BA 8 -17.76 -2.07 -123.28
CA ILE BA 8 -18.84 -2.74 -122.58
C ILE BA 8 -19.93 -1.73 -122.27
N ALA BA 9 -21.18 -2.13 -122.49
CA ALA BA 9 -22.31 -1.22 -122.34
C ALA BA 9 -22.71 -1.04 -120.88
N ASP BA 10 -23.17 0.16 -120.55
CA ASP BA 10 -23.69 0.49 -119.24
C ASP BA 10 -25.02 -0.21 -119.00
N ALA BA 11 -25.57 -0.02 -117.80
CA ALA BA 11 -26.92 -0.46 -117.49
C ALA BA 11 -27.84 0.71 -117.18
N GLN BA 12 -27.53 1.88 -117.72
CA GLN BA 12 -28.38 3.04 -117.52
C GLN BA 12 -29.65 2.93 -118.37
N ALA BA 13 -30.58 3.85 -118.12
CA ALA BA 13 -31.78 3.95 -118.93
C ALA BA 13 -31.42 4.02 -120.40
N THR BA 14 -30.58 5.00 -120.76
CA THR BA 14 -29.92 4.99 -122.06
C THR BA 14 -28.50 4.49 -121.84
N PRO BA 15 -28.17 3.27 -122.24
CA PRO BA 15 -26.84 2.73 -121.95
C PRO BA 15 -25.72 3.59 -122.50
N VAL BA 16 -24.60 3.61 -121.78
CA VAL BA 16 -23.42 4.38 -122.13
C VAL BA 16 -22.24 3.43 -122.30
N ASN BA 17 -21.56 3.52 -123.43
CA ASN BA 17 -20.43 2.62 -123.68
C ASN BA 17 -19.23 3.06 -122.83
N HIS BA 18 -18.71 2.14 -122.04
CA HIS BA 18 -17.46 2.33 -121.32
C HIS BA 18 -16.35 1.64 -122.08
N THR BA 19 -15.28 2.38 -122.37
CA THR BA 19 -14.16 1.87 -123.15
C THR BA 19 -12.99 1.62 -122.21
N PHE BA 20 -12.62 0.34 -122.05
CA PHE BA 20 -11.50 -0.10 -121.24
C PHE BA 20 -10.26 -0.17 -122.12
N VAL BA 21 -9.38 0.82 -121.99
CA VAL BA 21 -8.12 0.87 -122.72
C VAL BA 21 -7.17 -0.15 -122.11
N PRO BA 22 -6.39 -0.89 -122.91
CA PRO BA 22 -5.43 -1.84 -122.31
C PRO BA 22 -4.31 -1.11 -121.60
N ILE BA 23 -4.16 -1.38 -120.31
CA ILE BA 23 -3.04 -0.86 -119.54
C ILE BA 23 -1.83 -1.76 -119.68
N GLY BA 24 -2.03 -3.07 -119.66
CA GLY BA 24 -0.91 -3.98 -119.85
C GLY BA 24 -0.90 -5.10 -118.84
N PRO BA 25 0.13 -5.93 -118.89
CA PRO BA 25 0.20 -7.06 -117.97
C PRO BA 25 0.55 -6.61 -116.57
N ASP BA 26 0.11 -7.40 -115.59
CA ASP BA 26 0.37 -7.11 -114.18
C ASP BA 26 1.86 -7.28 -113.89
N PRO BA 27 2.51 -6.32 -113.23
CA PRO BA 27 3.94 -6.46 -112.95
C PRO BA 27 4.27 -7.70 -112.12
N LYS BA 28 3.39 -8.06 -111.17
CA LYS BA 28 3.67 -9.20 -110.31
C LYS BA 28 3.44 -10.52 -111.02
N ASP BA 29 2.38 -10.62 -111.84
CA ASP BA 29 2.01 -11.87 -112.50
C ASP BA 29 1.90 -11.62 -114.00
N ALA BA 30 2.70 -12.35 -114.78
CA ALA BA 30 2.68 -12.19 -116.23
C ALA BA 30 1.46 -12.83 -116.88
N THR BA 31 0.66 -13.59 -116.13
CA THR BA 31 -0.50 -14.28 -116.69
C THR BA 31 -1.78 -13.47 -116.62
N ILE BA 32 -1.76 -12.30 -116.02
CA ILE BA 32 -2.97 -11.52 -115.84
C ILE BA 32 -2.75 -10.15 -116.50
N TYR BA 33 -3.76 -9.71 -117.25
CA TYR BA 33 -3.67 -8.52 -118.10
C TYR BA 33 -4.80 -7.57 -117.71
N TRP BA 34 -4.50 -6.26 -117.74
CA TRP BA 34 -5.36 -5.23 -117.19
C TRP BA 34 -5.76 -4.22 -118.26
N TRP BA 35 -7.07 -4.01 -118.38
CA TRP BA 35 -7.69 -2.91 -119.09
C TRP BA 35 -8.35 -1.97 -118.07
N GLU BA 36 -8.46 -0.69 -118.43
CA GLU BA 36 -8.92 0.35 -117.52
C GLU BA 36 -9.81 1.35 -118.23
N ASP BA 37 -10.98 1.61 -117.66
CA ASP BA 37 -11.89 2.67 -118.08
C ASP BA 37 -11.52 3.94 -117.33
N GLN BA 38 -11.00 4.92 -118.08
CA GLN BA 38 -10.41 6.14 -117.56
C GLN BA 38 -11.36 7.33 -117.66
N SER BA 39 -12.67 7.08 -117.75
CA SER BA 39 -13.65 8.12 -117.93
C SER BA 39 -14.16 8.71 -116.62
N GLN BA 40 -13.69 8.20 -115.48
CA GLN BA 40 -14.22 8.60 -114.19
C GLN BA 40 -13.51 9.88 -113.74
N ALA BA 41 -13.80 10.32 -112.51
CA ALA BA 41 -13.35 11.63 -112.03
C ALA BA 41 -11.83 11.70 -111.93
N SER BA 42 -11.23 10.89 -111.07
CA SER BA 42 -9.79 10.85 -110.90
C SER BA 42 -9.35 9.39 -110.94
N PRO BA 43 -8.07 9.12 -111.17
CA PRO BA 43 -7.65 7.74 -111.45
C PRO BA 43 -7.96 6.73 -110.36
N ALA BA 44 -8.19 7.18 -109.12
CA ALA BA 44 -8.54 6.25 -108.05
C ALA BA 44 -9.89 5.59 -108.27
N GLY BA 45 -10.77 6.20 -109.08
CA GLY BA 45 -12.08 5.67 -109.38
C GLY BA 45 -12.23 5.07 -110.76
N TYR BA 46 -11.12 4.86 -111.48
CA TYR BA 46 -11.15 4.25 -112.81
C TYR BA 46 -11.64 2.82 -112.72
N TRP BA 47 -12.51 2.41 -113.64
CA TRP BA 47 -12.99 1.04 -113.59
C TRP BA 47 -12.00 0.10 -114.25
N ARG BA 48 -11.89 -1.12 -113.74
CA ARG BA 48 -10.82 -1.99 -114.18
C ARG BA 48 -11.37 -3.35 -114.57
N LEU BA 49 -10.67 -4.00 -115.50
CA LEU BA 49 -11.05 -5.30 -116.01
C LEU BA 49 -9.76 -6.11 -116.17
N SER BA 50 -9.70 -7.27 -115.55
CA SER BA 50 -8.51 -8.12 -115.57
C SER BA 50 -8.87 -9.49 -116.13
N MET BA 51 -8.07 -9.98 -117.06
CA MET BA 51 -8.24 -11.32 -117.61
C MET BA 51 -6.95 -12.10 -117.44
N GLN BA 52 -7.06 -13.34 -116.94
CA GLN BA 52 -5.91 -14.16 -116.59
C GLN BA 52 -6.05 -15.56 -117.16
N LEU BA 53 -4.98 -16.04 -117.79
CA LEU BA 53 -4.94 -17.38 -118.38
C LEU BA 53 -3.71 -18.10 -117.83
N VAL BA 54 -3.95 -19.11 -117.00
CA VAL BA 54 -2.89 -19.89 -116.36
C VAL BA 54 -2.88 -21.26 -117.01
N ARG BA 55 -1.91 -21.45 -117.91
CA ARG BA 55 -1.59 -22.72 -118.55
C ARG BA 55 -0.63 -23.51 -117.68
N PRO BA 56 -0.82 -24.82 -117.56
CA PRO BA 56 0.20 -25.64 -116.91
C PRO BA 56 1.43 -25.80 -117.79
N ALA BA 57 2.55 -26.15 -117.14
CA ALA BA 57 3.83 -26.21 -117.86
C ALA BA 57 3.83 -27.36 -118.87
N PRO BA 58 4.42 -27.18 -120.05
CA PRO BA 58 4.38 -28.25 -121.06
C PRO BA 58 5.07 -29.52 -120.60
N ALA BA 59 4.35 -30.63 -120.67
CA ALA BA 59 4.88 -31.92 -120.27
C ALA BA 59 4.16 -33.05 -120.97
N THR BA 65 -0.76 -36.36 -113.81
CA THR BA 65 -0.74 -35.63 -115.09
C THR BA 65 -2.12 -35.62 -115.77
N ASN BA 66 -3.08 -36.37 -115.24
CA ASN BA 66 -4.47 -36.18 -115.60
C ASN BA 66 -5.17 -35.22 -114.66
N GLN BA 67 -4.42 -34.57 -113.78
CA GLN BA 67 -4.91 -33.51 -112.91
C GLN BA 67 -4.30 -32.17 -113.32
N ARG BA 68 -4.14 -31.96 -114.62
CA ARG BA 68 -3.55 -30.73 -115.15
C ARG BA 68 -4.68 -29.88 -115.67
N MET BA 69 -4.86 -28.69 -115.11
CA MET BA 69 -6.04 -27.91 -115.41
C MET BA 69 -5.63 -26.50 -115.77
N ILE BA 70 -6.23 -25.98 -116.83
CA ILE BA 70 -6.06 -24.61 -117.28
C ILE BA 70 -7.07 -23.74 -116.54
N ARG BA 71 -6.62 -22.61 -116.02
CA ARG BA 71 -7.53 -21.71 -115.32
C ARG BA 71 -7.66 -20.40 -116.07
N VAL BA 72 -8.85 -19.81 -116.02
CA VAL BA 72 -9.12 -18.51 -116.64
C VAL BA 72 -9.93 -17.69 -115.65
N ARG BA 73 -9.44 -16.49 -115.33
CA ARG BA 73 -10.12 -15.62 -114.37
C ARG BA 73 -10.40 -14.27 -115.01
N VAL BA 74 -11.67 -13.87 -115.02
CA VAL BA 74 -12.10 -12.56 -115.49
C VAL BA 74 -12.67 -11.81 -114.30
N SER BA 75 -12.16 -10.60 -114.08
CA SER BA 75 -12.52 -9.84 -112.89
C SER BA 75 -12.83 -8.40 -113.30
N THR BA 76 -13.93 -7.85 -112.78
CA THR BA 76 -14.33 -6.47 -113.06
C THR BA 76 -14.51 -5.72 -111.75
N PHE BA 77 -13.86 -4.55 -111.66
CA PHE BA 77 -13.94 -3.68 -110.49
C PHE BA 77 -14.53 -2.35 -110.92
N GLU BA 78 -15.55 -1.88 -110.20
CA GLU BA 78 -16.23 -0.62 -110.51
C GLU BA 78 -16.29 0.27 -109.28
N PRO BA 79 -15.16 0.83 -108.85
CA PRO BA 79 -15.16 1.67 -107.66
C PRO BA 79 -15.97 2.94 -107.87
N ILE BA 80 -16.61 3.39 -106.79
CA ILE BA 80 -17.46 4.58 -106.78
C ILE BA 80 -16.82 5.62 -105.88
N LEU BA 81 -16.43 6.77 -106.46
CA LEU BA 81 -15.76 7.80 -105.70
C LEU BA 81 -16.77 8.62 -104.90
N GLU BA 82 -16.27 9.23 -103.82
CA GLU BA 82 -17.08 10.17 -103.05
C GLU BA 82 -17.19 11.50 -103.80
N VAL BA 83 -18.35 12.15 -103.67
CA VAL BA 83 -18.60 13.38 -104.39
C VAL BA 83 -17.76 14.51 -103.79
N ALA BA 84 -17.42 15.49 -104.63
CA ALA BA 84 -16.64 16.63 -104.16
C ALA BA 84 -17.31 17.29 -102.97
N VAL BA 85 -16.49 17.71 -102.00
CA VAL BA 85 -16.99 18.27 -100.75
C VAL BA 85 -17.29 19.76 -100.91
N THR BA 86 -18.35 20.22 -100.23
CA THR BA 86 -18.69 21.63 -100.22
C THR BA 86 -18.11 22.35 -99.02
N ALA BA 87 -17.76 21.61 -97.97
CA ALA BA 87 -17.24 22.22 -96.76
C ALA BA 87 -16.59 21.13 -95.90
N THR BA 88 -15.42 21.43 -95.36
CA THR BA 88 -14.76 20.55 -94.41
C THR BA 88 -14.37 21.35 -93.17
N TYR BA 89 -13.81 20.66 -92.18
CA TYR BA 89 -13.53 21.34 -90.91
C TYR BA 89 -12.42 22.36 -91.08
N SER BA 90 -11.45 22.08 -91.95
CA SER BA 90 -10.29 22.93 -92.13
C SER BA 90 -10.39 23.85 -93.34
N GLY BA 91 -11.31 23.58 -94.26
CA GLY BA 91 -11.42 24.39 -95.46
C GLY BA 91 -10.63 23.90 -96.64
N ILE BA 92 -9.85 22.83 -96.48
CA ILE BA 92 -9.11 22.21 -97.58
C ILE BA 92 -9.83 20.94 -97.97
N ALA BA 93 -10.13 20.80 -99.26
CA ALA BA 93 -10.87 19.63 -99.72
C ALA BA 93 -9.99 18.38 -99.63
N PRO BA 94 -10.54 17.25 -99.19
CA PRO BA 94 -9.75 16.03 -99.08
C PRO BA 94 -9.42 15.44 -100.44
N SER BA 95 -8.39 14.60 -100.45
CA SER BA 95 -8.00 13.90 -101.67
C SER BA 95 -9.15 13.02 -102.14
N PRO BA 96 -9.24 12.75 -103.44
CA PRO BA 96 -10.31 11.87 -103.93
C PRO BA 96 -10.21 10.51 -103.27
N THR BA 97 -11.31 10.09 -102.66
CA THR BA 97 -11.35 8.84 -101.90
C THR BA 97 -12.43 7.93 -102.47
N VAL BA 98 -12.22 6.63 -102.30
CA VAL BA 98 -13.15 5.63 -102.82
C VAL BA 98 -14.18 5.33 -101.74
N SER BA 99 -15.46 5.45 -102.10
CA SER BA 99 -16.53 5.22 -101.15
C SER BA 99 -16.77 3.73 -100.92
N TYR BA 100 -16.95 2.97 -102.00
CA TYR BA 100 -17.18 1.54 -101.92
C TYR BA 100 -16.90 0.95 -103.29
N VAL BA 101 -16.69 -0.36 -103.33
CA VAL BA 101 -16.32 -1.00 -104.59
C VAL BA 101 -17.13 -2.26 -104.85
N PRO BA 102 -18.16 -2.21 -105.70
CA PRO BA 102 -18.77 -3.44 -106.19
C PRO BA 102 -17.86 -4.11 -107.21
N LYS BA 103 -17.73 -5.43 -107.11
CA LYS BA 103 -16.80 -6.12 -107.98
C LYS BA 103 -17.31 -7.53 -108.27
N ALA BA 104 -16.69 -8.15 -109.28
CA ALA BA 104 -17.07 -9.49 -109.70
C ALA BA 104 -15.85 -10.27 -110.15
N PHE BA 105 -15.84 -11.56 -109.84
CA PHE BA 105 -14.71 -12.44 -110.08
C PHE BA 105 -15.27 -13.76 -110.63
N THR BA 106 -14.85 -14.14 -111.84
CA THR BA 106 -15.29 -15.40 -112.46
C THR BA 106 -14.07 -16.24 -112.80
N GLU BA 107 -14.11 -17.52 -112.46
CA GLU BA 107 -13.01 -18.44 -112.68
C GLU BA 107 -13.52 -19.69 -113.39
N PHE BA 108 -12.92 -19.99 -114.54
CA PHE BA 108 -13.15 -21.21 -115.27
C PHE BA 108 -12.01 -22.17 -114.96
N VAL BA 109 -12.36 -23.39 -114.60
CA VAL BA 109 -11.43 -24.50 -114.43
C VAL BA 109 -11.68 -25.47 -115.58
N LEU BA 110 -10.70 -25.57 -116.47
CA LEU BA 110 -10.84 -26.31 -117.71
C LEU BA 110 -9.78 -27.40 -117.77
N PRO BA 111 -10.12 -28.66 -117.51
CA PRO BA 111 -9.11 -29.72 -117.58
C PRO BA 111 -8.46 -29.78 -118.95
N GLU BA 112 -7.19 -30.17 -118.98
CA GLU BA 112 -6.44 -30.18 -120.22
C GLU BA 112 -7.00 -31.21 -121.21
N ARG BA 113 -7.69 -32.24 -120.72
CA ARG BA 113 -8.35 -33.19 -121.60
C ARG BA 113 -9.64 -32.66 -122.21
N ALA BA 114 -10.12 -31.49 -121.79
CA ALA BA 114 -11.44 -31.02 -122.20
C ALA BA 114 -11.40 -30.48 -123.62
N THR BA 115 -12.40 -30.85 -124.42
CA THR BA 115 -12.41 -30.51 -125.83
C THR BA 115 -12.97 -29.11 -126.03
N LEU BA 116 -12.69 -28.56 -127.22
CA LEU BA 116 -13.19 -27.24 -127.59
C LEU BA 116 -14.68 -27.14 -127.39
N ASP BA 117 -15.42 -28.22 -127.69
CA ASP BA 117 -16.86 -28.20 -127.47
C ASP BA 117 -17.19 -28.01 -126.00
N ASN BA 118 -16.46 -28.72 -125.11
CA ASN BA 118 -16.69 -28.57 -123.67
C ASN BA 118 -16.43 -27.14 -123.22
N ARG BA 119 -15.36 -26.53 -123.74
CA ARG BA 119 -15.02 -25.17 -123.34
C ARG BA 119 -16.08 -24.18 -123.82
N LYS BA 120 -16.53 -24.32 -125.07
CA LYS BA 120 -17.60 -23.45 -125.59
C LYS BA 120 -18.87 -23.62 -124.76
N ASP BA 121 -19.19 -24.86 -124.39
CA ASP BA 121 -20.36 -25.15 -123.58
C ASP BA 121 -20.28 -24.43 -122.24
N ILE BA 122 -19.18 -24.62 -121.51
CA ILE BA 122 -19.09 -24.06 -120.16
C ILE BA 122 -19.11 -22.53 -120.20
N ARG BA 123 -18.40 -21.94 -121.17
CA ARG BA 123 -18.39 -20.48 -121.28
C ARG BA 123 -19.79 -19.94 -121.58
N LYS BA 124 -20.40 -20.41 -122.68
CA LYS BA 124 -21.72 -19.91 -123.05
C LYS BA 124 -22.73 -20.11 -121.94
N MET BA 125 -22.71 -21.29 -121.32
CA MET BA 125 -23.76 -21.64 -120.37
C MET BA 125 -23.60 -20.89 -119.06
N HIS BA 126 -22.38 -20.68 -118.60
CA HIS BA 126 -22.18 -19.90 -117.39
C HIS BA 126 -22.54 -18.43 -117.63
N ALA BA 127 -22.07 -17.86 -118.74
CA ALA BA 127 -22.42 -16.47 -119.07
C ALA BA 127 -23.94 -16.31 -119.11
N LEU BA 128 -24.64 -17.28 -119.68
CA LEU BA 128 -26.10 -17.24 -119.67
C LEU BA 128 -26.64 -17.36 -118.25
N ALA BA 129 -26.05 -18.24 -117.44
CA ALA BA 129 -26.51 -18.44 -116.07
C ALA BA 129 -26.43 -17.16 -115.25
N LEU BA 130 -25.56 -16.23 -115.63
CA LEU BA 130 -25.51 -14.93 -114.99
C LEU BA 130 -26.63 -14.00 -115.41
N THR BA 131 -27.41 -14.34 -116.44
CA THR BA 131 -28.47 -13.47 -116.93
C THR BA 131 -29.86 -14.04 -116.75
N THR BA 132 -29.99 -15.16 -116.04
CA THR BA 132 -31.29 -15.75 -115.77
C THR BA 132 -32.12 -14.83 -114.88
N SER BA 133 -33.44 -15.04 -114.90
CA SER BA 133 -34.32 -14.24 -114.04
C SER BA 133 -33.96 -14.41 -112.57
N GLU BA 134 -33.57 -15.62 -112.18
CA GLU BA 134 -33.12 -15.88 -110.82
C GLU BA 134 -31.84 -15.12 -110.49
N ALA BA 135 -30.87 -15.15 -111.40
CA ALA BA 135 -29.62 -14.41 -111.18
C ALA BA 135 -29.88 -12.91 -111.08
N ILE BA 136 -30.79 -12.39 -111.89
CA ILE BA 136 -31.08 -10.96 -111.83
C ILE BA 136 -31.79 -10.62 -110.53
N ALA BA 137 -32.69 -11.49 -110.08
CA ALA BA 137 -33.37 -11.25 -108.81
C ALA BA 137 -32.38 -11.29 -107.64
N MET BA 138 -31.39 -12.17 -107.70
CA MET BA 138 -30.43 -12.28 -106.59
C MET BA 138 -29.45 -11.12 -106.57
N ILE BA 139 -28.90 -10.75 -107.73
CA ILE BA 139 -27.84 -9.74 -107.75
C ILE BA 139 -28.41 -8.33 -107.70
N GLU BA 140 -29.52 -8.07 -108.40
CA GLU BA 140 -30.05 -6.72 -108.46
C GLU BA 140 -31.07 -6.43 -107.37
N SER BA 141 -32.01 -7.34 -107.15
CA SER BA 141 -33.07 -7.14 -106.18
C SER BA 141 -32.78 -7.81 -104.85
N LEU BA 142 -31.73 -8.62 -104.77
CA LEU BA 142 -31.29 -9.20 -103.51
C LEU BA 142 -32.36 -10.11 -102.92
N GLN BA 143 -32.83 -11.06 -103.73
CA GLN BA 143 -33.86 -12.00 -103.33
C GLN BA 143 -33.37 -13.42 -103.55
N PHE BA 144 -33.65 -14.30 -102.59
CA PHE BA 144 -33.29 -15.70 -102.71
C PHE BA 144 -34.46 -16.46 -103.33
N VAL BA 145 -34.22 -17.73 -103.67
CA VAL BA 145 -35.26 -18.61 -104.22
C VAL BA 145 -35.80 -19.50 -103.12
N TYR BA 146 -37.12 -19.67 -103.10
CA TYR BA 146 -37.80 -20.37 -102.02
C TYR BA 146 -38.70 -21.50 -102.53
N PRO CA 1 11.39 -8.87 -134.07
CA PRO CA 1 10.20 -9.20 -134.85
C PRO CA 1 8.96 -9.31 -133.97
N GLN CA 2 7.79 -9.13 -134.56
CA GLN CA 2 6.56 -9.23 -133.79
C GLN CA 2 6.16 -10.69 -133.62
N ALA CA 3 5.30 -10.94 -132.63
CA ALA CA 3 4.76 -12.28 -132.45
C ALA CA 3 3.81 -12.59 -133.60
N ALA CA 4 4.14 -13.63 -134.37
CA ALA CA 4 3.31 -14.04 -135.50
C ALA CA 4 3.22 -15.56 -135.52
N ASP CA 5 2.27 -16.06 -136.32
CA ASP CA 5 2.16 -17.49 -136.53
C ASP CA 5 3.46 -18.04 -137.10
N ILE CA 6 3.81 -19.26 -136.70
CA ILE CA 6 4.97 -19.96 -137.24
C ILE CA 6 4.47 -21.23 -137.89
N VAL CA 7 4.75 -21.41 -139.17
CA VAL CA 7 4.20 -22.55 -139.91
C VAL CA 7 5.33 -23.51 -140.25
N ILE CA 8 5.17 -24.78 -139.85
CA ILE CA 8 6.19 -25.81 -140.00
C ILE CA 8 5.55 -27.04 -140.63
N ALA CA 9 6.25 -27.64 -141.59
CA ALA CA 9 5.71 -28.74 -142.37
C ALA CA 9 5.83 -30.08 -141.64
N ASP CA 10 4.82 -30.92 -141.82
CA ASP CA 10 4.83 -32.28 -141.31
C ASP CA 10 5.82 -33.14 -142.08
N ALA CA 11 6.06 -34.35 -141.57
CA ALA CA 11 6.86 -35.34 -142.28
C ALA CA 11 6.02 -36.46 -142.86
N GLN CA 12 4.76 -36.19 -143.16
CA GLN CA 12 3.90 -37.21 -143.76
C GLN CA 12 4.24 -37.39 -145.24
N ALA CA 13 3.65 -38.43 -145.83
CA ALA CA 13 3.80 -38.66 -147.27
C ALA CA 13 3.45 -37.40 -148.05
N THR CA 14 2.25 -36.87 -147.82
CA THR CA 14 1.90 -35.55 -148.28
C THR CA 14 2.00 -34.62 -147.08
N PRO CA 15 3.05 -33.81 -146.96
CA PRO CA 15 3.26 -33.01 -145.76
C PRO CA 15 2.06 -32.11 -145.45
N VAL CA 16 1.79 -31.96 -144.16
CA VAL CA 16 0.69 -31.14 -143.65
C VAL CA 16 1.30 -29.97 -142.87
N ASN CA 17 0.86 -28.76 -143.18
CA ASN CA 17 1.37 -27.58 -142.50
C ASN CA 17 0.73 -27.47 -141.11
N HIS CA 18 1.56 -27.45 -140.07
CA HIS CA 18 1.12 -27.16 -138.72
C HIS CA 18 1.39 -25.70 -138.43
N THR CA 19 0.35 -24.99 -137.97
CA THR CA 19 0.45 -23.57 -137.69
C THR CA 19 0.49 -23.36 -136.18
N PHE CA 20 1.62 -22.83 -135.69
CA PHE CA 20 1.83 -22.53 -134.29
C PHE CA 20 1.46 -21.06 -134.03
N VAL CA 21 0.30 -20.86 -133.42
CA VAL CA 21 -0.22 -19.54 -133.06
C VAL CA 21 0.51 -19.10 -131.80
N PRO CA 22 0.94 -17.84 -131.68
CA PRO CA 22 1.59 -17.41 -130.44
C PRO CA 22 0.64 -17.43 -129.25
N ILE CA 23 1.02 -18.15 -128.19
CA ILE CA 23 0.30 -18.11 -126.92
C ILE CA 23 0.74 -16.90 -126.12
N GLY CA 24 2.03 -16.59 -126.13
CA GLY CA 24 2.50 -15.44 -125.42
C GLY CA 24 3.76 -15.74 -124.65
N PRO CA 25 4.20 -14.80 -123.85
CA PRO CA 25 5.41 -15.02 -123.05
C PRO CA 25 5.14 -16.01 -121.92
N ASP CA 26 6.22 -16.62 -121.48
CA ASP CA 26 6.13 -17.60 -120.42
C ASP CA 26 5.68 -16.93 -119.13
N PRO CA 27 4.87 -17.61 -118.30
CA PRO CA 27 4.38 -16.96 -117.06
C PRO CA 27 5.47 -16.57 -116.09
N LYS CA 28 6.50 -17.40 -115.98
CA LYS CA 28 7.49 -17.24 -114.94
C LYS CA 28 8.82 -16.70 -115.44
N ASP CA 29 9.11 -16.79 -116.72
CA ASP CA 29 10.33 -16.26 -117.33
C ASP CA 29 9.95 -15.34 -118.48
N ALA CA 30 10.39 -14.10 -118.41
CA ALA CA 30 10.09 -13.08 -119.40
C ALA CA 30 10.99 -13.19 -120.62
N THR CA 31 11.88 -14.18 -120.67
CA THR CA 31 12.84 -14.32 -121.76
C THR CA 31 12.50 -15.47 -122.69
N ILE CA 32 11.38 -16.15 -122.48
CA ILE CA 32 11.00 -17.30 -123.29
C ILE CA 32 9.56 -17.10 -123.72
N TYR CA 33 9.30 -17.31 -125.02
CA TYR CA 33 8.01 -17.05 -125.65
C TYR CA 33 7.48 -18.34 -126.26
N TRP CA 34 6.14 -18.45 -126.34
CA TRP CA 34 5.44 -19.70 -126.61
C TRP CA 34 4.44 -19.56 -127.74
N TRP CA 35 4.59 -20.45 -128.73
CA TRP CA 35 3.62 -20.72 -129.79
C TRP CA 35 3.07 -22.14 -129.62
N GLU CA 36 1.88 -22.37 -130.17
CA GLU CA 36 1.15 -23.62 -129.96
C GLU CA 36 0.37 -24.01 -131.23
N ASP CA 37 0.48 -25.28 -131.60
CA ASP CA 37 -0.30 -25.92 -132.65
C ASP CA 37 -1.51 -26.58 -132.00
N GLN CA 38 -2.67 -25.95 -132.18
CA GLN CA 38 -3.92 -26.27 -131.51
C GLN CA 38 -4.84 -27.12 -132.37
N SER CA 39 -4.28 -27.83 -133.34
CA SER CA 39 -5.08 -28.62 -134.28
C SER CA 39 -5.44 -29.99 -133.73
N GLN CA 40 -4.78 -30.41 -132.64
CA GLN CA 40 -4.90 -31.76 -132.13
C GLN CA 40 -6.26 -31.95 -131.45
N ALA CA 41 -6.49 -33.14 -130.88
CA ALA CA 41 -7.84 -33.52 -130.48
C ALA CA 41 -8.29 -32.82 -129.20
N SER CA 42 -7.40 -32.67 -128.22
CA SER CA 42 -7.65 -31.90 -127.01
C SER CA 42 -6.33 -31.21 -126.66
N PRO CA 43 -6.38 -30.16 -125.82
CA PRO CA 43 -5.13 -29.43 -125.51
C PRO CA 43 -4.00 -30.33 -124.99
N ALA CA 44 -4.33 -31.45 -124.35
CA ALA CA 44 -3.30 -32.36 -123.86
C ALA CA 44 -2.39 -32.81 -124.98
N GLY CA 45 -2.91 -32.90 -126.21
CA GLY CA 45 -2.15 -33.28 -127.36
C GLY CA 45 -1.66 -32.16 -128.27
N TYR CA 46 -1.88 -30.89 -127.90
CA TYR CA 46 -1.40 -29.79 -128.72
C TYR CA 46 0.13 -29.80 -128.77
N TRP CA 47 0.70 -29.32 -129.88
CA TRP CA 47 2.15 -29.27 -130.00
C TRP CA 47 2.67 -27.88 -129.69
N ARG CA 48 3.79 -27.79 -129.00
CA ARG CA 48 4.24 -26.51 -128.50
C ARG CA 48 5.64 -26.20 -128.98
N LEU CA 49 5.92 -24.92 -129.19
CA LEU CA 49 7.22 -24.42 -129.62
C LEU CA 49 7.57 -23.23 -128.75
N SER CA 50 8.80 -23.19 -128.24
CA SER CA 50 9.26 -22.16 -127.33
C SER CA 50 10.62 -21.64 -127.77
N MET CA 51 10.78 -20.31 -127.76
CA MET CA 51 12.06 -19.69 -128.11
C MET CA 51 12.49 -18.75 -127.00
N GLN CA 52 13.76 -18.83 -126.62
CA GLN CA 52 14.29 -18.09 -125.47
C GLN CA 52 15.60 -17.42 -125.83
N LEU CA 53 15.71 -16.13 -125.52
CA LEU CA 53 16.92 -15.35 -125.72
C LEU CA 53 17.34 -14.79 -124.36
N VAL CA 54 18.52 -15.18 -123.90
CA VAL CA 54 19.06 -14.73 -122.63
C VAL CA 54 20.31 -13.93 -122.93
N ARG CA 55 20.22 -12.62 -122.76
CA ARG CA 55 21.21 -11.58 -122.92
C ARG CA 55 21.88 -11.29 -121.58
N PRO CA 56 23.15 -10.94 -121.56
CA PRO CA 56 23.80 -10.55 -120.31
C PRO CA 56 23.50 -9.10 -119.96
N ALA CA 57 23.77 -8.77 -118.69
CA ALA CA 57 23.56 -7.40 -118.22
C ALA CA 57 24.48 -6.46 -119.00
N PRO CA 58 24.05 -5.21 -119.23
CA PRO CA 58 24.82 -4.32 -120.12
C PRO CA 58 26.24 -4.12 -119.62
N ALA CA 59 27.14 -3.93 -120.57
CA ALA CA 59 28.57 -3.84 -120.25
C ALA CA 59 28.86 -2.56 -119.50
N LYS CA 60 29.79 -2.64 -118.54
CA LYS CA 60 30.22 -1.47 -117.80
C LYS CA 60 31.46 -0.86 -118.43
N ALA CA 61 31.65 0.43 -118.15
CA ALA CA 61 32.77 1.16 -118.76
C ALA CA 61 34.09 0.56 -118.29
N GLY CA 62 34.95 0.22 -119.25
CA GLY CA 62 36.22 -0.39 -118.93
C GLY CA 62 36.17 -1.86 -118.56
N GLN CA 63 34.98 -2.44 -118.46
CA GLN CA 63 34.85 -3.86 -118.12
C GLN CA 63 35.31 -4.73 -119.28
N ASN CA 64 35.93 -5.86 -118.95
CA ASN CA 64 36.41 -6.81 -119.94
C ASN CA 64 35.28 -7.76 -120.32
N THR CA 65 34.96 -7.82 -121.61
CA THR CA 65 33.76 -8.51 -122.07
C THR CA 65 34.04 -9.91 -122.63
N ASN CA 66 35.27 -10.42 -122.52
CA ASN CA 66 35.52 -11.67 -123.24
C ASN CA 66 34.96 -12.83 -122.56
N GLN CA 67 34.18 -12.66 -121.47
CA GLN CA 67 33.53 -13.80 -120.85
C GLN CA 67 32.00 -13.74 -120.90
N ARG CA 68 31.42 -12.63 -121.35
CA ARG CA 68 29.96 -12.50 -121.37
C ARG CA 68 29.43 -13.26 -122.59
N MET CA 69 28.27 -13.91 -122.42
CA MET CA 69 27.73 -14.78 -123.45
C MET CA 69 26.21 -14.67 -123.52
N ILE CA 70 25.70 -14.94 -124.73
CA ILE CA 70 24.28 -14.90 -125.05
C ILE CA 70 23.83 -16.32 -125.34
N ARG CA 71 22.66 -16.68 -124.83
CA ARG CA 71 22.14 -18.03 -125.04
C ARG CA 71 20.80 -17.96 -125.76
N VAL CA 72 20.58 -18.89 -126.69
CA VAL CA 72 19.32 -19.01 -127.41
C VAL CA 72 18.86 -20.46 -127.30
N ARG CA 73 17.62 -20.67 -126.88
CA ARG CA 73 17.08 -22.02 -126.71
C ARG CA 73 15.78 -22.13 -127.49
N VAL CA 74 15.72 -23.11 -128.40
CA VAL CA 74 14.50 -23.45 -129.12
C VAL CA 74 14.06 -24.83 -128.67
N SER CA 75 12.76 -24.99 -128.45
CA SER CA 75 12.26 -26.24 -127.87
C SER CA 75 10.94 -26.60 -128.53
N THR CA 76 10.79 -27.86 -128.93
CA THR CA 76 9.57 -28.33 -129.55
C THR CA 76 9.07 -29.56 -128.81
N PHE CA 77 7.77 -29.57 -128.50
CA PHE CA 77 7.11 -30.66 -127.79
C PHE CA 77 5.97 -31.17 -128.63
N GLU CA 78 5.97 -32.48 -128.91
CA GLU CA 78 4.95 -33.11 -129.76
C GLU CA 78 4.32 -34.30 -129.05
N PRO CA 79 3.48 -34.04 -128.05
CA PRO CA 79 2.82 -35.15 -127.36
C PRO CA 79 1.89 -35.94 -128.29
N ILE CA 80 1.85 -37.25 -128.07
CA ILE CA 80 1.02 -38.17 -128.84
C ILE CA 80 -0.07 -38.70 -127.92
N LEU CA 81 -1.30 -38.74 -128.40
CA LEU CA 81 -2.42 -39.18 -127.59
C LEU CA 81 -2.73 -40.65 -127.83
N GLU CA 82 -3.54 -41.20 -126.92
CA GLU CA 82 -4.10 -42.54 -127.03
C GLU CA 82 -5.51 -42.50 -126.48
N VAL CA 83 -6.34 -43.44 -126.92
CA VAL CA 83 -7.75 -43.52 -126.55
C VAL CA 83 -8.06 -44.94 -126.10
N ALA CA 84 -8.96 -45.06 -125.12
CA ALA CA 84 -9.34 -46.37 -124.58
C ALA CA 84 -10.36 -47.10 -125.44
N VAL CA 85 -11.15 -46.37 -126.23
CA VAL CA 85 -12.17 -46.97 -127.10
C VAL CA 85 -12.43 -46.01 -128.25
N THR CA 86 -12.75 -46.57 -129.42
CA THR CA 86 -12.74 -45.79 -130.66
C THR CA 86 -14.12 -45.35 -131.12
N ALA CA 87 -15.20 -45.71 -130.43
CA ALA CA 87 -16.55 -45.32 -130.83
C ALA CA 87 -17.18 -44.44 -129.77
N THR CA 88 -18.40 -44.00 -130.04
CA THR CA 88 -19.17 -43.20 -129.12
C THR CA 88 -20.46 -43.96 -128.77
N TYR CA 89 -20.77 -44.01 -127.47
CA TYR CA 89 -21.94 -44.71 -126.97
C TYR CA 89 -22.85 -43.71 -126.27
N SER CA 90 -24.13 -43.66 -126.69
CA SER CA 90 -25.14 -42.86 -125.99
C SER CA 90 -24.64 -41.43 -125.76
N GLY CA 91 -24.01 -40.87 -126.79
CA GLY CA 91 -23.51 -39.50 -126.73
C GLY CA 91 -22.25 -39.30 -125.94
N ILE CA 92 -21.61 -40.35 -125.44
CA ILE CA 92 -20.38 -40.22 -124.68
C ILE CA 92 -19.21 -40.43 -125.63
N ALA CA 93 -18.43 -39.37 -125.84
CA ALA CA 93 -17.34 -39.62 -126.78
C ALA CA 93 -16.09 -40.11 -126.06
N PRO CA 94 -15.21 -40.80 -126.79
CA PRO CA 94 -13.93 -41.18 -126.21
C PRO CA 94 -13.09 -39.94 -125.92
N SER CA 95 -12.47 -39.93 -124.74
CA SER CA 95 -11.64 -38.80 -124.32
C SER CA 95 -10.20 -39.26 -124.27
N PRO CA 96 -9.33 -38.75 -125.13
CA PRO CA 96 -7.96 -39.23 -125.19
C PRO CA 96 -7.10 -38.69 -124.07
N THR CA 97 -6.08 -39.46 -123.71
CA THR CA 97 -5.03 -39.03 -122.79
C THR CA 97 -3.70 -39.04 -123.49
N VAL CA 98 -2.71 -38.43 -122.84
CA VAL CA 98 -1.37 -38.42 -123.42
C VAL CA 98 -0.75 -39.81 -123.24
N SER CA 99 -0.08 -40.29 -124.29
CA SER CA 99 0.54 -41.59 -124.29
C SER CA 99 2.06 -41.50 -124.09
N TYR CA 100 2.70 -40.60 -124.83
CA TYR CA 100 4.14 -40.35 -124.68
C TYR CA 100 4.44 -39.01 -125.32
N VAL CA 101 5.58 -38.43 -124.96
CA VAL CA 101 5.92 -37.12 -125.50
C VAL CA 101 7.33 -37.11 -126.07
N PRO CA 102 7.48 -37.24 -127.39
CA PRO CA 102 8.78 -36.93 -128.01
C PRO CA 102 9.01 -35.42 -128.04
N LYS CA 103 10.26 -35.03 -127.80
CA LYS CA 103 10.54 -33.60 -127.72
C LYS CA 103 11.98 -33.35 -128.15
N ALA CA 104 12.28 -32.09 -128.42
CA ALA CA 104 13.60 -31.69 -128.86
C ALA CA 104 13.97 -30.34 -128.25
N PHE CA 105 15.24 -30.19 -127.89
CA PHE CA 105 15.75 -29.02 -127.19
C PHE CA 105 17.08 -28.65 -127.84
N THR CA 106 17.19 -27.42 -128.36
CA THR CA 106 18.42 -26.92 -128.97
C THR CA 106 18.87 -25.64 -128.25
N GLU CA 107 20.17 -25.55 -127.97
CA GLU CA 107 20.76 -24.41 -127.28
C GLU CA 107 21.98 -23.92 -128.04
N PHE CA 108 21.96 -22.65 -128.42
CA PHE CA 108 23.10 -21.95 -128.97
C PHE CA 108 23.77 -21.15 -127.87
N VAL CA 109 25.07 -21.31 -127.73
CA VAL CA 109 25.91 -20.48 -126.88
C VAL CA 109 26.73 -19.59 -127.80
N LEU CA 110 26.37 -18.31 -127.83
CA LEU CA 110 27.00 -17.32 -128.69
C LEU CA 110 27.74 -16.32 -127.81
N PRO CA 111 29.07 -16.37 -127.74
CA PRO CA 111 29.78 -15.36 -126.96
C PRO CA 111 29.53 -13.96 -127.52
N GLU CA 112 29.35 -13.01 -126.61
CA GLU CA 112 28.94 -11.66 -127.01
C GLU CA 112 29.91 -11.02 -127.98
N ARG CA 113 31.19 -11.36 -127.91
CA ARG CA 113 32.18 -10.79 -128.83
C ARG CA 113 32.13 -11.39 -130.23
N ALA CA 114 31.21 -12.31 -130.52
CA ALA CA 114 31.26 -13.01 -131.79
C ALA CA 114 30.70 -12.13 -132.91
N THR CA 115 31.18 -12.40 -134.13
CA THR CA 115 30.75 -11.65 -135.30
C THR CA 115 29.40 -12.16 -135.80
N LEU CA 116 28.66 -11.26 -136.46
CA LEU CA 116 27.48 -11.68 -137.21
C LEU CA 116 27.80 -12.87 -138.10
N ASP CA 117 28.99 -12.88 -138.70
CA ASP CA 117 29.38 -14.01 -139.54
C ASP CA 117 29.47 -15.28 -138.71
N ASN CA 118 30.08 -15.21 -137.52
CA ASN CA 118 30.16 -16.39 -136.66
C ASN CA 118 28.77 -16.92 -136.31
N ARG CA 119 27.84 -16.01 -136.05
CA ARG CA 119 26.49 -16.43 -135.66
C ARG CA 119 25.76 -17.07 -136.83
N LYS CA 120 25.86 -16.47 -138.02
CA LYS CA 120 25.26 -17.07 -139.21
C LYS CA 120 25.86 -18.45 -139.46
N ASP CA 121 27.18 -18.58 -139.28
CA ASP CA 121 27.87 -19.86 -139.45
C ASP CA 121 27.30 -20.91 -138.52
N ILE CA 122 27.28 -20.63 -137.21
CA ILE CA 122 26.86 -21.64 -136.25
C ILE CA 122 25.39 -22.02 -136.46
N ARG CA 123 24.52 -21.03 -136.74
CA ARG CA 123 23.11 -21.32 -136.98
C ARG CA 123 22.94 -22.22 -138.20
N LYS CA 124 23.43 -21.77 -139.36
CA LYS CA 124 23.24 -22.54 -140.59
C LYS CA 124 23.84 -23.93 -140.45
N MET CA 125 25.05 -24.02 -139.91
CA MET CA 125 25.77 -25.29 -139.94
C MET CA 125 25.17 -26.29 -138.96
N HIS CA 126 24.69 -25.82 -137.80
CA HIS CA 126 24.01 -26.75 -136.90
C HIS CA 126 22.68 -27.22 -137.49
N ALA CA 127 21.88 -26.28 -138.03
CA ALA CA 127 20.62 -26.67 -138.65
C ALA CA 127 20.85 -27.70 -139.75
N LEU CA 128 21.94 -27.53 -140.51
CA LEU CA 128 22.29 -28.51 -141.53
C LEU CA 128 22.73 -29.83 -140.91
N ALA CA 129 23.49 -29.77 -139.82
CA ALA CA 129 23.96 -30.99 -139.17
C ALA CA 129 22.81 -31.84 -138.66
N LEU CA 130 21.66 -31.20 -138.41
CA LEU CA 130 20.47 -31.96 -138.03
C LEU CA 130 19.83 -32.69 -139.21
N THR CA 131 20.24 -32.41 -140.44
CA THR CA 131 19.63 -33.02 -141.63
C THR CA 131 20.59 -33.92 -142.39
N THR CA 132 21.80 -34.14 -141.87
CA THR CA 132 22.76 -35.03 -142.52
C THR CA 132 22.23 -36.46 -142.54
N SER CA 133 22.74 -37.25 -143.49
CA SER CA 133 22.32 -38.65 -143.58
C SER CA 133 22.59 -39.40 -142.28
N GLU CA 134 23.69 -39.07 -141.61
CA GLU CA 134 24.00 -39.67 -140.31
C GLU CA 134 22.98 -39.27 -139.26
N ALA CA 135 22.63 -37.98 -139.19
CA ALA CA 135 21.62 -37.54 -138.24
C ALA CA 135 20.28 -38.21 -138.50
N ILE CA 136 19.91 -38.38 -139.77
CA ILE CA 136 18.65 -39.03 -140.09
C ILE CA 136 18.70 -40.50 -139.70
N ALA CA 137 19.83 -41.16 -139.95
CA ALA CA 137 19.97 -42.57 -139.55
C ALA CA 137 19.92 -42.73 -138.04
N MET CA 138 20.42 -41.76 -137.28
CA MET CA 138 20.43 -41.90 -135.83
C MET CA 138 19.09 -41.56 -135.20
N ILE CA 139 18.40 -40.52 -135.70
CA ILE CA 139 17.15 -40.10 -135.07
C ILE CA 139 15.96 -40.90 -135.60
N GLU CA 140 15.90 -41.15 -136.90
CA GLU CA 140 14.75 -41.85 -137.48
C GLU CA 140 14.95 -43.36 -137.48
N SER CA 141 16.12 -43.83 -137.93
CA SER CA 141 16.39 -45.25 -138.06
C SER CA 141 17.03 -45.85 -136.81
N LEU CA 142 17.49 -45.03 -135.87
CA LEU CA 142 18.02 -45.50 -134.59
C LEU CA 142 19.22 -46.41 -134.78
N GLN CA 143 20.14 -45.99 -135.65
CA GLN CA 143 21.37 -46.72 -135.92
C GLN CA 143 22.56 -45.79 -135.72
N PHE CA 144 23.50 -46.23 -134.89
CA PHE CA 144 24.74 -45.50 -134.65
C PHE CA 144 25.72 -45.71 -135.81
N VAL CA 145 26.85 -45.00 -135.77
CA VAL CA 145 27.90 -45.12 -136.78
C VAL CA 145 28.99 -46.05 -136.27
N TYR CA 146 29.37 -47.02 -137.08
CA TYR CA 146 30.34 -48.03 -136.68
C TYR CA 146 31.54 -48.10 -137.64
N PRO DA 1 -0.39 0.87 -125.72
CA PRO DA 1 0.26 0.83 -127.03
C PRO DA 1 1.16 -0.40 -127.15
N GLN DA 2 0.97 -1.20 -128.21
CA GLN DA 2 1.83 -2.36 -128.38
C GLN DA 2 3.25 -1.91 -128.66
N ALA DA 3 4.22 -2.70 -128.18
CA ALA DA 3 5.62 -2.34 -128.37
C ALA DA 3 5.98 -2.37 -129.84
N ALA DA 4 6.68 -1.33 -130.29
CA ALA DA 4 7.17 -1.28 -131.67
C ALA DA 4 8.47 -0.50 -131.70
N ASP DA 5 9.12 -0.52 -132.87
CA ASP DA 5 10.39 0.18 -133.04
C ASP DA 5 10.23 1.65 -132.68
N ILE DA 6 11.25 2.21 -132.04
CA ILE DA 6 11.28 3.64 -131.70
C ILE DA 6 12.42 4.27 -132.49
N VAL DA 7 12.11 5.22 -133.36
CA VAL DA 7 13.12 5.81 -134.23
C VAL DA 7 13.40 7.24 -133.78
N ILE DA 8 14.67 7.52 -133.49
CA ILE DA 8 15.10 8.81 -132.97
C ILE DA 8 16.25 9.32 -133.82
N ALA DA 9 16.22 10.61 -134.15
CA ALA DA 9 17.20 11.18 -135.05
C ALA DA 9 18.52 11.48 -134.33
N ASP DA 10 19.62 11.33 -135.06
CA ASP DA 10 20.94 11.67 -134.56
C ASP DA 10 21.09 13.19 -134.46
N ALA DA 11 22.28 13.62 -134.02
CA ALA DA 11 22.61 15.04 -134.00
C ALA DA 11 23.75 15.37 -134.96
N GLN DA 12 23.93 14.57 -136.01
CA GLN DA 12 25.02 14.80 -136.94
C GLN DA 12 24.67 15.94 -137.90
N ALA DA 13 25.67 16.34 -138.70
CA ALA DA 13 25.47 17.32 -139.74
C ALA DA 13 24.24 16.97 -140.56
N THR DA 14 24.24 15.79 -141.16
CA THR DA 14 23.02 15.22 -141.70
C THR DA 14 22.50 14.21 -140.68
N PRO DA 15 21.41 14.51 -139.98
CA PRO DA 15 20.93 13.58 -138.94
C PRO DA 15 20.72 12.17 -139.50
N VAL DA 16 21.10 11.19 -138.69
CA VAL DA 16 21.00 9.77 -139.04
C VAL DA 16 20.01 9.11 -138.08
N ASN DA 17 19.01 8.44 -138.65
CA ASN DA 17 17.98 7.82 -137.81
C ASN DA 17 18.53 6.57 -137.13
N HIS DA 18 18.36 6.50 -135.81
CA HIS DA 18 18.65 5.31 -135.04
C HIS DA 18 17.34 4.61 -134.71
N THR DA 19 17.27 3.32 -135.04
CA THR DA 19 16.08 2.52 -134.79
C THR DA 19 16.32 1.62 -133.59
N PHE DA 20 15.51 1.81 -132.54
CA PHE DA 20 15.56 1.03 -131.31
C PHE DA 20 14.48 -0.06 -131.39
N VAL DA 21 14.92 -1.29 -131.62
CA VAL DA 21 14.06 -2.46 -131.66
C VAL DA 21 13.74 -2.85 -130.22
N PRO DA 22 12.50 -3.16 -129.86
CA PRO DA 22 12.24 -3.61 -128.49
C PRO DA 22 12.93 -4.93 -128.17
N ILE DA 23 13.64 -4.94 -127.04
CA ILE DA 23 14.12 -6.18 -126.46
C ILE DA 23 13.05 -6.82 -125.58
N GLY DA 24 12.25 -5.99 -124.91
CA GLY DA 24 11.21 -6.52 -124.06
C GLY DA 24 11.32 -6.04 -122.64
N PRO DA 25 10.49 -6.59 -121.76
CA PRO DA 25 10.51 -6.16 -120.36
C PRO DA 25 11.72 -6.74 -119.64
N ASP DA 26 12.22 -5.96 -118.69
CA ASP DA 26 13.34 -6.40 -117.88
C ASP DA 26 12.93 -7.65 -117.10
N PRO DA 27 13.67 -8.75 -117.19
CA PRO DA 27 13.30 -9.93 -116.40
C PRO DA 27 13.35 -9.68 -114.91
N LYS DA 28 14.24 -8.79 -114.45
CA LYS DA 28 14.34 -8.51 -113.02
C LYS DA 28 13.18 -7.64 -112.54
N ASP DA 29 12.73 -6.68 -113.37
CA ASP DA 29 11.64 -5.77 -113.01
C ASP DA 29 10.68 -5.66 -114.20
N ALA DA 30 9.44 -6.10 -113.99
CA ALA DA 30 8.46 -6.12 -115.08
C ALA DA 30 7.93 -4.74 -115.45
N THR DA 31 8.16 -3.72 -114.61
CA THR DA 31 7.65 -2.38 -114.87
C THR DA 31 8.56 -1.54 -115.74
N ILE DA 32 9.61 -2.11 -116.29
CA ILE DA 32 10.54 -1.35 -117.11
C ILE DA 32 10.79 -2.13 -118.40
N TYR DA 33 10.66 -1.43 -119.53
CA TYR DA 33 10.73 -2.02 -120.87
C TYR DA 33 11.93 -1.46 -121.60
N TRP DA 34 12.51 -2.28 -122.48
CA TRP DA 34 13.80 -2.00 -123.09
C TRP DA 34 13.73 -2.12 -124.62
N TRP DA 35 14.21 -1.07 -125.29
CA TRP DA 35 14.53 -1.05 -126.71
C TRP DA 35 16.05 -0.91 -126.87
N GLU DA 36 16.57 -1.37 -128.01
CA GLU DA 36 18.00 -1.42 -128.26
C GLU DA 36 18.30 -1.00 -129.69
N ASP DA 37 19.33 -0.17 -129.85
CA ASP DA 37 19.81 0.26 -131.16
C ASP DA 37 21.00 -0.63 -131.54
N GLN DA 38 20.79 -1.48 -132.53
CA GLN DA 38 21.78 -2.50 -132.88
C GLN DA 38 22.73 -2.07 -133.98
N SER DA 39 22.85 -0.77 -134.23
CA SER DA 39 23.66 -0.28 -135.33
C SER DA 39 25.12 -0.09 -134.97
N GLN DA 40 25.51 -0.36 -133.73
CA GLN DA 40 26.86 -0.09 -133.26
C GLN DA 40 27.79 -1.24 -133.65
N ALA DA 41 29.04 -1.16 -133.18
CA ALA DA 41 30.09 -2.02 -133.72
C ALA DA 41 29.99 -3.46 -133.22
N SER DA 42 29.66 -3.65 -131.95
CA SER DA 42 29.43 -4.97 -131.38
C SER DA 42 28.44 -4.82 -130.25
N PRO DA 43 27.82 -5.92 -129.79
CA PRO DA 43 26.67 -5.76 -128.87
C PRO DA 43 26.95 -4.98 -127.60
N ALA DA 44 28.17 -5.11 -127.05
CA ALA DA 44 28.47 -4.37 -125.82
C ALA DA 44 28.23 -2.87 -125.97
N GLY DA 45 28.38 -2.34 -127.18
CA GLY DA 45 28.18 -0.94 -127.48
C GLY DA 45 26.84 -0.55 -128.04
N TYR DA 46 25.86 -1.47 -128.09
CA TYR DA 46 24.53 -1.15 -128.59
C TYR DA 46 23.86 -0.12 -127.68
N TRP DA 47 23.34 0.95 -128.27
CA TRP DA 47 22.63 1.95 -127.48
C TRP DA 47 21.29 1.39 -127.01
N ARG DA 48 20.85 1.82 -125.82
CA ARG DA 48 19.63 1.29 -125.24
C ARG DA 48 18.75 2.41 -124.74
N LEU DA 49 17.45 2.11 -124.68
CA LEU DA 49 16.44 3.04 -124.21
C LEU DA 49 15.48 2.25 -123.33
N SER DA 50 15.09 2.83 -122.19
CA SER DA 50 14.26 2.15 -121.21
C SER DA 50 13.14 3.07 -120.75
N MET DA 51 11.93 2.53 -120.66
CA MET DA 51 10.79 3.27 -120.15
C MET DA 51 10.10 2.49 -119.06
N GLN DA 52 9.80 3.16 -117.94
CA GLN DA 52 9.29 2.51 -116.74
C GLN DA 52 8.06 3.24 -116.25
N LEU DA 53 7.01 2.47 -115.97
CA LEU DA 53 5.76 2.99 -115.42
C LEU DA 53 5.46 2.24 -114.13
N VAL DA 54 5.44 2.96 -113.01
CA VAL DA 54 5.18 2.38 -111.69
C VAL DA 54 3.91 3.04 -111.18
N ARG DA 55 2.80 2.32 -111.30
CA ARG DA 55 1.47 2.65 -110.79
C ARG DA 55 1.29 2.01 -109.42
N PRO DA 56 0.65 2.71 -108.50
CA PRO DA 56 0.49 2.18 -107.15
C PRO DA 56 -0.61 1.14 -107.09
N ALA DA 57 -0.56 0.35 -106.01
CA ALA DA 57 -1.61 -0.63 -105.77
C ALA DA 57 -2.97 0.09 -105.73
N PRO DA 58 -4.03 -0.56 -106.21
CA PRO DA 58 -5.30 0.14 -106.38
C PRO DA 58 -5.84 0.74 -105.09
N ALA DA 59 -6.49 1.89 -105.22
CA ALA DA 59 -7.10 2.56 -104.09
C ALA DA 59 -8.13 1.66 -103.43
N LYS DA 60 -8.18 1.69 -102.11
CA LYS DA 60 -9.11 0.86 -101.35
C LYS DA 60 -10.23 1.73 -100.79
N ALA DA 61 -11.34 1.07 -100.44
CA ALA DA 61 -12.51 1.79 -99.97
C ALA DA 61 -12.20 2.53 -98.68
N GLY DA 62 -12.53 3.82 -98.65
CA GLY DA 62 -12.25 4.65 -97.50
C GLY DA 62 -10.79 4.99 -97.27
N GLN DA 63 -9.89 4.58 -98.15
CA GLN DA 63 -8.48 4.85 -98.00
C GLN DA 63 -8.18 6.30 -98.36
N ASN DA 64 -7.04 6.80 -97.85
CA ASN DA 64 -6.65 8.18 -98.10
C ASN DA 64 -5.63 8.23 -99.23
N THR DA 65 -5.92 9.04 -100.24
CA THR DA 65 -5.15 9.05 -101.48
C THR DA 65 -4.00 10.05 -101.49
N ASN DA 66 -3.96 10.98 -100.53
CA ASN DA 66 -3.21 12.22 -100.71
C ASN DA 66 -1.71 12.00 -100.81
N GLN DA 67 -1.23 10.77 -100.65
CA GLN DA 67 0.19 10.48 -100.80
C GLN DA 67 0.52 9.47 -101.89
N ARG DA 68 -0.48 8.83 -102.50
CA ARG DA 68 -0.20 7.83 -103.52
C ARG DA 68 0.26 8.51 -104.79
N MET DA 69 1.28 7.95 -105.44
CA MET DA 69 1.90 8.60 -106.59
C MET DA 69 2.34 7.60 -107.64
N ILE DA 70 2.35 8.07 -108.90
CA ILE DA 70 2.75 7.30 -110.08
C ILE DA 70 4.10 7.85 -110.54
N ARG DA 71 5.00 6.95 -110.93
CA ARG DA 71 6.32 7.37 -111.41
C ARG DA 71 6.54 6.86 -112.81
N VAL DA 72 7.20 7.67 -113.64
CA VAL DA 72 7.57 7.28 -115.00
C VAL DA 72 9.03 7.67 -115.21
N ARG DA 73 9.86 6.70 -115.61
CA ARG DA 73 11.29 6.94 -115.80
C ARG DA 73 11.68 6.55 -117.22
N VAL DA 74 12.20 7.52 -117.96
CA VAL DA 74 12.74 7.30 -119.30
C VAL DA 74 14.24 7.48 -119.24
N SER DA 75 14.98 6.50 -119.73
CA SER DA 75 16.43 6.48 -119.62
C SER DA 75 17.04 6.13 -120.98
N THR DA 76 18.12 6.83 -121.36
CA THR DA 76 18.82 6.54 -122.60
C THR DA 76 20.30 6.39 -122.34
N PHE DA 77 20.89 5.30 -122.85
CA PHE DA 77 22.29 4.97 -122.70
C PHE DA 77 22.93 4.86 -124.07
N GLU DA 78 24.01 5.61 -124.29
CA GLU DA 78 24.71 5.64 -125.57
C GLU DA 78 26.18 5.31 -125.37
N PRO DA 79 26.50 4.07 -124.99
CA PRO DA 79 27.90 3.72 -124.73
C PRO DA 79 28.75 3.83 -125.99
N ILE DA 80 29.96 4.34 -125.83
CA ILE DA 80 30.92 4.50 -126.90
C ILE DA 80 31.98 3.41 -126.76
N LEU DA 81 32.10 2.57 -127.80
CA LEU DA 81 33.05 1.47 -127.76
C LEU DA 81 34.47 1.97 -127.88
N GLU DA 82 35.37 1.34 -127.14
CA GLU DA 82 36.78 1.67 -127.23
C GLU DA 82 37.31 1.27 -128.61
N VAL DA 83 38.15 2.12 -129.19
CA VAL DA 83 38.82 1.81 -130.45
C VAL DA 83 40.18 1.20 -130.13
N ALA DA 84 40.47 0.06 -130.75
CA ALA DA 84 41.66 -0.71 -130.40
C ALA DA 84 42.90 -0.05 -130.98
N VAL DA 85 44.01 -0.13 -130.23
CA VAL DA 85 45.32 0.18 -130.77
C VAL DA 85 46.19 -1.05 -130.59
N THR DA 86 47.46 -0.95 -130.99
CA THR DA 86 48.34 -2.10 -130.95
C THR DA 86 48.60 -2.52 -129.50
N ALA DA 87 48.26 -3.77 -129.18
CA ALA DA 87 48.56 -4.34 -127.87
C ALA DA 87 49.98 -4.89 -127.89
N THR DA 88 50.78 -4.52 -126.89
CA THR DA 88 52.20 -4.81 -126.92
C THR DA 88 52.63 -5.87 -125.92
N TYR DA 89 51.84 -6.13 -124.87
CA TYR DA 89 52.23 -7.18 -123.92
C TYR DA 89 52.04 -8.57 -124.52
N SER DA 90 50.84 -8.85 -125.04
CA SER DA 90 50.54 -10.18 -125.55
C SER DA 90 50.39 -10.22 -127.06
N GLY DA 91 50.29 -9.07 -127.73
CA GLY DA 91 50.05 -9.06 -129.16
C GLY DA 91 48.67 -9.52 -129.55
N ILE DA 92 47.79 -9.74 -128.57
CA ILE DA 92 46.42 -10.19 -128.78
C ILE DA 92 45.50 -9.00 -128.54
N ALA DA 93 44.80 -8.58 -129.60
CA ALA DA 93 43.93 -7.42 -129.49
C ALA DA 93 42.84 -7.70 -128.45
N PRO DA 94 42.43 -6.69 -127.70
CA PRO DA 94 41.52 -6.93 -126.57
C PRO DA 94 40.09 -7.11 -127.01
N SER DA 95 39.34 -7.81 -126.17
CA SER DA 95 37.91 -7.96 -126.37
C SER DA 95 37.26 -6.59 -126.48
N PRO DA 96 36.14 -6.47 -127.20
CA PRO DA 96 35.47 -5.17 -127.28
C PRO DA 96 35.09 -4.70 -125.88
N THR DA 97 35.55 -3.51 -125.53
CA THR DA 97 35.34 -2.95 -124.21
C THR DA 97 34.67 -1.60 -124.35
N VAL DA 98 33.79 -1.29 -123.42
CA VAL DA 98 33.10 0.00 -123.43
C VAL DA 98 34.02 1.05 -122.84
N SER DA 99 34.24 2.14 -123.60
CA SER DA 99 35.17 3.17 -123.15
C SER DA 99 34.53 4.11 -122.13
N TYR DA 100 33.36 4.65 -122.44
CA TYR DA 100 32.63 5.51 -121.51
C TYR DA 100 31.18 5.56 -121.95
N VAL DA 101 30.30 5.99 -121.04
CA VAL DA 101 28.88 5.98 -121.37
C VAL DA 101 28.21 7.31 -121.06
N PRO DA 102 27.92 8.12 -122.07
CA PRO DA 102 27.02 9.27 -121.88
C PRO DA 102 25.59 8.77 -121.71
N LYS DA 103 24.91 9.25 -120.68
CA LYS DA 103 23.57 8.73 -120.42
C LYS DA 103 22.66 9.82 -119.87
N ALA DA 104 21.37 9.56 -119.91
CA ALA DA 104 20.37 10.50 -119.41
C ALA DA 104 19.24 9.75 -118.74
N PHE DA 105 18.70 10.34 -117.69
CA PHE DA 105 17.69 9.72 -116.83
C PHE DA 105 16.66 10.78 -116.48
N THR DA 106 15.40 10.58 -116.88
CA THR DA 106 14.32 11.50 -116.60
C THR DA 106 13.25 10.78 -115.79
N GLU DA 107 12.83 11.38 -114.67
CA GLU DA 107 11.81 10.81 -113.79
C GLU DA 107 10.69 11.82 -113.61
N PHE DA 108 9.48 11.42 -113.97
CA PHE DA 108 8.26 12.15 -113.71
C PHE DA 108 7.62 11.58 -112.44
N VAL DA 109 7.33 12.46 -111.50
CA VAL DA 109 6.52 12.13 -110.32
C VAL DA 109 5.17 12.78 -110.53
N LEU DA 110 4.17 11.94 -110.79
CA LEU DA 110 2.80 12.38 -111.06
C LEU DA 110 1.93 11.85 -109.93
N PRO DA 111 1.51 12.68 -108.99
CA PRO DA 111 0.59 12.18 -107.95
C PRO DA 111 -0.72 11.72 -108.57
N GLU DA 112 -1.25 10.60 -108.05
CA GLU DA 112 -2.44 10.00 -108.63
C GLU DA 112 -3.59 11.00 -108.70
N ARG DA 113 -3.71 11.84 -107.67
CA ARG DA 113 -4.67 12.93 -107.64
C ARG DA 113 -4.63 13.83 -108.89
N ALA DA 114 -3.50 13.92 -109.58
CA ALA DA 114 -3.34 14.94 -110.61
C ALA DA 114 -4.22 14.64 -111.83
N THR DA 115 -4.65 15.70 -112.51
CA THR DA 115 -5.52 15.57 -113.67
C THR DA 115 -4.71 15.33 -114.94
N LEU DA 116 -5.42 14.83 -115.96
CA LEU DA 116 -4.83 14.63 -117.28
C LEU DA 116 -4.17 15.90 -117.77
N ASP DA 117 -4.81 17.04 -117.55
CA ASP DA 117 -4.21 18.32 -117.94
C ASP DA 117 -2.88 18.54 -117.22
N ASN DA 118 -2.83 18.24 -115.93
CA ASN DA 118 -1.58 18.37 -115.18
C ASN DA 118 -0.48 17.50 -115.79
N ARG DA 119 -0.82 16.27 -116.15
CA ARG DA 119 0.19 15.35 -116.71
C ARG DA 119 0.66 15.82 -118.08
N LYS DA 120 -0.28 16.26 -118.92
CA LYS DA 120 0.10 16.79 -120.24
C LYS DA 120 0.99 18.01 -120.09
N ASP DA 121 0.66 18.88 -119.12
CA ASP DA 121 1.47 20.07 -118.83
C ASP DA 121 2.90 19.70 -118.46
N ILE DA 122 3.06 18.82 -117.48
CA ILE DA 122 4.40 18.51 -117.00
C ILE DA 122 5.22 17.83 -118.09
N ARG DA 123 4.62 16.89 -118.83
CA ARG DA 123 5.34 16.22 -119.90
C ARG DA 123 5.79 17.21 -120.97
N LYS DA 124 4.85 17.96 -121.55
CA LYS DA 124 5.20 18.88 -122.63
C LYS DA 124 6.22 19.90 -122.17
N MET DA 125 6.02 20.48 -120.98
CA MET DA 125 6.84 21.61 -120.57
C MET DA 125 8.24 21.17 -120.20
N HIS DA 126 8.39 19.98 -119.61
CA HIS DA 126 9.74 19.48 -119.36
C HIS DA 126 10.46 19.12 -120.65
N ALA DA 127 9.76 18.40 -121.55
CA ALA DA 127 10.37 18.03 -122.83
C ALA DA 127 10.82 19.26 -123.60
N LEU DA 128 10.10 20.37 -123.44
CA LEU DA 128 10.53 21.64 -124.03
C LEU DA 128 11.69 22.24 -123.27
N ALA DA 129 11.67 22.15 -121.93
CA ALA DA 129 12.75 22.74 -121.13
C ALA DA 129 14.09 22.11 -121.46
N LEU DA 130 14.08 20.86 -121.94
CA LEU DA 130 15.32 20.23 -122.37
C LEU DA 130 15.83 20.76 -123.71
N THR DA 131 15.05 21.58 -124.42
CA THR DA 131 15.46 22.12 -125.71
C THR DA 131 15.73 23.62 -125.68
N THR DA 132 15.66 24.25 -124.51
CA THR DA 132 15.93 25.68 -124.39
C THR DA 132 17.39 25.98 -124.72
N SER DA 133 17.64 27.22 -125.12
CA SER DA 133 19.01 27.63 -125.42
C SER DA 133 19.91 27.45 -124.21
N GLU DA 134 19.38 27.67 -123.01
CA GLU DA 134 20.13 27.49 -121.78
C GLU DA 134 20.52 26.02 -121.58
N ALA DA 135 19.56 25.11 -121.78
CA ALA DA 135 19.86 23.69 -121.67
C ALA DA 135 20.88 23.25 -122.71
N ILE DA 136 20.75 23.77 -123.93
CA ILE DA 136 21.72 23.45 -124.98
C ILE DA 136 23.11 23.94 -124.60
N ALA DA 137 23.19 25.15 -124.05
CA ALA DA 137 24.49 25.68 -123.65
C ALA DA 137 25.11 24.89 -122.51
N MET DA 138 24.30 24.43 -121.56
CA MET DA 138 24.85 23.68 -120.42
C MET DA 138 25.31 22.30 -120.84
N ILE DA 139 24.48 21.58 -121.61
CA ILE DA 139 24.81 20.19 -121.92
C ILE DA 139 25.84 20.10 -123.03
N GLU DA 140 25.72 20.92 -124.07
CA GLU DA 140 26.62 20.80 -125.21
C GLU DA 140 27.90 21.62 -125.03
N SER DA 141 27.77 22.87 -124.59
CA SER DA 141 28.89 23.79 -124.49
C SER DA 141 29.43 23.95 -123.08
N LEU DA 142 28.78 23.35 -122.09
CA LEU DA 142 29.30 23.31 -120.72
C LEU DA 142 29.41 24.71 -120.13
N GLN DA 143 28.36 25.51 -120.30
CA GLN DA 143 28.32 26.88 -119.82
C GLN DA 143 27.12 27.09 -118.91
N PHE DA 144 27.35 27.72 -117.77
CA PHE DA 144 26.29 28.05 -116.83
C PHE DA 144 25.66 29.39 -117.23
N VAL DA 145 24.67 29.84 -116.46
CA VAL DA 145 24.02 31.12 -116.69
C VAL DA 145 24.41 32.08 -115.57
N TYR DA 146 24.51 33.35 -115.89
CA TYR DA 146 25.08 34.32 -114.94
C TYR DA 146 24.34 35.65 -114.91
N PRO EA 1 -50.01 53.58 1.67
CA PRO EA 1 -50.19 54.75 2.53
C PRO EA 1 -48.92 55.12 3.28
N GLN EA 2 -48.78 56.38 3.66
CA GLN EA 2 -47.60 56.80 4.41
C GLN EA 2 -47.67 56.26 5.83
N ALA EA 3 -46.49 55.94 6.37
CA ALA EA 3 -46.41 55.33 7.69
C ALA EA 3 -46.67 56.35 8.79
N ALA EA 4 -47.52 55.97 9.74
CA ALA EA 4 -47.82 56.84 10.88
C ALA EA 4 -48.02 55.99 12.12
N ASP EA 5 -48.22 56.68 13.26
CA ASP EA 5 -48.37 56.01 14.55
C ASP EA 5 -49.49 54.97 14.50
N ILE EA 6 -49.28 53.85 15.18
CA ILE EA 6 -50.30 52.81 15.30
C ILE EA 6 -50.66 52.70 16.77
N VAL EA 7 -51.93 52.92 17.10
CA VAL EA 7 -52.35 52.93 18.50
C VAL EA 7 -53.22 51.72 18.77
N ILE EA 8 -52.82 50.92 19.76
CA ILE EA 8 -53.49 49.66 20.09
C ILE EA 8 -53.80 49.65 21.58
N ALA EA 9 -55.01 49.22 21.93
CA ALA EA 9 -55.46 49.26 23.32
C ALA EA 9 -54.90 48.10 24.12
N ASP EA 10 -54.65 48.36 25.40
CA ASP EA 10 -54.19 47.35 26.35
C ASP EA 10 -55.32 46.37 26.66
N ALA EA 11 -55.01 45.38 27.49
CA ALA EA 11 -56.02 44.47 28.03
C ALA EA 11 -56.14 44.60 29.54
N GLN EA 12 -55.78 45.76 30.09
CA GLN EA 12 -55.90 45.99 31.52
C GLN EA 12 -57.36 46.19 31.90
N ALA EA 13 -57.61 46.21 33.21
CA ALA EA 13 -58.93 46.53 33.72
C ALA EA 13 -59.44 47.83 33.12
N THR EA 14 -58.66 48.90 33.27
CA THR EA 14 -58.87 50.10 32.49
C THR EA 14 -57.84 50.10 31.36
N PRO EA 15 -58.25 49.85 30.11
CA PRO EA 15 -57.27 49.73 29.04
C PRO EA 15 -56.43 50.97 28.87
N VAL EA 16 -55.18 50.76 28.45
CA VAL EA 16 -54.20 51.83 28.25
C VAL EA 16 -53.75 51.79 26.80
N ASN EA 17 -53.81 52.93 26.13
CA ASN EA 17 -53.41 52.98 24.73
C ASN EA 17 -51.89 52.93 24.63
N HIS EA 18 -51.37 51.96 23.87
CA HIS EA 18 -49.97 51.89 23.52
C HIS EA 18 -49.79 52.46 22.11
N THR EA 19 -48.87 53.41 21.98
CA THR EA 19 -48.64 54.08 20.70
C THR EA 19 -47.32 53.57 20.12
N PHE EA 20 -47.41 52.86 19.00
CA PHE EA 20 -46.26 52.33 18.27
C PHE EA 20 -45.83 53.36 17.23
N VAL EA 21 -44.75 54.07 17.52
CA VAL EA 21 -44.18 55.05 16.60
C VAL EA 21 -43.48 54.32 15.46
N PRO EA 22 -43.59 54.76 14.22
CA PRO EA 22 -42.88 54.07 13.12
C PRO EA 22 -41.38 54.27 13.25
N ILE EA 23 -40.66 53.15 13.36
CA ILE EA 23 -39.20 53.19 13.34
C ILE EA 23 -38.68 53.19 11.91
N GLY EA 24 -39.28 52.38 11.04
CA GLY EA 24 -38.86 52.38 9.66
C GLY EA 24 -38.70 50.98 9.11
N PRO EA 25 -38.24 50.88 7.87
CA PRO EA 25 -38.07 49.57 7.24
C PRO EA 25 -36.88 48.83 7.82
N ASP EA 26 -36.96 47.50 7.78
CA ASP EA 26 -35.89 46.65 8.29
C ASP EA 26 -34.67 46.78 7.38
N PRO EA 27 -33.47 46.99 7.94
CA PRO EA 27 -32.28 47.13 7.10
C PRO EA 27 -32.01 45.92 6.22
N LYS EA 28 -32.29 44.72 6.74
CA LYS EA 28 -32.00 43.49 5.99
C LYS EA 28 -33.05 43.25 4.90
N ASP EA 29 -34.32 43.52 5.18
CA ASP EA 29 -35.41 43.23 4.25
C ASP EA 29 -36.24 44.49 4.04
N ALA EA 30 -36.31 44.95 2.79
CA ALA EA 30 -37.07 46.15 2.47
C ALA EA 30 -38.57 45.94 2.49
N THR EA 31 -39.04 44.69 2.61
CA THR EA 31 -40.47 44.39 2.58
C THR EA 31 -41.12 44.39 3.96
N ILE EA 32 -40.35 44.58 5.01
CA ILE EA 32 -40.89 44.48 6.37
C ILE EA 32 -40.61 45.81 7.07
N TYR EA 33 -41.62 46.34 7.75
CA TYR EA 33 -41.60 47.67 8.34
C TYR EA 33 -41.90 47.56 9.83
N TRP EA 34 -41.23 48.38 10.64
CA TRP EA 34 -41.22 48.25 12.08
C TRP EA 34 -41.75 49.51 12.76
N TRP EA 35 -42.74 49.32 13.63
CA TRP EA 35 -43.21 50.29 14.61
C TRP EA 35 -42.81 49.81 16.01
N GLU EA 36 -42.64 50.76 16.93
CA GLU EA 36 -42.12 50.47 18.26
C GLU EA 36 -42.83 51.30 19.32
N ASP EA 37 -43.31 50.64 20.36
CA ASP EA 37 -43.86 51.27 21.56
C ASP EA 37 -42.71 51.50 22.54
N GLN EA 38 -42.39 52.78 22.75
CA GLN EA 38 -41.22 53.23 23.49
C GLN EA 38 -41.57 53.66 24.91
N SER EA 39 -42.70 53.19 25.44
CA SER EA 39 -43.18 53.61 26.75
C SER EA 39 -42.63 52.75 27.89
N GLN EA 40 -41.84 51.73 27.58
CA GLN EA 40 -41.38 50.79 28.58
C GLN EA 40 -40.14 51.35 29.28
N ALA EA 41 -39.53 50.54 30.16
CA ALA EA 41 -38.47 51.04 31.03
C ALA EA 41 -37.23 51.47 30.25
N SER EA 42 -36.60 50.53 29.56
CA SER EA 42 -35.43 50.82 28.75
C SER EA 42 -35.63 50.18 27.38
N PRO EA 43 -34.88 50.62 26.36
CA PRO EA 43 -35.21 50.20 24.98
C PRO EA 43 -35.20 48.71 24.74
N ALA EA 44 -34.54 47.92 25.59
CA ALA EA 44 -34.55 46.47 25.42
C ALA EA 44 -35.93 45.87 25.62
N GLY EA 45 -36.82 46.55 26.34
CA GLY EA 45 -38.17 46.10 26.61
C GLY EA 45 -39.24 46.80 25.81
N TYR EA 46 -38.87 47.58 24.80
CA TYR EA 46 -39.84 48.27 23.95
C TYR EA 46 -40.68 47.26 23.17
N TRP EA 47 -41.98 47.49 23.08
CA TRP EA 47 -42.80 46.55 22.33
C TRP EA 47 -42.73 46.85 20.84
N ARG EA 48 -42.80 45.82 20.02
CA ARG EA 48 -42.55 46.02 18.60
C ARG EA 48 -43.66 45.40 17.77
N LEU EA 49 -43.87 45.98 16.60
CA LEU EA 49 -44.89 45.55 15.66
C LEU EA 49 -44.30 45.63 14.27
N SER EA 50 -44.33 44.52 13.53
CA SER EA 50 -43.74 44.44 12.20
C SER EA 50 -44.81 44.02 11.21
N MET EA 51 -44.88 44.72 10.08
CA MET EA 51 -45.78 44.36 9.00
C MET EA 51 -44.99 44.19 7.71
N GLN EA 52 -45.24 43.10 6.99
CA GLN EA 52 -44.46 42.72 5.82
C GLN EA 52 -45.38 42.35 4.67
N LEU EA 53 -45.08 42.90 3.49
CA LEU EA 53 -45.85 42.65 2.27
C LEU EA 53 -44.88 42.19 1.18
N VAL EA 54 -44.96 40.92 0.81
CA VAL EA 54 -44.09 40.33 -0.19
C VAL EA 54 -44.91 40.09 -1.44
N ARG EA 55 -44.74 40.97 -2.42
CA ARG EA 55 -45.29 40.88 -3.76
C ARG EA 55 -44.37 40.06 -4.64
N PRO EA 56 -44.91 39.19 -5.49
CA PRO EA 56 -44.07 38.55 -6.49
C PRO EA 56 -43.67 39.52 -7.59
N ALA EA 57 -42.60 39.18 -8.30
CA ALA EA 57 -42.05 40.09 -9.31
C ALA EA 57 -43.02 40.25 -10.49
N PRO EA 58 -43.15 41.45 -11.06
CA PRO EA 58 -44.11 41.64 -12.15
C PRO EA 58 -43.79 40.79 -13.38
N ALA EA 59 -44.77 40.01 -13.82
CA ALA EA 59 -44.60 39.16 -14.98
C ALA EA 59 -45.94 38.86 -15.64
N THR EA 65 -46.90 29.97 -13.11
CA THR EA 65 -47.33 31.36 -12.96
C THR EA 65 -48.74 31.48 -12.37
N ASN EA 66 -49.44 30.36 -12.23
CA ASN EA 66 -50.63 30.32 -11.39
C ASN EA 66 -50.30 29.90 -9.97
N GLN EA 67 -49.02 29.80 -9.63
CA GLN EA 67 -48.54 29.56 -8.28
C GLN EA 67 -47.83 30.80 -7.75
N ARG EA 68 -48.35 31.98 -8.08
CA ARG EA 68 -47.75 33.24 -7.65
C ARG EA 68 -48.59 33.76 -6.51
N MET EA 69 -48.00 33.93 -5.34
CA MET EA 69 -48.78 34.22 -4.17
C MET EA 69 -48.17 35.40 -3.43
N ILE EA 70 -49.02 36.33 -3.02
CA ILE EA 70 -48.65 37.47 -2.22
C ILE EA 70 -48.70 37.07 -0.75
N ARG EA 71 -47.68 37.42 0.01
CA ARG EA 71 -47.67 37.09 1.43
C ARG EA 71 -47.71 38.36 2.27
N VAL EA 72 -48.38 38.28 3.42
CA VAL EA 72 -48.46 39.39 4.36
C VAL EA 72 -48.24 38.83 5.75
N ARG EA 73 -47.28 39.37 6.49
CA ARG EA 73 -46.95 38.89 7.82
C ARG EA 73 -47.04 40.06 8.81
N VAL EA 74 -47.87 39.89 9.84
CA VAL EA 74 -47.98 40.84 10.93
C VAL EA 74 -47.50 40.16 12.20
N SER EA 75 -46.56 40.80 12.90
CA SER EA 75 -45.91 40.19 14.04
C SER EA 75 -45.86 41.19 15.19
N THR EA 76 -46.21 40.75 16.39
CA THR EA 76 -46.18 41.60 17.58
C THR EA 76 -45.32 40.95 18.66
N PHE EA 77 -44.37 41.71 19.19
CA PHE EA 77 -43.49 41.26 20.26
C PHE EA 77 -43.70 42.15 21.48
N GLU EA 78 -43.91 41.52 22.64
CA GLU EA 78 -44.15 42.25 23.89
C GLU EA 78 -43.21 41.76 24.98
N PRO EA 79 -41.92 42.09 24.88
CA PRO EA 79 -40.97 41.62 25.89
C PRO EA 79 -41.25 42.22 27.26
N ILE EA 80 -40.97 41.43 28.29
CA ILE EA 80 -41.19 41.83 29.68
C ILE EA 80 -39.84 41.89 30.38
N LEU EA 81 -39.46 43.09 30.84
CA LEU EA 81 -38.17 43.27 31.47
C LEU EA 81 -38.20 42.79 32.91
N GLU EA 82 -37.02 42.44 33.43
CA GLU EA 82 -36.89 42.10 34.84
C GLU EA 82 -36.91 43.38 35.68
N VAL EA 83 -37.49 43.27 36.88
CA VAL EA 83 -37.63 44.45 37.74
C VAL EA 83 -36.27 44.85 38.30
N ALA EA 84 -36.11 46.15 38.58
CA ALA EA 84 -34.87 46.65 39.14
C ALA EA 84 -34.49 45.87 40.39
N VAL EA 85 -33.19 45.60 40.54
CA VAL EA 85 -32.68 44.78 41.63
C VAL EA 85 -32.48 45.63 42.88
N THR EA 86 -32.74 45.04 44.04
CA THR EA 86 -32.50 45.69 45.32
C THR EA 86 -31.14 45.33 45.90
N ALA EA 87 -30.56 44.22 45.46
CA ALA EA 87 -29.28 43.77 45.99
C ALA EA 87 -28.71 42.71 45.05
N THR EA 88 -27.41 42.81 44.78
CA THR EA 88 -26.71 41.79 44.02
C THR EA 88 -25.45 41.39 44.77
N TYR EA 89 -24.73 40.40 44.24
CA TYR EA 89 -23.59 39.89 44.98
C TYR EA 89 -22.47 40.91 45.07
N SER EA 90 -22.32 41.73 44.03
CA SER EA 90 -21.23 42.69 43.94
C SER EA 90 -21.65 44.10 44.33
N GLY EA 91 -22.93 44.40 44.38
CA GLY EA 91 -23.39 45.73 44.69
C GLY EA 91 -23.62 46.63 43.49
N ILE EA 92 -23.32 46.16 42.28
CA ILE EA 92 -23.58 46.90 41.05
C ILE EA 92 -24.79 46.28 40.37
N ALA EA 93 -25.77 47.12 40.05
CA ALA EA 93 -27.00 46.62 39.44
C ALA EA 93 -26.73 46.13 38.02
N PRO EA 94 -27.31 44.99 37.63
CA PRO EA 94 -27.07 44.48 36.27
C PRO EA 94 -27.79 45.31 35.22
N SER EA 95 -27.31 45.18 33.98
CA SER EA 95 -27.92 45.86 32.86
C SER EA 95 -29.36 45.39 32.70
N PRO EA 96 -30.24 46.23 32.16
CA PRO EA 96 -31.64 45.80 31.95
C PRO EA 96 -31.68 44.57 31.08
N THR EA 97 -32.33 43.52 31.57
CA THR EA 97 -32.39 42.24 30.89
C THR EA 97 -33.83 41.84 30.65
N VAL EA 98 -34.04 41.07 29.59
CA VAL EA 98 -35.38 40.64 29.20
C VAL EA 98 -35.68 39.33 29.91
N SER EA 99 -36.81 39.28 30.62
CA SER EA 99 -37.18 38.07 31.36
C SER EA 99 -37.76 37.01 30.44
N TYR EA 100 -38.76 37.38 29.65
CA TYR EA 100 -39.40 36.46 28.71
C TYR EA 100 -40.14 37.29 27.68
N VAL EA 101 -40.47 36.66 26.55
CA VAL EA 101 -41.12 37.40 25.47
C VAL EA 101 -42.31 36.67 24.90
N PRO EA 102 -43.54 37.04 25.28
CA PRO EA 102 -44.70 36.57 24.53
C PRO EA 102 -44.80 37.27 23.19
N LYS EA 103 -45.12 36.51 22.15
CA LYS EA 103 -45.14 37.09 20.83
C LYS EA 103 -46.19 36.39 19.97
N ALA EA 104 -46.49 37.02 18.83
CA ALA EA 104 -47.49 36.49 17.91
C ALA EA 104 -47.08 36.79 16.47
N PHE EA 105 -47.36 35.85 15.58
CA PHE EA 105 -46.94 35.90 14.18
C PHE EA 105 -48.13 35.43 13.35
N THR EA 106 -48.62 36.29 12.44
CA THR EA 106 -49.74 35.94 11.56
C THR EA 106 -49.31 36.13 10.12
N GLU EA 107 -49.60 35.14 9.27
CA GLU EA 107 -49.22 35.16 7.86
C GLU EA 107 -50.43 34.87 7.00
N PHE EA 108 -50.71 35.77 6.08
CA PHE EA 108 -51.73 35.60 5.05
C PHE EA 108 -51.03 35.20 3.76
N VAL EA 109 -51.53 34.12 3.15
CA VAL EA 109 -51.12 33.67 1.83
C VAL EA 109 -52.28 33.96 0.90
N LEU EA 110 -52.07 34.89 -0.04
CA LEU EA 110 -53.12 35.42 -0.89
C LEU EA 110 -52.73 35.19 -2.34
N PRO EA 111 -53.28 34.19 -3.03
CA PRO EA 111 -52.93 33.97 -4.43
C PRO EA 111 -53.23 35.21 -5.27
N GLU EA 112 -52.42 35.41 -6.31
CA GLU EA 112 -52.54 36.60 -7.13
C GLU EA 112 -53.86 36.64 -7.88
N ARG EA 113 -54.48 35.48 -8.12
CA ARG EA 113 -55.80 35.44 -8.73
C ARG EA 113 -56.93 35.81 -7.77
N ALA EA 114 -56.64 35.97 -6.47
CA ALA EA 114 -57.70 36.14 -5.49
C ALA EA 114 -58.26 37.56 -5.55
N THR EA 115 -59.58 37.66 -5.49
CA THR EA 115 -60.24 38.94 -5.65
C THR EA 115 -60.28 39.70 -4.33
N LEU EA 116 -60.53 41.01 -4.44
CA LEU EA 116 -60.63 41.87 -3.27
C LEU EA 116 -61.63 41.31 -2.27
N ASP EA 117 -62.73 40.72 -2.75
CA ASP EA 117 -63.69 40.13 -1.85
C ASP EA 117 -63.07 38.97 -1.06
N ASN EA 118 -62.30 38.12 -1.74
CA ASN EA 118 -61.61 37.02 -1.06
C ASN EA 118 -60.67 37.53 0.01
N ARG EA 119 -59.92 38.60 -0.29
CA ARG EA 119 -58.96 39.13 0.67
C ARG EA 119 -59.69 39.73 1.88
N LYS EA 120 -60.76 40.48 1.64
CA LYS EA 120 -61.54 41.03 2.75
C LYS EA 120 -62.11 39.91 3.61
N ASP EA 121 -62.60 38.84 2.97
CA ASP EA 121 -63.13 37.69 3.68
C ASP EA 121 -62.08 37.07 4.59
N ILE EA 122 -60.91 36.74 4.04
CA ILE EA 122 -59.92 36.02 4.82
C ILE EA 122 -59.41 36.89 5.97
N ARG EA 123 -59.19 38.19 5.72
CA ARG EA 123 -58.73 39.08 6.78
C ARG EA 123 -59.76 39.18 7.91
N LYS EA 124 -61.00 39.58 7.57
CA LYS EA 124 -62.03 39.74 8.59
C LYS EA 124 -62.25 38.45 9.36
N MET EA 125 -62.31 37.33 8.65
CA MET EA 125 -62.71 36.08 9.27
C MET EA 125 -61.60 35.52 10.16
N HIS EA 126 -60.35 35.65 9.75
CA HIS EA 126 -59.25 35.20 10.61
C HIS EA 126 -59.14 36.08 11.85
N ALA EA 127 -59.19 37.41 11.67
CA ALA EA 127 -59.16 38.31 12.82
C ALA EA 127 -60.26 37.97 13.81
N LEU EA 128 -61.45 37.66 13.29
CA LEU EA 128 -62.54 37.23 14.18
C LEU EA 128 -62.22 35.88 14.83
N ALA EA 129 -61.62 34.95 14.08
CA ALA EA 129 -61.29 33.64 14.61
C ALA EA 129 -60.33 33.73 15.79
N LEU EA 130 -59.56 34.81 15.86
CA LEU EA 130 -58.70 35.03 17.03
C LEU EA 130 -59.45 35.54 18.25
N THR EA 131 -60.72 35.90 18.12
CA THR EA 131 -61.50 36.45 19.24
C THR EA 131 -62.65 35.55 19.66
N THR EA 132 -62.75 34.35 19.10
CA THR EA 132 -63.81 33.42 19.49
C THR EA 132 -63.62 32.97 20.94
N SER EA 133 -64.69 32.46 21.54
CA SER EA 133 -64.60 31.98 22.91
C SER EA 133 -63.59 30.85 23.02
N GLU EA 134 -63.51 30.00 21.99
CA GLU EA 134 -62.52 28.93 21.97
C GLU EA 134 -61.10 29.49 21.90
N ALA EA 135 -60.87 30.48 21.04
CA ALA EA 135 -59.54 31.10 20.96
C ALA EA 135 -59.14 31.75 22.27
N ILE EA 136 -60.10 32.41 22.93
CA ILE EA 136 -59.78 33.06 24.20
C ILE EA 136 -59.48 32.01 25.27
N ALA EA 137 -60.23 30.90 25.27
CA ALA EA 137 -59.96 29.84 26.24
C ALA EA 137 -58.59 29.21 26.00
N MET EA 138 -58.18 29.08 24.73
CA MET EA 138 -56.89 28.45 24.44
C MET EA 138 -55.72 29.37 24.75
N ILE EA 139 -55.81 30.64 24.36
CA ILE EA 139 -54.66 31.53 24.52
C ILE EA 139 -54.57 32.10 25.93
N GLU EA 140 -55.70 32.44 26.55
CA GLU EA 140 -55.66 33.08 27.86
C GLU EA 140 -55.72 32.06 29.00
N SER EA 141 -56.64 31.11 28.91
CA SER EA 141 -56.84 30.13 29.97
C SER EA 141 -56.12 28.82 29.72
N LEU EA 142 -55.57 28.64 28.52
CA LEU EA 142 -54.75 27.47 28.22
C LEU EA 142 -55.56 26.18 28.33
N GLN EA 143 -56.70 26.16 27.62
CA GLN EA 143 -57.60 25.01 27.63
C GLN EA 143 -57.85 24.55 26.20
N PHE EA 144 -57.84 23.24 26.00
CA PHE EA 144 -58.14 22.66 24.69
C PHE EA 144 -59.63 22.38 24.60
N VAL EA 145 -60.09 22.02 23.38
CA VAL EA 145 -61.49 21.66 23.15
C VAL EA 145 -61.60 20.14 23.13
N TYR EA 146 -62.65 19.62 23.77
CA TYR EA 146 -62.82 18.19 23.96
C TYR EA 146 -64.18 17.69 23.47
N PRO FA 1 -39.08 64.53 -5.51
CA PRO FA 1 -40.53 64.58 -5.31
C PRO FA 1 -41.02 63.47 -4.41
N GLN FA 2 -42.16 63.66 -3.77
CA GLN FA 2 -42.71 62.64 -2.91
C GLN FA 2 -43.44 61.57 -3.73
N ALA FA 3 -43.63 60.41 -3.13
CA ALA FA 3 -44.41 59.37 -3.77
C ALA FA 3 -45.87 59.79 -3.81
N ALA FA 4 -46.43 59.92 -5.02
CA ALA FA 4 -47.81 60.32 -5.20
C ALA FA 4 -48.43 59.49 -6.31
N ASP FA 5 -49.76 59.54 -6.38
CA ASP FA 5 -50.47 58.89 -7.46
C ASP FA 5 -49.99 59.43 -8.81
N ILE FA 6 -49.94 58.56 -9.81
CA ILE FA 6 -49.60 58.95 -11.18
C ILE FA 6 -50.79 58.60 -12.04
N VAL FA 7 -51.35 59.58 -12.74
CA VAL FA 7 -52.57 59.35 -13.51
C VAL FA 7 -52.24 59.45 -14.99
N ILE FA 8 -52.59 58.40 -15.73
CA ILE FA 8 -52.27 58.27 -17.15
C ILE FA 8 -53.53 57.88 -17.91
N ALA FA 9 -53.74 58.51 -19.06
CA ALA FA 9 -54.97 58.35 -19.83
C ALA FA 9 -54.96 57.08 -20.69
N ASP FA 10 -56.11 56.45 -20.80
CA ASP FA 10 -56.31 55.31 -21.67
C ASP FA 10 -56.29 55.74 -23.13
N ALA FA 11 -56.25 54.76 -24.03
CA ALA FA 11 -56.37 55.01 -25.45
C ALA FA 11 -57.74 54.60 -26.01
N GLN FA 12 -58.77 54.58 -25.17
CA GLN FA 12 -60.10 54.23 -25.62
C GLN FA 12 -60.72 55.39 -26.40
N ALA FA 13 -61.86 55.10 -27.04
CA ALA FA 13 -62.61 56.13 -27.74
C ALA FA 13 -62.87 57.31 -26.84
N THR FA 14 -63.46 57.06 -25.67
CA THR FA 14 -63.50 58.04 -24.60
C THR FA 14 -62.44 57.65 -23.58
N PRO FA 15 -61.30 58.32 -23.55
CA PRO FA 15 -60.19 57.89 -22.69
C PRO FA 15 -60.61 57.77 -21.23
N VAL FA 16 -60.06 56.77 -20.56
CA VAL FA 16 -60.32 56.48 -19.14
C VAL FA 16 -59.02 56.70 -18.37
N ASN FA 17 -59.10 57.48 -17.30
CA ASN FA 17 -57.92 57.75 -16.48
C ASN FA 17 -57.60 56.53 -15.62
N HIS FA 18 -56.39 56.00 -15.75
CA HIS FA 18 -55.89 54.96 -14.87
C HIS FA 18 -55.00 55.61 -13.82
N THR FA 19 -55.29 55.34 -12.54
CA THR FA 19 -54.55 55.93 -11.44
C THR FA 19 -53.62 54.88 -10.84
N PHE FA 20 -52.32 55.13 -10.94
CA PHE FA 20 -51.28 54.27 -10.40
C PHE FA 20 -50.89 54.76 -9.01
N VAL FA 21 -51.36 54.05 -7.99
CA VAL FA 21 -51.10 54.33 -6.59
C VAL FA 21 -49.69 53.81 -6.28
N PRO FA 22 -48.86 54.54 -5.54
CA PRO FA 22 -47.53 54.00 -5.22
C PRO FA 22 -47.61 52.79 -4.31
N ILE FA 23 -46.99 51.68 -4.76
CA ILE FA 23 -46.83 50.50 -3.91
C ILE FA 23 -45.63 50.67 -3.01
N GLY FA 24 -44.56 51.24 -3.53
CA GLY FA 24 -43.39 51.46 -2.70
C GLY FA 24 -42.12 51.10 -3.42
N PRO FA 25 -41.01 51.12 -2.72
CA PRO FA 25 -39.74 50.75 -3.33
C PRO FA 25 -39.68 49.25 -3.58
N ASP FA 26 -38.83 48.90 -4.52
CA ASP FA 26 -38.66 47.51 -4.90
C ASP FA 26 -38.05 46.73 -3.73
N PRO FA 27 -38.46 45.47 -3.53
CA PRO FA 27 -37.93 44.72 -2.38
C PRO FA 27 -36.42 44.51 -2.41
N LYS FA 28 -35.88 44.28 -3.60
CA LYS FA 28 -34.49 43.85 -3.73
C LYS FA 28 -33.57 44.96 -4.24
N ASP FA 29 -34.10 46.00 -4.86
CA ASP FA 29 -33.32 47.13 -5.35
C ASP FA 29 -33.91 48.41 -4.79
N ALA FA 30 -33.09 49.18 -4.07
CA ALA FA 30 -33.51 50.41 -3.44
C ALA FA 30 -33.54 51.58 -4.42
N THR FA 31 -33.23 51.34 -5.70
CA THR FA 31 -33.16 52.42 -6.69
C THR FA 31 -34.33 52.40 -7.65
N ILE FA 32 -35.30 51.52 -7.46
CA ILE FA 32 -36.44 51.40 -8.35
C ILE FA 32 -37.71 51.41 -7.50
N TYR FA 33 -38.69 52.22 -7.92
CA TYR FA 33 -39.92 52.47 -7.17
C TYR FA 33 -41.11 52.06 -8.03
N TRP FA 34 -42.21 51.65 -7.37
CA TRP FA 34 -43.32 50.95 -7.99
C TRP FA 34 -44.66 51.61 -7.66
N TRP FA 35 -45.41 51.95 -8.72
CA TRP FA 35 -46.80 52.32 -8.69
C TRP FA 35 -47.63 51.25 -9.40
N GLU FA 36 -48.92 51.18 -9.06
CA GLU FA 36 -49.80 50.11 -9.52
C GLU FA 36 -51.22 50.64 -9.75
N ASP FA 37 -51.80 50.25 -10.90
CA ASP FA 37 -53.19 50.49 -11.24
C ASP FA 37 -53.98 49.24 -10.85
N GLN FA 38 -54.73 49.38 -9.76
CA GLN FA 38 -55.43 48.29 -9.08
C GLN FA 38 -56.90 48.21 -9.45
N SER FA 39 -57.27 48.75 -10.61
CA SER FA 39 -58.65 48.81 -11.04
C SER FA 39 -59.11 47.52 -11.70
N GLN FA 40 -58.17 46.64 -12.06
CA GLN FA 40 -58.45 45.46 -12.86
C GLN FA 40 -59.18 44.42 -12.01
N ALA FA 41 -59.46 43.26 -12.61
CA ALA FA 41 -60.41 42.32 -12.00
C ALA FA 41 -59.79 41.56 -10.81
N SER FA 42 -58.53 41.17 -10.91
CA SER FA 42 -57.78 40.57 -9.82
C SER FA 42 -56.34 41.07 -9.93
N PRO FA 43 -55.55 40.98 -8.86
CA PRO FA 43 -54.18 41.53 -8.94
C PRO FA 43 -53.36 40.98 -10.11
N ALA FA 44 -53.64 39.76 -10.55
CA ALA FA 44 -52.93 39.20 -11.71
C ALA FA 44 -53.01 40.10 -12.92
N GLY FA 45 -54.09 40.85 -13.05
CA GLY FA 45 -54.30 41.77 -14.14
C GLY FA 45 -54.03 43.23 -13.85
N TYR FA 46 -53.54 43.58 -12.65
CA TYR FA 46 -53.23 44.97 -12.34
C TYR FA 46 -52.11 45.48 -13.25
N TRP FA 47 -52.13 46.78 -13.55
CA TRP FA 47 -51.07 47.34 -14.39
C TRP FA 47 -50.02 48.02 -13.53
N ARG FA 48 -48.76 47.88 -13.90
CA ARG FA 48 -47.68 48.34 -13.03
C ARG FA 48 -46.77 49.30 -13.77
N LEU FA 49 -46.22 50.25 -13.01
CA LEU FA 49 -45.30 51.26 -13.52
C LEU FA 49 -44.13 51.34 -12.54
N SER FA 50 -42.91 51.35 -13.08
CA SER FA 50 -41.69 51.35 -12.27
C SER FA 50 -40.73 52.39 -12.79
N MET FA 51 -40.12 53.16 -11.89
CA MET FA 51 -39.14 54.16 -12.27
C MET FA 51 -37.87 53.95 -11.45
N GLN FA 52 -36.72 54.01 -12.13
CA GLN FA 52 -35.43 53.68 -11.52
C GLN FA 52 -34.39 54.73 -11.89
N LEU FA 53 -33.69 55.22 -10.87
CA LEU FA 53 -32.60 56.18 -11.04
C LEU FA 53 -31.34 55.56 -10.44
N VAL FA 54 -30.33 55.35 -11.27
CA VAL FA 54 -29.06 54.78 -10.85
C VAL FA 54 -27.99 55.83 -11.06
N ARG FA 55 -27.51 56.39 -9.96
CA ARG FA 55 -26.48 57.39 -9.79
C ARG FA 55 -25.14 56.70 -9.54
N PRO FA 56 -24.04 57.27 -10.01
CA PRO FA 56 -22.72 56.72 -9.71
C PRO FA 56 -22.24 57.14 -8.33
N ALA FA 57 -21.22 56.43 -7.84
CA ALA FA 57 -20.65 56.75 -6.55
C ALA FA 57 -20.05 58.16 -6.60
N PRO FA 58 -20.04 58.88 -5.48
CA PRO FA 58 -19.64 60.29 -5.52
C PRO FA 58 -18.22 60.46 -6.03
N ALA FA 59 -17.99 61.58 -6.69
CA ALA FA 59 -16.71 61.81 -7.34
C ALA FA 59 -15.61 62.02 -6.32
N LYS FA 60 -14.43 61.52 -6.63
CA LYS FA 60 -13.27 61.70 -5.76
C LYS FA 60 -12.47 62.92 -6.20
N ALA FA 61 -11.70 63.47 -5.26
CA ALA FA 61 -10.93 64.68 -5.53
C ALA FA 61 -9.89 64.40 -6.59
N GLY FA 62 -9.87 65.22 -7.65
CA GLY FA 62 -8.97 65.03 -8.74
C GLY FA 62 -9.32 63.92 -9.71
N GLN FA 63 -10.37 63.15 -9.43
CA GLN FA 63 -10.78 62.07 -10.33
C GLN FA 63 -11.37 62.64 -11.62
N ASN FA 64 -11.12 61.95 -12.73
CA ASN FA 64 -11.64 62.35 -14.03
C ASN FA 64 -13.05 61.79 -14.21
N THR FA 65 -14.02 62.65 -14.47
CA THR FA 65 -15.42 62.26 -14.44
C THR FA 65 -16.01 62.02 -15.82
N ASN FA 66 -15.20 62.03 -16.88
CA ASN FA 66 -15.85 61.97 -18.20
C ASN FA 66 -16.31 60.63 -18.55
N GLN FA 67 -16.25 59.66 -17.64
CA GLN FA 67 -16.80 58.35 -17.94
C GLN FA 67 -17.97 57.95 -17.02
N ARG FA 68 -18.27 58.73 -15.99
CA ARG FA 68 -19.33 58.37 -15.06
C ARG FA 68 -20.67 58.72 -15.70
N MET FA 69 -21.69 57.88 -15.47
CA MET FA 69 -22.96 58.05 -16.15
C MET FA 69 -24.12 57.70 -15.21
N ILE FA 70 -25.26 58.33 -15.48
CA ILE FA 70 -26.50 58.16 -14.72
C ILE FA 70 -27.51 57.47 -15.62
N ARG FA 71 -28.24 56.52 -15.08
CA ARG FA 71 -29.23 55.79 -15.86
C ARG FA 71 -30.61 55.97 -15.26
N VAL FA 72 -31.62 56.12 -16.12
CA VAL FA 72 -33.01 56.22 -15.71
C VAL FA 72 -33.81 55.21 -16.51
N ARG FA 73 -34.59 54.38 -15.83
CA ARG FA 73 -35.39 53.35 -16.49
C ARG FA 73 -36.84 53.49 -16.07
N VAL FA 74 -37.72 53.64 -17.04
CA VAL FA 74 -39.17 53.64 -16.82
C VAL FA 74 -39.74 52.39 -17.47
N SER FA 75 -40.65 51.73 -16.78
CA SER FA 75 -41.17 50.46 -17.26
C SER FA 75 -42.66 50.36 -16.97
N THR FA 76 -43.43 49.94 -17.96
CA THR FA 76 -44.87 49.79 -17.81
C THR FA 76 -45.29 48.38 -18.22
N PHE FA 77 -46.09 47.73 -17.39
CA PHE FA 77 -46.58 46.38 -17.62
C PHE FA 77 -48.10 46.40 -17.61
N GLU FA 78 -48.71 45.90 -18.68
CA GLU FA 78 -50.17 45.91 -18.83
C GLU FA 78 -50.68 44.51 -19.15
N PRO FA 79 -50.68 43.61 -18.17
CA PRO FA 79 -51.20 42.26 -18.42
C PRO FA 79 -52.68 42.27 -18.76
N ILE FA 80 -53.07 41.38 -19.67
CA ILE FA 80 -54.44 41.22 -20.11
C ILE FA 80 -54.95 39.87 -19.62
N LEU FA 81 -56.15 39.85 -19.08
CA LEU FA 81 -56.71 38.63 -18.52
C LEU FA 81 -57.60 37.91 -19.53
N GLU FA 82 -57.91 36.66 -19.20
CA GLU FA 82 -58.87 35.84 -19.92
C GLU FA 82 -59.63 34.99 -18.91
N VAL FA 83 -60.83 34.57 -19.29
CA VAL FA 83 -61.71 33.80 -18.42
C VAL FA 83 -62.20 32.58 -19.18
N ALA FA 84 -62.40 31.47 -18.45
CA ALA FA 84 -62.84 30.23 -19.06
C ALA FA 84 -64.35 30.19 -19.29
N VAL FA 85 -65.13 30.95 -18.52
CA VAL FA 85 -66.58 30.98 -18.66
C VAL FA 85 -67.08 32.32 -18.13
N THR FA 86 -68.16 32.83 -18.73
CA THR FA 86 -68.56 34.22 -18.52
C THR FA 86 -69.70 34.41 -17.53
N ALA FA 87 -70.27 33.34 -16.97
CA ALA FA 87 -71.37 33.45 -16.03
C ALA FA 87 -70.95 32.92 -14.65
N THR FA 88 -71.88 32.99 -13.71
CA THR FA 88 -71.67 32.46 -12.38
C THR FA 88 -72.71 31.38 -12.10
N TYR FA 89 -72.27 30.26 -11.57
CA TYR FA 89 -73.11 29.11 -11.27
C TYR FA 89 -73.07 28.85 -9.77
N SER FA 90 -74.24 28.81 -9.13
CA SER FA 90 -74.34 28.40 -7.72
C SER FA 90 -73.34 29.15 -6.85
N GLY FA 91 -73.23 30.45 -7.10
CA GLY FA 91 -72.34 31.31 -6.35
C GLY FA 91 -70.87 31.19 -6.67
N ILE FA 92 -70.48 30.43 -7.69
CA ILE FA 92 -69.09 30.27 -8.07
C ILE FA 92 -68.80 31.27 -9.18
N ALA FA 93 -67.95 32.24 -8.90
CA ALA FA 93 -67.73 33.17 -10.01
C ALA FA 93 -66.56 32.72 -10.87
N PRO FA 94 -66.54 33.18 -12.12
CA PRO FA 94 -65.38 32.92 -12.97
C PRO FA 94 -64.15 33.64 -12.43
N SER FA 95 -63.03 32.92 -12.42
CA SER FA 95 -61.78 33.46 -11.91
C SER FA 95 -60.82 33.61 -13.08
N PRO FA 96 -60.45 34.83 -13.45
CA PRO FA 96 -59.61 35.03 -14.63
C PRO FA 96 -58.16 34.73 -14.37
N THR FA 97 -57.45 34.34 -15.43
CA THR FA 97 -56.01 34.17 -15.42
C THR FA 97 -55.38 35.12 -16.41
N VAL FA 98 -54.06 35.27 -16.33
CA VAL FA 98 -53.36 36.12 -17.27
C VAL FA 98 -53.29 35.41 -18.61
N SER FA 99 -53.53 36.16 -19.69
CA SER FA 99 -53.51 35.65 -21.04
C SER FA 99 -52.23 36.01 -21.78
N TYR FA 100 -51.82 37.27 -21.70
CA TYR FA 100 -50.57 37.74 -22.29
C TYR FA 100 -50.22 39.07 -21.64
N VAL FA 101 -48.95 39.45 -21.76
CA VAL FA 101 -48.52 40.70 -21.12
C VAL FA 101 -47.76 41.58 -22.10
N PRO FA 102 -48.42 42.58 -22.69
CA PRO FA 102 -47.67 43.63 -23.39
C PRO FA 102 -46.97 44.54 -22.40
N LYS FA 103 -45.76 44.97 -22.74
CA LYS FA 103 -44.99 45.77 -21.81
C LYS FA 103 -44.05 46.68 -22.57
N ALA FA 104 -43.52 47.68 -21.86
CA ALA FA 104 -42.62 48.65 -22.47
C ALA FA 104 -41.53 49.01 -21.47
N PHE FA 105 -40.33 49.22 -21.98
CA PHE FA 105 -39.14 49.47 -21.17
C PHE FA 105 -38.35 50.58 -21.85
N THR FA 106 -38.11 51.70 -21.14
CA THR FA 106 -37.34 52.83 -21.65
C THR FA 106 -36.17 53.10 -20.73
N GLU FA 107 -34.99 53.34 -21.33
CA GLU FA 107 -33.75 53.60 -20.59
C GLU FA 107 -33.08 54.84 -21.16
N PHE FA 108 -32.85 55.83 -20.31
CA PHE FA 108 -32.04 56.99 -20.60
C PHE FA 108 -30.65 56.78 -20.03
N VAL FA 109 -29.64 56.98 -20.87
CA VAL FA 109 -28.25 57.03 -20.45
C VAL FA 109 -27.82 58.49 -20.54
N LEU FA 110 -27.65 59.11 -19.38
CA LEU FA 110 -27.29 60.51 -19.25
C LEU FA 110 -25.90 60.59 -18.65
N PRO FA 111 -24.87 60.92 -19.43
CA PRO FA 111 -23.54 61.08 -18.84
C PRO FA 111 -23.54 62.21 -17.82
N GLU FA 112 -22.84 61.97 -16.70
CA GLU FA 112 -22.90 62.89 -15.57
C GLU FA 112 -22.47 64.31 -15.94
N ARG FA 113 -21.59 64.46 -16.92
CA ARG FA 113 -21.14 65.79 -17.33
C ARG FA 113 -22.15 66.53 -18.19
N ALA FA 114 -23.33 65.97 -18.44
CA ALA FA 114 -24.25 66.59 -19.39
C ALA FA 114 -24.97 67.76 -18.76
N THR FA 115 -25.37 68.71 -19.59
CA THR FA 115 -26.07 69.91 -19.14
C THR FA 115 -27.55 69.60 -18.90
N LEU FA 116 -28.15 70.38 -18.00
CA LEU FA 116 -29.60 70.38 -17.86
C LEU FA 116 -30.27 70.50 -19.22
N ASP FA 117 -29.70 71.33 -20.10
CA ASP FA 117 -30.27 71.48 -21.44
C ASP FA 117 -30.20 70.17 -22.21
N ASN FA 118 -29.07 69.47 -22.14
CA ASN FA 118 -28.95 68.18 -22.81
C ASN FA 118 -29.98 67.19 -22.30
N ARG FA 119 -30.23 67.20 -20.99
CA ARG FA 119 -31.19 66.26 -20.41
C ARG FA 119 -32.61 66.59 -20.84
N LYS FA 120 -32.97 67.88 -20.81
CA LYS FA 120 -34.30 68.29 -21.29
C LYS FA 120 -34.47 67.91 -22.75
N ASP FA 121 -33.42 68.10 -23.55
CA ASP FA 121 -33.44 67.75 -24.97
C ASP FA 121 -33.73 66.26 -25.15
N ILE FA 122 -32.93 65.41 -24.52
CA ILE FA 122 -33.08 63.97 -24.75
C ILE FA 122 -34.45 63.49 -24.27
N ARG FA 123 -34.90 63.97 -23.10
CA ARG FA 123 -36.21 63.57 -22.59
C ARG FA 123 -37.32 63.96 -23.54
N LYS FA 124 -37.43 65.28 -23.84
CA LYS FA 124 -38.51 65.74 -24.68
C LYS FA 124 -38.49 65.06 -26.04
N MET FA 125 -37.30 64.96 -26.64
CA MET FA 125 -37.21 64.50 -28.03
C MET FA 125 -37.49 63.01 -28.14
N HIS FA 126 -37.06 62.21 -27.15
CA HIS FA 126 -37.41 60.80 -27.19
C HIS FA 126 -38.89 60.60 -26.96
N ALA FA 127 -39.46 61.28 -25.95
CA ALA FA 127 -40.90 61.17 -25.71
C ALA FA 127 -41.68 61.53 -26.96
N LEU FA 128 -41.23 62.55 -27.69
CA LEU FA 128 -41.88 62.91 -28.95
C LEU FA 128 -41.67 61.83 -30.01
N ALA FA 129 -40.47 61.26 -30.07
CA ALA FA 129 -40.18 60.23 -31.07
C ALA FA 129 -41.08 59.01 -30.88
N LEU FA 130 -41.58 58.81 -29.66
CA LEU FA 130 -42.55 57.74 -29.44
C LEU FA 130 -43.95 58.06 -29.99
N THR FA 131 -44.21 59.30 -30.38
CA THR FA 131 -45.53 59.70 -30.87
C THR FA 131 -45.54 60.09 -32.33
N THR FA 132 -44.42 59.93 -33.03
CA THR FA 132 -44.37 60.26 -34.45
C THR FA 132 -45.29 59.32 -35.24
N SER FA 133 -45.70 59.77 -36.43
CA SER FA 133 -46.56 58.95 -37.28
C SER FA 133 -45.91 57.61 -37.60
N GLU FA 134 -44.58 57.61 -37.77
CA GLU FA 134 -43.86 56.37 -38.02
C GLU FA 134 -43.90 55.45 -36.80
N ALA FA 135 -43.69 56.00 -35.61
CA ALA FA 135 -43.77 55.19 -34.40
C ALA FA 135 -45.17 54.61 -34.21
N ILE FA 136 -46.19 55.40 -34.52
CA ILE FA 136 -47.56 54.90 -34.38
C ILE FA 136 -47.83 53.81 -35.40
N ALA FA 137 -47.35 53.98 -36.64
CA ALA FA 137 -47.52 52.96 -37.66
C ALA FA 137 -46.80 51.66 -37.29
N MET FA 138 -45.65 51.76 -36.60
CA MET FA 138 -44.89 50.56 -36.27
C MET FA 138 -45.44 49.84 -35.04
N ILE FA 139 -45.87 50.59 -34.02
CA ILE FA 139 -46.32 49.95 -32.78
C ILE FA 139 -47.79 49.55 -32.88
N GLU FA 140 -48.65 50.42 -33.42
CA GLU FA 140 -50.08 50.13 -33.47
C GLU FA 140 -50.46 49.36 -34.73
N SER FA 141 -49.99 49.82 -35.89
CA SER FA 141 -50.35 49.22 -37.16
C SER FA 141 -49.40 48.12 -37.61
N LEU FA 142 -48.25 47.98 -36.96
CA LEU FA 142 -47.32 46.88 -37.23
C LEU FA 142 -46.83 46.90 -38.66
N GLN FA 143 -46.46 48.09 -39.15
CA GLN FA 143 -45.94 48.28 -40.49
C GLN FA 143 -44.60 49.00 -40.41
N PHE FA 144 -43.58 48.40 -41.03
CA PHE FA 144 -42.26 49.00 -41.11
C PHE FA 144 -42.23 50.08 -42.20
N VAL FA 145 -41.10 50.79 -42.30
CA VAL FA 145 -40.90 51.83 -43.30
C VAL FA 145 -40.11 51.25 -44.48
N TYR FA 146 -40.62 51.47 -45.69
CA TYR FA 146 -40.02 50.90 -46.89
C TYR FA 146 -39.67 51.98 -47.93
N PRO GA 1 -39.96 59.76 11.24
CA PRO GA 1 -40.21 60.95 10.42
C PRO GA 1 -40.03 60.65 8.93
N GLN GA 2 -41.04 60.98 8.11
CA GLN GA 2 -40.90 60.74 6.68
C GLN GA 2 -39.80 61.63 6.11
N ALA GA 3 -39.09 61.13 5.10
CA ALA GA 3 -38.00 61.90 4.52
C ALA GA 3 -38.55 63.15 3.83
N ALA GA 4 -37.90 64.28 4.08
CA ALA GA 4 -38.27 65.52 3.42
C ALA GA 4 -37.03 66.38 3.25
N ASP GA 5 -37.18 67.47 2.50
CA ASP GA 5 -36.06 68.38 2.24
C ASP GA 5 -35.47 68.86 3.57
N ILE GA 6 -34.14 68.99 3.60
CA ILE GA 6 -33.43 69.52 4.76
C ILE GA 6 -32.79 70.82 4.34
N VAL GA 7 -33.15 71.93 4.98
CA VAL GA 7 -32.65 73.24 4.57
C VAL GA 7 -31.69 73.76 5.64
N ILE GA 8 -30.48 74.08 5.20
CA ILE GA 8 -29.40 74.50 6.10
C ILE GA 8 -28.81 75.80 5.56
N ALA GA 9 -28.57 76.75 6.45
CA ALA GA 9 -28.11 78.07 6.04
C ALA GA 9 -26.61 78.08 5.73
N ASP GA 10 -26.24 78.91 4.75
CA ASP GA 10 -24.83 79.10 4.40
C ASP GA 10 -24.13 79.91 5.49
N ALA GA 11 -22.84 80.17 5.28
CA ALA GA 11 -22.07 81.03 6.17
C ALA GA 11 -21.62 82.31 5.47
N GLN GA 12 -22.35 82.74 4.44
CA GLN GA 12 -21.95 83.93 3.70
C GLN GA 12 -22.33 85.19 4.47
N ALA GA 13 -21.87 86.34 3.95
CA ALA GA 13 -22.26 87.63 4.49
C ALA GA 13 -23.76 87.70 4.68
N THR GA 14 -24.50 87.52 3.60
CA THR GA 14 -25.93 87.24 3.71
C THR GA 14 -26.11 85.74 3.56
N PRO GA 15 -26.46 85.02 4.62
CA PRO GA 15 -26.58 83.56 4.52
C PRO GA 15 -27.54 83.16 3.40
N VAL GA 16 -27.16 82.11 2.68
CA VAL GA 16 -27.92 81.57 1.56
C VAL GA 16 -28.38 80.16 1.92
N ASN GA 17 -29.69 79.92 1.82
CA ASN GA 17 -30.23 78.62 2.20
C ASN GA 17 -29.88 77.57 1.15
N HIS GA 18 -29.31 76.45 1.60
CA HIS GA 18 -29.09 75.29 0.76
C HIS GA 18 -30.15 74.25 1.08
N THR GA 19 -30.83 73.77 0.05
CA THR GA 19 -31.89 72.78 0.20
C THR GA 19 -31.37 71.42 -0.25
N PHE GA 20 -31.34 70.46 0.68
CA PHE GA 20 -30.91 69.09 0.45
C PHE GA 20 -32.15 68.22 0.21
N VAL GA 21 -32.37 67.86 -1.05
CA VAL GA 21 -33.47 66.99 -1.44
C VAL GA 21 -33.06 65.55 -1.12
N PRO GA 22 -33.91 64.72 -0.53
CA PRO GA 22 -33.51 63.33 -0.29
C PRO GA 22 -33.29 62.58 -1.59
N ILE GA 23 -32.13 61.91 -1.67
CA ILE GA 23 -31.89 60.92 -2.71
C ILE GA 23 -32.43 59.57 -2.30
N GLY GA 24 -32.38 59.25 -1.01
CA GLY GA 24 -32.90 57.98 -0.54
C GLY GA 24 -31.86 57.16 0.18
N PRO GA 25 -32.20 55.93 0.52
CA PRO GA 25 -31.26 55.08 1.26
C PRO GA 25 -30.16 54.57 0.35
N ASP GA 26 -28.98 54.42 0.94
CA ASP GA 26 -27.84 53.89 0.21
C ASP GA 26 -28.17 52.48 -0.26
N PRO GA 27 -28.05 52.17 -1.54
CA PRO GA 27 -28.32 50.79 -1.99
C PRO GA 27 -27.37 49.78 -1.37
N LYS GA 28 -26.13 50.18 -1.06
CA LYS GA 28 -25.17 49.26 -0.47
C LYS GA 28 -25.47 49.00 1.01
N ASP GA 29 -25.93 50.04 1.73
CA ASP GA 29 -26.24 49.93 3.16
C ASP GA 29 -27.57 50.61 3.43
N ALA GA 30 -28.55 49.85 3.88
CA ALA GA 30 -29.90 50.36 4.09
C ALA GA 30 -30.01 51.25 5.33
N THR GA 31 -29.02 51.24 6.23
CA THR GA 31 -29.09 52.01 7.46
C THR GA 31 -28.57 53.42 7.30
N ILE GA 32 -28.28 53.86 6.09
CA ILE GA 32 -27.75 55.20 5.89
C ILE GA 32 -28.56 55.86 4.76
N TYR GA 33 -29.03 57.07 5.01
CA TYR GA 33 -29.91 57.81 4.11
C TYR GA 33 -29.21 59.06 3.62
N TRP GA 34 -29.53 59.47 2.39
CA TRP GA 34 -28.79 60.50 1.68
C TRP GA 34 -29.72 61.60 1.17
N TRP GA 35 -29.36 62.84 1.47
CA TRP GA 35 -29.89 64.05 0.86
C TRP GA 35 -28.78 64.73 0.05
N GLU GA 36 -29.17 65.52 -0.94
CA GLU GA 36 -28.25 66.12 -1.89
C GLU GA 36 -28.66 67.56 -2.19
N ASP GA 37 -27.67 68.46 -2.19
CA ASP GA 37 -27.87 69.86 -2.55
C ASP GA 37 -27.50 70.03 -4.02
N GLN GA 38 -28.50 70.27 -4.85
CA GLN GA 38 -28.30 70.28 -6.30
C GLN GA 38 -28.03 71.67 -6.86
N SER GA 39 -27.61 72.62 -6.03
CA SER GA 39 -27.44 73.99 -6.46
C SER GA 39 -26.06 74.27 -7.05
N GLN GA 40 -25.19 73.27 -7.09
CA GLN GA 40 -23.81 73.47 -7.51
C GLN GA 40 -23.73 73.42 -9.04
N ALA GA 41 -22.50 73.49 -9.56
CA ALA GA 41 -22.30 73.76 -10.98
C ALA GA 41 -22.61 72.55 -11.85
N SER GA 42 -22.22 71.35 -11.42
CA SER GA 42 -22.56 70.12 -12.12
C SER GA 42 -22.63 69.01 -11.09
N PRO GA 43 -23.23 67.86 -11.41
CA PRO GA 43 -23.56 66.88 -10.36
C PRO GA 43 -22.37 66.41 -9.54
N ALA GA 44 -21.19 66.28 -10.15
CA ALA GA 44 -20.02 65.82 -9.41
C ALA GA 44 -19.75 66.68 -8.19
N GLY GA 45 -20.12 67.97 -8.24
CA GLY GA 45 -19.93 68.90 -7.15
C GLY GA 45 -21.12 69.14 -6.25
N TYR GA 46 -22.21 68.38 -6.40
CA TYR GA 46 -23.38 68.53 -5.55
C TYR GA 46 -23.03 68.19 -4.10
N TRP GA 47 -23.37 69.07 -3.17
CA TRP GA 47 -23.11 68.78 -1.76
C TRP GA 47 -24.07 67.71 -1.26
N ARG GA 48 -23.60 66.88 -0.33
CA ARG GA 48 -24.41 65.77 0.15
C ARG GA 48 -24.39 65.72 1.67
N LEU GA 49 -25.44 65.11 2.20
CA LEU GA 49 -25.63 64.95 3.64
C LEU GA 49 -26.16 63.54 3.87
N SER GA 50 -25.61 62.85 4.87
CA SER GA 50 -25.94 61.45 5.14
C SER GA 50 -26.22 61.25 6.62
N MET GA 51 -27.28 60.51 6.93
CA MET GA 51 -27.60 60.18 8.31
C MET GA 51 -27.80 58.69 8.45
N GLN GA 52 -27.17 58.09 9.47
CA GLN GA 52 -27.13 56.64 9.65
C GLN GA 52 -27.54 56.28 11.06
N LEU GA 53 -28.45 55.32 11.17
CA LEU GA 53 -28.90 54.80 12.45
C LEU GA 53 -28.69 53.29 12.44
N VAL GA 54 -27.84 52.81 13.34
CA VAL GA 54 -27.52 51.39 13.46
C VAL GA 54 -27.98 50.96 14.85
N ARG GA 55 -29.13 50.31 14.91
CA ARG GA 55 -29.73 49.69 16.08
C ARG GA 55 -29.36 48.22 16.12
N PRO GA 56 -29.08 47.70 17.31
CA PRO GA 56 -28.65 46.31 17.40
C PRO GA 56 -29.82 45.35 17.26
N ALA GA 57 -29.48 44.09 16.98
CA ALA GA 57 -30.48 43.05 16.92
C ALA GA 57 -31.23 42.99 18.25
N PRO GA 58 -32.52 42.68 18.22
CA PRO GA 58 -33.34 42.82 19.44
C PRO GA 58 -32.83 41.97 20.59
N ALA GA 59 -32.99 42.50 21.80
CA ALA GA 59 -32.58 41.80 23.00
C ALA GA 59 -33.33 40.48 23.11
N LYS GA 60 -32.64 39.45 23.57
CA LYS GA 60 -33.22 38.13 23.72
C LYS GA 60 -33.45 37.82 25.20
N ALA GA 61 -34.32 36.84 25.44
CA ALA GA 61 -34.70 36.51 26.80
C ALA GA 61 -33.50 36.02 27.58
N GLY GA 62 -33.27 36.60 28.76
CA GLY GA 62 -32.13 36.25 29.58
C GLY GA 62 -30.78 36.69 29.07
N GLN GA 63 -30.73 37.44 27.96
CA GLN GA 63 -29.47 37.90 27.40
C GLN GA 63 -28.93 39.07 28.22
N ASN GA 64 -27.62 39.30 28.10
CA ASN GA 64 -26.97 40.36 28.84
C ASN GA 64 -26.80 41.58 27.94
N THR GA 65 -27.29 42.73 28.41
CA THR GA 65 -27.38 43.93 27.59
C THR GA 65 -26.16 44.84 27.69
N ASN GA 66 -25.28 44.62 28.67
CA ASN GA 66 -24.36 45.67 29.12
C ASN GA 66 -23.36 46.08 28.05
N GLN GA 67 -23.35 45.43 26.89
CA GLN GA 67 -22.46 45.84 25.81
C GLN GA 67 -23.17 46.22 24.52
N ARG GA 68 -24.49 46.03 24.42
CA ARG GA 68 -25.18 46.37 23.19
C ARG GA 68 -25.29 47.87 23.06
N MET GA 69 -25.09 48.38 21.85
CA MET GA 69 -25.02 49.82 21.63
C MET GA 69 -25.61 50.23 20.29
N ILE GA 70 -26.12 51.47 20.26
CA ILE GA 70 -26.72 52.09 19.09
C ILE GA 70 -25.77 53.15 18.58
N ARG GA 71 -25.61 53.24 17.26
CA ARG GA 71 -24.74 54.25 16.68
C ARG GA 71 -25.52 55.14 15.73
N VAL GA 72 -25.19 56.42 15.71
CA VAL GA 72 -25.78 57.38 14.78
C VAL GA 72 -24.66 58.20 14.17
N ARG GA 73 -24.60 58.24 12.84
CA ARG GA 73 -23.54 58.96 12.14
C ARG GA 73 -24.15 59.97 11.19
N VAL GA 74 -23.83 61.25 11.39
CA VAL GA 74 -24.23 62.32 10.51
C VAL GA 74 -22.99 62.84 9.78
N SER GA 75 -23.05 62.91 8.47
CA SER GA 75 -21.90 63.26 7.66
C SER GA 75 -22.30 64.31 6.61
N THR GA 76 -21.45 65.31 6.42
CA THR GA 76 -21.71 66.34 5.41
C THR GA 76 -20.49 66.51 4.51
N PHE GA 77 -20.72 66.49 3.20
CA PHE GA 77 -19.68 66.62 2.19
C PHE GA 77 -20.00 67.82 1.32
N GLU GA 78 -19.03 68.73 1.19
CA GLU GA 78 -19.18 69.97 0.42
C GLU GA 78 -18.08 70.08 -0.62
N PRO GA 79 -18.07 69.20 -1.62
CA PRO GA 79 -17.00 69.24 -2.61
C PRO GA 79 -17.01 70.55 -3.41
N ILE GA 80 -15.81 71.06 -3.67
CA ILE GA 80 -15.61 72.28 -4.43
C ILE GA 80 -15.13 71.91 -5.82
N LEU GA 81 -15.90 72.29 -6.83
CA LEU GA 81 -15.56 71.94 -8.21
C LEU GA 81 -14.36 72.75 -8.69
N GLU GA 82 -13.49 72.10 -9.46
CA GLU GA 82 -12.36 72.79 -10.05
C GLU GA 82 -12.86 73.80 -11.08
N VAL GA 83 -12.25 74.97 -11.10
CA VAL GA 83 -12.54 75.99 -12.12
C VAL GA 83 -11.55 75.83 -13.25
N ALA GA 84 -12.07 75.76 -14.48
CA ALA GA 84 -11.25 75.44 -15.64
C ALA GA 84 -10.39 76.64 -16.03
N VAL GA 85 -9.18 76.35 -16.50
CA VAL GA 85 -8.36 77.35 -17.19
C VAL GA 85 -8.04 76.79 -18.57
N THR GA 86 -7.27 77.55 -19.34
CA THR GA 86 -6.99 77.16 -20.71
C THR GA 86 -6.14 75.88 -20.73
N ALA GA 87 -6.66 74.84 -21.38
CA ALA GA 87 -5.92 73.61 -21.59
C ALA GA 87 -5.05 73.76 -22.83
N THR GA 88 -3.77 73.43 -22.69
CA THR GA 88 -2.81 73.72 -23.75
C THR GA 88 -2.30 72.49 -24.49
N TYR GA 89 -2.43 71.29 -23.92
CA TYR GA 89 -1.99 70.10 -24.64
C TYR GA 89 -2.94 69.76 -25.76
N SER GA 90 -4.23 69.62 -25.45
CA SER GA 90 -5.21 69.20 -26.44
C SER GA 90 -6.17 70.31 -26.85
N GLY GA 91 -6.20 71.43 -26.13
CA GLY GA 91 -7.17 72.48 -26.42
C GLY GA 91 -8.59 72.10 -26.10
N ILE GA 92 -8.79 70.96 -25.44
CA ILE GA 92 -10.11 70.44 -25.07
C ILE GA 92 -10.26 70.63 -23.57
N ALA GA 93 -11.21 71.47 -23.16
CA ALA GA 93 -11.41 71.75 -21.76
C ALA GA 93 -11.75 70.45 -21.02
N PRO GA 94 -11.30 70.30 -19.78
CA PRO GA 94 -11.45 69.01 -19.10
C PRO GA 94 -12.85 68.82 -18.55
N SER GA 95 -13.20 67.54 -18.38
CA SER GA 95 -14.45 67.18 -17.74
C SER GA 95 -14.51 67.82 -16.35
N PRO GA 96 -15.71 68.10 -15.84
CA PRO GA 96 -15.80 68.67 -14.48
C PRO GA 96 -15.16 67.72 -13.49
N THR GA 97 -14.20 68.25 -12.75
CA THR GA 97 -13.43 67.46 -11.79
C THR GA 97 -13.53 68.11 -10.42
N VAL GA 98 -13.59 67.28 -9.39
CA VAL GA 98 -13.66 67.77 -8.02
C VAL GA 98 -12.26 68.19 -7.58
N SER GA 99 -12.13 69.43 -7.12
CA SER GA 99 -10.81 69.94 -6.73
C SER GA 99 -10.41 69.46 -5.34
N TYR GA 100 -11.27 69.64 -4.35
CA TYR GA 100 -11.01 69.17 -2.99
C TYR GA 100 -12.33 69.09 -2.26
N VAL GA 101 -12.35 68.35 -1.15
CA VAL GA 101 -13.60 68.16 -0.44
C VAL GA 101 -13.46 68.45 1.06
N PRO GA 102 -13.96 69.59 1.53
CA PRO GA 102 -14.14 69.79 2.97
C PRO GA 102 -15.30 68.95 3.47
N LYS GA 103 -15.08 68.20 4.55
CA LYS GA 103 -16.13 67.31 5.00
C LYS GA 103 -16.13 67.20 6.52
N ALA GA 104 -17.23 66.69 7.05
CA ALA GA 104 -17.36 66.51 8.49
C ALA GA 104 -18.14 65.23 8.77
N PHE GA 105 -17.75 64.57 9.86
CA PHE GA 105 -18.27 63.25 10.24
C PHE GA 105 -18.48 63.24 11.74
N THR GA 106 -19.73 63.07 12.19
CA THR GA 106 -20.06 63.01 13.60
C THR GA 106 -20.68 61.65 13.92
N GLU GA 107 -20.17 60.98 14.95
CA GLU GA 107 -20.67 59.68 15.38
C GLU GA 107 -21.06 59.75 16.85
N PHE GA 108 -22.31 59.43 17.13
CA PHE GA 108 -22.84 59.25 18.48
C PHE GA 108 -22.83 57.77 18.79
N VAL GA 109 -22.21 57.43 19.92
CA VAL GA 109 -22.29 56.08 20.50
C VAL GA 109 -23.21 56.18 21.70
N LEU GA 110 -24.41 55.62 21.57
CA LEU GA 110 -25.43 55.64 22.61
C LEU GA 110 -25.66 54.21 23.05
N PRO GA 111 -25.17 53.81 24.21
CA PRO GA 111 -25.47 52.44 24.69
C PRO GA 111 -26.97 52.27 24.89
N GLU GA 112 -27.47 51.09 24.52
CA GLU GA 112 -28.92 50.84 24.56
C GLU GA 112 -29.46 51.09 25.96
N ARG GA 113 -28.70 50.72 26.98
CA ARG GA 113 -29.02 51.01 28.37
C ARG GA 113 -29.36 52.47 28.64
N ALA GA 114 -28.84 53.41 27.86
CA ALA GA 114 -28.94 54.82 28.22
C ALA GA 114 -30.37 55.33 28.11
N THR GA 115 -30.70 56.31 28.96
CA THR GA 115 -32.03 56.88 29.01
C THR GA 115 -32.21 57.98 27.98
N LEU GA 116 -33.49 58.27 27.69
CA LEU GA 116 -33.82 59.38 26.80
C LEU GA 116 -33.15 60.66 27.23
N ASP GA 117 -33.11 60.91 28.54
CA ASP GA 117 -32.42 62.11 29.02
C ASP GA 117 -30.95 62.08 28.66
N ASN GA 118 -30.30 60.91 28.79
CA ASN GA 118 -28.89 60.80 28.40
C ASN GA 118 -28.70 61.13 26.92
N ARG GA 119 -29.60 60.63 26.07
CA ARG GA 119 -29.46 60.87 24.63
C ARG GA 119 -29.70 62.34 24.29
N LYS GA 120 -30.71 62.95 24.90
CA LYS GA 120 -30.95 64.38 24.69
C LYS GA 120 -29.76 65.21 25.14
N ASP GA 121 -29.17 64.83 26.28
CA ASP GA 121 -27.99 65.50 26.81
C ASP GA 121 -26.84 65.45 25.82
N ILE GA 122 -26.49 64.25 25.36
CA ILE GA 122 -25.31 64.13 24.50
C ILE GA 122 -25.52 64.86 23.18
N ARG GA 123 -26.73 64.72 22.59
CA ARG GA 123 -27.00 65.41 21.33
C ARG GA 123 -26.89 66.93 21.49
N LYS GA 124 -27.67 67.50 22.44
CA LYS GA 124 -27.67 68.95 22.60
C LYS GA 124 -26.27 69.47 22.92
N MET GA 125 -25.58 68.79 23.84
CA MET GA 125 -24.32 69.35 24.35
C MET GA 125 -23.21 69.25 23.33
N HIS GA 126 -23.20 68.18 22.51
CA HIS GA 126 -22.21 68.12 21.45
C HIS GA 126 -22.52 69.16 20.36
N ALA GA 127 -23.79 69.25 19.93
CA ALA GA 127 -24.15 70.23 18.91
C ALA GA 127 -23.81 71.64 19.36
N LEU GA 128 -23.88 71.90 20.66
CA LEU GA 128 -23.43 73.18 21.19
C LEU GA 128 -21.91 73.28 21.21
N ALA GA 129 -21.22 72.19 21.57
CA ALA GA 129 -19.76 72.22 21.63
C ALA GA 129 -19.15 72.54 20.28
N LEU GA 130 -19.85 72.22 19.19
CA LEU GA 130 -19.39 72.60 17.87
C LEU GA 130 -19.54 74.09 17.57
N THR GA 131 -20.23 74.84 18.42
CA THR GA 131 -20.44 76.27 18.19
C THR GA 131 -19.68 77.15 19.18
N THR GA 132 -18.87 76.57 20.06
CA THR GA 132 -18.10 77.34 21.02
C THR GA 132 -17.07 78.21 20.31
N SER GA 133 -16.65 79.28 20.98
CA SER GA 133 -15.63 80.17 20.41
C SER GA 133 -14.35 79.41 20.13
N GLU GA 134 -14.03 78.42 20.97
CA GLU GA 134 -12.84 77.60 20.77
C GLU GA 134 -12.96 76.75 19.50
N ALA GA 135 -14.11 76.12 19.30
CA ALA GA 135 -14.33 75.34 18.09
C ALA GA 135 -14.29 76.22 16.85
N ILE GA 136 -14.87 77.42 16.94
CA ILE GA 136 -14.83 78.35 15.81
C ILE GA 136 -13.40 78.75 15.50
N ALA GA 137 -12.59 79.00 16.54
CA ALA GA 137 -11.21 79.40 16.32
C ALA GA 137 -10.39 78.27 15.71
N MET GA 138 -10.65 77.02 16.13
CA MET GA 138 -9.86 75.90 15.58
C MET GA 138 -10.25 75.60 14.14
N ILE GA 139 -11.54 75.57 13.84
CA ILE GA 139 -11.96 75.13 12.51
C ILE GA 139 -11.82 76.26 11.50
N GLU GA 140 -12.19 77.49 11.88
CA GLU GA 140 -12.18 78.59 10.92
C GLU GA 140 -10.83 79.29 10.85
N SER GA 141 -10.24 79.59 12.02
CA SER GA 141 -9.01 80.37 12.09
C SER GA 141 -7.77 79.52 12.34
N LEU GA 142 -7.93 78.22 12.55
CA LEU GA 142 -6.80 77.29 12.66
C LEU GA 142 -5.89 77.63 13.83
N GLN GA 143 -6.49 77.89 14.99
CA GLN GA 143 -5.78 78.26 16.20
C GLN GA 143 -6.12 77.29 17.32
N PHE GA 144 -5.09 76.81 18.02
CA PHE GA 144 -5.26 75.96 19.17
C PHE GA 144 -5.47 76.79 20.43
N VAL GA 145 -5.65 76.13 21.58
CA VAL GA 145 -5.82 76.82 22.85
C VAL GA 145 -4.57 76.59 23.70
N TYR GA 146 -4.22 77.57 24.50
CA TYR GA 146 -2.92 77.54 25.19
C TYR GA 146 -2.99 78.02 26.64
N PRO HA 1 -32.85 -134.32 18.13
CA PRO HA 1 -32.65 -135.60 18.83
C PRO HA 1 -31.29 -135.67 19.51
N GLN HA 2 -31.18 -136.47 20.56
CA GLN HA 2 -29.90 -136.62 21.24
C GLN HA 2 -28.93 -137.41 20.37
N ALA HA 3 -27.65 -137.07 20.48
CA ALA HA 3 -26.62 -137.67 19.64
C ALA HA 3 -26.31 -139.08 20.11
N ALA HA 4 -26.25 -140.01 19.17
CA ALA HA 4 -25.90 -141.40 19.49
C ALA HA 4 -25.09 -141.98 18.34
N ASP HA 5 -24.64 -143.23 18.54
CA ASP HA 5 -23.79 -143.91 17.57
C ASP HA 5 -24.47 -143.95 16.19
N ILE HA 6 -23.67 -143.80 15.14
CA ILE HA 6 -24.15 -143.90 13.77
C ILE HA 6 -23.46 -145.09 13.13
N VAL HA 7 -24.22 -146.07 12.67
CA VAL HA 7 -23.64 -147.29 12.13
C VAL HA 7 -23.89 -147.35 10.63
N ILE HA 8 -22.81 -147.47 9.87
CA ILE HA 8 -22.86 -147.45 8.40
C ILE HA 8 -22.12 -148.67 7.86
N ALA HA 9 -22.72 -149.32 6.87
CA ALA HA 9 -22.17 -150.56 6.35
C ALA HA 9 -21.02 -150.30 5.38
N ASP HA 10 -20.06 -151.22 5.38
CA ASP HA 10 -18.93 -151.19 4.47
C ASP HA 10 -19.38 -151.52 3.05
N ALA HA 11 -18.43 -151.48 2.11
CA ALA HA 11 -18.67 -151.94 0.75
C ALA HA 11 -17.80 -153.15 0.41
N GLN HA 12 -17.40 -153.91 1.43
CA GLN HA 12 -16.61 -155.11 1.19
C GLN HA 12 -17.49 -156.22 0.61
N ALA HA 13 -16.82 -157.30 0.18
CA ALA HA 13 -17.54 -158.49 -0.26
C ALA HA 13 -18.55 -158.93 0.79
N THR HA 14 -18.07 -159.16 2.01
CA THR HA 14 -18.95 -159.28 3.16
C THR HA 14 -18.91 -157.95 3.90
N PRO HA 15 -19.97 -157.14 3.83
CA PRO HA 15 -19.92 -155.80 4.44
C PRO HA 15 -19.63 -155.86 5.94
N VAL HA 16 -18.92 -154.84 6.41
CA VAL HA 16 -18.52 -154.71 7.81
C VAL HA 16 -19.11 -153.42 8.36
N ASN HA 17 -19.81 -153.51 9.48
CA ASN HA 17 -20.42 -152.32 10.07
C ASN HA 17 -19.34 -151.46 10.72
N HIS HA 18 -19.27 -150.19 10.31
CA HIS HA 18 -18.44 -149.20 10.97
C HIS HA 18 -19.31 -148.37 11.90
N THR HA 19 -18.91 -148.27 13.16
CA THR HA 19 -19.68 -147.55 14.18
C THR HA 19 -18.98 -146.22 14.47
N PHE HA 20 -19.64 -145.12 14.12
CA PHE HA 20 -19.15 -143.77 14.36
C PHE HA 20 -19.69 -143.29 15.70
N VAL HA 21 -18.83 -143.29 16.70
CA VAL HA 21 -19.19 -142.82 18.05
C VAL HA 21 -19.26 -141.29 18.02
N PRO HA 22 -20.23 -140.67 18.68
CA PRO HA 22 -20.28 -139.20 18.69
C PRO HA 22 -19.12 -138.62 19.49
N ILE HA 23 -18.31 -137.81 18.82
CA ILE HA 23 -17.24 -137.07 19.50
C ILE HA 23 -17.78 -135.78 20.10
N GLY HA 24 -18.63 -135.07 19.37
CA GLY HA 24 -19.21 -133.86 19.92
C GLY HA 24 -19.18 -132.71 18.94
N PRO HA 25 -19.63 -131.55 19.39
CA PRO HA 25 -19.67 -130.39 18.49
C PRO HA 25 -18.26 -129.85 18.23
N ASP HA 26 -18.11 -129.23 17.06
CA ASP HA 26 -16.83 -128.64 16.68
C ASP HA 26 -16.53 -127.43 17.56
N PRO HA 27 -15.32 -127.34 18.12
CA PRO HA 27 -15.01 -126.19 18.99
C PRO HA 27 -15.14 -124.85 18.30
N LYS HA 28 -14.79 -124.78 17.00
CA LYS HA 28 -14.84 -123.52 16.27
C LYS HA 28 -16.28 -123.14 15.89
N ASP HA 29 -17.09 -124.12 15.49
CA ASP HA 29 -18.45 -123.86 15.01
C ASP HA 29 -19.42 -124.73 15.78
N ALA HA 30 -20.37 -124.09 16.48
CA ALA HA 30 -21.36 -124.82 17.25
C ALA HA 30 -22.42 -125.49 16.40
N THR HA 31 -22.46 -125.21 15.09
CA THR HA 31 -23.49 -125.77 14.21
C THR HA 31 -23.08 -127.08 13.56
N ILE HA 32 -21.87 -127.55 13.78
CA ILE HA 32 -21.38 -128.75 13.12
C ILE HA 32 -20.96 -129.74 14.20
N TYR HA 33 -21.37 -130.99 14.02
CA TYR HA 33 -21.22 -132.04 15.02
C TYR HA 33 -20.48 -133.22 14.39
N TRP HA 34 -19.61 -133.85 15.19
CA TRP HA 34 -18.64 -134.83 14.71
C TRP HA 34 -18.84 -136.17 15.37
N TRP HA 35 -18.97 -137.22 14.55
CA TRP HA 35 -18.86 -138.61 14.90
C TRP HA 35 -17.58 -139.19 14.31
N GLU HA 36 -17.04 -140.22 14.96
CA GLU HA 36 -15.74 -140.78 14.60
C GLU HA 36 -15.74 -142.30 14.71
N ASP HA 37 -15.30 -142.97 13.66
CA ASP HA 37 -15.05 -144.40 13.65
C ASP HA 37 -13.62 -144.64 14.09
N GLN HA 38 -13.47 -145.24 15.28
CA GLN HA 38 -12.21 -145.41 15.98
C GLN HA 38 -11.64 -146.81 15.82
N SER HA 39 -12.05 -147.54 14.79
CA SER HA 39 -11.64 -148.92 14.59
C SER HA 39 -10.34 -149.05 13.79
N GLN HA 40 -9.76 -147.94 13.35
CA GLN HA 40 -8.60 -147.98 12.48
C GLN HA 40 -7.34 -148.12 13.33
N ALA HA 41 -6.17 -148.07 12.67
CA ALA HA 41 -4.91 -148.39 13.34
C ALA HA 41 -4.58 -147.41 14.45
N SER HA 42 -4.38 -146.15 14.11
CA SER HA 42 -4.08 -145.11 15.09
C SER HA 42 -5.01 -143.93 14.81
N PRO HA 43 -5.17 -143.03 15.77
CA PRO HA 43 -6.23 -141.99 15.64
C PRO HA 43 -6.10 -141.11 14.42
N ALA HA 44 -4.92 -141.00 13.82
CA ALA HA 44 -4.78 -140.18 12.62
C ALA HA 44 -5.56 -140.74 11.43
N GLY HA 45 -5.87 -142.03 11.44
CA GLY HA 45 -6.62 -142.69 10.38
C GLY HA 45 -8.06 -143.00 10.72
N TYR HA 46 -8.58 -142.46 11.82
CA TYR HA 46 -9.98 -142.66 12.21
C TYR HA 46 -10.91 -142.04 11.18
N TRP HA 47 -11.98 -142.74 10.83
CA TRP HA 47 -12.90 -142.17 9.85
C TRP HA 47 -13.86 -141.21 10.54
N ARG HA 48 -14.26 -140.16 9.83
CA ARG HA 48 -15.02 -139.11 10.48
C ARG HA 48 -16.27 -138.78 9.68
N LEU HA 49 -17.28 -138.32 10.40
CA LEU HA 49 -18.56 -137.96 9.82
C LEU HA 49 -19.03 -136.69 10.52
N SER HA 50 -19.32 -135.65 9.74
CA SER HA 50 -19.73 -134.36 10.29
C SER HA 50 -21.08 -133.97 9.71
N MET HA 51 -21.99 -133.53 10.58
CA MET HA 51 -23.30 -133.05 10.16
C MET HA 51 -23.51 -131.64 10.70
N GLN HA 52 -23.96 -130.73 9.84
CA GLN HA 52 -24.05 -129.31 10.17
C GLN HA 52 -25.41 -128.76 9.75
N LEU HA 53 -26.06 -128.04 10.67
CA LEU HA 53 -27.36 -127.43 10.43
C LEU HA 53 -27.26 -125.94 10.75
N VAL HA 54 -27.32 -125.11 9.72
CA VAL HA 54 -27.20 -123.66 9.86
C VAL HA 54 -28.58 -123.06 9.62
N ARG HA 55 -29.26 -122.70 10.71
CA ARG HA 55 -30.51 -121.96 10.72
C ARG HA 55 -30.24 -120.47 10.67
N PRO HA 56 -31.02 -119.72 9.91
CA PRO HA 56 -30.92 -118.27 9.99
C PRO HA 56 -31.52 -117.74 11.29
N ALA HA 57 -31.12 -116.52 11.65
CA ALA HA 57 -31.52 -115.97 12.95
C ALA HA 57 -33.03 -115.68 12.96
N PRO HA 58 -33.72 -115.90 14.09
CA PRO HA 58 -35.17 -115.69 14.10
C PRO HA 58 -35.56 -114.25 13.84
N ALA HA 59 -36.43 -114.05 12.86
CA ALA HA 59 -36.90 -112.72 12.52
C ALA HA 59 -38.26 -112.79 11.84
N THR HA 65 -35.71 -110.83 3.11
CA THR HA 65 -36.19 -111.82 4.08
C THR HA 65 -36.88 -113.01 3.41
N ASN HA 66 -37.09 -112.93 2.10
CA ASN HA 66 -37.44 -114.12 1.31
C ASN HA 66 -36.20 -114.77 0.73
N GLN HA 67 -35.01 -114.31 1.12
CA GLN HA 67 -33.74 -114.94 0.77
C GLN HA 67 -33.10 -115.55 2.02
N ARG HA 68 -33.91 -116.13 2.88
CA ARG HA 68 -33.43 -116.75 4.12
C ARG HA 68 -33.42 -118.25 3.89
N MET HA 69 -32.25 -118.86 3.98
CA MET HA 69 -32.13 -120.24 3.59
C MET HA 69 -31.42 -121.03 4.69
N ILE HA 70 -31.96 -122.20 4.98
CA ILE HA 70 -31.38 -123.13 5.93
C ILE HA 70 -30.40 -124.02 5.18
N ARG HA 71 -29.21 -124.21 5.73
CA ARG HA 71 -28.23 -125.08 5.07
C ARG HA 71 -27.94 -126.31 5.93
N VAL HA 72 -27.70 -127.43 5.26
CA VAL HA 72 -27.36 -128.69 5.93
C VAL HA 72 -26.19 -129.31 5.18
N ARG HA 73 -25.11 -129.61 5.88
CA ARG HA 73 -23.91 -130.18 5.26
C ARG HA 73 -23.56 -131.48 5.96
N VAL HA 74 -23.48 -132.56 5.19
CA VAL HA 74 -23.04 -133.86 5.67
C VAL HA 74 -21.73 -134.20 4.96
N SER HA 75 -20.71 -134.53 5.73
CA SER HA 75 -19.38 -134.74 5.20
C SER HA 75 -18.79 -136.01 5.78
N THR HA 76 -18.19 -136.85 4.93
CA THR HA 76 -17.56 -138.09 5.36
C THR HA 76 -16.11 -138.12 4.90
N PHE HA 77 -15.20 -138.39 5.83
CA PHE HA 77 -13.77 -138.50 5.55
C PHE HA 77 -13.31 -139.91 5.90
N GLU HA 78 -12.61 -140.55 4.97
CA GLU HA 78 -12.11 -141.91 5.16
C GLU HA 78 -10.62 -141.99 4.87
N PRO HA 79 -9.79 -141.43 5.74
CA PRO HA 79 -8.35 -141.44 5.50
C PRO HA 79 -7.78 -142.85 5.54
N ILE HA 80 -6.77 -143.09 4.70
CA ILE HA 80 -6.10 -144.38 4.58
C ILE HA 80 -4.67 -144.24 5.05
N LEU HA 81 -4.30 -144.94 6.11
CA LEU HA 81 -2.96 -144.83 6.68
C LEU HA 81 -1.98 -145.66 5.87
N GLU HA 82 -0.71 -145.27 5.96
CA GLU HA 82 0.37 -146.05 5.37
C GLU HA 82 0.65 -147.27 6.23
N VAL HA 83 1.01 -148.37 5.57
CA VAL HA 83 1.25 -149.63 6.28
C VAL HA 83 2.55 -149.54 7.08
N ALA HA 84 2.60 -150.29 8.18
CA ALA HA 84 3.79 -150.30 9.02
C ALA HA 84 5.02 -150.65 8.20
N VAL HA 85 6.14 -149.95 8.50
CA VAL HA 85 7.37 -150.09 7.73
C VAL HA 85 8.17 -151.29 8.22
N THR HA 86 8.83 -151.98 7.29
CA THR HA 86 9.71 -153.09 7.63
C THR HA 86 11.16 -152.65 7.76
N ALA HA 87 11.51 -151.51 7.18
CA ALA HA 87 12.88 -151.02 7.22
C ALA HA 87 12.90 -149.56 6.81
N THR HA 88 13.66 -148.75 7.54
CA THR HA 88 13.88 -147.36 7.17
C THR HA 88 15.38 -147.08 7.18
N TYR HA 89 15.76 -145.87 6.79
CA TYR HA 89 17.18 -145.57 6.66
C TYR HA 89 17.88 -145.55 8.01
N SER HA 90 17.17 -145.13 9.06
CA SER HA 90 17.74 -144.98 10.38
C SER HA 90 17.43 -146.14 11.31
N GLY HA 91 16.44 -146.97 10.98
CA GLY HA 91 16.06 -148.06 11.84
C GLY HA 91 14.96 -147.74 12.83
N ILE HA 92 14.48 -146.50 12.87
CA ILE HA 92 13.36 -146.10 13.71
C ILE HA 92 12.14 -145.93 12.83
N ALA HA 93 11.04 -146.60 13.19
CA ALA HA 93 9.84 -146.54 12.39
C ALA HA 93 9.21 -145.15 12.46
N PRO HA 94 8.74 -144.61 11.34
CA PRO HA 94 8.14 -143.27 11.36
C PRO HA 94 6.77 -143.27 12.03
N SER HA 95 6.36 -142.08 12.46
CA SER HA 95 5.06 -141.90 13.06
C SER HA 95 3.97 -142.29 12.06
N PRO HA 96 2.81 -142.76 12.54
CA PRO HA 96 1.72 -143.10 11.61
C PRO HA 96 1.36 -141.90 10.76
N THR HA 97 1.38 -142.09 9.45
CA THR HA 97 1.14 -141.01 8.50
C THR HA 97 -0.03 -141.38 7.59
N VAL HA 98 -0.71 -140.35 7.11
CA VAL HA 98 -1.88 -140.54 6.25
C VAL HA 98 -1.41 -140.57 4.81
N SER HA 99 -1.77 -141.63 4.08
CA SER HA 99 -1.35 -141.76 2.68
C SER HA 99 -2.18 -140.89 1.76
N TYR HA 100 -3.50 -140.99 1.84
CA TYR HA 100 -4.40 -140.21 1.02
C TYR HA 100 -5.78 -140.24 1.67
N VAL HA 101 -6.63 -139.30 1.28
CA VAL HA 101 -7.94 -139.19 1.93
C VAL HA 101 -9.07 -139.04 0.91
N PRO HA 102 -9.80 -140.11 0.59
CA PRO HA 102 -11.05 -139.94 -0.13
C PRO HA 102 -12.12 -139.36 0.78
N LYS HA 103 -12.89 -138.41 0.26
CA LYS HA 103 -13.87 -137.74 1.10
C LYS HA 103 -15.07 -137.31 0.27
N ALA HA 104 -16.14 -136.96 0.97
CA ALA HA 104 -17.38 -136.55 0.32
C ALA HA 104 -18.05 -135.45 1.13
N PHE HA 105 -18.66 -134.50 0.42
CA PHE HA 105 -19.26 -133.31 1.02
C PHE HA 105 -20.60 -133.08 0.32
N THR HA 106 -21.70 -133.09 1.07
CA THR HA 106 -23.03 -132.85 0.52
C THR HA 106 -23.67 -131.69 1.25
N GLU HA 107 -24.27 -130.76 0.49
CA GLU HA 107 -24.88 -129.55 1.05
C GLU HA 107 -26.28 -129.41 0.49
N PHE HA 108 -27.26 -129.33 1.39
CA PHE HA 108 -28.63 -129.01 1.06
C PHE HA 108 -28.87 -127.54 1.35
N VAL HA 109 -29.44 -126.84 0.37
CA VAL HA 109 -29.90 -125.47 0.52
C VAL HA 109 -31.43 -125.52 0.50
N LEU HA 110 -32.03 -125.19 1.63
CA LEU HA 110 -33.47 -125.35 1.85
C LEU HA 110 -34.06 -124.01 2.20
N PRO HA 111 -34.73 -123.32 1.27
CA PRO HA 111 -35.34 -122.03 1.62
C PRO HA 111 -36.32 -122.17 2.76
N GLU HA 112 -36.42 -121.10 3.56
CA GLU HA 112 -37.27 -121.14 4.75
C GLU HA 112 -38.74 -121.28 4.40
N ARG HA 113 -39.13 -120.88 3.20
CA ARG HA 113 -40.50 -121.08 2.73
C ARG HA 113 -40.79 -122.51 2.30
N ALA HA 114 -39.77 -123.39 2.23
CA ALA HA 114 -39.96 -124.70 1.65
C ALA HA 114 -40.67 -125.63 2.63
N THR HA 115 -41.63 -126.39 2.13
CA THR HA 115 -42.46 -127.21 2.98
C THR HA 115 -41.78 -128.56 3.27
N LEU HA 116 -42.29 -129.22 4.31
CA LEU HA 116 -41.77 -130.52 4.69
C LEU HA 116 -41.75 -131.49 3.51
N ASP HA 117 -42.78 -131.41 2.65
CA ASP HA 117 -42.80 -132.27 1.47
C ASP HA 117 -41.62 -131.95 0.56
N ASN HA 118 -41.32 -130.67 0.34
CA ASN HA 118 -40.18 -130.29 -0.48
C ASN HA 118 -38.88 -130.83 0.09
N ARG HA 119 -38.72 -130.74 1.42
CA ARG HA 119 -37.48 -131.20 2.05
C ARG HA 119 -37.35 -132.72 1.92
N LYS HA 120 -38.44 -133.46 2.17
CA LYS HA 120 -38.41 -134.90 1.99
C LYS HA 120 -38.07 -135.28 0.56
N ASP HA 121 -38.65 -134.55 -0.41
CA ASP HA 121 -38.37 -134.78 -1.82
C ASP HA 121 -36.89 -134.61 -2.12
N ILE HA 122 -36.32 -133.46 -1.76
CA ILE HA 122 -34.94 -133.19 -2.14
C ILE HA 122 -33.98 -134.17 -1.46
N ARG HA 123 -34.22 -134.50 -0.19
CA ARG HA 123 -33.36 -135.45 0.50
C ARG HA 123 -33.42 -136.82 -0.16
N LYS HA 124 -34.63 -137.40 -0.28
CA LYS HA 124 -34.77 -138.73 -0.86
C LYS HA 124 -34.20 -138.78 -2.27
N MET HA 125 -34.49 -137.76 -3.07
CA MET HA 125 -34.15 -137.82 -4.48
C MET HA 125 -32.67 -137.62 -4.72
N HIS HA 126 -32.02 -136.76 -3.93
CA HIS HA 126 -30.58 -136.61 -4.06
C HIS HA 126 -29.86 -137.87 -3.59
N ALA HA 127 -30.24 -138.39 -2.42
CA ALA HA 127 -29.65 -139.64 -1.93
C ALA HA 127 -29.77 -140.74 -2.97
N LEU HA 128 -30.93 -140.84 -3.62
CA LEU HA 128 -31.08 -141.80 -4.71
C LEU HA 128 -30.18 -141.47 -5.89
N ALA HA 129 -30.06 -140.18 -6.23
CA ALA HA 129 -29.22 -139.77 -7.35
C ALA HA 129 -27.78 -140.17 -7.16
N LEU HA 130 -27.34 -140.35 -5.91
CA LEU HA 130 -26.00 -140.87 -5.65
C LEU HA 130 -25.86 -142.37 -5.87
N THR HA 131 -26.96 -143.09 -6.08
CA THR HA 131 -26.90 -144.54 -6.25
C THR HA 131 -27.33 -145.00 -7.64
N THR HA 132 -27.55 -144.07 -8.57
CA THR HA 132 -27.90 -144.44 -9.93
C THR HA 132 -26.75 -145.17 -10.61
N SER HA 133 -27.07 -145.90 -11.68
CA SER HA 133 -26.03 -146.61 -12.42
C SER HA 133 -24.99 -145.64 -12.96
N GLU HA 134 -25.45 -144.45 -13.39
CA GLU HA 134 -24.53 -143.43 -13.87
C GLU HA 134 -23.62 -142.93 -12.74
N ALA HA 135 -24.18 -142.67 -11.56
CA ALA HA 135 -23.37 -142.23 -10.43
C ALA HA 135 -22.35 -143.29 -10.03
N ILE HA 136 -22.74 -144.56 -10.08
CA ILE HA 136 -21.82 -145.62 -9.71
C ILE HA 136 -20.72 -145.75 -10.75
N ALA HA 137 -21.06 -145.58 -12.03
CA ALA HA 137 -20.05 -145.63 -13.08
C ALA HA 137 -19.06 -144.47 -12.95
N MET HA 138 -19.54 -143.29 -12.55
CA MET HA 138 -18.67 -142.13 -12.45
C MET HA 138 -17.77 -142.21 -11.22
N ILE HA 139 -18.32 -142.58 -10.06
CA ILE HA 139 -17.53 -142.54 -8.83
C ILE HA 139 -16.65 -143.77 -8.68
N GLU HA 140 -17.17 -144.96 -9.05
CA GLU HA 140 -16.41 -146.18 -8.83
C GLU HA 140 -15.53 -146.55 -10.03
N SER HA 141 -16.09 -146.50 -11.23
CA SER HA 141 -15.37 -146.89 -12.43
C SER HA 141 -14.77 -145.72 -13.17
N LEU HA 142 -15.09 -144.48 -12.77
CA LEU HA 142 -14.47 -143.30 -13.33
C LEU HA 142 -14.76 -143.17 -14.83
N GLN HA 143 -16.05 -143.22 -15.16
CA GLN HA 143 -16.51 -143.13 -16.55
C GLN HA 143 -17.52 -142.02 -16.67
N PHE HA 144 -17.41 -141.23 -17.75
CA PHE HA 144 -18.36 -140.18 -18.03
C PHE HA 144 -19.48 -140.72 -18.91
N VAL HA 145 -20.53 -139.91 -19.10
CA VAL HA 145 -21.65 -140.27 -19.96
C VAL HA 145 -21.48 -139.59 -21.32
N TYR HA 146 -21.75 -140.33 -22.38
CA TYR HA 146 -21.48 -139.86 -23.74
C TYR HA 146 -22.72 -139.96 -24.64
N PRO IA 1 -31.38 -128.88 34.24
CA PRO IA 1 -32.33 -129.79 33.60
C PRO IA 1 -31.92 -130.15 32.18
N GLN IA 2 -32.39 -131.28 31.68
CA GLN IA 2 -32.05 -131.68 30.33
C GLN IA 2 -32.92 -130.95 29.31
N ALA IA 3 -32.47 -130.93 28.07
CA ALA IA 3 -33.27 -130.36 26.99
C ALA IA 3 -34.46 -131.27 26.73
N ALA IA 4 -35.66 -130.75 26.91
CA ALA IA 4 -36.89 -131.50 26.70
C ALA IA 4 -37.90 -130.62 25.99
N ASP IA 5 -38.95 -131.27 25.47
CA ASP IA 5 -40.06 -130.53 24.88
C ASP IA 5 -40.67 -129.58 25.91
N ILE IA 6 -41.11 -128.42 25.45
CA ILE IA 6 -41.81 -127.45 26.29
C ILE IA 6 -43.19 -127.26 25.69
N VAL IA 7 -44.24 -127.52 26.47
CA VAL IA 7 -45.60 -127.46 25.95
C VAL IA 7 -46.33 -126.28 26.56
N ILE IA 8 -46.87 -125.42 25.69
CA ILE IA 8 -47.51 -124.17 26.09
C ILE IA 8 -48.87 -124.08 25.41
N ALA IA 9 -49.89 -123.66 26.16
CA ALA IA 9 -51.25 -123.66 25.68
C ALA IA 9 -51.57 -122.41 24.84
N ASP IA 10 -52.38 -122.63 23.80
CA ASP IA 10 -52.88 -121.56 22.96
C ASP IA 10 -53.88 -120.70 23.73
N ALA IA 11 -54.26 -119.56 23.14
CA ALA IA 11 -55.32 -118.73 23.68
C ALA IA 11 -56.60 -118.81 22.86
N GLN IA 12 -56.82 -119.93 22.17
CA GLN IA 12 -58.04 -120.11 21.41
C GLN IA 12 -59.22 -120.40 22.33
N ALA IA 13 -60.42 -120.39 21.75
CA ALA IA 13 -61.63 -120.76 22.48
C ALA IA 13 -61.45 -122.11 23.15
N THR IA 14 -61.08 -123.13 22.37
CA THR IA 14 -60.61 -124.38 22.90
C THR IA 14 -59.10 -124.39 22.77
N PRO IA 15 -58.35 -124.16 23.85
CA PRO IA 15 -56.90 -124.01 23.73
C PRO IA 15 -56.25 -125.23 23.07
N VAL IA 16 -55.22 -124.94 22.27
CA VAL IA 16 -54.45 -125.95 21.54
C VAL IA 16 -53.03 -125.97 22.09
N ASN IA 17 -52.53 -127.14 22.45
CA ASN IA 17 -51.19 -127.26 22.99
C ASN IA 17 -50.16 -127.15 21.85
N HIS IA 18 -49.25 -126.18 21.97
CA HIS IA 18 -48.12 -126.06 21.07
C HIS IA 18 -46.92 -126.68 21.74
N THR IA 19 -46.25 -127.61 21.05
CA THR IA 19 -45.10 -128.32 21.59
C THR IA 19 -43.83 -127.78 20.94
N PHE IA 20 -42.97 -127.17 21.76
CA PHE IA 20 -41.69 -126.61 21.34
C PHE IA 20 -40.61 -127.66 21.56
N VAL IA 21 -40.17 -128.28 20.47
CA VAL IA 21 -39.11 -129.29 20.46
C VAL IA 21 -37.79 -128.57 20.56
N PRO IA 22 -36.83 -129.02 21.36
CA PRO IA 22 -35.53 -128.33 21.41
C PRO IA 22 -34.78 -128.43 20.08
N ILE IA 23 -34.40 -127.28 19.53
CA ILE IA 23 -33.53 -127.23 18.36
C ILE IA 23 -32.08 -127.36 18.80
N GLY IA 24 -31.72 -126.71 19.90
CA GLY IA 24 -30.37 -126.83 20.37
C GLY IA 24 -29.82 -125.49 20.81
N PRO IA 25 -28.54 -125.45 21.14
CA PRO IA 25 -27.93 -124.19 21.54
C PRO IA 25 -27.76 -123.27 20.34
N ASP IA 26 -27.68 -121.99 20.67
CA ASP IA 26 -27.54 -120.97 19.64
C ASP IA 26 -26.19 -121.13 18.94
N PRO IA 27 -26.12 -120.87 17.63
CA PRO IA 27 -24.85 -121.08 16.91
C PRO IA 27 -23.72 -120.21 17.40
N LYS IA 28 -24.04 -118.96 17.77
CA LYS IA 28 -23.02 -117.96 18.04
C LYS IA 28 -22.86 -117.66 19.53
N ASP IA 29 -23.85 -117.97 20.35
CA ASP IA 29 -23.79 -117.77 21.80
C ASP IA 29 -24.11 -119.09 22.49
N ALA IA 30 -23.18 -119.56 23.32
CA ALA IA 30 -23.31 -120.81 24.03
C ALA IA 30 -24.18 -120.69 25.27
N THR IA 31 -24.73 -119.50 25.54
CA THR IA 31 -25.51 -119.27 26.75
C THR IA 31 -26.99 -119.15 26.48
N ILE IA 32 -27.43 -119.36 25.24
CA ILE IA 32 -28.84 -119.23 24.88
C ILE IA 32 -29.23 -120.48 24.10
N TYR IA 33 -30.37 -121.07 24.47
CA TYR IA 33 -30.85 -122.35 23.94
C TYR IA 33 -32.21 -122.14 23.29
N TRP IA 34 -32.53 -122.97 22.29
CA TRP IA 34 -33.63 -122.75 21.36
C TRP IA 34 -34.52 -123.97 21.25
N TRP IA 35 -35.82 -123.75 21.49
CA TRP IA 35 -36.92 -124.66 21.19
C TRP IA 35 -37.79 -124.06 20.08
N GLU IA 36 -38.51 -124.91 19.36
CA GLU IA 36 -39.27 -124.51 18.18
C GLU IA 36 -40.56 -125.31 18.07
N ASP IA 37 -41.66 -124.60 17.78
CA ASP IA 37 -42.96 -125.17 17.47
C ASP IA 37 -43.06 -125.24 15.94
N GLN IA 38 -42.95 -126.48 15.43
CA GLN IA 38 -42.82 -126.80 14.03
C GLN IA 38 -44.14 -127.23 13.41
N SER IA 39 -45.26 -126.84 14.02
CA SER IA 39 -46.58 -127.26 13.56
C SER IA 39 -47.10 -126.40 12.42
N GLN IA 40 -46.47 -125.25 12.19
CA GLN IA 40 -46.99 -124.26 11.26
C GLN IA 40 -46.78 -124.74 9.81
N ALA IA 41 -47.17 -123.88 8.85
CA ALA IA 41 -47.29 -124.35 7.47
C ALA IA 41 -45.93 -124.53 6.78
N SER IA 42 -44.98 -123.64 7.03
CA SER IA 42 -43.61 -123.75 6.56
C SER IA 42 -42.72 -123.19 7.65
N PRO IA 43 -41.43 -123.52 7.64
CA PRO IA 43 -40.56 -123.03 8.73
C PRO IA 43 -40.60 -121.52 8.94
N ALA IA 44 -40.88 -120.75 7.87
CA ALA IA 44 -40.98 -119.30 8.00
C ALA IA 44 -41.99 -118.90 9.07
N GLY IA 45 -43.02 -119.71 9.27
CA GLY IA 45 -44.04 -119.47 10.26
C GLY IA 45 -43.92 -120.24 11.55
N TYR IA 46 -42.85 -121.02 11.75
CA TYR IA 46 -42.68 -121.76 13.00
C TYR IA 46 -42.52 -120.79 14.16
N TRP IA 47 -42.97 -121.20 15.35
CA TRP IA 47 -42.83 -120.33 16.52
C TRP IA 47 -41.62 -120.75 17.35
N ARG IA 48 -40.90 -119.77 17.88
CA ARG IA 48 -39.63 -120.08 18.51
C ARG IA 48 -39.60 -119.55 19.94
N LEU IA 49 -38.88 -120.27 20.79
CA LEU IA 49 -38.70 -119.92 22.20
C LEU IA 49 -37.22 -120.08 22.54
N SER IA 50 -36.67 -119.08 23.22
CA SER IA 50 -35.24 -119.04 23.54
C SER IA 50 -35.06 -118.68 25.00
N MET IA 51 -34.17 -119.39 25.68
CA MET IA 51 -33.86 -119.10 27.08
C MET IA 51 -32.35 -118.94 27.25
N GLN IA 52 -31.94 -117.90 27.98
CA GLN IA 52 -30.55 -117.54 28.11
C GLN IA 52 -30.20 -117.25 29.56
N LEU IA 53 -29.12 -117.87 30.03
CA LEU IA 53 -28.58 -117.65 31.37
C LEU IA 53 -27.15 -117.15 31.24
N VAL IA 54 -26.90 -115.94 31.72
CA VAL IA 54 -25.58 -115.33 31.68
C VAL IA 54 -25.12 -115.15 33.11
N ARG IA 55 -24.16 -115.96 33.51
CA ARG IA 55 -23.46 -116.04 34.78
C ARG IA 55 -22.19 -115.21 34.71
N PRO IA 56 -21.78 -114.59 35.82
CA PRO IA 56 -20.50 -113.89 35.84
C PRO IA 56 -19.33 -114.83 36.06
N ALA IA 57 -18.13 -114.33 35.76
CA ALA IA 57 -16.93 -115.12 35.96
C ALA IA 57 -16.77 -115.46 37.44
N PRO IA 58 -16.18 -116.61 37.77
CA PRO IA 58 -16.18 -117.05 39.16
C PRO IA 58 -15.48 -116.05 40.07
N ALA IA 59 -15.95 -115.99 41.31
CA ALA IA 59 -15.46 -114.99 42.25
C ALA IA 59 -14.02 -115.28 42.63
N LYS IA 60 -13.24 -114.22 42.81
CA LYS IA 60 -11.85 -114.34 43.25
C LYS IA 60 -11.77 -114.21 44.76
N ALA IA 61 -10.69 -114.76 45.33
CA ALA IA 61 -10.52 -114.75 46.78
C ALA IA 61 -10.39 -113.32 47.27
N GLY IA 62 -11.20 -112.97 48.26
CA GLY IA 62 -11.20 -111.62 48.79
C GLY IA 62 -11.88 -110.57 47.93
N GLN IA 63 -12.34 -110.93 46.73
CA GLN IA 63 -13.02 -109.98 45.86
C GLN IA 63 -14.39 -109.62 46.43
N ASN IA 64 -14.80 -108.37 46.23
CA ASN IA 64 -16.09 -107.89 46.70
C ASN IA 64 -17.15 -108.19 45.63
N THR IA 65 -18.20 -108.92 46.02
CA THR IA 65 -19.15 -109.45 45.06
C THR IA 65 -20.43 -108.64 44.95
N ASN IA 66 -20.52 -107.47 45.59
CA ASN IA 66 -21.84 -106.82 45.61
C ASN IA 66 -22.16 -106.17 44.35
N GLN IA 67 -21.34 -106.32 43.30
CA GLN IA 67 -21.70 -105.76 42.01
C GLN IA 67 -21.91 -106.82 40.92
N ARG IA 68 -21.60 -108.08 41.17
CA ARG IA 68 -21.74 -109.11 40.15
C ARG IA 68 -23.20 -109.50 40.03
N MET IA 69 -23.66 -109.78 38.81
CA MET IA 69 -25.07 -110.02 38.56
C MET IA 69 -25.26 -111.11 37.51
N ILE IA 70 -26.40 -111.79 37.62
CA ILE IA 70 -26.80 -112.88 36.73
C ILE IA 70 -28.00 -112.40 35.93
N ARG IA 71 -28.01 -112.71 34.64
CA ARG IA 71 -29.12 -112.30 33.78
C ARG IA 71 -29.80 -113.51 33.18
N VAL IA 72 -31.12 -113.47 33.09
CA VAL IA 72 -31.91 -114.53 32.45
C VAL IA 72 -32.83 -113.87 31.44
N ARG IA 73 -32.82 -114.36 30.21
CA ARG IA 73 -33.65 -113.79 29.15
C ARG IA 73 -34.48 -114.89 28.51
N VAL IA 74 -35.79 -114.71 28.51
CA VAL IA 74 -36.73 -115.60 27.82
C VAL IA 74 -37.33 -114.81 26.67
N SER IA 75 -37.45 -115.46 25.51
CA SER IA 75 -37.90 -114.77 24.32
C SER IA 75 -38.80 -115.68 23.50
N THR IA 76 -39.94 -115.15 23.05
CA THR IA 76 -40.88 -115.92 22.24
C THR IA 76 -41.20 -115.15 20.97
N PHE IA 77 -41.14 -115.85 19.85
CA PHE IA 77 -41.40 -115.28 18.53
C PHE IA 77 -42.53 -116.07 17.87
N GLU IA 78 -43.57 -115.37 17.45
CA GLU IA 78 -44.76 -115.99 16.86
C GLU IA 78 -45.09 -115.35 15.51
N PRO IA 79 -44.29 -115.63 14.48
CA PRO IA 79 -44.58 -115.07 13.16
C PRO IA 79 -45.91 -115.58 12.60
N ILE IA 80 -46.61 -114.69 11.91
CA ILE IA 80 -47.89 -114.98 11.28
C ILE IA 80 -47.70 -114.94 9.78
N LEU IA 81 -48.24 -115.94 9.09
CA LEU IA 81 -48.07 -116.04 7.65
C LEU IA 81 -49.24 -115.41 6.90
N GLU IA 82 -49.04 -115.22 5.61
CA GLU IA 82 -50.06 -114.78 4.66
C GLU IA 82 -49.81 -115.49 3.34
N VAL IA 83 -50.88 -115.62 2.54
CA VAL IA 83 -50.84 -116.32 1.27
C VAL IA 83 -51.46 -115.43 0.20
N ALA IA 84 -50.93 -115.53 -1.03
CA ALA IA 84 -51.43 -114.72 -2.14
C ALA IA 84 -52.68 -115.29 -2.77
N VAL IA 85 -52.90 -116.60 -2.66
CA VAL IA 85 -54.08 -117.25 -3.24
C VAL IA 85 -54.36 -118.53 -2.44
N THR IA 86 -55.64 -118.89 -2.32
CA THR IA 86 -56.05 -119.91 -1.37
C THR IA 86 -56.31 -121.28 -1.97
N ALA IA 87 -56.16 -121.45 -3.28
CA ALA IA 87 -56.40 -122.74 -3.92
C ALA IA 87 -55.10 -123.25 -4.55
N THR IA 88 -55.20 -124.44 -5.14
CA THR IA 88 -54.09 -125.04 -5.85
C THR IA 88 -54.48 -125.26 -7.32
N TYR IA 89 -53.60 -124.87 -8.22
CA TYR IA 89 -53.83 -124.96 -9.65
C TYR IA 89 -52.78 -125.89 -10.25
N SER IA 90 -53.24 -126.92 -10.98
CA SER IA 90 -52.33 -127.79 -11.75
C SER IA 90 -51.16 -128.26 -10.89
N GLY IA 91 -51.47 -128.65 -9.66
CA GLY IA 91 -50.49 -129.16 -8.73
C GLY IA 91 -49.59 -128.12 -8.09
N ILE IA 92 -49.81 -126.84 -8.31
CA ILE IA 92 -48.99 -125.79 -7.73
C ILE IA 92 -49.69 -125.32 -6.46
N ALA IA 93 -49.05 -125.56 -5.31
CA ALA IA 93 -49.77 -125.10 -4.13
C ALA IA 93 -49.38 -123.67 -3.77
N PRO IA 94 -50.25 -122.98 -3.04
CA PRO IA 94 -49.88 -121.66 -2.53
C PRO IA 94 -48.76 -121.77 -1.53
N SER IA 95 -47.78 -120.87 -1.64
CA SER IA 95 -46.62 -120.87 -0.76
C SER IA 95 -46.69 -119.61 0.09
N PRO IA 96 -46.88 -119.75 1.40
CA PRO IA 96 -47.06 -118.57 2.25
C PRO IA 96 -45.75 -117.87 2.57
N THR IA 97 -45.85 -116.57 2.82
CA THR IA 97 -44.74 -115.76 3.31
C THR IA 97 -45.09 -115.20 4.67
N VAL IA 98 -44.08 -114.67 5.35
CA VAL IA 98 -44.32 -114.04 6.64
C VAL IA 98 -45.00 -112.70 6.41
N SER IA 99 -46.01 -112.41 7.24
CA SER IA 99 -46.78 -111.18 7.16
C SER IA 99 -46.36 -110.17 8.23
N TYR IA 100 -46.24 -110.63 9.47
CA TYR IA 100 -45.77 -109.80 10.58
C TYR IA 100 -45.34 -110.72 11.70
N VAL IA 101 -44.55 -110.19 12.62
CA VAL IA 101 -44.05 -111.02 13.71
C VAL IA 101 -44.28 -110.36 15.07
N PRO IA 102 -45.33 -110.74 15.79
CA PRO IA 102 -45.42 -110.36 17.20
C PRO IA 102 -44.43 -111.17 18.02
N LYS IA 103 -43.82 -110.51 19.01
CA LYS IA 103 -42.80 -111.18 19.80
C LYS IA 103 -42.77 -110.59 21.20
N ALA IA 104 -42.11 -111.31 22.10
CA ALA IA 104 -42.00 -110.89 23.49
C ALA IA 104 -40.61 -111.24 24.02
N PHE IA 105 -40.09 -110.35 24.86
CA PHE IA 105 -38.73 -110.46 25.39
C PHE IA 105 -38.79 -110.10 26.87
N THR IA 106 -38.36 -111.03 27.75
CA THR IA 106 -38.34 -110.81 29.19
C THR IA 106 -36.91 -111.01 29.70
N GLU IA 107 -36.46 -110.10 30.58
CA GLU IA 107 -35.12 -110.14 31.15
C GLU IA 107 -35.21 -109.98 32.67
N PHE IA 108 -34.68 -110.95 33.39
CA PHE IA 108 -34.48 -110.89 34.83
C PHE IA 108 -33.05 -110.50 35.10
N VAL IA 109 -32.87 -109.47 35.94
CA VAL IA 109 -31.58 -109.10 36.48
C VAL IA 109 -31.58 -109.52 37.94
N LEU IA 110 -30.82 -110.57 38.25
CA LEU IA 110 -30.74 -111.14 39.59
C LEU IA 110 -29.33 -110.91 40.12
N PRO IA 111 -29.13 -110.00 41.05
CA PRO IA 111 -27.79 -109.83 41.63
C PRO IA 111 -27.34 -111.11 42.32
N GLU IA 112 -26.05 -111.44 42.14
CA GLU IA 112 -25.54 -112.73 42.59
C GLU IA 112 -25.73 -112.91 44.10
N ARG IA 113 -25.72 -111.84 44.88
CA ARG IA 113 -25.90 -111.96 46.32
C ARG IA 113 -27.35 -112.20 46.74
N ALA IA 114 -28.28 -112.35 45.80
CA ALA IA 114 -29.68 -112.43 46.19
C ALA IA 114 -30.02 -113.81 46.71
N THR IA 115 -31.05 -113.86 47.56
CA THR IA 115 -31.49 -115.11 48.16
C THR IA 115 -32.37 -115.88 47.18
N LEU IA 116 -32.39 -117.21 47.35
CA LEU IA 116 -33.38 -118.03 46.67
C LEU IA 116 -34.77 -117.45 46.84
N ASP IA 117 -35.07 -116.93 48.03
CA ASP IA 117 -36.37 -116.33 48.26
C ASP IA 117 -36.58 -115.11 47.37
N ASN IA 118 -35.56 -114.25 47.25
CA ASN IA 118 -35.67 -113.10 46.37
C ASN IA 118 -35.94 -113.52 44.93
N ARG IA 119 -35.27 -114.59 44.49
CA ARG IA 119 -35.44 -115.03 43.10
C ARG IA 119 -36.83 -115.60 42.88
N LYS IA 120 -37.31 -116.42 43.82
CA LYS IA 120 -38.67 -116.94 43.71
C LYS IA 120 -39.68 -115.80 43.70
N ASP IA 121 -39.44 -114.77 44.54
CA ASP IA 121 -40.31 -113.60 44.58
C ASP IA 121 -40.38 -112.91 43.23
N ILE IA 122 -39.22 -112.55 42.68
CA ILE IA 122 -39.21 -111.77 41.45
C ILE IA 122 -39.82 -112.57 40.29
N ARG IA 123 -39.50 -113.87 40.22
CA ARG IA 123 -40.06 -114.71 39.15
C ARG IA 123 -41.58 -114.78 39.26
N LYS IA 124 -42.09 -115.25 40.40
CA LYS IA 124 -43.54 -115.41 40.56
C LYS IA 124 -44.26 -114.09 40.34
N MET IA 125 -43.75 -113.01 40.94
CA MET IA 125 -44.49 -111.75 40.94
C MET IA 125 -44.48 -111.10 39.57
N HIS IA 126 -43.39 -111.21 38.82
CA HIS IA 126 -43.41 -110.68 37.46
C HIS IA 126 -44.33 -111.50 36.57
N ALA IA 127 -44.23 -112.84 36.64
CA ALA IA 127 -45.12 -113.69 35.85
C ALA IA 127 -46.58 -113.36 36.13
N LEU IA 128 -46.89 -113.08 37.41
CA LEU IA 128 -48.25 -112.68 37.77
C LEU IA 128 -48.59 -111.29 37.21
N ALA IA 129 -47.62 -110.37 37.26
CA ALA IA 129 -47.87 -109.02 36.76
C ALA IA 129 -48.19 -109.03 35.28
N LEU IA 130 -47.74 -110.05 34.55
CA LEU IA 130 -48.12 -110.19 33.15
C LEU IA 130 -49.56 -110.66 32.96
N THR IA 131 -50.25 -111.09 34.01
CA THR IA 131 -51.61 -111.61 33.89
C THR IA 131 -52.63 -110.75 34.62
N THR IA 132 -52.22 -109.60 35.16
CA THR IA 132 -53.16 -108.71 35.83
C THR IA 132 -54.17 -108.16 34.83
N SER IA 133 -55.33 -107.73 35.35
CA SER IA 133 -56.36 -107.17 34.48
C SER IA 133 -55.84 -105.97 33.70
N GLU IA 134 -54.97 -105.17 34.33
CA GLU IA 134 -54.36 -104.04 33.65
C GLU IA 134 -53.44 -104.49 32.52
N ALA IA 135 -52.61 -105.50 32.78
CA ALA IA 135 -51.74 -106.03 31.72
C ALA IA 135 -52.56 -106.59 30.57
N ILE IA 136 -53.66 -107.26 30.87
CA ILE IA 136 -54.48 -107.81 29.81
C ILE IA 136 -55.14 -106.68 29.02
N ALA IA 137 -55.62 -105.64 29.71
CA ALA IA 137 -56.21 -104.50 29.02
C ALA IA 137 -55.20 -103.78 28.13
N MET IA 138 -53.93 -103.75 28.54
CA MET IA 138 -52.93 -103.03 27.76
C MET IA 138 -52.42 -103.85 26.58
N ILE IA 139 -52.21 -105.14 26.75
CA ILE IA 139 -51.64 -105.96 25.68
C ILE IA 139 -52.71 -106.46 24.71
N GLU IA 140 -53.86 -106.90 25.22
CA GLU IA 140 -54.90 -107.45 24.36
C GLU IA 140 -55.85 -106.37 23.87
N SER IA 141 -56.33 -105.53 24.76
CA SER IA 141 -57.31 -104.50 24.43
C SER IA 141 -56.69 -103.17 24.02
N LEU IA 142 -55.38 -102.99 24.23
CA LEU IA 142 -54.67 -101.80 23.77
C LEU IA 142 -55.23 -100.53 24.39
N GLN IA 143 -55.48 -100.57 25.69
CA GLN IA 143 -56.00 -99.43 26.44
C GLN IA 143 -55.09 -99.15 27.63
N PHE IA 144 -54.63 -97.90 27.73
CA PHE IA 144 -53.80 -97.47 28.84
C PHE IA 144 -54.68 -97.19 30.07
N VAL IA 145 -54.03 -96.89 31.20
CA VAL IA 145 -54.73 -96.56 32.45
C VAL IA 145 -54.79 -95.05 32.60
N TYR IA 146 -55.98 -94.53 32.89
CA TYR IA 146 -56.21 -93.10 32.97
C TYR IA 146 -56.81 -92.69 34.33
N PRO JA 1 -20.38 -139.08 25.35
CA PRO JA 1 -21.31 -139.19 26.49
C PRO JA 1 -22.08 -137.89 26.70
N GLN JA 2 -23.40 -137.97 26.75
CA GLN JA 2 -24.18 -136.76 26.99
C GLN JA 2 -23.90 -136.23 28.38
N ALA JA 3 -23.93 -134.91 28.53
CA ALA JA 3 -23.65 -134.30 29.82
C ALA JA 3 -24.72 -134.68 30.83
N ALA JA 4 -24.29 -135.07 32.02
CA ALA JA 4 -25.22 -135.37 33.10
C ALA JA 4 -24.56 -135.04 34.43
N ASP JA 5 -25.36 -135.09 35.49
CA ASP JA 5 -24.86 -134.79 36.83
C ASP JA 5 -23.66 -135.67 37.17
N ILE JA 6 -22.68 -135.09 37.85
CA ILE JA 6 -21.50 -135.81 38.31
C ILE JA 6 -21.53 -135.80 39.83
N VAL JA 7 -21.59 -136.98 40.45
CA VAL JA 7 -21.72 -137.07 41.90
C VAL JA 7 -20.43 -137.59 42.49
N ILE JA 8 -19.86 -136.81 43.41
CA ILE JA 8 -18.57 -137.12 44.02
C ILE JA 8 -18.72 -137.07 45.53
N ALA JA 9 -18.13 -138.04 46.22
CA ALA JA 9 -18.29 -138.14 47.67
C ALA JA 9 -17.39 -137.17 48.41
N ASP JA 10 -17.89 -136.67 49.54
CA ASP JA 10 -17.11 -135.81 50.42
C ASP JA 10 -16.04 -136.62 51.14
N ALA JA 11 -15.26 -135.94 51.98
CA ALA JA 11 -14.28 -136.60 52.83
C ALA JA 11 -14.63 -136.48 54.31
N GLN JA 12 -15.91 -136.32 54.63
CA GLN JA 12 -16.31 -136.16 56.02
C GLN JA 12 -16.33 -137.51 56.74
N ALA JA 13 -16.54 -137.44 58.06
CA ALA JA 13 -16.71 -138.65 58.86
C ALA JA 13 -17.72 -139.58 58.20
N THR JA 14 -18.94 -139.10 58.00
CA THR JA 14 -19.88 -139.76 57.11
C THR JA 14 -19.83 -139.03 55.78
N PRO JA 15 -19.26 -139.61 54.73
CA PRO JA 15 -19.16 -138.90 53.45
C PRO JA 15 -20.51 -138.39 52.97
N VAL JA 16 -20.50 -137.17 52.43
CA VAL JA 16 -21.68 -136.50 51.92
C VAL JA 16 -21.54 -136.32 50.42
N ASN JA 17 -22.53 -136.79 49.66
CA ASN JA 17 -22.45 -136.71 48.21
C ASN JA 17 -22.67 -135.28 47.73
N HIS JA 18 -21.75 -134.78 46.91
CA HIS JA 18 -21.91 -133.50 46.23
C HIS JA 18 -22.30 -133.77 44.79
N THR JA 19 -23.39 -133.15 44.34
CA THR JA 19 -23.88 -133.32 42.99
C THR JA 19 -23.54 -132.09 42.16
N PHE JA 20 -22.75 -132.28 41.11
CA PHE JA 20 -22.32 -131.23 40.19
C PHE JA 20 -23.22 -131.27 38.96
N VAL JA 21 -24.15 -130.32 38.88
CA VAL JA 21 -25.05 -130.16 37.75
C VAL JA 21 -24.28 -129.50 36.62
N PRO JA 22 -24.36 -129.96 35.37
CA PRO JA 22 -23.67 -129.26 34.29
C PRO JA 22 -24.20 -127.85 34.09
N ILE JA 23 -23.27 -126.90 34.05
CA ILE JA 23 -23.57 -125.55 33.58
C ILE JA 23 -23.47 -125.48 32.05
N GLY JA 24 -22.53 -126.22 31.47
CA GLY JA 24 -22.39 -126.20 30.03
C GLY JA 24 -20.99 -125.82 29.60
N PRO JA 25 -20.80 -125.65 28.30
CA PRO JA 25 -19.48 -125.30 27.80
C PRO JA 25 -19.15 -123.84 28.09
N ASP JA 26 -17.87 -123.59 28.32
CA ASP JA 26 -17.39 -122.24 28.56
C ASP JA 26 -17.68 -121.39 27.31
N PRO JA 27 -18.36 -120.26 27.45
CA PRO JA 27 -18.59 -119.41 26.26
C PRO JA 27 -17.31 -118.90 25.66
N LYS JA 28 -16.26 -118.69 26.46
CA LYS JA 28 -14.99 -118.19 25.93
C LYS JA 28 -14.22 -119.28 25.19
N ASP JA 29 -14.28 -120.52 25.69
CA ASP JA 29 -13.57 -121.66 25.09
C ASP JA 29 -14.52 -122.86 25.01
N ALA JA 30 -14.81 -123.31 23.81
CA ALA JA 30 -15.76 -124.39 23.60
C ALA JA 30 -15.21 -125.75 23.98
N THR JA 31 -13.91 -125.89 24.17
CA THR JA 31 -13.30 -127.18 24.48
C THR JA 31 -13.28 -127.48 25.97
N ILE JA 32 -13.93 -126.68 26.80
CA ILE JA 32 -13.91 -126.90 28.23
C ILE JA 32 -15.35 -126.82 28.73
N TYR JA 33 -15.77 -127.82 29.51
CA TYR JA 33 -17.14 -127.97 29.98
C TYR JA 33 -17.17 -127.86 31.50
N TRP JA 34 -18.27 -127.34 32.02
CA TRP JA 34 -18.37 -126.95 33.43
C TRP JA 34 -19.60 -127.57 34.09
N TRP JA 35 -19.36 -128.20 35.24
CA TRP JA 35 -20.37 -128.61 36.20
C TRP JA 35 -20.19 -127.79 37.49
N GLU JA 36 -21.27 -127.65 38.25
CA GLU JA 36 -21.31 -126.80 39.43
C GLU JA 36 -22.07 -127.48 40.56
N ASP JA 37 -21.50 -127.41 41.77
CA ASP JA 37 -22.12 -127.91 42.98
C ASP JA 37 -22.83 -126.75 43.66
N GLN JA 38 -24.16 -126.78 43.65
CA GLN JA 38 -24.95 -125.64 44.12
C GLN JA 38 -25.37 -125.77 45.59
N SER JA 39 -24.69 -126.61 46.37
CA SER JA 39 -25.09 -126.87 47.74
C SER JA 39 -24.50 -125.89 48.73
N GLN JA 40 -23.69 -124.93 48.28
CA GLN JA 40 -22.98 -124.02 49.16
C GLN JA 40 -23.90 -122.87 49.56
N ALA JA 41 -23.33 -121.91 50.29
CA ALA JA 41 -24.14 -120.92 50.99
C ALA JA 41 -24.71 -119.86 50.05
N SER JA 42 -23.93 -119.41 49.07
CA SER JA 42 -24.40 -118.48 48.06
C SER JA 42 -23.58 -118.73 46.80
N PRO JA 43 -24.04 -118.26 45.63
CA PRO JA 43 -23.42 -118.70 44.37
C PRO JA 43 -21.92 -118.46 44.28
N ALA JA 44 -21.41 -117.37 44.85
CA ALA JA 44 -19.98 -117.09 44.77
C ALA JA 44 -19.14 -118.25 45.31
N GLY JA 45 -19.70 -119.01 46.25
CA GLY JA 45 -19.03 -120.14 46.86
C GLY JA 45 -19.38 -121.51 46.31
N TYR JA 46 -20.14 -121.59 45.21
CA TYR JA 46 -20.49 -122.87 44.60
C TYR JA 46 -19.22 -123.56 44.08
N TRP JA 47 -19.04 -124.82 44.44
CA TRP JA 47 -17.90 -125.57 43.94
C TRP JA 47 -18.09 -125.90 42.47
N ARG JA 48 -16.99 -125.94 41.71
CA ARG JA 48 -17.07 -126.16 40.28
C ARG JA 48 -16.07 -127.21 39.84
N LEU JA 49 -16.39 -127.84 38.72
CA LEU JA 49 -15.59 -128.88 38.12
C LEU JA 49 -15.57 -128.64 36.61
N SER JA 50 -14.39 -128.76 36.00
CA SER JA 50 -14.21 -128.45 34.59
C SER JA 50 -13.42 -129.56 33.91
N MET JA 51 -13.87 -129.95 32.72
CA MET JA 51 -13.16 -130.96 31.93
C MET JA 51 -12.93 -130.44 30.52
N GLN JA 52 -11.70 -130.57 30.03
CA GLN JA 52 -11.31 -129.98 28.77
C GLN JA 52 -10.62 -131.03 27.89
N LEU JA 53 -11.05 -131.12 26.64
CA LEU JA 53 -10.46 -132.00 25.65
C LEU JA 53 -10.04 -131.18 24.45
N VAL JA 54 -8.73 -131.17 24.19
CA VAL JA 54 -8.17 -130.41 23.07
C VAL JA 54 -7.52 -131.42 22.14
N ARG JA 55 -8.22 -131.74 21.06
CA ARG JA 55 -7.81 -132.59 19.96
C ARG JA 55 -7.22 -131.73 18.84
N PRO JA 56 -6.16 -132.18 18.21
CA PRO JA 56 -5.52 -131.38 17.17
C PRO JA 56 -6.30 -131.41 15.88
N ALA JA 57 -6.00 -130.43 15.02
CA ALA JA 57 -6.59 -130.40 13.70
C ALA JA 57 -6.28 -131.69 12.97
N PRO JA 58 -7.20 -132.18 12.13
CA PRO JA 58 -7.05 -133.54 11.58
C PRO JA 58 -5.76 -133.70 10.78
N ALA JA 59 -5.21 -134.90 10.85
CA ALA JA 59 -4.01 -135.23 10.10
C ALA JA 59 -4.25 -135.05 8.61
N LYS JA 60 -3.25 -134.53 7.92
CA LYS JA 60 -3.34 -134.30 6.48
C LYS JA 60 -2.50 -135.33 5.73
N ALA JA 61 -2.81 -135.49 4.45
CA ALA JA 61 -2.16 -136.50 3.63
C ALA JA 61 -0.66 -136.21 3.54
N GLY JA 62 0.15 -137.22 3.82
CA GLY JA 62 1.58 -137.07 3.81
C GLY JA 62 2.17 -136.23 4.92
N GLN JA 63 1.37 -135.78 5.88
CA GLN JA 63 1.85 -134.95 6.97
C GLN JA 63 2.57 -135.82 8.00
N ASN JA 64 3.42 -135.20 8.80
CA ASN JA 64 4.19 -135.91 9.81
C ASN JA 64 3.51 -135.76 11.17
N THR JA 65 3.24 -136.89 11.82
CA THR JA 65 2.42 -136.93 13.02
C THR JA 65 3.22 -136.82 14.31
N ASN JA 66 4.54 -136.96 14.26
CA ASN JA 66 5.33 -137.33 15.44
C ASN JA 66 5.30 -136.26 16.52
N GLN JA 67 4.69 -135.11 16.27
CA GLN JA 67 4.57 -134.07 17.29
C GLN JA 67 3.15 -133.69 17.65
N ARG JA 68 2.15 -134.19 16.94
CA ARG JA 68 0.77 -133.82 17.24
C ARG JA 68 0.31 -134.50 18.52
N MET JA 69 -0.40 -133.77 19.37
CA MET JA 69 -0.75 -134.27 20.69
C MET JA 69 -2.13 -133.80 21.13
N ILE JA 70 -2.75 -134.62 21.97
CA ILE JA 70 -4.08 -134.38 22.54
C ILE JA 70 -3.89 -134.05 24.01
N ARG JA 71 -4.64 -133.06 24.51
CA ARG JA 71 -4.55 -132.68 25.91
C ARG JA 71 -5.91 -132.83 26.57
N VAL JA 72 -5.90 -133.26 27.84
CA VAL JA 72 -7.13 -133.35 28.63
C VAL JA 72 -6.84 -132.73 29.99
N ARG JA 73 -7.65 -131.77 30.41
CA ARG JA 73 -7.44 -131.07 31.67
C ARG JA 73 -8.70 -131.18 32.52
N VAL JA 74 -8.57 -131.77 33.70
CA VAL JA 74 -9.64 -131.85 34.69
C VAL JA 74 -9.28 -130.96 35.86
N SER JA 75 -10.19 -130.07 36.24
CA SER JA 75 -9.92 -129.08 37.26
C SER JA 75 -11.08 -129.04 38.26
N THR JA 76 -10.76 -128.95 39.55
CA THR JA 76 -11.79 -128.85 40.58
C THR JA 76 -11.49 -127.67 41.50
N PHE JA 77 -12.50 -126.83 41.72
CA PHE JA 77 -12.41 -125.64 42.56
C PHE JA 77 -13.42 -125.75 43.69
N GLU JA 78 -12.95 -125.61 44.93
CA GLU JA 78 -13.79 -125.72 46.12
C GLU JA 78 -13.67 -124.48 46.98
N PRO JA 79 -14.14 -123.34 46.49
CA PRO JA 79 -13.99 -122.09 47.25
C PRO JA 79 -14.75 -122.15 48.57
N ILE JA 80 -14.12 -121.60 49.61
CA ILE JA 80 -14.69 -121.55 50.95
C ILE JA 80 -15.16 -120.12 51.20
N LEU JA 81 -16.45 -119.96 51.46
CA LEU JA 81 -17.02 -118.63 51.67
C LEU JA 81 -16.59 -118.06 53.02
N GLU JA 82 -16.32 -116.77 53.05
CA GLU JA 82 -15.99 -116.11 54.30
C GLU JA 82 -17.21 -116.11 55.20
N VAL JA 83 -16.98 -116.34 56.50
CA VAL JA 83 -18.04 -116.24 57.50
C VAL JA 83 -18.01 -114.85 58.09
N ALA JA 84 -19.18 -114.20 58.14
CA ALA JA 84 -19.25 -112.81 58.53
C ALA JA 84 -19.09 -112.65 60.03
N VAL JA 85 -18.44 -111.57 60.45
CA VAL JA 85 -18.45 -111.14 61.84
C VAL JA 85 -19.01 -109.73 61.88
N THR JA 86 -19.07 -109.14 63.06
CA THR JA 86 -19.67 -107.82 63.20
C THR JA 86 -18.82 -106.77 62.50
N ALA JA 87 -19.43 -106.07 61.54
CA ALA JA 87 -18.78 -104.96 60.86
C ALA JA 87 -18.97 -103.70 61.70
N THR JA 88 -17.87 -102.99 61.95
CA THR JA 88 -17.89 -101.89 62.90
C THR JA 88 -17.76 -100.51 62.26
N TYR JA 89 -17.27 -100.41 61.03
CA TYR JA 89 -17.18 -99.10 60.39
C TYR JA 89 -18.56 -98.61 59.96
N SER JA 90 -19.29 -99.42 59.20
CA SER JA 90 -20.58 -99.01 58.66
C SER JA 90 -21.76 -99.73 59.30
N GLY JA 91 -21.52 -100.80 60.06
CA GLY JA 91 -22.62 -101.58 60.60
C GLY JA 91 -23.39 -102.35 59.57
N ILE JA 92 -22.91 -102.37 58.32
CA ILE JA 92 -23.55 -103.06 57.22
C ILE JA 92 -22.74 -104.30 56.91
N ALA JA 93 -23.35 -105.47 57.11
CA ALA JA 93 -22.62 -106.72 56.89
C ALA JA 93 -22.17 -106.80 55.44
N PRO JA 94 -21.01 -107.39 55.18
CA PRO JA 94 -20.45 -107.33 53.83
C PRO JA 94 -21.09 -108.35 52.89
N SER JA 95 -21.01 -108.03 51.61
CA SER JA 95 -21.45 -108.95 50.58
C SER JA 95 -20.73 -110.28 50.74
N PRO JA 96 -21.34 -111.39 50.32
CA PRO JA 96 -20.65 -112.68 50.41
C PRO JA 96 -19.35 -112.62 49.61
N THR JA 97 -18.25 -112.92 50.29
CA THR JA 97 -16.93 -112.84 49.71
C THR JA 97 -16.23 -114.19 49.86
N VAL JA 98 -15.45 -114.56 48.85
CA VAL JA 98 -14.72 -115.82 48.88
C VAL JA 98 -13.47 -115.63 49.74
N SER JA 99 -13.31 -116.50 50.74
CA SER JA 99 -12.18 -116.35 51.66
C SER JA 99 -10.89 -116.91 51.06
N TYR JA 100 -10.93 -118.15 50.58
CA TYR JA 100 -9.77 -118.77 49.94
C TYR JA 100 -10.27 -119.92 49.09
N VAL JA 101 -9.43 -120.37 48.16
CA VAL JA 101 -9.87 -121.42 47.25
C VAL JA 101 -8.86 -122.57 47.17
N PRO JA 102 -9.14 -123.71 47.80
CA PRO JA 102 -8.37 -124.93 47.52
C PRO JA 102 -8.76 -125.47 46.15
N LYS JA 103 -7.77 -125.78 45.33
CA LYS JA 103 -8.09 -126.21 43.97
C LYS JA 103 -7.09 -127.24 43.48
N ALA JA 104 -7.47 -127.93 42.42
CA ALA JA 104 -6.61 -128.95 41.84
C ALA JA 104 -6.75 -128.93 40.32
N PHE JA 105 -5.64 -129.20 39.64
CA PHE JA 105 -5.56 -129.10 38.18
C PHE JA 105 -4.75 -130.29 37.69
N THR JA 106 -5.35 -131.15 36.86
CA THR JA 106 -4.67 -132.31 36.30
C THR JA 106 -4.68 -132.20 34.77
N GLU JA 107 -3.51 -132.36 34.16
CA GLU JA 107 -3.36 -132.30 32.70
C GLU JA 107 -2.71 -133.58 32.20
N PHE JA 108 -3.42 -134.27 31.31
CA PHE JA 108 -2.90 -135.41 30.57
C PHE JA 108 -2.42 -134.93 29.22
N VAL JA 109 -1.17 -135.25 28.89
CA VAL JA 109 -0.62 -135.07 27.56
C VAL JA 109 -0.54 -136.45 26.93
N LEU JA 110 -1.41 -136.69 25.95
CA LEU JA 110 -1.51 -137.96 25.25
C LEU JA 110 -1.13 -137.71 23.79
N PRO JA 111 0.06 -138.11 23.36
CA PRO JA 111 0.39 -137.95 21.93
C PRO JA 111 -0.55 -138.77 21.08
N GLU JA 112 -0.95 -138.19 19.94
CA GLU JA 112 -1.95 -138.83 19.08
C GLU JA 112 -1.50 -140.23 18.68
N ARG JA 113 -0.21 -140.40 18.44
CA ARG JA 113 0.39 -141.69 18.17
C ARG JA 113 0.05 -142.77 19.21
N ALA JA 114 -0.25 -142.39 20.44
CA ALA JA 114 -0.34 -143.38 21.52
C ALA JA 114 -1.57 -144.27 21.35
N THR JA 115 -1.45 -145.51 21.83
CA THR JA 115 -2.51 -146.49 21.71
C THR JA 115 -3.52 -146.36 22.86
N LEU JA 116 -4.70 -146.95 22.62
CA LEU JA 116 -5.73 -147.00 23.65
C LEU JA 116 -5.18 -147.58 24.94
N ASP JA 117 -4.36 -148.62 24.83
CA ASP JA 117 -3.75 -149.20 26.02
C ASP JA 117 -2.89 -148.17 26.75
N ASN JA 118 -2.11 -147.38 26.00
CA ASN JA 118 -1.30 -146.34 26.62
C ASN JA 118 -2.17 -145.34 27.38
N ARG JA 119 -3.29 -144.94 26.78
CA ARG JA 119 -4.16 -143.95 27.43
C ARG JA 119 -4.82 -144.52 28.67
N LYS JA 120 -5.30 -145.77 28.59
CA LYS JA 120 -5.88 -146.43 29.76
C LYS JA 120 -4.84 -146.55 30.88
N ASP JA 121 -3.61 -146.89 30.51
CA ASP JA 121 -2.51 -146.99 31.48
C ASP JA 121 -2.29 -145.67 32.20
N ILE JA 122 -2.10 -144.59 31.44
CA ILE JA 122 -1.76 -143.32 32.08
C ILE JA 122 -2.91 -142.84 32.96
N ARG JA 123 -4.15 -142.95 32.47
CA ARG JA 123 -5.30 -142.52 33.27
C ARG JA 123 -5.39 -143.31 34.58
N LYS JA 124 -5.46 -144.64 34.48
CA LYS JA 124 -5.62 -145.45 35.68
C LYS JA 124 -4.47 -145.23 36.66
N MET JA 125 -3.24 -145.22 36.15
CA MET JA 125 -2.09 -145.22 37.03
C MET JA 125 -1.90 -143.87 37.71
N HIS JA 126 -2.22 -142.77 37.02
CA HIS JA 126 -2.17 -141.47 37.68
C HIS JA 126 -3.28 -141.35 38.71
N ALA JA 127 -4.51 -141.72 38.35
CA ALA JA 127 -5.63 -141.65 39.29
C ALA JA 127 -5.35 -142.46 40.54
N LEU JA 128 -4.60 -143.56 40.40
CA LEU JA 128 -4.17 -144.32 41.55
C LEU JA 128 -3.04 -143.62 42.31
N ALA JA 129 -2.10 -143.01 41.57
CA ALA JA 129 -0.98 -142.33 42.22
C ALA JA 129 -1.45 -141.21 43.13
N LEU JA 130 -2.62 -140.64 42.83
CA LEU JA 130 -3.20 -139.62 43.71
C LEU JA 130 -3.77 -140.20 45.00
N THR JA 131 -3.87 -141.52 45.12
CA THR JA 131 -4.44 -142.14 46.31
C THR JA 131 -3.41 -142.90 47.14
N THR JA 132 -2.13 -142.84 46.76
CA THR JA 132 -1.09 -143.51 47.52
C THR JA 132 -0.94 -142.89 48.91
N SER JA 133 -0.39 -143.69 49.84
CA SER JA 133 -0.17 -143.18 51.18
C SER JA 133 0.74 -141.96 51.18
N GLU JA 134 1.71 -141.94 50.24
CA GLU JA 134 2.61 -140.80 50.12
C GLU JA 134 1.87 -139.54 49.68
N ALA JA 135 0.99 -139.67 48.67
CA ALA JA 135 0.19 -138.55 48.23
C ALA JA 135 -0.73 -138.06 49.33
N ILE JA 136 -1.33 -138.99 50.08
CA ILE JA 136 -2.20 -138.61 51.19
C ILE JA 136 -1.40 -137.85 52.25
N ALA JA 137 -0.19 -138.31 52.55
CA ALA JA 137 0.64 -137.65 53.55
C ALA JA 137 1.05 -136.25 53.10
N MET JA 138 1.35 -136.07 51.81
CA MET JA 138 1.80 -134.76 51.34
C MET JA 138 0.64 -133.78 51.30
N ILE JA 139 -0.51 -134.19 50.76
CA ILE JA 139 -1.60 -133.24 50.56
C ILE JA 139 -2.35 -132.98 51.86
N GLU JA 140 -2.62 -134.03 52.65
CA GLU JA 140 -3.43 -133.86 53.85
C GLU JA 140 -2.59 -133.47 55.06
N SER JA 141 -1.46 -134.15 55.28
CA SER JA 141 -0.64 -133.96 56.47
C SER JA 141 0.59 -133.10 56.23
N LEU JA 142 0.86 -132.72 54.98
CA LEU JA 142 1.92 -131.77 54.65
C LEU JA 142 3.31 -132.33 55.04
N GLN JA 143 3.55 -133.59 54.69
CA GLN JA 143 4.79 -134.27 55.00
C GLN JA 143 5.44 -134.78 53.73
N PHE JA 144 6.74 -134.54 53.59
CA PHE JA 144 7.51 -135.05 52.47
C PHE JA 144 8.01 -136.46 52.77
N VAL JA 145 8.74 -137.05 51.82
CA VAL JA 145 9.31 -138.38 52.01
C VAL JA 145 10.83 -138.24 52.13
N TYR JA 146 11.43 -139.13 52.92
CA TYR JA 146 12.83 -138.95 53.28
C TYR JA 146 13.63 -140.26 53.28
N PRO KA 1 -64.06 12.64 -58.94
CA PRO KA 1 -64.59 12.65 -60.30
C PRO KA 1 -63.73 11.83 -61.25
N GLN KA 2 -64.33 11.31 -62.33
CA GLN KA 2 -63.56 10.54 -63.30
C GLN KA 2 -62.63 11.46 -64.09
N ALA KA 3 -61.47 10.92 -64.45
CA ALA KA 3 -60.46 11.71 -65.13
C ALA KA 3 -60.83 11.94 -66.59
N ALA KA 4 -60.70 13.19 -67.04
CA ALA KA 4 -60.98 13.54 -68.42
C ALA KA 4 -60.01 14.62 -68.88
N ASP KA 5 -60.11 14.98 -70.16
CA ASP KA 5 -59.21 15.95 -70.76
C ASP KA 5 -59.23 17.27 -69.99
N ILE KA 6 -58.07 17.91 -69.87
CA ILE KA 6 -57.95 19.21 -69.24
C ILE KA 6 -57.48 20.20 -70.30
N VAL KA 7 -58.27 21.24 -70.56
CA VAL KA 7 -57.95 22.17 -71.63
C VAL KA 7 -57.56 23.51 -71.01
N ILE KA 8 -56.37 23.99 -71.36
CA ILE KA 8 -55.81 25.22 -70.80
C ILE KA 8 -55.35 26.11 -71.93
N ALA KA 9 -55.67 27.40 -71.83
CA ALA KA 9 -55.38 28.35 -72.90
C ALA KA 9 -53.92 28.78 -72.90
N ASP KA 10 -53.39 29.03 -74.10
CA ASP KA 10 -52.05 29.54 -74.29
C ASP KA 10 -51.96 30.99 -73.84
N ALA KA 11 -50.75 31.55 -73.91
CA ALA KA 11 -50.55 32.99 -73.69
C ALA KA 11 -50.06 33.68 -74.95
N GLN KA 12 -50.39 33.12 -76.12
CA GLN KA 12 -50.01 33.75 -77.37
C GLN KA 12 -50.87 34.97 -77.65
N ALA KA 13 -50.48 35.73 -78.68
CA ALA KA 13 -51.29 36.85 -79.14
C ALA KA 13 -52.72 36.40 -79.38
N THR KA 14 -52.89 35.39 -80.23
CA THR KA 14 -54.15 34.67 -80.31
C THR KA 14 -54.00 33.38 -79.53
N PRO KA 15 -54.60 33.26 -78.35
CA PRO KA 15 -54.38 32.07 -77.51
C PRO KA 15 -54.76 30.79 -78.23
N VAL KA 16 -54.02 29.72 -77.91
CA VAL KA 16 -54.21 28.39 -78.49
C VAL KA 16 -54.52 27.42 -77.37
N ASN KA 17 -55.61 26.67 -77.51
CA ASN KA 17 -55.99 25.71 -76.48
C ASN KA 17 -55.06 24.50 -76.52
N HIS KA 18 -54.42 24.20 -75.39
CA HIS KA 18 -53.66 22.98 -75.22
C HIS KA 18 -54.52 21.98 -74.47
N THR KA 19 -54.65 20.78 -75.03
CA THR KA 19 -55.48 19.72 -74.45
C THR KA 19 -54.58 18.67 -73.82
N PHE KA 20 -54.65 18.56 -72.49
CA PHE KA 20 -53.89 17.58 -71.71
C PHE KA 20 -54.76 16.34 -71.56
N VAL KA 21 -54.43 15.30 -72.33
CA VAL KA 21 -55.13 14.01 -72.25
C VAL KA 21 -54.68 13.29 -70.98
N PRO KA 22 -55.58 12.63 -70.25
CA PRO KA 22 -55.15 11.90 -69.05
C PRO KA 22 -54.30 10.70 -69.42
N ILE KA 23 -53.06 10.68 -68.91
CA ILE KA 23 -52.20 9.51 -69.07
C ILE KA 23 -52.48 8.49 -67.98
N GLY KA 24 -52.69 8.93 -66.76
CA GLY KA 24 -53.01 7.99 -65.70
C GLY KA 24 -52.22 8.24 -64.44
N PRO KA 25 -52.40 7.38 -63.44
CA PRO KA 25 -51.69 7.56 -62.18
C PRO KA 25 -50.21 7.20 -62.32
N ASP KA 26 -49.40 7.85 -61.48
CA ASP KA 26 -47.96 7.61 -61.46
C ASP KA 26 -47.67 6.20 -60.96
N PRO KA 27 -46.84 5.42 -61.66
CA PRO KA 27 -46.57 4.05 -61.20
C PRO KA 27 -45.96 4.00 -59.81
N LYS KA 28 -45.11 4.98 -59.46
CA LYS KA 28 -44.45 4.96 -58.15
C LYS KA 28 -45.39 5.41 -57.04
N ASP KA 29 -46.24 6.40 -57.29
CA ASP KA 29 -47.11 6.97 -56.27
C ASP KA 29 -48.55 6.97 -56.78
N ALA KA 30 -49.43 6.27 -56.05
CA ALA KA 30 -50.82 6.19 -56.45
C ALA KA 30 -51.60 7.47 -56.17
N THR KA 31 -51.01 8.44 -55.48
CA THR KA 31 -51.71 9.67 -55.12
C THR KA 31 -51.53 10.78 -56.13
N ILE KA 32 -50.72 10.58 -57.17
CA ILE KA 32 -50.42 11.62 -58.13
C ILE KA 32 -50.83 11.12 -59.51
N TYR KA 33 -51.52 11.98 -60.26
CA TYR KA 33 -52.13 11.64 -61.53
C TYR KA 33 -51.62 12.59 -62.61
N TRP KA 34 -51.41 12.05 -63.82
CA TRP KA 34 -50.70 12.73 -64.89
C TRP KA 34 -51.58 12.88 -66.12
N TRP KA 35 -51.69 14.12 -66.60
CA TRP KA 35 -52.20 14.49 -67.90
C TRP KA 35 -51.05 15.01 -68.76
N GLU KA 36 -51.18 14.86 -70.09
CA GLU KA 36 -50.11 15.17 -71.02
C GLU KA 36 -50.66 15.81 -72.28
N ASP KA 37 -50.06 16.94 -72.66
CA ASP KA 37 -50.31 17.61 -73.93
C ASP KA 37 -49.34 17.06 -74.96
N GLN KA 38 -49.90 16.33 -75.93
CA GLN KA 38 -49.16 15.56 -76.92
C GLN KA 38 -49.07 16.26 -78.27
N SER KA 39 -49.22 17.57 -78.28
CA SER KA 39 -49.24 18.34 -79.53
C SER KA 39 -47.85 18.80 -79.96
N GLN KA 40 -46.82 18.49 -79.19
CA GLN KA 40 -45.48 18.99 -79.46
C GLN KA 40 -44.79 18.08 -80.48
N ALA KA 41 -43.52 18.36 -80.75
CA ALA KA 41 -42.81 17.69 -81.85
C ALA KA 41 -42.68 16.19 -81.62
N SER KA 42 -41.95 15.80 -80.57
CA SER KA 42 -41.77 14.41 -80.23
C SER KA 42 -42.06 14.24 -78.74
N PRO KA 43 -42.31 13.02 -78.27
CA PRO KA 43 -42.82 12.85 -76.90
C PRO KA 43 -41.92 13.41 -75.81
N ALA KA 44 -40.63 13.61 -76.07
CA ALA KA 44 -39.76 14.18 -75.05
C ALA KA 44 -40.11 15.62 -74.72
N GLY KA 45 -40.81 16.33 -75.60
CA GLY KA 45 -41.22 17.69 -75.40
C GLY KA 45 -42.69 17.88 -75.09
N TYR KA 46 -43.42 16.79 -74.79
CA TYR KA 46 -44.83 16.87 -74.42
C TYR KA 46 -45.00 17.62 -73.12
N TRP KA 47 -45.99 18.50 -73.05
CA TRP KA 47 -46.20 19.24 -71.81
C TRP KA 47 -46.98 18.39 -70.82
N ARG KA 48 -46.69 18.54 -69.54
CA ARG KA 48 -47.26 17.63 -68.56
C ARG KA 48 -47.90 18.41 -67.42
N LEU KA 49 -48.91 17.79 -66.82
CA LEU KA 49 -49.66 18.38 -65.71
C LEU KA 49 -49.93 17.26 -64.72
N SER KA 50 -49.52 17.45 -63.46
CA SER KA 50 -49.67 16.44 -62.43
C SER KA 50 -50.47 17.02 -61.27
N MET KA 51 -51.46 16.27 -60.79
CA MET KA 51 -52.23 16.66 -59.63
C MET KA 51 -52.19 15.55 -58.59
N GLN KA 52 -51.92 15.92 -57.33
CA GLN KA 52 -51.68 14.96 -56.26
C GLN KA 52 -52.49 15.33 -55.03
N LEU KA 53 -53.19 14.34 -54.46
CA LEU KA 53 -54.00 14.51 -53.27
C LEU KA 53 -53.56 13.48 -52.23
N VAL KA 54 -52.92 13.94 -51.17
CA VAL KA 54 -52.41 13.08 -50.10
C VAL KA 54 -53.29 13.29 -48.89
N ARG KA 55 -54.19 12.32 -48.66
CA ARG KA 55 -55.04 12.22 -47.48
C ARG KA 55 -54.30 11.45 -46.39
N PRO KA 56 -54.41 11.89 -45.15
CA PRO KA 56 -53.90 11.08 -44.05
C PRO KA 56 -54.77 9.85 -43.80
N ALA KA 57 -54.18 8.85 -43.14
CA ALA KA 57 -54.87 7.58 -42.95
C ALA KA 57 -56.07 7.75 -42.01
N PRO KA 58 -57.19 7.07 -42.27
CA PRO KA 58 -58.37 7.26 -41.42
C PRO KA 58 -58.13 6.83 -39.97
N ALA KA 59 -58.40 7.75 -39.05
CA ALA KA 59 -58.23 7.48 -37.63
C ALA KA 59 -59.13 8.37 -36.80
N THR KA 65 -52.76 14.18 -33.34
CA THR KA 65 -53.88 13.96 -34.26
C THR KA 65 -54.58 15.27 -34.65
N ASN KA 66 -54.20 16.38 -34.02
CA ASN KA 66 -54.55 17.70 -34.53
C ASN KA 66 -53.47 18.25 -35.44
N GLN KA 67 -52.47 17.45 -35.77
CA GLN KA 67 -51.44 17.77 -36.75
C GLN KA 67 -51.60 16.90 -37.99
N ARG KA 68 -52.84 16.64 -38.39
CA ARG KA 68 -53.13 15.80 -39.55
C ARG KA 68 -53.51 16.74 -40.68
N MET KA 69 -52.76 16.71 -41.76
CA MET KA 69 -52.94 17.71 -42.79
C MET KA 69 -53.04 17.02 -44.15
N ILE KA 70 -54.01 17.46 -44.94
CA ILE KA 70 -54.19 17.01 -46.30
C ILE KA 70 -53.34 17.88 -47.21
N ARG KA 71 -52.61 17.26 -48.13
CA ARG KA 71 -51.80 18.03 -49.06
C ARG KA 71 -52.29 17.86 -50.49
N VAL KA 72 -52.18 18.93 -51.27
CA VAL KA 72 -52.55 18.92 -52.68
C VAL KA 72 -51.45 19.61 -53.47
N ARG KA 73 -50.92 18.93 -54.48
CA ARG KA 73 -49.83 19.48 -55.29
C ARG KA 73 -50.24 19.47 -56.75
N VAL KA 74 -50.20 20.63 -57.38
CA VAL KA 74 -50.44 20.80 -58.81
C VAL KA 74 -49.14 21.27 -59.45
N SER KA 75 -48.70 20.57 -60.48
CA SER KA 75 -47.41 20.83 -61.09
C SER KA 75 -47.55 20.85 -62.61
N THR KA 76 -46.97 21.85 -63.26
CA THR KA 76 -47.01 21.98 -64.72
C THR KA 76 -45.59 22.07 -65.27
N PHE KA 77 -45.29 21.22 -66.24
CA PHE KA 77 -43.99 21.20 -66.91
C PHE KA 77 -44.20 21.52 -68.39
N GLU KA 78 -43.42 22.46 -68.91
CA GLU KA 78 -43.52 22.88 -70.31
C GLU KA 78 -42.15 22.84 -70.98
N PRO KA 79 -41.61 21.64 -71.23
CA PRO KA 79 -40.29 21.55 -71.84
C PRO KA 79 -40.28 22.11 -73.26
N ILE KA 80 -39.15 22.70 -73.63
CA ILE KA 80 -38.96 23.30 -74.95
C ILE KA 80 -37.87 22.53 -75.68
N LEU KA 81 -38.23 21.91 -76.81
CA LEU KA 81 -37.29 21.10 -77.55
C LEU KA 81 -36.38 21.97 -78.40
N GLU KA 82 -35.20 21.43 -78.72
CA GLU KA 82 -34.29 22.09 -79.64
C GLU KA 82 -34.79 21.91 -81.07
N VAL KA 83 -34.58 22.94 -81.90
CA VAL KA 83 -35.08 22.91 -83.27
C VAL KA 83 -34.27 21.92 -84.10
N ALA KA 84 -34.92 21.34 -85.12
CA ALA KA 84 -34.25 20.40 -86.00
C ALA KA 84 -32.97 20.99 -86.56
N VAL KA 85 -31.92 20.16 -86.65
CA VAL KA 85 -30.61 20.61 -87.07
C VAL KA 85 -30.51 20.62 -88.59
N THR KA 86 -29.79 21.61 -89.12
CA THR KA 86 -29.53 21.68 -90.56
C THR KA 86 -28.21 21.05 -90.94
N ALA KA 87 -27.30 20.89 -89.98
CA ALA KA 87 -25.99 20.33 -90.26
C ALA KA 87 -25.33 19.94 -88.95
N THR KA 88 -24.71 18.75 -88.92
CA THR KA 88 -23.92 18.33 -87.77
C THR KA 88 -22.57 17.86 -88.26
N TYR KA 89 -21.69 17.50 -87.32
CA TYR KA 89 -20.33 17.15 -87.72
C TYR KA 89 -20.28 15.87 -88.52
N SER KA 90 -21.18 14.93 -88.21
CA SER KA 90 -21.18 13.62 -88.84
C SER KA 90 -22.20 13.48 -89.94
N GLY KA 91 -23.18 14.38 -90.02
CA GLY KA 91 -24.22 14.28 -91.02
C GLY KA 91 -25.46 13.53 -90.60
N ILE KA 92 -25.47 12.98 -89.39
CA ILE KA 92 -26.65 12.31 -88.83
C ILE KA 92 -27.27 13.24 -87.79
N ALA KA 93 -28.57 13.49 -87.94
CA ALA KA 93 -29.25 14.41 -87.04
C ALA KA 93 -29.36 13.78 -85.65
N PRO KA 94 -29.13 14.56 -84.59
CA PRO KA 94 -29.22 14.01 -83.23
C PRO KA 94 -30.66 13.73 -82.83
N SER KA 95 -30.80 12.87 -81.82
CA SER KA 95 -32.11 12.56 -81.27
C SER KA 95 -32.75 13.82 -80.71
N PRO KA 96 -34.08 13.90 -80.70
CA PRO KA 96 -34.74 15.09 -80.14
C PRO KA 96 -34.32 15.28 -78.69
N THR KA 97 -33.82 16.46 -78.38
CA THR KA 97 -33.30 16.78 -77.07
C THR KA 97 -34.03 17.98 -76.48
N VAL KA 98 -34.09 18.02 -75.17
CA VAL KA 98 -34.78 19.08 -74.46
C VAL KA 98 -33.80 20.21 -74.19
N SER KA 99 -34.17 21.43 -74.61
CA SER KA 99 -33.27 22.57 -74.43
C SER KA 99 -33.32 23.10 -73.00
N TYR KA 100 -34.51 23.36 -72.48
CA TYR KA 100 -34.70 23.86 -71.13
C TYR KA 100 -36.14 23.62 -70.73
N VAL KA 101 -36.41 23.66 -69.43
CA VAL KA 101 -37.76 23.35 -68.96
C VAL KA 101 -38.25 24.37 -67.94
N PRO KA 102 -39.09 25.32 -68.33
CA PRO KA 102 -39.81 26.12 -67.34
C PRO KA 102 -40.91 25.29 -66.70
N LYS KA 103 -41.04 25.42 -65.37
CA LYS KA 103 -42.01 24.58 -64.67
C LYS KA 103 -42.54 25.34 -63.46
N ALA KA 104 -43.63 24.79 -62.91
CA ALA KA 104 -44.29 25.40 -61.76
C ALA KA 104 -44.84 24.31 -60.85
N PHE KA 105 -44.77 24.57 -59.55
CA PHE KA 105 -45.14 23.61 -58.51
C PHE KA 105 -45.92 24.36 -57.44
N THR KA 106 -47.17 23.98 -57.19
CA THR KA 106 -48.01 24.61 -56.17
C THR KA 106 -48.47 23.55 -55.18
N GLU KA 107 -48.36 23.85 -53.90
CA GLU KA 107 -48.73 22.92 -52.83
C GLU KA 107 -49.65 23.62 -51.85
N PHE KA 108 -50.82 23.03 -51.63
CA PHE KA 108 -51.76 23.44 -50.61
C PHE KA 108 -51.61 22.52 -49.42
N VAL KA 109 -51.47 23.11 -48.24
CA VAL KA 109 -51.48 22.40 -46.96
C VAL KA 109 -52.78 22.77 -46.27
N LEU KA 110 -53.65 21.79 -46.12
CA LEU KA 110 -55.02 22.00 -45.65
C LEU KA 110 -55.24 21.15 -44.41
N PRO KA 111 -55.21 21.74 -43.21
CA PRO KA 111 -55.45 20.94 -41.99
C PRO KA 111 -56.80 20.26 -42.05
N GLU KA 112 -56.87 19.08 -41.43
CA GLU KA 112 -58.09 18.27 -41.48
C GLU KA 112 -59.25 18.96 -40.78
N ARG KA 113 -58.96 19.85 -39.83
CA ARG KA 113 -60.01 20.63 -39.18
C ARG KA 113 -60.54 21.77 -40.05
N ALA KA 114 -59.92 22.05 -41.19
CA ALA KA 114 -60.27 23.23 -41.97
C ALA KA 114 -61.57 23.01 -42.72
N THR KA 115 -62.44 24.03 -42.69
CA THR KA 115 -63.76 23.91 -43.27
C THR KA 115 -63.74 24.18 -44.76
N LEU KA 116 -64.81 23.74 -45.43
CA LEU KA 116 -64.95 23.96 -46.87
C LEU KA 116 -64.76 25.43 -47.22
N ASP KA 117 -65.26 26.33 -46.37
CA ASP KA 117 -65.06 27.75 -46.63
C ASP KA 117 -63.58 28.11 -46.62
N ASN KA 118 -62.83 27.59 -45.65
CA ASN KA 118 -61.40 27.85 -45.60
C ASN KA 118 -60.69 27.36 -46.85
N ARG KA 119 -61.07 26.16 -47.33
CA ARG KA 119 -60.42 25.61 -48.51
C ARG KA 119 -60.75 26.43 -49.75
N LYS KA 120 -62.02 26.83 -49.91
CA LYS KA 120 -62.39 27.69 -51.04
C LYS KA 120 -61.63 29.01 -50.99
N ASP KA 121 -61.49 29.58 -49.78
CA ASP KA 121 -60.75 30.83 -49.59
C ASP KA 121 -59.31 30.68 -50.05
N ILE KA 122 -58.60 29.67 -49.53
CA ILE KA 122 -57.18 29.56 -49.83
C ILE KA 122 -56.96 29.28 -51.31
N ARG KA 123 -57.79 28.42 -51.92
CA ARG KA 123 -57.64 28.13 -53.35
C ARG KA 123 -57.87 29.39 -54.18
N LYS KA 124 -59.04 30.03 -54.03
CA LYS KA 124 -59.36 31.21 -54.84
C LYS KA 124 -58.30 32.30 -54.65
N MET KA 125 -57.90 32.52 -53.39
CA MET KA 125 -57.05 33.67 -53.10
C MET KA 125 -55.63 33.45 -53.57
N HIS KA 126 -55.11 32.22 -53.45
CA HIS KA 126 -53.78 31.95 -53.99
C HIS KA 126 -53.77 32.02 -55.51
N ALA KA 127 -54.74 31.39 -56.16
CA ALA KA 127 -54.84 31.47 -57.61
C ALA KA 127 -54.87 32.91 -58.08
N LEU KA 128 -55.62 33.76 -57.37
CA LEU KA 128 -55.63 35.18 -57.68
C LEU KA 128 -54.26 35.82 -57.43
N ALA KA 129 -53.60 35.43 -56.33
CA ALA KA 129 -52.30 36.00 -56.00
C ALA KA 129 -51.27 35.72 -57.08
N LEU KA 130 -51.48 34.67 -57.87
CA LEU KA 130 -50.60 34.41 -59.01
C LEU KA 130 -50.88 35.32 -60.21
N THR KA 131 -51.97 36.09 -60.19
CA THR KA 131 -52.32 36.94 -61.32
C THR KA 131 -52.26 38.43 -61.00
N THR KA 132 -51.77 38.80 -59.82
CA THR KA 132 -51.63 40.20 -59.46
C THR KA 132 -50.60 40.89 -60.37
N SER KA 133 -50.68 42.22 -60.42
CA SER KA 133 -49.71 42.97 -61.22
C SER KA 133 -48.29 42.73 -60.74
N GLU KA 134 -48.12 42.59 -59.41
CA GLU KA 134 -46.81 42.28 -58.86
C GLU KA 134 -46.33 40.90 -59.29
N ALA KA 135 -47.22 39.90 -59.23
CA ALA KA 135 -46.85 38.55 -59.66
C ALA KA 135 -46.47 38.53 -61.15
N ILE KA 136 -47.21 39.28 -61.97
CA ILE KA 136 -46.92 39.30 -63.39
C ILE KA 136 -45.58 40.00 -63.65
N ALA KA 137 -45.30 41.07 -62.90
CA ALA KA 137 -44.02 41.76 -63.05
C ALA KA 137 -42.86 40.86 -62.62
N MET KA 138 -43.05 40.04 -61.59
CA MET KA 138 -41.97 39.19 -61.11
C MET KA 138 -41.74 38.01 -62.03
N ILE KA 139 -42.80 37.33 -62.48
CA ILE KA 139 -42.61 36.11 -63.26
C ILE KA 139 -42.33 36.41 -64.72
N GLU KA 140 -42.99 37.41 -65.31
CA GLU KA 140 -42.83 37.67 -66.73
C GLU KA 140 -41.72 38.68 -67.01
N SER KA 141 -41.68 39.78 -66.28
CA SER KA 141 -40.71 40.84 -66.51
C SER KA 141 -39.50 40.74 -65.59
N LEU KA 142 -39.56 39.87 -64.59
CA LEU KA 142 -38.41 39.61 -63.73
C LEU KA 142 -38.01 40.87 -62.96
N GLN KA 143 -38.98 41.46 -62.27
CA GLN KA 143 -38.77 42.67 -61.49
C GLN KA 143 -39.23 42.44 -60.05
N PHE KA 144 -38.44 42.91 -59.10
CA PHE KA 144 -38.81 42.83 -57.70
C PHE KA 144 -39.56 44.09 -57.29
N VAL KA 145 -40.13 44.07 -56.07
CA VAL KA 145 -40.84 45.22 -55.52
C VAL KA 145 -39.91 45.98 -54.57
N TYR KA 146 -39.95 47.30 -54.67
CA TYR KA 146 -39.02 48.16 -53.93
C TYR KA 146 -39.73 49.22 -53.10
N PRO LA 1 -67.65 -3.92 -61.00
CA PRO LA 1 -68.49 -2.71 -61.04
C PRO LA 1 -67.66 -1.44 -61.02
N GLN LA 2 -68.24 -0.35 -61.53
CA GLN LA 2 -67.52 0.91 -61.53
C GLN LA 2 -67.61 1.58 -60.16
N ALA LA 3 -66.71 2.52 -59.92
CA ALA LA 3 -66.77 3.31 -58.71
C ALA LA 3 -67.97 4.25 -58.78
N ALA LA 4 -68.91 4.09 -57.84
CA ALA LA 4 -70.10 4.90 -57.79
C ALA LA 4 -70.41 5.29 -56.35
N ASP LA 5 -71.29 6.26 -56.19
CA ASP LA 5 -71.75 6.63 -54.86
C ASP LA 5 -72.38 5.42 -54.18
N ILE LA 6 -72.20 5.33 -52.86
CA ILE LA 6 -72.83 4.29 -52.05
C ILE LA 6 -73.70 4.99 -51.03
N VAL LA 7 -74.99 4.69 -51.01
CA VAL LA 7 -75.93 5.40 -50.14
C VAL LA 7 -76.41 4.45 -49.06
N ILE LA 8 -76.24 4.87 -47.80
CA ILE LA 8 -76.55 4.04 -46.63
C ILE LA 8 -77.40 4.87 -45.67
N ALA LA 9 -78.43 4.25 -45.11
CA ALA LA 9 -79.41 4.95 -44.29
C ALA LA 9 -78.92 5.10 -42.85
N ASP LA 10 -79.26 6.24 -42.26
CA ASP LA 10 -79.00 6.53 -40.86
C ASP LA 10 -79.89 5.67 -39.96
N ALA LA 11 -79.60 5.68 -38.66
CA ALA LA 11 -80.45 5.04 -37.67
C ALA LA 11 -81.25 6.04 -36.84
N GLN LA 12 -81.51 7.23 -37.40
CA GLN LA 12 -82.30 8.22 -36.68
C GLN LA 12 -83.77 7.84 -36.69
N ALA LA 13 -84.55 8.58 -35.90
CA ALA LA 13 -86.00 8.40 -35.89
C ALA LA 13 -86.57 8.49 -37.30
N THR LA 14 -86.26 9.57 -38.00
CA THR LA 14 -86.48 9.63 -39.44
C THR LA 14 -85.13 9.43 -40.11
N PRO LA 15 -84.87 8.24 -40.67
CA PRO LA 15 -83.53 7.97 -41.20
C PRO LA 15 -83.09 8.98 -42.25
N VAL LA 16 -81.80 9.29 -42.23
CA VAL LA 16 -81.17 10.24 -43.14
C VAL LA 16 -80.19 9.48 -44.02
N ASN LA 17 -80.30 9.67 -45.33
CA ASN LA 17 -79.41 8.98 -46.27
C ASN LA 17 -78.04 9.66 -46.25
N HIS LA 18 -77.00 8.89 -45.95
CA HIS LA 18 -75.62 9.34 -46.07
C HIS LA 18 -75.07 8.82 -47.39
N THR LA 19 -74.53 9.72 -48.20
CA THR LA 19 -73.99 9.38 -49.51
C THR LA 19 -72.47 9.38 -49.45
N PHE LA 20 -71.87 8.21 -49.66
CA PHE LA 20 -70.43 8.02 -49.67
C PHE LA 20 -69.93 8.12 -51.11
N VAL LA 21 -69.31 9.24 -51.44
CA VAL LA 21 -68.74 9.52 -52.75
C VAL LA 21 -67.41 8.79 -52.83
N PRO LA 22 -67.06 8.14 -53.94
CA PRO LA 22 -65.74 7.48 -54.01
C PRO LA 22 -64.61 8.49 -53.98
N ILE LA 23 -63.68 8.30 -53.03
CA ILE LA 23 -62.44 9.07 -53.00
C ILE LA 23 -61.42 8.46 -53.94
N GLY LA 24 -61.36 7.14 -53.99
CA GLY LA 24 -60.44 6.50 -54.89
C GLY LA 24 -59.72 5.35 -54.22
N PRO LA 25 -58.76 4.78 -54.93
CA PRO LA 25 -57.98 3.68 -54.34
C PRO LA 25 -57.06 4.19 -53.26
N ASP LA 26 -56.71 3.27 -52.38
CA ASP LA 26 -55.83 3.58 -51.26
C ASP LA 26 -54.45 3.98 -51.79
N PRO LA 27 -53.77 4.93 -51.15
CA PRO LA 27 -52.46 5.36 -51.66
C PRO LA 27 -51.41 4.27 -51.66
N LYS LA 28 -51.42 3.41 -50.64
CA LYS LA 28 -50.35 2.46 -50.42
C LYS LA 28 -50.72 1.03 -50.78
N ASP LA 29 -52.00 0.71 -50.86
CA ASP LA 29 -52.48 -0.62 -51.23
C ASP LA 29 -53.46 -0.48 -52.39
N ALA LA 30 -53.16 -1.13 -53.49
CA ALA LA 30 -53.97 -1.09 -54.70
C ALA LA 30 -55.17 -2.00 -54.63
N THR LA 31 -55.37 -2.70 -53.51
CA THR LA 31 -56.46 -3.67 -53.38
C THR LA 31 -57.57 -3.17 -52.49
N ILE LA 32 -57.51 -1.93 -52.01
CA ILE LA 32 -58.52 -1.40 -51.10
C ILE LA 32 -58.94 -0.03 -51.65
N TYR LA 33 -60.25 0.19 -51.72
CA TYR LA 33 -60.86 1.37 -52.32
C TYR LA 33 -61.69 2.11 -51.28
N TRP LA 34 -61.81 3.43 -51.44
CA TRP LA 34 -62.30 4.34 -50.41
C TRP LA 34 -63.43 5.23 -50.93
N TRP LA 35 -64.55 5.21 -50.22
CA TRP LA 35 -65.66 6.14 -50.31
C TRP LA 35 -65.75 6.96 -49.02
N GLU LA 36 -66.35 8.15 -49.11
CA GLU LA 36 -66.38 9.09 -48.01
C GLU LA 36 -67.70 9.87 -48.00
N ASP LA 37 -68.29 9.99 -46.81
CA ASP LA 37 -69.45 10.81 -46.52
C ASP LA 37 -68.94 12.15 -46.00
N GLN LA 38 -69.04 13.17 -46.88
CA GLN LA 38 -68.46 14.49 -46.69
C GLN LA 38 -69.47 15.51 -46.18
N SER LA 39 -70.55 15.04 -45.56
CA SER LA 39 -71.62 15.91 -45.10
C SER LA 39 -71.32 16.56 -43.75
N GLN LA 40 -70.32 16.04 -43.05
CA GLN LA 40 -70.06 16.44 -41.68
C GLN LA 40 -69.43 17.85 -41.64
N ALA LA 41 -69.10 18.32 -40.44
CA ALA LA 41 -68.79 19.74 -40.25
C ALA LA 41 -67.41 20.11 -40.81
N SER LA 42 -66.41 19.27 -40.62
CA SER LA 42 -65.09 19.42 -41.21
C SER LA 42 -64.59 18.03 -41.56
N PRO LA 43 -63.59 17.93 -42.44
CA PRO LA 43 -63.13 16.58 -42.85
C PRO LA 43 -62.76 15.66 -41.69
N ALA LA 44 -62.32 16.23 -40.56
CA ALA LA 44 -61.99 15.41 -39.39
C ALA LA 44 -63.16 14.54 -38.97
N GLY LA 45 -64.39 15.00 -39.20
CA GLY LA 45 -65.58 14.27 -38.87
C GLY LA 45 -66.26 13.54 -40.01
N TYR LA 46 -65.68 13.53 -41.22
CA TYR LA 46 -66.28 12.81 -42.33
C TYR LA 46 -66.31 11.31 -42.03
N TRP LA 47 -67.31 10.62 -42.58
CA TRP LA 47 -67.40 9.17 -42.36
C TRP LA 47 -66.83 8.42 -43.57
N ARG LA 48 -66.11 7.34 -43.31
CA ARG LA 48 -65.38 6.69 -44.39
C ARG LA 48 -65.79 5.22 -44.49
N LEU LA 49 -65.76 4.70 -45.72
CA LEU LA 49 -66.07 3.31 -46.02
C LEU LA 49 -64.99 2.78 -46.96
N SER LA 50 -64.47 1.61 -46.66
CA SER LA 50 -63.37 1.01 -47.43
C SER LA 50 -63.69 -0.44 -47.74
N MET LA 51 -63.44 -0.85 -48.99
CA MET LA 51 -63.66 -2.23 -49.40
C MET LA 51 -62.39 -2.77 -50.04
N GLN LA 52 -62.01 -3.99 -49.66
CA GLN LA 52 -60.75 -4.59 -50.07
C GLN LA 52 -60.95 -6.03 -50.53
N LEU LA 53 -60.43 -6.35 -51.71
CA LEU LA 53 -60.45 -7.69 -52.26
C LEU LA 53 -59.02 -8.13 -52.50
N VAL LA 54 -58.60 -9.20 -51.81
CA VAL LA 54 -57.26 -9.75 -51.93
C VAL LA 54 -57.40 -11.15 -52.51
N ARG LA 55 -57.00 -11.28 -53.77
CA ARG LA 55 -56.96 -12.46 -54.61
C ARG LA 55 -55.57 -13.09 -54.54
N PRO LA 56 -55.48 -14.41 -54.62
CA PRO LA 56 -54.17 -15.06 -54.66
C PRO LA 56 -53.56 -15.01 -56.07
N ALA LA 57 -52.25 -15.27 -56.12
CA ALA LA 57 -51.56 -15.30 -57.40
C ALA LA 57 -52.15 -16.42 -58.27
N PRO LA 58 -52.16 -16.24 -59.60
CA PRO LA 58 -52.86 -17.20 -60.46
C PRO LA 58 -52.32 -18.60 -60.30
N ALA LA 59 -53.20 -19.59 -60.47
CA ALA LA 59 -52.84 -20.98 -60.23
C ALA LA 59 -51.87 -21.47 -61.28
N LYS LA 60 -50.93 -22.31 -60.86
CA LYS LA 60 -49.97 -22.91 -61.78
C LYS LA 60 -50.47 -24.27 -62.25
N ALA LA 61 -49.97 -24.70 -63.41
CA ALA LA 61 -50.41 -25.95 -64.00
C ALA LA 61 -50.03 -27.12 -63.09
N GLY LA 62 -51.02 -27.95 -62.76
CA GLY LA 62 -50.80 -29.07 -61.86
C GLY LA 62 -50.69 -28.72 -60.40
N GLN LA 63 -50.71 -27.43 -60.03
CA GLN LA 63 -50.62 -27.03 -58.64
C GLN LA 63 -51.91 -27.38 -57.90
N ASN LA 64 -51.77 -27.76 -56.63
CA ASN LA 64 -52.91 -28.10 -55.79
C ASN LA 64 -53.47 -26.84 -55.16
N THR LA 65 -54.76 -26.58 -55.38
CA THR LA 65 -55.36 -25.30 -55.02
C THR LA 65 -56.15 -25.34 -53.71
N ASN LA 66 -56.10 -26.45 -52.97
CA ASN LA 66 -57.02 -26.50 -51.83
C ASN LA 66 -56.56 -25.69 -50.69
N GLN LA 67 -55.48 -24.91 -50.83
CA GLN LA 67 -55.09 -24.03 -49.75
C GLN LA 67 -55.16 -22.53 -50.11
N ARG LA 68 -55.42 -22.19 -51.37
CA ARG LA 68 -55.44 -20.79 -51.77
C ARG LA 68 -56.77 -20.19 -51.35
N MET LA 69 -56.75 -18.92 -50.91
CA MET LA 69 -57.92 -18.29 -50.35
C MET LA 69 -58.01 -16.83 -50.75
N ILE LA 70 -59.25 -16.32 -50.80
CA ILE LA 70 -59.58 -14.95 -51.17
C ILE LA 70 -60.12 -14.26 -49.94
N ARG LA 71 -59.70 -13.02 -49.72
CA ARG LA 71 -60.16 -12.27 -48.56
C ARG LA 71 -60.89 -11.01 -49.00
N VAL LA 72 -61.96 -10.68 -48.31
CA VAL LA 72 -62.72 -9.46 -48.55
C VAL LA 72 -62.87 -8.73 -47.22
N ARG LA 73 -62.53 -7.45 -47.18
CA ARG LA 73 -62.62 -6.66 -45.95
C ARG LA 73 -63.41 -5.40 -46.22
N VAL LA 74 -64.48 -5.20 -45.45
CA VAL LA 74 -65.27 -3.99 -45.48
C VAL LA 74 -65.08 -3.27 -44.15
N SER LA 75 -64.91 -1.96 -44.20
CA SER LA 75 -64.58 -1.21 -43.00
C SER LA 75 -65.31 0.13 -43.01
N THR LA 76 -65.92 0.49 -41.89
CA THR LA 76 -66.65 1.75 -41.77
C THR LA 76 -66.15 2.51 -40.55
N PHE LA 77 -65.86 3.79 -40.74
CA PHE LA 77 -65.36 4.66 -39.70
C PHE LA 77 -66.30 5.85 -39.56
N GLU LA 78 -66.80 6.08 -38.35
CA GLU LA 78 -67.77 7.15 -38.08
C GLU LA 78 -67.29 8.03 -36.93
N PRO LA 79 -66.28 8.86 -37.16
CA PRO LA 79 -65.81 9.75 -36.10
C PRO LA 79 -66.87 10.75 -35.69
N ILE LA 80 -66.90 11.05 -34.39
CA ILE LA 80 -67.83 11.99 -33.79
C ILE LA 80 -67.04 13.21 -33.32
N LEU LA 81 -67.54 14.40 -33.61
CA LEU LA 81 -66.84 15.62 -33.27
C LEU LA 81 -67.34 16.18 -31.94
N GLU LA 82 -66.57 17.13 -31.42
CA GLU LA 82 -66.90 17.93 -30.25
C GLU LA 82 -66.39 19.34 -30.46
N VAL LA 83 -67.01 20.29 -29.77
CA VAL LA 83 -66.67 21.71 -29.91
C VAL LA 83 -66.49 22.31 -28.52
N ALA LA 84 -65.56 23.27 -28.42
CA ALA LA 84 -65.27 23.90 -27.13
C ALA LA 84 -66.27 25.00 -26.76
N VAL LA 85 -66.93 25.60 -27.76
CA VAL LA 85 -67.90 26.66 -27.52
C VAL LA 85 -68.88 26.69 -28.68
N THR LA 86 -70.13 27.04 -28.41
CA THR LA 86 -71.21 26.82 -29.37
C THR LA 86 -71.62 28.08 -30.15
N ALA LA 87 -71.02 29.23 -29.89
CA ALA LA 87 -71.38 30.46 -30.59
C ALA LA 87 -70.18 30.97 -31.39
N THR LA 88 -70.40 32.07 -32.08
CA THR LA 88 -69.37 32.73 -32.85
C THR LA 88 -69.18 34.15 -32.31
N TYR LA 89 -67.91 34.53 -32.10
CA TYR LA 89 -67.55 35.83 -31.56
C TYR LA 89 -66.72 36.58 -32.59
N SER LA 90 -67.14 37.80 -32.95
CA SER LA 90 -66.34 38.68 -33.80
C SER LA 90 -65.85 37.94 -35.05
N GLY LA 91 -66.74 37.16 -35.65
CA GLY LA 91 -66.45 36.43 -36.86
C GLY LA 91 -65.61 35.19 -36.67
N ILE LA 92 -65.29 34.78 -35.45
CA ILE LA 92 -64.49 33.58 -35.21
C ILE LA 92 -65.44 32.44 -34.95
N ALA LA 93 -65.45 31.46 -35.86
CA ALA LA 93 -66.39 30.39 -35.57
C ALA LA 93 -65.75 29.29 -34.73
N PRO LA 94 -66.56 28.53 -34.02
CA PRO LA 94 -66.04 27.36 -33.31
C PRO LA 94 -65.53 26.32 -34.30
N SER LA 95 -64.35 25.77 -33.99
CA SER LA 95 -63.72 24.78 -34.85
C SER LA 95 -63.73 23.45 -34.12
N PRO LA 96 -64.47 22.46 -34.59
CA PRO LA 96 -64.59 21.19 -33.86
C PRO LA 96 -63.37 20.31 -34.04
N THR LA 97 -63.14 19.46 -33.04
CA THR LA 97 -62.13 18.41 -33.10
C THR LA 97 -62.80 17.06 -32.95
N VAL LA 98 -62.05 16.01 -33.24
CA VAL LA 98 -62.59 14.67 -33.08
C VAL LA 98 -62.64 14.33 -31.60
N SER LA 99 -63.75 13.71 -31.18
CA SER LA 99 -63.97 13.33 -29.80
C SER LA 99 -63.73 11.85 -29.56
N TYR LA 100 -64.28 11.00 -30.44
CA TYR LA 100 -64.06 9.55 -30.38
C TYR LA 100 -64.45 8.98 -31.73
N VAL LA 101 -63.98 7.77 -31.99
CA VAL LA 101 -64.27 7.17 -33.29
C VAL LA 101 -64.81 5.75 -33.13
N PRO LA 102 -66.11 5.55 -33.20
CA PRO LA 102 -66.65 4.20 -33.36
C PRO LA 102 -66.41 3.69 -34.76
N LYS LA 103 -66.08 2.41 -34.87
CA LYS LA 103 -65.75 1.86 -36.18
C LYS LA 103 -66.10 0.38 -36.22
N ALA LA 104 -66.14 -0.16 -37.44
CA ALA LA 104 -66.48 -1.56 -37.64
C ALA LA 104 -65.63 -2.13 -38.76
N PHE LA 105 -65.23 -3.39 -38.60
CA PHE LA 105 -64.33 -4.07 -39.53
C PHE LA 105 -64.87 -5.48 -39.74
N THR LA 106 -65.17 -5.85 -40.99
CA THR LA 106 -65.66 -7.18 -41.34
C THR LA 106 -64.72 -7.82 -42.36
N GLU LA 107 -64.41 -9.10 -42.15
CA GLU LA 107 -63.51 -9.85 -43.03
C GLU LA 107 -64.15 -11.18 -43.39
N PHE LA 108 -64.31 -11.42 -44.68
CA PHE LA 108 -64.71 -12.70 -45.23
C PHE LA 108 -63.47 -13.44 -45.70
N VAL LA 109 -63.34 -14.68 -45.27
CA VAL LA 109 -62.33 -15.61 -45.76
C VAL LA 109 -63.07 -16.63 -46.62
N LEU LA 110 -62.88 -16.52 -47.94
CA LEU LA 110 -63.54 -17.37 -48.91
C LEU LA 110 -62.49 -18.23 -49.60
N PRO LA 111 -62.40 -19.52 -49.28
CA PRO LA 111 -61.44 -20.37 -49.99
C PRO LA 111 -61.75 -20.42 -51.47
N GLU LA 112 -60.69 -20.38 -52.29
CA GLU LA 112 -60.86 -20.24 -53.73
C GLU LA 112 -61.69 -21.36 -54.33
N ARG LA 113 -61.66 -22.56 -53.75
CA ARG LA 113 -62.43 -23.67 -54.26
C ARG LA 113 -63.92 -23.59 -53.92
N ALA LA 114 -64.38 -22.53 -53.26
CA ALA LA 114 -65.76 -22.51 -52.80
C ALA LA 114 -66.72 -22.18 -53.93
N THR LA 115 -67.95 -22.66 -53.79
CA THR LA 115 -68.99 -22.45 -54.80
C THR LA 115 -69.59 -21.05 -54.65
N LEU LA 116 -70.10 -20.53 -55.77
CA LEU LA 116 -70.92 -19.34 -55.72
C LEU LA 116 -72.01 -19.47 -54.66
N ASP LA 117 -72.57 -20.66 -54.52
CA ASP LA 117 -73.58 -20.88 -53.49
C ASP LA 117 -73.01 -20.69 -52.10
N ASN LA 118 -71.80 -21.23 -51.85
CA ASN LA 118 -71.16 -21.05 -50.55
C ASN LA 118 -70.93 -19.58 -50.25
N ARG LA 119 -70.54 -18.81 -51.27
CA ARG LA 119 -70.25 -17.39 -51.06
C ARG LA 119 -71.54 -16.62 -50.78
N LYS LA 120 -72.59 -16.89 -51.54
CA LYS LA 120 -73.88 -16.25 -51.27
C LYS LA 120 -74.36 -16.59 -49.86
N ASP LA 121 -74.18 -17.85 -49.46
CA ASP LA 121 -74.56 -18.30 -48.11
C ASP LA 121 -73.83 -17.49 -47.05
N ILE LA 122 -72.51 -17.46 -47.11
CA ILE LA 122 -71.74 -16.81 -46.04
C ILE LA 122 -72.05 -15.32 -46.00
N ARG LA 123 -72.16 -14.66 -47.17
CA ARG LA 123 -72.47 -13.24 -47.20
C ARG LA 123 -73.84 -12.96 -46.57
N LYS LA 124 -74.89 -13.59 -47.11
CA LYS LA 124 -76.24 -13.32 -46.61
C LYS LA 124 -76.34 -13.64 -45.13
N MET LA 125 -75.80 -14.79 -44.71
CA MET LA 125 -76.03 -15.25 -43.35
C MET LA 125 -75.25 -14.43 -42.34
N HIS LA 126 -74.04 -13.98 -42.68
CA HIS LA 126 -73.34 -13.10 -41.77
C HIS LA 126 -74.02 -11.75 -41.67
N ALA LA 127 -74.40 -11.17 -42.82
CA ALA LA 127 -75.10 -9.88 -42.79
C ALA LA 127 -76.36 -9.98 -41.94
N LEU LA 128 -77.06 -11.11 -42.02
CA LEU LA 128 -78.23 -11.33 -41.17
C LEU LA 128 -77.85 -11.48 -39.71
N ALA LA 129 -76.75 -12.19 -39.44
CA ALA LA 129 -76.31 -12.38 -38.06
C ALA LA 129 -75.98 -11.07 -37.38
N LEU LA 130 -75.63 -10.04 -38.16
CA LEU LA 130 -75.43 -8.72 -37.60
C LEU LA 130 -76.73 -8.01 -37.21
N THR LA 131 -77.89 -8.53 -37.62
CA THR LA 131 -79.17 -7.88 -37.35
C THR LA 131 -80.06 -8.70 -36.41
N THR LA 132 -79.56 -9.81 -35.88
CA THR LA 132 -80.34 -10.62 -34.95
C THR LA 132 -80.62 -9.83 -33.68
N SER LA 133 -81.68 -10.24 -32.96
CA SER LA 133 -82.02 -9.57 -31.71
C SER LA 133 -80.88 -9.63 -30.72
N GLU LA 134 -80.13 -10.74 -30.72
CA GLU LA 134 -78.96 -10.86 -29.85
C GLU LA 134 -77.86 -9.88 -30.26
N ALA LA 135 -77.59 -9.77 -31.56
CA ALA LA 135 -76.58 -8.81 -32.02
C ALA LA 135 -76.98 -7.39 -31.67
N ILE LA 136 -78.27 -7.07 -31.79
CA ILE LA 136 -78.72 -5.73 -31.46
C ILE LA 136 -78.60 -5.48 -29.96
N ALA LA 137 -78.95 -6.48 -29.15
CA ALA LA 137 -78.80 -6.33 -27.70
C ALA LA 137 -77.34 -6.17 -27.28
N MET LA 138 -76.41 -6.79 -28.01
CA MET LA 138 -75.01 -6.72 -27.62
C MET LA 138 -74.35 -5.43 -28.11
N ILE LA 139 -74.67 -4.98 -29.32
CA ILE LA 139 -74.00 -3.79 -29.87
C ILE LA 139 -74.68 -2.50 -29.41
N GLU LA 140 -76.02 -2.46 -29.40
CA GLU LA 140 -76.73 -1.24 -29.05
C GLU LA 140 -76.98 -1.15 -27.55
N SER LA 141 -77.49 -2.23 -26.96
CA SER LA 141 -77.86 -2.25 -25.54
C SER LA 141 -76.73 -2.70 -24.63
N LEU LA 142 -75.64 -3.25 -25.18
CA LEU LA 142 -74.46 -3.60 -24.40
C LEU LA 142 -74.78 -4.64 -23.32
N GLN LA 143 -75.54 -5.66 -23.70
CA GLN LA 143 -75.92 -6.74 -22.81
C GLN LA 143 -75.55 -8.07 -23.43
N PHE LA 144 -74.79 -8.88 -22.69
CA PHE LA 144 -74.40 -10.20 -23.13
C PHE LA 144 -75.55 -11.19 -22.92
N VAL LA 145 -75.37 -12.43 -23.38
CA VAL LA 145 -76.36 -13.49 -23.24
C VAL LA 145 -76.00 -14.36 -22.05
N TYR LA 146 -76.96 -14.60 -21.17
CA TYR LA 146 -76.73 -15.34 -19.93
C TYR LA 146 -77.67 -16.55 -19.80
N PRO MA 1 -57.92 6.27 -71.27
CA PRO MA 1 -59.22 5.57 -71.32
C PRO MA 1 -59.54 4.92 -69.99
N GLN MA 2 -60.71 5.19 -69.43
CA GLN MA 2 -61.08 4.56 -68.17
C GLN MA 2 -61.24 3.06 -68.38
N ALA MA 3 -60.90 2.29 -67.35
CA ALA MA 3 -60.99 0.85 -67.45
C ALA MA 3 -62.44 0.41 -67.61
N ALA MA 4 -62.69 -0.50 -68.55
CA ALA MA 4 -64.02 -1.05 -68.75
C ALA MA 4 -63.89 -2.48 -69.25
N ASP MA 5 -65.03 -3.17 -69.29
CA ASP MA 5 -65.06 -4.55 -69.77
C ASP MA 5 -64.45 -4.65 -71.16
N ILE MA 6 -63.70 -5.72 -71.40
CA ILE MA 6 -63.13 -6.01 -72.71
C ILE MA 6 -63.77 -7.28 -73.23
N VAL MA 7 -64.46 -7.20 -74.36
CA VAL MA 7 -65.19 -8.34 -74.88
C VAL MA 7 -64.49 -8.86 -76.14
N ILE MA 8 -64.14 -10.14 -76.11
CA ILE MA 8 -63.39 -10.78 -77.19
C ILE MA 8 -64.11 -12.04 -77.61
N ALA MA 9 -64.21 -12.27 -78.91
CA ALA MA 9 -64.98 -13.40 -79.43
C ALA MA 9 -64.19 -14.70 -79.34
N ASP MA 10 -64.92 -15.79 -79.11
CA ASP MA 10 -64.34 -17.12 -79.10
C ASP MA 10 -63.98 -17.55 -80.52
N ALA MA 11 -63.44 -18.77 -80.63
CA ALA MA 11 -63.17 -19.36 -81.94
C ALA MA 11 -64.03 -20.59 -82.20
N GLN MA 12 -65.20 -20.67 -81.57
CA GLN MA 12 -66.05 -21.82 -81.75
C GLN MA 12 -66.80 -21.75 -83.08
N ALA MA 13 -67.51 -22.84 -83.40
CA ALA MA 13 -68.37 -22.88 -84.57
C ALA MA 13 -69.26 -21.65 -84.62
N THR MA 14 -70.06 -21.46 -83.57
CA THR MA 14 -70.71 -20.19 -83.34
C THR MA 14 -69.89 -19.44 -82.29
N PRO MA 15 -69.17 -18.39 -82.66
CA PRO MA 15 -68.32 -17.69 -81.69
C PRO MA 15 -69.12 -17.25 -80.47
N VAL MA 16 -68.49 -17.41 -79.30
CA VAL MA 16 -69.08 -17.06 -78.01
C VAL MA 16 -68.28 -15.91 -77.40
N ASN MA 17 -68.96 -14.83 -77.04
CA ASN MA 17 -68.27 -13.66 -76.50
C ASN MA 17 -67.81 -13.94 -75.07
N HIS MA 18 -66.52 -13.69 -74.81
CA HIS MA 18 -65.97 -13.72 -73.47
C HIS MA 18 -65.80 -12.28 -72.99
N THR MA 19 -66.34 -11.99 -71.82
CA THR MA 19 -66.27 -10.66 -71.23
C THR MA 19 -65.24 -10.66 -70.11
N PHE MA 20 -64.19 -9.84 -70.27
CA PHE MA 20 -63.12 -9.69 -69.30
C PHE MA 20 -63.40 -8.44 -68.46
N VAL MA 21 -63.84 -8.66 -67.23
CA VAL MA 21 -64.09 -7.58 -66.28
C VAL MA 21 -62.76 -7.13 -65.71
N PRO MA 22 -62.48 -5.84 -65.59
CA PRO MA 22 -61.21 -5.42 -64.98
C PRO MA 22 -61.12 -5.84 -63.52
N ILE MA 23 -60.00 -6.48 -63.18
CA ILE MA 23 -59.63 -6.68 -61.78
C ILE MA 23 -58.89 -5.47 -61.24
N GLY MA 24 -58.10 -4.81 -62.07
CA GLY MA 24 -57.39 -3.65 -61.62
C GLY MA 24 -55.90 -3.77 -61.82
N PRO MA 25 -55.14 -2.80 -61.30
CA PRO MA 25 -53.69 -2.84 -61.48
C PRO MA 25 -53.06 -3.87 -60.56
N ASP MA 26 -51.98 -4.47 -61.05
CA ASP MA 26 -51.24 -5.45 -60.27
C ASP MA 26 -50.69 -4.76 -59.02
N PRO MA 27 -50.96 -5.29 -57.83
CA PRO MA 27 -50.40 -4.67 -56.62
C PRO MA 27 -48.89 -4.68 -56.60
N LYS MA 28 -48.27 -5.70 -57.22
CA LYS MA 28 -46.81 -5.77 -57.22
C LYS MA 28 -46.20 -4.77 -58.21
N ASP MA 29 -46.85 -4.56 -59.36
CA ASP MA 29 -46.37 -3.64 -60.39
C ASP MA 29 -47.53 -2.78 -60.89
N ALA MA 30 -47.44 -1.47 -60.67
CA ALA MA 30 -48.52 -0.56 -61.02
C ALA MA 30 -48.64 -0.32 -62.52
N THR MA 31 -47.65 -0.69 -63.32
CA THR MA 31 -47.67 -0.44 -64.75
C THR MA 31 -48.36 -1.54 -65.54
N ILE MA 32 -49.00 -2.50 -64.87
CA ILE MA 32 -49.64 -3.59 -65.57
C ILE MA 32 -51.04 -3.75 -64.99
N TYR MA 33 -52.04 -3.82 -65.88
CA TYR MA 33 -53.46 -3.85 -65.51
C TYR MA 33 -54.07 -5.17 -65.96
N TRP MA 34 -55.05 -5.64 -65.19
CA TRP MA 34 -55.59 -6.98 -65.33
C TRP MA 34 -57.11 -6.96 -65.48
N TRP MA 35 -57.58 -7.68 -66.52
CA TRP MA 35 -58.97 -8.06 -66.71
C TRP MA 35 -59.08 -9.58 -66.59
N GLU MA 36 -60.26 -10.07 -66.24
CA GLU MA 36 -60.50 -11.47 -65.94
C GLU MA 36 -61.83 -11.92 -66.53
N ASP MA 37 -61.81 -13.09 -67.18
CA ASP MA 37 -63.01 -13.72 -67.72
C ASP MA 37 -63.52 -14.73 -66.69
N GLN MA 38 -64.66 -14.42 -66.07
CA GLN MA 38 -65.16 -15.22 -64.95
C GLN MA 38 -66.15 -16.29 -65.38
N SER MA 39 -66.17 -16.67 -66.65
CA SER MA 39 -67.15 -17.60 -67.15
C SER MA 39 -66.73 -19.06 -67.00
N GLN MA 40 -65.55 -19.32 -66.45
CA GLN MA 40 -65.01 -20.67 -66.38
C GLN MA 40 -65.59 -21.39 -65.16
N ALA MA 41 -65.09 -22.60 -64.91
CA ALA MA 41 -65.75 -23.51 -63.97
C ALA MA 41 -65.51 -23.12 -62.52
N SER MA 42 -64.30 -22.69 -62.17
CA SER MA 42 -63.97 -22.19 -60.85
C SER MA 42 -62.84 -21.19 -60.99
N PRO MA 43 -62.60 -20.35 -59.97
CA PRO MA 43 -61.70 -19.20 -60.19
C PRO MA 43 -60.31 -19.56 -60.67
N ALA MA 44 -59.76 -20.70 -60.23
CA ALA MA 44 -58.41 -21.07 -60.66
C ALA MA 44 -58.31 -21.13 -62.19
N GLY MA 45 -59.41 -21.43 -62.88
CA GLY MA 45 -59.45 -21.51 -64.32
C GLY MA 45 -59.96 -20.29 -65.06
N TYR MA 46 -60.19 -19.17 -64.36
CA TYR MA 46 -60.64 -17.95 -65.01
C TYR MA 46 -59.59 -17.44 -65.98
N TRP MA 47 -59.99 -17.15 -67.21
CA TRP MA 47 -59.04 -16.61 -68.18
C TRP MA 47 -58.71 -15.16 -67.83
N ARG MA 48 -57.48 -14.75 -68.12
CA ARG MA 48 -57.03 -13.43 -67.75
C ARG MA 48 -56.34 -12.74 -68.92
N LEU MA 49 -56.36 -11.42 -68.86
CA LEU MA 49 -55.76 -10.56 -69.88
C LEU MA 49 -55.05 -9.42 -69.16
N SER MA 50 -53.83 -9.10 -69.60
CA SER MA 50 -52.99 -8.11 -68.94
C SER MA 50 -52.40 -7.15 -69.96
N MET MA 51 -52.43 -5.86 -69.65
CA MET MA 51 -51.82 -4.85 -70.51
C MET MA 51 -50.90 -3.97 -69.70
N GLN MA 52 -49.68 -3.76 -70.21
CA GLN MA 52 -48.63 -3.07 -69.48
C GLN MA 52 -48.03 -1.97 -70.34
N LEU MA 53 -47.90 -0.77 -69.76
CA LEU MA 53 -47.29 0.38 -70.40
C LEU MA 53 -46.17 0.87 -69.51
N VAL MA 54 -44.95 0.82 -70.02
CA VAL MA 54 -43.76 1.24 -69.30
C VAL MA 54 -43.16 2.40 -70.09
N ARG MA 55 -43.42 3.62 -69.63
CA ARG MA 55 -42.89 4.88 -70.11
C ARG MA 55 -41.66 5.26 -69.29
N PRO MA 56 -40.63 5.80 -69.95
CA PRO MA 56 -39.40 6.12 -69.24
C PRO MA 56 -39.55 7.40 -68.43
N ALA MA 57 -38.63 7.56 -67.48
CA ALA MA 57 -38.58 8.79 -66.69
C ALA MA 57 -38.43 9.99 -67.63
N PRO MA 58 -39.05 11.12 -67.29
CA PRO MA 58 -39.12 12.23 -68.25
C PRO MA 58 -37.75 12.70 -68.71
N ALA MA 59 -37.69 13.12 -69.97
CA ALA MA 59 -36.47 13.66 -70.54
C ALA MA 59 -36.00 14.87 -69.76
N LYS MA 60 -34.69 14.98 -69.57
CA LYS MA 60 -34.11 16.09 -68.83
C LYS MA 60 -33.43 17.06 -69.78
N ALA MA 61 -33.22 18.29 -69.31
CA ALA MA 61 -32.64 19.33 -70.15
C ALA MA 61 -31.24 18.95 -70.59
N GLY MA 62 -31.00 19.04 -71.89
CA GLY MA 62 -29.71 18.67 -72.45
C GLY MA 62 -29.39 17.18 -72.45
N GLN MA 63 -30.32 16.33 -72.04
CA GLN MA 63 -30.10 14.89 -72.00
C GLN MA 63 -30.19 14.31 -73.40
N ASN MA 64 -29.58 13.14 -73.59
CA ASN MA 64 -29.58 12.48 -74.89
C ASN MA 64 -30.67 11.41 -74.92
N THR MA 65 -31.52 11.49 -75.93
CA THR MA 65 -32.73 10.67 -76.00
C THR MA 65 -32.54 9.36 -76.75
N ASN MA 66 -31.43 9.20 -77.48
CA ASN MA 66 -31.38 8.22 -78.57
C ASN MA 66 -31.48 6.79 -78.08
N GLN MA 67 -31.54 6.55 -76.76
CA GLN MA 67 -31.71 5.21 -76.25
C GLN MA 67 -32.95 5.02 -75.38
N ARG MA 68 -33.68 6.08 -75.06
CA ARG MA 68 -34.86 5.94 -74.21
C ARG MA 68 -35.98 5.30 -75.00
N MET MA 69 -36.71 4.37 -74.37
CA MET MA 69 -37.71 3.58 -75.08
C MET MA 69 -38.91 3.28 -74.20
N ILE MA 70 -40.07 3.12 -74.86
CA ILE MA 70 -41.34 2.80 -74.24
C ILE MA 70 -41.68 1.35 -74.59
N ARG MA 71 -42.20 0.61 -73.61
CA ARG MA 71 -42.58 -0.78 -73.85
C ARG MA 71 -44.05 -0.97 -73.55
N VAL MA 72 -44.71 -1.82 -74.36
CA VAL MA 72 -46.10 -2.18 -74.12
C VAL MA 72 -46.22 -3.69 -74.25
N ARG MA 73 -46.76 -4.34 -73.24
CA ARG MA 73 -46.88 -5.80 -73.22
C ARG MA 73 -48.35 -6.18 -73.02
N VAL MA 74 -48.90 -6.92 -73.97
CA VAL MA 74 -50.24 -7.47 -73.88
C VAL MA 74 -50.12 -8.99 -73.75
N SER MA 75 -50.77 -9.54 -72.74
CA SER MA 75 -50.63 -10.96 -72.43
C SER MA 75 -52.02 -11.57 -72.20
N THR MA 76 -52.25 -12.77 -72.73
CA THR MA 76 -53.51 -13.46 -72.53
C THR MA 76 -53.25 -14.88 -72.05
N PHE MA 77 -53.94 -15.27 -70.97
CA PHE MA 77 -53.82 -16.59 -70.37
C PHE MA 77 -55.18 -17.26 -70.37
N GLU MA 78 -55.24 -18.47 -70.92
CA GLU MA 78 -56.48 -19.24 -71.03
C GLU MA 78 -56.31 -20.61 -70.39
N PRO MA 79 -56.16 -20.66 -69.08
CA PRO MA 79 -55.94 -21.96 -68.42
C PRO MA 79 -57.14 -22.88 -68.57
N ILE MA 80 -56.86 -24.16 -68.80
CA ILE MA 80 -57.88 -25.18 -68.96
C ILE MA 80 -57.91 -26.01 -67.68
N LEU MA 81 -59.07 -26.03 -67.02
CA LEU MA 81 -59.21 -26.75 -65.76
C LEU MA 81 -59.22 -28.25 -65.99
N GLU MA 82 -58.57 -28.98 -65.09
CA GLU MA 82 -58.59 -30.43 -65.16
C GLU MA 82 -60.00 -30.93 -64.90
N VAL MA 83 -60.42 -31.96 -65.65
CA VAL MA 83 -61.70 -32.61 -65.43
C VAL MA 83 -61.46 -33.82 -64.53
N ALA MA 84 -62.27 -33.93 -63.47
CA ALA MA 84 -62.03 -34.93 -62.45
C ALA MA 84 -62.47 -36.31 -62.94
N VAL MA 85 -61.73 -37.33 -62.52
CA VAL MA 85 -62.18 -38.71 -62.66
C VAL MA 85 -62.20 -39.32 -61.27
N THR MA 86 -62.55 -40.60 -61.20
CA THR MA 86 -62.70 -41.26 -59.91
C THR MA 86 -61.35 -41.36 -59.21
N ALA MA 87 -61.24 -40.77 -58.02
CA ALA MA 87 -60.06 -40.90 -57.18
C ALA MA 87 -60.15 -42.18 -56.38
N THR MA 88 -59.08 -42.99 -56.43
CA THR MA 88 -59.13 -44.33 -55.87
C THR MA 88 -58.32 -44.50 -54.59
N TYR MA 89 -57.35 -43.62 -54.31
CA TYR MA 89 -56.60 -43.76 -53.07
C TYR MA 89 -57.44 -43.35 -51.87
N SER MA 90 -58.01 -42.15 -51.90
CA SER MA 90 -58.76 -41.63 -50.77
C SER MA 90 -60.26 -41.56 -51.01
N GLY MA 91 -60.71 -41.71 -52.25
CA GLY MA 91 -62.12 -41.54 -52.55
C GLY MA 91 -62.62 -40.12 -52.43
N ILE MA 92 -61.71 -39.17 -52.24
CA ILE MA 92 -62.02 -37.76 -52.10
C ILE MA 92 -61.59 -37.06 -53.38
N ALA MA 93 -62.57 -36.51 -54.10
CA ALA MA 93 -62.28 -35.86 -55.36
C ALA MA 93 -61.32 -34.69 -55.13
N PRO MA 94 -60.41 -34.43 -56.07
CA PRO MA 94 -59.36 -33.45 -55.81
C PRO MA 94 -59.86 -32.02 -55.99
N SER MA 95 -59.16 -31.11 -55.31
CA SER MA 95 -59.41 -29.70 -55.47
C SER MA 95 -59.29 -29.32 -56.95
N PRO MA 96 -60.00 -28.28 -57.40
CA PRO MA 96 -59.87 -27.86 -58.80
C PRO MA 96 -58.42 -27.51 -59.09
N THR MA 97 -57.85 -28.17 -60.09
CA THR MA 97 -56.45 -28.00 -60.45
C THR MA 97 -56.36 -27.61 -61.92
N VAL MA 98 -55.41 -26.74 -62.23
CA VAL MA 98 -55.20 -26.29 -63.60
C VAL MA 98 -54.42 -27.37 -64.35
N SER MA 99 -54.98 -27.82 -65.47
CA SER MA 99 -54.35 -28.91 -66.23
C SER MA 99 -53.18 -28.40 -67.07
N TYR MA 100 -53.41 -27.37 -67.89
CA TYR MA 100 -52.36 -26.77 -68.70
C TYR MA 100 -52.81 -25.38 -69.10
N VAL MA 101 -51.86 -24.55 -69.53
CA VAL MA 101 -52.21 -23.18 -69.85
C VAL MA 101 -51.68 -22.75 -71.21
N PRO MA 102 -52.55 -22.65 -72.22
CA PRO MA 102 -52.17 -21.97 -73.46
C PRO MA 102 -52.12 -20.47 -73.23
N LYS MA 103 -51.03 -19.85 -73.66
CA LYS MA 103 -50.89 -18.42 -73.36
C LYS MA 103 -50.18 -17.71 -74.51
N ALA MA 104 -50.28 -16.39 -74.50
CA ALA MA 104 -49.65 -15.58 -75.53
C ALA MA 104 -49.14 -14.28 -74.90
N PHE MA 105 -48.00 -13.80 -75.40
CA PHE MA 105 -47.29 -12.66 -74.85
C PHE MA 105 -46.79 -11.82 -76.01
N THR MA 106 -47.25 -10.57 -76.13
CA THR MA 106 -46.81 -9.66 -77.18
C THR MA 106 -46.17 -8.44 -76.55
N GLU MA 107 -44.96 -8.09 -77.02
CA GLU MA 107 -44.22 -6.93 -76.52
C GLU MA 107 -43.88 -6.01 -77.68
N PHE MA 108 -44.34 -4.76 -77.59
CA PHE MA 108 -43.96 -3.69 -78.48
C PHE MA 108 -42.84 -2.90 -77.84
N VAL MA 109 -41.75 -2.73 -78.59
CA VAL MA 109 -40.67 -1.82 -78.24
C VAL MA 109 -40.79 -0.61 -79.15
N LEU MA 110 -41.21 0.52 -78.58
CA LEU MA 110 -41.42 1.76 -79.31
C LEU MA 110 -40.42 2.77 -78.78
N PRO MA 111 -39.35 3.08 -79.50
CA PRO MA 111 -38.43 4.13 -79.02
C PRO MA 111 -39.15 5.46 -78.93
N GLU MA 112 -38.84 6.22 -77.86
CA GLU MA 112 -39.55 7.47 -77.61
C GLU MA 112 -39.47 8.40 -78.80
N ARG MA 113 -38.31 8.42 -79.47
CA ARG MA 113 -38.10 9.16 -80.71
C ARG MA 113 -39.17 8.89 -81.77
N ALA MA 114 -39.82 7.72 -81.77
CA ALA MA 114 -40.64 7.34 -82.90
C ALA MA 114 -41.91 8.17 -82.97
N THR MA 115 -42.40 8.37 -84.20
CA THR MA 115 -43.59 9.19 -84.44
C THR MA 115 -44.87 8.38 -84.26
N LEU MA 116 -45.98 9.12 -84.09
CA LEU MA 116 -47.29 8.50 -84.00
C LEU MA 116 -47.54 7.60 -85.19
N ASP MA 117 -47.13 8.03 -86.38
CA ASP MA 117 -47.29 7.18 -87.56
C ASP MA 117 -46.52 5.87 -87.40
N ASN MA 118 -45.29 5.94 -86.87
CA ASN MA 118 -44.51 4.73 -86.64
C ASN MA 118 -45.24 3.78 -85.69
N ARG MA 119 -45.83 4.32 -84.62
CA ARG MA 119 -46.51 3.48 -83.64
C ARG MA 119 -47.77 2.86 -84.23
N LYS MA 120 -48.55 3.65 -84.98
CA LYS MA 120 -49.74 3.11 -85.64
C LYS MA 120 -49.35 2.02 -86.63
N ASP MA 121 -48.25 2.22 -87.37
CA ASP MA 121 -47.74 1.23 -88.32
C ASP MA 121 -47.43 -0.08 -87.61
N ILE MA 122 -46.60 -0.03 -86.56
CA ILE MA 122 -46.17 -1.26 -85.93
C ILE MA 122 -47.35 -2.00 -85.31
N ARG MA 123 -48.25 -1.27 -84.63
CA ARG MA 123 -49.41 -1.91 -84.03
C ARG MA 123 -50.28 -2.59 -85.08
N LYS MA 124 -50.74 -1.83 -86.08
CA LYS MA 124 -51.62 -2.40 -87.08
C LYS MA 124 -50.96 -3.58 -87.80
N MET MA 125 -49.70 -3.42 -88.20
CA MET MA 125 -49.08 -4.41 -89.06
C MET MA 125 -48.77 -5.69 -88.31
N HIS MA 126 -48.39 -5.59 -87.03
CA HIS MA 126 -48.20 -6.80 -86.24
C HIS MA 126 -49.54 -7.50 -85.98
N ALA MA 127 -50.57 -6.73 -85.56
CA ALA MA 127 -51.87 -7.34 -85.31
C ALA MA 127 -52.41 -8.04 -86.54
N LEU MA 128 -52.07 -7.52 -87.72
CA LEU MA 128 -52.42 -8.21 -88.96
C LEU MA 128 -51.54 -9.43 -89.19
N ALA MA 129 -50.24 -9.33 -88.89
CA ALA MA 129 -49.33 -10.45 -89.11
C ALA MA 129 -49.74 -11.66 -88.30
N LEU MA 130 -50.43 -11.45 -87.18
CA LEU MA 130 -50.94 -12.57 -86.40
C LEU MA 130 -52.16 -13.24 -87.04
N THR MA 131 -52.72 -12.67 -88.11
CA THR MA 131 -53.89 -13.23 -88.76
C THR MA 131 -53.59 -13.78 -90.16
N THR MA 132 -52.33 -13.76 -90.58
CA THR MA 132 -51.97 -14.29 -91.88
C THR MA 132 -52.21 -15.79 -91.95
N SER MA 133 -52.39 -16.29 -93.18
CA SER MA 133 -52.57 -17.73 -93.36
C SER MA 133 -51.41 -18.52 -92.81
N GLU MA 134 -50.19 -17.96 -92.93
CA GLU MA 134 -49.01 -18.62 -92.39
C GLU MA 134 -49.06 -18.71 -90.87
N ALA MA 135 -49.43 -17.61 -90.21
CA ALA MA 135 -49.56 -17.63 -88.75
C ALA MA 135 -50.65 -18.61 -88.31
N ILE MA 136 -51.77 -18.64 -89.04
CA ILE MA 136 -52.83 -19.58 -88.71
C ILE MA 136 -52.35 -21.01 -88.86
N ALA MA 137 -51.58 -21.30 -89.92
CA ALA MA 137 -51.08 -22.65 -90.14
C ALA MA 137 -50.09 -23.05 -89.05
N MET MA 138 -49.25 -22.12 -88.59
CA MET MA 138 -48.25 -22.48 -87.58
C MET MA 138 -48.90 -22.68 -86.21
N ILE MA 139 -49.80 -21.77 -85.82
CA ILE MA 139 -50.33 -21.84 -84.46
C ILE MA 139 -51.43 -22.90 -84.36
N GLU MA 140 -52.30 -22.99 -85.36
CA GLU MA 140 -53.43 -23.91 -85.26
C GLU MA 140 -53.09 -25.30 -85.77
N SER MA 141 -52.43 -25.39 -86.93
CA SER MA 141 -52.17 -26.66 -87.59
C SER MA 141 -50.74 -27.14 -87.41
N LEU MA 142 -49.87 -26.34 -86.78
CA LEU MA 142 -48.52 -26.77 -86.42
C LEU MA 142 -47.69 -27.11 -87.65
N GLN MA 143 -47.74 -26.24 -88.65
CA GLN MA 143 -47.02 -26.43 -89.91
C GLN MA 143 -46.12 -25.25 -90.18
N PHE MA 144 -44.88 -25.53 -90.55
CA PHE MA 144 -43.92 -24.51 -90.92
C PHE MA 144 -44.08 -24.16 -92.41
N VAL MA 145 -43.26 -23.22 -92.89
CA VAL MA 145 -43.28 -22.84 -94.30
C VAL MA 145 -41.99 -23.34 -94.95
N TYR MA 146 -42.09 -23.70 -96.23
CA TYR MA 146 -40.98 -24.39 -96.88
C TYR MA 146 -40.73 -23.91 -98.31
N PRO NA 1 -32.89 -77.06 -103.50
CA PRO NA 1 -33.89 -78.13 -103.49
C PRO NA 1 -34.09 -78.72 -102.10
N GLN NA 2 -35.26 -79.29 -101.83
CA GLN NA 2 -35.50 -79.89 -100.55
C GLN NA 2 -34.71 -81.18 -100.39
N ALA NA 3 -34.28 -81.46 -99.16
CA ALA NA 3 -33.42 -82.60 -98.90
C ALA NA 3 -34.23 -83.89 -98.93
N ALA NA 4 -33.69 -84.89 -99.62
CA ALA NA 4 -34.34 -86.20 -99.70
C ALA NA 4 -33.27 -87.29 -99.74
N ASP NA 5 -33.74 -88.54 -99.71
CA ASP NA 5 -32.84 -89.69 -99.68
C ASP NA 5 -31.86 -89.65 -100.85
N ILE NA 6 -30.62 -90.07 -100.58
CA ILE NA 6 -29.59 -90.17 -101.61
C ILE NA 6 -29.21 -91.63 -101.74
N VAL NA 7 -29.38 -92.20 -102.92
CA VAL NA 7 -29.14 -93.64 -103.10
C VAL NA 7 -27.91 -93.82 -103.98
N ILE NA 8 -26.94 -94.57 -103.47
CA ILE NA 8 -25.65 -94.77 -104.13
C ILE NA 8 -25.36 -96.27 -104.19
N ALA NA 9 -24.89 -96.73 -105.35
CA ALA NA 9 -24.67 -98.15 -105.56
C ALA NA 9 -23.37 -98.64 -104.94
N ASP NA 10 -23.39 -99.87 -104.46
CA ASP NA 10 -22.21 -100.53 -103.91
C ASP NA 10 -21.22 -100.85 -105.01
N ALA NA 11 -20.07 -101.42 -104.63
CA ALA NA 11 -19.10 -101.94 -105.57
C ALA NA 11 -18.94 -103.45 -105.43
N GLN NA 12 -19.98 -104.12 -104.94
CA GLN NA 12 -19.93 -105.58 -104.82
C GLN NA 12 -20.08 -106.23 -106.19
N ALA NA 13 -19.86 -107.55 -106.21
CA ALA NA 13 -20.10 -108.33 -107.42
C ALA NA 13 -21.50 -108.07 -107.95
N THR NA 14 -22.51 -108.28 -107.11
CA THR NA 14 -23.83 -107.77 -107.39
C THR NA 14 -24.03 -106.50 -106.56
N PRO NA 15 -24.02 -105.32 -107.18
CA PRO NA 15 -24.08 -104.08 -106.39
C PRO NA 15 -25.34 -104.01 -105.53
N VAL NA 16 -25.19 -103.36 -104.38
CA VAL NA 16 -26.25 -103.20 -103.39
C VAL NA 16 -26.48 -101.71 -103.18
N ASN NA 17 -27.73 -101.27 -103.31
CA ASN NA 17 -28.04 -99.86 -103.13
C ASN NA 17 -27.98 -99.49 -101.65
N HIS NA 18 -27.16 -98.50 -101.32
CA HIS NA 18 -27.14 -97.91 -99.98
C HIS NA 18 -27.95 -96.62 -100.02
N THR NA 19 -28.90 -96.50 -99.10
CA THR NA 19 -29.80 -95.35 -99.03
C THR NA 19 -29.38 -94.48 -97.85
N PHE NA 20 -28.90 -93.27 -98.16
CA PHE NA 20 -28.50 -92.27 -97.18
C PHE NA 20 -29.70 -91.38 -96.88
N VAL NA 21 -30.32 -91.61 -95.73
CA VAL NA 21 -31.44 -90.80 -95.26
C VAL NA 21 -30.93 -89.45 -94.79
N PRO NA 22 -31.61 -88.34 -95.08
CA PRO NA 22 -31.12 -87.04 -94.60
C PRO NA 22 -31.27 -86.95 -93.09
N ILE NA 23 -30.14 -86.73 -92.41
CA ILE NA 23 -30.16 -86.47 -90.97
C ILE NA 23 -30.41 -85.00 -90.69
N GLY NA 24 -29.79 -84.11 -91.47
CA GLY NA 24 -30.04 -82.70 -91.27
C GLY NA 24 -28.77 -81.88 -91.27
N PRO NA 25 -28.90 -80.58 -91.02
CA PRO NA 25 -27.72 -79.72 -91.03
C PRO NA 25 -26.86 -79.94 -89.78
N ASP NA 26 -25.57 -79.67 -89.94
CA ASP NA 26 -24.62 -79.82 -88.84
C ASP NA 26 -24.91 -78.76 -87.77
N PRO NA 27 -24.99 -79.15 -86.50
CA PRO NA 27 -25.26 -78.15 -85.45
C PRO NA 27 -24.23 -77.04 -85.38
N LYS NA 28 -22.96 -77.37 -85.63
CA LYS NA 28 -21.90 -76.37 -85.54
C LYS NA 28 -21.87 -75.44 -86.74
N ASP NA 29 -22.11 -75.98 -87.95
CA ASP NA 29 -22.02 -75.21 -89.18
C ASP NA 29 -23.31 -75.37 -89.97
N ALA NA 30 -24.00 -74.26 -90.23
CA ALA NA 30 -25.25 -74.30 -90.97
C ALA NA 30 -25.05 -74.54 -92.46
N THR NA 31 -23.82 -74.50 -92.96
CA THR NA 31 -23.55 -74.65 -94.39
C THR NA 31 -23.31 -76.09 -94.80
N ILE NA 32 -23.28 -77.03 -93.87
CA ILE NA 32 -22.94 -78.42 -94.18
C ILE NA 32 -24.11 -79.28 -93.72
N TYR NA 33 -24.51 -80.21 -94.59
CA TYR NA 33 -25.70 -81.02 -94.41
C TYR NA 33 -25.32 -82.50 -94.47
N TRP NA 34 -25.97 -83.31 -93.64
CA TRP NA 34 -25.57 -84.69 -93.40
C TRP NA 34 -26.68 -85.66 -93.76
N TRP NA 35 -26.35 -86.65 -94.59
CA TRP NA 35 -27.12 -87.84 -94.86
C TRP NA 35 -26.39 -89.05 -94.25
N GLU NA 36 -27.14 -90.08 -93.90
CA GLU NA 36 -26.61 -91.23 -93.18
C GLU NA 36 -27.24 -92.53 -93.67
N ASP NA 37 -26.40 -93.50 -94.00
CA ASP NA 37 -26.80 -94.87 -94.32
C ASP NA 37 -26.82 -95.66 -93.02
N GLN NA 38 -28.04 -96.05 -92.61
CA GLN NA 38 -28.31 -96.66 -91.32
C GLN NA 38 -28.47 -98.17 -91.41
N SER NA 39 -27.94 -98.79 -92.45
CA SER NA 39 -28.11 -100.20 -92.69
C SER NA 39 -27.04 -101.06 -92.02
N GLN NA 40 -26.09 -100.45 -91.33
CA GLN NA 40 -24.96 -101.17 -90.75
C GLN NA 40 -25.37 -101.74 -89.39
N ALA NA 41 -24.40 -102.33 -88.69
CA ALA NA 41 -24.71 -103.10 -87.48
C ALA NA 41 -25.26 -102.21 -86.36
N SER NA 42 -24.46 -101.26 -85.89
CA SER NA 42 -24.88 -100.33 -84.86
C SER NA 42 -24.51 -98.91 -85.32
N PRO NA 43 -25.12 -97.89 -84.72
CA PRO NA 43 -24.97 -96.53 -85.29
C PRO NA 43 -23.55 -96.02 -85.39
N ALA NA 44 -22.61 -96.59 -84.64
CA ALA NA 44 -21.21 -96.16 -84.74
C ALA NA 44 -20.60 -96.48 -86.09
N GLY NA 45 -21.16 -97.46 -86.82
CA GLY NA 45 -20.69 -97.86 -88.13
C GLY NA 45 -21.53 -97.39 -89.29
N TYR NA 46 -22.48 -96.49 -89.05
CA TYR NA 46 -23.33 -95.95 -90.11
C TYR NA 46 -22.51 -95.16 -91.10
N TRP NA 47 -22.77 -95.33 -92.40
CA TRP NA 47 -21.99 -94.57 -93.37
C TRP NA 47 -22.57 -93.18 -93.54
N ARG NA 48 -21.71 -92.20 -93.78
CA ARG NA 48 -22.17 -90.82 -93.76
C ARG NA 48 -21.74 -90.10 -95.02
N LEU NA 49 -22.54 -89.10 -95.38
CA LEU NA 49 -22.30 -88.29 -96.56
C LEU NA 49 -22.63 -86.85 -96.20
N SER NA 50 -21.68 -85.95 -96.39
CA SER NA 50 -21.84 -84.54 -96.04
C SER NA 50 -21.63 -83.68 -97.27
N MET NA 51 -22.53 -82.72 -97.50
CA MET NA 51 -22.39 -81.76 -98.58
C MET NA 51 -22.46 -80.36 -98.02
N GLN NA 52 -21.53 -79.50 -98.43
CA GLN NA 52 -21.37 -78.17 -97.87
C GLN NA 52 -21.24 -77.14 -98.97
N LEU NA 53 -22.00 -76.04 -98.86
CA LEU NA 53 -21.99 -74.95 -99.81
C LEU NA 53 -21.73 -73.65 -99.06
N VAL NA 54 -20.54 -73.07 -99.26
CA VAL NA 54 -20.14 -71.84 -98.59
C VAL NA 54 -20.15 -70.73 -99.62
N ARG NA 55 -21.20 -69.91 -99.57
CA ARG NA 55 -21.36 -68.69 -100.34
C ARG NA 55 -20.72 -67.52 -99.61
N PRO NA 56 -20.03 -66.65 -100.32
CA PRO NA 56 -19.57 -65.42 -99.69
C PRO NA 56 -20.73 -64.46 -99.43
N ALA NA 57 -20.50 -63.52 -98.50
CA ALA NA 57 -21.58 -62.62 -98.08
C ALA NA 57 -21.97 -61.67 -99.22
N PRO NA 58 -23.26 -61.36 -99.38
CA PRO NA 58 -23.66 -60.49 -100.51
C PRO NA 58 -23.06 -59.10 -100.42
N ALA NA 59 -22.39 -58.69 -101.49
CA ALA NA 59 -21.77 -57.39 -101.56
C ALA NA 59 -21.62 -56.93 -102.99
N THR NA 65 -12.43 -57.91 -103.96
CA THR NA 65 -13.78 -58.38 -104.29
C THR NA 65 -13.81 -59.21 -105.58
N ASN NA 66 -12.69 -59.27 -106.29
CA ASN NA 66 -12.51 -60.27 -107.33
C ASN NA 66 -11.83 -61.52 -106.80
N GLN NA 67 -11.64 -61.61 -105.49
CA GLN NA 67 -11.15 -62.80 -104.81
C GLN NA 67 -12.26 -63.42 -103.96
N ARG NA 68 -13.49 -63.40 -104.46
CA ARG NA 68 -14.63 -63.94 -103.76
C ARG NA 68 -14.94 -65.29 -104.38
N MET NA 69 -14.87 -66.35 -103.59
CA MET NA 69 -14.96 -67.67 -104.16
C MET NA 69 -15.97 -68.49 -103.38
N ILE NA 70 -16.82 -69.20 -104.11
CA ILE NA 70 -17.79 -70.13 -103.55
C ILE NA 70 -17.12 -71.48 -103.39
N ARG NA 71 -17.30 -72.11 -102.24
CA ARG NA 71 -16.71 -73.43 -102.02
C ARG NA 71 -17.80 -74.48 -101.85
N VAL NA 72 -17.52 -75.68 -102.34
CA VAL NA 72 -18.43 -76.81 -102.21
C VAL NA 72 -17.61 -78.02 -101.80
N ARG NA 73 -18.00 -78.67 -100.70
CA ARG NA 73 -17.27 -79.83 -100.18
C ARG NA 73 -18.23 -81.01 -100.05
N VAL NA 74 -17.88 -82.11 -100.71
CA VAL NA 74 -18.61 -83.36 -100.60
C VAL NA 74 -17.70 -84.39 -99.95
N SER NA 75 -18.18 -85.01 -98.88
CA SER NA 75 -17.35 -85.91 -98.09
C SER NA 75 -18.13 -87.20 -97.80
N THR NA 76 -17.47 -88.34 -97.97
CA THR NA 76 -18.08 -89.64 -97.71
C THR NA 76 -17.23 -90.43 -96.73
N PHE NA 77 -17.86 -90.92 -95.66
CA PHE NA 77 -17.21 -91.72 -94.64
C PHE NA 77 -17.86 -93.09 -94.61
N GLU NA 78 -17.03 -94.15 -94.66
CA GLU NA 78 -17.51 -95.53 -94.65
C GLU NA 78 -16.81 -96.33 -93.57
N PRO NA 79 -17.13 -96.08 -92.30
CA PRO NA 79 -16.47 -96.81 -91.22
C PRO NA 79 -16.80 -98.29 -91.24
N ILE NA 80 -15.83 -99.11 -90.85
CA ILE NA 80 -15.96 -100.56 -90.81
C ILE NA 80 -15.87 -101.01 -89.36
N LEU NA 81 -16.95 -101.63 -88.86
CA LEU NA 81 -16.99 -102.05 -87.47
C LEU NA 81 -16.24 -103.37 -87.30
N GLU NA 82 -15.79 -103.60 -86.06
CA GLU NA 82 -15.19 -104.89 -85.72
C GLU NA 82 -16.29 -105.93 -85.55
N VAL NA 83 -15.97 -107.17 -85.92
CA VAL NA 83 -16.96 -108.25 -85.86
C VAL NA 83 -17.23 -108.63 -84.41
N ALA NA 84 -18.45 -109.12 -84.16
CA ALA NA 84 -18.82 -109.55 -82.82
C ALA NA 84 -17.82 -110.55 -82.28
N VAL NA 85 -17.51 -110.42 -80.98
CA VAL NA 85 -16.48 -111.25 -80.35
C VAL NA 85 -17.08 -112.57 -79.89
N THR NA 86 -16.28 -113.63 -80.00
CA THR NA 86 -16.69 -114.95 -79.52
C THR NA 86 -16.20 -115.22 -78.11
N ALA NA 87 -15.18 -114.49 -77.66
CA ALA NA 87 -14.62 -114.71 -76.33
C ALA NA 87 -13.75 -113.52 -75.97
N THR NA 88 -13.88 -113.04 -74.74
CA THR NA 88 -13.00 -112.00 -74.21
C THR NA 88 -12.44 -112.45 -72.87
N TYR NA 89 -11.57 -111.63 -72.29
CA TYR NA 89 -10.90 -112.06 -71.06
C TYR NA 89 -11.88 -112.14 -69.89
N SER NA 90 -12.87 -111.27 -69.88
CA SER NA 90 -13.82 -111.17 -68.78
C SER NA 90 -15.14 -111.87 -69.06
N GLY NA 91 -15.44 -112.19 -70.31
CA GLY NA 91 -16.70 -112.81 -70.64
C GLY NA 91 -17.81 -111.85 -71.02
N ILE NA 92 -17.56 -110.54 -70.95
CA ILE NA 92 -18.53 -109.53 -71.36
C ILE NA 92 -18.07 -108.96 -72.70
N ALA NA 93 -18.97 -108.97 -73.68
CA ALA NA 93 -18.61 -108.50 -75.01
C ALA NA 93 -18.39 -106.99 -75.00
N PRO NA 94 -17.36 -106.50 -75.68
CA PRO NA 94 -17.11 -105.05 -75.70
C PRO NA 94 -18.13 -104.30 -76.54
N SER NA 95 -18.23 -103.01 -76.27
CA SER NA 95 -19.11 -102.14 -77.02
C SER NA 95 -18.71 -102.15 -78.49
N PRO NA 96 -19.64 -101.92 -79.41
CA PRO NA 96 -19.29 -101.88 -80.83
C PRO NA 96 -18.24 -100.81 -81.08
N THR NA 97 -17.13 -101.21 -81.69
CA THR NA 97 -16.00 -100.32 -81.92
C THR NA 97 -15.68 -100.26 -83.41
N VAL NA 98 -15.12 -99.13 -83.81
CA VAL NA 98 -14.78 -98.90 -85.22
C VAL NA 98 -13.37 -99.40 -85.46
N SER NA 99 -13.20 -100.27 -86.46
CA SER NA 99 -11.90 -100.83 -86.76
C SER NA 99 -11.03 -99.84 -87.53
N TYR NA 100 -11.56 -99.30 -88.63
CA TYR NA 100 -10.84 -98.34 -89.45
C TYR NA 100 -11.86 -97.62 -90.32
N VAL NA 101 -11.46 -96.47 -90.86
CA VAL NA 101 -12.40 -95.66 -91.63
C VAL NA 101 -11.81 -95.18 -92.94
N PRO NA 102 -12.12 -95.82 -94.07
CA PRO NA 102 -11.81 -95.21 -95.36
C PRO NA 102 -12.76 -94.06 -95.64
N LYS NA 103 -12.21 -92.96 -96.16
CA LYS NA 103 -13.03 -91.78 -96.36
C LYS NA 103 -12.52 -91.00 -97.57
N ALA NA 104 -13.36 -90.06 -98.03
CA ALA NA 104 -13.02 -89.24 -99.19
C ALA NA 104 -13.59 -87.84 -99.00
N PHE NA 105 -12.83 -86.85 -99.47
CA PHE NA 105 -13.14 -85.43 -99.29
C PHE NA 105 -12.85 -84.74 -100.61
N THR NA 106 -13.87 -84.10 -101.21
CA THR NA 106 -13.72 -83.38 -102.46
C THR NA 106 -14.17 -81.94 -102.25
N GLU NA 107 -13.36 -80.98 -102.74
CA GLU NA 107 -13.63 -79.56 -102.58
C GLU NA 107 -13.53 -78.88 -103.94
N PHE NA 108 -14.59 -78.20 -104.32
CA PHE NA 108 -14.63 -77.34 -105.49
C PHE NA 108 -14.46 -75.90 -105.03
N VAL NA 109 -13.54 -75.20 -105.68
CA VAL NA 109 -13.33 -73.77 -105.50
C VAL NA 109 -13.82 -73.11 -106.79
N LEU NA 110 -14.89 -72.35 -106.68
CA LEU NA 110 -15.59 -71.79 -107.84
C LEU NA 110 -15.62 -70.28 -107.70
N PRO NA 111 -14.78 -69.53 -108.41
CA PRO NA 111 -14.83 -68.07 -108.30
C PRO NA 111 -16.20 -67.53 -108.67
N GLU NA 112 -16.57 -66.43 -108.03
CA GLU NA 112 -17.91 -65.86 -108.23
C GLU NA 112 -18.11 -65.36 -109.65
N ARG NA 113 -17.02 -65.03 -110.35
CA ARG NA 113 -17.12 -64.66 -111.75
C ARG NA 113 -17.32 -65.84 -112.69
N ALA NA 114 -17.23 -67.07 -112.19
CA ALA NA 114 -17.23 -68.25 -113.07
C ALA NA 114 -18.64 -68.53 -113.56
N THR NA 115 -18.75 -68.83 -114.85
CA THR NA 115 -20.05 -69.02 -115.47
C THR NA 115 -20.56 -70.45 -115.26
N LEU NA 116 -21.87 -70.61 -115.46
CA LEU NA 116 -22.50 -71.93 -115.33
C LEU NA 116 -21.76 -72.96 -116.18
N ASP NA 117 -21.31 -72.57 -117.37
CA ASP NA 117 -20.56 -73.50 -118.20
C ASP NA 117 -19.27 -73.95 -117.51
N ASN NA 118 -18.54 -73.00 -116.90
CA ASN NA 118 -17.32 -73.36 -116.17
C ASN NA 118 -17.62 -74.32 -115.03
N ARG NA 119 -18.71 -74.09 -114.30
CA ARG NA 119 -19.04 -74.96 -113.18
C ARG NA 119 -19.40 -76.36 -113.66
N LYS NA 120 -20.21 -76.45 -114.72
CA LYS NA 120 -20.55 -77.76 -115.28
C LYS NA 120 -19.29 -78.49 -115.76
N ASP NA 121 -18.38 -77.74 -116.39
CA ASP NA 121 -17.12 -78.32 -116.86
C ASP NA 121 -16.32 -78.92 -115.70
N ILE NA 122 -16.08 -78.12 -114.66
CA ILE NA 122 -15.21 -78.58 -113.58
C ILE NA 122 -15.85 -79.77 -112.86
N ARG NA 123 -17.16 -79.72 -112.62
CA ARG NA 123 -17.83 -80.83 -111.95
C ARG NA 123 -17.73 -82.12 -112.77
N LYS NA 124 -18.21 -82.07 -114.03
CA LYS NA 124 -18.20 -83.27 -114.87
C LYS NA 124 -16.79 -83.82 -115.03
N MET NA 125 -15.81 -82.92 -115.26
CA MET NA 125 -14.47 -83.38 -115.61
C MET NA 125 -13.74 -83.94 -114.40
N HIS NA 126 -13.94 -83.35 -113.22
CA HIS NA 126 -13.32 -83.92 -112.03
C HIS NA 126 -13.94 -85.27 -111.68
N ALA NA 127 -15.28 -85.34 -111.69
CA ALA NA 127 -15.95 -86.61 -111.42
C ALA NA 127 -15.45 -87.70 -112.36
N LEU NA 128 -15.26 -87.35 -113.64
CA LEU NA 128 -14.69 -88.30 -114.58
C LEU NA 128 -13.24 -88.63 -114.22
N ALA NA 129 -12.46 -87.63 -113.81
CA ALA NA 129 -11.07 -87.86 -113.45
C ALA NA 129 -10.92 -88.86 -112.32
N LEU NA 130 -11.95 -88.99 -111.49
CA LEU NA 130 -11.94 -90.01 -110.45
C LEU NA 130 -12.21 -91.42 -110.96
N THR NA 131 -12.62 -91.58 -112.23
CA THR NA 131 -12.96 -92.89 -112.77
C THR NA 131 -12.01 -93.33 -113.88
N THR NA 132 -10.94 -92.58 -114.13
CA THR NA 132 -9.96 -92.97 -115.15
C THR NA 132 -9.26 -94.27 -114.75
N SER NA 133 -8.66 -94.93 -115.73
CA SER NA 133 -7.92 -96.16 -115.45
C SER NA 133 -6.79 -95.89 -114.48
N GLU NA 134 -6.15 -94.73 -114.61
CA GLU NA 134 -5.09 -94.33 -113.69
C GLU NA 134 -5.62 -94.13 -112.28
N ALA NA 135 -6.75 -93.45 -112.14
CA ALA NA 135 -7.35 -93.24 -110.82
C ALA NA 135 -7.74 -94.57 -110.19
N ILE NA 136 -8.26 -95.50 -110.99
CA ILE NA 136 -8.66 -96.79 -110.44
C ILE NA 136 -7.44 -97.59 -110.02
N ALA NA 137 -6.36 -97.51 -110.81
CA ALA NA 137 -5.13 -98.20 -110.44
C ALA NA 137 -4.53 -97.63 -109.15
N MET NA 138 -4.64 -96.31 -108.96
CA MET NA 138 -4.05 -95.70 -107.76
C MET NA 138 -4.88 -95.97 -106.52
N ILE NA 139 -6.21 -95.83 -106.60
CA ILE NA 139 -7.04 -95.95 -105.41
C ILE NA 139 -7.32 -97.41 -105.06
N GLU NA 140 -7.55 -98.27 -106.06
CA GLU NA 140 -7.94 -99.64 -105.78
C GLU NA 140 -6.73 -100.56 -105.70
N SER NA 141 -5.81 -100.48 -106.66
CA SER NA 141 -4.66 -101.35 -106.74
C SER NA 141 -3.41 -100.74 -106.13
N LEU NA 142 -3.45 -99.45 -105.79
CA LEU NA 142 -2.36 -98.81 -105.09
C LEU NA 142 -1.07 -98.81 -105.93
N GLN NA 143 -1.19 -98.32 -107.17
CA GLN NA 143 -0.08 -98.28 -108.10
C GLN NA 143 0.09 -96.85 -108.60
N PHE NA 144 1.34 -96.41 -108.68
CA PHE NA 144 1.65 -95.09 -109.22
C PHE NA 144 1.90 -95.21 -110.73
N VAL NA 145 2.01 -94.04 -111.39
CA VAL NA 145 2.31 -93.98 -112.82
C VAL NA 145 3.79 -93.70 -113.02
N TYR NA 146 4.40 -94.41 -113.96
CA TYR NA 146 5.84 -94.35 -114.17
C TYR NA 146 6.22 -94.02 -115.62
N PRO OA 1 -44.82 -70.26 -93.39
CA PRO OA 1 -44.86 -70.71 -94.78
C PRO OA 1 -43.60 -71.46 -95.17
N GLN OA 2 -43.69 -72.30 -96.19
CA GLN OA 2 -42.54 -73.04 -96.63
C GLN OA 2 -41.66 -72.17 -97.52
N ALA OA 3 -40.41 -72.58 -97.68
CA ALA OA 3 -39.51 -71.90 -98.61
C ALA OA 3 -39.96 -72.19 -100.03
N ALA OA 4 -40.32 -71.13 -100.76
CA ALA OA 4 -40.77 -71.26 -102.14
C ALA OA 4 -40.17 -70.15 -102.97
N ASP OA 5 -40.26 -70.31 -104.30
CA ASP OA 5 -39.82 -69.25 -105.20
C ASP OA 5 -40.61 -67.98 -104.92
N ILE OA 6 -39.94 -66.84 -105.07
CA ILE OA 6 -40.57 -65.52 -104.94
C ILE OA 6 -40.40 -64.82 -106.27
N VAL OA 7 -41.52 -64.42 -106.89
CA VAL OA 7 -41.46 -63.84 -108.23
C VAL OA 7 -41.82 -62.35 -108.14
N ILE OA 8 -40.92 -61.51 -108.66
CA ILE OA 8 -41.06 -60.06 -108.58
C ILE OA 8 -40.84 -59.47 -109.97
N ALA OA 9 -41.69 -58.50 -110.33
CA ALA OA 9 -41.68 -57.94 -111.67
C ALA OA 9 -40.61 -56.87 -111.85
N ASP OA 10 -40.03 -56.84 -113.04
CA ASP OA 10 -39.07 -55.83 -113.43
C ASP OA 10 -39.77 -54.49 -113.63
N ALA OA 11 -38.97 -53.42 -113.78
CA ALA OA 11 -39.49 -52.11 -114.13
C ALA OA 11 -39.21 -51.74 -115.58
N GLN OA 12 -39.05 -52.72 -116.46
CA GLN OA 12 -38.81 -52.44 -117.86
C GLN OA 12 -40.11 -51.99 -118.54
N ALA OA 13 -39.96 -51.52 -119.78
CA ALA OA 13 -41.12 -51.15 -120.59
C ALA OA 13 -42.12 -52.29 -120.64
N THR OA 14 -41.65 -53.47 -121.05
CA THR OA 14 -42.42 -54.69 -120.86
C THR OA 14 -41.83 -55.43 -119.68
N PRO OA 15 -42.47 -55.39 -118.51
CA PRO OA 15 -41.85 -55.97 -117.31
C PRO OA 15 -41.48 -57.43 -117.48
N VAL OA 16 -40.35 -57.80 -116.87
CA VAL OA 16 -39.81 -59.16 -116.91
C VAL OA 16 -39.86 -59.74 -115.50
N ASN OA 17 -40.42 -60.93 -115.36
CA ASN OA 17 -40.52 -61.57 -114.06
C ASN OA 17 -39.16 -62.13 -113.66
N HIS OA 18 -38.64 -61.70 -112.52
CA HIS OA 18 -37.45 -62.27 -111.92
C HIS OA 18 -37.88 -63.26 -110.85
N THR OA 19 -37.38 -64.50 -110.94
CA THR OA 19 -37.74 -65.56 -110.01
C THR OA 19 -36.58 -65.78 -109.04
N PHE OA 20 -36.83 -65.51 -107.76
CA PHE OA 20 -35.85 -65.70 -106.68
C PHE OA 20 -36.07 -67.07 -106.06
N VAL OA 21 -35.19 -68.02 -106.39
CA VAL OA 21 -35.20 -69.38 -105.88
C VAL OA 21 -34.62 -69.35 -104.48
N PRO OA 22 -35.17 -70.05 -103.51
CA PRO OA 22 -34.57 -70.05 -102.16
C PRO OA 22 -33.20 -70.71 -102.15
N ILE OA 23 -32.20 -69.98 -101.66
CA ILE OA 23 -30.88 -70.54 -101.43
C ILE OA 23 -30.85 -71.26 -100.09
N GLY OA 24 -31.49 -70.68 -99.08
CA GLY OA 24 -31.53 -71.32 -97.80
C GLY OA 24 -31.28 -70.34 -96.68
N PRO OA 25 -31.16 -70.84 -95.46
CA PRO OA 25 -30.89 -69.96 -94.33
C PRO OA 25 -29.47 -69.45 -94.39
N ASP OA 26 -29.28 -68.31 -93.72
CA ASP OA 26 -27.98 -67.67 -93.68
C ASP OA 26 -26.99 -68.57 -92.93
N PRO OA 27 -25.72 -68.60 -93.34
CA PRO OA 27 -24.75 -69.48 -92.67
C PRO OA 27 -24.54 -69.17 -91.21
N LYS OA 28 -24.52 -67.88 -90.87
CA LYS OA 28 -24.11 -67.44 -89.55
C LYS OA 28 -25.28 -66.99 -88.67
N ASP OA 29 -26.42 -66.66 -89.25
CA ASP OA 29 -27.62 -66.26 -88.50
C ASP OA 29 -28.78 -67.14 -88.93
N ALA OA 30 -29.39 -67.84 -87.97
CA ALA OA 30 -30.48 -68.75 -88.23
C ALA OA 30 -31.81 -68.03 -88.35
N THR OA 31 -31.82 -66.69 -88.27
CA THR OA 31 -33.06 -65.91 -88.31
C THR OA 31 -33.24 -65.17 -89.62
N ILE OA 32 -32.35 -65.37 -90.59
CA ILE OA 32 -32.43 -64.66 -91.87
C ILE OA 32 -32.29 -65.69 -92.98
N TYR OA 33 -33.17 -65.62 -93.98
CA TYR OA 33 -33.31 -66.59 -95.05
C TYR OA 33 -33.08 -65.89 -96.38
N TRP OA 34 -32.57 -66.64 -97.38
CA TRP OA 34 -32.02 -66.10 -98.61
C TRP OA 34 -32.62 -66.75 -99.84
N TRP OA 35 -33.16 -65.93 -100.73
CA TRP OA 35 -33.55 -66.25 -102.10
C TRP OA 35 -32.64 -65.50 -103.07
N GLU OA 36 -32.52 -66.05 -104.29
CA GLU OA 36 -31.58 -65.55 -105.29
C GLU OA 36 -32.16 -65.65 -106.70
N ASP OA 37 -32.02 -64.58 -107.46
CA ASP OA 37 -32.33 -64.52 -108.89
C ASP OA 37 -31.04 -64.80 -109.66
N GLN OA 38 -30.99 -66.02 -110.22
CA GLN OA 38 -29.81 -66.60 -110.85
C GLN OA 38 -29.82 -66.46 -112.36
N SER OA 39 -30.57 -65.50 -112.88
CA SER OA 39 -30.73 -65.33 -114.32
C SER OA 39 -29.59 -64.54 -114.94
N GLN OA 40 -28.79 -63.87 -114.11
CA GLN OA 40 -27.78 -62.93 -114.58
C GLN OA 40 -26.61 -63.69 -115.20
N ALA OA 41 -25.59 -62.94 -115.63
CA ALA OA 41 -24.55 -63.51 -116.50
C ALA OA 41 -23.59 -64.43 -115.73
N SER OA 42 -23.20 -64.05 -114.53
CA SER OA 42 -22.39 -64.87 -113.64
C SER OA 42 -22.89 -64.60 -112.22
N PRO OA 43 -22.59 -65.50 -111.27
CA PRO OA 43 -23.11 -65.29 -109.90
C PRO OA 43 -22.78 -63.92 -109.31
N ALA OA 44 -21.67 -63.31 -109.72
CA ALA OA 44 -21.32 -61.98 -109.23
C ALA OA 44 -22.44 -60.97 -109.47
N GLY OA 45 -23.22 -61.16 -110.53
CA GLY OA 45 -24.33 -60.31 -110.86
C GLY OA 45 -25.70 -60.82 -110.47
N TYR OA 46 -25.81 -61.96 -109.79
CA TYR OA 46 -27.12 -62.45 -109.36
C TYR OA 46 -27.76 -61.49 -108.38
N TRP OA 47 -29.09 -61.43 -108.39
CA TRP OA 47 -29.79 -60.54 -107.46
C TRP OA 47 -30.28 -61.32 -106.25
N ARG OA 48 -30.19 -60.72 -105.08
CA ARG OA 48 -30.47 -61.47 -103.85
C ARG OA 48 -31.54 -60.78 -103.03
N LEU OA 49 -32.32 -61.60 -102.32
CA LEU OA 49 -33.39 -61.14 -101.44
C LEU OA 49 -33.28 -61.89 -100.13
N SER OA 50 -33.36 -61.17 -99.01
CA SER OA 50 -33.19 -61.75 -97.68
C SER OA 50 -34.30 -61.26 -96.77
N MET OA 51 -34.86 -62.18 -95.99
CA MET OA 51 -35.91 -61.84 -95.03
C MET OA 51 -35.53 -62.36 -93.65
N GLN OA 52 -35.69 -61.53 -92.63
CA GLN OA 52 -35.24 -61.84 -91.27
C GLN OA 52 -36.32 -61.50 -90.26
N LEU OA 53 -36.61 -62.45 -89.39
CA LEU OA 53 -37.55 -62.29 -88.29
C LEU OA 53 -36.82 -62.54 -86.99
N VAL OA 54 -36.75 -61.53 -86.13
CA VAL OA 54 -36.09 -61.62 -84.84
C VAL OA 54 -37.15 -61.43 -83.78
N ARG OA 55 -37.48 -62.51 -83.09
CA ARG OA 55 -38.42 -62.68 -82.00
C ARG OA 55 -37.68 -62.57 -80.67
N PRO OA 56 -38.31 -62.04 -79.64
CA PRO OA 56 -37.68 -62.01 -78.31
C PRO OA 56 -37.83 -63.34 -77.59
N ALA OA 57 -37.02 -63.51 -76.55
CA ALA OA 57 -37.09 -64.73 -75.76
C ALA OA 57 -38.47 -64.83 -75.10
N PRO OA 58 -38.97 -66.05 -74.90
CA PRO OA 58 -40.35 -66.19 -74.43
C PRO OA 58 -40.59 -65.50 -73.11
N ALA OA 59 -41.82 -65.02 -72.94
CA ALA OA 59 -42.15 -64.20 -71.77
C ALA OA 59 -42.14 -65.06 -70.51
N LYS OA 60 -41.69 -64.47 -69.41
CA LYS OA 60 -41.69 -65.15 -68.13
C LYS OA 60 -42.96 -64.81 -67.35
N ALA OA 61 -43.31 -65.69 -66.41
CA ALA OA 61 -44.54 -65.52 -65.65
C ALA OA 61 -44.44 -64.26 -64.80
N GLY OA 62 -45.44 -63.39 -64.92
CA GLY OA 62 -45.45 -62.13 -64.22
C GLY OA 62 -44.54 -61.06 -64.77
N GLN OA 63 -43.75 -61.36 -65.80
CA GLN OA 63 -42.87 -60.37 -66.39
C GLN OA 63 -43.68 -59.33 -67.16
N ASN OA 64 -43.20 -58.08 -67.14
CA ASN OA 64 -43.85 -56.98 -67.83
C ASN OA 64 -43.35 -56.93 -69.28
N THR OA 65 -44.27 -57.02 -70.24
CA THR OA 65 -43.91 -57.20 -71.64
C THR OA 65 -43.93 -55.92 -72.46
N ASN OA 66 -44.12 -54.76 -71.82
CA ASN OA 66 -44.33 -53.57 -72.68
C ASN OA 66 -43.08 -53.08 -73.26
N GLN OA 67 -41.95 -53.76 -73.09
CA GLN OA 67 -40.73 -53.33 -73.75
C GLN OA 67 -40.18 -54.34 -74.76
N ARG OA 68 -40.76 -55.54 -74.86
CA ARG OA 68 -40.25 -56.55 -75.78
C ARG OA 68 -40.73 -56.22 -77.17
N MET OA 69 -39.90 -56.47 -78.18
CA MET OA 69 -40.19 -56.06 -79.54
C MET OA 69 -39.70 -57.09 -80.54
N ILE OA 70 -40.38 -57.14 -81.69
CA ILE OA 70 -40.10 -58.05 -82.78
C ILE OA 70 -39.61 -57.22 -83.96
N ARG OA 71 -38.57 -57.70 -84.64
CA ARG OA 71 -38.02 -56.97 -85.78
C ARG OA 71 -38.12 -57.83 -87.04
N VAL OA 72 -38.43 -57.18 -88.15
CA VAL OA 72 -38.49 -57.84 -89.45
C VAL OA 72 -37.64 -57.02 -90.41
N ARG OA 73 -36.73 -57.66 -91.12
CA ARG OA 73 -35.85 -56.96 -92.07
C ARG OA 73 -35.92 -57.65 -93.42
N VAL OA 74 -36.27 -56.87 -94.44
CA VAL OA 74 -36.25 -57.33 -95.82
C VAL OA 74 -35.16 -56.56 -96.55
N SER OA 75 -34.40 -57.27 -97.38
CA SER OA 75 -33.24 -56.66 -98.02
C SER OA 75 -33.11 -57.17 -99.44
N THR OA 76 -32.90 -56.26 -100.39
CA THR OA 76 -32.74 -56.63 -101.79
C THR OA 76 -31.44 -56.04 -102.33
N PHE OA 77 -30.67 -56.86 -103.02
CA PHE OA 77 -29.39 -56.49 -103.60
C PHE OA 77 -29.43 -56.75 -105.10
N GLU OA 78 -29.14 -55.73 -105.89
CA GLU OA 78 -29.21 -55.81 -107.36
C GLU OA 78 -27.91 -55.35 -107.98
N PRO OA 79 -26.83 -56.14 -107.86
CA PRO OA 79 -25.56 -55.73 -108.47
C PRO OA 79 -25.67 -55.66 -109.99
N ILE OA 80 -24.96 -54.68 -110.56
CA ILE OA 80 -24.91 -54.46 -112.00
C ILE OA 80 -23.50 -54.77 -112.48
N LEU OA 81 -23.40 -55.50 -113.58
CA LEU OA 81 -22.10 -55.91 -114.10
C LEU OA 81 -21.60 -54.94 -115.17
N GLU OA 82 -20.32 -55.09 -115.49
CA GLU OA 82 -19.66 -54.40 -116.58
C GLU OA 82 -18.65 -55.36 -117.20
N VAL OA 83 -18.32 -55.11 -118.47
CA VAL OA 83 -17.43 -55.96 -119.23
C VAL OA 83 -16.37 -55.08 -119.91
N ALA OA 84 -15.15 -55.63 -120.02
CA ALA OA 84 -14.05 -54.89 -120.63
C ALA OA 84 -14.07 -54.91 -122.15
N VAL OA 85 -14.69 -55.93 -122.75
CA VAL OA 85 -14.78 -56.04 -124.21
C VAL OA 85 -16.00 -56.88 -124.55
N THR OA 86 -16.62 -56.57 -125.69
CA THR OA 86 -17.96 -57.10 -125.97
C THR OA 86 -17.97 -58.29 -126.95
N ALA OA 87 -16.83 -58.72 -127.45
CA ALA OA 87 -16.78 -59.85 -128.38
C ALA OA 87 -15.99 -61.00 -127.77
N THR OA 88 -15.91 -62.08 -128.53
CA THR OA 88 -15.14 -63.25 -128.14
C THR OA 88 -14.05 -63.50 -129.16
N TYR OA 89 -12.83 -63.73 -128.68
CA TYR OA 89 -11.66 -63.96 -129.53
C TYR OA 89 -11.12 -65.36 -129.25
N SER OA 90 -10.98 -66.17 -130.31
CA SER OA 90 -10.31 -67.47 -130.20
C SER OA 90 -10.86 -68.28 -129.03
N GLY OA 91 -12.19 -68.26 -128.90
CA GLY OA 91 -12.87 -69.00 -127.86
C GLY OA 91 -12.80 -68.41 -126.47
N ILE OA 92 -12.23 -67.22 -126.29
CA ILE OA 92 -12.14 -66.59 -124.99
C ILE OA 92 -13.31 -65.64 -124.84
N ALA OA 93 -14.22 -65.95 -123.91
CA ALA OA 93 -15.32 -65.02 -123.83
C ALA OA 93 -15.02 -63.89 -122.83
N PRO OA 94 -15.72 -62.76 -123.00
CA PRO OA 94 -15.60 -61.70 -122.00
C PRO OA 94 -16.17 -62.14 -120.67
N SER OA 95 -15.45 -61.83 -119.59
CA SER OA 95 -15.86 -62.21 -118.26
C SER OA 95 -16.22 -60.96 -117.49
N PRO OA 96 -17.48 -60.75 -117.14
CA PRO OA 96 -17.89 -59.50 -116.49
C PRO OA 96 -17.51 -59.46 -115.02
N THR OA 97 -17.32 -58.23 -114.52
CA THR OA 97 -17.14 -57.97 -113.11
C THR OA 97 -18.25 -57.08 -112.61
N VAL OA 98 -18.35 -56.96 -111.29
CA VAL OA 98 -19.35 -56.09 -110.71
C VAL OA 98 -18.91 -54.64 -110.89
N SER OA 99 -19.85 -53.79 -111.27
CA SER OA 99 -19.60 -52.37 -111.49
C SER OA 99 -20.07 -51.50 -110.33
N TYR OA 100 -21.29 -51.75 -109.86
CA TYR OA 100 -21.84 -51.06 -108.69
C TYR OA 100 -23.01 -51.87 -108.18
N VAL OA 101 -23.40 -51.60 -106.93
CA VAL OA 101 -24.50 -52.38 -106.35
C VAL OA 101 -25.54 -51.47 -105.72
N PRO OA 102 -26.63 -51.18 -106.42
CA PRO OA 102 -27.79 -50.57 -105.74
C PRO OA 102 -28.48 -51.58 -104.86
N LYS OA 103 -28.94 -51.13 -103.69
CA LYS OA 103 -29.55 -52.05 -102.75
C LYS OA 103 -30.57 -51.31 -101.90
N ALA OA 104 -31.41 -52.09 -101.22
CA ALA OA 104 -32.46 -51.53 -100.38
C ALA OA 104 -32.62 -52.38 -99.13
N PHE OA 105 -32.89 -51.72 -98.01
CA PHE OA 105 -32.97 -52.35 -96.70
C PHE OA 105 -34.18 -51.77 -95.98
N THR OA 106 -35.14 -52.61 -95.58
CA THR OA 106 -36.33 -52.19 -94.85
C THR OA 106 -36.41 -52.93 -93.52
N GLU OA 107 -36.74 -52.21 -92.45
CA GLU OA 107 -36.84 -52.76 -91.11
C GLU OA 107 -38.14 -52.32 -90.48
N PHE OA 108 -38.95 -53.28 -90.06
CA PHE OA 108 -40.14 -53.07 -89.26
C PHE OA 108 -39.80 -53.35 -87.81
N VAL OA 109 -40.14 -52.41 -86.94
CA VAL OA 109 -40.09 -52.59 -85.50
C VAL OA 109 -41.53 -52.70 -85.02
N LEU OA 110 -41.91 -53.91 -84.64
CA LEU OA 110 -43.26 -54.23 -84.20
C LEU OA 110 -43.22 -54.59 -82.72
N PRO OA 111 -43.67 -53.72 -81.82
CA PRO OA 111 -43.70 -54.10 -80.41
C PRO OA 111 -44.61 -55.30 -80.19
N GLU OA 112 -44.16 -56.22 -79.33
CA GLU OA 112 -44.85 -57.49 -79.16
C GLU OA 112 -46.30 -57.32 -78.73
N ARG OA 113 -46.62 -56.24 -78.00
CA ARG OA 113 -47.99 -56.02 -77.57
C ARG OA 113 -48.90 -55.48 -78.68
N ALA OA 114 -48.42 -55.35 -79.90
CA ALA OA 114 -49.22 -54.68 -80.92
C ALA OA 114 -50.26 -55.65 -81.49
N THR OA 115 -51.36 -55.07 -81.98
CA THR OA 115 -52.45 -55.84 -82.54
C THR OA 115 -52.14 -56.26 -83.96
N LEU OA 116 -52.74 -57.38 -84.38
CA LEU OA 116 -52.73 -57.75 -85.78
C LEU OA 116 -53.13 -56.58 -86.65
N ASP OA 117 -54.10 -55.78 -86.20
CA ASP OA 117 -54.50 -54.61 -86.97
C ASP OA 117 -53.36 -53.62 -87.09
N ASN OA 118 -52.64 -53.37 -85.99
CA ASN OA 118 -51.50 -52.46 -86.04
C ASN OA 118 -50.45 -52.94 -87.04
N ARG OA 119 -50.21 -54.26 -87.07
CA ARG OA 119 -49.19 -54.81 -87.95
C ARG OA 119 -49.62 -54.69 -89.42
N LYS OA 120 -50.89 -55.02 -89.70
CA LYS OA 120 -51.39 -54.85 -91.06
C LYS OA 120 -51.31 -53.40 -91.49
N ASP OA 121 -51.63 -52.48 -90.56
CA ASP OA 121 -51.55 -51.04 -90.84
C ASP OA 121 -50.13 -50.65 -91.23
N ILE OA 122 -49.15 -50.97 -90.38
CA ILE OA 122 -47.79 -50.50 -90.64
C ILE OA 122 -47.24 -51.12 -91.92
N ARG OA 123 -47.51 -52.41 -92.15
CA ARG OA 123 -47.03 -53.06 -93.38
C ARG OA 123 -47.63 -52.39 -94.62
N LYS OA 124 -48.97 -52.37 -94.71
CA LYS OA 124 -49.61 -51.81 -95.90
C LYS OA 124 -49.19 -50.37 -96.12
N MET OA 125 -49.19 -49.56 -95.05
CA MET OA 125 -48.99 -48.13 -95.22
C MET OA 125 -47.55 -47.80 -95.57
N HIS OA 126 -46.58 -48.53 -95.02
CA HIS OA 126 -45.20 -48.30 -95.44
C HIS OA 126 -44.98 -48.73 -96.88
N ALA OA 127 -45.47 -49.93 -97.25
CA ALA OA 127 -45.34 -50.38 -98.63
C ALA OA 127 -45.94 -49.37 -99.59
N LEU OA 128 -47.07 -48.77 -99.21
CA LEU OA 128 -47.68 -47.73 -100.03
C LEU OA 128 -46.81 -46.46 -100.05
N ALA OA 129 -46.24 -46.10 -98.90
CA ALA OA 129 -45.40 -44.90 -98.84
C ALA OA 129 -44.20 -45.02 -99.75
N LEU OA 130 -43.77 -46.24 -100.05
CA LEU OA 130 -42.70 -46.42 -101.02
C LEU OA 130 -43.13 -46.18 -102.47
N THR OA 131 -44.43 -46.08 -102.74
CA THR OA 131 -44.93 -45.90 -104.10
C THR OA 131 -45.59 -44.55 -104.33
N THR OA 132 -45.56 -43.66 -103.34
CA THR OA 132 -46.13 -42.32 -103.51
C THR OA 132 -45.38 -41.55 -104.59
N SER OA 133 -46.06 -40.56 -105.17
CA SER OA 133 -45.42 -39.73 -106.19
C SER OA 133 -44.16 -39.06 -105.67
N GLU OA 134 -44.17 -38.66 -104.39
CA GLU OA 134 -42.98 -38.09 -103.77
C GLU OA 134 -41.85 -39.11 -103.65
N ALA OA 135 -42.16 -40.33 -103.22
CA ALA OA 135 -41.14 -41.37 -103.15
C ALA OA 135 -40.56 -41.68 -104.52
N ILE OA 136 -41.41 -41.69 -105.55
CA ILE OA 136 -40.92 -41.96 -106.89
C ILE OA 136 -40.04 -40.82 -107.38
N ALA OA 137 -40.44 -39.57 -107.10
CA ALA OA 137 -39.62 -38.43 -107.48
C ALA OA 137 -38.27 -38.42 -106.76
N MET OA 138 -38.22 -38.92 -105.52
CA MET OA 138 -36.97 -38.89 -104.77
C MET OA 138 -36.04 -40.04 -105.16
N ILE OA 139 -36.58 -41.24 -105.37
CA ILE OA 139 -35.74 -42.40 -105.66
C ILE OA 139 -35.39 -42.49 -107.13
N GLU OA 140 -36.35 -42.26 -108.03
CA GLU OA 140 -36.11 -42.40 -109.45
C GLU OA 140 -35.59 -41.11 -110.07
N SER OA 141 -36.25 -39.99 -109.78
CA SER OA 141 -35.90 -38.70 -110.37
C SER OA 141 -34.89 -37.91 -109.55
N LEU OA 142 -34.61 -38.33 -108.31
CA LEU OA 142 -33.57 -37.70 -107.50
C LEU OA 142 -33.85 -36.23 -107.25
N GLN OA 143 -35.10 -35.92 -106.90
CA GLN OA 143 -35.54 -34.57 -106.60
C GLN OA 143 -36.20 -34.54 -105.24
N PHE OA 144 -35.72 -33.66 -104.36
CA PHE OA 144 -36.30 -33.48 -103.04
C PHE OA 144 -37.57 -32.61 -103.13
N VAL OA 145 -38.26 -32.45 -102.00
CA VAL OA 145 -39.47 -31.64 -101.93
C VAL OA 145 -39.11 -30.26 -101.37
N TYR OA 146 -39.55 -29.21 -102.05
CA TYR OA 146 -39.21 -27.84 -101.68
C TYR OA 146 -40.46 -26.98 -101.46
N PRO PA 1 -37.02 -85.75 -91.76
CA PRO PA 1 -38.34 -85.22 -92.09
C PRO PA 1 -38.32 -83.69 -92.16
N GLN PA 2 -38.81 -83.13 -93.26
CA GLN PA 2 -38.84 -81.68 -93.38
C GLN PA 2 -39.81 -81.11 -92.35
N ALA PA 3 -39.49 -79.92 -91.84
CA ALA PA 3 -40.34 -79.31 -90.83
C ALA PA 3 -41.70 -78.96 -91.42
N ALA PA 4 -42.76 -79.31 -90.68
CA ALA PA 4 -44.11 -78.96 -91.10
C ALA PA 4 -44.97 -78.73 -89.85
N ASP PA 5 -46.18 -78.23 -90.07
CA ASP PA 5 -47.11 -77.97 -88.98
C ASP PA 5 -47.32 -79.23 -88.15
N ILE PA 6 -47.41 -79.06 -86.83
CA ILE PA 6 -47.71 -80.16 -85.92
C ILE PA 6 -49.06 -79.88 -85.28
N VAL PA 7 -50.02 -80.76 -85.49
CA VAL PA 7 -51.38 -80.53 -85.01
C VAL PA 7 -51.68 -81.49 -83.86
N ILE PA 8 -52.06 -80.92 -82.72
CA ILE PA 8 -52.29 -81.68 -81.50
C ILE PA 8 -53.65 -81.30 -80.94
N ALA PA 9 -54.42 -82.30 -80.51
CA ALA PA 9 -55.79 -82.06 -80.07
C ALA PA 9 -55.83 -81.52 -78.64
N ASP PA 10 -56.81 -80.66 -78.39
CA ASP PA 10 -57.06 -80.12 -77.06
C ASP PA 10 -57.62 -81.20 -76.15
N ALA PA 11 -57.90 -80.82 -74.90
CA ALA PA 11 -58.58 -81.71 -73.96
C ALA PA 11 -59.95 -81.19 -73.56
N GLN PA 12 -60.58 -80.39 -74.42
CA GLN PA 12 -61.88 -79.83 -74.10
C GLN PA 12 -62.98 -80.88 -74.29
N ALA PA 13 -64.19 -80.49 -73.87
CA ALA PA 13 -65.37 -81.31 -74.10
C ALA PA 13 -65.42 -81.77 -75.55
N THR PA 14 -65.46 -80.82 -76.47
CA THR PA 14 -65.19 -81.11 -77.86
C THR PA 14 -63.75 -80.72 -78.14
N PRO PA 15 -62.84 -81.68 -78.34
CA PRO PA 15 -61.44 -81.34 -78.55
C PRO PA 15 -61.26 -80.34 -79.69
N VAL PA 16 -60.36 -79.38 -79.48
CA VAL PA 16 -60.06 -78.33 -80.44
C VAL PA 16 -58.62 -78.51 -80.91
N ASN PA 17 -58.42 -78.58 -82.22
CA ASN PA 17 -57.07 -78.80 -82.75
C ASN PA 17 -56.23 -77.54 -82.63
N HIS PA 18 -55.05 -77.66 -82.04
CA HIS PA 18 -54.06 -76.60 -82.02
C HIS PA 18 -52.99 -76.90 -83.06
N THR PA 19 -52.73 -75.93 -83.93
CA THR PA 19 -51.74 -76.08 -84.99
C THR PA 19 -50.48 -75.31 -84.61
N PHE PA 20 -49.37 -76.03 -84.48
CA PHE PA 20 -48.05 -75.48 -84.15
C PHE PA 20 -47.27 -75.30 -85.44
N VAL PA 21 -47.15 -74.06 -85.90
CA VAL PA 21 -46.38 -73.70 -87.09
C VAL PA 21 -44.91 -73.67 -86.69
N PRO PA 22 -44.00 -74.25 -87.47
CA PRO PA 22 -42.58 -74.16 -87.11
C PRO PA 22 -42.08 -72.72 -87.14
N ILE PA 23 -41.43 -72.33 -86.04
CA ILE PA 23 -40.64 -71.10 -86.01
C ILE PA 23 -39.24 -71.35 -86.55
N GLY PA 24 -38.69 -72.53 -86.30
CA GLY PA 24 -37.36 -72.83 -86.80
C GLY PA 24 -36.42 -73.21 -85.69
N PRO PA 25 -35.14 -73.37 -86.03
CA PRO PA 25 -34.16 -73.77 -85.03
C PRO PA 25 -33.81 -72.61 -84.12
N ASP PA 26 -33.52 -72.96 -82.86
CA ASP PA 26 -33.13 -71.95 -81.88
C ASP PA 26 -31.83 -71.31 -82.35
N PRO PA 27 -31.77 -69.98 -82.45
CA PRO PA 27 -30.50 -69.34 -82.85
C PRO PA 27 -29.38 -69.61 -81.86
N LYS PA 28 -29.69 -69.76 -80.58
CA LYS PA 28 -28.66 -70.01 -79.58
C LYS PA 28 -28.15 -71.44 -79.65
N ASP PA 29 -29.02 -72.42 -79.92
CA ASP PA 29 -28.65 -73.82 -80.01
C ASP PA 29 -29.30 -74.44 -81.24
N ALA PA 30 -28.48 -74.90 -82.18
CA ALA PA 30 -28.97 -75.43 -83.44
C ALA PA 30 -29.60 -76.81 -83.31
N THR PA 31 -29.41 -77.51 -82.19
CA THR PA 31 -29.93 -78.85 -82.01
C THR PA 31 -31.35 -78.87 -81.47
N ILE PA 32 -32.00 -77.73 -81.36
CA ILE PA 32 -33.35 -77.68 -80.81
C ILE PA 32 -34.21 -76.85 -81.75
N TYR PA 33 -35.38 -77.40 -82.12
CA TYR PA 33 -36.28 -76.81 -83.11
C TYR PA 33 -37.60 -76.44 -82.43
N TRP PA 34 -38.22 -75.38 -82.93
CA TRP PA 34 -39.36 -74.75 -82.27
C TRP PA 34 -40.54 -74.61 -83.23
N TRP PA 35 -41.70 -75.08 -82.75
CA TRP PA 35 -43.02 -74.79 -83.32
C TRP PA 35 -43.82 -73.95 -82.32
N GLU PA 36 -44.78 -73.19 -82.84
CA GLU PA 36 -45.54 -72.23 -82.05
C GLU PA 36 -47.01 -72.28 -82.44
N ASP PA 37 -47.88 -72.27 -81.43
CA ASP PA 37 -49.32 -72.21 -81.60
C ASP PA 37 -49.75 -70.76 -81.47
N GLN PA 38 -50.17 -70.15 -82.59
CA GLN PA 38 -50.45 -68.72 -82.63
C GLN PA 38 -51.92 -68.38 -82.39
N SER PA 39 -52.69 -69.30 -81.80
CA SER PA 39 -54.11 -69.10 -81.62
C SER PA 39 -54.46 -68.35 -80.35
N GLN PA 40 -53.48 -67.98 -79.54
CA GLN PA 40 -53.74 -67.37 -78.25
C GLN PA 40 -53.98 -65.87 -78.42
N ALA PA 41 -54.12 -65.16 -77.28
CA ALA PA 41 -54.65 -63.81 -77.30
C ALA PA 41 -53.63 -62.80 -77.81
N SER PA 42 -52.37 -62.93 -77.43
CA SER PA 42 -51.29 -62.09 -77.91
C SER PA 42 -50.01 -62.89 -77.87
N PRO PA 43 -48.96 -62.48 -78.58
CA PRO PA 43 -47.80 -63.37 -78.77
C PRO PA 43 -47.17 -63.87 -77.49
N ALA PA 44 -47.14 -63.06 -76.43
CA ALA PA 44 -46.53 -63.50 -75.18
C ALA PA 44 -47.14 -64.80 -74.67
N GLY PA 45 -48.41 -65.05 -74.99
CA GLY PA 45 -49.13 -66.24 -74.58
C GLY PA 45 -49.21 -67.36 -75.60
N TYR PA 46 -48.51 -67.26 -76.73
CA TYR PA 46 -48.51 -68.31 -77.73
C TYR PA 46 -47.89 -69.58 -77.17
N TRP PA 47 -48.60 -70.70 -77.31
CA TRP PA 47 -48.05 -71.97 -76.84
C TRP PA 47 -46.91 -72.42 -77.76
N ARG PA 48 -45.92 -73.10 -77.19
CA ARG PA 48 -44.75 -73.49 -77.95
C ARG PA 48 -44.41 -74.96 -77.69
N LEU PA 49 -43.73 -75.54 -78.66
CA LEU PA 49 -43.30 -76.93 -78.63
C LEU PA 49 -41.88 -76.98 -79.18
N SER PA 50 -41.01 -77.74 -78.51
CA SER PA 50 -39.60 -77.80 -78.86
C SER PA 50 -39.13 -79.24 -78.89
N MET PA 51 -38.36 -79.58 -79.92
CA MET PA 51 -37.78 -80.92 -80.04
C MET PA 51 -36.28 -80.81 -80.27
N GLN PA 52 -35.50 -81.59 -79.51
CA GLN PA 52 -34.06 -81.48 -79.52
C GLN PA 52 -33.43 -82.85 -79.70
N LEU PA 53 -32.49 -82.95 -80.63
CA LEU PA 53 -31.74 -84.16 -80.90
C LEU PA 53 -30.25 -83.85 -80.76
N VAL PA 54 -29.60 -84.48 -79.80
CA VAL PA 54 -28.19 -84.29 -79.53
C VAL PA 54 -27.50 -85.63 -79.76
N ARG PA 55 -26.88 -85.77 -80.93
CA ARG PA 55 -26.06 -86.89 -81.36
C ARG PA 55 -24.60 -86.60 -81.05
N PRO PA 56 -23.85 -87.60 -80.62
CA PRO PA 56 -22.46 -87.37 -80.24
C PRO PA 56 -21.57 -87.26 -81.46
N ALA PA 57 -20.38 -86.69 -81.23
CA ALA PA 57 -19.38 -86.62 -82.27
C ALA PA 57 -19.08 -88.02 -82.80
N PRO PA 58 -18.81 -88.16 -84.09
CA PRO PA 58 -18.73 -89.50 -84.69
C PRO PA 58 -17.67 -90.38 -84.03
N ALA PA 59 -17.97 -91.67 -83.97
CA ALA PA 59 -17.05 -92.63 -83.41
C ALA PA 59 -15.74 -92.63 -84.20
N LYS PA 60 -14.63 -92.77 -83.49
CA LYS PA 60 -13.31 -92.77 -84.09
C LYS PA 60 -12.74 -94.18 -84.10
N ALA PA 61 -11.75 -94.39 -84.97
CA ALA PA 61 -11.17 -95.71 -85.13
C ALA PA 61 -10.52 -96.17 -83.84
N GLY PA 62 -10.87 -97.38 -83.40
CA GLY PA 62 -10.35 -97.92 -82.16
C GLY PA 62 -10.87 -97.28 -80.89
N GLN PA 63 -11.81 -96.34 -80.99
CA GLN PA 63 -12.34 -95.66 -79.82
C GLN PA 63 -13.33 -96.57 -79.09
N ASN PA 64 -13.56 -96.29 -77.82
CA ASN PA 64 -14.46 -97.08 -77.00
C ASN PA 64 -15.82 -96.42 -76.92
N THR PA 65 -16.86 -97.15 -77.27
CA THR PA 65 -18.19 -96.60 -77.44
C THR PA 65 -19.06 -96.65 -76.19
N ASN PA 66 -18.64 -97.41 -75.16
CA ASN PA 66 -19.57 -97.89 -74.14
C ASN PA 66 -20.16 -96.76 -73.31
N GLN PA 67 -19.73 -95.51 -73.51
CA GLN PA 67 -20.32 -94.39 -72.79
C GLN PA 67 -20.95 -93.33 -73.68
N ARG PA 68 -20.82 -93.42 -75.00
CA ARG PA 68 -21.38 -92.40 -75.87
C ARG PA 68 -22.89 -92.57 -75.94
N MET PA 69 -23.61 -91.46 -75.90
CA MET PA 69 -25.07 -91.50 -75.80
C MET PA 69 -25.73 -90.37 -76.58
N ILE PA 70 -26.95 -90.65 -77.04
CA ILE PA 70 -27.80 -89.73 -77.80
C ILE PA 70 -28.92 -89.27 -76.88
N ARG PA 71 -29.25 -87.99 -76.95
CA ARG PA 71 -30.34 -87.46 -76.13
C ARG PA 71 -31.41 -86.83 -77.02
N VAL PA 72 -32.66 -86.99 -76.62
CA VAL PA 72 -33.78 -86.37 -77.32
C VAL PA 72 -34.69 -85.74 -76.28
N ARG PA 73 -34.98 -84.45 -76.43
CA ARG PA 73 -35.79 -83.72 -75.46
C ARG PA 73 -36.98 -83.08 -76.17
N VAL PA 74 -38.18 -83.45 -75.76
CA VAL PA 74 -39.42 -82.86 -76.25
C VAL PA 74 -40.04 -82.05 -75.12
N SER PA 75 -40.35 -80.80 -75.40
CA SER PA 75 -40.84 -79.88 -74.38
C SER PA 75 -42.06 -79.14 -74.89
N THR PA 76 -43.08 -78.98 -74.04
CA THR PA 76 -44.28 -78.24 -74.41
C THR PA 76 -44.59 -77.19 -73.34
N PHE PA 77 -44.83 -75.96 -73.78
CA PHE PA 77 -45.13 -74.82 -72.93
C PHE PA 77 -46.48 -74.26 -73.31
N GLU PA 78 -47.38 -74.13 -72.34
CA GLU PA 78 -48.74 -73.64 -72.56
C GLU PA 78 -49.03 -72.47 -71.64
N PRO PA 79 -48.36 -71.34 -71.83
CA PRO PA 79 -48.56 -70.20 -70.94
C PRO PA 79 -49.98 -69.67 -71.02
N ILE PA 80 -50.52 -69.31 -69.85
CA ILE PA 80 -51.87 -68.77 -69.73
C ILE PA 80 -51.74 -67.27 -69.49
N LEU PA 81 -52.33 -66.48 -70.40
CA LEU PA 81 -52.24 -65.02 -70.29
C LEU PA 81 -53.11 -64.51 -69.16
N GLU PA 82 -52.59 -63.50 -68.46
CA GLU PA 82 -53.36 -62.86 -67.41
C GLU PA 82 -54.57 -62.13 -68.02
N VAL PA 83 -55.71 -62.22 -67.36
CA VAL PA 83 -56.90 -61.48 -67.76
C VAL PA 83 -56.94 -60.17 -66.99
N ALA PA 84 -57.12 -59.06 -67.70
CA ALA PA 84 -57.01 -57.75 -67.08
C ALA PA 84 -58.24 -57.43 -66.26
N VAL PA 85 -58.03 -56.72 -65.16
CA VAL PA 85 -59.12 -56.11 -64.41
C VAL PA 85 -58.83 -54.62 -64.34
N THR PA 86 -59.70 -53.87 -63.68
CA THR PA 86 -59.57 -52.42 -63.64
C THR PA 86 -58.32 -52.03 -62.87
N ALA PA 87 -57.41 -51.30 -63.54
CA ALA PA 87 -56.23 -50.76 -62.89
C ALA PA 87 -56.59 -49.42 -62.24
N THR PA 88 -56.23 -49.28 -60.96
CA THR PA 88 -56.70 -48.14 -60.18
C THR PA 88 -55.63 -47.12 -59.86
N TYR PA 89 -54.34 -47.48 -59.94
CA TYR PA 89 -53.31 -46.49 -59.68
C TYR PA 89 -53.19 -45.50 -60.82
N SER PA 90 -53.02 -45.99 -62.05
CA SER PA 90 -52.80 -45.13 -63.21
C SER PA 90 -53.99 -45.09 -64.16
N GLY PA 91 -54.95 -46.00 -64.02
CA GLY PA 91 -56.04 -46.08 -64.97
C GLY PA 91 -55.63 -46.56 -66.34
N ILE PA 92 -54.39 -47.02 -66.48
CA ILE PA 92 -53.85 -47.51 -67.74
C ILE PA 92 -53.75 -49.02 -67.64
N ALA PA 93 -54.51 -49.73 -68.47
CA ALA PA 93 -54.53 -51.18 -68.42
C ALA PA 93 -53.12 -51.71 -68.71
N PRO PA 94 -52.73 -52.81 -68.07
CA PRO PA 94 -51.34 -53.25 -68.16
C PRO PA 94 -51.06 -53.99 -69.46
N SER PA 95 -49.79 -53.97 -69.83
CA SER PA 95 -49.33 -54.75 -70.97
C SER PA 95 -49.70 -56.22 -70.79
N PRO PA 96 -49.90 -56.96 -71.87
CA PRO PA 96 -50.21 -58.40 -71.71
C PRO PA 96 -49.08 -59.07 -70.97
N THR PA 97 -49.44 -59.73 -69.87
CA THR PA 97 -48.48 -60.38 -68.99
C THR PA 97 -48.86 -61.84 -68.84
N VAL PA 98 -47.85 -62.70 -68.76
CA VAL PA 98 -48.09 -64.13 -68.59
C VAL PA 98 -48.38 -64.40 -67.13
N SER PA 99 -49.51 -65.05 -66.86
CA SER PA 99 -49.92 -65.30 -65.49
C SER PA 99 -49.18 -66.48 -64.87
N TYR PA 100 -49.19 -67.63 -65.55
CA TYR PA 100 -48.48 -68.81 -65.09
C TYR PA 100 -48.28 -69.74 -66.28
N VAL PA 101 -47.34 -70.67 -66.15
CA VAL PA 101 -47.04 -71.54 -67.29
C VAL PA 101 -47.04 -73.01 -66.90
N PRO PA 102 -48.08 -73.76 -67.26
CA PRO PA 102 -48.00 -75.23 -67.18
C PRO PA 102 -47.10 -75.75 -68.29
N LYS PA 103 -46.17 -76.62 -67.93
CA LYS PA 103 -45.22 -77.08 -68.94
C LYS PA 103 -44.83 -78.52 -68.68
N ALA PA 104 -44.24 -79.13 -69.71
CA ALA PA 104 -43.80 -80.51 -69.62
C ALA PA 104 -42.50 -80.69 -70.39
N PHE PA 105 -41.64 -81.56 -69.86
CA PHE PA 105 -40.29 -81.77 -70.37
C PHE PA 105 -40.00 -83.27 -70.35
N THR PA 106 -39.76 -83.87 -71.51
CA THR PA 106 -39.44 -85.29 -71.61
C THR PA 106 -38.06 -85.46 -72.23
N GLU PA 107 -37.20 -86.25 -71.60
CA GLU PA 107 -35.85 -86.51 -72.07
C GLU PA 107 -35.65 -88.01 -72.22
N PHE PA 108 -35.31 -88.43 -73.43
CA PHE PA 108 -34.89 -89.79 -73.72
C PHE PA 108 -33.37 -89.83 -73.74
N VAL PA 109 -32.80 -90.75 -72.96
CA VAL PA 109 -31.39 -91.08 -73.01
C VAL PA 109 -31.27 -92.42 -73.72
N LEU PA 110 -30.76 -92.39 -74.94
CA LEU PA 110 -30.61 -93.57 -75.79
C LEU PA 110 -29.12 -93.78 -76.00
N PRO PA 111 -28.50 -94.75 -75.35
CA PRO PA 111 -27.08 -95.01 -75.64
C PRO PA 111 -26.89 -95.43 -77.09
N GLU PA 112 -25.81 -94.94 -77.70
CA GLU PA 112 -25.59 -95.18 -79.12
C GLU PA 112 -25.58 -96.67 -79.43
N ARG PA 113 -25.01 -97.46 -78.52
CA ARG PA 113 -25.02 -98.91 -78.61
C ARG PA 113 -26.42 -99.51 -78.82
N ALA PA 114 -27.49 -98.83 -78.40
CA ALA PA 114 -28.80 -99.45 -78.36
C ALA PA 114 -29.35 -99.69 -79.77
N THR PA 115 -30.15 -100.74 -79.91
CA THR PA 115 -30.72 -101.12 -81.19
C THR PA 115 -32.01 -100.34 -81.49
N LEU PA 116 -32.37 -100.34 -82.77
CA LEU PA 116 -33.62 -99.72 -83.20
C LEU PA 116 -34.79 -100.27 -82.41
N ASP PA 117 -34.79 -101.57 -82.13
CA ASP PA 117 -35.85 -102.15 -81.32
C ASP PA 117 -35.88 -101.53 -79.93
N ASN PA 118 -34.70 -101.34 -79.33
CA ASN PA 118 -34.63 -100.71 -78.01
C ASN PA 118 -35.24 -99.30 -78.05
N ARG PA 119 -34.93 -98.54 -79.09
CA ARG PA 119 -35.42 -97.16 -79.18
C ARG PA 119 -36.93 -97.14 -79.39
N LYS PA 120 -37.44 -98.02 -80.27
CA LYS PA 120 -38.89 -98.11 -80.48
C LYS PA 120 -39.58 -98.50 -79.19
N ASP PA 121 -38.99 -99.44 -78.43
CA ASP PA 121 -39.54 -99.87 -77.15
C ASP PA 121 -39.66 -98.70 -76.18
N ILE PA 122 -38.56 -97.99 -75.97
CA ILE PA 122 -38.58 -96.93 -74.96
C ILE PA 122 -39.55 -95.83 -75.36
N ARG PA 123 -39.55 -95.43 -76.64
CA ARG PA 123 -40.47 -94.39 -77.08
C ARG PA 123 -41.92 -94.80 -76.88
N LYS PA 124 -42.31 -95.95 -77.46
CA LYS PA 124 -43.71 -96.37 -77.36
C LYS PA 124 -44.13 -96.54 -75.91
N MET PA 125 -43.30 -97.19 -75.10
CA MET PA 125 -43.71 -97.58 -73.77
C MET PA 125 -43.80 -96.37 -72.84
N HIS PA 126 -42.90 -95.40 -73.01
CA HIS PA 126 -43.03 -94.18 -72.21
C HIS PA 126 -44.25 -93.37 -72.64
N ALA PA 127 -44.45 -93.19 -73.96
CA ALA PA 127 -45.60 -92.44 -74.44
C ALA PA 127 -46.90 -93.06 -73.96
N LEU PA 128 -46.91 -94.38 -73.80
CA LEU PA 128 -48.07 -95.06 -73.21
C LEU PA 128 -48.14 -94.84 -71.71
N ALA PA 129 -46.99 -94.87 -71.03
CA ALA PA 129 -46.97 -94.69 -69.57
C ALA PA 129 -47.54 -93.34 -69.17
N LEU PA 130 -47.44 -92.35 -70.06
CA LEU PA 130 -48.05 -91.05 -69.80
C LEU PA 130 -49.57 -91.06 -69.93
N THR PA 131 -50.17 -92.14 -70.43
CA THR PA 131 -51.61 -92.22 -70.61
C THR PA 131 -52.28 -93.21 -69.66
N THR PA 132 -51.54 -93.82 -68.75
CA THR PA 132 -52.10 -94.75 -67.80
C THR PA 132 -53.07 -94.05 -66.86
N SER PA 133 -53.99 -94.84 -66.29
CA SER PA 133 -54.95 -94.26 -65.33
C SER PA 133 -54.23 -93.63 -64.15
N GLU PA 134 -53.10 -94.22 -63.74
CA GLU PA 134 -52.31 -93.67 -62.64
C GLU PA 134 -51.72 -92.31 -63.00
N ALA PA 135 -51.15 -92.20 -64.20
CA ALA PA 135 -50.62 -90.91 -64.65
C ALA PA 135 -51.73 -89.86 -64.77
N ILE PA 136 -52.90 -90.27 -65.28
CA ILE PA 136 -54.02 -89.35 -65.38
C ILE PA 136 -54.44 -88.88 -63.99
N ALA PA 137 -54.49 -89.79 -63.03
CA ALA PA 137 -54.90 -89.42 -61.67
C ALA PA 137 -53.88 -88.48 -61.02
N MET PA 138 -52.59 -88.69 -61.26
CA MET PA 138 -51.57 -87.84 -60.63
C MET PA 138 -51.57 -86.45 -61.26
N ILE PA 139 -51.59 -86.38 -62.58
CA ILE PA 139 -51.43 -85.08 -63.23
C ILE PA 139 -52.73 -84.28 -63.21
N GLU PA 140 -53.86 -84.93 -63.45
CA GLU PA 140 -55.12 -84.20 -63.55
C GLU PA 140 -55.80 -84.04 -62.19
N SER PA 141 -55.88 -85.12 -61.41
CA SER PA 141 -56.61 -85.12 -60.14
C SER PA 141 -55.70 -85.00 -58.92
N LEU PA 142 -54.39 -85.00 -59.11
CA LEU PA 142 -53.44 -84.74 -58.03
C LEU PA 142 -53.54 -85.79 -56.92
N GLN PA 143 -53.58 -87.06 -57.32
CA GLN PA 143 -53.71 -88.18 -56.39
C GLN PA 143 -52.56 -89.14 -56.59
N PHE PA 144 -51.94 -89.56 -55.49
CA PHE PA 144 -50.88 -90.55 -55.51
C PHE PA 144 -51.47 -91.96 -55.48
N VAL PA 145 -50.62 -92.97 -55.49
CA VAL PA 145 -51.05 -94.37 -55.42
C VAL PA 145 -50.64 -94.93 -54.06
N TYR PA 146 -51.45 -95.84 -53.53
CA TYR PA 146 -51.27 -96.27 -52.16
C TYR PA 146 -51.47 -97.78 -51.96
N PRO QA 1 -74.84 -78.24 -7.28
CA PRO QA 1 -76.11 -77.53 -7.16
C PRO QA 1 -75.94 -76.02 -7.24
N GLN QA 2 -76.98 -75.30 -7.65
CA GLN QA 2 -76.90 -73.86 -7.72
C GLN QA 2 -76.89 -73.26 -6.32
N ALA QA 3 -76.17 -72.15 -6.18
CA ALA QA 3 -76.00 -71.53 -4.87
C ALA QA 3 -77.26 -70.79 -4.46
N ALA QA 4 -77.67 -71.00 -3.20
CA ALA QA 4 -78.85 -70.32 -2.67
C ALA QA 4 -78.62 -70.02 -1.19
N ASP QA 5 -79.59 -69.31 -0.59
CA ASP QA 5 -79.49 -68.89 0.80
C ASP QA 5 -79.25 -70.10 1.71
N ILE QA 6 -78.43 -69.90 2.75
CA ILE QA 6 -78.17 -70.92 3.75
C ILE QA 6 -78.68 -70.39 5.07
N VAL QA 7 -79.62 -71.10 5.68
CA VAL QA 7 -80.24 -70.62 6.92
C VAL QA 7 -79.81 -71.50 8.08
N ILE QA 8 -79.24 -70.88 9.11
CA ILE QA 8 -78.68 -71.59 10.25
C ILE QA 8 -79.23 -70.97 11.52
N ALA QA 9 -79.63 -71.83 12.47
CA ALA QA 9 -80.29 -71.37 13.68
C ALA QA 9 -79.29 -70.84 14.70
N ASP QA 10 -79.72 -69.83 15.46
CA ASP QA 10 -78.94 -69.26 16.54
C ASP QA 10 -78.85 -70.24 17.70
N ALA QA 11 -78.11 -69.84 18.74
CA ALA QA 11 -78.07 -70.58 20.00
C ALA QA 11 -78.65 -69.76 21.14
N GLN QA 12 -79.55 -68.82 20.84
CA GLN QA 12 -80.18 -68.03 21.88
C GLN QA 12 -81.23 -68.87 22.61
N ALA QA 13 -81.75 -68.29 23.71
CA ALA QA 13 -82.85 -68.91 24.43
C ALA QA 13 -84.00 -69.24 23.48
N THR QA 14 -84.48 -68.23 22.75
CA THR QA 14 -85.33 -68.47 21.60
C THR QA 14 -84.47 -68.33 20.35
N PRO QA 15 -84.13 -69.43 19.68
CA PRO QA 15 -83.21 -69.35 18.53
C PRO QA 15 -83.73 -68.40 17.45
N VAL QA 16 -82.77 -67.76 16.77
CA VAL QA 16 -83.05 -66.80 15.71
C VAL QA 16 -82.37 -67.28 14.44
N ASN QA 17 -83.13 -67.38 13.36
CA ASN QA 17 -82.57 -67.84 12.10
C ASN QA 17 -81.69 -66.77 11.48
N HIS QA 18 -80.44 -67.11 11.21
CA HIS QA 18 -79.53 -66.25 10.44
C HIS QA 18 -79.50 -66.75 9.00
N THR QA 19 -79.74 -65.84 8.07
CA THR QA 19 -79.80 -66.18 6.65
C THR QA 19 -78.53 -65.66 5.97
N PHE QA 20 -77.70 -66.59 5.51
CA PHE QA 20 -76.46 -66.30 4.79
C PHE QA 20 -76.77 -66.25 3.30
N VAL QA 21 -76.84 -65.05 2.76
CA VAL QA 21 -77.07 -64.83 1.33
C VAL QA 21 -75.79 -65.18 0.57
N PRO QA 22 -75.86 -65.84 -0.58
CA PRO QA 22 -74.63 -66.13 -1.34
C PRO QA 22 -74.02 -64.85 -1.90
N ILE QA 23 -72.78 -64.58 -1.51
CA ILE QA 23 -72.03 -63.47 -2.09
C ILE QA 23 -71.35 -63.89 -3.38
N GLY QA 24 -70.78 -65.09 -3.41
CA GLY QA 24 -70.17 -65.57 -4.63
C GLY QA 24 -68.81 -66.18 -4.41
N PRO QA 25 -68.15 -66.57 -5.49
CA PRO QA 25 -66.83 -67.20 -5.35
C PRO QA 25 -65.77 -66.20 -4.96
N ASP QA 26 -64.74 -66.69 -4.28
CA ASP QA 26 -63.62 -65.85 -3.85
C ASP QA 26 -62.82 -65.39 -5.07
N PRO QA 27 -62.52 -64.10 -5.19
CA PRO QA 27 -61.77 -63.63 -6.36
C PRO QA 27 -60.40 -64.30 -6.51
N LYS QA 28 -59.73 -64.59 -5.39
CA LYS QA 28 -58.40 -65.18 -5.44
C LYS QA 28 -58.46 -66.66 -5.78
N ASP QA 29 -59.43 -67.40 -5.23
CA ASP QA 29 -59.52 -68.84 -5.39
C ASP QA 29 -60.91 -69.20 -5.89
N ALA QA 30 -60.97 -69.83 -7.07
CA ALA QA 30 -62.25 -70.22 -7.65
C ALA QA 30 -62.88 -71.42 -6.96
N THR QA 31 -62.16 -72.09 -6.06
CA THR QA 31 -62.66 -73.28 -5.40
C THR QA 31 -63.39 -72.99 -4.10
N ILE QA 32 -63.43 -71.75 -3.65
CA ILE QA 32 -64.02 -71.42 -2.37
C ILE QA 32 -65.13 -70.39 -2.61
N TYR QA 33 -66.27 -70.61 -1.99
CA TYR QA 33 -67.49 -69.85 -2.21
C TYR QA 33 -67.98 -69.27 -0.89
N TRP QA 34 -68.51 -68.04 -0.95
CA TRP QA 34 -68.79 -67.24 0.24
C TRP QA 34 -70.28 -66.88 0.30
N TRP QA 35 -70.88 -67.19 1.45
CA TRP QA 35 -72.18 -66.69 1.88
C TRP QA 35 -71.98 -65.74 3.05
N GLU QA 36 -72.90 -64.79 3.22
CA GLU QA 36 -72.76 -63.73 4.20
C GLU QA 36 -74.11 -63.40 4.85
N ASP QA 37 -74.12 -63.37 6.18
CA ASP QA 37 -75.25 -62.92 6.98
C ASP QA 37 -75.09 -61.42 7.20
N GLN QA 38 -76.00 -60.65 6.58
CA GLN QA 38 -75.95 -59.20 6.50
C GLN QA 38 -76.88 -58.52 7.50
N SER QA 39 -77.25 -59.23 8.56
CA SER QA 39 -78.20 -58.72 9.54
C SER QA 39 -77.54 -57.92 10.66
N GLN QA 40 -76.21 -57.80 10.65
CA GLN QA 40 -75.50 -57.17 11.75
C GLN QA 40 -75.48 -55.65 11.52
N ALA QA 41 -74.76 -54.94 12.40
CA ALA QA 41 -74.83 -53.48 12.43
C ALA QA 41 -74.30 -52.85 11.15
N SER QA 42 -73.02 -53.05 10.85
CA SER QA 42 -72.40 -52.54 9.64
C SER QA 42 -71.62 -53.67 8.99
N PRO QA 43 -71.28 -53.54 7.70
CA PRO QA 43 -70.74 -54.70 6.97
C PRO QA 43 -69.48 -55.30 7.55
N ALA QA 44 -68.73 -54.55 8.37
CA ALA QA 44 -67.53 -55.10 8.98
C ALA QA 44 -67.83 -56.23 9.97
N GLY QA 45 -69.05 -56.28 10.50
CA GLY QA 45 -69.48 -57.30 11.43
C GLY QA 45 -70.39 -58.35 10.87
N TYR QA 46 -70.54 -58.41 9.54
CA TYR QA 46 -71.37 -59.42 8.88
C TYR QA 46 -70.79 -60.81 9.11
N TRP QA 47 -71.65 -61.78 9.41
CA TRP QA 47 -71.13 -63.13 9.63
C TRP QA 47 -70.91 -63.83 8.29
N ARG QA 48 -69.90 -64.67 8.21
CA ARG QA 48 -69.53 -65.23 6.92
C ARG QA 48 -69.39 -66.74 7.01
N LEU QA 49 -69.64 -67.38 5.88
CA LEU QA 49 -69.58 -68.83 5.76
C LEU QA 49 -68.94 -69.16 4.42
N SER QA 50 -67.86 -69.93 4.43
CA SER QA 50 -67.12 -70.27 3.23
C SER QA 50 -67.07 -71.78 3.07
N MET QA 51 -67.35 -72.25 1.87
CA MET QA 51 -67.25 -73.68 1.55
C MET QA 51 -66.34 -73.86 0.35
N GLN QA 52 -65.40 -74.80 0.46
CA GLN QA 52 -64.36 -74.99 -0.55
C GLN QA 52 -64.23 -76.46 -0.92
N LEU QA 53 -64.18 -76.74 -2.21
CA LEU QA 53 -64.05 -78.09 -2.75
C LEU QA 53 -62.87 -78.12 -3.70
N VAL QA 54 -61.79 -78.77 -3.30
CA VAL QA 54 -60.57 -78.87 -4.10
C VAL QA 54 -60.48 -80.28 -4.64
N ARG QA 55 -60.82 -80.44 -5.91
CA ARG QA 55 -60.67 -81.67 -6.69
C ARG QA 55 -59.28 -81.71 -7.31
N PRO QA 56 -58.63 -82.87 -7.30
CA PRO QA 56 -57.39 -83.01 -8.06
C PRO QA 56 -57.65 -83.03 -9.57
N ALA QA 57 -56.61 -82.72 -10.33
CA ALA QA 57 -56.77 -82.60 -11.78
C ALA QA 57 -57.08 -83.96 -12.42
N PRO QA 58 -57.95 -84.02 -13.43
CA PRO QA 58 -58.31 -85.33 -14.01
C PRO QA 58 -57.12 -86.02 -14.64
N ALA QA 59 -56.90 -87.27 -14.22
CA ALA QA 59 -55.80 -88.07 -14.75
C ALA QA 59 -56.09 -89.54 -14.60
N THR QA 65 -50.19 -91.58 -7.71
CA THR QA 65 -51.57 -91.39 -8.15
C THR QA 65 -52.58 -92.09 -7.24
N ASN QA 66 -52.10 -92.88 -6.28
CA ASN QA 66 -52.93 -93.33 -5.17
C ASN QA 66 -52.81 -92.39 -3.98
N GLN QA 67 -52.15 -91.26 -4.14
CA GLN QA 67 -52.08 -90.20 -3.16
C GLN QA 67 -52.84 -88.96 -3.65
N ARG QA 68 -53.97 -89.18 -4.32
CA ARG QA 68 -54.78 -88.10 -4.86
C ARG QA 68 -55.96 -87.94 -3.93
N MET QA 69 -56.10 -86.76 -3.33
CA MET QA 69 -57.08 -86.59 -2.28
C MET QA 69 -57.90 -85.35 -2.56
N ILE QA 70 -59.21 -85.48 -2.40
CA ILE QA 70 -60.15 -84.38 -2.51
C ILE QA 70 -60.26 -83.71 -1.15
N ARG QA 71 -60.21 -82.39 -1.12
CA ARG QA 71 -60.34 -81.68 0.15
C ARG QA 71 -61.60 -80.82 0.16
N VAL QA 72 -62.22 -80.72 1.34
CA VAL QA 72 -63.41 -79.89 1.52
C VAL QA 72 -63.23 -79.10 2.80
N ARG QA 73 -63.36 -77.78 2.72
CA ARG QA 73 -63.17 -76.92 3.89
C ARG QA 73 -64.42 -76.07 4.09
N VAL QA 74 -65.02 -76.16 5.27
CA VAL QA 74 -66.15 -75.33 5.68
C VAL QA 74 -65.69 -74.45 6.82
N SER QA 75 -65.89 -73.14 6.68
CA SER QA 75 -65.38 -72.19 7.65
C SER QA 75 -66.47 -71.18 7.99
N THR QA 76 -66.64 -70.89 9.29
CA THR QA 76 -67.64 -69.93 9.75
C THR QA 76 -66.96 -68.87 10.60
N PHE QA 77 -67.22 -67.60 10.27
CA PHE QA 77 -66.68 -66.46 11.00
C PHE QA 77 -67.85 -65.66 11.56
N GLU QA 78 -67.79 -65.34 12.85
CA GLU QA 78 -68.83 -64.59 13.54
C GLU QA 78 -68.24 -63.40 14.28
N PRO QA 79 -67.79 -62.38 13.56
CA PRO QA 79 -67.19 -61.22 14.22
C PRO QA 79 -68.20 -60.47 15.07
N ILE QA 80 -67.71 -59.92 16.18
CA ILE QA 80 -68.53 -59.16 17.13
C ILE QA 80 -68.05 -57.71 17.13
N LEU QA 81 -68.94 -56.80 16.74
CA LEU QA 81 -68.57 -55.39 16.66
C LEU QA 81 -68.61 -54.74 18.03
N GLU QA 82 -67.84 -53.65 18.17
CA GLU QA 82 -67.89 -52.85 19.38
C GLU QA 82 -69.15 -52.00 19.38
N VAL QA 83 -69.72 -51.78 20.57
CA VAL QA 83 -70.96 -51.04 20.70
C VAL QA 83 -70.72 -49.56 20.41
N ALA QA 84 -71.76 -48.89 19.91
CA ALA QA 84 -71.66 -47.46 19.61
C ALA QA 84 -71.18 -46.70 20.84
N VAL QA 85 -70.31 -45.70 20.61
CA VAL QA 85 -69.69 -44.95 21.69
C VAL QA 85 -70.60 -43.82 22.13
N THR QA 86 -70.59 -43.54 23.44
CA THR QA 86 -71.34 -42.42 23.99
C THR QA 86 -70.49 -41.17 24.13
N ALA QA 87 -69.17 -41.32 24.15
CA ALA QA 87 -68.28 -40.19 24.31
C ALA QA 87 -66.87 -40.61 23.93
N THR QA 88 -66.18 -39.75 23.17
CA THR QA 88 -64.77 -39.97 22.86
C THR QA 88 -64.00 -38.70 23.18
N TYR QA 89 -62.68 -38.75 23.01
CA TYR QA 89 -61.86 -37.62 23.42
C TYR QA 89 -62.11 -36.41 22.54
N SER QA 90 -62.40 -36.63 21.27
CA SER QA 90 -62.57 -35.55 20.30
C SER QA 90 -64.03 -35.21 20.02
N GLY QA 91 -64.96 -36.08 20.38
CA GLY QA 91 -66.36 -35.84 20.11
C GLY QA 91 -66.86 -36.42 18.80
N ILE QA 92 -65.98 -37.03 18.00
CA ILE QA 92 -66.38 -37.70 16.77
C ILE QA 92 -66.34 -39.20 17.01
N ALA QA 93 -67.44 -39.87 16.70
CA ALA QA 93 -67.53 -41.30 16.95
C ALA QA 93 -66.60 -42.07 15.99
N PRO QA 94 -65.89 -43.08 16.49
CA PRO QA 94 -64.97 -43.83 15.62
C PRO QA 94 -65.73 -44.72 14.64
N SER QA 95 -65.03 -45.10 13.57
CA SER QA 95 -65.58 -45.99 12.59
C SER QA 95 -65.93 -47.33 13.25
N PRO QA 96 -66.92 -48.05 12.72
CA PRO QA 96 -67.26 -49.36 13.30
C PRO QA 96 -66.05 -50.27 13.27
N THR QA 97 -65.70 -50.81 14.44
CA THR QA 97 -64.52 -51.64 14.59
C THR QA 97 -64.91 -53.01 15.14
N VAL QA 98 -64.10 -54.00 14.79
CA VAL QA 98 -64.35 -55.37 15.22
C VAL QA 98 -63.66 -55.60 16.55
N SER QA 99 -64.41 -56.06 17.54
CA SER QA 99 -63.85 -56.30 18.87
C SER QA 99 -63.06 -57.60 18.93
N TYR QA 100 -63.66 -58.69 18.48
CA TYR QA 100 -63.00 -60.00 18.48
C TYR QA 100 -63.78 -60.90 17.53
N VAL QA 101 -63.13 -61.98 17.11
CA VAL QA 101 -63.78 -62.86 16.13
C VAL QA 101 -63.66 -64.33 16.51
N PRO QA 102 -64.72 -64.93 17.07
CA PRO QA 102 -64.76 -66.39 17.18
C PRO QA 102 -65.00 -67.01 15.81
N LYS QA 103 -64.27 -68.09 15.52
CA LYS QA 103 -64.37 -68.67 14.19
C LYS QA 103 -64.14 -70.17 14.27
N ALA QA 104 -64.49 -70.87 13.19
CA ALA QA 104 -64.33 -72.31 13.11
C ALA QA 104 -63.96 -72.72 11.70
N PHE QA 105 -63.11 -73.75 11.61
CA PHE QA 105 -62.54 -74.21 10.34
C PHE QA 105 -62.57 -75.73 10.38
N THR QA 106 -63.26 -76.36 9.43
CA THR QA 106 -63.33 -77.82 9.33
C THR QA 106 -62.84 -78.25 7.96
N GLU QA 107 -61.98 -79.27 7.92
CA GLU QA 107 -61.40 -79.77 6.69
C GLU QA 107 -61.57 -81.28 6.62
N PHE QA 108 -62.19 -81.74 5.55
CA PHE QA 108 -62.31 -83.15 5.22
C PHE QA 108 -61.25 -83.49 4.17
N VAL QA 109 -60.49 -84.54 4.44
CA VAL QA 109 -59.55 -85.12 3.49
C VAL QA 109 -60.14 -86.45 3.05
N LEU QA 110 -60.51 -86.53 1.78
CA LEU QA 110 -61.25 -87.66 1.24
C LEU QA 110 -60.46 -88.25 0.09
N PRO QA 111 -59.76 -89.38 0.28
CA PRO QA 111 -59.01 -89.99 -0.82
C PRO QA 111 -59.93 -90.31 -1.99
N GLU QA 112 -59.36 -90.22 -3.20
CA GLU QA 112 -60.15 -90.41 -4.41
C GLU QA 112 -60.68 -91.84 -4.52
N ARG QA 113 -60.02 -92.80 -3.87
CA ARG QA 113 -60.51 -94.16 -3.83
C ARG QA 113 -61.67 -94.36 -2.86
N ALA QA 114 -62.01 -93.36 -2.06
CA ALA QA 114 -62.99 -93.55 -0.99
C ALA QA 114 -64.40 -93.57 -1.55
N THR QA 115 -65.20 -94.51 -1.06
CA THR QA 115 -66.53 -94.72 -1.61
C THR QA 115 -67.53 -93.76 -0.96
N LEU QA 116 -68.68 -93.61 -1.64
CA LEU QA 116 -69.75 -92.76 -1.13
C LEU QA 116 -70.10 -93.11 0.30
N ASP QA 117 -70.09 -94.41 0.63
CA ASP QA 117 -70.37 -94.81 2.00
C ASP QA 117 -69.34 -94.24 2.97
N ASN QA 118 -68.06 -94.29 2.60
CA ASN QA 118 -67.01 -93.73 3.44
C ASN QA 118 -67.20 -92.24 3.65
N ARG QA 119 -67.58 -91.52 2.58
CA ARG QA 119 -67.76 -90.08 2.70
C ARG QA 119 -68.95 -89.75 3.60
N LYS QA 120 -70.07 -90.47 3.42
CA LYS QA 120 -71.23 -90.27 4.28
C LYS QA 120 -70.88 -90.55 5.74
N ASP QA 121 -70.10 -91.62 5.97
CA ASP QA 121 -69.66 -91.98 7.32
C ASP QA 121 -68.86 -90.85 7.95
N ILE QA 122 -67.82 -90.38 7.26
CA ILE QA 122 -66.93 -89.39 7.87
C ILE QA 122 -67.68 -88.08 8.11
N ARG QA 123 -68.53 -87.66 7.17
CA ARG QA 123 -69.29 -86.42 7.36
C ARG QA 123 -70.23 -86.53 8.56
N LYS QA 124 -71.12 -87.55 8.55
CA LYS QA 124 -72.08 -87.69 9.64
C LYS QA 124 -71.37 -87.82 10.99
N MET QA 125 -70.31 -88.63 11.03
CA MET QA 125 -69.70 -88.95 12.32
C MET QA 125 -68.90 -87.78 12.88
N HIS QA 126 -68.24 -87.01 12.02
CA HIS QA 126 -67.54 -85.84 12.51
C HIS QA 126 -68.52 -84.77 12.98
N ALA QA 127 -69.55 -84.50 12.17
CA ALA QA 127 -70.58 -83.54 12.58
C ALA QA 127 -71.16 -83.92 13.94
N LEU QA 128 -71.41 -85.22 14.14
CA LEU QA 128 -71.89 -85.67 15.44
C LEU QA 128 -70.83 -85.46 16.52
N ALA QA 129 -69.55 -85.74 16.20
CA ALA QA 129 -68.48 -85.58 17.17
C ALA QA 129 -68.37 -84.15 17.67
N LEU QA 130 -68.84 -83.18 16.88
CA LEU QA 130 -68.89 -81.79 17.35
C LEU QA 130 -70.02 -81.52 18.32
N THR QA 131 -70.96 -82.45 18.50
CA THR QA 131 -72.11 -82.23 19.37
C THR QA 131 -72.13 -83.15 20.59
N THR QA 132 -71.08 -83.92 20.81
CA THR QA 132 -70.99 -84.78 21.99
C THR QA 132 -70.93 -83.94 23.26
N SER QA 133 -71.27 -84.58 24.39
CA SER QA 133 -71.21 -83.88 25.67
C SER QA 133 -69.80 -83.38 25.95
N GLU QA 134 -68.80 -84.17 25.57
CA GLU QA 134 -67.41 -83.76 25.72
C GLU QA 134 -67.08 -82.55 24.87
N ALA QA 135 -67.51 -82.56 23.60
CA ALA QA 135 -67.28 -81.41 22.72
C ALA QA 135 -67.96 -80.15 23.26
N ILE QA 136 -69.17 -80.30 23.79
CA ILE QA 136 -69.87 -79.13 24.32
C ILE QA 136 -69.18 -78.62 25.57
N ALA QA 137 -68.68 -79.53 26.42
CA ALA QA 137 -67.95 -79.11 27.61
C ALA QA 137 -66.66 -78.39 27.24
N MET QA 138 -65.99 -78.83 26.17
CA MET QA 138 -64.71 -78.22 25.80
C MET QA 138 -64.91 -76.86 25.13
N ILE QA 139 -65.88 -76.76 24.21
CA ILE QA 139 -66.02 -75.53 23.44
C ILE QA 139 -66.81 -74.48 24.21
N GLU QA 140 -67.86 -74.88 24.93
CA GLU QA 140 -68.70 -73.90 25.60
C GLU QA 140 -68.24 -73.62 27.03
N SER QA 141 -67.95 -74.65 27.80
CA SER QA 141 -67.57 -74.50 29.19
C SER QA 141 -66.06 -74.51 29.40
N LEU QA 142 -65.29 -74.82 28.36
CA LEU QA 142 -63.85 -74.74 28.42
C LEU QA 142 -63.27 -75.69 29.48
N GLN QA 143 -63.66 -76.96 29.37
CA GLN QA 143 -63.22 -78.00 30.30
C GLN QA 143 -62.59 -79.14 29.52
N PHE QA 144 -61.48 -79.66 30.04
CA PHE QA 144 -60.82 -80.80 29.43
C PHE QA 144 -61.35 -82.09 30.07
N VAL QA 145 -60.98 -83.23 29.49
CA VAL QA 145 -61.37 -84.54 30.01
C VAL QA 145 -60.20 -85.11 30.81
N TYR QA 146 -60.53 -85.70 31.97
CA TYR QA 146 -59.52 -86.16 32.90
C TYR QA 146 -59.71 -87.63 33.29
N PRO RA 1 -75.80 -70.65 -22.54
CA PRO RA 1 -76.67 -71.61 -21.87
C PRO RA 1 -76.28 -71.82 -20.41
N GLN RA 2 -77.23 -72.27 -19.60
CA GLN RA 2 -76.93 -72.51 -18.20
C GLN RA 2 -76.24 -73.86 -18.03
N ALA RA 3 -75.59 -74.02 -16.88
CA ALA RA 3 -74.99 -75.31 -16.54
C ALA RA 3 -76.10 -76.30 -16.26
N ALA RA 4 -76.15 -77.37 -17.05
CA ALA RA 4 -77.16 -78.42 -16.89
C ALA RA 4 -76.52 -79.78 -17.08
N ASP RA 5 -77.25 -80.81 -16.67
CA ASP RA 5 -76.79 -82.18 -16.91
C ASP RA 5 -76.61 -82.41 -18.40
N ILE RA 6 -75.60 -83.21 -18.75
CA ILE RA 6 -75.35 -83.61 -20.13
C ILE RA 6 -75.46 -85.12 -20.18
N VAL RA 7 -76.36 -85.64 -21.02
CA VAL RA 7 -76.61 -87.08 -21.04
C VAL RA 7 -76.10 -87.65 -22.36
N ILE RA 8 -75.23 -88.66 -22.26
CA ILE RA 8 -74.57 -89.26 -23.41
C ILE RA 8 -74.71 -90.78 -23.32
N ALA RA 9 -75.01 -91.40 -24.47
CA ALA RA 9 -75.32 -92.83 -24.51
C ALA RA 9 -74.07 -93.69 -24.54
N ASP RA 10 -74.14 -94.83 -23.86
CA ASP RA 10 -73.09 -95.83 -23.87
C ASP RA 10 -73.02 -96.51 -25.24
N ALA RA 11 -71.96 -97.31 -25.43
CA ALA RA 11 -71.84 -98.14 -26.63
C ALA RA 11 -72.07 -99.61 -26.33
N GLN RA 12 -72.85 -99.92 -25.28
CA GLN RA 12 -73.14 -101.30 -24.97
C GLN RA 12 -74.18 -101.87 -25.94
N ALA RA 13 -74.38 -103.19 -25.85
CA ALA RA 13 -75.41 -103.84 -26.66
C ALA RA 13 -76.75 -103.15 -26.47
N THR RA 14 -77.18 -103.02 -25.21
CA THR RA 14 -78.28 -102.14 -24.88
C THR RA 14 -77.70 -100.87 -24.28
N PRO RA 15 -77.64 -99.76 -25.03
CA PRO RA 15 -76.94 -98.57 -24.54
C PRO RA 15 -77.48 -98.09 -23.21
N VAL RA 16 -76.56 -97.60 -22.38
CA VAL RA 16 -76.86 -97.08 -21.04
C VAL RA 16 -76.57 -95.58 -21.03
N ASN RA 17 -77.53 -94.78 -20.58
CA ASN RA 17 -77.34 -93.34 -20.53
C ASN RA 17 -76.44 -92.97 -19.34
N HIS RA 18 -75.34 -92.30 -19.63
CA HIS RA 18 -74.48 -91.73 -18.60
C HIS RA 18 -74.82 -90.26 -18.45
N THR RA 19 -75.11 -89.84 -17.22
CA THR RA 19 -75.50 -88.46 -16.94
C THR RA 19 -74.33 -87.73 -16.28
N PHE RA 20 -73.81 -86.71 -16.98
CA PHE RA 20 -72.71 -85.89 -16.51
C PHE RA 20 -73.29 -84.65 -15.82
N VAL RA 21 -73.25 -84.64 -14.49
CA VAL RA 21 -73.73 -83.55 -13.65
C VAL RA 21 -72.66 -82.47 -13.67
N PRO RA 22 -73.00 -81.18 -13.79
CA PRO RA 22 -71.96 -80.15 -13.75
C PRO RA 22 -71.27 -80.08 -12.39
N ILE RA 23 -69.94 -80.19 -12.40
CA ILE RA 23 -69.13 -79.96 -11.21
C ILE RA 23 -68.88 -78.47 -11.03
N GLY RA 24 -68.63 -77.77 -12.13
CA GLY RA 24 -68.41 -76.36 -12.03
C GLY RA 24 -67.25 -75.91 -12.88
N PRO RA 25 -66.88 -74.65 -12.76
CA PRO RA 25 -65.73 -74.15 -13.51
C PRO RA 25 -64.43 -74.70 -12.95
N ASP RA 26 -63.43 -74.71 -13.82
CA ASP RA 26 -62.12 -75.23 -13.45
C ASP RA 26 -61.50 -74.33 -12.38
N PRO RA 27 -60.77 -74.90 -11.43
CA PRO RA 27 -60.20 -74.08 -10.33
C PRO RA 27 -59.23 -73.02 -10.82
N LYS RA 28 -58.42 -73.35 -11.81
CA LYS RA 28 -57.31 -72.51 -12.22
C LYS RA 28 -57.56 -71.74 -13.51
N ASP RA 29 -58.50 -72.19 -14.34
CA ASP RA 29 -58.86 -71.53 -15.59
C ASP RA 29 -60.35 -71.27 -15.60
N ALA RA 30 -60.73 -70.00 -15.74
CA ALA RA 30 -62.11 -69.57 -15.73
C ALA RA 30 -62.80 -69.79 -17.08
N THR RA 31 -62.09 -70.36 -18.06
CA THR RA 31 -62.63 -70.54 -19.40
C THR RA 31 -62.97 -71.99 -19.70
N ILE RA 32 -62.84 -72.89 -18.74
CA ILE RA 32 -63.11 -74.31 -18.96
C ILE RA 32 -64.01 -74.79 -17.82
N TYR RA 33 -65.07 -75.51 -18.20
CA TYR RA 33 -66.13 -75.95 -17.30
C TYR RA 33 -66.20 -77.47 -17.30
N TRP RA 34 -66.64 -78.05 -16.17
CA TRP RA 34 -66.50 -79.48 -15.89
C TRP RA 34 -67.82 -80.09 -15.47
N TRP RA 35 -68.19 -81.17 -16.18
CA TRP RA 35 -69.25 -82.10 -15.84
C TRP RA 35 -68.63 -83.47 -15.52
N GLU RA 36 -69.36 -84.27 -14.74
CA GLU RA 36 -68.85 -85.54 -14.22
C GLU RA 36 -69.95 -86.59 -14.15
N ASP RA 37 -69.64 -87.79 -14.62
CA ASP RA 37 -70.47 -88.99 -14.49
C ASP RA 37 -70.00 -89.75 -13.26
N GLN RA 38 -70.81 -89.66 -12.20
CA GLN RA 38 -70.51 -90.13 -10.86
C GLN RA 38 -71.12 -91.48 -10.57
N SER RA 39 -71.43 -92.26 -11.60
CA SER RA 39 -72.09 -93.55 -11.44
C SER RA 39 -71.11 -94.67 -11.12
N GLN RA 40 -69.82 -94.43 -11.29
CA GLN RA 40 -68.80 -95.46 -11.20
C GLN RA 40 -68.58 -95.85 -9.74
N ALA RA 41 -67.64 -96.77 -9.49
CA ALA RA 41 -67.55 -97.42 -8.19
C ALA RA 41 -66.97 -96.51 -7.11
N SER RA 42 -65.95 -95.72 -7.46
CA SER RA 42 -65.36 -94.72 -6.59
C SER RA 42 -64.97 -93.53 -7.47
N PRO RA 43 -64.78 -92.35 -6.89
CA PRO RA 43 -64.46 -91.18 -7.73
C PRO RA 43 -63.27 -91.39 -8.66
N ALA RA 44 -62.31 -92.24 -8.28
CA ALA RA 44 -61.17 -92.52 -9.13
C ALA RA 44 -61.59 -93.00 -10.51
N GLY RA 45 -62.74 -93.67 -10.60
CA GLY RA 45 -63.28 -94.16 -11.84
C GLY RA 45 -64.38 -93.34 -12.46
N TYR RA 46 -64.74 -92.18 -11.89
CA TYR RA 46 -65.77 -91.34 -12.49
C TYR RA 46 -65.33 -90.85 -13.86
N TRP RA 47 -66.29 -90.63 -14.76
CA TRP RA 47 -65.96 -90.14 -16.09
C TRP RA 47 -66.18 -88.63 -16.17
N ARG RA 48 -65.29 -87.92 -16.86
CA ARG RA 48 -65.33 -86.48 -16.82
C ARG RA 48 -65.42 -85.90 -18.22
N LEU RA 49 -66.09 -84.76 -18.32
CA LEU RA 49 -66.27 -84.03 -19.57
C LEU RA 49 -65.98 -82.56 -19.31
N SER RA 50 -65.19 -81.94 -20.18
CA SER RA 50 -64.76 -80.56 -19.99
C SER RA 50 -64.94 -79.79 -21.30
N MET RA 51 -65.48 -78.58 -21.22
CA MET RA 51 -65.66 -77.74 -22.39
C MET RA 51 -65.03 -76.37 -22.13
N GLN RA 52 -64.28 -75.87 -23.10
CA GLN RA 52 -63.51 -74.64 -22.95
C GLN RA 52 -63.69 -73.74 -24.16
N LEU RA 53 -64.00 -72.47 -23.88
CA LEU RA 53 -64.13 -71.44 -24.91
C LEU RA 53 -63.14 -70.33 -24.59
N VAL RA 54 -62.20 -70.11 -25.51
CA VAL RA 54 -61.19 -69.08 -25.35
C VAL RA 54 -61.41 -68.05 -26.46
N ARG RA 55 -61.90 -66.89 -26.07
CA ARG RA 55 -62.19 -65.70 -26.84
C ARG RA 55 -61.01 -64.74 -26.80
N PRO RA 56 -60.75 -64.00 -27.87
CA PRO RA 56 -59.69 -62.99 -27.83
C PRO RA 56 -60.16 -61.71 -27.15
N ALA RA 57 -59.17 -60.88 -26.79
CA ALA RA 57 -59.48 -59.60 -26.17
C ALA RA 57 -60.28 -58.74 -27.16
N PRO RA 58 -61.17 -57.88 -26.66
CA PRO RA 58 -62.07 -57.17 -27.57
C PRO RA 58 -61.31 -56.32 -28.58
N ALA RA 59 -61.90 -56.18 -29.76
CA ALA RA 59 -61.22 -55.51 -30.86
C ALA RA 59 -61.10 -54.02 -30.58
N LYS RA 60 -59.98 -53.45 -31.00
CA LYS RA 60 -59.76 -52.02 -30.85
C LYS RA 60 -60.18 -51.28 -32.12
N ALA RA 61 -60.47 -49.99 -31.96
CA ALA RA 61 -60.96 -49.19 -33.08
C ALA RA 61 -59.88 -49.09 -34.14
N GLY RA 62 -60.24 -49.43 -35.38
CA GLY RA 62 -59.29 -49.42 -36.48
C GLY RA 62 -58.33 -50.58 -36.51
N GLN RA 63 -58.34 -51.47 -35.51
CA GLN RA 63 -57.45 -52.61 -35.50
C GLN RA 63 -57.86 -53.62 -36.57
N ASN RA 64 -56.87 -54.29 -37.16
CA ASN RA 64 -57.11 -55.30 -38.18
C ASN RA 64 -57.35 -56.64 -37.51
N THR RA 65 -58.49 -57.26 -37.79
CA THR RA 65 -58.93 -58.44 -37.05
C THR RA 65 -58.66 -59.76 -37.78
N ASN RA 66 -57.94 -59.74 -38.90
CA ASN RA 66 -57.88 -61.00 -39.66
C ASN RA 66 -56.96 -61.96 -39.05
N GLN RA 67 -56.39 -61.69 -37.87
CA GLN RA 67 -55.56 -62.69 -37.22
C GLN RA 67 -56.11 -63.17 -35.88
N ARG RA 68 -57.18 -62.58 -35.37
CA ARG RA 68 -57.71 -62.97 -34.07
C ARG RA 68 -58.54 -64.24 -34.25
N MET RA 69 -58.47 -65.14 -33.27
CA MET RA 69 -59.09 -66.45 -33.39
C MET RA 69 -59.69 -66.90 -32.07
N ILE RA 70 -60.72 -67.73 -32.17
CA ILE RA 70 -61.46 -68.29 -31.04
C ILE RA 70 -61.19 -69.78 -31.01
N ARG RA 71 -60.96 -70.33 -29.82
CA ARG RA 71 -60.70 -71.75 -29.69
C ARG RA 71 -61.75 -72.40 -28.81
N VAL RA 72 -62.15 -73.61 -29.18
CA VAL RA 72 -63.09 -74.40 -28.39
C VAL RA 72 -62.48 -75.78 -28.19
N ARG RA 73 -62.43 -76.25 -26.95
CA ARG RA 73 -61.84 -77.55 -26.63
C ARG RA 73 -62.84 -78.37 -25.84
N VAL RA 74 -63.16 -79.55 -26.34
CA VAL RA 74 -63.99 -80.52 -25.63
C VAL RA 74 -63.11 -81.72 -25.29
N SER RA 75 -63.27 -82.22 -24.07
CA SER RA 75 -62.39 -83.27 -23.59
C SER RA 75 -63.18 -84.28 -22.76
N THR RA 76 -62.98 -85.56 -23.03
CA THR RA 76 -63.66 -86.62 -22.29
C THR RA 76 -62.64 -87.61 -21.74
N PHE RA 77 -62.79 -87.94 -20.47
CA PHE RA 77 -61.90 -88.85 -19.77
C PHE RA 77 -62.73 -90.00 -19.20
N GLU RA 78 -62.35 -91.23 -19.54
CA GLU RA 78 -63.09 -92.43 -19.12
C GLU RA 78 -62.16 -93.43 -18.46
N PRO RA 79 -61.71 -93.14 -17.24
CA PRO RA 79 -60.84 -94.09 -16.54
C PRO RA 79 -61.54 -95.41 -16.27
N ILE RA 80 -60.77 -96.50 -16.36
CA ILE RA 80 -61.25 -97.85 -16.11
C ILE RA 80 -60.58 -98.37 -14.85
N LEU RA 81 -61.36 -98.98 -13.97
CA LEU RA 81 -60.84 -99.46 -12.71
C LEU RA 81 -60.45 -100.94 -12.79
N GLU RA 82 -59.71 -101.37 -11.77
CA GLU RA 82 -59.36 -102.77 -11.55
C GLU RA 82 -59.36 -103.03 -10.05
N VAL RA 83 -59.57 -104.29 -9.68
CA VAL RA 83 -59.66 -104.70 -8.29
C VAL RA 83 -58.73 -105.89 -8.06
N ALA RA 84 -58.15 -105.96 -6.85
CA ALA RA 84 -57.22 -107.03 -6.52
C ALA RA 84 -57.92 -108.32 -6.11
N VAL RA 85 -59.16 -108.24 -5.62
CA VAL RA 85 -59.92 -109.41 -5.21
C VAL RA 85 -61.41 -109.08 -5.30
N THR RA 86 -62.22 -110.09 -5.63
CA THR RA 86 -63.61 -109.84 -6.03
C THR RA 86 -64.64 -110.09 -4.94
N ALA RA 87 -64.23 -110.53 -3.75
CA ALA RA 87 -65.17 -110.79 -2.67
C ALA RA 87 -64.90 -109.86 -1.49
N THR RA 88 -65.72 -110.01 -0.46
CA THR RA 88 -65.56 -109.24 0.77
C THR RA 88 -65.33 -110.22 1.92
N TYR RA 89 -64.33 -109.91 2.75
CA TYR RA 89 -63.95 -110.74 3.89
C TYR RA 89 -64.13 -109.94 5.16
N SER RA 90 -64.90 -110.48 6.11
CA SER RA 90 -65.02 -109.88 7.45
C SER RA 90 -65.33 -108.38 7.36
N GLY RA 91 -66.24 -108.04 6.46
CA GLY RA 91 -66.66 -106.67 6.27
C GLY RA 91 -65.70 -105.77 5.53
N ILE RA 92 -64.60 -106.30 5.00
CA ILE RA 92 -63.63 -105.49 4.27
C ILE RA 92 -63.96 -105.61 2.79
N ALA RA 93 -64.38 -104.50 2.18
CA ALA RA 93 -64.69 -104.67 0.77
C ALA RA 93 -63.46 -104.42 -0.10
N PRO RA 94 -63.47 -104.97 -1.31
CA PRO RA 94 -62.42 -104.66 -2.26
C PRO RA 94 -62.48 -103.19 -2.66
N SER RA 95 -61.31 -102.55 -2.71
CA SER RA 95 -61.22 -101.14 -3.06
C SER RA 95 -60.51 -101.03 -4.39
N PRO RA 96 -61.19 -100.59 -5.44
CA PRO RA 96 -60.57 -100.57 -6.77
C PRO RA 96 -59.63 -99.40 -6.95
N THR RA 97 -58.64 -99.59 -7.84
CA THR RA 97 -57.74 -98.54 -8.28
C THR RA 97 -57.91 -98.33 -9.77
N VAL RA 98 -57.34 -97.24 -10.27
CA VAL RA 98 -57.38 -96.98 -11.69
C VAL RA 98 -56.41 -97.91 -12.40
N SER RA 99 -56.84 -98.47 -13.52
CA SER RA 99 -56.05 -99.39 -14.31
C SER RA 99 -55.45 -98.72 -15.54
N TYR RA 100 -56.27 -97.98 -16.29
CA TYR RA 100 -55.81 -97.21 -17.43
C TYR RA 100 -56.86 -96.17 -17.75
N VAL RA 101 -56.47 -95.15 -18.52
CA VAL RA 101 -57.41 -94.09 -18.82
C VAL RA 101 -57.44 -93.79 -20.32
N PRO RA 102 -58.42 -94.32 -21.04
CA PRO RA 102 -58.67 -93.83 -22.41
C PRO RA 102 -59.31 -92.45 -22.36
N LYS RA 103 -58.90 -91.59 -23.29
CA LYS RA 103 -59.41 -90.22 -23.27
C LYS RA 103 -59.42 -89.66 -24.69
N ALA RA 104 -60.13 -88.56 -24.85
CA ALA RA 104 -60.27 -87.91 -26.14
C ALA RA 104 -60.27 -86.40 -25.96
N PHE RA 105 -59.63 -85.71 -26.91
CA PHE RA 105 -59.43 -84.27 -26.86
C PHE RA 105 -59.72 -83.71 -28.24
N THR RA 106 -60.68 -82.79 -28.36
CA THR RA 106 -61.02 -82.15 -29.63
C THR RA 106 -60.87 -80.64 -29.50
N GLU RA 107 -60.28 -80.01 -30.51
CA GLU RA 107 -60.04 -78.57 -30.53
C GLU RA 107 -60.51 -78.00 -31.86
N PHE RA 108 -61.41 -77.03 -31.79
CA PHE RA 108 -61.83 -76.23 -32.93
C PHE RA 108 -61.08 -74.91 -32.89
N VAL RA 109 -60.47 -74.56 -34.01
CA VAL RA 109 -59.89 -73.25 -34.24
C VAL RA 109 -60.80 -72.51 -35.21
N LEU RA 110 -61.53 -71.53 -34.70
CA LEU RA 110 -62.49 -70.75 -35.46
C LEU RA 110 -61.99 -69.32 -35.56
N PRO RA 111 -61.50 -68.89 -36.71
CA PRO RA 111 -61.09 -67.49 -36.83
C PRO RA 111 -62.27 -66.56 -36.61
N GLU RA 112 -62.02 -65.46 -35.89
CA GLU RA 112 -63.09 -64.58 -35.47
C GLU RA 112 -63.90 -64.03 -36.64
N ARG RA 113 -63.27 -63.86 -37.80
CA ARG RA 113 -63.98 -63.35 -38.97
C ARG RA 113 -64.88 -64.39 -39.64
N ALA RA 114 -64.99 -65.60 -39.11
CA ALA RA 114 -65.71 -66.64 -39.82
C ALA RA 114 -67.22 -66.47 -39.67
N THR RA 115 -67.95 -66.97 -40.66
CA THR RA 115 -69.40 -66.88 -40.66
C THR RA 115 -70.01 -67.95 -39.77
N LEU RA 116 -71.20 -67.66 -39.26
CA LEU RA 116 -72.00 -68.68 -38.61
C LEU RA 116 -72.10 -69.93 -39.48
N ASP RA 117 -72.21 -69.75 -40.79
CA ASP RA 117 -72.26 -70.89 -41.69
C ASP RA 117 -70.95 -71.68 -41.64
N ASN RA 118 -69.81 -71.00 -41.64
CA ASN RA 118 -68.53 -71.68 -41.54
C ASN RA 118 -68.44 -72.49 -40.26
N ARG RA 119 -68.94 -71.92 -39.16
CA ARG RA 119 -68.85 -72.61 -37.87
C ARG RA 119 -69.75 -73.84 -37.84
N LYS RA 120 -70.98 -73.70 -38.34
CA LYS RA 120 -71.88 -74.86 -38.44
C LYS RA 120 -71.27 -75.94 -39.31
N ASP RA 121 -70.64 -75.53 -40.42
CA ASP RA 121 -69.97 -76.47 -41.31
C ASP RA 121 -68.88 -77.26 -40.59
N ILE RA 122 -67.95 -76.55 -39.95
CA ILE RA 122 -66.82 -77.24 -39.34
C ILE RA 122 -67.28 -78.15 -38.20
N ARG RA 123 -68.24 -77.68 -37.38
CA ARG RA 123 -68.76 -78.50 -36.30
C ARG RA 123 -69.41 -79.77 -36.83
N LYS RA 124 -70.43 -79.63 -37.68
CA LYS RA 124 -71.15 -80.79 -38.18
C LYS RA 124 -70.21 -81.76 -38.89
N MET RA 125 -69.33 -81.23 -39.75
CA MET RA 125 -68.54 -82.09 -40.61
C MET RA 125 -67.46 -82.81 -39.82
N HIS RA 126 -66.86 -82.18 -38.81
CA HIS RA 126 -65.90 -82.90 -37.98
C HIS RA 126 -66.59 -83.96 -37.15
N ALA RA 127 -67.72 -83.61 -36.52
CA ALA RA 127 -68.47 -84.60 -35.74
C ALA RA 127 -68.83 -85.81 -36.60
N LEU RA 128 -69.19 -85.55 -37.86
CA LEU RA 128 -69.48 -86.66 -38.77
C LEU RA 128 -68.22 -87.44 -39.12
N ALA RA 129 -67.10 -86.73 -39.31
CA ALA RA 129 -65.85 -87.40 -39.66
C ALA RA 129 -65.40 -88.35 -38.55
N LEU RA 130 -65.84 -88.11 -37.32
CA LEU RA 130 -65.57 -89.05 -36.24
C LEU RA 130 -66.40 -90.32 -36.31
N THR RA 131 -67.43 -90.36 -37.16
CA THR RA 131 -68.32 -91.52 -37.23
C THR RA 131 -68.23 -92.24 -38.58
N THR RA 132 -67.31 -91.84 -39.45
CA THR RA 132 -67.14 -92.51 -40.74
C THR RA 132 -66.67 -93.96 -40.52
N SER RA 133 -66.92 -94.80 -41.52
CA SER RA 133 -66.49 -96.19 -41.42
C SER RA 133 -64.98 -96.29 -41.23
N GLU RA 134 -64.23 -95.38 -41.86
CA GLU RA 134 -62.78 -95.35 -41.67
C GLU RA 134 -62.41 -94.97 -40.24
N ALA RA 135 -63.07 -93.96 -39.69
CA ALA RA 135 -62.80 -93.58 -38.30
C ALA RA 135 -63.13 -94.72 -37.35
N ILE RA 136 -64.21 -95.43 -37.61
CA ILE RA 136 -64.58 -96.54 -36.74
C ILE RA 136 -63.57 -97.67 -36.86
N ALA RA 137 -63.11 -97.95 -38.09
CA ALA RA 137 -62.09 -98.98 -38.28
C ALA RA 137 -60.78 -98.62 -37.60
N MET RA 138 -60.44 -97.33 -37.55
CA MET RA 138 -59.16 -96.93 -36.96
C MET RA 138 -59.24 -96.87 -35.43
N ILE RA 139 -60.33 -96.38 -34.86
CA ILE RA 139 -60.41 -96.22 -33.41
C ILE RA 139 -60.84 -97.51 -32.73
N GLU RA 140 -61.85 -98.21 -33.29
CA GLU RA 140 -62.36 -99.42 -32.64
C GLU RA 140 -61.60 -100.66 -33.07
N SER RA 141 -61.40 -100.82 -34.38
CA SER RA 141 -60.75 -102.01 -34.93
C SER RA 141 -59.23 -101.88 -35.05
N LEU RA 142 -58.69 -100.67 -34.90
CA LEU RA 142 -57.25 -100.46 -34.90
C LEU RA 142 -56.60 -100.90 -36.20
N GLN RA 143 -57.22 -100.53 -37.31
CA GLN RA 143 -56.73 -100.83 -38.65
C GLN RA 143 -56.61 -99.56 -39.46
N PHE RA 144 -55.42 -99.32 -40.01
CA PHE RA 144 -55.18 -98.17 -40.87
C PHE RA 144 -55.72 -98.43 -42.27
N VAL RA 145 -55.66 -97.41 -43.14
CA VAL RA 145 -56.11 -97.51 -44.52
C VAL RA 145 -54.90 -97.77 -45.43
N TYR RA 146 -55.01 -98.77 -46.29
CA TYR RA 146 -53.89 -99.18 -47.14
C TYR RA 146 -54.29 -99.17 -48.63
N PRO SA 1 -77.10 -63.23 -6.81
CA PRO SA 1 -77.96 -63.53 -7.96
C PRO SA 1 -77.21 -64.33 -9.03
N GLN SA 2 -77.78 -65.45 -9.46
CA GLN SA 2 -77.12 -66.24 -10.49
C GLN SA 2 -77.10 -65.46 -11.79
N ALA SA 3 -76.04 -65.65 -12.58
CA ALA SA 3 -75.91 -64.92 -13.83
C ALA SA 3 -77.02 -65.34 -14.79
N ALA SA 4 -77.64 -64.36 -15.44
CA ALA SA 4 -78.65 -64.63 -16.45
C ALA SA 4 -78.62 -63.51 -17.48
N ASP SA 5 -79.36 -63.73 -18.57
CA ASP SA 5 -79.44 -62.74 -19.64
C ASP SA 5 -79.87 -61.39 -19.09
N ILE SA 6 -79.28 -60.32 -19.62
CA ILE SA 6 -79.64 -58.95 -19.27
C ILE SA 6 -80.23 -58.30 -20.51
N VAL SA 7 -81.48 -57.87 -20.44
CA VAL SA 7 -82.15 -57.32 -21.61
C VAL SA 7 -82.35 -55.83 -21.41
N ILE SA 8 -81.84 -55.05 -22.37
CA ILE SA 8 -81.86 -53.59 -22.30
C ILE SA 8 -82.44 -53.06 -23.59
N ALA SA 9 -83.31 -52.06 -23.49
CA ALA SA 9 -84.01 -51.54 -24.66
C ALA SA 9 -83.14 -50.58 -25.45
N ASP SA 10 -83.32 -50.59 -26.77
CA ASP SA 10 -82.64 -49.67 -27.66
C ASP SA 10 -83.21 -48.26 -27.50
N ALA SA 11 -82.67 -47.32 -28.28
CA ALA SA 11 -83.20 -45.96 -28.32
C ALA SA 11 -83.79 -45.62 -29.69
N GLN SA 12 -84.24 -46.63 -30.43
CA GLN SA 12 -84.78 -46.39 -31.77
C GLN SA 12 -86.19 -45.84 -31.68
N ALA SA 13 -86.72 -45.44 -32.84
CA ALA SA 13 -88.12 -45.03 -32.95
C ALA SA 13 -89.03 -46.04 -32.27
N THR SA 14 -88.98 -47.29 -32.73
CA THR SA 14 -89.54 -48.39 -31.98
C THR SA 14 -88.40 -49.08 -31.26
N PRO SA 15 -88.30 -48.95 -29.94
CA PRO SA 15 -87.17 -49.56 -29.22
C PRO SA 15 -87.05 -51.05 -29.52
N VAL SA 16 -85.79 -51.50 -29.68
CA VAL SA 16 -85.46 -52.87 -29.98
C VAL SA 16 -84.69 -53.46 -28.81
N ASN SA 17 -85.16 -54.58 -28.27
CA ASN SA 17 -84.51 -55.17 -27.11
C ASN SA 17 -83.19 -55.83 -27.51
N HIS SA 18 -82.12 -55.49 -26.81
CA HIS SA 18 -80.83 -56.16 -26.95
C HIS SA 18 -80.65 -57.10 -25.77
N THR SA 19 -80.36 -58.37 -26.06
CA THR SA 19 -80.17 -59.38 -25.03
C THR SA 19 -78.67 -59.66 -24.87
N PHE SA 20 -78.15 -59.40 -23.67
CA PHE SA 20 -76.76 -59.63 -23.32
C PHE SA 20 -76.66 -60.97 -22.59
N VAL SA 21 -76.14 -61.98 -23.29
CA VAL SA 21 -75.91 -63.31 -22.73
C VAL SA 21 -74.64 -63.25 -21.91
N PRO SA 22 -74.59 -63.81 -20.70
CA PRO SA 22 -73.33 -63.80 -19.94
C PRO SA 22 -72.25 -64.60 -20.65
N ILE SA 23 -71.08 -63.97 -20.80
CA ILE SA 23 -69.86 -64.68 -21.18
C ILE SA 23 -69.19 -65.29 -19.95
N GLY SA 24 -69.26 -64.61 -18.82
CA GLY SA 24 -68.65 -65.12 -17.62
C GLY SA 24 -67.64 -64.16 -17.02
N PRO SA 25 -66.94 -64.62 -16.00
CA PRO SA 25 -65.96 -63.74 -15.34
C PRO SA 25 -64.72 -63.58 -16.19
N ASP SA 26 -64.13 -62.39 -16.09
CA ASP SA 26 -62.89 -62.11 -16.81
C ASP SA 26 -61.81 -63.05 -16.32
N PRO SA 27 -61.14 -63.80 -17.20
CA PRO SA 27 -60.06 -64.67 -16.74
C PRO SA 27 -58.92 -63.91 -16.09
N LYS SA 28 -58.67 -62.67 -16.52
CA LYS SA 28 -57.58 -61.89 -15.94
C LYS SA 28 -57.95 -61.35 -14.56
N ASP SA 29 -59.22 -60.96 -14.36
CA ASP SA 29 -59.70 -60.42 -13.08
C ASP SA 29 -61.03 -61.07 -12.73
N ALA SA 30 -61.06 -61.80 -11.62
CA ALA SA 30 -62.25 -62.53 -11.23
C ALA SA 30 -63.36 -61.65 -10.68
N THR SA 31 -63.08 -60.39 -10.35
CA THR SA 31 -64.07 -59.49 -9.77
C THR SA 31 -64.88 -58.75 -10.82
N ILE SA 32 -64.75 -59.09 -12.09
CA ILE SA 32 -65.48 -58.39 -13.13
C ILE SA 32 -66.12 -59.45 -14.03
N TYR SA 33 -67.41 -59.28 -14.30
CA TYR SA 33 -68.22 -60.25 -15.04
C TYR SA 33 -68.71 -59.60 -16.33
N TRP SA 34 -68.87 -60.43 -17.37
CA TRP SA 34 -69.10 -59.96 -18.72
C TRP SA 34 -70.33 -60.62 -19.33
N TRP SA 35 -71.23 -59.78 -19.88
CA TRP SA 35 -72.30 -60.16 -20.77
C TRP SA 35 -72.03 -59.57 -22.16
N GLU SA 36 -72.59 -60.20 -23.19
CA GLU SA 36 -72.33 -59.85 -24.58
C GLU SA 36 -73.60 -59.88 -25.39
N ASP SA 37 -73.80 -58.86 -26.23
CA ASP SA 37 -74.92 -58.78 -27.15
C ASP SA 37 -74.46 -59.29 -28.51
N GLN SA 38 -74.95 -60.45 -28.92
CA GLN SA 38 -74.45 -61.13 -30.10
C GLN SA 38 -75.26 -60.82 -31.35
N SER SA 39 -76.03 -59.73 -31.35
CA SER SA 39 -76.92 -59.42 -32.45
C SER SA 39 -76.24 -58.62 -33.56
N GLN SA 40 -74.96 -58.28 -33.41
CA GLN SA 40 -74.27 -57.43 -34.35
C GLN SA 40 -73.77 -58.25 -35.54
N ALA SA 41 -73.02 -57.58 -36.43
CA ALA SA 41 -72.74 -58.16 -37.75
C ALA SA 41 -71.70 -59.27 -37.68
N SER SA 42 -70.66 -59.10 -36.87
CA SER SA 42 -69.65 -60.12 -36.65
C SER SA 42 -69.09 -59.92 -35.26
N PRO SA 43 -68.40 -60.93 -34.69
CA PRO SA 43 -68.08 -60.88 -33.26
C PRO SA 43 -67.30 -59.65 -32.83
N ALA SA 44 -66.40 -59.14 -33.67
CA ALA SA 44 -65.61 -57.97 -33.29
C ALA SA 44 -66.50 -56.80 -32.88
N GLY SA 45 -67.71 -56.72 -33.45
CA GLY SA 45 -68.66 -55.66 -33.16
C GLY SA 45 -69.74 -55.99 -32.15
N TYR SA 46 -69.67 -57.13 -31.47
CA TYR SA 46 -70.64 -57.48 -30.44
C TYR SA 46 -70.58 -56.50 -29.28
N TRP SA 47 -71.73 -55.96 -28.89
CA TRP SA 47 -71.75 -55.05 -27.75
C TRP SA 47 -71.55 -55.83 -26.46
N ARG SA 48 -70.90 -55.19 -25.49
CA ARG SA 48 -70.56 -55.87 -24.24
C ARG SA 48 -70.93 -55.01 -23.05
N LEU SA 49 -71.16 -55.68 -21.93
CA LEU SA 49 -71.52 -55.06 -20.67
C LEU SA 49 -70.74 -55.77 -19.57
N SER SA 50 -70.18 -54.99 -18.65
CA SER SA 50 -69.31 -55.52 -17.59
C SER SA 50 -69.71 -54.94 -16.25
N MET SA 51 -69.76 -55.80 -15.23
CA MET SA 51 -70.06 -55.35 -13.87
C MET SA 51 -68.99 -55.89 -12.92
N GLN SA 52 -68.47 -55.02 -12.06
CA GLN SA 52 -67.35 -55.33 -11.21
C GLN SA 52 -67.66 -54.95 -9.77
N LEU SA 53 -67.41 -55.87 -8.85
CA LEU SA 53 -67.59 -55.65 -7.42
C LEU SA 53 -66.27 -55.95 -6.72
N VAL SA 54 -65.68 -54.94 -6.10
CA VAL SA 54 -64.41 -55.07 -5.40
C VAL SA 54 -64.69 -54.75 -3.94
N ARG SA 55 -64.81 -55.79 -3.13
CA ARG SA 55 -64.96 -55.78 -1.68
C ARG SA 55 -63.59 -55.92 -1.04
N PRO SA 56 -63.35 -55.20 0.05
CA PRO SA 56 -62.03 -55.24 0.68
C PRO SA 56 -61.85 -56.50 1.50
N ALA SA 57 -60.58 -56.79 1.81
CA ALA SA 57 -60.27 -57.91 2.66
C ALA SA 57 -60.98 -57.74 4.00
N PRO SA 58 -61.42 -58.84 4.62
CA PRO SA 58 -62.30 -58.72 5.80
C PRO SA 58 -61.67 -57.93 6.93
N ALA SA 59 -62.52 -57.20 7.65
CA ALA SA 59 -62.07 -56.43 8.79
C ALA SA 59 -61.44 -57.33 9.83
N LYS SA 60 -60.38 -56.85 10.46
CA LYS SA 60 -59.67 -57.63 11.47
C LYS SA 60 -59.95 -57.06 12.86
N ALA SA 61 -59.71 -57.89 13.87
CA ALA SA 61 -60.03 -57.49 15.24
C ALA SA 61 -59.19 -56.28 15.65
N GLY SA 62 -59.88 -55.26 16.17
CA GLY SA 62 -59.22 -54.04 16.56
C GLY SA 62 -58.71 -53.17 15.44
N GLN SA 63 -58.99 -53.52 14.18
CA GLN SA 63 -58.52 -52.75 13.04
C GLN SA 63 -59.40 -51.51 12.87
N ASN SA 64 -58.86 -50.51 12.18
CA ASN SA 64 -59.56 -49.26 11.95
C ASN SA 64 -60.21 -49.27 10.58
N THR SA 65 -61.50 -49.02 10.52
CA THR SA 65 -62.29 -49.19 9.31
C THR SA 65 -62.40 -47.93 8.46
N ASN SA 66 -62.02 -46.76 9.00
CA ASN SA 66 -62.50 -45.48 8.48
C ASN SA 66 -62.00 -45.21 7.06
N GLN SA 67 -61.14 -46.06 6.50
CA GLN SA 67 -60.70 -45.87 5.13
C GLN SA 67 -61.03 -47.03 4.19
N ARG SA 68 -61.55 -48.14 4.70
CA ARG SA 68 -61.85 -49.28 3.84
C ARG SA 68 -63.08 -48.97 3.00
N MET SA 69 -63.04 -49.35 1.72
CA MET SA 69 -64.09 -48.97 0.79
C MET SA 69 -64.36 -50.06 -0.24
N ILE SA 70 -65.61 -50.10 -0.71
CA ILE SA 70 -66.10 -51.04 -1.71
C ILE SA 70 -66.31 -50.27 -3.00
N ARG SA 71 -65.93 -50.88 -4.12
CA ARG SA 71 -66.11 -50.23 -5.42
C ARG SA 71 -66.98 -51.10 -6.32
N VAL SA 72 -67.82 -50.46 -7.12
CA VAL SA 72 -68.65 -51.15 -8.11
C VAL SA 72 -68.53 -50.39 -9.42
N ARG SA 73 -68.16 -51.09 -10.50
CA ARG SA 73 -67.97 -50.46 -11.79
C ARG SA 73 -68.85 -51.16 -12.83
N VAL SA 74 -69.75 -50.40 -13.45
CA VAL SA 74 -70.59 -50.89 -14.54
C VAL SA 74 -70.14 -50.18 -15.82
N SER SA 75 -69.86 -50.97 -16.84
CA SER SA 75 -69.30 -50.45 -18.09
C SER SA 75 -70.07 -51.02 -19.27
N THR SA 76 -70.37 -50.18 -20.26
CA THR SA 76 -71.05 -50.63 -21.48
C THR SA 76 -70.28 -50.17 -22.71
N PHE SA 77 -70.02 -51.11 -23.62
CA PHE SA 77 -69.30 -50.85 -24.86
C PHE SA 77 -70.20 -51.21 -26.04
N GLU SA 78 -70.36 -50.27 -26.96
CA GLU SA 78 -71.23 -50.45 -28.14
C GLU SA 78 -70.44 -50.17 -29.40
N PRO SA 79 -69.46 -51.00 -29.74
CA PRO SA 79 -68.64 -50.74 -30.91
C PRO SA 79 -69.46 -50.80 -32.19
N ILE SA 80 -69.17 -49.87 -33.11
CA ILE SA 80 -69.83 -49.78 -34.41
C ILE SA 80 -68.89 -50.33 -35.46
N LEU SA 81 -69.31 -51.37 -36.16
CA LEU SA 81 -68.47 -52.00 -37.17
C LEU SA 81 -68.35 -51.12 -38.40
N GLU SA 82 -67.15 -51.10 -38.98
CA GLU SA 82 -66.94 -50.36 -40.21
C GLU SA 82 -67.74 -51.02 -41.34
N VAL SA 83 -68.34 -50.20 -42.20
CA VAL SA 83 -69.03 -50.68 -43.39
C VAL SA 83 -68.05 -50.64 -44.55
N ALA SA 84 -67.94 -51.74 -45.27
CA ALA SA 84 -66.93 -51.88 -46.31
C ALA SA 84 -67.31 -51.09 -47.56
N VAL SA 85 -66.31 -50.53 -48.22
CA VAL SA 85 -66.48 -49.99 -49.55
C VAL SA 85 -65.49 -50.70 -50.46
N THR SA 86 -65.46 -50.32 -51.73
CA THR SA 86 -64.62 -51.01 -52.69
C THR SA 86 -63.15 -50.78 -52.38
N ALA SA 87 -62.42 -51.86 -52.14
CA ALA SA 87 -60.97 -51.79 -51.94
C ALA SA 87 -60.28 -51.79 -53.29
N THR SA 88 -59.38 -50.84 -53.50
CA THR SA 88 -58.80 -50.62 -54.83
C THR SA 88 -57.34 -51.04 -54.96
N TYR SA 89 -56.62 -51.17 -53.85
CA TYR SA 89 -55.22 -51.61 -53.96
C TYR SA 89 -55.14 -53.09 -54.29
N SER SA 90 -55.80 -53.94 -53.50
CA SER SA 90 -55.72 -55.38 -53.68
C SER SA 90 -57.01 -56.00 -54.22
N GLY SA 91 -58.12 -55.27 -54.23
CA GLY SA 91 -59.39 -55.85 -54.62
C GLY SA 91 -59.93 -56.86 -53.65
N ILE SA 92 -59.31 -57.00 -52.49
CA ILE SA 92 -59.70 -57.94 -51.44
C ILE SA 92 -60.35 -57.14 -50.33
N ALA SA 93 -61.64 -57.38 -50.09
CA ALA SA 93 -62.36 -56.64 -49.07
C ALA SA 93 -61.71 -56.87 -47.71
N PRO SA 94 -61.69 -55.88 -46.84
CA PRO SA 94 -60.93 -55.99 -45.59
C PRO SA 94 -61.66 -56.80 -44.55
N SER SA 95 -60.88 -57.37 -43.64
CA SER SA 95 -61.42 -58.06 -42.49
C SER SA 95 -62.36 -57.12 -41.72
N PRO SA 96 -63.36 -57.66 -41.03
CA PRO SA 96 -64.25 -56.78 -40.25
C PRO SA 96 -63.43 -56.02 -39.22
N THR SA 97 -63.54 -54.69 -39.28
CA THR SA 97 -62.76 -53.81 -38.42
C THR SA 97 -63.72 -52.90 -37.66
N VAL SA 98 -63.37 -52.61 -36.41
CA VAL SA 98 -64.19 -51.74 -35.58
C VAL SA 98 -63.89 -50.29 -35.97
N SER SA 99 -64.95 -49.54 -36.30
CA SER SA 99 -64.76 -48.17 -36.76
C SER SA 99 -64.55 -47.21 -35.58
N TYR SA 100 -65.43 -47.24 -34.59
CA TYR SA 100 -65.29 -46.41 -33.40
C TYR SA 100 -66.14 -47.03 -32.29
N VAL SA 101 -65.86 -46.63 -31.06
CA VAL SA 101 -66.57 -47.25 -29.94
C VAL SA 101 -67.14 -46.20 -28.99
N PRO SA 102 -68.45 -45.96 -29.03
CA PRO SA 102 -69.10 -45.21 -27.95
C PRO SA 102 -69.19 -46.07 -26.70
N LYS SA 103 -68.77 -45.51 -25.56
CA LYS SA 103 -68.74 -46.33 -24.35
C LYS SA 103 -69.07 -45.49 -23.13
N ALA SA 104 -69.40 -46.19 -22.05
CA ALA SA 104 -69.73 -45.53 -20.79
C ALA SA 104 -69.19 -46.34 -19.63
N PHE SA 105 -68.76 -45.62 -18.59
CA PHE SA 105 -68.08 -46.20 -17.43
C PHE SA 105 -68.62 -45.51 -16.19
N THR SA 106 -69.25 -46.27 -15.28
CA THR SA 106 -69.78 -45.73 -14.04
C THR SA 106 -69.11 -46.44 -12.86
N GLU SA 107 -68.60 -45.67 -11.91
CA GLU SA 107 -67.93 -46.19 -10.73
C GLU SA 107 -68.60 -45.64 -9.49
N PHE SA 108 -69.10 -46.54 -8.64
CA PHE SA 108 -69.60 -46.22 -7.32
C PHE SA 108 -68.49 -46.49 -6.31
N VAL SA 109 -68.21 -45.49 -5.48
CA VAL SA 109 -67.34 -45.63 -4.32
C VAL SA 109 -68.24 -45.61 -3.10
N LEU SA 110 -68.39 -46.77 -2.47
CA LEU SA 110 -69.24 -46.95 -1.30
C LEU SA 110 -68.34 -47.31 -0.14
N PRO SA 111 -68.07 -46.40 0.80
CA PRO SA 111 -67.28 -46.77 1.97
C PRO SA 111 -68.00 -47.85 2.78
N GLU SA 112 -67.21 -48.81 3.28
CA GLU SA 112 -67.80 -49.96 3.98
C GLU SA 112 -68.68 -49.50 5.13
N ARG SA 113 -68.26 -48.45 5.83
CA ARG SA 113 -69.04 -47.82 6.88
C ARG SA 113 -70.46 -47.47 6.46
N ALA SA 114 -70.73 -47.24 5.17
CA ALA SA 114 -72.01 -46.66 4.77
C ALA SA 114 -73.15 -47.66 4.96
N THR SA 115 -74.34 -47.12 5.23
CA THR SA 115 -75.52 -47.94 5.47
C THR SA 115 -76.21 -48.32 4.16
N LEU SA 116 -77.04 -49.37 4.27
CA LEU SA 116 -77.85 -49.80 3.13
C LEU SA 116 -78.64 -48.64 2.56
N ASP SA 117 -79.18 -47.78 3.42
CA ASP SA 117 -79.91 -46.61 2.93
C ASP SA 117 -79.00 -45.71 2.11
N ASN SA 118 -77.76 -45.51 2.57
CA ASN SA 118 -76.81 -44.70 1.81
C ASN SA 118 -76.56 -45.28 0.43
N ARG SA 119 -76.41 -46.61 0.36
CA ARG SA 119 -76.13 -47.25 -0.92
C ARG SA 119 -77.33 -47.17 -1.86
N LYS SA 120 -78.54 -47.41 -1.33
CA LYS SA 120 -79.74 -47.27 -2.13
C LYS SA 120 -79.90 -45.85 -2.65
N ASP SA 121 -79.60 -44.86 -1.80
CA ASP SA 121 -79.65 -43.46 -2.17
C ASP SA 121 -78.73 -43.16 -3.35
N ILE SA 122 -77.45 -43.53 -3.21
CA ILE SA 122 -76.49 -43.16 -4.25
C ILE SA 122 -76.82 -43.86 -5.56
N ARG SA 123 -77.19 -45.15 -5.50
CA ARG SA 123 -77.54 -45.87 -6.73
C ARG SA 123 -78.74 -45.23 -7.42
N LYS SA 124 -79.87 -45.10 -6.70
CA LYS SA 124 -81.07 -44.56 -7.33
C LYS SA 124 -80.83 -43.15 -7.85
N MET SA 125 -80.18 -42.30 -7.05
CA MET SA 125 -80.09 -40.90 -7.41
C MET SA 125 -79.14 -40.66 -8.57
N HIS SA 126 -78.06 -41.44 -8.66
CA HIS SA 126 -77.19 -41.32 -9.81
C HIS SA 126 -77.88 -41.85 -11.07
N ALA SA 127 -78.51 -43.04 -10.97
CA ALA SA 127 -79.21 -43.60 -12.13
C ALA SA 127 -80.27 -42.65 -12.65
N LEU SA 128 -80.88 -41.87 -11.75
CA LEU SA 128 -81.82 -40.84 -12.17
C LEU SA 128 -81.09 -39.64 -12.77
N ALA SA 129 -79.95 -39.24 -12.19
CA ALA SA 129 -79.21 -38.09 -12.69
C ALA SA 129 -78.77 -38.30 -14.13
N LEU SA 130 -78.60 -39.55 -14.54
CA LEU SA 130 -78.28 -39.83 -15.93
C LEU SA 130 -79.47 -39.67 -16.88
N THR SA 131 -80.67 -39.47 -16.35
CA THR SA 131 -81.86 -39.32 -17.18
C THR SA 131 -82.45 -37.91 -17.15
N THR SA 132 -81.79 -36.96 -16.47
CA THR SA 132 -82.26 -35.59 -16.41
C THR SA 132 -82.21 -34.95 -17.80
N SER SA 133 -83.04 -33.92 -17.98
CA SER SA 133 -83.04 -33.19 -19.25
C SER SA 133 -81.67 -32.62 -19.56
N GLU SA 134 -80.95 -32.19 -18.52
CA GLU SA 134 -79.61 -31.65 -18.70
C GLU SA 134 -78.64 -32.73 -19.20
N ALA SA 135 -78.69 -33.92 -18.60
CA ALA SA 135 -77.84 -35.02 -19.06
C ALA SA 135 -78.18 -35.42 -20.48
N ILE SA 136 -79.47 -35.44 -20.81
CA ILE SA 136 -79.89 -35.77 -22.18
C ILE SA 136 -79.35 -34.73 -23.15
N ALA SA 137 -79.43 -33.45 -22.77
CA ALA SA 137 -78.94 -32.39 -23.66
C ALA SA 137 -77.44 -32.47 -23.86
N MET SA 138 -76.68 -32.81 -22.81
CA MET SA 138 -75.23 -32.88 -22.93
C MET SA 138 -74.78 -34.07 -23.75
N ILE SA 139 -75.36 -35.25 -23.48
CA ILE SA 139 -74.87 -36.45 -24.13
C ILE SA 139 -75.42 -36.58 -25.55
N GLU SA 140 -76.70 -36.27 -25.75
CA GLU SA 140 -77.31 -36.47 -27.06
C GLU SA 140 -77.14 -35.26 -27.98
N SER SA 141 -77.38 -34.05 -27.45
CA SER SA 141 -77.37 -32.83 -28.25
C SER SA 141 -76.11 -32.02 -28.09
N LEU SA 142 -75.20 -32.41 -27.19
CA LEU SA 142 -73.89 -31.78 -27.05
C LEU SA 142 -74.01 -30.31 -26.66
N GLN SA 143 -74.86 -30.04 -25.66
CA GLN SA 143 -75.11 -28.68 -25.19
C GLN SA 143 -74.82 -28.60 -23.70
N PHE SA 144 -74.10 -27.56 -23.30
CA PHE SA 144 -73.82 -27.31 -21.90
C PHE SA 144 -74.95 -26.49 -21.28
N VAL SA 145 -74.83 -26.17 -19.99
CA VAL SA 145 -75.83 -25.36 -19.30
C VAL SA 145 -75.21 -24.01 -18.99
N TYR SA 146 -76.04 -22.96 -19.00
CA TYR SA 146 -75.51 -21.61 -18.93
C TYR SA 146 -76.33 -20.68 -18.04
N PRO TA 1 -58.81 -98.56 30.87
CA PRO TA 1 -59.45 -98.65 32.18
C PRO TA 1 -58.84 -97.70 33.20
N GLN TA 2 -59.61 -97.31 34.21
CA GLN TA 2 -59.08 -96.43 35.23
C GLN TA 2 -58.09 -97.18 36.12
N ALA TA 3 -57.08 -96.47 36.59
CA ALA TA 3 -56.01 -97.07 37.36
C ALA TA 3 -56.47 -97.38 38.77
N ALA TA 4 -56.17 -98.59 39.24
CA ALA TA 4 -56.52 -98.99 40.60
C ALA TA 4 -55.43 -99.91 41.15
N ASP TA 5 -55.59 -100.27 42.43
CA ASP TA 5 -54.60 -101.09 43.11
C ASP TA 5 -54.34 -102.39 42.35
N ILE TA 6 -53.08 -102.82 42.35
CA ILE TA 6 -52.69 -104.09 41.75
C ILE TA 6 -52.15 -104.98 42.85
N VAL TA 7 -52.78 -106.14 43.04
CA VAL TA 7 -52.40 -107.02 44.15
C VAL TA 7 -51.75 -108.27 43.59
N ILE TA 8 -50.52 -108.55 44.05
CA ILE TA 8 -49.72 -109.65 43.54
C ILE TA 8 -49.23 -110.47 44.73
N ALA TA 9 -49.31 -111.80 44.60
CA ALA TA 9 -48.97 -112.69 45.70
C ALA TA 9 -47.46 -112.88 45.84
N ASP TA 10 -47.03 -113.04 47.09
CA ASP TA 10 -45.64 -113.32 47.41
C ASP TA 10 -45.27 -114.74 46.98
N ALA TA 11 -44.00 -115.09 47.18
CA ALA TA 11 -43.54 -116.47 46.98
C ALA TA 11 -43.06 -117.08 48.29
N GLN TA 12 -43.58 -116.59 49.42
CA GLN TA 12 -43.21 -117.16 50.70
C GLN TA 12 -43.90 -118.51 50.91
N ALA TA 13 -43.47 -119.20 51.98
CA ALA TA 13 -44.13 -120.44 52.36
C ALA TA 13 -45.63 -120.24 52.48
N THR TA 14 -46.05 -119.27 53.29
CA THR TA 14 -47.41 -118.77 53.25
C THR TA 14 -47.40 -117.47 52.48
N PRO TA 15 -47.90 -117.44 51.24
CA PRO TA 15 -47.80 -116.23 50.43
C PRO TA 15 -48.46 -115.03 51.09
N VAL TA 16 -47.89 -113.86 50.82
CA VAL TA 16 -48.33 -112.58 51.38
C VAL TA 16 -48.70 -111.66 50.23
N ASN TA 17 -49.91 -111.11 50.26
CA ASN TA 17 -50.34 -110.22 49.19
C ASN TA 17 -49.63 -108.87 49.31
N HIS TA 18 -48.95 -108.46 48.24
CA HIS TA 18 -48.39 -107.13 48.14
C HIS TA 18 -49.34 -106.28 47.29
N THR TA 19 -49.71 -105.12 47.83
CA THR TA 19 -50.66 -104.22 47.16
C THR TA 19 -49.88 -103.03 46.62
N PHE TA 20 -49.84 -102.92 45.28
CA PHE TA 20 -49.19 -101.82 44.57
C PHE TA 20 -50.24 -100.74 44.32
N VAL TA 21 -50.15 -99.67 45.11
CA VAL TA 21 -51.04 -98.51 44.96
C VAL TA 21 -50.61 -97.72 43.73
N PRO TA 22 -51.54 -97.21 42.91
CA PRO TA 22 -51.12 -96.41 41.76
C PRO TA 22 -50.53 -95.09 42.19
N ILE TA 23 -49.28 -94.85 41.80
CA ILE TA 23 -48.63 -93.57 42.02
C ILE TA 23 -48.98 -92.59 40.92
N GLY TA 24 -48.99 -93.05 39.67
CA GLY TA 24 -49.36 -92.17 38.58
C GLY TA 24 -48.43 -92.28 37.40
N PRO TA 25 -48.66 -91.45 36.40
CA PRO TA 25 -47.81 -91.51 35.21
C PRO TA 25 -46.43 -90.91 35.47
N ASP TA 26 -45.46 -91.40 34.71
CA ASP TA 26 -44.08 -90.92 34.83
C ASP TA 26 -43.99 -89.48 34.35
N PRO TA 27 -43.36 -88.58 35.12
CA PRO TA 27 -43.27 -87.19 34.67
C PRO TA 27 -42.56 -87.02 33.33
N LYS TA 28 -41.53 -87.83 33.08
CA LYS TA 28 -40.76 -87.71 31.84
C LYS TA 28 -41.51 -88.30 30.65
N ASP TA 29 -42.19 -89.43 30.83
CA ASP TA 29 -42.86 -90.12 29.74
C ASP TA 29 -44.32 -90.35 30.11
N ALA TA 30 -45.24 -89.81 29.30
CA ALA TA 30 -46.66 -89.96 29.56
C ALA TA 30 -47.18 -91.36 29.23
N THR TA 31 -46.38 -92.21 28.60
CA THR TA 31 -46.82 -93.54 28.19
C THR TA 31 -46.56 -94.61 29.23
N ILE TA 32 -45.90 -94.28 30.33
CA ILE TA 32 -45.52 -95.26 31.32
C ILE TA 32 -46.13 -94.86 32.65
N TYR TA 33 -46.72 -95.83 33.35
CA TYR TA 33 -47.51 -95.59 34.56
C TYR TA 33 -46.95 -96.45 35.69
N TRP TA 34 -46.94 -95.89 36.90
CA TRP TA 34 -46.23 -96.45 38.03
C TRP TA 34 -47.19 -96.76 39.18
N TRP TA 35 -47.13 -98.00 39.65
CA TRP TA 35 -47.70 -98.47 40.92
C TRP TA 35 -46.55 -98.78 41.88
N GLU TA 36 -46.83 -98.67 43.18
CA GLU TA 36 -45.82 -98.81 44.22
C GLU TA 36 -46.36 -99.55 45.42
N ASP TA 37 -45.62 -100.56 45.86
CA ASP TA 37 -45.88 -101.27 47.11
C ASP TA 37 -45.12 -100.57 48.23
N GLN TA 38 -45.88 -99.96 49.13
CA GLN TA 38 -45.37 -99.07 50.18
C GLN TA 38 -45.29 -99.76 51.53
N SER TA 39 -45.23 -101.09 51.54
CA SER TA 39 -45.22 -101.85 52.78
C SER TA 39 -43.83 -102.08 53.35
N GLN TA 40 -42.80 -101.59 52.68
CA GLN TA 40 -41.42 -101.87 53.08
C GLN TA 40 -41.00 -100.86 54.15
N ALA TA 41 -39.72 -100.92 54.54
CA ALA TA 41 -39.24 -100.16 55.70
C ALA TA 41 -39.33 -98.66 55.47
N SER TA 42 -38.59 -98.14 54.49
CA SER TA 42 -38.62 -96.73 54.14
C SER TA 42 -38.78 -96.61 52.64
N PRO TA 43 -39.19 -95.44 52.14
CA PRO TA 43 -39.59 -95.35 50.73
C PRO TA 43 -38.53 -95.74 49.72
N ALA TA 44 -37.25 -95.73 50.11
CA ALA TA 44 -36.19 -96.14 49.19
C ALA TA 44 -36.27 -97.61 48.82
N GLY TA 45 -36.93 -98.43 49.65
CA GLY TA 45 -37.09 -99.85 49.43
C GLY TA 45 -38.47 -100.28 48.97
N TYR TA 46 -39.32 -99.32 48.60
CA TYR TA 46 -40.67 -99.63 48.12
C TYR TA 46 -40.59 -100.40 46.80
N TRP TA 47 -41.42 -101.43 46.64
CA TRP TA 47 -41.37 -102.17 45.40
C TRP TA 47 -42.20 -101.46 44.34
N ARG TA 48 -41.78 -101.55 43.09
CA ARG TA 48 -42.40 -100.75 42.05
C ARG TA 48 -42.78 -101.61 40.86
N LEU TA 49 -43.82 -101.17 40.17
CA LEU TA 49 -44.34 -101.86 38.99
C LEU TA 49 -44.71 -100.79 37.97
N SER TA 50 -44.16 -100.90 36.77
CA SER TA 50 -44.37 -99.93 35.71
C SER TA 50 -44.96 -100.63 34.49
N MET TA 51 -46.00 -100.04 33.92
CA MET TA 51 -46.59 -100.56 32.69
C MET TA 51 -46.63 -99.44 31.65
N GLN TA 52 -46.19 -99.74 30.43
CA GLN TA 52 -46.03 -98.75 29.38
C GLN TA 52 -46.64 -99.24 28.07
N LEU TA 53 -47.43 -98.38 27.44
CA LEU TA 53 -48.10 -98.67 26.17
C LEU TA 53 -47.74 -97.58 25.18
N VAL TA 54 -46.93 -97.92 24.17
CA VAL TA 54 -46.48 -96.97 23.16
C VAL TA 54 -47.20 -97.31 21.86
N ARG TA 55 -48.22 -96.52 21.55
CA ARG TA 55 -48.96 -96.54 20.30
C ARG TA 55 -48.26 -95.66 19.27
N PRO TA 56 -48.18 -96.10 18.02
CA PRO TA 56 -47.71 -95.21 16.97
C PRO TA 56 -48.74 -94.14 16.64
N ALA TA 57 -48.26 -93.06 16.03
CA ALA TA 57 -49.14 -91.92 15.77
C ALA TA 57 -50.20 -92.27 14.72
N PRO TA 58 -51.43 -91.78 14.86
CA PRO TA 58 -52.49 -92.17 13.91
C PRO TA 58 -52.18 -91.70 12.49
N ALA TA 59 -52.22 -92.64 11.55
CA ALA TA 59 -51.96 -92.34 10.15
C ALA TA 59 -52.62 -93.36 9.25
N THR TA 65 -45.07 -98.00 6.45
CA THR TA 65 -46.30 -97.98 7.26
C THR TA 65 -46.80 -99.39 7.58
N ASN TA 66 -46.19 -100.42 7.01
CA ASN TA 66 -46.37 -101.77 7.49
C ASN TA 66 -45.29 -102.15 8.50
N GLN TA 67 -44.48 -101.19 8.92
CA GLN TA 67 -43.50 -101.35 10.00
C GLN TA 67 -43.93 -100.52 11.21
N ARG TA 68 -45.22 -100.47 11.48
CA ARG TA 68 -45.76 -99.71 12.61
C ARG TA 68 -46.08 -100.70 13.70
N MET TA 69 -45.44 -100.56 14.85
CA MET TA 69 -45.55 -101.58 15.86
C MET TA 69 -45.88 -100.92 17.20
N ILE TA 70 -46.82 -101.53 17.90
CA ILE TA 70 -47.22 -101.13 19.24
C ILE TA 70 -46.32 -101.85 20.24
N ARG TA 71 -45.80 -101.13 21.21
CA ARG TA 71 -44.95 -101.75 22.22
C ARG TA 71 -45.60 -101.68 23.59
N VAL TA 72 -45.38 -102.72 24.39
CA VAL TA 72 -45.89 -102.78 25.76
C VAL TA 72 -44.77 -103.27 26.65
N ARG TA 73 -44.44 -102.53 27.70
CA ARG TA 73 -43.36 -102.89 28.62
C ARG TA 73 -43.90 -102.96 30.03
N VAL TA 74 -43.73 -104.12 30.67
CA VAL TA 74 -44.07 -104.32 32.07
C VAL TA 74 -42.78 -104.58 32.84
N SER TA 75 -42.56 -103.81 33.90
CA SER TA 75 -41.30 -103.88 34.63
C SER TA 75 -41.59 -103.92 36.13
N THR TA 76 -40.90 -104.82 36.83
CA THR TA 76 -41.06 -104.95 38.28
C THR TA 76 -39.70 -104.82 38.96
N PHE TA 77 -39.64 -103.94 39.96
CA PHE TA 77 -38.43 -103.71 40.74
C PHE TA 77 -38.71 -104.06 42.19
N GLU TA 78 -37.84 -104.87 42.80
CA GLU TA 78 -38.00 -105.31 44.19
C GLU TA 78 -36.73 -105.04 44.98
N PRO TA 79 -36.43 -103.78 45.27
CA PRO TA 79 -35.19 -103.47 46.00
C PRO TA 79 -35.23 -104.03 47.42
N ILE TA 80 -34.05 -104.43 47.89
CA ILE TA 80 -33.88 -105.00 49.23
C ILE TA 80 -33.01 -104.06 50.05
N LEU TA 81 -33.57 -103.51 51.13
CA LEU TA 81 -32.85 -102.57 51.96
C LEU TA 81 -31.90 -103.28 52.90
N GLU TA 82 -30.85 -102.56 53.32
CA GLU TA 82 -29.95 -103.06 54.33
C GLU TA 82 -30.60 -102.98 55.70
N VAL TA 83 -30.29 -103.96 56.56
CA VAL TA 83 -30.91 -104.02 57.87
C VAL TA 83 -30.37 -102.92 58.76
N ALA TA 84 -31.19 -102.48 59.72
CA ALA TA 84 -30.78 -101.43 60.65
C ALA TA 84 -29.47 -101.81 61.33
N VAL TA 85 -28.59 -100.82 61.51
CA VAL TA 85 -27.26 -101.05 62.06
C VAL TA 85 -27.30 -101.04 63.58
N THR TA 86 -26.48 -101.90 64.19
CA THR TA 86 -26.35 -101.95 65.64
C THR TA 86 -25.20 -101.10 66.13
N ALA TA 87 -24.24 -100.79 65.27
CA ALA TA 87 -23.07 -100.01 65.65
C ALA TA 87 -22.37 -99.51 64.41
N THR TA 88 -21.96 -98.25 64.43
CA THR TA 88 -21.15 -97.69 63.36
C THR TA 88 -19.94 -96.99 63.97
N TYR TA 89 -19.05 -96.49 63.11
CA TYR TA 89 -17.81 -95.93 63.63
C TYR TA 89 -18.05 -94.65 64.42
N SER TA 90 -19.06 -93.88 64.01
CA SER TA 90 -19.34 -92.59 64.62
C SER TA 90 -20.47 -92.64 65.63
N GLY TA 91 -21.29 -93.69 65.64
CA GLY TA 91 -22.41 -93.77 66.54
C GLY TA 91 -23.71 -93.23 65.99
N ILE TA 92 -23.71 -92.68 64.77
CA ILE TA 92 -24.92 -92.21 64.11
C ILE TA 92 -25.29 -93.22 63.03
N ALA TA 93 -26.53 -93.68 63.05
CA ALA TA 93 -26.96 -94.69 62.10
C ALA TA 93 -27.04 -94.09 60.70
N PRO TA 94 -26.59 -94.81 59.67
CA PRO TA 94 -26.65 -94.27 58.30
C PRO TA 94 -28.07 -94.24 57.77
N SER TA 95 -28.25 -93.40 56.75
CA SER TA 95 -29.53 -93.31 56.07
C SER TA 95 -29.90 -94.66 55.47
N PRO TA 96 -31.20 -94.95 55.33
CA PRO TA 96 -31.59 -96.23 54.71
C PRO TA 96 -31.02 -96.34 53.32
N THR TA 97 -30.30 -97.43 53.07
CA THR TA 97 -29.61 -97.64 51.81
C THR TA 97 -30.07 -98.93 51.18
N VAL TA 98 -30.01 -98.98 49.85
CA VAL TA 98 -30.45 -100.14 49.09
C VAL TA 98 -29.27 -101.08 48.93
N SER TA 99 -29.46 -102.35 49.33
CA SER TA 99 -28.38 -103.33 49.24
C SER TA 99 -28.20 -103.85 47.81
N TYR TA 100 -29.29 -104.29 47.19
CA TYR TA 100 -29.25 -104.81 45.83
C TYR TA 100 -30.68 -104.81 45.30
N VAL TA 101 -30.81 -104.89 43.98
CA VAL TA 101 -32.14 -104.80 43.38
C VAL TA 101 -32.37 -105.88 42.33
N PRO TA 102 -33.06 -106.96 42.65
CA PRO TA 102 -33.54 -107.86 41.60
C PRO TA 102 -34.70 -107.22 40.85
N LYS TA 103 -34.68 -107.37 39.52
CA LYS TA 103 -35.70 -106.70 38.73
C LYS TA 103 -36.01 -107.52 37.48
N ALA TA 104 -37.11 -107.16 36.82
CA ALA TA 104 -37.54 -107.86 35.62
C ALA TA 104 -38.18 -106.88 34.65
N PHE TA 105 -37.94 -107.11 33.36
CA PHE TA 105 -38.38 -106.21 32.30
C PHE TA 105 -38.91 -107.08 31.16
N THR TA 106 -40.19 -106.90 30.79
CA THR TA 106 -40.81 -107.66 29.71
C THR TA 106 -41.34 -106.68 28.67
N GLU TA 107 -41.06 -106.95 27.39
CA GLU TA 107 -41.48 -106.09 26.29
C GLU TA 107 -42.18 -106.93 25.24
N PHE TA 108 -43.40 -106.54 24.91
CA PHE TA 108 -44.16 -107.10 23.81
C PHE TA 108 -44.05 -106.15 22.63
N VAL TA 109 -43.71 -106.70 21.47
CA VAL TA 109 -43.72 -106.00 20.19
C VAL TA 109 -44.87 -106.57 19.39
N LEU TA 110 -45.89 -105.75 19.15
CA LEU TA 110 -47.14 -106.18 18.56
C LEU TA 110 -47.38 -105.37 17.29
N PRO TA 111 -47.15 -105.93 16.10
CA PRO TA 111 -47.40 -105.18 14.87
C PRO TA 111 -48.85 -104.73 14.79
N GLU TA 112 -49.05 -103.57 14.16
CA GLU TA 112 -50.39 -102.98 14.10
C GLU TA 112 -51.34 -103.85 13.28
N ARG TA 113 -50.82 -104.68 12.37
CA ARG TA 113 -51.66 -105.62 11.64
C ARG TA 113 -52.07 -106.83 12.47
N ALA TA 114 -51.53 -107.01 13.66
CA ALA TA 114 -51.75 -108.23 14.41
C ALA TA 114 -53.14 -108.24 15.03
N THR TA 115 -53.81 -109.39 14.94
CA THR TA 115 -55.18 -109.50 15.38
C THR TA 115 -55.25 -109.78 16.88
N LEU TA 116 -56.43 -109.52 17.44
CA LEU TA 116 -56.67 -109.77 18.86
C LEU TA 116 -56.28 -111.19 19.25
N ASP TA 117 -56.53 -112.15 18.36
CA ASP TA 117 -56.14 -113.53 18.64
C ASP TA 117 -54.62 -113.64 18.78
N ASN TA 118 -53.88 -112.98 17.88
CA ASN TA 118 -52.41 -113.01 17.96
C ASN TA 118 -51.93 -112.41 19.27
N ARG TA 119 -52.55 -111.30 19.70
CA ARG TA 119 -52.11 -110.65 20.94
C ARG TA 119 -52.40 -111.53 22.15
N LYS TA 120 -53.60 -112.13 22.19
CA LYS TA 120 -53.92 -113.05 23.28
C LYS TA 120 -52.96 -114.23 23.31
N ASP TA 121 -52.62 -114.76 22.12
CA ASP TA 121 -51.68 -115.86 22.03
C ASP TA 121 -50.32 -115.48 22.61
N ILE TA 122 -49.75 -114.37 22.16
CA ILE TA 122 -48.39 -114.01 22.58
C ILE TA 122 -48.36 -113.71 24.08
N ARG TA 123 -49.38 -113.02 24.59
CA ARG TA 123 -49.42 -112.72 26.02
C ARG TA 123 -49.50 -114.00 26.84
N LYS TA 124 -50.53 -114.82 26.59
CA LYS TA 124 -50.72 -116.04 27.38
C LYS TA 124 -49.50 -116.94 27.29
N MET TA 125 -48.94 -117.09 26.09
CA MET TA 125 -47.89 -118.07 25.88
C MET TA 125 -46.57 -117.63 26.48
N HIS TA 126 -46.26 -116.32 26.41
CA HIS TA 126 -45.04 -115.84 27.04
C HIS TA 126 -45.15 -115.92 28.57
N ALA TA 127 -46.29 -115.46 29.12
CA ALA TA 127 -46.50 -115.56 30.56
C ALA TA 127 -46.34 -117.00 31.03
N LEU TA 128 -46.87 -117.96 30.26
CA LEU TA 128 -46.67 -119.36 30.59
C LEU TA 128 -45.20 -119.76 30.47
N ALA TA 129 -44.51 -119.26 29.43
CA ALA TA 129 -43.10 -119.60 29.23
C ALA TA 129 -42.24 -119.17 30.40
N LEU TA 130 -42.69 -118.17 31.16
CA LEU TA 130 -41.98 -117.78 32.38
C LEU TA 130 -42.22 -118.73 33.55
N THR TA 131 -43.15 -119.68 33.44
CA THR TA 131 -43.47 -120.57 34.54
C THR TA 131 -43.13 -122.03 34.23
N THR TA 132 -42.47 -122.31 33.12
CA THR TA 132 -42.06 -123.66 32.78
C THR TA 132 -41.04 -124.17 33.78
N SER TA 133 -40.89 -125.50 33.83
CA SER TA 133 -39.89 -126.08 34.73
C SER TA 133 -38.50 -125.60 34.38
N GLU TA 134 -38.23 -125.43 33.08
CA GLU TA 134 -36.94 -124.90 32.64
C GLU TA 134 -36.74 -123.46 33.10
N ALA TA 135 -37.77 -122.62 32.95
CA ALA TA 135 -37.67 -121.24 33.41
C ALA TA 135 -37.45 -121.17 34.92
N ILE TA 136 -38.12 -122.04 35.68
CA ILE TA 136 -37.96 -122.01 37.12
C ILE TA 136 -36.56 -122.49 37.50
N ALA TA 137 -36.04 -123.49 36.79
CA ALA TA 137 -34.68 -123.95 37.06
C ALA TA 137 -33.65 -122.87 36.74
N MET TA 138 -33.88 -122.09 35.69
CA MET TA 138 -32.91 -121.06 35.30
C MET TA 138 -32.96 -119.87 36.24
N ILE TA 139 -34.16 -119.38 36.59
CA ILE TA 139 -34.25 -118.15 37.36
C ILE TA 139 -34.07 -118.41 38.85
N GLU TA 140 -34.60 -119.52 39.37
CA GLU TA 140 -34.53 -119.76 40.80
C GLU TA 140 -33.29 -120.56 41.20
N SER TA 141 -33.01 -121.65 40.48
CA SER TA 141 -31.90 -122.52 40.81
C SER TA 141 -30.65 -122.22 40.01
N LEU TA 142 -30.75 -121.36 39.00
CA LEU TA 142 -29.59 -120.91 38.25
C LEU TA 142 -28.92 -122.07 37.52
N GLN TA 143 -29.71 -122.81 36.75
CA GLN TA 143 -29.22 -123.96 36.01
C GLN TA 143 -29.58 -123.80 34.54
N PHE TA 144 -28.64 -124.14 33.67
CA PHE TA 144 -28.88 -124.11 32.23
C PHE TA 144 -29.37 -125.47 31.76
N VAL TA 145 -29.82 -125.54 30.50
CA VAL TA 145 -30.28 -126.78 29.90
C VAL TA 145 -29.16 -127.37 29.05
N TYR TA 146 -28.98 -128.68 29.14
CA TYR TA 146 -27.86 -129.37 28.51
C TYR TA 146 -28.30 -130.53 27.62
N PRO UA 1 -65.27 -82.84 32.44
CA PRO UA 1 -65.91 -84.16 32.41
C PRO UA 1 -64.88 -85.28 32.49
N GLN UA 2 -65.31 -86.45 32.94
CA GLN UA 2 -64.40 -87.58 33.03
C GLN UA 2 -64.25 -88.25 31.66
N ALA UA 3 -63.18 -89.02 31.52
CA ALA UA 3 -63.00 -89.81 30.30
C ALA UA 3 -64.03 -90.92 30.28
N ALA UA 4 -64.89 -90.92 29.25
CA ALA UA 4 -65.92 -91.92 29.10
C ALA UA 4 -66.02 -92.33 27.64
N ASP UA 5 -66.71 -93.44 27.40
CA ASP UA 5 -66.98 -93.88 26.04
C ASP UA 5 -67.75 -92.79 25.29
N ILE UA 6 -67.45 -92.65 24.00
CA ILE UA 6 -68.16 -91.72 23.12
C ILE UA 6 -68.80 -92.55 22.03
N VAL UA 7 -70.13 -92.47 21.90
CA VAL UA 7 -70.84 -93.32 20.95
C VAL UA 7 -71.38 -92.46 19.81
N ILE UA 8 -71.02 -92.83 18.57
CA ILE UA 8 -71.36 -92.06 17.38
C ILE UA 8 -71.96 -93.01 16.35
N ALA UA 9 -73.03 -92.57 15.70
CA ALA UA 9 -73.79 -93.41 14.78
C ALA UA 9 -73.16 -93.48 13.39
N ASP UA 10 -73.24 -94.65 12.79
CA ASP UA 10 -72.80 -94.87 11.42
C ASP UA 10 -73.74 -94.17 10.44
N ALA UA 11 -73.33 -94.12 9.17
CA ALA UA 11 -74.19 -93.62 8.10
C ALA UA 11 -74.72 -94.75 7.21
N GLN UA 12 -74.83 -95.96 7.75
CA GLN UA 12 -75.37 -97.06 6.98
C GLN UA 12 -76.89 -96.94 6.85
N ALA UA 13 -77.45 -97.80 5.98
CA ALA UA 13 -78.90 -97.86 5.84
C ALA UA 13 -79.58 -98.04 7.19
N THR UA 14 -79.16 -99.06 7.93
CA THR UA 14 -79.50 -99.17 9.33
C THR UA 14 -78.28 -98.75 10.14
N PRO UA 15 -78.27 -97.55 10.70
CA PRO UA 15 -77.05 -97.06 11.36
C PRO UA 15 -76.55 -97.99 12.44
N VAL UA 16 -75.23 -98.08 12.55
CA VAL UA 16 -74.54 -98.92 13.52
C VAL UA 16 -73.78 -98.01 14.49
N ASN UA 17 -73.98 -98.22 15.79
CA ASN UA 17 -73.30 -97.40 16.79
C ASN UA 17 -71.85 -97.83 16.91
N HIS UA 18 -70.93 -96.90 16.70
CA HIS UA 18 -69.51 -97.13 16.95
C HIS UA 18 -69.17 -96.53 18.31
N THR UA 19 -68.56 -97.34 19.18
CA THR UA 19 -68.22 -96.92 20.53
C THR UA 19 -66.72 -96.66 20.61
N PHE UA 20 -66.35 -95.40 20.86
CA PHE UA 20 -64.96 -94.97 21.00
C PHE UA 20 -64.59 -95.01 22.49
N VAL UA 21 -63.83 -96.02 22.88
CA VAL UA 21 -63.34 -96.21 24.25
C VAL UA 21 -62.16 -95.27 24.44
N PRO UA 22 -62.04 -94.58 25.56
CA PRO UA 22 -60.86 -93.71 25.76
C PRO UA 22 -59.57 -94.51 25.84
N ILE UA 23 -58.60 -94.16 24.98
CA ILE UA 23 -57.26 -94.71 25.07
C ILE UA 23 -56.45 -93.95 26.10
N GLY UA 24 -56.61 -92.63 26.14
CA GLY UA 24 -55.90 -91.86 27.13
C GLY UA 24 -55.32 -90.60 26.52
N PRO UA 25 -54.54 -89.88 27.29
CA PRO UA 25 -53.91 -88.67 26.78
C PRO UA 25 -52.81 -89.01 25.80
N ASP UA 26 -52.54 -88.03 24.94
CA ASP UA 26 -51.52 -88.20 23.91
C ASP UA 26 -50.15 -88.35 24.56
N PRO UA 27 -49.27 -89.18 24.00
CA PRO UA 27 -47.95 -89.38 24.63
C PRO UA 27 -47.10 -88.13 24.73
N LYS UA 28 -47.16 -87.29 23.71
CA LYS UA 28 -46.25 -86.18 23.58
C LYS UA 28 -46.88 -84.83 23.89
N ASP UA 29 -48.21 -84.72 23.84
CA ASP UA 29 -48.93 -83.49 24.16
C ASP UA 29 -49.98 -83.80 25.22
N ALA UA 30 -49.89 -83.11 26.35
CA ALA UA 30 -50.79 -83.31 27.48
C ALA UA 30 -52.12 -82.60 27.28
N THR UA 31 -52.33 -81.94 26.14
CA THR UA 31 -53.54 -81.16 25.90
C THR UA 31 -54.48 -81.83 24.92
N ILE UA 32 -54.16 -83.03 24.45
CA ILE UA 32 -54.98 -83.72 23.47
C ILE UA 32 -55.22 -85.14 23.97
N TYR UA 33 -56.47 -85.59 23.92
CA TYR UA 33 -56.94 -86.86 24.48
C TYR UA 33 -57.52 -87.71 23.37
N TRP UA 34 -57.44 -89.04 23.53
CA TRP UA 34 -57.67 -90.00 22.47
C TRP UA 34 -58.66 -91.08 22.89
N TRP UA 35 -59.71 -91.24 22.08
CA TRP UA 35 -60.65 -92.34 22.08
C TRP UA 35 -60.49 -93.15 20.79
N GLU UA 36 -60.89 -94.43 20.84
CA GLU UA 36 -60.66 -95.36 19.74
C GLU UA 36 -61.83 -96.34 19.62
N ASP UA 37 -62.28 -96.55 18.37
CA ASP UA 37 -63.25 -97.55 17.99
C ASP UA 37 -62.48 -98.79 17.53
N GLN UA 38 -62.49 -99.81 18.40
CA GLN UA 38 -61.68 -101.02 18.28
C GLN UA 38 -62.46 -102.18 17.69
N SER UA 39 -63.54 -101.90 16.96
CA SER UA 39 -64.40 -102.94 16.42
C SER UA 39 -63.88 -103.51 15.11
N GLN UA 40 -62.91 -102.84 14.49
CA GLN UA 40 -62.45 -103.17 13.15
C GLN UA 40 -61.61 -104.45 13.19
N ALA UA 41 -61.09 -104.85 12.02
CA ALA UA 41 -60.54 -106.20 11.88
C ALA UA 41 -59.17 -106.34 12.57
N SER UA 42 -58.31 -105.34 12.47
CA SER UA 42 -57.04 -105.28 13.17
C SER UA 42 -56.82 -103.82 13.56
N PRO UA 43 -55.93 -103.56 14.53
CA PRO UA 43 -55.74 -102.16 14.97
C PRO UA 43 -55.43 -101.18 13.84
N ALA UA 44 -54.80 -101.66 12.76
CA ALA UA 44 -54.50 -100.81 11.62
C ALA UA 44 -55.75 -100.13 11.07
N GLY UA 45 -56.90 -100.78 11.20
CA GLY UA 45 -58.16 -100.26 10.76
C GLY UA 45 -59.05 -99.67 11.82
N TYR UA 46 -58.60 -99.57 13.08
CA TYR UA 46 -59.42 -98.97 14.13
C TYR UA 46 -59.67 -97.49 13.82
N TRP UA 47 -60.81 -96.97 14.25
CA TRP UA 47 -61.12 -95.56 14.02
C TRP UA 47 -60.80 -94.74 15.26
N ARG UA 48 -60.25 -93.55 15.07
CA ARG UA 48 -59.75 -92.78 16.21
C ARG UA 48 -60.40 -91.41 16.26
N LEU UA 49 -60.56 -90.91 17.48
CA LEU UA 49 -61.13 -89.60 17.74
C LEU UA 49 -60.25 -88.90 18.77
N SER UA 50 -59.91 -87.64 18.52
CA SER UA 50 -59.00 -86.88 19.37
C SER UA 50 -59.59 -85.50 19.65
N MET UA 51 -59.52 -85.07 20.89
CA MET UA 51 -60.01 -83.74 21.28
C MET UA 51 -58.92 -83.01 22.04
N GLN UA 52 -58.70 -81.73 21.68
CA GLN UA 52 -57.60 -80.95 22.20
C GLN UA 52 -58.09 -79.56 22.63
N LEU UA 53 -57.73 -79.17 23.85
CA LEU UA 53 -58.03 -77.85 24.38
C LEU UA 53 -56.72 -77.18 24.74
N VAL UA 54 -56.43 -76.06 24.09
CA VAL UA 54 -55.21 -75.29 24.33
C VAL UA 54 -55.63 -73.94 24.89
N ARG UA 55 -55.38 -73.74 26.18
CA ARG UA 55 -55.61 -72.58 27.01
C ARG UA 55 -54.35 -71.73 27.06
N PRO UA 56 -54.48 -70.42 27.14
CA PRO UA 56 -53.30 -69.56 27.30
C PRO UA 56 -52.84 -69.51 28.75
N ALA UA 57 -51.60 -69.04 28.92
CA ALA UA 57 -51.05 -68.90 30.26
C ALA UA 57 -51.89 -67.91 31.06
N PRO UA 58 -51.99 -68.09 32.38
CA PRO UA 58 -52.92 -67.28 33.16
C PRO UA 58 -52.60 -65.79 33.04
N ALA UA 59 -53.65 -64.98 33.13
CA ALA UA 59 -53.51 -63.55 32.91
C ALA UA 59 -52.73 -62.90 34.05
N LYS UA 60 -51.91 -61.91 33.71
CA LYS UA 60 -51.17 -61.17 34.71
C LYS UA 60 -51.92 -59.91 35.12
N ALA UA 61 -51.61 -59.42 36.31
CA ALA UA 61 -52.30 -58.26 36.85
C ALA UA 61 -52.05 -57.04 35.97
N GLY UA 62 -53.12 -56.38 35.54
CA GLY UA 62 -53.00 -55.23 34.66
C GLY UA 62 -52.69 -55.55 33.21
N GLN UA 63 -52.47 -56.83 32.86
CA GLN UA 63 -52.19 -57.19 31.48
C GLN UA 63 -53.44 -57.05 30.63
N ASN UA 64 -53.25 -56.66 29.38
CA ASN UA 64 -54.35 -56.49 28.43
C ASN UA 64 -54.63 -57.83 27.76
N THR UA 65 -55.88 -58.29 27.86
CA THR UA 65 -56.22 -59.67 27.46
C THR UA 65 -56.87 -59.75 26.08
N ASN UA 66 -56.94 -58.64 25.33
CA ASN UA 66 -57.74 -58.73 24.10
C ASN UA 66 -57.07 -59.45 23.03
N GLN UA 67 -55.89 -60.03 23.27
CA GLN UA 67 -55.25 -60.83 22.24
C GLN UA 67 -55.10 -62.31 22.61
N ARG UA 68 -55.41 -62.70 23.84
CA ARG UA 68 -55.25 -64.10 24.25
C ARG UA 68 -56.41 -64.91 23.71
N MET UA 69 -56.13 -66.15 23.29
CA MET UA 69 -57.13 -66.97 22.62
C MET UA 69 -57.02 -68.42 23.03
N ILE UA 70 -58.15 -69.12 22.97
CA ILE UA 70 -58.27 -70.53 23.32
C ILE UA 70 -58.58 -71.30 22.04
N ARG UA 71 -57.94 -72.45 21.87
CA ARG UA 71 -58.16 -73.26 20.68
C ARG UA 71 -58.70 -74.63 21.07
N VAL UA 72 -59.64 -75.13 20.27
CA VAL UA 72 -60.20 -76.46 20.46
C VAL UA 72 -60.11 -77.19 19.13
N ARG UA 73 -59.55 -78.40 19.14
CA ARG UA 73 -59.39 -79.18 17.91
C ARG UA 73 -60.00 -80.56 18.11
N VAL UA 74 -60.93 -80.91 17.24
CA VAL UA 74 -61.51 -82.26 17.20
C VAL UA 74 -61.07 -82.92 15.91
N SER UA 75 -60.70 -84.19 15.99
CA SER UA 75 -60.14 -84.87 14.83
C SER UA 75 -60.64 -86.30 14.79
N THR UA 76 -61.08 -86.75 13.61
CA THR UA 76 -61.56 -88.11 13.45
C THR UA 76 -60.83 -88.77 12.28
N PHE UA 77 -60.35 -89.99 12.51
CA PHE UA 77 -59.62 -90.76 11.52
C PHE UA 77 -60.34 -92.08 11.30
N GLU UA 78 -60.67 -92.39 10.06
CA GLU UA 78 -61.42 -93.60 9.70
C GLU UA 78 -60.70 -94.38 8.62
N PRO UA 79 -59.59 -95.03 8.95
CA PRO UA 79 -58.88 -95.82 7.95
C PRO UA 79 -59.72 -96.98 7.44
N ILE UA 80 -59.57 -97.27 6.15
CA ILE UA 80 -60.28 -98.36 5.48
C ILE UA 80 -59.26 -99.41 5.08
N LEU UA 81 -59.57 -100.68 5.34
CA LEU UA 81 -58.65 -101.76 5.07
C LEU UA 81 -58.92 -102.39 3.71
N GLU UA 82 -57.96 -103.20 3.27
CA GLU UA 82 -58.06 -104.03 2.08
C GLU UA 82 -57.33 -105.33 2.36
N VAL UA 83 -57.71 -106.38 1.62
CA VAL UA 83 -57.16 -107.71 1.80
C VAL UA 83 -56.75 -108.27 0.43
N ALA UA 84 -55.67 -109.06 0.43
CA ALA UA 84 -55.16 -109.62 -0.81
C ALA UA 84 -55.92 -110.87 -1.26
N VAL UA 85 -56.57 -111.58 -0.34
CA VAL UA 85 -57.33 -112.78 -0.66
C VAL UA 85 -58.38 -112.98 0.41
N THR UA 86 -59.53 -113.54 0.03
CA THR UA 86 -60.71 -113.51 0.89
C THR UA 86 -60.98 -114.82 1.62
N ALA UA 87 -60.18 -115.85 1.43
CA ALA UA 87 -60.38 -117.13 2.11
C ALA UA 87 -59.20 -117.44 3.02
N THR UA 88 -59.30 -118.57 3.70
CA THR UA 88 -58.24 -119.06 4.57
C THR UA 88 -57.77 -120.42 4.06
N TYR UA 89 -56.45 -120.58 3.97
CA TYR UA 89 -55.83 -121.80 3.48
C TYR UA 89 -54.98 -122.40 4.59
N SER UA 90 -55.23 -123.68 4.92
CA SER UA 90 -54.37 -124.42 5.84
C SER UA 90 -54.13 -123.62 7.13
N GLY UA 91 -55.20 -123.01 7.63
CA GLY UA 91 -55.14 -122.24 8.86
C GLY UA 91 -54.50 -120.88 8.75
N ILE UA 92 -54.14 -120.41 7.55
CA ILE UA 92 -53.53 -119.10 7.38
C ILE UA 92 -54.64 -118.12 7.02
N ALA UA 93 -54.89 -117.17 7.91
CA ALA UA 93 -55.97 -116.27 7.53
C ALA UA 93 -55.44 -115.07 6.75
N PRO UA 94 -56.31 -114.45 5.95
CA PRO UA 94 -55.92 -113.21 5.29
C PRO UA 94 -55.67 -112.10 6.31
N SER UA 95 -54.59 -111.37 6.11
CA SER UA 95 -54.22 -110.28 7.02
C SER UA 95 -54.38 -108.97 6.28
N PRO UA 96 -55.31 -108.12 6.68
CA PRO UA 96 -55.57 -106.89 5.92
C PRO UA 96 -54.54 -105.81 6.21
N THR UA 97 -54.36 -104.93 5.22
CA THR UA 97 -53.55 -103.73 5.36
C THR UA 97 -54.42 -102.51 5.14
N VAL UA 98 -53.88 -101.34 5.50
CA VAL UA 98 -54.61 -100.11 5.27
C VAL UA 98 -54.58 -99.78 3.79
N SER UA 99 -55.74 -99.36 3.27
CA SER UA 99 -55.89 -99.00 1.87
C SER UA 99 -55.88 -97.50 1.65
N TYR UA 100 -56.64 -96.76 2.45
CA TYR UA 100 -56.67 -95.31 2.40
C TYR UA 100 -57.27 -94.81 3.71
N VAL UA 101 -57.03 -93.54 4.02
CA VAL UA 101 -57.54 -92.99 5.27
C VAL UA 101 -58.29 -91.69 5.05
N PRO UA 102 -59.61 -91.72 4.99
CA PRO UA 102 -60.38 -90.47 5.08
C PRO UA 102 -60.35 -89.93 6.51
N LYS UA 103 -60.26 -88.62 6.63
CA LYS UA 103 -60.15 -88.04 7.96
C LYS UA 103 -60.74 -86.64 7.95
N ALA UA 104 -60.98 -86.11 9.16
CA ALA UA 104 -61.56 -84.80 9.32
C ALA UA 104 -60.93 -84.10 10.51
N PHE UA 105 -60.74 -82.79 10.37
CA PHE UA 105 -60.05 -81.97 11.38
C PHE UA 105 -60.83 -80.68 11.53
N THR UA 106 -61.30 -80.37 12.74
CA THR UA 106 -62.04 -79.15 13.03
C THR UA 106 -61.32 -78.37 14.12
N GLU UA 107 -61.20 -77.05 13.95
CA GLU UA 107 -60.53 -76.17 14.89
C GLU UA 107 -61.42 -74.96 15.17
N PHE UA 108 -61.72 -74.76 16.45
CA PHE UA 108 -62.39 -73.57 16.95
C PHE UA 108 -61.34 -72.64 17.52
N VAL UA 109 -61.37 -71.38 17.09
CA VAL UA 109 -60.59 -70.31 17.68
C VAL UA 109 -61.56 -69.44 18.45
N LEU UA 110 -61.49 -69.51 19.77
CA LEU UA 110 -62.36 -68.79 20.69
C LEU UA 110 -61.53 -67.77 21.44
N PRO UA 111 -61.64 -66.48 21.14
CA PRO UA 111 -60.90 -65.49 21.92
C PRO UA 111 -61.35 -65.51 23.38
N GLU UA 112 -60.37 -65.39 24.28
CA GLU UA 112 -60.66 -65.56 25.70
C GLU UA 112 -61.71 -64.60 26.22
N ARG UA 113 -61.82 -63.40 25.62
CA ARG UA 113 -62.82 -62.44 26.06
C ARG UA 113 -64.24 -62.77 25.58
N ALA UA 114 -64.45 -63.88 24.89
CA ALA UA 114 -65.75 -64.13 24.30
C ALA UA 114 -66.75 -64.62 25.35
N THR UA 115 -68.02 -64.35 25.09
CA THR UA 115 -69.09 -64.74 25.98
C THR UA 115 -69.44 -66.22 25.80
N LEU UA 116 -69.96 -66.82 26.87
CA LEU UA 116 -70.56 -68.13 26.76
C LEU UA 116 -71.55 -68.17 25.59
N ASP UA 117 -72.30 -67.10 25.40
CA ASP UA 117 -73.23 -67.04 24.28
C ASP UA 117 -72.49 -67.13 22.95
N ASN UA 118 -71.39 -66.38 22.81
CA ASN UA 118 -70.61 -66.44 21.57
C ASN UA 118 -70.11 -67.86 21.31
N ARG UA 119 -69.68 -68.55 22.37
CA ARG UA 119 -69.15 -69.91 22.20
C ARG UA 119 -70.25 -70.88 21.81
N LYS UA 120 -71.42 -70.80 22.46
CA LYS UA 120 -72.54 -71.63 22.07
C LYS UA 120 -72.94 -71.37 20.63
N ASP UA 121 -72.93 -70.09 20.23
CA ASP UA 121 -73.25 -69.71 18.85
C ASP UA 121 -72.31 -70.37 17.87
N ILE UA 122 -71.00 -70.19 18.05
CA ILE UA 122 -70.05 -70.70 17.07
C ILE UA 122 -70.10 -72.22 17.01
N ARG UA 123 -70.21 -72.89 18.17
CA ARG UA 123 -70.28 -74.35 18.17
C ARG UA 123 -71.52 -74.84 17.42
N LYS UA 124 -72.71 -74.40 17.87
CA LYS UA 124 -73.94 -74.88 17.24
C LYS UA 124 -73.96 -74.57 15.75
N MET UA 125 -73.57 -73.35 15.37
CA MET UA 125 -73.75 -72.91 14.00
C MET UA 125 -72.76 -73.59 13.07
N HIS UA 126 -71.52 -73.84 13.53
CA HIS UA 126 -70.59 -74.58 12.69
C HIS UA 126 -71.03 -76.04 12.54
N ALA UA 127 -71.42 -76.68 13.65
CA ALA UA 127 -71.90 -78.06 13.57
C ALA UA 127 -73.07 -78.17 12.61
N LEU UA 128 -73.95 -77.16 12.60
CA LEU UA 128 -75.06 -77.16 11.66
C LEU UA 128 -74.56 -76.92 10.24
N ALA UA 129 -73.58 -76.04 10.06
CA ALA UA 129 -73.06 -75.76 8.72
C ALA UA 129 -72.45 -77.00 8.10
N LEU UA 130 -72.01 -77.96 8.92
CA LEU UA 130 -71.54 -79.23 8.38
C LEU UA 130 -72.66 -80.14 7.88
N THR UA 131 -73.92 -79.82 8.18
CA THR UA 131 -75.05 -80.67 7.79
C THR UA 131 -75.97 -80.01 6.78
N THR UA 132 -75.61 -78.82 6.28
CA THR UA 132 -76.43 -78.15 5.28
C THR UA 132 -76.46 -78.96 3.99
N SER UA 133 -77.50 -78.73 3.18
CA SER UA 133 -77.61 -79.44 1.91
C SER UA 133 -76.39 -79.19 1.02
N GLU UA 134 -75.85 -77.96 1.07
CA GLU UA 134 -74.64 -77.64 0.32
C GLU UA 134 -73.44 -78.43 0.83
N ALA UA 135 -73.27 -78.50 2.16
CA ALA UA 135 -72.17 -79.28 2.72
C ALA UA 135 -72.29 -80.75 2.35
N ILE UA 136 -73.51 -81.28 2.35
CA ILE UA 136 -73.70 -82.68 1.99
C ILE UA 136 -73.39 -82.89 0.51
N ALA UA 137 -73.83 -81.96 -0.35
CA ALA UA 137 -73.52 -82.07 -1.77
C ALA UA 137 -72.03 -81.98 -2.03
N MET UA 138 -71.29 -81.21 -1.24
CA MET UA 138 -69.86 -81.05 -1.49
C MET UA 138 -69.05 -82.22 -0.94
N ILE UA 139 -69.40 -82.73 0.24
CA ILE UA 139 -68.60 -83.80 0.86
C ILE UA 139 -69.00 -85.17 0.35
N GLU UA 140 -70.30 -85.43 0.22
CA GLU UA 140 -70.77 -86.75 -0.19
C GLU UA 140 -70.87 -86.88 -1.70
N SER UA 141 -71.50 -85.89 -2.35
CA SER UA 141 -71.73 -85.93 -3.79
C SER UA 141 -70.60 -85.29 -4.60
N LEU UA 142 -69.69 -84.57 -3.95
CA LEU UA 142 -68.51 -84.02 -4.62
C LEU UA 142 -68.89 -83.05 -5.73
N GLN UA 143 -69.84 -82.16 -5.44
CA GLN UA 143 -70.31 -81.15 -6.37
C GLN UA 143 -70.22 -79.78 -5.73
N PHE UA 144 -69.54 -78.85 -6.40
CA PHE UA 144 -69.42 -77.48 -5.94
C PHE UA 144 -70.71 -76.70 -6.26
N VAL UA 145 -70.77 -75.45 -5.80
CA VAL UA 145 -71.91 -74.58 -6.04
C VAL UA 145 -71.59 -73.65 -7.21
N TYR UA 146 -72.50 -73.57 -8.17
CA TYR UA 146 -72.27 -72.78 -9.39
C TYR UA 146 -73.38 -71.75 -9.62
N PRO VA 1 -54.99 -91.34 43.67
CA PRO VA 1 -56.39 -90.86 43.58
C PRO VA 1 -56.69 -90.25 42.22
N GLN VA 2 -57.75 -90.72 41.56
CA GLN VA 2 -58.08 -90.15 40.27
C GLN VA 2 -58.52 -88.70 40.44
N ALA VA 3 -58.22 -87.87 39.45
CA ALA VA 3 -58.56 -86.46 39.53
C ALA VA 3 -60.06 -86.29 39.55
N ALA VA 4 -60.54 -85.44 40.46
CA ALA VA 4 -61.96 -85.12 40.51
C ALA VA 4 -62.12 -83.69 41.02
N ASP VA 5 -63.36 -83.19 40.96
CA ASP VA 5 -63.65 -81.84 41.40
C ASP VA 5 -63.21 -81.65 42.85
N ILE VA 6 -62.67 -80.47 43.15
CA ILE VA 6 -62.27 -80.10 44.51
C ILE VA 6 -63.17 -78.96 44.96
N VAL VA 7 -63.93 -79.16 46.03
CA VAL VA 7 -64.90 -78.16 46.46
C VAL VA 7 -64.41 -77.54 47.77
N ILE VA 8 -64.28 -76.22 47.76
CA ILE VA 8 -63.74 -75.48 48.90
C ILE VA 8 -64.71 -74.35 49.25
N ALA VA 9 -64.96 -74.16 50.53
CA ALA VA 9 -65.95 -73.18 50.97
C ALA VA 9 -65.39 -71.76 50.94
N ASP VA 10 -66.26 -70.81 50.63
CA ASP VA 10 -65.92 -69.39 50.66
C ASP VA 10 -65.75 -68.92 52.11
N ALA VA 11 -65.45 -67.63 52.27
CA ALA VA 11 -65.40 -67.01 53.59
C ALA VA 11 -66.47 -65.95 53.75
N GLN VA 12 -67.58 -66.06 53.02
CA GLN VA 12 -68.63 -65.06 53.10
C GLN VA 12 -69.47 -65.27 54.36
N ALA VA 13 -70.37 -64.31 54.60
CA ALA VA 13 -71.34 -64.42 55.68
C ALA VA 13 -72.02 -65.78 55.66
N THR VA 14 -72.66 -66.10 54.55
CA THR VA 14 -73.07 -67.46 54.27
C THR VA 14 -72.05 -68.06 53.31
N PRO VA 15 -71.20 -68.98 53.75
CA PRO VA 15 -70.16 -69.52 52.87
C PRO VA 15 -70.75 -70.07 51.58
N VAL VA 16 -70.05 -69.81 50.48
CA VAL VA 16 -70.45 -70.23 49.14
C VAL VA 16 -69.42 -71.23 48.62
N ASN VA 17 -69.88 -72.41 48.20
CA ASN VA 17 -68.96 -73.44 47.74
C ASN VA 17 -68.41 -73.09 46.36
N HIS VA 18 -67.09 -73.11 46.22
CA HIS VA 18 -66.43 -72.98 44.93
C HIS VA 18 -65.97 -74.36 44.48
N THR VA 19 -66.35 -74.74 43.26
CA THR VA 19 -66.00 -76.03 42.70
C THR VA 19 -64.88 -75.85 41.68
N PHE VA 20 -63.73 -76.48 41.95
CA PHE VA 20 -62.56 -76.45 41.08
C PHE VA 20 -62.55 -77.72 40.24
N VAL VA 21 -62.90 -77.58 38.96
CA VAL VA 21 -62.89 -78.67 37.99
C VAL VA 21 -61.45 -78.89 37.56
N PRO VA 22 -60.95 -80.12 37.49
CA PRO VA 22 -59.58 -80.31 37.00
C PRO VA 22 -59.42 -79.87 35.54
N ILE VA 23 -58.40 -79.06 35.31
CA ILE VA 23 -57.94 -78.78 33.95
C ILE VA 23 -56.97 -79.85 33.48
N GLY VA 24 -56.15 -80.38 34.39
CA GLY VA 24 -55.22 -81.40 34.02
C GLY VA 24 -53.80 -81.03 34.35
N PRO VA 25 -52.84 -81.85 33.92
CA PRO VA 25 -51.44 -81.57 34.23
C PRO VA 25 -50.90 -80.44 33.37
N ASP VA 26 -49.99 -79.68 33.96
CA ASP VA 26 -49.35 -78.59 33.24
C ASP VA 26 -48.59 -79.16 32.05
N PRO VA 27 -48.83 -78.68 30.83
CA PRO VA 27 -48.06 -79.19 29.68
C PRO VA 27 -46.58 -78.92 29.81
N LYS VA 28 -46.19 -77.82 30.46
CA LYS VA 28 -44.77 -77.51 30.61
C LYS VA 28 -44.11 -78.40 31.66
N ASP VA 29 -44.82 -78.73 32.74
CA ASP VA 29 -44.29 -79.56 33.82
C ASP VA 29 -45.33 -80.60 34.20
N ALA VA 30 -45.00 -81.88 34.01
CA ALA VA 30 -45.94 -82.96 34.28
C ALA VA 30 -46.17 -83.23 35.75
N THR VA 31 -45.32 -82.71 36.64
CA THR VA 31 -45.44 -82.97 38.07
C THR VA 31 -46.38 -82.00 38.78
N ILE VA 32 -47.09 -81.16 38.05
CA ILE VA 32 -47.98 -80.19 38.67
C ILE VA 32 -49.32 -80.26 37.96
N TYR VA 33 -50.40 -80.37 38.75
CA TYR VA 33 -51.75 -80.57 38.26
C TYR VA 33 -52.61 -79.38 38.63
N TRP VA 34 -53.59 -79.08 37.78
CA TRP VA 34 -54.35 -77.83 37.84
C TRP VA 34 -55.85 -78.10 37.86
N TRP VA 35 -56.53 -77.50 38.84
CA TRP VA 35 -57.97 -77.35 38.90
C TRP VA 35 -58.33 -75.86 38.76
N GLU VA 36 -59.54 -75.58 38.30
CA GLU VA 36 -59.98 -74.23 37.97
C GLU VA 36 -61.41 -74.01 38.43
N ASP VA 37 -61.65 -72.86 39.05
CA ASP VA 37 -62.98 -72.44 39.48
C ASP VA 37 -63.55 -71.53 38.40
N GLN VA 38 -64.57 -72.01 37.69
CA GLN VA 38 -65.09 -71.30 36.51
C GLN VA 38 -66.28 -70.42 36.84
N SER VA 39 -66.47 -70.05 38.10
CA SER VA 39 -67.65 -69.29 38.51
C SER VA 39 -67.45 -67.79 38.38
N GLN VA 40 -66.29 -67.34 37.94
CA GLN VA 40 -65.98 -65.92 37.90
C GLN VA 40 -66.56 -65.29 36.62
N ALA VA 41 -66.24 -64.01 36.41
CA ALA VA 41 -66.96 -63.22 35.41
C ALA VA 41 -66.52 -63.56 33.99
N SER VA 42 -65.22 -63.78 33.78
CA SER VA 42 -64.70 -64.20 32.48
C SER VA 42 -63.44 -65.00 32.73
N PRO VA 43 -62.96 -65.78 31.76
CA PRO VA 43 -61.91 -66.77 32.06
C PRO VA 43 -60.66 -66.18 32.67
N ALA VA 44 -60.25 -64.96 32.27
CA ALA VA 44 -59.04 -64.38 32.83
C ALA VA 44 -59.08 -64.32 34.35
N GLY VA 45 -60.28 -64.22 34.93
CA GLY VA 45 -60.46 -64.15 36.37
C GLY VA 45 -60.83 -65.44 37.06
N TYR VA 46 -60.81 -66.57 36.36
CA TYR VA 46 -61.11 -67.86 36.97
C TYR VA 46 -60.07 -68.20 38.04
N TRP VA 47 -60.54 -68.55 39.24
CA TRP VA 47 -59.61 -68.94 40.29
C TRP VA 47 -59.01 -70.31 39.98
N ARG VA 48 -57.76 -70.51 40.39
CA ARG VA 48 -57.06 -71.75 40.07
C ARG VA 48 -56.38 -72.31 41.30
N LEU VA 49 -56.17 -73.62 41.27
CA LEU VA 49 -55.54 -74.36 42.34
C LEU VA 49 -54.58 -75.37 41.70
N SER VA 50 -53.37 -75.49 42.24
CA SER VA 50 -52.33 -76.33 41.67
C SER VA 50 -51.69 -77.17 42.76
N MET VA 51 -51.46 -78.45 42.45
CA MET VA 51 -50.79 -79.35 43.37
C MET VA 51 -49.65 -80.06 42.66
N GLN VA 52 -48.48 -80.07 43.29
CA GLN VA 52 -47.25 -80.57 42.67
C GLN VA 52 -46.57 -81.56 43.58
N LEU VA 53 -46.20 -82.71 43.03
CA LEU VA 53 -45.46 -83.74 43.74
C LEU VA 53 -44.20 -84.05 42.95
N VAL VA 54 -43.05 -83.79 43.58
CA VAL VA 54 -41.74 -84.01 42.97
C VAL VA 54 -41.04 -85.06 43.82
N ARG VA 55 -41.05 -86.30 43.35
CA ARG VA 55 -40.36 -87.46 43.89
C ARG VA 55 -39.01 -87.62 43.20
N PRO VA 56 -37.98 -87.98 43.95
CA PRO VA 56 -36.65 -88.09 43.36
C PRO VA 56 -36.50 -89.37 42.55
N ALA VA 57 -35.48 -89.37 41.70
CA ALA VA 57 -35.16 -90.56 40.93
C ALA VA 57 -34.91 -91.73 41.88
N PRO VA 58 -35.28 -92.95 41.50
CA PRO VA 58 -35.26 -94.06 42.46
C PRO VA 58 -33.88 -94.31 43.04
N ALA VA 59 -33.88 -94.72 44.31
CA ALA VA 59 -32.63 -95.04 44.99
C ALA VA 59 -31.91 -96.16 44.27
N LYS VA 60 -30.58 -96.06 44.20
CA LYS VA 60 -29.76 -97.04 43.52
C LYS VA 60 -29.01 -97.89 44.55
N ALA VA 61 -28.55 -99.06 44.11
CA ALA VA 61 -27.90 -100.01 45.00
C ALA VA 61 -26.62 -99.39 45.57
N GLY VA 62 -26.49 -99.44 46.89
CA GLY VA 62 -25.35 -98.87 47.56
C GLY VA 62 -25.28 -97.36 47.58
N GLN VA 63 -26.30 -96.67 47.08
CA GLN VA 63 -26.30 -95.21 47.04
C GLN VA 63 -26.63 -94.67 48.43
N ASN VA 64 -26.25 -93.41 48.66
CA ASN VA 64 -26.47 -92.76 49.95
C ASN VA 64 -27.72 -91.90 49.88
N THR VA 65 -28.64 -92.12 50.81
CA THR VA 65 -29.96 -91.52 50.75
C THR VA 65 -30.08 -90.20 51.51
N ASN VA 66 -29.08 -89.85 52.33
CA ASN VA 66 -29.28 -88.89 53.42
C ASN VA 66 -29.59 -87.49 52.90
N GLN VA 67 -29.55 -87.26 51.59
CA GLN VA 67 -29.90 -85.96 51.04
C GLN VA 67 -31.08 -85.97 50.07
N ARG VA 68 -31.59 -87.14 49.69
CA ARG VA 68 -32.67 -87.19 48.73
C ARG VA 68 -33.97 -86.75 49.40
N MET VA 69 -34.77 -85.95 48.71
CA MET VA 69 -35.95 -85.35 49.31
C MET VA 69 -37.10 -85.24 48.32
N ILE VA 70 -38.32 -85.27 48.87
CA ILE VA 70 -39.58 -85.17 48.14
C ILE VA 70 -40.18 -83.81 48.43
N ARG VA 71 -40.72 -83.15 47.41
CA ARG VA 71 -41.34 -81.86 47.60
C ARG VA 71 -42.79 -81.90 47.16
N VAL VA 72 -43.65 -81.18 47.90
CA VAL VA 72 -45.06 -81.06 47.54
C VAL VA 72 -45.44 -79.59 47.64
N ARG VA 73 -45.99 -79.03 46.56
CA ARG VA 73 -46.35 -77.61 46.53
C ARG VA 73 -47.83 -77.47 46.18
N VAL VA 74 -48.58 -76.85 47.08
CA VAL VA 74 -49.98 -76.53 46.86
C VAL VA 74 -50.11 -75.01 46.73
N SER VA 75 -50.74 -74.56 45.66
CA SER VA 75 -50.82 -73.14 45.35
C SER VA 75 -52.25 -72.77 44.99
N THR VA 76 -52.72 -71.63 45.49
CA THR VA 76 -54.07 -71.15 45.16
C THR VA 76 -54.01 -69.70 44.70
N PHE VA 77 -54.64 -69.43 43.56
CA PHE VA 77 -54.68 -68.10 42.95
C PHE VA 77 -56.13 -67.66 42.82
N GLU VA 78 -56.44 -66.49 43.35
CA GLU VA 78 -57.80 -65.94 43.34
C GLU VA 78 -57.81 -64.56 42.71
N PRO VA 79 -57.53 -64.47 41.41
CA PRO VA 79 -57.47 -63.15 40.77
C PRO VA 79 -58.83 -62.44 40.80
N ILE VA 80 -58.78 -61.14 41.04
CA ILE VA 80 -59.97 -60.29 41.11
C ILE VA 80 -60.02 -59.48 39.82
N LEU VA 81 -61.11 -59.65 39.05
CA LEU VA 81 -61.24 -58.95 37.78
C LEU VA 81 -61.51 -57.48 38.00
N GLU VA 82 -60.92 -56.65 37.14
CA GLU VA 82 -61.19 -55.22 37.21
C GLU VA 82 -62.64 -54.95 36.80
N VAL VA 83 -63.28 -54.03 37.51
CA VAL VA 83 -64.63 -53.58 37.17
C VAL VA 83 -64.52 -52.35 36.29
N ALA VA 84 -65.22 -52.37 35.16
CA ALA VA 84 -65.07 -51.33 34.16
C ALA VA 84 -65.77 -50.05 34.59
N VAL VA 85 -65.17 -48.91 34.23
CA VAL VA 85 -65.85 -47.62 34.32
C VAL VA 85 -65.85 -47.02 32.93
N THR VA 86 -66.39 -45.81 32.81
CA THR VA 86 -66.53 -45.19 31.50
C THR VA 86 -65.15 -44.85 30.93
N ALA VA 87 -64.85 -45.41 29.77
CA ALA VA 87 -63.62 -45.08 29.05
C ALA VA 87 -63.85 -43.82 28.22
N THR VA 88 -62.94 -42.85 28.36
CA THR VA 88 -63.16 -41.53 27.79
C THR VA 88 -62.28 -41.21 26.59
N TYR VA 89 -61.16 -41.92 26.41
CA TYR VA 89 -60.32 -41.64 25.25
C TYR VA 89 -60.97 -42.18 23.97
N SER VA 90 -61.33 -43.47 23.96
CA SER VA 90 -61.88 -44.10 22.76
C SER VA 90 -63.36 -44.42 22.86
N GLY VA 91 -63.94 -44.36 24.06
CA GLY VA 91 -65.33 -44.76 24.24
C GLY VA 91 -65.56 -46.24 24.08
N ILE VA 92 -64.50 -47.01 23.98
CA ILE VA 92 -64.55 -48.47 23.82
C ILE VA 92 -64.14 -49.10 25.14
N ALA VA 93 -65.07 -49.80 25.77
CA ALA VA 93 -64.80 -50.40 27.07
C ALA VA 93 -63.64 -51.39 26.94
N PRO VA 94 -62.79 -51.51 27.95
CA PRO VA 94 -61.57 -52.30 27.80
C PRO VA 94 -61.85 -53.79 27.94
N SER VA 95 -60.94 -54.56 27.34
CA SER VA 95 -60.97 -56.01 27.50
C SER VA 95 -60.92 -56.37 28.98
N PRO VA 96 -61.49 -57.52 29.37
CA PRO VA 96 -61.41 -57.91 30.78
C PRO VA 96 -59.97 -58.02 31.21
N THR VA 97 -59.61 -57.30 32.25
CA THR VA 97 -58.24 -57.23 32.74
C THR VA 97 -58.23 -57.61 34.21
N VAL VA 98 -57.18 -58.30 34.62
CA VAL VA 98 -57.03 -58.71 36.01
C VAL VA 98 -56.52 -57.53 36.81
N SER VA 99 -57.23 -57.19 37.88
CA SER VA 99 -56.86 -56.02 38.68
C SER VA 99 -55.72 -56.32 39.64
N TYR VA 100 -55.85 -57.39 40.43
CA TYR VA 100 -54.80 -57.81 41.35
C TYR VA 100 -55.04 -59.26 41.71
N VAL VA 101 -54.01 -59.92 42.23
CA VAL VA 101 -54.15 -61.34 42.53
C VAL VA 101 -53.70 -61.68 43.94
N PRO VA 102 -54.62 -61.92 44.87
CA PRO VA 102 -54.25 -62.54 46.14
C PRO VA 102 -53.92 -64.01 45.93
N LYS VA 103 -52.80 -64.45 46.46
CA LYS VA 103 -52.39 -65.83 46.19
C LYS VA 103 -51.68 -66.42 47.40
N ALA VA 104 -51.57 -67.74 47.40
CA ALA VA 104 -50.90 -68.45 48.48
C ALA VA 104 -50.13 -69.64 47.91
N PHE VA 105 -48.98 -69.92 48.53
CA PHE VA 105 -48.04 -70.93 48.06
C PHE VA 105 -47.51 -71.68 49.27
N THR VA 106 -47.77 -72.98 49.35
CA THR VA 106 -47.28 -73.82 50.45
C THR VA 106 -46.38 -74.91 49.89
N GLU VA 107 -45.19 -75.06 50.47
CA GLU VA 107 -44.23 -76.08 50.05
C GLU VA 107 -43.85 -76.94 51.26
N PHE VA 108 -44.07 -78.23 51.12
CA PHE VA 108 -43.62 -79.24 52.06
C PHE VA 108 -42.32 -79.84 51.53
N VAL VA 109 -41.29 -79.83 52.38
CA VAL VA 109 -40.05 -80.54 52.13
C VAL VA 109 -40.05 -81.76 53.05
N LEU VA 110 -40.23 -82.93 52.44
CA LEU VA 110 -40.30 -84.20 53.17
C LEU VA 110 -39.09 -85.02 52.73
N PRO VA 111 -38.06 -85.16 53.56
CA PRO VA 111 -36.94 -86.04 53.18
C PRO VA 111 -37.42 -87.47 53.03
N GLU VA 112 -36.88 -88.15 52.00
CA GLU VA 112 -37.34 -89.50 51.68
C GLU VA 112 -37.22 -90.42 52.90
N ARG VA 113 -36.14 -90.25 53.66
CA ARG VA 113 -35.94 -90.96 54.92
C ARG VA 113 -37.12 -90.88 55.89
N ALA VA 114 -37.95 -89.83 55.81
CA ALA VA 114 -38.94 -89.59 56.85
C ALA VA 114 -40.05 -90.63 56.81
N THR VA 115 -40.62 -90.92 57.99
CA THR VA 115 -41.65 -91.92 58.13
C THR VA 115 -43.04 -91.33 57.83
N LEU VA 116 -43.98 -92.25 57.55
CA LEU VA 116 -45.37 -91.86 57.35
C LEU VA 116 -45.88 -91.01 58.50
N ASP VA 117 -45.51 -91.38 59.72
CA ASP VA 117 -45.91 -90.58 60.87
C ASP VA 117 -45.36 -89.16 60.78
N ASN VA 118 -44.10 -89.02 60.37
CA ASN VA 118 -43.51 -87.70 60.19
C ASN VA 118 -44.30 -86.87 59.17
N ARG VA 119 -44.69 -87.50 58.06
CA ARG VA 119 -45.41 -86.77 57.02
C ARG VA 119 -46.80 -86.37 57.47
N LYS VA 120 -47.50 -87.28 58.16
CA LYS VA 120 -48.82 -86.96 58.71
C LYS VA 120 -48.72 -85.82 59.72
N ASP VA 121 -47.67 -85.85 60.55
CA ASP VA 121 -47.42 -84.79 61.53
C ASP VA 121 -47.27 -83.44 60.85
N ILE VA 122 -46.35 -83.35 59.88
CA ILE VA 122 -46.07 -82.06 59.29
C ILE VA 122 -47.29 -81.53 58.55
N ARG VA 123 -47.99 -82.39 57.80
CA ARG VA 123 -49.18 -81.95 57.08
C ARG VA 123 -50.25 -81.43 58.05
N LYS VA 124 -50.66 -82.26 59.01
CA LYS VA 124 -51.73 -81.85 59.92
C LYS VA 124 -51.35 -80.59 60.69
N MET VA 125 -50.11 -80.53 61.19
CA MET VA 125 -49.75 -79.46 62.11
C MET VA 125 -49.59 -78.14 61.37
N HIS VA 126 -49.08 -78.17 60.14
CA HIS VA 126 -49.03 -76.94 59.36
C HIS VA 126 -50.43 -76.47 58.97
N ALA VA 127 -51.26 -77.40 58.47
CA ALA VA 127 -52.63 -77.01 58.08
C ALA VA 127 -53.37 -76.42 59.26
N LEU VA 128 -53.07 -76.87 60.47
CA LEU VA 128 -53.65 -76.27 61.66
C LEU VA 128 -53.00 -74.92 61.97
N ALA VA 129 -51.69 -74.81 61.78
CA ALA VA 129 -51.00 -73.55 62.08
C ALA VA 129 -51.53 -72.41 61.23
N LEU VA 130 -52.06 -72.74 60.05
CA LEU VA 130 -52.69 -71.71 59.23
C LEU VA 130 -54.05 -71.25 59.74
N THR VA 131 -54.61 -71.92 60.75
CA THR VA 131 -55.91 -71.56 61.29
C THR VA 131 -55.84 -70.99 62.70
N THR VA 132 -54.64 -70.79 63.24
CA THR VA 132 -54.48 -70.22 64.57
C THR VA 132 -54.98 -68.78 64.60
N SER VA 133 -55.35 -68.32 65.80
CA SER VA 133 -55.80 -66.94 65.95
C SER VA 133 -54.73 -65.96 65.51
N GLU VA 134 -53.46 -66.31 65.73
CA GLU VA 134 -52.35 -65.46 65.31
C GLU VA 134 -52.27 -65.37 63.79
N ALA VA 135 -52.39 -66.51 63.11
CA ALA VA 135 -52.39 -66.50 61.64
C ALA VA 135 -53.58 -65.72 61.09
N ILE VA 136 -54.75 -65.88 61.72
CA ILE VA 136 -55.92 -65.13 61.29
C ILE VA 136 -55.69 -63.63 61.46
N ALA VA 137 -55.09 -63.23 62.58
CA ALA VA 137 -54.84 -61.82 62.84
C ALA VA 137 -53.83 -61.25 61.84
N MET VA 138 -52.81 -62.01 61.48
CA MET VA 138 -51.80 -61.50 60.55
C MET VA 138 -52.34 -61.40 59.14
N ILE VA 139 -53.04 -62.43 58.66
CA ILE VA 139 -53.45 -62.44 57.27
C ILE VA 139 -54.69 -61.58 57.05
N GLU VA 140 -55.66 -61.64 57.96
CA GLU VA 140 -56.91 -60.93 57.75
C GLU VA 140 -56.85 -59.50 58.28
N SER VA 141 -56.34 -59.31 59.50
CA SER VA 141 -56.34 -58.02 60.17
C SER VA 141 -54.99 -57.30 60.11
N LEU VA 142 -53.96 -57.95 59.57
CA LEU VA 142 -52.67 -57.30 59.33
C LEU VA 142 -52.02 -56.83 60.64
N GLN VA 143 -52.02 -57.70 61.64
CA GLN VA 143 -51.48 -57.41 62.96
C GLN VA 143 -50.41 -58.43 63.32
N PHE VA 144 -49.28 -57.94 63.81
CA PHE VA 144 -48.20 -58.81 64.28
C PHE VA 144 -48.44 -59.18 65.74
N VAL VA 145 -47.52 -59.97 66.31
CA VAL VA 145 -47.60 -60.36 67.71
C VAL VA 145 -46.48 -59.66 68.48
N TYR VA 146 -46.75 -59.33 69.73
CA TYR VA 146 -45.84 -58.47 70.48
C TYR VA 146 -45.66 -58.91 71.93
N PRO WA 1 -45.58 52.10 -44.11
CA PRO WA 1 -45.54 53.39 -44.80
C PRO WA 1 -44.14 53.69 -45.35
N GLN WA 2 -44.06 54.51 -46.39
CA GLN WA 2 -42.76 54.87 -46.95
C GLN WA 2 -42.02 55.81 -46.00
N ALA WA 3 -40.70 55.67 -45.97
CA ALA WA 3 -39.87 56.42 -45.05
C ALA WA 3 -39.74 57.87 -45.50
N ALA WA 4 -39.93 58.80 -44.56
CA ALA WA 4 -39.77 60.22 -44.86
C ALA WA 4 -39.18 60.92 -43.64
N ASP WA 5 -38.92 62.22 -43.81
CA ASP WA 5 -38.29 63.02 -42.75
C ASP WA 5 -39.09 62.94 -41.47
N ILE WA 6 -38.38 62.91 -40.33
CA ILE WA 6 -39.01 62.92 -39.02
C ILE WA 6 -38.57 64.20 -38.32
N VAL WA 7 -39.54 65.04 -37.95
CA VAL WA 7 -39.20 66.34 -37.37
C VAL WA 7 -39.60 66.33 -35.90
N ILE WA 8 -38.64 66.63 -35.03
CA ILE WA 8 -38.82 66.59 -33.58
C ILE WA 8 -38.35 67.90 -32.98
N ALA WA 9 -39.13 68.45 -32.06
CA ALA WA 9 -38.84 69.75 -31.49
C ALA WA 9 -37.76 69.68 -30.41
N ASP WA 10 -36.96 70.74 -30.33
CA ASP WA 10 -35.93 70.88 -29.32
C ASP WA 10 -36.57 71.13 -27.95
N ALA WA 11 -35.72 71.24 -26.93
CA ALA WA 11 -36.16 71.65 -25.59
C ALA WA 11 -35.53 72.97 -25.19
N GLN WA 12 -35.17 73.80 -26.17
CA GLN WA 12 -34.61 75.11 -25.86
C GLN WA 12 -35.70 76.05 -25.38
N ALA WA 13 -35.27 77.22 -24.90
CA ALA WA 13 -36.20 78.29 -24.53
C ALA WA 13 -37.16 78.56 -25.68
N THR WA 14 -36.61 78.87 -26.85
CA THR WA 14 -37.39 78.85 -28.08
C THR WA 14 -37.07 77.56 -28.81
N PRO WA 15 -37.98 76.58 -28.83
CA PRO WA 15 -37.66 75.28 -29.42
C PRO WA 15 -37.24 75.40 -30.88
N VAL WA 16 -36.35 74.50 -31.28
CA VAL WA 16 -35.79 74.45 -32.63
C VAL WA 16 -36.11 73.08 -33.22
N ASN WA 17 -36.70 73.07 -34.42
CA ASN WA 17 -37.05 71.81 -35.05
C ASN WA 17 -35.79 71.13 -35.59
N HIS WA 18 -35.56 69.90 -35.17
CA HIS WA 18 -34.52 69.05 -35.73
C HIS WA 18 -35.16 68.10 -36.73
N THR WA 19 -34.62 68.08 -37.94
CA THR WA 19 -35.16 67.26 -39.03
C THR WA 19 -34.23 66.06 -39.24
N PHE WA 20 -34.73 64.87 -38.95
CA PHE WA 20 -34.02 63.60 -39.12
C PHE WA 20 -34.36 63.06 -40.52
N VAL WA 21 -33.41 63.21 -41.43
CA VAL WA 21 -33.54 62.69 -42.80
C VAL WA 21 -33.38 61.18 -42.76
N PRO WA 22 -34.17 60.41 -43.52
CA PRO WA 22 -33.97 58.96 -43.51
C PRO WA 22 -32.67 58.58 -44.19
N ILE WA 23 -31.80 57.90 -43.45
CA ILE WA 23 -30.58 57.35 -44.02
C ILE WA 23 -30.82 55.99 -44.65
N GLY WA 24 -31.62 55.15 -44.01
CA GLY WA 24 -31.94 53.87 -44.59
C GLY WA 24 -31.83 52.74 -43.61
N PRO WA 25 -32.04 51.51 -44.09
CA PRO WA 25 -31.96 50.36 -43.18
C PRO WA 25 -30.53 50.04 -42.79
N ASP WA 26 -30.39 49.45 -41.61
CA ASP WA 26 -29.07 49.07 -41.09
C ASP WA 26 -28.50 47.94 -41.93
N PRO WA 27 -27.24 48.04 -42.39
CA PRO WA 27 -26.67 46.97 -43.20
C PRO WA 27 -26.65 45.62 -42.52
N LYS WA 28 -26.42 45.60 -41.20
CA LYS WA 28 -26.33 44.34 -40.48
C LYS WA 28 -27.71 43.73 -40.23
N ASP WA 29 -28.71 44.56 -39.91
CA ASP WA 29 -30.04 44.09 -39.55
C ASP WA 29 -31.08 44.79 -40.43
N ALA WA 30 -31.83 44.01 -41.19
CA ALA WA 30 -32.85 44.57 -42.08
C ALA WA 30 -34.09 45.05 -41.33
N THR WA 31 -34.20 44.77 -40.03
CA THR WA 31 -35.38 45.14 -39.26
C THR WA 31 -35.26 46.49 -38.59
N ILE WA 32 -34.12 47.15 -38.69
CA ILE WA 32 -33.89 48.41 -37.99
C ILE WA 32 -33.54 49.47 -39.03
N TYR WA 33 -34.17 50.64 -38.91
CA TYR WA 33 -34.10 51.71 -39.89
C TYR WA 33 -33.61 52.98 -39.21
N TRP WA 34 -32.78 53.76 -39.92
CA TRP WA 34 -32.04 54.87 -39.36
C TRP WA 34 -32.38 56.17 -40.05
N TRP WA 35 -32.76 57.17 -39.24
CA TRP WA 35 -32.85 58.58 -39.61
C TRP WA 35 -31.73 59.34 -38.90
N GLU WA 36 -31.31 60.45 -39.50
CA GLU WA 36 -30.16 61.21 -39.01
C GLU WA 36 -30.39 62.71 -39.15
N ASP WA 37 -30.17 63.44 -38.06
CA ASP WA 37 -30.16 64.89 -38.04
C ASP WA 37 -28.75 65.36 -38.34
N GLN WA 38 -28.59 65.99 -39.51
CA GLN WA 38 -27.31 66.36 -40.08
C GLN WA 38 -26.99 67.84 -39.89
N SER WA 39 -27.61 68.48 -38.91
CA SER WA 39 -27.44 69.90 -38.68
C SER WA 39 -26.28 70.23 -37.76
N GLN WA 40 -25.57 69.23 -37.26
CA GLN WA 40 -24.51 69.45 -36.29
C GLN WA 40 -23.21 69.80 -37.01
N ALA WA 41 -22.12 69.93 -36.25
CA ALA WA 41 -20.87 70.47 -36.78
C ALA WA 41 -20.27 69.56 -37.86
N SER WA 42 -19.91 68.34 -37.49
CA SER WA 42 -19.37 67.37 -38.43
C SER WA 42 -20.10 66.05 -38.23
N PRO WA 43 -20.03 65.14 -39.20
CA PRO WA 43 -20.91 63.96 -39.16
C PRO WA 43 -20.77 63.09 -37.93
N ALA WA 44 -19.65 63.17 -37.21
CA ALA WA 44 -19.48 62.38 -36.00
C ALA WA 44 -20.45 62.80 -34.89
N GLY WA 45 -20.97 64.01 -34.94
CA GLY WA 45 -21.92 64.54 -33.97
C GLY WA 45 -23.35 64.61 -34.45
N TYR WA 46 -23.67 64.00 -35.58
CA TYR WA 46 -25.03 63.98 -36.10
C TYR WA 46 -25.95 63.20 -35.17
N TRP WA 47 -27.15 63.73 -34.92
CA TRP WA 47 -28.05 63.01 -34.04
C TRP WA 47 -28.78 61.91 -34.80
N ARG WA 48 -29.06 60.81 -34.13
CA ARG WA 48 -29.57 59.65 -34.85
C ARG WA 48 -30.82 59.12 -34.16
N LEU WA 49 -31.68 58.50 -34.96
CA LEU WA 49 -32.94 57.93 -34.51
C LEU WA 49 -33.12 56.61 -35.24
N SER WA 50 -33.31 55.53 -34.49
CA SER WA 50 -33.45 54.20 -35.06
C SER WA 50 -34.78 53.60 -34.61
N MET WA 51 -35.51 53.02 -35.56
CA MET WA 51 -36.75 52.32 -35.26
C MET WA 51 -36.69 50.90 -35.81
N GLN WA 52 -37.06 49.92 -34.99
CA GLN WA 52 -36.90 48.51 -35.31
C GLN WA 52 -38.18 47.75 -35.02
N LEU WA 53 -38.61 46.94 -35.98
CA LEU WA 53 -39.82 46.12 -35.87
C LEU WA 53 -39.44 44.67 -36.17
N VAL WA 54 -39.46 43.83 -35.14
CA VAL WA 54 -39.11 42.42 -35.27
C VAL WA 54 -40.38 41.61 -35.15
N ARG WA 55 -40.88 41.15 -36.30
CA ARG WA 55 -41.99 40.23 -36.43
C ARG WA 55 -41.50 38.80 -36.34
N PRO WA 56 -42.21 37.93 -35.65
CA PRO WA 56 -41.87 36.50 -35.70
C PRO WA 56 -42.25 35.90 -37.05
N ALA WA 57 -41.63 34.76 -37.37
CA ALA WA 57 -41.81 34.15 -38.69
C ALA WA 57 -43.24 33.63 -38.84
N PRO WA 58 -43.84 33.75 -40.02
CA PRO WA 58 -45.25 33.31 -40.18
C PRO WA 58 -45.41 31.82 -39.95
N ALA WA 59 -46.34 31.48 -39.06
CA ALA WA 59 -46.60 30.09 -38.74
C ALA WA 59 -48.01 29.92 -38.19
N THR WA 65 -46.03 28.33 -29.26
CA THR WA 65 -46.56 29.25 -30.27
C THR WA 65 -47.50 30.31 -29.69
N ASN WA 66 -47.82 30.18 -28.40
CA ASN WA 66 -48.42 31.29 -27.67
C ASN WA 66 -47.37 32.13 -26.96
N GLN WA 67 -46.09 31.87 -27.24
CA GLN WA 67 -44.98 32.69 -26.77
C GLN WA 67 -44.33 33.41 -27.95
N ARG WA 68 -45.14 33.87 -28.90
CA ARG WA 68 -44.64 34.56 -30.09
C ARG WA 68 -44.90 36.03 -29.86
N MET WA 69 -43.85 36.83 -29.86
CA MET WA 69 -43.99 38.21 -29.47
C MET WA 69 -43.31 39.11 -30.49
N ILE WA 70 -44.01 40.17 -30.86
CA ILE WA 70 -43.49 41.20 -31.74
C ILE WA 70 -42.75 42.23 -30.91
N ARG WA 71 -41.57 42.62 -31.34
CA ARG WA 71 -40.80 43.62 -30.60
C ARG WA 71 -40.63 44.88 -31.43
N VAL WA 72 -40.65 46.03 -30.76
CA VAL WA 72 -40.45 47.33 -31.40
C VAL WA 72 -39.47 48.12 -30.54
N ARG WA 73 -38.38 48.61 -31.15
CA ARG WA 73 -37.36 49.35 -30.43
C ARG WA 73 -37.16 50.71 -31.10
N VAL WA 74 -37.33 51.77 -30.32
CA VAL WA 74 -37.07 53.13 -30.76
C VAL WA 74 -35.90 53.67 -29.94
N SER WA 75 -34.88 54.17 -30.62
CA SER WA 75 -33.64 54.59 -29.96
C SER WA 75 -33.22 55.94 -30.50
N THR WA 76 -32.84 56.86 -29.59
CA THR WA 76 -32.38 58.19 -29.98
C THR WA 76 -31.02 58.45 -29.38
N PHE WA 77 -30.08 58.87 -30.22
CA PHE WA 77 -28.72 59.21 -29.81
C PHE WA 77 -28.46 60.67 -30.13
N GLU WA 78 -27.96 61.42 -29.14
CA GLU WA 78 -27.68 62.85 -29.29
C GLU WA 78 -26.25 63.15 -28.86
N PRO WA 79 -25.26 62.74 -29.64
CA PRO WA 79 -23.87 62.98 -29.26
C PRO WA 79 -23.54 64.47 -29.25
N ILE WA 80 -22.66 64.86 -28.33
CA ILE WA 80 -22.23 66.25 -28.16
C ILE WA 80 -20.75 66.33 -28.49
N LEU WA 81 -20.41 67.10 -29.52
CA LEU WA 81 -19.02 67.21 -29.96
C LEU WA 81 -18.25 68.18 -29.06
N GLU WA 82 -16.94 68.00 -29.02
CA GLU WA 82 -16.07 68.94 -28.34
C GLU WA 82 -15.90 70.20 -29.18
N VAL WA 83 -15.79 71.34 -28.50
CA VAL WA 83 -15.69 72.62 -29.19
C VAL WA 83 -14.33 72.75 -29.86
N ALA WA 84 -14.29 73.50 -30.96
CA ALA WA 84 -13.05 73.72 -31.68
C ALA WA 84 -11.97 74.25 -30.75
N VAL WA 85 -10.74 73.76 -30.94
CA VAL WA 85 -9.62 74.09 -30.05
C VAL WA 85 -8.98 75.40 -30.48
N THR WA 86 -8.53 76.17 -29.49
CA THR WA 86 -7.81 77.41 -29.75
C THR WA 86 -6.31 77.21 -29.74
N ALA WA 87 -5.83 76.14 -29.13
CA ALA WA 87 -4.41 75.89 -29.03
C ALA WA 87 -4.19 74.44 -28.61
N THR WA 88 -3.24 73.77 -29.25
CA THR WA 88 -2.83 72.44 -28.85
C THR WA 88 -1.31 72.40 -28.72
N TYR WA 89 -0.79 71.26 -28.29
CA TYR WA 89 0.65 71.19 -28.02
C TYR WA 89 1.46 71.30 -29.30
N SER WA 90 0.93 70.77 -30.40
CA SER WA 90 1.65 70.74 -31.67
C SER WA 90 1.23 71.83 -32.63
N GLY WA 91 0.10 72.49 -32.41
CA GLY WA 91 -0.37 73.51 -33.30
C GLY WA 91 -1.30 73.02 -34.39
N ILE WA 92 -1.56 71.72 -34.47
CA ILE WA 92 -2.52 71.16 -35.41
C ILE WA 92 -3.78 70.79 -34.64
N ALA WA 93 -4.92 71.26 -35.12
CA ALA WA 93 -6.18 71.01 -34.43
C ALA WA 93 -6.56 69.53 -34.55
N PRO WA 94 -7.04 68.92 -33.47
CA PRO WA 94 -7.42 67.50 -33.53
C PRO WA 94 -8.69 67.29 -34.34
N SER WA 95 -8.86 66.05 -34.79
CA SER WA 95 -10.06 65.67 -35.51
C SER WA 95 -11.29 65.87 -34.63
N PRO WA 96 -12.45 66.13 -35.21
CA PRO WA 96 -13.66 66.30 -34.40
C PRO WA 96 -13.91 65.04 -33.58
N THR WA 97 -14.04 65.23 -32.27
CA THR WA 97 -14.20 64.12 -31.34
C THR WA 97 -15.48 64.29 -30.55
N VAL WA 98 -16.04 63.15 -30.12
CA VAL WA 98 -17.29 63.14 -29.38
C VAL WA 98 -16.97 63.24 -27.90
N SER WA 99 -17.58 64.22 -27.22
CA SER WA 99 -17.31 64.42 -25.80
C SER WA 99 -18.08 63.41 -24.95
N TYR WA 100 -19.39 63.30 -25.16
CA TYR WA 100 -20.22 62.37 -24.41
C TYR WA 100 -21.52 62.18 -25.20
N VAL WA 101 -22.25 61.12 -24.88
CA VAL WA 101 -23.45 60.81 -25.65
C VAL WA 101 -24.62 60.47 -24.75
N PRO WA 102 -25.54 61.40 -24.51
CA PRO WA 102 -26.82 61.02 -23.90
C PRO WA 102 -27.69 60.28 -24.91
N LYS WA 103 -28.34 59.22 -24.45
CA LYS WA 103 -29.11 58.41 -25.38
C LYS WA 103 -30.30 57.79 -24.66
N ALA WA 104 -31.23 57.26 -25.46
CA ALA WA 104 -32.44 56.64 -24.93
C ALA WA 104 -32.85 55.47 -25.80
N PHE WA 105 -33.36 54.43 -25.14
CA PHE WA 105 -33.70 53.16 -25.78
C PHE WA 105 -35.04 52.71 -25.21
N THR WA 106 -36.06 52.55 -26.06
CA THR WA 106 -37.38 52.10 -25.64
C THR WA 106 -37.75 50.84 -26.41
N GLU WA 107 -38.25 49.83 -25.71
CA GLU WA 107 -38.62 48.55 -26.32
C GLU WA 107 -40.03 48.18 -25.89
N PHE WA 108 -40.88 47.94 -26.87
CA PHE WA 108 -42.21 47.41 -26.68
C PHE WA 108 -42.18 45.92 -26.97
N VAL WA 109 -42.72 45.13 -26.06
CA VAL WA 109 -42.94 43.70 -26.24
C VAL WA 109 -44.44 43.51 -26.36
N LEU WA 110 -44.87 43.09 -27.54
CA LEU WA 110 -46.29 43.02 -27.89
C LEU WA 110 -46.63 41.60 -28.30
N PRO WA 111 -47.26 40.80 -27.43
CA PRO WA 111 -47.61 39.44 -27.82
C PRO WA 111 -48.50 39.43 -29.06
N GLU WA 112 -48.35 38.37 -29.85
CA GLU WA 112 -49.07 38.27 -31.12
C GLU WA 112 -50.57 38.18 -30.91
N ARG WA 113 -51.01 37.70 -29.74
CA ARG WA 113 -52.43 37.68 -29.42
C ARG WA 113 -52.98 39.04 -29.03
N ALA WA 114 -52.13 40.06 -28.86
CA ALA WA 114 -52.58 41.34 -28.31
C ALA WA 114 -53.33 42.13 -29.37
N THR WA 115 -54.46 42.72 -28.95
CA THR WA 115 -55.33 43.41 -29.89
C THR WA 115 -54.85 44.85 -30.13
N LEU WA 116 -55.35 45.43 -31.22
CA LEU WA 116 -55.01 46.80 -31.55
C LEU WA 116 -55.26 47.75 -30.39
N ASP WA 117 -56.34 47.50 -29.64
CA ASP WA 117 -56.62 48.32 -28.46
C ASP WA 117 -55.50 48.21 -27.43
N ASN WA 118 -55.00 46.99 -27.19
CA ASN WA 118 -53.91 46.79 -26.25
C ASN WA 118 -52.66 47.54 -26.71
N ARG WA 119 -52.36 47.48 -28.01
CA ARG WA 119 -51.17 48.15 -28.52
C ARG WA 119 -51.28 49.67 -28.39
N LYS WA 120 -52.45 50.22 -28.74
CA LYS WA 120 -52.68 51.65 -28.59
C LYS WA 120 -52.54 52.06 -27.12
N ASP WA 121 -53.08 51.24 -26.22
CA ASP WA 121 -52.98 51.50 -24.78
C ASP WA 121 -51.53 51.57 -24.34
N ILE WA 122 -50.75 50.53 -24.65
CA ILE WA 122 -49.38 50.48 -24.13
C ILE WA 122 -48.54 51.61 -24.71
N ARG WA 123 -48.70 51.90 -26.01
CA ARG WA 123 -47.95 53.00 -26.62
C ARG WA 123 -48.30 54.33 -25.98
N LYS WA 124 -49.59 54.70 -25.99
CA LYS WA 124 -49.99 56.00 -25.44
C LYS WA 124 -49.58 56.13 -23.98
N MET WA 125 -49.77 55.05 -23.19
CA MET WA 125 -49.58 55.16 -21.76
C MET WA 125 -48.11 55.21 -21.38
N HIS WA 126 -47.26 54.46 -22.09
CA HIS WA 126 -45.84 54.56 -21.83
C HIS WA 126 -45.29 55.92 -22.24
N ALA WA 127 -45.65 56.38 -23.44
CA ALA WA 127 -45.21 57.70 -23.88
C ALA WA 127 -45.61 58.77 -22.87
N LEU WA 128 -46.82 58.66 -22.32
CA LEU WA 128 -47.24 59.59 -21.27
C LEU WA 128 -46.40 59.40 -20.00
N ALA WA 129 -46.11 58.14 -19.65
CA ALA WA 129 -45.32 57.86 -18.45
C ALA WA 129 -43.95 58.49 -18.50
N LEU WA 130 -43.44 58.76 -19.70
CA LEU WA 130 -42.18 59.47 -19.84
C LEU WA 130 -42.31 60.98 -19.61
N THR WA 131 -43.52 61.51 -19.52
CA THR WA 131 -43.72 62.95 -19.36
C THR WA 131 -44.35 63.32 -18.02
N THR WA 132 -44.50 62.38 -17.11
CA THR WA 132 -45.04 62.66 -15.79
C THR WA 132 -44.08 63.57 -15.01
N SER WA 133 -44.62 64.23 -13.98
CA SER WA 133 -43.78 65.09 -13.15
C SER WA 133 -42.65 64.29 -12.50
N GLU WA 134 -42.95 63.05 -12.11
CA GLU WA 134 -41.93 62.18 -11.54
C GLU WA 134 -40.85 61.85 -12.57
N ALA WA 135 -41.25 61.50 -13.80
CA ALA WA 135 -40.28 61.21 -14.85
C ALA WA 135 -39.40 62.42 -15.15
N ILE WA 136 -40.00 63.62 -15.16
CA ILE WA 136 -39.23 64.81 -15.44
C ILE WA 136 -38.27 65.11 -14.30
N ALA WA 137 -38.69 64.88 -13.05
CA ALA WA 137 -37.81 65.08 -11.91
C ALA WA 137 -36.64 64.10 -11.93
N MET WA 138 -36.89 62.86 -12.38
CA MET WA 138 -35.83 61.85 -12.38
C MET WA 138 -34.84 62.09 -13.52
N ILE WA 139 -35.33 62.38 -14.73
CA ILE WA 139 -34.44 62.47 -15.88
C ILE WA 139 -33.76 63.83 -15.95
N GLU WA 140 -34.48 64.91 -15.65
CA GLU WA 140 -33.91 66.24 -15.80
C GLU WA 140 -33.23 66.74 -14.53
N SER WA 141 -33.88 66.59 -13.38
CA SER WA 141 -33.35 67.08 -12.13
C SER WA 141 -32.64 66.02 -11.31
N LEU WA 142 -32.73 64.76 -11.74
CA LEU WA 142 -31.98 63.68 -11.11
C LEU WA 142 -32.39 63.49 -9.65
N GLN WA 143 -33.69 63.33 -9.44
CA GLN WA 143 -34.26 63.16 -8.10
C GLN WA 143 -35.08 61.89 -8.07
N PHE WA 144 -34.95 61.13 -6.99
CA PHE WA 144 -35.75 59.93 -6.79
C PHE WA 144 -37.01 60.28 -6.02
N VAL WA 145 -37.94 59.31 -5.93
CA VAL WA 145 -39.18 59.48 -5.17
C VAL WA 145 -39.03 58.82 -3.81
N TYR WA 146 -39.51 59.51 -2.77
CA TYR WA 146 -39.31 59.07 -1.40
C TYR WA 146 -40.62 58.97 -0.62
N PRO XA 1 -41.74 47.10 -59.97
CA PRO XA 1 -42.88 47.84 -59.42
C PRO XA 1 -42.65 48.25 -57.98
N GLN XA 2 -43.35 49.28 -57.53
CA GLN XA 2 -43.22 49.72 -56.16
C GLN XA 2 -44.05 48.85 -55.23
N ALA XA 3 -43.72 48.89 -53.94
CA ALA XA 3 -44.52 48.19 -52.95
C ALA XA 3 -45.86 48.91 -52.80
N ALA XA 4 -46.93 48.19 -53.10
CA ALA XA 4 -48.28 48.74 -53.00
C ALA XA 4 -49.21 47.69 -52.39
N ASP XA 5 -50.39 48.16 -51.98
CA ASP XA 5 -51.42 47.24 -51.49
C ASP XA 5 -51.76 46.23 -52.57
N ILE XA 6 -52.06 45.00 -52.14
CA ILE XA 6 -52.50 43.94 -53.04
C ILE XA 6 -53.89 43.52 -52.57
N VAL XA 7 -54.88 43.61 -53.46
CA VAL XA 7 -56.25 43.34 -53.05
C VAL XA 7 -56.72 42.06 -53.72
N ILE XA 8 -57.20 41.11 -52.91
CA ILE XA 8 -57.60 39.78 -53.37
C ILE XA 8 -58.98 39.46 -52.81
N ALA XA 9 -59.83 38.89 -53.65
CA ALA XA 9 -61.22 38.66 -53.29
C ALA XA 9 -61.41 37.39 -52.47
N ASP XA 10 -62.34 37.45 -51.52
CA ASP XA 10 -62.73 36.30 -50.74
C ASP XA 10 -63.51 35.30 -51.59
N ALA XA 11 -63.75 34.12 -51.02
CA ALA XA 11 -64.60 33.12 -51.66
C ALA XA 11 -65.97 32.99 -50.96
N GLN XA 12 -66.42 34.06 -50.31
CA GLN XA 12 -67.73 34.03 -49.66
C GLN XA 12 -68.84 34.14 -50.69
N ALA XA 13 -70.07 33.92 -50.23
CA ALA XA 13 -71.24 34.10 -51.08
C ALA XA 13 -71.22 35.46 -51.74
N THR XA 14 -71.11 36.52 -50.94
CA THR XA 14 -70.79 37.84 -51.43
C THR XA 14 -69.33 38.09 -51.15
N PRO XA 15 -68.44 38.00 -52.16
CA PRO XA 15 -67.01 38.09 -51.90
C PRO XA 15 -66.63 39.38 -51.19
N VAL XA 16 -65.65 39.26 -50.30
CA VAL XA 16 -65.13 40.38 -49.50
C VAL XA 16 -63.67 40.62 -49.92
N ASN XA 17 -63.35 41.87 -50.23
CA ASN XA 17 -61.99 42.20 -50.64
C ASN XA 17 -61.08 42.25 -49.42
N HIS XA 18 -60.02 41.44 -49.43
CA HIS XA 18 -58.97 41.50 -48.43
C HIS XA 18 -57.81 42.32 -48.99
N THR XA 19 -57.39 43.34 -48.24
CA THR XA 19 -56.32 44.22 -48.68
C THR XA 19 -55.04 43.89 -47.91
N PHE XA 20 -54.03 43.44 -48.64
CA PHE XA 20 -52.72 43.09 -48.09
C PHE XA 20 -51.80 44.30 -48.22
N VAL XA 21 -51.57 44.98 -47.10
CA VAL XA 21 -50.71 46.15 -47.00
C VAL XA 21 -49.28 45.64 -46.96
N PRO XA 22 -48.32 46.25 -47.66
CA PRO XA 22 -46.93 45.78 -47.59
C PRO XA 22 -46.34 45.99 -46.19
N ILE XA 23 -45.84 44.91 -45.60
CA ILE XA 23 -45.08 44.99 -44.36
C ILE XA 23 -43.64 45.36 -44.65
N GLY XA 24 -43.07 44.79 -45.71
CA GLY XA 24 -41.72 45.13 -46.06
C GLY XA 24 -40.92 43.90 -46.42
N PRO XA 25 -39.64 44.07 -46.64
CA PRO XA 25 -38.79 42.93 -46.96
C PRO XA 25 -38.59 42.03 -45.75
N ASP XA 26 -38.28 40.79 -46.06
CA ASP XA 26 -38.06 39.79 -45.02
C ASP XA 26 -36.84 40.17 -44.18
N PRO XA 27 -36.85 39.92 -42.87
CA PRO XA 27 -35.70 40.31 -42.03
C PRO XA 27 -34.40 39.63 -42.42
N LYS XA 28 -34.48 38.36 -42.79
CA LYS XA 28 -33.29 37.54 -42.96
C LYS XA 28 -32.95 37.28 -44.43
N ASP XA 29 -33.89 37.44 -45.35
CA ASP XA 29 -33.66 37.26 -46.78
C ASP XA 29 -34.12 38.51 -47.51
N ALA XA 30 -33.20 39.13 -48.25
CA ALA XA 30 -33.47 40.36 -48.97
C ALA XA 30 -34.18 40.11 -50.29
N THR XA 31 -34.51 38.84 -50.61
CA THR XA 31 -35.13 38.50 -51.88
C THR XA 31 -36.59 38.14 -51.75
N ILE XA 32 -37.17 38.27 -50.56
CA ILE XA 32 -38.56 37.92 -50.33
C ILE XA 32 -39.23 39.07 -49.60
N TYR XA 33 -40.40 39.48 -50.09
CA TYR XA 33 -41.13 40.65 -49.62
C TYR XA 33 -42.50 40.22 -49.10
N TRP XA 34 -43.03 40.99 -48.14
CA TRP XA 34 -44.17 40.58 -47.32
C TRP XA 34 -45.26 41.64 -47.30
N TRP XA 35 -46.47 41.22 -47.66
CA TRP XA 35 -47.73 41.93 -47.46
C TRP XA 35 -48.59 41.18 -46.44
N GLU XA 36 -49.51 41.92 -45.81
CA GLU XA 36 -50.30 41.38 -44.70
C GLU XA 36 -51.71 41.96 -44.72
N ASP XA 37 -52.70 41.08 -44.54
CA ASP XA 37 -54.11 41.43 -44.34
C ASP XA 37 -54.36 41.48 -42.84
N GLN XA 38 -54.49 42.71 -42.34
CA GLN XA 38 -54.56 43.04 -40.93
C GLN XA 38 -55.98 43.24 -40.43
N SER XA 39 -56.96 42.68 -41.14
CA SER XA 39 -58.37 42.88 -40.82
C SER XA 39 -58.85 41.94 -39.72
N GLN XA 40 -58.07 40.90 -39.43
CA GLN XA 40 -58.49 39.83 -38.54
C GLN XA 40 -58.51 40.32 -37.09
N ALA XA 41 -58.84 39.41 -36.16
CA ALA XA 41 -59.17 39.84 -34.80
C ALA XA 41 -57.93 40.24 -33.99
N SER XA 42 -56.84 39.51 -34.14
CA SER XA 42 -55.55 39.84 -33.54
C SER XA 42 -54.48 39.43 -34.54
N PRO XA 43 -53.26 39.97 -34.41
CA PRO XA 43 -52.22 39.64 -35.40
C PRO XA 43 -52.00 38.14 -35.60
N ALA XA 44 -52.26 37.33 -34.57
CA ALA XA 44 -52.11 35.88 -34.69
C ALA XA 44 -52.93 35.32 -35.85
N GLY XA 45 -54.06 35.97 -36.15
CA GLY XA 45 -54.93 35.57 -37.23
C GLY XA 45 -54.81 36.37 -38.51
N TYR XA 46 -53.87 37.31 -38.60
CA TYR XA 46 -53.70 38.07 -39.84
C TYR XA 46 -53.28 37.14 -40.98
N TRP XA 47 -53.66 37.49 -42.21
CA TRP XA 47 -53.28 36.67 -43.36
C TRP XA 47 -52.08 37.28 -44.07
N ARG XA 48 -51.16 36.43 -44.52
CA ARG XA 48 -49.90 36.95 -45.03
C ARG XA 48 -49.66 36.45 -46.45
N LEU XA 49 -48.98 37.29 -47.23
CA LEU XA 49 -48.62 36.98 -48.61
C LEU XA 49 -47.16 37.37 -48.81
N SER XA 50 -46.39 36.48 -49.42
CA SER XA 50 -44.95 36.68 -49.61
C SER XA 50 -44.57 36.35 -51.04
N MET XA 51 -43.74 37.21 -51.64
CA MET XA 51 -43.27 36.99 -53.00
C MET XA 51 -41.75 37.08 -53.03
N GLN XA 52 -41.11 36.12 -53.71
CA GLN XA 52 -39.65 35.98 -53.70
C GLN XA 52 -39.13 35.78 -55.11
N LEU XA 53 -38.13 36.57 -55.48
CA LEU XA 53 -37.45 36.44 -56.76
C LEU XA 53 -35.97 36.18 -56.49
N VAL XA 54 -35.49 35.03 -56.94
CA VAL XA 54 -34.08 34.64 -56.76
C VAL XA 54 -33.46 34.55 -58.14
N ARG XA 55 -32.62 35.51 -58.45
CA ARG XA 55 -31.83 35.70 -59.66
C ARG XA 55 -30.45 35.10 -59.47
N PRO XA 56 -29.84 34.56 -60.52
CA PRO XA 56 -28.47 34.07 -60.42
C PRO XA 56 -27.45 35.20 -60.52
N ALA XA 57 -26.22 34.89 -60.12
CA ALA XA 57 -25.15 35.87 -60.20
C ALA XA 57 -24.91 36.24 -61.66
N PRO XA 58 -24.49 37.47 -61.93
CA PRO XA 58 -24.42 37.92 -63.33
C PRO XA 58 -23.48 37.05 -64.16
N ALA XA 59 -23.81 36.93 -65.43
CA ALA XA 59 -23.09 36.02 -66.32
C ALA XA 59 -21.67 36.54 -66.57
N LYS XA 60 -20.73 35.62 -66.66
CA LYS XA 60 -19.35 35.98 -66.98
C LYS XA 60 -19.09 35.87 -68.47
N ALA XA 61 -18.08 36.59 -68.93
CA ALA XA 61 -17.77 36.63 -70.36
C ALA XA 61 -17.35 35.25 -70.83
N GLY XA 62 -18.00 34.76 -71.88
CA GLY XA 62 -17.73 33.44 -72.40
C GLY XA 62 -18.32 32.29 -71.60
N GLN XA 63 -18.94 32.56 -70.46
CA GLN XA 63 -19.53 31.50 -69.65
C GLN XA 63 -20.77 30.93 -70.34
N ASN XA 64 -20.98 29.63 -70.17
CA ASN XA 64 -22.13 28.95 -70.75
C ASN XA 64 -23.32 29.07 -69.80
N THR XA 65 -24.43 29.62 -70.30
CA THR XA 65 -25.55 29.99 -69.43
C THR XA 65 -26.69 28.98 -69.44
N ASN XA 66 -26.51 27.82 -70.07
CA ASN XA 66 -27.71 26.96 -70.21
C ASN XA 66 -28.04 26.26 -68.98
N GLN XA 67 -27.35 26.53 -67.85
CA GLN XA 67 -27.74 25.91 -66.60
C GLN XA 67 -28.22 26.90 -65.54
N ARG XA 68 -28.11 28.21 -65.78
CA ARG XA 68 -28.49 29.19 -64.79
C ARG XA 68 -30.02 29.34 -64.81
N MET XA 69 -30.62 29.53 -63.64
CA MET XA 69 -32.07 29.54 -63.53
C MET XA 69 -32.53 30.57 -62.51
N ILE XA 70 -33.76 31.06 -62.72
CA ILE XA 70 -34.41 32.07 -61.88
C ILE XA 70 -35.59 31.40 -61.20
N ARG XA 71 -35.77 31.69 -59.93
CA ARG XA 71 -36.88 31.09 -59.17
C ARG XA 71 -37.79 32.18 -58.64
N VAL XA 72 -39.10 31.92 -58.68
CA VAL XA 72 -40.10 32.83 -58.14
C VAL XA 72 -40.99 32.02 -57.21
N ARG XA 73 -41.19 32.50 -55.98
CA ARG XA 73 -42.00 31.79 -55.00
C ARG XA 73 -43.06 32.75 -54.45
N VAL XA 74 -44.32 32.35 -54.58
CA VAL XA 74 -45.44 33.07 -53.98
C VAL XA 74 -46.03 32.19 -52.89
N SER XA 75 -46.36 32.80 -51.75
CA SER XA 75 -46.80 32.03 -50.60
C SER XA 75 -47.90 32.78 -49.89
N THR XA 76 -48.99 32.07 -49.55
CA THR XA 76 -50.11 32.67 -48.83
C THR XA 76 -50.41 31.85 -47.59
N PHE XA 77 -50.58 32.54 -46.47
CA PHE XA 77 -50.87 31.93 -45.18
C PHE XA 77 -52.17 32.52 -44.64
N GLU XA 78 -53.12 31.66 -44.31
CA GLU XA 78 -54.45 32.08 -43.84
C GLU XA 78 -54.79 31.38 -42.53
N PRO XA 79 -54.15 31.78 -41.43
CA PRO XA 79 -54.47 31.17 -40.14
C PRO XA 79 -55.91 31.45 -39.72
N ILE XA 80 -56.52 30.45 -39.09
CA ILE XA 80 -57.89 30.54 -38.58
C ILE XA 80 -57.84 30.51 -37.06
N LEU XA 81 -58.59 31.40 -36.43
CA LEU XA 81 -58.58 31.52 -34.99
C LEU XA 81 -59.71 30.70 -34.35
N GLU XA 82 -59.59 30.53 -33.04
CA GLU XA 82 -60.62 29.93 -32.19
C GLU XA 82 -60.61 30.66 -30.87
N VAL XA 83 -61.75 30.60 -30.18
CA VAL XA 83 -61.94 31.30 -28.90
C VAL XA 83 -62.52 30.31 -27.89
N ALA XA 84 -62.13 30.48 -26.63
CA ALA XA 84 -62.59 29.59 -25.56
C ALA XA 84 -63.98 29.95 -25.04
N VAL XA 85 -64.41 31.21 -25.19
CA VAL XA 85 -65.72 31.66 -24.74
C VAL XA 85 -66.12 32.87 -25.56
N THR XA 86 -67.41 33.03 -25.80
CA THR XA 86 -67.91 33.97 -26.80
C THR XA 86 -68.43 35.28 -26.23
N ALA XA 87 -68.44 35.47 -24.92
CA ALA XA 87 -68.94 36.69 -24.31
C ALA XA 87 -67.82 37.40 -23.57
N THR XA 88 -68.16 38.55 -22.99
CA THR XA 88 -67.23 39.32 -22.20
C THR XA 88 -67.80 39.45 -20.78
N TYR XA 89 -66.95 39.21 -19.79
CA TYR XA 89 -67.32 39.26 -18.38
C TYR XA 89 -66.51 40.34 -17.69
N SER XA 90 -67.19 41.28 -17.02
CA SER XA 90 -66.51 42.27 -16.18
C SER XA 90 -65.35 42.94 -16.93
N GLY XA 91 -65.61 43.27 -18.20
CA GLY XA 91 -64.63 43.95 -19.02
C GLY XA 91 -63.52 43.08 -19.57
N ILE XA 92 -63.56 41.76 -19.35
CA ILE XA 92 -62.52 40.87 -19.85
C ILE XA 92 -63.00 40.30 -21.17
N ALA XA 93 -62.31 40.66 -22.25
CA ALA XA 93 -62.83 40.09 -23.49
C ALA XA 93 -62.18 38.75 -23.80
N PRO XA 94 -62.86 37.93 -24.60
CA PRO XA 94 -62.24 36.70 -25.07
C PRO XA 94 -61.05 36.99 -25.97
N SER XA 95 -59.96 36.26 -25.75
CA SER XA 95 -58.74 36.44 -26.52
C SER XA 95 -58.52 35.21 -27.37
N PRO XA 96 -58.61 35.32 -28.69
CA PRO XA 96 -58.51 34.14 -29.54
C PRO XA 96 -57.08 33.67 -29.72
N THR XA 97 -56.93 32.36 -29.98
CA THR XA 97 -55.67 31.76 -30.35
C THR XA 97 -55.79 31.15 -31.74
N VAL XA 98 -54.65 30.79 -32.31
CA VAL XA 98 -54.67 30.14 -33.61
C VAL XA 98 -55.14 28.70 -33.45
N SER XA 99 -56.01 28.27 -34.35
CA SER XA 99 -56.56 26.93 -34.34
C SER XA 99 -55.90 26.01 -35.35
N TYR XA 100 -55.73 26.49 -36.59
CA TYR XA 100 -55.04 25.75 -37.64
C TYR XA 100 -54.65 26.75 -38.73
N VAL XA 101 -53.70 26.35 -39.56
CA VAL XA 101 -53.25 27.27 -40.60
C VAL XA 101 -53.23 26.58 -41.97
N PRO XA 102 -54.25 26.80 -42.79
CA PRO XA 102 -54.15 26.42 -44.21
C PRO XA 102 -53.23 27.38 -44.93
N LYS XA 103 -52.43 26.84 -45.86
CA LYS XA 103 -51.47 27.67 -46.55
C LYS XA 103 -51.20 27.10 -47.93
N ALA XA 104 -50.58 27.93 -48.78
CA ALA XA 104 -50.27 27.54 -50.14
C ALA XA 104 -48.92 28.11 -50.54
N PHE XA 105 -48.18 27.33 -51.32
CA PHE XA 105 -46.81 27.66 -51.72
C PHE XA 105 -46.67 27.31 -53.19
N THR XA 106 -46.33 28.30 -54.04
CA THR XA 106 -46.12 28.10 -55.47
C THR XA 106 -44.71 28.53 -55.85
N GLU XA 107 -44.04 27.71 -56.67
CA GLU XA 107 -42.67 27.97 -57.11
C GLU XA 107 -42.59 27.81 -58.62
N PHE XA 108 -42.15 28.86 -59.29
CA PHE XA 108 -41.81 28.84 -60.71
C PHE XA 108 -40.31 28.69 -60.84
N VAL XA 109 -39.90 27.72 -61.65
CA VAL XA 109 -38.52 27.56 -62.07
C VAL XA 109 -38.44 27.99 -63.53
N LEU XA 110 -37.84 29.14 -63.77
CA LEU XA 110 -37.72 29.74 -65.09
C LEU XA 110 -36.25 29.75 -65.49
N PRO XA 111 -35.82 28.88 -66.39
CA PRO XA 111 -34.43 28.93 -66.83
C PRO XA 111 -34.12 30.27 -67.49
N GLU XA 112 -32.93 30.81 -67.19
CA GLU XA 112 -32.59 32.17 -67.61
C GLU XA 112 -32.66 32.33 -69.12
N ARG XA 113 -32.41 31.28 -69.89
CA ARG XA 113 -32.46 31.37 -71.34
C ARG XA 113 -33.88 31.39 -71.90
N ALA XA 114 -34.91 31.37 -71.06
CA ALA XA 114 -36.27 31.22 -71.57
C ALA XA 114 -36.78 32.54 -72.14
N THR XA 115 -37.70 32.43 -73.09
CA THR XA 115 -38.29 33.60 -73.73
C THR XA 115 -39.38 34.20 -72.85
N LEU XA 116 -39.59 35.51 -73.03
CA LEU XA 116 -40.76 36.16 -72.45
C LEU XA 116 -42.02 35.38 -72.76
N ASP XA 117 -42.11 34.81 -73.97
CA ASP XA 117 -43.27 34.01 -74.31
C ASP XA 117 -43.36 32.77 -73.43
N ASN XA 118 -42.24 32.10 -73.21
CA ASN XA 118 -42.23 30.92 -72.33
C ASN XA 118 -42.70 31.28 -70.93
N ARG XA 119 -42.26 32.44 -70.43
CA ARG XA 119 -42.63 32.84 -69.08
C ARG XA 119 -44.12 33.18 -68.99
N LYS XA 120 -44.64 33.92 -69.97
CA LYS XA 120 -46.07 34.21 -70.00
C LYS XA 120 -46.87 32.92 -70.07
N ASP XA 121 -46.40 31.95 -70.88
CA ASP XA 121 -47.05 30.66 -71.00
C ASP XA 121 -47.13 29.95 -69.66
N ILE XA 122 -45.99 29.78 -68.99
CA ILE XA 122 -45.98 29.00 -67.75
C ILE XA 122 -46.81 29.69 -66.68
N ARG XA 123 -46.71 31.02 -66.57
CA ARG XA 123 -47.50 31.75 -65.58
C ARG XA 123 -49.00 31.57 -65.83
N LYS XA 124 -49.46 31.96 -67.02
CA LYS XA 124 -50.89 31.88 -67.31
C LYS XA 124 -51.41 30.47 -67.16
N MET XA 125 -50.68 29.48 -67.69
CA MET XA 125 -51.20 28.14 -67.76
C MET XA 125 -51.22 27.48 -66.39
N HIS XA 126 -50.23 27.75 -65.53
CA HIS XA 126 -50.29 27.22 -64.18
C HIS XA 126 -51.42 27.87 -63.39
N ALA XA 127 -51.53 29.21 -63.46
CA ALA XA 127 -52.62 29.89 -62.76
C ALA XA 127 -53.97 29.34 -63.18
N LEU XA 128 -54.11 29.02 -64.47
CA LEU XA 128 -55.34 28.41 -64.95
C LEU XA 128 -55.51 26.98 -64.43
N ALA XA 129 -54.40 26.23 -64.37
CA ALA XA 129 -54.47 24.85 -63.89
C ALA XA 129 -54.93 24.80 -62.45
N LEU XA 130 -54.73 25.87 -61.69
CA LEU XA 130 -55.26 25.94 -60.33
C LEU XA 130 -56.77 26.16 -60.28
N THR XA 131 -57.40 26.50 -61.40
CA THR XA 131 -58.84 26.78 -61.42
C THR XA 131 -59.64 25.77 -62.22
N THR XA 132 -59.00 24.71 -62.72
CA THR XA 132 -59.70 23.68 -63.47
C THR XA 132 -60.71 22.97 -62.57
N SER XA 133 -61.73 22.36 -63.19
CA SER XA 133 -62.73 21.63 -62.42
C SER XA 133 -62.11 20.53 -61.60
N GLU XA 134 -61.06 19.88 -62.12
CA GLU XA 134 -60.35 18.86 -61.38
C GLU XA 134 -59.61 19.46 -60.17
N ALA XA 135 -58.94 20.59 -60.36
CA ALA XA 135 -58.27 21.24 -59.23
C ALA XA 135 -59.27 21.64 -58.16
N ILE XA 136 -60.44 22.13 -58.57
CA ILE XA 136 -61.45 22.53 -57.60
C ILE XA 136 -61.99 21.31 -56.86
N ALA XA 137 -62.21 20.20 -57.58
CA ALA XA 137 -62.68 18.98 -56.94
C ALA XA 137 -61.64 18.43 -55.96
N MET XA 138 -60.36 18.61 -56.25
CA MET XA 138 -59.34 18.05 -55.37
C MET XA 138 -59.08 18.93 -54.15
N ILE XA 139 -59.06 20.25 -54.32
CA ILE XA 139 -58.74 21.14 -53.20
C ILE XA 139 -59.96 21.44 -52.34
N GLU XA 140 -61.12 21.71 -52.97
CA GLU XA 140 -62.30 22.08 -52.22
C GLU XA 140 -63.12 20.85 -51.80
N SER XA 141 -63.37 19.94 -52.74
CA SER XA 141 -64.20 18.77 -52.49
C SER XA 141 -63.40 17.56 -52.01
N LEU XA 142 -62.07 17.59 -52.09
CA LEU XA 142 -61.22 16.53 -51.56
C LEU XA 142 -61.51 15.18 -52.22
N GLN XA 143 -61.64 15.19 -53.54
CA GLN XA 143 -61.90 13.99 -54.32
C GLN XA 143 -60.84 13.87 -55.42
N PHE XA 144 -60.18 12.73 -55.46
CA PHE XA 144 -59.19 12.44 -56.49
C PHE XA 144 -59.88 12.02 -57.80
N VAL XA 145 -59.10 11.84 -58.85
CA VAL XA 145 -59.60 11.42 -60.16
C VAL XA 145 -59.42 9.91 -60.31
N TYR XA 146 -60.48 9.22 -60.70
CA TYR XA 146 -60.46 7.76 -60.81
C TYR XA 146 -60.86 7.27 -62.20
N PRO YA 1 -33.42 58.88 -50.16
CA PRO YA 1 -34.24 58.84 -51.37
C PRO YA 1 -34.76 57.44 -51.65
N GLN YA 2 -36.08 57.28 -51.83
CA GLN YA 2 -36.62 55.97 -52.12
C GLN YA 2 -36.13 55.51 -53.48
N ALA YA 3 -35.93 54.20 -53.62
CA ALA YA 3 -35.43 53.66 -54.88
C ALA YA 3 -36.45 53.88 -55.98
N ALA YA 4 -35.97 54.33 -57.14
CA ALA YA 4 -36.84 54.49 -58.30
C ALA YA 4 -36.01 54.27 -59.56
N ASP YA 5 -36.70 54.21 -60.70
CA ASP YA 5 -36.03 54.00 -61.97
C ASP YA 5 -34.96 55.07 -62.20
N ILE YA 6 -33.84 54.65 -62.78
CA ILE YA 6 -32.76 55.57 -63.14
C ILE YA 6 -32.65 55.57 -64.65
N VAL YA 7 -32.83 56.72 -65.28
CA VAL YA 7 -32.84 56.80 -66.73
C VAL YA 7 -31.59 57.52 -67.20
N ILE YA 8 -30.82 56.86 -68.06
CA ILE YA 8 -29.55 57.38 -68.55
C ILE YA 8 -29.53 57.30 -70.07
N ALA YA 9 -29.06 58.37 -70.71
CA ALA YA 9 -29.10 58.45 -72.16
C ALA YA 9 -27.98 57.65 -72.80
N ASP YA 10 -28.28 57.08 -73.97
CA ASP YA 10 -27.30 56.36 -74.77
C ASP YA 10 -26.30 57.35 -75.39
N ALA YA 11 -25.35 56.81 -76.16
CA ALA YA 11 -24.41 57.63 -76.91
C ALA YA 11 -24.59 57.46 -78.41
N GLN YA 12 -25.80 57.10 -78.85
CA GLN YA 12 -26.03 56.89 -80.27
C GLN YA 12 -26.20 58.22 -80.99
N ALA YA 13 -26.27 58.13 -82.32
CA ALA YA 13 -26.56 59.30 -83.16
C ALA YA 13 -27.76 60.06 -82.61
N THR YA 14 -28.90 59.37 -82.52
CA THR YA 14 -30.01 59.87 -81.71
C THR YA 14 -29.97 59.15 -80.38
N PRO YA 15 -29.61 59.81 -79.29
CA PRO YA 15 -29.51 59.12 -78.00
C PRO YA 15 -30.80 58.38 -77.66
N VAL YA 16 -30.65 57.18 -77.10
CA VAL YA 16 -31.76 56.32 -76.70
C VAL YA 16 -31.73 56.15 -75.19
N ASN YA 17 -32.85 56.45 -74.53
CA ASN YA 17 -32.89 56.37 -73.08
C ASN YA 17 -32.92 54.93 -72.62
N HIS YA 18 -32.02 54.58 -71.71
CA HIS YA 18 -32.04 53.28 -71.04
C HIS YA 18 -32.60 53.47 -69.64
N THR YA 19 -33.61 52.68 -69.30
CA THR YA 19 -34.26 52.76 -67.99
C THR YA 19 -33.79 51.59 -67.13
N PHE YA 20 -33.14 51.90 -66.01
CA PHE YA 20 -32.65 50.93 -65.05
C PHE YA 20 -33.66 50.82 -63.91
N VAL YA 21 -34.41 49.71 -63.91
CA VAL YA 21 -35.39 49.41 -62.86
C VAL YA 21 -34.62 48.88 -61.67
N PRO YA 22 -34.91 49.30 -60.44
CA PRO YA 22 -34.21 48.72 -59.29
C PRO YA 22 -34.52 47.24 -59.13
N ILE YA 23 -33.46 46.44 -58.99
CA ILE YA 23 -33.58 45.07 -58.53
C ILE YA 23 -33.61 45.00 -57.02
N GLY YA 24 -32.87 45.87 -56.35
CA GLY YA 24 -32.87 45.88 -54.91
C GLY YA 24 -31.48 45.72 -54.34
N PRO YA 25 -31.38 45.56 -53.03
CA PRO YA 25 -30.08 45.43 -52.40
C PRO YA 25 -29.49 44.05 -52.63
N ASP YA 26 -28.16 44.01 -52.74
CA ASP YA 26 -27.46 42.76 -52.92
C ASP YA 26 -27.72 41.87 -51.72
N PRO YA 27 -28.19 40.64 -51.90
CA PRO YA 27 -28.39 39.76 -50.74
C PRO YA 27 -27.10 39.45 -50.01
N LYS YA 28 -25.97 39.42 -50.71
CA LYS YA 28 -24.70 39.13 -50.06
C LYS YA 28 -24.18 40.33 -49.26
N ASP YA 29 -24.39 41.54 -49.76
CA ASP YA 29 -23.94 42.77 -49.11
C ASP YA 29 -25.07 43.80 -49.14
N ALA YA 30 -25.55 44.18 -47.96
CA ALA YA 30 -26.68 45.10 -47.86
C ALA YA 30 -26.33 46.54 -48.20
N THR YA 31 -25.04 46.89 -48.26
CA THR YA 31 -24.62 48.26 -48.52
C THR YA 31 -24.51 48.58 -50.01
N ILE YA 32 -24.94 47.69 -50.88
CA ILE YA 32 -24.83 47.92 -52.30
C ILE YA 32 -26.18 47.60 -52.94
N TYR YA 33 -26.68 48.53 -53.76
CA TYR YA 33 -28.00 48.47 -54.37
C TYR YA 33 -27.86 48.36 -55.88
N TRP YA 34 -28.82 47.67 -56.50
CA TRP YA 34 -28.72 47.28 -57.91
C TRP YA 34 -29.95 47.71 -58.68
N TRP YA 35 -29.71 48.37 -59.81
CA TRP YA 35 -30.68 48.63 -60.87
C TRP YA 35 -30.25 47.86 -62.12
N GLU YA 36 -31.22 47.55 -62.99
CA GLU YA 36 -31.00 46.71 -64.16
C GLU YA 36 -31.75 47.27 -65.36
N ASP YA 37 -31.07 47.30 -66.51
CA ASP YA 37 -31.65 47.71 -67.77
C ASP YA 37 -32.09 46.46 -68.52
N GLN YA 38 -33.41 46.26 -68.64
CA GLN YA 38 -33.95 45.01 -69.17
C GLN YA 38 -34.24 45.09 -70.67
N SER YA 39 -33.64 46.04 -71.38
CA SER YA 39 -33.95 46.23 -72.79
C SER YA 39 -33.10 45.37 -73.71
N GLN YA 40 -32.20 44.55 -73.17
CA GLN YA 40 -31.28 43.78 -73.98
C GLN YA 40 -31.95 42.50 -74.47
N ALA YA 41 -31.17 41.64 -75.13
CA ALA YA 41 -31.74 40.53 -75.90
C ALA YA 41 -32.22 39.40 -75.00
N SER YA 42 -31.47 39.07 -73.95
CA SER YA 42 -31.88 38.08 -72.97
C SER YA 42 -31.23 38.44 -71.65
N PRO YA 43 -31.71 37.89 -70.52
CA PRO YA 43 -31.30 38.42 -69.22
C PRO YA 43 -29.79 38.42 -68.98
N ALA YA 44 -29.07 37.43 -69.49
CA ALA YA 44 -27.62 37.39 -69.27
C ALA YA 44 -26.94 38.67 -69.74
N GLY YA 45 -27.51 39.35 -70.74
CA GLY YA 45 -26.98 40.58 -71.29
C GLY YA 45 -27.60 41.86 -70.78
N TYR YA 46 -28.47 41.80 -69.77
CA TYR YA 46 -29.08 43.00 -69.20
C TYR YA 46 -28.00 43.88 -68.56
N TRP YA 47 -27.99 45.17 -68.92
CA TRP YA 47 -27.03 46.08 -68.32
C TRP YA 47 -27.42 46.37 -66.87
N ARG YA 48 -26.41 46.58 -66.02
CA ARG YA 48 -26.66 46.76 -64.60
C ARG YA 48 -25.88 47.97 -64.08
N LEU YA 49 -26.41 48.52 -62.99
CA LEU YA 49 -25.84 49.68 -62.32
C LEU YA 49 -25.93 49.44 -60.83
N SER YA 50 -24.86 49.73 -60.10
CA SER YA 50 -24.76 49.45 -58.68
C SER YA 50 -24.23 50.66 -57.94
N MET YA 51 -24.84 50.97 -56.80
CA MET YA 51 -24.38 52.07 -55.96
C MET YA 51 -24.22 51.59 -54.53
N GLN YA 52 -23.08 51.90 -53.92
CA GLN YA 52 -22.71 51.39 -52.61
C GLN YA 52 -22.29 52.52 -51.70
N LEU YA 53 -22.85 52.52 -50.49
CA LEU YA 53 -22.51 53.49 -49.45
C LEU YA 53 -22.06 52.74 -48.21
N VAL YA 54 -20.82 52.93 -47.82
CA VAL YA 54 -20.24 52.27 -46.65
C VAL YA 54 -19.86 53.36 -45.68
N ARG YA 55 -20.70 53.56 -44.67
CA ARG YA 55 -20.54 54.46 -43.53
C ARG YA 55 -19.93 53.68 -42.37
N PRO YA 56 -19.02 54.31 -41.63
CA PRO YA 56 -18.36 53.60 -40.54
C PRO YA 56 -19.25 53.50 -39.32
N ALA YA 57 -18.88 52.57 -38.43
CA ALA YA 57 -19.58 52.44 -37.18
C ALA YA 57 -19.56 53.76 -36.42
N PRO YA 58 -20.62 54.09 -35.69
CA PRO YA 58 -20.74 55.44 -35.13
C PRO YA 58 -19.58 55.81 -34.21
N ALA YA 59 -19.22 57.08 -34.25
CA ALA YA 59 -18.16 57.60 -33.39
C ALA YA 59 -18.51 57.36 -31.92
N LYS YA 60 -17.52 57.02 -31.13
CA LYS YA 60 -17.70 56.76 -29.70
C LYS YA 60 -17.13 57.90 -28.89
N ALA YA 61 -17.58 58.00 -27.64
CA ALA YA 61 -17.16 59.09 -26.78
C ALA YA 61 -15.66 59.05 -26.53
N GLY YA 62 -15.00 60.19 -26.75
CA GLY YA 62 -13.57 60.26 -26.60
C GLY YA 62 -12.75 59.54 -27.65
N GLN YA 63 -13.38 58.97 -28.68
CA GLN YA 63 -12.66 58.25 -29.71
C GLN YA 63 -12.00 59.22 -30.67
N ASN YA 64 -10.99 58.75 -31.39
CA ASN YA 64 -10.26 59.58 -32.33
C ASN YA 64 -10.77 59.34 -33.74
N THR YA 65 -11.15 60.42 -34.41
CA THR YA 65 -11.84 60.33 -35.69
C THR YA 65 -10.92 60.35 -36.90
N ASN YA 66 -9.65 60.72 -36.72
CA ASN YA 66 -8.84 61.22 -37.83
C ASN YA 66 -8.58 60.17 -38.89
N GLN YA 67 -9.03 58.92 -38.69
CA GLN YA 67 -8.86 57.90 -39.71
C GLN YA 67 -10.17 57.29 -40.20
N ARG YA 68 -11.31 57.62 -39.60
CA ARG YA 68 -12.57 57.03 -40.02
C ARG YA 68 -13.00 57.64 -41.34
N MET YA 69 -13.50 56.80 -42.25
CA MET YA 69 -13.80 57.25 -43.61
C MET YA 69 -15.04 56.57 -44.17
N ILE YA 70 -15.71 57.29 -45.07
CA ILE YA 70 -16.92 56.85 -45.77
C ILE YA 70 -16.54 56.56 -47.21
N ARG YA 71 -17.06 55.47 -47.76
CA ARG YA 71 -16.79 55.11 -49.15
C ARG YA 71 -18.08 55.04 -49.95
N VAL YA 72 -18.02 55.48 -51.20
CA VAL YA 72 -19.16 55.38 -52.11
C VAL YA 72 -18.65 54.83 -53.43
N ARG YA 73 -19.25 53.75 -53.92
CA ARG YA 73 -18.82 53.10 -55.15
C ARG YA 73 -20.00 53.02 -56.12
N VAL YA 74 -19.84 53.63 -57.28
CA VAL YA 74 -20.81 53.55 -58.37
C VAL YA 74 -20.19 52.74 -59.50
N SER YA 75 -20.91 51.72 -59.95
CA SER YA 75 -20.39 50.78 -60.94
C SER YA 75 -21.43 50.56 -62.04
N THR YA 76 -20.98 50.54 -63.29
CA THR YA 76 -21.88 50.29 -64.42
C THR YA 76 -21.31 49.17 -65.29
N PHE YA 77 -22.15 48.18 -65.61
CA PHE YA 77 -21.78 47.03 -66.42
C PHE YA 77 -22.68 46.99 -67.64
N GLU YA 78 -22.09 46.93 -68.83
CA GLU YA 78 -22.82 46.92 -70.09
C GLU YA 78 -22.41 45.71 -70.92
N PRO YA 79 -22.73 44.51 -70.48
CA PRO YA 79 -22.32 43.31 -71.22
C PRO YA 79 -22.94 43.25 -72.60
N ILE YA 80 -22.14 42.82 -73.57
CA ILE YA 80 -22.57 42.68 -74.96
C ILE YA 80 -22.77 41.21 -75.24
N LEU YA 81 -23.99 40.84 -75.62
CA LEU YA 81 -24.31 39.45 -75.87
C LEU YA 81 -23.67 38.96 -77.17
N GLU YA 82 -23.19 37.73 -77.16
CA GLU YA 82 -22.64 37.14 -78.37
C GLU YA 82 -23.75 36.94 -79.40
N VAL YA 83 -23.45 37.22 -80.66
CA VAL YA 83 -24.37 36.97 -81.76
C VAL YA 83 -24.06 35.59 -82.34
N ALA YA 84 -25.10 34.77 -82.48
CA ALA YA 84 -24.90 33.38 -82.87
C ALA YA 84 -24.58 33.27 -84.36
N VAL YA 85 -23.73 32.31 -84.69
CA VAL YA 85 -23.54 31.90 -86.08
C VAL YA 85 -23.85 30.41 -86.15
N THR YA 86 -23.70 29.83 -87.33
CA THR YA 86 -24.07 28.44 -87.52
C THR YA 86 -23.13 27.53 -86.73
N ALA YA 87 -23.70 26.74 -85.83
CA ALA YA 87 -22.96 25.74 -85.09
C ALA YA 87 -22.85 24.46 -85.93
N THR YA 88 -21.63 23.95 -86.07
CA THR YA 88 -21.39 22.86 -87.01
C THR YA 88 -21.11 21.53 -86.34
N TYR YA 89 -20.72 21.50 -85.07
CA TYR YA 89 -20.48 20.22 -84.42
C TYR YA 89 -21.79 19.49 -84.12
N SER YA 90 -22.72 20.18 -83.44
CA SER YA 90 -23.96 19.56 -83.02
C SER YA 90 -25.19 20.08 -83.77
N GLY YA 91 -25.05 21.18 -84.52
CA GLY YA 91 -26.20 21.79 -85.17
C GLY YA 91 -27.18 22.41 -84.22
N ILE YA 92 -26.84 22.49 -82.93
CA ILE YA 92 -27.68 23.06 -81.90
C ILE YA 92 -27.10 24.42 -81.53
N ALA YA 93 -27.87 25.48 -81.79
CA ALA YA 93 -27.39 26.82 -81.51
C ALA YA 93 -27.10 26.97 -80.03
N PRO YA 94 -26.08 27.73 -79.66
CA PRO YA 94 -25.64 27.76 -78.26
C PRO YA 94 -26.53 28.64 -77.40
N SER YA 95 -26.52 28.33 -76.11
CA SER YA 95 -27.20 29.16 -75.13
C SER YA 95 -26.69 30.59 -75.23
N PRO YA 96 -27.51 31.59 -74.87
CA PRO YA 96 -27.03 32.97 -74.92
C PRO YA 96 -25.82 33.12 -74.01
N THR YA 97 -24.73 33.60 -74.57
CA THR YA 97 -23.47 33.73 -73.86
C THR YA 97 -22.99 35.17 -73.96
N VAL YA 98 -22.39 35.65 -72.89
CA VAL YA 98 -21.86 37.01 -72.86
C VAL YA 98 -20.53 37.03 -73.59
N SER YA 99 -20.41 37.92 -74.59
CA SER YA 99 -19.19 37.97 -75.39
C SER YA 99 -18.07 38.73 -74.67
N TYR YA 100 -18.35 39.94 -74.20
CA TYR YA 100 -17.38 40.74 -73.45
C TYR YA 100 -18.13 41.79 -72.67
N VAL YA 101 -17.47 42.35 -71.67
CA VAL YA 101 -18.16 43.32 -70.81
C VAL YA 101 -17.36 44.61 -70.65
N PRO YA 102 -17.75 45.69 -71.32
CA PRO YA 102 -17.23 47.02 -70.96
C PRO YA 102 -17.83 47.47 -69.65
N LYS YA 103 -16.98 47.93 -68.74
CA LYS YA 103 -17.50 48.29 -67.42
C LYS YA 103 -16.72 49.47 -66.85
N ALA YA 104 -17.31 50.09 -65.83
CA ALA YA 104 -16.69 51.22 -65.17
C ALA YA 104 -16.98 51.18 -63.68
N PHE YA 105 -15.99 51.61 -62.90
CA PHE YA 105 -16.02 51.52 -61.44
C PHE YA 105 -15.46 52.82 -60.88
N THR YA 106 -16.27 53.56 -60.12
CA THR YA 106 -15.85 54.82 -59.49
C THR YA 106 -15.99 54.69 -57.99
N GLU YA 107 -14.93 55.04 -57.26
CA GLU YA 107 -14.90 54.98 -55.80
C GLU YA 107 -14.53 56.35 -55.25
N PHE YA 108 -15.41 56.91 -54.43
CA PHE YA 108 -15.16 58.12 -53.66
C PHE YA 108 -14.74 57.70 -52.26
N VAL YA 109 -13.60 58.22 -51.82
CA VAL YA 109 -13.15 58.13 -50.44
C VAL YA 109 -13.35 59.49 -49.81
N LEU YA 110 -14.34 59.58 -48.92
CA LEU YA 110 -14.71 60.82 -48.24
C LEU YA 110 -14.44 60.62 -46.76
N PRO YA 111 -13.38 61.19 -46.21
CA PRO YA 111 -13.16 61.08 -44.77
C PRO YA 111 -14.31 61.73 -44.00
N GLU YA 112 -14.71 61.08 -42.90
CA GLU YA 112 -15.87 61.55 -42.15
C GLU YA 112 -15.70 63.00 -41.73
N ARG YA 113 -14.48 63.38 -41.36
CA ARG YA 113 -14.12 64.76 -41.05
C ARG YA 113 -14.54 65.76 -42.11
N ALA YA 114 -14.64 65.35 -43.38
CA ALA YA 114 -14.79 66.31 -44.46
C ALA YA 114 -16.16 66.99 -44.42
N THR YA 115 -16.20 68.24 -44.89
CA THR YA 115 -17.41 69.04 -44.89
C THR YA 115 -18.27 68.76 -46.12
N LEU YA 116 -19.55 69.15 -46.00
CA LEU YA 116 -20.47 69.03 -47.12
C LEU YA 116 -19.91 69.71 -48.36
N ASP YA 117 -19.27 70.87 -48.18
CA ASP YA 117 -18.66 71.54 -49.32
C ASP YA 117 -17.58 70.68 -49.94
N ASN YA 118 -16.75 70.02 -49.12
CA ASN YA 118 -15.73 69.13 -49.65
C ASN YA 118 -16.35 68.01 -50.49
N ARG YA 119 -17.44 67.42 -50.00
CA ARG YA 119 -18.07 66.32 -50.71
C ARG YA 119 -18.70 66.78 -52.01
N LYS YA 120 -19.38 67.93 -51.99
CA LYS YA 120 -19.94 68.49 -53.22
C LYS YA 120 -18.85 68.79 -54.23
N ASP YA 121 -17.72 69.32 -53.75
CA ASP YA 121 -16.56 69.62 -54.61
C ASP YA 121 -16.07 68.35 -55.30
N ILE YA 122 -15.78 67.31 -54.51
CA ILE YA 122 -15.18 66.11 -55.11
C ILE YA 122 -16.14 65.46 -56.09
N ARG YA 123 -17.42 65.36 -55.72
CA ARG YA 123 -18.40 64.76 -56.63
C ARG YA 123 -18.50 65.54 -57.93
N LYS YA 124 -18.79 66.84 -57.86
CA LYS YA 124 -18.97 67.62 -59.08
C LYS YA 124 -17.71 67.59 -59.94
N MET YA 125 -16.55 67.78 -59.31
CA MET YA 125 -15.33 67.98 -60.08
C MET YA 125 -14.87 66.68 -60.73
N HIS YA 126 -15.06 65.54 -60.06
CA HIS YA 126 -14.74 64.27 -60.71
C HIS YA 126 -15.72 63.97 -61.84
N ALA YA 127 -17.03 64.15 -61.59
CA ALA YA 127 -18.01 63.89 -62.64
C ALA YA 127 -17.75 64.75 -63.87
N LEU YA 128 -17.20 65.96 -63.66
CA LEU YA 128 -16.80 66.79 -64.78
C LEU YA 128 -15.51 66.29 -65.41
N ALA YA 129 -14.56 65.83 -64.59
CA ALA YA 129 -13.28 65.35 -65.13
C ALA YA 129 -13.48 64.17 -66.06
N LEU YA 130 -14.56 63.41 -65.87
CA LEU YA 130 -14.88 62.32 -66.80
C LEU YA 130 -15.42 62.81 -68.13
N THR YA 131 -15.72 64.10 -68.28
CA THR YA 131 -16.26 64.63 -69.52
C THR YA 131 -15.29 65.55 -70.25
N THR YA 132 -14.07 65.69 -69.76
CA THR YA 132 -13.07 66.53 -70.40
C THR YA 132 -12.70 65.96 -71.77
N SER YA 133 -12.20 66.84 -72.66
CA SER YA 133 -11.76 66.39 -73.98
C SER YA 133 -10.68 65.34 -73.87
N GLU YA 134 -9.81 65.45 -72.85
CA GLU YA 134 -8.76 64.47 -72.63
C GLU YA 134 -9.33 63.11 -72.26
N ALA YA 135 -10.31 63.10 -71.34
CA ALA YA 135 -10.95 61.84 -70.96
C ALA YA 135 -11.68 61.22 -72.15
N ILE YA 136 -12.34 62.05 -72.95
CA ILE YA 136 -13.02 61.54 -74.14
C ILE YA 136 -12.02 60.93 -75.11
N ALA YA 137 -10.88 61.59 -75.30
CA ALA YA 137 -9.86 61.07 -76.22
C ALA YA 137 -9.27 59.76 -75.72
N MET YA 138 -9.07 59.63 -74.40
CA MET YA 138 -8.48 58.39 -73.88
C MET YA 138 -9.44 57.24 -73.93
N ILE YA 139 -10.69 57.46 -73.52
CA ILE YA 139 -11.63 56.34 -73.41
C ILE YA 139 -12.21 55.98 -74.78
N GLU YA 140 -12.55 56.98 -75.60
CA GLU YA 140 -13.21 56.68 -76.86
C GLU YA 140 -12.21 56.45 -77.99
N SER YA 141 -11.19 57.30 -78.10
CA SER YA 141 -10.24 57.24 -79.21
C SER YA 141 -8.92 56.60 -78.84
N LEU YA 142 -8.71 56.25 -77.57
CA LEU YA 142 -7.54 55.50 -77.14
C LEU YA 142 -6.24 56.27 -77.40
N GLN YA 143 -6.24 57.55 -77.03
CA GLN YA 143 -5.09 58.42 -77.23
C GLN YA 143 -4.66 59.03 -75.91
N PHE YA 144 -3.36 59.00 -75.65
CA PHE YA 144 -2.79 59.60 -74.45
C PHE YA 144 -2.50 61.09 -74.72
N VAL YA 145 -1.97 61.78 -73.71
CA VAL YA 145 -1.61 63.19 -73.85
C VAL YA 145 -0.08 63.30 -73.83
N TYR YA 146 0.45 64.27 -74.57
CA TYR YA 146 1.88 64.32 -74.78
C TYR YA 146 2.45 65.74 -74.73
N PRO ZA 1 40.62 90.99 -58.07
CA PRO ZA 1 40.19 92.25 -57.44
C PRO ZA 1 40.06 92.10 -55.93
N GLN ZA 2 40.19 93.20 -55.20
CA GLN ZA 2 40.03 93.15 -53.76
C GLN ZA 2 38.58 92.94 -53.38
N ALA ZA 3 38.38 92.21 -52.28
CA ALA ZA 3 37.04 91.85 -51.86
C ALA ZA 3 36.32 93.03 -51.24
N ALA ZA 4 35.07 93.25 -51.65
CA ALA ZA 4 34.25 94.32 -51.10
C ALA ZA 4 32.81 93.87 -51.02
N ASP ZA 5 31.96 94.74 -50.46
CA ASP ZA 5 30.55 94.42 -50.25
C ASP ZA 5 29.89 94.03 -51.56
N ILE ZA 6 28.98 93.06 -51.50
CA ILE ZA 6 28.19 92.64 -52.66
C ILE ZA 6 26.74 92.93 -52.36
N VAL ZA 7 26.11 93.77 -53.18
CA VAL ZA 7 24.73 94.18 -52.92
C VAL ZA 7 23.81 93.56 -53.95
N ILE ZA 8 22.80 92.85 -53.47
CA ILE ZA 8 21.87 92.11 -54.33
C ILE ZA 8 20.45 92.47 -53.93
N ALA ZA 9 19.60 92.70 -54.94
CA ALA ZA 9 18.25 93.16 -54.69
C ALA ZA 9 17.32 92.01 -54.29
N ASP ZA 10 16.36 92.33 -53.42
CA ASP ZA 10 15.33 91.40 -52.99
C ASP ZA 10 14.36 91.11 -54.14
N ALA ZA 11 13.40 90.22 -53.87
CA ALA ZA 11 12.30 89.98 -54.79
C ALA ZA 11 10.96 90.39 -54.18
N GLN ZA 12 10.98 91.32 -53.24
CA GLN ZA 12 9.75 91.80 -52.64
C GLN ZA 12 9.00 92.71 -53.61
N ALA ZA 13 7.77 93.05 -53.24
CA ALA ZA 13 6.98 94.02 -53.99
C ALA ZA 13 7.78 95.29 -54.22
N THR ZA 14 8.26 95.89 -53.14
CA THR ZA 14 9.29 96.92 -53.22
C THR ZA 14 10.62 96.27 -52.87
N PRO ZA 15 11.51 96.03 -53.83
CA PRO ZA 15 12.75 95.30 -53.54
C PRO ZA 15 13.58 95.99 -52.47
N VAL ZA 16 14.28 95.17 -51.69
CA VAL ZA 16 15.12 95.62 -50.59
C VAL ZA 16 16.55 95.15 -50.85
N ASN ZA 17 17.50 96.07 -50.80
CA ASN ZA 17 18.89 95.70 -51.05
C ASN ZA 17 19.46 94.94 -49.86
N HIS ZA 18 19.97 93.75 -50.11
CA HIS ZA 18 20.72 92.99 -49.13
C HIS ZA 18 22.20 93.17 -49.39
N THR ZA 19 22.95 93.57 -48.35
CA THR ZA 19 24.37 93.85 -48.47
C THR ZA 19 25.15 92.71 -47.81
N PHE ZA 20 25.87 91.95 -48.63
CA PHE ZA 20 26.72 90.84 -48.19
C PHE ZA 20 28.12 91.38 -47.93
N VAL ZA 21 28.44 91.55 -46.65
CA VAL ZA 21 29.77 92.00 -46.23
C VAL ZA 21 30.77 90.86 -46.41
N PRO ZA 22 31.99 91.11 -46.88
CA PRO ZA 22 32.95 90.00 -47.01
C PRO ZA 22 33.39 89.50 -45.64
N ILE ZA 23 33.16 88.22 -45.39
CA ILE ZA 23 33.67 87.58 -44.18
C ILE ZA 23 35.10 87.10 -44.37
N GLY ZA 24 35.41 86.54 -45.53
CA GLY ZA 24 36.76 86.13 -45.79
C GLY ZA 24 36.85 84.74 -46.38
N PRO ZA 25 38.06 84.25 -46.58
CA PRO ZA 25 38.23 82.93 -47.18
C PRO ZA 25 37.86 81.82 -46.20
N ASP ZA 26 37.43 80.69 -46.75
CA ASP ZA 26 37.06 79.53 -45.95
C ASP ZA 26 38.29 78.95 -45.28
N PRO ZA 27 38.25 78.68 -43.98
CA PRO ZA 27 39.44 78.12 -43.30
C PRO ZA 27 39.89 76.80 -43.89
N LYS ZA 28 38.96 75.95 -44.32
CA LYS ZA 28 39.30 74.64 -44.85
C LYS ZA 28 39.86 74.72 -46.27
N ASP ZA 29 39.27 75.59 -47.11
CA ASP ZA 29 39.65 75.69 -48.51
C ASP ZA 29 39.99 77.13 -48.84
N ALA ZA 30 41.22 77.37 -49.29
CA ALA ZA 30 41.65 78.72 -49.63
C ALA ZA 30 41.07 79.22 -50.95
N THR ZA 31 40.41 78.36 -51.71
CA THR ZA 31 39.88 78.74 -53.02
C THR ZA 31 38.45 79.26 -52.96
N ILE ZA 32 37.81 79.24 -51.79
CA ILE ZA 32 36.42 79.62 -51.69
C ILE ZA 32 36.32 80.77 -50.67
N TYR ZA 33 35.56 81.80 -51.04
CA TYR ZA 33 35.48 83.05 -50.29
C TYR ZA 33 34.03 83.33 -49.94
N TRP ZA 34 33.81 83.87 -48.74
CA TRP ZA 34 32.49 83.98 -48.14
C TRP ZA 34 32.14 85.43 -47.85
N TRP ZA 35 30.98 85.86 -48.35
CA TRP ZA 35 30.27 87.07 -47.97
C TRP ZA 35 29.01 86.70 -47.20
N GLU ZA 36 28.56 87.60 -46.32
CA GLU ZA 36 27.46 87.32 -45.41
C GLU ZA 36 26.57 88.55 -45.25
N ASP ZA 37 25.26 88.34 -45.42
CA ASP ZA 37 24.24 89.33 -45.13
C ASP ZA 37 23.82 89.17 -43.68
N GLN ZA 38 24.16 90.18 -42.86
CA GLN ZA 38 24.01 90.15 -41.42
C GLN ZA 38 22.79 90.92 -40.94
N SER ZA 39 21.81 91.11 -41.81
CA SER ZA 39 20.63 91.90 -41.48
C SER ZA 39 19.52 91.08 -40.84
N GLN ZA 40 19.70 89.78 -40.68
CA GLN ZA 40 18.65 88.90 -40.20
C GLN ZA 40 18.62 88.94 -38.66
N ALA ZA 41 17.78 88.10 -38.06
CA ALA ZA 41 17.51 88.18 -36.63
C ALA ZA 41 18.74 87.87 -35.79
N SER ZA 42 19.26 86.65 -35.90
CA SER ZA 42 20.45 86.24 -35.18
C SER ZA 42 21.39 85.56 -36.18
N PRO ZA 43 22.67 85.42 -35.84
CA PRO ZA 43 23.65 85.00 -36.86
C PRO ZA 43 23.37 83.65 -37.48
N ALA ZA 44 22.57 82.80 -36.85
CA ALA ZA 44 22.25 81.50 -37.44
C ALA ZA 44 21.42 81.63 -38.70
N GLY ZA 45 20.72 82.76 -38.89
CA GLY ZA 45 19.89 83.01 -40.05
C GLY ZA 45 20.48 84.00 -41.03
N TYR ZA 46 21.76 84.34 -40.90
CA TYR ZA 46 22.42 85.26 -41.83
C TYR ZA 46 22.52 84.62 -43.21
N TRP ZA 47 22.24 85.42 -44.25
CA TRP ZA 47 22.33 84.85 -45.60
C TRP ZA 47 23.77 84.85 -46.07
N ARG ZA 48 24.14 83.84 -46.85
CA ARG ZA 48 25.54 83.67 -47.20
C ARG ZA 48 25.70 83.51 -48.69
N LEU ZA 49 26.88 83.93 -49.17
CA LEU ZA 49 27.22 83.86 -50.58
C LEU ZA 49 28.68 83.44 -50.66
N SER ZA 50 28.95 82.37 -51.39
CA SER ZA 50 30.30 81.82 -51.52
C SER ZA 50 30.70 81.78 -52.98
N MET ZA 51 31.90 82.24 -53.29
CA MET ZA 51 32.45 82.16 -54.64
C MET ZA 51 33.79 81.46 -54.59
N GLN ZA 52 33.98 80.49 -55.51
CA GLN ZA 52 35.15 79.62 -55.50
C GLN ZA 52 35.75 79.54 -56.90
N LEU ZA 53 37.07 79.70 -56.97
CA LEU ZA 53 37.83 79.63 -58.22
C LEU ZA 53 38.95 78.61 -58.05
N VAL ZA 54 38.83 77.47 -58.73
CA VAL ZA 54 39.81 76.40 -58.65
C VAL ZA 54 40.56 76.37 -59.97
N ARG ZA 55 41.79 76.92 -59.94
CA ARG ZA 55 42.76 76.86 -61.02
C ARG ZA 55 43.58 75.59 -60.92
N PRO ZA 56 43.86 74.94 -62.05
CA PRO ZA 56 44.81 73.83 -62.01
C PRO ZA 56 46.24 74.32 -61.82
N ALA ZA 57 47.10 73.42 -61.36
CA ALA ZA 57 48.47 73.81 -61.03
C ALA ZA 57 49.25 74.20 -62.29
N PRO ZA 58 50.11 75.22 -62.22
CA PRO ZA 58 50.83 75.65 -63.43
C PRO ZA 58 51.74 74.56 -63.99
N ALA ZA 59 51.56 74.26 -65.27
CA ALA ZA 59 52.37 73.25 -65.93
C ALA ZA 59 52.41 73.50 -67.44
N THR ZA 65 46.92 66.56 -70.27
CA THR ZA 65 47.10 68.00 -70.06
C THR ZA 65 46.17 68.84 -70.93
N ASN ZA 66 45.43 68.20 -71.85
CA ASN ZA 66 44.30 68.85 -72.48
C ASN ZA 66 43.00 68.55 -71.74
N GLN ZA 67 43.08 67.93 -70.57
CA GLN ZA 67 41.96 67.71 -69.67
C GLN ZA 67 42.14 68.56 -68.41
N ARG ZA 68 42.65 69.78 -68.56
CA ARG ZA 68 42.88 70.68 -67.44
C ARG ZA 68 41.76 71.71 -67.46
N MET ZA 69 40.98 71.76 -66.40
CA MET ZA 69 39.78 72.57 -66.43
C MET ZA 69 39.73 73.44 -65.18
N ILE ZA 70 39.39 74.70 -65.39
CA ILE ZA 70 39.18 75.67 -64.32
C ILE ZA 70 37.73 75.57 -63.87
N ARG ZA 71 37.51 75.53 -62.58
CA ARG ZA 71 36.13 75.46 -62.07
C ARG ZA 71 35.80 76.72 -61.27
N VAL ZA 72 34.54 77.14 -61.37
CA VAL ZA 72 34.04 78.31 -60.63
C VAL ZA 72 32.69 77.93 -60.04
N ARG ZA 73 32.54 78.09 -58.73
CA ARG ZA 73 31.30 77.74 -58.05
C ARG ZA 73 30.79 78.95 -57.28
N VAL ZA 74 29.55 79.34 -57.58
CA VAL ZA 74 28.86 80.40 -56.86
C VAL ZA 74 27.66 79.78 -56.15
N SER ZA 75 27.57 80.03 -54.84
CA SER ZA 75 26.56 79.38 -54.02
C SER ZA 75 25.89 80.42 -53.13
N THR ZA 76 24.56 80.38 -53.04
CA THR ZA 76 23.80 81.31 -52.20
C THR ZA 76 22.91 80.51 -51.26
N PHE ZA 77 23.00 80.83 -49.97
CA PHE ZA 77 22.19 80.20 -48.93
C PHE ZA 77 21.34 81.27 -48.27
N GLU ZA 78 20.04 81.01 -48.15
CA GLU ZA 78 19.08 81.95 -47.55
C GLU ZA 78 18.27 81.27 -46.46
N PRO ZA 79 18.88 80.95 -45.33
CA PRO ZA 79 18.14 80.26 -44.27
C PRO ZA 79 17.04 81.14 -43.69
N ILE ZA 80 15.95 80.49 -43.29
CA ILE ZA 80 14.78 81.16 -42.72
C ILE ZA 80 14.62 80.71 -41.28
N LEU ZA 81 14.72 81.65 -40.35
CA LEU ZA 81 14.65 81.32 -38.93
C LEU ZA 81 13.20 81.14 -38.50
N GLU ZA 82 13.01 80.38 -37.42
CA GLU ZA 82 11.70 80.24 -36.81
C GLU ZA 82 11.37 81.51 -36.02
N VAL ZA 83 10.08 81.87 -36.01
CA VAL ZA 83 9.66 83.10 -35.34
C VAL ZA 83 9.74 82.92 -33.83
N ALA ZA 84 9.96 84.04 -33.13
CA ALA ZA 84 10.04 84.00 -31.67
C ALA ZA 84 8.80 83.34 -31.08
N VAL ZA 85 9.01 82.53 -30.03
CA VAL ZA 85 7.92 81.75 -29.43
C VAL ZA 85 7.18 82.60 -28.41
N THR ZA 86 5.86 82.38 -28.34
CA THR ZA 86 5.02 83.06 -27.34
C THR ZA 86 4.83 82.21 -26.10
N ALA ZA 87 5.05 80.91 -26.20
CA ALA ZA 87 4.84 80.01 -25.07
C ALA ZA 87 5.50 78.67 -25.38
N THR ZA 88 6.21 78.12 -24.39
CA THR ZA 88 6.76 76.79 -24.50
C THR ZA 88 6.37 75.98 -23.27
N TYR ZA 89 6.75 74.70 -23.26
CA TYR ZA 89 6.30 73.84 -22.16
C TYR ZA 89 6.93 74.24 -20.84
N SER ZA 90 8.17 74.74 -20.88
CA SER ZA 90 8.91 75.06 -19.68
C SER ZA 90 8.91 76.55 -19.35
N GLY ZA 91 8.54 77.41 -20.30
CA GLY ZA 91 8.56 78.83 -20.07
C GLY ZA 91 9.84 79.52 -20.46
N ILE ZA 92 10.85 78.79 -20.91
CA ILE ZA 92 12.11 79.35 -21.39
C ILE ZA 92 12.11 79.26 -22.92
N ALA ZA 93 12.35 80.39 -23.58
CA ALA ZA 93 12.32 80.42 -25.02
C ALA ZA 93 13.51 79.64 -25.60
N PRO ZA 94 13.30 78.85 -26.64
CA PRO ZA 94 14.40 78.08 -27.23
C PRO ZA 94 15.38 78.97 -27.97
N SER ZA 95 16.58 78.43 -28.16
CA SER ZA 95 17.61 79.12 -28.93
C SER ZA 95 17.12 79.35 -30.35
N PRO ZA 96 17.60 80.40 -31.02
CA PRO ZA 96 17.18 80.63 -32.41
C PRO ZA 96 17.54 79.42 -33.26
N THR ZA 97 16.54 78.89 -33.96
CA THR ZA 97 16.71 77.68 -34.76
C THR ZA 97 16.32 77.97 -36.20
N VAL ZA 98 16.93 77.21 -37.11
CA VAL ZA 98 16.69 77.38 -38.53
C VAL ZA 98 15.54 76.49 -38.94
N SER ZA 99 14.52 77.07 -39.58
CA SER ZA 99 13.34 76.30 -39.99
C SER ZA 99 13.62 75.48 -41.25
N TYR ZA 100 14.13 76.13 -42.30
CA TYR ZA 100 14.44 75.48 -43.56
C TYR ZA 100 15.39 76.38 -44.32
N VAL ZA 101 16.07 75.80 -45.32
CA VAL ZA 101 17.07 76.57 -46.05
C VAL ZA 101 16.94 76.39 -47.56
N PRO ZA 102 16.34 77.34 -48.27
CA PRO ZA 102 16.45 77.33 -49.73
C PRO ZA 102 17.84 77.79 -50.14
N LYS ZA 103 18.41 77.09 -51.14
CA LYS ZA 103 19.78 77.40 -51.53
C LYS ZA 103 19.97 77.13 -53.01
N ALA ZA 104 21.08 77.64 -53.54
CA ALA ZA 104 21.40 77.49 -54.95
C ALA ZA 104 22.91 77.33 -55.12
N PHE ZA 105 23.28 76.49 -56.08
CA PHE ZA 105 24.68 76.12 -56.33
C PHE ZA 105 24.88 76.12 -57.84
N THR ZA 106 25.80 76.95 -58.34
CA THR ZA 106 26.11 77.02 -59.77
C THR ZA 106 27.60 76.75 -59.97
N GLU ZA 107 27.92 75.89 -60.94
CA GLU ZA 107 29.29 75.50 -61.22
C GLU ZA 107 29.56 75.67 -62.70
N PHE ZA 108 30.59 76.44 -63.03
CA PHE ZA 108 31.12 76.59 -64.37
C PHE ZA 108 32.35 75.71 -64.50
N VAL ZA 109 32.38 74.90 -65.55
CA VAL ZA 109 33.53 74.11 -65.94
C VAL ZA 109 34.09 74.75 -67.22
N LEU ZA 110 35.28 75.31 -67.11
CA LEU ZA 110 35.87 76.11 -68.17
C LEU ZA 110 37.21 75.51 -68.56
N PRO ZA 111 37.30 74.78 -69.67
CA PRO ZA 111 38.59 74.21 -70.07
C PRO ZA 111 39.64 75.28 -70.24
N GLU ZA 112 40.89 74.91 -69.96
CA GLU ZA 112 41.98 75.89 -69.99
C GLU ZA 112 42.22 76.40 -71.40
N ARG ZA 113 41.85 75.64 -72.43
CA ARG ZA 113 41.95 76.11 -73.80
C ARG ZA 113 40.86 77.10 -74.18
N ALA ZA 114 39.86 77.32 -73.33
CA ALA ZA 114 38.69 78.11 -73.72
C ALA ZA 114 39.04 79.58 -73.70
N THR ZA 115 38.59 80.30 -74.74
CA THR ZA 115 38.93 81.70 -74.91
C THR ZA 115 38.00 82.60 -74.09
N LEU ZA 116 38.46 83.83 -73.88
CA LEU ZA 116 37.67 84.82 -73.16
C LEU ZA 116 36.28 84.95 -73.74
N ASP ZA 117 36.16 84.85 -75.07
CA ASP ZA 117 34.84 84.91 -75.69
C ASP ZA 117 33.96 83.75 -75.24
N ASN ZA 118 34.54 82.53 -75.19
CA ASN ZA 118 33.78 81.38 -74.72
C ASN ZA 118 33.31 81.56 -73.29
N ARG ZA 119 34.19 82.10 -72.43
CA ARG ZA 119 33.82 82.29 -71.03
C ARG ZA 119 32.71 83.32 -70.88
N LYS ZA 120 32.82 84.44 -71.61
CA LYS ZA 120 31.76 85.45 -71.58
C LYS ZA 120 30.44 84.87 -72.07
N ASP ZA 121 30.51 84.05 -73.14
CA ASP ZA 121 29.32 83.41 -73.68
C ASP ZA 121 28.64 82.53 -72.63
N ILE ZA 122 29.41 81.62 -72.02
CA ILE ZA 122 28.80 80.65 -71.10
C ILE ZA 122 28.23 81.37 -69.87
N ARG ZA 123 28.95 82.37 -69.34
CA ARG ZA 123 28.46 83.10 -68.18
C ARG ZA 123 27.16 83.84 -68.52
N LYS ZA 124 27.20 84.70 -69.54
CA LYS ZA 124 26.01 85.48 -69.89
C LYS ZA 124 24.82 84.58 -70.20
N MET ZA 125 25.07 83.50 -70.95
CA MET ZA 125 23.96 82.70 -71.45
C MET ZA 125 23.36 81.84 -70.36
N HIS ZA 126 24.17 81.31 -69.44
CA HIS ZA 126 23.61 80.56 -68.32
C HIS ZA 126 22.84 81.48 -67.38
N ALA ZA 127 23.42 82.63 -67.03
CA ALA ZA 127 22.73 83.59 -66.18
C ALA ZA 127 21.37 83.95 -66.78
N LEU ZA 128 21.34 84.15 -68.11
CA LEU ZA 128 20.06 84.40 -68.77
C LEU ZA 128 19.14 83.18 -68.70
N ALA ZA 129 19.69 81.98 -68.86
CA ALA ZA 129 18.89 80.77 -68.82
C ALA ZA 129 18.19 80.59 -67.48
N LEU ZA 130 18.74 81.20 -66.42
CA LEU ZA 130 18.05 81.18 -65.13
C LEU ZA 130 16.90 82.17 -65.04
N THR ZA 131 16.71 83.05 -66.03
CA THR ZA 131 15.66 84.05 -65.98
C THR ZA 131 14.60 83.86 -67.07
N THR ZA 132 14.67 82.77 -67.82
CA THR ZA 132 13.67 82.50 -68.86
C THR ZA 132 12.31 82.26 -68.22
N SER ZA 133 11.26 82.40 -69.04
CA SER ZA 133 9.91 82.15 -68.54
C SER ZA 133 9.77 80.71 -68.04
N GLU ZA 134 10.42 79.77 -68.73
CA GLU ZA 134 10.41 78.38 -68.30
C GLU ZA 134 11.12 78.21 -66.94
N ALA ZA 135 12.29 78.84 -66.78
CA ALA ZA 135 13.00 78.76 -65.51
C ALA ZA 135 12.18 79.36 -64.38
N ILE ZA 136 11.49 80.46 -64.64
CA ILE ZA 136 10.69 81.10 -63.60
C ILE ZA 136 9.49 80.22 -63.26
N ALA ZA 137 8.88 79.58 -64.27
CA ALA ZA 137 7.77 78.68 -64.00
C ALA ZA 137 8.21 77.47 -63.18
N MET ZA 138 9.42 76.97 -63.44
CA MET ZA 138 9.89 75.78 -62.73
C MET ZA 138 10.30 76.10 -61.30
N ILE ZA 139 11.04 77.20 -61.09
CA ILE ZA 139 11.57 77.47 -59.76
C ILE ZA 139 10.54 78.15 -58.87
N GLU ZA 140 9.73 79.07 -59.42
CA GLU ZA 140 8.80 79.81 -58.59
C GLU ZA 140 7.43 79.13 -58.50
N SER ZA 141 6.89 78.70 -59.63
CA SER ZA 141 5.56 78.11 -59.68
C SER ZA 141 5.59 76.59 -59.66
N LEU ZA 142 6.77 75.99 -59.80
CA LEU ZA 142 6.93 74.55 -59.66
C LEU ZA 142 6.14 73.81 -60.73
N GLN ZA 143 6.37 74.19 -62.00
CA GLN ZA 143 5.70 73.60 -63.14
C GLN ZA 143 6.74 73.09 -64.13
N PHE ZA 144 6.49 71.90 -64.67
CA PHE ZA 144 7.35 71.33 -65.70
C PHE ZA 144 6.85 71.74 -67.08
N VAL ZA 145 7.66 71.45 -68.10
CA VAL ZA 145 7.30 71.73 -69.49
C VAL ZA 145 6.77 70.45 -70.14
N TYR ZA 146 5.70 70.58 -70.90
CA TYR ZA 146 5.00 69.43 -71.47
C TYR ZA 146 4.83 69.54 -72.98
N PRO AB 1 54.16 94.45 -48.28
CA PRO AB 1 53.53 95.19 -49.37
C PRO AB 1 52.20 94.57 -49.79
N GLN AB 2 51.33 95.37 -50.39
CA GLN AB 2 50.05 94.86 -50.82
C GLN AB 2 50.19 94.13 -52.16
N ALA AB 3 49.19 93.30 -52.47
CA ALA AB 3 49.17 92.64 -53.77
C ALA AB 3 48.87 93.68 -54.84
N ALA AB 4 49.81 93.84 -55.78
CA ALA AB 4 49.66 94.80 -56.86
C ALA AB 4 50.15 94.18 -58.16
N ASP AB 5 49.81 94.82 -59.27
CA ASP AB 5 50.32 94.39 -60.56
C ASP AB 5 51.84 94.44 -60.56
N ILE AB 6 52.47 93.50 -61.26
CA ILE AB 6 53.91 93.46 -61.44
C ILE AB 6 54.18 93.56 -62.92
N VAL AB 7 54.94 94.56 -63.34
CA VAL AB 7 55.15 94.81 -64.76
C VAL AB 7 56.60 94.50 -65.12
N ILE AB 8 56.79 93.62 -66.10
CA ILE AB 8 58.11 93.13 -66.49
C ILE AB 8 58.25 93.25 -68.00
N ALA AB 9 59.41 93.72 -68.45
CA ALA AB 9 59.63 94.01 -69.86
C ALA AB 9 59.99 92.76 -70.67
N ASP AB 10 59.50 92.72 -71.90
CA ASP AB 10 59.83 91.66 -72.84
C ASP AB 10 61.28 91.81 -73.31
N ALA AB 11 61.75 90.78 -74.02
CA ALA AB 11 63.07 90.84 -74.65
C ALA AB 11 62.97 91.01 -76.17
N GLN AB 12 61.88 91.59 -76.66
CA GLN AB 12 61.74 91.82 -78.09
C GLN AB 12 62.62 93.00 -78.53
N ALA AB 13 62.71 93.16 -79.85
CA ALA AB 13 63.43 94.30 -80.42
C ALA AB 13 62.94 95.61 -79.82
N THR AB 14 61.62 95.83 -79.89
CA THR AB 14 60.99 96.87 -79.11
C THR AB 14 60.31 96.21 -77.93
N PRO AB 15 60.87 96.29 -76.73
CA PRO AB 15 60.32 95.53 -75.59
C PRO AB 15 58.85 95.87 -75.34
N VAL AB 16 58.10 94.83 -74.95
CA VAL AB 16 56.68 94.93 -74.65
C VAL AB 16 56.48 94.65 -73.16
N ASN AB 17 55.76 95.54 -72.49
CA ASN AB 17 55.52 95.37 -71.06
C ASN AB 17 54.44 94.30 -70.84
N HIS AB 18 54.79 93.26 -70.10
CA HIS AB 18 53.82 92.26 -69.65
C HIS AB 18 53.40 92.59 -68.23
N THR AB 19 52.09 92.69 -68.02
CA THR AB 19 51.54 93.04 -66.72
C THR AB 19 50.96 91.80 -66.05
N PHE AB 20 51.56 91.40 -64.93
CA PHE AB 20 51.14 90.25 -64.13
C PHE AB 20 50.19 90.74 -63.04
N VAL AB 21 48.90 90.48 -63.25
CA VAL AB 21 47.83 90.84 -62.31
C VAL AB 21 47.85 89.80 -61.19
N PRO AB 22 47.70 90.17 -59.92
CA PRO AB 22 47.66 89.15 -58.87
C PRO AB 22 46.44 88.26 -58.97
N ILE AB 23 46.66 86.94 -59.04
CA ILE AB 23 45.58 85.96 -58.96
C ILE AB 23 45.22 85.71 -57.52
N GLY AB 24 46.22 85.63 -56.64
CA GLY AB 24 45.94 85.42 -55.25
C GLY AB 24 46.87 84.41 -54.64
N PRO AB 25 46.62 84.04 -53.40
CA PRO AB 25 47.45 83.03 -52.75
C PRO AB 25 47.20 81.65 -53.33
N ASP AB 26 48.19 80.81 -53.17
CA ASP AB 26 48.12 79.45 -53.68
C ASP AB 26 47.02 78.68 -52.94
N PRO AB 27 46.30 77.80 -53.63
CA PRO AB 27 45.20 77.07 -52.96
C PRO AB 27 45.65 76.21 -51.80
N LYS AB 28 46.80 75.57 -51.95
CA LYS AB 28 47.23 74.54 -51.01
C LYS AB 28 48.34 75.00 -50.07
N ASP AB 29 49.07 76.05 -50.42
CA ASP AB 29 50.13 76.61 -49.58
C ASP AB 29 49.87 78.09 -49.37
N ALA AB 30 49.74 78.50 -48.12
CA ALA AB 30 49.46 79.88 -47.75
C ALA AB 30 50.70 80.76 -47.79
N THR AB 31 51.86 80.21 -48.17
CA THR AB 31 53.12 80.95 -48.17
C THR AB 31 53.58 81.31 -49.57
N ILE AB 32 52.80 81.02 -50.59
CA ILE AB 32 53.20 81.30 -51.97
C ILE AB 32 52.03 82.02 -52.65
N TYR AB 33 52.34 83.11 -53.35
CA TYR AB 33 51.36 84.01 -53.96
C TYR AB 33 51.60 84.06 -55.47
N TRP AB 34 50.52 84.31 -56.22
CA TRP AB 34 50.48 84.10 -57.67
C TRP AB 34 49.97 85.34 -58.40
N TRP AB 35 50.77 85.81 -59.36
CA TRP AB 35 50.43 86.78 -60.38
C TRP AB 35 50.42 86.11 -61.75
N GLU AB 36 49.68 86.68 -62.69
CA GLU AB 36 49.46 86.08 -64.00
C GLU AB 36 49.37 87.15 -65.09
N ASP AB 37 50.07 86.90 -66.20
CA ASP AB 37 50.00 87.69 -67.43
C ASP AB 37 48.99 87.02 -68.34
N GLN AB 38 47.82 87.66 -68.45
CA GLN AB 38 46.64 87.14 -69.11
C GLN AB 38 46.46 87.68 -70.52
N SER AB 39 47.55 88.13 -71.13
CA SER AB 39 47.50 88.74 -72.46
C SER AB 39 47.51 87.71 -73.57
N GLN AB 40 47.84 86.47 -73.27
CA GLN AB 40 48.06 85.44 -74.25
C GLN AB 40 46.72 84.99 -74.86
N ALA AB 41 46.79 84.00 -75.77
CA ALA AB 41 45.62 83.70 -76.61
C ALA AB 41 44.52 82.96 -75.85
N SER AB 42 44.89 82.02 -74.99
CA SER AB 42 43.98 81.33 -74.10
C SER AB 42 44.71 81.10 -72.79
N PRO AB 43 43.98 80.83 -71.69
CA PRO AB 43 44.67 80.66 -70.40
C PRO AB 43 45.80 79.63 -70.42
N ALA AB 44 45.71 78.61 -71.28
CA ALA AB 44 46.76 77.61 -71.39
C ALA AB 44 48.11 78.24 -71.67
N GLY AB 45 48.12 79.38 -72.36
CA GLY AB 45 49.33 80.10 -72.68
C GLY AB 45 49.64 81.31 -71.82
N TYR AB 46 48.85 81.57 -70.76
CA TYR AB 46 49.14 82.70 -69.88
C TYR AB 46 50.47 82.49 -69.17
N TRP AB 47 51.16 83.58 -68.85
CA TRP AB 47 52.44 83.46 -68.14
C TRP AB 47 52.25 83.72 -66.66
N ARG AB 48 52.94 82.95 -65.82
CA ARG AB 48 52.66 83.00 -64.40
C ARG AB 48 53.94 83.32 -63.62
N LEU AB 49 53.75 84.02 -62.50
CA LEU AB 49 54.83 84.39 -61.61
C LEU AB 49 54.39 84.09 -60.18
N SER AB 50 55.25 83.45 -59.40
CA SER AB 50 54.93 83.03 -58.05
C SER AB 50 56.07 83.41 -57.11
N MET AB 51 55.70 83.95 -55.94
CA MET AB 51 56.69 84.31 -54.93
C MET AB 51 56.31 83.68 -53.60
N GLN AB 52 57.30 83.10 -52.93
CA GLN AB 52 57.08 82.32 -51.71
C GLN AB 52 58.08 82.71 -50.64
N LEU AB 53 57.58 82.99 -49.44
CA LEU AB 53 58.40 83.29 -48.27
C LEU AB 53 58.07 82.28 -47.19
N VAL AB 54 59.06 81.49 -46.79
CA VAL AB 54 58.92 80.48 -45.76
C VAL AB 54 59.80 80.88 -44.59
N ARG AB 55 59.16 81.33 -43.51
CA ARG AB 55 59.68 81.76 -42.23
C ARG AB 55 59.67 80.59 -41.26
N PRO AB 56 60.63 80.51 -40.35
CA PRO AB 56 60.61 79.47 -39.33
C PRO AB 56 59.68 79.84 -38.18
N ALA AB 57 59.34 78.82 -37.37
CA ALA AB 57 58.49 79.05 -36.22
C ALA AB 57 59.19 80.00 -35.24
N PRO AB 58 58.44 80.81 -34.50
CA PRO AB 58 59.07 81.86 -33.69
C PRO AB 58 60.05 81.27 -32.68
N ALA AB 59 61.09 82.04 -32.38
CA ALA AB 59 62.15 81.55 -31.52
C ALA AB 59 61.67 81.40 -30.08
N LYS AB 60 62.16 80.37 -29.41
CA LYS AB 60 61.83 80.15 -28.02
C LYS AB 60 62.88 80.77 -27.12
N ALA AB 61 62.48 81.05 -25.88
CA ALA AB 61 63.37 81.71 -24.94
C ALA AB 61 64.56 80.83 -24.63
N GLY AB 62 65.76 81.37 -24.79
CA GLY AB 62 66.97 80.62 -24.57
C GLY AB 62 67.34 79.64 -25.69
N GLN AB 63 66.50 79.50 -26.71
CA GLN AB 63 66.80 78.60 -27.81
C GLN AB 63 67.94 79.16 -28.67
N ASN AB 64 68.77 78.27 -29.19
CA ASN AB 64 69.90 78.65 -30.04
C ASN AB 64 69.42 78.77 -31.48
N THR AB 65 69.62 79.93 -32.10
CA THR AB 65 69.01 80.23 -33.39
C THR AB 65 69.96 80.07 -34.56
N ASN AB 66 71.17 79.53 -34.35
CA ASN AB 66 72.10 79.57 -35.48
C ASN AB 66 71.81 78.56 -36.48
N GLN AB 67 70.71 77.81 -36.38
CA GLN AB 67 70.36 76.88 -37.43
C GLN AB 67 69.03 77.20 -38.14
N ARG AB 68 68.28 78.19 -37.67
CA ARG AB 68 67.00 78.51 -38.27
C ARG AB 68 67.24 79.33 -39.52
N MET AB 69 66.43 79.09 -40.56
CA MET AB 69 66.67 79.71 -41.87
C MET AB 69 65.35 80.09 -42.53
N ILE AB 70 65.42 81.12 -43.38
CA ILE AB 70 64.30 81.65 -44.12
C ILE AB 70 64.55 81.37 -45.60
N ARG AB 71 63.50 80.95 -46.30
CA ARG AB 71 63.64 80.64 -47.73
C ARG AB 71 62.71 81.53 -48.54
N VAL AB 72 63.21 81.98 -49.70
CA VAL AB 72 62.41 82.78 -50.63
C VAL AB 72 62.53 82.13 -52.00
N ARG AB 73 61.40 81.87 -52.65
CA ARG AB 73 61.38 81.22 -53.96
C ARG AB 73 60.58 82.08 -54.92
N VAL AB 74 61.21 82.46 -56.03
CA VAL AB 74 60.54 83.16 -57.13
C VAL AB 74 60.53 82.21 -58.32
N SER AB 75 59.40 82.17 -59.02
CA SER AB 75 59.23 81.21 -60.09
C SER AB 75 58.46 81.85 -61.24
N THR AB 76 58.95 81.67 -62.46
CA THR AB 76 58.29 82.22 -63.64
C THR AB 76 58.06 81.12 -64.66
N PHE AB 77 56.85 81.05 -65.19
CA PHE AB 77 56.44 80.05 -66.18
C PHE AB 77 55.94 80.78 -67.42
N GLU AB 78 56.53 80.44 -68.57
CA GLU AB 78 56.20 81.09 -69.84
C GLU AB 78 55.85 80.05 -70.90
N PRO AB 79 54.68 79.42 -70.79
CA PRO AB 79 54.28 78.43 -71.80
C PRO AB 79 54.11 79.06 -73.17
N ILE AB 80 54.49 78.31 -74.19
CA ILE AB 80 54.39 78.73 -75.59
C ILE AB 80 53.35 77.86 -76.27
N LEU AB 81 52.46 78.48 -77.04
CA LEU AB 81 51.38 77.76 -77.69
C LEU AB 81 51.75 77.37 -79.12
N GLU AB 82 50.94 76.48 -79.68
CA GLU AB 82 51.00 76.08 -81.07
C GLU AB 82 49.58 75.85 -81.55
N VAL AB 83 49.39 75.97 -82.87
CA VAL AB 83 48.07 75.83 -83.49
C VAL AB 83 48.18 74.87 -84.66
N ALA AB 84 47.10 74.10 -84.89
CA ALA AB 84 47.09 73.12 -85.98
C ALA AB 84 46.79 73.73 -87.34
N VAL AB 85 46.11 74.88 -87.37
CA VAL AB 85 45.77 75.55 -88.62
C VAL AB 85 45.58 77.04 -88.34
N THR AB 86 45.93 77.88 -89.31
CA THR AB 86 46.08 79.31 -89.06
C THR AB 86 44.89 80.15 -89.51
N ALA AB 87 43.86 79.56 -90.11
CA ALA AB 87 42.70 80.31 -90.57
C ALA AB 87 41.45 79.87 -89.82
N THR AB 88 40.34 80.52 -90.15
CA THR AB 88 39.05 80.18 -89.59
C THR AB 88 38.10 79.75 -90.70
N TYR AB 89 37.40 78.64 -90.50
CA TYR AB 89 36.48 78.08 -91.47
C TYR AB 89 35.08 78.07 -90.88
N SER AB 90 34.12 78.66 -91.59
CA SER AB 90 32.70 78.57 -91.21
C SER AB 90 32.50 78.91 -89.73
N GLY AB 91 33.20 79.96 -89.29
CA GLY AB 91 33.10 80.43 -87.92
C GLY AB 91 33.83 79.61 -86.88
N ILE AB 92 34.60 78.59 -87.28
CA ILE AB 92 35.34 77.76 -86.33
C ILE AB 92 36.75 78.32 -86.24
N ALA AB 93 37.10 78.84 -85.07
CA ALA AB 93 38.45 79.38 -85.04
C ALA AB 93 39.46 78.31 -84.61
N PRO AB 94 40.73 78.50 -84.97
CA PRO AB 94 41.77 77.60 -84.47
C PRO AB 94 41.92 77.75 -82.97
N SER AB 95 42.04 76.62 -82.29
CA SER AB 95 42.17 76.60 -80.83
C SER AB 95 43.56 76.11 -80.49
N PRO AB 96 44.42 76.95 -79.92
CA PRO AB 96 45.80 76.55 -79.67
C PRO AB 96 45.95 75.66 -78.46
N THR AB 97 46.99 74.83 -78.48
CA THR AB 97 47.40 74.02 -77.33
C THR AB 97 48.80 74.41 -76.91
N VAL AB 98 49.19 73.95 -75.73
CA VAL AB 98 50.54 74.23 -75.26
C VAL AB 98 51.52 73.36 -76.03
N SER AB 99 52.64 73.96 -76.43
CA SER AB 99 53.68 73.29 -77.20
C SER AB 99 54.87 72.89 -76.33
N TYR AB 100 55.35 73.82 -75.50
CA TYR AB 100 56.43 73.56 -74.56
C TYR AB 100 56.41 74.68 -73.52
N VAL AB 101 57.05 74.41 -72.38
CA VAL AB 101 57.04 75.41 -71.31
C VAL AB 101 58.45 75.69 -70.80
N PRO AB 102 59.09 76.76 -71.25
CA PRO AB 102 60.29 77.23 -70.56
C PRO AB 102 59.93 77.86 -69.23
N LYS AB 103 60.78 77.62 -68.22
CA LYS AB 103 60.46 78.13 -66.90
C LYS AB 103 61.75 78.37 -66.14
N ALA AB 104 61.63 79.12 -65.03
CA ALA AB 104 62.77 79.46 -64.20
C ALA AB 104 62.36 79.44 -62.74
N PHE AB 105 63.27 78.98 -61.89
CA PHE AB 105 63.03 78.79 -60.47
C PHE AB 105 64.25 79.30 -59.71
N THR AB 106 64.07 80.27 -58.82
CA THR AB 106 65.16 80.83 -58.01
C THR AB 106 64.81 80.68 -56.53
N GLU AB 107 65.79 80.26 -55.73
CA GLU AB 107 65.63 80.04 -54.30
C GLU AB 107 66.77 80.72 -53.55
N PHE AB 108 66.40 81.62 -52.64
CA PHE AB 108 67.32 82.23 -51.69
C PHE AB 108 67.19 81.50 -50.37
N VAL AB 109 68.33 81.08 -49.82
CA VAL AB 109 68.44 80.55 -48.47
C VAL AB 109 69.13 81.61 -47.64
N LEU AB 110 68.36 82.26 -46.77
CA LEU AB 110 68.83 83.34 -45.92
C LEU AB 110 68.78 82.88 -44.48
N PRO AB 111 69.91 82.58 -43.85
CA PRO AB 111 69.87 82.21 -42.44
C PRO AB 111 69.34 83.36 -41.60
N GLU AB 112 68.50 83.01 -40.62
CA GLU AB 112 67.78 84.02 -39.84
C GLU AB 112 68.72 85.00 -39.16
N ARG AB 113 69.93 84.57 -38.79
CA ARG AB 113 70.87 85.47 -38.13
C ARG AB 113 71.55 86.44 -39.08
N ALA AB 114 71.20 86.45 -40.37
CA ALA AB 114 71.95 87.26 -41.31
C ALA AB 114 71.54 88.72 -41.22
N THR AB 115 72.47 89.60 -41.59
CA THR AB 115 72.23 91.04 -41.55
C THR AB 115 71.45 91.48 -42.78
N LEU AB 116 70.71 92.59 -42.61
CA LEU AB 116 70.11 93.26 -43.76
C LEU AB 116 71.15 93.47 -44.85
N ASP AB 117 72.38 93.79 -44.48
CA ASP AB 117 73.43 93.97 -45.47
C ASP AB 117 73.70 92.67 -46.21
N ASN AB 118 73.77 91.55 -45.49
CA ASN AB 118 73.98 90.25 -46.14
C ASN AB 118 72.87 89.95 -47.13
N ARG AB 119 71.63 90.27 -46.75
CA ARG AB 119 70.49 89.98 -47.62
C ARG AB 119 70.52 90.86 -48.87
N LYS AB 120 70.79 92.15 -48.71
CA LYS AB 120 70.93 93.03 -49.87
C LYS AB 120 72.05 92.55 -50.78
N ASP AB 121 73.16 92.11 -50.19
CA ASP AB 121 74.29 91.58 -50.95
C ASP AB 121 73.87 90.39 -51.80
N ILE AB 122 73.28 89.37 -51.17
CA ILE AB 122 72.97 88.15 -51.90
C ILE AB 122 71.93 88.42 -52.98
N ARG AB 123 70.91 89.23 -52.68
CA ARG AB 123 69.90 89.57 -53.68
C ARG AB 123 70.52 90.27 -54.87
N LYS AB 124 71.17 91.42 -54.63
CA LYS AB 124 71.74 92.20 -55.74
C LYS AB 124 72.72 91.37 -56.55
N MET AB 125 73.60 90.64 -55.86
CA MET AB 125 74.70 89.98 -56.55
C MET AB 125 74.22 88.78 -57.36
N HIS AB 126 73.23 88.04 -56.85
CA HIS AB 126 72.68 86.96 -57.66
C HIS AB 126 71.91 87.50 -58.86
N ALA AB 127 71.07 88.52 -58.65
CA ALA AB 127 70.35 89.11 -59.77
C ALA AB 127 71.32 89.59 -60.85
N LEU AB 128 72.46 90.15 -60.42
CA LEU AB 128 73.48 90.56 -61.38
C LEU AB 128 74.13 89.37 -62.05
N ALA AB 129 74.38 88.30 -61.28
CA ALA AB 129 75.02 87.11 -61.85
C ALA AB 129 74.16 86.49 -62.93
N LEU AB 130 72.85 86.73 -62.90
CA LEU AB 130 71.98 86.27 -63.98
C LEU AB 130 72.13 87.10 -65.26
N THR AB 131 72.80 88.24 -65.21
CA THR AB 131 72.92 89.12 -66.37
C THR AB 131 74.35 89.23 -66.88
N THR AB 132 75.29 88.48 -66.32
CA THR AB 132 76.67 88.50 -66.77
C THR AB 132 76.76 87.98 -68.21
N SER AB 133 77.82 88.38 -68.91
CA SER AB 133 78.02 87.92 -70.28
C SER AB 133 78.08 86.40 -70.36
N GLU AB 134 78.66 85.76 -69.33
CA GLU AB 134 78.70 84.31 -69.28
C GLU AB 134 77.31 83.72 -69.10
N ALA AB 135 76.50 84.28 -68.22
CA ALA AB 135 75.13 83.81 -68.04
C ALA AB 135 74.33 83.97 -69.33
N ILE AB 136 74.52 85.07 -70.03
CA ILE AB 136 73.80 85.28 -71.28
C ILE AB 136 74.25 84.29 -72.34
N ALA AB 137 75.56 84.03 -72.41
CA ALA AB 137 76.07 83.05 -73.36
C ALA AB 137 75.55 81.65 -73.05
N MET AB 138 75.34 81.32 -71.77
CA MET AB 138 74.91 79.97 -71.42
C MET AB 138 73.40 79.79 -71.60
N ILE AB 139 72.60 80.80 -71.24
CA ILE AB 139 71.14 80.64 -71.31
C ILE AB 139 70.61 80.95 -72.70
N GLU AB 140 71.11 82.01 -73.34
CA GLU AB 140 70.59 82.41 -74.65
C GLU AB 140 71.33 81.72 -75.78
N SER AB 141 72.66 81.71 -75.74
CA SER AB 141 73.48 81.15 -76.81
C SER AB 141 73.81 79.68 -76.60
N LEU AB 142 73.55 79.14 -75.42
CA LEU AB 142 73.73 77.70 -75.15
C LEU AB 142 75.19 77.27 -75.36
N GLN AB 143 76.12 78.06 -74.85
CA GLN AB 143 77.54 77.77 -74.93
C GLN AB 143 78.15 77.81 -73.53
N PHE AB 144 78.83 76.72 -73.18
CA PHE AB 144 79.53 76.63 -71.90
C PHE AB 144 80.86 77.39 -71.97
N VAL AB 145 81.55 77.47 -70.82
CA VAL AB 145 82.84 78.13 -70.73
C VAL AB 145 83.95 77.08 -70.80
N TYR AB 146 84.93 77.31 -71.67
CA TYR AB 146 86.00 76.35 -71.89
C TYR AB 146 87.39 76.97 -71.68
N PRO BB 1 37.46 93.34 -43.41
CA PRO BB 1 38.50 94.37 -43.55
C PRO BB 1 39.78 93.79 -44.16
N GLN BB 2 40.28 94.40 -45.22
CA GLN BB 2 41.51 93.89 -45.82
C GLN BB 2 42.66 94.10 -44.85
N ALA BB 3 43.62 93.17 -44.88
CA ALA BB 3 44.75 93.25 -43.96
C ALA BB 3 45.59 94.49 -44.27
N ALA BB 4 45.96 95.22 -43.22
CA ALA BB 4 46.84 96.37 -43.38
C ALA BB 4 47.67 96.52 -42.12
N ASP BB 5 48.66 97.42 -42.18
CA ASP BB 5 49.54 97.68 -41.05
C ASP BB 5 48.72 98.04 -39.81
N ILE BB 6 49.16 97.55 -38.66
CA ILE BB 6 48.55 97.87 -37.38
C ILE BB 6 49.56 98.65 -36.56
N VAL BB 7 49.24 99.89 -36.20
CA VAL BB 7 50.20 100.74 -35.50
C VAL BB 7 49.74 100.92 -34.06
N ILE BB 8 50.62 100.58 -33.12
CA ILE BB 8 50.32 100.61 -31.70
C ILE BB 8 51.42 101.38 -30.99
N ALA BB 9 51.02 102.25 -30.06
CA ALA BB 9 51.98 103.12 -29.39
C ALA BB 9 52.73 102.40 -28.29
N ASP BB 10 53.99 102.80 -28.10
CA ASP BB 10 54.82 102.28 -27.03
C ASP BB 10 54.35 102.83 -25.69
N ALA BB 11 55.04 102.43 -24.63
CA ALA BB 11 54.80 102.98 -23.29
C ALA BB 11 55.99 103.78 -22.77
N GLN BB 12 56.80 104.33 -23.67
CA GLN BB 12 57.98 105.07 -23.25
C GLN BB 12 57.59 106.46 -22.77
N ALA BB 13 58.58 107.18 -22.23
CA ALA BB 13 58.42 108.57 -21.84
C ALA BB 13 57.77 109.36 -22.98
N THR BB 14 58.43 109.36 -24.14
CA THR BB 14 57.78 109.79 -25.36
C THR BB 14 57.35 108.54 -26.12
N PRO BB 15 56.06 108.22 -26.18
CA PRO BB 15 55.63 106.99 -26.85
C PRO BB 15 56.17 106.89 -28.27
N VAL BB 16 56.59 105.68 -28.64
CA VAL BB 16 57.15 105.39 -29.95
C VAL BB 16 56.21 104.43 -30.67
N ASN BB 17 55.80 104.80 -31.89
CA ASN BB 17 54.86 103.96 -32.62
C ASN BB 17 55.56 102.71 -33.17
N HIS BB 18 54.98 101.55 -32.89
CA HIS BB 18 55.41 100.29 -33.49
C HIS BB 18 54.44 99.92 -34.59
N THR BB 19 54.97 99.65 -35.78
CA THR BB 19 54.15 99.29 -36.93
C THR BB 19 54.28 97.80 -37.18
N PHE BB 20 53.14 97.08 -37.09
CA PHE BB 20 53.05 95.65 -37.31
C PHE BB 20 52.57 95.42 -38.74
N VAL BB 21 53.49 95.01 -39.62
CA VAL BB 21 53.19 94.68 -41.00
C VAL BB 21 52.56 93.29 -41.03
N PRO BB 22 51.48 93.05 -41.76
CA PRO BB 22 50.94 91.68 -41.82
C PRO BB 22 51.92 90.71 -42.47
N ILE BB 23 52.14 89.60 -41.79
CA ILE BB 23 52.81 88.45 -42.38
C ILE BB 23 51.81 87.58 -43.14
N GLY BB 24 50.59 87.48 -42.64
CA GLY BB 24 49.60 86.68 -43.32
C GLY BB 24 49.02 85.61 -42.42
N PRO BB 25 48.20 84.74 -43.00
CA PRO BB 25 47.57 83.68 -42.20
C PRO BB 25 48.57 82.59 -41.86
N ASP BB 26 48.38 82.02 -40.67
CA ASP BB 26 49.22 80.90 -40.24
C ASP BB 26 49.05 79.75 -41.21
N PRO BB 27 50.14 79.22 -41.79
CA PRO BB 27 49.99 78.07 -42.68
C PRO BB 27 49.41 76.85 -41.99
N LYS BB 28 49.68 76.69 -40.69
CA LYS BB 28 49.15 75.53 -39.97
C LYS BB 28 47.67 75.69 -39.66
N ASP BB 29 47.22 76.91 -39.36
CA ASP BB 29 45.81 77.18 -39.03
C ASP BB 29 45.37 78.44 -39.77
N ALA BB 30 44.39 78.28 -40.67
CA ALA BB 30 43.94 79.38 -41.50
C ALA BB 30 43.09 80.41 -40.74
N THR BB 31 42.63 80.09 -39.55
CA THR BB 31 41.77 80.98 -38.78
C THR BB 31 42.54 81.97 -37.92
N ILE BB 32 43.86 82.02 -38.06
CA ILE BB 32 44.65 82.93 -37.23
C ILE BB 32 45.60 83.69 -38.16
N TYR BB 33 45.63 85.01 -38.01
CA TYR BB 33 46.38 85.91 -38.87
C TYR BB 33 47.46 86.61 -38.07
N TRP BB 34 48.58 86.92 -38.72
CA TRP BB 34 49.80 87.37 -38.06
C TRP BB 34 50.31 88.67 -38.67
N TRP BB 35 50.57 89.64 -37.79
CA TRP BB 35 51.33 90.85 -38.06
C TRP BB 35 52.64 90.80 -37.27
N GLU BB 36 53.65 91.51 -37.74
CA GLU BB 36 55.00 91.47 -37.18
C GLU BB 36 55.59 92.86 -37.14
N ASP BB 37 56.22 93.21 -36.00
CA ASP BB 37 56.94 94.46 -35.82
C ASP BB 37 58.41 94.20 -36.09
N GLN BB 38 58.91 94.74 -37.20
CA GLN BB 38 60.26 94.43 -37.68
C GLN BB 38 61.30 95.44 -37.20
N SER BB 39 61.01 96.21 -36.16
CA SER BB 39 61.91 97.26 -35.72
C SER BB 39 62.96 96.78 -34.73
N GLN BB 40 62.96 95.49 -34.39
CA GLN BB 40 63.85 94.97 -33.35
C GLN BB 40 65.22 94.66 -33.97
N ALA BB 41 66.09 94.07 -33.16
CA ALA BB 41 67.52 93.99 -33.51
C ALA BB 41 67.79 92.93 -34.58
N SER BB 42 67.13 91.78 -34.50
CA SER BB 42 67.23 90.73 -35.51
C SER BB 42 65.92 89.96 -35.50
N PRO BB 43 65.63 89.19 -36.56
CA PRO BB 43 64.27 88.64 -36.71
C PRO BB 43 63.78 87.82 -35.54
N ALA BB 44 64.67 87.06 -34.88
CA ALA BB 44 64.24 86.25 -33.75
C ALA BB 44 63.52 87.07 -32.68
N GLY BB 45 63.86 88.36 -32.56
CA GLY BB 45 63.28 89.26 -31.61
C GLY BB 45 62.17 90.16 -32.11
N TYR BB 46 61.70 89.98 -33.35
CA TYR BB 46 60.61 90.78 -33.89
C TYR BB 46 59.33 90.54 -33.09
N TRP BB 47 58.69 91.62 -32.66
CA TRP BB 47 57.43 91.47 -31.93
C TRP BB 47 56.32 91.05 -32.88
N ARG BB 48 55.37 90.27 -32.38
CA ARG BB 48 54.32 89.73 -33.23
C ARG BB 48 52.96 89.92 -32.57
N LEU BB 49 51.94 89.96 -33.42
CA LEU BB 49 50.56 90.13 -33.02
C LEU BB 49 49.72 89.17 -33.85
N SER BB 50 48.77 88.48 -33.21
CA SER BB 50 47.97 87.45 -33.86
C SER BB 50 46.50 87.64 -33.50
N MET BB 51 45.63 87.52 -34.51
CA MET BB 51 44.20 87.60 -34.30
C MET BB 51 43.51 86.40 -34.93
N GLN BB 52 42.62 85.76 -34.17
CA GLN BB 52 42.00 84.51 -34.58
C GLN BB 52 40.49 84.59 -34.42
N LEU BB 53 39.78 84.19 -35.47
CA LEU BB 53 38.33 84.15 -35.47
C LEU BB 53 37.90 82.72 -35.83
N VAL BB 54 37.23 82.06 -34.91
CA VAL BB 54 36.76 80.69 -35.09
C VAL BB 54 35.24 80.75 -35.01
N ARG BB 55 34.59 80.72 -36.18
CA ARG BB 55 33.16 80.64 -36.38
C ARG BB 55 32.75 79.18 -36.57
N PRO BB 56 31.62 78.79 -36.01
CA PRO BB 56 31.21 77.38 -36.10
C PRO BB 56 30.64 77.06 -37.47
N ALA BB 57 30.59 75.76 -37.75
CA ALA BB 57 29.97 75.29 -38.99
C ALA BB 57 28.52 75.79 -39.05
N PRO BB 58 28.02 76.12 -40.24
CA PRO BB 58 26.73 76.79 -40.33
C PRO BB 58 25.59 76.00 -39.70
N ALA BB 59 24.65 76.74 -39.12
CA ALA BB 59 23.48 76.13 -38.51
C ALA BB 59 22.71 75.34 -39.54
N LYS BB 60 22.18 74.19 -39.13
CA LYS BB 60 21.43 73.32 -40.02
C LYS BB 60 19.94 73.38 -39.68
N ALA BB 61 19.11 72.97 -40.64
CA ALA BB 61 17.67 73.07 -40.48
C ALA BB 61 17.21 72.21 -39.31
N GLY BB 62 16.43 72.81 -38.42
CA GLY BB 62 15.96 72.11 -37.24
C GLY BB 62 17.00 71.80 -36.18
N GLN BB 63 18.25 72.26 -36.36
CA GLN BB 63 19.31 71.99 -35.40
C GLN BB 63 19.14 72.90 -34.19
N ASN BB 64 19.75 72.49 -33.07
CA ASN BB 64 19.65 73.24 -31.82
C ASN BB 64 20.91 74.10 -31.65
N THR BB 65 20.72 75.39 -31.44
CA THR BB 65 21.81 76.35 -31.45
C THR BB 65 22.41 76.61 -30.08
N ASN BB 66 21.77 76.16 -29.00
CA ASN BB 66 22.01 76.74 -27.68
C ASN BB 66 23.41 76.47 -27.16
N GLN BB 67 24.23 75.71 -27.89
CA GLN BB 67 25.62 75.48 -27.48
C GLN BB 67 26.66 75.94 -28.49
N ARG BB 68 26.26 76.37 -29.68
CA ARG BB 68 27.22 76.77 -30.69
C ARG BB 68 27.81 78.13 -30.31
N MET BB 69 29.13 78.28 -30.48
CA MET BB 69 29.81 79.47 -30.01
C MET BB 69 30.94 79.90 -30.94
N ILE BB 70 31.21 81.20 -30.95
CA ILE BB 70 32.26 81.83 -31.73
C ILE BB 70 33.37 82.26 -30.79
N ARG BB 71 34.62 82.05 -31.20
CA ARG BB 71 35.75 82.43 -30.37
C ARG BB 71 36.63 83.42 -31.13
N VAL BB 72 37.18 84.39 -30.40
CA VAL BB 72 38.13 85.35 -30.97
C VAL BB 72 39.30 85.46 -30.01
N ARG BB 73 40.52 85.25 -30.52
CA ARG BB 73 41.72 85.28 -29.70
C ARG BB 73 42.70 86.30 -30.26
N VAL BB 74 43.05 87.29 -29.46
CA VAL BB 74 44.06 88.29 -29.79
C VAL BB 74 45.27 88.06 -28.89
N SER BB 75 46.44 87.93 -29.50
CA SER BB 75 47.66 87.59 -28.78
C SER BB 75 48.79 88.52 -29.18
N THR BB 76 49.57 88.98 -28.21
CA THR BB 76 50.73 89.84 -28.50
C THR BB 76 51.97 89.28 -27.83
N PHE BB 77 53.04 89.16 -28.60
CA PHE BB 77 54.33 88.64 -28.13
C PHE BB 77 55.39 89.71 -28.34
N GLU BB 78 56.12 90.03 -27.27
CA GLU BB 78 57.16 91.06 -27.32
C GLU BB 78 58.48 90.49 -26.80
N PRO BB 79 59.08 89.57 -27.54
CA PRO BB 79 60.32 88.94 -27.08
C PRO BB 79 61.45 89.96 -26.97
N ILE BB 80 62.24 89.82 -25.91
CA ILE BB 80 63.39 90.69 -25.64
C ILE BB 80 64.65 89.91 -25.98
N LEU BB 81 65.43 90.43 -26.92
CA LEU BB 81 66.64 89.75 -27.36
C LEU BB 81 67.73 89.84 -26.31
N GLU BB 82 68.47 88.75 -26.14
CA GLU BB 82 69.59 88.74 -25.22
C GLU BB 82 70.68 89.69 -25.73
N VAL BB 83 71.28 90.44 -24.81
CA VAL BB 83 72.42 91.30 -25.13
C VAL BB 83 73.70 90.52 -24.87
N ALA BB 84 74.59 90.51 -25.86
CA ALA BB 84 75.78 89.67 -25.79
C ALA BB 84 76.81 90.26 -24.83
N VAL BB 85 77.52 89.38 -24.14
CA VAL BB 85 78.72 89.77 -23.40
C VAL BB 85 79.86 88.92 -23.94
N THR BB 86 81.04 89.10 -23.37
CA THR BB 86 82.23 88.41 -23.87
C THR BB 86 82.10 86.92 -23.62
N ALA BB 87 82.16 86.13 -24.71
CA ALA BB 87 82.17 84.68 -24.62
C ALA BB 87 83.61 84.21 -24.39
N THR BB 88 83.80 83.36 -23.39
CA THR BB 88 85.14 83.01 -22.94
C THR BB 88 85.55 81.59 -23.29
N TYR BB 89 84.60 80.69 -23.55
CA TYR BB 89 85.00 79.33 -23.92
C TYR BB 89 85.57 79.28 -25.34
N SER BB 90 84.83 79.81 -26.31
CA SER BB 90 85.24 79.73 -27.71
C SER BB 90 85.66 81.07 -28.29
N GLY BB 91 85.39 82.18 -27.60
CA GLY BB 91 85.67 83.49 -28.16
C GLY BB 91 84.79 83.86 -29.33
N ILE BB 92 83.78 83.06 -29.62
CA ILE BB 92 82.85 83.27 -30.72
C ILE BB 92 81.53 83.74 -30.13
N ALA BB 93 81.15 84.98 -30.45
CA ALA BB 93 79.92 85.53 -29.90
C ALA BB 93 78.73 84.68 -30.32
N PRO BB 94 77.73 84.53 -29.46
CA PRO BB 94 76.65 83.58 -29.74
C PRO BB 94 75.64 84.14 -30.73
N SER BB 95 74.97 83.21 -31.40
CA SER BB 95 73.86 83.57 -32.28
C SER BB 95 72.83 84.37 -31.49
N PRO BB 96 72.08 85.25 -32.17
CA PRO BB 96 71.04 86.00 -31.46
C PRO BB 96 70.05 85.05 -30.83
N THR BB 97 69.87 85.19 -29.52
CA THR BB 97 69.03 84.30 -28.75
C THR BB 97 67.99 85.13 -28.00
N VAL BB 98 66.78 84.59 -27.89
CA VAL BB 98 65.71 85.27 -27.17
C VAL BB 98 65.91 85.07 -25.68
N SER BB 99 65.96 86.17 -24.93
CA SER BB 99 66.21 86.08 -23.50
C SER BB 99 64.95 85.69 -22.73
N TYR BB 100 63.85 86.40 -22.95
CA TYR BB 100 62.58 86.09 -22.30
C TYR BB 100 61.47 86.74 -23.11
N VAL BB 101 60.25 86.27 -22.90
CA VAL BB 101 59.14 86.79 -23.69
C VAL BB 101 57.96 87.22 -22.83
N PRO BB 102 57.75 88.52 -22.64
CA PRO BB 102 56.49 89.01 -22.08
C PRO BB 102 55.39 88.88 -23.13
N LYS BB 103 54.26 88.30 -22.73
CA LYS BB 103 53.22 88.06 -23.72
C LYS BB 103 51.84 88.22 -23.10
N ALA BB 104 50.84 88.35 -23.96
CA ALA BB 104 49.46 88.49 -23.51
C ALA BB 104 48.53 87.77 -24.47
N PHE BB 105 47.48 87.18 -23.91
CA PHE BB 105 46.54 86.33 -24.64
C PHE BB 105 45.14 86.66 -24.17
N THR BB 106 44.28 87.14 -25.07
CA THR BB 106 42.89 87.47 -24.74
C THR BB 106 41.96 86.63 -25.61
N GLU BB 107 41.00 85.97 -24.97
CA GLU BB 107 40.02 85.12 -25.64
C GLU BB 107 38.61 85.60 -25.31
N PHE BB 108 37.86 85.94 -26.34
CA PHE BB 108 36.44 86.23 -26.25
C PHE BB 108 35.66 84.98 -26.63
N VAL BB 109 34.75 84.57 -25.75
CA VAL BB 109 33.77 83.53 -26.04
C VAL BB 109 32.43 84.23 -26.24
N LEU BB 110 31.98 84.26 -27.49
CA LEU BB 110 30.74 84.92 -27.87
C LEU BB 110 29.79 83.84 -28.38
N PRO BB 111 28.79 83.45 -27.61
CA PRO BB 111 27.83 82.47 -28.14
C PRO BB 111 27.09 83.03 -29.34
N GLU BB 112 26.88 82.17 -30.34
CA GLU BB 112 26.28 82.62 -31.61
C GLU BB 112 24.95 83.32 -31.37
N ARG BB 113 24.18 82.80 -30.41
CA ARG BB 113 22.93 83.41 -29.98
C ARG BB 113 23.06 84.89 -29.62
N ALA BB 114 24.24 85.36 -29.20
CA ALA BB 114 24.35 86.70 -28.63
C ALA BB 114 24.15 87.78 -29.68
N THR BB 115 23.61 88.92 -29.24
CA THR BB 115 23.32 90.04 -30.12
C THR BB 115 24.55 90.92 -30.33
N LEU BB 116 24.48 91.71 -31.40
CA LEU BB 116 25.54 92.68 -31.69
C LEU BB 116 25.79 93.57 -30.48
N ASP BB 117 24.73 93.98 -29.79
CA ASP BB 117 24.91 94.78 -28.59
C ASP BB 117 25.72 94.03 -27.54
N ASN BB 118 25.42 92.74 -27.35
CA ASN BB 118 26.19 91.92 -26.41
C ASN BB 118 27.66 91.90 -26.77
N ARG BB 119 27.97 91.74 -28.06
CA ARG BB 119 29.37 91.65 -28.49
C ARG BB 119 30.08 93.00 -28.31
N LYS BB 120 29.41 94.09 -28.67
CA LYS BB 120 29.99 95.41 -28.46
C LYS BB 120 30.24 95.66 -26.98
N ASP BB 121 29.30 95.25 -26.13
CA ASP BB 121 29.44 95.38 -24.68
C ASP BB 121 30.69 94.66 -24.18
N ILE BB 122 30.80 93.37 -24.52
CA ILE BB 122 31.91 92.58 -23.96
C ILE BB 122 33.25 93.11 -24.46
N ARG BB 123 33.33 93.46 -25.75
CA ARG BB 123 34.59 93.98 -26.29
C ARG BB 123 34.98 95.29 -25.59
N LYS BB 124 34.09 96.28 -25.62
CA LYS BB 124 34.42 97.57 -25.04
C LYS BB 124 34.76 97.45 -23.55
N MET BB 125 33.94 96.69 -22.82
CA MET BB 125 34.08 96.68 -21.37
C MET BB 125 35.33 95.92 -20.93
N HIS BB 126 35.70 94.85 -21.64
CA HIS BB 126 36.94 94.18 -21.31
C HIS BB 126 38.14 95.05 -21.68
N ALA BB 127 38.14 95.64 -22.87
CA ALA BB 127 39.25 96.51 -23.28
C ALA BB 127 39.44 97.66 -22.30
N LEU BB 128 38.35 98.12 -21.69
CA LEU BB 128 38.45 99.13 -20.65
C LEU BB 128 38.95 98.52 -19.34
N ALA BB 129 38.50 97.31 -19.00
CA ALA BB 129 38.92 96.68 -17.76
C ALA BB 129 40.42 96.46 -17.72
N LEU BB 130 41.06 96.34 -18.89
CA LEU BB 130 42.51 96.23 -18.94
C LEU BB 130 43.22 97.56 -18.69
N THR BB 131 42.49 98.68 -18.61
CA THR BB 131 43.09 99.98 -18.38
C THR BB 131 42.75 100.57 -17.02
N THR BB 132 42.05 99.83 -16.16
CA THR BB 132 41.71 100.30 -14.83
C THR BB 132 42.96 100.48 -13.99
N SER BB 133 42.85 101.34 -12.96
CA SER BB 133 43.97 101.55 -12.06
C SER BB 133 44.40 100.26 -11.39
N GLU BB 134 43.43 99.37 -11.11
CA GLU BB 134 43.72 98.08 -10.50
C GLU BB 134 44.53 97.20 -11.45
N ALA BB 135 44.12 97.14 -12.71
CA ALA BB 135 44.87 96.36 -13.70
C ALA BB 135 46.27 96.93 -13.89
N ILE BB 136 46.40 98.25 -13.91
CA ILE BB 136 47.72 98.87 -14.04
C ILE BB 136 48.59 98.50 -12.84
N ALA BB 137 48.02 98.53 -11.64
CA ALA BB 137 48.79 98.21 -10.45
C ALA BB 137 49.22 96.75 -10.44
N MET BB 138 48.36 95.84 -10.91
CA MET BB 138 48.72 94.42 -10.90
C MET BB 138 49.77 94.10 -11.94
N ILE BB 139 49.61 94.61 -13.16
CA ILE BB 139 50.51 94.22 -14.23
C ILE BB 139 51.82 94.98 -14.16
N GLU BB 140 51.78 96.27 -13.87
CA GLU BB 140 52.99 97.08 -13.90
C GLU BB 140 53.71 97.07 -12.56
N SER BB 141 52.99 97.24 -11.45
CA SER BB 141 53.57 97.37 -10.12
C SER BB 141 53.48 96.11 -9.30
N LEU BB 142 52.80 95.08 -9.79
CA LEU BB 142 52.77 93.77 -9.14
C LEU BB 142 52.13 93.84 -7.74
N GLN BB 143 51.00 94.52 -7.66
CA GLN BB 143 50.28 94.71 -6.40
C GLN BB 143 48.86 94.19 -6.54
N PHE BB 144 48.42 93.42 -5.55
CA PHE BB 144 47.05 92.93 -5.50
C PHE BB 144 46.15 93.97 -4.83
N VAL BB 145 44.85 93.65 -4.72
CA VAL BB 145 43.89 94.53 -4.05
C VAL BB 145 43.49 93.88 -2.73
N TYR BB 146 43.20 94.72 -1.74
CA TYR BB 146 43.00 94.21 -0.38
C TYR BB 146 41.85 94.90 0.36
N PRO CB 1 -11.10 -63.51 106.23
CA PRO CB 1 -11.23 -64.76 106.97
C PRO CB 1 -10.34 -65.86 106.40
N GLN CB 2 -9.95 -66.83 107.21
CA GLN CB 2 -9.13 -67.92 106.73
C GLN CB 2 -9.94 -68.84 105.82
N ALA CB 3 -9.27 -69.40 104.82
CA ALA CB 3 -9.94 -70.21 103.82
C ALA CB 3 -10.28 -71.58 104.38
N ALA CB 4 -11.52 -72.02 104.15
CA ALA CB 4 -11.95 -73.34 104.59
C ALA CB 4 -12.92 -73.92 103.56
N ASP CB 5 -13.33 -75.17 103.81
CA ASP CB 5 -14.20 -75.89 102.88
C ASP CB 5 -15.46 -75.10 102.60
N ILE CB 6 -15.93 -75.16 101.36
CA ILE CB 6 -17.19 -74.52 100.96
C ILE CB 6 -18.14 -75.62 100.52
N VAL CB 7 -19.29 -75.74 101.18
CA VAL CB 7 -20.21 -76.83 100.90
C VAL CB 7 -21.46 -76.26 100.24
N ILE CB 8 -21.78 -76.79 99.05
CA ILE CB 8 -22.89 -76.30 98.24
C ILE CB 8 -23.77 -77.47 97.85
N ALA CB 9 -25.08 -77.30 97.96
CA ALA CB 9 -26.03 -78.38 97.71
C ALA CB 9 -26.25 -78.61 96.22
N ASP CB 10 -26.48 -79.87 95.86
CA ASP CB 10 -26.80 -80.27 94.50
C ASP CB 10 -28.21 -79.80 94.15
N ALA CB 11 -28.61 -80.08 92.90
CA ALA CB 11 -29.98 -79.86 92.46
C ALA CB 11 -30.66 -81.17 92.08
N GLN CB 12 -30.20 -82.28 92.66
CA GLN CB 12 -30.83 -83.56 92.39
C GLN CB 12 -32.16 -83.67 93.11
N ALA CB 13 -32.90 -84.73 92.79
CA ALA CB 13 -34.14 -85.03 93.49
C ALA CB 13 -33.90 -85.06 94.99
N THR CB 14 -32.95 -85.88 95.43
CA THR CB 14 -32.42 -85.77 96.78
C THR CB 14 -31.09 -85.04 96.69
N PRO CB 15 -31.00 -83.79 97.11
CA PRO CB 15 -29.77 -83.02 96.93
C PRO CB 15 -28.57 -83.69 97.60
N VAL CB 16 -27.41 -83.52 96.98
CA VAL CB 16 -26.15 -84.09 97.45
C VAL CB 16 -25.17 -82.95 97.71
N ASN CB 17 -24.59 -82.93 98.91
CA ASN CB 17 -23.65 -81.86 99.24
C ASN CB 17 -22.33 -82.07 98.51
N HIS CB 18 -21.90 -81.07 97.76
CA HIS CB 18 -20.57 -81.05 97.16
C HIS CB 18 -19.66 -80.19 98.02
N THR CB 19 -18.52 -80.75 98.42
CA THR CB 19 -17.57 -80.06 99.28
C THR CB 19 -16.37 -79.60 98.46
N PHE CB 20 -16.22 -78.29 98.33
CA PHE CB 20 -15.11 -77.66 97.60
C PHE CB 20 -14.00 -77.38 98.60
N VAL CB 21 -12.97 -78.22 98.55
CA VAL CB 21 -11.78 -78.05 99.40
C VAL CB 21 -10.95 -76.89 98.88
N PRO CB 22 -10.40 -76.04 99.73
CA PRO CB 22 -9.56 -74.93 99.22
C PRO CB 22 -8.27 -75.46 98.62
N ILE CB 23 -8.06 -75.16 97.35
CA ILE CB 23 -6.79 -75.48 96.68
C ILE CB 23 -5.77 -74.38 96.94
N GLY CB 24 -6.18 -73.13 96.88
CA GLY CB 24 -5.25 -72.05 97.16
C GLY CB 24 -5.34 -70.93 96.15
N PRO CB 25 -4.47 -69.94 96.30
CA PRO CB 25 -4.50 -68.80 95.37
C PRO CB 25 -3.95 -69.18 94.01
N ASP CB 26 -4.44 -68.47 92.99
CA ASP CB 26 -4.00 -68.70 91.62
C ASP CB 26 -2.55 -68.27 91.46
N PRO CB 27 -1.69 -69.11 90.87
CA PRO CB 27 -0.28 -68.72 90.71
C PRO CB 27 -0.08 -67.45 89.91
N LYS CB 28 -0.92 -67.22 88.89
CA LYS CB 28 -0.77 -66.06 88.04
C LYS CB 28 -1.28 -64.79 88.71
N ASP CB 29 -2.41 -64.89 89.44
CA ASP CB 29 -3.04 -63.73 90.06
C ASP CB 29 -3.26 -63.99 91.54
N ALA CB 30 -2.65 -63.15 92.38
CA ALA CB 30 -2.78 -63.31 93.83
C ALA CB 30 -4.15 -62.90 94.36
N THR CB 31 -5.00 -62.28 93.53
CA THR CB 31 -6.29 -61.79 93.98
C THR CB 31 -7.41 -62.81 93.80
N ILE CB 32 -7.13 -63.96 93.21
CA ILE CB 32 -8.18 -64.93 92.92
C ILE CB 32 -7.79 -66.24 93.61
N TYR CB 33 -8.77 -66.85 94.27
CA TYR CB 33 -8.57 -68.01 95.13
C TYR CB 33 -9.47 -69.14 94.67
N TRP CB 34 -8.96 -70.38 94.73
CA TRP CB 34 -9.59 -71.53 94.10
C TRP CB 34 -9.91 -72.61 95.14
N TRP CB 35 -11.18 -73.03 95.13
CA TRP CB 35 -11.67 -74.23 95.79
C TRP CB 35 -12.05 -75.26 94.73
N GLU CB 36 -11.98 -76.55 95.09
CA GLU CB 36 -12.17 -77.63 94.14
C GLU CB 36 -12.95 -78.78 94.79
N ASP CB 37 -14.00 -79.23 94.10
CA ASP CB 37 -14.76 -80.42 94.45
C ASP CB 37 -14.11 -81.61 93.75
N GLN CB 38 -13.51 -82.49 94.56
CA GLN CB 38 -12.67 -83.60 94.09
C GLN CB 38 -13.41 -84.93 94.11
N SER CB 39 -14.74 -84.89 94.08
CA SER CB 39 -15.55 -86.10 94.18
C SER CB 39 -15.83 -86.75 92.83
N GLN CB 40 -15.36 -86.16 91.75
CA GLN CB 40 -15.69 -86.63 90.41
C GLN CB 40 -14.72 -87.77 90.03
N ALA CB 41 -14.83 -88.24 88.78
CA ALA CB 41 -14.12 -89.45 88.36
C ALA CB 41 -12.61 -89.27 88.40
N SER CB 42 -12.09 -88.37 87.59
CA SER CB 42 -10.66 -88.08 87.56
C SER CB 42 -10.49 -86.57 87.62
N PRO CB 43 -9.28 -86.09 87.97
CA PRO CB 43 -9.13 -84.66 88.28
C PRO CB 43 -9.51 -83.71 87.15
N ALA CB 44 -9.55 -84.18 85.90
CA ALA CB 44 -9.94 -83.32 84.80
C ALA CB 44 -11.41 -82.89 84.89
N GLY CB 45 -12.23 -83.64 85.61
CA GLY CB 45 -13.64 -83.35 85.80
C GLY CB 45 -14.01 -82.79 87.15
N TYR CB 46 -13.03 -82.40 87.96
CA TYR CB 46 -13.28 -81.82 89.28
C TYR CB 46 -14.00 -80.48 89.14
N TRP CB 47 -15.00 -80.24 89.98
CA TRP CB 47 -15.70 -78.97 89.87
C TRP CB 47 -14.93 -77.88 90.61
N ARG CB 48 -14.99 -76.67 90.09
CA ARG CB 48 -14.13 -75.62 90.63
C ARG CB 48 -14.94 -74.37 90.96
N LEU CB 49 -14.44 -73.63 91.93
CA LEU CB 49 -15.07 -72.40 92.41
C LEU CB 49 -13.96 -71.40 92.67
N SER CB 50 -14.04 -70.24 92.05
CA SER CB 50 -13.02 -69.20 92.18
C SER CB 50 -13.66 -67.92 92.69
N MET CB 51 -13.04 -67.30 93.69
CA MET CB 51 -13.48 -66.02 94.22
C MET CB 51 -12.32 -65.02 94.16
N GLN CB 52 -12.59 -63.83 93.64
CA GLN CB 52 -11.57 -62.82 93.39
C GLN CB 52 -11.99 -61.47 93.93
N LEU CB 53 -11.09 -60.82 94.65
CA LEU CB 53 -11.32 -59.50 95.24
C LEU CB 53 -10.20 -58.57 94.79
N VAL CB 54 -10.52 -57.62 93.93
CA VAL CB 54 -9.55 -56.66 93.40
C VAL CB 54 -9.83 -55.31 94.03
N ARG CB 55 -8.99 -54.97 95.02
CA ARG CB 55 -8.95 -53.67 95.67
C ARG CB 55 -8.05 -52.72 94.89
N PRO CB 56 -8.45 -51.47 94.73
CA PRO CB 56 -7.53 -50.48 94.17
C PRO CB 56 -6.43 -50.13 95.17
N ALA CB 57 -5.32 -49.59 94.62
CA ALA CB 57 -4.16 -49.32 95.45
C ALA CB 57 -4.44 -48.19 96.45
N PRO CB 58 -3.94 -48.28 97.68
CA PRO CB 58 -4.25 -47.24 98.68
C PRO CB 58 -3.74 -45.86 98.27
N ALA CB 59 -4.64 -44.90 98.27
CA ALA CB 59 -4.29 -43.53 97.90
C ALA CB 59 -5.27 -42.54 98.53
N THR CB 65 -10.00 -40.05 90.93
CA THR CB 65 -9.97 -40.78 92.20
C THR CB 65 -11.37 -41.02 92.76
N ASN CB 66 -12.39 -40.44 92.13
CA ASN CB 66 -13.77 -40.87 92.38
C ASN CB 66 -14.21 -41.93 91.38
N GLN CB 67 -13.29 -42.44 90.57
CA GLN CB 67 -13.51 -43.56 89.67
C GLN CB 67 -12.71 -44.77 90.15
N ARG CB 68 -12.64 -44.96 91.46
CA ARG CB 68 -11.90 -46.08 92.04
C ARG CB 68 -12.93 -47.11 92.47
N MET CB 69 -12.85 -48.30 91.90
CA MET CB 69 -13.90 -49.28 92.10
C MET CB 69 -13.29 -50.61 92.50
N ILE CB 70 -13.89 -51.23 93.51
CA ILE CB 70 -13.54 -52.55 93.97
C ILE CB 70 -14.31 -53.57 93.17
N ARG CB 71 -13.64 -54.60 92.69
CA ARG CB 71 -14.33 -55.64 91.92
C ARG CB 71 -14.28 -56.97 92.65
N VAL CB 72 -15.36 -57.74 92.52
CA VAL CB 72 -15.46 -59.07 93.11
C VAL CB 72 -16.02 -60.02 92.06
N ARG CB 73 -15.33 -61.11 91.79
CA ARG CB 73 -15.75 -62.07 90.78
C ARG CB 73 -15.86 -63.45 91.41
N VAL CB 74 -17.03 -64.06 91.30
CA VAL CB 74 -17.28 -65.42 91.75
C VAL CB 74 -17.61 -66.26 90.51
N SER CB 75 -16.88 -67.36 90.34
CA SER CB 75 -17.00 -68.17 89.13
C SER CB 75 -17.10 -69.64 89.51
N THR CB 76 -18.04 -70.36 88.90
CA THR CB 76 -18.23 -71.79 89.15
C THR CB 76 -18.15 -72.55 87.84
N PHE CB 77 -17.31 -73.59 87.82
CA PHE CB 77 -17.14 -74.45 86.66
C PHE CB 77 -17.54 -75.87 87.05
N GLU CB 78 -18.38 -76.49 86.24
CA GLU CB 78 -18.87 -77.86 86.49
C GLU CB 78 -18.67 -78.74 85.27
N PRO CB 79 -17.43 -79.09 84.96
CA PRO CB 79 -17.18 -79.91 83.77
C PRO CB 79 -17.78 -81.30 83.91
N ILE CB 80 -18.23 -81.84 82.77
CA ILE CB 80 -18.86 -83.16 82.71
C ILE CB 80 -17.98 -84.07 81.87
N LEU CB 81 -17.46 -85.13 82.49
CA LEU CB 81 -16.55 -86.04 81.81
C LEU CB 81 -17.33 -87.01 80.92
N GLU CB 82 -16.65 -87.52 79.90
CA GLU CB 82 -17.22 -88.57 79.06
C GLU CB 82 -17.17 -89.89 79.81
N VAL CB 83 -18.18 -90.73 79.58
CA VAL CB 83 -18.28 -92.00 80.28
C VAL CB 83 -17.23 -92.97 79.76
N ALA CB 84 -16.80 -93.89 80.64
CA ALA CB 84 -15.80 -94.88 80.26
C ALA CB 84 -16.24 -95.63 79.01
N VAL CB 85 -15.27 -95.90 78.12
CA VAL CB 85 -15.56 -96.53 76.83
C VAL CB 85 -15.62 -98.04 76.99
N THR CB 86 -16.51 -98.67 76.22
CA THR CB 86 -16.61 -100.12 76.19
C THR CB 86 -15.81 -100.72 75.04
N ALA CB 87 -15.50 -99.93 74.03
CA ALA CB 87 -14.76 -100.42 72.88
C ALA CB 87 -14.24 -99.24 72.08
N THR CB 88 -12.99 -99.34 71.64
CA THR CB 88 -12.41 -98.34 70.75
C THR CB 88 -11.78 -99.05 69.56
N TYR CB 89 -11.26 -98.28 68.61
CA TYR CB 89 -10.74 -98.90 67.40
C TYR CB 89 -9.50 -99.72 67.66
N SER CB 90 -8.68 -99.28 68.62
CA SER CB 90 -7.41 -99.92 68.90
C SER CB 90 -7.46 -100.85 70.10
N GLY CB 91 -8.49 -100.75 70.94
CA GLY CB 91 -8.58 -101.58 72.12
C GLY CB 91 -7.99 -100.98 73.37
N ILE CB 92 -7.39 -99.78 73.28
CA ILE CB 92 -6.87 -99.07 74.44
C ILE CB 92 -7.83 -97.92 74.74
N ALA CB 93 -8.26 -97.84 76.00
CA ALA CB 93 -9.22 -96.83 76.39
C ALA CB 93 -8.57 -95.45 76.37
N PRO CB 94 -9.26 -94.43 75.87
CA PRO CB 94 -8.67 -93.09 75.82
C PRO CB 94 -8.58 -92.46 77.20
N SER CB 95 -7.70 -91.46 77.30
CA SER CB 95 -7.55 -90.72 78.54
C SER CB 95 -8.87 -90.04 78.90
N PRO CB 96 -9.12 -89.80 80.19
CA PRO CB 96 -10.36 -89.12 80.57
C PRO CB 96 -10.43 -87.76 79.91
N THR CB 97 -11.53 -87.51 79.20
CA THR CB 97 -11.71 -86.29 78.43
C THR CB 97 -12.97 -85.57 78.89
N VAL CB 98 -12.98 -84.26 78.74
CA VAL CB 98 -14.09 -83.43 79.16
C VAL CB 98 -15.06 -83.30 77.99
N SER CB 99 -16.33 -83.64 78.24
CA SER CB 99 -17.33 -83.59 77.18
C SER CB 99 -17.81 -82.16 76.92
N TYR CB 100 -18.20 -81.44 77.97
CA TYR CB 100 -18.67 -80.07 77.87
C TYR CB 100 -18.60 -79.45 79.25
N VAL CB 101 -18.63 -78.12 79.30
CA VAL CB 101 -18.49 -77.45 80.58
C VAL CB 101 -19.52 -76.33 80.76
N PRO CB 102 -20.60 -76.57 81.51
CA PRO CB 102 -21.45 -75.46 81.94
C PRO CB 102 -20.76 -74.66 83.03
N LYS CB 103 -20.84 -73.34 82.93
CA LYS CB 103 -20.13 -72.50 83.88
C LYS CB 103 -20.88 -71.20 84.12
N ALA CB 104 -20.47 -70.50 85.17
CA ALA CB 104 -21.12 -69.25 85.54
C ALA CB 104 -20.08 -68.27 86.09
N PHE CB 105 -20.27 -66.99 85.78
CA PHE CB 105 -19.33 -65.94 86.12
C PHE CB 105 -20.14 -64.74 86.60
N THR CB 106 -19.91 -64.30 87.84
CA THR CB 106 -20.61 -63.14 88.40
C THR CB 106 -19.59 -62.11 88.85
N GLU CB 107 -19.81 -60.85 88.50
CA GLU CB 107 -18.90 -59.76 88.82
C GLU CB 107 -19.69 -58.62 89.47
N PHE CB 108 -19.25 -58.24 90.66
CA PHE CB 108 -19.74 -57.07 91.36
C PHE CB 108 -18.76 -55.94 91.15
N VAL CB 109 -19.28 -54.78 90.74
CA VAL CB 109 -18.53 -53.54 90.65
C VAL CB 109 -19.04 -52.64 91.77
N LEU CB 110 -18.18 -52.37 92.75
CA LEU CB 110 -18.55 -51.67 93.97
C LEU CB 110 -17.70 -50.43 94.10
N PRO CB 111 -18.22 -49.24 93.81
CA PRO CB 111 -17.41 -48.02 93.96
C PRO CB 111 -16.92 -47.86 95.40
N GLU CB 112 -15.74 -47.26 95.53
CA GLU CB 112 -15.12 -47.15 96.85
C GLU CB 112 -15.93 -46.24 97.77
N ARG CB 113 -16.73 -45.33 97.21
CA ARG CB 113 -17.62 -44.51 98.01
C ARG CB 113 -18.85 -45.26 98.51
N ALA CB 114 -19.09 -46.49 98.05
CA ALA CB 114 -20.34 -47.17 98.34
C ALA CB 114 -20.33 -47.71 99.77
N THR CB 115 -21.46 -47.52 100.46
CA THR CB 115 -21.55 -47.87 101.87
C THR CB 115 -21.88 -49.35 102.04
N LEU CB 116 -21.61 -49.85 103.25
CA LEU CB 116 -21.91 -51.23 103.58
C LEU CB 116 -23.35 -51.59 103.24
N ASP CB 117 -24.27 -50.65 103.47
CA ASP CB 117 -25.67 -50.91 103.12
C ASP CB 117 -25.83 -51.13 101.62
N ASN CB 118 -25.16 -50.31 100.80
CA ASN CB 118 -25.22 -50.48 99.35
C ASN CB 118 -24.69 -51.85 98.93
N ARG CB 119 -23.58 -52.27 99.55
CA ARG CB 119 -22.99 -53.56 99.19
C ARG CB 119 -23.90 -54.71 99.58
N LYS CB 120 -24.47 -54.65 100.79
CA LYS CB 120 -25.42 -55.69 101.21
C LYS CB 120 -26.62 -55.74 100.27
N ASP CB 121 -27.12 -54.56 99.86
CA ASP CB 121 -28.24 -54.48 98.94
C ASP CB 121 -27.92 -55.16 97.62
N ILE CB 122 -26.81 -54.78 97.00
CA ILE CB 122 -26.50 -55.30 95.67
C ILE CB 122 -26.26 -56.81 95.72
N ARG CB 123 -25.55 -57.29 96.75
CA ARG CB 123 -25.31 -58.73 96.88
C ARG CB 123 -26.62 -59.49 97.04
N LYS CB 124 -27.40 -59.14 98.08
CA LYS CB 124 -28.64 -59.86 98.34
C LYS CB 124 -29.57 -59.82 97.13
N MET CB 125 -29.69 -58.64 96.50
CA MET CB 125 -30.69 -58.47 95.46
C MET CB 125 -30.30 -59.17 94.17
N HIS CB 126 -29.01 -59.17 93.83
CA HIS CB 126 -28.58 -59.91 92.66
C HIS CB 126 -28.71 -61.41 92.87
N ALA CB 127 -28.25 -61.91 94.03
CA ALA CB 127 -28.39 -63.33 94.33
C ALA CB 127 -29.85 -63.75 94.23
N LEU CB 128 -30.76 -62.91 94.73
CA LEU CB 128 -32.19 -63.20 94.58
C LEU CB 128 -32.62 -63.15 93.12
N ALA CB 129 -32.11 -62.18 92.36
CA ALA CB 129 -32.47 -62.06 90.95
C ALA CB 129 -32.10 -63.30 90.15
N LEU CB 130 -31.12 -64.07 90.63
CA LEU CB 130 -30.79 -65.34 89.99
C LEU CB 130 -31.78 -66.46 90.32
N THR CB 131 -32.69 -66.24 91.27
CA THR CB 131 -33.63 -67.29 91.68
C THR CB 131 -35.08 -66.96 91.35
N THR CB 132 -35.33 -65.86 90.63
CA THR CB 132 -36.67 -65.50 90.24
C THR CB 132 -37.26 -66.55 89.29
N SER CB 133 -38.59 -66.57 89.17
CA SER CB 133 -39.23 -67.50 88.26
C SER CB 133 -38.78 -67.26 86.82
N GLU CB 134 -38.56 -65.99 86.47
CA GLU CB 134 -38.05 -65.65 85.14
C GLU CB 134 -36.63 -66.18 84.94
N ALA CB 135 -35.76 -65.99 85.93
CA ALA CB 135 -34.39 -66.52 85.83
C ALA CB 135 -34.39 -68.03 85.71
N ILE CB 136 -35.26 -68.71 86.45
CA ILE CB 136 -35.31 -70.17 86.38
C ILE CB 136 -35.82 -70.61 85.03
N ALA CB 137 -36.81 -69.90 84.48
CA ALA CB 137 -37.32 -70.24 83.15
C ALA CB 137 -36.26 -70.03 82.08
N MET CB 138 -35.43 -68.99 82.22
CA MET CB 138 -34.42 -68.71 81.21
C MET CB 138 -33.26 -69.69 81.29
N ILE CB 139 -32.76 -69.97 82.50
CA ILE CB 139 -31.55 -70.79 82.61
C ILE CB 139 -31.87 -72.28 82.53
N GLU CB 140 -32.98 -72.72 83.12
CA GLU CB 140 -33.28 -74.14 83.15
C GLU CB 140 -34.12 -74.59 81.97
N SER CB 141 -35.18 -73.85 81.65
CA SER CB 141 -36.10 -74.21 80.59
C SER CB 141 -35.81 -73.50 79.28
N LEU CB 142 -34.91 -72.52 79.30
CA LEU CB 142 -34.45 -71.86 78.08
C LEU CB 142 -35.61 -71.14 77.39
N GLN CB 143 -36.30 -70.30 78.14
CA GLN CB 143 -37.44 -69.53 77.64
C GLN CB 143 -37.21 -68.05 77.91
N PHE CB 144 -37.54 -67.23 76.91
CA PHE CB 144 -37.45 -65.79 77.05
C PHE CB 144 -38.78 -65.24 77.55
N VAL CB 145 -38.78 -63.95 77.92
CA VAL CB 145 -39.99 -63.26 78.37
C VAL CB 145 -40.58 -62.46 77.21
N TYR CB 146 -41.90 -62.52 77.06
CA TYR CB 146 -42.59 -61.93 75.92
C TYR CB 146 -43.70 -60.98 76.33
N PRO DB 1 4.71 -65.26 112.42
CA PRO DB 1 3.40 -65.15 113.08
C PRO DB 1 2.25 -65.24 112.09
N GLN DB 2 1.08 -65.63 112.57
CA GLN DB 2 -0.07 -65.73 111.70
C GLN DB 2 -0.69 -64.35 111.47
N ALA DB 3 -1.48 -64.24 110.41
CA ALA DB 3 -2.23 -63.01 110.18
C ALA DB 3 -3.32 -62.87 111.22
N ALA DB 4 -3.25 -61.80 112.01
CA ALA DB 4 -4.22 -61.54 113.06
C ALA DB 4 -4.58 -60.06 113.07
N ASP DB 5 -5.67 -59.74 113.77
CA ASP DB 5 -6.03 -58.34 113.96
C ASP DB 5 -4.90 -57.59 114.65
N ILE DB 6 -4.73 -56.33 114.27
CA ILE DB 6 -3.74 -55.45 114.90
C ILE DB 6 -4.52 -54.28 115.49
N VAL DB 7 -4.39 -54.07 116.79
CA VAL DB 7 -5.19 -53.04 117.47
C VAL DB 7 -4.27 -51.90 117.91
N ILE DB 8 -4.61 -50.69 117.48
CA ILE DB 8 -3.79 -49.50 117.73
C ILE DB 8 -4.68 -48.40 118.28
N ALA DB 9 -4.18 -47.69 119.29
CA ALA DB 9 -4.97 -46.71 120.02
C ALA DB 9 -5.00 -45.36 119.29
N ASP DB 10 -6.16 -44.70 119.37
CA ASP DB 10 -6.34 -43.36 118.84
C ASP DB 10 -5.58 -42.35 119.71
N ALA DB 11 -5.49 -41.12 119.21
CA ALA DB 11 -4.93 -40.01 119.98
C ALA DB 11 -6.00 -39.05 120.48
N GLN DB 12 -7.23 -39.53 120.66
CA GLN DB 12 -8.29 -38.67 121.17
C GLN DB 12 -8.13 -38.46 122.67
N ALA DB 13 -8.93 -37.53 123.21
CA ALA DB 13 -8.95 -37.28 124.64
C ALA DB 13 -9.17 -38.59 125.40
N THR DB 14 -10.23 -39.31 125.06
CA THR DB 14 -10.39 -40.68 125.50
C THR DB 14 -10.03 -41.58 124.32
N PRO DB 15 -8.85 -42.19 124.31
CA PRO DB 15 -8.40 -42.94 123.13
C PRO DB 15 -9.39 -44.02 122.73
N VAL DB 16 -9.52 -44.21 121.41
CA VAL DB 16 -10.41 -45.19 120.80
C VAL DB 16 -9.56 -46.24 120.10
N ASN DB 17 -9.81 -47.51 120.38
CA ASN DB 17 -9.05 -48.58 119.75
C ASN DB 17 -9.53 -48.78 118.32
N HIS DB 18 -8.61 -48.66 117.36
CA HIS DB 18 -8.87 -49.00 115.97
C HIS DB 18 -8.34 -50.40 115.71
N THR DB 19 -9.20 -51.26 115.18
CA THR DB 19 -8.83 -52.66 114.91
C THR DB 19 -8.62 -52.84 113.42
N PHE DB 20 -7.38 -53.17 113.03
CA PHE DB 20 -7.00 -53.42 111.65
C PHE DB 20 -7.09 -54.91 111.38
N VAL DB 21 -8.14 -55.32 110.66
CA VAL DB 21 -8.40 -56.69 110.27
C VAL DB 21 -7.49 -56.99 109.09
N PRO DB 22 -6.85 -58.17 109.02
CA PRO DB 22 -6.01 -58.46 107.84
C PRO DB 22 -6.85 -58.60 106.57
N ILE DB 23 -6.50 -57.81 105.55
CA ILE DB 23 -7.08 -57.97 104.22
C ILE DB 23 -6.38 -59.08 103.47
N GLY DB 24 -5.06 -59.16 103.60
CA GLY DB 24 -4.35 -60.22 102.93
C GLY DB 24 -3.09 -59.70 102.29
N PRO DB 25 -2.41 -60.55 101.54
CA PRO DB 25 -1.20 -60.13 100.84
C PRO DB 25 -1.53 -59.19 99.69
N ASP DB 26 -0.52 -58.40 99.34
CA ASP DB 26 -0.68 -57.43 98.28
C ASP DB 26 -0.90 -58.17 96.95
N PRO DB 27 -1.72 -57.63 96.05
CA PRO DB 27 -1.99 -58.34 94.78
C PRO DB 27 -0.76 -58.53 93.91
N LYS DB 28 0.12 -57.54 93.89
CA LYS DB 28 1.22 -57.51 92.94
C LYS DB 28 2.57 -57.84 93.56
N ASP DB 29 2.71 -57.71 94.88
CA ASP DB 29 3.94 -58.03 95.58
C ASP DB 29 3.63 -59.01 96.71
N ALA DB 30 4.27 -60.17 96.68
CA ALA DB 30 4.05 -61.23 97.66
C ALA DB 30 4.80 -60.98 98.95
N THR DB 31 5.52 -59.85 99.07
CA THR DB 31 6.33 -59.56 100.25
C THR DB 31 5.72 -58.49 101.13
N ILE DB 32 4.53 -58.01 100.81
CA ILE DB 32 3.89 -56.95 101.59
C ILE DB 32 2.46 -57.38 101.88
N TYR DB 33 2.05 -57.23 103.15
CA TYR DB 33 0.78 -57.70 103.67
C TYR DB 33 -0.02 -56.52 104.21
N TRP DB 34 -1.36 -56.65 104.16
CA TRP DB 34 -2.28 -55.53 104.35
C TRP DB 34 -3.33 -55.84 105.40
N TRP DB 35 -3.44 -54.96 106.39
CA TRP DB 35 -4.52 -54.86 107.36
C TRP DB 35 -5.28 -53.55 107.13
N GLU DB 36 -6.54 -53.53 107.56
CA GLU DB 36 -7.45 -52.41 107.29
C GLU DB 36 -8.39 -52.17 108.46
N ASP DB 37 -8.54 -50.90 108.83
CA ASP DB 37 -9.51 -50.41 109.81
C ASP DB 37 -10.75 -49.96 109.03
N GLN DB 38 -11.80 -50.78 109.12
CA GLN DB 38 -13.01 -50.67 108.34
C GLN DB 38 -14.14 -49.99 109.10
N SER DB 39 -13.81 -49.21 110.12
CA SER DB 39 -14.79 -48.56 110.97
C SER DB 39 -15.34 -47.27 110.38
N GLN DB 40 -14.66 -46.75 109.36
CA GLN DB 40 -14.95 -45.43 108.83
C GLN DB 40 -16.26 -45.47 108.02
N ALA DB 41 -16.63 -44.33 107.43
CA ALA DB 41 -17.99 -44.16 106.90
C ALA DB 41 -18.20 -44.93 105.59
N SER DB 42 -17.21 -44.93 104.70
CA SER DB 42 -17.20 -45.71 103.47
C SER DB 42 -15.77 -46.17 103.25
N PRO DB 43 -15.56 -47.20 102.42
CA PRO DB 43 -14.19 -47.70 102.23
C PRO DB 43 -13.18 -46.64 101.82
N ALA DB 44 -13.63 -45.59 101.12
CA ALA DB 44 -12.74 -44.50 100.73
C ALA DB 44 -12.02 -43.90 101.92
N GLY DB 45 -12.64 -43.93 103.10
CA GLY DB 45 -12.08 -43.42 104.32
C GLY DB 45 -11.50 -44.45 105.27
N TYR DB 46 -11.46 -45.73 104.89
CA TYR DB 46 -10.87 -46.75 105.76
C TYR DB 46 -9.38 -46.49 105.95
N TRP DB 47 -8.85 -46.87 107.12
CA TRP DB 47 -7.42 -46.67 107.37
C TRP DB 47 -6.66 -47.96 107.11
N ARG DB 48 -5.47 -47.85 106.53
CA ARG DB 48 -4.77 -49.04 106.08
C ARG DB 48 -3.38 -49.11 106.69
N LEU DB 49 -2.93 -50.33 106.93
CA LEU DB 49 -1.60 -50.60 107.49
C LEU DB 49 -0.98 -51.72 106.66
N SER DB 50 0.29 -51.53 106.27
CA SER DB 50 1.00 -52.48 105.40
C SER DB 50 2.38 -52.76 105.97
N MET DB 51 2.77 -54.04 105.98
CA MET DB 51 4.08 -54.44 106.46
C MET DB 51 4.77 -55.29 105.40
N GLN DB 52 6.04 -55.00 105.13
CA GLN DB 52 6.79 -55.62 104.05
C GLN DB 52 8.16 -56.07 104.53
N LEU DB 53 8.50 -57.32 104.24
CA LEU DB 53 9.80 -57.89 104.56
C LEU DB 53 10.43 -58.36 103.25
N VAL DB 54 11.57 -57.77 102.89
CA VAL DB 54 12.29 -58.12 101.67
C VAL DB 54 13.63 -58.70 102.10
N ARG DB 55 13.77 -60.00 101.93
CA ARG DB 55 14.91 -60.86 102.18
C ARG DB 55 15.72 -61.03 100.91
N PRO DB 56 17.04 -61.16 101.02
CA PRO DB 56 17.86 -61.43 99.83
C PRO DB 56 17.84 -62.90 99.46
N ALA DB 57 18.28 -63.17 98.23
CA ALA DB 57 18.35 -64.54 97.76
C ALA DB 57 19.33 -65.33 98.63
N PRO DB 58 19.10 -66.63 98.82
CA PRO DB 58 19.92 -67.38 99.78
C PRO DB 58 21.39 -67.35 99.42
N ALA DB 59 22.22 -67.39 100.45
CA ALA DB 59 23.66 -67.23 100.26
C ALA DB 59 24.24 -68.45 99.54
N LYS DB 60 25.23 -68.19 98.69
CA LYS DB 60 25.91 -69.26 97.98
C LYS DB 60 27.17 -69.67 98.74
N ALA DB 61 27.61 -70.90 98.49
CA ALA DB 61 28.77 -71.44 99.19
C ALA DB 61 30.01 -70.62 98.85
N GLY DB 62 30.71 -70.15 99.87
CA GLY DB 62 31.88 -69.33 99.67
C GLY DB 62 31.62 -67.89 99.29
N GLN DB 63 30.35 -67.52 99.06
CA GLN DB 63 30.03 -66.14 98.70
C GLN DB 63 30.23 -65.22 99.90
N ASN DB 64 30.67 -63.99 99.62
CA ASN DB 64 30.90 -62.98 100.65
C ASN DB 64 29.59 -62.24 100.92
N THR DB 65 29.15 -62.24 102.17
CA THR DB 65 27.81 -61.77 102.52
C THR DB 65 27.80 -60.36 103.08
N ASN DB 66 28.92 -59.65 103.07
CA ASN DB 66 28.90 -58.37 103.81
C ASN DB 66 28.21 -57.31 103.07
N GLN DB 67 27.59 -57.60 101.93
CA GLN DB 67 26.81 -56.59 101.24
C GLN DB 67 25.31 -56.91 101.15
N ARG DB 68 24.89 -58.10 101.55
CA ARG DB 68 23.48 -58.47 101.44
C ARG DB 68 22.71 -57.82 102.59
N MET DB 69 21.48 -57.38 102.31
CA MET DB 69 20.71 -56.61 103.29
C MET DB 69 19.24 -56.98 103.23
N ILE DB 70 18.58 -56.81 104.37
CA ILE DB 70 17.17 -57.09 104.56
C ILE DB 70 16.45 -55.78 104.80
N ARG DB 71 15.29 -55.60 104.18
CA ARG DB 71 14.53 -54.37 104.34
C ARG DB 71 13.17 -54.66 104.93
N VAL DB 72 12.72 -53.79 105.83
CA VAL DB 72 11.39 -53.89 106.43
C VAL DB 72 10.71 -52.54 106.27
N ARG DB 73 9.49 -52.53 105.74
CA ARG DB 73 8.76 -51.29 105.51
C ARG DB 73 7.38 -51.40 106.17
N VAL DB 74 7.08 -50.47 107.06
CA VAL DB 74 5.77 -50.34 107.66
C VAL DB 74 5.14 -49.05 107.15
N SER DB 75 3.86 -49.10 106.82
CA SER DB 75 3.20 -47.95 106.19
C SER DB 75 1.79 -47.83 106.72
N THR DB 76 1.40 -46.61 107.10
CA THR DB 76 0.05 -46.35 107.60
C THR DB 76 -0.58 -45.22 106.82
N PHE DB 77 -1.81 -45.43 106.38
CA PHE DB 77 -2.58 -44.46 105.60
C PHE DB 77 -3.87 -44.15 106.34
N GLU DB 78 -4.12 -42.86 106.60
CA GLU DB 78 -5.29 -42.42 107.35
C GLU DB 78 -6.05 -41.35 106.57
N PRO DB 79 -6.74 -41.74 105.51
CA PRO DB 79 -7.52 -40.74 104.75
C PRO DB 79 -8.64 -40.14 105.58
N ILE DB 80 -8.88 -38.85 105.36
CA ILE DB 80 -9.92 -38.09 106.04
C ILE DB 80 -10.99 -37.73 105.02
N LEU DB 81 -12.24 -37.92 105.39
CA LEU DB 81 -13.35 -37.67 104.48
C LEU DB 81 -13.92 -36.27 104.68
N GLU DB 82 -14.73 -35.85 103.70
CA GLU DB 82 -15.52 -34.63 103.74
C GLU DB 82 -16.85 -34.91 103.06
N VAL DB 83 -17.86 -34.11 103.43
CA VAL DB 83 -19.22 -34.27 102.92
C VAL DB 83 -19.72 -32.92 102.43
N ALA DB 84 -20.54 -32.94 101.38
CA ALA DB 84 -21.07 -31.71 100.80
C ALA DB 84 -22.28 -31.17 101.56
N VAL DB 85 -23.01 -32.02 102.27
CA VAL DB 85 -24.18 -31.62 103.04
C VAL DB 85 -24.39 -32.61 104.17
N THR DB 86 -24.90 -32.13 105.30
CA THR DB 86 -24.88 -32.90 106.54
C THR DB 86 -26.21 -33.58 106.88
N ALA DB 87 -27.25 -33.39 106.09
CA ALA DB 87 -28.55 -34.01 106.37
C ALA DB 87 -28.92 -34.98 105.26
N THR DB 88 -30.08 -35.61 105.43
CA THR DB 88 -30.62 -36.52 104.44
C THR DB 88 -31.97 -36.00 103.96
N TYR DB 89 -32.17 -35.98 102.65
CA TYR DB 89 -33.39 -35.48 102.03
C TYR DB 89 -34.04 -36.62 101.26
N SER DB 90 -35.32 -36.88 101.56
CA SER DB 90 -36.12 -37.84 100.78
C SER DB 90 -35.37 -39.16 100.61
N GLY DB 91 -34.76 -39.62 101.69
CA GLY DB 91 -34.04 -40.88 101.69
C GLY DB 91 -32.68 -40.86 101.02
N ILE DB 92 -32.19 -39.71 100.58
CA ILE DB 92 -30.89 -39.62 99.92
C ILE DB 92 -29.86 -39.23 100.98
N ALA DB 93 -28.94 -40.14 101.27
CA ALA DB 93 -28.00 -39.73 102.30
C ALA DB 93 -26.79 -39.02 101.69
N PRO DB 94 -26.11 -38.20 102.49
CA PRO DB 94 -24.86 -37.61 102.04
C PRO DB 94 -23.81 -38.68 101.83
N SER DB 95 -23.08 -38.59 100.71
CA SER DB 95 -22.05 -39.56 100.37
C SER DB 95 -20.70 -38.86 100.45
N PRO DB 96 -19.85 -39.22 101.40
CA PRO DB 96 -18.58 -38.51 101.57
C PRO DB 96 -17.54 -38.90 100.54
N THR DB 97 -16.63 -37.97 100.27
CA THR DB 97 -15.45 -38.21 99.45
C THR DB 97 -14.20 -37.98 100.28
N VAL DB 98 -13.08 -38.41 99.73
CA VAL DB 98 -11.82 -38.18 100.43
C VAL DB 98 -11.42 -36.73 100.29
N SER DB 99 -10.95 -36.15 101.39
CA SER DB 99 -10.54 -34.75 101.44
C SER DB 99 -9.03 -34.60 101.39
N TYR DB 100 -8.31 -35.38 102.18
CA TYR DB 100 -6.85 -35.38 102.17
C TYR DB 100 -6.39 -36.66 102.84
N VAL DB 101 -5.14 -37.03 102.60
CA VAL DB 101 -4.63 -38.27 103.18
C VAL DB 101 -3.30 -38.05 103.87
N PRO DB 102 -3.29 -37.90 105.19
CA PRO DB 102 -2.02 -38.00 105.94
C PRO DB 102 -1.54 -39.44 105.99
N LYS DB 103 -0.24 -39.63 105.87
CA LYS DB 103 0.30 -40.97 105.83
C LYS DB 103 1.71 -41.00 106.39
N ALA DB 104 2.19 -42.20 106.70
CA ALA DB 104 3.52 -42.37 107.26
C ALA DB 104 4.16 -43.63 106.69
N PHE DB 105 5.46 -43.55 106.46
CA PHE DB 105 6.23 -44.62 105.82
C PHE DB 105 7.53 -44.78 106.58
N THR DB 106 7.80 -45.97 107.12
CA THR DB 106 9.04 -46.26 107.84
C THR DB 106 9.75 -47.43 107.18
N GLU DB 107 11.07 -47.31 107.03
CA GLU DB 107 11.90 -48.33 106.39
C GLU DB 107 13.12 -48.60 107.27
N PHE DB 108 13.28 -49.86 107.65
CA PHE DB 108 14.47 -50.36 108.32
C PHE DB 108 15.35 -51.04 107.28
N VAL DB 109 16.62 -50.66 107.26
CA VAL DB 109 17.65 -51.34 106.49
C VAL DB 109 18.52 -52.07 107.49
N LEU DB 110 18.39 -53.40 107.51
CA LEU DB 110 19.11 -54.28 108.42
C LEU DB 110 20.08 -55.13 107.62
N PRO DB 111 21.37 -54.86 107.67
CA PRO DB 111 22.31 -55.73 106.96
C PRO DB 111 22.26 -57.15 107.51
N GLU DB 112 22.32 -58.12 106.59
CA GLU DB 112 22.10 -59.52 106.96
C GLU DB 112 23.08 -59.98 108.03
N ARG DB 113 24.28 -59.44 108.07
CA ARG DB 113 25.26 -59.85 109.07
C ARG DB 113 24.99 -59.27 110.46
N ALA DB 114 23.91 -58.53 110.66
CA ALA DB 114 23.73 -57.84 111.93
C ALA DB 114 23.21 -58.80 113.00
N THR DB 115 23.52 -58.47 114.25
CA THR DB 115 23.13 -59.29 115.39
C THR DB 115 21.67 -59.03 115.75
N LEU DB 116 21.04 -60.03 116.36
CA LEU DB 116 19.74 -59.82 116.99
C LEU DB 116 19.77 -58.60 117.89
N ASP DB 117 20.88 -58.40 118.60
CA ASP DB 117 21.00 -57.23 119.46
C ASP DB 117 20.95 -55.95 118.64
N ASN DB 118 21.66 -55.90 117.51
CA ASN DB 118 21.62 -54.73 116.65
C ASN DB 118 20.21 -54.44 116.17
N ARG DB 119 19.47 -55.49 115.82
CA ARG DB 119 18.11 -55.31 115.32
C ARG DB 119 17.18 -54.80 116.42
N LYS DB 120 17.27 -55.39 117.61
CA LYS DB 120 16.47 -54.90 118.73
C LYS DB 120 16.80 -53.44 119.03
N ASP DB 121 18.10 -53.09 118.96
CA ASP DB 121 18.54 -51.72 119.19
C ASP DB 121 17.88 -50.77 118.20
N ILE DB 122 18.03 -51.05 116.91
CA ILE DB 122 17.54 -50.10 115.90
C ILE DB 122 16.01 -49.98 115.98
N ARG DB 123 15.31 -51.11 116.18
CA ARG DB 123 13.86 -51.06 116.29
C ARG DB 123 13.43 -50.20 117.48
N LYS DB 124 13.87 -50.58 118.69
CA LYS DB 124 13.45 -49.86 119.89
C LYS DB 124 13.81 -48.39 119.80
N MET DB 125 15.03 -48.09 119.37
CA MET DB 125 15.52 -46.72 119.45
C MET DB 125 14.86 -45.83 118.41
N HIS DB 126 14.57 -46.35 117.22
CA HIS DB 126 13.83 -45.55 116.26
C HIS DB 126 12.39 -45.32 116.72
N ALA DB 127 11.71 -46.38 117.19
CA ALA DB 127 10.36 -46.21 117.69
C ALA DB 127 10.31 -45.17 118.79
N LEU DB 128 11.34 -45.16 119.66
CA LEU DB 128 11.41 -44.13 120.70
C LEU DB 128 11.68 -42.76 120.11
N ALA DB 129 12.54 -42.68 119.08
CA ALA DB 129 12.86 -41.40 118.48
C ALA DB 129 11.63 -40.75 117.86
N LEU DB 130 10.63 -41.56 117.50
CA LEU DB 130 9.37 -41.01 117.02
C LEU DB 130 8.51 -40.41 118.13
N THR DB 131 8.85 -40.64 119.40
CA THR DB 131 8.04 -40.14 120.52
C THR DB 131 8.77 -39.10 121.36
N THR DB 132 9.96 -38.67 120.94
CA THR DB 132 10.69 -37.65 121.67
C THR DB 132 9.93 -36.33 121.63
N SER DB 133 10.22 -35.46 122.62
CA SER DB 133 9.55 -34.16 122.66
C SER DB 133 9.81 -33.37 121.39
N GLU DB 134 11.01 -33.51 120.82
CA GLU DB 134 11.33 -32.84 119.56
C GLU DB 134 10.50 -33.40 118.41
N ALA DB 135 10.37 -34.73 118.33
CA ALA DB 135 9.54 -35.32 117.28
C ALA DB 135 8.09 -34.89 117.42
N ILE DB 136 7.60 -34.79 118.65
CA ILE DB 136 6.21 -34.37 118.84
C ILE DB 136 6.05 -32.90 118.45
N ALA DB 137 7.03 -32.06 118.80
CA ALA DB 137 6.97 -30.66 118.41
C ALA DB 137 7.02 -30.48 116.90
N MET DB 138 7.74 -31.36 116.20
CA MET DB 138 7.87 -31.21 114.75
C MET DB 138 6.66 -31.77 114.00
N ILE DB 139 6.12 -32.90 114.44
CA ILE DB 139 5.01 -33.52 113.71
C ILE DB 139 3.66 -32.94 114.11
N GLU DB 140 3.44 -32.72 115.41
CA GLU DB 140 2.15 -32.23 115.88
C GLU DB 140 2.10 -30.70 115.88
N SER DB 141 3.11 -30.05 116.44
CA SER DB 141 3.14 -28.60 116.57
C SER DB 141 3.78 -27.89 115.38
N LEU DB 142 4.45 -28.63 114.49
CA LEU DB 142 4.99 -28.05 113.27
C LEU DB 142 6.02 -26.96 113.56
N GLN DB 143 6.91 -27.22 114.51
CA GLN DB 143 7.97 -26.31 114.89
C GLN DB 143 9.31 -27.02 114.81
N PHE DB 144 10.24 -26.42 114.06
CA PHE DB 144 11.59 -26.93 113.94
C PHE DB 144 12.42 -26.56 115.18
N VAL DB 145 13.65 -27.08 115.25
CA VAL DB 145 14.56 -26.79 116.35
C VAL DB 145 15.53 -25.68 115.93
N TYR DB 146 15.67 -24.67 116.77
CA TYR DB 146 16.49 -23.50 116.45
C TYR DB 146 17.55 -23.24 117.52
N PRO EB 1 -4.46 -76.79 103.09
CA PRO EB 1 -3.95 -76.64 104.45
C PRO EB 1 -3.28 -75.29 104.66
N GLN EB 2 -3.69 -74.53 105.68
CA GLN EB 2 -3.07 -73.25 105.93
C GLN EB 2 -1.62 -73.46 106.33
N ALA EB 3 -0.77 -72.51 105.94
CA ALA EB 3 0.65 -72.63 106.26
C ALA EB 3 0.87 -72.55 107.76
N ALA EB 4 1.69 -73.47 108.28
CA ALA EB 4 2.05 -73.45 109.68
C ALA EB 4 3.46 -74.00 109.84
N ASP EB 5 3.98 -73.87 111.07
CA ASP EB 5 5.34 -74.35 111.36
C ASP EB 5 5.46 -75.83 111.01
N ILE EB 6 6.61 -76.21 110.46
CA ILE EB 6 6.91 -77.60 110.14
C ILE EB 6 8.07 -78.03 111.04
N VAL EB 7 7.85 -79.04 111.88
CA VAL EB 7 8.86 -79.46 112.84
C VAL EB 7 9.41 -80.81 112.43
N ILE EB 8 10.73 -80.87 112.26
CA ILE EB 8 11.41 -82.07 111.78
C ILE EB 8 12.55 -82.39 112.75
N ALA EB 9 12.70 -83.67 113.08
CA ALA EB 9 13.69 -84.07 114.07
C ALA EB 9 15.10 -84.14 113.47
N ASP EB 10 16.08 -83.81 114.30
CA ASP EB 10 17.49 -83.91 113.92
C ASP EB 10 17.89 -85.38 113.85
N ALA EB 11 19.17 -85.62 113.52
CA ALA EB 11 19.74 -86.95 113.54
C ALA EB 11 20.82 -87.10 114.60
N GLN EB 12 20.77 -86.29 115.66
CA GLN EB 12 21.79 -86.35 116.69
C GLN EB 12 21.56 -87.54 117.62
N ALA EB 13 22.53 -87.76 118.51
CA ALA EB 13 22.40 -88.77 119.55
C ALA EB 13 21.06 -88.65 120.25
N THR EB 14 20.81 -87.48 120.83
CA THR EB 14 19.46 -87.13 121.25
C THR EB 14 18.88 -86.21 120.18
N PRO EB 15 17.92 -86.68 119.38
CA PRO EB 15 17.38 -85.84 118.30
C PRO EB 15 16.90 -84.50 118.82
N VAL EB 16 17.18 -83.45 118.05
CA VAL EB 16 16.81 -82.08 118.38
C VAL EB 16 15.81 -81.58 117.33
N ASN EB 17 14.66 -81.10 117.79
CA ASN EB 17 13.63 -80.65 116.87
C ASN EB 17 14.01 -79.32 116.22
N HIS EB 18 13.97 -79.27 114.90
CA HIS EB 18 14.13 -78.03 114.14
C HIS EB 18 12.75 -77.56 113.69
N THR EB 19 12.43 -76.30 114.00
CA THR EB 19 11.15 -75.72 113.65
C THR EB 19 11.34 -74.78 112.46
N PHE EB 20 10.67 -75.10 111.34
CA PHE EB 20 10.70 -74.31 110.12
C PHE EB 20 9.46 -73.41 110.09
N VAL EB 21 9.66 -72.13 110.35
CA VAL EB 21 8.61 -71.12 110.30
C VAL EB 21 8.38 -70.77 108.84
N PRO EB 22 7.13 -70.68 108.36
CA PRO EB 22 6.92 -70.27 106.97
C PRO EB 22 7.41 -68.86 106.71
N ILE EB 23 8.21 -68.71 105.65
CA ILE EB 23 8.52 -67.40 105.10
C ILE EB 23 7.45 -66.96 104.13
N GLY EB 24 6.86 -67.89 103.39
CA GLY EB 24 5.83 -67.54 102.45
C GLY EB 24 6.15 -67.98 101.04
N PRO EB 25 5.32 -67.57 100.10
CA PRO EB 25 5.55 -67.98 98.71
C PRO EB 25 6.69 -67.20 98.09
N ASP EB 26 7.41 -67.88 97.19
CA ASP EB 26 8.51 -67.24 96.48
C ASP EB 26 7.96 -66.08 95.66
N PRO EB 27 8.50 -64.87 95.82
CA PRO EB 27 8.01 -63.76 94.99
C PRO EB 27 8.24 -63.99 93.51
N LYS EB 28 9.30 -64.71 93.14
CA LYS EB 28 9.57 -64.96 91.72
C LYS EB 28 8.63 -66.01 91.15
N ASP EB 29 8.28 -67.04 91.93
CA ASP EB 29 7.39 -68.11 91.49
C ASP EB 29 6.36 -68.39 92.58
N ALA EB 30 5.09 -68.17 92.27
CA ALA EB 30 4.02 -68.32 93.25
C ALA EB 30 3.70 -69.78 93.58
N THR EB 31 4.18 -70.73 92.79
CA THR EB 31 3.87 -72.14 93.00
C THR EB 31 4.82 -72.83 93.95
N ILE EB 32 5.71 -72.08 94.60
CA ILE EB 32 6.68 -72.69 95.50
C ILE EB 32 6.67 -71.90 96.80
N TYR EB 33 6.56 -72.61 97.93
CA TYR EB 33 6.40 -72.03 99.26
C TYR EB 33 7.61 -72.38 100.11
N TRP EB 34 7.98 -71.48 101.02
CA TRP EB 34 9.23 -71.55 101.76
C TRP EB 34 8.99 -71.46 103.26
N TRP EB 35 9.58 -72.41 103.98
CA TRP EB 35 9.77 -72.39 105.43
C TRP EB 35 11.27 -72.28 105.73
N GLU EB 36 11.60 -71.75 106.90
CA GLU EB 36 12.97 -71.45 107.30
C GLU EB 36 13.21 -71.83 108.74
N ASP EB 37 14.33 -72.48 109.00
CA ASP EB 37 14.77 -72.84 110.34
C ASP EB 37 15.75 -71.76 110.82
N GLN EB 38 15.31 -70.96 111.79
CA GLN EB 38 16.07 -69.80 112.23
C GLN EB 38 16.98 -70.07 113.42
N SER EB 39 17.30 -71.33 113.68
CA SER EB 39 18.07 -71.69 114.86
C SER EB 39 19.57 -71.63 114.64
N GLN EB 40 20.01 -71.29 113.43
CA GLN EB 40 21.43 -71.32 113.08
C GLN EB 40 22.11 -70.04 113.56
N ALA EB 41 23.39 -69.89 113.20
CA ALA EB 41 24.24 -68.88 113.83
C ALA EB 41 23.94 -67.48 113.30
N SER EB 42 23.70 -67.33 112.01
CA SER EB 42 23.31 -66.07 111.41
C SER EB 42 22.48 -66.37 110.19
N PRO EB 43 21.71 -65.39 109.67
CA PRO EB 43 20.69 -65.73 108.66
C PRO EB 43 21.22 -66.43 107.44
N ALA EB 44 22.44 -66.11 106.98
CA ALA EB 44 22.98 -66.76 105.78
C ALA EB 44 22.99 -68.28 105.93
N GLY EB 45 23.10 -68.80 107.16
CA GLY EB 45 23.11 -70.21 107.44
C GLY EB 45 21.81 -70.83 107.88
N TYR EB 46 20.70 -70.08 107.84
CA TYR EB 46 19.39 -70.63 108.21
C TYR EB 46 19.00 -71.76 107.25
N TRP EB 47 18.60 -72.90 107.80
CA TRP EB 47 18.16 -74.00 106.95
C TRP EB 47 16.78 -73.67 106.37
N ARG EB 48 16.54 -74.15 105.15
CA ARG EB 48 15.30 -73.82 104.46
C ARG EB 48 14.67 -75.08 103.87
N LEU EB 49 13.36 -75.01 103.69
CA LEU EB 49 12.56 -76.08 103.15
C LEU EB 49 11.55 -75.47 102.18
N SER EB 50 11.38 -76.09 101.02
CA SER EB 50 10.55 -75.55 99.95
C SER EB 50 9.63 -76.64 99.41
N MET EB 51 8.37 -76.31 99.19
CA MET EB 51 7.42 -77.24 98.60
C MET EB 51 6.71 -76.56 97.42
N GLN EB 52 6.64 -77.26 96.29
CA GLN EB 52 6.13 -76.70 95.06
C GLN EB 52 5.09 -77.62 94.45
N LEU EB 53 3.95 -77.05 94.07
CA LEU EB 53 2.87 -77.76 93.41
C LEU EB 53 2.56 -77.05 92.09
N VAL EB 54 2.77 -77.76 90.99
CA VAL EB 54 2.54 -77.23 89.65
C VAL EB 54 1.45 -78.08 89.03
N ARG EB 55 0.22 -77.56 89.04
CA ARG EB 55 -0.97 -78.11 88.41
C ARG EB 55 -1.13 -77.49 87.02
N PRO EB 56 -1.55 -78.29 86.05
CA PRO EB 56 -1.68 -77.78 84.69
C PRO EB 56 -2.94 -76.93 84.52
N ALA EB 57 -2.93 -76.14 83.45
CA ALA EB 57 -4.10 -75.36 83.11
C ALA EB 57 -5.30 -76.29 82.94
N PRO EB 58 -6.49 -75.83 83.32
CA PRO EB 58 -7.64 -76.74 83.39
C PRO EB 58 -7.95 -77.40 82.05
N ALA EB 59 -8.41 -78.65 82.13
CA ALA EB 59 -8.79 -79.40 80.95
C ALA EB 59 -9.89 -78.67 80.20
N LYS EB 60 -9.83 -78.70 78.88
CA LYS EB 60 -10.80 -78.04 78.03
C LYS EB 60 -11.70 -79.08 77.37
N ALA EB 61 -12.87 -78.62 76.92
CA ALA EB 61 -13.86 -79.51 76.35
C ALA EB 61 -13.31 -80.18 75.10
N GLY EB 62 -13.41 -81.52 75.05
CA GLY EB 62 -12.90 -82.28 73.94
C GLY EB 62 -11.39 -82.36 73.84
N GLN EB 63 -10.65 -81.82 74.81
CA GLN EB 63 -9.20 -81.83 74.78
C GLN EB 63 -8.69 -83.23 75.18
N ASN EB 64 -7.46 -83.53 74.79
CA ASN EB 64 -6.86 -84.82 75.07
C ASN EB 64 -5.96 -84.70 76.29
N THR EB 65 -6.19 -85.56 77.28
CA THR EB 65 -5.55 -85.45 78.58
C THR EB 65 -4.26 -86.25 78.71
N ASN EB 66 -3.97 -87.14 77.76
CA ASN EB 66 -3.04 -88.25 78.01
C ASN EB 66 -1.61 -87.77 78.25
N GLN EB 67 -1.34 -86.47 78.13
CA GLN EB 67 -0.01 -85.96 78.41
C GLN EB 67 0.05 -84.91 79.51
N ARG EB 68 -1.10 -84.45 80.02
CA ARG EB 68 -1.08 -83.43 81.05
C ARG EB 68 -0.63 -84.04 82.38
N MET EB 69 0.21 -83.32 83.11
CA MET EB 69 0.82 -83.87 84.31
C MET EB 69 1.00 -82.81 85.40
N ILE EB 70 0.97 -83.28 86.64
CA ILE EB 70 1.14 -82.48 87.85
C ILE EB 70 2.50 -82.79 88.44
N ARG EB 71 3.20 -81.75 88.90
CA ARG EB 71 4.52 -81.95 89.50
C ARG EB 71 4.52 -81.42 90.93
N VAL EB 72 5.23 -82.12 91.81
CA VAL EB 72 5.41 -81.68 93.19
C VAL EB 72 6.88 -81.82 93.53
N ARG EB 73 7.49 -80.73 94.01
CA ARG EB 73 8.93 -80.72 94.33
C ARG EB 73 9.12 -80.29 95.77
N VAL EB 74 9.72 -81.16 96.57
CA VAL EB 74 10.08 -80.87 97.95
C VAL EB 74 11.61 -80.79 98.02
N SER EB 75 12.11 -79.69 98.58
CA SER EB 75 13.55 -79.44 98.60
C SER EB 75 13.97 -79.00 100.00
N THR EB 76 15.10 -79.51 100.48
CA THR EB 76 15.63 -79.12 101.79
C THR EB 76 17.09 -78.72 101.67
N PHE EB 77 17.42 -77.55 102.21
CA PHE EB 77 18.76 -76.99 102.18
C PHE EB 77 19.25 -76.79 103.62
N GLU EB 78 20.41 -77.34 103.93
CA GLU EB 78 20.99 -77.27 105.28
C GLU EB 78 22.40 -76.69 105.21
N PRO EB 79 22.53 -75.42 104.85
CA PRO EB 79 23.86 -74.83 104.72
C PRO EB 79 24.60 -74.81 106.05
N ILE EB 80 25.90 -75.11 105.99
CA ILE EB 80 26.77 -75.11 107.15
C ILE EB 80 27.64 -73.86 107.11
N LEU EB 81 27.52 -73.03 108.14
CA LEU EB 81 28.27 -71.77 108.18
C LEU EB 81 29.74 -72.02 108.44
N GLU EB 82 30.59 -71.26 107.77
CA GLU EB 82 32.02 -71.35 108.01
C GLU EB 82 32.34 -70.87 109.41
N VAL EB 83 33.26 -71.57 110.09
CA VAL EB 83 33.75 -71.16 111.39
C VAL EB 83 35.01 -70.33 111.20
N ALA EB 84 35.05 -69.16 111.82
CA ALA EB 84 36.12 -68.21 111.59
C ALA EB 84 37.40 -68.65 112.28
N VAL EB 85 38.53 -68.37 111.64
CA VAL EB 85 39.83 -68.47 112.29
C VAL EB 85 40.49 -67.10 112.19
N THR EB 86 41.71 -66.99 112.69
CA THR EB 86 42.39 -65.71 112.73
C THR EB 86 42.71 -65.24 111.31
N ALA EB 87 42.19 -64.07 110.95
CA ALA EB 87 42.52 -63.45 109.67
C ALA EB 87 43.80 -62.67 109.82
N THR EB 88 44.75 -62.89 108.90
CA THR EB 88 46.10 -62.36 109.05
C THR EB 88 46.43 -61.24 108.08
N TYR EB 89 45.70 -61.09 106.97
CA TYR EB 89 46.00 -60.00 106.06
C TYR EB 89 45.52 -58.67 106.62
N SER EB 90 44.25 -58.58 107.01
CA SER EB 90 43.68 -57.34 107.50
C SER EB 90 43.39 -57.33 108.99
N GLY EB 91 43.42 -58.49 109.65
CA GLY EB 91 43.06 -58.56 111.05
C GLY EB 91 41.60 -58.33 111.31
N ILE EB 92 40.78 -58.27 110.25
CA ILE EB 92 39.35 -58.05 110.33
C ILE EB 92 38.66 -59.37 110.03
N ALA EB 93 37.95 -59.91 111.02
CA ALA EB 93 37.29 -61.19 110.83
C ALA EB 93 36.29 -61.10 109.70
N PRO EB 94 36.11 -62.16 108.92
CA PRO EB 94 35.30 -62.06 107.71
C PRO EB 94 33.80 -62.13 108.02
N SER EB 95 33.03 -61.56 107.10
CA SER EB 95 31.59 -61.65 107.17
C SER EB 95 31.17 -63.12 107.24
N PRO EB 96 30.03 -63.42 107.85
CA PRO EB 96 29.58 -64.82 107.88
C PRO EB 96 29.41 -65.34 106.46
N THR EB 97 30.09 -66.42 106.16
CA THR EB 97 30.10 -67.00 104.82
C THR EB 97 29.66 -68.46 104.91
N VAL EB 98 28.92 -68.90 103.90
CA VAL EB 98 28.47 -70.28 103.87
C VAL EB 98 29.61 -71.16 103.37
N SER EB 99 29.93 -72.20 104.15
CA SER EB 99 31.05 -73.06 103.81
C SER EB 99 30.69 -74.08 102.73
N TYR EB 100 29.60 -74.82 102.93
CA TYR EB 100 29.11 -75.79 101.95
C TYR EB 100 27.66 -76.08 102.26
N VAL EB 101 26.95 -76.64 101.28
CA VAL EB 101 25.53 -76.87 101.47
C VAL EB 101 25.13 -78.29 101.12
N PRO EB 102 24.87 -79.14 102.11
CA PRO EB 102 24.19 -80.42 101.84
C PRO EB 102 22.72 -80.17 101.53
N LYS EB 103 22.23 -80.75 100.45
CA LYS EB 103 20.86 -80.47 100.06
C LYS EB 103 20.21 -81.69 99.44
N ALA EB 104 18.88 -81.65 99.36
CA ALA EB 104 18.12 -82.74 98.78
C ALA EB 104 16.93 -82.18 98.01
N PHE EB 105 16.60 -82.85 96.91
CA PHE EB 105 15.59 -82.40 95.96
C PHE EB 105 14.78 -83.62 95.53
N THR EB 106 13.47 -83.63 95.82
CA THR EB 106 12.59 -84.73 95.43
C THR EB 106 11.49 -84.18 94.52
N GLU EB 107 11.29 -84.84 93.37
CA GLU EB 107 10.28 -84.44 92.40
C GLU EB 107 9.36 -85.62 92.13
N PHE EB 108 8.06 -85.43 92.38
CA PHE EB 108 7.02 -86.36 92.00
C PHE EB 108 6.42 -85.89 90.69
N VAL EB 109 6.36 -86.79 89.72
CA VAL EB 109 5.63 -86.60 88.48
C VAL EB 109 4.38 -87.47 88.56
N LEU EB 110 3.23 -86.82 88.72
CA LEU EB 110 1.94 -87.48 88.87
C LEU EB 110 1.10 -87.09 87.66
N PRO EB 111 0.90 -87.98 86.69
CA PRO EB 111 0.02 -87.64 85.57
C PRO EB 111 -1.40 -87.39 86.07
N GLU EB 112 -2.05 -86.38 85.49
CA GLU EB 112 -3.38 -85.99 85.96
C GLU EB 112 -4.35 -87.17 85.93
N ARG EB 113 -4.23 -88.01 84.91
CA ARG EB 113 -4.99 -89.25 84.80
C ARG EB 113 -4.92 -90.13 86.04
N ALA EB 114 -3.84 -90.05 86.83
CA ALA EB 114 -3.62 -91.03 87.89
C ALA EB 114 -4.63 -90.89 89.02
N THR EB 115 -4.95 -92.01 89.66
CA THR EB 115 -5.93 -92.04 90.74
C THR EB 115 -5.30 -91.68 92.08
N LEU EB 116 -6.17 -91.31 93.02
CA LEU EB 116 -5.74 -91.03 94.38
C LEU EB 116 -4.92 -92.17 94.95
N ASP EB 117 -5.34 -93.41 94.67
CA ASP EB 117 -4.57 -94.55 95.13
C ASP EB 117 -3.18 -94.55 94.54
N ASN EB 118 -3.04 -94.23 93.25
CA ASN EB 118 -1.73 -94.14 92.62
C ASN EB 118 -0.85 -93.11 93.32
N ARG EB 119 -1.43 -91.95 93.65
CA ARG EB 119 -0.64 -90.89 94.28
C ARG EB 119 -0.22 -91.28 95.69
N LYS EB 120 -1.14 -91.88 96.46
CA LYS EB 120 -0.81 -92.35 97.80
C LYS EB 120 0.29 -93.40 97.73
N ASP EB 121 0.20 -94.31 96.75
CA ASP EB 121 1.22 -95.34 96.54
C ASP EB 121 2.59 -94.73 96.32
N ILE EB 122 2.69 -93.82 95.34
CA ILE EB 122 4.00 -93.29 94.99
C ILE EB 122 4.59 -92.50 96.14
N ARG EB 123 3.77 -91.68 96.82
CA ARG EB 123 4.28 -90.90 97.93
C ARG EB 123 4.79 -91.81 99.05
N LYS EB 124 3.92 -92.72 99.55
CA LYS EB 124 4.34 -93.57 100.66
C LYS EB 124 5.55 -94.41 100.30
N MET EB 125 5.55 -95.00 99.10
CA MET EB 125 6.58 -95.97 98.77
C MET EB 125 7.92 -95.30 98.54
N HIS EB 126 7.93 -94.09 97.95
CA HIS EB 126 9.19 -93.38 97.81
C HIS EB 126 9.70 -92.92 99.17
N ALA EB 127 8.82 -92.33 100.00
CA ALA EB 127 9.24 -91.87 101.32
C ALA EB 127 9.82 -93.01 102.14
N LEU EB 128 9.31 -94.22 101.93
CA LEU EB 128 9.89 -95.41 102.56
C LEU EB 128 11.21 -95.80 101.91
N ALA EB 129 11.30 -95.71 100.58
CA ALA EB 129 12.52 -96.10 99.88
C ALA EB 129 13.70 -95.25 100.33
N LEU EB 130 13.44 -94.04 100.79
CA LEU EB 130 14.51 -93.21 101.34
C LEU EB 130 14.98 -93.65 102.72
N THR EB 131 14.29 -94.60 103.36
CA THR EB 131 14.66 -95.07 104.69
C THR EB 131 15.18 -96.51 104.69
N THR EB 132 15.33 -97.13 103.53
CA THR EB 132 15.85 -98.48 103.44
C THR EB 132 17.29 -98.54 103.91
N SER EB 133 17.72 -99.74 104.34
CA SER EB 133 19.10 -99.91 104.77
C SER EB 133 20.07 -99.57 103.65
N GLU EB 134 19.68 -99.86 102.40
CA GLU EB 134 20.52 -99.54 101.25
C GLU EB 134 20.66 -98.03 101.07
N ALA EB 135 19.55 -97.29 101.18
CA ALA EB 135 19.62 -95.84 101.08
C ALA EB 135 20.44 -95.25 102.21
N ILE EB 136 20.29 -95.79 103.42
CA ILE EB 136 21.09 -95.32 104.55
C ILE EB 136 22.58 -95.56 104.29
N ALA EB 137 22.91 -96.74 103.76
CA ALA EB 137 24.31 -97.05 103.49
C ALA EB 137 24.90 -96.15 102.41
N MET EB 138 24.11 -95.82 101.37
CA MET EB 138 24.63 -94.99 100.29
C MET EB 138 24.81 -93.55 100.75
N ILE EB 139 23.80 -92.99 101.44
CA ILE EB 139 23.86 -91.56 101.76
C ILE EB 139 24.76 -91.31 102.95
N GLU EB 140 24.68 -92.15 103.99
CA GLU EB 140 25.44 -91.89 105.20
C GLU EB 140 26.84 -92.48 105.15
N SER EB 141 26.97 -93.73 104.71
CA SER EB 141 28.24 -94.45 104.72
C SER EB 141 28.92 -94.50 103.37
N LEU EB 142 28.28 -94.01 102.31
CA LEU EB 142 28.89 -93.88 101.00
C LEU EB 142 29.30 -95.24 100.42
N GLN EB 143 28.39 -96.20 100.51
CA GLN EB 143 28.63 -97.57 100.04
C GLN EB 143 27.57 -97.96 99.02
N PHE EB 144 28.00 -98.53 97.91
CA PHE EB 144 27.10 -99.03 96.89
C PHE EB 144 26.67 -100.46 97.22
N VAL EB 145 25.84 -101.06 96.37
CA VAL EB 145 25.40 -102.43 96.55
C VAL EB 145 26.05 -103.30 95.47
N TYR EB 146 26.33 -104.54 95.81
CA TYR EB 146 27.14 -105.38 94.94
C TYR EB 146 26.64 -106.83 94.84
N PRO FB 1 14.21 68.09 71.27
CA PRO FB 1 13.16 68.16 72.28
C PRO FB 1 12.54 66.80 72.57
N GLN FB 2 11.99 66.61 73.77
CA GLN FB 2 11.36 65.35 74.09
C GLN FB 2 10.05 65.18 73.34
N ALA FB 3 9.74 63.94 72.98
CA ALA FB 3 8.57 63.66 72.16
C ALA FB 3 7.31 63.77 72.98
N ALA FB 4 6.30 64.47 72.42
CA ALA FB 4 5.01 64.59 73.09
C ALA FB 4 3.91 64.60 72.05
N ASP FB 5 2.66 64.64 72.52
CA ASP FB 5 1.50 64.59 71.66
C ASP FB 5 1.54 65.69 70.60
N ILE FB 6 1.10 65.38 69.40
CA ILE FB 6 0.99 66.35 68.31
C ILE FB 6 -0.47 66.49 67.95
N VAL FB 7 -1.01 67.69 68.07
CA VAL FB 7 -2.45 67.90 67.84
C VAL FB 7 -2.63 68.71 66.57
N ILE FB 8 -3.41 68.17 65.64
CA ILE FB 8 -3.62 68.76 64.33
C ILE FB 8 -5.11 68.84 64.06
N ALA FB 9 -5.56 69.98 63.53
CA ALA FB 9 -6.99 70.22 63.34
C ALA FB 9 -7.50 69.53 62.07
N ASP FB 10 -8.76 69.09 62.15
CA ASP FB 10 -9.45 68.49 61.02
C ASP FB 10 -9.76 69.55 59.97
N ALA FB 11 -10.36 69.11 58.85
CA ALA FB 11 -10.88 70.02 57.85
C ALA FB 11 -12.40 69.91 57.71
N GLN FB 12 -13.06 69.49 58.79
CA GLN FB 12 -14.51 69.39 58.77
C GLN FB 12 -15.13 70.80 58.86
N ALA FB 13 -16.45 70.84 58.67
CA ALA FB 13 -17.20 72.08 58.85
C ALA FB 13 -16.90 72.68 60.20
N THR FB 14 -17.10 71.90 61.27
CA THR FB 14 -16.56 72.23 62.57
C THR FB 14 -15.32 71.40 62.80
N PRO FB 15 -14.13 71.97 62.72
CA PRO FB 15 -12.91 71.17 62.81
C PRO FB 15 -12.83 70.37 64.10
N VAL FB 16 -12.20 69.20 64.01
CA VAL FB 16 -12.05 68.27 65.12
C VAL FB 16 -10.56 68.02 65.33
N ASN FB 17 -10.09 68.21 66.57
CA ASN FB 17 -8.68 68.02 66.85
C ASN FB 17 -8.35 66.53 66.87
N HIS FB 18 -7.38 66.13 66.06
CA HIS FB 18 -6.82 64.78 66.09
C HIS FB 18 -5.52 64.83 66.88
N THR FB 19 -5.41 63.95 67.89
CA THR FB 19 -4.24 63.92 68.76
C THR FB 19 -3.41 62.69 68.39
N PHE FB 20 -2.20 62.93 67.87
CA PHE FB 20 -1.24 61.91 67.51
C PHE FB 20 -0.33 61.66 68.70
N VAL FB 21 -0.57 60.55 69.39
CA VAL FB 21 0.25 60.13 70.53
C VAL FB 21 1.58 59.60 70.01
N PRO FB 22 2.71 59.90 70.65
CA PRO FB 22 3.98 59.35 70.18
C PRO FB 22 4.05 57.84 70.40
N ILE FB 23 4.23 57.11 69.31
CA ILE FB 23 4.46 55.67 69.40
C ILE FB 23 5.93 55.37 69.64
N GLY FB 24 6.82 56.08 68.97
CA GLY FB 24 8.23 55.87 69.20
C GLY FB 24 9.03 55.77 67.92
N PRO FB 25 10.31 55.50 68.04
CA PRO FB 25 11.15 55.42 66.85
C PRO FB 25 10.89 54.14 66.07
N ASP FB 26 11.14 54.22 64.76
CA ASP FB 26 10.94 53.07 63.87
C ASP FB 26 11.98 51.99 64.19
N PRO FB 27 11.57 50.73 64.36
CA PRO FB 27 12.55 49.69 64.67
C PRO FB 27 13.63 49.53 63.62
N LYS FB 28 13.29 49.71 62.34
CA LYS FB 28 14.25 49.53 61.27
C LYS FB 28 15.21 50.72 61.17
N ASP FB 29 14.71 51.95 61.34
CA ASP FB 29 15.51 53.16 61.17
C ASP FB 29 15.39 54.02 62.42
N ALA FB 30 16.52 54.28 63.06
CA ALA FB 30 16.53 55.09 64.28
C ALA FB 30 16.33 56.58 64.01
N THR FB 31 16.34 57.01 62.75
CA THR FB 31 16.22 58.42 62.40
C THR FB 31 14.78 58.85 62.16
N ILE FB 32 13.83 57.94 62.20
CA ILE FB 32 12.45 58.28 61.88
C ILE FB 32 11.59 57.91 63.08
N TYR FB 33 10.68 58.81 63.45
CA TYR FB 33 9.89 58.72 64.67
C TYR FB 33 8.42 58.80 64.31
N TRP FB 34 7.59 58.03 65.02
CA TRP FB 34 6.20 57.79 64.66
C TRP FB 34 5.26 58.23 65.78
N TRP FB 35 4.30 59.08 65.41
CA TRP FB 35 3.11 59.41 66.19
C TRP FB 35 1.89 58.80 65.51
N GLU FB 36 0.85 58.51 66.30
CA GLU FB 36 -0.33 57.79 65.82
C GLU FB 36 -1.60 58.35 66.45
N ASP FB 37 -2.57 58.65 65.61
CA ASP FB 37 -3.92 59.02 66.02
C ASP FB 37 -4.75 57.75 66.12
N GLN FB 38 -5.12 57.42 67.36
CA GLN FB 38 -5.75 56.16 67.73
C GLN FB 38 -7.26 56.30 67.92
N SER FB 39 -7.86 57.34 67.33
CA SER FB 39 -9.28 57.61 67.50
C SER FB 39 -10.16 56.90 66.50
N GLN FB 40 -9.59 56.15 65.57
CA GLN FB 40 -10.34 55.53 64.49
C GLN FB 40 -10.94 54.20 64.99
N ALA FB 41 -11.58 53.47 64.07
CA ALA FB 41 -12.35 52.30 64.46
C ALA FB 41 -11.48 51.20 65.05
N SER FB 42 -10.56 50.65 64.26
CA SER FB 42 -9.64 49.62 64.72
C SER FB 42 -8.23 50.02 64.30
N PRO FB 43 -7.20 49.43 64.92
CA PRO FB 43 -5.84 49.95 64.73
C PRO FB 43 -5.35 49.97 63.28
N ALA FB 44 -5.96 49.18 62.40
CA ALA FB 44 -5.55 49.20 60.99
C ALA FB 44 -5.86 50.52 60.31
N GLY FB 45 -6.80 51.30 60.85
CA GLY FB 45 -7.18 52.60 60.30
C GLY FB 45 -6.68 53.79 61.08
N TYR FB 46 -5.75 53.58 62.03
CA TYR FB 46 -5.18 54.66 62.81
C TYR FB 46 -4.37 55.60 61.91
N TRP FB 47 -4.51 56.90 62.11
CA TRP FB 47 -3.75 57.82 61.27
C TRP FB 47 -2.33 57.98 61.82
N ARG FB 48 -1.38 58.15 60.92
CA ARG FB 48 0.01 58.12 61.36
C ARG FB 48 0.76 59.33 60.84
N LEU FB 49 1.79 59.72 61.60
CA LEU FB 49 2.61 60.87 61.29
C LEU FB 49 4.05 60.49 61.61
N SER FB 50 4.95 60.61 60.63
CA SER FB 50 6.34 60.23 60.78
C SER FB 50 7.23 61.42 60.50
N MET FB 51 8.20 61.67 61.36
CA MET FB 51 9.19 62.72 61.14
C MET FB 51 10.58 62.13 61.22
N GLN FB 52 11.43 62.47 60.25
CA GLN FB 52 12.75 61.87 60.10
C GLN FB 52 13.81 62.93 59.89
N LEU FB 53 14.90 62.83 60.63
CA LEU FB 53 16.03 63.76 60.55
C LEU FB 53 17.30 62.96 60.31
N VAL FB 54 17.86 63.08 59.10
CA VAL FB 54 19.06 62.36 58.71
C VAL FB 54 20.20 63.36 58.65
N ARG FB 55 21.03 63.35 59.69
CA ARG FB 55 22.28 64.09 59.78
C ARG FB 55 23.41 63.30 59.16
N PRO FB 56 24.30 63.95 58.42
CA PRO FB 56 25.51 63.26 57.97
C PRO FB 56 26.47 63.04 59.13
N ALA FB 57 27.39 62.09 58.93
CA ALA FB 57 28.29 61.70 60.02
C ALA FB 57 29.28 62.83 60.33
N PRO FB 58 29.62 63.06 61.59
CA PRO FB 58 30.52 64.18 61.93
C PRO FB 58 31.90 64.03 61.30
N ALA FB 59 32.32 65.06 60.57
CA ALA FB 59 33.62 65.05 59.92
C ALA FB 59 34.11 66.46 59.69
N THR FB 65 32.97 66.95 50.47
CA THR FB 65 32.52 67.36 51.81
C THR FB 65 31.73 68.67 51.78
N ASN FB 66 31.67 69.33 50.62
CA ASN FB 66 30.68 70.38 50.41
C ASN FB 66 29.41 69.84 49.77
N GLN FB 67 29.29 68.52 49.67
CA GLN FB 67 28.08 67.85 49.23
C GLN FB 67 27.47 67.08 50.40
N ARG FB 68 27.52 67.65 51.60
CA ARG FB 68 26.98 67.01 52.79
C ARG FB 68 25.65 67.69 53.09
N MET FB 69 24.58 66.92 53.08
CA MET FB 69 23.26 67.52 53.16
C MET FB 69 22.45 66.82 54.23
N ILE FB 70 21.77 67.63 55.05
CA ILE FB 70 20.84 67.14 56.06
C ILE FB 70 19.48 66.97 55.42
N ARG FB 71 18.83 65.86 55.69
CA ARG FB 71 17.50 65.63 55.13
C ARG FB 71 16.47 65.55 56.25
N VAL FB 72 15.26 66.05 55.96
CA VAL FB 72 14.15 66.00 56.90
C VAL FB 72 12.91 65.57 56.13
N ARG FB 73 12.25 64.51 56.59
CA ARG FB 73 11.06 63.99 55.91
C ARG FB 73 9.90 63.94 56.90
N VAL FB 74 8.80 64.61 56.54
CA VAL FB 74 7.56 64.57 57.29
C VAL FB 74 6.51 63.89 56.43
N SER FB 75 5.87 62.87 56.98
CA SER FB 75 4.93 62.05 56.22
C SER FB 75 3.66 61.84 57.03
N THR FB 76 2.50 62.01 56.38
CA THR FB 76 1.21 61.81 57.03
C THR FB 76 0.39 60.80 56.25
N PHE FB 77 -0.12 59.79 56.94
CA PHE FB 77 -0.95 58.75 56.37
C PHE FB 77 -2.33 58.79 57.03
N GLU FB 78 -3.38 58.82 56.23
CA GLU FB 78 -4.76 58.87 56.73
C GLU FB 78 -5.61 57.76 56.12
N PRO FB 79 -5.38 56.52 56.50
CA PRO FB 79 -6.14 55.42 55.90
C PRO FB 79 -7.62 55.50 56.27
N ILE FB 80 -8.46 55.07 55.34
CA ILE FB 80 -9.91 55.08 55.50
C ILE FB 80 -10.40 53.64 55.50
N LEU FB 81 -11.00 53.21 56.61
CA LEU FB 81 -11.46 51.84 56.74
C LEU FB 81 -12.80 51.65 56.03
N GLU FB 82 -13.07 50.40 55.63
CA GLU FB 82 -14.37 50.06 55.08
C GLU FB 82 -15.39 49.97 56.21
N VAL FB 83 -16.63 50.36 55.89
CA VAL FB 83 -17.69 50.38 56.90
C VAL FB 83 -18.11 48.97 57.26
N ALA FB 84 -18.57 48.79 58.50
CA ALA FB 84 -19.02 47.49 58.96
C ALA FB 84 -20.06 46.91 58.00
N VAL FB 85 -19.96 45.60 57.75
CA VAL FB 85 -20.83 44.92 56.78
C VAL FB 85 -22.16 44.54 57.43
N THR FB 86 -23.23 44.63 56.65
CA THR FB 86 -24.54 44.20 57.10
C THR FB 86 -24.86 42.78 56.70
N ALA FB 87 -24.16 42.25 55.69
CA ALA FB 87 -24.42 40.90 55.21
C ALA FB 87 -23.26 40.46 54.34
N THR FB 88 -22.81 39.23 54.52
CA THR FB 88 -21.79 38.63 53.66
C THR FB 88 -22.29 37.27 53.19
N TYR FB 89 -21.51 36.62 52.33
CA TYR FB 89 -21.97 35.37 51.74
C TYR FB 89 -22.06 34.27 52.78
N SER FB 90 -21.16 34.28 53.76
CA SER FB 90 -21.08 33.23 54.77
C SER FB 90 -21.75 33.60 56.08
N GLY FB 91 -22.03 34.88 56.31
CA GLY FB 91 -22.62 35.29 57.56
C GLY FB 91 -21.63 35.70 58.63
N ILE FB 92 -20.33 35.58 58.37
CA ILE FB 92 -19.29 36.03 59.29
C ILE FB 92 -18.70 37.32 58.75
N ALA FB 93 -18.66 38.36 59.59
CA ALA FB 93 -18.17 39.65 59.15
C ALA FB 93 -16.67 39.58 58.91
N PRO FB 94 -16.18 40.21 57.83
CA PRO FB 94 -14.73 40.17 57.55
C PRO FB 94 -13.94 41.04 58.52
N SER FB 95 -12.66 40.74 58.60
CA SER FB 95 -11.75 41.53 59.43
C SER FB 95 -11.73 42.98 58.94
N PRO FB 96 -11.47 43.93 59.82
CA PRO FB 96 -11.40 45.34 59.39
C PRO FB 96 -10.34 45.49 58.31
N THR FB 97 -10.76 46.05 57.18
CA THR FB 97 -9.89 46.20 56.02
C THR FB 97 -9.79 47.66 55.62
N VAL FB 98 -8.66 48.02 55.02
CA VAL FB 98 -8.41 49.39 54.60
C VAL FB 98 -8.92 49.57 53.18
N SER FB 99 -9.78 50.58 52.99
CA SER FB 99 -10.35 50.81 51.66
C SER FB 99 -9.36 51.52 50.74
N TYR FB 100 -8.79 52.63 51.19
CA TYR FB 100 -7.82 53.39 50.41
C TYR FB 100 -7.06 54.29 51.37
N VAL FB 101 -5.91 54.77 50.92
CA VAL FB 101 -5.07 55.57 51.81
C VAL FB 101 -4.56 56.84 51.13
N PRO FB 102 -5.17 57.99 51.39
CA PRO FB 102 -4.53 59.26 51.00
C PRO FB 102 -3.36 59.56 51.91
N LYS FB 103 -2.26 60.03 51.31
CA LYS FB 103 -1.05 60.24 52.11
C LYS FB 103 -0.26 61.39 51.52
N ALA FB 104 0.70 61.88 52.31
CA ALA FB 104 1.54 62.99 51.90
C ALA FB 104 2.95 62.80 52.44
N PHE FB 105 3.94 63.21 51.64
CA PHE FB 105 5.35 63.01 51.93
C PHE FB 105 6.08 64.30 51.57
N THR FB 106 6.74 64.93 52.53
CA THR FB 106 7.50 66.15 52.30
C THR FB 106 8.95 65.93 52.73
N GLU FB 107 9.89 66.35 51.89
CA GLU FB 107 11.31 66.18 52.14
C GLU FB 107 12.02 67.51 51.94
N PHE FB 108 12.73 67.93 52.98
CA PHE FB 108 13.63 69.08 52.93
C PHE FB 108 15.05 68.58 52.76
N VAL FB 109 15.75 69.15 51.79
CA VAL FB 109 17.17 68.93 51.58
C VAL FB 109 17.87 70.23 51.97
N LEU FB 110 18.65 70.16 53.05
CA LEU FB 110 19.24 71.34 53.66
C LEU FB 110 20.75 71.17 53.68
N PRO FB 111 21.50 71.81 52.78
CA PRO FB 111 22.96 71.67 52.82
C PRO FB 111 23.53 72.10 54.15
N GLU FB 112 24.63 71.45 54.54
CA GLU FB 112 25.22 71.71 55.85
C GLU FB 112 25.77 73.13 55.96
N ARG FB 113 26.09 73.76 54.83
CA ARG FB 113 26.50 75.15 54.85
C ARG FB 113 25.34 76.13 55.02
N ALA FB 114 24.10 75.66 54.97
CA ALA FB 114 22.95 76.56 54.95
C ALA FB 114 22.70 77.14 56.33
N THR FB 115 22.43 78.44 56.39
CA THR FB 115 22.28 79.13 57.64
C THR FB 115 20.86 78.99 58.19
N LEU FB 116 20.72 79.26 59.49
CA LEU FB 116 19.42 79.21 60.14
C LEU FB 116 18.39 80.03 59.39
N ASP FB 117 18.80 81.19 58.86
CA ASP FB 117 17.88 82.00 58.08
C ASP FB 117 17.38 81.25 56.84
N ASN FB 118 18.30 80.57 56.14
CA ASN FB 118 17.92 79.80 54.96
C ASN FB 118 16.93 78.70 55.33
N ARG FB 119 17.16 78.02 56.45
CA ARG FB 119 16.27 76.93 56.86
C ARG FB 119 14.89 77.47 57.23
N LYS FB 120 14.84 78.58 57.98
CA LYS FB 120 13.55 79.19 58.31
C LYS FB 120 12.82 79.61 57.05
N ASP FB 121 13.55 80.18 56.08
CA ASP FB 121 12.96 80.59 54.81
C ASP FB 121 12.33 79.41 54.08
N ILE FB 122 13.09 78.33 53.90
CA ILE FB 122 12.58 77.21 53.09
C ILE FB 122 11.40 76.55 53.79
N ARG FB 123 11.47 76.39 55.11
CA ARG FB 123 10.35 75.78 55.84
C ARG FB 123 9.09 76.64 55.71
N LYS FB 124 9.17 77.92 56.12
CA LYS FB 124 7.99 78.78 56.09
C LYS FB 124 7.43 78.88 54.68
N MET FB 125 8.30 79.03 53.68
CA MET FB 125 7.83 79.32 52.34
C MET FB 125 7.22 78.10 51.67
N HIS FB 126 7.78 76.91 51.92
CA HIS FB 126 7.17 75.70 51.38
C HIS FB 126 5.82 75.42 52.05
N ALA FB 127 5.78 75.51 53.38
CA ALA FB 127 4.53 75.30 54.09
C ALA FB 127 3.45 76.24 53.56
N LEU FB 128 3.83 77.50 53.29
CA LEU FB 128 2.89 78.43 52.69
C LEU FB 128 2.51 78.01 51.27
N ALA FB 129 3.49 77.53 50.50
CA ALA FB 129 3.23 77.10 49.13
C ALA FB 129 2.21 75.98 49.06
N LEU FB 130 2.07 75.21 50.14
CA LEU FB 130 1.02 74.19 50.20
C LEU FB 130 -0.36 74.76 50.47
N THR FB 131 -0.49 76.05 50.81
CA THR FB 131 -1.77 76.64 51.14
C THR FB 131 -2.21 77.71 50.15
N THR FB 132 -1.48 77.89 49.04
CA THR FB 132 -1.85 78.85 48.03
C THR FB 132 -3.17 78.45 47.37
N SER FB 133 -3.83 79.42 46.73
CA SER FB 133 -5.08 79.12 46.02
C SER FB 133 -4.85 78.08 44.94
N GLU FB 134 -3.70 78.15 44.27
CA GLU FB 134 -3.36 77.17 43.25
C GLU FB 134 -3.18 75.77 43.87
N ALA FB 135 -2.46 75.69 44.99
CA ALA FB 135 -2.29 74.40 45.66
C ALA FB 135 -3.63 73.82 46.10
N ILE FB 136 -4.52 74.67 46.60
CA ILE FB 136 -5.81 74.18 47.05
C ILE FB 136 -6.64 73.71 45.87
N ALA FB 137 -6.57 74.43 44.75
CA ALA FB 137 -7.29 74.01 43.55
C ALA FB 137 -6.77 72.68 43.02
N MET FB 138 -5.45 72.46 43.11
CA MET FB 138 -4.87 71.23 42.58
C MET FB 138 -5.16 70.04 43.48
N ILE FB 139 -5.00 70.19 44.80
CA ILE FB 139 -5.13 69.05 45.70
C ILE FB 139 -6.59 68.75 46.02
N GLU FB 140 -7.41 69.78 46.21
CA GLU FB 140 -8.79 69.55 46.63
C GLU FB 140 -9.75 69.43 45.45
N SER FB 141 -9.64 70.35 44.49
CA SER FB 141 -10.55 70.37 43.35
C SER FB 141 -9.97 69.69 42.12
N LEU FB 142 -8.69 69.32 42.16
CA LEU FB 142 -8.08 68.54 41.09
C LEU FB 142 -8.09 69.31 39.76
N GLN FB 143 -7.57 70.54 39.81
CA GLN FB 143 -7.52 71.42 38.65
C GLN FB 143 -6.08 71.87 38.42
N PHE FB 144 -5.67 71.88 37.16
CA PHE FB 144 -4.35 72.35 36.79
C PHE FB 144 -4.42 73.85 36.46
N VAL FB 145 -3.25 74.48 36.29
CA VAL FB 145 -3.17 75.89 35.92
C VAL FB 145 -2.91 75.99 34.42
N TYR FB 146 -3.60 76.92 33.77
CA TYR FB 146 -3.58 77.05 32.32
C TYR FB 146 -3.21 78.46 31.86
N PRO GB 1 21.01 58.48 83.62
CA PRO GB 1 20.59 59.88 83.59
C PRO GB 1 19.82 60.21 82.32
N GLN GB 2 19.01 61.26 82.38
CA GLN GB 2 18.25 61.66 81.20
C GLN GB 2 19.12 62.49 80.26
N ALA GB 3 18.69 62.58 79.01
CA ALA GB 3 19.38 63.44 78.06
C ALA GB 3 19.14 64.89 78.44
N ALA GB 4 20.22 65.61 78.73
CA ALA GB 4 20.13 67.01 79.11
C ALA GB 4 21.26 67.79 78.44
N ASP GB 5 21.12 69.12 78.45
CA ASP GB 5 22.19 69.97 77.96
C ASP GB 5 23.48 69.70 78.73
N ILE GB 6 24.61 69.79 78.03
CA ILE GB 6 25.92 69.66 78.65
C ILE GB 6 26.66 70.96 78.40
N VAL GB 7 27.10 71.63 79.46
CA VAL GB 7 27.71 72.95 79.33
C VAL GB 7 29.19 72.85 79.66
N ILE GB 8 30.03 73.29 78.72
CA ILE GB 8 31.48 73.18 78.85
C ILE GB 8 32.11 74.54 78.54
N ALA GB 9 33.09 74.92 79.34
CA ALA GB 9 33.69 76.24 79.26
C ALA GB 9 34.74 76.34 78.15
N ASP GB 10 34.78 77.50 77.50
CA ASP GB 10 35.79 77.81 76.51
C ASP GB 10 37.15 78.02 77.17
N ALA GB 11 38.19 78.10 76.35
CA ALA GB 11 39.53 78.44 76.83
C ALA GB 11 39.93 79.86 76.45
N GLN GB 12 38.97 80.76 76.27
CA GLN GB 12 39.28 82.14 75.95
C GLN GB 12 39.76 82.88 77.19
N ALA GB 13 40.27 84.09 76.96
CA ALA GB 13 40.68 84.96 78.07
C ALA GB 13 39.55 85.10 79.09
N THR GB 14 38.38 85.50 78.62
CA THR GB 14 37.17 85.39 79.42
C THR GB 14 36.39 84.19 78.91
N PRO GB 15 36.40 83.05 79.62
CA PRO GB 15 35.80 81.83 79.07
C PRO GB 15 34.33 82.03 78.72
N VAL GB 16 33.93 81.37 77.63
CA VAL GB 16 32.56 81.41 77.11
C VAL GB 16 31.95 80.02 77.25
N ASN GB 17 30.77 79.95 77.84
CA ASN GB 17 30.10 78.66 78.02
C ASN GB 17 29.50 78.20 76.69
N HIS GB 18 29.89 77.03 76.23
CA HIS GB 18 29.27 76.38 75.09
C HIS GB 18 28.27 75.36 75.59
N THR GB 19 27.03 75.45 75.11
CA THR GB 19 25.96 74.56 75.54
C THR GB 19 25.68 73.54 74.45
N PHE GB 20 25.92 72.26 74.76
CA PHE GB 20 25.70 71.15 73.85
C PHE GB 20 24.31 70.58 74.12
N VAL GB 21 23.37 70.88 73.24
CA VAL GB 21 21.99 70.40 73.30
C VAL GB 21 21.98 68.97 72.79
N PRO GB 22 21.25 68.04 73.42
CA PRO GB 22 21.22 66.67 72.89
C PRO GB 22 20.53 66.60 71.53
N ILE GB 23 21.24 66.04 70.55
CA ILE GB 23 20.63 65.75 69.25
C ILE GB 23 19.89 64.43 69.31
N GLY GB 24 20.46 63.44 70.00
CA GLY GB 24 19.79 62.18 70.12
C GLY GB 24 20.74 61.03 69.92
N PRO GB 25 20.21 59.81 69.88
CA PRO GB 25 21.04 58.65 69.65
C PRO GB 25 21.53 58.61 68.22
N ASP GB 26 22.66 57.91 68.05
CA ASP GB 26 23.26 57.78 66.74
C ASP GB 26 22.34 56.99 65.81
N PRO GB 27 22.29 57.35 64.52
CA PRO GB 27 21.37 56.65 63.61
C PRO GB 27 21.65 55.16 63.47
N LYS GB 28 22.92 54.80 63.45
CA LYS GB 28 23.33 53.45 63.10
C LYS GB 28 23.77 52.61 64.30
N ASP GB 29 24.14 53.24 65.42
CA ASP GB 29 24.54 52.56 66.63
C ASP GB 29 23.70 53.07 67.79
N ALA GB 30 22.99 52.17 68.45
CA ALA GB 30 22.11 52.50 69.56
C ALA GB 30 22.86 52.69 70.87
N THR GB 31 24.19 52.57 70.85
CA THR GB 31 24.99 52.66 72.06
C THR GB 31 25.77 53.96 72.17
N ILE GB 32 25.59 54.89 71.23
CA ILE GB 32 26.32 56.15 71.22
C ILE GB 32 25.31 57.27 71.04
N TYR GB 33 25.43 58.31 71.88
CA TYR GB 33 24.49 59.42 71.96
C TYR GB 33 25.22 60.72 71.65
N TRP GB 34 24.48 61.70 71.10
CA TRP GB 34 25.04 62.89 70.48
C TRP GB 34 24.41 64.17 71.02
N TRP GB 35 25.28 65.07 71.49
CA TRP GB 35 25.00 66.45 71.81
C TRP GB 35 25.74 67.36 70.83
N GLU GB 36 25.23 68.59 70.66
CA GLU GB 36 25.74 69.52 69.65
C GLU GB 36 25.67 70.96 70.16
N ASP GB 37 26.76 71.68 69.95
CA ASP GB 37 26.87 73.13 70.18
C ASP GB 37 26.57 73.83 68.87
N GLN GB 38 25.37 74.42 68.80
CA GLN GB 38 24.79 74.99 67.60
C GLN GB 38 24.96 76.50 67.52
N SER GB 39 25.94 77.04 68.23
CA SER GB 39 26.15 78.48 68.30
C SER GB 39 26.94 79.01 67.11
N GLN GB 40 27.57 78.12 66.35
CA GLN GB 40 28.50 78.51 65.31
C GLN GB 40 27.74 79.08 64.11
N ALA GB 41 28.48 79.44 63.05
CA ALA GB 41 27.90 80.27 61.99
C ALA GB 41 26.94 79.48 61.08
N SER GB 42 27.29 78.25 60.74
CA SER GB 42 26.44 77.33 60.01
C SER GB 42 26.67 75.93 60.58
N PRO GB 43 25.76 74.99 60.35
CA PRO GB 43 25.95 73.65 60.94
C PRO GB 43 27.28 73.01 60.62
N ALA GB 44 27.89 73.34 59.48
CA ALA GB 44 29.20 72.80 59.13
C ALA GB 44 30.23 73.07 60.21
N GLY GB 45 30.08 74.18 60.94
CA GLY GB 45 30.96 74.55 62.02
C GLY GB 45 30.48 74.26 63.42
N TYR GB 46 29.32 73.60 63.58
CA TYR GB 46 28.83 73.26 64.92
C TYR GB 46 29.79 72.29 65.60
N TRP GB 47 29.88 72.37 66.94
CA TRP GB 47 30.76 71.45 67.66
C TRP GB 47 29.95 70.29 68.23
N ARG GB 48 30.53 69.10 68.19
CA ARG GB 48 29.76 67.92 68.55
C ARG GB 48 30.44 67.14 69.65
N LEU GB 49 29.63 66.50 70.48
CA LEU GB 49 30.09 65.67 71.59
C LEU GB 49 29.30 64.37 71.56
N SER GB 50 29.99 63.24 71.70
CA SER GB 50 29.39 61.92 71.61
C SER GB 50 29.87 61.05 72.76
N MET GB 51 28.94 60.33 73.39
CA MET GB 51 29.28 59.42 74.47
C MET GB 51 28.71 58.04 74.18
N GLN GB 52 29.53 57.01 74.38
CA GLN GB 52 29.18 55.64 74.02
C GLN GB 52 29.51 54.68 75.14
N LEU GB 53 28.54 53.84 75.50
CA LEU GB 53 28.70 52.80 76.50
C LEU GB 53 28.41 51.46 75.84
N VAL GB 54 29.40 50.58 75.80
CA VAL GB 54 29.27 49.26 75.21
C VAL GB 54 29.45 48.25 76.33
N ARG GB 55 28.35 47.62 76.71
CA ARG GB 55 28.18 46.57 77.71
C ARG GB 55 28.25 45.21 77.04
N PRO GB 56 28.76 44.20 77.72
CA PRO GB 56 28.75 42.84 77.17
C PRO GB 56 27.40 42.17 77.39
N ALA GB 57 27.19 41.08 76.63
CA ALA GB 57 25.96 40.31 76.77
C ALA GB 57 25.87 39.75 78.18
N PRO GB 58 24.65 39.59 78.72
CA PRO GB 58 24.52 39.22 80.13
C PRO GB 58 25.19 37.89 80.42
N ALA GB 59 25.70 37.77 81.65
CA ALA GB 59 26.49 36.61 82.03
C ALA GB 59 25.61 35.37 82.11
N LYS GB 60 26.16 34.23 81.71
CA LYS GB 60 25.45 32.96 81.79
C LYS GB 60 25.79 32.25 83.10
N ALA GB 61 24.90 31.36 83.51
CA ALA GB 61 25.07 30.65 84.77
C ALA GB 61 26.31 29.77 84.71
N GLY GB 62 27.20 29.93 85.68
CA GLY GB 62 28.43 29.19 85.71
C GLY GB 62 29.51 29.67 84.75
N GLN GB 63 29.22 30.66 83.91
CA GLN GB 63 30.20 31.18 82.97
C GLN GB 63 31.28 31.97 83.73
N ASN GB 64 32.51 31.89 83.22
CA ASN GB 64 33.64 32.59 83.82
C ASN GB 64 33.72 34.00 83.24
N THR GB 65 33.68 35.01 84.11
CA THR GB 65 33.52 36.39 83.67
C THR GB 65 34.81 37.18 83.62
N ASN GB 66 35.96 36.53 83.82
CA ASN GB 66 37.17 37.37 83.97
C ASN GB 66 37.66 37.86 82.68
N GLN GB 67 36.95 37.65 81.58
CA GLN GB 67 37.37 38.23 80.31
C GLN GB 67 36.38 39.24 79.73
N ARG GB 68 35.20 39.38 80.32
CA ARG GB 68 34.20 40.31 79.78
C ARG GB 68 34.56 41.73 80.18
N MET GB 69 34.33 42.69 79.28
CA MET GB 69 34.78 44.06 79.51
C MET GB 69 33.76 45.05 78.97
N ILE GB 70 33.74 46.23 79.59
CA ILE GB 70 32.86 47.33 79.27
C ILE GB 70 33.71 48.46 78.70
N ARG GB 71 33.23 49.09 77.63
CA ARG GB 71 33.97 50.17 77.01
C ARG GB 71 33.15 51.46 77.04
N VAL GB 72 33.82 52.58 77.30
CA VAL GB 72 33.19 53.90 77.28
C VAL GB 72 34.03 54.79 76.38
N ARG GB 73 33.39 55.46 75.43
CA ARG GB 73 34.09 56.34 74.49
C ARG GB 73 33.44 57.70 74.50
N VAL GB 74 34.24 58.73 74.78
CA VAL GB 74 33.81 60.12 74.70
C VAL GB 74 34.57 60.77 73.55
N SER GB 75 33.87 61.57 72.75
CA SER GB 75 34.48 62.13 71.55
C SER GB 75 34.00 63.56 71.36
N THR GB 76 34.92 64.47 71.07
CA THR GB 76 34.58 65.87 70.84
C THR GB 76 35.17 66.32 69.51
N PHE GB 77 34.34 66.99 68.71
CA PHE GB 77 34.71 67.48 67.40
C PHE GB 77 34.48 68.99 67.36
N GLU GB 78 35.52 69.75 67.02
CA GLU GB 78 35.46 71.22 67.00
C GLU GB 78 35.92 71.75 65.65
N PRO GB 79 35.12 71.59 64.61
CA PRO GB 79 35.50 72.13 63.30
C PRO GB 79 35.61 73.64 63.31
N ILE GB 80 36.60 74.14 62.56
CA ILE GB 80 36.86 75.57 62.42
C ILE GB 80 36.53 75.98 60.99
N LEU GB 81 35.82 77.09 60.85
CA LEU GB 81 35.40 77.56 59.54
C LEU GB 81 36.37 78.57 58.96
N GLU GB 82 36.21 78.81 57.66
CA GLU GB 82 36.91 79.86 56.93
C GLU GB 82 35.95 80.45 55.91
N VAL GB 83 36.22 81.69 55.50
CA VAL GB 83 35.38 82.43 54.58
C VAL GB 83 36.24 83.01 53.47
N ALA GB 84 35.68 83.08 52.26
CA ALA GB 84 36.42 83.60 51.11
C ALA GB 84 36.43 85.13 51.05
N VAL GB 85 35.44 85.79 51.66
CA VAL GB 85 35.36 87.24 51.66
C VAL GB 85 34.56 87.68 52.88
N THR GB 86 34.89 88.84 53.44
CA THR GB 86 34.41 89.21 54.76
C THR GB 86 33.24 90.21 54.74
N ALA GB 87 32.80 90.66 53.58
CA ALA GB 87 31.70 91.61 53.50
C ALA GB 87 30.51 90.98 52.77
N THR GB 88 29.44 91.77 52.66
CA THR GB 88 28.25 91.36 51.93
C THR GB 88 28.01 92.34 50.79
N TYR GB 89 27.74 91.80 49.61
CA TYR GB 89 27.51 92.59 48.40
C TYR GB 89 26.10 92.31 47.90
N SER GB 90 25.32 93.38 47.72
CA SER GB 90 23.99 93.27 47.07
C SER GB 90 23.17 92.15 47.71
N GLY GB 91 23.21 92.09 49.05
CA GLY GB 91 22.46 91.11 49.79
C GLY GB 91 23.03 89.70 49.79
N ILE GB 92 24.19 89.47 49.21
CA ILE GB 92 24.79 88.14 49.18
C ILE GB 92 25.76 88.03 50.34
N ALA GB 93 25.45 87.16 51.29
CA ALA GB 93 26.40 87.12 52.39
C ALA GB 93 27.49 86.08 52.13
N PRO GB 94 28.63 86.25 52.78
CA PRO GB 94 29.67 85.23 52.71
C PRO GB 94 29.21 83.94 53.37
N SER GB 95 29.47 82.83 52.69
CA SER GB 95 29.07 81.52 53.19
C SER GB 95 30.32 80.74 53.56
N PRO GB 96 30.53 80.45 54.84
CA PRO GB 96 31.78 79.80 55.25
C PRO GB 96 31.78 78.32 54.96
N THR GB 97 32.99 77.77 54.78
CA THR GB 97 33.22 76.34 54.66
C THR GB 97 34.12 75.88 55.79
N VAL GB 98 34.20 74.56 55.96
CA VAL GB 98 35.09 74.02 56.97
C VAL GB 98 36.52 74.14 56.50
N SER GB 99 37.40 74.55 57.41
CA SER GB 99 38.82 74.73 57.11
C SER GB 99 39.66 73.57 57.63
N TYR GB 100 39.43 73.17 58.89
CA TYR GB 100 40.11 72.03 59.48
C TYR GB 100 39.32 71.59 60.70
N VAL GB 101 39.55 70.37 61.15
CA VAL GB 101 38.79 69.86 62.29
C VAL GB 101 39.71 69.27 63.34
N PRO GB 102 40.03 70.00 64.40
CA PRO GB 102 40.65 69.39 65.58
C PRO GB 102 39.62 68.56 66.34
N LYS GB 103 40.06 67.42 66.86
CA LYS GB 103 39.13 66.54 67.53
C LYS GB 103 39.86 65.73 68.58
N ALA GB 104 39.09 65.11 69.47
CA ALA GB 104 39.64 64.32 70.55
C ALA GB 104 38.76 63.10 70.79
N PHE GB 105 39.41 61.98 71.12
CA PHE GB 105 38.74 60.70 71.28
C PHE GB 105 39.34 60.03 72.52
N THR GB 106 38.51 59.71 73.51
CA THR GB 106 38.93 59.02 74.73
C THR GB 106 38.16 57.73 74.90
N GLU GB 107 38.86 56.65 75.26
CA GLU GB 107 38.28 55.34 75.46
C GLU GB 107 38.74 54.76 76.78
N PHE GB 108 37.77 54.42 77.63
CA PHE GB 108 37.98 53.68 78.86
C PHE GB 108 37.67 52.22 78.61
N VAL GB 109 38.60 51.35 78.97
CA VAL GB 109 38.39 49.91 79.00
C VAL GB 109 38.29 49.51 80.47
N LEU GB 110 37.08 49.18 80.91
CA LEU GB 110 36.78 48.82 82.28
C LEU GB 110 36.38 47.36 82.32
N PRO GB 111 37.23 46.45 82.81
CA PRO GB 111 36.82 45.06 82.92
C PRO GB 111 35.63 44.92 83.86
N GLU GB 112 34.69 44.06 83.47
CA GLU GB 112 33.43 43.96 84.20
C GLU GB 112 33.62 43.61 85.67
N ARG GB 113 34.68 42.88 86.00
CA ARG GB 113 34.92 42.51 87.39
C ARG GB 113 35.49 43.65 88.24
N ALA GB 114 35.66 44.84 87.68
CA ALA GB 114 36.35 45.90 88.41
C ALA GB 114 35.43 46.54 89.45
N THR GB 115 36.04 47.07 90.50
CA THR GB 115 35.30 47.71 91.58
C THR GB 115 34.90 49.13 91.18
N LEU GB 116 33.81 49.60 91.80
CA LEU GB 116 33.47 51.01 91.71
C LEU GB 116 34.68 51.88 92.03
N ASP GB 117 35.47 51.46 93.01
CA ASP GB 117 36.68 52.22 93.35
C ASP GB 117 37.65 52.24 92.18
N ASN GB 118 37.86 51.10 91.52
CA ASN GB 118 38.75 51.07 90.36
C ASN GB 118 38.27 52.01 89.27
N ARG GB 119 36.95 52.06 89.06
CA ARG GB 119 36.40 52.91 88.01
C ARG GB 119 36.56 54.38 88.35
N LYS GB 120 36.26 54.76 89.60
CA LYS GB 120 36.47 56.14 90.03
C LYS GB 120 37.94 56.52 89.89
N ASP GB 121 38.84 55.60 90.25
CA ASP GB 121 40.28 55.83 90.12
C ASP GB 121 40.65 56.13 88.68
N ILE GB 122 40.30 55.23 87.76
CA ILE GB 122 40.74 55.40 86.37
C ILE GB 122 40.14 56.66 85.76
N ARG GB 123 38.86 56.95 86.04
CA ARG GB 123 38.23 58.16 85.51
C ARG GB 123 38.94 59.41 86.03
N LYS GB 124 39.00 59.58 87.36
CA LYS GB 124 39.59 60.78 87.93
C LYS GB 124 41.04 60.95 87.47
N MET GB 125 41.81 59.87 87.51
CA MET GB 125 43.24 59.98 87.28
C MET GB 125 43.56 60.25 85.82
N HIS GB 126 42.80 59.67 84.89
CA HIS GB 126 43.01 60.00 83.49
C HIS GB 126 42.60 61.44 83.20
N ALA GB 127 41.43 61.87 83.69
CA ALA GB 127 41.01 63.25 83.49
C ALA GB 127 42.05 64.22 84.02
N LEU GB 128 42.66 63.87 85.15
CA LEU GB 128 43.73 64.71 85.69
C LEU GB 128 44.98 64.65 84.81
N ALA GB 129 45.31 63.46 84.29
CA ALA GB 129 46.48 63.32 83.44
C ALA GB 129 46.38 64.17 82.19
N LEU GB 130 45.14 64.48 81.76
CA LEU GB 130 44.97 65.40 80.64
C LEU GB 130 45.24 66.85 80.99
N THR GB 131 45.39 67.19 82.27
CA THR GB 131 45.60 68.57 82.69
C THR GB 131 46.97 68.80 83.32
N THR GB 132 47.84 67.80 83.33
CA THR GB 132 49.18 67.96 83.86
C THR GB 132 49.97 68.97 83.04
N SER GB 133 51.00 69.56 83.67
CA SER GB 133 51.83 70.54 82.96
C SER GB 133 52.46 69.93 81.71
N GLU GB 134 52.83 68.64 81.79
CA GLU GB 134 53.37 67.94 80.63
C GLU GB 134 52.32 67.79 79.52
N ALA GB 135 51.10 67.41 79.88
CA ALA GB 135 50.04 67.30 78.88
C ALA GB 135 49.75 68.65 78.23
N ILE GB 136 49.78 69.72 79.02
CA ILE GB 136 49.53 71.04 78.46
C ILE GB 136 50.67 71.45 77.54
N ALA GB 137 51.92 71.16 77.93
CA ALA GB 137 53.05 71.46 77.07
C ALA GB 137 53.01 70.68 75.76
N MET GB 138 52.48 69.45 75.79
CA MET GB 138 52.48 68.64 74.59
C MET GB 138 51.31 68.99 73.67
N ILE GB 139 50.13 69.27 74.21
CA ILE GB 139 48.97 69.53 73.37
C ILE GB 139 48.90 71.00 72.94
N GLU GB 140 49.18 71.92 73.85
CA GLU GB 140 49.05 73.35 73.52
C GLU GB 140 50.36 73.90 72.95
N SER GB 141 51.48 73.62 73.61
CA SER GB 141 52.77 74.15 73.20
C SER GB 141 53.52 73.27 72.22
N LEU GB 142 53.08 72.03 72.03
CA LEU GB 142 53.66 71.13 71.01
C LEU GB 142 55.13 70.87 71.29
N GLN GB 143 55.46 70.58 72.55
CA GLN GB 143 56.81 70.28 72.97
C GLN GB 143 56.81 68.95 73.71
N PHE GB 144 57.66 68.03 73.27
CA PHE GB 144 57.83 66.74 73.91
C PHE GB 144 58.73 66.87 75.16
N VAL GB 145 58.86 65.79 75.91
CA VAL GB 145 59.70 65.75 77.10
C VAL GB 145 61.06 65.14 76.75
N TYR GB 146 62.13 65.82 77.14
CA TYR GB 146 63.48 65.40 76.80
C TYR GB 146 64.37 65.22 78.04
N PRO HB 1 5.32 56.80 76.19
CA PRO HB 1 5.89 57.19 77.48
C PRO HB 1 7.41 57.23 77.44
N GLN HB 2 8.01 58.34 77.86
CA GLN HB 2 9.47 58.42 77.85
C GLN HB 2 10.02 57.43 78.87
N ALA HB 3 11.20 56.88 78.56
CA ALA HB 3 11.81 55.91 79.45
C ALA HB 3 12.19 56.56 80.77
N ALA HB 4 11.85 55.89 81.88
CA ALA HB 4 12.24 56.36 83.19
C ALA HB 4 12.45 55.17 84.11
N ASP HB 5 12.98 55.44 85.30
CA ASP HB 5 13.23 54.39 86.28
C ASP HB 5 11.95 53.61 86.57
N ILE HB 6 12.09 52.30 86.73
CA ILE HB 6 10.98 51.43 87.09
C ILE HB 6 11.27 50.86 88.47
N VAL HB 7 10.41 51.14 89.45
CA VAL HB 7 10.66 50.73 90.82
C VAL HB 7 9.69 49.62 91.19
N ILE HB 8 10.23 48.48 91.62
CA ILE HB 8 9.44 47.30 91.93
C ILE HB 8 9.84 46.81 93.33
N ALA HB 9 8.85 46.45 94.13
CA ALA HB 9 9.10 46.07 95.52
C ALA HB 9 9.61 44.64 95.63
N ASP HB 10 10.49 44.42 96.61
CA ASP HB 10 10.99 43.09 96.91
C ASP HB 10 9.90 42.24 97.55
N ALA HB 11 10.26 41.01 97.89
CA ALA HB 11 9.36 40.12 98.62
C ALA HB 11 9.90 39.79 100.01
N GLN HB 12 10.72 40.67 100.58
CA GLN HB 12 11.31 40.40 101.88
C GLN HB 12 10.29 40.67 102.99
N ALA HB 13 10.69 40.31 104.21
CA ALA HB 13 9.89 40.63 105.39
C ALA HB 13 9.47 42.08 105.39
N THR HB 14 10.45 42.98 105.35
CA THR HB 14 10.18 44.36 105.00
C THR HB 14 10.54 44.56 103.55
N PRO HB 15 9.58 44.73 102.65
CA PRO HB 15 9.90 44.85 101.22
C PRO HB 15 10.92 45.95 100.96
N VAL HB 16 11.86 45.67 100.06
CA VAL HB 16 12.92 46.59 99.69
C VAL HB 16 12.73 46.99 98.22
N ASN HB 17 12.68 48.28 97.95
CA ASN HB 17 12.45 48.74 96.59
C ASN HB 17 13.69 48.54 95.73
N HIS HB 18 13.53 47.90 94.58
CA HIS HB 18 14.57 47.80 93.58
C HIS HB 18 14.27 48.78 92.46
N THR HB 19 15.25 49.62 92.13
CA THR HB 19 15.11 50.62 91.09
C THR HB 19 15.85 50.16 89.84
N PHE HB 20 15.10 49.98 88.74
CA PHE HB 20 15.63 49.56 87.45
C PHE HB 20 15.82 50.81 86.59
N VAL HB 21 17.07 51.22 86.43
CA VAL HB 21 17.44 52.36 85.59
C VAL HB 21 17.43 51.89 84.14
N PRO HB 22 16.85 52.63 83.19
CA PRO HB 22 16.91 52.18 81.80
C PRO HB 22 18.34 52.14 81.26
N ILE HB 23 18.69 51.01 80.67
CA ILE HB 23 19.90 50.90 79.86
C ILE HB 23 19.64 51.38 78.45
N GLY HB 24 18.44 51.13 77.92
CA GLY HB 24 18.12 51.55 76.58
C GLY HB 24 17.70 50.40 75.69
N PRO HB 25 17.52 50.68 74.41
CA PRO HB 25 17.07 49.64 73.49
C PRO HB 25 18.21 48.67 73.18
N ASP HB 26 17.83 47.42 72.97
CA ASP HB 26 18.80 46.39 72.60
C ASP HB 26 19.43 46.77 71.27
N PRO HB 27 20.76 46.84 71.18
CA PRO HB 27 21.38 47.15 69.89
C PRO HB 27 21.08 46.12 68.83
N LYS HB 28 20.89 44.85 69.22
CA LYS HB 28 20.61 43.81 68.24
C LYS HB 28 19.17 43.88 67.75
N ASP HB 29 18.22 44.23 68.62
CA ASP HB 29 16.80 44.33 68.27
C ASP HB 29 16.23 45.61 68.86
N ALA HB 30 15.78 46.51 67.99
CA ALA HB 30 15.28 47.81 68.43
C ALA HB 30 13.91 47.76 69.10
N THR HB 31 13.19 46.64 68.97
CA THR HB 31 11.85 46.53 69.54
C THR HB 31 11.84 46.06 70.98
N ILE HB 32 13.00 45.95 71.62
CA ILE HB 32 13.05 45.48 72.99
C ILE HB 32 13.93 46.45 73.79
N TYR HB 33 13.42 46.89 74.93
CA TYR HB 33 14.04 47.91 75.77
C TYR HB 33 14.42 47.30 77.11
N TRP HB 34 15.51 47.81 77.70
CA TRP HB 34 16.14 47.20 78.86
C TRP HB 34 16.32 48.21 79.99
N TRP HB 35 15.87 47.81 81.17
CA TRP HB 35 16.19 48.44 82.45
C TRP HB 35 17.03 47.47 83.29
N GLU HB 36 17.82 48.02 84.21
CA GLU HB 36 18.77 47.25 85.00
C GLU HB 36 18.77 47.72 86.45
N ASP HB 37 18.76 46.75 87.37
CA ASP HB 37 18.85 47.01 88.80
C ASP HB 37 20.32 46.87 89.21
N GLN HB 38 20.95 47.98 89.55
CA GLN HB 38 22.38 48.02 89.80
C GLN HB 38 22.75 47.84 91.27
N SER HB 39 21.83 47.31 92.09
CA SER HB 39 22.05 47.21 93.52
C SER HB 39 22.78 45.95 93.93
N GLN HB 40 23.11 45.07 92.98
CA GLN HB 40 23.70 43.78 93.30
C GLN HB 40 25.21 43.93 93.51
N ALA HB 41 25.89 42.78 93.69
CA ALA HB 41 27.25 42.80 94.20
C ALA HB 41 28.26 43.23 93.14
N SER HB 42 28.09 42.77 91.90
CA SER HB 42 28.92 43.18 90.78
C SER HB 42 28.09 43.09 89.53
N PRO HB 43 28.51 43.72 88.42
CA PRO HB 43 27.59 43.88 87.27
C PRO HB 43 27.05 42.57 86.72
N ALA HB 44 27.84 41.49 86.74
CA ALA HB 44 27.36 40.23 86.20
C ALA HB 44 26.06 39.79 86.86
N GLY HB 45 25.84 40.18 88.12
CA GLY HB 45 24.66 39.84 88.88
C GLY HB 45 23.57 40.89 88.93
N TYR HB 46 23.68 41.98 88.16
CA TYR HB 46 22.65 43.01 88.13
C TYR HB 46 21.35 42.43 87.57
N TRP HB 47 20.25 42.65 88.28
CA TRP HB 47 18.95 42.19 87.78
C TRP HB 47 18.51 43.05 86.60
N ARG HB 48 17.80 42.44 85.66
CA ARG HB 48 17.39 43.14 84.45
C ARG HB 48 15.92 42.90 84.16
N LEU HB 49 15.35 43.86 83.43
CA LEU HB 49 13.96 43.83 83.03
C LEU HB 49 13.88 44.30 81.59
N SER HB 50 13.10 43.60 80.76
CA SER HB 50 13.02 43.88 79.34
C SER HB 50 11.56 43.93 78.90
N MET HB 51 11.23 44.91 78.07
CA MET HB 51 9.88 45.03 77.51
C MET HB 51 9.97 45.18 76.01
N GLN HB 52 9.17 44.40 75.28
CA GLN HB 52 9.24 44.32 73.83
C GLN HB 52 7.86 44.50 73.23
N LEU HB 53 7.78 45.38 72.23
CA LEU HB 53 6.55 45.64 71.49
C LEU HB 53 6.83 45.41 70.01
N VAL HB 54 6.17 44.43 69.43
CA VAL HB 54 6.33 44.08 68.02
C VAL HB 54 4.98 44.32 67.36
N ARG HB 55 4.86 45.45 66.67
CA ARG HB 55 3.72 45.86 65.85
C ARG HB 55 3.99 45.46 64.41
N PRO HB 56 2.96 45.01 63.70
CA PRO HB 56 3.15 44.55 62.32
C PRO HB 56 3.27 45.72 61.37
N ALA HB 57 3.81 45.41 60.18
CA ALA HB 57 3.89 46.41 59.13
C ALA HB 57 2.49 46.95 58.83
N PRO HB 58 2.38 48.22 58.48
CA PRO HB 58 1.05 48.85 58.40
C PRO HB 58 0.14 48.16 57.39
N ALA HB 59 -1.15 48.14 57.72
CA ALA HB 59 -2.15 47.56 56.84
C ALA HB 59 -2.14 48.27 55.50
N LYS HB 60 -2.32 47.49 54.43
CA LYS HB 60 -2.33 48.04 53.08
C LYS HB 60 -3.75 48.04 52.53
N ALA HB 61 -3.96 48.87 51.50
CA ALA HB 61 -5.30 49.03 50.94
C ALA HB 61 -5.80 47.72 50.37
N GLY HB 62 -7.01 47.33 50.77
CA GLY HB 62 -7.58 46.07 50.32
C GLY HB 62 -6.96 44.82 50.90
N GLN HB 63 -6.00 44.94 51.81
CA GLN HB 63 -5.34 43.79 52.40
C GLN HB 63 -6.25 43.13 53.44
N ASN HB 64 -6.00 41.87 53.74
CA ASN HB 64 -6.80 41.13 54.69
C ASN HB 64 -6.09 41.10 56.04
N THR HB 65 -6.81 41.53 57.08
CA THR HB 65 -6.22 41.75 58.39
C THR HB 65 -6.29 40.55 59.32
N ASN HB 66 -7.08 39.52 58.97
CA ASN HB 66 -7.56 38.57 59.97
C ASN HB 66 -6.44 37.74 60.58
N GLN HB 67 -5.20 37.89 60.12
CA GLN HB 67 -4.08 37.17 60.73
C GLN HB 67 -2.99 38.08 61.29
N ARG HB 68 -3.06 39.39 61.08
CA ARG HB 68 -2.01 40.27 61.57
C ARG HB 68 -2.14 40.42 63.09
N MET HB 69 -1.02 40.39 63.80
CA MET HB 69 -1.03 40.37 65.25
C MET HB 69 0.13 41.16 65.84
N ILE HB 70 -0.11 41.69 67.05
CA ILE HB 70 0.83 42.47 67.82
C ILE HB 70 1.29 41.61 69.00
N ARG HB 71 2.58 41.65 69.30
CA ARG HB 71 3.12 40.89 70.43
C ARG HB 71 3.79 41.81 71.42
N VAL HB 72 3.63 41.49 72.71
CA VAL HB 72 4.30 42.23 73.77
C VAL HB 72 4.92 41.23 74.73
N ARG HB 73 6.22 41.36 74.98
CA ARG HB 73 6.95 40.42 75.84
C ARG HB 73 7.61 41.19 76.97
N VAL HB 74 7.26 40.85 78.20
CA VAL HB 74 7.88 41.39 79.40
C VAL HB 74 8.68 40.27 80.07
N SER HB 75 9.96 40.54 80.34
CA SER HB 75 10.85 39.52 80.86
C SER HB 75 11.64 40.09 82.04
N THR HB 76 11.79 39.28 83.10
CA THR HB 76 12.57 39.70 84.27
C THR HB 76 13.59 38.63 84.63
N PHE HB 77 14.84 39.06 84.80
CA PHE HB 77 15.95 38.18 85.14
C PHE HB 77 16.56 38.63 86.45
N GLU HB 78 16.67 37.70 87.40
CA GLU HB 78 17.20 37.99 88.74
C GLU HB 78 18.36 37.05 89.06
N PRO HB 79 19.47 37.19 88.36
CA PRO HB 79 20.59 36.27 88.59
C PRO HB 79 21.16 36.42 89.99
N ILE HB 80 21.51 35.28 90.59
CA ILE HB 80 22.06 35.21 91.93
C ILE HB 80 23.55 34.93 91.79
N LEU HB 81 24.38 35.85 92.31
CA LEU HB 81 25.82 35.71 92.19
C LEU HB 81 26.34 34.61 93.11
N GLU HB 82 27.31 33.85 92.62
CA GLU HB 82 27.94 32.83 93.45
C GLU HB 82 28.71 33.49 94.59
N VAL HB 83 28.63 32.90 95.78
CA VAL HB 83 29.41 33.35 96.93
C VAL HB 83 30.69 32.54 96.99
N ALA HB 84 31.81 33.23 97.11
CA ALA HB 84 33.11 32.58 97.00
C ALA HB 84 33.43 31.82 98.28
N VAL HB 85 34.12 30.68 98.11
CA VAL HB 85 34.74 29.98 99.23
C VAL HB 85 36.22 29.87 98.92
N THR HB 86 36.96 29.23 99.82
CA THR HB 86 38.40 29.15 99.67
C THR HB 86 38.76 28.30 98.45
N ALA HB 87 39.48 28.90 97.50
CA ALA HB 87 39.99 28.19 96.34
C ALA HB 87 41.31 27.52 96.71
N THR HB 88 41.42 26.22 96.42
CA THR HB 88 42.54 25.43 96.91
C THR HB 88 43.53 25.03 95.84
N TYR HB 89 43.15 25.05 94.56
CA TYR HB 89 44.12 24.71 93.52
C TYR HB 89 45.14 25.82 93.32
N SER HB 90 44.67 27.05 93.09
CA SER HB 90 45.56 28.16 92.80
C SER HB 90 45.64 29.18 93.93
N GLY HB 91 44.75 29.11 94.92
CA GLY HB 91 44.71 30.13 95.96
C GLY HB 91 44.25 31.48 95.48
N ILE HB 92 43.78 31.57 94.24
CA ILE HB 92 43.30 32.81 93.63
C ILE HB 92 41.78 32.74 93.57
N ALA HB 93 41.12 33.63 94.30
CA ALA HB 93 39.67 33.62 94.34
C ALA HB 93 39.11 33.83 92.93
N PRO HB 94 37.99 33.21 92.59
CA PRO HB 94 37.52 33.23 91.21
C PRO HB 94 36.81 34.53 90.88
N SER HB 95 36.81 34.84 89.58
CA SER HB 95 36.06 35.97 89.08
C SER HB 95 34.59 35.83 89.49
N PRO HB 96 33.88 36.94 89.64
CA PRO HB 96 32.45 36.85 89.98
C PRO HB 96 31.72 36.05 88.91
N THR HB 97 31.05 34.99 89.34
CA THR HB 97 30.37 34.09 88.43
C THR HB 97 28.91 33.99 88.85
N VAL HB 98 28.02 33.88 87.86
CA VAL HB 98 26.60 33.75 88.13
C VAL HB 98 26.30 32.31 88.52
N SER HB 99 25.66 32.12 89.67
CA SER HB 99 25.40 30.78 90.16
C SER HB 99 24.18 30.16 89.48
N TYR HB 100 23.05 30.87 89.46
CA TYR HB 100 21.84 30.40 88.80
C TYR HB 100 20.95 31.60 88.55
N VAL HB 101 19.99 31.44 87.65
CA VAL HB 101 19.14 32.57 87.29
C VAL HB 101 17.66 32.22 87.35
N PRO HB 102 16.94 32.66 88.37
CA PRO HB 102 15.48 32.62 88.33
C PRO HB 102 14.96 33.69 87.37
N LYS HB 103 14.06 33.30 86.48
CA LYS HB 103 13.61 34.26 85.48
C LYS HB 103 12.15 34.02 85.14
N ALA HB 104 11.55 35.04 84.50
CA ALA HB 104 10.16 34.96 84.09
C ALA HB 104 9.98 35.65 82.75
N PHE HB 105 9.08 35.10 81.94
CA PHE HB 105 8.85 35.54 80.57
C PHE HB 105 7.36 35.53 80.31
N THR HB 106 6.78 36.70 80.02
CA THR HB 106 5.36 36.82 79.72
C THR HB 106 5.18 37.37 78.32
N GLU HB 107 4.35 36.70 77.51
CA GLU HB 107 4.08 37.11 76.13
C GLU HB 107 2.57 37.28 75.94
N PHE HB 108 2.18 38.48 75.55
CA PHE HB 108 0.81 38.79 75.14
C PHE HB 108 0.75 38.73 73.62
N VAL HB 109 -0.19 37.94 73.12
CA VAL HB 109 -0.56 37.92 71.71
C VAL HB 109 -1.89 38.65 71.57
N LEU HB 110 -1.84 39.85 71.00
CA LEU HB 110 -2.99 40.71 70.82
C LEU HB 110 -3.23 40.85 69.33
N PRO HB 111 -4.23 40.19 68.75
CA PRO HB 111 -4.51 40.40 67.33
C PRO HB 111 -4.90 41.85 67.08
N GLU HB 112 -4.41 42.39 65.94
CA GLU HB 112 -4.62 43.80 65.64
C GLU HB 112 -6.10 44.15 65.65
N ARG HB 113 -6.93 43.23 65.15
CA ARG HB 113 -8.38 43.35 65.18
C ARG HB 113 -8.94 43.66 66.58
N ALA HB 114 -8.25 43.27 67.65
CA ALA HB 114 -8.85 43.33 68.98
C ALA HB 114 -9.04 44.77 69.45
N THR HB 115 -10.07 44.98 70.26
CA THR HB 115 -10.41 46.30 70.77
C THR HB 115 -9.60 46.65 72.02
N LEU HB 116 -9.56 47.95 72.31
CA LEU HB 116 -8.91 48.42 73.53
C LEU HB 116 -9.45 47.71 74.75
N ASP HB 117 -10.76 47.47 74.79
CA ASP HB 117 -11.33 46.74 75.91
C ASP HB 117 -10.76 45.33 75.99
N ASN HB 118 -10.59 44.66 74.85
CA ASN HB 118 -9.99 43.33 74.84
C ASN HB 118 -8.58 43.36 75.42
N ARG HB 119 -7.80 44.37 75.03
CA ARG HB 119 -6.41 44.45 75.51
C ARG HB 119 -6.36 44.75 77.00
N LYS HB 120 -7.20 45.67 77.47
CA LYS HB 120 -7.25 45.96 78.90
C LYS HB 120 -7.67 44.71 79.69
N ASP HB 121 -8.64 43.96 79.15
CA ASP HB 121 -9.09 42.71 79.77
C ASP HB 121 -7.94 41.72 79.92
N ILE HB 122 -7.25 41.43 78.82
CA ILE HB 122 -6.22 40.40 78.88
C ILE HB 122 -5.09 40.82 79.81
N ARG HB 123 -4.66 42.09 79.73
CA ARG HB 123 -3.59 42.57 80.60
C ARG HB 123 -3.98 42.45 82.08
N LYS HB 124 -5.10 43.08 82.46
CA LYS HB 124 -5.49 43.07 83.86
C LYS HB 124 -5.70 41.65 84.37
N MET HB 125 -6.38 40.82 83.58
CA MET HB 125 -6.79 39.51 84.08
C MET HB 125 -5.61 38.56 84.20
N HIS HB 126 -4.64 38.65 83.28
CA HIS HB 126 -3.45 37.84 83.43
C HIS HB 126 -2.60 38.31 84.61
N ALA HB 127 -2.38 39.64 84.72
CA ALA HB 127 -1.61 40.16 85.84
C ALA HB 127 -2.21 39.77 87.17
N LEU HB 128 -3.54 39.64 87.22
CA LEU HB 128 -4.20 39.13 88.42
C LEU HB 128 -4.02 37.63 88.56
N ALA HB 129 -4.08 36.89 87.46
CA ALA HB 129 -3.95 35.43 87.52
C ALA HB 129 -2.60 35.04 88.08
N LEU HB 130 -1.59 35.89 87.92
CA LEU HB 130 -0.28 35.62 88.51
C LEU HB 130 -0.26 35.84 90.02
N THR HB 131 -1.32 36.40 90.62
CA THR HB 131 -1.36 36.66 92.05
C THR HB 131 -2.36 35.78 92.79
N THR HB 132 -3.00 34.84 92.10
CA THR HB 132 -3.96 33.94 92.73
C THR HB 132 -3.26 33.04 93.74
N SER HB 133 -4.03 32.53 94.71
CA SER HB 133 -3.46 31.62 95.71
C SER HB 133 -2.88 30.39 95.04
N GLU HB 134 -3.49 29.93 93.95
CA GLU HB 134 -2.99 28.78 93.22
C GLU HB 134 -1.63 29.07 92.58
N ALA HB 135 -1.50 30.24 91.94
CA ALA HB 135 -0.21 30.63 91.36
C ALA HB 135 0.85 30.78 92.44
N ILE HB 136 0.48 31.36 93.59
CA ILE HB 136 1.44 31.49 94.69
C ILE HB 136 1.88 30.12 95.18
N ALA HB 137 0.94 29.18 95.29
CA ALA HB 137 1.29 27.85 95.77
C ALA HB 137 2.19 27.12 94.78
N MET HB 138 1.95 27.29 93.48
CA MET HB 138 2.78 26.59 92.48
C MET HB 138 4.18 27.17 92.41
N ILE HB 139 4.29 28.50 92.37
CA ILE HB 139 5.60 29.11 92.15
C ILE HB 139 6.43 29.14 93.43
N GLU HB 140 5.80 29.46 94.56
CA GLU HB 140 6.56 29.60 95.80
C GLU HB 140 6.70 28.28 96.56
N SER HB 141 5.60 27.52 96.68
CA SER HB 141 5.58 26.31 97.49
C SER HB 141 5.66 25.04 96.66
N LEU HB 142 5.64 25.15 95.32
CA LEU HB 142 5.85 24.01 94.44
C LEU HB 142 4.77 22.93 94.61
N GLN HB 143 3.51 23.37 94.66
CA GLN HB 143 2.38 22.48 94.86
C GLN HB 143 1.40 22.64 93.70
N PHE HB 144 0.95 21.51 93.16
CA PHE HB 144 -0.06 21.50 92.12
C PHE HB 144 -1.47 21.54 92.74
N VAL HB 145 -2.49 21.53 91.90
CA VAL HB 145 -3.88 21.52 92.36
C VAL HB 145 -4.48 20.15 92.05
N TYR HB 146 -5.39 19.69 92.90
CA TYR HB 146 -5.85 18.31 92.80
C TYR HB 146 -7.36 18.17 93.04
N PRO IB 1 103.07 22.48 103.17
CA PRO IB 1 103.13 23.88 103.64
C PRO IB 1 102.32 24.81 102.74
N GLN IB 2 101.86 25.93 103.27
CA GLN IB 2 101.12 26.88 102.46
C GLN IB 2 102.03 27.59 101.47
N ALA IB 3 101.48 27.90 100.31
CA ALA IB 3 102.27 28.49 99.24
C ALA IB 3 102.56 29.96 99.52
N ALA IB 4 103.82 30.34 99.34
CA ALA IB 4 104.22 31.74 99.53
C ALA IB 4 105.30 32.09 98.51
N ASP IB 5 105.70 33.36 98.52
CA ASP IB 5 106.67 33.88 97.56
C ASP IB 5 107.95 33.05 97.61
N ILE IB 6 108.56 32.85 96.44
CA ILE IB 6 109.84 32.16 96.33
C ILE IB 6 110.85 33.16 95.78
N VAL IB 7 111.91 33.43 96.52
CA VAL IB 7 112.89 34.44 96.11
C VAL IB 7 114.19 33.76 95.74
N ILE IB 8 114.65 34.02 94.51
CA ILE IB 8 115.83 33.37 93.96
C ILE IB 8 116.77 34.45 93.41
N ALA IB 9 118.06 34.31 93.71
CA ALA IB 9 119.04 35.33 93.34
C ALA IB 9 119.43 35.23 91.87
N ASP IB 10 119.71 36.39 91.27
CA ASP IB 10 120.19 36.48 89.90
C ASP IB 10 121.62 35.96 89.81
N ALA IB 11 122.16 35.96 88.59
CA ALA IB 11 123.58 35.67 88.37
C ALA IB 11 124.31 36.88 87.79
N GLN IB 12 123.80 38.09 88.05
CA GLN IB 12 124.46 39.28 87.59
C GLN IB 12 125.71 39.56 88.41
N ALA IB 13 126.49 40.54 87.94
CA ALA IB 13 127.65 41.01 88.70
C ALA IB 13 127.25 41.36 90.13
N THR IB 14 126.26 42.24 90.26
CA THR IB 14 125.58 42.42 91.53
C THR IB 14 124.26 41.68 91.46
N PRO IB 15 124.11 40.54 92.14
CA PRO IB 15 122.89 39.74 91.98
C PRO IB 15 121.65 40.52 92.35
N VAL IB 16 120.55 40.19 91.66
CA VAL IB 16 119.26 40.84 91.84
C VAL IB 16 118.24 39.77 92.24
N ASN IB 17 117.53 40.01 93.33
CA ASN IB 17 116.54 39.03 93.79
C ASN IB 17 115.31 39.07 92.89
N HIS IB 18 114.96 37.91 92.33
CA HIS IB 18 113.72 37.75 91.60
C HIS IB 18 112.71 37.08 92.52
N THR IB 19 111.53 37.69 92.65
CA THR IB 19 110.48 37.20 93.54
C THR IB 19 109.38 36.56 92.70
N PHE IB 20 109.23 35.24 92.84
CA PHE IB 20 108.20 34.46 92.16
C PHE IB 20 106.96 34.39 93.07
N VAL IB 21 105.96 35.18 92.72
CA VAL IB 21 104.69 35.19 93.44
C VAL IB 21 103.91 33.93 93.09
N PRO IB 22 103.25 33.28 94.05
CA PRO IB 22 102.47 32.08 93.71
C PRO IB 22 101.25 32.44 92.86
N ILE IB 23 101.19 31.87 91.67
CA ILE IB 23 100.01 32.01 90.81
C ILE IB 23 98.95 30.99 91.18
N GLY IB 24 99.35 29.75 91.45
CA GLY IB 24 98.38 28.76 91.85
C GLY IB 24 98.57 27.45 91.13
N PRO IB 25 97.68 26.50 91.40
CA PRO IB 25 97.80 25.19 90.75
C PRO IB 25 97.41 25.25 89.28
N ASP IB 26 98.00 24.34 88.51
CA ASP IB 26 97.73 24.26 87.08
C ASP IB 26 96.29 23.79 86.85
N PRO IB 27 95.52 24.47 86.00
CA PRO IB 27 94.13 24.03 85.78
C PRO IB 27 94.01 22.62 85.25
N LYS IB 28 94.95 22.18 84.41
CA LYS IB 28 94.88 20.84 83.82
C LYS IB 28 95.31 19.77 84.82
N ASP IB 29 96.33 20.04 85.63
CA ASP IB 29 96.88 19.05 86.55
C ASP IB 29 96.93 19.63 87.95
N ALA IB 30 96.24 19.00 88.89
CA ALA IB 30 96.20 19.47 90.25
C ALA IB 30 97.49 19.20 91.03
N THR IB 31 98.42 18.42 90.46
CA THR IB 31 99.66 18.07 91.14
C THR IB 31 100.80 19.04 90.87
N ILE IB 32 100.61 20.02 90.02
CA ILE IB 32 101.68 20.92 89.64
C ILE IB 32 101.24 22.34 89.98
N TYR IB 33 102.15 23.10 90.59
CA TYR IB 33 101.86 24.42 91.14
C TYR IB 33 102.83 25.43 90.55
N TRP IB 34 102.34 26.64 90.28
CA TRP IB 34 103.03 27.64 89.49
C TRP IB 34 103.25 28.92 90.29
N TRP IB 35 104.51 29.35 90.35
CA TRP IB 35 104.94 30.67 90.78
C TRP IB 35 105.45 31.44 89.56
N GLU IB 36 105.36 32.77 89.62
CA GLU IB 36 105.67 33.64 88.49
C GLU IB 36 106.38 34.90 88.94
N ASP IB 37 107.50 35.20 88.30
CA ASP IB 37 108.23 36.46 88.47
C ASP IB 37 107.68 37.45 87.45
N GLN IB 38 107.00 38.49 87.96
CA GLN IB 38 106.25 39.45 87.18
C GLN IB 38 106.99 40.76 86.99
N SER IB 39 108.31 40.74 87.13
CA SER IB 39 109.12 41.94 87.04
C SER IB 39 109.56 42.29 85.63
N GLN IB 40 109.20 41.46 84.65
CA GLN IB 40 109.68 41.65 83.28
C GLN IB 40 108.78 42.65 82.56
N ALA IB 41 109.04 42.84 81.26
CA ALA IB 41 108.40 43.93 80.51
C ALA IB 41 106.88 43.74 80.42
N SER IB 42 106.44 42.67 79.77
CA SER IB 42 105.03 42.36 79.65
C SER IB 42 104.83 40.91 80.02
N PRO IB 43 103.59 40.50 80.32
CA PRO IB 43 103.39 39.16 80.92
C PRO IB 43 103.88 38.00 80.08
N ALA IB 44 104.06 38.18 78.77
CA ALA IB 44 104.58 37.10 77.94
C ALA IB 44 106.01 36.72 78.29
N GLY IB 45 106.76 37.63 78.90
CA GLY IB 45 108.13 37.40 79.31
C GLY IB 45 108.34 37.17 80.79
N TYR IB 46 107.27 36.94 81.55
CA TYR IB 46 107.36 36.67 82.98
C TYR IB 46 108.07 35.34 83.21
N TRP IB 47 108.97 35.31 84.19
CA TRP IB 47 109.67 34.05 84.44
C TRP IB 47 108.81 33.14 85.31
N ARG IB 48 108.91 31.84 85.09
CA ARG IB 48 107.98 30.92 85.74
C ARG IB 48 108.73 29.79 86.42
N LEU IB 49 108.12 29.28 87.48
CA LEU IB 49 108.68 28.19 88.27
C LEU IB 49 107.53 27.27 88.63
N SER IB 50 107.67 25.98 88.29
CA SER IB 50 106.63 24.99 88.52
C SER IB 50 107.20 23.86 89.38
N MET IB 51 106.45 23.47 90.41
CA MET IB 51 106.82 22.34 91.24
C MET IB 51 105.66 21.35 91.28
N GLN IB 52 105.98 20.06 91.07
CA GLN IB 52 104.97 19.02 90.93
C GLN IB 52 105.32 17.82 91.80
N LEU IB 53 104.33 17.32 92.54
CA LEU IB 53 104.48 16.17 93.42
C LEU IB 53 103.40 15.16 93.07
N VAL IB 54 103.81 14.04 92.48
CA VAL IB 54 102.90 12.98 92.06
C VAL IB 54 103.08 11.81 93.01
N ARG IB 55 102.14 11.67 93.94
CA ARG IB 55 102.01 10.55 94.85
C ARG IB 55 101.19 9.44 94.20
N PRO IB 56 101.59 8.19 94.38
CA PRO IB 56 100.73 7.10 93.95
C PRO IB 56 99.51 6.95 94.85
N ALA IB 57 98.48 6.29 94.33
CA ALA IB 57 97.22 6.20 95.06
C ALA IB 57 97.38 5.31 96.30
N PRO IB 58 96.74 5.66 97.42
CA PRO IB 58 96.93 4.87 98.65
C PRO IB 58 96.45 3.43 98.50
N ALA IB 59 97.34 2.50 98.81
CA ALA IB 59 97.02 1.08 98.72
C ALA IB 59 97.90 0.27 99.65
N THR IB 65 103.42 -3.76 93.36
CA THR IB 65 103.26 -2.78 94.44
C THR IB 65 104.60 -2.40 95.08
N ASN IB 66 105.68 -3.08 94.71
CA ASN IB 66 107.02 -2.60 95.01
C ASN IB 66 107.58 -1.78 93.86
N GLN IB 67 106.76 -1.48 92.86
CA GLN IB 67 107.09 -0.57 91.77
C GLN IB 67 106.27 0.71 91.88
N ARG IB 68 106.05 1.19 93.10
CA ARG IB 68 105.27 2.39 93.34
C ARG IB 68 106.24 3.51 93.64
N MET IB 69 106.25 4.54 92.82
CA MET IB 69 107.28 5.55 92.92
C MET IB 69 106.65 6.93 92.95
N ILE IB 70 107.14 7.76 93.85
CA ILE IB 70 106.74 9.14 93.97
C ILE IB 70 107.63 9.98 93.05
N ARG IB 71 107.02 10.87 92.29
CA ARG IB 71 107.80 11.72 91.39
C ARG IB 71 107.69 13.18 91.81
N VAL IB 72 108.78 13.92 91.63
CA VAL IB 72 108.83 15.35 91.93
C VAL IB 72 109.52 16.04 90.76
N ARG IB 73 108.87 17.05 90.18
CA ARG IB 73 109.42 17.76 89.04
C ARG IB 73 109.47 19.26 89.35
N VAL IB 74 110.66 19.83 89.25
CA VAL IB 74 110.86 21.27 89.41
C VAL IB 74 111.34 21.82 88.07
N SER IB 75 110.65 22.84 87.58
CA SER IB 75 110.92 23.36 86.25
C SER IB 75 110.99 24.89 86.31
N THR IB 76 112.00 25.47 85.65
CA THR IB 76 112.17 26.92 85.61
C THR IB 76 112.25 27.37 84.16
N PHE IB 77 111.43 28.37 83.82
CA PHE IB 77 111.40 28.96 82.48
C PHE IB 77 111.78 30.43 82.60
N GLU IB 78 112.72 30.87 81.78
CA GLU IB 78 113.19 32.27 81.77
C GLU IB 78 113.14 32.85 80.37
N PRO IB 79 111.94 33.11 79.85
CA PRO IB 79 111.84 33.65 78.49
C PRO IB 79 112.44 35.05 78.39
N ILE IB 80 113.02 35.34 77.23
CA ILE IB 80 113.66 36.61 76.94
C ILE IB 80 112.89 37.31 75.83
N LEU IB 81 112.32 38.47 76.14
CA LEU IB 81 111.51 39.19 75.17
C LEU IB 81 112.39 39.95 74.19
N GLU IB 82 111.84 40.21 73.02
CA GLU IB 82 112.50 41.07 72.04
C GLU IB 82 112.39 42.53 72.46
N VAL IB 83 113.43 43.31 72.17
CA VAL IB 83 113.47 44.70 72.59
C VAL IB 83 112.49 45.52 71.76
N ALA IB 84 111.97 46.59 72.36
CA ALA IB 84 111.03 47.47 71.66
C ALA IB 84 111.62 47.94 70.34
N VAL IB 85 110.76 47.99 69.31
CA VAL IB 85 111.20 48.32 67.95
C VAL IB 85 111.26 49.83 67.76
N THR IB 86 112.24 50.29 66.99
CA THR IB 86 112.37 51.69 66.66
C THR IB 86 111.70 52.02 65.32
N ALA IB 87 111.49 51.03 64.48
CA ALA IB 87 110.90 51.24 63.17
C ALA IB 87 110.46 49.91 62.59
N THR IB 88 109.26 49.89 62.01
CA THR IB 88 108.78 48.71 61.30
C THR IB 88 108.29 49.15 59.92
N TYR IB 89 107.88 48.17 59.12
CA TYR IB 89 107.51 48.50 57.73
C TYR IB 89 106.25 49.34 57.68
N SER IB 90 105.32 49.11 58.61
CA SER IB 90 104.04 49.79 58.60
C SER IB 90 103.97 50.96 59.57
N GLY IB 91 104.90 51.07 60.51
CA GLY IB 91 104.86 52.13 61.49
C GLY IB 91 104.12 51.79 62.77
N ILE IB 92 103.53 50.62 62.87
CA ILE IB 92 102.87 50.16 64.09
C ILE IB 92 103.77 49.12 64.76
N ALA IB 93 104.06 49.33 66.03
CA ALA IB 93 104.96 48.43 66.74
C ALA IB 93 104.29 47.08 66.96
N PRO IB 94 105.03 45.98 66.77
CA PRO IB 94 104.43 44.64 66.95
C PRO IB 94 104.17 44.34 68.42
N SER IB 95 103.28 43.37 68.63
CA SER IB 95 102.98 42.92 69.97
C SER IB 95 104.24 42.35 70.62
N PRO IB 96 104.34 42.41 71.95
CA PRO IB 96 105.53 41.84 72.62
C PRO IB 96 105.66 40.37 72.28
N THR IB 97 106.83 39.99 71.77
CA THR IB 97 107.08 38.63 71.31
C THR IB 97 108.27 38.06 72.05
N VAL IB 98 108.27 36.74 72.19
CA VAL IB 98 109.33 36.04 72.90
C VAL IB 98 110.42 35.67 71.91
N SER IB 99 111.65 36.06 72.22
CA SER IB 99 112.77 35.80 71.32
C SER IB 99 113.25 34.35 71.43
N TYR IB 100 113.52 33.90 72.65
CA TYR IB 100 113.97 32.53 72.90
C TYR IB 100 113.76 32.23 74.37
N VAL IB 101 113.76 30.95 74.71
CA VAL IB 101 113.47 30.56 76.10
C VAL IB 101 114.46 29.54 76.62
N PRO IB 102 115.44 29.95 77.42
CA PRO IB 102 116.23 28.97 78.18
C PRO IB 102 115.41 28.42 79.33
N LYS IB 103 115.49 27.11 79.53
CA LYS IB 103 114.66 26.49 80.55
C LYS IB 103 115.37 25.28 81.15
N ALA IB 104 114.84 24.82 82.28
CA ALA IB 104 115.42 23.69 82.99
C ALA IB 104 114.32 22.85 83.62
N PHE IB 105 114.52 21.53 83.62
CA PHE IB 105 113.54 20.56 84.07
C PHE IB 105 114.28 19.51 84.89
N THR IB 106 113.91 19.35 86.17
CA THR IB 106 114.53 18.35 87.05
C THR IB 106 113.45 17.44 87.59
N GLU IB 107 113.70 16.13 87.55
CA GLU IB 107 112.74 15.12 88.00
C GLU IB 107 113.43 14.17 88.97
N PHE IB 108 112.86 14.04 90.16
CA PHE IB 108 113.27 13.06 91.15
C PHE IB 108 112.29 11.90 91.08
N VAL IB 109 112.84 10.69 91.00
CA VAL IB 109 112.09 9.45 91.10
C VAL IB 109 112.47 8.82 92.44
N LEU IB 110 111.50 8.76 93.34
CA LEU IB 110 111.73 8.36 94.72
C LEU IB 110 110.85 7.16 95.04
N PRO IB 111 111.38 5.94 95.06
CA PRO IB 111 110.55 4.78 95.39
C PRO IB 111 109.90 4.93 96.75
N GLU IB 112 108.70 4.36 96.89
CA GLU IB 112 107.93 4.52 98.12
C GLU IB 112 108.62 3.85 99.30
N ARG IB 113 109.47 2.86 99.05
CA ARG IB 113 110.25 2.25 100.11
C ARG IB 113 111.43 3.10 100.57
N ALA IB 114 111.73 4.20 99.88
CA ALA IB 114 112.95 4.95 100.15
C ALA IB 114 112.79 5.78 101.41
N THR IB 115 113.83 5.76 102.26
CA THR IB 115 113.76 6.41 103.54
C THR IB 115 114.09 7.91 103.43
N LEU IB 116 113.70 8.65 104.47
CA LEU IB 116 113.97 10.08 104.51
C LEU IB 116 115.44 10.37 104.27
N ASP IB 117 116.33 9.52 104.80
CA ASP IB 117 117.75 9.70 104.56
C ASP IB 117 118.08 9.60 103.07
N ASN IB 118 117.50 8.61 102.39
CA ASN IB 118 117.73 8.46 100.96
C ASN IB 118 117.25 9.69 100.19
N ARG IB 119 116.09 10.23 100.57
CA ARG IB 119 115.55 11.40 99.87
C ARG IB 119 116.44 12.62 100.10
N LYS IB 120 116.87 12.84 101.35
CA LYS IB 120 117.77 13.95 101.63
C LYS IB 120 119.08 13.81 100.85
N ASP IB 121 119.60 12.58 100.77
CA ASP IB 121 120.82 12.31 100.02
C ASP IB 121 120.65 12.68 98.56
N ILE IB 122 119.61 12.16 97.90
CA ILE IB 122 119.47 12.38 96.47
C ILE IB 122 119.25 13.86 96.16
N ARG IB 123 118.42 14.54 96.98
CA ARG IB 123 118.19 15.96 96.76
C ARG IB 123 119.48 16.76 96.90
N LYS IB 124 120.14 16.66 98.07
CA LYS IB 124 121.35 17.44 98.30
C LYS IB 124 122.41 17.14 97.24
N MET IB 125 122.58 15.87 96.91
CA MET IB 125 123.69 15.48 96.05
C MET IB 125 123.46 15.87 94.60
N HIS IB 126 122.22 15.78 94.12
CA HIS IB 126 121.92 16.24 92.77
C HIS IB 126 122.06 17.75 92.66
N ALA IB 127 121.46 18.48 93.62
CA ALA IB 127 121.60 19.93 93.63
C ALA IB 127 123.06 20.34 93.60
N LEU IB 128 123.90 19.65 94.37
CA LEU IB 128 125.33 19.92 94.32
C LEU IB 128 125.92 19.56 92.96
N ALA IB 129 125.49 18.44 92.38
CA ALA IB 129 126.00 18.01 91.09
C ALA IB 129 125.74 19.05 90.00
N LEU IB 130 124.73 19.88 90.18
CA LEU IB 130 124.49 20.98 89.25
C LEU IB 130 125.44 22.15 89.43
N THR IB 131 126.25 22.17 90.50
CA THR IB 131 127.14 23.30 90.77
C THR IB 131 128.61 22.91 90.69
N THR IB 132 128.93 21.70 90.27
CA THR IB 132 130.31 21.28 90.12
C THR IB 132 131.00 22.08 89.02
N SER IB 133 132.34 22.10 89.06
CA SER IB 133 133.10 22.82 88.03
C SER IB 133 132.80 22.26 86.66
N GLU IB 134 132.61 20.94 86.57
CA GLU IB 134 132.24 20.31 85.30
C GLU IB 134 130.87 20.77 84.82
N ALA IB 135 129.89 20.79 85.73
CA ALA IB 135 128.55 21.27 85.36
C ALA IB 135 128.57 22.71 84.92
N ILE IB 136 129.36 23.55 85.58
CA ILE IB 136 129.43 24.95 85.20
C ILE IB 136 130.11 25.10 83.84
N ALA IB 137 131.15 24.31 83.59
CA ALA IB 137 131.80 24.35 82.28
C ALA IB 137 130.87 23.89 81.17
N MET IB 138 130.01 22.90 81.45
CA MET IB 138 129.11 22.39 80.41
C MET IB 138 127.97 23.35 80.13
N ILE IB 139 127.34 23.88 81.18
CA ILE IB 139 126.14 24.68 81.00
C ILE IB 139 126.49 26.13 80.61
N GLU IB 140 127.52 26.71 81.22
CA GLU IB 140 127.83 28.10 80.97
C GLU IB 140 128.82 28.29 79.81
N SER IB 141 129.89 27.51 79.80
CA SER IB 141 130.93 27.64 78.79
C SER IB 141 130.77 26.66 77.65
N LEU IB 142 129.87 25.70 77.77
CA LEU IB 142 129.55 24.78 76.69
C LEU IB 142 130.77 23.95 76.30
N GLN IB 143 131.36 23.29 77.30
CA GLN IB 143 132.53 22.46 77.11
C GLN IB 143 132.26 21.06 77.66
N PHE IB 144 132.69 20.06 76.92
CA PHE IB 144 132.56 18.67 77.35
C PHE IB 144 133.83 18.26 78.11
N VAL IB 145 133.78 17.09 78.75
CA VAL IB 145 134.92 16.53 79.48
C VAL IB 145 135.62 15.50 78.59
N TYR IB 146 136.95 15.55 78.58
CA TYR IB 146 137.75 14.73 77.68
C TYR IB 146 138.80 13.91 78.42
N PRO JB 1 86.69 25.35 107.01
CA PRO JB 1 87.91 25.40 107.82
C PRO JB 1 89.16 25.28 106.97
N GLN JB 2 90.27 25.78 107.49
CA GLN JB 2 91.53 25.70 106.74
C GLN JB 2 92.15 24.32 106.90
N ALA JB 3 93.06 23.99 105.99
CA ALA JB 3 93.81 22.75 106.11
C ALA JB 3 94.77 22.86 107.28
N ALA JB 4 94.60 21.98 108.27
CA ALA JB 4 95.45 21.98 109.45
C ALA JB 4 95.78 20.54 109.82
N ASP JB 5 96.78 20.39 110.70
CA ASP JB 5 97.11 19.08 111.22
C ASP JB 5 95.89 18.48 111.93
N ILE JB 6 95.74 17.16 111.82
CA ILE JB 6 94.69 16.43 112.52
C ILE JB 6 95.38 15.43 113.43
N VAL JB 7 95.11 15.50 114.73
CA VAL JB 7 95.81 14.66 115.69
C VAL JB 7 94.84 13.64 116.26
N ILE JB 8 95.21 12.36 116.16
CA ILE JB 8 94.35 11.25 116.56
C ILE JB 8 95.16 10.30 117.44
N ALA JB 9 94.54 9.83 118.53
CA ALA JB 9 95.23 9.03 119.53
C ALA JB 9 95.34 7.56 119.12
N ASP JB 10 96.46 6.96 119.47
CA ASP JB 10 96.68 5.54 119.28
C ASP JB 10 95.83 4.73 120.25
N ALA JB 11 95.78 3.41 120.03
CA ALA JB 11 95.12 2.50 120.96
C ALA JB 11 96.12 1.68 121.78
N GLN JB 12 97.32 2.20 121.98
CA GLN JB 12 98.32 1.50 122.78
C GLN JB 12 97.98 1.61 124.26
N ALA JB 13 98.71 0.83 125.08
CA ALA JB 13 98.56 0.91 126.52
C ALA JB 13 98.70 2.35 127.00
N THR JB 14 99.81 2.99 126.63
CA THR JB 14 99.93 4.44 126.77
C THR JB 14 99.71 5.04 125.40
N PRO JB 15 98.55 5.62 125.12
CA PRO JB 15 98.25 6.09 123.76
C PRO JB 15 99.28 7.07 123.24
N VAL JB 16 99.57 6.96 121.94
CA VAL JB 16 100.53 7.81 121.24
C VAL JB 16 99.78 8.65 120.23
N ASN JB 17 100.01 9.96 120.25
CA ASN JB 17 99.34 10.86 119.32
C ASN JB 17 99.98 10.75 117.94
N HIS JB 18 99.17 10.41 116.94
CA HIS JB 18 99.59 10.43 115.55
C HIS JB 18 99.12 11.73 114.93
N THR JB 19 100.03 12.48 114.32
CA THR JB 19 99.71 13.78 113.71
C THR JB 19 99.68 13.62 112.20
N PHE JB 20 98.49 13.84 111.62
CA PHE JB 20 98.26 13.78 110.18
C PHE JB 20 98.41 15.18 109.60
N VAL JB 21 99.53 15.42 108.94
CA VAL JB 21 99.84 16.70 108.28
C VAL JB 21 99.09 16.72 106.96
N PRO JB 22 98.47 17.83 106.57
CA PRO JB 22 97.79 17.85 105.27
C PRO JB 22 98.76 17.72 104.10
N ILE JB 23 98.51 16.73 103.24
CA ILE JB 23 99.24 16.59 101.99
C ILE JB 23 98.64 17.50 100.94
N GLY JB 24 97.31 17.59 100.90
CA GLY JB 24 96.70 18.46 99.94
C GLY JB 24 95.51 17.80 99.28
N PRO JB 25 94.94 18.46 98.30
CA PRO JB 25 93.80 17.88 97.58
C PRO JB 25 94.24 16.72 96.71
N ASP JB 26 93.28 15.86 96.44
CA ASP JB 26 93.54 14.68 95.62
C ASP JB 26 93.92 15.11 94.20
N PRO JB 27 94.83 14.40 93.54
CA PRO JB 27 95.24 14.81 92.18
C PRO JB 27 94.13 14.80 91.17
N LYS JB 28 93.24 13.81 91.26
CA LYS JB 28 92.26 13.57 90.22
C LYS JB 28 90.85 14.00 90.60
N ASP JB 29 90.56 14.16 91.89
CA ASP JB 29 89.26 14.61 92.37
C ASP JB 29 89.46 15.81 93.28
N ALA JB 30 88.84 16.93 92.92
CA ALA JB 30 88.95 18.18 93.66
C ALA JB 30 88.06 18.21 94.89
N THR JB 31 87.32 17.13 95.17
CA THR JB 31 86.39 17.10 96.28
C THR JB 31 86.88 16.25 97.45
N ILE JB 32 88.09 15.72 97.37
CA ILE JB 32 88.63 14.86 98.42
C ILE JB 32 90.02 15.38 98.78
N TYR JB 33 90.27 15.51 100.09
CA TYR JB 33 91.50 16.11 100.63
C TYR JB 33 92.21 15.09 101.50
N TRP JB 34 93.55 15.21 101.58
CA TRP JB 34 94.42 14.18 102.11
C TRP JB 34 95.36 14.72 103.18
N TRP JB 35 95.34 14.08 104.34
CA TRP JB 35 96.31 14.21 105.42
C TRP JB 35 97.07 12.89 105.57
N GLU JB 36 98.28 12.99 106.14
CA GLU JB 36 99.20 11.85 106.22
C GLU JB 36 100.00 11.88 107.51
N ASP JB 37 100.09 10.73 108.18
CA ASP JB 37 100.94 10.49 109.33
C ASP JB 37 102.24 9.88 108.82
N GLN JB 38 103.29 10.72 108.85
CA GLN JB 38 104.59 10.45 108.25
C GLN JB 38 105.61 9.97 109.27
N SER JB 39 105.15 9.43 110.38
CA SER JB 39 106.04 8.99 111.46
C SER JB 39 106.62 7.62 111.22
N GLN JB 40 106.06 6.87 110.28
CA GLN JB 40 106.40 5.47 110.09
C GLN JB 40 107.78 5.35 109.44
N ALA JB 41 108.21 4.11 109.17
CA ALA JB 41 109.61 3.86 108.83
C ALA JB 41 109.98 4.32 107.43
N SER JB 42 109.09 4.10 106.45
CA SER JB 42 109.24 4.60 105.09
C SER JB 42 107.84 4.98 104.61
N PRO JB 43 107.75 5.81 103.56
CA PRO JB 43 106.40 6.23 103.11
C PRO JB 43 105.44 5.10 102.83
N ALA JB 44 105.95 3.91 102.44
CA ALA JB 44 105.10 2.75 102.20
C ALA JB 44 104.24 2.44 103.40
N GLY JB 45 104.74 2.72 104.61
CA GLY JB 45 104.02 2.49 105.83
C GLY JB 45 103.35 3.69 106.46
N TYR JB 46 103.37 4.87 105.81
CA TYR JB 46 102.70 6.04 106.37
C TYR JB 46 101.20 5.81 106.45
N TRP JB 47 100.54 6.42 107.43
CA TRP JB 47 99.10 6.27 107.55
C TRP JB 47 98.37 7.46 106.93
N ARG JB 48 97.27 7.21 106.26
CA ARG JB 48 96.63 8.27 105.49
C ARG JB 48 95.18 8.45 105.91
N LEU JB 49 94.71 9.68 105.83
CA LEU JB 49 93.34 10.05 106.15
C LEU JB 49 92.82 10.95 105.04
N SER JB 50 91.61 10.67 104.56
CA SER JB 50 91.02 11.39 103.43
C SER JB 50 89.59 11.77 103.76
N MET JB 51 89.21 13.01 103.45
CA MET JB 51 87.85 13.49 103.67
C MET JB 51 87.30 14.09 102.38
N GLN JB 52 86.07 13.72 102.05
CA GLN JB 52 85.45 14.08 100.78
C GLN JB 52 84.05 14.60 101.00
N LEU JB 53 83.75 15.75 100.40
CA LEU JB 53 82.42 16.36 100.43
C LEU JB 53 81.96 16.52 98.99
N VAL JB 54 80.86 15.85 98.64
CA VAL JB 54 80.28 15.92 97.32
C VAL JB 54 78.91 16.57 97.44
N ARG JB 55 78.80 17.79 96.98
CA ARG JB 55 77.66 18.67 96.91
C ARG JB 55 76.99 18.54 95.55
N PRO JB 56 75.68 18.67 95.47
CA PRO JB 56 74.99 18.66 94.18
C PRO JB 56 75.07 20.02 93.50
N ALA JB 57 74.79 20.02 92.19
CA ALA JB 57 74.79 21.26 91.43
C ALA JB 57 73.72 22.19 91.98
N PRO JB 58 73.94 23.51 91.91
CA PRO JB 58 73.03 24.44 92.59
C PRO JB 58 71.60 24.30 92.08
N ALA JB 59 70.66 24.56 92.97
CA ALA JB 59 69.26 24.35 92.66
C ALA JB 59 68.77 25.36 91.64
N LYS JB 60 67.89 24.92 90.75
CA LYS JB 60 67.30 25.80 89.76
C LYS JB 60 65.97 26.36 90.26
N ALA JB 61 65.57 27.49 89.70
CA ALA JB 61 64.35 28.16 90.13
C ALA JB 61 63.15 27.28 89.84
N GLY JB 62 62.33 27.03 90.85
CA GLY JB 62 61.17 26.17 90.72
C GLY JB 62 61.47 24.69 90.68
N GLN JB 63 62.74 24.28 90.69
CA GLN JB 63 63.09 22.87 90.68
C GLN JB 63 62.74 22.22 92.02
N ASN JB 64 62.32 20.96 91.97
CA ASN JB 64 61.97 20.20 93.16
C ASN JB 64 63.22 19.55 93.73
N THR JB 65 63.53 19.84 94.99
CA THR JB 65 64.81 19.46 95.59
C THR JB 65 64.74 18.20 96.44
N ASN JB 66 63.61 17.50 96.46
CA ASN JB 66 63.54 16.41 97.46
C ASN JB 66 64.30 15.23 97.05
N GLN JB 67 65.05 15.27 95.95
CA GLN JB 67 65.89 14.14 95.59
C GLN JB 67 67.39 14.45 95.61
N ARG JB 68 67.78 15.71 95.78
CA ARG JB 68 69.19 16.06 95.75
C ARG JB 68 69.82 15.70 97.09
N MET JB 69 71.07 15.22 97.07
CA MET JB 69 71.71 14.69 98.26
C MET JB 69 73.19 15.05 98.28
N ILE JB 70 73.72 15.15 99.51
CA ILE JB 70 75.11 15.49 99.78
C ILE JB 70 75.77 14.26 100.39
N ARG JB 71 76.99 13.97 99.95
CA ARG JB 71 77.72 12.81 100.46
C ARG JB 71 79.01 13.26 101.13
N VAL JB 72 79.34 12.60 102.23
CA VAL JB 72 80.59 12.85 102.95
C VAL JB 72 81.27 11.51 103.17
N ARG JB 73 82.54 11.41 102.79
CA ARG JB 73 83.29 10.15 102.93
C ARG JB 73 84.58 10.42 103.69
N VAL JB 74 84.76 9.70 104.79
CA VAL JB 74 86.00 9.74 105.55
C VAL JB 74 86.67 8.36 105.42
N SER JB 75 87.98 8.37 105.22
CA SER JB 75 88.68 7.12 104.94
C SER JB 75 90.03 7.13 105.64
N THR JB 76 90.36 6.03 106.31
CA THR JB 76 91.64 5.91 107.01
C THR JB 76 92.34 4.64 106.57
N PHE JB 77 93.62 4.76 106.24
CA PHE JB 77 94.45 3.65 105.79
C PHE JB 77 95.65 3.54 106.71
N GLU JB 78 95.85 2.34 107.28
CA GLU JB 78 96.93 2.09 108.23
C GLU JB 78 97.76 0.88 107.81
N PRO JB 79 98.57 1.03 106.76
CA PRO JB 79 99.41 -0.09 106.32
C PRO JB 79 100.43 -0.48 107.39
N ILE JB 80 100.68 -1.79 107.49
CA ILE JB 80 101.63 -2.36 108.44
C ILE JB 80 102.80 -2.92 107.65
N LEU JB 81 104.01 -2.64 108.10
CA LEU JB 81 105.20 -3.08 107.40
C LEU JB 81 105.73 -4.40 107.96
N GLU JB 82 106.65 -4.99 107.19
CA GLU JB 82 107.40 -6.17 107.58
C GLU JB 82 108.81 -6.04 107.01
N VAL JB 83 109.76 -6.72 107.66
CA VAL JB 83 111.16 -6.66 107.29
C VAL JB 83 111.70 -8.07 107.17
N ALA JB 84 112.63 -8.27 106.23
CA ALA JB 84 113.22 -9.59 106.00
C ALA JB 84 114.33 -9.94 106.99
N VAL JB 85 114.98 -8.94 107.59
CA VAL JB 85 116.06 -9.15 108.54
C VAL JB 85 116.15 -7.93 109.45
N THR JB 86 116.52 -8.14 110.71
CA THR JB 86 116.37 -7.12 111.72
C THR JB 86 117.66 -6.36 112.07
N ALA JB 87 118.78 -6.71 111.45
CA ALA JB 87 120.04 -6.03 111.74
C ALA JB 87 120.56 -5.32 110.49
N THR JB 88 121.69 -4.65 110.65
CA THR JB 88 122.35 -3.98 109.55
C THR JB 88 123.74 -4.57 109.36
N TYR JB 89 124.09 -4.87 108.11
CA TYR JB 89 125.36 -5.48 107.75
C TYR JB 89 126.11 -4.53 106.84
N SER JB 90 127.36 -4.18 107.21
CA SER JB 90 128.25 -3.42 106.33
C SER JB 90 127.54 -2.17 105.79
N GLY JB 91 126.81 -1.50 106.67
CA GLY JB 91 126.10 -0.28 106.32
C GLY JB 91 124.84 -0.46 105.52
N ILE JB 92 124.38 -1.69 105.29
CA ILE JB 92 123.16 -1.93 104.52
C ILE JB 92 122.03 -2.09 105.52
N ALA JB 93 121.08 -1.15 105.50
CA ALA JB 93 120.03 -1.35 106.48
C ALA JB 93 118.88 -2.18 105.91
N PRO JB 94 118.12 -2.82 106.78
CA PRO JB 94 116.91 -3.51 106.32
C PRO JB 94 115.90 -2.52 105.78
N SER JB 95 115.30 -2.87 104.64
CA SER JB 95 114.33 -2.02 103.99
C SER JB 95 112.98 -2.70 104.06
N PRO JB 96 112.02 -2.14 104.80
CA PRO JB 96 110.73 -2.81 104.98
C PRO JB 96 109.82 -2.68 103.78
N THR JB 97 108.94 -3.66 103.62
CA THR JB 97 107.86 -3.62 102.64
C THR JB 97 106.53 -3.68 103.35
N VAL JB 98 105.47 -3.38 102.60
CA VAL JB 98 104.14 -3.47 103.18
C VAL JB 98 103.75 -4.93 103.32
N SER JB 99 103.15 -5.26 104.47
CA SER JB 99 102.72 -6.62 104.78
C SER JB 99 101.23 -6.81 104.58
N TYR JB 100 100.42 -5.88 105.10
CA TYR JB 100 98.97 -5.90 104.93
C TYR JB 100 98.46 -4.51 105.25
N VAL JB 101 97.24 -4.22 104.79
CA VAL JB 101 96.69 -2.89 105.02
C VAL JB 101 95.29 -2.96 105.59
N PRO JB 102 95.12 -2.81 106.91
CA PRO JB 102 93.79 -2.58 107.46
C PRO JB 102 93.32 -1.17 107.14
N LYS JB 103 92.03 -1.03 106.84
CA LYS JB 103 91.53 0.27 106.44
C LYS JB 103 90.07 0.39 106.83
N ALA JB 104 89.56 1.62 106.80
CA ALA JB 104 88.18 1.89 107.16
C ALA JB 104 87.63 2.99 106.27
N PHE JB 105 86.36 2.85 105.91
CA PHE JB 105 85.68 3.75 104.97
C PHE JB 105 84.31 4.04 105.52
N THR JB 106 83.98 5.32 105.76
CA THR JB 106 82.68 5.74 106.25
C THR JB 106 82.06 6.74 105.28
N GLU JB 107 80.76 6.56 105.00
CA GLU JB 107 80.01 7.40 104.07
C GLU JB 107 78.71 7.85 104.72
N PHE JB 108 78.53 9.16 104.80
CA PHE JB 108 77.28 9.79 105.20
C PHE JB 108 76.53 10.20 103.95
N VAL JB 109 75.27 9.81 103.88
CA VAL JB 109 74.34 10.28 102.87
C VAL JB 109 73.36 11.22 103.57
N LEU JB 110 73.51 12.51 103.32
CA LEU JB 110 72.71 13.56 103.93
C LEU JB 110 71.85 14.20 102.85
N PRO JB 111 70.55 13.94 102.82
CA PRO JB 111 69.70 14.61 101.84
C PRO JB 111 69.72 16.12 102.06
N GLU JB 112 69.76 16.87 100.95
CA GLU JB 112 69.95 18.31 101.03
C GLU JB 112 68.87 19.00 101.85
N ARG JB 113 67.66 18.45 101.88
CA ARG JB 113 66.58 19.06 102.65
C ARG JB 113 66.69 18.81 104.16
N ALA JB 114 67.73 18.14 104.63
CA ALA JB 114 67.78 17.75 106.03
C ALA JB 114 68.16 18.92 106.91
N THR JB 115 67.71 18.87 108.16
CA THR JB 115 67.99 19.92 109.12
C THR JB 115 69.39 19.76 109.71
N LEU JB 116 69.96 20.90 110.14
CA LEU JB 116 71.17 20.85 110.94
C LEU JB 116 71.04 19.85 112.08
N ASP JB 117 69.84 19.79 112.68
CA ASP JB 117 69.63 18.84 113.76
C ASP JB 117 69.75 17.41 113.26
N ASN JB 118 69.16 17.10 112.09
CA ASN JB 118 69.28 15.77 111.52
C ASN JB 118 70.74 15.40 111.28
N ARG JB 119 71.53 16.37 110.79
CA ARG JB 119 72.93 16.09 110.50
C ARG JB 119 73.73 15.84 111.78
N LYS JB 120 73.51 16.68 112.80
CA LYS JB 120 74.17 16.46 114.08
C LYS JB 120 73.79 15.10 114.66
N ASP JB 121 72.51 14.73 114.52
CA ASP JB 121 72.02 13.43 114.99
C ASP JB 121 72.78 12.29 114.32
N ILE JB 122 72.78 12.28 112.98
CA ILE JB 122 73.38 11.15 112.27
C ILE JB 122 74.88 11.07 112.55
N ARG JB 123 75.57 12.21 112.57
CA ARG JB 123 77.01 12.21 112.85
C ARG JB 123 77.28 11.65 114.24
N LYS JB 124 76.71 12.28 115.28
CA LYS JB 124 76.98 11.84 116.65
C LYS JB 124 76.62 10.37 116.84
N MET JB 125 75.45 9.98 116.34
CA MET JB 125 74.93 8.65 116.67
C MET JB 125 75.70 7.57 115.93
N HIS JB 126 76.14 7.82 114.70
CA HIS JB 126 76.97 6.83 114.02
C HIS JB 126 78.34 6.73 114.68
N ALA JB 127 78.96 7.88 114.98
CA ALA JB 127 80.26 7.84 115.66
C ALA JB 127 80.17 7.07 116.96
N LEU JB 128 79.05 7.23 117.69
CA LEU JB 128 78.85 6.46 118.91
C LEU JB 128 78.63 4.99 118.62
N ALA JB 129 77.89 4.68 117.54
CA ALA JB 129 77.63 3.28 117.20
C ALA JB 129 78.91 2.54 116.88
N LEU JB 130 79.96 3.26 116.46
CA LEU JB 130 81.25 2.64 116.26
C LEU JB 130 81.98 2.30 117.57
N THR JB 131 81.50 2.80 118.70
CA THR JB 131 82.18 2.57 119.98
C THR JB 131 81.35 1.73 120.95
N THR JB 132 80.20 1.21 120.51
CA THR JB 132 79.38 0.36 121.36
C THR JB 132 80.13 -0.94 121.70
N SER JB 133 79.72 -1.57 122.81
CA SER JB 133 80.35 -2.82 123.22
C SER JB 133 80.23 -3.87 122.12
N GLU JB 134 79.10 -3.88 121.41
CA GLU JB 134 78.92 -4.80 120.29
C GLU JB 134 79.89 -4.50 119.15
N ALA JB 135 80.04 -3.23 118.79
CA ALA JB 135 80.98 -2.86 117.75
C ALA JB 135 82.41 -3.24 118.14
N ILE JB 136 82.76 -3.06 119.40
CA ILE JB 136 84.10 -3.40 119.84
C ILE JB 136 84.30 -4.92 119.80
N ALA JB 137 83.28 -5.67 120.21
CA ALA JB 137 83.37 -7.13 120.15
C ALA JB 137 83.48 -7.63 118.71
N MET JB 138 82.86 -6.94 117.76
CA MET JB 138 82.89 -7.42 116.38
C MET JB 138 84.18 -7.01 115.67
N ILE JB 139 84.68 -5.80 115.90
CA ILE JB 139 85.87 -5.33 115.18
C ILE JB 139 87.16 -5.80 115.85
N GLU JB 140 87.23 -5.74 117.19
CA GLU JB 140 88.45 -6.09 117.89
C GLU JB 140 88.50 -7.58 118.24
N SER JB 141 87.40 -8.10 118.80
CA SER JB 141 87.35 -9.49 119.24
C SER JB 141 86.84 -10.45 118.19
N LEU JB 142 86.29 -9.93 117.09
CA LEU JB 142 85.87 -10.77 115.96
C LEU JB 142 84.81 -11.79 116.36
N GLN JB 143 83.83 -11.33 117.13
CA GLN JB 143 82.71 -12.16 117.57
C GLN JB 143 81.40 -11.51 117.20
N PHE JB 144 80.55 -12.27 116.50
CA PHE JB 144 79.23 -11.80 116.12
C PHE JB 144 78.26 -11.91 117.30
N VAL JB 145 77.04 -11.41 117.12
CA VAL JB 145 76.00 -11.45 118.15
C VAL JB 145 75.08 -12.64 117.87
N TYR JB 146 74.83 -13.46 118.89
CA TYR JB 146 74.04 -14.67 118.75
C TYR JB 146 72.86 -14.70 119.72
N PRO KB 1 96.98 34.67 96.47
CA PRO KB 1 96.33 34.82 97.77
C PRO KB 1 95.62 33.53 98.19
N GLN KB 2 95.91 33.04 99.39
CA GLN KB 2 95.24 31.81 99.85
C GLN KB 2 93.76 32.08 100.02
N ALA KB 3 92.94 31.07 99.77
CA ALA KB 3 91.50 31.23 99.88
C ALA KB 3 91.11 31.50 101.33
N ALA KB 4 90.25 32.48 101.54
CA ALA KB 4 89.73 32.76 102.88
C ALA KB 4 88.32 33.31 102.74
N ASP KB 5 87.66 33.46 103.90
CA ASP KB 5 86.30 33.98 103.92
C ASP KB 5 86.23 35.33 103.24
N ILE KB 6 85.15 35.58 102.50
CA ILE KB 6 84.90 36.86 101.85
C ILE KB 6 83.67 37.45 102.50
N VAL KB 7 83.80 38.63 103.11
CA VAL KB 7 82.69 39.23 103.85
C VAL KB 7 82.20 40.46 103.08
N ILE KB 8 80.91 40.46 102.76
CA ILE KB 8 80.30 41.52 101.96
C ILE KB 8 79.07 42.02 102.69
N ALA KB 9 78.89 43.34 102.72
CA ALA KB 9 77.80 43.94 103.48
C ALA KB 9 76.48 43.86 102.73
N ASP KB 10 75.39 43.70 103.49
CA ASP KB 10 74.05 43.70 102.95
C ASP KB 10 73.66 45.12 102.51
N ALA KB 11 72.43 45.25 102.00
CA ALA KB 11 71.89 46.56 101.66
C ALA KB 11 70.69 46.91 102.54
N GLN KB 12 70.62 46.36 103.74
CA GLN KB 12 69.49 46.63 104.61
C GLN KB 12 69.63 47.99 105.27
N ALA KB 13 68.56 48.39 105.98
CA ALA KB 13 68.59 49.61 106.78
C ALA KB 13 69.84 49.66 107.63
N THR KB 14 70.01 48.65 108.49
CA THR KB 14 71.30 48.41 109.12
C THR KB 14 71.98 47.30 108.35
N PRO KB 15 73.03 47.59 107.58
CA PRO KB 15 73.68 46.55 106.78
C PRO KB 15 74.08 45.35 107.64
N VAL KB 16 73.87 44.16 107.08
CA VAL KB 16 74.19 42.89 107.74
C VAL KB 16 75.29 42.20 106.95
N ASN KB 17 76.38 41.84 107.62
CA ASN KB 17 77.51 41.22 106.94
C ASN KB 17 77.17 39.77 106.57
N HIS KB 18 77.38 39.43 105.30
CA HIS KB 18 77.29 38.06 104.82
C HIS KB 18 78.70 37.51 104.64
N THR KB 19 78.97 36.36 105.25
CA THR KB 19 80.28 35.73 105.19
C THR KB 19 80.21 34.55 104.22
N PHE KB 20 81.00 34.62 103.15
CA PHE KB 20 81.09 33.59 102.13
C PHE KB 20 82.32 32.72 102.43
N VAL KB 21 82.08 31.53 102.94
CA VAL KB 21 83.13 30.55 103.24
C VAL KB 21 83.52 29.89 101.93
N PRO KB 22 84.80 29.71 101.62
CA PRO KB 22 85.16 29.01 100.38
C PRO KB 22 84.69 27.57 100.39
N ILE KB 23 84.02 27.18 99.30
CA ILE KB 23 83.75 25.78 99.02
C ILE KB 23 84.92 25.15 98.30
N GLY KB 24 85.60 25.90 97.44
CA GLY KB 24 86.73 25.37 96.73
C GLY KB 24 86.58 25.48 95.22
N PRO KB 25 87.49 24.89 94.49
CA PRO KB 25 87.43 24.99 93.03
C PRO KB 25 86.35 24.07 92.48
N ASP KB 26 85.75 24.52 91.38
CA ASP KB 26 84.72 23.73 90.71
C ASP KB 26 85.35 22.43 90.23
N PRO KB 27 84.79 21.28 90.58
CA PRO KB 27 85.36 20.02 90.07
C PRO KB 27 85.29 19.91 88.57
N LYS KB 28 84.30 20.52 87.92
CA LYS KB 28 84.19 20.46 86.47
C LYS KB 28 85.20 21.36 85.79
N ASP KB 29 85.47 22.54 86.37
CA ASP KB 29 86.41 23.51 85.80
C ASP KB 29 87.31 24.03 86.92
N ALA KB 30 88.61 23.76 86.80
CA ALA KB 30 89.57 24.14 87.84
C ALA KB 30 89.87 25.63 87.88
N THR KB 31 89.50 26.39 86.84
CA THR KB 31 89.80 27.81 86.78
C THR KB 31 88.74 28.68 87.44
N ILE KB 32 87.78 28.09 88.14
CA ILE KB 32 86.72 28.86 88.76
C ILE KB 32 86.58 28.37 90.20
N TYR KB 33 86.57 29.31 91.15
CA TYR KB 33 86.57 29.04 92.57
C TYR KB 33 85.27 29.55 93.19
N TRP KB 34 84.81 28.87 94.24
CA TRP KB 34 83.47 29.09 94.79
C TRP KB 34 83.53 29.33 96.29
N TRP KB 35 82.88 30.42 96.72
CA TRP KB 35 82.53 30.70 98.10
C TRP KB 35 81.01 30.64 98.25
N GLU KB 36 80.55 30.37 99.47
CA GLU KB 36 79.13 30.15 99.76
C GLU KB 36 78.75 30.84 101.06
N ASP KB 37 77.59 31.52 101.03
CA ASP KB 37 77.02 32.14 102.22
C ASP KB 37 75.99 31.20 102.80
N GLN KB 38 76.29 30.63 103.96
CA GLN KB 38 75.48 29.57 104.54
C GLN KB 38 74.44 30.09 105.55
N SER KB 39 74.10 31.37 105.49
CA SER KB 39 73.21 31.97 106.47
C SER KB 39 71.75 31.84 106.09
N GLN KB 40 71.44 31.24 104.94
CA GLN KB 40 70.07 31.18 104.44
C GLN KB 40 69.32 30.02 105.11
N ALA KB 41 68.09 29.79 104.65
CA ALA KB 41 67.17 28.93 105.39
C ALA KB 41 67.51 27.45 105.22
N SER KB 42 67.88 27.03 104.02
CA SER KB 42 68.33 25.66 103.77
C SER KB 42 69.31 25.70 102.62
N PRO KB 43 70.11 24.65 102.41
CA PRO KB 43 71.24 24.76 101.47
C PRO KB 43 70.86 25.18 100.06
N ALA KB 44 69.69 24.74 99.56
CA ALA KB 44 69.30 25.12 98.20
C ALA KB 44 69.29 26.63 98.00
N GLY KB 45 69.05 27.40 99.07
CA GLY KB 45 69.02 28.84 99.03
C GLY KB 45 70.27 29.56 99.47
N TYR KB 46 71.37 28.84 99.71
CA TYR KB 46 72.63 29.46 100.10
C TYR KB 46 73.15 30.36 98.97
N TRP KB 47 73.49 31.60 99.29
CA TRP KB 47 74.04 32.49 98.28
C TRP KB 47 75.48 32.06 97.95
N ARG KB 48 75.86 32.27 96.69
CA ARG KB 48 77.16 31.82 96.23
C ARG KB 48 77.87 32.92 95.46
N LEU KB 49 79.19 32.83 95.44
CA LEU KB 49 80.06 33.78 94.77
C LEU KB 49 81.16 32.97 94.09
N SER KB 50 81.47 33.33 92.83
CA SER KB 50 82.42 32.58 92.02
C SER KB 50 83.39 33.53 91.35
N MET KB 51 84.67 33.17 91.35
CA MET KB 51 85.70 33.96 90.68
C MET KB 51 86.52 33.06 89.78
N GLN KB 52 86.72 33.50 88.54
CA GLN KB 52 87.37 32.68 87.51
C GLN KB 52 88.48 33.46 86.84
N LEU KB 53 89.64 32.83 86.73
CA LEU KB 53 90.80 33.39 86.06
C LEU KB 53 91.24 32.43 84.97
N VAL KB 54 91.17 32.86 83.72
CA VAL KB 54 91.55 32.06 82.57
C VAL KB 54 92.72 32.77 81.89
N ARG KB 55 93.92 32.29 82.16
CA ARG KB 55 95.18 32.69 81.56
C ARG KB 55 95.50 31.79 80.38
N PRO KB 56 96.04 32.36 79.31
CA PRO KB 56 96.30 31.57 78.11
C PRO KB 56 97.56 30.72 78.28
N ALA KB 57 97.67 29.72 77.41
CA ALA KB 57 98.86 28.89 77.38
C ALA KB 57 100.08 29.77 77.15
N PRO KB 58 101.22 29.43 77.75
CA PRO KB 58 102.36 30.35 77.75
C PRO KB 58 102.83 30.70 76.34
N ALA KB 59 103.29 31.95 76.20
CA ALA KB 59 103.80 32.42 74.93
C ALA KB 59 104.98 31.57 74.49
N LYS KB 60 105.07 31.30 73.19
CA LYS KB 60 106.13 30.49 72.63
C LYS KB 60 107.11 31.36 71.86
N ALA KB 61 108.31 30.83 71.66
CA ALA KB 61 109.37 31.60 71.01
C ALA KB 61 108.97 31.97 69.59
N GLY KB 62 109.10 33.25 69.28
CA GLY KB 62 108.71 33.75 67.97
C GLY KB 62 107.22 33.79 67.68
N GLN KB 63 106.38 33.46 68.66
CA GLN KB 63 104.94 33.46 68.46
C GLN KB 63 104.41 34.89 68.48
N ASN KB 64 103.23 35.08 67.89
CA ASN KB 64 102.62 36.40 67.83
C ASN KB 64 101.58 36.54 68.94
N THR KB 65 101.72 37.59 69.73
CA THR KB 65 100.93 37.77 70.95
C THR KB 65 99.63 38.55 70.75
N ASN KB 66 99.47 39.22 69.60
CA ASN KB 66 98.53 40.34 69.50
C ASN KB 66 97.09 39.91 69.67
N GLN KB 67 96.81 38.60 69.80
CA GLN KB 67 95.45 38.15 70.04
C GLN KB 67 95.26 37.37 71.34
N ARG KB 68 96.33 37.06 72.06
CA ARG KB 68 96.18 36.27 73.28
C ARG KB 68 95.60 37.16 74.38
N MET KB 69 94.67 36.60 75.15
CA MET KB 69 93.93 37.40 76.13
C MET KB 69 93.63 36.60 77.40
N ILE KB 70 93.52 37.33 78.51
CA ILE KB 70 93.21 36.80 79.82
C ILE KB 70 91.79 37.21 80.18
N ARG KB 71 91.03 36.31 80.77
CA ARG KB 71 89.66 36.61 81.16
C ARG KB 71 89.48 36.41 82.66
N VAL KB 72 88.68 37.27 83.28
CA VAL KB 72 88.35 37.14 84.70
C VAL KB 72 86.85 37.33 84.84
N ARG KB 73 86.18 36.36 85.46
CA ARG KB 73 84.73 36.42 85.61
C ARG KB 73 84.37 36.30 87.09
N VAL KB 74 83.68 37.32 87.61
CA VAL KB 74 83.16 37.33 88.96
C VAL KB 74 81.64 37.25 88.89
N SER KB 75 81.06 36.30 89.60
CA SER KB 75 79.64 36.03 89.52
C SER KB 75 79.05 35.91 90.93
N THR KB 76 77.88 36.50 91.15
CA THR KB 76 77.20 36.40 92.44
C THR KB 76 75.76 35.95 92.24
N PHE KB 77 75.36 34.93 93.00
CA PHE KB 77 74.02 34.36 92.95
C PHE KB 77 73.37 34.48 94.32
N GLU KB 78 72.19 35.07 94.37
CA GLU KB 78 71.46 35.28 95.62
C GLU KB 78 70.06 34.69 95.53
N PRO KB 79 69.96 33.36 95.44
CA PRO KB 79 68.63 32.75 95.30
C PRO KB 79 67.75 33.00 96.51
N ILE KB 80 66.48 33.26 96.24
CA ILE KB 80 65.47 33.51 97.27
C ILE KB 80 64.61 32.27 97.40
N LEU KB 81 64.59 31.69 98.60
CA LEU KB 81 63.84 30.46 98.83
C LEU KB 81 62.34 30.74 98.86
N GLU KB 82 61.57 29.83 98.28
CA GLU KB 82 60.12 29.95 98.33
C GLU KB 82 59.64 29.79 99.76
N VAL KB 83 58.66 30.60 100.15
CA VAL KB 83 58.02 30.48 101.46
C VAL KB 83 56.78 29.62 101.31
N ALA KB 84 56.66 28.62 102.17
CA ALA KB 84 55.61 27.62 102.03
C ALA KB 84 54.27 28.19 102.46
N VAL KB 85 53.21 27.76 101.77
CA VAL KB 85 51.84 27.98 102.24
C VAL KB 85 51.18 26.62 102.36
N THR KB 86 49.91 26.60 102.74
CA THR KB 86 49.22 25.35 102.98
C THR KB 86 49.05 24.58 101.67
N ALA KB 87 49.60 23.37 101.63
CA ALA KB 87 49.42 22.47 100.50
C ALA KB 87 48.11 21.72 100.66
N THR KB 88 47.28 21.73 99.62
CA THR KB 88 45.91 21.22 99.73
C THR KB 88 45.68 19.92 99.00
N TYR KB 89 46.52 19.55 98.03
CA TYR KB 89 46.32 18.27 97.35
C TYR KB 89 46.71 17.10 98.25
N SER KB 90 47.93 17.13 98.79
CA SER KB 90 48.42 16.02 99.60
C SER KB 90 48.55 16.34 101.08
N GLY KB 91 48.44 17.61 101.46
CA GLY KB 91 48.66 17.99 102.84
C GLY KB 91 50.09 17.85 103.32
N ILE KB 92 51.01 17.57 102.39
CA ILE KB 92 52.42 17.39 102.68
C ILE KB 92 53.15 18.62 102.17
N ALA KB 93 53.75 19.38 103.08
CA ALA KB 93 54.44 20.60 102.71
C ALA KB 93 55.57 20.27 101.74
N PRO KB 94 55.85 21.14 100.77
CA PRO KB 94 56.80 20.78 99.71
C PRO KB 94 58.24 20.93 100.17
N SER KB 95 59.11 20.18 99.49
CA SER KB 95 60.53 20.31 99.70
C SER KB 95 60.96 21.77 99.49
N PRO KB 96 62.03 22.22 100.14
CA PRO KB 96 62.49 23.59 99.91
C PRO KB 96 62.82 23.78 98.44
N THR KB 97 62.19 24.78 97.84
CA THR KB 97 62.34 25.04 96.42
C THR KB 97 62.77 26.49 96.23
N VAL KB 98 63.62 26.71 95.24
CA VAL KB 98 64.11 28.06 94.94
C VAL KB 98 63.03 28.79 94.15
N SER KB 99 62.64 29.97 94.64
CA SER KB 99 61.57 30.72 93.99
C SER KB 99 62.08 31.48 92.77
N TYR KB 100 63.15 32.27 92.93
CA TYR KB 100 63.74 33.00 91.82
C TYR KB 100 65.16 33.37 92.21
N VAL KB 101 65.98 33.71 91.22
CA VAL KB 101 67.38 33.99 91.52
C VAL KB 101 67.83 35.31 90.90
N PRO KB 102 67.98 36.37 91.70
CA PRO KB 102 68.70 37.56 91.25
C PRO KB 102 70.19 37.27 91.17
N LYS KB 103 70.81 37.61 90.04
CA LYS KB 103 72.22 37.26 89.88
C LYS KB 103 72.95 38.33 89.09
N ALA KB 104 74.27 38.28 89.17
CA ALA KB 104 75.11 39.23 88.45
C ALA KB 104 76.37 38.53 87.96
N PHE KB 105 76.83 38.94 86.78
CA PHE KB 105 77.93 38.32 86.08
C PHE KB 105 78.80 39.42 85.48
N THR KB 106 80.06 39.51 85.90
CA THR KB 106 81.00 40.51 85.40
C THR KB 106 82.18 39.79 84.75
N GLU KB 107 82.53 40.18 83.52
CA GLU KB 107 83.64 39.60 82.78
C GLU KB 107 84.60 40.70 82.36
N PHE KB 108 85.84 40.59 82.79
CA PHE KB 108 86.94 41.42 82.34
C PHE KB 108 87.69 40.69 81.23
N VAL KB 109 87.85 41.36 80.10
CA VAL KB 109 88.72 40.91 79.02
C VAL KB 109 89.96 41.79 79.06
N LEU KB 110 91.08 41.21 79.49
CA LEU KB 110 92.35 41.90 79.63
C LEU KB 110 93.32 41.27 78.64
N PRO KB 111 93.63 41.92 77.52
CA PRO KB 111 94.64 41.35 76.62
C PRO KB 111 95.99 41.25 77.31
N GLU KB 112 96.68 40.14 77.04
CA GLU KB 112 97.95 39.88 77.73
C GLU KB 112 98.93 41.03 77.56
N ARG KB 113 98.93 41.63 76.37
CA ARG KB 113 99.71 42.82 76.07
C ARG KB 113 99.51 43.96 77.08
N ALA KB 114 98.36 44.04 77.74
CA ALA KB 114 98.03 45.22 78.52
C ALA KB 114 98.91 45.34 79.76
N THR KB 115 99.16 46.59 80.18
CA THR KB 115 100.01 46.87 81.32
C THR KB 115 99.23 46.79 82.63
N LEU KB 116 99.99 46.65 83.72
CA LEU KB 116 99.40 46.66 85.06
C LEU KB 116 98.54 47.91 85.27
N ASP KB 117 99.00 49.05 84.77
CA ASP KB 117 98.20 50.26 84.88
C ASP KB 117 96.87 50.11 84.15
N ASN KB 118 96.89 49.51 82.95
CA ASN KB 118 95.66 49.27 82.21
C ASN KB 118 94.69 48.41 83.02
N ARG KB 119 95.22 47.36 83.66
CA ARG KB 119 94.35 46.45 84.42
C ARG KB 119 93.79 47.13 85.65
N LYS KB 120 94.62 47.90 86.36
CA LYS KB 120 94.14 48.65 87.53
C LYS KB 120 93.06 49.64 87.11
N ASP KB 121 93.27 50.31 85.96
CA ASP KB 121 92.30 51.26 85.43
C ASP KB 121 90.96 50.59 85.18
N ILE KB 122 90.96 49.50 84.43
CA ILE KB 122 89.68 48.89 84.04
C ILE KB 122 88.96 48.36 85.27
N ARG KB 123 89.70 47.71 86.20
CA ARG KB 123 89.06 47.20 87.41
C ARG KB 123 88.43 48.32 88.23
N LYS KB 124 89.24 49.32 88.60
CA LYS KB 124 88.72 50.40 89.45
C LYS KB 124 87.56 51.11 88.79
N MET KB 125 87.70 51.43 87.49
CA MET KB 125 86.73 52.29 86.85
C MET KB 125 85.41 51.57 86.61
N HIS KB 126 85.46 50.27 86.31
CA HIS KB 126 84.21 49.52 86.19
C HIS KB 126 83.54 49.35 87.55
N ALA KB 127 84.32 48.97 88.57
CA ALA KB 127 83.74 48.82 89.91
C ALA KB 127 83.10 50.10 90.39
N LEU KB 128 83.64 51.25 89.97
CA LEU KB 128 83.00 52.53 90.27
C LEU KB 128 81.78 52.76 89.41
N ALA KB 129 81.84 52.37 88.12
CA ALA KB 129 80.70 52.58 87.23
C ALA KB 129 79.47 51.83 87.71
N LEU KB 130 79.66 50.75 88.46
CA LEU KB 130 78.52 50.05 89.05
C LEU KB 130 77.91 50.79 90.23
N THR KB 131 78.54 51.85 90.72
CA THR KB 131 78.02 52.60 91.86
C THR KB 131 77.52 53.99 91.50
N THR KB 132 77.52 54.35 90.22
CA THR KB 132 77.03 55.65 89.78
C THR KB 132 75.54 55.78 90.05
N SER KB 133 75.08 57.03 90.17
CA SER KB 133 73.66 57.28 90.38
C SER KB 133 72.82 56.70 89.26
N GLU KB 134 73.35 56.70 88.03
CA GLU KB 134 72.65 56.13 86.89
C GLU KB 134 72.50 54.62 87.04
N ALA KB 135 73.59 53.94 87.42
CA ALA KB 135 73.52 52.50 87.64
C ALA KB 135 72.56 52.15 88.78
N ILE KB 136 72.58 52.95 89.84
CA ILE KB 136 71.65 52.72 90.96
C ILE KB 136 70.21 52.88 90.48
N ALA KB 137 69.95 53.91 89.67
CA ALA KB 137 68.60 54.15 89.19
C ALA KB 137 68.12 53.02 88.26
N MET KB 138 69.02 52.49 87.43
CA MET KB 138 68.61 51.43 86.51
C MET KB 138 68.37 50.12 87.24
N ILE KB 139 69.28 49.74 88.13
CA ILE KB 139 69.17 48.42 88.76
C ILE KB 139 68.14 48.41 89.87
N GLU KB 140 68.10 49.46 90.70
CA GLU KB 140 67.22 49.46 91.85
C GLU KB 140 65.84 50.02 91.51
N SER KB 141 65.77 51.14 90.79
CA SER KB 141 64.52 51.82 90.51
C SER KB 141 64.00 51.57 89.11
N LEU KB 142 64.75 50.86 88.26
CA LEU KB 142 64.28 50.44 86.94
C LEU KB 142 63.96 51.63 86.05
N GLN KB 143 64.87 52.61 86.02
CA GLN KB 143 64.70 53.83 85.25
C GLN KB 143 65.87 54.00 84.29
N PHE KB 144 65.57 54.32 83.04
CA PHE KB 144 66.59 54.59 82.04
C PHE KB 144 66.99 56.07 82.10
N VAL KB 145 67.92 56.47 81.23
CA VAL KB 145 68.36 57.86 81.16
C VAL KB 145 67.85 58.46 79.85
N TYR KB 146 67.54 59.75 79.88
CA TYR KB 146 66.85 60.36 78.75
C TYR KB 146 67.37 61.76 78.40
N PRO LB 1 79.25 -12.41 121.74
CA PRO LB 1 78.38 -12.07 122.86
C PRO LB 1 76.91 -12.15 122.49
N GLN LB 2 76.04 -12.38 123.47
CA GLN LB 2 74.62 -12.44 123.18
C GLN LB 2 74.07 -11.05 122.89
N ALA LB 3 73.09 -11.00 122.00
CA ALA LB 3 72.55 -9.73 121.53
C ALA LB 3 71.65 -9.11 122.60
N ALA LB 4 71.86 -7.81 122.84
CA ALA LB 4 71.04 -7.08 123.80
C ALA LB 4 70.82 -5.66 123.31
N ASP LB 5 70.03 -4.90 124.06
CA ASP LB 5 69.68 -3.53 123.69
C ASP LB 5 70.94 -2.69 123.49
N ILE LB 6 70.89 -1.80 122.50
CA ILE LB 6 71.98 -0.87 122.23
C ILE LB 6 71.44 0.54 122.45
N VAL LB 7 72.03 1.28 123.38
CA VAL LB 7 71.51 2.60 123.72
C VAL LB 7 72.50 3.66 123.25
N ILE LB 8 72.00 4.59 122.44
CA ILE LB 8 72.83 5.62 121.82
C ILE LB 8 72.19 6.98 122.08
N ALA LB 9 73.01 7.96 122.45
CA ALA LB 9 72.52 9.27 122.83
C ALA LB 9 72.18 10.13 121.61
N ASP LB 10 71.15 10.96 121.78
CA ASP LB 10 70.72 11.91 120.76
C ASP LB 10 71.76 13.03 120.63
N ALA LB 11 71.50 13.94 119.70
CA ALA LB 11 72.29 15.16 119.57
C ALA LB 11 71.44 16.40 119.84
N GLN LB 12 70.38 16.26 120.63
CA GLN LB 12 69.55 17.39 120.98
C GLN LB 12 70.25 18.27 122.01
N ALA LB 13 69.66 19.44 122.26
CA ALA LB 13 70.15 20.32 123.31
C ALA LB 13 70.28 19.56 124.62
N THR LB 14 69.19 18.94 125.06
CA THR LB 14 69.25 17.94 126.11
C THR LB 14 69.20 16.57 125.45
N PRO LB 15 70.29 15.83 125.38
CA PRO LB 15 70.29 14.56 124.65
C PRO LB 15 69.26 13.59 125.18
N VAL LB 16 68.72 12.78 124.26
CA VAL LB 16 67.68 11.79 124.55
C VAL LB 16 68.21 10.42 124.16
N ASN LB 17 68.16 9.47 125.09
CA ASN LB 17 68.65 8.13 124.81
C ASN LB 17 67.68 7.40 123.88
N HIS LB 18 68.18 6.93 122.75
CA HIS LB 18 67.43 6.04 121.86
C HIS LB 18 67.88 4.61 122.13
N THR LB 19 66.91 3.73 122.37
CA THR LB 19 67.18 2.33 122.70
C THR LB 19 66.81 1.48 121.49
N PHE LB 20 67.83 0.86 120.88
CA PHE LB 20 67.69 -0.03 119.73
C PHE LB 20 67.54 -1.46 120.27
N VAL LB 21 66.32 -1.96 120.24
CA VAL LB 21 66.01 -3.33 120.66
C VAL LB 21 66.50 -4.29 119.57
N PRO LB 22 67.10 -5.43 119.92
CA PRO LB 22 67.52 -6.37 118.88
C PRO LB 22 66.33 -7.00 118.18
N ILE LB 23 66.25 -6.81 116.87
CA ILE LB 23 65.24 -7.48 116.06
C ILE LB 23 65.70 -8.87 115.66
N GLY LB 24 66.95 -9.01 115.29
CA GLY LB 24 67.46 -10.32 114.95
C GLY LB 24 68.27 -10.32 113.68
N PRO LB 25 68.71 -11.50 113.25
CA PRO LB 25 69.53 -11.58 112.03
C PRO LB 25 68.68 -11.36 110.78
N ASP LB 26 69.35 -10.85 109.75
CA ASP LB 26 68.69 -10.60 108.47
C ASP LB 26 68.30 -11.92 107.82
N PRO LB 27 67.05 -12.06 107.34
CA PRO LB 27 66.65 -13.33 106.72
C PRO LB 27 67.49 -13.70 105.51
N LYS LB 28 67.91 -12.71 104.73
CA LYS LB 28 68.68 -12.98 103.51
C LYS LB 28 70.14 -13.33 103.83
N ASP LB 29 70.74 -12.63 104.80
CA ASP LB 29 72.16 -12.81 105.12
C ASP LB 29 72.30 -13.10 106.61
N ALA LB 30 72.87 -14.26 106.94
CA ALA LB 30 73.05 -14.64 108.33
C ALA LB 30 74.17 -13.88 109.02
N THR LB 31 74.98 -13.11 108.27
CA THR LB 31 76.11 -12.40 108.84
C THR LB 31 75.78 -11.00 109.30
N ILE LB 32 74.56 -10.52 109.10
CA ILE LB 32 74.19 -9.16 109.42
C ILE LB 32 73.02 -9.21 110.39
N TYR LB 33 73.10 -8.40 111.46
CA TYR LB 33 72.17 -8.43 112.57
C TYR LB 33 71.58 -7.04 112.76
N TRP LB 34 70.30 -6.99 113.11
CA TRP LB 34 69.51 -5.76 113.09
C TRP LB 34 68.94 -5.46 114.47
N TRP LB 35 69.22 -4.23 114.94
CA TRP LB 35 68.56 -3.59 116.07
C TRP LB 35 67.68 -2.45 115.55
N GLU LB 36 66.62 -2.12 116.29
CA GLU LB 36 65.62 -1.16 115.85
C GLU LB 36 65.15 -0.29 117.02
N ASP LB 37 65.17 1.01 116.82
CA ASP LB 37 64.59 1.99 117.72
C ASP LB 37 63.14 2.21 117.33
N GLN LB 38 62.23 1.76 118.21
CA GLN LB 38 60.80 1.70 117.96
C GLN LB 38 60.04 2.84 118.61
N SER LB 39 60.73 3.95 118.90
CA SER LB 39 60.13 5.06 119.61
C SER LB 39 59.47 6.07 118.68
N GLN LB 40 59.54 5.86 117.37
CA GLN LB 40 59.05 6.83 116.41
C GLN LB 40 57.55 6.65 116.21
N ALA LB 41 56.98 7.40 115.26
CA ALA LB 41 55.52 7.47 115.11
C ALA LB 41 54.92 6.12 114.71
N SER LB 42 55.29 5.63 113.53
CA SER LB 42 54.82 4.34 113.05
C SER LB 42 56.03 3.55 112.55
N PRO LB 43 55.90 2.24 112.40
CA PRO LB 43 57.09 1.41 112.15
C PRO LB 43 57.88 1.77 110.91
N ALA LB 44 57.28 2.47 109.94
CA ALA LB 44 58.02 2.87 108.76
C ALA LB 44 59.12 3.88 109.06
N GLY LB 45 59.02 4.59 110.18
CA GLY LB 45 60.00 5.57 110.59
C GLY LB 45 60.90 5.13 111.73
N TYR LB 46 60.88 3.85 112.09
CA TYR LB 46 61.74 3.32 113.14
C TYR LB 46 63.21 3.42 112.74
N TRP LB 47 64.06 3.83 113.66
CA TRP LB 47 65.47 3.95 113.31
C TRP LB 47 66.14 2.58 113.42
N ARG LB 48 67.12 2.33 112.56
CA ARG LB 48 67.67 0.99 112.48
C ARG LB 48 69.18 1.03 112.55
N LEU LB 49 69.75 -0.06 113.07
CA LEU LB 49 71.19 -0.21 113.23
C LEU LB 49 71.53 -1.64 112.85
N SER LB 50 72.45 -1.81 111.91
CA SER LB 50 72.85 -3.12 111.42
C SER LB 50 74.34 -3.31 111.61
N MET LB 51 74.73 -4.47 112.14
CA MET LB 51 76.14 -4.81 112.29
C MET LB 51 76.40 -6.15 111.62
N GLN LB 52 77.47 -6.21 110.82
CA GLN LB 52 77.75 -7.37 109.98
C GLN LB 52 79.21 -7.77 110.13
N LEU LB 53 79.45 -9.07 110.33
CA LEU LB 53 80.79 -9.64 110.47
C LEU LB 53 80.93 -10.78 109.47
N VAL LB 54 81.75 -10.57 108.44
CA VAL LB 54 81.98 -11.55 107.39
C VAL LB 54 83.38 -12.11 107.58
N ARG LB 55 83.43 -13.32 108.14
CA ARG LB 55 84.63 -14.14 108.28
C ARG LB 55 84.85 -14.97 107.02
N PRO LB 56 86.09 -15.08 106.56
CA PRO LB 56 86.36 -16.03 105.49
C PRO LB 56 86.29 -17.47 105.98
N ALA LB 57 86.11 -18.40 105.04
CA ALA LB 57 85.91 -19.80 105.40
C ALA LB 57 87.17 -20.39 105.99
N PRO LB 58 87.07 -21.25 107.01
CA PRO LB 58 88.29 -21.79 107.64
C PRO LB 58 89.13 -22.62 106.68
N ALA LB 59 90.41 -22.26 106.57
CA ALA LB 59 91.32 -22.97 105.70
C ALA LB 59 92.76 -22.80 106.18
N THR LB 65 95.86 -16.97 99.62
CA THR LB 65 95.47 -17.18 101.02
C THR LB 65 96.06 -16.13 101.97
N ASN LB 66 96.94 -15.28 101.46
CA ASN LB 66 97.30 -14.06 102.16
C ASN LB 66 96.44 -12.88 101.73
N GLN LB 67 95.41 -13.14 100.93
CA GLN LB 67 94.40 -12.15 100.57
C GLN LB 67 93.07 -12.51 101.21
N ARG LB 68 93.10 -12.98 102.45
CA ARG LB 68 91.89 -13.37 103.17
C ARG LB 68 91.60 -12.26 104.16
N MET LB 69 90.44 -11.63 104.03
CA MET LB 69 90.18 -10.44 104.80
C MET LB 69 88.82 -10.56 105.47
N ILE LB 70 88.77 -10.19 106.74
CA ILE LB 70 87.56 -10.13 107.52
C ILE LB 70 86.94 -8.76 107.33
N ARG LB 71 85.64 -8.72 107.08
CA ARG LB 71 84.96 -7.43 106.91
C ARG LB 71 83.94 -7.21 108.01
N VAL LB 72 83.80 -5.95 108.43
CA VAL LB 72 82.82 -5.57 109.44
C VAL LB 72 82.12 -4.31 108.95
N ARG LB 73 80.79 -4.34 108.90
CA ARG LB 73 80.00 -3.21 108.42
C ARG LB 73 79.00 -2.81 109.48
N VAL LB 74 79.05 -1.54 109.89
CA VAL LB 74 78.09 -0.95 110.82
C VAL LB 74 77.32 0.13 110.07
N SER LB 75 76.00 0.04 110.10
CA SER LB 75 75.15 0.93 109.31
C SER LB 75 74.03 1.46 110.19
N THR LB 76 73.77 2.77 110.10
CA THR LB 76 72.70 3.40 110.87
C THR LB 76 71.77 4.16 109.92
N PHE LB 77 70.47 3.89 110.04
CA PHE LB 77 69.45 4.53 109.24
C PHE LB 77 68.51 5.29 110.17
N GLU LB 78 68.26 6.56 109.87
CA GLU LB 78 67.39 7.42 110.68
C GLU LB 78 66.32 8.08 109.82
N PRO LB 79 65.35 7.31 109.34
CA PRO LB 79 64.32 7.89 108.48
C PRO LB 79 63.46 8.91 109.24
N ILE LB 80 63.02 9.94 108.51
CA ILE LB 80 62.20 11.01 109.05
C ILE LB 80 60.84 10.96 108.39
N LEU LB 81 59.79 10.73 109.18
CA LEU LB 81 58.45 10.60 108.63
C LEU LB 81 57.85 11.98 108.35
N GLU LB 82 56.90 12.02 107.43
CA GLU LB 82 56.13 13.23 107.18
C GLU LB 82 55.12 13.45 108.29
N VAL LB 83 54.87 14.72 108.62
CA VAL LB 83 53.97 15.05 109.71
C VAL LB 83 52.53 14.75 109.31
N ALA LB 84 51.70 14.43 110.31
CA ALA LB 84 50.29 14.16 110.05
C ALA LB 84 49.65 15.31 109.28
N VAL LB 85 48.78 14.95 108.31
CA VAL LB 85 48.16 15.93 107.43
C VAL LB 85 46.93 16.53 108.10
N THR LB 86 46.71 17.82 107.84
CA THR LB 86 45.52 18.52 108.33
C THR LB 86 44.41 18.53 107.31
N ALA LB 87 44.74 18.34 106.03
CA ALA LB 87 43.75 18.37 104.98
C ALA LB 87 44.34 17.76 103.71
N THR LB 88 43.57 16.93 103.04
CA THR LB 88 43.96 16.39 101.74
C THR LB 88 42.83 16.60 100.75
N TYR LB 89 43.06 16.22 99.50
CA TYR LB 89 42.06 16.52 98.47
C TYR LB 89 40.79 15.70 98.68
N SER LB 90 40.93 14.49 99.19
CA SER LB 90 39.80 13.58 99.35
C SER LB 90 39.25 13.55 100.77
N GLY LB 91 40.00 14.04 101.74
CA GLY LB 91 39.55 13.99 103.13
C GLY LB 91 40.00 12.78 103.90
N ILE LB 92 40.69 11.83 103.26
CA ILE LB 92 41.25 10.66 103.93
C ILE LB 92 42.76 10.88 104.07
N ALA LB 93 43.26 10.73 105.29
CA ALA LB 93 44.67 10.96 105.54
C ALA LB 93 45.51 9.87 104.89
N PRO LB 94 46.63 10.22 104.27
CA PRO LB 94 47.47 9.21 103.61
C PRO LB 94 48.21 8.35 104.63
N SER LB 95 48.64 7.18 104.16
CA SER LB 95 49.41 6.27 104.99
C SER LB 95 50.71 6.96 105.41
N PRO LB 96 51.27 6.58 106.57
CA PRO LB 96 52.53 7.19 107.00
C PRO LB 96 53.61 6.95 105.95
N THR LB 97 54.23 8.03 105.51
CA THR LB 97 55.22 7.98 104.44
C THR LB 97 56.54 8.56 104.94
N VAL LB 98 57.62 8.09 104.34
CA VAL LB 98 58.96 8.52 104.72
C VAL LB 98 59.34 9.72 103.87
N SER LB 99 59.73 10.82 104.52
CA SER LB 99 60.09 12.03 103.80
C SER LB 99 61.49 11.94 103.20
N TYR LB 100 62.47 11.58 104.01
CA TYR LB 100 63.85 11.45 103.57
C TYR LB 100 64.60 10.62 104.59
N VAL LB 101 65.75 10.09 104.19
CA VAL LB 101 66.49 9.19 105.10
C VAL LB 101 67.97 9.54 105.14
N PRO LB 102 68.43 10.24 106.16
CA PRO LB 102 69.89 10.33 106.39
C PRO LB 102 70.41 9.01 106.93
N LYS LB 103 71.56 8.59 106.42
CA LYS LB 103 72.09 7.28 106.81
C LYS LB 103 73.61 7.31 106.77
N ALA LB 104 74.20 6.28 107.39
CA ALA LB 104 75.64 6.16 107.46
C ALA LB 104 76.06 4.70 107.37
N PHE LB 105 77.17 4.45 106.69
CA PHE LB 105 77.66 3.11 106.41
C PHE LB 105 79.17 3.12 106.64
N THR LB 106 79.66 2.28 107.56
CA THR LB 106 81.08 2.17 107.86
C THR LB 106 81.53 0.73 107.65
N GLU LB 107 82.66 0.54 106.96
CA GLU LB 107 83.18 -0.78 106.66
C GLU LB 107 84.65 -0.85 107.06
N PHE LB 108 84.98 -1.82 107.89
CA PHE LB 108 86.34 -2.14 108.26
C PHE LB 108 86.78 -3.34 107.43
N VAL LB 109 87.94 -3.22 106.80
CA VAL LB 109 88.61 -4.33 106.11
C VAL LB 109 89.82 -4.68 106.94
N LEU LB 110 89.80 -5.88 107.52
CA LEU LB 110 90.79 -6.31 108.49
C LEU LB 110 91.45 -7.59 107.98
N PRO LB 111 92.67 -7.52 107.43
CA PRO LB 111 93.33 -8.74 106.95
C PRO LB 111 93.47 -9.76 108.07
N GLU LB 112 93.41 -11.04 107.69
CA GLU LB 112 93.45 -12.11 108.68
C GLU LB 112 94.78 -12.16 109.42
N ARG LB 113 95.85 -11.64 108.81
CA ARG LB 113 97.13 -11.54 109.48
C ARG LB 113 97.20 -10.41 110.50
N ALA LB 114 96.20 -9.54 110.56
CA ALA LB 114 96.29 -8.33 111.38
C ALA LB 114 96.09 -8.66 112.84
N THR LB 115 96.93 -8.08 113.69
CA THR LB 115 96.93 -8.40 115.11
C THR LB 115 95.87 -7.58 115.85
N LEU LB 116 95.54 -8.08 117.05
CA LEU LB 116 94.57 -7.39 117.89
C LEU LB 116 94.93 -5.92 118.07
N ASP LB 117 96.22 -5.62 118.18
CA ASP LB 117 96.63 -4.23 118.32
C ASP LB 117 96.26 -3.42 117.07
N ASN LB 118 96.47 -4.00 115.88
CA ASN LB 118 96.10 -3.33 114.64
C ASN LB 118 94.60 -3.06 114.59
N ARG LB 119 93.79 -4.04 115.02
CA ARG LB 119 92.34 -3.87 114.97
C ARG LB 119 91.88 -2.79 115.95
N LYS LB 120 92.44 -2.80 117.17
CA LYS LB 120 92.10 -1.76 118.14
C LYS LB 120 92.50 -0.39 117.61
N ASP LB 121 93.67 -0.30 116.97
CA ASP LB 121 94.13 0.95 116.39
C ASP LB 121 93.15 1.47 115.34
N ILE LB 122 92.80 0.63 114.36
CA ILE LB 122 91.98 1.11 113.26
C ILE LB 122 90.59 1.50 113.76
N ARG LB 123 90.01 0.70 114.68
CA ARG LB 123 88.69 1.03 115.22
C ARG LB 123 88.72 2.36 115.96
N LYS LB 124 89.60 2.48 116.98
CA LYS LB 124 89.66 3.70 117.78
C LYS LB 124 89.93 4.92 116.89
N MET LB 125 90.87 4.79 115.96
CA MET LB 125 91.34 5.95 115.21
C MET LB 125 90.31 6.40 114.18
N HIS LB 126 89.61 5.45 113.55
CA HIS LB 126 88.56 5.84 112.62
C HIS LB 126 87.39 6.48 113.36
N ALA LB 127 86.94 5.85 114.45
CA ALA LB 127 85.87 6.44 115.25
C ALA LB 127 86.21 7.86 115.68
N LEU LB 128 87.47 8.08 116.07
CA LEU LB 128 87.91 9.43 116.40
C LEU LB 128 87.89 10.33 115.16
N ALA LB 129 88.32 9.81 114.01
CA ALA LB 129 88.36 10.59 112.78
C ALA LB 129 86.98 11.10 112.39
N LEU LB 130 85.92 10.42 112.84
CA LEU LB 130 84.57 10.90 112.61
C LEU LB 130 84.17 12.05 113.54
N THR LB 131 84.97 12.36 114.56
CA THR LB 131 84.62 13.40 115.51
C THR LB 131 85.57 14.60 115.48
N THR LB 132 86.49 14.63 114.51
CA THR LB 132 87.40 15.76 114.37
C THR LB 132 86.63 17.03 114.00
N SER LB 133 87.26 18.19 114.25
CA SER LB 133 86.62 19.45 113.90
C SER LB 133 86.35 19.52 112.40
N GLU LB 134 87.25 18.96 111.59
CA GLU LB 134 87.04 18.91 110.14
C GLU LB 134 85.85 18.02 109.79
N ALA LB 135 85.75 16.85 110.41
CA ALA LB 135 84.62 15.96 110.15
C ALA LB 135 83.30 16.62 110.55
N ILE LB 136 83.30 17.34 111.67
CA ILE LB 136 82.07 17.99 112.11
C ILE LB 136 81.70 19.12 111.16
N ALA LB 137 82.70 19.86 110.68
CA ALA LB 137 82.43 20.92 109.72
C ALA LB 137 81.88 20.37 108.41
N MET LB 138 82.38 19.21 107.98
CA MET LB 138 81.93 18.64 106.71
C MET LB 138 80.54 18.03 106.82
N ILE LB 139 80.27 17.28 107.88
CA ILE LB 139 79.00 16.56 107.97
C ILE LB 139 77.88 17.47 108.47
N GLU LB 140 78.16 18.34 109.44
CA GLU LB 140 77.11 19.15 110.02
C GLU LB 140 76.93 20.49 109.31
N SER LB 141 78.03 21.19 109.05
CA SER LB 141 77.99 22.51 108.44
C SER LB 141 78.21 22.47 106.94
N LEU LB 142 78.60 21.32 106.40
CA LEU LB 142 78.71 21.15 104.95
C LEU LB 142 79.77 22.08 104.37
N GLN LB 143 80.97 22.02 104.95
CA GLN LB 143 82.09 22.85 104.52
C GLN LB 143 83.29 21.96 104.19
N PHE LB 144 83.96 22.28 103.10
CA PHE LB 144 85.17 21.56 102.71
C PHE LB 144 86.38 22.25 103.32
N VAL LB 145 87.55 21.60 103.21
CA VAL LB 145 88.82 22.16 103.69
C VAL LB 145 89.58 22.76 102.51
N TYR LB 146 90.16 23.93 102.74
CA TYR LB 146 90.79 24.70 101.66
C TYR LB 146 92.24 25.09 102.00
N PRO MB 1 71.01 -27.19 123.96
CA PRO MB 1 71.87 -26.40 124.84
C PRO MB 1 72.19 -25.03 124.27
N GLN MB 2 72.54 -24.08 125.13
CA GLN MB 2 72.86 -22.75 124.66
C GLN MB 2 74.30 -22.72 124.14
N ALA MB 3 74.60 -21.68 123.35
CA ALA MB 3 75.96 -21.48 122.90
C ALA MB 3 76.82 -21.04 124.08
N ALA MB 4 77.83 -21.83 124.41
CA ALA MB 4 78.72 -21.53 125.52
C ALA MB 4 80.16 -21.84 125.12
N ASP MB 5 81.10 -21.34 125.91
CA ASP MB 5 82.51 -21.66 125.70
C ASP MB 5 82.70 -23.17 125.79
N ILE MB 6 83.62 -23.68 124.98
CA ILE MB 6 83.99 -25.10 125.00
C ILE MB 6 85.47 -25.15 125.34
N VAL MB 7 85.83 -25.84 126.41
CA VAL MB 7 87.22 -25.86 126.87
C VAL MB 7 87.80 -27.24 126.66
N ILE MB 8 88.92 -27.29 125.94
CA ILE MB 8 89.57 -28.55 125.55
C ILE MB 8 91.05 -28.47 125.90
N ALA MB 9 91.58 -29.56 126.46
CA ALA MB 9 92.95 -29.57 126.97
C ALA MB 9 93.97 -29.82 125.88
N ASP MB 10 95.12 -29.16 126.00
CA ASP MB 10 96.24 -29.36 125.12
C ASP MB 10 96.88 -30.72 125.37
N ALA MB 11 97.80 -31.10 124.48
CA ALA MB 11 98.60 -32.31 124.67
C ALA MB 11 100.04 -32.00 125.05
N GLN MB 12 100.28 -30.86 125.69
CA GLN MB 12 101.61 -30.51 126.13
C GLN MB 12 101.99 -31.32 127.37
N ALA MB 13 103.28 -31.23 127.74
CA ALA MB 13 103.75 -31.86 128.98
C ALA MB 13 102.89 -31.45 130.16
N THR MB 14 102.74 -30.14 130.36
CA THR MB 14 101.73 -29.62 131.26
C THR MB 14 100.58 -29.11 130.41
N PRO MB 15 99.47 -29.84 130.32
CA PRO MB 15 98.41 -29.44 129.38
C PRO MB 15 97.91 -28.04 129.63
N VAL MB 16 97.58 -27.35 128.53
CA VAL MB 16 97.07 -25.98 128.56
C VAL MB 16 95.64 -25.99 128.05
N ASN MB 17 94.73 -25.38 128.80
CA ASN MB 17 93.33 -25.33 128.40
C ASN MB 17 93.14 -24.31 127.29
N HIS MB 18 92.61 -24.75 126.15
CA HIS MB 18 92.21 -23.85 125.08
C HIS MB 18 90.71 -23.64 125.18
N THR MB 19 90.30 -22.37 125.21
CA THR MB 19 88.90 -22.00 125.35
C THR MB 19 88.37 -21.53 124.00
N PHE MB 20 87.40 -22.29 123.45
CA PHE MB 20 86.76 -21.97 122.18
C PHE MB 20 85.47 -21.19 122.47
N VAL MB 21 85.53 -19.88 122.22
CA VAL MB 21 84.41 -18.96 122.40
C VAL MB 21 83.49 -19.13 121.20
N PRO MB 22 82.17 -19.16 121.37
CA PRO MB 22 81.29 -19.28 120.20
C PRO MB 22 81.37 -18.06 119.31
N ILE MB 23 81.67 -18.27 118.02
CA ILE MB 23 81.60 -17.21 117.02
C ILE MB 23 80.17 -17.06 116.53
N GLY MB 24 79.46 -18.17 116.36
CA GLY MB 24 78.09 -18.08 115.92
C GLY MB 24 77.79 -19.09 114.84
N PRO MB 25 76.59 -19.02 114.28
CA PRO MB 25 76.23 -19.93 113.21
C PRO MB 25 76.98 -19.60 111.93
N ASP MB 26 77.08 -20.62 111.10
CA ASP MB 26 77.79 -20.47 109.84
C ASP MB 26 77.04 -19.49 108.94
N PRO MB 27 77.74 -18.68 108.14
CA PRO MB 27 77.05 -17.68 107.31
C PRO MB 27 76.12 -18.29 106.28
N LYS MB 28 76.52 -19.40 105.69
CA LYS MB 28 75.82 -19.97 104.55
C LYS MB 28 74.98 -21.20 104.89
N ASP MB 29 75.27 -21.87 106.00
CA ASP MB 29 74.50 -23.04 106.44
C ASP MB 29 74.04 -22.81 107.87
N ALA MB 30 72.73 -22.86 108.08
CA ALA MB 30 72.11 -22.63 109.37
C ALA MB 30 72.18 -23.84 110.27
N THR MB 31 72.80 -24.93 109.82
CA THR MB 31 72.86 -26.18 110.58
C THR MB 31 74.23 -26.45 111.17
N ILE MB 32 75.17 -25.53 111.02
CA ILE MB 32 76.53 -25.73 111.52
C ILE MB 32 76.92 -24.48 112.30
N TYR MB 33 77.49 -24.68 113.49
CA TYR MB 33 77.81 -23.64 114.45
C TYR MB 33 79.30 -23.66 114.74
N TRP MB 34 79.85 -22.48 115.08
CA TRP MB 34 81.29 -22.24 115.10
C TRP MB 34 81.75 -21.63 116.41
N TRP MB 35 82.73 -22.29 117.04
CA TRP MB 35 83.52 -21.81 118.16
C TRP MB 35 84.97 -21.62 117.70
N GLU MB 36 85.69 -20.75 118.40
CA GLU MB 36 87.04 -20.34 118.00
C GLU MB 36 87.93 -20.10 119.22
N ASP MB 37 89.14 -20.64 119.17
CA ASP MB 37 90.21 -20.40 120.13
C ASP MB 37 91.08 -19.26 119.59
N GLN MB 38 90.91 -18.09 120.21
CA GLN MB 38 91.48 -16.82 119.77
C GLN MB 38 92.75 -16.46 120.51
N SER MB 39 93.43 -17.45 121.08
CA SER MB 39 94.62 -17.20 121.89
C SER MB 39 95.88 -17.06 121.05
N GLN MB 40 95.81 -17.44 119.77
CA GLN MB 40 96.98 -17.52 118.92
C GLN MB 40 97.45 -16.12 118.53
N ALA MB 41 98.50 -16.05 117.70
CA ALA MB 41 99.21 -14.78 117.51
C ALA MB 41 98.43 -13.80 116.63
N SER MB 42 97.79 -14.28 115.57
CA SER MB 42 96.90 -13.50 114.73
C SER MB 42 95.76 -14.41 114.32
N PRO MB 43 94.62 -13.86 113.87
CA PRO MB 43 93.48 -14.71 113.52
C PRO MB 43 93.81 -15.83 112.53
N ALA MB 44 94.81 -15.62 111.66
CA ALA MB 44 95.21 -16.64 110.71
C ALA MB 44 95.57 -17.94 111.41
N GLY MB 45 96.07 -17.86 112.64
CA GLY MB 45 96.44 -19.00 113.43
C GLY MB 45 95.45 -19.43 114.49
N TYR MB 46 94.28 -18.79 114.58
CA TYR MB 46 93.28 -19.20 115.56
C TYR MB 46 92.79 -20.62 115.27
N TRP MB 47 92.41 -21.35 116.32
CA TRP MB 47 91.91 -22.72 116.12
C TRP MB 47 90.39 -22.73 116.14
N ARG MB 48 89.79 -23.53 115.27
CA ARG MB 48 88.35 -23.46 115.10
C ARG MB 48 87.71 -24.82 115.32
N LEU MB 49 86.49 -24.80 115.84
CA LEU MB 49 85.70 -26.00 116.10
C LEU MB 49 84.29 -25.76 115.56
N SER MB 50 83.75 -26.72 114.84
CA SER MB 50 82.44 -26.59 114.19
C SER MB 50 81.62 -27.85 114.46
N MET MB 51 80.35 -27.65 114.80
CA MET MB 51 79.44 -28.77 115.04
C MET MB 51 78.18 -28.59 114.19
N GLN MB 52 77.76 -29.66 113.53
CA GLN MB 52 76.66 -29.62 112.58
C GLN MB 52 75.68 -30.75 112.81
N LEU MB 53 74.40 -30.42 112.89
CA LEU MB 53 73.32 -31.40 113.03
C LEU MB 53 72.38 -31.22 111.86
N VAL MB 54 72.24 -32.27 111.04
CA VAL MB 54 71.37 -32.27 109.88
C VAL MB 54 70.29 -33.30 110.12
N ARG MB 55 69.08 -32.82 110.38
CA ARG MB 55 67.83 -33.52 110.62
C ARG MB 55 67.06 -33.64 109.31
N PRO MB 56 66.31 -34.73 109.12
CA PRO MB 56 65.47 -34.84 107.93
C PRO MB 56 64.16 -34.09 108.10
N ALA MB 57 63.49 -33.86 106.96
CA ALA MB 57 62.21 -33.18 106.99
C ALA MB 57 61.21 -34.02 107.79
N PRO MB 58 60.25 -33.37 108.47
CA PRO MB 58 59.38 -34.11 109.39
C PRO MB 58 58.61 -35.22 108.67
N ALA MB 59 58.34 -36.29 109.42
CA ALA MB 59 57.73 -37.46 108.83
C ALA MB 59 56.29 -37.19 108.45
N LYS MB 60 55.85 -37.77 107.34
CA LYS MB 60 54.48 -37.64 106.89
C LYS MB 60 53.64 -38.81 107.40
N ALA MB 61 52.33 -38.57 107.47
CA ALA MB 61 51.43 -39.59 108.00
C ALA MB 61 51.43 -40.82 107.10
N GLY MB 62 51.67 -41.98 107.69
CA GLY MB 62 51.75 -43.21 106.94
C GLY MB 62 53.04 -43.42 106.17
N GLN MB 63 53.94 -42.45 106.16
CA GLN MB 63 55.21 -42.60 105.44
C GLN MB 63 56.11 -43.61 106.16
N ASN MB 64 56.88 -44.35 105.37
CA ASN MB 64 57.80 -45.35 105.91
C ASN MB 64 59.13 -44.66 106.23
N THR MB 65 59.58 -44.77 107.48
CA THR MB 65 60.70 -43.99 107.97
C THR MB 65 62.02 -44.77 108.01
N ASN MB 66 62.05 -45.99 107.47
CA ASN MB 66 63.28 -46.77 107.71
C ASN MB 66 64.39 -46.34 106.85
N GLN MB 67 64.24 -45.26 106.07
CA GLN MB 67 65.37 -44.77 105.30
C GLN MB 67 65.83 -43.37 105.70
N ARG MB 68 65.11 -42.68 106.59
CA ARG MB 68 65.48 -41.32 106.97
C ARG MB 68 66.61 -41.39 107.97
N MET MB 69 67.55 -40.44 107.89
CA MET MB 69 68.76 -40.49 108.71
C MET MB 69 69.16 -39.09 109.14
N ILE MB 70 69.84 -39.04 110.29
CA ILE MB 70 70.34 -37.83 110.92
C ILE MB 70 71.86 -37.86 110.87
N ARG MB 71 72.46 -36.73 110.53
CA ARG MB 71 73.92 -36.66 110.45
C ARG MB 71 74.46 -35.63 111.44
N VAL MB 72 75.57 -35.96 112.07
CA VAL MB 72 76.26 -35.05 112.99
C VAL MB 72 77.72 -34.97 112.55
N ARG MB 73 78.23 -33.76 112.37
CA ARG MB 73 79.61 -33.56 111.94
C ARG MB 73 80.32 -32.63 112.91
N VAL MB 74 81.43 -33.09 113.47
CA VAL MB 74 82.30 -32.29 114.31
C VAL MB 74 83.61 -32.09 113.57
N SER MB 75 84.15 -30.88 113.60
CA SER MB 75 85.33 -30.57 112.82
C SER MB 75 86.24 -29.64 113.61
N THR MB 76 87.53 -29.96 113.64
CA THR MB 76 88.51 -29.14 114.34
C THR MB 76 89.64 -28.77 113.40
N PHE MB 77 90.01 -27.50 113.39
CA PHE MB 77 91.06 -26.96 112.55
C PHE MB 77 92.10 -26.30 113.44
N GLU MB 78 93.36 -26.71 113.30
CA GLU MB 78 94.46 -26.20 114.13
C GLU MB 78 95.61 -25.70 113.26
N PRO MB 79 95.44 -24.57 112.59
CA PRO MB 79 96.52 -24.04 111.76
C PRO MB 79 97.75 -23.67 112.59
N ILE MB 80 98.92 -23.91 112.02
CA ILE MB 80 100.20 -23.61 112.64
C ILE MB 80 100.86 -22.48 111.86
N LEU MB 81 101.39 -21.49 112.58
CA LEU MB 81 101.99 -20.34 111.93
C LEU MB 81 103.50 -20.51 111.78
N GLU MB 82 104.08 -19.63 110.97
CA GLU MB 82 105.51 -19.50 110.79
C GLU MB 82 105.82 -18.01 110.60
N VAL MB 83 107.06 -17.64 110.92
CA VAL MB 83 107.51 -16.25 110.85
C VAL MB 83 108.82 -16.19 110.08
N ALA MB 84 109.02 -15.10 109.33
CA ALA MB 84 110.22 -14.93 108.53
C ALA MB 84 111.42 -14.44 109.34
N VAL MB 85 111.18 -13.76 110.46
CA VAL MB 85 112.26 -13.25 111.31
C VAL MB 85 111.71 -13.10 112.73
N THR MB 86 112.58 -13.31 113.72
CA THR MB 86 112.13 -13.48 115.09
C THR MB 86 112.28 -12.24 115.97
N ALA MB 87 112.82 -11.14 115.45
CA ALA MB 87 112.99 -9.93 116.24
C ALA MB 87 112.15 -8.80 115.67
N THR MB 88 112.22 -7.65 116.31
CA THR MB 88 111.55 -6.45 115.87
C THR MB 88 112.58 -5.36 115.60
N TYR MB 89 112.44 -4.71 114.45
CA TYR MB 89 113.37 -3.65 114.03
C TYR MB 89 112.59 -2.36 113.89
N SER MB 90 113.05 -1.30 114.57
CA SER MB 90 112.51 0.05 114.39
C SER MB 90 110.97 0.04 114.49
N GLY MB 91 110.47 -0.71 115.48
CA GLY MB 91 109.05 -0.80 115.72
C GLY MB 91 108.28 -1.67 114.77
N ILE MB 92 108.92 -2.37 113.85
CA ILE MB 92 108.23 -3.24 112.90
C ILE MB 92 108.24 -4.65 113.47
N ALA MB 93 107.06 -5.16 113.80
CA ALA MB 93 107.13 -6.51 114.37
C ALA MB 93 107.02 -7.57 113.27
N PRO MB 94 107.52 -8.76 113.54
CA PRO MB 94 107.31 -9.86 112.61
C PRO MB 94 105.84 -10.23 112.52
N SER MB 95 105.37 -10.44 111.30
CA SER MB 95 103.97 -10.78 111.06
C SER MB 95 103.90 -12.21 110.55
N PRO MB 96 103.34 -13.13 111.32
CA PRO MB 96 103.35 -14.55 110.91
C PRO MB 96 102.32 -14.85 109.86
N THR MB 97 102.61 -15.89 109.06
CA THR MB 97 101.67 -16.44 108.10
C THR MB 97 101.39 -17.89 108.46
N VAL MB 98 100.36 -18.45 107.82
CA VAL MB 98 100.05 -19.85 108.05
C VAL MB 98 101.07 -20.71 107.34
N SER MB 99 101.53 -21.76 108.03
CA SER MB 99 102.52 -22.69 107.49
C SER MB 99 101.89 -23.99 107.01
N TYR MB 100 101.01 -24.58 107.81
CA TYR MB 100 100.28 -25.78 107.43
C TYR MB 100 99.08 -25.90 108.36
N VAL MB 101 98.10 -26.70 107.95
CA VAL MB 101 96.90 -26.83 108.77
C VAL MB 101 96.55 -28.30 108.99
N PRO MB 102 96.91 -28.87 110.13
CA PRO MB 102 96.33 -30.16 110.52
C PRO MB 102 94.88 -29.99 110.94
N LYS MB 103 94.05 -30.97 110.57
CA LYS MB 103 92.64 -30.84 110.85
C LYS MB 103 92.02 -32.23 111.01
N ALA MB 104 90.81 -32.25 111.57
CA ALA MB 104 90.11 -33.50 111.80
C ALA MB 104 88.62 -33.30 111.56
N PHE MB 105 87.99 -34.32 110.99
CA PHE MB 105 86.59 -34.28 110.58
C PHE MB 105 85.95 -35.60 110.99
N THR MB 106 84.90 -35.55 111.81
CA THR MB 106 84.16 -36.73 112.27
C THR MB 106 82.69 -36.60 111.88
N GLU MB 107 82.12 -37.68 111.36
CA GLU MB 107 80.73 -37.72 110.93
C GLU MB 107 80.04 -38.95 111.51
N PHE MB 108 78.97 -38.71 112.24
CA PHE MB 108 78.07 -39.75 112.72
C PHE MB 108 76.87 -39.82 111.79
N VAL MB 109 76.56 -41.01 111.32
CA VAL MB 109 75.34 -41.31 110.59
C VAL MB 109 74.45 -42.11 111.53
N LEU MB 110 73.40 -41.47 112.02
CA LEU MB 110 72.46 -42.06 112.97
C LEU MB 110 71.11 -42.21 112.29
N PRO MB 111 70.70 -43.41 111.92
CA PRO MB 111 69.36 -43.58 111.34
C PRO MB 111 68.29 -43.16 112.33
N GLU MB 112 67.27 -42.48 111.81
CA GLU MB 112 66.26 -41.87 112.68
C GLU MB 112 65.56 -42.89 113.56
N ARG MB 113 65.44 -44.14 113.11
CA ARG MB 113 64.79 -45.16 113.91
C ARG MB 113 65.67 -45.70 115.04
N ALA MB 114 66.87 -45.18 115.24
CA ALA MB 114 67.77 -45.79 116.20
C ALA MB 114 67.40 -45.39 117.62
N THR MB 115 67.75 -46.26 118.56
CA THR MB 115 67.46 -46.04 119.97
C THR MB 115 68.47 -45.07 120.58
N LEU MB 116 68.04 -44.37 121.63
CA LEU MB 116 68.97 -43.62 122.46
C LEU MB 116 70.16 -44.48 122.86
N ASP MB 117 69.90 -45.76 123.14
CA ASP MB 117 71.00 -46.65 123.49
C ASP MB 117 71.96 -46.83 122.34
N ASN MB 118 71.43 -47.00 121.11
CA ASN MB 118 72.30 -47.12 119.94
C ASN MB 118 73.17 -45.88 119.77
N ARG MB 119 72.57 -44.70 120.00
CA ARG MB 119 73.32 -43.45 119.82
C ARG MB 119 74.41 -43.31 120.88
N LYS MB 120 74.09 -43.60 122.14
CA LYS MB 120 75.10 -43.57 123.19
C LYS MB 120 76.22 -44.55 122.89
N ASP MB 121 75.86 -45.74 122.38
CA ASP MB 121 76.84 -46.75 122.01
C ASP MB 121 77.81 -46.21 120.95
N ILE MB 122 77.27 -45.72 119.83
CA ILE MB 122 78.12 -45.31 118.73
C ILE MB 122 79.00 -44.13 119.14
N ARG MB 123 78.44 -43.16 119.88
CA ARG MB 123 79.22 -42.02 120.33
C ARG MB 123 80.37 -42.46 121.24
N LYS MB 124 80.05 -43.14 122.34
CA LYS MB 124 81.08 -43.55 123.29
C LYS MB 124 82.13 -44.41 122.62
N MET MB 125 81.71 -45.37 121.82
CA MET MB 125 82.63 -46.36 121.30
C MET MB 125 83.54 -45.78 120.23
N HIS MB 126 83.02 -44.87 119.39
CA HIS MB 126 83.90 -44.21 118.43
C HIS MB 126 84.89 -43.29 119.14
N ALA MB 127 84.41 -42.48 120.09
CA ALA MB 127 85.32 -41.62 120.84
C ALA MB 127 86.42 -42.43 121.50
N LEU MB 128 86.09 -43.61 122.01
CA LEU MB 128 87.10 -44.48 122.59
C LEU MB 128 88.02 -45.04 121.53
N ALA MB 129 87.48 -45.39 120.36
CA ALA MB 129 88.31 -45.95 119.28
C ALA MB 129 89.35 -44.95 118.82
N LEU MB 130 89.09 -43.65 119.02
CA LEU MB 130 90.11 -42.64 118.71
C LEU MB 130 91.24 -42.60 119.73
N THR MB 131 91.11 -43.28 120.88
CA THR MB 131 92.13 -43.24 121.92
C THR MB 131 92.81 -44.57 122.14
N THR MB 132 92.50 -45.58 121.33
CA THR MB 132 93.14 -46.89 121.45
C THR MB 132 94.63 -46.78 121.16
N SER MB 133 95.40 -47.74 121.69
CA SER MB 133 96.84 -47.74 121.45
C SER MB 133 97.16 -47.78 119.96
N GLU MB 134 96.34 -48.51 119.19
CA GLU MB 134 96.51 -48.56 117.74
C GLU MB 134 96.25 -47.20 117.10
N ALA MB 135 95.17 -46.53 117.51
CA ALA MB 135 94.88 -45.20 116.98
C ALA MB 135 96.01 -44.22 117.32
N ILE MB 136 96.56 -44.31 118.52
CA ILE MB 136 97.64 -43.42 118.91
C ILE MB 136 98.89 -43.73 118.09
N ALA MB 137 99.18 -45.01 117.89
CA ALA MB 137 100.34 -45.38 117.06
C ALA MB 137 100.18 -44.92 115.62
N MET MB 138 98.95 -44.89 115.10
CA MET MB 138 98.77 -44.50 113.70
C MET MB 138 98.76 -42.98 113.53
N ILE MB 139 98.14 -42.24 114.43
CA ILE MB 139 98.03 -40.80 114.27
C ILE MB 139 99.27 -40.07 114.77
N GLU MB 140 99.81 -40.47 115.93
CA GLU MB 140 100.94 -39.78 116.51
C GLU MB 140 102.27 -40.35 116.01
N SER MB 141 102.41 -41.67 116.04
CA SER MB 141 103.65 -42.33 115.66
C SER MB 141 103.72 -42.69 114.19
N LEU MB 142 102.61 -42.62 113.46
CA LEU MB 142 102.60 -42.83 112.01
C LEU MB 142 103.08 -44.24 111.65
N GLN MB 143 102.58 -45.23 112.38
CA GLN MB 143 102.90 -46.63 112.14
C GLN MB 143 101.62 -47.42 111.96
N PHE MB 144 101.53 -48.16 110.86
CA PHE MB 144 100.39 -49.02 110.58
C PHE MB 144 100.52 -50.33 111.38
N VAL MB 145 99.49 -51.16 111.29
CA VAL MB 145 99.47 -52.46 111.97
C VAL MB 145 99.85 -53.55 110.96
N TYR MB 146 100.80 -54.40 111.34
CA TYR MB 146 101.32 -55.44 110.45
C TYR MB 146 101.20 -56.84 111.07
N PRO NB 1 64.10 -11.32 121.72
CA PRO NB 1 64.23 -12.34 122.78
C PRO NB 1 65.09 -13.51 122.34
N GLN NB 2 66.11 -13.87 123.12
CA GLN NB 2 66.94 -15.00 122.74
C GLN NB 2 66.11 -16.29 122.81
N ALA NB 3 66.42 -17.23 121.93
CA ALA NB 3 65.67 -18.47 121.89
C ALA NB 3 65.90 -19.26 123.18
N ALA NB 4 64.80 -19.77 123.75
CA ALA NB 4 64.90 -20.62 124.93
C ALA NB 4 63.76 -21.63 124.91
N ASP NB 5 63.82 -22.59 125.83
CA ASP NB 5 62.80 -23.62 125.93
C ASP NB 5 61.42 -22.98 126.07
N ILE NB 6 60.42 -23.58 125.42
CA ILE NB 6 59.04 -23.14 125.53
C ILE NB 6 58.26 -24.26 126.19
N VAL NB 7 57.66 -24.00 127.35
CA VAL NB 7 56.98 -25.04 128.12
C VAL NB 7 55.48 -24.79 128.06
N ILE NB 8 54.74 -25.79 127.60
CA ILE NB 8 53.30 -25.70 127.39
C ILE NB 8 52.63 -26.88 128.08
N ALA NB 9 51.53 -26.61 128.78
CA ALA NB 9 50.88 -27.65 129.57
C ALA NB 9 50.02 -28.56 128.70
N ASP NB 10 49.96 -29.83 129.09
CA ASP NB 10 49.10 -30.81 128.43
C ASP NB 10 47.63 -30.53 128.76
N ALA NB 11 46.75 -31.36 128.22
CA ALA NB 11 45.32 -31.30 128.55
C ALA NB 11 44.86 -32.55 129.29
N GLN NB 12 45.76 -33.23 129.99
CA GLN NB 12 45.39 -34.45 130.68
C GLN NB 12 44.66 -34.14 131.98
N ALA NB 13 44.15 -35.20 132.61
CA ALA NB 13 43.54 -35.07 133.93
C ALA NB 13 44.44 -34.29 134.87
N THR NB 14 45.67 -34.77 135.06
CA THR NB 14 46.70 -33.95 135.66
C THR NB 14 47.58 -33.43 134.53
N PRO NB 15 47.51 -32.14 134.20
CA PRO NB 15 48.30 -31.62 133.09
C PRO NB 15 49.78 -31.96 133.22
N VAL NB 16 50.38 -32.33 132.09
CA VAL NB 16 51.80 -32.70 132.01
C VAL NB 16 52.52 -31.67 131.14
N ASN NB 17 53.59 -31.09 131.69
CA ASN NB 17 54.31 -30.07 130.96
C ASN NB 17 55.13 -30.67 129.83
N HIS NB 18 54.97 -30.14 128.63
CA HIS NB 18 55.80 -30.49 127.48
C HIS NB 18 56.81 -29.37 127.26
N THR NB 19 58.08 -29.73 127.19
CA THR NB 19 59.16 -28.77 126.99
C THR NB 19 59.64 -28.84 125.55
N PHE NB 20 59.51 -27.74 124.82
CA PHE NB 20 59.95 -27.61 123.43
C PHE NB 20 61.31 -26.94 123.41
N VAL NB 21 62.35 -27.72 123.16
CA VAL NB 21 63.72 -27.24 123.05
C VAL NB 21 63.87 -26.63 121.65
N PRO NB 22 64.48 -25.45 121.51
CA PRO NB 22 64.67 -24.90 120.16
C PRO NB 22 65.60 -25.78 119.32
N ILE NB 23 65.13 -26.10 118.11
CA ILE NB 23 65.99 -26.68 117.09
C ILE NB 23 66.72 -25.59 116.32
N GLY NB 24 66.09 -24.46 116.13
CA GLY NB 24 66.73 -23.38 115.42
C GLY NB 24 65.95 -22.93 114.20
N PRO NB 25 66.53 -22.04 113.41
CA PRO NB 25 65.82 -21.53 112.24
C PRO NB 25 65.80 -22.57 111.13
N ASP NB 26 64.71 -22.55 110.37
CA ASP NB 26 64.57 -23.44 109.24
C ASP NB 26 65.68 -23.14 108.23
N PRO NB 27 66.47 -24.14 107.82
CA PRO NB 27 67.51 -23.86 106.82
C PRO NB 27 66.94 -23.39 105.49
N LYS NB 28 65.73 -23.84 105.13
CA LYS NB 28 65.13 -23.42 103.87
C LYS NB 28 64.60 -22.00 103.94
N ASP NB 29 64.05 -21.58 105.09
CA ASP NB 29 63.50 -20.25 105.28
C ASP NB 29 63.97 -19.70 106.62
N ALA NB 30 64.73 -18.61 106.58
CA ALA NB 30 65.31 -18.03 107.80
C ALA NB 30 64.30 -17.31 108.67
N THR NB 31 63.11 -17.01 108.16
CA THR NB 31 62.10 -16.26 108.91
C THR NB 31 61.21 -17.15 109.76
N ILE NB 32 61.52 -18.43 109.87
CA ILE NB 32 60.68 -19.33 110.65
C ILE NB 32 61.60 -20.15 111.56
N TYR NB 33 61.25 -20.19 112.85
CA TYR NB 33 62.06 -20.81 113.89
C TYR NB 33 61.31 -22.00 114.48
N TRP NB 34 62.07 -23.01 114.91
CA TRP NB 34 61.51 -24.31 115.28
C TRP NB 34 61.97 -24.72 116.67
N TRP NB 35 61.00 -25.10 117.51
CA TRP NB 35 61.19 -25.82 118.76
C TRP NB 35 60.59 -27.22 118.63
N GLU NB 36 61.09 -28.17 119.42
CA GLU NB 36 60.72 -29.57 119.32
C GLU NB 36 60.55 -30.17 120.71
N ASP NB 37 59.48 -30.94 120.88
CA ASP NB 37 59.21 -31.67 122.11
C ASP NB 37 59.72 -33.10 121.94
N GLN NB 38 60.79 -33.44 122.65
CA GLN NB 38 61.48 -34.71 122.46
C GLN NB 38 61.01 -35.80 123.39
N SER NB 39 59.82 -35.66 123.98
CA SER NB 39 59.35 -36.61 124.98
C SER NB 39 58.61 -37.79 124.37
N GLN NB 40 58.47 -37.84 123.06
CA GLN NB 40 57.68 -38.87 122.40
C GLN NB 40 58.51 -40.13 122.22
N ALA NB 41 57.92 -41.12 121.53
CA ALA NB 41 58.48 -42.48 121.54
C ALA NB 41 59.72 -42.60 120.67
N SER NB 42 59.74 -41.96 119.50
CA SER NB 42 60.90 -41.91 118.63
C SER NB 42 60.84 -40.63 117.84
N PRO NB 43 61.95 -40.19 117.22
CA PRO NB 43 61.99 -38.83 116.67
C PRO NB 43 60.90 -38.51 115.67
N ALA NB 44 60.50 -39.48 114.85
CA ALA NB 44 59.46 -39.21 113.85
C ALA NB 44 58.20 -38.65 114.49
N GLY NB 45 57.93 -39.00 115.75
CA GLY NB 45 56.75 -38.55 116.48
C GLY NB 45 56.96 -37.39 117.43
N TYR NB 46 58.14 -36.76 117.41
CA TYR NB 46 58.39 -35.59 118.26
C TYR NB 46 57.47 -34.44 117.87
N TRP NB 47 56.79 -33.86 118.85
CA TRP NB 47 55.93 -32.72 118.58
C TRP NB 47 56.78 -31.48 118.28
N ARG NB 48 56.28 -30.62 117.41
CA ARG NB 48 57.05 -29.46 116.99
C ARG NB 48 56.19 -28.20 117.03
N LEU NB 49 56.88 -27.08 117.17
CA LEU NB 49 56.26 -25.77 117.25
C LEU NB 49 57.10 -24.81 116.41
N SER NB 50 56.46 -23.97 115.61
CA SER NB 50 57.14 -23.09 114.68
C SER NB 50 56.56 -21.68 114.78
N MET NB 51 57.44 -20.69 114.79
CA MET NB 51 57.01 -19.29 114.81
C MET NB 51 57.73 -18.53 113.70
N GLN NB 52 56.97 -17.76 112.93
CA GLN NB 52 57.47 -17.08 111.75
C GLN NB 52 57.10 -15.61 111.77
N LEU NB 53 58.09 -14.76 111.52
CA LEU NB 53 57.90 -13.32 111.43
C LEU NB 53 58.41 -12.84 110.08
N VAL NB 54 57.52 -12.31 109.27
CA VAL NB 54 57.85 -11.82 107.93
C VAL NB 54 57.55 -10.33 107.93
N ARG NB 55 58.60 -9.53 108.07
CA ARG NB 55 58.62 -8.07 107.99
C ARG NB 55 58.97 -7.65 106.57
N PRO NB 56 58.33 -6.61 106.07
CA PRO NB 56 58.58 -6.19 104.69
C PRO NB 56 59.89 -5.43 104.57
N ALA NB 57 60.36 -5.34 103.32
CA ALA NB 57 61.56 -4.56 103.05
C ALA NB 57 61.34 -3.12 103.51
N PRO NB 58 62.38 -2.46 104.00
CA PRO NB 58 62.19 -1.17 104.66
C PRO NB 58 61.54 -0.13 103.75
N ALA NB 59 60.72 0.72 104.37
CA ALA NB 59 60.06 1.79 103.64
C ALA NB 59 61.10 2.70 102.99
N LYS NB 60 60.80 3.16 101.79
CA LYS NB 60 61.69 4.04 101.05
C LYS NB 60 61.14 5.46 101.03
N ALA NB 61 62.04 6.41 100.75
CA ALA NB 61 61.66 7.82 100.79
C ALA NB 61 60.59 8.11 99.74
N GLY NB 62 59.51 8.75 100.19
CA GLY NB 62 58.41 9.06 99.31
C GLY NB 62 57.58 7.87 98.86
N GLN NB 63 57.84 6.67 99.37
CA GLN NB 63 57.09 5.48 98.98
C GLN NB 63 55.74 5.48 99.69
N ASN NB 64 54.79 4.73 99.12
CA ASN NB 64 53.45 4.64 99.67
C ASN NB 64 53.32 3.38 100.50
N THR NB 65 52.89 3.54 101.76
CA THR NB 65 52.90 2.46 102.73
C THR NB 65 51.60 1.66 102.79
N ASN NB 66 50.52 2.15 102.18
CA ASN NB 66 49.18 1.74 102.54
C ASN NB 66 48.91 0.27 102.23
N GLN NB 67 49.86 -0.44 101.60
CA GLN NB 67 49.68 -1.86 101.36
C GLN NB 67 50.74 -2.75 101.99
N ARG NB 68 51.78 -2.19 102.58
CA ARG NB 68 52.84 -3.01 103.16
C ARG NB 68 52.33 -3.64 104.45
N MET NB 69 52.65 -4.91 104.66
CA MET NB 69 52.10 -5.66 105.79
C MET NB 69 53.10 -6.64 106.36
N ILE NB 70 52.95 -6.91 107.66
CA ILE NB 70 53.76 -7.84 108.44
C ILE NB 70 52.93 -9.07 108.73
N ARG NB 71 53.54 -10.25 108.62
CA ARG NB 71 52.83 -11.49 108.90
C ARG NB 71 53.53 -12.25 110.01
N VAL NB 72 52.74 -12.89 110.87
CA VAL NB 72 53.28 -13.75 111.93
C VAL NB 72 52.48 -15.05 111.91
N ARG NB 73 53.18 -16.19 111.82
CA ARG NB 73 52.53 -17.49 111.75
C ARG NB 73 53.07 -18.38 112.87
N VAL NB 74 52.17 -18.84 113.73
CA VAL NB 74 52.49 -19.78 114.78
C VAL NB 74 51.81 -21.11 114.45
N SER NB 75 52.59 -22.18 114.45
CA SER NB 75 52.10 -23.48 114.02
C SER NB 75 52.52 -24.55 115.03
N THR NB 76 51.60 -25.47 115.36
CA THR NB 76 51.91 -26.56 116.28
C THR NB 76 51.50 -27.89 115.65
N PHE NB 77 52.43 -28.85 115.68
CA PHE NB 77 52.22 -30.18 115.12
C PHE NB 77 52.42 -31.21 116.23
N GLU NB 78 51.42 -32.08 116.41
CA GLU NB 78 51.45 -33.10 117.45
C GLU NB 78 51.21 -34.48 116.84
N PRO NB 79 52.17 -34.97 116.05
CA PRO NB 79 51.97 -36.27 115.40
C PRO NB 79 51.87 -37.40 116.41
N ILE NB 80 50.96 -38.33 116.13
CA ILE NB 80 50.73 -39.50 116.97
C ILE NB 80 51.36 -40.70 116.29
N LEU NB 81 52.31 -41.34 116.97
CA LEU NB 81 53.01 -42.48 116.39
C LEU NB 81 52.11 -43.71 116.33
N GLU NB 82 52.23 -44.46 115.25
CA GLU NB 82 51.47 -45.70 115.13
C GLU NB 82 51.98 -46.70 116.17
N VAL NB 83 51.04 -47.44 116.78
CA VAL NB 83 51.39 -48.51 117.70
C VAL NB 83 51.42 -49.82 116.93
N ALA NB 84 52.52 -50.56 117.09
CA ALA NB 84 52.74 -51.75 116.28
C ALA NB 84 51.86 -52.90 116.74
N VAL NB 85 51.41 -53.70 115.77
CA VAL NB 85 50.80 -54.99 116.07
C VAL NB 85 51.61 -56.05 115.35
N THR NB 86 51.19 -57.31 115.46
CA THR NB 86 51.96 -58.41 114.89
C THR NB 86 51.93 -58.32 113.36
N ALA NB 87 53.11 -58.23 112.77
CA ALA NB 87 53.26 -58.25 111.32
C ALA NB 87 53.31 -59.70 110.85
N THR NB 88 52.48 -60.04 109.87
CA THR NB 88 52.29 -61.42 109.48
C THR NB 88 52.90 -61.79 108.14
N TYR NB 89 53.18 -60.81 107.27
CA TYR NB 89 53.80 -61.16 105.99
C TYR NB 89 55.27 -61.52 106.17
N SER NB 90 56.04 -60.65 106.82
CA SER NB 90 57.47 -60.87 106.97
C SER NB 90 57.89 -61.20 108.39
N GLY NB 91 57.01 -61.02 109.39
CA GLY NB 91 57.38 -61.22 110.77
C GLY NB 91 58.35 -60.19 111.29
N ILE NB 92 58.62 -59.14 110.52
CA ILE NB 92 59.54 -58.07 110.88
C ILE NB 92 58.70 -56.85 111.22
N ALA NB 93 58.77 -56.42 112.48
CA ALA NB 93 57.97 -55.28 112.92
C ALA NB 93 58.36 -54.05 112.11
N PRO NB 94 57.40 -53.18 111.81
CA PRO NB 94 57.67 -52.07 110.89
C PRO NB 94 58.42 -50.93 111.57
N SER NB 95 59.11 -50.17 110.74
CA SER NB 95 59.77 -48.95 111.20
C SER NB 95 58.74 -48.04 111.86
N PRO NB 96 59.17 -47.20 112.81
CA PRO NB 96 58.20 -46.27 113.42
C PRO NB 96 57.60 -45.38 112.36
N THR NB 97 56.28 -45.40 112.28
CA THR NB 97 55.54 -44.66 111.26
C THR NB 97 54.53 -43.74 111.95
N VAL NB 98 54.35 -42.56 111.37
CA VAL NB 98 53.39 -41.60 111.92
C VAL NB 98 52.00 -42.00 111.48
N SER NB 99 51.09 -42.15 112.46
CA SER NB 99 49.74 -42.60 112.16
C SER NB 99 48.87 -41.46 111.62
N TYR NB 100 48.82 -40.34 112.33
CA TYR NB 100 48.06 -39.18 111.89
C TYR NB 100 48.60 -37.97 112.64
N VAL NB 101 48.30 -36.78 112.11
CA VAL NB 101 48.85 -35.57 112.73
C VAL NB 101 47.77 -34.52 112.99
N PRO NB 102 47.35 -34.35 114.24
CA PRO NB 102 46.55 -33.17 114.61
C PRO NB 102 47.44 -31.93 114.61
N LYS NB 103 46.99 -30.86 113.95
CA LYS NB 103 47.86 -29.70 113.85
C LYS NB 103 47.03 -28.43 113.87
N ALA NB 104 47.71 -27.31 114.11
CA ALA NB 104 47.06 -26.01 114.15
C ALA NB 104 47.98 -24.96 113.56
N PHE NB 105 47.38 -23.99 112.88
CA PHE NB 105 48.10 -22.96 112.12
C PHE NB 105 47.39 -21.64 112.34
N THR NB 106 48.09 -20.66 112.93
CA THR NB 106 47.53 -19.34 113.19
C THR NB 106 48.37 -18.30 112.45
N GLU NB 107 47.71 -17.43 111.68
CA GLU NB 107 48.37 -16.37 110.92
C GLU NB 107 47.77 -15.02 111.31
N PHE NB 108 48.62 -14.13 111.79
CA PHE NB 108 48.29 -12.74 112.03
C PHE NB 108 48.75 -11.92 110.84
N VAL NB 109 47.84 -11.14 110.28
CA VAL NB 109 48.14 -10.13 109.27
C VAL NB 109 48.04 -8.78 109.96
N LEU NB 110 49.19 -8.15 110.18
CA LEU NB 110 49.30 -6.87 110.85
C LEU NB 110 49.83 -5.86 109.85
N PRO NB 111 49.00 -4.97 109.31
CA PRO NB 111 49.53 -3.95 108.40
C PRO NB 111 50.53 -3.05 109.13
N GLU NB 112 51.61 -2.70 108.43
CA GLU NB 112 52.69 -1.94 109.06
C GLU NB 112 52.16 -0.66 109.67
N ARG NB 113 51.21 -0.02 109.00
CA ARG NB 113 50.51 1.15 109.51
C ARG NB 113 49.95 0.98 110.92
N ALA NB 114 49.63 -0.24 111.35
CA ALA NB 114 48.88 -0.43 112.58
C ALA NB 114 49.71 -0.08 113.81
N THR NB 115 49.02 0.38 114.85
CA THR NB 115 49.67 0.79 116.08
C THR NB 115 49.92 -0.39 117.02
N LEU NB 116 50.83 -0.17 117.96
CA LEU NB 116 51.10 -1.17 118.99
C LEU NB 116 49.82 -1.59 119.69
N ASP NB 117 48.93 -0.64 119.96
CA ASP NB 117 47.66 -0.99 120.58
C ASP NB 117 46.86 -1.93 119.68
N ASN NB 118 46.83 -1.67 118.37
CA ASN NB 118 46.14 -2.56 117.44
C ASN NB 118 46.70 -3.96 117.51
N ARG NB 119 48.04 -4.09 117.55
CA ARG NB 119 48.66 -5.41 117.56
C ARG NB 119 48.37 -6.14 118.87
N LYS NB 120 48.46 -5.43 120.01
CA LYS NB 120 48.14 -6.03 121.30
C LYS NB 120 46.68 -6.49 121.32
N ASP NB 121 45.78 -5.67 120.75
CA ASP NB 121 44.37 -6.01 120.66
C ASP NB 121 44.16 -7.32 119.90
N ILE NB 122 44.70 -7.39 118.68
CA ILE NB 122 44.43 -8.56 117.85
C ILE NB 122 45.03 -9.82 118.48
N ARG NB 123 46.25 -9.72 119.02
CA ARG NB 123 46.87 -10.89 119.66
C ARG NB 123 46.03 -11.37 120.84
N LYS NB 124 45.79 -10.49 121.81
CA LYS NB 124 45.05 -10.89 123.01
C LYS NB 124 43.68 -11.44 122.66
N MET NB 125 42.96 -10.73 121.77
CA MET NB 125 41.56 -11.07 121.54
C MET NB 125 41.43 -12.36 120.76
N HIS NB 126 42.33 -12.63 119.82
CA HIS NB 126 42.29 -13.91 119.13
C HIS NB 126 42.67 -15.06 120.08
N ALA NB 127 43.76 -14.89 120.85
CA ALA NB 127 44.17 -15.92 121.80
C ALA NB 127 43.06 -16.24 122.78
N LEU NB 128 42.25 -15.25 123.12
CA LEU NB 128 41.08 -15.49 123.96
C LEU NB 128 39.97 -16.18 123.17
N ALA NB 129 39.76 -15.78 121.90
CA ALA NB 129 38.71 -16.38 121.09
C ALA NB 129 38.91 -17.87 120.91
N LEU NB 130 40.16 -18.32 120.99
CA LEU NB 130 40.42 -19.76 120.93
C LEU NB 130 40.07 -20.49 122.22
N THR NB 131 39.72 -19.79 123.29
CA THR NB 131 39.37 -20.41 124.56
C THR NB 131 37.90 -20.26 124.92
N THR NB 132 37.09 -19.68 124.04
CA THR NB 132 35.67 -19.53 124.30
C THR NB 132 34.98 -20.90 124.37
N SER NB 133 33.84 -20.92 125.06
CA SER NB 133 33.08 -22.17 125.16
C SER NB 133 32.68 -22.68 123.78
N GLU NB 134 32.40 -21.76 122.85
CA GLU NB 134 32.05 -22.13 121.49
C GLU NB 134 33.23 -22.80 120.78
N ALA NB 135 34.42 -22.22 120.90
CA ALA NB 135 35.61 -22.83 120.30
C ALA NB 135 35.90 -24.19 120.92
N ILE NB 136 35.74 -24.31 122.24
CA ILE NB 136 35.94 -25.59 122.90
C ILE NB 136 34.95 -26.63 122.38
N ALA NB 137 33.69 -26.23 122.21
CA ALA NB 137 32.67 -27.16 121.72
C ALA NB 137 32.96 -27.59 120.29
N MET NB 138 33.43 -26.68 119.44
CA MET NB 138 33.69 -27.04 118.04
C MET NB 138 34.91 -27.94 117.92
N ILE NB 139 36.01 -27.59 118.59
CA ILE NB 139 37.24 -28.34 118.39
C ILE NB 139 37.23 -29.65 119.17
N GLU NB 140 36.75 -29.64 120.41
CA GLU NB 140 36.81 -30.84 121.23
C GLU NB 140 35.59 -31.75 121.03
N SER NB 141 34.39 -31.18 121.02
CA SER NB 141 33.16 -31.95 120.96
C SER NB 141 32.52 -31.97 119.57
N LEU NB 142 33.07 -31.22 118.62
CA LEU NB 142 32.64 -31.29 117.22
C LEU NB 142 31.18 -30.86 117.06
N GLN NB 143 30.83 -29.75 117.70
CA GLN NB 143 29.47 -29.21 117.67
C GLN NB 143 29.49 -27.78 117.15
N PHE NB 144 28.59 -27.48 116.23
CA PHE NB 144 28.42 -26.14 115.70
C PHE NB 144 27.48 -25.34 116.60
N VAL NB 145 27.24 -24.08 116.24
CA VAL NB 145 26.32 -23.22 116.99
C VAL NB 145 25.07 -23.00 116.13
N TYR NB 146 23.93 -22.86 116.80
CA TYR NB 146 22.65 -22.85 116.08
C TYR NB 146 21.67 -21.81 116.61
N PRO OB 1 -46.91 -5.16 76.99
CA PRO OB 1 -48.05 -4.25 76.87
C PRO OB 1 -48.22 -3.71 75.46
N GLN OB 2 -49.44 -3.33 75.08
CA GLN OB 2 -49.66 -2.77 73.76
C GLN OB 2 -49.06 -1.38 73.65
N ALA OB 3 -48.57 -1.05 72.47
CA ALA OB 3 -47.88 0.22 72.26
C ALA OB 3 -48.87 1.37 72.20
N ALA OB 4 -48.56 2.45 72.92
CA ALA OB 4 -49.40 3.63 72.91
C ALA OB 4 -48.52 4.87 73.02
N ASP OB 5 -49.16 6.05 72.94
CA ASP OB 5 -48.45 7.32 72.96
C ASP OB 5 -47.58 7.43 74.21
N ILE OB 6 -46.41 8.04 74.04
CA ILE OB 6 -45.50 8.30 75.15
C ILE OB 6 -45.36 9.80 75.29
N VAL OB 7 -45.72 10.34 76.44
CA VAL OB 7 -45.71 11.79 76.62
C VAL OB 7 -44.61 12.18 77.60
N ILE OB 8 -43.72 13.06 77.15
CA ILE OB 8 -42.54 13.46 77.93
C ILE OB 8 -42.48 14.98 77.98
N ALA OB 9 -42.20 15.51 79.16
CA ALA OB 9 -42.22 16.95 79.37
C ALA OB 9 -40.95 17.62 78.85
N ASP OB 10 -41.12 18.84 78.35
CA ASP OB 10 -40.02 19.68 77.90
C ASP OB 10 -39.18 20.15 79.08
N ALA OB 11 -38.11 20.88 78.77
CA ALA OB 11 -37.31 21.55 79.80
C ALA OB 11 -37.38 23.07 79.64
N GLN OB 12 -38.45 23.58 79.05
CA GLN OB 12 -38.62 25.01 78.91
C GLN OB 12 -38.99 25.64 80.25
N ALA OB 13 -38.98 26.98 80.27
CA ALA OB 13 -39.43 27.73 81.44
C ALA OB 13 -40.82 27.25 81.86
N THR OB 14 -41.76 27.29 80.92
CA THR OB 14 -43.03 26.59 81.08
C THR OB 14 -42.96 25.31 80.28
N PRO OB 15 -42.81 24.15 80.91
CA PRO OB 15 -42.62 22.91 80.14
C PRO OB 15 -43.76 22.64 79.18
N VAL OB 16 -43.41 22.02 78.05
CA VAL OB 16 -44.35 21.69 76.99
C VAL OB 16 -44.33 20.18 76.77
N ASN OB 17 -45.51 19.56 76.81
CA ASN OB 17 -45.58 18.11 76.62
C ASN OB 17 -45.33 17.75 75.17
N HIS OB 18 -44.35 16.90 74.93
CA HIS OB 18 -44.12 16.31 73.61
C HIS OB 18 -44.72 14.91 73.59
N THR OB 19 -45.56 14.65 72.59
CA THR OB 19 -46.26 13.37 72.48
C THR OB 19 -45.62 12.56 71.35
N PHE OB 20 -44.98 11.45 71.72
CA PHE OB 20 -44.35 10.52 70.79
C PHE OB 20 -45.37 9.45 70.41
N VAL OB 21 -45.91 9.58 69.20
CA VAL OB 21 -46.86 8.60 68.66
C VAL OB 21 -46.10 7.35 68.26
N PRO OB 22 -46.62 6.15 68.51
CA PRO OB 22 -45.91 4.94 68.09
C PRO OB 22 -45.91 4.81 66.57
N ILE OB 23 -44.70 4.77 66.01
CA ILE OB 23 -44.55 4.50 64.58
C ILE OB 23 -44.55 3.01 64.30
N GLY OB 24 -43.88 2.22 65.14
CA GLY OB 24 -43.89 0.79 64.95
C GLY OB 24 -42.52 0.18 65.07
N PRO OB 25 -42.43 -1.12 64.84
CA PRO OB 25 -41.13 -1.79 64.96
C PRO OB 25 -40.22 -1.45 63.80
N ASP OB 26 -38.91 -1.51 64.06
CA ASP OB 26 -37.91 -1.23 63.04
C ASP OB 26 -37.92 -2.32 61.98
N PRO OB 27 -37.96 -1.96 60.69
CA PRO OB 27 -37.99 -3.00 59.65
C PRO OB 27 -36.79 -3.93 59.70
N LYS OB 28 -35.61 -3.41 60.04
CA LYS OB 28 -34.39 -4.23 60.05
C LYS OB 28 -34.35 -5.15 61.28
N ASP OB 29 -34.76 -4.64 62.45
CA ASP OB 29 -34.67 -5.38 63.70
C ASP OB 29 -36.04 -5.41 64.37
N ALA OB 30 -36.56 -6.63 64.58
CA ALA OB 30 -37.86 -6.77 65.21
C ALA OB 30 -37.84 -6.50 66.71
N THR OB 31 -36.67 -6.34 67.32
CA THR OB 31 -36.55 -6.14 68.76
C THR OB 31 -36.56 -4.69 69.16
N ILE OB 32 -36.60 -3.75 68.22
CA ILE OB 32 -36.50 -2.35 68.54
C ILE OB 32 -37.74 -1.66 67.97
N TYR OB 33 -38.37 -0.80 68.77
CA TYR OB 33 -39.64 -0.18 68.48
C TYR OB 33 -39.50 1.33 68.55
N TRP OB 34 -40.19 2.04 67.65
CA TRP OB 34 -39.98 3.46 67.42
C TRP OB 34 -41.26 4.25 67.66
N TRP OB 35 -41.15 5.27 68.51
CA TRP OB 35 -42.12 6.34 68.68
C TRP OB 35 -41.52 7.64 68.12
N GLU OB 36 -42.39 8.55 67.68
CA GLU OB 36 -41.98 9.77 66.99
C GLU OB 36 -42.84 10.95 67.40
N ASP OB 37 -42.18 12.04 67.78
CA ASP OB 37 -42.82 13.32 68.04
C ASP OB 37 -42.85 14.10 66.74
N GLN OB 38 -44.06 14.30 66.21
CA GLN OB 38 -44.32 14.85 64.89
C GLN OB 38 -44.72 16.32 64.94
N SER OB 39 -44.38 17.02 66.02
CA SER OB 39 -44.78 18.41 66.22
C SER OB 39 -43.80 19.40 65.62
N GLN OB 40 -42.71 18.94 65.03
CA GLN OB 40 -41.66 19.82 64.54
C GLN OB 40 -42.02 20.31 63.14
N ALA OB 41 -41.11 21.05 62.52
CA ALA OB 41 -41.41 21.75 61.26
C ALA OB 41 -41.71 20.78 60.13
N SER OB 42 -40.75 19.97 59.74
CA SER OB 42 -40.93 18.98 58.70
C SER OB 42 -40.39 17.64 59.21
N PRO OB 43 -40.77 16.53 58.57
CA PRO OB 43 -40.47 15.21 59.18
C PRO OB 43 -39.00 14.93 59.41
N ALA OB 44 -38.10 15.64 58.74
CA ALA OB 44 -36.67 15.42 58.96
C ALA OB 44 -36.24 15.84 60.36
N GLY OB 45 -37.00 16.72 61.02
CA GLY OB 45 -36.71 17.19 62.35
C GLY OB 45 -37.58 16.61 63.45
N TYR OB 46 -38.36 15.57 63.14
CA TYR OB 46 -39.20 14.92 64.13
C TYR OB 46 -38.35 14.26 65.21
N TRP OB 47 -38.76 14.40 66.47
CA TRP OB 47 -37.97 13.78 67.52
C TRP OB 47 -38.34 12.31 67.66
N ARG OB 48 -37.37 11.47 68.00
CA ARG OB 48 -37.60 10.04 67.96
C ARG OB 48 -37.18 9.39 69.27
N LEU OB 49 -37.84 8.29 69.58
CA LEU OB 49 -37.59 7.53 70.79
C LEU OB 49 -37.67 6.06 70.43
N SER OB 50 -36.61 5.31 70.72
CA SER OB 50 -36.52 3.90 70.38
C SER OB 50 -36.29 3.08 71.64
N MET OB 51 -37.05 2.00 71.80
CA MET OB 51 -36.86 1.08 72.91
C MET OB 51 -36.67 -0.33 72.36
N GLN OB 52 -35.66 -1.03 72.88
CA GLN OB 52 -35.24 -2.33 72.35
C GLN OB 52 -35.05 -3.32 73.49
N LEU OB 53 -35.62 -4.51 73.33
CA LEU OB 53 -35.53 -5.59 74.30
C LEU OB 53 -35.02 -6.84 73.59
N VAL OB 54 -33.78 -7.23 73.89
CA VAL OB 54 -33.13 -8.38 73.28
C VAL OB 54 -33.07 -9.48 74.34
N ARG OB 55 -33.98 -10.44 74.21
CA ARG OB 55 -34.01 -11.68 74.98
C ARG OB 55 -33.14 -12.73 74.34
N PRO OB 56 -32.39 -13.49 75.11
CA PRO OB 56 -31.70 -14.64 74.54
C PRO OB 56 -32.67 -15.78 74.20
N ALA OB 57 -32.22 -16.66 73.32
CA ALA OB 57 -33.11 -17.72 72.82
C ALA OB 57 -33.44 -18.71 73.94
N PRO OB 58 -34.68 -19.21 74.00
CA PRO OB 58 -35.04 -20.13 75.09
C PRO OB 58 -34.23 -21.42 75.09
N ALA OB 59 -33.61 -21.71 76.23
CA ALA OB 59 -32.80 -22.91 76.36
C ALA OB 59 -32.71 -23.34 77.82
N THR OB 65 -23.90 -20.94 79.55
CA THR OB 65 -25.33 -20.68 79.75
C THR OB 65 -25.59 -19.87 81.03
N ASN OB 66 -24.56 -19.62 81.83
CA ASN OB 66 -24.63 -18.61 82.86
C ASN OB 66 -24.10 -17.27 82.37
N GLN OB 67 -23.82 -17.16 81.08
CA GLN OB 67 -23.45 -15.92 80.41
C GLN OB 67 -24.57 -15.48 79.47
N ARG OB 68 -25.82 -15.69 79.87
CA ARG OB 68 -26.96 -15.33 79.05
C ARG OB 68 -27.53 -14.04 79.62
N MET OB 69 -27.56 -12.99 78.83
CA MET OB 69 -27.89 -11.69 79.35
C MET OB 69 -28.95 -11.04 78.48
N ILE OB 70 -29.95 -10.45 79.13
CA ILE OB 70 -30.99 -9.69 78.47
C ILE OB 70 -30.53 -8.26 78.34
N ARG OB 71 -30.70 -7.67 77.17
CA ARG OB 71 -30.30 -6.28 76.97
C ARG OB 71 -31.51 -5.41 76.69
N VAL OB 72 -31.47 -4.17 77.19
CA VAL OB 72 -32.53 -3.19 76.95
C VAL OB 72 -31.87 -1.87 76.59
N ARG OB 73 -32.25 -1.30 75.45
CA ARG OB 73 -31.67 -0.04 74.98
C ARG OB 73 -32.78 0.97 74.76
N VAL OB 74 -32.66 2.11 75.41
CA VAL OB 74 -33.57 3.25 75.22
C VAL OB 74 -32.76 4.39 74.63
N SER OB 75 -33.24 4.94 73.51
CA SER OB 75 -32.50 5.95 72.77
C SER OB 75 -33.42 7.09 72.40
N THR OB 76 -32.97 8.33 72.60
CA THR OB 76 -33.75 9.52 72.28
C THR OB 76 -32.94 10.41 71.35
N PHE OB 77 -33.54 10.81 70.23
CA PHE OB 77 -32.92 11.69 69.25
C PHE OB 77 -33.77 12.95 69.14
N GLU OB 78 -33.13 14.12 69.24
CA GLU OB 78 -33.81 15.41 69.17
C GLU OB 78 -33.14 16.31 68.13
N PRO OB 79 -33.31 16.00 66.85
CA PRO OB 79 -32.67 16.82 65.82
C PRO OB 79 -33.24 18.23 65.78
N ILE OB 80 -32.36 19.19 65.46
CA ILE OB 80 -32.71 20.60 65.39
C ILE OB 80 -32.57 21.06 63.94
N LEU OB 81 -33.67 21.49 63.34
CA LEU OB 81 -33.66 21.91 61.94
C LEU OB 81 -33.11 23.32 61.81
N GLU OB 82 -32.59 23.61 60.62
CA GLU OB 82 -32.16 24.97 60.30
C GLU OB 82 -33.38 25.84 60.01
N VAL OB 83 -33.29 27.12 60.40
CA VAL OB 83 -34.43 28.02 60.24
C VAL OB 83 -34.62 28.36 58.76
N ALA OB 84 -35.88 28.65 58.39
CA ALA OB 84 -36.19 29.00 57.02
C ALA OB 84 -35.30 30.15 56.55
N VAL OB 85 -34.87 30.06 55.28
CA VAL OB 85 -33.93 31.04 54.73
C VAL OB 85 -34.68 32.25 54.20
N THR OB 86 -34.06 33.43 54.35
CA THR OB 86 -34.62 34.66 53.82
C THR OB 86 -34.06 34.99 52.45
N ALA OB 87 -32.90 34.43 52.10
CA ALA OB 87 -32.27 34.72 50.83
C ALA OB 87 -31.19 33.68 50.57
N THR OB 88 -31.14 33.18 49.33
CA THR OB 88 -30.07 32.29 48.90
C THR OB 88 -29.48 32.80 47.61
N TYR OB 89 -28.43 32.14 47.12
CA TYR OB 89 -27.74 32.65 45.95
C TYR OB 89 -28.61 32.58 44.70
N SER OB 90 -29.46 31.56 44.61
CA SER OB 90 -30.27 31.32 43.44
C SER OB 90 -31.70 31.81 43.58
N GLY OB 91 -32.16 32.08 44.81
CA GLY OB 91 -33.52 32.51 45.02
C GLY OB 91 -34.50 31.39 45.31
N ILE OB 92 -34.06 30.13 45.28
CA ILE OB 92 -34.89 28.99 45.64
C ILE OB 92 -34.47 28.50 47.02
N ALA OB 93 -35.44 28.37 47.92
CA ALA OB 93 -35.12 27.98 49.28
C ALA OB 93 -34.69 26.52 49.32
N PRO OB 94 -33.66 26.18 50.09
CA PRO OB 94 -33.19 24.80 50.16
C PRO OB 94 -34.16 23.90 50.91
N SER OB 95 -34.03 22.61 50.66
CA SER OB 95 -34.84 21.62 51.36
C SER OB 95 -34.57 21.69 52.85
N PRO OB 96 -35.54 21.33 53.69
CA PRO OB 96 -35.30 21.35 55.14
C PRO OB 96 -34.13 20.45 55.50
N THR OB 97 -33.15 21.03 56.19
CA THR OB 97 -31.93 20.33 56.53
C THR OB 97 -31.74 20.32 58.04
N VAL OB 98 -31.05 19.29 58.52
CA VAL OB 98 -30.81 19.12 59.95
C VAL OB 98 -29.51 19.82 60.30
N SER OB 99 -29.58 20.72 61.30
CA SER OB 99 -28.39 21.47 61.70
C SER OB 99 -27.45 20.63 62.57
N TYR OB 100 -27.99 20.02 63.62
CA TYR OB 100 -27.21 19.19 64.51
C TYR OB 100 -28.18 18.32 65.30
N VAL OB 101 -27.65 17.25 65.90
CA VAL OB 101 -28.53 16.31 66.60
C VAL OB 101 -27.99 15.93 67.96
N PRO OB 102 -28.50 16.52 69.04
CA PRO OB 102 -28.21 15.98 70.38
C PRO OB 102 -28.99 14.69 70.59
N LYS OB 103 -28.33 13.70 71.18
CA LYS OB 103 -28.97 12.40 71.33
C LYS OB 103 -28.47 11.71 72.59
N ALA OB 104 -29.18 10.66 72.99
CA ALA OB 104 -28.84 9.90 74.18
C ALA OB 104 -29.15 8.43 73.97
N PHE OB 105 -28.30 7.57 74.53
CA PHE OB 105 -28.37 6.13 74.34
C PHE OB 105 -28.11 5.49 75.70
N THR OB 106 -29.06 4.71 76.22
CA THR OB 106 -28.91 4.02 77.49
C THR OB 106 -29.11 2.52 77.28
N GLU OB 107 -28.22 1.71 77.83
CA GLU OB 107 -28.25 0.26 77.69
C GLU OB 107 -28.17 -0.38 79.06
N PHE OB 108 -29.14 -1.22 79.36
CA PHE OB 108 -29.16 -2.07 80.54
C PHE OB 108 -28.73 -3.47 80.13
N VAL OB 109 -27.77 -4.02 80.86
CA VAL OB 109 -27.34 -5.41 80.73
C VAL OB 109 -27.82 -6.13 81.98
N LEU OB 110 -28.76 -7.04 81.80
CA LEU OB 110 -29.47 -7.69 82.89
C LEU OB 110 -29.26 -9.19 82.78
N PRO OB 111 -28.38 -9.80 83.58
CA PRO OB 111 -28.19 -11.25 83.49
C PRO OB 111 -29.49 -12.00 83.75
N GLU OB 112 -29.64 -13.15 83.09
CA GLU OB 112 -30.88 -13.91 83.18
C GLU OB 112 -31.12 -14.43 84.60
N ARG OB 113 -30.07 -14.59 85.39
CA ARG OB 113 -30.22 -14.96 86.79
C ARG OB 113 -30.69 -13.81 87.68
N ALA OB 114 -30.75 -12.59 87.17
CA ALA OB 114 -31.00 -11.43 88.02
C ALA OB 114 -32.47 -11.35 88.39
N THR OB 115 -32.74 -11.07 89.66
CA THR OB 115 -34.11 -11.07 90.17
C THR OB 115 -34.80 -9.74 89.88
N LEU OB 116 -36.14 -9.79 89.97
CA LEU OB 116 -36.94 -8.58 89.77
C LEU OB 116 -36.45 -7.44 90.65
N ASP OB 117 -36.05 -7.75 91.88
CA ASP OB 117 -35.53 -6.72 92.75
C ASP OB 117 -34.27 -6.08 92.18
N ASN OB 118 -33.36 -6.90 91.64
CA ASN OB 118 -32.15 -6.38 91.02
C ASN OB 118 -32.48 -5.47 89.84
N ARG OB 119 -33.45 -5.87 89.02
CA ARG OB 119 -33.81 -5.06 87.85
C ARG OB 119 -34.42 -3.73 88.28
N LYS OB 120 -35.34 -3.76 89.27
CA LYS OB 120 -35.91 -2.52 89.77
C LYS OB 120 -34.83 -1.62 90.34
N ASP OB 121 -33.86 -2.20 91.07
CA ASP OB 121 -32.76 -1.43 91.63
C ASP OB 121 -31.97 -0.73 90.54
N ILE OB 122 -31.52 -1.49 89.54
CA ILE OB 122 -30.63 -0.90 88.53
C ILE OB 122 -31.38 0.17 87.72
N ARG OB 123 -32.64 -0.08 87.38
CA ARG OB 123 -33.40 0.92 86.63
C ARG OB 123 -33.58 2.20 87.44
N LYS OB 124 -34.15 2.09 88.65
CA LYS OB 124 -34.40 3.28 89.47
C LYS OB 124 -33.11 4.04 89.73
N MET OB 125 -32.03 3.30 90.06
CA MET OB 125 -30.82 3.95 90.52
C MET OB 125 -30.07 4.63 89.38
N HIS OB 126 -30.07 4.01 88.19
CA HIS OB 126 -29.44 4.66 87.05
C HIS OB 126 -30.23 5.89 86.62
N ALA OB 127 -31.56 5.77 86.51
CA ALA OB 127 -32.39 6.91 86.17
C ALA OB 127 -32.15 8.06 87.13
N LEU OB 128 -32.02 7.75 88.42
CA LEU OB 128 -31.69 8.79 89.40
C LEU OB 128 -30.28 9.34 89.16
N ALA OB 129 -29.32 8.46 88.83
CA ALA OB 129 -27.95 8.90 88.59
C ALA OB 129 -27.86 9.90 87.46
N LEU OB 130 -28.82 9.87 86.54
CA LEU OB 130 -28.87 10.88 85.48
C LEU OB 130 -29.40 12.23 85.95
N THR OB 131 -29.93 12.33 87.17
CA THR OB 131 -30.52 13.58 87.66
C THR OB 131 -29.76 14.16 88.84
N THR OB 132 -28.61 13.59 89.20
CA THR OB 132 -27.80 14.13 90.29
C THR OB 132 -27.26 15.51 89.92
N SER OB 133 -26.87 16.26 90.95
CA SER OB 133 -26.30 17.59 90.70
C SER OB 133 -25.04 17.50 89.84
N GLU OB 134 -24.25 16.44 90.05
CA GLU OB 134 -23.07 16.23 89.23
C GLU OB 134 -23.45 15.93 87.78
N ALA OB 135 -24.44 15.07 87.56
CA ALA OB 135 -24.88 14.78 86.20
C ALA OB 135 -25.41 16.03 85.50
N ILE OB 136 -26.14 16.87 86.24
CA ILE OB 136 -26.68 18.09 85.63
C ILE OB 136 -25.56 19.06 85.31
N ALA OB 137 -24.55 19.15 86.19
CA ALA OB 137 -23.42 20.02 85.91
C ALA OB 137 -22.62 19.54 84.69
N MET OB 138 -22.52 18.22 84.51
CA MET OB 138 -21.74 17.69 83.39
C MET OB 138 -22.48 17.83 82.07
N ILE OB 139 -23.78 17.50 82.05
CA ILE OB 139 -24.51 17.48 80.78
C ILE OB 139 -24.98 18.88 80.38
N GLU OB 140 -25.43 19.68 81.35
CA GLU OB 140 -25.99 20.99 81.00
C GLU OB 140 -24.93 22.09 81.01
N SER OB 141 -24.10 22.14 82.06
CA SER OB 141 -23.11 23.19 82.21
C SER OB 141 -21.73 22.78 81.73
N LEU OB 142 -21.55 21.49 81.41
CA LEU OB 142 -20.30 21.01 80.82
C LEU OB 142 -19.12 21.23 81.77
N GLN OB 143 -19.28 20.73 82.99
CA GLN OB 143 -18.26 20.85 84.03
C GLN OB 143 -17.91 19.47 84.57
N PHE OB 144 -16.62 19.23 84.77
CA PHE OB 144 -16.16 17.98 85.35
C PHE OB 144 -16.07 18.13 86.87
N VAL OB 145 -15.84 17.00 87.55
CA VAL OB 145 -15.66 17.00 89.00
C VAL OB 145 -14.17 16.95 89.34
N TYR OB 146 -13.77 17.74 90.32
CA TYR OB 146 -12.36 17.91 90.65
C TYR OB 146 -12.07 17.64 92.12
N PRO PB 1 -56.74 -13.76 66.00
CA PRO PB 1 -56.97 -13.30 67.37
C PRO PB 1 -55.87 -12.38 67.86
N GLN PB 2 -56.18 -11.56 68.86
CA GLN PB 2 -55.19 -10.64 69.38
C GLN PB 2 -54.27 -11.36 70.36
N ALA PB 3 -53.12 -10.76 70.62
CA ALA PB 3 -52.21 -11.29 71.63
C ALA PB 3 -52.83 -11.07 73.00
N ALA PB 4 -53.09 -12.17 73.72
CA ALA PB 4 -53.67 -12.11 75.05
C ALA PB 4 -52.98 -13.11 75.96
N ASP PB 5 -53.21 -12.96 77.26
CA ASP PB 5 -52.71 -13.93 78.22
C ASP PB 5 -53.25 -15.31 77.89
N ILE PB 6 -52.43 -16.34 78.13
CA ILE PB 6 -52.85 -17.73 77.96
C ILE PB 6 -52.70 -18.39 79.31
N VAL PB 7 -53.78 -18.96 79.84
CA VAL PB 7 -53.75 -19.51 81.19
C VAL PB 7 -53.88 -21.03 81.11
N ILE PB 8 -52.91 -21.73 81.71
CA ILE PB 8 -52.82 -23.19 81.64
C ILE PB 8 -52.64 -23.73 83.05
N ALA PB 9 -53.35 -24.82 83.35
CA ALA PB 9 -53.39 -25.36 84.71
C ALA PB 9 -52.18 -26.26 85.00
N ASP PB 10 -51.71 -26.18 86.24
CA ASP PB 10 -50.64 -27.04 86.73
C ASP PB 10 -51.15 -28.48 86.88
N ALA PB 11 -50.21 -29.39 87.12
CA ALA PB 11 -50.56 -30.77 87.45
C ALA PB 11 -50.34 -31.10 88.92
N GLN PB 12 -50.41 -30.09 89.80
CA GLN PB 12 -50.27 -30.33 91.22
C GLN PB 12 -51.52 -30.96 91.80
N ALA PB 13 -51.42 -31.41 93.06
CA ALA PB 13 -52.57 -31.95 93.76
C ALA PB 13 -53.74 -30.97 93.71
N THR PB 14 -53.50 -29.72 94.13
CA THR PB 14 -54.42 -28.64 93.87
C THR PB 14 -53.85 -27.83 92.71
N PRO PB 15 -54.37 -27.97 91.50
CA PRO PB 15 -53.74 -27.31 90.34
C PRO PB 15 -53.61 -25.81 90.53
N VAL PB 16 -52.51 -25.27 90.01
CA VAL PB 16 -52.18 -23.85 90.07
C VAL PB 16 -52.20 -23.28 88.65
N ASN PB 17 -52.92 -22.20 88.45
CA ASN PB 17 -52.99 -21.59 87.12
C ASN PB 17 -51.71 -20.82 86.83
N HIS PB 18 -51.03 -21.19 85.75
CA HIS PB 18 -49.89 -20.43 85.24
C HIS PB 18 -50.38 -19.51 84.12
N THR PB 19 -50.08 -18.23 84.24
CA THR PB 19 -50.51 -17.25 83.25
C THR PB 19 -49.32 -16.84 82.39
N PHE PB 20 -49.41 -17.15 81.09
CA PHE PB 20 -48.39 -16.82 80.10
C PHE PB 20 -48.75 -15.50 79.44
N VAL PB 21 -48.05 -14.44 79.83
CA VAL PB 21 -48.23 -13.09 79.30
C VAL PB 21 -47.53 -13.04 77.95
N PRO PB 22 -48.10 -12.43 76.92
CA PRO PB 22 -47.39 -12.35 75.63
C PRO PB 22 -46.14 -11.49 75.72
N ILE PB 23 -44.99 -12.05 75.35
CA ILE PB 23 -43.75 -11.30 75.21
C ILE PB 23 -43.71 -10.60 73.87
N GLY PB 24 -44.17 -11.26 72.82
CA GLY PB 24 -44.20 -10.64 71.53
C GLY PB 24 -43.71 -11.59 70.46
N PRO PB 25 -43.56 -11.08 69.24
CA PRO PB 25 -43.05 -11.90 68.15
C PRO PB 25 -41.58 -12.20 68.33
N ASP PB 26 -41.17 -13.29 67.71
CA ASP PB 26 -39.79 -13.72 67.80
C ASP PB 26 -38.88 -12.70 67.11
N PRO PB 27 -37.68 -12.47 67.64
CA PRO PB 27 -36.80 -11.45 67.04
C PRO PB 27 -36.42 -11.73 65.60
N LYS PB 28 -36.17 -13.00 65.29
CA LYS PB 28 -35.58 -13.39 64.02
C LYS PB 28 -36.58 -14.01 63.04
N ASP PB 29 -37.71 -14.51 63.53
CA ASP PB 29 -38.76 -15.08 62.69
C ASP PB 29 -40.08 -14.40 63.01
N ALA PB 30 -40.68 -13.80 61.99
CA ALA PB 30 -41.93 -13.07 62.13
C ALA PB 30 -43.14 -13.99 62.16
N THR PB 31 -42.94 -15.31 62.10
CA THR PB 31 -44.04 -16.27 62.04
C THR PB 31 -44.22 -17.02 63.35
N ILE PB 32 -43.47 -16.69 64.39
CA ILE PB 32 -43.55 -17.39 65.66
C ILE PB 32 -43.66 -16.33 66.76
N TYR PB 33 -44.62 -16.55 67.67
CA TYR PB 33 -44.98 -15.60 68.72
C TYR PB 33 -44.78 -16.26 70.08
N TRP PB 34 -44.48 -15.43 71.10
CA TRP PB 34 -43.96 -15.89 72.39
C TRP PB 34 -44.76 -15.31 73.55
N TRP PB 35 -45.24 -16.22 74.41
CA TRP PB 35 -45.80 -15.95 75.72
C TRP PB 35 -44.87 -16.54 76.79
N GLU PB 36 -44.95 -15.98 78.00
CA GLU PB 36 -44.03 -16.33 79.08
C GLU PB 36 -44.74 -16.30 80.43
N ASP PB 37 -44.50 -17.34 81.23
CA ASP PB 37 -44.92 -17.44 82.63
C ASP PB 37 -43.78 -16.96 83.50
N GLN PB 38 -43.95 -15.75 84.04
CA GLN PB 38 -42.93 -14.99 84.75
C GLN PB 38 -43.06 -15.12 86.27
N SER PB 39 -43.70 -16.18 86.74
CA SER PB 39 -43.95 -16.37 88.16
C SER PB 39 -42.76 -16.98 88.89
N GLN PB 40 -41.80 -17.51 88.15
CA GLN PB 40 -40.72 -18.29 88.70
C GLN PB 40 -39.73 -17.36 89.42
N ALA PB 41 -38.64 -17.94 89.95
CA ALA PB 41 -37.79 -17.21 90.89
C ALA PB 41 -36.92 -16.16 90.21
N SER PB 42 -36.37 -16.48 89.04
CA SER PB 42 -35.62 -15.56 88.21
C SER PB 42 -35.94 -15.90 86.76
N PRO PB 43 -35.70 -14.98 85.83
CA PRO PB 43 -36.06 -15.27 84.43
C PRO PB 43 -35.49 -16.57 83.88
N ALA PB 44 -34.32 -17.00 84.40
CA ALA PB 44 -33.74 -18.27 83.96
C ALA PB 44 -34.71 -19.43 84.12
N GLY PB 45 -35.59 -19.35 85.10
CA GLY PB 45 -36.59 -20.36 85.35
C GLY PB 45 -37.99 -20.08 84.85
N TYR PB 46 -38.20 -18.97 84.13
CA TYR PB 46 -39.53 -18.68 83.59
C TYR PB 46 -39.93 -19.74 82.57
N TRP PB 47 -41.23 -20.00 82.46
CA TRP PB 47 -41.70 -20.99 81.49
C TRP PB 47 -42.20 -20.30 80.22
N ARG PB 48 -41.92 -20.88 79.07
CA ARG PB 48 -42.19 -20.19 77.82
C ARG PB 48 -43.07 -21.05 76.92
N LEU PB 49 -43.90 -20.36 76.13
CA LEU PB 49 -44.80 -20.98 75.18
C LEU PB 49 -44.69 -20.22 73.86
N SER PB 50 -44.56 -20.95 72.76
CA SER PB 50 -44.36 -20.36 71.44
C SER PB 50 -45.30 -21.01 70.44
N MET PB 51 -45.93 -20.20 69.60
CA MET PB 51 -46.81 -20.70 68.56
C MET PB 51 -46.40 -20.12 67.21
N GLN PB 52 -46.35 -20.99 66.20
CA GLN PB 52 -45.83 -20.62 64.88
C GLN PB 52 -46.75 -21.12 63.79
N LEU PB 53 -47.11 -20.22 62.87
CA LEU PB 53 -47.91 -20.54 61.70
C LEU PB 53 -47.12 -20.18 60.46
N VAL PB 54 -46.82 -21.18 59.63
CA VAL PB 54 -46.07 -20.99 58.40
C VAL PB 54 -46.99 -21.35 57.25
N ARG PB 55 -47.42 -20.33 56.52
CA ARG PB 55 -48.27 -20.30 55.35
C ARG PB 55 -47.40 -20.31 54.09
N PRO PB 56 -47.86 -20.94 53.02
CA PRO PB 56 -47.12 -20.88 51.75
C PRO PB 56 -47.41 -19.58 51.01
N ALA PB 57 -46.55 -19.30 50.03
CA ALA PB 57 -46.72 -18.12 49.21
C ALA PB 57 -48.04 -18.22 48.44
N PRO PB 58 -48.70 -17.10 48.16
CA PRO PB 58 -50.05 -17.17 47.58
C PRO PB 58 -50.06 -17.91 46.26
N ALA PB 59 -51.18 -18.57 45.99
CA ALA PB 59 -51.27 -19.42 44.81
C ALA PB 59 -51.29 -18.58 43.54
N LYS PB 60 -50.65 -19.10 42.49
CA LYS PB 60 -50.65 -18.43 41.20
C LYS PB 60 -51.78 -18.97 40.33
N ALA PB 61 -52.17 -18.15 39.36
CA ALA PB 61 -53.29 -18.51 38.48
C ALA PB 61 -52.93 -19.75 37.67
N GLY PB 62 -53.80 -20.76 37.72
CA GLY PB 62 -53.54 -22.01 37.04
C GLY PB 62 -52.54 -22.93 37.68
N GLN PB 63 -51.90 -22.50 38.77
CA GLN PB 63 -50.92 -23.35 39.46
C GLN PB 63 -51.63 -24.50 40.17
N ASN PB 64 -50.97 -25.65 40.21
CA ASN PB 64 -51.50 -26.84 40.87
C ASN PB 64 -51.13 -26.80 42.36
N THR PB 65 -52.13 -26.87 43.22
CA THR PB 65 -51.93 -26.61 44.65
C THR PB 65 -51.83 -27.88 45.49
N ASN PB 66 -51.78 -29.06 44.86
CA ASN PB 66 -51.88 -30.26 45.71
C ASN PB 66 -50.64 -30.55 46.41
N GLN PB 67 -49.61 -29.70 46.33
CA GLN PB 67 -48.40 -29.93 47.10
C GLN PB 67 -48.11 -28.86 48.14
N ARG PB 68 -48.86 -27.76 48.16
CA ARG PB 68 -48.59 -26.68 49.09
C ARG PB 68 -49.15 -27.06 50.45
N MET PB 69 -48.45 -26.70 51.53
CA MET PB 69 -48.80 -27.14 52.86
C MET PB 69 -48.55 -26.04 53.88
N ILE PB 70 -49.34 -26.09 54.97
CA ILE PB 70 -49.29 -25.13 56.07
C ILE PB 70 -48.79 -25.89 57.29
N ARG PB 71 -47.90 -25.25 58.05
CA ARG PB 71 -47.35 -25.87 59.25
C ARG PB 71 -47.68 -25.03 60.48
N VAL PB 72 -48.00 -25.72 61.57
CA VAL PB 72 -48.26 -25.08 62.85
C VAL PB 72 -47.40 -25.76 63.90
N ARG PB 73 -46.64 -24.98 64.68
CA ARG PB 73 -45.76 -25.52 65.70
C ARG PB 73 -46.05 -24.85 67.03
N VAL PB 74 -46.37 -25.67 68.03
CA VAL PB 74 -46.55 -25.20 69.40
C VAL PB 74 -45.42 -25.79 70.24
N SER PB 75 -44.84 -24.97 71.11
CA SER PB 75 -43.67 -25.40 71.85
C SER PB 75 -43.75 -24.86 73.28
N THR PB 76 -43.48 -25.73 74.26
CA THR PB 76 -43.50 -25.33 75.66
C THR PB 76 -42.19 -25.71 76.32
N PHE PB 77 -41.61 -24.77 77.06
CA PHE PB 77 -40.35 -24.96 77.75
C PHE PB 77 -40.56 -24.69 79.24
N GLU PB 78 -40.20 -25.65 80.08
CA GLU PB 78 -40.40 -25.57 81.53
C GLU PB 78 -39.09 -25.83 82.27
N PRO PB 79 -38.16 -24.89 82.23
CA PRO PB 79 -36.90 -25.09 82.96
C PRO PB 79 -37.12 -25.17 84.46
N ILE PB 80 -36.32 -26.03 85.11
CA ILE PB 80 -36.36 -26.24 86.54
C ILE PB 80 -35.07 -25.71 87.14
N LEU PB 81 -35.17 -24.97 88.23
CA LEU PB 81 -34.01 -24.36 88.85
C LEU PB 81 -33.47 -25.23 89.98
N GLU PB 82 -32.25 -24.88 90.40
CA GLU PB 82 -31.60 -25.46 91.56
C GLU PB 82 -30.80 -24.36 92.25
N VAL PB 83 -30.55 -24.55 93.55
CA VAL PB 83 -29.86 -23.57 94.38
C VAL PB 83 -28.75 -24.27 95.14
N ALA PB 84 -27.65 -23.54 95.36
CA ALA PB 84 -26.50 -24.11 96.07
C ALA PB 84 -26.66 -24.09 97.58
N VAL PB 85 -27.48 -23.17 98.12
CA VAL PB 85 -27.71 -23.06 99.56
C VAL PB 85 -29.08 -22.42 99.78
N THR PB 86 -29.74 -22.81 100.85
CA THR PB 86 -31.16 -22.50 101.02
C THR PB 86 -31.44 -21.32 101.96
N ALA PB 87 -30.42 -20.71 102.56
CA ALA PB 87 -30.63 -19.59 103.46
C ALA PB 87 -29.98 -18.34 102.90
N THR PB 88 -30.12 -17.24 103.66
CA THR PB 88 -29.51 -15.97 103.30
C THR PB 88 -28.56 -15.55 104.42
N TYR PB 89 -27.36 -15.14 104.04
CA TYR PB 89 -26.32 -14.74 104.99
C TYR PB 89 -25.97 -13.28 104.73
N SER PB 90 -26.05 -12.44 105.78
CA SER PB 90 -25.57 -11.06 105.71
C SER PB 90 -26.15 -10.34 104.47
N GLY PB 91 -27.44 -10.57 104.23
CA GLY PB 91 -28.13 -9.95 103.12
C GLY PB 91 -27.85 -10.53 101.76
N ILE PB 92 -27.09 -11.62 101.66
CA ILE PB 92 -26.78 -12.23 100.36
C ILE PB 92 -27.78 -13.34 100.14
N ALA PB 93 -28.64 -13.18 99.13
CA ALA PB 93 -29.58 -14.27 98.97
C ALA PB 93 -29.04 -15.35 98.03
N PRO PB 94 -29.55 -16.56 98.15
CA PRO PB 94 -29.18 -17.61 97.19
C PRO PB 94 -29.70 -17.26 95.81
N SER PB 95 -28.85 -17.46 94.80
CA SER PB 95 -29.20 -17.15 93.42
C SER PB 95 -29.29 -18.45 92.65
N PRO PB 96 -30.47 -18.85 92.19
CA PRO PB 96 -30.61 -20.15 91.53
C PRO PB 96 -30.11 -20.15 90.12
N THR PB 97 -29.70 -21.33 89.65
CA THR PB 97 -29.34 -21.57 88.26
C THR PB 97 -30.27 -22.62 87.68
N VAL PB 98 -30.22 -22.75 86.36
CA VAL PB 98 -31.03 -23.78 85.72
C VAL PB 98 -30.39 -25.13 85.96
N SER PB 99 -31.23 -26.13 86.27
CA SER PB 99 -30.78 -27.49 86.54
C SER PB 99 -31.01 -28.41 85.36
N TYR PB 100 -32.21 -28.37 84.77
CA TYR PB 100 -32.54 -29.14 83.59
C TYR PB 100 -33.77 -28.53 82.95
N VAL PB 101 -34.00 -28.84 81.68
CA VAL PB 101 -35.15 -28.25 80.99
C VAL PB 101 -35.98 -29.32 80.29
N PRO PB 102 -37.08 -29.76 80.89
CA PRO PB 102 -38.05 -30.54 80.13
C PRO PB 102 -38.82 -29.65 79.17
N LYS PB 103 -39.10 -30.18 77.98
CA LYS PB 103 -39.75 -29.37 76.97
C LYS PB 103 -40.57 -30.26 76.05
N ALA PB 104 -41.46 -29.62 75.29
CA ALA PB 104 -42.33 -30.33 74.37
C ALA PB 104 -42.51 -29.52 73.10
N PHE PB 105 -42.58 -30.22 71.98
CA PHE PB 105 -42.64 -29.62 70.65
C PHE PB 105 -43.67 -30.38 69.84
N THR PB 106 -44.70 -29.70 69.33
CA THR PB 106 -45.75 -30.30 68.52
C THR PB 106 -45.82 -29.58 67.18
N GLU PB 107 -45.94 -30.36 66.09
CA GLU PB 107 -46.00 -29.83 64.73
C GLU PB 107 -47.17 -30.47 64.00
N PHE PB 108 -48.08 -29.64 63.51
CA PHE PB 108 -49.14 -30.03 62.61
C PHE PB 108 -48.72 -29.71 61.18
N VAL PB 109 -48.84 -30.70 60.31
CA VAL PB 109 -48.68 -30.52 58.87
C VAL PB 109 -50.07 -30.64 58.26
N LEU PB 110 -50.61 -29.50 57.83
CA LEU PB 110 -51.95 -29.40 57.26
C LEU PB 110 -51.83 -29.04 55.79
N PRO PB 111 -52.06 -29.97 54.87
CA PRO PB 111 -52.03 -29.61 53.46
C PRO PB 111 -53.08 -28.56 53.14
N GLU PB 112 -52.69 -27.59 52.30
CA GLU PB 112 -53.57 -26.44 52.05
C GLU PB 112 -54.92 -26.84 51.51
N ARG PB 113 -55.02 -27.94 50.77
CA ARG PB 113 -56.29 -28.38 50.23
C ARG PB 113 -57.20 -29.03 51.26
N ALA PB 114 -56.81 -29.11 52.53
CA ALA PB 114 -57.60 -29.86 53.49
C ALA PB 114 -58.82 -29.09 53.94
N THR PB 115 -59.85 -29.82 54.34
CA THR PB 115 -61.10 -29.22 54.79
C THR PB 115 -60.97 -28.74 56.24
N LEU PB 116 -61.78 -27.73 56.58
CA LEU PB 116 -61.95 -27.35 57.97
C LEU PB 116 -62.24 -28.57 58.83
N ASP PB 117 -63.03 -29.51 58.31
CA ASP PB 117 -63.31 -30.72 59.06
C ASP PB 117 -62.05 -31.54 59.29
N ASN PB 118 -61.20 -31.68 58.26
CA ASN PB 118 -59.95 -32.40 58.43
C ASN PB 118 -59.07 -31.76 59.50
N ARG PB 119 -59.04 -30.42 59.51
CA ARG PB 119 -58.21 -29.71 60.49
C ARG PB 119 -58.74 -29.89 61.91
N LYS PB 120 -60.07 -29.75 62.08
CA LYS PB 120 -60.66 -29.99 63.39
C LYS PB 120 -60.39 -31.42 63.85
N ASP PB 121 -60.47 -32.38 62.92
CA ASP PB 121 -60.20 -33.78 63.23
C ASP PB 121 -58.78 -33.95 63.75
N ILE PB 122 -57.79 -33.49 62.98
CA ILE PB 122 -56.40 -33.75 63.36
C ILE PB 122 -56.07 -33.05 64.68
N ARG PB 123 -56.55 -31.80 64.86
CA ARG PB 123 -56.30 -31.09 66.11
C ARG PB 123 -56.89 -31.84 67.30
N LYS PB 124 -58.21 -32.06 67.28
CA LYS PB 124 -58.86 -32.70 68.41
C LYS PB 124 -58.24 -34.07 68.70
N MET PB 125 -58.02 -34.86 67.65
CA MET PB 125 -57.63 -36.25 67.86
C MET PB 125 -56.19 -36.36 68.35
N HIS PB 126 -55.30 -35.49 67.87
CA HIS PB 126 -53.94 -35.51 68.41
C HIS PB 126 -53.92 -35.03 69.86
N ALA PB 127 -54.62 -33.92 70.15
CA ALA PB 127 -54.69 -33.45 71.54
C ALA PB 127 -55.21 -34.54 72.46
N LEU PB 128 -56.19 -35.31 71.99
CA LEU PB 128 -56.70 -36.42 72.78
C LEU PB 128 -55.66 -37.54 72.89
N ALA PB 129 -54.94 -37.81 71.80
CA ALA PB 129 -53.93 -38.88 71.84
C ALA PB 129 -52.84 -38.58 72.85
N LEU PB 130 -52.63 -37.30 73.17
CA LEU PB 130 -51.69 -36.95 74.23
C LEU PB 130 -52.21 -37.24 75.63
N THR PB 131 -53.49 -37.55 75.79
CA THR PB 131 -54.08 -37.79 77.10
C THR PB 131 -54.55 -39.23 77.29
N THR PB 132 -54.29 -40.10 76.34
CA THR PB 132 -54.67 -41.51 76.48
C THR PB 132 -53.90 -42.15 77.63
N SER PB 133 -54.47 -43.24 78.16
CA SER PB 133 -53.80 -43.95 79.25
C SER PB 133 -52.42 -44.42 78.85
N GLU PB 134 -52.25 -44.82 77.58
CA GLU PB 134 -50.94 -45.22 77.08
C GLU PB 134 -49.97 -44.03 77.05
N ALA PB 135 -50.43 -42.88 76.57
CA ALA PB 135 -49.57 -41.70 76.57
C ALA PB 135 -49.16 -41.30 77.97
N ILE PB 136 -50.10 -41.41 78.92
CA ILE PB 136 -49.77 -41.05 80.29
C ILE PB 136 -48.78 -42.05 80.88
N ALA PB 137 -48.95 -43.34 80.59
CA ALA PB 137 -48.01 -44.35 81.05
C ALA PB 137 -46.62 -44.14 80.46
N MET PB 138 -46.54 -43.65 79.22
CA MET PB 138 -45.24 -43.50 78.58
C MET PB 138 -44.53 -42.22 79.03
N ILE PB 139 -45.26 -41.11 79.17
CA ILE PB 139 -44.63 -39.84 79.50
C ILE PB 139 -44.43 -39.68 81.00
N GLU PB 140 -45.42 -40.06 81.82
CA GLU PB 140 -45.33 -39.87 83.26
C GLU PB 140 -44.68 -41.07 83.94
N SER PB 141 -45.13 -42.28 83.61
CA SER PB 141 -44.65 -43.50 84.25
C SER PB 141 -43.45 -44.12 83.54
N LEU PB 142 -43.14 -43.68 82.33
CA LEU PB 142 -41.94 -44.14 81.61
C LEU PB 142 -41.98 -45.64 81.37
N GLN PB 143 -43.13 -46.14 80.92
CA GLN PB 143 -43.32 -47.54 80.61
C GLN PB 143 -43.85 -47.67 79.18
N PHE PB 144 -43.17 -48.48 78.38
CA PHE PB 144 -43.60 -48.75 77.02
C PHE PB 144 -44.71 -49.80 77.02
N VAL PB 145 -45.27 -50.06 75.83
CA VAL PB 145 -46.33 -51.06 75.66
C VAL PB 145 -45.72 -52.37 75.16
N TYR PB 146 -46.07 -53.47 75.82
CA TYR PB 146 -45.48 -54.77 75.51
C TYR PB 146 -46.56 -55.82 75.20
N PRO QB 1 -51.26 2.75 64.78
CA PRO QB 1 -52.52 2.02 64.99
C PRO QB 1 -52.28 0.51 65.10
N GLN QB 2 -52.77 -0.11 66.17
CA GLN QB 2 -52.58 -1.55 66.30
C GLN QB 2 -53.37 -2.27 65.21
N ALA QB 3 -52.82 -3.39 64.75
CA ALA QB 3 -53.48 -4.13 63.68
C ALA QB 3 -54.82 -4.68 64.15
N ALA QB 4 -55.84 -4.51 63.32
CA ALA QB 4 -57.16 -5.07 63.62
C ALA QB 4 -57.85 -5.42 62.32
N ASP QB 5 -58.99 -6.10 62.44
CA ASP QB 5 -59.77 -6.51 61.28
C ASP QB 5 -60.10 -5.29 60.41
N ILE QB 6 -60.05 -5.48 59.10
CA ILE QB 6 -60.42 -4.44 58.14
C ILE QB 6 -61.66 -4.93 57.40
N VAL QB 7 -62.76 -4.20 57.50
CA VAL QB 7 -64.02 -4.64 56.90
C VAL QB 7 -64.35 -3.76 55.73
N ILE QB 8 -64.53 -4.37 54.56
CA ILE QB 8 -64.77 -3.66 53.31
C ILE QB 8 -66.02 -4.25 52.65
N ALA QB 9 -66.88 -3.38 52.13
CA ALA QB 9 -68.15 -3.83 51.58
C ALA QB 9 -67.98 -4.39 50.16
N ASP QB 10 -68.80 -5.38 49.83
CA ASP QB 10 -68.84 -5.96 48.51
C ASP QB 10 -69.49 -4.98 47.53
N ALA QB 11 -69.59 -5.40 46.27
CA ALA QB 11 -70.30 -4.64 45.25
C ALA QB 11 -71.55 -5.36 44.75
N GLN QB 12 -72.12 -6.24 45.58
CA GLN QB 12 -73.28 -6.99 45.14
C GLN QB 12 -74.54 -6.13 45.22
N ALA QB 13 -75.64 -6.70 44.71
CA ALA QB 13 -76.95 -6.06 44.82
C ALA QB 13 -77.20 -5.61 46.24
N THR QB 14 -77.17 -6.56 47.18
CA THR QB 14 -77.07 -6.22 48.59
C THR QB 14 -75.62 -6.38 49.00
N PRO QB 15 -74.89 -5.29 49.25
CA PRO QB 15 -73.47 -5.42 49.59
C PRO QB 15 -73.25 -6.37 50.76
N VAL QB 16 -72.19 -7.18 50.65
CA VAL QB 16 -71.82 -8.17 51.65
C VAL QB 16 -70.47 -7.77 52.23
N ASN QB 17 -70.40 -7.66 53.56
CA ASN QB 17 -69.16 -7.24 54.20
C ASN QB 17 -68.12 -8.36 54.17
N HIS QB 18 -66.93 -8.05 53.69
CA HIS QB 18 -65.79 -8.95 53.76
C HIS QB 18 -64.87 -8.49 54.89
N THR QB 19 -64.55 -9.40 55.80
CA THR QB 19 -63.69 -9.09 56.94
C THR QB 19 -62.30 -9.66 56.68
N PHE QB 20 -61.30 -8.78 56.64
CA PHE QB 20 -59.90 -9.13 56.44
C PHE QB 20 -59.21 -9.18 57.79
N VAL QB 21 -58.95 -10.39 58.28
CA VAL QB 21 -58.24 -10.62 59.53
C VAL QB 21 -56.76 -10.41 59.26
N PRO QB 22 -56.01 -9.71 60.11
CA PRO QB 22 -54.57 -9.58 59.87
C PRO QB 22 -53.86 -10.92 59.96
N ILE QB 23 -53.05 -11.22 58.94
CA ILE QB 23 -52.09 -12.31 59.00
C ILE QB 23 -50.80 -11.85 59.66
N GLY QB 24 -50.42 -10.60 59.44
CA GLY QB 24 -49.20 -10.10 60.03
C GLY QB 24 -48.23 -9.58 59.01
N PRO QB 25 -47.02 -9.22 59.46
CA PRO QB 25 -46.03 -8.68 58.54
C PRO QB 25 -45.44 -9.78 57.67
N ASP QB 26 -45.10 -9.40 56.45
CA ASP QB 26 -44.47 -10.33 55.52
C ASP QB 26 -43.12 -10.77 56.11
N PRO QB 27 -42.87 -12.07 56.24
CA PRO QB 27 -41.57 -12.51 56.76
C PRO QB 27 -40.42 -12.08 55.87
N LYS QB 28 -40.65 -11.98 54.56
CA LYS QB 28 -39.57 -11.58 53.65
C LYS QB 28 -39.28 -10.08 53.74
N ASP QB 29 -40.32 -9.26 53.92
CA ASP QB 29 -40.19 -7.81 54.01
C ASP QB 29 -41.02 -7.30 55.18
N ALA QB 30 -40.36 -6.71 56.16
CA ALA QB 30 -41.04 -6.25 57.37
C ALA QB 30 -41.86 -4.98 57.17
N THR QB 31 -41.67 -4.27 56.05
CA THR QB 31 -42.39 -3.03 55.81
C THR QB 31 -43.73 -3.23 55.14
N ILE QB 32 -44.19 -4.46 55.00
CA ILE QB 32 -45.46 -4.71 54.33
C ILE QB 32 -46.26 -5.66 55.22
N TYR QB 33 -47.53 -5.30 55.47
CA TYR QB 33 -48.41 -6.01 56.38
C TYR QB 33 -49.59 -6.58 55.60
N TRP QB 34 -50.09 -7.73 56.07
CA TRP QB 34 -51.06 -8.52 55.33
C TRP QB 34 -52.29 -8.84 56.17
N TRP QB 35 -53.46 -8.56 55.60
CA TRP QB 35 -54.76 -9.03 56.05
C TRP QB 35 -55.33 -10.00 55.01
N GLU QB 36 -56.21 -10.90 55.45
CA GLU QB 36 -56.74 -11.96 54.62
C GLU QB 36 -58.23 -12.14 54.87
N ASP QB 37 -58.99 -12.29 53.78
CA ASP QB 37 -60.43 -12.56 53.83
C ASP QB 37 -60.61 -14.07 53.69
N GLN QB 38 -61.04 -14.73 54.78
CA GLN QB 38 -61.10 -16.18 54.83
C GLN QB 38 -62.47 -16.74 54.47
N SER QB 39 -63.31 -15.96 53.79
CA SER QB 39 -64.67 -16.37 53.50
C SER QB 39 -64.79 -17.17 52.22
N GLN QB 40 -63.69 -17.39 51.51
CA GLN QB 40 -63.74 -18.04 50.20
C GLN QB 40 -63.76 -19.56 50.38
N ALA QB 41 -63.69 -20.28 49.26
CA ALA QB 41 -64.01 -21.70 49.25
C ALA QB 41 -62.90 -22.55 49.86
N SER QB 42 -61.64 -22.22 49.58
CA SER QB 42 -60.50 -22.88 50.17
C SER QB 42 -59.36 -21.89 50.23
N PRO QB 43 -58.31 -22.14 51.03
CA PRO QB 43 -57.33 -21.08 51.31
C PRO QB 43 -56.67 -20.49 50.08
N ALA QB 44 -56.43 -21.30 49.04
CA ALA QB 44 -55.78 -20.78 47.84
C ALA QB 44 -56.54 -19.59 47.26
N GLY QB 45 -57.86 -19.53 47.46
CA GLY QB 45 -58.70 -18.47 46.97
C GLY QB 45 -59.04 -17.37 47.95
N TYR QB 46 -58.44 -17.36 49.14
CA TYR QB 46 -58.69 -16.32 50.13
C TYR QB 46 -58.22 -14.96 49.59
N TRP QB 47 -59.10 -13.96 49.66
CA TRP QB 47 -58.71 -12.63 49.22
C TRP QB 47 -57.75 -12.01 50.22
N ARG QB 48 -56.82 -11.19 49.71
CA ARG QB 48 -55.80 -10.62 50.57
C ARG QB 48 -55.66 -9.12 50.32
N LEU QB 49 -55.17 -8.43 51.33
CA LEU QB 49 -54.95 -7.00 51.31
C LEU QB 49 -53.61 -6.72 51.98
N SER QB 50 -52.81 -5.85 51.38
CA SER QB 50 -51.45 -5.57 51.85
C SER QB 50 -51.22 -4.06 51.90
N MET QB 51 -50.60 -3.60 52.99
CA MET QB 51 -50.25 -2.20 53.11
C MET QB 51 -48.78 -2.07 53.49
N GLN QB 52 -48.06 -1.20 52.78
CA GLN QB 52 -46.62 -1.07 52.92
C GLN QB 52 -46.23 0.38 53.13
N LEU QB 53 -45.40 0.62 54.14
CA LEU QB 53 -44.86 1.93 54.44
C LEU QB 53 -43.34 1.85 54.44
N VAL QB 54 -42.72 2.57 53.52
CA VAL QB 54 -41.26 2.60 53.39
C VAL QB 54 -40.83 4.03 53.66
N ARG QB 55 -40.33 4.27 54.87
CA ARG QB 55 -39.73 5.50 55.35
C ARG QB 55 -38.22 5.43 55.17
N PRO QB 56 -37.61 6.54 54.79
CA PRO QB 56 -36.16 6.53 54.53
C PRO QB 56 -35.38 6.56 55.82
N ALA QB 57 -34.11 6.18 55.71
CA ALA QB 57 -33.21 6.26 56.84
C ALA QB 57 -33.16 7.70 57.37
N PRO QB 58 -33.03 7.87 58.67
CA PRO QB 58 -33.21 9.22 59.25
C PRO QB 58 -32.24 10.24 58.67
N ALA QB 59 -32.74 11.48 58.56
CA ALA QB 59 -31.93 12.57 58.07
C ALA QB 59 -30.70 12.76 58.96
N LYS QB 60 -29.57 13.07 58.34
CA LYS QB 60 -28.32 13.28 59.06
C LYS QB 60 -27.97 14.75 59.10
N ALA QB 61 -27.11 15.12 60.04
CA ALA QB 61 -26.75 16.52 60.24
C ALA QB 61 -26.07 17.07 58.99
N GLY QB 62 -26.56 18.20 58.50
CA GLY QB 62 -26.02 18.81 57.30
C GLY QB 62 -26.32 18.09 56.01
N GLN QB 63 -27.11 17.03 56.04
CA GLN QB 63 -27.43 16.26 54.84
C GLN QB 63 -28.48 17.01 54.02
N ASN QB 64 -28.54 16.69 52.73
CA ASN QB 64 -29.48 17.34 51.82
C ASN QB 64 -30.71 16.46 51.64
N THR QB 65 -31.88 17.04 51.88
CA THR QB 65 -33.13 16.29 51.94
C THR QB 65 -33.87 16.20 50.62
N ASN QB 66 -33.49 17.01 49.63
CA ASN QB 66 -34.39 17.34 48.52
C ASN QB 66 -34.72 16.12 47.66
N GLN QB 67 -34.13 14.95 47.93
CA GLN QB 67 -34.47 13.75 47.17
C GLN QB 67 -35.02 12.61 48.02
N ARG QB 68 -35.02 12.73 49.34
CA ARG QB 68 -35.49 11.65 50.19
C ARG QB 68 -37.00 11.58 50.12
N MET QB 69 -37.54 10.36 50.04
CA MET QB 69 -38.97 10.19 49.81
C MET QB 69 -39.51 8.97 50.56
N ILE QB 70 -40.81 9.06 50.89
CA ILE QB 70 -41.56 8.03 51.60
C ILE QB 70 -42.52 7.41 50.60
N ARG QB 71 -42.66 6.08 50.65
CA ARG QB 71 -43.57 5.39 49.76
C ARG QB 71 -44.61 4.60 50.56
N VAL QB 72 -45.83 4.57 50.05
CA VAL QB 72 -46.91 3.79 50.67
C VAL QB 72 -47.61 3.02 49.55
N ARG QB 73 -47.71 1.70 49.71
CA ARG QB 73 -48.32 0.85 48.68
C ARG QB 73 -49.45 0.05 49.31
N VAL QB 74 -50.65 0.23 48.78
CA VAL QB 74 -51.82 -0.54 49.18
C VAL QB 74 -52.22 -1.44 48.02
N SER QB 75 -52.35 -2.73 48.28
CA SER QB 75 -52.60 -3.72 47.23
C SER QB 75 -53.75 -4.64 47.65
N THR QB 76 -54.64 -4.96 46.72
CA THR QB 76 -55.75 -5.87 47.01
C THR QB 76 -55.80 -6.95 45.94
N PHE QB 77 -55.87 -8.21 46.38
CA PHE QB 77 -55.93 -9.38 45.51
C PHE QB 77 -57.20 -10.15 45.79
N GLU QB 78 -57.99 -10.40 44.75
CA GLU QB 78 -59.27 -11.11 44.86
C GLU QB 78 -59.29 -12.32 43.93
N PRO QB 79 -58.47 -13.32 44.21
CA PRO QB 79 -58.43 -14.48 43.32
C PRO QB 79 -59.75 -15.22 43.28
N ILE QB 80 -60.13 -15.67 42.08
CA ILE QB 80 -61.36 -16.41 41.85
C ILE QB 80 -60.99 -17.88 41.66
N LEU QB 81 -61.51 -18.74 42.52
CA LEU QB 81 -61.20 -20.16 42.45
C LEU QB 81 -61.87 -20.82 41.25
N GLU QB 82 -61.16 -21.73 40.62
CA GLU QB 82 -61.73 -22.48 39.52
C GLU QB 82 -62.84 -23.39 40.04
N VAL QB 83 -63.93 -23.48 39.28
CA VAL QB 83 -65.03 -24.40 39.60
C VAL QB 83 -64.80 -25.70 38.84
N ALA QB 84 -64.86 -26.81 39.56
CA ALA QB 84 -64.51 -28.09 38.98
C ALA QB 84 -65.60 -28.60 38.05
N VAL QB 85 -65.18 -29.28 36.98
CA VAL QB 85 -66.10 -30.05 36.15
C VAL QB 85 -65.58 -31.48 36.15
N THR QB 86 -66.26 -32.36 35.42
CA THR QB 86 -65.91 -33.78 35.42
C THR QB 86 -64.55 -33.97 34.77
N ALA QB 87 -63.62 -34.55 35.51
CA ALA QB 87 -62.31 -34.91 34.99
C ALA QB 87 -62.40 -36.28 34.33
N THR QB 88 -61.91 -36.38 33.10
CA THR QB 88 -62.14 -37.58 32.29
C THR QB 88 -60.89 -38.43 32.09
N TYR QB 89 -59.69 -37.87 32.27
CA TYR QB 89 -58.49 -38.69 32.12
C TYR QB 89 -58.32 -39.66 33.29
N SER QB 90 -58.34 -39.13 34.51
CA SER QB 90 -58.10 -39.94 35.70
C SER QB 90 -59.35 -40.16 36.55
N GLY QB 91 -60.42 -39.41 36.31
CA GLY QB 91 -61.60 -39.49 37.16
C GLY QB 91 -61.39 -38.94 38.55
N ILE QB 92 -60.25 -38.31 38.79
CA ILE QB 92 -59.89 -37.73 40.08
C ILE QB 92 -60.02 -36.22 39.96
N ALA QB 93 -60.95 -35.64 40.72
CA ALA QB 93 -61.18 -34.21 40.64
C ALA QB 93 -59.90 -33.46 41.03
N PRO QB 94 -59.63 -32.33 40.41
CA PRO QB 94 -58.33 -31.67 40.61
C PRO QB 94 -58.29 -30.90 41.92
N SER QB 95 -57.06 -30.71 42.40
CA SER QB 95 -56.84 -29.88 43.57
C SER QB 95 -57.41 -28.47 43.32
N PRO QB 96 -57.81 -27.76 44.37
CA PRO QB 96 -58.32 -26.40 44.16
C PRO QB 96 -57.25 -25.56 43.50
N THR QB 97 -57.61 -24.97 42.36
CA THR QB 97 -56.68 -24.18 41.56
C THR QB 97 -57.26 -22.80 41.35
N VAL QB 98 -56.39 -21.80 41.36
CA VAL QB 98 -56.83 -20.42 41.13
C VAL QB 98 -57.04 -20.21 39.64
N SER QB 99 -58.22 -19.74 39.27
CA SER QB 99 -58.55 -19.56 37.85
C SER QB 99 -57.94 -18.28 37.29
N TYR QB 100 -58.18 -17.14 37.95
CA TYR QB 100 -57.61 -15.87 37.53
C TYR QB 100 -57.66 -14.93 38.71
N VAL QB 101 -56.87 -13.85 38.65
CA VAL QB 101 -56.81 -12.94 39.79
C VAL QB 101 -57.00 -11.49 39.37
N PRO QB 102 -58.17 -10.91 39.63
CA PRO QB 102 -58.31 -9.45 39.53
C PRO QB 102 -57.61 -8.79 40.70
N LYS QB 103 -56.78 -7.78 40.41
CA LYS QB 103 -56.00 -7.18 41.49
C LYS QB 103 -55.83 -5.70 41.25
N ALA QB 104 -55.43 -4.99 42.31
CA ALA QB 104 -55.20 -3.56 42.23
C ALA QB 104 -54.01 -3.19 43.11
N PHE QB 105 -53.25 -2.20 42.64
CA PHE QB 105 -52.00 -1.78 43.26
C PHE QB 105 -51.94 -0.26 43.24
N THR QB 106 -51.89 0.37 44.40
CA THR QB 106 -51.81 1.82 44.51
C THR QB 106 -50.53 2.21 45.24
N GLU QB 107 -49.75 3.12 44.66
CA GLU QB 107 -48.49 3.59 45.26
C GLU QB 107 -48.54 5.09 45.39
N PHE QB 108 -48.38 5.58 46.61
CA PHE QB 108 -48.20 6.98 46.93
C PHE QB 108 -46.71 7.25 47.06
N VAL QB 109 -46.22 8.24 46.33
CA VAL QB 109 -44.89 8.79 46.49
C VAL QB 109 -45.03 10.14 47.18
N LEU QB 110 -44.64 10.19 48.45
CA LEU QB 110 -44.74 11.39 49.28
C LEU QB 110 -43.33 11.81 49.62
N PRO QB 111 -42.79 12.87 49.01
CA PRO QB 111 -41.47 13.35 49.41
C PRO QB 111 -41.48 13.80 50.86
N GLU QB 112 -40.39 13.47 51.58
CA GLU QB 112 -40.33 13.76 53.01
C GLU QB 112 -40.58 15.24 53.29
N ARG QB 113 -40.06 16.10 52.43
CA ARG QB 113 -40.31 17.53 52.47
C ARG QB 113 -41.79 17.91 52.56
N ALA QB 114 -42.70 17.07 52.06
CA ALA QB 114 -44.09 17.49 51.90
C ALA QB 114 -44.78 17.64 53.25
N THR QB 115 -45.75 18.56 53.30
CA THR QB 115 -46.47 18.85 54.52
C THR QB 115 -47.65 17.89 54.72
N LEU QB 116 -48.12 17.83 55.97
CA LEU QB 116 -49.30 17.04 56.30
C LEU QB 116 -50.46 17.39 55.39
N ASP QB 117 -50.64 18.67 55.10
CA ASP QB 117 -51.70 19.07 54.19
C ASP QB 117 -51.50 18.46 52.81
N ASN QB 118 -50.26 18.45 52.32
CA ASN QB 118 -49.99 17.82 51.03
C ASN QB 118 -50.36 16.35 51.03
N ARG QB 119 -50.04 15.65 52.11
CA ARG QB 119 -50.33 14.21 52.18
C ARG QB 119 -51.83 13.95 52.27
N LYS QB 120 -52.54 14.75 53.08
CA LYS QB 120 -54.00 14.62 53.15
C LYS QB 120 -54.63 14.90 51.80
N ASP QB 121 -54.13 15.91 51.09
CA ASP QB 121 -54.61 16.25 49.76
C ASP QB 121 -54.47 15.07 48.81
N ILE QB 122 -53.26 14.53 48.69
CA ILE QB 122 -53.02 13.48 47.70
C ILE QB 122 -53.85 12.24 48.04
N ARG QB 123 -53.90 11.86 49.32
CA ARG QB 123 -54.68 10.68 49.71
C ARG QB 123 -56.16 10.87 49.36
N LYS QB 124 -56.77 11.95 49.90
CA LYS QB 124 -58.20 12.14 49.67
C LYS QB 124 -58.52 12.25 48.19
N MET QB 125 -57.72 13.01 47.44
CA MET QB 125 -58.08 13.32 46.06
C MET QB 125 -57.89 12.12 45.16
N HIS QB 126 -56.87 11.29 45.42
CA HIS QB 126 -56.75 10.06 44.64
C HIS QB 126 -57.86 9.07 44.97
N ALA QB 127 -58.13 8.88 46.27
CA ALA QB 127 -59.21 7.96 46.67
C ALA QB 127 -60.54 8.38 46.06
N LEU QB 128 -60.74 9.68 45.88
CA LEU QB 128 -61.93 10.17 45.18
C LEU QB 128 -61.83 9.93 43.68
N ALA QB 129 -60.64 10.13 43.10
CA ALA QB 129 -60.48 9.95 41.66
C ALA QB 129 -60.78 8.53 41.24
N LEU QB 130 -60.62 7.57 42.15
CA LEU QB 130 -61.00 6.19 41.85
C LEU QB 130 -62.51 5.98 41.86
N THR QB 131 -63.31 6.95 42.29
CA THR QB 131 -64.76 6.81 42.33
C THR QB 131 -65.48 7.68 41.31
N THR QB 132 -64.75 8.39 40.46
CA THR QB 132 -65.37 9.23 39.44
C THR QB 132 -66.14 8.38 38.43
N SER QB 133 -67.12 9.01 37.78
CA SER QB 133 -67.88 8.30 36.75
C SER QB 133 -66.97 7.77 35.65
N GLU QB 134 -65.92 8.52 35.33
CA GLU QB 134 -64.96 8.09 34.31
C GLU QB 134 -64.21 6.84 34.75
N ALA QB 135 -63.74 6.82 35.99
CA ALA QB 135 -63.05 5.64 36.51
C ALA QB 135 -64.00 4.44 36.55
N ILE QB 136 -65.25 4.66 36.95
CA ILE QB 136 -66.23 3.58 36.96
C ILE QB 136 -66.44 3.03 35.55
N ALA QB 137 -66.55 3.93 34.57
CA ALA QB 137 -66.77 3.50 33.19
C ALA QB 137 -65.58 2.72 32.65
N MET QB 138 -64.35 3.13 32.99
CA MET QB 138 -63.17 2.44 32.48
C MET QB 138 -63.00 1.07 33.12
N ILE QB 139 -63.14 1.00 34.44
CA ILE QB 139 -62.84 -0.26 35.13
C ILE QB 139 -64.00 -1.25 35.00
N GLU QB 140 -65.23 -0.78 35.14
CA GLU QB 140 -66.36 -1.69 35.14
C GLU QB 140 -66.90 -1.95 33.73
N SER QB 141 -67.06 -0.91 32.92
CA SER QB 141 -67.67 -1.01 31.60
C SER QB 141 -66.66 -1.01 30.47
N LEU QB 142 -65.37 -0.80 30.77
CA LEU QB 142 -64.31 -0.93 29.77
C LEU QB 142 -64.47 0.09 28.64
N GLN QB 143 -64.73 1.35 29.02
CA GLN QB 143 -64.95 2.43 28.06
C GLN QB 143 -63.98 3.56 28.34
N PHE QB 144 -63.34 4.06 27.29
CA PHE QB 144 -62.45 5.20 27.39
C PHE QB 144 -63.24 6.50 27.28
N VAL QB 145 -62.55 7.64 27.36
CA VAL QB 145 -63.18 8.95 27.21
C VAL QB 145 -62.75 9.56 25.88
N TYR QB 146 -63.64 10.33 25.27
CA TYR QB 146 -63.40 10.78 23.91
C TYR QB 146 -63.82 12.23 23.67
N PRO RB 1 30.56 45.42 -115.99
CA PRO RB 1 30.10 45.11 -117.34
C PRO RB 1 29.64 43.66 -117.47
N GLN RB 2 28.75 43.39 -118.43
CA GLN RB 2 28.30 42.03 -118.63
C GLN RB 2 29.40 41.18 -119.25
N ALA RB 3 29.42 39.90 -118.88
CA ALA RB 3 30.48 39.01 -119.31
C ALA RB 3 30.28 38.61 -120.77
N ALA RB 4 31.35 38.67 -121.55
CA ALA RB 4 31.31 38.26 -122.95
C ALA RB 4 32.63 37.62 -123.33
N ASP RB 5 32.69 37.13 -124.57
CA ASP RB 5 33.88 36.42 -125.07
C ASP RB 5 35.12 37.29 -124.91
N ILE RB 6 36.24 36.64 -124.58
CA ILE RB 6 37.54 37.33 -124.48
C ILE RB 6 38.45 36.71 -125.53
N VAL RB 7 38.94 37.53 -126.47
CA VAL RB 7 39.73 37.00 -127.57
C VAL RB 7 41.18 37.48 -127.39
N ILE RB 8 42.10 36.50 -127.37
CA ILE RB 8 43.51 36.77 -127.12
C ILE RB 8 44.34 36.10 -128.21
N ALA RB 9 45.33 36.82 -128.74
CA ALA RB 9 46.12 36.34 -129.86
C ALA RB 9 47.18 35.34 -129.42
N ASP RB 10 47.45 34.37 -130.29
CA ASP RB 10 48.50 33.39 -130.09
C ASP RB 10 49.87 34.03 -130.21
N ALA RB 11 50.91 33.23 -130.00
CA ALA RB 11 52.29 33.66 -130.25
C ALA RB 11 52.93 32.83 -131.36
N GLN RB 12 52.11 32.29 -132.26
CA GLN RB 12 52.64 31.53 -133.38
C GLN RB 12 53.26 32.46 -134.42
N ALA RB 13 53.94 31.85 -135.39
CA ALA RB 13 54.45 32.61 -136.53
C ALA RB 13 53.36 33.45 -137.16
N THR RB 14 52.27 32.80 -137.55
CA THR RB 14 51.03 33.50 -137.87
C THR RB 14 50.10 33.38 -136.68
N PRO RB 15 49.91 34.45 -135.89
CA PRO RB 15 49.11 34.32 -134.67
C PRO RB 15 47.70 33.82 -134.95
N VAL RB 16 47.16 33.07 -133.98
CA VAL RB 16 45.84 32.48 -134.06
C VAL RB 16 45.02 32.99 -132.88
N ASN RB 17 43.83 33.53 -133.18
CA ASN RB 17 42.98 34.05 -132.11
C ASN RB 17 42.36 32.91 -131.32
N HIS RB 18 42.57 32.91 -130.00
CA HIS RB 18 41.89 32.01 -129.09
C HIS RB 18 40.73 32.76 -128.45
N THR RB 19 39.54 32.16 -128.53
CA THR RB 19 38.33 32.79 -128.00
C THR RB 19 37.93 32.06 -126.72
N PHE RB 20 38.01 32.79 -125.59
CA PHE RB 20 37.63 32.29 -124.27
C PHE RB 20 36.17 32.65 -124.03
N VAL RB 21 35.31 31.65 -124.16
CA VAL RB 21 33.87 31.81 -123.90
C VAL RB 21 33.65 31.91 -122.40
N PRO RB 22 32.77 32.78 -121.91
CA PRO RB 22 32.52 32.84 -120.46
C PRO RB 22 31.82 31.59 -119.98
N ILE RB 23 32.45 30.89 -119.05
CA ILE RB 23 31.82 29.75 -118.38
C ILE RB 23 30.96 30.20 -117.21
N GLY RB 24 31.44 31.16 -116.44
CA GLY RB 24 30.64 31.67 -115.35
C GLY RB 24 31.42 31.80 -114.06
N PRO RB 25 30.75 32.19 -112.99
CA PRO RB 25 31.44 32.36 -111.72
C PRO RB 25 31.80 31.02 -111.09
N ASP RB 26 32.86 31.04 -110.30
CA ASP RB 26 33.33 29.84 -109.61
C ASP RB 26 32.32 29.43 -108.54
N PRO RB 27 31.92 28.15 -108.50
CA PRO RB 27 30.94 27.74 -107.49
C PRO RB 27 31.39 27.98 -106.05
N LYS RB 28 32.69 27.82 -105.78
CA LYS RB 28 33.19 27.99 -104.43
C LYS RB 28 33.31 29.46 -104.04
N ASP RB 29 33.75 30.32 -104.97
CA ASP RB 29 33.98 31.73 -104.69
C ASP RB 29 33.23 32.58 -105.70
N ALA RB 30 32.32 33.43 -105.21
CA ALA RB 30 31.54 34.28 -106.07
C ALA RB 30 32.33 35.45 -106.65
N THR RB 31 33.56 35.68 -106.18
CA THR RB 31 34.36 36.81 -106.62
C THR RB 31 35.25 36.49 -107.81
N ILE RB 32 35.29 35.25 -108.26
CA ILE RB 32 36.20 34.85 -109.32
C ILE RB 32 35.35 34.28 -110.46
N TYR RB 33 35.66 34.69 -111.68
CA TYR RB 33 34.87 34.38 -112.87
C TYR RB 33 35.77 33.72 -113.91
N TRP RB 34 35.21 32.74 -114.62
CA TRP RB 34 35.97 31.84 -115.48
C TRP RB 34 35.50 31.92 -116.93
N TRP RB 35 36.46 32.16 -117.82
CA TRP RB 35 36.33 31.99 -119.26
C TRP RB 35 37.18 30.79 -119.70
N GLU RB 36 36.79 30.16 -120.80
CA GLU RB 36 37.41 28.91 -121.25
C GLU RB 36 37.53 28.89 -122.77
N ASP RB 37 38.73 28.59 -123.25
CA ASP RB 37 39.00 28.33 -124.66
C ASP RB 37 38.80 26.84 -124.91
N GLN RB 38 37.76 26.52 -125.68
CA GLN RB 38 37.28 25.17 -125.91
C GLN RB 38 37.73 24.61 -127.25
N SER RB 39 38.80 25.15 -127.83
CA SER RB 39 39.27 24.76 -129.15
C SER RB 39 40.24 23.59 -129.11
N GLN RB 40 40.58 23.10 -127.93
CA GLN RB 40 41.60 22.06 -127.79
C GLN RB 40 40.97 20.69 -128.02
N ALA RB 41 41.76 19.63 -127.83
CA ALA RB 41 41.35 18.29 -128.21
C ALA RB 41 40.14 17.81 -127.40
N SER RB 42 40.30 17.67 -126.09
CA SER RB 42 39.23 17.26 -125.21
C SER RB 42 39.19 18.23 -124.02
N PRO RB 43 38.08 18.26 -123.28
CA PRO RB 43 37.90 19.33 -122.29
C PRO RB 43 38.97 19.39 -121.22
N ALA RB 44 39.72 18.32 -120.98
CA ALA RB 44 40.78 18.35 -119.98
C ALA RB 44 41.92 19.29 -120.38
N GLY RB 45 42.06 19.59 -121.67
CA GLY RB 45 43.09 20.47 -122.18
C GLY RB 45 42.61 21.85 -122.58
N TYR RB 46 41.38 22.21 -122.23
CA TYR RB 46 40.84 23.53 -122.54
C TYR RB 46 41.61 24.61 -121.80
N TRP RB 47 41.93 25.71 -122.48
CA TRP RB 47 42.67 26.77 -121.80
C TRP RB 47 41.71 27.64 -120.99
N ARG RB 48 42.17 28.13 -119.86
CA ARG RB 48 41.28 28.81 -118.95
C ARG RB 48 41.83 30.16 -118.54
N LEU RB 49 40.91 31.06 -118.23
CA LEU RB 49 41.25 32.43 -117.82
C LEU RB 49 40.30 32.80 -116.69
N SER RB 50 40.85 33.21 -115.55
CA SER RB 50 40.07 33.55 -114.38
C SER RB 50 40.38 34.98 -113.96
N MET RB 51 39.34 35.76 -113.69
CA MET RB 51 39.49 37.11 -113.18
C MET RB 51 38.71 37.26 -111.89
N GLN RB 52 39.35 37.83 -110.87
CA GLN RB 52 38.79 37.91 -109.52
C GLN RB 52 38.93 39.32 -108.96
N LEU RB 53 37.83 39.84 -108.41
CA LEU RB 53 37.78 41.17 -107.81
C LEU RB 53 37.25 41.03 -106.38
N VAL RB 54 38.12 41.25 -105.41
CA VAL RB 54 37.77 41.14 -104.00
C VAL RB 54 37.72 42.54 -103.42
N ARG RB 55 36.51 43.05 -103.25
CA ARG RB 55 36.20 44.30 -102.57
C ARG RB 55 36.05 44.06 -101.08
N PRO RB 56 36.58 44.96 -100.25
CA PRO RB 56 36.28 44.86 -98.82
C PRO RB 56 34.85 45.27 -98.52
N ALA RB 57 34.36 44.84 -97.35
CA ALA RB 57 32.95 45.06 -97.02
C ALA RB 57 32.69 46.55 -96.78
N PRO RB 58 31.52 47.07 -97.20
CA PRO RB 58 31.27 48.52 -97.05
C PRO RB 58 31.25 48.95 -95.60
N ALA RB 59 32.06 49.95 -95.28
CA ALA RB 59 32.12 50.49 -93.93
C ALA RB 59 32.60 51.92 -93.94
N THR RB 65 41.18 50.66 -90.58
CA THR RB 65 40.32 50.99 -91.73
C THR RB 65 41.07 51.76 -92.82
N ASN RB 66 42.31 52.15 -92.55
CA ASN RB 66 43.21 52.59 -93.62
C ASN RB 66 44.07 51.44 -94.13
N GLN RB 67 43.78 50.22 -93.70
CA GLN RB 67 44.39 49.00 -94.21
C GLN RB 67 43.36 48.19 -94.99
N ARG RB 68 42.49 48.86 -95.73
CA ARG RB 68 41.45 48.20 -96.51
C ARG RB 68 41.90 48.20 -97.95
N MET RB 69 42.07 47.02 -98.53
CA MET RB 69 42.69 46.94 -99.83
C MET RB 69 41.83 46.08 -100.75
N ILE RB 70 41.65 46.56 -101.98
CA ILE RB 70 40.95 45.84 -103.02
C ILE RB 70 41.97 44.97 -103.75
N ARG RB 71 41.62 43.71 -103.99
CA ARG RB 71 42.54 42.82 -104.70
C ARG RB 71 41.93 42.40 -106.03
N VAL RB 72 42.79 42.25 -107.04
CA VAL RB 72 42.37 41.79 -108.37
C VAL RB 72 43.37 40.74 -108.82
N ARG RB 73 42.88 39.56 -109.20
CA ARG RB 73 43.75 38.46 -109.62
C ARG RB 73 43.31 38.00 -111.01
N VAL RB 74 44.26 38.02 -111.95
CA VAL RB 74 44.05 37.50 -113.30
C VAL RB 74 44.97 36.30 -113.48
N SER RB 75 44.40 35.17 -113.88
CA SER RB 75 45.15 33.93 -113.96
C SER RB 75 44.86 33.24 -115.29
N THR RB 76 45.91 32.76 -115.97
CA THR RB 76 45.77 32.06 -117.24
C THR RB 76 46.44 30.70 -117.15
N PHE RB 77 45.68 29.66 -117.53
CA PHE RB 77 46.17 28.29 -117.54
C PHE RB 77 46.11 27.77 -118.97
N GLU RB 78 47.22 27.19 -119.44
CA GLU RB 78 47.31 26.65 -120.81
C GLU RB 78 47.82 25.22 -120.78
N PRO RB 79 46.99 24.28 -120.32
CA PRO RB 79 47.43 22.88 -120.26
C PRO RB 79 47.70 22.30 -121.65
N ILE RB 80 48.69 21.42 -121.71
CA ILE RB 80 49.11 20.77 -122.95
C ILE RB 80 48.82 19.27 -122.82
N LEU RB 81 47.94 18.76 -123.68
CA LEU RB 81 47.56 17.36 -123.61
C LEU RB 81 48.62 16.48 -124.27
N GLU RB 82 48.65 15.22 -123.85
CA GLU RB 82 49.51 14.23 -124.50
C GLU RB 82 48.89 13.81 -125.83
N VAL RB 83 49.76 13.53 -126.81
CA VAL RB 83 49.29 13.18 -128.15
C VAL RB 83 48.67 11.79 -128.14
N ALA RB 84 47.71 11.57 -129.04
CA ALA RB 84 47.07 10.27 -129.15
C ALA RB 84 48.11 9.16 -129.31
N VAL RB 85 47.85 8.02 -128.64
CA VAL RB 85 48.80 6.91 -128.61
C VAL RB 85 48.60 6.04 -129.85
N THR RB 86 49.72 5.51 -130.36
CA THR RB 86 49.68 4.58 -131.48
C THR RB 86 49.69 3.13 -131.01
N ALA RB 87 50.13 2.88 -129.78
CA ALA RB 87 50.21 1.53 -129.27
C ALA RB 87 50.39 1.57 -127.76
N THR RB 88 49.65 0.72 -127.05
CA THR RB 88 49.83 0.57 -125.61
C THR RB 88 49.98 -0.90 -125.29
N TYR RB 89 50.22 -1.21 -124.02
CA TYR RB 89 50.50 -2.59 -123.65
C TYR RB 89 49.27 -3.47 -123.83
N SER RB 90 48.09 -2.91 -123.59
CA SER RB 90 46.85 -3.67 -123.62
C SER RB 90 46.08 -3.50 -124.92
N GLY RB 91 46.39 -2.49 -125.72
CA GLY RB 91 45.67 -2.25 -126.95
C GLY RB 91 44.50 -1.29 -126.82
N ILE RB 92 44.20 -0.82 -125.61
CA ILE RB 92 43.15 0.18 -125.39
C ILE RB 92 43.82 1.52 -125.13
N ALA RB 93 43.41 2.54 -125.87
CA ALA RB 93 44.04 3.85 -125.74
C ALA RB 93 43.66 4.48 -124.39
N PRO RB 94 44.60 5.11 -123.71
CA PRO RB 94 44.30 5.72 -122.41
C PRO RB 94 43.44 6.97 -122.56
N SER RB 95 42.79 7.33 -121.46
CA SER RB 95 41.99 8.54 -121.42
C SER RB 95 42.87 9.75 -121.69
N PRO RB 96 42.31 10.83 -122.26
CA PRO RB 96 43.12 12.03 -122.49
C PRO RB 96 43.71 12.53 -121.19
N THR RB 97 45.03 12.69 -121.17
CA THR RB 97 45.76 13.08 -119.97
C THR RB 97 46.54 14.36 -120.24
N VAL RB 98 46.76 15.11 -119.17
CA VAL RB 98 47.46 16.39 -119.26
C VAL RB 98 48.95 16.13 -119.06
N SER RB 99 49.77 16.58 -120.01
CA SER RB 99 51.21 16.35 -119.92
C SER RB 99 51.87 17.32 -118.93
N TYR RB 100 51.61 18.62 -119.10
CA TYR RB 100 52.18 19.64 -118.22
C TYR RB 100 51.35 20.90 -118.40
N VAL RB 101 51.47 21.81 -117.44
CA VAL RB 101 50.64 23.02 -117.48
C VAL RB 101 51.45 24.28 -117.21
N PRO RB 102 51.83 25.03 -118.24
CA PRO RB 102 52.34 26.39 -118.00
C PRO RB 102 51.21 27.32 -117.61
N LYS RB 103 51.46 28.17 -116.62
CA LYS RB 103 50.39 29.02 -116.12
C LYS RB 103 50.97 30.33 -115.61
N ALA RB 104 50.08 31.30 -115.39
CA ALA RB 104 50.48 32.63 -114.93
C ALA RB 104 49.42 33.18 -114.00
N PHE RB 105 49.88 33.90 -112.97
CA PHE RB 105 49.02 34.43 -111.91
C PHE RB 105 49.49 35.85 -111.62
N THR RB 106 48.61 36.83 -111.78
CA THR RB 106 48.92 38.23 -111.51
C THR RB 106 47.94 38.78 -110.49
N GLU RB 107 48.45 39.48 -109.47
CA GLU RB 107 47.64 40.02 -108.40
C GLU RB 107 47.97 41.50 -108.21
N PHE RB 108 46.94 42.33 -108.29
CA PHE RB 108 47.01 43.75 -107.99
C PHE RB 108 46.46 43.96 -106.59
N VAL RB 109 47.23 44.67 -105.76
CA VAL RB 109 46.82 45.12 -104.45
C VAL RB 109 46.63 46.63 -104.55
N LEU RB 110 45.38 47.07 -104.42
CA LEU RB 110 45.00 48.45 -104.66
C LEU RB 110 44.36 49.01 -103.40
N PRO RB 111 45.06 49.82 -102.61
CA PRO RB 111 44.45 50.38 -101.40
C PRO RB 111 43.21 51.19 -101.74
N GLU RB 112 42.24 51.19 -100.83
CA GLU RB 112 40.97 51.85 -101.08
C GLU RB 112 41.14 53.36 -101.21
N ARG RB 113 42.20 53.93 -100.64
CA ARG RB 113 42.49 55.34 -100.81
C ARG RB 113 43.09 55.67 -102.18
N ALA RB 114 43.44 54.67 -102.98
CA ALA RB 114 44.19 54.91 -104.21
C ALA RB 114 43.27 55.47 -105.29
N THR RB 115 43.75 56.49 -106.00
CA THR RB 115 42.94 57.18 -106.97
C THR RB 115 42.95 56.46 -108.32
N LEU RB 116 41.97 56.79 -109.15
CA LEU RB 116 41.87 56.22 -110.49
C LEU RB 116 43.18 56.35 -111.25
N ASP RB 117 43.86 57.48 -111.08
CA ASP RB 117 45.15 57.67 -111.74
C ASP RB 117 46.16 56.64 -111.26
N ASN RB 118 46.21 56.38 -109.94
CA ASN RB 118 47.11 55.38 -109.40
C ASN RB 118 46.81 54.00 -109.98
N ARG RB 119 45.53 53.65 -110.09
CA ARG RB 119 45.16 52.34 -110.60
C ARG RB 119 45.54 52.20 -112.07
N LYS RB 120 45.26 53.24 -112.88
CA LYS RB 120 45.66 53.21 -114.28
C LYS RB 120 47.17 53.08 -114.42
N ASP RB 121 47.91 53.80 -113.57
CA ASP RB 121 49.38 53.72 -113.58
C ASP RB 121 49.86 52.31 -113.31
N ILE RB 122 49.38 51.70 -112.21
CA ILE RB 122 49.91 50.40 -111.83
C ILE RB 122 49.54 49.34 -112.88
N ARG RB 123 48.32 49.39 -113.40
CA ARG RB 123 47.91 48.43 -114.42
C ARG RB 123 48.77 48.56 -115.68
N LYS RB 124 48.79 49.77 -116.27
CA LYS RB 124 49.55 49.97 -117.50
C LYS RB 124 51.02 49.61 -117.32
N MET RB 125 51.60 50.03 -116.19
CA MET RB 125 53.04 49.90 -116.02
C MET RB 125 53.44 48.46 -115.75
N HIS RB 126 52.63 47.72 -114.99
CA HIS RB 126 52.94 46.31 -114.77
C HIS RB 126 52.78 45.51 -116.07
N ALA RB 127 51.66 45.73 -116.78
CA ALA RB 127 51.46 45.05 -118.06
C ALA RB 127 52.63 45.31 -118.99
N LEU RB 128 53.13 46.55 -119.03
CA LEU RB 128 54.31 46.84 -119.82
C LEU RB 128 55.54 46.12 -119.28
N ALA RB 129 55.69 46.07 -117.95
CA ALA RB 129 56.83 45.40 -117.35
C ALA RB 129 56.92 43.93 -117.73
N LEU RB 130 55.79 43.33 -118.08
CA LEU RB 130 55.79 41.96 -118.58
C LEU RB 130 56.26 41.84 -120.03
N THR RB 131 56.43 42.94 -120.75
CA THR RB 131 56.83 42.90 -122.15
C THR RB 131 58.19 43.51 -122.40
N THR RB 132 58.93 43.87 -121.36
CA THR RB 132 60.27 44.41 -121.51
C THR RB 132 61.21 43.36 -122.10
N SER RB 133 62.33 43.82 -122.67
CA SER RB 133 63.30 42.89 -123.22
C SER RB 133 63.83 41.95 -122.14
N GLU RB 134 64.00 42.47 -120.93
CA GLU RB 134 64.43 41.64 -119.80
C GLU RB 134 63.38 40.58 -119.46
N ALA RB 135 62.12 40.98 -119.39
CA ALA RB 135 61.04 40.02 -119.11
C ALA RB 135 60.97 38.95 -120.18
N ILE RB 136 61.15 39.33 -121.44
CA ILE RB 136 61.09 38.35 -122.52
C ILE RB 136 62.27 37.40 -122.44
N ALA RB 137 63.45 37.93 -122.10
CA ALA RB 137 64.63 37.07 -121.94
C ALA RB 137 64.47 36.09 -120.79
N MET RB 138 63.82 36.53 -119.70
CA MET RB 138 63.66 35.66 -118.54
C MET RB 138 62.60 34.59 -118.78
N ILE RB 139 61.45 34.97 -119.34
CA ILE RB 139 60.35 34.01 -119.46
C ILE RB 139 60.52 33.11 -120.67
N GLU RB 140 60.99 33.64 -121.80
CA GLU RB 140 61.07 32.85 -123.01
C GLU RB 140 62.41 32.15 -123.17
N SER RB 141 63.51 32.88 -122.95
CA SER RB 141 64.84 32.34 -123.14
C SER RB 141 65.47 31.86 -121.84
N LEU RB 142 64.84 32.14 -120.70
CA LEU RB 142 65.29 31.62 -119.41
C LEU RB 142 66.69 32.12 -119.07
N GLN RB 143 66.86 33.45 -119.12
CA GLN RB 143 68.13 34.09 -118.83
C GLN RB 143 67.94 35.13 -117.74
N PHE RB 144 68.87 35.17 -116.80
CA PHE RB 144 68.84 36.18 -115.74
C PHE RB 144 69.64 37.40 -116.19
N VAL RB 145 69.55 38.49 -115.40
CA VAL RB 145 70.30 39.70 -115.66
C VAL RB 145 71.54 39.74 -114.77
N TYR RB 146 72.67 40.15 -115.34
CA TYR RB 146 73.96 40.09 -114.67
C TYR RB 146 74.68 41.44 -114.68
N PRO SB 1 14.17 41.73 -113.04
CA PRO SB 1 14.81 42.76 -113.87
C PRO SB 1 16.31 42.53 -113.98
N GLN SB 2 16.91 43.07 -115.04
CA GLN SB 2 18.34 42.92 -115.22
C GLN SB 2 19.09 43.94 -114.36
N ALA SB 3 20.37 43.66 -114.14
CA ALA SB 3 21.22 44.62 -113.44
C ALA SB 3 21.45 45.81 -114.35
N ALA SB 4 21.02 47.00 -113.89
CA ALA SB 4 21.19 48.22 -114.65
C ALA SB 4 21.60 49.34 -113.71
N ASP SB 5 22.06 50.44 -114.30
CA ASP SB 5 22.37 51.63 -113.52
C ASP SB 5 21.13 52.10 -112.76
N ILE SB 6 21.33 52.62 -111.56
CA ILE SB 6 20.26 53.20 -110.76
C ILE SB 6 20.62 54.66 -110.51
N VAL SB 7 19.76 55.57 -110.93
CA VAL SB 7 20.08 57.00 -110.84
C VAL SB 7 19.19 57.65 -109.78
N ILE SB 8 19.83 58.31 -108.82
CA ILE SB 8 19.14 58.92 -107.68
C ILE SB 8 19.61 60.36 -107.53
N ALA SB 9 18.67 61.26 -107.26
CA ALA SB 9 18.96 62.68 -107.23
C ALA SB 9 19.54 63.13 -105.89
N ASP SB 10 20.47 64.07 -105.97
CA ASP SB 10 21.06 64.70 -104.78
C ASP SB 10 20.03 65.60 -104.10
N ALA SB 11 20.38 66.06 -102.90
CA ALA SB 11 19.58 67.04 -102.18
C ALA SB 11 20.21 68.43 -102.20
N GLN SB 12 21.02 68.73 -103.20
CA GLN SB 12 21.64 70.05 -103.30
C GLN SB 12 20.61 71.08 -103.78
N ALA SB 13 21.01 72.35 -103.70
CA ALA SB 13 20.19 73.43 -104.22
C ALA SB 13 19.77 73.15 -105.66
N THR SB 14 20.74 72.89 -106.52
CA THR SB 14 20.47 72.32 -107.83
C THR SB 14 20.82 70.85 -107.77
N PRO SB 15 19.83 69.95 -107.69
CA PRO SB 15 20.13 68.54 -107.48
C PRO SB 15 21.05 67.97 -108.54
N VAL SB 16 21.94 67.07 -108.11
CA VAL SB 16 22.91 66.41 -108.97
C VAL SB 16 22.57 64.91 -109.02
N ASN SB 17 22.48 64.37 -110.22
CA ASN SB 17 22.16 62.96 -110.37
C ASN SB 17 23.39 62.11 -110.05
N HIS SB 18 23.25 61.21 -109.08
CA HIS SB 18 24.27 60.21 -108.79
C HIS SB 18 23.88 58.91 -109.46
N THR SB 19 24.80 58.35 -110.26
CA THR SB 19 24.54 57.12 -110.99
C THR SB 19 25.26 55.96 -110.32
N PHE SB 20 24.49 55.00 -109.82
CA PHE SB 20 24.99 53.81 -109.16
C PHE SB 20 25.09 52.69 -110.19
N VAL SB 21 26.31 52.40 -110.63
CA VAL SB 21 26.62 51.34 -111.59
C VAL SB 21 26.60 50.03 -110.84
N PRO SB 22 26.03 48.95 -111.37
CA PRO SB 22 26.06 47.67 -110.66
C PRO SB 22 27.47 47.12 -110.53
N ILE SB 23 27.88 46.84 -109.30
CA ILE SB 23 29.14 46.14 -109.04
C ILE SB 23 28.93 44.64 -109.18
N GLY SB 24 27.81 44.13 -108.70
CA GLY SB 24 27.54 42.73 -108.85
C GLY SB 24 26.98 42.14 -107.58
N PRO SB 25 26.83 40.83 -107.54
CA PRO SB 25 26.34 40.17 -106.33
C PRO SB 25 27.38 40.20 -105.24
N ASP SB 26 26.87 40.09 -104.02
CA ASP SB 26 27.73 40.10 -102.85
C ASP SB 26 28.64 38.86 -102.86
N PRO SB 27 29.89 38.99 -102.41
CA PRO SB 27 30.80 37.83 -102.44
C PRO SB 27 30.34 36.65 -101.62
N LYS SB 28 29.76 36.93 -100.46
CA LYS SB 28 29.46 35.90 -99.48
C LYS SB 28 27.99 35.52 -99.40
N ASP SB 29 27.09 36.39 -99.87
CA ASP SB 29 25.65 36.12 -99.90
C ASP SB 29 25.13 36.32 -101.31
N ALA SB 30 24.54 35.28 -101.87
CA ALA SB 30 24.01 35.29 -103.22
C ALA SB 30 22.66 35.97 -103.32
N THR SB 31 22.13 36.49 -102.20
CA THR SB 31 20.81 37.10 -102.19
C THR SB 31 20.85 38.61 -102.08
N ILE SB 32 22.03 39.21 -102.11
CA ILE SB 32 22.17 40.66 -101.98
C ILE SB 32 23.07 41.15 -103.10
N TYR SB 33 22.65 42.22 -103.78
CA TYR SB 33 23.29 42.75 -104.98
C TYR SB 33 23.71 44.20 -104.72
N TRP SB 34 24.77 44.63 -105.40
CA TRP SB 34 25.49 45.86 -105.08
C TRP SB 34 25.67 46.75 -106.30
N TRP SB 35 25.22 48.00 -106.16
CA TRP SB 35 25.51 49.12 -107.04
C TRP SB 35 26.37 50.14 -106.30
N GLU SB 36 27.11 50.95 -107.07
CA GLU SB 36 28.09 51.88 -106.51
C GLU SB 36 28.15 53.17 -107.34
N ASP SB 37 28.16 54.29 -106.63
CA ASP SB 37 28.38 55.63 -107.18
C ASP SB 37 29.86 55.95 -107.04
N GLN SB 38 30.56 55.89 -108.17
CA GLN SB 38 32.02 55.97 -108.27
C GLN SB 38 32.50 57.35 -108.64
N SER SB 39 31.69 58.38 -108.40
CA SER SB 39 32.02 59.75 -108.77
C SER SB 39 32.93 60.43 -107.76
N GLN SB 40 33.07 59.85 -106.57
CA GLN SB 40 33.75 60.50 -105.47
C GLN SB 40 35.26 60.51 -105.71
N ALA SB 41 36.01 61.03 -104.73
CA ALA SB 41 37.42 61.35 -104.99
C ALA SB 41 38.31 60.11 -105.02
N SER SB 42 38.07 59.15 -104.15
CA SER SB 42 38.73 57.85 -104.14
C SER SB 42 37.69 56.81 -103.71
N PRO SB 43 37.94 55.53 -104.00
CA PRO SB 43 36.92 54.52 -103.65
C PRO SB 43 36.48 54.55 -102.20
N ALA SB 44 37.35 54.99 -101.28
CA ALA SB 44 36.98 55.08 -99.88
C ALA SB 44 35.75 55.94 -99.67
N GLY SB 45 35.54 56.92 -100.55
CA GLY SB 45 34.39 57.79 -100.49
C GLY SB 45 33.26 57.48 -101.45
N TYR SB 46 33.34 56.39 -102.21
CA TYR SB 46 32.25 56.03 -103.12
C TYR SB 46 30.98 55.72 -102.34
N TRP SB 47 29.82 55.99 -102.94
CA TRP SB 47 28.56 55.69 -102.26
C TRP SB 47 27.99 54.37 -102.75
N ARG SB 48 27.42 53.59 -101.84
CA ARG SB 48 27.02 52.23 -102.20
C ARG SB 48 25.54 52.01 -101.90
N LEU SB 49 24.92 51.17 -102.73
CA LEU SB 49 23.53 50.80 -102.59
C LEU SB 49 23.42 49.29 -102.73
N SER SB 50 22.67 48.65 -101.84
CA SER SB 50 22.56 47.19 -101.80
C SER SB 50 21.09 46.81 -101.65
N MET SB 51 20.66 45.82 -102.44
CA MET SB 51 19.29 45.32 -102.36
C MET SB 51 19.32 43.81 -102.17
N GLN SB 52 18.50 43.31 -101.25
CA GLN SB 52 18.51 41.91 -100.85
C GLN SB 52 17.09 41.36 -100.79
N LEU SB 53 16.87 40.22 -101.43
CA LEU SB 53 15.61 39.50 -101.40
C LEU SB 53 15.86 38.11 -100.84
N VAL SB 54 15.23 37.81 -99.71
CA VAL SB 54 15.36 36.52 -99.06
C VAL SB 54 14.00 35.85 -99.09
N ARG SB 55 13.86 34.84 -99.92
CA ARG SB 55 12.74 33.97 -100.16
C ARG SB 55 12.84 32.72 -99.29
N PRO SB 56 11.73 32.17 -98.84
CA PRO SB 56 11.77 30.91 -98.10
C PRO SB 56 11.88 29.71 -99.03
N ALA SB 57 12.25 28.57 -98.45
CA ALA SB 57 12.35 27.34 -99.21
C ALA SB 57 10.98 26.97 -99.77
N PRO SB 58 10.91 26.33 -100.93
CA PRO SB 58 9.62 26.11 -101.59
C PRO SB 58 8.68 25.31 -100.71
N ALA SB 59 7.39 25.59 -100.86
CA ALA SB 59 6.39 24.99 -99.99
C ALA SB 59 6.25 23.50 -100.29
N LYS SB 60 6.01 22.72 -99.24
CA LYS SB 60 5.80 21.29 -99.38
C LYS SB 60 4.31 20.99 -99.48
N ALA SB 61 4.00 19.85 -100.08
CA ALA SB 61 2.61 19.46 -100.28
C ALA SB 61 1.91 19.27 -98.95
N GLY SB 62 0.78 19.94 -98.77
CA GLY SB 62 0.05 19.87 -97.52
C GLY SB 62 0.64 20.69 -96.38
N GLN SB 63 1.80 21.31 -96.57
CA GLN SB 63 2.41 22.11 -95.52
C GLN SB 63 1.61 23.40 -95.30
N ASN SB 64 1.54 23.85 -94.05
CA ASN SB 64 0.83 25.07 -93.69
C ASN SB 64 1.77 26.26 -93.86
N THR SB 65 1.36 27.23 -94.66
CA THR SB 65 2.25 28.31 -95.08
C THR SB 65 2.06 29.61 -94.31
N ASN SB 66 1.23 29.61 -93.25
CA ASN SB 66 0.93 30.92 -92.67
C ASN SB 66 2.02 31.42 -91.84
N GLN SB 67 3.18 30.76 -91.79
CA GLN SB 67 4.31 31.31 -91.06
C GLN SB 67 5.51 31.66 -91.93
N ARG SB 68 5.49 31.30 -93.22
CA ARG SB 68 6.64 31.57 -94.08
C ARG SB 68 6.61 33.04 -94.50
N MET SB 69 7.79 33.65 -94.61
CA MET SB 69 7.88 35.09 -94.84
C MET SB 69 9.04 35.40 -95.77
N ILE SB 70 8.89 36.52 -96.50
CA ILE SB 70 9.87 37.02 -97.45
C ILE SB 70 10.40 38.33 -96.90
N ARG SB 71 11.72 38.53 -97.00
CA ARG SB 71 12.34 39.75 -96.50
C ARG SB 71 13.03 40.49 -97.64
N VAL SB 72 12.92 41.81 -97.62
CA VAL SB 72 13.60 42.68 -98.59
C VAL SB 72 14.36 43.74 -97.82
N ARG SB 73 15.64 43.90 -98.12
CA ARG SB 73 16.48 44.88 -97.42
C ARG SB 73 17.15 45.78 -98.44
N VAL SB 74 16.94 47.08 -98.30
CA VAL SB 74 17.63 48.09 -99.10
C VAL SB 74 18.55 48.87 -98.18
N SER SB 75 19.76 49.14 -98.64
CA SER SB 75 20.75 49.76 -97.78
C SER SB 75 21.57 50.76 -98.59
N THR SB 76 21.76 51.96 -98.04
CA THR SB 76 22.54 53.00 -98.70
C THR SB 76 23.63 53.50 -97.77
N PHE SB 77 24.85 53.60 -98.29
CA PHE SB 77 26.01 54.05 -97.53
C PHE SB 77 26.62 55.24 -98.24
N GLU SB 78 26.78 56.35 -97.53
CA GLU SB 78 27.29 57.61 -98.09
C GLU SB 78 28.45 58.12 -97.27
N PRO SB 79 29.62 57.48 -97.35
CA PRO SB 79 30.78 57.96 -96.61
C PRO SB 79 31.21 59.34 -97.06
N ILE SB 80 31.67 60.16 -96.10
CA ILE SB 80 32.15 61.51 -96.35
C ILE SB 80 33.64 61.53 -96.07
N LEU SB 81 34.39 62.15 -96.97
CA LEU SB 81 35.84 62.19 -96.84
C LEU SB 81 36.31 63.47 -96.15
N GLU SB 82 37.58 63.46 -95.74
CA GLU SB 82 38.29 64.61 -95.21
C GLU SB 82 39.73 64.54 -95.70
N VAL SB 83 40.37 65.71 -95.74
CA VAL SB 83 41.74 65.83 -96.23
C VAL SB 83 42.55 66.62 -95.22
N ALA SB 84 43.85 66.26 -95.11
CA ALA SB 84 44.73 66.92 -94.15
C ALA SB 84 45.28 68.26 -94.66
N VAL SB 85 45.34 68.45 -95.98
CA VAL SB 85 45.84 69.69 -96.58
C VAL SB 85 45.22 69.83 -97.97
N THR SB 86 44.99 71.07 -98.38
CA THR SB 86 44.15 71.33 -99.55
C THR SB 86 44.92 71.65 -100.82
N ALA SB 87 46.25 71.70 -100.78
CA ALA SB 87 47.04 72.00 -101.97
C ALA SB 87 47.92 70.81 -102.34
N THR SB 88 48.67 70.98 -103.42
CA THR SB 88 49.61 69.97 -103.86
C THR SB 88 51.02 70.57 -103.87
N TYR SB 89 51.97 69.83 -103.32
CA TYR SB 89 53.36 70.25 -103.21
C TYR SB 89 54.23 69.29 -103.99
N SER SB 90 55.03 69.84 -104.91
CA SER SB 90 56.05 69.04 -105.62
C SER SB 90 55.44 67.75 -106.19
N GLY SB 91 54.25 67.88 -106.77
CA GLY SB 91 53.56 66.76 -107.37
C GLY SB 91 52.90 65.80 -106.41
N ILE SB 92 52.89 66.07 -105.12
CA ILE SB 92 52.26 65.18 -104.15
C ILE SB 92 50.86 65.70 -103.90
N ALA SB 93 49.87 64.90 -104.29
CA ALA SB 93 48.53 65.45 -104.05
C ALA SB 93 48.02 65.03 -102.67
N PRO SB 94 47.08 65.79 -102.13
CA PRO SB 94 46.42 65.37 -100.89
C PRO SB 94 45.60 64.12 -101.12
N SER SB 95 45.73 63.18 -100.18
CA SER SB 95 45.03 61.91 -100.27
C SER SB 95 43.97 61.86 -99.17
N PRO SB 96 42.69 61.87 -99.51
CA PRO SB 96 41.65 61.93 -98.48
C PRO SB 96 41.42 60.60 -97.80
N THR SB 97 40.94 60.67 -96.55
CA THR SB 97 40.50 59.51 -95.79
C THR SB 97 39.03 59.68 -95.45
N VAL SB 98 38.43 58.58 -94.99
CA VAL SB 98 37.04 58.65 -94.58
C VAL SB 98 36.95 59.37 -93.25
N SER SB 99 35.96 60.25 -93.12
CA SER SB 99 35.74 61.03 -91.92
C SER SB 99 34.60 60.49 -91.09
N TYR SB 100 33.47 60.18 -91.71
CA TYR SB 100 32.33 59.57 -91.04
C TYR SB 100 31.43 58.97 -92.11
N VAL SB 101 30.54 58.06 -91.70
CA VAL SB 101 29.68 57.41 -92.68
C VAL SB 101 28.23 57.45 -92.24
N PRO SB 102 27.43 58.38 -92.76
CA PRO SB 102 25.98 58.27 -92.61
C PRO SB 102 25.43 57.16 -93.49
N LYS SB 103 24.46 56.44 -92.97
CA LYS SB 103 23.94 55.31 -93.72
C LYS SB 103 22.47 55.07 -93.36
N ALA SB 104 21.80 54.28 -94.18
CA ALA SB 104 20.39 53.98 -93.97
C ALA SB 104 20.11 52.53 -94.35
N PHE SB 105 19.23 51.90 -93.59
CA PHE SB 105 18.92 50.49 -93.73
C PHE SB 105 17.40 50.33 -93.61
N THR SB 106 16.76 49.77 -94.63
CA THR SB 106 15.32 49.54 -94.64
C THR SB 106 15.04 48.05 -94.86
N GLU SB 107 14.11 47.50 -94.09
CA GLU SB 107 13.73 46.09 -94.17
C GLU SB 107 12.22 45.96 -94.24
N PHE SB 108 11.74 45.32 -95.29
CA PHE SB 108 10.35 44.93 -95.45
C PHE SB 108 10.22 43.47 -95.05
N VAL SB 109 9.26 43.19 -94.18
CA VAL SB 109 8.85 41.84 -93.84
C VAL SB 109 7.49 41.62 -94.47
N LEU SB 110 7.47 40.82 -95.53
CA LEU SB 110 6.26 40.54 -96.31
C LEU SB 110 5.90 39.07 -96.11
N PRO SB 111 4.87 38.75 -95.34
CA PRO SB 111 4.47 37.35 -95.22
C PRO SB 111 4.05 36.79 -96.57
N GLU SB 112 4.46 35.54 -96.83
CA GLU SB 112 4.28 34.95 -98.15
C GLU SB 112 2.81 34.91 -98.57
N ARG SB 113 1.89 34.81 -97.63
CA ARG SB 113 0.48 34.78 -97.97
C ARG SB 113 -0.10 36.15 -98.33
N ALA SB 114 0.71 37.20 -98.36
CA ALA SB 114 0.15 38.53 -98.54
C ALA SB 114 -0.19 38.79 -100.00
N THR SB 115 -1.16 39.67 -100.21
CA THR SB 115 -1.61 40.01 -101.56
C THR SB 115 -0.66 41.02 -102.20
N LEU SB 116 -0.63 41.00 -103.54
CA LEU SB 116 0.04 42.05 -104.28
C LEU SB 116 -0.42 43.42 -103.79
N ASP SB 117 -1.71 43.55 -103.46
CA ASP SB 117 -2.21 44.82 -102.94
C ASP SB 117 -1.55 45.16 -101.62
N ASN SB 118 -1.43 44.18 -100.71
CA ASN SB 118 -0.77 44.42 -99.43
C ASN SB 118 0.67 44.89 -99.63
N ARG SB 119 1.37 44.28 -100.61
CA ARG SB 119 2.76 44.64 -100.84
C ARG SB 119 2.89 46.04 -101.41
N LYS SB 120 2.03 46.38 -102.39
CA LYS SB 120 2.03 47.74 -102.92
C LYS SB 120 1.72 48.74 -101.82
N ASP SB 121 0.77 48.41 -100.94
CA ASP SB 121 0.41 49.27 -99.82
C ASP SB 121 1.63 49.54 -98.93
N ILE SB 122 2.27 48.48 -98.45
CA ILE SB 122 3.36 48.65 -97.49
C ILE SB 122 4.52 49.40 -98.14
N ARG SB 123 4.85 49.08 -99.39
CA ARG SB 123 5.94 49.79 -100.08
C ARG SB 123 5.63 51.27 -100.21
N LYS SB 124 4.52 51.61 -100.87
CA LYS SB 124 4.19 53.01 -101.09
C LYS SB 124 4.10 53.78 -99.79
N MET SB 125 3.43 53.20 -98.79
CA MET SB 125 3.11 53.95 -97.58
C MET SB 125 4.35 54.15 -96.73
N HIS SB 126 5.25 53.16 -96.67
CA HIS SB 126 6.50 53.39 -95.94
C HIS SB 126 7.37 54.41 -96.66
N ALA SB 127 7.52 54.29 -97.98
CA ALA SB 127 8.31 55.28 -98.72
C ALA SB 127 7.77 56.68 -98.50
N LEU SB 128 6.44 56.81 -98.43
CA LEU SB 128 5.84 58.11 -98.13
C LEU SB 128 6.12 58.53 -96.70
N ALA SB 129 6.07 57.59 -95.76
CA ALA SB 129 6.30 57.91 -94.35
C ALA SB 129 7.72 58.45 -94.14
N LEU SB 130 8.65 58.09 -95.03
CA LEU SB 130 9.99 58.66 -94.96
C LEU SB 130 10.04 60.12 -95.44
N THR SB 131 8.98 60.64 -96.06
CA THR SB 131 9.00 61.99 -96.59
C THR SB 131 8.01 62.92 -95.89
N THR SB 132 7.35 62.45 -94.83
CA THR SB 132 6.44 63.29 -94.08
C THR SB 132 7.18 64.44 -93.42
N SER SB 133 6.45 65.52 -93.11
CA SER SB 133 7.06 66.67 -92.46
C SER SB 133 7.70 66.28 -91.13
N GLU SB 134 7.09 65.34 -90.41
CA GLU SB 134 7.67 64.84 -89.17
C GLU SB 134 8.97 64.09 -89.41
N ALA SB 135 8.99 63.22 -90.43
CA ALA SB 135 10.22 62.51 -90.76
C ALA SB 135 11.33 63.47 -91.16
N ILE SB 136 10.98 64.51 -91.90
CA ILE SB 136 11.99 65.48 -92.31
C ILE SB 136 12.50 66.26 -91.10
N ALA SB 137 11.60 66.63 -90.20
CA ALA SB 137 12.02 67.33 -88.98
C ALA SB 137 12.91 66.47 -88.10
N MET SB 138 12.67 65.15 -88.09
CA MET SB 138 13.47 64.28 -87.22
C MET SB 138 14.83 63.93 -87.84
N ILE SB 139 14.88 63.69 -89.15
CA ILE SB 139 16.14 63.26 -89.77
C ILE SB 139 17.01 64.46 -90.14
N GLU SB 140 16.42 65.52 -90.69
CA GLU SB 140 17.20 66.66 -91.14
C GLU SB 140 17.39 67.69 -90.04
N SER SB 141 16.30 68.05 -89.35
CA SER SB 141 16.34 69.08 -88.32
C SER SB 141 16.62 68.53 -86.92
N LEU SB 142 16.57 67.22 -86.74
CA LEU SB 142 16.94 66.59 -85.47
C LEU SB 142 16.05 67.07 -84.32
N GLN SB 143 14.75 67.13 -84.57
CA GLN SB 143 13.76 67.55 -83.58
C GLN SB 143 12.69 66.48 -83.45
N PHE SB 144 12.46 66.02 -82.22
CA PHE SB 144 11.42 65.06 -81.93
C PHE SB 144 10.05 65.75 -81.87
N VAL SB 145 8.99 64.95 -81.72
CA VAL SB 145 7.62 65.46 -81.62
C VAL SB 145 7.23 65.53 -80.15
N TYR SB 146 6.70 66.68 -79.73
CA TYR SB 146 6.35 66.90 -78.33
C TYR SB 146 4.89 67.32 -78.16
N PRO TB 1 25.98 31.98 -121.37
CA PRO TB 1 24.76 32.75 -121.69
C PRO TB 1 24.24 33.50 -120.46
N GLN TB 2 24.01 34.80 -120.59
CA GLN TB 2 23.49 35.55 -119.45
C GLN TB 2 22.09 35.07 -119.13
N ALA TB 3 21.73 35.10 -117.85
CA ALA TB 3 20.41 34.64 -117.44
C ALA TB 3 19.34 35.56 -118.02
N ALA TB 4 18.29 34.95 -118.56
CA ALA TB 4 17.15 35.71 -119.06
C ALA TB 4 15.89 34.88 -118.90
N ASP TB 5 14.74 35.52 -119.15
CA ASP TB 5 13.46 34.83 -119.04
C ASP TB 5 13.45 33.59 -119.92
N ILE TB 6 12.82 32.52 -119.41
CA ILE TB 6 12.64 31.29 -120.16
C ILE TB 6 11.15 31.11 -120.38
N VAL TB 7 10.73 31.06 -121.64
CA VAL TB 7 9.30 30.99 -121.96
C VAL TB 7 8.98 29.60 -122.52
N ILE TB 8 8.04 28.92 -121.88
CA ILE TB 8 7.67 27.55 -122.23
C ILE TB 8 6.17 27.48 -122.41
N ALA TB 9 5.73 26.80 -123.45
CA ALA TB 9 4.30 26.76 -123.78
C ALA TB 9 3.55 25.76 -122.90
N ASP TB 10 2.29 26.10 -122.60
CA ASP TB 10 1.41 25.22 -121.86
C ASP TB 10 0.99 24.04 -122.73
N ALA TB 11 0.16 23.17 -122.17
CA ALA TB 11 -0.43 22.06 -122.92
C ALA TB 11 -1.94 22.19 -123.04
N GLN TB 12 -2.46 23.42 -122.98
CA GLN TB 12 -3.90 23.62 -123.04
C GLN TB 12 -4.39 23.52 -124.48
N ALA TB 13 -5.72 23.54 -124.62
CA ALA TB 13 -6.34 23.59 -125.94
C ALA TB 13 -5.70 24.66 -126.80
N THR TB 14 -5.74 25.90 -126.33
CA THR TB 14 -4.90 26.95 -126.87
C THR TB 14 -3.71 27.10 -125.95
N PRO TB 15 -2.51 26.68 -126.36
CA PRO TB 15 -1.35 26.77 -125.45
C PRO TB 15 -1.16 28.19 -124.92
N VAL TB 16 -0.81 28.27 -123.63
CA VAL TB 16 -0.58 29.52 -122.93
C VAL TB 16 0.88 29.60 -122.52
N ASN TB 17 1.56 30.67 -122.90
CA ASN TB 17 2.98 30.80 -122.60
C ASN TB 17 3.19 31.11 -121.11
N HIS TB 18 4.04 30.31 -120.47
CA HIS TB 18 4.48 30.59 -119.11
C HIS TB 18 5.88 31.18 -119.17
N THR TB 19 6.06 32.33 -118.51
CA THR TB 19 7.35 33.02 -118.50
C THR TB 19 8.01 32.80 -117.14
N PHE TB 20 9.18 32.16 -117.14
CA PHE TB 20 9.97 31.89 -115.95
C PHE TB 20 11.05 32.96 -115.84
N VAL TB 21 10.86 33.89 -114.91
CA VAL TB 21 11.82 34.95 -114.61
C VAL TB 21 12.92 34.35 -113.76
N PRO TB 22 14.20 34.62 -114.03
CA PRO TB 22 15.25 34.08 -113.15
C PRO TB 22 15.16 34.65 -111.74
N ILE TB 23 15.18 33.75 -110.76
CA ILE TB 23 15.39 34.13 -109.37
C ILE TB 23 16.87 34.24 -109.06
N GLY TB 24 17.69 33.40 -109.68
CA GLY TB 24 19.12 33.46 -109.44
C GLY TB 24 19.67 32.15 -108.94
N PRO TB 25 20.94 32.15 -108.56
CA PRO TB 25 21.56 30.91 -108.10
C PRO TB 25 21.10 30.56 -106.69
N ASP TB 26 21.02 29.26 -106.44
CA ASP TB 26 20.63 28.77 -105.13
C ASP TB 26 21.67 29.24 -104.12
N PRO TB 27 21.27 29.91 -103.03
CA PRO TB 27 22.27 30.31 -102.03
C PRO TB 27 22.97 29.14 -101.38
N LYS TB 28 22.29 27.99 -101.26
CA LYS TB 28 22.90 26.82 -100.65
C LYS TB 28 23.90 26.15 -101.59
N ASP TB 29 23.60 26.12 -102.89
CA ASP TB 29 24.47 25.49 -103.89
C ASP TB 29 24.59 26.42 -105.10
N ALA TB 30 25.81 26.89 -105.36
CA ALA TB 30 26.04 27.84 -106.43
C ALA TB 30 25.96 27.23 -107.83
N THR TB 31 25.98 25.90 -107.94
CA THR TB 31 25.96 25.24 -109.24
C THR TB 31 24.55 25.01 -109.77
N ILE TB 32 23.53 25.54 -109.13
CA ILE TB 32 22.16 25.32 -109.57
C ILE TB 32 21.46 26.67 -109.60
N TYR TB 33 20.80 26.97 -110.72
CA TYR TB 33 20.17 28.25 -111.00
C TYR TB 33 18.67 28.07 -111.12
N TRP TB 34 17.92 29.09 -110.72
CA TRP TB 34 16.47 29.00 -110.55
C TRP TB 34 15.75 30.10 -111.30
N TRP TB 35 14.76 29.70 -112.11
CA TRP TB 35 13.74 30.54 -112.69
C TRP TB 35 12.38 30.20 -112.07
N GLU TB 36 11.46 31.16 -112.09
CA GLU TB 36 10.17 31.03 -111.42
C GLU TB 36 9.06 31.62 -112.29
N ASP TB 37 7.96 30.89 -112.39
CA ASP TB 37 6.76 31.33 -113.10
C ASP TB 37 5.81 31.95 -112.08
N GLN TB 38 5.63 33.27 -112.14
CA GLN TB 38 4.89 33.99 -111.12
C GLN TB 38 3.42 34.20 -111.49
N SER TB 39 2.89 33.40 -112.41
CA SER TB 39 1.53 33.60 -112.89
C SER TB 39 0.48 32.88 -112.05
N GLN TB 40 0.90 32.17 -111.01
CA GLN TB 40 -0.01 31.34 -110.23
C GLN TB 40 -0.72 32.20 -109.18
N ALA TB 41 -1.50 31.54 -108.32
CA ALA TB 41 -2.45 32.27 -107.47
C ALA TB 41 -1.78 32.98 -106.31
N SER TB 42 -0.78 32.35 -105.69
CA SER TB 42 0.01 32.97 -104.63
C SER TB 42 1.38 32.34 -104.66
N PRO TB 43 2.39 32.96 -104.02
CA PRO TB 43 3.78 32.52 -104.25
C PRO TB 43 4.04 31.06 -103.95
N ALA TB 44 3.38 30.49 -102.94
CA ALA TB 44 3.61 29.08 -102.61
C ALA TB 44 3.38 28.17 -103.80
N GLY TB 45 2.51 28.56 -104.73
CA GLY TB 45 2.18 27.80 -105.92
C GLY TB 45 2.88 28.21 -107.19
N TYR TB 46 3.86 29.13 -107.12
CA TYR TB 46 4.62 29.54 -108.30
C TYR TB 46 5.40 28.36 -108.87
N TRP TB 47 5.27 28.11 -110.16
CA TRP TB 47 6.04 27.04 -110.78
C TRP TB 47 7.51 27.44 -110.89
N ARG TB 48 8.40 26.45 -110.78
CA ARG TB 48 9.82 26.73 -110.78
C ARG TB 48 10.56 25.79 -111.72
N LEU TB 49 11.71 26.27 -112.17
CA LEU TB 49 12.58 25.54 -113.09
C LEU TB 49 14.01 25.74 -112.61
N SER TB 50 14.79 24.66 -112.60
CA SER TB 50 16.15 24.69 -112.07
C SER TB 50 17.10 23.99 -113.04
N MET TB 51 18.26 24.60 -113.27
CA MET TB 51 19.28 24.00 -114.11
C MET TB 51 20.61 23.98 -113.37
N GLN TB 52 21.28 22.84 -113.38
CA GLN TB 52 22.49 22.63 -112.60
C GLN TB 52 23.59 22.06 -113.48
N LEU TB 53 24.78 22.66 -113.38
CA LEU TB 53 25.97 22.21 -114.09
C LEU TB 53 27.07 21.98 -113.08
N VAL TB 54 27.51 20.73 -112.97
CA VAL TB 54 28.55 20.33 -112.05
C VAL TB 54 29.72 19.81 -112.89
N ARG TB 55 30.73 20.66 -113.06
CA ARG TB 55 31.99 20.39 -113.71
C ARG TB 55 33.02 19.98 -112.66
N PRO TB 56 33.88 19.02 -112.99
CA PRO TB 56 34.84 18.54 -112.00
C PRO TB 56 36.01 19.50 -111.87
N ALA TB 57 36.74 19.33 -110.76
CA ALA TB 57 37.94 20.11 -110.54
C ALA TB 57 38.90 19.89 -111.71
N PRO TB 58 39.66 20.91 -112.09
CA PRO TB 58 40.44 20.83 -113.33
C PRO TB 58 41.43 19.67 -113.33
N ALA TB 59 41.62 19.10 -114.52
CA ALA TB 59 42.57 18.01 -114.68
C ALA TB 59 43.97 18.47 -114.29
N LYS TB 60 44.71 17.57 -113.64
CA LYS TB 60 46.06 17.87 -113.19
C LYS TB 60 47.08 17.14 -114.06
N ALA TB 61 48.31 17.63 -114.03
CA ALA TB 61 49.36 17.08 -114.88
C ALA TB 61 49.61 15.62 -114.53
N GLY TB 62 49.60 14.77 -115.55
CA GLY TB 62 49.79 13.35 -115.35
C GLY TB 62 48.66 12.62 -114.67
N GLN TB 63 47.53 13.29 -114.40
CA GLN TB 63 46.41 12.67 -113.73
C GLN TB 63 45.63 11.80 -114.72
N ASN TB 64 44.87 10.84 -114.20
CA ASN TB 64 44.10 9.94 -115.03
C ASN TB 64 42.65 10.42 -115.12
N THR TB 65 42.16 10.57 -116.34
CA THR TB 65 40.87 11.21 -116.59
C THR TB 65 39.71 10.23 -116.65
N ASN TB 66 39.97 8.93 -116.74
CA ASN TB 66 38.98 7.99 -117.26
C ASN TB 66 37.75 7.87 -116.37
N GLN TB 67 37.73 8.53 -115.21
CA GLN TB 67 36.56 8.50 -114.35
C GLN TB 67 35.95 9.87 -114.07
N ARG TB 68 36.58 10.96 -114.50
CA ARG TB 68 36.04 12.27 -114.22
C ARG TB 68 34.83 12.54 -115.10
N MET TB 69 33.79 13.13 -114.53
CA MET TB 69 32.52 13.28 -115.24
C MET TB 69 31.83 14.59 -114.89
N ILE TB 70 31.04 15.09 -115.86
CA ILE TB 70 30.26 16.31 -115.75
C ILE TB 70 28.80 15.92 -115.64
N ARG TB 71 28.06 16.61 -114.77
CA ARG TB 71 26.65 16.32 -114.60
C ARG TB 71 25.82 17.57 -114.89
N VAL TB 72 24.66 17.38 -115.51
CA VAL TB 72 23.72 18.47 -115.76
C VAL TB 72 22.34 18.00 -115.36
N ARG TB 73 21.67 18.76 -114.50
CA ARG TB 73 20.35 18.39 -113.99
C ARG TB 73 19.36 19.51 -114.28
N VAL TB 74 18.31 19.20 -115.03
CA VAL TB 74 17.22 20.12 -115.30
C VAL TB 74 15.99 19.59 -114.59
N SER TB 75 15.35 20.45 -113.80
CA SER TB 75 14.23 20.05 -112.97
C SER TB 75 13.09 21.05 -113.11
N THR TB 76 11.86 20.56 -113.21
CA THR TB 76 10.68 21.43 -113.30
C THR TB 76 9.65 21.01 -112.27
N PHE TB 77 9.16 22.00 -111.51
CA PHE TB 77 8.17 21.81 -110.46
C PHE TB 77 6.94 22.64 -110.78
N GLU TB 78 5.77 22.00 -110.81
CA GLU TB 78 4.51 22.67 -111.13
C GLU TB 78 3.50 22.43 -110.02
N PRO TB 79 3.72 22.99 -108.84
CA PRO TB 79 2.80 22.74 -107.72
C PRO TB 79 1.42 23.30 -108.01
N ILE TB 80 0.40 22.53 -107.61
CA ILE TB 80 -0.99 22.91 -107.78
C ILE TB 80 -1.53 23.36 -106.42
N LEU TB 81 -1.99 24.60 -106.35
CA LEU TB 81 -2.48 25.14 -105.09
C LEU TB 81 -3.83 24.55 -104.72
N GLU TB 82 -4.01 24.28 -103.43
CA GLU TB 82 -5.30 23.78 -102.97
C GLU TB 82 -6.36 24.86 -103.13
N VAL TB 83 -7.56 24.45 -103.56
CA VAL TB 83 -8.70 25.35 -103.65
C VAL TB 83 -9.50 25.26 -102.36
N ALA TB 84 -9.80 26.40 -101.77
CA ALA TB 84 -10.41 26.44 -100.45
C ALA TB 84 -11.88 26.08 -100.53
N VAL TB 85 -12.37 25.38 -99.50
CA VAL TB 85 -13.80 25.20 -99.29
C VAL TB 85 -14.12 25.76 -97.92
N THR TB 86 -15.38 25.66 -97.52
CA THR TB 86 -15.82 26.25 -96.26
C THR TB 86 -15.17 25.53 -95.09
N ALA TB 87 -14.43 26.27 -94.28
CA ALA TB 87 -13.85 25.74 -93.05
C ALA TB 87 -14.88 25.82 -91.94
N THR TB 88 -15.09 24.71 -91.23
CA THR TB 88 -16.19 24.60 -90.29
C THR TB 88 -15.77 24.58 -88.84
N TYR TB 89 -14.51 24.27 -88.53
CA TYR TB 89 -14.08 24.29 -87.13
C TYR TB 89 -13.93 25.72 -86.63
N SER TB 90 -13.16 26.55 -87.34
CA SER TB 90 -12.88 27.90 -86.89
C SER TB 90 -13.56 28.96 -87.74
N GLY TB 91 -14.10 28.61 -88.91
CA GLY TB 91 -14.66 29.61 -89.80
C GLY TB 91 -13.64 30.52 -90.43
N ILE TB 92 -12.35 30.22 -90.24
CA ILE TB 92 -11.24 31.00 -90.77
C ILE TB 92 -10.64 30.22 -91.93
N ALA TB 93 -10.74 30.78 -93.13
CA ALA TB 93 -10.22 30.09 -94.31
C ALA TB 93 -8.73 29.85 -94.16
N PRO TB 94 -8.22 28.72 -94.66
CA PRO TB 94 -6.83 28.35 -94.38
C PRO TB 94 -5.85 29.12 -95.25
N SER TB 95 -4.63 29.23 -94.73
CA SER TB 95 -3.54 29.80 -95.51
C SER TB 95 -3.38 29.05 -96.83
N PRO TB 96 -2.88 29.70 -97.88
CA PRO TB 96 -2.67 28.98 -99.14
C PRO TB 96 -1.73 27.82 -98.91
N THR TB 97 -2.20 26.63 -99.28
CA THR TB 97 -1.44 25.40 -99.07
C THR TB 97 -1.30 24.68 -100.40
N VAL TB 98 -0.14 24.05 -100.58
CA VAL TB 98 0.12 23.31 -101.80
C VAL TB 98 -0.56 21.95 -101.70
N SER TB 99 -1.39 21.63 -102.71
CA SER TB 99 -2.15 20.39 -102.67
C SER TB 99 -1.30 19.19 -103.08
N TYR TB 100 -0.64 19.28 -104.24
CA TYR TB 100 0.25 18.22 -104.71
C TYR TB 100 1.18 18.82 -105.74
N VAL TB 101 2.28 18.11 -106.01
CA VAL TB 101 3.27 18.66 -106.93
C VAL TB 101 3.67 17.67 -108.00
N PRO TB 102 3.19 17.84 -109.24
CA PRO TB 102 3.77 17.11 -110.37
C PRO TB 102 5.13 17.68 -110.71
N LYS TB 103 6.12 16.81 -110.86
CA LYS TB 103 7.47 17.32 -111.09
C LYS TB 103 8.25 16.39 -111.99
N ALA TB 104 9.35 16.91 -112.54
CA ALA TB 104 10.20 16.13 -113.42
C ALA TB 104 11.66 16.50 -113.18
N PHE TB 105 12.52 15.48 -113.30
CA PHE TB 105 13.94 15.60 -112.98
C PHE TB 105 14.72 14.85 -114.04
N THR TB 106 15.57 15.56 -114.79
CA THR TB 106 16.41 14.97 -115.83
C THR TB 106 17.87 15.19 -115.49
N GLU TB 107 18.67 14.12 -115.52
CA GLU TB 107 20.10 14.17 -115.22
C GLU TB 107 20.88 13.60 -116.39
N PHE TB 108 21.77 14.41 -116.96
CA PHE TB 108 22.73 13.99 -117.95
C PHE TB 108 24.05 13.71 -117.26
N VAL TB 109 24.60 12.52 -117.49
CA VAL TB 109 25.95 12.16 -117.08
C VAL TB 109 26.80 12.16 -118.34
N LEU TB 110 27.66 13.15 -118.46
CA LEU TB 110 28.54 13.34 -119.62
C LEU TB 110 29.96 13.17 -119.14
N PRO TB 111 30.63 12.06 -119.41
CA PRO TB 111 32.03 11.93 -119.03
C PRO TB 111 32.88 12.98 -119.74
N GLU TB 112 33.84 13.55 -119.00
CA GLU TB 112 34.64 14.64 -119.54
C GLU TB 112 35.31 14.26 -120.85
N ARG TB 113 35.76 13.00 -120.93
CA ARG TB 113 36.31 12.42 -122.15
C ARG TB 113 35.42 12.61 -123.38
N ALA TB 114 34.10 12.73 -123.21
CA ALA TB 114 33.19 12.66 -124.35
C ALA TB 114 33.32 13.89 -125.24
N THR TB 115 33.07 13.68 -126.54
CA THR TB 115 33.19 14.74 -127.53
C THR TB 115 31.91 15.57 -127.61
N LEU TB 116 32.06 16.77 -128.19
CA LEU TB 116 30.92 17.65 -128.43
C LEU TB 116 29.83 16.91 -129.19
N ASP TB 117 30.21 16.10 -130.17
CA ASP TB 117 29.22 15.32 -130.90
C ASP TB 117 28.47 14.38 -129.97
N ASN TB 118 29.18 13.72 -129.05
CA ASN TB 118 28.53 12.84 -128.09
C ASN TB 118 27.51 13.60 -127.25
N ARG TB 119 27.88 14.81 -126.80
CA ARG TB 119 26.98 15.59 -125.95
C ARG TB 119 25.75 16.06 -126.73
N LYS TB 120 25.96 16.52 -127.97
CA LYS TB 120 24.83 16.92 -128.81
C LYS TB 120 23.90 15.74 -129.07
N ASP TB 121 24.49 14.56 -129.30
CA ASP TB 121 23.71 13.34 -129.51
C ASP TB 121 22.83 13.04 -128.32
N ILE TB 122 23.43 12.96 -127.13
CA ILE TB 122 22.66 12.55 -125.96
C ILE TB 122 21.56 13.57 -125.65
N ARG TB 123 21.88 14.87 -125.73
CA ARG TB 123 20.87 15.89 -125.47
C ARG TB 123 19.71 15.79 -126.45
N LYS TB 124 20.00 15.86 -127.75
CA LYS TB 124 18.92 15.83 -128.74
C LYS TB 124 18.10 14.57 -128.63
N MET TB 125 18.78 13.42 -128.50
CA MET TB 125 18.07 12.15 -128.60
C MET TB 125 17.22 11.89 -127.36
N HIS TB 126 17.68 12.31 -126.18
CA HIS TB 126 16.84 12.17 -125.01
C HIS TB 126 15.64 13.13 -125.08
N ALA TB 127 15.90 14.40 -125.43
CA ALA TB 127 14.80 15.36 -125.54
C ALA TB 127 13.75 14.90 -126.52
N LEU TB 128 14.16 14.17 -127.56
CA LEU TB 128 13.21 13.57 -128.48
C LEU TB 128 12.53 12.36 -127.86
N ALA TB 129 13.27 11.54 -127.11
CA ALA TB 129 12.69 10.34 -126.51
C ALA TB 129 11.57 10.70 -125.55
N LEU TB 130 11.61 11.90 -124.98
CA LEU TB 130 10.51 12.35 -124.13
C LEU TB 130 9.26 12.74 -124.92
N THR TB 131 9.33 12.81 -126.25
CA THR TB 131 8.18 13.19 -127.07
C THR TB 131 7.64 12.04 -127.90
N THR TB 132 8.17 10.83 -127.74
CA THR TB 132 7.69 9.68 -128.48
C THR TB 132 6.25 9.34 -128.08
N SER TB 133 5.54 8.66 -128.99
CA SER TB 133 4.18 8.25 -128.69
C SER TB 133 4.12 7.36 -127.46
N GLU TB 134 5.16 6.54 -127.26
CA GLU TB 134 5.23 5.68 -126.08
C GLU TB 134 5.36 6.50 -124.80
N ALA TB 135 6.24 7.50 -124.80
CA ALA TB 135 6.39 8.37 -123.64
C ALA TB 135 5.11 9.14 -123.36
N ILE TB 136 4.44 9.61 -124.42
CA ILE TB 136 3.17 10.31 -124.24
C ILE TB 136 2.14 9.38 -123.62
N ALA TB 137 2.08 8.14 -124.09
CA ALA TB 137 1.10 7.18 -123.56
C ALA TB 137 1.39 6.86 -122.10
N MET TB 138 2.65 6.73 -121.72
CA MET TB 138 2.98 6.38 -120.33
C MET TB 138 2.71 7.55 -119.39
N ILE TB 139 3.13 8.75 -119.76
CA ILE TB 139 3.03 9.87 -118.83
C ILE TB 139 1.61 10.44 -118.80
N GLU TB 140 0.97 10.57 -119.95
CA GLU TB 140 -0.34 11.20 -120.01
C GLU TB 140 -1.47 10.21 -119.78
N SER TB 141 -1.42 9.05 -120.43
CA SER TB 141 -2.50 8.07 -120.41
C SER TB 141 -2.22 6.90 -119.48
N LEU TB 142 -1.03 6.82 -118.91
CA LEU TB 142 -0.71 5.82 -117.89
C LEU TB 142 -0.81 4.39 -118.44
N GLN TB 143 -0.23 4.19 -119.62
CA GLN TB 143 -0.26 2.90 -120.30
C GLN TB 143 1.16 2.44 -120.60
N PHE TB 144 1.43 1.17 -120.29
CA PHE TB 144 2.72 0.56 -120.59
C PHE TB 144 2.71 0.01 -122.02
N VAL TB 145 3.83 -0.58 -122.43
CA VAL TB 145 3.95 -1.19 -123.75
C VAL TB 145 4.01 -2.71 -123.59
N TYR TB 146 3.45 -3.43 -124.56
CA TYR TB 146 3.28 -4.87 -124.39
C TYR TB 146 3.58 -5.67 -125.65
N PRO UB 1 4.25 86.34 30.20
CA PRO UB 1 3.05 87.08 29.80
C PRO UB 1 2.13 86.23 28.93
N GLN UB 2 0.83 86.53 28.93
CA GLN UB 2 -0.10 85.79 28.10
C GLN UB 2 0.10 86.14 26.63
N ALA UB 3 -0.11 85.14 25.77
CA ALA UB 3 0.14 85.31 24.35
C ALA UB 3 -0.96 86.15 23.70
N ALA UB 4 -0.54 87.11 22.88
CA ALA UB 4 -1.49 87.95 22.17
C ALA UB 4 -0.93 88.30 20.79
N ASP UB 5 -1.73 88.99 19.99
CA ASP UB 5 -1.35 89.35 18.62
C ASP UB 5 -0.02 90.10 18.61
N ILE UB 6 0.79 89.83 17.59
CA ILE UB 6 2.06 90.53 17.39
C ILE UB 6 1.96 91.28 16.07
N VAL UB 7 2.10 92.60 16.11
CA VAL UB 7 1.91 93.41 14.91
C VAL UB 7 3.26 93.98 14.49
N ILE UB 8 3.65 93.71 13.24
CA ILE UB 8 4.95 94.10 12.70
C ILE UB 8 4.74 94.82 11.38
N ALA UB 9 5.45 95.93 11.19
CA ALA UB 9 5.25 96.77 10.03
C ALA UB 9 5.97 96.19 8.80
N ASP UB 10 5.35 96.42 7.64
CA ASP UB 10 5.92 96.03 6.35
C ASP UB 10 7.12 96.91 6.01
N ALA UB 11 7.75 96.62 4.88
CA ALA UB 11 8.80 97.47 4.34
C ALA UB 11 8.39 98.07 2.99
N GLN UB 12 7.08 98.20 2.76
CA GLN UB 12 6.61 98.81 1.52
C GLN UB 12 6.81 100.32 1.55
N ALA UB 13 6.59 100.94 0.39
CA ALA UB 13 6.62 102.40 0.31
C ALA UB 13 5.72 103.02 1.37
N THR UB 14 4.46 102.62 1.38
CA THR UB 14 3.59 102.88 2.52
C THR UB 14 3.50 101.61 3.34
N PRO UB 15 4.14 101.53 4.50
CA PRO UB 15 4.18 100.28 5.25
C PRO UB 15 2.78 99.77 5.60
N VAL UB 16 2.65 98.45 5.64
CA VAL UB 16 1.40 97.76 5.94
C VAL UB 16 1.60 96.89 7.16
N ASN UB 17 0.73 97.05 8.15
CA ASN UB 17 0.85 96.27 9.38
C ASN UB 17 0.43 94.83 9.12
N HIS UB 18 1.31 93.88 9.42
CA HIS UB 18 0.98 92.47 9.41
C HIS UB 18 0.72 92.03 10.85
N THR UB 19 -0.43 91.39 11.07
CA THR UB 19 -0.85 90.96 12.39
C THR UB 19 -0.69 89.44 12.48
N PHE UB 20 0.24 89.00 13.34
CA PHE UB 20 0.51 87.60 13.61
C PHE UB 20 -0.35 87.15 14.79
N VAL UB 21 -1.41 86.43 14.49
CA VAL UB 21 -2.31 85.88 15.51
C VAL UB 21 -1.61 84.71 16.19
N PRO UB 22 -1.71 84.55 17.51
CA PRO UB 22 -1.07 83.39 18.15
C PRO UB 22 -1.78 82.10 17.77
N ILE UB 23 -1.01 81.18 17.17
CA ILE UB 23 -1.52 79.85 16.88
C ILE UB 23 -1.37 78.93 18.08
N GLY UB 24 -0.24 79.02 18.78
CA GLY UB 24 -0.07 78.21 19.97
C GLY UB 24 1.27 77.53 20.03
N PRO UB 25 1.48 76.71 21.05
CA PRO UB 25 2.77 76.05 21.18
C PRO UB 25 2.93 74.93 20.16
N ASP UB 26 4.19 74.65 19.82
CA ASP UB 26 4.51 73.59 18.87
C ASP UB 26 4.18 72.24 19.47
N PRO UB 27 3.47 71.36 18.75
CA PRO UB 27 3.13 70.05 19.32
C PRO UB 27 4.35 69.22 19.70
N LYS UB 28 5.43 69.32 18.92
CA LYS UB 28 6.63 68.53 19.19
C LYS UB 28 7.43 69.09 20.35
N ASP UB 29 7.54 70.42 20.46
CA ASP UB 29 8.37 71.06 21.48
C ASP UB 29 7.53 72.08 22.23
N ALA UB 30 7.41 71.89 23.54
CA ALA UB 30 6.62 72.80 24.37
C ALA UB 30 7.31 74.14 24.62
N THR UB 31 8.58 74.28 24.24
CA THR UB 31 9.35 75.50 24.49
C THR UB 31 9.25 76.51 23.36
N ILE UB 32 8.60 76.18 22.26
CA ILE UB 32 8.55 77.05 21.10
C ILE UB 32 7.10 77.34 20.79
N TYR UB 33 6.80 78.61 20.53
CA TYR UB 33 5.44 79.12 20.38
C TYR UB 33 5.31 79.82 19.04
N TRP UB 34 4.15 79.66 18.39
CA TRP UB 34 3.95 80.05 17.00
C TRP UB 34 2.82 81.07 16.87
N TRP UB 35 3.13 82.18 16.22
CA TRP UB 35 2.19 83.16 15.71
C TRP UB 35 2.19 83.09 14.18
N GLU UB 36 1.05 83.46 13.57
CA GLU UB 36 0.85 83.31 12.13
C GLU UB 36 0.09 84.50 11.57
N ASP UB 37 0.63 85.08 10.49
CA ASP UB 37 -0.03 86.11 9.71
C ASP UB 37 -0.83 85.41 8.61
N GLN UB 38 -2.16 85.50 8.72
CA GLN UB 38 -3.12 84.78 7.90
C GLN UB 38 -3.72 85.64 6.80
N SER UB 39 -3.03 86.71 6.42
CA SER UB 39 -3.54 87.65 5.44
C SER UB 39 -3.18 87.27 4.00
N GLN UB 40 -2.44 86.19 3.81
CA GLN UB 40 -1.94 85.83 2.49
C GLN UB 40 -3.03 85.04 1.74
N ALA UB 41 -2.68 84.54 0.55
CA ALA UB 41 -3.67 83.96 -0.36
C ALA UB 41 -4.30 82.69 0.24
N SER UB 42 -3.50 81.66 0.45
CA SER UB 42 -3.98 80.42 1.04
C SER UB 42 -3.02 80.03 2.16
N PRO UB 43 -3.44 79.14 3.06
CA PRO UB 43 -2.65 78.93 4.29
C PRO UB 43 -1.23 78.46 4.06
N ALA UB 44 -0.90 77.91 2.89
CA ALA UB 44 0.47 77.49 2.63
C ALA UB 44 1.44 78.66 2.55
N GLY UB 45 0.93 79.87 2.29
CA GLY UB 45 1.74 81.07 2.20
C GLY UB 45 1.62 82.01 3.38
N TYR UB 46 1.01 81.55 4.49
CA TYR UB 46 0.87 82.36 5.69
C TYR UB 46 2.25 82.63 6.30
N TRP UB 47 2.48 83.86 6.73
CA TRP UB 47 3.79 84.16 7.32
C TRP UB 47 3.82 83.72 8.79
N ARG UB 48 4.96 83.27 9.25
CA ARG UB 48 5.01 82.66 10.57
C ARG UB 48 6.13 83.27 11.40
N LEU UB 49 5.92 83.26 12.71
CA LEU UB 49 6.87 83.81 13.67
C LEU UB 49 6.90 82.86 14.86
N SER UB 50 8.09 82.38 15.21
CA SER UB 50 8.26 81.41 16.30
C SER UB 50 9.22 81.99 17.33
N MET UB 51 8.85 81.90 18.60
CA MET UB 51 9.71 82.31 19.69
C MET UB 51 9.88 81.15 20.66
N GLN UB 52 11.13 80.88 21.05
CA GLN UB 52 11.48 79.71 21.85
C GLN UB 52 12.37 80.11 23.01
N LEU UB 53 12.02 79.63 24.22
CA LEU UB 53 12.78 79.90 25.44
C LEU UB 53 13.12 78.56 26.10
N VAL UB 54 14.39 78.20 26.07
CA VAL UB 54 14.87 76.94 26.62
C VAL UB 54 15.64 77.26 27.90
N ARG UB 55 14.98 77.04 29.04
CA ARG UB 55 15.55 77.12 30.37
C ARG UB 55 16.18 75.79 30.75
N PRO UB 56 17.35 75.81 31.38
CA PRO UB 56 17.88 74.57 31.94
C PRO UB 56 17.10 74.12 33.17
N ALA UB 57 17.22 72.83 33.49
CA ALA UB 57 16.42 72.26 34.58
C ALA UB 57 16.86 72.83 35.93
N PRO UB 58 15.92 73.09 36.85
CA PRO UB 58 16.31 73.69 38.13
C PRO UB 58 17.24 72.81 38.94
N ALA UB 59 18.38 73.37 39.34
CA ALA UB 59 19.36 72.64 40.12
C ALA UB 59 20.22 73.60 40.93
N THR UB 65 28.15 72.96 36.13
CA THR UB 65 26.98 73.75 36.49
C THR UB 65 27.21 75.26 36.30
N ASN UB 66 28.43 75.66 35.98
CA ASN UB 66 28.67 77.00 35.45
C ASN UB 66 28.64 77.01 33.93
N GLN UB 67 28.24 75.91 33.31
CA GLN UB 67 28.00 75.82 31.88
C GLN UB 67 26.51 75.64 31.61
N ARG UB 68 25.67 76.31 32.37
CA ARG UB 68 24.23 76.23 32.23
C ARG UB 68 23.78 77.48 31.51
N MET UB 69 23.17 77.33 30.35
CA MET UB 69 22.89 78.48 29.51
C MET UB 69 21.45 78.43 29.06
N ILE UB 70 20.79 79.59 29.14
CA ILE UB 70 19.44 79.78 28.67
C ILE UB 70 19.51 80.17 27.19
N ARG UB 71 18.68 79.55 26.36
CA ARG UB 71 18.67 79.89 24.95
C ARG UB 71 17.34 80.49 24.55
N VAL UB 72 17.38 81.45 23.63
CA VAL UB 72 16.18 82.09 23.10
C VAL UB 72 16.31 82.16 21.58
N ARG UB 73 15.33 81.63 20.86
CA ARG UB 73 15.37 81.62 19.39
C ARG UB 73 14.12 82.30 18.85
N VAL UB 74 14.32 83.32 18.04
CA VAL UB 74 13.24 84.01 17.33
C VAL UB 74 13.43 83.77 15.84
N SER UB 75 12.39 83.28 15.18
CA SER UB 75 12.47 82.88 13.79
C SER UB 75 11.29 83.43 13.02
N THR UB 76 11.54 84.00 11.84
CA THR UB 76 10.49 84.55 10.99
C THR UB 76 10.57 83.92 9.61
N PHE UB 77 9.44 83.41 9.13
CA PHE UB 77 9.33 82.80 7.81
C PHE UB 77 8.31 83.59 7.00
N GLU UB 78 8.70 83.97 5.78
CA GLU UB 78 7.84 84.76 4.89
C GLU UB 78 7.73 84.09 3.52
N PRO UB 79 7.03 82.96 3.43
CA PRO UB 79 6.93 82.27 2.14
C PRO UB 79 6.17 83.10 1.11
N ILE UB 80 6.58 82.96 -0.14
CA ILE UB 80 5.97 83.68 -1.27
C ILE UB 80 5.32 82.67 -2.19
N LEU UB 81 4.00 82.77 -2.34
CA LEU UB 81 3.26 81.82 -3.16
C LEU UB 81 3.41 82.16 -4.64
N GLU UB 82 3.22 81.14 -5.49
CA GLU UB 82 3.17 81.35 -6.92
C GLU UB 82 1.82 81.95 -7.31
N VAL UB 83 1.85 82.82 -8.32
CA VAL UB 83 0.63 83.51 -8.75
C VAL UB 83 -0.31 82.54 -9.44
N ALA UB 84 -1.62 82.82 -9.34
CA ALA UB 84 -2.61 81.98 -9.98
C ALA UB 84 -2.30 81.80 -11.47
N VAL UB 85 -2.51 80.57 -11.97
CA VAL UB 85 -2.16 80.23 -13.35
C VAL UB 85 -3.29 80.63 -14.29
N THR UB 86 -2.91 81.07 -15.49
CA THR UB 86 -3.87 81.41 -16.53
C THR UB 86 -4.11 80.25 -17.47
N ALA UB 87 -3.19 79.29 -17.53
CA ALA UB 87 -3.31 78.16 -18.43
C ALA UB 87 -2.32 77.09 -18.02
N THR UB 88 -2.78 75.84 -18.01
CA THR UB 88 -1.90 74.70 -17.77
C THR UB 88 -2.12 73.67 -18.87
N TYR UB 89 -1.34 72.59 -18.83
CA TYR UB 89 -1.40 71.63 -19.93
C TYR UB 89 -2.73 70.89 -19.94
N SER UB 90 -3.30 70.66 -18.77
CA SER UB 90 -4.53 69.88 -18.64
C SER UB 90 -5.78 70.73 -18.48
N GLY UB 91 -5.63 72.02 -18.15
CA GLY UB 91 -6.77 72.88 -17.94
C GLY UB 91 -7.25 72.94 -16.51
N ILE UB 92 -6.66 72.19 -15.60
CA ILE UB 92 -6.98 72.25 -14.17
C ILE UB 92 -5.87 73.00 -13.46
N ALA UB 93 -6.24 74.01 -12.69
CA ALA UB 93 -5.24 74.83 -12.02
C ALA UB 93 -4.57 74.02 -10.90
N PRO UB 94 -3.26 74.14 -10.75
CA PRO UB 94 -2.56 73.39 -9.70
C PRO UB 94 -2.85 73.94 -8.31
N SER UB 95 -2.62 73.09 -7.31
CA SER UB 95 -2.79 73.49 -5.93
C SER UB 95 -1.85 74.65 -5.61
N PRO UB 96 -2.22 75.51 -4.66
CA PRO UB 96 -1.32 76.62 -4.29
C PRO UB 96 0.02 76.07 -3.83
N THR UB 97 1.09 76.55 -4.46
CA THR UB 97 2.43 76.07 -4.21
C THR UB 97 3.32 77.22 -3.78
N VAL UB 98 4.34 76.89 -2.99
CA VAL UB 98 5.26 77.89 -2.46
C VAL UB 98 6.42 78.05 -3.44
N SER UB 99 6.66 79.29 -3.88
CA SER UB 99 7.73 79.54 -4.84
C SER UB 99 9.11 79.51 -4.18
N TYR UB 100 9.27 80.28 -3.11
CA TYR UB 100 10.53 80.36 -2.38
C TYR UB 100 10.24 80.94 -1.01
N VAL UB 101 11.18 80.75 -0.08
CA VAL UB 101 10.94 81.20 1.29
C VAL UB 101 12.14 81.93 1.86
N PRO UB 102 12.12 83.27 1.89
CA PRO UB 102 13.10 84.00 2.69
C PRO UB 102 12.78 83.86 4.17
N LYS UB 103 13.82 83.65 4.98
CA LYS UB 103 13.57 83.41 6.40
C LYS UB 103 14.75 83.94 7.21
N ALA UB 104 14.52 84.03 8.52
CA ALA UB 104 15.53 84.53 9.44
C ALA UB 104 15.44 83.80 10.77
N PHE UB 105 16.60 83.55 11.38
CA PHE UB 105 16.73 82.77 12.60
C PHE UB 105 17.72 83.48 13.50
N THR UB 106 17.30 83.87 14.70
CA THR UB 106 18.18 84.55 15.66
C THR UB 106 18.18 83.75 16.96
N GLU UB 107 19.37 83.52 17.51
CA GLU UB 107 19.55 82.75 18.74
C GLU UB 107 20.39 83.53 19.71
N PHE UB 108 19.86 83.74 20.91
CA PHE UB 108 20.58 84.31 22.03
C PHE UB 108 21.01 83.18 22.94
N VAL UB 109 22.29 83.19 23.31
CA VAL UB 109 22.85 82.29 24.31
C VAL UB 109 23.17 83.15 25.52
N LEU UB 110 22.45 82.91 26.61
CA LEU UB 110 22.51 83.75 27.79
C LEU UB 110 22.91 82.90 28.99
N PRO UB 111 24.16 82.96 29.44
CA PRO UB 111 24.56 82.14 30.60
C PRO UB 111 23.70 82.48 31.82
N GLU UB 112 23.48 81.47 32.66
CA GLU UB 112 22.61 81.64 33.81
C GLU UB 112 23.17 82.64 34.82
N ARG UB 113 24.49 82.84 34.81
CA ARG UB 113 25.10 83.86 35.66
C ARG UB 113 24.91 85.28 35.13
N ALA UB 114 24.39 85.44 33.92
CA ALA UB 114 24.37 86.76 33.29
C ALA UB 114 23.27 87.62 33.89
N THR UB 115 23.60 88.88 34.16
CA THR UB 115 22.67 89.77 34.85
C THR UB 115 21.70 90.40 33.86
N LEU UB 116 20.60 90.93 34.42
CA LEU UB 116 19.59 91.60 33.61
C LEU UB 116 20.21 92.67 32.72
N ASP UB 117 21.21 93.38 33.25
CA ASP UB 117 21.89 94.39 32.42
C ASP UB 117 22.56 93.76 31.22
N ASN UB 118 23.24 92.61 31.42
CA ASN UB 118 23.88 91.92 30.31
C ASN UB 118 22.86 91.51 29.25
N ARG UB 119 21.70 91.00 29.71
CA ARG UB 119 20.68 90.55 28.76
C ARG UB 119 20.11 91.73 27.97
N LYS UB 120 19.82 92.84 28.66
CA LYS UB 120 19.33 94.02 27.97
C LYS UB 120 20.36 94.52 26.95
N ASP UB 121 21.64 94.51 27.34
CA ASP UB 121 22.72 94.91 26.44
C ASP UB 121 22.74 94.06 25.18
N ILE UB 122 22.78 92.74 25.34
CA ILE UB 122 22.94 91.87 24.17
C ILE UB 122 21.72 91.98 23.26
N ARG UB 123 20.52 92.03 23.83
CA ARG UB 123 19.32 92.16 23.01
C ARG UB 123 19.32 93.47 22.23
N LYS UB 124 19.43 94.61 22.94
CA LYS UB 124 19.39 95.91 22.26
C LYS UB 124 20.49 96.01 21.21
N MET UB 125 21.69 95.56 21.55
CA MET UB 125 22.83 95.80 20.68
C MET UB 125 22.80 94.91 19.44
N HIS UB 126 22.34 93.66 19.59
CA HIS UB 126 22.20 92.81 18.41
C HIS UB 126 21.09 93.31 17.50
N ALA UB 127 19.93 93.62 18.08
CA ALA UB 127 18.84 94.18 17.27
C ALA UB 127 19.30 95.40 16.49
N LEU UB 128 20.08 96.27 17.15
CA LEU UB 128 20.64 97.41 16.44
C LEU UB 128 21.63 96.97 15.36
N ALA UB 129 22.45 95.96 15.65
CA ALA UB 129 23.43 95.48 14.68
C ALA UB 129 22.77 94.98 13.41
N LEU UB 130 21.51 94.56 13.49
CA LEU UB 130 20.76 94.18 12.29
C LEU UB 130 20.29 95.37 11.47
N THR UB 131 20.40 96.60 11.99
CA THR UB 131 19.91 97.78 11.28
C THR UB 131 21.02 98.74 10.87
N THR UB 132 22.28 98.36 11.05
CA THR UB 132 23.40 99.20 10.64
C THR UB 132 23.42 99.35 9.12
N SER UB 133 24.11 100.39 8.64
CA SER UB 133 24.23 100.60 7.21
C SER UB 133 24.90 99.40 6.54
N GLU UB 134 25.88 98.81 7.23
CA GLU UB 134 26.54 97.62 6.70
C GLU UB 134 25.58 96.43 6.62
N ALA UB 135 24.78 96.22 7.67
CA ALA UB 135 23.80 95.13 7.64
C ALA UB 135 22.77 95.33 6.53
N ILE UB 136 22.35 96.57 6.32
CA ILE UB 136 21.36 96.84 5.28
C ILE UB 136 21.99 96.62 3.90
N ALA UB 137 23.25 97.01 3.73
CA ALA UB 137 23.94 96.78 2.46
C ALA UB 137 24.11 95.30 2.18
N MET UB 138 24.37 94.50 3.23
CA MET UB 138 24.59 93.06 3.03
C MET UB 138 23.28 92.33 2.76
N ILE UB 139 22.23 92.62 3.53
CA ILE UB 139 21.00 91.84 3.40
C ILE UB 139 20.15 92.32 2.23
N GLU UB 140 20.07 93.64 2.01
CA GLU UB 140 19.19 94.16 0.98
C GLU UB 140 19.89 94.30 -0.37
N SER UB 141 21.09 94.87 -0.38
CA SER UB 141 21.81 95.12 -1.62
C SER UB 141 22.83 94.05 -1.92
N LEU UB 142 23.08 93.13 -0.99
CA LEU UB 142 23.95 91.99 -1.23
C LEU UB 142 25.38 92.44 -1.54
N GLN UB 143 25.93 93.26 -0.66
CA GLN UB 143 27.28 93.79 -0.81
C GLN UB 143 28.09 93.48 0.44
N PHE UB 144 29.34 93.07 0.23
CA PHE UB 144 30.25 92.80 1.33
C PHE UB 144 31.03 94.07 1.66
N VAL UB 145 31.77 94.03 2.78
CA VAL UB 145 32.63 95.15 3.19
C VAL UB 145 34.06 94.86 2.78
N TYR UB 146 34.74 95.88 2.26
CA TYR UB 146 36.07 95.73 1.69
C TYR UB 146 37.08 96.70 2.30
N PRO VB 1 -7.84 76.96 37.76
CA PRO VB 1 -7.45 78.37 37.90
C PRO VB 1 -6.46 78.80 36.83
N GLN VB 2 -6.40 80.10 36.56
CA GLN VB 2 -5.47 80.60 35.58
C GLN VB 2 -4.07 80.74 36.18
N ALA VB 3 -3.08 80.80 35.30
CA ALA VB 3 -1.71 81.06 35.76
C ALA VB 3 -1.63 82.50 36.25
N ALA VB 4 -1.29 82.67 37.52
CA ALA VB 4 -1.16 83.99 38.13
C ALA VB 4 0.05 84.02 39.03
N ASP VB 5 0.46 85.23 39.41
CA ASP VB 5 1.54 85.38 40.38
C ASP VB 5 1.17 84.68 41.68
N ILE VB 6 2.17 84.11 42.34
CA ILE VB 6 2.00 83.48 43.64
C ILE VB 6 2.92 84.22 44.61
N VAL VB 7 2.34 84.77 45.68
CA VAL VB 7 3.12 85.61 46.59
C VAL VB 7 3.26 84.88 47.93
N ILE VB 8 4.50 84.71 48.36
CA ILE VB 8 4.83 83.95 49.57
C ILE VB 8 5.76 84.78 50.44
N ALA VB 9 5.50 84.79 51.74
CA ALA VB 9 6.23 85.64 52.67
C ALA VB 9 7.56 85.04 53.09
N ASP VB 10 8.56 85.91 53.25
CA ASP VB 10 9.87 85.53 53.77
C ASP VB 10 9.78 85.18 55.25
N ALA VB 11 10.87 84.63 55.78
CA ALA VB 11 10.99 84.38 57.21
C ALA VB 11 11.94 85.36 57.89
N GLN VB 12 12.11 86.55 57.34
CA GLN VB 12 12.97 87.55 57.94
C GLN VB 12 12.29 88.18 59.16
N ALA VB 13 13.07 88.95 59.90
CA ALA VB 13 12.52 89.70 61.04
C ALA VB 13 11.31 90.52 60.61
N THR VB 14 11.49 91.34 59.58
CA THR VB 14 10.37 91.95 58.89
C THR VB 14 10.16 91.18 57.60
N PRO VB 15 9.15 90.32 57.51
CA PRO VB 15 9.01 89.46 56.34
C PRO VB 15 8.92 90.25 55.04
N VAL VB 16 9.51 89.69 53.99
CA VAL VB 16 9.55 90.27 52.66
C VAL VB 16 8.75 89.39 51.72
N ASN VB 17 7.83 89.98 50.97
CA ASN VB 17 7.02 89.20 50.04
C ASN VB 17 7.83 88.87 48.80
N HIS VB 18 7.95 87.57 48.51
CA HIS VB 18 8.55 87.11 47.26
C HIS VB 18 7.43 86.79 46.29
N THR VB 19 7.50 87.36 45.09
CA THR VB 19 6.46 87.17 44.08
C THR VB 19 6.99 86.23 43.00
N PHE VB 20 6.34 85.06 42.88
CA PHE VB 20 6.68 84.04 41.89
C PHE VB 20 5.80 84.24 40.66
N VAL VB 21 6.39 84.80 39.61
CA VAL VB 21 5.73 85.05 38.33
C VAL VB 21 5.67 83.72 37.58
N PRO VB 22 4.57 83.36 36.93
CA PRO VB 22 4.55 82.11 36.17
C PRO VB 22 5.50 82.14 34.98
N ILE VB 23 6.40 81.15 34.93
CA ILE VB 23 7.25 80.95 33.76
C ILE VB 23 6.51 80.17 32.70
N GLY VB 24 5.74 79.17 33.11
CA GLY VB 24 4.97 78.41 32.16
C GLY VB 24 5.05 76.93 32.45
N PRO VB 25 4.50 76.13 31.55
CA PRO VB 25 4.56 74.68 31.73
C PRO VB 25 5.97 74.17 31.49
N ASP VB 26 6.22 73.02 32.08
CA ASP VB 26 7.52 72.38 31.97
C ASP VB 26 7.78 71.98 30.51
N PRO VB 27 9.02 72.09 30.04
CA PRO VB 27 9.30 71.75 28.62
C PRO VB 27 8.99 70.31 28.25
N LYS VB 28 9.29 69.40 29.17
CA LYS VB 28 9.25 67.97 28.87
C LYS VB 28 8.04 67.25 29.45
N ASP VB 29 7.40 67.82 30.47
CA ASP VB 29 6.21 67.25 31.09
C ASP VB 29 5.11 68.29 31.10
N ALA VB 30 3.98 67.95 30.47
CA ALA VB 30 2.84 68.85 30.35
C ALA VB 30 1.99 68.88 31.61
N THR VB 31 2.38 68.15 32.66
CA THR VB 31 1.60 68.06 33.88
C THR VB 31 2.22 68.84 35.04
N ILE VB 32 3.30 69.56 34.81
CA ILE VB 32 3.97 70.31 35.86
C ILE VB 32 4.20 71.72 35.36
N TYR VB 33 3.87 72.72 36.18
CA TYR VB 33 3.89 74.13 35.85
C TYR VB 33 4.85 74.86 36.78
N TRP VB 34 5.43 75.97 36.28
CA TRP VB 34 6.58 76.62 36.90
C TRP VB 34 6.34 78.11 37.08
N TRP VB 35 6.52 78.57 38.32
CA TRP VB 35 6.62 79.96 38.73
C TRP VB 35 8.03 80.22 39.24
N GLU VB 36 8.46 81.50 39.19
CA GLU VB 36 9.83 81.89 39.50
C GLU VB 36 9.86 83.25 40.18
N ASP VB 37 10.65 83.33 41.25
CA ASP VB 37 10.97 84.58 41.95
C ASP VB 37 12.29 85.10 41.38
N GLN VB 38 12.17 86.15 40.58
CA GLN VB 38 13.25 86.72 39.78
C GLN VB 38 13.89 87.93 40.43
N SER VB 39 13.77 88.06 41.74
CA SER VB 39 14.27 89.22 42.47
C SER VB 39 15.75 89.10 42.79
N GLN VB 40 16.33 87.91 42.65
CA GLN VB 40 17.67 87.62 43.10
C GLN VB 40 18.69 88.28 42.15
N ALA VB 41 19.97 88.06 42.43
CA ALA VB 41 21.02 88.86 41.78
C ALA VB 41 21.24 88.48 40.32
N SER VB 42 21.21 87.18 40.01
CA SER VB 42 21.28 86.67 38.65
C SER VB 42 20.36 85.44 38.60
N PRO VB 43 19.96 85.01 37.40
CA PRO VB 43 19.02 83.87 37.33
C PRO VB 43 19.50 82.63 38.07
N ALA VB 44 20.82 82.43 38.19
CA ALA VB 44 21.36 81.30 38.92
C ALA VB 44 20.82 81.23 40.34
N GLY VB 45 20.51 82.38 40.93
CA GLY VB 45 19.97 82.47 42.26
C GLY VB 45 18.48 82.69 42.37
N TYR VB 46 17.75 82.69 41.26
CA TYR VB 46 16.29 82.86 41.32
C TYR VB 46 15.66 81.69 42.05
N TRP VB 47 14.54 81.95 42.74
CA TRP VB 47 13.85 80.87 43.45
C TRP VB 47 12.70 80.34 42.63
N ARG VB 48 12.50 79.03 42.66
CA ARG VB 48 11.53 78.43 41.75
C ARG VB 48 10.49 77.62 42.52
N LEU VB 49 9.27 77.59 41.98
CA LEU VB 49 8.16 76.85 42.55
C LEU VB 49 7.48 76.09 41.42
N SER VB 50 7.19 74.81 41.65
CA SER VB 50 6.62 73.93 40.63
C SER VB 50 5.46 73.15 41.22
N MET VB 51 4.35 73.07 40.48
CA MET VB 51 3.19 72.31 40.90
C MET VB 51 2.79 71.34 39.82
N GLN VB 52 2.51 70.09 40.20
CA GLN VB 52 2.25 69.01 39.26
C GLN VB 52 1.03 68.22 39.68
N LEU VB 53 0.11 68.00 38.74
CA LEU VB 53 -1.08 67.19 38.94
C LEU VB 53 -1.07 66.07 37.92
N VAL VB 54 -1.01 64.83 38.40
CA VAL VB 54 -1.00 63.65 37.56
C VAL VB 54 -2.28 62.87 37.83
N ARG VB 55 -3.19 62.91 36.88
CA ARG VB 55 -4.49 62.27 36.80
C ARG VB 55 -4.35 60.94 36.06
N PRO VB 56 -5.15 59.94 36.43
CA PRO VB 56 -5.13 58.68 35.68
C PRO VB 56 -5.98 58.76 34.43
N ALA VB 57 -5.77 57.79 33.54
CA ALA VB 57 -6.54 57.73 32.31
C ALA VB 57 -8.01 57.52 32.65
N PRO VB 58 -8.92 58.05 31.82
CA PRO VB 58 -10.34 58.03 32.20
C PRO VB 58 -10.85 56.62 32.41
N ALA VB 59 -11.81 56.49 33.31
CA ALA VB 59 -12.30 55.18 33.71
C ALA VB 59 -13.08 54.53 32.57
N LYS VB 60 -12.95 53.22 32.45
CA LYS VB 60 -13.70 52.47 31.44
C LYS VB 60 -14.97 51.91 32.04
N ALA VB 61 -15.94 51.64 31.17
CA ALA VB 61 -17.24 51.16 31.61
C ALA VB 61 -17.10 49.81 32.28
N GLY VB 62 -17.62 49.69 33.50
CA GLY VB 62 -17.51 48.47 34.27
C GLY VB 62 -16.16 48.22 34.91
N GLN VB 63 -15.16 49.07 34.65
CA GLN VB 63 -13.85 48.90 35.25
C GLN VB 63 -13.89 49.20 36.73
N ASN VB 64 -13.09 48.46 37.50
CA ASN VB 64 -13.01 48.65 38.95
C ASN VB 64 -11.98 49.74 39.26
N THR VB 65 -12.41 50.78 39.97
CA THR VB 65 -11.59 51.97 40.14
C THR VB 65 -10.86 52.04 41.48
N ASN VB 66 -10.91 50.97 42.28
CA ASN VB 66 -10.36 51.16 43.64
C ASN VB 66 -8.89 51.13 43.66
N GLN VB 67 -8.22 51.09 42.50
CA GLN VB 67 -6.77 51.17 42.51
C GLN VB 67 -6.21 52.41 41.80
N ARG VB 68 -7.06 53.21 41.14
CA ARG VB 68 -6.58 54.37 40.41
C ARG VB 68 -6.33 55.50 41.39
N MET VB 69 -5.27 56.29 41.16
CA MET VB 69 -4.85 57.30 42.11
C MET VB 69 -4.37 58.55 41.40
N ILE VB 70 -4.50 59.68 42.09
CA ILE VB 70 -4.11 61.00 41.61
C ILE VB 70 -2.95 61.47 42.46
N ARG VB 71 -1.94 62.07 41.82
CA ARG VB 71 -0.78 62.55 42.55
C ARG VB 71 -0.62 64.05 42.35
N VAL VB 72 -0.23 64.74 43.42
CA VAL VB 72 0.04 66.17 43.37
C VAL VB 72 1.41 66.40 43.98
N ARG VB 73 2.27 67.12 43.28
CA ARG VB 73 3.63 67.39 43.75
C ARG VB 73 3.89 68.89 43.73
N VAL VB 74 4.25 69.44 44.87
CA VAL VB 74 4.68 70.83 44.99
C VAL VB 74 6.16 70.84 45.34
N SER VB 75 6.91 71.72 44.70
CA SER VB 75 8.36 71.71 44.87
C SER VB 75 8.88 73.14 44.90
N THR VB 76 9.74 73.45 45.87
CA THR VB 76 10.32 74.78 45.99
C THR VB 76 11.84 74.67 46.05
N PHE VB 77 12.52 75.50 45.26
CA PHE VB 77 13.96 75.53 45.17
C PHE VB 77 14.44 76.93 45.50
N GLU VB 78 15.34 77.05 46.48
CA GLU VB 78 15.85 78.33 46.95
C GLU VB 78 17.37 78.35 46.94
N PRO VB 79 17.98 78.41 45.76
CA PRO VB 79 19.44 78.47 45.69
C PRO VB 79 19.99 79.73 46.34
N ILE VB 80 21.15 79.57 46.99
CA ILE VB 80 21.84 80.66 47.67
C ILE VB 80 23.14 80.92 46.92
N LEU VB 81 23.44 82.20 46.66
CA LEU VB 81 24.61 82.56 45.91
C LEU VB 81 25.79 82.89 46.83
N GLU VB 82 26.97 82.96 46.21
CA GLU VB 82 28.20 83.41 46.84
C GLU VB 82 29.00 84.19 45.82
N VAL VB 83 29.87 85.07 46.31
CA VAL VB 83 30.68 85.94 45.46
C VAL VB 83 32.13 85.85 45.91
N ALA VB 84 33.05 85.96 44.94
CA ALA VB 84 34.48 85.87 45.23
C ALA VB 84 35.06 87.17 45.76
N VAL VB 85 34.45 88.31 45.45
CA VAL VB 85 34.93 89.62 45.91
C VAL VB 85 33.74 90.58 45.94
N THR VB 86 33.76 91.52 46.87
CA THR VB 86 32.58 92.30 47.19
C THR VB 86 32.56 93.70 46.57
N ALA VB 87 33.61 94.11 45.86
CA ALA VB 87 33.66 95.44 45.27
C ALA VB 87 33.71 95.33 43.74
N THR VB 88 33.74 96.49 43.10
CA THR VB 88 33.86 96.56 41.66
C THR VB 88 35.13 97.33 41.29
N TYR VB 89 35.90 96.77 40.36
CA TYR VB 89 37.17 97.36 39.93
C TYR VB 89 37.06 97.70 38.46
N SER VB 90 37.36 98.97 38.11
CA SER VB 90 37.45 99.38 36.69
C SER VB 90 36.24 98.90 35.90
N GLY VB 91 35.06 99.06 36.49
CA GLY VB 91 33.81 98.69 35.86
C GLY VB 91 33.51 97.22 35.80
N ILE VB 92 34.31 96.36 36.43
CA ILE VB 92 34.07 94.92 36.43
C ILE VB 92 33.32 94.59 37.70
N ALA VB 93 32.07 94.14 37.55
CA ALA VB 93 31.39 93.84 38.79
C ALA VB 93 31.61 92.39 39.21
N PRO VB 94 31.46 92.11 40.50
CA PRO VB 94 31.50 90.73 40.96
C PRO VB 94 30.32 89.94 40.40
N SER VB 95 30.60 88.73 39.92
CA SER VB 95 29.59 87.88 39.34
C SER VB 95 29.38 86.67 40.25
N PRO VB 96 28.23 86.55 40.89
CA PRO VB 96 28.02 85.47 41.86
C PRO VB 96 27.77 84.13 41.20
N THR VB 97 28.12 83.07 41.92
CA THR VB 97 27.80 81.70 41.53
C THR VB 97 26.93 81.07 42.61
N VAL VB 98 26.35 79.93 42.28
CA VAL VB 98 25.55 79.22 43.26
C VAL VB 98 26.47 78.56 44.28
N SER VB 99 26.08 78.66 45.55
CA SER VB 99 26.86 78.10 46.65
C SER VB 99 26.27 76.78 47.16
N TYR VB 100 24.95 76.77 47.37
CA TYR VB 100 24.25 75.55 47.78
C TYR VB 100 22.76 75.77 47.51
N VAL VB 101 22.01 74.67 47.45
CA VAL VB 101 20.60 74.80 47.14
C VAL VB 101 19.74 74.02 48.15
N PRO VB 102 19.18 74.70 49.15
CA PRO VB 102 18.12 74.08 49.94
C PRO VB 102 16.84 73.98 49.14
N LYS VB 103 16.12 72.86 49.32
CA LYS VB 103 14.93 72.65 48.52
C LYS VB 103 13.94 71.79 49.31
N ALA VB 104 12.70 71.78 48.83
CA ALA VB 104 11.65 71.01 49.48
C ALA VB 104 10.73 70.41 48.42
N PHE VB 105 10.26 69.20 48.70
CA PHE VB 105 9.45 68.42 47.76
C PHE VB 105 8.32 67.79 48.55
N THR VB 106 7.07 68.06 48.18
CA THR VB 106 5.89 67.49 48.83
C THR VB 106 5.05 66.75 47.80
N GLU VB 107 4.58 65.56 48.15
CA GLU VB 107 3.77 64.71 47.28
C GLU VB 107 2.53 64.24 48.02
N PHE VB 108 1.36 64.55 47.49
CA PHE VB 108 0.09 64.02 47.93
C PHE VB 108 -0.30 62.85 47.03
N VAL VB 109 -0.63 61.73 47.65
CA VAL VB 109 -1.23 60.58 46.97
C VAL VB 109 -2.69 60.54 47.39
N LEU VB 110 -3.57 60.89 46.46
CA LEU VB 110 -5.00 60.96 46.69
C LEU VB 110 -5.68 59.88 45.85
N PRO VB 111 -6.15 58.80 46.45
CA PRO VB 111 -6.86 57.80 45.66
C PRO VB 111 -8.12 58.40 45.04
N GLU VB 112 -8.38 58.03 43.78
CA GLU VB 112 -9.45 58.66 43.02
C GLU VB 112 -10.81 58.52 43.70
N ARG VB 113 -11.03 57.45 44.46
CA ARG VB 113 -12.30 57.25 45.14
C ARG VB 113 -12.46 58.12 46.38
N ALA VB 114 -11.51 58.99 46.70
CA ALA VB 114 -11.58 59.69 47.98
C ALA VB 114 -12.55 60.85 47.90
N THR VB 115 -13.10 61.21 49.06
CA THR VB 115 -14.06 62.30 49.14
C THR VB 115 -13.34 63.65 49.16
N LEU VB 116 -14.07 64.68 48.70
CA LEU VB 116 -13.61 66.04 48.89
C LEU VB 116 -13.21 66.28 50.33
N ASP VB 117 -13.96 65.71 51.27
CA ASP VB 117 -13.62 65.86 52.68
C ASP VB 117 -12.27 65.23 52.98
N ASN VB 118 -12.02 64.02 52.45
CA ASN VB 118 -10.73 63.38 52.67
C ASN VB 118 -9.59 64.24 52.13
N ARG VB 119 -9.81 64.87 50.97
CA ARG VB 119 -8.75 65.67 50.36
C ARG VB 119 -8.49 66.93 51.17
N LYS VB 120 -9.57 67.61 51.60
CA LYS VB 120 -9.39 68.78 52.46
C LYS VB 120 -8.67 68.40 53.75
N ASP VB 121 -9.02 67.23 54.31
CA ASP VB 121 -8.37 66.74 55.52
C ASP VB 121 -6.87 66.58 55.32
N ILE VB 122 -6.49 65.81 54.30
CA ILE VB 122 -5.07 65.52 54.11
C ILE VB 122 -4.28 66.78 53.81
N ARG VB 123 -4.83 67.68 52.98
CA ARG VB 123 -4.15 68.93 52.66
C ARG VB 123 -3.93 69.77 53.93
N LYS VB 124 -5.03 70.12 54.61
CA LYS VB 124 -4.93 70.98 55.79
C LYS VB 124 -4.01 70.37 56.83
N MET VB 125 -4.17 69.07 57.10
CA MET VB 125 -3.48 68.46 58.22
C MET VB 125 -2.00 68.29 57.93
N HIS VB 126 -1.62 67.99 56.69
CA HIS VB 126 -0.20 67.92 56.38
C HIS VB 126 0.43 69.31 56.42
N ALA VB 127 -0.23 70.32 55.82
CA ALA VB 127 0.29 71.68 55.89
C ALA VB 127 0.49 72.12 57.32
N LEU VB 128 -0.43 71.73 58.20
CA LEU VB 128 -0.27 72.05 59.63
C LEU VB 128 0.87 71.25 60.25
N ALA VB 129 1.03 69.98 59.85
CA ALA VB 129 2.10 69.17 60.41
C ALA VB 129 3.47 69.73 60.07
N LEU VB 130 3.56 70.51 58.99
CA LEU VB 130 4.81 71.19 58.68
C LEU VB 130 5.10 72.38 59.58
N THR VB 131 4.13 72.83 60.39
CA THR VB 131 4.30 74.00 61.24
C THR VB 131 4.27 73.67 62.72
N THR VB 132 4.19 72.38 63.08
CA THR VB 132 4.20 71.99 64.49
C THR VB 132 5.53 72.35 65.13
N SER VB 133 5.51 72.49 66.46
CA SER VB 133 6.73 72.83 67.19
C SER VB 133 7.81 71.78 66.95
N GLU VB 134 7.43 70.51 66.82
CA GLU VB 134 8.38 69.44 66.51
C GLU VB 134 8.97 69.62 65.11
N ALA VB 135 8.13 69.92 64.12
CA ALA VB 135 8.64 70.15 62.77
C ALA VB 135 9.58 71.34 62.73
N ILE VB 136 9.27 72.39 63.48
CA ILE VB 136 10.14 73.56 63.51
C ILE VB 136 11.47 73.21 64.19
N ALA VB 137 11.42 72.45 65.28
CA ALA VB 137 12.64 72.03 65.95
C ALA VB 137 13.51 71.15 65.06
N MET VB 138 12.88 70.33 64.21
CA MET VB 138 13.67 69.43 63.37
C MET VB 138 14.24 70.12 62.14
N ILE VB 139 13.47 71.01 61.50
CA ILE VB 139 13.93 71.64 60.27
C ILE VB 139 14.80 72.86 60.54
N GLU VB 140 14.41 73.70 61.51
CA GLU VB 140 15.15 74.92 61.78
C GLU VB 140 16.26 74.70 62.80
N SER VB 141 15.95 74.04 63.91
CA SER VB 141 16.90 73.82 64.99
C SER VB 141 17.69 72.53 64.87
N LEU VB 142 17.29 71.64 63.96
CA LEU VB 142 18.06 70.42 63.68
C LEU VB 142 18.19 69.54 64.92
N GLN VB 143 17.09 69.35 65.63
CA GLN VB 143 17.03 68.53 66.82
C GLN VB 143 15.92 67.50 66.67
N PHE VB 144 16.26 66.23 66.85
CA PHE VB 144 15.29 65.15 66.81
C PHE VB 144 14.53 65.06 68.13
N VAL VB 145 13.54 64.18 68.19
CA VAL VB 145 12.74 63.96 69.39
C VAL VB 145 13.26 62.74 70.13
N TYR VB 146 13.50 62.90 71.43
CA TYR VB 146 14.09 61.83 72.24
C TYR VB 146 13.21 61.48 73.46
N PRO WB 1 -6.84 81.61 20.98
CA PRO WB 1 -7.67 81.89 22.15
C PRO WB 1 -7.13 81.20 23.39
N GLN WB 2 -6.93 81.95 24.48
CA GLN WB 2 -6.43 81.34 25.70
C GLN WB 2 -7.49 80.40 26.25
N ALA WB 3 -7.04 79.31 26.88
CA ALA WB 3 -7.98 78.33 27.42
C ALA WB 3 -8.79 78.95 28.55
N ALA WB 4 -10.10 78.72 28.51
CA ALA WB 4 -10.98 79.17 29.59
C ALA WB 4 -12.13 78.20 29.73
N ASP WB 5 -12.92 78.39 30.79
CA ASP WB 5 -14.07 77.54 31.05
C ASP WB 5 -15.00 77.51 29.84
N ILE WB 6 -15.55 76.33 29.56
CA ILE WB 6 -16.53 76.16 28.47
C ILE WB 6 -17.85 75.77 29.13
N VAL WB 7 -18.88 76.59 28.94
CA VAL WB 7 -20.16 76.35 29.61
C VAL WB 7 -21.18 75.92 28.57
N ILE WB 8 -21.78 74.76 28.79
CA ILE WB 8 -22.73 74.15 27.86
C ILE WB 8 -24.00 73.78 28.62
N ALA WB 9 -25.14 74.07 28.02
CA ALA WB 9 -26.42 73.86 28.70
C ALA WB 9 -26.86 72.40 28.65
N ASP WB 10 -27.52 71.97 29.72
CA ASP WB 10 -28.08 70.63 29.81
C ASP WB 10 -29.29 70.52 28.88
N ALA WB 11 -29.91 69.34 28.88
CA ALA WB 11 -31.16 69.12 28.14
C ALA WB 11 -32.32 68.82 29.07
N GLN WB 12 -32.26 69.29 30.31
CA GLN WB 12 -33.32 69.02 31.27
C GLN WB 12 -34.52 69.92 31.02
N ALA WB 13 -35.60 69.64 31.76
CA ALA WB 13 -36.78 70.48 31.73
C ALA WB 13 -36.40 71.94 31.90
N THR WB 14 -35.75 72.26 33.01
CA THR WB 14 -35.05 73.52 33.14
C THR WB 14 -33.57 73.26 32.87
N PRO WB 15 -33.03 73.71 31.74
CA PRO WB 15 -31.63 73.42 31.42
C PRO WB 15 -30.70 73.85 32.55
N VAL WB 16 -29.70 73.01 32.81
CA VAL WB 16 -28.71 73.24 33.87
C VAL WB 16 -27.34 73.42 33.21
N ASN WB 17 -26.67 74.52 33.52
CA ASN WB 17 -25.38 74.79 32.90
C ASN WB 17 -24.30 73.89 33.48
N HIS WB 18 -23.56 73.21 32.60
CA HIS WB 18 -22.38 72.45 32.97
C HIS WB 18 -21.15 73.25 32.60
N THR WB 19 -20.25 73.45 33.56
CA THR WB 19 -19.03 74.22 33.35
C THR WB 19 -17.85 73.25 33.24
N PHE WB 20 -17.19 73.27 32.08
CA PHE WB 20 -16.02 72.44 31.80
C PHE WB 20 -14.77 73.28 32.02
N VAL WB 21 -14.08 73.02 33.14
CA VAL WB 21 -12.83 73.68 33.48
C VAL WB 21 -11.72 73.03 32.67
N PRO WB 22 -10.81 73.77 32.05
CA PRO WB 22 -9.72 73.12 31.32
C PRO WB 22 -8.81 72.33 32.25
N ILE WB 23 -8.56 71.07 31.86
CA ILE WB 23 -7.50 70.28 32.47
C ILE WB 23 -6.17 70.56 31.80
N GLY WB 24 -6.18 70.82 30.50
CA GLY WB 24 -4.95 71.11 29.81
C GLY WB 24 -4.70 70.16 28.65
N PRO WB 25 -3.53 70.26 28.05
CA PRO WB 25 -3.23 69.40 26.90
C PRO WB 25 -2.92 67.99 27.35
N ASP WB 26 -3.30 67.03 26.49
CA ASP WB 26 -3.02 65.63 26.76
C ASP WB 26 -1.52 65.43 26.84
N PRO WB 27 -0.99 64.86 27.92
CA PRO WB 27 0.46 64.60 27.97
C PRO WB 27 0.94 63.67 26.89
N LYS WB 28 0.09 62.73 26.45
CA LYS WB 28 0.50 61.79 25.41
C LYS WB 28 0.51 62.44 24.03
N ASP WB 29 -0.45 63.35 23.77
CA ASP WB 29 -0.56 64.03 22.48
C ASP WB 29 -0.81 65.51 22.73
N ALA WB 30 0.12 66.36 22.30
CA ALA WB 30 0.04 67.79 22.55
C ALA WB 30 -1.01 68.50 21.69
N THR WB 31 -1.52 67.85 20.64
CA THR WB 31 -2.48 68.49 19.74
C THR WB 31 -3.91 68.33 20.20
N ILE WB 32 -4.14 67.81 21.39
CA ILE WB 32 -5.50 67.61 21.88
C ILE WB 32 -5.59 68.17 23.28
N TYR WB 33 -6.61 68.99 23.54
CA TYR WB 33 -6.80 69.72 24.77
C TYR WB 33 -8.07 69.25 25.46
N TRP WB 34 -8.06 69.29 26.79
CA TRP WB 34 -9.10 68.66 27.60
C TRP WB 34 -9.69 69.64 28.61
N TRP WB 35 -11.03 69.71 28.62
CA TRP WB 35 -11.83 70.33 29.66
C TRP WB 35 -12.63 69.24 30.38
N GLU WB 36 -13.01 69.51 31.62
CA GLU WB 36 -13.66 68.52 32.49
C GLU WB 36 -14.78 69.18 33.28
N ASP WB 37 -15.92 68.51 33.34
CA ASP WB 37 -17.07 68.94 34.13
C ASP WB 37 -17.02 68.20 35.46
N GLN WB 38 -16.74 68.92 36.54
CA GLN WB 38 -16.50 68.32 37.84
C GLN WB 38 -17.74 68.26 38.72
N SER WB 39 -18.93 68.36 38.13
CA SER WB 39 -20.15 68.43 38.91
C SER WB 39 -20.72 67.06 39.23
N GLN WB 40 -20.08 65.98 38.78
CA GLN WB 40 -20.63 64.64 38.93
C GLN WB 40 -20.28 64.10 40.33
N ALA WB 41 -20.63 62.83 40.56
CA ALA WB 41 -20.64 62.29 41.90
C ALA WB 41 -19.23 61.99 42.43
N SER WB 42 -18.35 61.46 41.58
CA SER WB 42 -16.96 61.24 41.92
C SER WB 42 -16.15 61.33 40.64
N PRO WB 43 -14.82 61.50 40.74
CA PRO WB 43 -14.04 61.86 39.54
C PRO WB 43 -14.19 60.89 38.38
N ALA WB 44 -14.32 59.58 38.64
CA ALA WB 44 -14.44 58.63 37.56
C ALA WB 44 -15.60 58.97 36.62
N GLY WB 45 -16.63 59.63 37.14
CA GLY WB 45 -17.79 60.03 36.37
C GLY WB 45 -17.83 61.45 35.87
N TYR WB 46 -16.74 62.21 36.02
CA TYR WB 46 -16.67 63.58 35.53
C TYR WB 46 -16.79 63.59 34.01
N TRP WB 47 -17.69 64.42 33.48
CA TRP WB 47 -17.82 64.54 32.03
C TRP WB 47 -16.63 65.29 31.47
N ARG WB 48 -16.23 64.93 30.25
CA ARG WB 48 -15.05 65.52 29.64
C ARG WB 48 -15.34 65.95 28.21
N LEU WB 49 -14.56 66.92 27.76
CA LEU WB 49 -14.66 67.49 26.42
C LEU WB 49 -13.24 67.68 25.91
N SER WB 50 -13.00 67.31 24.65
CA SER WB 50 -11.68 67.33 24.05
C SER WB 50 -11.73 67.98 22.68
N MET WB 51 -10.77 68.85 22.40
CA MET WB 51 -10.66 69.48 21.08
C MET WB 51 -9.25 69.31 20.55
N GLN WB 52 -9.14 68.89 19.29
CA GLN WB 52 -7.86 68.54 18.69
C GLN WB 52 -7.70 69.25 17.35
N LEU WB 53 -6.54 69.87 17.16
CA LEU WB 53 -6.19 70.53 15.92
C LEU WB 53 -4.88 69.95 15.42
N VAL WB 54 -4.92 69.32 14.25
CA VAL WB 54 -3.75 68.70 13.65
C VAL WB 54 -3.51 69.42 12.33
N ARG WB 55 -2.55 70.34 12.33
CA ARG WB 55 -2.04 71.08 11.19
C ARG WB 55 -0.82 70.37 10.63
N PRO WB 56 -0.69 70.33 9.31
CA PRO WB 56 0.43 69.61 8.70
C PRO WB 56 1.72 70.40 8.81
N ALA WB 57 2.83 69.68 8.62
CA ALA WB 57 4.13 70.31 8.58
C ALA WB 57 4.14 71.39 7.48
N PRO WB 58 4.86 72.49 7.71
CA PRO WB 58 4.73 73.63 6.81
C PRO WB 58 5.08 73.30 5.36
N ALA WB 59 4.38 73.94 4.44
CA ALA WB 59 4.64 73.75 3.02
C ALA WB 59 6.07 74.13 2.68
N LYS WB 60 6.68 73.37 1.80
CA LYS WB 60 8.06 73.61 1.39
C LYS WB 60 8.09 74.18 -0.02
N ALA WB 61 9.22 74.81 -0.35
CA ALA WB 61 9.35 75.48 -1.63
C ALA WB 61 9.24 74.49 -2.77
N GLY WB 62 8.37 74.78 -3.73
CA GLY WB 62 8.14 73.90 -4.85
C GLY WB 62 7.39 72.62 -4.53
N GLN WB 63 6.94 72.43 -3.30
CA GLN WB 63 6.23 71.23 -2.92
C GLN WB 63 4.80 71.27 -3.45
N ASN WB 64 4.18 70.10 -3.55
CA ASN WB 64 2.82 69.99 -4.07
C ASN WB 64 1.84 69.89 -2.90
N THR WB 65 0.85 70.77 -2.89
CA THR WB 65 -0.05 70.91 -1.75
C THR WB 65 -1.31 70.07 -1.82
N ASN WB 66 -1.61 69.48 -2.99
CA ASN WB 66 -2.97 69.06 -3.30
C ASN WB 66 -3.45 67.92 -2.41
N GLN WB 67 -2.59 67.38 -1.53
CA GLN WB 67 -3.02 66.35 -0.60
C GLN WB 67 -2.86 66.71 0.87
N ARG WB 68 -2.24 67.84 1.19
CA ARG WB 68 -2.04 68.19 2.58
C ARG WB 68 -3.36 68.64 3.20
N MET WB 69 -3.63 68.22 4.42
CA MET WB 69 -4.93 68.46 5.03
C MET WB 69 -4.82 68.70 6.54
N ILE WB 70 -5.76 69.48 7.06
CA ILE WB 70 -5.88 69.85 8.46
C ILE WB 70 -7.07 69.09 9.04
N ARG WB 71 -6.91 68.57 10.26
CA ARG WB 71 -7.99 67.84 10.91
C ARG WB 71 -8.34 68.51 12.23
N VAL WB 72 -9.64 68.53 12.55
CA VAL WB 72 -10.11 69.04 13.84
C VAL WB 72 -11.10 68.04 14.41
N ARG WB 73 -10.86 67.60 15.64
CA ARG WB 73 -11.71 66.59 16.27
C ARG WB 73 -12.24 67.13 17.60
N VAL WB 74 -13.56 67.21 17.72
CA VAL WB 74 -14.22 67.60 18.96
C VAL WB 74 -14.95 66.38 19.50
N SER WB 75 -14.70 66.05 20.76
CA SER WB 75 -15.22 64.84 21.37
C SER WB 75 -15.82 65.16 22.73
N THR WB 76 -16.98 64.58 23.04
CA THR WB 76 -17.63 64.79 24.34
C THR WB 76 -17.98 63.43 24.95
N PHE WB 77 -17.60 63.24 26.21
CA PHE WB 77 -17.84 62.02 26.96
C PHE WB 77 -18.66 62.35 28.20
N GLU WB 78 -19.77 61.66 28.37
CA GLU WB 78 -20.69 61.89 29.50
C GLU WB 78 -20.93 60.60 30.25
N PRO WB 79 -19.90 60.06 30.92
CA PRO WB 79 -20.07 58.78 31.62
C PRO WB 79 -21.08 58.89 32.74
N ILE WB 80 -21.90 57.84 32.88
CA ILE WB 80 -22.93 57.75 33.91
C ILE WB 80 -22.43 56.79 34.98
N LEU WB 81 -22.30 57.29 36.21
CA LEU WB 81 -21.79 56.46 37.30
C LEU WB 81 -22.82 55.43 37.73
N GLU WB 82 -22.35 54.24 38.05
CA GLU WB 82 -23.23 53.20 38.56
C GLU WB 82 -23.76 53.60 39.93
N VAL WB 83 -25.05 53.33 40.17
CA VAL WB 83 -25.65 53.56 41.48
C VAL WB 83 -25.58 52.26 42.28
N ALA WB 84 -25.08 52.36 43.51
CA ALA WB 84 -24.80 51.17 44.29
C ALA WB 84 -26.10 50.57 44.84
N VAL WB 85 -26.13 49.24 44.92
CA VAL WB 85 -27.16 48.54 45.67
C VAL WB 85 -26.45 47.70 46.72
N THR WB 86 -27.23 46.94 47.49
CA THR WB 86 -26.66 46.17 48.58
C THR WB 86 -25.77 45.06 48.03
N ALA WB 87 -24.51 45.07 48.43
CA ALA WB 87 -23.57 44.01 48.09
C ALA WB 87 -23.71 42.87 49.10
N THR WB 88 -23.87 41.65 48.59
CA THR WB 88 -24.22 40.53 49.45
C THR WB 88 -23.09 39.53 49.66
N TYR WB 89 -22.08 39.51 48.79
CA TYR WB 89 -20.98 38.58 49.00
C TYR WB 89 -20.09 39.02 50.15
N SER WB 90 -19.61 40.27 50.10
CA SER WB 90 -18.69 40.76 51.11
C SER WB 90 -19.30 41.81 52.04
N GLY WB 91 -20.47 42.34 51.71
CA GLY WB 91 -21.05 43.41 52.50
C GLY WB 91 -20.31 44.72 52.40
N ILE WB 92 -19.33 44.80 51.50
CA ILE WB 92 -18.52 45.99 51.29
C ILE WB 92 -18.97 46.63 49.99
N ALA WB 93 -19.51 47.84 50.08
CA ALA WB 93 -20.02 48.52 48.89
C ALA WB 93 -18.87 48.73 47.90
N PRO WB 94 -19.15 48.65 46.60
CA PRO WB 94 -18.07 48.66 45.62
C PRO WB 94 -17.55 50.06 45.35
N SER WB 95 -16.30 50.10 44.90
CA SER WB 95 -15.69 51.35 44.46
C SER WB 95 -16.56 51.99 43.38
N PRO WB 96 -16.54 53.32 43.26
CA PRO WB 96 -17.34 53.96 42.20
C PRO WB 96 -16.89 53.43 40.85
N THR WB 97 -17.86 52.90 40.09
CA THR WB 97 -17.60 52.28 38.81
C THR WB 97 -18.46 52.95 37.76
N VAL WB 98 -17.91 53.10 36.56
CA VAL WB 98 -18.64 53.71 35.46
C VAL WB 98 -19.57 52.66 34.86
N SER WB 99 -20.87 53.00 34.78
CA SER WB 99 -21.85 52.05 34.28
C SER WB 99 -21.85 51.96 32.76
N TYR WB 100 -21.95 53.10 32.08
CA TYR WB 100 -21.90 53.15 30.63
C TYR WB 100 -21.56 54.57 30.21
N VAL WB 101 -21.11 54.72 28.96
CA VAL WB 101 -20.68 56.04 28.52
C VAL WB 101 -21.32 56.44 27.20
N PRO WB 102 -22.31 57.34 27.21
CA PRO WB 102 -22.74 57.98 25.97
C PRO WB 102 -21.70 58.99 25.51
N LYS WB 103 -21.32 58.92 24.24
CA LYS WB 103 -20.25 59.79 23.78
C LYS WB 103 -20.49 60.21 22.34
N ALA WB 104 -19.77 61.25 21.93
CA ALA WB 104 -19.88 61.77 20.58
C ALA WB 104 -18.51 62.23 20.09
N PHE WB 105 -18.28 62.02 18.79
CA PHE WB 105 -16.98 62.28 18.16
C PHE WB 105 -17.24 62.93 16.82
N THR WB 106 -16.75 64.15 16.62
CA THR WB 106 -16.90 64.89 15.37
C THR WB 106 -15.53 65.20 14.81
N GLU WB 107 -15.31 64.87 13.53
CA GLU WB 107 -14.04 65.11 12.84
C GLU WB 107 -14.29 65.93 11.60
N PHE WB 108 -13.65 67.10 11.52
CA PHE WB 108 -13.62 67.93 10.33
C PHE WB 108 -12.32 67.64 9.59
N VAL WB 109 -12.45 67.32 8.30
CA VAL WB 109 -11.33 67.23 7.38
C VAL WB 109 -11.38 68.46 6.49
N LEU WB 110 -10.44 69.37 6.72
CA LEU WB 110 -10.35 70.63 5.98
C LEU WB 110 -9.06 70.61 5.19
N PRO WB 111 -9.10 70.40 3.88
CA PRO WB 111 -7.85 70.47 3.10
C PRO WB 111 -7.25 71.87 3.18
N GLU WB 112 -5.92 71.91 3.29
CA GLU WB 112 -5.22 73.19 3.49
C GLU WB 112 -5.58 74.18 2.39
N ARG WB 113 -5.72 73.69 1.17
CA ARG WB 113 -6.17 74.47 0.03
C ARG WB 113 -7.46 75.25 0.29
N ALA WB 114 -8.33 74.78 1.19
CA ALA WB 114 -9.67 75.34 1.29
C ALA WB 114 -9.64 76.75 1.86
N THR WB 115 -10.62 77.56 1.44
CA THR WB 115 -10.71 78.94 1.86
C THR WB 115 -11.44 79.08 3.20
N LEU WB 116 -11.23 80.25 3.83
CA LEU WB 116 -11.93 80.56 5.07
C LEU WB 116 -13.42 80.40 4.91
N ASP WB 117 -13.96 80.82 3.76
CA ASP WB 117 -15.39 80.65 3.51
C ASP WB 117 -15.77 79.18 3.53
N ASN WB 118 -14.94 78.32 2.91
CA ASN WB 118 -15.21 76.89 2.92
C ASN WB 118 -15.25 76.34 4.35
N ARG WB 119 -14.31 76.79 5.19
CA ARG WB 119 -14.26 76.29 6.57
C ARG WB 119 -15.46 76.78 7.38
N LYS WB 120 -15.83 78.05 7.22
CA LYS WB 120 -17.00 78.58 7.90
C LYS WB 120 -18.26 77.83 7.46
N ASP WB 121 -18.36 77.53 6.16
CA ASP WB 121 -19.48 76.78 5.61
C ASP WB 121 -19.59 75.42 6.27
N ILE WB 122 -18.51 74.64 6.25
CA ILE WB 122 -18.59 73.28 6.75
C ILE WB 122 -18.90 73.27 8.24
N ARG WB 123 -18.26 74.16 9.01
CA ARG WB 123 -18.52 74.21 10.46
C ARG WB 123 -19.98 74.55 10.73
N LYS WB 124 -20.46 75.68 10.21
CA LYS WB 124 -21.83 76.11 10.48
C LYS WB 124 -22.82 75.05 10.04
N MET WB 125 -22.64 74.52 8.82
CA MET WB 125 -23.68 73.67 8.24
C MET WB 125 -23.73 72.31 8.92
N HIS WB 126 -22.58 71.78 9.35
CA HIS WB 126 -22.61 70.53 10.11
C HIS WB 126 -23.22 70.75 11.50
N ALA WB 127 -22.79 71.81 12.20
CA ALA WB 127 -23.35 72.09 13.51
C ALA WB 127 -24.86 72.27 13.46
N LEU WB 128 -25.36 72.79 12.34
CA LEU WB 128 -26.81 72.88 12.14
C LEU WB 128 -27.40 71.51 11.81
N ALA WB 129 -26.70 70.71 11.01
CA ALA WB 129 -27.22 69.40 10.62
C ALA WB 129 -27.42 68.51 11.84
N LEU WB 130 -26.66 68.75 12.91
CA LEU WB 130 -26.87 68.01 14.14
C LEU WB 130 -28.11 68.45 14.92
N THR WB 131 -28.78 69.53 14.50
CA THR WB 131 -29.97 70.02 15.18
C THR WB 131 -31.24 69.86 14.37
N THR WB 132 -31.16 69.22 13.20
CA THR WB 132 -32.34 69.01 12.37
C THR WB 132 -33.32 68.07 13.06
N SER WB 133 -34.60 68.17 12.67
CA SER WB 133 -35.61 67.29 13.24
C SER WB 133 -35.27 65.83 12.99
N GLU WB 134 -34.66 65.53 11.83
CA GLU WB 134 -34.25 64.16 11.52
C GLU WB 134 -33.16 63.67 12.47
N ALA WB 135 -32.15 64.51 12.72
CA ALA WB 135 -31.10 64.15 13.65
C ALA WB 135 -31.65 63.96 15.06
N ILE WB 136 -32.58 64.83 15.48
CA ILE WB 136 -33.20 64.70 16.79
C ILE WB 136 -33.97 63.38 16.88
N ALA WB 137 -34.70 63.03 15.82
CA ALA WB 137 -35.47 61.79 15.83
C ALA WB 137 -34.57 60.57 15.87
N MET WB 138 -33.42 60.60 15.18
CA MET WB 138 -32.54 59.44 15.17
C MET WB 138 -31.82 59.28 16.50
N ILE WB 139 -31.28 60.37 17.05
CA ILE WB 139 -30.47 60.24 18.25
C ILE WB 139 -31.33 60.09 19.50
N GLU WB 140 -32.42 60.86 19.60
CA GLU WB 140 -33.21 60.85 20.81
C GLU WB 140 -34.29 59.77 20.78
N SER WB 141 -35.02 59.66 19.67
CA SER WB 141 -36.15 58.74 19.57
C SER WB 141 -35.84 57.46 18.81
N LEU WB 142 -34.64 57.34 18.24
CA LEU WB 142 -34.18 56.10 17.63
C LEU WB 142 -35.05 55.70 16.43
N GLN WB 143 -35.34 56.67 15.57
CA GLN WB 143 -36.18 56.48 14.40
C GLN WB 143 -35.43 56.88 13.14
N PHE WB 144 -35.49 56.02 12.13
CA PHE WB 144 -34.89 56.31 10.84
C PHE WB 144 -35.87 57.10 9.97
N VAL WB 145 -35.46 57.44 8.75
CA VAL WB 145 -36.31 58.15 7.81
C VAL WB 145 -36.69 57.20 6.68
N TYR WB 146 -37.89 57.37 6.14
CA TYR WB 146 -38.44 56.39 5.21
C TYR WB 146 -39.17 57.01 4.03
N PRO XB 1 -40.05 -31.76 -106.80
CA PRO XB 1 -41.45 -31.32 -106.81
C PRO XB 1 -41.84 -30.61 -105.53
N GLN XB 2 -42.83 -29.73 -105.59
CA GLN XB 2 -43.27 -29.04 -104.39
C GLN XB 2 -44.01 -29.99 -103.46
N ALA XB 3 -43.86 -29.75 -102.16
CA ALA XB 3 -44.41 -30.64 -101.16
C ALA XB 3 -45.92 -30.45 -101.05
N ALA XB 4 -46.65 -31.56 -101.03
CA ALA XB 4 -48.10 -31.52 -100.87
C ALA XB 4 -48.56 -32.71 -100.05
N ASP XB 5 -49.87 -32.75 -99.77
CA ASP XB 5 -50.45 -33.80 -98.94
C ASP XB 5 -50.13 -35.18 -99.51
N ILE XB 6 -49.89 -36.13 -98.62
CA ILE XB 6 -49.65 -37.52 -99.00
C ILE XB 6 -50.78 -38.35 -98.40
N VAL XB 7 -51.54 -39.04 -99.24
CA VAL XB 7 -52.69 -39.78 -98.77
C VAL XB 7 -52.42 -41.27 -98.91
N ILE XB 8 -52.54 -42.00 -97.80
CA ILE XB 8 -52.23 -43.42 -97.74
C ILE XB 8 -53.40 -44.15 -97.11
N ALA XB 9 -53.77 -45.29 -97.70
CA ALA XB 9 -54.94 -46.03 -97.26
C ALA XB 9 -54.66 -46.87 -96.01
N ASP XB 10 -55.68 -47.00 -95.17
CA ASP XB 10 -55.62 -47.83 -93.98
C ASP XB 10 -55.60 -49.31 -94.36
N ALA XB 11 -55.51 -50.16 -93.34
CA ALA XB 11 -55.66 -51.60 -93.53
C ALA XB 11 -56.88 -52.13 -92.79
N GLN XB 12 -57.88 -51.28 -92.57
CA GLN XB 12 -59.09 -51.71 -91.91
C GLN XB 12 -59.94 -52.54 -92.86
N ALA XB 13 -61.00 -53.15 -92.30
CA ALA XB 13 -61.98 -53.87 -93.12
C ALA XB 13 -62.48 -52.97 -94.24
N THR XB 14 -63.00 -51.80 -93.89
CA THR XB 14 -63.21 -50.75 -94.86
C THR XB 14 -62.08 -49.75 -94.73
N PRO XB 15 -61.14 -49.71 -95.67
CA PRO XB 15 -59.97 -48.84 -95.50
C PRO XB 15 -60.35 -47.38 -95.35
N VAL XB 16 -59.54 -46.66 -94.56
CA VAL XB 16 -59.74 -45.25 -94.26
C VAL XB 16 -58.51 -44.48 -94.72
N ASN XB 17 -58.73 -43.44 -95.51
CA ASN XB 17 -57.62 -42.66 -96.02
C ASN XB 17 -57.04 -41.79 -94.91
N HIS XB 18 -55.74 -41.93 -94.66
CA HIS XB 18 -55.01 -41.04 -93.76
C HIS XB 18 -54.26 -40.01 -94.60
N THR XB 19 -54.47 -38.73 -94.28
CA THR XB 19 -53.87 -37.63 -95.03
C THR XB 19 -52.73 -37.04 -94.20
N PHE XB 20 -51.51 -37.20 -94.70
CA PHE XB 20 -50.30 -36.66 -94.08
C PHE XB 20 -50.03 -35.28 -94.67
N VAL XB 21 -50.34 -34.25 -93.89
CA VAL XB 21 -50.09 -32.87 -94.28
C VAL XB 21 -48.59 -32.59 -94.18
N PRO XB 22 -47.98 -31.86 -95.11
CA PRO XB 22 -46.55 -31.56 -94.98
C PRO XB 22 -46.30 -30.60 -93.82
N ILE XB 23 -45.48 -31.05 -92.88
CA ILE XB 23 -45.04 -30.18 -91.79
C ILE XB 23 -43.83 -29.36 -92.21
N GLY XB 24 -42.88 -29.97 -92.92
CA GLY XB 24 -41.75 -29.23 -93.38
C GLY XB 24 -40.44 -29.94 -93.15
N PRO XB 25 -39.34 -29.30 -93.49
CA PRO XB 25 -38.04 -29.94 -93.31
C PRO XB 25 -37.63 -30.01 -91.84
N ASP XB 26 -36.83 -31.02 -91.53
CA ASP XB 26 -36.34 -31.22 -90.16
C ASP XB 26 -35.38 -30.09 -89.79
N PRO XB 27 -35.56 -29.46 -88.62
CA PRO XB 27 -34.66 -28.36 -88.24
C PRO XB 27 -33.20 -28.78 -88.17
N LYS XB 28 -32.93 -30.01 -87.71
CA LYS XB 28 -31.55 -30.47 -87.56
C LYS XB 28 -30.93 -30.84 -88.90
N ASP XB 29 -31.69 -31.47 -89.79
CA ASP XB 29 -31.17 -31.96 -91.06
C ASP XB 29 -32.03 -31.43 -92.20
N ALA XB 30 -31.41 -30.67 -93.11
CA ALA XB 30 -32.15 -30.11 -94.24
C ALA XB 30 -32.49 -31.13 -95.31
N THR XB 31 -31.97 -32.36 -95.22
CA THR XB 31 -32.20 -33.38 -96.23
C THR XB 31 -33.40 -34.25 -95.94
N ILE XB 32 -34.07 -34.08 -94.80
CA ILE XB 32 -35.15 -34.95 -94.41
C ILE XB 32 -36.39 -34.07 -94.19
N TYR XB 33 -37.53 -34.52 -94.74
CA TYR XB 33 -38.76 -33.75 -94.79
C TYR XB 33 -39.87 -34.56 -94.14
N TRP XB 34 -40.76 -33.87 -93.42
CA TRP XB 34 -41.74 -34.49 -92.54
C TRP XB 34 -43.16 -34.11 -92.94
N TRP XB 35 -43.98 -35.15 -93.14
CA TRP XB 35 -45.43 -35.07 -93.22
C TRP XB 35 -46.04 -35.71 -91.98
N GLU XB 36 -47.24 -35.25 -91.61
CA GLU XB 36 -47.88 -35.66 -90.36
C GLU XB 36 -49.38 -35.84 -90.56
N ASP XB 37 -49.89 -36.98 -90.12
CA ASP XB 37 -51.32 -37.28 -90.05
C ASP XB 37 -51.82 -36.82 -88.69
N GLN XB 38 -52.66 -35.78 -88.70
CA GLN XB 38 -53.12 -35.06 -87.52
C GLN XB 38 -54.54 -35.47 -87.11
N SER XB 39 -54.98 -36.65 -87.53
CA SER XB 39 -56.34 -37.10 -87.27
C SER XB 39 -56.48 -37.84 -85.94
N GLN XB 40 -55.39 -38.02 -85.20
CA GLN XB 40 -55.40 -38.82 -83.99
C GLN XB 40 -55.88 -37.95 -82.81
N ALA XB 41 -55.85 -38.53 -81.61
CA ALA XB 41 -56.46 -37.89 -80.45
C ALA XB 41 -55.77 -36.57 -80.09
N SER XB 42 -54.50 -36.64 -79.71
CA SER XB 42 -53.72 -35.46 -79.37
C SER XB 42 -52.39 -35.54 -80.12
N PRO XB 43 -51.69 -34.41 -80.26
CA PRO XB 43 -50.52 -34.40 -81.18
C PRO XB 43 -49.43 -35.39 -80.85
N ALA XB 44 -49.38 -35.92 -79.62
CA ALA XB 44 -48.36 -36.91 -79.29
C ALA XB 44 -48.57 -38.23 -80.03
N GLY XB 45 -49.79 -38.49 -80.51
CA GLY XB 45 -50.12 -39.69 -81.24
C GLY XB 45 -50.29 -39.50 -82.73
N TYR XB 46 -49.92 -38.34 -83.27
CA TYR XB 46 -50.01 -38.07 -84.69
C TYR XB 46 -49.07 -39.00 -85.47
N TRP XB 47 -49.56 -39.54 -86.59
CA TRP XB 47 -48.69 -40.44 -87.36
C TRP XB 47 -47.77 -39.62 -88.25
N ARG XB 48 -46.56 -40.11 -88.46
CA ARG XB 48 -45.56 -39.30 -89.14
C ARG XB 48 -44.92 -40.08 -90.28
N LEU XB 49 -44.48 -39.33 -91.28
CA LEU XB 49 -43.84 -39.90 -92.46
C LEU XB 49 -42.69 -38.98 -92.83
N SER XB 50 -41.48 -39.53 -92.93
CA SER XB 50 -40.28 -38.77 -93.22
C SER XB 50 -39.63 -39.32 -94.48
N MET XB 51 -39.24 -38.43 -95.39
CA MET XB 51 -38.52 -38.81 -96.59
C MET XB 51 -37.23 -38.00 -96.67
N GLN XB 52 -36.11 -38.69 -96.94
CA GLN XB 52 -34.78 -38.09 -96.90
C GLN XB 52 -33.99 -38.45 -98.14
N LEU XB 53 -33.38 -37.44 -98.77
CA LEU XB 53 -32.57 -37.61 -99.97
C LEU XB 53 -31.20 -36.99 -99.71
N VAL XB 54 -30.18 -37.83 -99.60
CA VAL XB 54 -28.81 -37.40 -99.32
C VAL XB 54 -28.01 -37.59 -100.60
N ARG XB 55 -27.78 -36.48 -101.30
CA ARG XB 55 -26.90 -36.38 -102.46
C ARG XB 55 -25.48 -36.11 -102.01
N PRO XB 56 -24.50 -36.75 -102.64
CA PRO XB 56 -23.11 -36.37 -102.38
C PRO XB 56 -22.77 -35.02 -103.01
N ALA XB 57 -21.71 -34.40 -102.49
CA ALA XB 57 -21.37 -33.05 -102.93
C ALA XB 57 -20.90 -33.05 -104.38
N PRO XB 58 -21.24 -32.03 -105.17
CA PRO XB 58 -20.86 -32.04 -106.59
C PRO XB 58 -19.35 -32.03 -106.78
N ALA XB 59 -18.85 -32.99 -107.55
CA ALA XB 59 -17.43 -33.08 -107.82
C ALA XB 59 -17.18 -33.83 -109.13
N THR XB 65 -13.92 -41.83 -105.71
CA THR XB 65 -15.01 -41.10 -106.37
C THR XB 65 -15.94 -42.04 -107.15
N ASN XB 66 -15.59 -43.32 -107.25
CA ASN XB 66 -16.54 -44.34 -107.67
C ASN XB 66 -17.22 -44.98 -106.48
N GLN XB 67 -17.01 -44.46 -105.28
CA GLN XB 67 -17.71 -44.85 -104.07
C GLN XB 67 -18.64 -43.73 -103.60
N ARG XB 68 -19.26 -43.04 -104.54
CA ARG XB 68 -20.16 -41.94 -104.23
C ARG XB 68 -21.58 -42.46 -104.37
N MET XB 69 -22.34 -42.43 -103.31
CA MET XB 69 -23.64 -43.10 -103.32
C MET XB 69 -24.69 -42.14 -102.80
N ILE XB 70 -25.82 -42.11 -103.49
CA ILE XB 70 -27.00 -41.35 -103.10
C ILE XB 70 -27.83 -42.22 -102.18
N ARG XB 71 -28.29 -41.66 -101.06
CA ARG XB 71 -29.13 -42.43 -100.15
C ARG XB 71 -30.53 -41.83 -100.07
N VAL XB 72 -31.53 -42.69 -99.91
CA VAL XB 72 -32.91 -42.27 -99.77
C VAL XB 72 -33.52 -43.07 -98.63
N ARG XB 73 -34.10 -42.39 -97.65
CA ARG XB 73 -34.69 -43.05 -96.48
C ARG XB 73 -36.14 -42.62 -96.35
N VAL XB 74 -37.05 -43.58 -96.34
CA VAL XB 74 -38.47 -43.36 -96.09
C VAL XB 74 -38.83 -44.05 -94.78
N SER XB 75 -39.44 -43.30 -93.87
CA SER XB 75 -39.71 -43.81 -92.53
C SER XB 75 -41.15 -43.46 -92.14
N THR XB 76 -41.86 -44.43 -91.59
CA THR XB 76 -43.24 -44.23 -91.14
C THR XB 76 -43.37 -44.62 -89.68
N PHE XB 77 -43.93 -43.71 -88.88
CA PHE XB 77 -44.17 -43.93 -87.46
C PHE XB 77 -45.66 -43.85 -87.20
N GLU XB 78 -46.21 -44.85 -86.50
CA GLU XB 78 -47.63 -44.93 -86.19
C GLU XB 78 -47.84 -45.15 -84.69
N PRO XB 79 -47.57 -44.13 -83.88
CA PRO XB 79 -47.73 -44.31 -82.42
C PRO XB 79 -49.19 -44.53 -82.04
N ILE XB 80 -49.38 -45.34 -81.00
CA ILE XB 80 -50.71 -45.68 -80.49
C ILE XB 80 -50.84 -45.12 -79.08
N LEU XB 81 -51.79 -44.21 -78.89
CA LEU XB 81 -51.97 -43.56 -77.60
C LEU XB 81 -52.74 -44.47 -76.65
N GLU XB 82 -52.54 -44.24 -75.35
CA GLU XB 82 -53.33 -44.92 -74.34
C GLU XB 82 -54.73 -44.32 -74.27
N VAL XB 83 -55.71 -45.16 -73.99
CA VAL XB 83 -57.11 -44.71 -73.96
C VAL XB 83 -57.34 -43.84 -72.73
N ALA XB 84 -58.29 -42.91 -72.85
CA ALA XB 84 -58.63 -42.04 -71.73
C ALA XB 84 -58.95 -42.85 -70.49
N VAL XB 85 -58.50 -42.35 -69.33
CA VAL XB 85 -58.64 -43.08 -68.06
C VAL XB 85 -60.01 -42.79 -67.45
N THR XB 86 -60.58 -43.81 -66.81
CA THR XB 86 -61.84 -43.66 -66.11
C THR XB 86 -61.63 -43.37 -64.62
N ALA XB 87 -60.45 -43.70 -64.09
CA ALA XB 87 -60.17 -43.48 -62.69
C ALA XB 87 -58.68 -43.59 -62.46
N THR XB 88 -58.13 -42.67 -61.66
CA THR XB 88 -56.73 -42.74 -61.25
C THR XB 88 -56.66 -42.59 -59.74
N TYR XB 89 -55.45 -42.71 -59.19
CA TYR XB 89 -55.33 -42.70 -57.74
C TYR XB 89 -55.67 -41.35 -57.15
N SER XB 90 -55.36 -40.28 -57.88
CA SER XB 90 -55.55 -38.92 -57.40
C SER XB 90 -56.82 -38.26 -57.92
N GLY XB 91 -57.42 -38.81 -58.97
CA GLY XB 91 -58.61 -38.20 -59.54
C GLY XB 91 -58.35 -37.23 -60.67
N ILE XB 92 -57.08 -36.96 -60.98
CA ILE XB 92 -56.71 -36.11 -62.12
C ILE XB 92 -56.21 -37.00 -63.24
N ALA XB 93 -56.78 -36.83 -64.43
CA ALA XB 93 -56.41 -37.68 -65.55
C ALA XB 93 -54.99 -37.35 -66.02
N PRO XB 94 -54.18 -38.37 -66.33
CA PRO XB 94 -52.81 -38.12 -66.77
C PRO XB 94 -52.77 -37.52 -68.17
N SER XB 95 -51.63 -36.88 -68.48
CA SER XB 95 -51.41 -36.32 -69.79
C SER XB 95 -51.45 -37.43 -70.84
N PRO XB 96 -51.84 -37.12 -72.07
CA PRO XB 96 -51.86 -38.15 -73.12
C PRO XB 96 -50.47 -38.76 -73.28
N THR XB 97 -50.40 -40.08 -73.18
CA THR XB 97 -49.14 -40.80 -73.22
C THR XB 97 -49.17 -41.83 -74.35
N VAL XB 98 -47.99 -42.13 -74.87
CA VAL XB 98 -47.85 -43.06 -75.98
C VAL XB 98 -47.66 -44.45 -75.40
N SER XB 99 -48.50 -45.40 -75.84
CA SER XB 99 -48.43 -46.76 -75.33
C SER XB 99 -47.28 -47.54 -75.97
N TYR XB 100 -47.22 -47.55 -77.30
CA TYR XB 100 -46.18 -48.24 -78.04
C TYR XB 100 -46.16 -47.67 -79.46
N VAL XB 101 -45.05 -47.91 -80.16
CA VAL XB 101 -44.91 -47.33 -81.49
C VAL XB 101 -44.41 -48.35 -82.50
N PRO XB 102 -45.29 -48.91 -83.33
CA PRO XB 102 -44.82 -49.65 -84.51
C PRO XB 102 -44.30 -48.69 -85.56
N LYS XB 103 -43.17 -49.05 -86.17
CA LYS XB 103 -42.55 -48.14 -87.12
C LYS XB 103 -41.82 -48.93 -88.19
N ALA XB 104 -41.47 -48.22 -89.27
CA ALA XB 104 -40.77 -48.83 -90.39
C ALA XB 104 -39.79 -47.86 -90.99
N PHE XB 105 -38.64 -48.38 -91.44
CA PHE XB 105 -37.53 -47.59 -91.94
C PHE XB 105 -36.99 -48.30 -93.18
N THR XB 106 -37.00 -47.63 -94.33
CA THR XB 106 -36.49 -48.19 -95.57
C THR XB 106 -35.40 -47.27 -96.12
N GLU XB 107 -34.28 -47.85 -96.54
CA GLU XB 107 -33.14 -47.10 -97.05
C GLU XB 107 -32.71 -47.69 -98.39
N PHE XB 108 -32.67 -46.84 -99.40
CA PHE XB 108 -32.12 -47.16 -100.71
C PHE XB 108 -30.71 -46.59 -100.78
N VAL XB 109 -29.77 -47.43 -101.20
CA VAL XB 109 -28.40 -47.04 -101.50
C VAL XB 109 -28.25 -47.15 -103.01
N LEU XB 110 -28.07 -46.00 -103.66
CA LEU XB 110 -28.08 -45.90 -105.11
C LEU XB 110 -26.77 -45.31 -105.57
N PRO XB 111 -25.83 -46.11 -106.08
CA PRO XB 111 -24.56 -45.55 -106.55
C PRO XB 111 -24.79 -44.51 -107.64
N GLU XB 112 -23.90 -43.51 -107.67
CA GLU XB 112 -24.05 -42.40 -108.60
C GLU XB 112 -23.94 -42.85 -110.04
N ARG XB 113 -23.26 -43.96 -110.29
CA ARG XB 113 -23.18 -44.52 -111.65
C ARG XB 113 -24.46 -45.24 -112.06
N ALA XB 114 -25.41 -45.45 -111.15
CA ALA XB 114 -26.57 -46.29 -111.45
C ALA XB 114 -27.55 -45.55 -112.34
N THR XB 115 -28.07 -46.25 -113.34
CA THR XB 115 -28.93 -45.63 -114.33
C THR XB 115 -30.38 -45.58 -113.85
N LEU XB 116 -31.16 -44.72 -114.50
CA LEU XB 116 -32.58 -44.59 -114.17
C LEU XB 116 -33.28 -45.93 -114.18
N ASP XB 117 -32.90 -46.81 -115.12
CA ASP XB 117 -33.50 -48.14 -115.14
C ASP XB 117 -33.18 -48.91 -113.87
N ASN XB 118 -31.93 -48.85 -113.41
CA ASN XB 118 -31.55 -49.52 -112.17
C ASN XB 118 -32.35 -48.99 -110.99
N ARG XB 119 -32.54 -47.67 -110.92
CA ARG XB 119 -33.29 -47.09 -109.80
C ARG XB 119 -34.74 -47.52 -109.84
N LYS XB 120 -35.37 -47.49 -111.02
CA LYS XB 120 -36.75 -47.94 -111.14
C LYS XB 120 -36.88 -49.40 -110.75
N ASP XB 121 -35.90 -50.22 -111.16
CA ASP XB 121 -35.90 -51.64 -110.81
C ASP XB 121 -35.86 -51.83 -109.30
N ILE XB 122 -34.89 -51.20 -108.63
CA ILE XB 122 -34.72 -51.45 -107.19
C ILE XB 122 -35.94 -50.95 -106.42
N ARG XB 123 -36.48 -49.78 -106.79
CA ARG XB 123 -37.65 -49.25 -106.11
C ARG XB 123 -38.85 -50.18 -106.28
N LYS XB 124 -39.23 -50.47 -107.54
CA LYS XB 124 -40.40 -51.32 -107.78
C LYS XB 124 -40.24 -52.68 -107.12
N MET XB 125 -39.05 -53.27 -107.23
CA MET XB 125 -38.88 -54.65 -106.79
C MET XB 125 -38.84 -54.76 -105.28
N HIS XB 126 -38.23 -53.79 -104.59
CA HIS XB 126 -38.26 -53.81 -103.14
C HIS XB 126 -39.67 -53.57 -102.60
N ALA XB 127 -40.36 -52.55 -103.15
CA ALA XB 127 -41.73 -52.30 -102.74
C ALA XB 127 -42.59 -53.54 -102.91
N LEU XB 128 -42.40 -54.26 -104.02
CA LEU XB 128 -43.11 -55.52 -104.21
C LEU XB 128 -42.68 -56.56 -103.18
N ALA XB 129 -41.37 -56.62 -102.88
CA ALA XB 129 -40.87 -57.60 -101.92
C ALA XB 129 -41.49 -57.41 -100.54
N LEU XB 130 -41.96 -56.21 -100.24
CA LEU XB 130 -42.68 -55.99 -99.00
C LEU XB 130 -44.12 -56.51 -99.02
N THR XB 131 -44.63 -56.91 -100.17
CA THR XB 131 -46.02 -57.36 -100.28
C THR XB 131 -46.14 -58.84 -100.65
N THR XB 132 -45.03 -59.57 -100.69
CA THR XB 132 -45.07 -61.00 -100.98
C THR XB 132 -45.81 -61.75 -99.87
N SER XB 133 -46.27 -62.96 -100.19
CA SER XB 133 -46.95 -63.78 -99.19
C SER XB 133 -46.04 -64.06 -98.00
N GLU XB 134 -44.74 -64.26 -98.28
CA GLU XB 134 -43.77 -64.47 -97.21
C GLU XB 134 -43.62 -63.23 -96.34
N ALA XB 135 -43.53 -62.05 -96.96
CA ALA XB 135 -43.43 -60.80 -96.18
C ALA XB 135 -44.67 -60.59 -95.33
N ILE XB 136 -45.85 -60.91 -95.87
CA ILE XB 136 -47.07 -60.71 -95.11
C ILE XB 136 -47.13 -61.70 -93.95
N ALA XB 137 -46.68 -62.94 -94.18
CA ALA XB 137 -46.65 -63.92 -93.10
C ALA XB 137 -45.68 -63.51 -92.00
N MET XB 138 -44.55 -62.90 -92.37
CA MET XB 138 -43.55 -62.52 -91.37
C MET XB 138 -43.99 -61.29 -90.58
N ILE XB 139 -44.50 -60.27 -91.26
CA ILE XB 139 -44.80 -59.01 -90.56
C ILE XB 139 -46.15 -59.07 -89.85
N GLU XB 140 -47.15 -59.70 -90.46
CA GLU XB 140 -48.49 -59.69 -89.87
C GLU XB 140 -48.73 -60.89 -88.97
N SER XB 141 -48.37 -62.08 -89.42
CA SER XB 141 -48.61 -63.30 -88.68
C SER XB 141 -47.41 -63.76 -87.87
N LEU XB 142 -46.25 -63.14 -88.09
CA LEU XB 142 -45.06 -63.41 -87.28
C LEU XB 142 -44.62 -64.86 -87.44
N GLN XB 143 -44.43 -65.28 -88.70
CA GLN XB 143 -44.01 -66.62 -89.02
C GLN XB 143 -42.77 -66.58 -89.90
N PHE XB 144 -41.82 -67.45 -89.61
CA PHE XB 144 -40.61 -67.56 -90.41
C PHE XB 144 -40.82 -68.60 -91.51
N VAL XB 145 -39.85 -68.67 -92.45
CA VAL XB 145 -39.89 -69.65 -93.53
C VAL XB 145 -38.99 -70.82 -93.17
N TYR XB 146 -39.47 -72.03 -93.45
CA TYR XB 146 -38.78 -73.25 -93.03
C TYR XB 146 -38.54 -74.21 -94.19
N PRO YB 1 -38.10 -14.83 -105.94
CA PRO YB 1 -38.72 -15.69 -106.93
C PRO YB 1 -38.85 -17.13 -106.45
N GLN YB 2 -39.79 -17.87 -107.03
CA GLN YB 2 -39.96 -19.26 -106.63
C GLN YB 2 -38.93 -20.15 -107.33
N ALA YB 3 -38.74 -21.34 -106.78
CA ALA YB 3 -37.87 -22.31 -107.43
C ALA YB 3 -38.55 -22.81 -108.70
N ALA YB 4 -37.91 -22.59 -109.84
CA ALA YB 4 -38.45 -23.01 -111.13
C ALA YB 4 -37.32 -23.58 -111.97
N ASP YB 5 -37.70 -24.27 -113.05
CA ASP YB 5 -36.73 -24.76 -114.01
C ASP YB 5 -35.93 -23.59 -114.58
N ILE YB 6 -34.65 -23.82 -114.85
CA ILE YB 6 -33.78 -22.84 -115.49
C ILE YB 6 -33.30 -23.45 -116.79
N VAL YB 7 -33.56 -22.80 -117.91
CA VAL YB 7 -33.23 -23.37 -119.21
C VAL YB 7 -32.10 -22.58 -119.84
N ILE YB 8 -31.02 -23.27 -120.21
CA ILE YB 8 -29.81 -22.66 -120.73
C ILE YB 8 -29.40 -23.38 -122.01
N ALA YB 9 -29.01 -22.62 -123.02
CA ALA YB 9 -28.74 -23.16 -124.34
C ALA YB 9 -27.32 -23.75 -124.44
N ASP YB 10 -27.22 -24.84 -125.19
CA ASP YB 10 -25.94 -25.46 -125.49
C ASP YB 10 -25.13 -24.59 -126.44
N ALA YB 11 -23.87 -24.96 -126.62
CA ALA YB 11 -23.02 -24.32 -127.62
C ALA YB 11 -22.77 -25.21 -128.84
N GLN YB 12 -23.70 -26.12 -129.14
CA GLN YB 12 -23.56 -26.96 -130.31
C GLN YB 12 -23.88 -26.18 -131.58
N ALA YB 13 -23.59 -26.81 -132.73
CA ALA YB 13 -23.92 -26.22 -134.01
C ALA YB 13 -25.40 -25.83 -134.05
N THR YB 14 -26.28 -26.79 -133.75
CA THR YB 14 -27.67 -26.49 -133.48
C THR YB 14 -27.84 -26.55 -131.97
N PRO YB 15 -27.94 -25.40 -131.28
CA PRO YB 15 -27.96 -25.42 -129.82
C PRO YB 15 -29.09 -26.27 -129.27
N VAL YB 16 -28.80 -26.95 -128.15
CA VAL YB 16 -29.73 -27.83 -127.46
C VAL YB 16 -30.04 -27.22 -126.09
N ASN YB 17 -31.32 -27.08 -125.77
CA ASN YB 17 -31.72 -26.51 -124.48
C ASN YB 17 -31.52 -27.54 -123.38
N HIS YB 18 -30.72 -27.20 -122.38
CA HIS YB 18 -30.58 -27.98 -121.17
C HIS YB 18 -31.47 -27.39 -120.09
N THR YB 19 -32.33 -28.23 -119.51
CA THR YB 19 -33.28 -27.78 -118.49
C THR YB 19 -32.79 -28.24 -117.12
N PHE YB 20 -32.47 -27.27 -116.26
CA PHE YB 20 -32.01 -27.52 -114.89
C PHE YB 20 -33.22 -27.46 -113.96
N VAL YB 21 -33.67 -28.62 -113.51
CA VAL YB 21 -34.79 -28.77 -112.59
C VAL YB 21 -34.27 -28.46 -111.20
N PRO YB 22 -35.00 -27.73 -110.36
CA PRO YB 22 -34.51 -27.48 -109.00
C PRO YB 22 -34.45 -28.76 -108.16
N ILE YB 23 -33.27 -29.05 -107.61
CA ILE YB 23 -33.11 -30.14 -106.65
C ILE YB 23 -33.51 -29.66 -105.27
N GLY YB 24 -33.15 -28.43 -104.92
CA GLY YB 24 -33.53 -27.91 -103.63
C GLY YB 24 -32.39 -27.19 -102.96
N PRO YB 25 -32.58 -26.80 -101.72
CA PRO YB 25 -31.51 -26.12 -101.00
C PRO YB 25 -30.40 -27.10 -100.63
N ASP YB 26 -29.23 -26.52 -100.42
CA ASP YB 26 -28.06 -27.30 -100.09
C ASP YB 26 -28.27 -27.95 -98.71
N PRO YB 27 -27.76 -29.18 -98.51
CA PRO YB 27 -27.99 -29.86 -97.22
C PRO YB 27 -27.38 -29.14 -96.04
N LYS YB 28 -26.21 -28.56 -96.23
CA LYS YB 28 -25.42 -28.03 -95.13
C LYS YB 28 -25.43 -26.51 -95.04
N ASP YB 29 -25.77 -25.82 -96.13
CA ASP YB 29 -25.86 -24.36 -96.15
C ASP YB 29 -27.24 -23.96 -96.68
N ALA YB 30 -27.97 -23.20 -95.88
CA ALA YB 30 -29.31 -22.77 -96.21
C ALA YB 30 -29.32 -21.58 -97.14
N THR YB 31 -28.15 -21.10 -97.57
CA THR YB 31 -28.05 -19.91 -98.41
C THR YB 31 -27.69 -20.22 -99.85
N ILE YB 32 -27.60 -21.50 -100.21
CA ILE YB 32 -27.22 -21.90 -101.55
C ILE YB 32 -28.23 -22.93 -102.03
N TYR YB 33 -28.73 -22.76 -103.26
CA TYR YB 33 -29.80 -23.55 -103.85
C TYR YB 33 -29.29 -24.21 -105.12
N TRP YB 34 -29.87 -25.38 -105.45
CA TRP YB 34 -29.33 -26.29 -106.45
C TRP YB 34 -30.37 -26.70 -107.47
N TRP YB 35 -30.04 -26.49 -108.75
CA TRP YB 35 -30.72 -27.02 -109.92
C TRP YB 35 -29.80 -28.03 -110.63
N GLU YB 36 -30.40 -28.95 -111.39
CA GLU YB 36 -29.67 -30.06 -112.00
C GLU YB 36 -30.26 -30.39 -113.37
N ASP YB 37 -29.38 -30.57 -114.35
CA ASP YB 37 -29.69 -31.07 -115.69
C ASP YB 37 -29.46 -32.58 -115.68
N GLN YB 38 -30.58 -33.31 -115.67
CA GLN YB 38 -30.63 -34.75 -115.48
C GLN YB 38 -30.76 -35.51 -116.79
N SER YB 39 -30.35 -34.90 -117.90
CA SER YB 39 -30.49 -35.50 -119.22
C SER YB 39 -29.36 -36.46 -119.54
N GLN YB 40 -28.29 -36.43 -118.77
CA GLN YB 40 -27.07 -37.16 -119.09
C GLN YB 40 -27.28 -38.66 -118.83
N ALA YB 41 -26.22 -39.45 -119.04
CA ALA YB 41 -26.39 -40.90 -119.11
C ALA YB 41 -26.61 -41.54 -117.73
N SER YB 42 -25.91 -41.07 -116.71
CA SER YB 42 -26.11 -41.49 -115.33
C SER YB 42 -25.89 -40.25 -114.47
N PRO YB 43 -26.37 -40.26 -113.22
CA PRO YB 43 -26.23 -39.06 -112.38
C PRO YB 43 -24.80 -38.55 -112.26
N ALA YB 44 -23.80 -39.44 -112.36
CA ALA YB 44 -22.40 -39.03 -112.30
C ALA YB 44 -22.09 -37.96 -113.33
N GLY YB 45 -22.79 -37.98 -114.47
CA GLY YB 45 -22.61 -37.02 -115.52
C GLY YB 45 -23.63 -35.90 -115.59
N TYR YB 46 -24.56 -35.82 -114.65
CA TYR YB 46 -25.55 -34.73 -114.66
C TYR YB 46 -24.85 -33.39 -114.48
N TRP YB 47 -25.41 -32.33 -115.06
CA TRP YB 47 -24.83 -31.00 -114.91
C TRP YB 47 -25.54 -30.22 -113.82
N ARG YB 48 -24.80 -29.47 -113.03
CA ARG YB 48 -25.38 -28.85 -111.86
C ARG YB 48 -25.16 -27.34 -111.88
N LEU YB 49 -26.12 -26.62 -111.32
CA LEU YB 49 -26.07 -25.17 -111.20
C LEU YB 49 -26.48 -24.79 -109.79
N SER YB 50 -25.71 -23.89 -109.17
CA SER YB 50 -25.93 -23.50 -107.78
C SER YB 50 -25.89 -21.99 -107.66
N MET YB 51 -26.83 -21.41 -106.92
CA MET YB 51 -26.87 -19.97 -106.68
C MET YB 51 -26.94 -19.70 -105.18
N GLN YB 52 -26.12 -18.76 -104.72
CA GLN YB 52 -25.97 -18.49 -103.29
C GLN YB 52 -26.03 -16.99 -103.03
N LEU YB 53 -26.86 -16.60 -102.06
CA LEU YB 53 -26.98 -15.21 -101.61
C LEU YB 53 -26.66 -15.17 -100.13
N VAL YB 54 -25.60 -14.44 -99.77
CA VAL YB 54 -25.18 -14.30 -98.39
C VAL YB 54 -25.34 -12.83 -98.02
N ARG YB 55 -26.34 -12.55 -97.19
CA ARG YB 55 -26.75 -11.29 -96.61
C ARG YB 55 -26.11 -11.13 -95.24
N PRO YB 56 -25.77 -9.90 -94.86
CA PRO YB 56 -25.25 -9.67 -93.50
C PRO YB 56 -26.37 -9.59 -92.48
N ALA YB 57 -25.97 -9.72 -91.21
CA ALA YB 57 -26.95 -9.62 -90.13
C ALA YB 57 -27.58 -8.24 -90.12
N PRO YB 58 -28.84 -8.12 -89.71
CA PRO YB 58 -29.54 -6.85 -89.85
C PRO YB 58 -28.83 -5.73 -89.11
N ALA YB 59 -28.96 -4.51 -89.66
CA ALA YB 59 -28.22 -3.38 -89.13
C ALA YB 59 -28.77 -2.98 -87.76
N LYS YB 60 -27.88 -2.55 -86.88
CA LYS YB 60 -28.27 -2.08 -85.57
C LYS YB 60 -28.44 -0.56 -85.58
N ALA YB 61 -29.23 -0.07 -84.63
CA ALA YB 61 -29.53 1.36 -84.57
C ALA YB 61 -28.26 2.14 -84.30
N GLY YB 62 -27.99 3.13 -85.14
CA GLY YB 62 -26.79 3.93 -85.02
C GLY YB 62 -25.51 3.26 -85.49
N GLN YB 63 -25.57 1.99 -85.91
CA GLN YB 63 -24.39 1.30 -86.40
C GLN YB 63 -23.96 1.85 -87.76
N ASN YB 64 -22.66 1.90 -87.99
CA ASN YB 64 -22.11 2.39 -89.25
C ASN YB 64 -22.06 1.23 -90.25
N THR YB 65 -22.71 1.41 -91.41
CA THR YB 65 -22.92 0.31 -92.35
C THR YB 65 -21.93 0.30 -93.52
N ASN YB 66 -20.91 1.16 -93.50
CA ASN YB 66 -20.11 1.24 -94.73
C ASN YB 66 -19.20 0.12 -94.88
N GLN YB 67 -19.24 -0.88 -94.01
CA GLN YB 67 -18.39 -2.06 -94.20
C GLN YB 67 -19.18 -3.36 -94.45
N ARG YB 68 -20.51 -3.34 -94.32
CA ARG YB 68 -21.29 -4.55 -94.49
C ARG YB 68 -21.46 -4.82 -95.98
N MET YB 69 -21.42 -6.09 -96.37
CA MET YB 69 -21.42 -6.47 -97.78
C MET YB 69 -22.25 -7.72 -98.01
N ILE YB 70 -22.79 -7.82 -99.23
CA ILE YB 70 -23.62 -8.91 -99.68
C ILE YB 70 -22.85 -9.66 -100.77
N ARG YB 71 -22.88 -10.99 -100.72
CA ARG YB 71 -22.17 -11.80 -101.70
C ARG YB 71 -23.15 -12.67 -102.46
N VAL YB 72 -22.91 -12.82 -103.76
CA VAL YB 72 -23.71 -13.69 -104.61
C VAL YB 72 -22.75 -14.60 -105.37
N ARG YB 73 -23.00 -15.90 -105.33
CA ARG YB 73 -22.13 -16.87 -106.00
C ARG YB 73 -22.96 -17.76 -106.91
N VAL YB 74 -22.61 -17.79 -108.18
CA VAL YB 74 -23.22 -18.70 -109.16
C VAL YB 74 -22.15 -19.69 -109.58
N SER YB 75 -22.54 -20.96 -109.69
CA SER YB 75 -21.58 -22.00 -109.96
C SER YB 75 -22.19 -23.03 -110.90
N THR YB 76 -21.44 -23.42 -111.93
CA THR YB 76 -21.90 -24.42 -112.89
C THR YB 76 -20.87 -25.52 -113.01
N PHE YB 77 -21.34 -26.77 -112.96
CA PHE YB 77 -20.49 -27.95 -113.05
C PHE YB 77 -20.98 -28.81 -114.20
N GLU YB 78 -20.08 -29.13 -115.12
CA GLU YB 78 -20.41 -29.89 -116.33
C GLU YB 78 -19.50 -31.10 -116.48
N PRO YB 79 -19.67 -32.13 -115.64
CA PRO YB 79 -18.82 -33.31 -115.76
C PRO YB 79 -19.04 -34.03 -117.09
N ILE YB 80 -17.95 -34.57 -117.63
CA ILE YB 80 -17.94 -35.30 -118.88
C ILE YB 80 -17.64 -36.76 -118.58
N LEU YB 81 -18.40 -37.67 -119.17
CA LEU YB 81 -18.24 -39.08 -118.91
C LEU YB 81 -17.33 -39.75 -119.94
N GLU YB 82 -16.92 -40.96 -119.62
CA GLU YB 82 -16.17 -41.85 -120.51
C GLU YB 82 -16.63 -43.27 -120.25
N VAL YB 83 -16.46 -44.13 -121.25
CA VAL YB 83 -16.90 -45.52 -121.19
C VAL YB 83 -15.76 -46.42 -121.63
N ALA YB 84 -15.68 -47.61 -121.02
CA ALA YB 84 -14.61 -48.55 -121.33
C ALA YB 84 -14.88 -49.36 -122.60
N VAL YB 85 -16.14 -49.52 -122.98
CA VAL YB 85 -16.51 -50.28 -124.18
C VAL YB 85 -17.87 -49.78 -124.66
N THR YB 86 -18.07 -49.80 -125.98
CA THR YB 86 -19.19 -49.08 -126.59
C THR YB 86 -20.39 -49.97 -126.95
N ALA YB 87 -20.31 -51.28 -126.73
CA ALA YB 87 -21.41 -52.18 -127.07
C ALA YB 87 -21.96 -52.84 -125.80
N THR YB 88 -22.98 -53.65 -126.00
CA THR YB 88 -23.58 -54.41 -124.91
C THR YB 88 -23.45 -55.90 -125.21
N TYR YB 89 -23.00 -56.67 -124.22
CA TYR YB 89 -22.80 -58.11 -124.35
C TYR YB 89 -23.71 -58.83 -123.37
N SER YB 90 -24.52 -59.77 -123.90
CA SER YB 90 -25.33 -60.65 -123.05
C SER YB 90 -26.11 -59.84 -122.01
N GLY YB 91 -26.69 -58.73 -122.46
CA GLY YB 91 -27.50 -57.87 -121.61
C GLY YB 91 -26.73 -57.00 -120.65
N ILE YB 92 -25.41 -56.97 -120.70
CA ILE YB 92 -24.61 -56.14 -119.81
C ILE YB 92 -24.30 -54.84 -120.53
N ALA YB 93 -24.84 -53.74 -120.02
CA ALA YB 93 -24.54 -52.53 -120.76
C ALA YB 93 -23.27 -51.86 -120.24
N PRO YB 94 -22.62 -51.06 -121.07
CA PRO YB 94 -21.49 -50.27 -120.60
C PRO YB 94 -21.94 -49.25 -119.58
N SER YB 95 -21.16 -49.13 -118.49
CA SER YB 95 -21.48 -48.21 -117.42
C SER YB 95 -20.43 -47.12 -117.39
N PRO YB 96 -20.78 -45.88 -117.71
CA PRO YB 96 -19.78 -44.82 -117.79
C PRO YB 96 -19.34 -44.31 -116.45
N THR YB 97 -18.11 -43.80 -116.40
CA THR YB 97 -17.58 -43.10 -115.25
C THR YB 97 -17.23 -41.67 -115.62
N VAL YB 98 -16.98 -40.85 -114.61
CA VAL YB 98 -16.59 -39.47 -114.89
C VAL YB 98 -15.16 -39.45 -115.38
N SER YB 99 -14.91 -38.65 -116.40
CA SER YB 99 -13.59 -38.51 -117.02
C SER YB 99 -12.87 -37.24 -116.57
N TYR YB 100 -13.58 -36.11 -116.59
CA TYR YB 100 -13.05 -34.84 -116.12
C TYR YB 100 -14.22 -33.91 -115.89
N VAL YB 101 -13.98 -32.85 -115.10
CA VAL YB 101 -15.07 -31.94 -114.80
C VAL YB 101 -14.66 -30.49 -115.05
N PRO YB 102 -15.03 -29.91 -116.19
CA PRO YB 102 -14.94 -28.46 -116.34
C PRO YB 102 -16.00 -27.76 -115.51
N LYS YB 103 -15.63 -26.63 -114.93
CA LYS YB 103 -16.58 -25.95 -114.04
C LYS YB 103 -16.28 -24.45 -114.05
N ALA YB 104 -17.24 -23.69 -113.54
CA ALA YB 104 -17.11 -22.23 -113.50
C ALA YB 104 -17.73 -21.72 -112.21
N PHE YB 105 -17.11 -20.69 -111.64
CA PHE YB 105 -17.49 -20.13 -110.36
C PHE YB 105 -17.43 -18.61 -110.48
N THR YB 106 -18.55 -17.92 -110.23
CA THR YB 106 -18.62 -16.46 -110.28
C THR YB 106 -19.11 -15.92 -108.94
N GLU YB 107 -18.45 -14.87 -108.46
CA GLU YB 107 -18.77 -14.24 -107.19
C GLU YB 107 -18.90 -12.73 -107.36
N PHE YB 108 -20.06 -12.20 -107.01
CA PHE YB 108 -20.30 -10.77 -106.92
C PHE YB 108 -20.16 -10.35 -105.47
N VAL YB 109 -19.36 -9.31 -105.24
CA VAL YB 109 -19.27 -8.63 -103.96
C VAL YB 109 -19.95 -7.28 -104.12
N LEU YB 110 -21.13 -7.17 -103.52
CA LEU YB 110 -21.96 -5.98 -103.60
C LEU YB 110 -22.03 -5.34 -102.22
N PRO YB 111 -21.35 -4.23 -101.99
CA PRO YB 111 -21.47 -3.56 -100.68
C PRO YB 111 -22.91 -3.12 -100.44
N GLU YB 112 -23.37 -3.31 -99.20
CA GLU YB 112 -24.77 -3.08 -98.87
C GLU YB 112 -25.22 -1.67 -99.19
N ARG YB 113 -24.33 -0.68 -99.12
CA ARG YB 113 -24.70 0.69 -99.42
C ARG YB 113 -24.84 0.98 -100.91
N ALA YB 114 -24.68 -0.01 -101.78
CA ALA YB 114 -24.63 0.27 -103.21
C ALA YB 114 -26.04 0.48 -103.75
N THR YB 115 -26.12 1.26 -104.84
CA THR YB 115 -27.39 1.56 -105.47
C THR YB 115 -27.83 0.41 -106.36
N LEU YB 116 -29.15 0.31 -106.55
CA LEU YB 116 -29.69 -0.58 -107.56
C LEU YB 116 -28.98 -0.36 -108.90
N ASP YB 117 -28.67 0.90 -109.22
CA ASP YB 117 -27.96 1.18 -110.46
C ASP YB 117 -26.57 0.54 -110.45
N ASN YB 118 -25.85 0.65 -109.33
CA ASN YB 118 -24.54 0.02 -109.22
C ASN YB 118 -24.63 -1.49 -109.43
N ARG YB 119 -25.66 -2.11 -108.87
CA ARG YB 119 -25.82 -3.56 -108.98
C ARG YB 119 -26.14 -3.97 -110.41
N LYS YB 120 -27.06 -3.24 -111.06
CA LYS YB 120 -27.36 -3.51 -112.46
C LYS YB 120 -26.11 -3.35 -113.32
N ASP YB 121 -25.31 -2.31 -113.04
CA ASP YB 121 -24.07 -2.07 -113.75
C ASP YB 121 -23.12 -3.26 -113.63
N ILE YB 122 -22.82 -3.67 -112.40
CA ILE YB 122 -21.82 -4.72 -112.21
C ILE YB 122 -22.30 -6.03 -112.82
N ARG YB 123 -23.59 -6.36 -112.65
CA ARG YB 123 -24.13 -7.60 -113.22
C ARG YB 123 -24.02 -7.58 -114.75
N LYS YB 124 -24.63 -6.58 -115.40
CA LYS YB 124 -24.62 -6.54 -116.85
C LYS YB 124 -23.21 -6.52 -117.39
N MET YB 125 -22.33 -5.69 -116.81
CA MET YB 125 -21.03 -5.47 -117.39
C MET YB 125 -20.12 -6.68 -117.21
N HIS YB 126 -20.22 -7.39 -116.08
CA HIS YB 126 -19.44 -8.60 -115.93
C HIS YB 126 -19.94 -9.69 -116.87
N ALA YB 127 -21.27 -9.89 -116.94
CA ALA YB 127 -21.82 -10.88 -117.86
C ALA YB 127 -21.37 -10.60 -119.29
N LEU YB 128 -21.30 -9.32 -119.66
CA LEU YB 128 -20.81 -8.96 -120.99
C LEU YB 128 -19.31 -9.24 -121.11
N ALA YB 129 -18.55 -8.96 -120.05
CA ALA YB 129 -17.10 -9.18 -120.09
C ALA YB 129 -16.78 -10.66 -120.30
N LEU YB 130 -17.70 -11.54 -119.92
CA LEU YB 130 -17.51 -12.96 -120.21
C LEU YB 130 -17.73 -13.32 -121.67
N THR YB 131 -18.27 -12.41 -122.48
CA THR YB 131 -18.57 -12.70 -123.89
C THR YB 131 -17.74 -11.87 -124.86
N THR YB 132 -16.79 -11.09 -124.35
CA THR YB 132 -15.92 -10.30 -125.22
C THR YB 132 -15.06 -11.22 -126.09
N SER YB 133 -14.60 -10.68 -127.21
CA SER YB 133 -13.74 -11.47 -128.11
C SER YB 133 -12.49 -11.95 -127.40
N GLU YB 134 -11.95 -11.13 -126.49
CA GLU YB 134 -10.80 -11.54 -125.69
C GLU YB 134 -11.14 -12.69 -124.74
N ALA YB 135 -12.29 -12.60 -124.06
CA ALA YB 135 -12.71 -13.69 -123.19
C ALA YB 135 -12.91 -14.98 -123.97
N ILE YB 136 -13.49 -14.88 -125.17
CA ILE YB 136 -13.70 -16.07 -125.98
C ILE YB 136 -12.37 -16.65 -126.43
N ALA YB 137 -11.43 -15.79 -126.83
CA ALA YB 137 -10.11 -16.27 -127.23
C ALA YB 137 -9.37 -16.93 -126.07
N MET YB 138 -9.59 -16.46 -124.84
CA MET YB 138 -8.86 -17.03 -123.71
C MET YB 138 -9.49 -18.32 -123.21
N ILE YB 139 -10.83 -18.40 -123.17
CA ILE YB 139 -11.48 -19.58 -122.62
C ILE YB 139 -11.63 -20.69 -123.66
N GLU YB 140 -12.01 -20.34 -124.90
CA GLU YB 140 -12.24 -21.34 -125.92
C GLU YB 140 -10.97 -21.66 -126.70
N SER YB 141 -10.25 -20.63 -127.15
CA SER YB 141 -9.07 -20.80 -127.97
C SER YB 141 -7.78 -20.91 -127.16
N LEU YB 142 -7.83 -20.59 -125.87
CA LEU YB 142 -6.67 -20.77 -124.98
C LEU YB 142 -5.48 -19.93 -125.44
N GLN YB 143 -5.74 -18.68 -125.79
CA GLN YB 143 -4.71 -17.74 -126.22
C GLN YB 143 -4.78 -16.49 -125.38
N PHE YB 144 -3.66 -16.10 -124.78
CA PHE YB 144 -3.56 -14.89 -124.00
C PHE YB 144 -3.41 -13.67 -124.92
N VAL YB 145 -3.42 -12.48 -124.33
CA VAL YB 145 -3.26 -11.23 -125.08
C VAL YB 145 -1.80 -10.77 -124.98
N TYR YB 146 -1.20 -10.45 -126.12
CA TYR YB 146 0.21 -10.08 -126.17
C TYR YB 146 0.41 -8.71 -126.82
N PRO ZB 1 -47.73 -25.02 -95.57
CA PRO ZB 1 -47.93 -23.99 -96.59
C PRO ZB 1 -46.61 -23.55 -97.22
N GLN ZB 2 -46.51 -23.59 -98.55
CA GLN ZB 2 -45.27 -23.15 -99.19
C GLN ZB 2 -45.07 -21.66 -98.96
N ALA ZB 3 -43.81 -21.26 -98.84
CA ALA ZB 3 -43.51 -19.86 -98.58
C ALA ZB 3 -43.94 -19.00 -99.77
N ALA ZB 4 -44.60 -17.89 -99.47
CA ALA ZB 4 -44.99 -16.94 -100.51
C ALA ZB 4 -45.00 -15.54 -99.92
N ASP ZB 5 -45.16 -14.55 -100.80
CA ASP ZB 5 -45.20 -13.16 -100.38
C ASP ZB 5 -46.27 -12.95 -99.32
N ILE ZB 6 -45.96 -12.12 -98.32
CA ILE ZB 6 -46.91 -11.75 -97.28
C ILE ZB 6 -47.20 -10.26 -97.43
N VAL ZB 7 -48.45 -9.89 -97.67
CA VAL ZB 7 -48.80 -8.51 -97.93
C VAL ZB 7 -49.60 -7.96 -96.75
N ILE ZB 8 -49.10 -6.88 -96.16
CA ILE ZB 8 -49.68 -6.28 -94.97
C ILE ZB 8 -49.90 -4.79 -95.23
N ALA ZB 9 -51.06 -4.29 -94.81
CA ALA ZB 9 -51.42 -2.90 -95.11
C ALA ZB 9 -50.74 -1.93 -94.14
N ASP ZB 10 -50.40 -0.76 -94.67
CA ASP ZB 10 -49.85 0.32 -93.86
C ASP ZB 10 -50.91 0.91 -92.95
N ALA ZB 11 -50.52 1.91 -92.17
CA ALA ZB 11 -51.46 2.67 -91.34
C ALA ZB 11 -51.59 4.11 -91.78
N GLN ZB 12 -51.32 4.39 -93.06
CA GLN ZB 12 -51.38 5.76 -93.54
C GLN ZB 12 -52.82 6.19 -93.76
N ALA ZB 13 -52.99 7.48 -94.07
CA ALA ZB 13 -54.29 8.01 -94.44
C ALA ZB 13 -54.94 7.13 -95.50
N THR ZB 14 -54.27 6.97 -96.64
CA THR ZB 14 -54.62 5.91 -97.57
C THR ZB 14 -53.65 4.76 -97.34
N PRO ZB 15 -54.10 3.65 -96.77
CA PRO ZB 15 -53.18 2.55 -96.48
C PRO ZB 15 -52.40 2.12 -97.73
N VAL ZB 16 -51.12 1.83 -97.52
CA VAL ZB 16 -50.21 1.41 -98.59
C VAL ZB 16 -49.76 -0.01 -98.30
N ASN ZB 17 -49.94 -0.90 -99.27
CA ASN ZB 17 -49.59 -2.30 -99.08
C ASN ZB 17 -48.07 -2.49 -99.10
N HIS ZB 18 -47.54 -3.14 -98.06
CA HIS ZB 18 -46.15 -3.55 -98.02
C HIS ZB 18 -46.08 -5.04 -98.32
N THR ZB 19 -45.24 -5.41 -99.30
CA THR ZB 19 -45.09 -6.79 -99.71
C THR ZB 19 -43.77 -7.33 -99.16
N PHE ZB 20 -43.87 -8.36 -98.31
CA PHE ZB 20 -42.72 -9.02 -97.70
C PHE ZB 20 -42.40 -10.27 -98.51
N VAL ZB 21 -41.33 -10.21 -99.29
CA VAL ZB 21 -40.84 -11.33 -100.09
C VAL ZB 21 -40.08 -12.26 -99.15
N PRO ZB 22 -40.27 -13.58 -99.21
CA PRO ZB 22 -39.48 -14.47 -98.34
C PRO ZB 22 -38.00 -14.40 -98.68
N ILE ZB 23 -37.19 -14.20 -97.65
CA ILE ZB 23 -35.75 -14.41 -97.75
C ILE ZB 23 -35.39 -15.87 -97.52
N GLY ZB 24 -36.13 -16.55 -96.65
CA GLY ZB 24 -35.85 -17.95 -96.39
C GLY ZB 24 -35.57 -18.22 -94.93
N PRO ZB 25 -35.17 -19.44 -94.63
CA PRO ZB 25 -34.91 -19.79 -93.24
C PRO ZB 25 -33.60 -19.20 -92.76
N ASP ZB 26 -33.58 -18.86 -91.47
CA ASP ZB 26 -32.36 -18.33 -90.87
C ASP ZB 26 -31.27 -19.39 -90.95
N PRO ZB 27 -30.10 -19.06 -91.50
CA PRO ZB 27 -29.01 -20.06 -91.54
C PRO ZB 27 -28.56 -20.49 -90.16
N LYS ZB 28 -28.65 -19.61 -89.16
CA LYS ZB 28 -28.23 -19.96 -87.82
C LYS ZB 28 -29.26 -20.85 -87.12
N ASP ZB 29 -30.55 -20.63 -87.36
CA ASP ZB 29 -31.62 -21.41 -86.75
C ASP ZB 29 -32.65 -21.77 -87.81
N ALA ZB 30 -32.81 -23.06 -88.08
CA ALA ZB 30 -33.70 -23.53 -89.13
C ALA ZB 30 -35.18 -23.40 -88.78
N THR ZB 31 -35.52 -23.18 -87.51
CA THR ZB 31 -36.91 -23.11 -87.09
C THR ZB 31 -37.49 -21.72 -87.21
N ILE ZB 32 -36.79 -20.77 -87.83
CA ILE ZB 32 -37.29 -19.42 -87.95
C ILE ZB 32 -37.11 -18.98 -89.40
N TYR ZB 33 -38.19 -18.45 -89.99
CA TYR ZB 33 -38.25 -18.08 -91.40
C TYR ZB 33 -38.44 -16.58 -91.53
N TRP ZB 34 -37.88 -16.02 -92.60
CA TRP ZB 34 -37.75 -14.57 -92.77
C TRP ZB 34 -38.33 -14.11 -94.10
N TRP ZB 35 -39.20 -13.10 -94.03
CA TRP ZB 35 -39.65 -12.29 -95.15
C TRP ZB 35 -39.13 -10.87 -94.97
N GLU ZB 36 -39.00 -10.15 -96.08
CA GLU ZB 36 -38.39 -8.82 -96.10
C GLU ZB 36 -39.17 -7.90 -97.03
N ASP ZB 37 -39.41 -6.67 -96.54
CA ASP ZB 37 -40.06 -5.62 -97.33
C ASP ZB 37 -38.98 -4.74 -97.93
N GLN ZB 38 -38.82 -4.83 -99.25
CA GLN ZB 38 -37.71 -4.17 -99.93
C GLN ZB 38 -38.06 -2.79 -100.47
N SER ZB 39 -39.11 -2.16 -99.96
CA SER ZB 39 -39.59 -0.90 -100.50
C SER ZB 39 -38.90 0.30 -99.87
N GLN ZB 40 -37.98 0.09 -98.92
CA GLN ZB 40 -37.37 1.18 -98.19
C GLN ZB 40 -36.21 1.75 -98.98
N ALA ZB 41 -35.49 2.69 -98.36
CA ALA ZB 41 -34.55 3.54 -99.10
C ALA ZB 41 -33.26 2.80 -99.47
N SER ZB 42 -32.74 1.97 -98.57
CA SER ZB 42 -31.58 1.13 -98.84
C SER ZB 42 -31.69 -0.10 -97.97
N PRO ZB 43 -30.94 -1.16 -98.26
CA PRO ZB 43 -31.21 -2.45 -97.61
C PRO ZB 43 -31.16 -2.42 -96.10
N ALA ZB 44 -30.26 -1.61 -95.51
CA ALA ZB 44 -30.18 -1.57 -94.05
C ALA ZB 44 -31.51 -1.23 -93.41
N GLY ZB 45 -32.37 -0.48 -94.11
CA GLY ZB 45 -33.68 -0.10 -93.63
C GLY ZB 45 -34.85 -0.92 -94.10
N TYR ZB 46 -34.60 -2.05 -94.79
CA TYR ZB 46 -35.69 -2.93 -95.22
C TYR ZB 46 -36.42 -3.51 -94.02
N TRP ZB 47 -37.75 -3.40 -94.02
CA TRP ZB 47 -38.53 -3.99 -92.93
C TRP ZB 47 -38.53 -5.51 -93.04
N ARG ZB 48 -38.57 -6.19 -91.91
CA ARG ZB 48 -38.49 -7.64 -91.91
C ARG ZB 48 -39.57 -8.22 -91.01
N LEU ZB 49 -39.91 -9.48 -91.32
CA LEU ZB 49 -40.91 -10.23 -90.59
C LEU ZB 49 -40.39 -11.65 -90.43
N SER ZB 50 -40.54 -12.22 -89.23
CA SER ZB 50 -39.99 -13.52 -88.91
C SER ZB 50 -41.04 -14.38 -88.20
N MET ZB 51 -41.14 -15.64 -88.61
CA MET ZB 51 -42.05 -16.58 -87.96
C MET ZB 51 -41.30 -17.84 -87.58
N GLN ZB 52 -41.50 -18.28 -86.33
CA GLN ZB 52 -40.73 -19.39 -85.77
C GLN ZB 52 -41.66 -20.41 -85.15
N LEU ZB 53 -41.45 -21.68 -85.49
CA LEU ZB 53 -42.21 -22.79 -84.95
C LEU ZB 53 -41.21 -23.78 -84.33
N VAL ZB 54 -41.32 -23.97 -83.02
CA VAL ZB 54 -40.45 -24.88 -82.28
C VAL ZB 54 -41.34 -25.96 -81.69
N ARG ZB 55 -41.35 -27.11 -82.35
CA ARG ZB 55 -42.01 -28.35 -81.95
C ARG ZB 55 -41.03 -29.22 -81.19
N PRO ZB 56 -41.50 -29.90 -80.14
CA PRO ZB 56 -40.59 -30.71 -79.32
C PRO ZB 56 -40.27 -32.03 -80.00
N ALA ZB 57 -39.19 -32.65 -79.53
CA ALA ZB 57 -38.82 -33.97 -80.02
C ALA ZB 57 -39.98 -34.92 -79.80
N PRO ZB 58 -40.18 -35.88 -80.71
CA PRO ZB 58 -41.40 -36.69 -80.68
C PRO ZB 58 -41.57 -37.45 -79.37
N ALA ZB 59 -42.83 -37.59 -78.96
CA ALA ZB 59 -43.16 -38.33 -77.75
C ALA ZB 59 -42.67 -39.75 -77.85
N LYS ZB 60 -42.16 -40.28 -76.74
CA LYS ZB 60 -41.64 -41.64 -76.70
C LYS ZB 60 -42.60 -42.55 -75.94
N ALA ZB 61 -42.47 -43.85 -76.17
CA ALA ZB 61 -43.37 -44.82 -75.57
C ALA ZB 61 -43.27 -44.78 -74.05
N GLY ZB 62 -44.42 -44.65 -73.39
CA GLY ZB 62 -44.46 -44.57 -71.95
C GLY ZB 62 -43.94 -43.28 -71.36
N GLN ZB 63 -43.57 -42.30 -72.17
CA GLN ZB 63 -43.05 -41.04 -71.68
C GLN ZB 63 -44.19 -40.17 -71.15
N ASN ZB 64 -43.85 -39.21 -70.29
CA ASN ZB 64 -44.83 -38.33 -69.69
C ASN ZB 64 -44.87 -37.00 -70.46
N THR ZB 65 -46.06 -36.62 -70.90
CA THR ZB 65 -46.21 -35.49 -71.81
C THR ZB 65 -46.47 -34.16 -71.11
N ASN ZB 66 -46.77 -34.17 -69.81
CA ASN ZB 66 -47.47 -33.05 -69.17
C ASN ZB 66 -46.63 -31.79 -69.14
N GLN ZB 67 -45.38 -31.83 -69.60
CA GLN ZB 67 -44.56 -30.63 -69.66
C GLN ZB 67 -44.07 -30.27 -71.05
N ARG ZB 68 -44.29 -31.12 -72.06
CA ARG ZB 68 -43.80 -30.83 -73.39
C ARG ZB 68 -44.66 -29.72 -74.02
N MET ZB 69 -44.01 -28.78 -74.71
CA MET ZB 69 -44.71 -27.61 -75.21
C MET ZB 69 -44.16 -27.16 -76.56
N ILE ZB 70 -45.04 -26.54 -77.34
CA ILE ZB 70 -44.75 -25.99 -78.66
C ILE ZB 70 -44.73 -24.48 -78.55
N ARG ZB 71 -43.77 -23.84 -79.22
CA ARG ZB 71 -43.69 -22.38 -79.19
C ARG ZB 71 -43.78 -21.82 -80.60
N VAL ZB 72 -44.45 -20.68 -80.74
CA VAL ZB 72 -44.53 -19.99 -82.02
C VAL ZB 72 -44.23 -18.51 -81.77
N ARG ZB 73 -43.27 -17.95 -82.49
CA ARG ZB 73 -42.86 -16.56 -82.30
C ARG ZB 73 -42.97 -15.82 -83.63
N VAL ZB 74 -43.79 -14.78 -83.65
CA VAL ZB 74 -43.92 -13.89 -84.80
C VAL ZB 74 -43.33 -12.53 -84.41
N SER ZB 75 -42.42 -12.03 -85.24
CA SER ZB 75 -41.68 -10.82 -84.94
C SER ZB 75 -41.69 -9.90 -86.15
N THR ZB 76 -41.89 -8.59 -85.93
CA THR ZB 76 -41.86 -7.62 -87.01
C THR ZB 76 -40.93 -6.47 -86.65
N PHE ZB 77 -40.03 -6.13 -87.57
CA PHE ZB 77 -39.05 -5.07 -87.40
C PHE ZB 77 -39.25 -4.05 -88.50
N GLU ZB 78 -39.40 -2.78 -88.12
CA GLU ZB 78 -39.64 -1.68 -89.06
C GLU ZB 78 -38.61 -0.58 -88.84
N PRO ZB 79 -37.34 -0.85 -89.15
CA PRO ZB 79 -36.30 0.16 -88.90
C PRO ZB 79 -36.52 1.40 -89.76
N ILE ZB 80 -36.27 2.56 -89.15
CA ILE ZB 80 -36.40 3.85 -89.81
C ILE ZB 80 -35.00 4.36 -90.13
N LEU ZB 81 -34.73 4.57 -91.41
CA LEU ZB 81 -33.40 5.03 -91.82
C LEU ZB 81 -33.17 6.48 -91.45
N GLU ZB 82 -31.95 6.78 -91.02
CA GLU ZB 82 -31.60 8.16 -90.71
C GLU ZB 82 -31.60 8.99 -91.99
N VAL ZB 83 -32.12 10.22 -91.89
CA VAL ZB 83 -32.08 11.16 -93.00
C VAL ZB 83 -30.84 12.03 -92.85
N ALA ZB 84 -30.07 12.14 -93.93
CA ALA ZB 84 -28.78 12.80 -93.86
C ALA ZB 84 -28.95 14.31 -93.81
N VAL ZB 85 -28.06 14.97 -93.06
CA VAL ZB 85 -27.91 16.41 -93.13
C VAL ZB 85 -26.47 16.70 -93.51
N THR ZB 86 -26.12 17.98 -93.59
CA THR ZB 86 -24.79 18.36 -94.05
C THR ZB 86 -23.74 17.93 -93.03
N ALA ZB 87 -22.80 17.10 -93.48
CA ALA ZB 87 -21.67 16.69 -92.64
C ALA ZB 87 -20.57 17.75 -92.75
N THR ZB 88 -20.08 18.20 -91.59
CA THR ZB 88 -19.20 19.35 -91.56
C THR ZB 88 -17.75 19.02 -91.22
N TYR ZB 89 -17.48 17.86 -90.62
CA TYR ZB 89 -16.09 17.50 -90.33
C TYR ZB 89 -15.35 17.11 -91.60
N SER ZB 90 -15.89 16.16 -92.36
CA SER ZB 90 -15.22 15.66 -93.56
C SER ZB 90 -15.88 16.07 -94.86
N GLY ZB 91 -17.10 16.61 -94.81
CA GLY ZB 91 -17.83 16.93 -96.02
C GLY ZB 91 -18.27 15.72 -96.81
N ILE ZB 92 -18.11 14.53 -96.24
CA ILE ZB 92 -18.48 13.27 -96.87
C ILE ZB 92 -19.74 12.76 -96.18
N ALA ZB 93 -20.84 12.70 -96.94
CA ALA ZB 93 -22.10 12.26 -96.36
C ALA ZB 93 -21.95 10.84 -95.81
N PRO ZB 94 -22.64 10.52 -94.71
CA PRO ZB 94 -22.39 9.25 -94.04
C PRO ZB 94 -23.11 8.09 -94.73
N SER ZB 95 -22.55 6.91 -94.52
CA SER ZB 95 -23.19 5.69 -94.99
C SER ZB 95 -24.62 5.61 -94.44
N PRO ZB 96 -25.53 4.94 -95.14
CA PRO ZB 96 -26.89 4.81 -94.62
C PRO ZB 96 -26.86 4.12 -93.27
N THR ZB 97 -27.42 4.77 -92.27
CA THR ZB 97 -27.40 4.28 -90.89
C THR ZB 97 -28.84 4.19 -90.38
N VAL ZB 98 -29.10 3.17 -89.58
CA VAL ZB 98 -30.43 2.99 -89.01
C VAL ZB 98 -30.57 3.92 -87.82
N SER ZB 99 -31.63 4.74 -87.83
CA SER ZB 99 -31.81 5.72 -86.76
C SER ZB 99 -32.41 5.09 -85.51
N TYR ZB 100 -33.52 4.36 -85.65
CA TYR ZB 100 -34.15 3.67 -84.54
C TYR ZB 100 -35.04 2.59 -85.10
N VAL ZB 101 -35.40 1.62 -84.25
CA VAL ZB 101 -36.19 0.50 -84.74
C VAL ZB 101 -37.42 0.24 -83.87
N PRO ZB 102 -38.61 0.62 -84.33
CA PRO ZB 102 -39.84 0.13 -83.70
C PRO ZB 102 -40.05 -1.34 -84.04
N LYS ZB 103 -40.33 -2.16 -83.03
CA LYS ZB 103 -40.44 -3.58 -83.30
C LYS ZB 103 -41.48 -4.21 -82.39
N ALA ZB 104 -41.90 -5.42 -82.76
CA ALA ZB 104 -42.88 -6.16 -82.00
C ALA ZB 104 -42.55 -7.64 -82.03
N PHE ZB 105 -42.83 -8.30 -80.91
CA PHE ZB 105 -42.46 -9.70 -80.68
C PHE ZB 105 -43.63 -10.38 -79.99
N THR ZB 106 -44.22 -11.40 -80.62
CA THR ZB 106 -45.34 -12.16 -80.06
C THR ZB 106 -44.93 -13.61 -79.93
N GLU ZB 107 -45.12 -14.19 -78.75
CA GLU ZB 107 -44.79 -15.60 -78.48
C GLU ZB 107 -46.03 -16.31 -77.96
N PHE ZB 108 -46.43 -17.36 -78.66
CA PHE ZB 108 -47.46 -18.28 -78.23
C PHE ZB 108 -46.79 -19.48 -77.60
N VAL ZB 109 -47.22 -19.81 -76.38
CA VAL ZB 109 -46.85 -21.05 -75.69
C VAL ZB 109 -48.08 -21.94 -75.74
N LEU ZB 110 -48.00 -22.99 -76.55
CA LEU ZB 110 -49.09 -23.94 -76.76
C LEU ZB 110 -48.61 -25.28 -76.23
N PRO ZB 111 -49.07 -25.74 -75.07
CA PRO ZB 111 -48.68 -27.08 -74.62
C PRO ZB 111 -49.19 -28.14 -75.59
N GLU ZB 112 -48.35 -29.15 -75.83
CA GLU ZB 112 -48.68 -30.17 -76.82
C GLU ZB 112 -50.02 -30.81 -76.52
N ARG ZB 113 -50.30 -31.02 -75.23
CA ARG ZB 113 -51.59 -31.52 -74.77
C ARG ZB 113 -52.79 -30.75 -75.32
N ALA ZB 114 -52.63 -29.47 -75.66
CA ALA ZB 114 -53.78 -28.63 -75.95
C ALA ZB 114 -54.45 -29.02 -77.26
N THR ZB 115 -55.77 -28.81 -77.32
CA THR ZB 115 -56.56 -29.18 -78.49
C THR ZB 115 -56.52 -28.09 -79.55
N LEU ZB 116 -56.89 -28.49 -80.78
CA LEU ZB 116 -57.00 -27.55 -81.88
C LEU ZB 116 -57.90 -26.38 -81.51
N ASP ZB 117 -58.99 -26.65 -80.80
CA ASP ZB 117 -59.87 -25.57 -80.37
C ASP ZB 117 -59.12 -24.61 -79.44
N ASN ZB 118 -58.31 -25.14 -78.53
CA ASN ZB 118 -57.53 -24.28 -77.64
C ASN ZB 118 -56.59 -23.38 -78.44
N ARG ZB 119 -55.94 -23.94 -79.47
CA ARG ZB 119 -54.99 -23.16 -80.25
C ARG ZB 119 -55.70 -22.09 -81.07
N LYS ZB 120 -56.84 -22.44 -81.68
CA LYS ZB 120 -57.61 -21.46 -82.42
C LYS ZB 120 -58.09 -20.34 -81.50
N ASP ZB 121 -58.51 -20.70 -80.29
CA ASP ZB 121 -58.94 -19.73 -79.29
C ASP ZB 121 -57.84 -18.74 -78.97
N ILE ZB 122 -56.66 -19.25 -78.60
CA ILE ZB 122 -55.59 -18.36 -78.15
C ILE ZB 122 -55.15 -17.46 -79.30
N ARG ZB 123 -55.00 -18.02 -80.51
CA ARG ZB 123 -54.58 -17.21 -81.65
C ARG ZB 123 -55.59 -16.10 -81.93
N LYS ZB 124 -56.86 -16.46 -82.16
CA LYS ZB 124 -57.86 -15.46 -82.51
C LYS ZB 124 -57.98 -14.41 -81.42
N MET ZB 125 -58.03 -14.84 -80.15
CA MET ZB 125 -58.36 -13.92 -79.08
C MET ZB 125 -57.20 -12.97 -78.79
N HIS ZB 126 -55.96 -13.44 -78.91
CA HIS ZB 126 -54.83 -12.53 -78.77
C HIS ZB 126 -54.76 -11.54 -79.93
N ALA ZB 127 -54.90 -12.05 -81.17
CA ALA ZB 127 -54.85 -11.16 -82.33
C ALA ZB 127 -55.93 -10.09 -82.25
N LEU ZB 128 -57.07 -10.41 -81.63
CA LEU ZB 128 -58.10 -9.41 -81.38
C LEU ZB 128 -57.71 -8.48 -80.24
N ALA ZB 129 -57.09 -9.02 -79.18
CA ALA ZB 129 -56.71 -8.20 -78.03
C ALA ZB 129 -55.73 -7.11 -78.45
N LEU ZB 130 -54.96 -7.35 -79.51
CA LEU ZB 130 -54.07 -6.31 -80.01
C LEU ZB 130 -54.81 -5.20 -80.77
N THR ZB 131 -56.10 -5.35 -81.03
CA THR ZB 131 -56.87 -4.34 -81.75
C THR ZB 131 -57.90 -3.63 -80.88
N THR ZB 132 -57.93 -3.92 -79.58
CA THR ZB 132 -58.87 -3.27 -78.68
C THR ZB 132 -58.56 -1.78 -78.57
N SER ZB 133 -59.58 -1.00 -78.20
CA SER ZB 133 -59.38 0.43 -78.01
C SER ZB 133 -58.32 0.71 -76.97
N GLU ZB 134 -58.24 -0.13 -75.94
CA GLU ZB 134 -57.23 0.03 -74.90
C GLU ZB 134 -55.82 -0.20 -75.46
N ALA ZB 135 -55.64 -1.25 -76.26
CA ALA ZB 135 -54.34 -1.49 -76.89
C ALA ZB 135 -53.96 -0.37 -77.84
N ILE ZB 136 -54.94 0.15 -78.59
CA ILE ZB 136 -54.67 1.26 -79.49
C ILE ZB 136 -54.24 2.49 -78.69
N ALA ZB 137 -54.92 2.75 -77.56
CA ALA ZB 137 -54.57 3.91 -76.75
C ALA ZB 137 -53.18 3.78 -76.14
N MET ZB 138 -52.80 2.57 -75.71
CA MET ZB 138 -51.49 2.39 -75.09
C MET ZB 138 -50.37 2.49 -76.11
N ILE ZB 139 -50.53 1.83 -77.26
CA ILE ZB 139 -49.41 1.77 -78.20
C ILE ZB 139 -49.31 3.05 -79.02
N GLU ZB 140 -50.45 3.59 -79.46
CA GLU ZB 140 -50.41 4.76 -80.34
C GLU ZB 140 -50.38 6.07 -79.56
N SER ZB 141 -51.23 6.20 -78.53
CA SER ZB 141 -51.38 7.45 -77.79
C SER ZB 141 -50.67 7.44 -76.45
N LEU ZB 142 -50.08 6.31 -76.05
CA LEU ZB 142 -49.24 6.24 -74.85
C LEU ZB 142 -50.03 6.58 -73.59
N GLN ZB 143 -51.23 5.99 -73.47
CA GLN ZB 143 -52.12 6.22 -72.34
C GLN ZB 143 -52.46 4.91 -71.66
N PHE ZB 144 -52.36 4.89 -70.34
CA PHE ZB 144 -52.73 3.74 -69.54
C PHE ZB 144 -54.23 3.76 -69.25
N VAL ZB 145 -54.72 2.76 -68.52
CA VAL ZB 145 -56.12 2.69 -68.13
C VAL ZB 145 -56.21 2.92 -66.62
N TYR ZB 146 -57.30 3.55 -66.18
CA TYR ZB 146 -57.38 4.00 -64.80
C TYR ZB 146 -58.76 3.79 -64.18
N PRO AC 1 -58.71 -101.37 -43.55
CA PRO AC 1 -59.53 -101.33 -44.76
C PRO AC 1 -58.89 -100.50 -45.86
N GLN AC 2 -59.22 -100.79 -47.11
CA GLN AC 2 -58.67 -100.00 -48.21
C GLN AC 2 -59.29 -98.62 -48.24
N ALA AC 3 -58.49 -97.64 -48.65
CA ALA AC 3 -58.91 -96.25 -48.63
C ALA AC 3 -59.87 -95.97 -49.77
N ALA AC 4 -60.98 -95.28 -49.45
CA ALA AC 4 -61.96 -94.91 -50.46
C ALA AC 4 -62.54 -93.55 -50.11
N ASP AC 5 -63.40 -93.05 -51.00
CA ASP AC 5 -64.00 -91.73 -50.84
C ASP AC 5 -64.72 -91.62 -49.50
N ILE AC 6 -64.63 -90.44 -48.88
CA ILE AC 6 -65.33 -90.16 -47.64
C ILE AC 6 -66.31 -89.03 -47.91
N VAL AC 7 -67.60 -89.29 -47.70
CA VAL AC 7 -68.63 -88.32 -48.03
C VAL AC 7 -69.25 -87.78 -46.74
N ILE AC 8 -69.21 -86.45 -46.59
CA ILE AC 8 -69.67 -85.79 -45.39
C ILE AC 8 -70.64 -84.67 -45.78
N ALA AC 9 -71.76 -84.58 -45.05
CA ALA AC 9 -72.81 -83.63 -45.39
C ALA AC 9 -72.47 -82.21 -44.93
N ASP AC 10 -72.92 -81.23 -45.71
CA ASP AC 10 -72.77 -79.83 -45.39
C ASP AC 10 -73.68 -79.45 -44.22
N ALA AC 11 -73.59 -78.20 -43.80
CA ALA AC 11 -74.52 -77.64 -42.82
C ALA AC 11 -75.37 -76.52 -43.41
N GLN AC 12 -75.57 -76.56 -44.73
CA GLN AC 12 -76.41 -75.56 -45.37
C GLN AC 12 -77.88 -75.83 -45.08
N ALA AC 13 -78.72 -74.86 -45.47
CA ALA AC 13 -80.16 -75.04 -45.38
C ALA AC 13 -80.58 -76.34 -46.05
N THR AC 14 -80.22 -76.50 -47.31
CA THR AC 14 -80.28 -77.80 -47.97
C THR AC 14 -78.86 -78.37 -47.98
N PRO AC 15 -78.56 -79.37 -47.16
CA PRO AC 15 -77.18 -79.86 -47.07
C PRO AC 15 -76.65 -80.35 -48.40
N VAL AC 16 -75.34 -80.16 -48.59
CA VAL AC 16 -74.64 -80.53 -49.82
C VAL AC 16 -73.55 -81.53 -49.47
N ASN AC 17 -73.52 -82.67 -50.15
CA ASN AC 17 -72.52 -83.68 -49.86
C ASN AC 17 -71.17 -83.25 -50.41
N HIS AC 18 -70.16 -83.20 -49.53
CA HIS AC 18 -68.78 -82.98 -49.92
C HIS AC 18 -68.08 -84.34 -49.98
N THR AC 19 -67.44 -84.64 -51.10
CA THR AC 19 -66.76 -85.91 -51.30
C THR AC 19 -65.26 -85.69 -51.21
N PHE AC 20 -64.65 -86.27 -50.18
CA PHE AC 20 -63.20 -86.21 -49.94
C PHE AC 20 -62.57 -87.42 -50.61
N VAL AC 21 -61.93 -87.20 -51.75
CA VAL AC 21 -61.21 -88.24 -52.49
C VAL AC 21 -59.92 -88.55 -51.75
N PRO AC 22 -59.51 -89.81 -51.64
CA PRO AC 22 -58.24 -90.11 -50.97
C PRO AC 22 -57.07 -89.62 -51.79
N ILE AC 23 -56.27 -88.74 -51.19
CA ILE AC 23 -55.02 -88.30 -51.81
C ILE AC 23 -53.88 -89.27 -51.51
N GLY AC 24 -53.82 -89.76 -50.28
CA GLY AC 24 -52.79 -90.73 -49.96
C GLY AC 24 -52.09 -90.42 -48.65
N PRO AC 25 -51.09 -91.23 -48.32
CA PRO AC 25 -50.37 -91.01 -47.06
C PRO AC 25 -49.47 -89.79 -47.14
N ASP AC 26 -49.24 -89.19 -45.98
CA ASP AC 26 -48.39 -88.01 -45.87
C ASP AC 26 -46.94 -88.40 -46.16
N PRO AC 27 -46.24 -87.66 -47.04
CA PRO AC 27 -44.84 -88.02 -47.34
C PRO AC 27 -43.94 -88.03 -46.12
N LYS AC 28 -44.16 -87.11 -45.18
CA LYS AC 28 -43.31 -87.00 -44.00
C LYS AC 28 -43.62 -88.10 -42.98
N ASP AC 29 -44.90 -88.43 -42.79
CA ASP AC 29 -45.32 -89.39 -41.77
C ASP AC 29 -46.19 -90.45 -42.41
N ALA AC 30 -45.75 -91.71 -42.32
CA ALA AC 30 -46.50 -92.81 -42.91
C ALA AC 30 -47.75 -93.18 -42.12
N THR AC 31 -47.94 -92.61 -40.92
CA THR AC 31 -49.07 -92.95 -40.06
C THR AC 31 -50.28 -92.06 -40.30
N ILE AC 32 -50.18 -91.05 -41.14
CA ILE AC 32 -51.26 -90.10 -41.33
C ILE AC 32 -51.64 -90.10 -42.80
N TYR AC 33 -52.94 -90.15 -43.08
CA TYR AC 33 -53.49 -90.33 -44.40
C TYR AC 33 -54.44 -89.18 -44.71
N TRP AC 34 -54.43 -88.73 -45.98
CA TRP AC 34 -55.08 -87.50 -46.39
C TRP AC 34 -56.12 -87.76 -47.47
N TRP AC 35 -57.34 -87.28 -47.21
CA TRP AC 35 -58.42 -87.13 -48.18
C TRP AC 35 -58.65 -85.65 -48.44
N GLU AC 36 -59.15 -85.33 -49.63
CA GLU AC 36 -59.28 -83.94 -50.09
C GLU AC 36 -60.57 -83.75 -50.86
N ASP AC 37 -61.33 -82.73 -50.49
CA ASP AC 37 -62.51 -82.26 -51.21
C ASP AC 37 -62.05 -81.22 -52.22
N GLN AC 38 -62.15 -81.58 -53.50
CA GLN AC 38 -61.61 -80.83 -54.62
C GLN AC 38 -62.68 -80.01 -55.35
N SER AC 39 -63.79 -79.72 -54.68
CA SER AC 39 -64.92 -79.04 -55.30
C SER AC 39 -64.82 -77.52 -55.21
N GLN AC 40 -63.77 -77.00 -54.57
CA GLN AC 40 -63.65 -75.57 -54.32
C GLN AC 40 -63.06 -74.89 -55.55
N ALA AC 41 -62.79 -73.59 -55.43
CA ALA AC 41 -62.41 -72.78 -56.60
C ALA AC 41 -61.07 -73.22 -57.18
N SER AC 42 -60.00 -73.11 -56.42
CA SER AC 42 -58.68 -73.52 -56.85
C SER AC 42 -58.06 -74.36 -55.74
N PRO AC 43 -57.03 -75.15 -56.06
CA PRO AC 43 -56.56 -76.16 -55.08
C PRO AC 43 -56.12 -75.60 -53.74
N ALA AC 44 -55.79 -74.31 -53.65
CA ALA AC 44 -55.40 -73.73 -52.37
C ALA AC 44 -56.55 -73.71 -51.36
N GLY AC 45 -57.80 -73.77 -51.84
CA GLY AC 45 -58.97 -73.77 -51.00
C GLY AC 45 -59.66 -75.11 -50.86
N TYR AC 46 -59.03 -76.19 -51.31
CA TYR AC 46 -59.59 -77.53 -51.19
C TYR AC 46 -59.71 -77.92 -49.72
N TRP AC 47 -60.83 -78.54 -49.35
CA TRP AC 47 -60.97 -78.93 -47.95
C TRP AC 47 -60.27 -80.26 -47.71
N ARG AC 48 -59.72 -80.42 -46.53
CA ARG AC 48 -58.87 -81.58 -46.29
C ARG AC 48 -59.27 -82.30 -45.01
N LEU AC 49 -59.02 -83.60 -45.00
CA LEU AC 49 -59.35 -84.47 -43.88
C LEU AC 49 -58.20 -85.43 -43.70
N SER AC 50 -57.63 -85.47 -42.50
CA SER AC 50 -56.48 -86.32 -42.20
C SER AC 50 -56.82 -87.25 -41.05
N MET AC 51 -56.49 -88.53 -41.21
CA MET AC 51 -56.67 -89.51 -40.15
C MET AC 51 -55.33 -90.21 -39.88
N GLN AC 52 -54.97 -90.32 -38.60
CA GLN AC 52 -53.66 -90.82 -38.19
C GLN AC 52 -53.82 -91.86 -37.09
N LEU AC 53 -53.12 -92.98 -37.26
CA LEU AC 53 -53.13 -94.09 -36.29
C LEU AC 53 -51.69 -94.41 -35.93
N VAL AC 54 -51.31 -94.10 -34.69
CA VAL AC 54 -49.96 -94.32 -34.19
C VAL AC 54 -50.02 -95.47 -33.20
N ARG AC 55 -49.59 -96.65 -33.67
CA ARG AC 55 -49.40 -97.86 -32.88
C ARG AC 55 -48.01 -97.86 -32.27
N PRO AC 56 -47.89 -98.28 -31.02
CA PRO AC 56 -46.56 -98.49 -30.46
C PRO AC 56 -45.90 -99.74 -31.05
N ALA AC 57 -44.56 -99.77 -30.94
CA ALA AC 57 -43.82 -100.86 -31.58
C ALA AC 57 -44.10 -102.20 -30.90
N PRO AC 58 -44.20 -103.30 -31.64
CA PRO AC 58 -44.53 -104.59 -31.02
C PRO AC 58 -43.49 -105.04 -30.00
N ALA AC 59 -43.95 -105.33 -28.79
CA ALA AC 59 -43.06 -105.78 -27.73
C ALA AC 59 -43.83 -106.59 -26.71
N THR AC 65 -43.96 -100.44 -19.74
CA THR AC 65 -44.69 -101.15 -20.78
C THR AC 65 -46.21 -101.21 -20.51
N ASN AC 66 -46.63 -100.75 -19.35
CA ASN AC 66 -48.04 -100.45 -19.12
C ASN AC 66 -48.35 -98.99 -19.40
N GLN AC 67 -47.40 -98.26 -19.96
CA GLN AC 67 -47.59 -96.89 -20.44
C GLN AC 67 -47.50 -96.85 -21.97
N ARG AC 68 -48.03 -97.88 -22.63
CA ARG AC 68 -48.00 -97.96 -24.08
C ARG AC 68 -49.38 -97.59 -24.58
N MET AC 69 -49.46 -96.54 -25.37
CA MET AC 69 -50.76 -95.99 -25.73
C MET AC 69 -50.83 -95.80 -27.23
N ILE AC 70 -51.96 -96.21 -27.80
CA ILE AC 70 -52.27 -96.02 -29.20
C ILE AC 70 -52.93 -94.65 -29.36
N ARG AC 71 -52.50 -93.89 -30.34
CA ARG AC 71 -53.10 -92.58 -30.57
C ARG AC 71 -53.80 -92.55 -31.93
N VAL AC 72 -54.91 -91.81 -31.99
CA VAL AC 72 -55.67 -91.63 -33.23
C VAL AC 72 -56.03 -90.16 -33.34
N ARG AC 73 -55.66 -89.54 -34.46
CA ARG AC 73 -55.94 -88.11 -34.67
C ARG AC 73 -56.73 -87.93 -35.95
N VAL AC 74 -57.89 -87.29 -35.84
CA VAL AC 74 -58.72 -86.93 -36.98
C VAL AC 74 -58.76 -85.41 -37.06
N SER AC 75 -58.43 -84.87 -38.23
CA SER AC 75 -58.31 -83.43 -38.39
C SER AC 75 -59.02 -82.99 -39.66
N THR AC 76 -59.80 -81.91 -39.58
CA THR AC 76 -60.52 -81.39 -40.72
C THR AC 76 -60.17 -79.91 -40.90
N PHE AC 77 -59.78 -79.55 -42.13
CA PHE AC 77 -59.44 -78.18 -42.49
C PHE AC 77 -60.39 -77.72 -43.58
N GLU AC 78 -61.00 -76.54 -43.40
CA GLU AC 78 -61.96 -75.98 -44.35
C GLU AC 78 -61.57 -74.56 -44.72
N PRO AC 79 -60.49 -74.38 -45.48
CA PRO AC 79 -60.06 -73.02 -45.84
C PRO AC 79 -61.08 -72.32 -46.72
N ILE AC 80 -61.18 -71.00 -46.53
CA ILE AC 80 -62.12 -70.16 -47.27
C ILE AC 80 -61.31 -69.19 -48.12
N LEU AC 81 -61.47 -69.29 -49.44
CA LEU AC 81 -60.71 -68.45 -50.36
C LEU AC 81 -61.32 -67.07 -50.45
N GLU AC 82 -60.49 -66.09 -50.83
CA GLU AC 82 -60.97 -64.75 -51.10
C GLU AC 82 -61.66 -64.72 -52.46
N VAL AC 83 -62.70 -63.89 -52.56
CA VAL AC 83 -63.50 -63.83 -53.80
C VAL AC 83 -62.69 -63.14 -54.89
N ALA AC 84 -62.98 -63.52 -56.14
CA ALA AC 84 -62.30 -62.91 -57.28
C ALA AC 84 -62.40 -61.39 -57.23
N VAL AC 85 -61.30 -60.72 -57.59
CA VAL AC 85 -61.22 -59.26 -57.49
C VAL AC 85 -61.82 -58.62 -58.74
N THR AC 86 -62.47 -57.47 -58.54
CA THR AC 86 -63.02 -56.70 -59.65
C THR AC 86 -62.07 -55.61 -60.11
N ALA AC 87 -61.12 -55.22 -59.25
CA ALA AC 87 -60.19 -54.15 -59.59
C ALA AC 87 -59.03 -54.19 -58.60
N THR AC 88 -57.81 -54.04 -59.12
CA THR AC 88 -56.64 -53.90 -58.27
C THR AC 88 -55.84 -52.69 -58.72
N TYR AC 89 -54.76 -52.39 -58.00
CA TYR AC 89 -54.03 -51.16 -58.30
C TYR AC 89 -53.34 -51.24 -59.65
N SER AC 90 -52.89 -52.44 -60.04
CA SER AC 90 -52.12 -52.63 -61.25
C SER AC 90 -52.96 -53.16 -62.42
N GLY AC 91 -54.15 -53.70 -62.15
CA GLY AC 91 -54.97 -54.25 -63.18
C GLY AC 91 -54.79 -55.74 -63.42
N ILE AC 92 -53.85 -56.38 -62.72
CA ILE AC 92 -53.64 -57.82 -62.80
C ILE AC 92 -54.22 -58.45 -61.54
N ALA AC 93 -55.07 -59.45 -61.72
CA ALA AC 93 -55.72 -60.08 -60.59
C ALA AC 93 -54.71 -60.90 -59.78
N PRO AC 94 -54.77 -60.84 -58.45
CA PRO AC 94 -53.81 -61.59 -57.63
C PRO AC 94 -54.09 -63.08 -57.67
N SER AC 95 -53.06 -63.84 -57.31
CA SER AC 95 -53.19 -65.29 -57.23
C SER AC 95 -54.25 -65.65 -56.19
N PRO AC 96 -54.92 -66.79 -56.34
CA PRO AC 96 -55.90 -67.20 -55.34
C PRO AC 96 -55.26 -67.30 -53.97
N THR AC 97 -55.83 -66.59 -53.00
CA THR AC 97 -55.28 -66.52 -51.65
C THR AC 97 -56.31 -67.00 -50.65
N VAL AC 98 -55.83 -67.52 -49.53
CA VAL AC 98 -56.68 -68.05 -48.48
C VAL AC 98 -56.99 -66.93 -47.50
N SER AC 99 -58.29 -66.69 -47.26
CA SER AC 99 -58.70 -65.62 -46.35
C SER AC 99 -58.53 -66.02 -44.90
N TYR AC 100 -59.07 -67.17 -44.51
CA TYR AC 100 -58.98 -67.67 -43.14
C TYR AC 100 -59.30 -69.16 -43.17
N VAL AC 101 -58.90 -69.84 -42.11
CA VAL AC 101 -59.09 -71.30 -42.09
C VAL AC 101 -59.68 -71.78 -40.77
N PRO AC 102 -60.98 -72.06 -40.72
CA PRO AC 102 -61.53 -72.80 -39.58
C PRO AC 102 -61.11 -74.27 -39.65
N LYS AC 103 -60.72 -74.82 -38.51
CA LYS AC 103 -60.22 -76.19 -38.51
C LYS AC 103 -60.55 -76.87 -37.20
N ALA AC 104 -60.41 -78.20 -37.19
CA ALA AC 104 -60.71 -78.99 -36.02
C ALA AC 104 -59.73 -80.16 -35.93
N PHE AC 105 -59.34 -80.50 -34.69
CA PHE AC 105 -58.33 -81.51 -34.41
C PHE AC 105 -58.84 -82.34 -33.24
N THR AC 106 -59.01 -83.64 -33.43
CA THR AC 106 -59.47 -84.55 -32.38
C THR AC 106 -58.44 -85.66 -32.19
N GLU AC 107 -58.08 -85.95 -30.94
CA GLU AC 107 -57.09 -86.95 -30.61
C GLU AC 107 -57.64 -87.90 -29.56
N PHE AC 108 -57.64 -89.18 -29.87
CA PHE AC 108 -57.97 -90.25 -28.95
C PHE AC 108 -56.67 -90.85 -28.43
N VAL AC 109 -56.57 -90.97 -27.11
CA VAL AC 109 -55.50 -91.68 -26.44
C VAL AC 109 -56.10 -92.95 -25.87
N LEU AC 110 -55.68 -94.08 -26.41
CA LEU AC 110 -56.27 -95.38 -26.11
C LEU AC 110 -55.19 -96.30 -25.57
N PRO AC 111 -55.13 -96.53 -24.26
CA PRO AC 111 -54.11 -97.43 -23.71
C PRO AC 111 -54.23 -98.82 -24.33
N GLU AC 112 -53.08 -99.49 -24.46
CA GLU AC 112 -53.04 -100.79 -25.12
C GLU AC 112 -53.81 -101.84 -24.34
N ARG AC 113 -53.98 -101.65 -23.03
CA ARG AC 113 -54.81 -102.55 -22.23
C ARG AC 113 -56.30 -102.33 -22.43
N ALA AC 114 -56.71 -101.28 -23.14
CA ALA AC 114 -58.12 -100.92 -23.20
C ALA AC 114 -58.87 -101.85 -24.14
N THR AC 115 -60.05 -102.29 -23.71
CA THR AC 115 -60.81 -103.28 -24.46
C THR AC 115 -61.65 -102.62 -25.55
N LEU AC 116 -62.08 -103.45 -26.50
CA LEU AC 116 -62.92 -102.96 -27.60
C LEU AC 116 -64.12 -102.20 -27.08
N ASP AC 117 -64.70 -102.66 -25.96
CA ASP AC 117 -65.83 -101.95 -25.38
C ASP AC 117 -65.43 -100.54 -24.95
N ASN AC 118 -64.26 -100.40 -24.32
CA ASN AC 118 -63.77 -99.09 -23.91
C ASN AC 118 -63.58 -98.17 -25.11
N ARG AC 119 -63.03 -98.71 -26.20
CA ARG AC 119 -62.79 -97.90 -27.39
C ARG AC 119 -64.10 -97.44 -28.02
N LYS AC 120 -65.07 -98.37 -28.14
CA LYS AC 120 -66.38 -98.01 -28.67
C LYS AC 120 -67.04 -96.94 -27.80
N ASP AC 121 -66.91 -97.08 -26.47
CA ASP AC 121 -67.48 -96.11 -25.53
C ASP AC 121 -66.88 -94.73 -25.77
N ILE AC 122 -65.55 -94.63 -25.77
CA ILE AC 122 -64.92 -93.31 -25.87
C ILE AC 122 -65.23 -92.66 -27.21
N ARG AC 123 -65.20 -93.44 -28.30
CA ARG AC 123 -65.49 -92.87 -29.61
C ARG AC 123 -66.94 -92.36 -29.67
N LYS AC 124 -67.92 -93.23 -29.39
CA LYS AC 124 -69.32 -92.83 -29.47
C LYS AC 124 -69.60 -91.64 -28.56
N MET AC 125 -69.07 -91.67 -27.34
CA MET AC 125 -69.45 -90.67 -26.35
C MET AC 125 -68.81 -89.33 -26.64
N HIS AC 126 -67.57 -89.31 -27.13
CA HIS AC 126 -66.97 -88.04 -27.51
C HIS AC 126 -67.64 -87.44 -28.73
N ALA AC 127 -67.88 -88.27 -29.76
CA ALA AC 127 -68.59 -87.79 -30.94
C ALA AC 127 -69.93 -87.18 -30.56
N LEU AC 128 -70.64 -87.83 -29.62
CA LEU AC 128 -71.89 -87.26 -29.13
C LEU AC 128 -71.65 -85.96 -28.37
N ALA AC 129 -70.58 -85.91 -27.56
CA ALA AC 129 -70.27 -84.71 -26.78
C ALA AC 129 -70.04 -83.50 -27.68
N LEU AC 130 -69.65 -83.72 -28.93
CA LEU AC 130 -69.52 -82.63 -29.88
C LEU AC 130 -70.85 -82.14 -30.43
N THR AC 131 -71.96 -82.85 -30.16
CA THR AC 131 -73.25 -82.46 -30.70
C THR AC 131 -74.26 -82.06 -29.62
N THR AC 132 -73.82 -81.94 -28.37
CA THR AC 132 -74.70 -81.51 -27.30
C THR AC 132 -75.14 -80.06 -27.53
N SER AC 133 -76.24 -79.68 -26.86
CA SER AC 133 -76.72 -78.29 -26.99
C SER AC 133 -75.66 -77.32 -26.49
N GLU AC 134 -74.92 -77.69 -25.45
CA GLU AC 134 -73.84 -76.86 -24.95
C GLU AC 134 -72.72 -76.73 -25.98
N ALA AC 135 -72.32 -77.84 -26.60
CA ALA AC 135 -71.28 -77.78 -27.63
C ALA AC 135 -71.71 -76.93 -28.80
N ILE AC 136 -72.98 -77.02 -29.20
CA ILE AC 136 -73.45 -76.23 -30.32
C ILE AC 136 -73.50 -74.76 -29.95
N ALA AC 137 -73.89 -74.45 -28.72
CA ALA AC 137 -73.89 -73.05 -28.28
C ALA AC 137 -72.48 -72.48 -28.23
N MET AC 138 -71.49 -73.30 -27.84
CA MET AC 138 -70.12 -72.80 -27.73
C MET AC 138 -69.48 -72.62 -29.10
N ILE AC 139 -69.63 -73.61 -29.99
CA ILE AC 139 -68.92 -73.55 -31.26
C ILE AC 139 -69.63 -72.67 -32.27
N GLU AC 140 -70.97 -72.71 -32.32
CA GLU AC 140 -71.69 -71.97 -33.34
C GLU AC 140 -72.08 -70.56 -32.86
N SER AC 141 -72.62 -70.45 -31.66
CA SER AC 141 -73.09 -69.17 -31.14
C SER AC 141 -72.08 -68.49 -30.24
N LEU AC 142 -71.00 -69.19 -29.88
CA LEU AC 142 -69.89 -68.59 -29.13
C LEU AC 142 -70.37 -68.12 -27.76
N GLN AC 143 -71.00 -69.03 -27.01
CA GLN AC 143 -71.52 -68.75 -25.68
C GLN AC 143 -70.95 -69.75 -24.69
N PHE AC 144 -70.57 -69.26 -23.52
CA PHE AC 144 -70.07 -70.11 -22.45
C PHE AC 144 -71.24 -70.53 -21.56
N VAL AC 145 -70.97 -71.48 -20.64
CA VAL AC 145 -71.97 -71.94 -19.68
C VAL AC 145 -71.74 -71.24 -18.35
N TYR AC 146 -72.83 -70.81 -17.72
CA TYR AC 146 -72.76 -69.99 -16.50
C TYR AC 146 -73.57 -70.58 -15.36
N PRO BC 1 -48.30 -109.05 -54.67
CA PRO BC 1 -49.65 -109.39 -54.20
C PRO BC 1 -50.26 -108.27 -53.37
N GLN BC 2 -51.59 -108.23 -53.30
CA GLN BC 2 -52.24 -107.20 -52.52
C GLN BC 2 -52.24 -107.57 -51.03
N ALA BC 3 -52.45 -106.57 -50.19
CA ALA BC 3 -52.59 -106.81 -48.76
C ALA BC 3 -53.90 -107.53 -48.51
N ALA BC 4 -53.81 -108.75 -47.96
CA ALA BC 4 -54.99 -109.55 -47.67
C ALA BC 4 -54.83 -110.22 -46.32
N ASP BC 5 -55.93 -110.75 -45.79
CA ASP BC 5 -55.87 -111.51 -44.56
C ASP BC 5 -54.94 -112.71 -44.74
N ILE BC 6 -54.22 -113.06 -43.67
CA ILE BC 6 -53.37 -114.24 -43.65
C ILE BC 6 -53.89 -115.15 -42.56
N VAL BC 7 -54.24 -116.39 -42.91
CA VAL BC 7 -54.87 -117.29 -41.95
C VAL BC 7 -53.90 -118.42 -41.63
N ILE BC 8 -53.62 -118.59 -40.34
CA ILE BC 8 -52.63 -119.57 -39.85
C ILE BC 8 -53.27 -120.39 -38.74
N ALA BC 9 -53.03 -121.71 -38.77
CA ALA BC 9 -53.68 -122.63 -37.86
C ALA BC 9 -52.98 -122.69 -36.51
N ASP BC 10 -53.78 -122.84 -35.47
CA ASP BC 10 -53.28 -123.03 -34.11
C ASP BC 10 -52.66 -124.42 -33.96
N ALA BC 11 -51.99 -124.64 -32.83
CA ALA BC 11 -51.47 -125.95 -32.49
C ALA BC 11 -52.27 -126.62 -31.38
N GLN BC 12 -53.55 -126.27 -31.25
CA GLN BC 12 -54.39 -126.90 -30.24
C GLN BC 12 -54.79 -128.31 -30.68
N ALA BC 13 -55.39 -129.05 -29.74
CA ALA BC 13 -55.91 -130.37 -30.06
C ALA BC 13 -56.82 -130.32 -31.27
N THR BC 14 -57.83 -129.45 -31.22
CA THR BC 14 -58.58 -129.09 -32.41
C THR BC 14 -58.09 -127.74 -32.87
N PRO BC 15 -57.27 -127.67 -33.92
CA PRO BC 15 -56.65 -126.41 -34.32
C PRO BC 15 -57.69 -125.31 -34.57
N VAL BC 16 -57.32 -124.09 -34.19
CA VAL BC 16 -58.15 -122.90 -34.34
C VAL BC 16 -57.47 -121.97 -35.34
N ASN BC 17 -58.22 -121.51 -36.35
CA ASN BC 17 -57.65 -120.61 -37.35
C ASN BC 17 -57.54 -119.20 -36.76
N HIS BC 18 -56.33 -118.65 -36.76
CA HIS BC 18 -56.11 -117.27 -36.41
C HIS BC 18 -55.99 -116.46 -37.70
N THR BC 19 -56.79 -115.39 -37.80
CA THR BC 19 -56.82 -114.57 -39.00
C THR BC 19 -56.09 -113.25 -38.71
N PHE BC 20 -54.98 -113.03 -39.42
CA PHE BC 20 -54.17 -111.83 -39.31
C PHE BC 20 -54.62 -110.83 -40.37
N VAL BC 21 -55.35 -109.80 -39.94
CA VAL BC 21 -55.85 -108.74 -40.80
C VAL BC 21 -54.70 -107.78 -41.04
N PRO BC 22 -54.50 -107.28 -42.26
CA PRO BC 22 -53.40 -106.31 -42.48
C PRO BC 22 -53.64 -105.01 -41.74
N ILE BC 23 -52.67 -104.61 -40.91
CA ILE BC 23 -52.68 -103.29 -40.28
C ILE BC 23 -52.13 -102.25 -41.23
N GLY BC 24 -51.08 -102.61 -41.98
CA GLY BC 24 -50.54 -101.67 -42.92
C GLY BC 24 -49.04 -101.66 -42.88
N PRO BC 25 -48.43 -100.74 -43.62
CA PRO BC 25 -46.98 -100.63 -43.61
C PRO BC 25 -46.49 -100.07 -42.28
N ASP BC 26 -45.24 -100.37 -42.00
CA ASP BC 26 -44.61 -99.92 -40.76
C ASP BC 26 -44.49 -98.40 -40.78
N PRO BC 27 -44.66 -97.74 -39.63
CA PRO BC 27 -44.60 -96.27 -39.62
C PRO BC 27 -43.27 -95.69 -40.06
N LYS BC 28 -42.18 -96.35 -39.66
CA LYS BC 28 -40.85 -95.81 -39.82
C LYS BC 28 -40.05 -96.46 -40.95
N ASP BC 29 -40.42 -97.65 -41.38
CA ASP BC 29 -39.77 -98.36 -42.48
C ASP BC 29 -40.81 -98.74 -43.52
N ALA BC 30 -40.62 -98.28 -44.74
CA ALA BC 30 -41.55 -98.52 -45.84
C ALA BC 30 -41.35 -99.89 -46.46
N THR BC 31 -40.42 -100.71 -45.93
CA THR BC 31 -40.12 -102.01 -46.50
C THR BC 31 -40.65 -103.17 -45.67
N ILE BC 32 -41.39 -102.88 -44.60
CA ILE BC 32 -41.90 -103.92 -43.72
C ILE BC 32 -43.39 -103.65 -43.50
N TYR BC 33 -44.20 -104.70 -43.63
CA TYR BC 33 -45.65 -104.63 -43.60
C TYR BC 33 -46.18 -105.50 -42.47
N TRP BC 34 -47.34 -105.13 -41.92
CA TRP BC 34 -47.85 -105.64 -40.65
C TRP BC 34 -49.27 -106.14 -40.77
N TRP BC 35 -49.47 -107.40 -40.37
CA TRP BC 35 -50.76 -108.03 -40.11
C TRP BC 35 -50.90 -108.32 -38.62
N GLU BC 36 -52.15 -108.44 -38.16
CA GLU BC 36 -52.45 -108.57 -36.73
C GLU BC 36 -53.65 -109.47 -36.51
N ASP BC 37 -53.52 -110.39 -35.56
CA ASP BC 37 -54.59 -111.24 -35.05
C ASP BC 37 -55.18 -110.56 -33.82
N GLN BC 38 -56.38 -110.00 -34.01
CA GLN BC 38 -57.07 -109.14 -33.06
C GLN BC 38 -58.12 -109.88 -32.25
N SER BC 39 -58.00 -111.20 -32.15
CA SER BC 39 -58.97 -112.02 -31.47
C SER BC 39 -58.78 -112.05 -29.96
N GLN BC 40 -57.62 -111.60 -29.49
CA GLN BC 40 -57.23 -111.74 -28.10
C GLN BC 40 -58.02 -110.77 -27.22
N ALA BC 41 -57.73 -110.77 -25.92
CA ALA BC 41 -58.62 -110.11 -24.96
C ALA BC 41 -58.52 -108.58 -25.01
N SER BC 42 -57.32 -108.05 -25.16
CA SER BC 42 -57.06 -106.63 -25.35
C SER BC 42 -55.90 -106.52 -26.32
N PRO BC 43 -55.71 -105.36 -26.95
CA PRO BC 43 -54.63 -105.23 -27.94
C PRO BC 43 -53.25 -105.63 -27.41
N ALA BC 44 -53.01 -105.48 -26.10
CA ALA BC 44 -51.73 -105.88 -25.51
C ALA BC 44 -51.41 -107.33 -25.81
N GLY BC 45 -52.44 -108.17 -25.94
CA GLY BC 45 -52.28 -109.57 -26.25
C GLY BC 45 -52.51 -109.98 -27.69
N TYR BC 46 -52.74 -109.03 -28.60
CA TYR BC 46 -52.92 -109.37 -30.01
C TYR BC 46 -51.64 -109.99 -30.57
N TRP BC 47 -51.79 -110.88 -31.54
CA TRP BC 47 -50.61 -111.50 -32.16
C TRP BC 47 -50.27 -110.81 -33.46
N ARG BC 48 -48.98 -110.63 -33.73
CA ARG BC 48 -48.58 -109.80 -34.87
C ARG BC 48 -47.66 -110.58 -35.80
N LEU BC 49 -47.76 -110.27 -37.08
CA LEU BC 49 -46.95 -110.87 -38.12
C LEU BC 49 -46.43 -109.76 -39.03
N SER BC 50 -45.14 -109.79 -39.34
CA SER BC 50 -44.49 -108.74 -40.12
C SER BC 50 -43.64 -109.37 -41.21
N MET BC 51 -43.72 -108.83 -42.42
CA MET BC 51 -42.92 -109.30 -43.54
C MET BC 51 -42.17 -108.14 -44.17
N GLN BC 52 -40.89 -108.34 -44.45
CA GLN BC 52 -40.00 -107.27 -44.92
C GLN BC 52 -39.17 -107.75 -46.09
N LEU BC 53 -39.17 -106.95 -47.16
CA LEU BC 53 -38.36 -107.20 -48.35
C LEU BC 53 -37.45 -106.00 -48.56
N VAL BC 54 -36.15 -106.23 -48.50
CA VAL BC 54 -35.13 -105.20 -48.68
C VAL BC 54 -34.36 -105.55 -49.94
N ARG BC 55 -34.59 -104.79 -51.00
CA ARG BC 55 -34.00 -104.81 -52.31
C ARG BC 55 -32.84 -103.84 -52.38
N PRO BC 56 -31.80 -104.14 -53.15
CA PRO BC 56 -30.70 -103.18 -53.33
C PRO BC 56 -31.04 -102.13 -54.38
N ALA BC 57 -30.26 -101.06 -54.36
CA ALA BC 57 -30.45 -99.99 -55.33
C ALA BC 57 -30.22 -100.53 -56.74
N PRO BC 58 -30.91 -99.99 -57.75
CA PRO BC 58 -30.85 -100.60 -59.08
C PRO BC 58 -29.43 -100.63 -59.62
N ALA BC 59 -29.15 -101.65 -60.42
CA ALA BC 59 -27.80 -101.88 -60.90
C ALA BC 59 -27.40 -100.80 -61.90
N LYS BC 60 -26.13 -100.41 -61.86
CA LYS BC 60 -25.61 -99.42 -62.80
C LYS BC 60 -24.97 -100.12 -63.99
N ALA BC 61 -24.89 -99.40 -65.10
CA ALA BC 61 -24.36 -99.97 -66.33
C ALA BC 61 -22.90 -100.34 -66.15
N GLY BC 62 -22.57 -101.59 -66.47
CA GLY BC 62 -21.22 -102.09 -66.29
C GLY BC 62 -20.82 -102.41 -64.87
N GLN BC 63 -21.68 -102.15 -63.89
CA GLN BC 63 -21.38 -102.47 -62.49
C GLN BC 63 -21.38 -103.98 -62.28
N ASN BC 64 -20.50 -104.44 -61.40
CA ASN BC 64 -20.40 -105.85 -61.06
C ASN BC 64 -21.38 -106.17 -59.95
N THR BC 65 -22.28 -107.14 -60.19
CA THR BC 65 -23.40 -107.38 -59.30
C THR BC 65 -23.20 -108.56 -58.35
N ASN BC 66 -22.00 -109.15 -58.31
CA ASN BC 66 -21.91 -110.39 -57.53
C ASN BC 66 -21.85 -110.15 -56.09
N GLN BC 67 -22.02 -108.91 -55.63
CA GLN BC 67 -22.07 -108.67 -54.19
C GLN BC 67 -23.42 -108.13 -53.70
N ARG BC 68 -24.33 -107.78 -54.60
CA ARG BC 68 -25.60 -107.21 -54.19
C ARG BC 68 -26.51 -108.32 -53.72
N MET BC 69 -27.32 -108.06 -52.68
CA MET BC 69 -28.12 -109.10 -52.05
C MET BC 69 -29.47 -108.55 -51.62
N ILE BC 70 -30.45 -109.45 -51.58
CA ILE BC 70 -31.83 -109.17 -51.20
C ILE BC 70 -32.10 -109.87 -49.89
N ARG BC 71 -32.79 -109.19 -48.98
CA ARG BC 71 -33.11 -109.78 -47.69
C ARG BC 71 -34.61 -109.84 -47.49
N VAL BC 72 -35.08 -110.94 -46.90
CA VAL BC 72 -36.48 -111.11 -46.56
C VAL BC 72 -36.57 -111.50 -45.09
N ARG BC 73 -37.39 -110.80 -44.32
CA ARG BC 73 -37.53 -111.08 -42.89
C ARG BC 73 -39.00 -111.28 -42.55
N VAL BC 74 -39.32 -112.43 -41.98
CA VAL BC 74 -40.65 -112.72 -41.47
C VAL BC 74 -40.56 -112.80 -39.95
N SER BC 75 -41.53 -112.23 -39.27
CA SER BC 75 -41.46 -112.14 -37.82
C SER BC 75 -42.84 -112.34 -37.23
N THR BC 76 -42.94 -113.18 -36.20
CA THR BC 76 -44.21 -113.44 -35.54
C THR BC 76 -44.06 -113.21 -34.04
N PHE BC 77 -45.01 -112.49 -33.46
CA PHE BC 77 -45.03 -112.15 -32.05
C PHE BC 77 -46.33 -112.65 -31.44
N GLU BC 78 -46.24 -113.45 -30.39
CA GLU BC 78 -47.41 -114.06 -29.74
C GLU BC 78 -47.39 -113.78 -28.25
N PRO BC 79 -47.67 -112.54 -27.84
CA PRO BC 79 -47.71 -112.24 -26.41
C PRO BC 79 -48.81 -113.00 -25.69
N ILE BC 80 -48.50 -113.41 -24.46
CA ILE BC 80 -49.43 -114.13 -23.59
C ILE BC 80 -49.81 -113.23 -22.43
N LEU BC 81 -51.09 -113.17 -22.12
CA LEU BC 81 -51.58 -112.30 -21.06
C LEU BC 81 -51.70 -113.04 -19.74
N GLU BC 82 -51.86 -112.26 -18.67
CA GLU BC 82 -52.15 -112.74 -17.33
C GLU BC 82 -53.10 -111.75 -16.68
N VAL BC 83 -53.85 -112.24 -15.69
CA VAL BC 83 -54.85 -111.44 -14.99
C VAL BC 83 -54.65 -111.61 -13.49
N ALA BC 84 -54.93 -110.53 -12.75
CA ALA BC 84 -54.76 -110.54 -11.30
C ALA BC 84 -55.91 -111.19 -10.55
N VAL BC 85 -57.11 -111.21 -11.16
CA VAL BC 85 -58.29 -111.81 -10.53
C VAL BC 85 -59.25 -112.23 -11.64
N THR BC 86 -60.00 -113.30 -11.42
CA THR BC 86 -60.73 -113.96 -12.49
C THR BC 86 -62.22 -113.63 -12.54
N ALA BC 87 -62.73 -112.84 -11.60
CA ALA BC 87 -64.15 -112.49 -11.58
C ALA BC 87 -64.34 -110.99 -11.80
N THR BC 88 -65.59 -110.58 -11.81
CA THR BC 88 -65.94 -109.17 -11.94
C THR BC 88 -66.73 -108.75 -10.70
N TYR BC 89 -66.36 -107.62 -10.13
CA TYR BC 89 -66.99 -107.08 -8.93
C TYR BC 89 -67.61 -105.74 -9.25
N SER BC 90 -68.91 -105.58 -8.96
CA SER BC 90 -69.59 -104.28 -9.08
C SER BC 90 -69.30 -103.63 -10.43
N GLY BC 91 -69.37 -104.44 -11.48
CA GLY BC 91 -69.16 -103.97 -12.84
C GLY BC 91 -67.71 -103.70 -13.22
N ILE BC 92 -66.75 -104.01 -12.37
CA ILE BC 92 -65.34 -103.78 -12.69
C ILE BC 92 -64.78 -105.08 -13.24
N ALA BC 93 -64.39 -105.06 -14.52
CA ALA BC 93 -63.88 -106.33 -14.99
C ALA BC 93 -62.36 -106.44 -14.78
N PRO BC 94 -61.84 -107.66 -14.73
CA PRO BC 94 -60.40 -107.83 -14.69
C PRO BC 94 -59.76 -107.35 -15.98
N SER BC 95 -58.66 -106.61 -15.84
CA SER BC 95 -57.95 -106.07 -17.00
C SER BC 95 -56.61 -106.77 -17.10
N PRO BC 96 -56.38 -107.56 -18.14
CA PRO BC 96 -55.14 -108.33 -18.23
C PRO BC 96 -53.96 -107.49 -18.67
N THR BC 97 -52.77 -107.93 -18.25
CA THR BC 97 -51.50 -107.36 -18.70
C THR BC 97 -50.70 -108.44 -19.42
N VAL BC 98 -49.65 -107.99 -20.10
CA VAL BC 98 -48.79 -108.96 -20.77
C VAL BC 98 -47.92 -109.66 -19.73
N SER BC 99 -47.78 -110.98 -19.88
CA SER BC 99 -47.00 -111.80 -18.97
C SER BC 99 -45.64 -112.16 -19.53
N TYR BC 100 -45.60 -112.58 -20.80
CA TYR BC 100 -44.35 -112.88 -21.49
C TYR BC 100 -44.64 -112.91 -22.98
N VAL BC 101 -43.58 -112.78 -23.79
CA VAL BC 101 -43.80 -112.76 -25.23
C VAL BC 101 -42.87 -113.74 -25.94
N PRO BC 102 -43.35 -114.92 -26.29
CA PRO BC 102 -42.61 -115.76 -27.23
C PRO BC 102 -42.69 -115.19 -28.64
N LYS BC 103 -41.58 -115.29 -29.37
CA LYS BC 103 -41.54 -114.69 -30.69
C LYS BC 103 -40.57 -115.46 -31.57
N ALA BC 104 -40.67 -115.21 -32.88
CA ALA BC 104 -39.83 -115.88 -33.85
C ALA BC 104 -39.46 -114.91 -34.95
N PHE BC 105 -38.22 -115.03 -35.44
CA PHE BC 105 -37.65 -114.12 -36.43
C PHE BC 105 -36.90 -114.96 -37.44
N THR BC 106 -37.27 -114.87 -38.73
CA THR BC 106 -36.61 -115.60 -39.81
C THR BC 106 -36.10 -114.61 -40.85
N GLU BC 107 -34.87 -114.82 -41.32
CA GLU BC 107 -34.23 -113.96 -42.31
C GLU BC 107 -33.64 -114.82 -43.42
N PHE BC 108 -34.07 -114.55 -44.65
CA PHE BC 108 -33.48 -115.10 -45.86
C PHE BC 108 -32.53 -114.09 -46.44
N VAL BC 109 -31.31 -114.53 -46.73
CA VAL BC 109 -30.34 -113.77 -47.49
C VAL BC 109 -30.23 -114.42 -48.86
N LEU BC 110 -30.78 -113.74 -49.87
CA LEU BC 110 -30.83 -114.23 -51.23
C LEU BC 110 -29.95 -113.34 -52.10
N PRO BC 111 -28.78 -113.79 -52.52
CA PRO BC 111 -27.96 -112.96 -53.41
C PRO BC 111 -28.70 -112.70 -54.72
N GLU BC 112 -28.58 -111.46 -55.21
CA GLU BC 112 -29.37 -111.03 -56.35
C GLU BC 112 -29.12 -111.90 -57.58
N ARG BC 113 -27.93 -112.47 -57.73
CA ARG BC 113 -27.64 -113.31 -58.88
C ARG BC 113 -28.24 -114.71 -58.78
N ALA BC 114 -29.02 -115.01 -57.74
CA ALA BC 114 -29.47 -116.38 -57.55
C ALA BC 114 -30.64 -116.70 -58.47
N THR BC 115 -30.79 -117.97 -58.80
CA THR BC 115 -31.85 -118.43 -59.67
C THR BC 115 -33.16 -118.57 -58.90
N LEU BC 116 -34.27 -118.44 -59.62
CA LEU BC 116 -35.56 -118.79 -59.07
C LEU BC 116 -35.52 -120.17 -58.42
N ASP BC 117 -34.79 -121.10 -59.04
CA ASP BC 117 -34.66 -122.44 -58.46
C ASP BC 117 -33.96 -122.37 -57.11
N ASN BC 118 -32.88 -121.60 -57.01
CA ASN BC 118 -32.18 -121.46 -55.74
C ASN BC 118 -33.10 -120.90 -54.66
N ARG BC 119 -33.94 -119.93 -55.04
CA ARG BC 119 -34.83 -119.30 -54.05
C ARG BC 119 -35.90 -120.27 -53.60
N LYS BC 120 -36.50 -121.01 -54.55
CA LYS BC 120 -37.48 -122.03 -54.17
C LYS BC 120 -36.85 -123.08 -53.27
N ASP BC 121 -35.61 -123.47 -53.58
CA ASP BC 121 -34.87 -124.44 -52.76
C ASP BC 121 -34.72 -123.94 -51.33
N ILE BC 122 -34.16 -122.74 -51.16
CA ILE BC 122 -33.87 -122.26 -49.81
C ILE BC 122 -35.16 -122.07 -49.02
N ARG BC 123 -36.21 -121.53 -49.66
CA ARG BC 123 -37.48 -121.34 -48.97
C ARG BC 123 -38.05 -122.67 -48.50
N LYS BC 124 -38.29 -123.60 -49.45
CA LYS BC 124 -38.91 -124.87 -49.09
C LYS BC 124 -38.10 -125.60 -48.06
N MET BC 125 -36.77 -125.65 -48.24
CA MET BC 125 -35.94 -126.50 -47.40
C MET BC 125 -35.80 -125.94 -46.00
N HIS BC 126 -35.74 -124.61 -45.85
CA HIS BC 126 -35.71 -124.05 -44.51
C HIS BC 126 -37.05 -124.24 -43.80
N ALA BC 127 -38.16 -123.96 -44.51
CA ALA BC 127 -39.47 -124.18 -43.91
C ALA BC 127 -39.63 -125.62 -43.45
N LEU BC 128 -39.09 -126.56 -44.22
CA LEU BC 128 -39.12 -127.97 -43.83
C LEU BC 128 -38.21 -128.22 -42.63
N ALA BC 129 -37.04 -127.58 -42.61
CA ALA BC 129 -36.10 -127.77 -41.51
C ALA BC 129 -36.70 -127.32 -40.18
N LEU BC 130 -37.67 -126.39 -40.24
CA LEU BC 130 -38.37 -126.00 -39.02
C LEU BC 130 -39.36 -127.05 -38.52
N THR BC 131 -39.66 -128.08 -39.32
CA THR BC 131 -40.64 -129.09 -38.94
C THR BC 131 -40.03 -130.47 -38.74
N THR BC 132 -38.70 -130.59 -38.82
CA THR BC 132 -38.05 -131.87 -38.61
C THR BC 132 -38.25 -132.33 -37.16
N SER BC 133 -38.13 -133.65 -36.96
CA SER BC 133 -38.29 -134.20 -35.62
C SER BC 133 -37.30 -133.58 -34.64
N GLU BC 134 -36.08 -133.29 -35.12
CA GLU BC 134 -35.08 -132.63 -34.29
C GLU BC 134 -35.50 -131.20 -33.94
N ALA BC 135 -36.01 -130.45 -34.91
CA ALA BC 135 -36.49 -129.09 -34.62
C ALA BC 135 -37.64 -129.12 -33.63
N ILE BC 136 -38.53 -130.10 -33.76
CA ILE BC 136 -39.66 -130.18 -32.83
C ILE BC 136 -39.17 -130.54 -31.44
N ALA BC 137 -38.20 -131.46 -31.35
CA ALA BC 137 -37.64 -131.82 -30.05
C ALA BC 137 -36.92 -130.65 -29.39
N MET BC 138 -36.30 -129.77 -30.18
CA MET BC 138 -35.55 -128.66 -29.61
C MET BC 138 -36.46 -127.49 -29.22
N ILE BC 139 -37.47 -127.18 -30.03
CA ILE BC 139 -38.32 -126.03 -29.74
C ILE BC 139 -39.45 -126.37 -28.79
N GLU BC 140 -40.08 -127.53 -28.96
CA GLU BC 140 -41.22 -127.89 -28.12
C GLU BC 140 -40.79 -128.63 -26.87
N SER BC 141 -39.93 -129.65 -27.03
CA SER BC 141 -39.50 -130.49 -25.92
C SER BC 141 -38.24 -129.98 -25.23
N LEU BC 142 -37.54 -129.01 -25.82
CA LEU BC 142 -36.39 -128.38 -25.18
C LEU BC 142 -35.28 -129.39 -24.89
N GLN BC 143 -34.99 -130.24 -25.87
CA GLN BC 143 -33.94 -131.25 -25.76
C GLN BC 143 -32.99 -131.10 -26.94
N PHE BC 144 -31.70 -130.98 -26.64
CA PHE BC 144 -30.66 -130.90 -27.66
C PHE BC 144 -30.34 -132.31 -28.19
N VAL BC 145 -29.49 -132.37 -29.21
CA VAL BC 145 -29.06 -133.64 -29.80
C VAL BC 145 -27.70 -134.04 -29.22
N TYR BC 146 -27.60 -135.28 -28.77
CA TYR BC 146 -26.39 -135.76 -28.11
C TYR BC 146 -25.83 -137.02 -28.79
N PRO CC 1 -56.06 -93.52 -56.26
CA PRO CC 1 -56.13 -94.85 -56.87
C PRO CC 1 -55.21 -95.84 -56.17
N GLN CC 2 -55.73 -96.98 -55.73
CA GLN CC 2 -54.89 -97.97 -55.08
C GLN CC 2 -53.88 -98.51 -56.08
N ALA CC 3 -52.69 -98.84 -55.59
CA ALA CC 3 -51.63 -99.34 -56.47
C ALA CC 3 -52.05 -100.69 -57.05
N ALA CC 4 -51.84 -100.84 -58.36
CA ALA CC 4 -52.11 -102.12 -59.02
C ALA CC 4 -51.15 -102.28 -60.18
N ASP CC 5 -51.15 -103.48 -60.77
CA ASP CC 5 -50.28 -103.76 -61.90
C ASP CC 5 -50.51 -102.76 -63.02
N ILE CC 6 -49.43 -102.36 -63.68
CA ILE CC 6 -49.48 -101.46 -64.83
C ILE CC 6 -49.00 -102.25 -66.04
N VAL CC 7 -49.86 -102.40 -67.05
CA VAL CC 7 -49.53 -103.21 -68.21
C VAL CC 7 -49.32 -102.31 -69.41
N ILE CC 8 -48.14 -102.42 -70.03
CA ILE CC 8 -47.74 -101.57 -71.14
C ILE CC 8 -47.27 -102.45 -72.29
N ALA CC 9 -47.68 -102.13 -73.50
CA ALA CC 9 -47.38 -102.97 -74.65
C ALA CC 9 -45.96 -102.74 -75.16
N ASP CC 10 -45.35 -103.81 -75.66
CA ASP CC 10 -44.04 -103.73 -76.28
C ASP CC 10 -44.13 -103.02 -77.63
N ALA CC 11 -42.98 -102.91 -78.30
CA ALA CC 11 -42.94 -102.38 -79.65
C ALA CC 11 -42.49 -103.43 -80.66
N GLN CC 12 -42.70 -104.71 -80.37
CA GLN CC 12 -42.26 -105.76 -81.26
C GLN CC 12 -43.23 -105.90 -82.44
N ALA CC 13 -42.82 -106.74 -83.40
CA ALA CC 13 -43.69 -107.08 -84.53
C ALA CC 13 -45.08 -107.45 -84.04
N THR CC 14 -45.16 -108.47 -83.19
CA THR CC 14 -46.37 -108.71 -82.42
C THR CC 14 -46.14 -108.14 -81.03
N PRO CC 15 -46.77 -107.04 -80.66
CA PRO CC 15 -46.53 -106.44 -79.35
C PRO CC 15 -46.72 -107.44 -78.22
N VAL CC 16 -45.82 -107.37 -77.24
CA VAL CC 16 -45.82 -108.25 -76.07
C VAL CC 16 -46.09 -107.41 -74.83
N ASN CC 17 -47.10 -107.79 -74.06
CA ASN CC 17 -47.47 -107.01 -72.87
C ASN CC 17 -46.44 -107.22 -71.76
N HIS CC 18 -45.93 -106.12 -71.22
CA HIS CC 18 -45.09 -106.14 -70.03
C HIS CC 18 -45.93 -105.71 -68.84
N THR CC 19 -45.92 -106.52 -67.78
CA THR CC 19 -46.69 -106.24 -66.58
C THR CC 19 -45.73 -105.75 -65.49
N PHE CC 20 -45.95 -104.52 -65.03
CA PHE CC 20 -45.17 -103.89 -63.97
C PHE CC 20 -45.93 -104.04 -62.66
N VAL CC 21 -45.44 -104.94 -61.81
CA VAL CC 21 -46.01 -105.19 -60.48
C VAL CC 21 -45.50 -104.08 -59.57
N PRO CC 22 -46.33 -103.46 -58.73
CA PRO CC 22 -45.81 -102.44 -57.81
C PRO CC 22 -44.83 -103.04 -56.81
N ILE CC 23 -43.68 -102.39 -56.69
CA ILE CC 23 -42.75 -102.66 -55.59
C ILE CC 23 -43.14 -101.83 -54.37
N GLY CC 24 -43.64 -100.61 -54.59
CA GLY CC 24 -44.02 -99.78 -53.47
C GLY CC 24 -43.31 -98.44 -53.48
N PRO CC 25 -43.50 -97.67 -52.42
CA PRO CC 25 -42.88 -96.35 -52.36
C PRO CC 25 -41.40 -96.46 -52.05
N ASP CC 26 -40.63 -95.54 -52.62
CA ASP CC 26 -39.20 -95.48 -52.39
C ASP CC 26 -38.96 -95.26 -50.89
N PRO CC 27 -38.18 -96.10 -50.23
CA PRO CC 27 -37.90 -95.85 -48.81
C PRO CC 27 -37.18 -94.55 -48.56
N LYS CC 28 -36.35 -94.10 -49.52
CA LYS CC 28 -35.62 -92.85 -49.34
C LYS CC 28 -36.53 -91.63 -49.54
N ASP CC 29 -37.48 -91.71 -50.48
CA ASP CC 29 -38.41 -90.62 -50.76
C ASP CC 29 -39.82 -91.18 -50.89
N ALA CC 30 -40.71 -90.75 -49.99
CA ALA CC 30 -42.07 -91.27 -49.96
C ALA CC 30 -42.95 -90.76 -51.10
N THR CC 31 -42.53 -89.71 -51.81
CA THR CC 31 -43.34 -89.12 -52.87
C THR CC 31 -43.12 -89.80 -54.22
N ILE CC 32 -42.40 -90.90 -54.27
CA ILE CC 32 -42.13 -91.55 -55.54
C ILE CC 32 -42.41 -93.04 -55.36
N TYR CC 33 -43.20 -93.61 -56.28
CA TYR CC 33 -43.68 -94.98 -56.21
C TYR CC 33 -43.11 -95.78 -57.39
N TRP CC 34 -42.88 -97.07 -57.15
CA TRP CC 34 -42.13 -97.92 -58.07
C TRP CC 34 -42.91 -99.18 -58.42
N TRP CC 35 -43.02 -99.43 -59.73
CA TRP CC 35 -43.43 -100.70 -60.32
C TRP CC 35 -42.25 -101.33 -61.04
N GLU CC 36 -42.27 -102.65 -61.19
CA GLU CC 36 -41.16 -103.41 -61.74
C GLU CC 36 -41.67 -104.49 -62.67
N ASP CC 37 -41.03 -104.63 -63.83
CA ASP CC 37 -41.32 -105.67 -64.80
C ASP CC 37 -40.33 -106.82 -64.57
N GLN CC 38 -40.84 -107.95 -64.07
CA GLN CC 38 -39.98 -109.04 -63.64
C GLN CC 38 -39.78 -110.10 -64.72
N SER CC 39 -40.02 -109.76 -65.98
CA SER CC 39 -39.96 -110.74 -67.06
C SER CC 39 -38.56 -110.90 -67.64
N GLN CC 40 -37.59 -110.15 -67.14
CA GLN CC 40 -36.25 -110.15 -67.73
C GLN CC 40 -35.44 -111.33 -67.18
N ALA CC 41 -34.16 -111.37 -67.55
CA ALA CC 41 -33.37 -112.58 -67.36
C ALA CC 41 -32.95 -112.78 -65.91
N SER CC 42 -32.59 -111.71 -65.21
CA SER CC 42 -32.27 -111.75 -63.79
C SER CC 42 -32.58 -110.40 -63.20
N PRO CC 43 -32.70 -110.28 -61.87
CA PRO CC 43 -33.27 -109.06 -61.30
C PRO CC 43 -32.54 -107.79 -61.68
N ALA CC 44 -31.22 -107.83 -61.83
CA ALA CC 44 -30.48 -106.62 -62.19
C ALA CC 44 -31.03 -105.98 -63.46
N GLY CC 45 -31.59 -106.78 -64.36
CA GLY CC 45 -32.15 -106.30 -65.61
C GLY CC 45 -33.65 -106.09 -65.65
N TYR CC 46 -34.34 -106.20 -64.51
CA TYR CC 46 -35.78 -105.95 -64.46
C TYR CC 46 -36.09 -104.51 -64.83
N TRP CC 47 -37.02 -104.31 -65.76
CA TRP CC 47 -37.41 -102.96 -66.12
C TRP CC 47 -38.24 -102.34 -65.01
N ARG CC 48 -38.11 -101.02 -64.84
CA ARG CC 48 -38.78 -100.34 -63.75
C ARG CC 48 -39.49 -99.09 -64.25
N LEU CC 49 -40.51 -98.70 -63.50
CA LEU CC 49 -41.32 -97.54 -63.79
C LEU CC 49 -41.58 -96.81 -62.47
N SER CC 50 -41.45 -95.49 -62.47
CA SER CC 50 -41.57 -94.69 -61.26
C SER CC 50 -42.47 -93.49 -61.52
N MET CC 51 -43.36 -93.21 -60.57
CA MET CC 51 -44.23 -92.04 -60.65
C MET CC 51 -44.14 -91.24 -59.36
N GLN CC 52 -43.97 -89.93 -59.49
CA GLN CC 52 -43.71 -89.06 -58.35
C GLN CC 52 -44.65 -87.87 -58.38
N LEU CC 53 -45.28 -87.59 -57.24
CA LEU CC 53 -46.17 -86.46 -57.06
C LEU CC 53 -45.66 -85.64 -55.88
N VAL CC 54 -45.26 -84.40 -56.15
CA VAL CC 54 -44.75 -83.49 -55.14
C VAL CC 54 -45.70 -82.31 -55.08
N ARG CC 55 -46.58 -82.32 -54.09
CA ARG CC 55 -47.53 -81.27 -53.73
C ARG CC 55 -46.90 -80.38 -52.66
N PRO CC 56 -47.12 -79.08 -52.76
CA PRO CC 56 -46.51 -78.15 -51.80
C PRO CC 56 -47.23 -78.17 -50.47
N ALA CC 57 -46.54 -77.67 -49.46
CA ALA CC 57 -47.14 -77.52 -48.14
C ALA CC 57 -48.40 -76.66 -48.26
N PRO CC 58 -49.43 -76.95 -47.46
CA PRO CC 58 -50.73 -76.31 -47.67
C PRO CC 58 -50.66 -74.79 -47.58
N ALA CC 59 -51.50 -74.15 -48.40
CA ALA CC 59 -51.58 -72.69 -48.39
C ALA CC 59 -51.99 -72.20 -47.02
N LYS CC 60 -51.39 -71.08 -46.60
CA LYS CC 60 -51.67 -70.48 -45.30
C LYS CC 60 -52.51 -69.23 -45.47
N ALA CC 61 -53.17 -68.83 -44.40
CA ALA CC 61 -54.08 -67.69 -44.44
C ALA CC 61 -53.31 -66.43 -44.80
N GLY CC 62 -53.81 -65.70 -45.80
CA GLY CC 62 -53.16 -64.50 -46.26
C GLY CC 62 -51.86 -64.69 -47.00
N GLN CC 63 -51.45 -65.93 -47.26
CA GLN CC 63 -50.20 -66.20 -47.97
C GLN CC 63 -50.38 -65.95 -49.45
N ASN CC 64 -49.27 -65.74 -50.14
CA ASN CC 64 -49.29 -65.46 -51.58
C ASN CC 64 -48.98 -66.74 -52.35
N THR CC 65 -49.85 -67.09 -53.27
CA THR CC 65 -49.80 -68.38 -53.96
C THR CC 65 -49.00 -68.36 -55.26
N ASN CC 66 -48.67 -67.17 -55.78
CA ASN CC 66 -48.33 -67.03 -57.20
C ASN CC 66 -47.06 -67.77 -57.57
N GLN CC 67 -46.35 -68.37 -56.61
CA GLN CC 67 -45.16 -69.15 -56.94
C GLN CC 67 -45.23 -70.62 -56.51
N ARG CC 68 -46.26 -71.03 -55.79
CA ARG CC 68 -46.34 -72.41 -55.34
C ARG CC 68 -46.70 -73.31 -56.50
N MET CC 69 -46.05 -74.47 -56.59
CA MET CC 69 -46.18 -75.34 -57.75
C MET CC 69 -46.14 -76.81 -57.38
N ILE CC 70 -46.82 -77.62 -58.19
CA ILE CC 70 -46.91 -79.06 -58.05
C ILE CC 70 -46.08 -79.69 -59.15
N ARG CC 71 -45.33 -80.75 -58.82
CA ARG CC 71 -44.52 -81.43 -59.82
C ARG CC 71 -44.93 -82.90 -59.90
N VAL CC 72 -44.90 -83.44 -61.12
CA VAL CC 72 -45.17 -84.86 -61.34
C VAL CC 72 -44.10 -85.39 -62.28
N ARG CC 73 -43.42 -86.46 -61.87
CA ARG CC 73 -42.33 -87.03 -62.65
C ARG CC 73 -42.62 -88.50 -62.91
N VAL CC 74 -42.71 -88.87 -64.18
CA VAL CC 74 -42.86 -90.26 -64.61
C VAL CC 74 -41.57 -90.68 -65.30
N SER CC 75 -41.00 -91.80 -64.86
CA SER CC 75 -39.71 -92.25 -65.34
C SER CC 75 -39.78 -93.74 -65.68
N THR CC 76 -39.17 -94.13 -66.80
CA THR CC 76 -39.13 -95.53 -67.21
C THR CC 76 -37.70 -95.93 -67.52
N PHE CC 77 -37.26 -97.05 -66.94
CA PHE CC 77 -35.92 -97.60 -67.13
C PHE CC 77 -36.03 -99.00 -67.71
N GLU CC 78 -35.34 -99.23 -68.82
CA GLU CC 78 -35.37 -100.53 -69.51
C GLU CC 78 -33.95 -101.06 -69.69
N PRO CC 79 -33.28 -101.41 -68.60
CA PRO CC 79 -31.90 -101.88 -68.72
C PRO CC 79 -31.80 -103.17 -69.52
N ILE CC 80 -30.77 -103.25 -70.35
CA ILE CC 80 -30.49 -104.41 -71.19
C ILE CC 80 -29.34 -105.18 -70.58
N LEU CC 81 -29.59 -106.43 -70.22
CA LEU CC 81 -28.56 -107.25 -69.58
C LEU CC 81 -27.48 -107.66 -70.58
N GLU CC 82 -26.24 -107.65 -70.11
CA GLU CC 82 -25.14 -108.11 -70.95
C GLU CC 82 -25.29 -109.60 -71.22
N VAL CC 83 -25.00 -110.01 -72.46
CA VAL CC 83 -24.99 -111.42 -72.83
C VAL CC 83 -23.56 -111.93 -72.70
N ALA CC 84 -23.41 -113.06 -71.99
CA ALA CC 84 -22.09 -113.55 -71.65
C ALA CC 84 -21.42 -114.20 -72.87
N VAL CC 85 -20.10 -114.03 -72.95
CA VAL CC 85 -19.30 -114.81 -73.88
C VAL CC 85 -18.24 -115.54 -73.06
N THR CC 86 -17.37 -116.28 -73.72
CA THR CC 86 -16.39 -117.10 -73.02
C THR CC 86 -15.39 -116.21 -72.31
N ALA CC 87 -15.30 -116.37 -70.98
CA ALA CC 87 -14.31 -115.67 -70.18
C ALA CC 87 -13.01 -116.46 -70.21
N THR CC 88 -11.90 -115.78 -70.51
CA THR CC 88 -10.65 -116.46 -70.78
C THR CC 88 -9.60 -116.28 -69.69
N TYR CC 89 -9.72 -115.26 -68.84
CA TYR CC 89 -8.74 -115.09 -67.77
C TYR CC 89 -8.95 -116.14 -66.67
N SER CC 90 -10.17 -116.24 -66.14
CA SER CC 90 -10.44 -117.14 -65.04
C SER CC 90 -11.30 -118.34 -65.43
N GLY CC 91 -11.91 -118.33 -66.61
CA GLY CC 91 -12.82 -119.39 -66.99
C GLY CC 91 -14.11 -119.41 -66.20
N ILE CC 92 -14.34 -118.38 -65.39
CA ILE CC 92 -15.54 -118.26 -64.56
C ILE CC 92 -16.43 -117.19 -65.19
N ALA CC 93 -17.61 -117.61 -65.65
CA ALA CC 93 -18.51 -116.67 -66.30
C ALA CC 93 -18.88 -115.55 -65.33
N PRO CC 94 -19.05 -114.33 -65.83
CA PRO CC 94 -19.23 -113.19 -64.93
C PRO CC 94 -20.64 -113.11 -64.39
N SER CC 95 -20.75 -112.46 -63.23
CA SER CC 95 -22.04 -112.15 -62.64
C SER CC 95 -22.90 -111.39 -63.65
N PRO CC 96 -24.22 -111.51 -63.58
CA PRO CC 96 -25.07 -110.73 -64.50
C PRO CC 96 -24.80 -109.26 -64.32
N THR CC 97 -24.45 -108.61 -65.43
CA THR CC 97 -24.08 -107.20 -65.41
C THR CC 97 -24.97 -106.46 -66.41
N VAL CC 98 -25.33 -105.23 -66.06
CA VAL CC 98 -26.15 -104.41 -66.93
C VAL CC 98 -25.26 -103.80 -68.01
N SER CC 99 -25.64 -104.00 -69.27
CA SER CC 99 -24.81 -103.52 -70.38
C SER CC 99 -25.02 -102.03 -70.63
N TYR CC 100 -26.27 -101.61 -70.79
CA TYR CC 100 -26.59 -100.20 -70.99
C TYR CC 100 -28.06 -100.00 -70.63
N VAL CC 101 -28.44 -98.75 -70.40
CA VAL CC 101 -29.82 -98.49 -69.97
C VAL CC 101 -30.47 -97.39 -70.81
N PRO CC 102 -31.36 -97.75 -71.72
CA PRO CC 102 -32.25 -96.74 -72.34
C PRO CC 102 -33.30 -96.30 -71.33
N LYS CC 103 -33.47 -94.99 -71.18
CA LYS CC 103 -34.39 -94.53 -70.16
C LYS CC 103 -35.09 -93.25 -70.60
N ALA CC 104 -36.17 -92.92 -69.91
CA ALA CC 104 -36.94 -91.73 -70.23
C ALA CC 104 -37.46 -91.11 -68.94
N PHE CC 105 -37.51 -89.77 -68.93
CA PHE CC 105 -37.85 -88.99 -67.74
C PHE CC 105 -38.76 -87.85 -68.19
N THR CC 106 -39.99 -87.80 -67.67
CA THR CC 106 -40.94 -86.75 -68.00
C THR CC 106 -41.33 -86.03 -66.72
N GLU CC 107 -41.24 -84.69 -66.74
CA GLU CC 107 -41.59 -83.86 -65.58
C GLU CC 107 -42.65 -82.83 -66.01
N PHE CC 108 -43.79 -82.87 -65.33
CA PHE CC 108 -44.84 -81.87 -65.44
C PHE CC 108 -44.66 -80.87 -64.31
N VAL CC 109 -44.60 -79.59 -64.67
CA VAL CC 109 -44.66 -78.49 -63.73
C VAL CC 109 -46.04 -77.86 -63.85
N LEU CC 110 -46.87 -78.08 -62.85
CA LEU CC 110 -48.25 -77.61 -62.82
C LEU CC 110 -48.36 -76.60 -61.68
N PRO CC 111 -48.41 -75.30 -61.95
CA PRO CC 111 -48.60 -74.35 -60.85
C PRO CC 111 -49.94 -74.58 -60.16
N GLU CC 112 -49.93 -74.46 -58.83
CA GLU CC 112 -51.13 -74.77 -58.05
C GLU CC 112 -52.33 -73.95 -58.53
N ARG CC 113 -52.08 -72.70 -58.90
CA ARG CC 113 -53.08 -71.82 -59.49
C ARG CC 113 -53.81 -72.45 -60.69
N ALA CC 114 -53.20 -73.38 -61.41
CA ALA CC 114 -53.76 -73.82 -62.68
C ALA CC 114 -55.03 -74.64 -62.49
N THR CC 115 -55.92 -74.55 -63.47
CA THR CC 115 -57.21 -75.22 -63.43
C THR CC 115 -57.10 -76.67 -63.91
N LEU CC 116 -58.11 -77.46 -63.53
CA LEU CC 116 -58.20 -78.84 -63.99
C LEU CC 116 -58.11 -78.91 -65.51
N ASP CC 117 -58.75 -77.98 -66.20
CA ASP CC 117 -58.66 -77.95 -67.65
C ASP CC 117 -57.21 -77.75 -68.10
N ASN CC 118 -56.48 -76.85 -67.44
CA ASN CC 118 -55.07 -76.66 -67.78
C ASN CC 118 -54.27 -77.94 -67.61
N ARG CC 119 -54.52 -78.67 -66.53
CA ARG CC 119 -53.76 -79.90 -66.27
C ARG CC 119 -54.11 -80.98 -67.29
N LYS CC 120 -55.40 -81.13 -67.60
CA LYS CC 120 -55.81 -82.09 -68.62
C LYS CC 120 -55.19 -81.74 -69.97
N ASP CC 121 -55.16 -80.44 -70.31
CA ASP CC 121 -54.54 -79.98 -71.54
C ASP CC 121 -53.07 -80.38 -71.62
N ILE CC 122 -52.30 -80.03 -70.58
CA ILE CC 122 -50.86 -80.27 -70.66
C ILE CC 122 -50.57 -81.77 -70.72
N ARG CC 123 -51.29 -82.56 -69.91
CA ARG CC 123 -51.07 -84.02 -69.92
C ARG CC 123 -51.38 -84.59 -71.29
N LYS CC 124 -52.60 -84.39 -71.79
CA LYS CC 124 -52.99 -84.98 -73.06
C LYS CC 124 -52.06 -84.52 -74.19
N MET CC 125 -51.77 -83.21 -74.24
CA MET CC 125 -51.06 -82.67 -75.39
C MET CC 125 -49.60 -83.09 -75.40
N HIS CC 126 -48.98 -83.21 -74.23
CA HIS CC 126 -47.61 -83.72 -74.20
C HIS CC 126 -47.57 -85.19 -74.56
N ALA CC 127 -48.47 -86.00 -73.96
CA ALA CC 127 -48.51 -87.43 -74.27
C ALA CC 127 -48.72 -87.67 -75.75
N LEU CC 128 -49.45 -86.77 -76.41
CA LEU CC 128 -49.61 -86.85 -77.86
C LEU CC 128 -48.34 -86.38 -78.57
N ALA CC 129 -47.69 -85.33 -78.06
CA ALA CC 129 -46.48 -84.81 -78.71
C ALA CC 129 -45.39 -85.86 -78.75
N LEU CC 130 -45.40 -86.80 -77.81
CA LEU CC 130 -44.44 -87.89 -77.85
C LEU CC 130 -44.76 -88.93 -78.92
N THR CC 131 -45.91 -88.85 -79.58
CA THR CC 131 -46.28 -89.81 -80.61
C THR CC 131 -46.30 -89.21 -82.01
N THR CC 132 -45.90 -87.95 -82.16
CA THR CC 132 -45.87 -87.32 -83.47
C THR CC 132 -44.85 -87.99 -84.37
N SER CC 133 -45.04 -87.85 -85.70
CA SER CC 133 -44.08 -88.41 -86.65
C SER CC 133 -42.69 -87.84 -86.43
N GLU CC 134 -42.61 -86.57 -86.03
CA GLU CC 134 -41.32 -85.94 -85.76
C GLU CC 134 -40.64 -86.57 -84.55
N ALA CC 135 -41.40 -86.78 -83.47
CA ALA CC 135 -40.83 -87.44 -82.30
C ALA CC 135 -40.39 -88.87 -82.62
N ILE CC 136 -41.19 -89.58 -83.42
CA ILE CC 136 -40.82 -90.94 -83.82
C ILE CC 136 -39.52 -90.91 -84.62
N ALA CC 137 -39.39 -89.95 -85.53
CA ALA CC 137 -38.19 -89.87 -86.36
C ALA CC 137 -36.96 -89.53 -85.53
N MET CC 138 -37.11 -88.66 -84.52
CA MET CC 138 -35.95 -88.28 -83.71
C MET CC 138 -35.52 -89.41 -82.79
N ILE CC 139 -36.48 -90.05 -82.11
CA ILE CC 139 -36.11 -91.05 -81.12
C ILE CC 139 -35.74 -92.37 -81.76
N GLU CC 140 -36.49 -92.80 -82.77
CA GLU CC 140 -36.26 -94.12 -83.36
C GLU CC 140 -35.23 -94.08 -84.48
N SER CC 141 -35.34 -93.11 -85.39
CA SER CC 141 -34.50 -93.04 -86.57
C SER CC 141 -33.39 -92.01 -86.46
N LEU CC 142 -33.35 -91.23 -85.38
CA LEU CC 142 -32.24 -90.32 -85.10
C LEU CC 142 -32.09 -89.25 -86.18
N GLN CC 143 -33.22 -88.65 -86.55
CA GLN CC 143 -33.27 -87.62 -87.59
C GLN CC 143 -33.88 -86.35 -87.03
N PHE CC 144 -33.24 -85.22 -87.31
CA PHE CC 144 -33.76 -83.92 -86.91
C PHE CC 144 -34.72 -83.40 -87.98
N VAL CC 145 -35.28 -82.21 -87.77
CA VAL CC 145 -36.18 -81.58 -88.73
C VAL CC 145 -35.47 -80.38 -89.35
N TYR CC 146 -35.77 -80.10 -90.61
CA TYR CC 146 -34.98 -79.12 -91.35
C TYR CC 146 -35.85 -78.22 -92.25
N PRO DC 1 -79.86 -10.38 -22.35
CA PRO DC 1 -80.99 -11.29 -22.59
C PRO DC 1 -80.57 -12.74 -22.49
N GLN DC 2 -81.51 -13.63 -22.17
CA GLN DC 2 -81.19 -15.05 -22.07
C GLN DC 2 -80.96 -15.63 -23.46
N ALA DC 3 -80.05 -16.59 -23.54
CA ALA DC 3 -79.66 -17.16 -24.81
C ALA DC 3 -80.74 -18.11 -25.33
N ALA DC 4 -81.06 -17.95 -26.62
CA ALA DC 4 -82.05 -18.82 -27.25
C ALA DC 4 -81.65 -19.07 -28.71
N ASP DC 5 -82.42 -19.91 -29.38
CA ASP DC 5 -82.12 -20.30 -30.76
C ASP DC 5 -82.02 -19.07 -31.65
N ILE DC 6 -81.08 -19.12 -32.60
CA ILE DC 6 -80.91 -18.06 -33.59
C ILE DC 6 -81.20 -18.65 -34.95
N VAL DC 7 -82.18 -18.11 -35.66
CA VAL DC 7 -82.60 -18.68 -36.93
C VAL DC 7 -82.22 -17.73 -38.05
N ILE DC 8 -81.46 -18.23 -39.02
CA ILE DC 8 -80.93 -17.43 -40.12
C ILE DC 8 -81.26 -18.13 -41.43
N ALA DC 9 -81.71 -17.34 -42.41
CA ALA DC 9 -82.16 -17.89 -43.68
C ALA DC 9 -81.00 -18.24 -44.60
N ASP DC 10 -81.19 -19.29 -45.39
CA ASP DC 10 -80.22 -19.73 -46.39
C ASP DC 10 -80.18 -18.73 -47.55
N ALA DC 11 -79.31 -19.00 -48.51
CA ALA DC 11 -79.28 -18.25 -49.76
C ALA DC 11 -79.61 -19.14 -50.95
N GLN DC 12 -80.36 -20.22 -50.71
CA GLN DC 12 -80.75 -21.10 -51.80
C GLN DC 12 -81.86 -20.45 -52.64
N ALA DC 13 -82.16 -21.09 -53.76
CA ALA DC 13 -83.29 -20.66 -54.59
C ALA DC 13 -84.55 -20.53 -53.75
N THR DC 14 -84.91 -21.61 -53.07
CA THR DC 14 -85.89 -21.53 -52.01
C THR DC 14 -85.15 -21.53 -50.67
N PRO DC 15 -85.06 -20.39 -49.98
CA PRO DC 15 -84.25 -20.34 -48.76
C PRO DC 15 -84.69 -21.36 -47.73
N VAL DC 16 -83.71 -21.84 -46.96
CA VAL DC 16 -83.92 -22.85 -45.91
C VAL DC 16 -83.45 -22.26 -44.59
N ASN DC 17 -84.31 -22.31 -43.59
CA ASN DC 17 -83.95 -21.76 -42.29
C ASN DC 17 -82.97 -22.68 -41.58
N HIS DC 18 -81.81 -22.14 -41.20
CA HIS DC 18 -80.86 -22.83 -40.36
C HIS DC 18 -81.03 -22.35 -38.92
N THR DC 19 -81.21 -23.30 -38.00
CA THR DC 19 -81.44 -22.99 -36.59
C THR DC 19 -80.18 -23.29 -35.80
N PHE DC 20 -79.56 -22.23 -35.26
CA PHE DC 20 -78.36 -22.32 -34.43
C PHE DC 20 -78.79 -22.43 -32.98
N VAL DC 21 -78.71 -23.63 -32.44
CA VAL DC 21 -79.03 -23.90 -31.03
C VAL DC 21 -77.90 -23.35 -30.17
N PRO DC 22 -78.19 -22.73 -29.03
CA PRO DC 22 -77.09 -22.23 -28.17
C PRO DC 22 -76.33 -23.39 -27.54
N ILE DC 23 -75.03 -23.45 -27.81
CA ILE DC 23 -74.16 -24.42 -27.17
C ILE DC 23 -73.68 -23.90 -25.82
N GLY DC 24 -73.32 -22.62 -25.74
CA GLY DC 24 -72.92 -22.06 -24.47
C GLY DC 24 -71.67 -21.23 -24.58
N PRO DC 25 -71.18 -20.74 -23.45
CA PRO DC 25 -69.99 -19.90 -23.48
C PRO DC 25 -68.73 -20.71 -23.75
N ASP DC 26 -67.75 -20.04 -24.35
CA ASP DC 26 -66.47 -20.68 -24.67
C ASP DC 26 -65.72 -21.02 -23.38
N PRO DC 27 -65.21 -22.24 -23.22
CA PRO DC 27 -64.50 -22.58 -21.98
C PRO DC 27 -63.29 -21.70 -21.71
N LYS DC 28 -62.58 -21.30 -22.77
CA LYS DC 28 -61.37 -20.50 -22.60
C LYS DC 28 -61.70 -19.04 -22.28
N ASP DC 29 -62.73 -18.47 -22.93
CA ASP DC 29 -63.08 -17.07 -22.78
C ASP DC 29 -64.54 -16.95 -22.41
N ALA DC 30 -64.82 -16.34 -21.25
CA ALA DC 30 -66.19 -16.18 -20.78
C ALA DC 30 -66.95 -15.10 -21.53
N THR DC 31 -66.28 -14.31 -22.38
CA THR DC 31 -66.92 -13.21 -23.09
C THR DC 31 -67.46 -13.61 -24.45
N ILE DC 32 -67.25 -14.84 -24.89
CA ILE DC 32 -67.66 -15.25 -26.22
C ILE DC 32 -68.60 -16.45 -26.06
N TYR DC 33 -69.69 -16.42 -26.81
CA TYR DC 33 -70.79 -17.38 -26.67
C TYR DC 33 -71.05 -18.03 -28.03
N TRP DC 34 -71.36 -19.32 -28.02
CA TRP DC 34 -71.41 -20.14 -29.21
C TRP DC 34 -72.79 -20.75 -29.41
N TRP DC 35 -73.34 -20.54 -30.60
CA TRP DC 35 -74.49 -21.24 -31.15
C TRP DC 35 -74.02 -22.14 -32.30
N GLU DC 36 -74.76 -23.22 -32.54
CA GLU DC 36 -74.36 -24.25 -33.50
C GLU DC 36 -75.56 -24.78 -34.27
N ASP DC 37 -75.44 -24.80 -35.58
CA ASP DC 37 -76.40 -25.44 -36.49
C ASP DC 37 -75.99 -26.89 -36.68
N GLN DC 38 -76.81 -27.80 -36.14
CA GLN DC 38 -76.52 -29.22 -36.04
C GLN DC 38 -77.22 -30.04 -37.11
N SER DC 39 -77.61 -29.40 -38.22
CA SER DC 39 -78.36 -30.05 -39.27
C SER DC 39 -77.48 -30.71 -40.32
N GLN DC 40 -76.17 -30.61 -40.19
CA GLN DC 40 -75.25 -31.11 -41.21
C GLN DC 40 -75.00 -32.59 -40.98
N ALA DC 41 -74.09 -33.18 -41.78
CA ALA DC 41 -73.92 -34.63 -41.81
C ALA DC 41 -73.41 -35.17 -40.47
N SER DC 42 -72.22 -34.76 -40.07
CA SER DC 42 -71.64 -35.17 -38.80
C SER DC 42 -71.12 -33.93 -38.08
N PRO DC 43 -70.88 -34.01 -36.77
CA PRO DC 43 -70.61 -32.77 -36.00
C PRO DC 43 -69.41 -31.98 -36.47
N ALA DC 44 -68.48 -32.58 -37.22
CA ALA DC 44 -67.34 -31.82 -37.72
C ALA DC 44 -67.74 -30.77 -38.73
N GLY DC 45 -68.89 -30.92 -39.38
CA GLY DC 45 -69.40 -29.98 -40.36
C GLY DC 45 -70.53 -29.09 -39.88
N TYR DC 46 -70.80 -29.07 -38.57
CA TYR DC 46 -71.84 -28.22 -38.01
C TYR DC 46 -71.48 -26.75 -38.18
N TRP DC 47 -72.46 -25.93 -38.57
CA TRP DC 47 -72.15 -24.52 -38.75
C TRP DC 47 -72.19 -23.80 -37.40
N ARG DC 48 -71.34 -22.81 -37.24
CA ARG DC 48 -71.18 -22.20 -35.92
C ARG DC 48 -71.29 -20.69 -36.01
N LEU DC 49 -71.75 -20.11 -34.91
CA LEU DC 49 -71.95 -18.66 -34.80
C LEU DC 49 -71.49 -18.25 -33.41
N SER DC 50 -70.56 -17.31 -33.34
CA SER DC 50 -70.00 -16.86 -32.07
C SER DC 50 -70.22 -15.37 -31.91
N MET DC 51 -70.69 -14.94 -30.75
CA MET DC 51 -70.85 -13.53 -30.43
C MET DC 51 -70.10 -13.21 -29.15
N GLN DC 52 -69.32 -12.13 -29.18
CA GLN DC 52 -68.42 -11.78 -28.08
C GLN DC 52 -68.57 -10.30 -27.72
N LEU DC 53 -68.70 -10.03 -26.42
CA LEU DC 53 -68.84 -8.68 -25.89
C LEU DC 53 -67.77 -8.46 -24.83
N VAL DC 54 -66.79 -7.63 -25.13
CA VAL DC 54 -65.68 -7.35 -24.23
C VAL DC 54 -65.87 -5.93 -23.70
N ARG DC 55 -66.35 -5.85 -22.45
CA ARG DC 55 -66.46 -4.62 -21.68
C ARG DC 55 -65.16 -4.35 -20.95
N PRO DC 56 -64.74 -3.10 -20.89
CA PRO DC 56 -63.60 -2.77 -20.03
C PRO DC 56 -64.00 -2.80 -18.56
N ALA DC 57 -62.99 -2.93 -17.69
CA ALA DC 57 -63.27 -3.09 -16.26
C ALA DC 57 -63.86 -1.81 -15.67
N PRO DC 58 -64.81 -1.91 -14.75
CA PRO DC 58 -65.43 -0.68 -14.20
C PRO DC 58 -64.44 0.21 -13.47
N ALA DC 59 -64.38 1.47 -13.88
CA ALA DC 59 -63.49 2.43 -13.27
C ALA DC 59 -64.02 3.85 -13.45
N THR DC 65 -57.94 6.89 -19.79
CA THR DC 65 -59.31 6.47 -19.47
C THR DC 65 -60.33 7.00 -20.48
N ASN DC 66 -59.90 7.87 -21.39
CA ASN DC 66 -60.69 8.18 -22.58
C ASN DC 66 -60.31 7.29 -23.75
N GLN DC 67 -59.48 6.28 -23.51
CA GLN DC 67 -59.14 5.25 -24.49
C GLN DC 67 -59.73 3.91 -24.05
N ARG DC 68 -60.93 3.92 -23.49
CA ARG DC 68 -61.61 2.72 -23.02
C ARG DC 68 -62.64 2.37 -24.05
N MET DC 69 -62.53 1.20 -24.65
CA MET DC 69 -63.38 0.87 -25.78
C MET DC 69 -64.00 -0.50 -25.57
N ILE DC 70 -65.29 -0.58 -25.85
CA ILE DC 70 -66.04 -1.83 -25.82
C ILE DC 70 -65.91 -2.50 -27.18
N ARG DC 71 -65.63 -3.78 -27.19
CA ARG DC 71 -65.53 -4.51 -28.46
C ARG DC 71 -66.63 -5.55 -28.58
N VAL DC 72 -67.10 -5.75 -29.81
CA VAL DC 72 -68.13 -6.76 -30.10
C VAL DC 72 -67.70 -7.50 -31.35
N ARG DC 73 -67.61 -8.82 -31.28
CA ARG DC 73 -67.18 -9.64 -32.41
C ARG DC 73 -68.25 -10.68 -32.71
N VAL DC 74 -68.73 -10.68 -33.95
CA VAL DC 74 -69.67 -11.68 -34.44
C VAL DC 74 -68.97 -12.46 -35.54
N SER DC 75 -68.96 -13.79 -35.41
CA SER DC 75 -68.21 -14.64 -36.32
C SER DC 75 -69.08 -15.82 -36.75
N THR DC 76 -69.09 -16.11 -38.06
CA THR DC 76 -69.86 -17.23 -38.61
C THR DC 76 -68.93 -18.15 -39.38
N PHE DC 77 -69.01 -19.45 -39.07
CA PHE DC 77 -68.23 -20.47 -39.73
C PHE DC 77 -69.18 -21.46 -40.39
N GLU DC 78 -68.95 -21.74 -41.67
CA GLU DC 78 -69.79 -22.67 -42.45
C GLU DC 78 -68.95 -23.74 -43.12
N PRO DC 79 -68.40 -24.67 -42.35
CA PRO DC 79 -67.55 -25.70 -42.95
C PRO DC 79 -68.34 -26.61 -43.89
N ILE DC 80 -67.67 -27.07 -44.95
CA ILE DC 80 -68.27 -27.94 -45.96
C ILE DC 80 -67.55 -29.29 -45.90
N LEU DC 81 -68.30 -30.34 -45.59
CA LEU DC 81 -67.72 -31.66 -45.46
C LEU DC 81 -67.51 -32.30 -46.83
N GLU DC 82 -66.57 -33.23 -46.89
CA GLU DC 82 -66.37 -34.03 -48.09
C GLU DC 82 -67.47 -35.08 -48.19
N VAL DC 83 -67.88 -35.37 -49.43
CA VAL DC 83 -68.97 -36.32 -49.66
C VAL DC 83 -68.51 -37.74 -49.35
N ALA DC 84 -69.46 -38.58 -48.94
CA ALA DC 84 -69.15 -39.98 -48.63
C ALA DC 84 -68.44 -40.64 -49.80
N VAL DC 85 -67.44 -41.47 -49.48
CA VAL DC 85 -66.61 -42.10 -50.50
C VAL DC 85 -67.27 -43.37 -51.02
N THR DC 86 -67.10 -43.63 -52.31
CA THR DC 86 -67.60 -44.86 -52.92
C THR DC 86 -66.54 -45.94 -52.97
N ALA DC 87 -65.27 -45.57 -52.87
CA ALA DC 87 -64.19 -46.54 -52.94
C ALA DC 87 -62.91 -45.89 -52.43
N THR DC 88 -62.16 -46.63 -51.62
CA THR DC 88 -60.85 -46.19 -51.17
C THR DC 88 -59.85 -47.30 -51.42
N TYR DC 89 -58.57 -47.03 -51.13
CA TYR DC 89 -57.54 -48.01 -51.45
C TYR DC 89 -57.66 -49.25 -50.60
N SER DC 90 -58.11 -49.09 -49.35
CA SER DC 90 -58.17 -50.18 -48.40
C SER DC 90 -59.57 -50.76 -48.25
N GLY DC 91 -60.60 -50.06 -48.71
CA GLY DC 91 -61.96 -50.54 -48.55
C GLY DC 91 -62.67 -50.06 -47.31
N ILE DC 92 -61.99 -49.32 -46.43
CA ILE DC 92 -62.60 -48.74 -45.24
C ILE DC 92 -62.78 -47.25 -45.49
N ALA DC 93 -64.01 -46.77 -45.28
CA ALA DC 93 -64.30 -45.37 -45.55
C ALA DC 93 -63.62 -44.48 -44.53
N PRO DC 94 -63.04 -43.35 -44.95
CA PRO DC 94 -62.34 -42.47 -44.02
C PRO DC 94 -63.33 -41.72 -43.12
N SER DC 95 -62.79 -41.25 -41.99
CA SER DC 95 -63.58 -40.45 -41.07
C SER DC 95 -64.08 -39.19 -41.76
N PRO DC 96 -65.23 -38.65 -41.33
CA PRO DC 96 -65.72 -37.41 -41.94
C PRO DC 96 -64.69 -36.31 -41.81
N THR DC 97 -64.33 -35.71 -42.94
CA THR DC 97 -63.29 -34.70 -43.00
C THR DC 97 -63.85 -33.42 -43.59
N VAL DC 98 -63.26 -32.30 -43.20
CA VAL DC 98 -63.70 -30.99 -43.64
C VAL DC 98 -62.94 -30.63 -44.90
N SER DC 99 -63.67 -30.30 -45.97
CA SER DC 99 -63.03 -29.96 -47.24
C SER DC 99 -62.47 -28.54 -47.24
N TYR DC 100 -63.28 -27.57 -46.87
CA TYR DC 100 -62.85 -26.17 -46.80
C TYR DC 100 -63.85 -25.42 -45.94
N VAL DC 101 -63.44 -24.24 -45.46
CA VAL DC 101 -64.31 -23.50 -44.55
C VAL DC 101 -64.41 -22.03 -44.94
N PRO DC 102 -65.49 -21.61 -45.59
CA PRO DC 102 -65.77 -20.18 -45.70
C PRO DC 102 -66.23 -19.62 -44.37
N LYS DC 103 -65.72 -18.44 -44.03
CA LYS DC 103 -66.05 -17.88 -42.72
C LYS DC 103 -66.05 -16.37 -42.79
N ALA DC 104 -66.61 -15.75 -41.75
CA ALA DC 104 -66.71 -14.30 -41.67
C ALA DC 104 -66.54 -13.84 -40.23
N PHE DC 105 -65.88 -12.70 -40.07
CA PHE DC 105 -65.52 -12.15 -38.76
C PHE DC 105 -65.79 -10.65 -38.81
N THR DC 106 -66.67 -10.16 -37.93
CA THR DC 106 -66.99 -8.73 -37.85
C THR DC 106 -66.71 -8.23 -36.44
N GLU DC 107 -66.03 -7.09 -36.34
CA GLU DC 107 -65.66 -6.51 -35.05
C GLU DC 107 -66.09 -5.05 -35.02
N PHE DC 108 -66.87 -4.71 -34.00
CA PHE DC 108 -67.25 -3.34 -33.70
C PHE DC 108 -66.36 -2.84 -32.57
N VAL DC 109 -65.77 -1.67 -32.77
CA VAL DC 109 -65.03 -0.95 -31.75
C VAL DC 109 -65.87 0.26 -31.37
N LEU DC 110 -66.36 0.27 -30.13
CA LEU DC 110 -67.33 1.25 -29.67
C LEU DC 110 -66.75 1.96 -28.46
N PRO DC 111 -66.24 3.19 -28.60
CA PRO DC 111 -65.71 3.90 -27.44
C PRO DC 111 -66.77 4.06 -26.36
N GLU DC 112 -66.30 4.05 -25.10
CA GLU DC 112 -67.22 4.10 -23.97
C GLU DC 112 -67.99 5.42 -23.92
N ARG DC 113 -67.44 6.48 -24.51
CA ARG DC 113 -68.15 7.75 -24.60
C ARG DC 113 -69.23 7.75 -25.68
N ALA DC 114 -69.33 6.72 -26.50
CA ALA DC 114 -70.22 6.75 -27.65
C ALA DC 114 -71.66 6.53 -27.22
N THR DC 115 -72.56 7.33 -27.78
CA THR DC 115 -73.96 7.30 -27.37
C THR DC 115 -74.71 6.20 -28.10
N LEU DC 116 -75.87 5.85 -27.53
CA LEU DC 116 -76.73 4.84 -28.13
C LEU DC 116 -77.02 5.14 -29.58
N ASP DC 117 -77.18 6.42 -29.92
CA ASP DC 117 -77.41 6.78 -31.32
C ASP DC 117 -76.21 6.40 -32.18
N ASN DC 118 -75.00 6.67 -31.70
CA ASN DC 118 -73.79 6.30 -32.43
C ASN DC 118 -73.72 4.79 -32.66
N ARG DC 119 -74.06 4.01 -31.62
CA ARG DC 119 -73.99 2.56 -31.74
C ARG DC 119 -75.02 2.04 -32.74
N LYS DC 120 -76.25 2.57 -32.67
CA LYS DC 120 -77.28 2.17 -33.64
C LYS DC 120 -76.85 2.53 -35.06
N ASP DC 121 -76.24 3.71 -35.22
CA ASP DC 121 -75.75 4.15 -36.53
C ASP DC 121 -74.72 3.17 -37.07
N ILE DC 122 -73.68 2.88 -36.29
CA ILE DC 122 -72.59 2.06 -36.80
C ILE DC 122 -73.08 0.65 -37.11
N ARG DC 123 -73.93 0.08 -36.24
CA ARG DC 123 -74.45 -1.26 -36.50
C ARG DC 123 -75.29 -1.29 -37.78
N LYS DC 124 -76.33 -0.45 -37.86
CA LYS DC 124 -77.20 -0.46 -39.03
C LYS DC 124 -76.41 -0.20 -40.31
N MET DC 125 -75.49 0.76 -40.27
CA MET DC 125 -74.83 1.20 -41.48
C MET DC 125 -73.81 0.19 -41.96
N HIS DC 126 -73.09 -0.46 -41.05
CA HIS DC 126 -72.16 -1.51 -41.46
C HIS DC 126 -72.92 -2.72 -42.02
N ALA DC 127 -73.96 -3.16 -41.30
CA ALA DC 127 -74.76 -4.28 -41.79
C ALA DC 127 -75.29 -3.99 -43.19
N LEU DC 128 -75.72 -2.75 -43.43
CA LEU DC 128 -76.15 -2.38 -44.78
C LEU DC 128 -74.97 -2.39 -45.75
N ALA DC 129 -73.79 -1.91 -45.31
CA ALA DC 129 -72.63 -1.88 -46.18
C ALA DC 129 -72.23 -3.26 -46.66
N LEU DC 130 -72.61 -4.31 -45.91
CA LEU DC 130 -72.37 -5.67 -46.37
C LEU DC 130 -73.36 -6.13 -47.43
N THR DC 131 -74.42 -5.36 -47.71
CA THR DC 131 -75.43 -5.77 -48.69
C THR DC 131 -75.50 -4.86 -49.90
N THR DC 132 -74.56 -3.93 -50.03
CA THR DC 132 -74.52 -3.05 -51.20
C THR DC 132 -74.22 -3.86 -52.46
N SER DC 133 -74.54 -3.27 -53.62
CA SER DC 133 -74.25 -3.95 -54.88
C SER DC 133 -72.76 -4.20 -55.03
N GLU DC 134 -71.94 -3.25 -54.56
CA GLU DC 134 -70.50 -3.43 -54.60
C GLU DC 134 -70.04 -4.57 -53.70
N ALA DC 135 -70.59 -4.65 -52.47
CA ALA DC 135 -70.24 -5.74 -51.57
C ALA DC 135 -70.65 -7.09 -52.16
N ILE DC 136 -71.81 -7.15 -52.80
CA ILE DC 136 -72.26 -8.40 -53.38
C ILE DC 136 -71.38 -8.79 -54.56
N ALA DC 137 -70.97 -7.81 -55.37
CA ALA DC 137 -70.08 -8.09 -56.48
C ALA DC 137 -68.73 -8.59 -56.00
N MET DC 138 -68.24 -8.04 -54.88
CA MET DC 138 -66.91 -8.44 -54.38
C MET DC 138 -66.95 -9.81 -53.72
N ILE DC 139 -67.95 -10.08 -52.89
CA ILE DC 139 -67.96 -11.33 -52.12
C ILE DC 139 -68.50 -12.49 -52.96
N GLU DC 140 -69.52 -12.27 -53.78
CA GLU DC 140 -70.13 -13.37 -54.51
C GLU DC 140 -69.50 -13.56 -55.89
N SER DC 141 -69.31 -12.48 -56.64
CA SER DC 141 -68.79 -12.56 -57.99
C SER DC 141 -67.29 -12.30 -58.06
N LEU DC 142 -66.69 -11.86 -56.96
CA LEU DC 142 -65.23 -11.70 -56.88
C LEU DC 142 -64.74 -10.66 -57.88
N GLN DC 143 -65.34 -9.47 -57.83
CA GLN DC 143 -65.00 -8.37 -58.72
C GLN DC 143 -64.65 -7.15 -57.90
N PHE DC 144 -63.60 -6.44 -58.31
CA PHE DC 144 -63.20 -5.21 -57.66
C PHE DC 144 -63.88 -4.03 -58.35
N VAL DC 145 -63.75 -2.84 -57.75
CA VAL DC 145 -64.30 -1.62 -58.32
C VAL DC 145 -63.19 -0.85 -59.02
N TYR DC 146 -63.50 -0.30 -60.19
CA TYR DC 146 -62.50 0.32 -61.05
C TYR DC 146 -62.90 1.74 -61.45
N PRO EC 1 -80.92 -18.14 -7.19
CA PRO EC 1 -81.89 -17.33 -7.95
C PRO EC 1 -81.40 -17.05 -9.36
N GLN EC 2 -82.33 -16.76 -10.26
CA GLN EC 2 -81.95 -16.46 -11.63
C GLN EC 2 -81.48 -15.01 -11.76
N ALA EC 3 -80.77 -14.74 -12.83
CA ALA EC 3 -80.37 -13.36 -13.12
C ALA EC 3 -81.59 -12.57 -13.51
N ALA EC 4 -81.90 -11.53 -12.74
CA ALA EC 4 -83.04 -10.67 -13.00
C ALA EC 4 -82.65 -9.22 -12.76
N ASP EC 5 -83.51 -8.32 -13.25
CA ASP EC 5 -83.31 -6.90 -12.98
C ASP EC 5 -83.31 -6.66 -11.47
N ILE EC 6 -82.49 -5.70 -11.04
CA ILE EC 6 -82.43 -5.27 -9.65
C ILE EC 6 -82.80 -3.80 -9.62
N VAL EC 7 -83.84 -3.44 -8.87
CA VAL EC 7 -84.33 -2.07 -8.88
C VAL EC 7 -84.05 -1.43 -7.53
N ILE EC 8 -83.35 -0.29 -7.56
CA ILE EC 8 -82.91 0.41 -6.36
C ILE EC 8 -83.30 1.88 -6.46
N ALA EC 9 -83.80 2.43 -5.36
CA ALA EC 9 -84.34 3.78 -5.35
C ALA EC 9 -83.26 4.84 -5.22
N ASP EC 10 -83.47 5.96 -5.91
CA ASP EC 10 -82.59 7.12 -5.80
C ASP EC 10 -82.77 7.80 -4.45
N ALA EC 11 -81.88 8.75 -4.15
CA ALA EC 11 -82.01 9.58 -2.97
C ALA EC 11 -82.46 11.00 -3.30
N GLN EC 12 -83.17 11.18 -4.41
CA GLN EC 12 -83.67 12.50 -4.76
C GLN EC 12 -84.87 12.87 -3.89
N ALA EC 13 -85.28 14.15 -4.00
CA ALA EC 13 -86.47 14.61 -3.31
C ALA EC 13 -87.66 13.71 -3.60
N THR EC 14 -87.94 13.52 -4.89
CA THR EC 14 -88.85 12.46 -5.32
C THR EC 14 -87.99 11.32 -5.85
N PRO EC 15 -87.82 10.24 -5.10
CA PRO EC 15 -86.89 9.18 -5.51
C PRO EC 15 -87.22 8.63 -6.88
N VAL EC 16 -86.16 8.30 -7.63
CA VAL EC 16 -86.25 7.74 -8.97
C VAL EC 16 -85.71 6.32 -8.94
N ASN EC 17 -86.48 5.38 -9.48
CA ASN EC 17 -86.05 3.98 -9.50
C ASN EC 17 -84.99 3.79 -10.60
N HIS EC 18 -83.83 3.31 -10.21
CA HIS EC 18 -82.79 2.90 -11.15
C HIS EC 18 -82.87 1.38 -11.32
N THR EC 19 -82.97 0.93 -12.57
CA THR EC 19 -83.10 -0.49 -12.87
C THR EC 19 -81.77 -1.01 -13.41
N PHE EC 20 -81.15 -1.93 -12.67
CA PHE EC 20 -79.89 -2.56 -13.04
C PHE EC 20 -80.20 -3.87 -13.76
N VAL EC 21 -80.03 -3.85 -15.08
CA VAL EC 21 -80.24 -5.01 -15.95
C VAL EC 21 -79.01 -5.89 -15.83
N PRO EC 22 -79.14 -7.22 -15.73
CA PRO EC 22 -77.95 -8.06 -15.66
C PRO EC 22 -77.13 -8.02 -16.95
N ILE EC 23 -75.85 -7.67 -16.83
CA ILE EC 23 -74.91 -7.76 -17.95
C ILE EC 23 -74.40 -9.18 -18.08
N GLY EC 24 -74.13 -9.84 -16.96
CA GLY EC 24 -73.67 -11.21 -17.03
C GLY EC 24 -72.52 -11.44 -16.08
N PRO EC 25 -71.94 -12.63 -16.16
CA PRO EC 25 -70.80 -12.93 -15.30
C PRO EC 25 -69.57 -12.16 -15.74
N ASP EC 26 -68.67 -12.00 -14.78
CA ASP EC 26 -67.44 -11.28 -15.03
C ASP EC 26 -66.59 -12.04 -16.05
N PRO EC 27 -65.87 -11.35 -16.94
CA PRO EC 27 -65.07 -12.05 -17.95
C PRO EC 27 -63.99 -12.94 -17.38
N LYS EC 28 -63.35 -12.49 -16.31
CA LYS EC 28 -62.14 -13.13 -15.80
C LYS EC 28 -62.38 -13.94 -14.53
N ASP EC 29 -63.45 -13.66 -13.80
CA ASP EC 29 -63.81 -14.39 -12.58
C ASP EC 29 -65.23 -14.90 -12.70
N ALA EC 30 -65.40 -16.21 -12.59
CA ALA EC 30 -66.69 -16.86 -12.72
C ALA EC 30 -67.52 -16.77 -11.44
N THR EC 31 -67.00 -16.10 -10.41
CA THR EC 31 -67.70 -16.02 -9.12
C THR EC 31 -68.30 -14.65 -8.86
N ILE EC 32 -68.23 -13.73 -9.81
CA ILE EC 32 -68.75 -12.39 -9.63
C ILE EC 32 -69.61 -12.06 -10.84
N TYR EC 33 -70.82 -11.51 -10.58
CA TYR EC 33 -71.84 -11.26 -11.58
C TYR EC 33 -72.17 -9.77 -11.58
N TRP EC 34 -72.59 -9.26 -12.76
CA TRP EC 34 -72.66 -7.83 -13.04
C TRP EC 34 -74.03 -7.43 -13.58
N TRP EC 35 -74.64 -6.45 -12.91
CA TRP EC 35 -75.80 -5.70 -13.35
C TRP EC 35 -75.40 -4.25 -13.63
N GLU EC 36 -76.17 -3.57 -14.48
CA GLU EC 36 -75.83 -2.23 -14.95
C GLU EC 36 -77.09 -1.38 -15.14
N ASP EC 37 -77.03 -0.15 -14.65
CA ASP EC 37 -78.03 0.89 -14.85
C ASP EC 37 -77.58 1.73 -16.05
N GLN EC 38 -78.27 1.52 -17.17
CA GLN EC 38 -77.93 2.04 -18.48
C GLN EC 38 -78.73 3.28 -18.84
N SER EC 39 -79.25 3.99 -17.84
CA SER EC 39 -80.10 5.14 -18.07
C SER EC 39 -79.30 6.42 -18.31
N GLN EC 40 -78.01 6.39 -18.02
CA GLN EC 40 -77.17 7.58 -18.02
C GLN EC 40 -76.89 8.01 -19.47
N ALA EC 41 -76.10 9.07 -19.63
CA ALA EC 41 -76.00 9.75 -20.93
C ALA EC 41 -75.17 8.95 -21.94
N SER EC 42 -74.08 8.35 -21.50
CA SER EC 42 -73.26 7.45 -22.31
C SER EC 42 -72.76 6.36 -21.38
N PRO EC 43 -72.31 5.22 -21.95
CA PRO EC 43 -71.89 4.12 -21.06
C PRO EC 43 -70.83 4.51 -20.03
N ALA EC 44 -70.00 5.51 -20.33
CA ALA EC 44 -69.00 5.98 -19.38
C ALA EC 44 -69.62 6.36 -18.04
N GLY EC 45 -70.87 6.83 -18.07
CA GLY EC 45 -71.60 7.22 -16.88
C GLY EC 45 -72.60 6.22 -16.36
N TYR EC 46 -72.70 5.03 -16.95
CA TYR EC 46 -73.63 4.02 -16.44
C TYR EC 46 -73.24 3.59 -15.04
N TRP EC 47 -74.22 3.21 -14.23
CA TRP EC 47 -73.93 2.77 -12.86
C TRP EC 47 -73.91 1.25 -12.79
N ARG EC 48 -72.98 0.70 -12.03
CA ARG EC 48 -72.77 -0.74 -12.06
C ARG EC 48 -72.89 -1.33 -10.66
N LEU EC 49 -73.38 -2.57 -10.62
CA LEU EC 49 -73.53 -3.32 -9.39
C LEU EC 49 -72.98 -4.73 -9.61
N SER EC 50 -72.18 -5.21 -8.66
CA SER EC 50 -71.51 -6.51 -8.80
C SER EC 50 -71.68 -7.30 -7.51
N MET EC 51 -72.00 -8.58 -7.64
CA MET EC 51 -72.14 -9.46 -6.48
C MET EC 51 -71.28 -10.70 -6.67
N GLN EC 52 -70.54 -11.08 -5.62
CA GLN EC 52 -69.56 -12.15 -5.70
C GLN EC 52 -69.70 -13.09 -4.51
N LEU EC 53 -69.77 -14.38 -4.80
CA LEU EC 53 -69.81 -15.43 -3.78
C LEU EC 53 -68.63 -16.35 -4.00
N VAL EC 54 -67.75 -16.43 -3.00
CA VAL EC 54 -66.56 -17.27 -3.05
C VAL EC 54 -66.72 -18.33 -1.96
N ARG EC 55 -66.97 -19.55 -2.38
CA ARG EC 55 -67.13 -20.79 -1.64
C ARG EC 55 -65.80 -21.52 -1.57
N PRO EC 56 -65.52 -22.22 -0.48
CA PRO EC 56 -64.30 -23.04 -0.41
C PRO EC 56 -64.49 -24.37 -1.11
N ALA EC 57 -63.36 -25.02 -1.37
CA ALA EC 57 -63.39 -26.34 -2.01
C ALA EC 57 -64.11 -27.32 -1.10
N PRO EC 58 -64.80 -28.32 -1.66
CA PRO EC 58 -65.65 -29.18 -0.84
C PRO EC 58 -64.85 -29.89 0.24
N ALA EC 59 -65.52 -30.14 1.36
CA ALA EC 59 -64.83 -30.70 2.53
C ALA EC 59 -64.44 -32.14 2.27
N LYS EC 60 -63.28 -32.53 2.79
CA LYS EC 60 -62.81 -33.89 2.68
C LYS EC 60 -63.21 -34.71 3.90
N ALA EC 61 -63.28 -36.02 3.73
CA ALA EC 61 -63.72 -36.90 4.80
C ALA EC 61 -62.74 -36.83 5.97
N GLY EC 62 -63.26 -36.57 7.17
CA GLY EC 62 -62.43 -36.43 8.33
C GLY EC 62 -61.68 -35.11 8.45
N GLN EC 63 -61.75 -34.24 7.45
CA GLN EC 63 -61.07 -32.96 7.51
C GLN EC 63 -61.75 -32.04 8.53
N ASN EC 64 -60.93 -31.23 9.20
CA ASN EC 64 -61.42 -30.28 10.19
C ASN EC 64 -61.82 -28.99 9.49
N THR EC 65 -63.07 -28.56 9.67
CA THR EC 65 -63.64 -27.48 8.88
C THR EC 65 -63.66 -26.14 9.61
N ASN EC 66 -63.06 -26.04 10.80
CA ASN EC 66 -63.27 -24.80 11.54
C ASN EC 66 -62.47 -23.69 11.03
N GLN EC 67 -61.76 -23.84 9.91
CA GLN EC 67 -61.05 -22.72 9.33
C GLN EC 67 -61.56 -22.33 7.93
N ARG EC 68 -62.46 -23.10 7.34
CA ARG EC 68 -62.94 -22.78 6.00
C ARG EC 68 -63.97 -21.67 6.09
N MET EC 69 -63.96 -20.77 5.10
CA MET EC 69 -64.81 -19.57 5.16
C MET EC 69 -65.34 -19.22 3.79
N ILE EC 70 -66.51 -18.57 3.79
CA ILE EC 70 -67.22 -18.14 2.59
C ILE EC 70 -67.21 -16.62 2.58
N ARG EC 71 -66.96 -16.04 1.41
CA ARG EC 71 -66.92 -14.59 1.29
C ARG EC 71 -67.99 -14.11 0.30
N VAL EC 72 -68.63 -12.99 0.63
CA VAL EC 72 -69.61 -12.36 -0.24
C VAL EC 72 -69.21 -10.90 -0.39
N ARG EC 73 -69.14 -10.42 -1.63
CA ARG EC 73 -68.75 -9.04 -1.90
C ARG EC 73 -69.79 -8.40 -2.80
N VAL EC 74 -70.35 -7.28 -2.33
CA VAL EC 74 -71.27 -6.46 -3.11
C VAL EC 74 -70.57 -5.14 -3.39
N SER EC 75 -70.70 -4.65 -4.62
CA SER EC 75 -69.96 -3.46 -5.02
C SER EC 75 -70.83 -2.60 -5.92
N THR EC 76 -70.88 -1.30 -5.65
CA THR EC 76 -71.66 -0.37 -6.46
C THR EC 76 -70.77 0.77 -6.92
N PHE EC 77 -70.85 1.10 -8.20
CA PHE EC 77 -70.08 2.15 -8.83
C PHE EC 77 -71.02 3.15 -9.47
N GLU EC 78 -70.90 4.42 -9.11
CA GLU EC 78 -71.78 5.48 -9.60
C GLU EC 78 -70.98 6.63 -10.19
N PRO EC 79 -70.37 6.43 -11.36
CA PRO EC 79 -69.61 7.52 -11.97
C PRO EC 79 -70.50 8.71 -12.33
N ILE EC 80 -69.94 9.90 -12.17
CA ILE EC 80 -70.61 11.16 -12.47
C ILE EC 80 -69.92 11.79 -13.67
N LEU EC 81 -70.71 12.27 -14.62
CA LEU EC 81 -70.16 12.84 -15.84
C LEU EC 81 -70.03 14.37 -15.73
N GLU EC 82 -69.29 14.93 -16.68
CA GLU EC 82 -69.15 16.36 -16.87
C GLU EC 82 -69.07 16.63 -18.38
N VAL EC 83 -69.45 17.84 -18.77
CA VAL EC 83 -69.47 18.24 -20.17
C VAL EC 83 -68.74 19.57 -20.32
N ALA EC 84 -68.08 19.74 -21.47
CA ALA EC 84 -67.32 20.96 -21.73
C ALA EC 84 -68.18 22.12 -22.20
N VAL EC 85 -69.34 21.84 -22.80
CA VAL EC 85 -70.25 22.87 -23.30
C VAL EC 85 -71.66 22.29 -23.33
N THR EC 86 -72.66 23.15 -23.09
CA THR EC 86 -74.00 22.67 -22.81
C THR EC 86 -74.97 22.75 -24.00
N ALA EC 87 -74.53 23.26 -25.15
CA ALA EC 87 -75.41 23.37 -26.31
C ALA EC 87 -74.87 22.51 -27.45
N THR EC 88 -75.60 22.53 -28.55
CA THR EC 88 -75.21 21.81 -29.76
C THR EC 88 -75.05 22.81 -30.90
N TYR EC 89 -73.94 22.69 -31.62
CA TYR EC 89 -73.60 23.58 -32.73
C TYR EC 89 -73.53 22.76 -34.01
N SER EC 90 -74.28 23.17 -35.03
CA SER EC 90 -74.17 22.58 -36.37
C SER EC 90 -74.24 21.05 -36.30
N GLY EC 91 -75.15 20.55 -35.47
CA GLY EC 91 -75.36 19.13 -35.32
C GLY EC 91 -74.34 18.40 -34.48
N ILE EC 92 -73.39 19.10 -33.86
CA ILE EC 92 -72.37 18.46 -33.04
C ILE EC 92 -72.85 18.51 -31.60
N ALA EC 93 -73.13 17.34 -31.02
CA ALA EC 93 -73.59 17.45 -29.65
C ALA EC 93 -72.43 17.39 -28.66
N PRO EC 94 -72.64 17.93 -27.47
CA PRO EC 94 -71.63 17.78 -26.42
C PRO EC 94 -71.48 16.33 -26.01
N SER EC 95 -70.24 15.89 -25.86
CA SER EC 95 -69.94 14.51 -25.50
C SER EC 95 -69.35 14.51 -24.10
N PRO EC 96 -70.04 13.96 -23.11
CA PRO EC 96 -69.55 14.02 -21.73
C PRO EC 96 -68.45 13.03 -21.46
N THR EC 97 -67.60 13.38 -20.48
CA THR EC 97 -66.57 12.48 -19.95
C THR EC 97 -66.82 12.25 -18.48
N VAL EC 98 -66.13 11.25 -17.94
CA VAL EC 98 -66.27 10.99 -16.52
C VAL EC 98 -65.53 12.05 -15.73
N SER EC 99 -66.15 12.53 -14.65
CA SER EC 99 -65.59 13.56 -13.80
C SER EC 99 -65.01 13.00 -12.52
N TYR EC 100 -65.75 12.11 -11.85
CA TYR EC 100 -65.28 11.43 -10.65
C TYR EC 100 -66.17 10.22 -10.43
N VAL EC 101 -65.68 9.28 -9.62
CA VAL EC 101 -66.46 8.06 -9.40
C VAL EC 101 -66.57 7.76 -7.91
N PRO EC 102 -67.69 8.11 -7.28
CA PRO EC 102 -67.98 7.57 -5.94
C PRO EC 102 -68.37 6.11 -6.04
N LYS EC 103 -67.91 5.32 -5.06
CA LYS EC 103 -68.17 3.89 -5.12
C LYS EC 103 -68.23 3.33 -3.71
N ALA EC 104 -68.75 2.11 -3.61
CA ALA EC 104 -68.88 1.44 -2.32
C ALA EC 104 -68.62 -0.05 -2.49
N PHE EC 105 -67.97 -0.63 -1.48
CA PHE EC 105 -67.53 -2.01 -1.51
C PHE EC 105 -67.84 -2.63 -0.14
N THR EC 106 -68.64 -3.70 -0.11
CA THR EC 106 -68.99 -4.40 1.13
C THR EC 106 -68.58 -5.85 1.01
N GLU EC 107 -67.97 -6.39 2.09
CA GLU EC 107 -67.50 -7.76 2.14
C GLU EC 107 -67.98 -8.41 3.43
N PHE EC 108 -68.72 -9.52 3.28
CA PHE EC 108 -69.09 -10.39 4.37
C PHE EC 108 -68.13 -11.57 4.42
N VAL EC 109 -67.57 -11.82 5.60
CA VAL EC 109 -66.80 -13.02 5.88
C VAL EC 109 -67.66 -13.89 6.77
N LEU EC 110 -68.16 -14.98 6.20
CA LEU EC 110 -69.05 -15.91 6.88
C LEU EC 110 -68.34 -17.24 7.03
N PRO EC 111 -67.87 -17.60 8.23
CA PRO EC 111 -67.24 -18.91 8.40
C PRO EC 111 -68.23 -20.03 8.08
N GLU EC 112 -67.74 -21.06 7.39
CA GLU EC 112 -68.62 -22.11 6.88
C GLU EC 112 -69.41 -22.79 7.98
N ARG EC 113 -68.88 -22.86 9.19
CA ARG EC 113 -69.60 -23.50 10.29
C ARG EC 113 -70.71 -22.63 10.88
N ALA EC 114 -70.97 -21.46 10.32
CA ALA EC 114 -71.91 -20.54 10.97
C ALA EC 114 -73.35 -20.97 10.68
N THR EC 115 -74.25 -20.61 11.59
CA THR EC 115 -75.66 -20.94 11.46
C THR EC 115 -76.36 -19.97 10.52
N LEU EC 116 -77.43 -20.45 9.89
CA LEU EC 116 -78.33 -19.57 9.17
C LEU EC 116 -78.71 -18.36 10.01
N ASP EC 117 -78.90 -18.58 11.31
CA ASP EC 117 -79.22 -17.46 12.20
C ASP EC 117 -78.08 -16.47 12.25
N ASN EC 118 -76.85 -16.96 12.37
CA ASN EC 118 -75.69 -16.05 12.38
C ASN EC 118 -75.61 -15.24 11.11
N ARG EC 119 -75.91 -15.87 9.96
CA ARG EC 119 -75.83 -15.16 8.68
C ARG EC 119 -76.91 -14.11 8.57
N LYS EC 120 -78.15 -14.46 8.96
CA LYS EC 120 -79.22 -13.47 8.96
C LYS EC 120 -78.89 -12.30 9.88
N ASP EC 121 -78.30 -12.61 11.04
CA ASP EC 121 -77.88 -11.58 11.99
C ASP EC 121 -76.89 -10.61 11.36
N ILE EC 122 -75.79 -11.15 10.82
CA ILE EC 122 -74.74 -10.28 10.31
C ILE EC 122 -75.25 -9.46 9.12
N ARG EC 123 -76.03 -10.07 8.23
CA ARG EC 123 -76.57 -9.34 7.08
C ARG EC 123 -77.47 -8.20 7.55
N LYS EC 124 -78.53 -8.52 8.30
CA LYS EC 124 -79.47 -7.49 8.74
C LYS EC 124 -78.78 -6.39 9.52
N MET EC 125 -77.90 -6.78 10.46
CA MET EC 125 -77.35 -5.79 11.37
C MET EC 125 -76.34 -4.88 10.69
N HIS EC 126 -75.56 -5.41 9.74
CA HIS EC 126 -74.66 -4.54 9.00
C HIS EC 126 -75.45 -3.60 8.09
N ALA EC 127 -76.44 -4.13 7.36
CA ALA EC 127 -77.26 -3.26 6.51
C ALA EC 127 -77.89 -2.16 7.33
N LEU EC 128 -78.32 -2.46 8.55
CA LEU EC 128 -78.88 -1.43 9.42
C LEU EC 128 -77.79 -0.47 9.88
N ALA EC 129 -76.60 -0.97 10.19
CA ALA EC 129 -75.51 -0.10 10.64
C ALA EC 129 -75.14 0.92 9.57
N LEU EC 130 -75.42 0.61 8.30
CA LEU EC 130 -75.20 1.59 7.24
C LEU EC 130 -76.25 2.71 7.22
N THR EC 131 -77.34 2.57 7.98
CA THR EC 131 -78.41 3.57 7.97
C THR EC 131 -78.57 4.28 9.31
N THR EC 132 -77.68 4.03 10.26
CA THR EC 132 -77.74 4.72 11.55
C THR EC 132 -77.49 6.21 11.36
N SER EC 133 -77.97 7.00 12.34
CA SER EC 133 -77.78 8.44 12.27
C SER EC 133 -76.30 8.80 12.21
N GLU EC 134 -75.46 8.03 12.92
CA GLU EC 134 -74.02 8.24 12.87
C GLU EC 134 -73.46 7.94 11.47
N ALA EC 135 -73.88 6.83 10.86
CA ALA EC 135 -73.43 6.51 9.51
C ALA EC 135 -73.86 7.59 8.53
N ILE EC 136 -75.07 8.11 8.68
CA ILE EC 136 -75.54 9.15 7.78
C ILE EC 136 -74.73 10.43 7.98
N ALA EC 137 -74.44 10.77 9.25
CA ALA EC 137 -73.64 11.95 9.52
C ALA EC 137 -72.22 11.82 8.97
N MET EC 138 -71.68 10.61 8.95
CA MET EC 138 -70.30 10.43 8.48
C MET EC 138 -70.22 10.38 6.96
N ILE EC 139 -71.16 9.72 6.30
CA ILE EC 139 -71.08 9.55 4.85
C ILE EC 139 -71.66 10.76 4.12
N GLU EC 140 -72.81 11.28 4.58
CA GLU EC 140 -73.46 12.38 3.88
C GLU EC 140 -72.96 13.73 4.37
N SER EC 141 -72.91 13.93 5.68
CA SER EC 141 -72.52 15.19 6.28
C SER EC 141 -71.02 15.32 6.55
N LEU EC 142 -70.28 14.21 6.45
CA LEU EC 142 -68.82 14.25 6.58
C LEU EC 142 -68.39 14.78 7.94
N GLN EC 143 -69.02 14.30 8.99
CA GLN EC 143 -68.71 14.68 10.36
C GLN EC 143 -68.46 13.43 11.19
N PHE EC 144 -67.30 13.39 11.85
CA PHE EC 144 -66.95 12.29 12.73
C PHE EC 144 -67.65 12.45 14.08
N VAL EC 145 -67.50 11.44 14.95
CA VAL EC 145 -68.08 11.46 16.29
C VAL EC 145 -67.03 11.90 17.29
N TYR EC 146 -67.38 12.87 18.13
CA TYR EC 146 -66.43 13.46 19.09
C TYR EC 146 -66.95 13.36 20.53
N PRO FC 1 -79.53 -25.54 -22.93
CA PRO FC 1 -80.53 -25.41 -21.85
C PRO FC 1 -80.03 -24.50 -20.73
N GLN FC 2 -80.81 -23.49 -20.37
CA GLN FC 2 -80.38 -22.62 -19.28
C GLN FC 2 -80.35 -23.40 -17.98
N ALA FC 3 -79.41 -23.03 -17.10
CA ALA FC 3 -79.28 -23.74 -15.84
C ALA FC 3 -80.52 -23.51 -14.98
N ALA FC 4 -81.03 -24.60 -14.39
CA ALA FC 4 -82.16 -24.50 -13.48
C ALA FC 4 -82.04 -25.60 -12.44
N ASP FC 5 -82.91 -25.53 -11.42
CA ASP FC 5 -82.91 -26.52 -10.36
C ASP FC 5 -83.06 -27.93 -10.93
N ILE FC 6 -82.34 -28.88 -10.34
CA ILE FC 6 -82.44 -30.29 -10.73
C ILE FC 6 -83.02 -31.04 -9.53
N VAL FC 7 -84.17 -31.67 -9.71
CA VAL FC 7 -84.85 -32.33 -8.61
C VAL FC 7 -84.78 -33.84 -8.80
N ILE FC 8 -84.23 -34.53 -7.80
CA ILE FC 8 -84.00 -35.97 -7.86
C ILE FC 8 -84.59 -36.61 -6.62
N ALA FC 9 -85.28 -37.73 -6.80
CA ALA FC 9 -85.98 -38.37 -5.70
C ALA FC 9 -85.03 -39.18 -4.82
N ASP FC 10 -85.34 -39.21 -3.52
CA ASP FC 10 -84.60 -40.02 -2.56
C ASP FC 10 -84.91 -41.50 -2.77
N ALA FC 11 -84.29 -42.33 -1.94
CA ALA FC 11 -84.59 -43.77 -1.93
C ALA FC 11 -85.23 -44.21 -0.62
N GLN FC 12 -85.91 -43.30 0.08
CA GLN FC 12 -86.52 -43.64 1.35
C GLN FC 12 -87.82 -44.41 1.14
N ALA FC 13 -88.36 -44.90 2.26
CA ALA FC 13 -89.67 -45.54 2.24
C ALA FC 13 -90.68 -44.70 1.48
N THR FC 14 -90.88 -43.46 1.93
CA THR FC 14 -91.54 -42.46 1.12
C THR FC 14 -90.48 -41.59 0.50
N PRO FC 15 -90.23 -41.68 -0.81
CA PRO FC 15 -89.17 -40.89 -1.42
C PRO FC 15 -89.32 -39.41 -1.12
N VAL FC 16 -88.18 -38.76 -0.86
CA VAL FC 16 -88.11 -37.34 -0.53
C VAL FC 16 -87.34 -36.62 -1.63
N ASN FC 17 -87.95 -35.59 -2.22
CA ASN FC 17 -87.30 -34.88 -3.32
C ASN FC 17 -86.15 -34.02 -2.80
N HIS FC 18 -84.98 -34.18 -3.41
CA HIS FC 18 -83.84 -33.31 -3.16
C HIS FC 18 -83.71 -32.33 -4.33
N THR FC 19 -83.66 -31.05 -4.02
CA THR FC 19 -83.55 -30.01 -5.03
C THR FC 19 -82.12 -29.48 -5.05
N PHE FC 20 -81.45 -29.64 -6.20
CA PHE FC 20 -80.09 -29.18 -6.43
C PHE FC 20 -80.15 -27.84 -7.15
N VAL FC 21 -79.88 -26.76 -6.42
CA VAL FC 21 -79.83 -25.40 -6.96
C VAL FC 21 -78.49 -25.25 -7.67
N PRO FC 22 -78.42 -24.67 -8.87
CA PRO FC 22 -77.12 -24.46 -9.50
C PRO FC 22 -76.25 -23.49 -8.71
N ILE FC 23 -75.01 -23.92 -8.45
CA ILE FC 23 -73.97 -23.02 -7.97
C ILE FC 23 -73.30 -22.30 -9.12
N GLY FC 24 -73.16 -22.98 -10.26
CA GLY FC 24 -72.53 -22.36 -11.40
C GLY FC 24 -71.34 -23.12 -11.90
N PRO FC 25 -70.62 -22.56 -12.86
CA PRO FC 25 -69.46 -23.25 -13.42
C PRO FC 25 -68.28 -23.21 -12.46
N ASP FC 26 -67.51 -24.29 -12.49
CA ASP FC 26 -66.31 -24.36 -11.66
C ASP FC 26 -65.35 -23.24 -12.06
N PRO FC 27 -64.91 -22.40 -11.13
CA PRO FC 27 -63.95 -21.36 -11.50
C PRO FC 27 -62.64 -21.91 -12.03
N LYS FC 28 -62.22 -23.10 -11.57
CA LYS FC 28 -60.97 -23.68 -12.05
C LYS FC 28 -61.12 -24.26 -13.45
N ASP FC 29 -62.28 -24.85 -13.77
CA ASP FC 29 -62.55 -25.46 -15.07
C ASP FC 29 -63.93 -25.03 -15.55
N ALA FC 30 -63.98 -24.31 -16.66
CA ALA FC 30 -65.24 -23.78 -17.17
C ALA FC 30 -66.13 -24.85 -17.81
N THR FC 31 -65.60 -26.03 -18.10
CA THR FC 31 -66.38 -27.08 -18.76
C THR FC 31 -67.15 -27.95 -17.79
N ILE FC 32 -67.19 -27.61 -16.51
CA ILE FC 32 -67.88 -28.42 -15.54
C ILE FC 32 -68.77 -27.50 -14.70
N TYR FC 33 -70.04 -27.87 -14.55
CA TYR FC 33 -71.07 -27.07 -13.90
C TYR FC 33 -71.56 -27.80 -12.65
N TRP FC 34 -71.94 -27.02 -11.64
CA TRP FC 34 -72.22 -27.54 -10.31
C TRP FC 34 -73.59 -27.09 -9.82
N TRP FC 35 -74.37 -28.07 -9.35
CA TRP FC 35 -75.58 -27.89 -8.56
C TRP FC 35 -75.34 -28.43 -7.15
N GLU FC 36 -76.09 -27.91 -6.18
CA GLU FC 36 -75.89 -28.23 -4.78
C GLU FC 36 -77.23 -28.42 -4.07
N ASP FC 37 -77.32 -29.46 -3.26
CA ASP FC 37 -78.49 -29.73 -2.44
C ASP FC 37 -78.24 -29.17 -1.05
N GLN FC 38 -78.96 -28.10 -0.70
CA GLN FC 38 -78.71 -27.37 0.53
C GLN FC 38 -79.56 -27.81 1.70
N SER FC 39 -80.12 -29.03 1.63
CA SER FC 39 -81.04 -29.48 2.67
C SER FC 39 -80.34 -30.17 3.83
N GLN FC 40 -79.02 -30.28 3.79
CA GLN FC 40 -78.28 -31.03 4.80
C GLN FC 40 -78.04 -30.14 6.03
N ALA FC 41 -77.27 -30.67 6.98
CA ALA FC 41 -77.22 -30.07 8.32
C ALA FC 41 -76.36 -28.80 8.34
N SER FC 42 -75.24 -28.79 7.62
CA SER FC 42 -74.41 -27.60 7.50
C SER FC 42 -73.70 -27.69 6.16
N PRO FC 43 -73.14 -26.59 5.65
CA PRO FC 43 -72.69 -26.58 4.25
C PRO FC 43 -71.68 -27.65 3.90
N ALA FC 44 -70.78 -28.00 4.83
CA ALA FC 44 -69.78 -29.02 4.53
C ALA FC 44 -70.42 -30.33 4.06
N GLY FC 45 -71.65 -30.61 4.51
CA GLY FC 45 -72.38 -31.81 4.14
C GLY FC 45 -73.40 -31.67 3.03
N TYR FC 46 -73.45 -30.51 2.35
CA TYR FC 46 -74.38 -30.32 1.24
C TYR FC 46 -74.05 -31.28 0.10
N TRP FC 47 -75.05 -32.00 -0.39
CA TRP FC 47 -74.82 -32.88 -1.52
C TRP FC 47 -74.62 -32.08 -2.80
N ARG FC 48 -73.79 -32.59 -3.70
CA ARG FC 48 -73.47 -31.86 -4.91
C ARG FC 48 -73.58 -32.76 -6.13
N LEU FC 49 -73.80 -32.11 -7.27
CA LEU FC 49 -73.95 -32.78 -8.55
C LEU FC 49 -73.19 -31.95 -9.58
N SER FC 50 -72.43 -32.60 -10.45
CA SER FC 50 -71.58 -31.93 -11.42
C SER FC 50 -71.75 -32.56 -12.80
N MET FC 51 -71.85 -31.72 -13.82
CA MET FC 51 -71.94 -32.19 -15.19
C MET FC 51 -70.91 -31.47 -16.05
N GLN FC 52 -70.16 -32.24 -16.84
CA GLN FC 52 -69.03 -31.74 -17.60
C GLN FC 52 -69.15 -32.16 -19.05
N LEU FC 53 -68.97 -31.20 -19.96
CA LEU FC 53 -68.98 -31.43 -21.40
C LEU FC 53 -67.67 -30.91 -21.97
N VAL FC 54 -66.87 -31.81 -22.52
CA VAL FC 54 -65.58 -31.47 -23.11
C VAL FC 54 -65.67 -31.81 -24.59
N ARG FC 55 -65.88 -30.79 -25.42
CA ARG FC 55 -65.89 -30.82 -26.87
C ARG FC 55 -64.51 -30.45 -27.39
N PRO FC 56 -64.06 -31.12 -28.45
CA PRO FC 56 -62.72 -30.85 -28.96
C PRO FC 56 -62.68 -29.56 -29.77
N ALA FC 57 -61.45 -29.07 -29.95
CA ALA FC 57 -61.26 -27.90 -30.80
C ALA FC 57 -61.81 -28.17 -32.19
N PRO FC 58 -62.36 -27.17 -32.85
CA PRO FC 58 -63.10 -27.41 -34.10
C PRO FC 58 -62.24 -28.08 -35.16
N ALA FC 59 -62.90 -28.94 -35.95
CA ALA FC 59 -62.23 -29.62 -37.04
C ALA FC 59 -61.67 -28.61 -38.03
N LYS FC 60 -60.48 -28.89 -38.55
CA LYS FC 60 -59.82 -28.01 -39.50
C LYS FC 60 -59.88 -28.60 -40.90
N ALA FC 61 -59.69 -27.74 -41.90
CA ALA FC 61 -59.80 -28.16 -43.29
C ALA FC 61 -58.75 -29.22 -43.61
N GLY FC 62 -59.20 -30.34 -44.18
CA GLY FC 62 -58.31 -31.43 -44.51
C GLY FC 62 -57.78 -32.22 -43.33
N GLN FC 63 -58.21 -31.92 -42.11
CA GLN FC 63 -57.74 -32.61 -40.93
C GLN FC 63 -58.40 -33.98 -40.83
N ASN FC 64 -57.77 -34.89 -40.08
CA ASN FC 64 -58.27 -36.23 -39.91
C ASN FC 64 -59.03 -36.35 -38.60
N THR FC 65 -60.27 -36.81 -38.67
CA THR FC 65 -61.18 -36.78 -37.53
C THR FC 65 -61.15 -38.06 -36.68
N ASN FC 66 -60.54 -39.14 -37.18
CA ASN FC 66 -60.84 -40.48 -36.69
C ASN FC 66 -60.43 -40.69 -35.24
N GLN FC 67 -59.79 -39.70 -34.60
CA GLN FC 67 -59.44 -39.82 -33.20
C GLN FC 67 -60.03 -38.74 -32.30
N ARG FC 68 -60.70 -37.73 -32.86
CA ARG FC 68 -61.26 -36.66 -32.04
C ARG FC 68 -62.48 -37.17 -31.31
N MET FC 69 -62.63 -36.81 -30.04
CA MET FC 69 -63.68 -37.37 -29.21
C MET FC 69 -64.22 -36.34 -28.21
N ILE FC 70 -65.50 -36.53 -27.86
CA ILE FC 70 -66.24 -35.69 -26.92
C ILE FC 70 -66.43 -36.49 -25.64
N ARG FC 71 -66.26 -35.84 -24.49
CA ARG FC 71 -66.44 -36.51 -23.22
C ARG FC 71 -67.52 -35.80 -22.40
N VAL FC 72 -68.31 -36.60 -21.68
CA VAL FC 72 -69.32 -36.05 -20.77
C VAL FC 72 -69.21 -36.80 -19.45
N ARG FC 73 -69.06 -36.05 -18.36
CA ARG FC 73 -68.89 -36.65 -17.03
C ARG FC 73 -69.96 -36.11 -16.09
N VAL FC 74 -70.77 -37.02 -15.55
CA VAL FC 74 -71.78 -36.69 -14.55
C VAL FC 74 -71.34 -37.31 -13.23
N SER FC 75 -71.29 -36.50 -12.18
CA SER FC 75 -70.77 -36.94 -10.89
C SER FC 75 -71.72 -36.51 -9.78
N THR FC 76 -71.96 -37.39 -8.82
CA THR FC 76 -72.82 -37.07 -7.68
C THR FC 76 -72.10 -37.42 -6.37
N PHE FC 77 -72.08 -36.46 -5.44
CA PHE FC 77 -71.44 -36.60 -4.15
C PHE FC 77 -72.49 -36.40 -3.06
N GLU FC 78 -72.58 -37.37 -2.15
CA GLU FC 78 -73.56 -37.34 -1.06
C GLU FC 78 -72.86 -37.50 0.29
N PRO FC 79 -72.07 -36.51 0.68
CA PRO FC 79 -71.33 -36.64 1.95
C PRO FC 79 -72.25 -36.73 3.14
N ILE FC 80 -71.89 -37.60 4.08
CA ILE FC 80 -72.65 -37.81 5.31
C ILE FC 80 -71.91 -37.12 6.45
N LEU FC 81 -72.57 -36.17 7.10
CA LEU FC 81 -71.93 -35.42 8.17
C LEU FC 81 -71.78 -36.27 9.42
N GLU FC 82 -70.66 -36.11 10.10
CA GLU FC 82 -70.44 -36.81 11.36
C GLU FC 82 -71.43 -36.30 12.41
N VAL FC 83 -71.97 -37.21 13.21
CA VAL FC 83 -72.83 -36.86 14.33
C VAL FC 83 -71.97 -36.76 15.58
N ALA FC 84 -72.11 -35.64 16.30
CA ALA FC 84 -71.23 -35.35 17.41
C ALA FC 84 -71.59 -36.21 18.62
N VAL FC 85 -70.58 -36.60 19.38
CA VAL FC 85 -70.78 -37.17 20.71
C VAL FC 85 -70.00 -36.31 21.69
N THR FC 86 -70.02 -36.69 22.97
CA THR FC 86 -69.40 -35.88 23.99
C THR FC 86 -67.89 -35.87 23.81
N ALA FC 87 -67.33 -34.67 23.64
CA ALA FC 87 -65.88 -34.49 23.57
C ALA FC 87 -65.33 -34.39 24.98
N THR FC 88 -64.30 -35.17 25.28
CA THR FC 88 -63.83 -35.30 26.65
C THR FC 88 -62.47 -34.65 26.91
N TYR FC 89 -61.67 -34.38 25.87
CA TYR FC 89 -60.40 -33.72 26.11
C TYR FC 89 -60.60 -32.25 26.44
N SER FC 90 -61.32 -31.52 25.58
CA SER FC 90 -61.50 -30.09 25.76
C SER FC 90 -62.91 -29.69 26.16
N GLY FC 91 -63.87 -30.60 26.08
CA GLY FC 91 -65.25 -30.25 26.35
C GLY FC 91 -65.87 -29.33 25.33
N ILE FC 92 -65.17 -29.09 24.22
CA ILE FC 92 -65.62 -28.22 23.15
C ILE FC 92 -66.01 -29.10 21.98
N ALA FC 93 -67.30 -29.08 21.63
CA ALA FC 93 -67.79 -29.92 20.55
C ALA FC 93 -67.07 -29.57 19.26
N PRO FC 94 -66.81 -30.55 18.40
CA PRO FC 94 -65.97 -30.29 17.23
C PRO FC 94 -66.73 -29.60 16.11
N SER FC 95 -65.97 -28.91 15.28
CA SER FC 95 -66.52 -28.31 14.07
C SER FC 95 -67.21 -29.38 13.23
N PRO FC 96 -68.22 -29.02 12.45
CA PRO FC 96 -68.87 -30.03 11.59
C PRO FC 96 -67.85 -30.63 10.65
N THR FC 97 -67.74 -31.96 10.70
CA THR FC 97 -66.75 -32.69 9.93
C THR FC 97 -67.46 -33.74 9.09
N VAL FC 98 -66.96 -33.96 7.88
CA VAL FC 98 -67.55 -34.95 6.99
C VAL FC 98 -67.06 -36.33 7.41
N SER FC 99 -67.99 -37.25 7.66
CA SER FC 99 -67.63 -38.58 8.13
C SER FC 99 -67.14 -39.47 6.99
N TYR FC 100 -67.92 -39.58 5.92
CA TYR FC 100 -67.54 -40.37 4.75
C TYR FC 100 -68.37 -39.90 3.57
N VAL FC 101 -67.92 -40.22 2.37
CA VAL FC 101 -68.62 -39.73 1.18
C VAL FC 101 -68.92 -40.85 0.19
N PRO FC 102 -70.17 -41.31 0.11
CA PRO FC 102 -70.58 -42.15 -1.01
C PRO FC 102 -70.70 -41.30 -2.27
N LYS FC 103 -70.10 -41.78 -3.36
CA LYS FC 103 -70.09 -40.96 -4.56
C LYS FC 103 -70.17 -41.83 -5.81
N ALA FC 104 -70.50 -41.19 -6.92
CA ALA FC 104 -70.60 -41.88 -8.20
C ALA FC 104 -70.11 -40.98 -9.31
N PHE FC 105 -69.46 -41.61 -10.31
CA PHE FC 105 -68.79 -40.91 -11.40
C PHE FC 105 -69.09 -41.68 -12.69
N THR FC 106 -69.76 -41.03 -13.64
CA THR FC 106 -70.07 -41.63 -14.93
C THR FC 106 -69.43 -40.81 -16.04
N GLU FC 107 -68.71 -41.48 -16.93
CA GLU FC 107 -68.03 -40.84 -18.07
C GLU FC 107 -68.48 -41.49 -19.37
N PHE FC 108 -69.04 -40.69 -20.25
CA PHE FC 108 -69.37 -41.07 -21.62
C PHE FC 108 -68.24 -40.61 -22.52
N VAL FC 109 -67.71 -41.55 -23.31
CA VAL FC 109 -66.78 -41.25 -24.39
C VAL FC 109 -67.55 -41.41 -25.69
N LEU FC 110 -67.83 -40.29 -26.33
CA LEU FC 110 -68.59 -40.24 -27.58
C LEU FC 110 -67.67 -39.72 -28.66
N PRO FC 111 -67.16 -40.57 -29.56
CA PRO FC 111 -66.35 -40.05 -30.66
C PRO FC 111 -67.15 -39.11 -31.52
N GLU FC 112 -66.50 -38.02 -31.96
CA GLU FC 112 -67.20 -36.99 -32.72
C GLU FC 112 -67.89 -37.57 -33.94
N ARG FC 113 -67.23 -38.54 -34.59
CA ARG FC 113 -67.79 -39.29 -35.71
C ARG FC 113 -69.17 -39.87 -35.42
N ALA FC 114 -69.51 -40.16 -34.16
CA ALA FC 114 -70.71 -40.94 -33.87
C ALA FC 114 -71.97 -40.14 -34.17
N THR FC 115 -73.03 -40.87 -34.54
CA THR FC 115 -74.30 -40.26 -34.90
C THR FC 115 -75.17 -40.00 -33.66
N LEU FC 116 -76.15 -39.12 -33.85
CA LEU FC 116 -77.12 -38.84 -32.80
C LEU FC 116 -77.75 -40.11 -32.28
N ASP FC 117 -78.06 -41.04 -33.19
CA ASP FC 117 -78.63 -42.32 -32.76
C ASP FC 117 -77.66 -43.07 -31.85
N ASN FC 118 -76.37 -43.06 -32.20
CA ASN FC 118 -75.36 -43.70 -31.34
C ASN FC 118 -75.34 -43.09 -29.96
N ARG FC 119 -75.43 -41.76 -29.88
CA ARG FC 119 -75.36 -41.09 -28.57
C ARG FC 119 -76.62 -41.38 -27.75
N LYS FC 120 -77.79 -41.34 -28.40
CA LYS FC 120 -79.03 -41.68 -27.70
C LYS FC 120 -78.99 -43.12 -27.19
N ASP FC 121 -78.46 -44.03 -28.01
CA ASP FC 121 -78.30 -45.43 -27.62
C ASP FC 121 -77.45 -45.57 -26.38
N ILE FC 122 -76.25 -44.99 -26.40
CA ILE FC 122 -75.34 -45.20 -25.28
C ILE FC 122 -75.91 -44.59 -24.00
N ARG FC 123 -76.48 -43.38 -24.10
CA ARG FC 123 -77.05 -42.74 -22.92
C ARG FC 123 -78.18 -43.58 -22.34
N LYS FC 124 -79.21 -43.89 -23.15
CA LYS FC 124 -80.35 -44.62 -22.63
C LYS FC 124 -79.93 -45.97 -22.08
N MET FC 125 -79.08 -46.70 -22.80
CA MET FC 125 -78.79 -48.07 -22.44
C MET FC 125 -77.92 -48.15 -21.19
N HIS FC 126 -77.00 -47.20 -21.02
CA HIS FC 126 -76.23 -47.19 -19.77
C HIS FC 126 -77.11 -46.79 -18.59
N ALA FC 127 -77.92 -45.72 -18.76
CA ALA FC 127 -78.80 -45.30 -17.67
C ALA FC 127 -79.73 -46.42 -17.25
N LEU FC 128 -80.11 -47.28 -18.19
CA LEU FC 128 -80.89 -48.46 -17.85
C LEU FC 128 -80.04 -49.53 -17.18
N ALA FC 129 -78.81 -49.72 -17.65
CA ALA FC 129 -77.94 -50.74 -17.07
C ALA FC 129 -77.67 -50.47 -15.61
N LEU FC 130 -77.74 -49.21 -15.19
CA LEU FC 130 -77.60 -48.90 -13.77
C LEU FC 130 -78.83 -49.26 -12.94
N THR FC 131 -79.93 -49.65 -13.57
CA THR FC 131 -81.15 -50.01 -12.85
C THR FC 131 -81.48 -51.49 -12.93
N THR FC 132 -80.62 -52.30 -13.54
CA THR FC 132 -80.85 -53.74 -13.63
C THR FC 132 -80.82 -54.37 -12.24
N SER FC 133 -81.47 -55.53 -12.12
CA SER FC 133 -81.47 -56.25 -10.86
C SER FC 133 -80.05 -56.60 -10.42
N GLU FC 134 -79.18 -56.89 -11.38
CA GLU FC 134 -77.79 -57.19 -11.08
C GLU FC 134 -77.06 -55.98 -10.50
N ALA FC 135 -77.26 -54.81 -11.12
CA ALA FC 135 -76.65 -53.59 -10.59
C ALA FC 135 -77.18 -53.26 -9.20
N ILE FC 136 -78.49 -53.45 -9.00
CA ILE FC 136 -79.07 -53.22 -7.67
C ILE FC 136 -78.46 -54.15 -6.64
N ALA FC 137 -78.29 -55.43 -7.01
CA ALA FC 137 -77.71 -56.39 -6.09
C ALA FC 137 -76.27 -56.06 -5.75
N MET FC 138 -75.49 -55.60 -6.73
CA MET FC 138 -74.08 -55.29 -6.47
C MET FC 138 -73.93 -54.04 -5.62
N ILE FC 139 -74.66 -52.98 -5.96
CA ILE FC 139 -74.44 -51.72 -5.27
C ILE FC 139 -75.13 -51.69 -3.91
N GLU FC 140 -76.35 -52.21 -3.82
CA GLU FC 140 -77.10 -52.13 -2.58
C GLU FC 140 -76.81 -53.30 -1.64
N SER FC 141 -76.80 -54.52 -2.17
CA SER FC 141 -76.66 -55.73 -1.37
C SER FC 141 -75.27 -56.33 -1.42
N LEU FC 142 -74.37 -55.78 -2.23
CA LEU FC 142 -72.96 -56.18 -2.25
C LEU FC 142 -72.79 -57.65 -2.64
N GLN FC 143 -73.49 -58.05 -3.70
CA GLN FC 143 -73.46 -59.42 -4.19
C GLN FC 143 -73.04 -59.45 -5.65
N PHE FC 144 -72.11 -60.34 -5.97
CA PHE FC 144 -71.67 -60.54 -7.34
C PHE FC 144 -72.60 -61.53 -8.05
N VAL FC 145 -72.31 -61.81 -9.32
CA VAL FC 145 -73.08 -62.77 -10.10
C VAL FC 145 -72.22 -64.00 -10.34
N TYR FC 146 -72.86 -65.17 -10.40
CA TYR FC 146 -72.10 -66.42 -10.40
C TYR FC 146 -72.68 -67.46 -11.37
N PRO GC 1 -47.12 -51.05 80.30
CA PRO GC 1 -48.43 -51.71 80.19
C PRO GC 1 -48.57 -52.48 78.88
N GLN GC 2 -49.41 -53.50 78.86
CA GLN GC 2 -49.62 -54.26 77.63
C GLN GC 2 -50.41 -53.43 76.62
N ALA GC 3 -50.10 -53.63 75.35
CA ALA GC 3 -50.70 -52.84 74.29
C ALA GC 3 -52.14 -53.27 74.04
N ALA GC 4 -53.04 -52.31 73.95
CA ALA GC 4 -54.44 -52.59 73.66
C ALA GC 4 -55.01 -51.47 72.79
N ASP GC 5 -56.27 -51.65 72.38
CA ASP GC 5 -56.94 -50.71 71.49
C ASP GC 5 -56.91 -49.31 72.07
N ILE GC 6 -56.75 -48.32 71.20
CA ILE GC 6 -56.78 -46.91 71.59
C ILE GC 6 -57.96 -46.27 70.89
N VAL GC 7 -58.90 -45.72 71.65
CA VAL GC 7 -60.13 -45.17 71.07
C VAL GC 7 -60.12 -43.66 71.22
N ILE GC 8 -60.25 -42.96 70.10
CA ILE GC 8 -60.17 -41.51 70.05
C ILE GC 8 -61.39 -40.96 69.31
N ALA GC 9 -61.99 -39.91 69.84
CA ALA GC 9 -63.22 -39.37 69.30
C ALA GC 9 -62.96 -38.50 68.08
N ASP GC 10 -63.91 -38.53 67.14
CA ASP GC 10 -63.88 -37.70 65.95
C ASP GC 10 -64.14 -36.24 66.32
N ALA GC 11 -64.10 -35.37 65.32
CA ALA GC 11 -64.50 -33.98 65.47
C ALA GC 11 -65.72 -33.65 64.61
N GLN GC 12 -66.52 -34.66 64.31
CA GLN GC 12 -67.74 -34.43 63.53
C GLN GC 12 -68.80 -33.75 64.40
N ALA GC 13 -69.88 -33.32 63.73
CA ALA GC 13 -71.04 -32.79 64.45
C ALA GC 13 -71.49 -33.75 65.53
N THR GC 14 -71.77 -34.99 65.15
CA THR GC 14 -71.90 -36.07 66.10
C THR GC 14 -70.61 -36.87 66.09
N PRO GC 15 -69.76 -36.76 67.11
CA PRO GC 15 -68.45 -37.43 67.07
C PRO GC 15 -68.58 -38.93 66.87
N VAL GC 16 -67.59 -39.49 66.18
CA VAL GC 16 -67.52 -40.91 65.87
C VAL GC 16 -66.24 -41.48 66.46
N ASN GC 17 -66.36 -42.55 67.23
CA ASN GC 17 -65.17 -43.14 67.85
C ASN GC 17 -64.36 -43.90 66.80
N HIS GC 18 -63.09 -43.54 66.67
CA HIS GC 18 -62.14 -44.29 65.86
C HIS GC 18 -61.32 -45.19 66.77
N THR GC 19 -61.28 -46.48 66.44
CA THR GC 19 -60.57 -47.47 67.25
C THR GC 19 -59.28 -47.85 66.54
N PHE GC 20 -58.15 -47.51 67.15
CA PHE GC 20 -56.81 -47.83 66.65
C PHE GC 20 -56.38 -49.15 67.28
N VAL GC 21 -56.45 -50.21 66.47
CA VAL GC 21 -56.00 -51.54 66.90
C VAL GC 21 -54.48 -51.57 66.93
N PRO GC 22 -53.85 -52.19 67.93
CA PRO GC 22 -52.38 -52.26 67.94
C PRO GC 22 -51.87 -53.14 66.81
N ILE GC 23 -51.06 -52.57 65.94
CA ILE GC 23 -50.38 -53.34 64.91
C ILE GC 23 -49.09 -53.95 65.44
N GLY GC 24 -48.33 -53.20 66.23
CA GLY GC 24 -47.13 -53.75 66.81
C GLY GC 24 -45.94 -52.82 66.69
N PRO GC 25 -44.78 -53.28 67.13
CA PRO GC 25 -43.60 -52.42 67.07
C PRO GC 25 -43.08 -52.29 65.65
N ASP GC 26 -42.43 -51.16 65.40
CA ASP GC 26 -41.85 -50.86 64.09
C ASP GC 26 -40.70 -51.82 63.81
N PRO GC 27 -40.66 -52.47 62.63
CA PRO GC 27 -39.55 -53.40 62.35
C PRO GC 27 -38.18 -52.75 62.40
N LYS GC 28 -38.08 -51.48 61.97
CA LYS GC 28 -36.79 -50.81 61.94
C LYS GC 28 -36.36 -50.34 63.33
N ASP GC 29 -37.29 -49.85 64.14
CA ASP GC 29 -36.98 -49.30 65.45
C ASP GC 29 -37.85 -49.96 66.51
N ALA GC 30 -37.21 -50.62 67.48
CA ALA GC 30 -37.93 -51.30 68.53
C ALA GC 30 -38.54 -50.35 69.56
N THR GC 31 -38.22 -49.06 69.51
CA THR GC 31 -38.71 -48.09 70.48
C THR GC 31 -40.01 -47.43 70.07
N ILE GC 32 -40.52 -47.70 68.89
CA ILE GC 32 -41.70 -47.02 68.39
C ILE GC 32 -42.75 -48.09 68.07
N TYR GC 33 -43.99 -47.84 68.50
CA TYR GC 33 -45.08 -48.80 68.45
C TYR GC 33 -46.25 -48.18 67.69
N TRP GC 34 -46.93 -49.01 66.89
CA TRP GC 34 -47.91 -48.55 65.92
C TRP GC 34 -49.29 -49.15 66.19
N TRP GC 35 -50.28 -48.28 66.30
CA TRP GC 35 -51.70 -48.59 66.26
C TRP GC 35 -52.29 -48.07 64.95
N GLU GC 36 -53.36 -48.70 64.48
CA GLU GC 36 -53.95 -48.40 63.18
C GLU GC 36 -55.46 -48.47 63.23
N ASP GC 37 -56.10 -47.42 62.73
CA ASP GC 37 -57.55 -47.36 62.53
C ASP GC 37 -57.84 -47.89 61.12
N GLN GC 38 -58.50 -49.06 61.08
CA GLN GC 38 -58.72 -49.83 59.87
C GLN GC 38 -60.13 -49.66 59.33
N SER GC 39 -60.81 -48.57 59.69
CA SER GC 39 -62.20 -48.35 59.30
C SER GC 39 -62.33 -47.64 57.97
N GLN GC 40 -61.23 -47.28 57.32
CA GLN GC 40 -61.26 -46.49 56.11
C GLN GC 40 -61.48 -47.41 54.91
N ALA GC 41 -61.42 -46.84 53.70
CA ALA GC 41 -61.81 -47.56 52.48
C ALA GC 41 -60.89 -48.74 52.21
N SER GC 42 -59.62 -48.46 51.95
CA SER GC 42 -58.63 -49.49 51.70
C SER GC 42 -57.41 -49.20 52.57
N PRO GC 43 -56.53 -50.19 52.78
CA PRO GC 43 -55.48 -50.02 53.80
C PRO GC 43 -54.54 -48.85 53.57
N ALA GC 44 -54.45 -48.33 52.34
CA ALA GC 44 -53.59 -47.17 52.09
C ALA GC 44 -54.09 -45.92 52.80
N GLY GC 45 -55.37 -45.86 53.16
CA GLY GC 45 -55.97 -44.73 53.85
C GLY GC 45 -56.24 -44.96 55.32
N TYR GC 46 -55.72 -46.04 55.90
CA TYR GC 46 -55.90 -46.33 57.32
C TYR GC 46 -55.21 -45.27 58.17
N TRP GC 47 -55.88 -44.82 59.23
CA TRP GC 47 -55.25 -43.80 60.06
C TRP GC 47 -54.28 -44.46 61.05
N ARG GC 48 -53.20 -43.78 61.37
CA ARG GC 48 -52.15 -44.41 62.14
C ARG GC 48 -51.76 -43.55 63.33
N LEU GC 49 -51.29 -44.21 64.37
CA LEU GC 49 -50.87 -43.56 65.60
C LEU GC 49 -49.62 -44.28 66.09
N SER GC 50 -48.53 -43.53 66.29
CA SER GC 50 -47.26 -44.09 66.70
C SER GC 50 -46.81 -43.45 68.00
N MET GC 51 -46.38 -44.27 68.95
CA MET GC 51 -45.83 -43.78 70.21
C MET GC 51 -44.44 -44.37 70.42
N GLN GC 52 -43.49 -43.51 70.78
CA GLN GC 52 -42.09 -43.89 70.87
C GLN GC 52 -41.48 -43.41 72.18
N LEU GC 53 -40.78 -44.29 72.87
CA LEU GC 53 -40.11 -44.00 74.13
C LEU GC 53 -38.65 -44.38 74.01
N VAL GC 54 -37.77 -43.38 73.98
CA VAL GC 54 -36.33 -43.59 73.84
C VAL GC 54 -35.68 -43.28 75.19
N ARG GC 55 -35.35 -44.34 75.91
CA ARG GC 55 -34.58 -44.30 77.15
C ARG GC 55 -33.09 -44.33 76.83
N PRO GC 56 -32.30 -43.54 77.55
CA PRO GC 56 -30.84 -43.69 77.42
C PRO GC 56 -30.35 -44.96 78.09
N ALA GC 57 -29.16 -45.40 77.68
CA ALA GC 57 -28.64 -46.68 78.15
C ALA GC 57 -28.30 -46.60 79.64
N PRO GC 58 -28.55 -47.67 80.41
CA PRO GC 58 -28.30 -47.60 81.86
C PRO GC 58 -26.83 -47.37 82.19
N ALA GC 59 -26.57 -46.34 82.99
CA ALA GC 59 -25.22 -46.02 83.39
C ALA GC 59 -25.22 -45.25 84.70
N THR GC 65 -23.03 -36.80 81.53
CA THR GC 65 -24.03 -37.70 82.09
C THR GC 65 -25.18 -36.93 82.78
N ASN GC 66 -25.05 -35.62 82.90
CA ASN GC 66 -26.19 -34.77 83.23
C ASN GC 66 -26.86 -34.24 81.97
N GLN GC 67 -26.46 -34.72 80.79
CA GLN GC 67 -27.09 -34.43 79.52
C GLN GC 67 -27.77 -35.69 78.98
N ARG GC 68 -28.36 -36.48 79.86
CA ARG GC 68 -29.04 -37.71 79.48
C ARG GC 68 -30.53 -37.43 79.49
N MET GC 69 -31.18 -37.58 78.35
CA MET GC 69 -32.55 -37.14 78.24
C MET GC 69 -33.39 -38.25 77.63
N ILE GC 70 -34.56 -38.47 78.22
CA ILE GC 70 -35.55 -39.41 77.73
C ILE GC 70 -36.43 -38.69 76.73
N ARG GC 71 -36.68 -39.31 75.58
CA ARG GC 71 -37.55 -38.69 74.58
C ARG GC 71 -38.81 -39.52 74.39
N VAL GC 72 -39.92 -38.82 74.13
CA VAL GC 72 -41.20 -39.47 73.87
C VAL GC 72 -41.83 -38.76 72.66
N ARG GC 73 -42.19 -39.53 71.64
CA ARG GC 73 -42.77 -38.97 70.42
C ARG GC 73 -44.11 -39.64 70.15
N VAL GC 74 -45.16 -38.82 70.05
CA VAL GC 74 -46.50 -39.28 69.68
C VAL GC 74 -46.84 -38.65 68.34
N SER GC 75 -47.23 -39.49 67.38
CA SER GC 75 -47.46 -39.03 66.02
C SER GC 75 -48.77 -39.60 65.50
N THR GC 76 -49.59 -38.76 64.87
CA THR GC 76 -50.87 -39.18 64.30
C THR GC 76 -50.93 -38.81 62.83
N PHE GC 77 -51.25 -39.79 61.99
CA PHE GC 77 -51.39 -39.60 60.55
C PHE GC 77 -52.82 -39.93 60.15
N GLU GC 78 -53.45 -39.02 59.41
CA GLU GC 78 -54.84 -39.19 58.96
C GLU GC 78 -54.95 -39.00 57.45
N PRO GC 79 -54.44 -39.95 56.67
CA PRO GC 79 -54.49 -39.79 55.21
C PRO GC 79 -55.92 -39.81 54.68
N ILE GC 80 -56.15 -39.04 53.63
CA ILE GC 80 -57.46 -38.91 53.00
C ILE GC 80 -57.37 -39.48 51.58
N LEU GC 81 -58.13 -40.54 51.32
CA LEU GC 81 -58.08 -41.20 50.02
C LEU GC 81 -58.90 -40.42 48.99
N GLU GC 82 -58.55 -40.61 47.73
CA GLU GC 82 -59.34 -40.06 46.64
C GLU GC 82 -60.60 -40.89 46.44
N VAL GC 83 -61.69 -40.21 46.06
CA VAL GC 83 -62.97 -40.89 45.91
C VAL GC 83 -62.95 -41.78 44.67
N ALA GC 84 -63.74 -42.85 44.71
CA ALA GC 84 -63.82 -43.76 43.58
C ALA GC 84 -64.16 -43.01 42.30
N VAL GC 85 -63.52 -43.41 41.19
CA VAL GC 85 -63.67 -42.72 39.92
C VAL GC 85 -64.90 -43.22 39.18
N THR GC 86 -65.57 -42.31 38.48
CA THR GC 86 -66.72 -42.66 37.66
C THR GC 86 -66.33 -42.90 36.21
N ALA GC 87 -65.18 -42.39 35.79
CA ALA GC 87 -64.73 -42.54 34.41
C ALA GC 87 -63.26 -42.18 34.33
N THR GC 88 -62.50 -43.00 33.59
CA THR GC 88 -61.11 -42.69 33.31
C THR GC 88 -60.88 -42.81 31.81
N TYR GC 89 -59.65 -42.50 31.38
CA TYR GC 89 -59.40 -42.47 29.94
C TYR GC 89 -59.45 -43.87 29.33
N SER GC 90 -59.05 -44.88 30.10
CA SER GC 90 -58.96 -46.24 29.62
C SER GC 90 -60.14 -47.10 30.02
N GLY GC 91 -60.92 -46.68 31.00
CA GLY GC 91 -62.04 -47.47 31.47
C GLY GC 91 -61.73 -48.39 32.63
N ILE GC 92 -60.47 -48.45 33.07
CA ILE GC 92 -60.08 -49.24 34.24
C ILE GC 92 -59.84 -48.28 35.40
N ALA GC 93 -60.47 -48.55 36.52
CA ALA GC 93 -60.36 -47.66 37.67
C ALA GC 93 -58.95 -47.74 38.26
N PRO GC 94 -58.36 -46.62 38.65
CA PRO GC 94 -57.01 -46.64 39.22
C PRO GC 94 -56.99 -47.23 40.62
N SER GC 95 -55.81 -47.67 41.02
CA SER GC 95 -55.61 -48.19 42.37
C SER GC 95 -55.93 -47.11 43.39
N PRO GC 96 -56.38 -47.49 44.59
CA PRO GC 96 -56.66 -46.48 45.62
C PRO GC 96 -55.42 -45.66 45.90
N THR GC 97 -55.56 -44.35 45.79
CA THR GC 97 -54.44 -43.43 45.95
C THR GC 97 -54.73 -42.43 47.05
N VAL GC 98 -53.67 -41.94 47.68
CA VAL GC 98 -53.80 -41.01 48.78
C VAL GC 98 -53.79 -39.58 48.22
N SER GC 99 -54.81 -38.80 48.57
CA SER GC 99 -54.91 -37.44 48.06
C SER GC 99 -53.98 -36.49 48.80
N TYR GC 100 -54.05 -36.49 50.13
CA TYR GC 100 -53.21 -35.63 50.95
C TYR GC 100 -53.22 -36.19 52.36
N VAL GC 101 -52.24 -35.79 53.16
CA VAL GC 101 -52.13 -36.34 54.51
C VAL GC 101 -51.90 -35.26 55.56
N PRO GC 102 -52.94 -34.86 56.30
CA PRO GC 102 -52.70 -34.05 57.50
C PRO GC 102 -52.13 -34.92 58.61
N LYS GC 103 -51.13 -34.38 59.31
CA LYS GC 103 -50.47 -35.18 60.32
C LYS GC 103 -49.98 -34.30 61.46
N ALA GC 104 -49.61 -34.94 62.57
CA ALA GC 104 -49.14 -34.23 63.74
C ALA GC 104 -48.05 -35.03 64.44
N PHE GC 105 -47.06 -34.33 64.98
CA PHE GC 105 -45.89 -34.93 65.59
C PHE GC 105 -45.59 -34.15 66.86
N THR GC 106 -45.59 -34.83 68.02
CA THR GC 106 -45.29 -34.19 69.30
C THR GC 106 -44.13 -34.93 69.96
N GLU GC 107 -43.17 -34.17 70.47
CA GLU GC 107 -41.96 -34.72 71.09
C GLU GC 107 -41.77 -34.08 72.45
N PHE GC 108 -41.68 -34.92 73.48
CA PHE GC 108 -41.32 -34.51 74.82
C PHE GC 108 -39.85 -34.84 75.04
N VAL GC 109 -39.10 -33.86 75.52
CA VAL GC 109 -37.72 -34.03 75.96
C VAL GC 109 -37.73 -33.90 77.48
N LEU GC 110 -37.42 -35.01 78.15
CA LEU GC 110 -37.55 -35.12 79.59
C LEU GC 110 -36.20 -35.49 80.18
N PRO GC 111 -35.46 -34.55 80.77
CA PRO GC 111 -34.17 -34.90 81.36
C PRO GC 111 -34.32 -35.97 82.43
N GLU GC 112 -33.28 -36.80 82.55
CA GLU GC 112 -33.34 -37.94 83.46
C GLU GC 112 -33.43 -37.48 84.92
N ARG GC 113 -32.96 -36.26 85.22
CA ARG GC 113 -33.11 -35.71 86.56
C ARG GC 113 -34.52 -35.21 86.85
N ALA GC 114 -35.41 -35.17 85.87
CA ALA GC 114 -36.71 -34.52 86.04
C ALA GC 114 -37.64 -35.42 86.84
N THR GC 115 -38.35 -34.82 87.79
CA THR GC 115 -39.19 -35.59 88.70
C THR GC 115 -40.55 -35.87 88.08
N LEU GC 116 -41.25 -36.85 88.66
CA LEU GC 116 -42.58 -37.22 88.20
C LEU GC 116 -43.49 -36.00 88.14
N ASP GC 117 -43.36 -35.08 89.10
CA ASP GC 117 -44.16 -33.87 89.07
C ASP GC 117 -43.86 -33.04 87.82
N ASN GC 118 -42.58 -32.90 87.47
CA ASN GC 118 -42.20 -32.17 86.27
C ASN GC 118 -42.79 -32.81 85.02
N ARG GC 119 -42.76 -34.14 84.95
CA ARG GC 119 -43.28 -34.83 83.77
C ARG GC 119 -44.80 -34.65 83.67
N LYS GC 120 -45.51 -34.80 84.79
CA LYS GC 120 -46.95 -34.58 84.78
C LYS GC 120 -47.28 -33.16 84.36
N ASP GC 121 -46.49 -32.18 84.86
CA ASP GC 121 -46.69 -30.78 84.49
C ASP GC 121 -46.55 -30.58 83.00
N ILE GC 122 -45.44 -31.03 82.42
CA ILE GC 122 -45.18 -30.75 81.00
C ILE GC 122 -46.22 -31.44 80.13
N ARG GC 123 -46.58 -32.69 80.46
CA ARG GC 123 -47.59 -33.40 79.66
C ARG GC 123 -48.94 -32.67 79.72
N LYS GC 124 -49.48 -32.46 80.93
CA LYS GC 124 -50.78 -31.82 81.07
C LYS GC 124 -50.80 -30.45 80.41
N MET GC 125 -49.74 -29.67 80.62
CA MET GC 125 -49.75 -28.28 80.19
C MET GC 125 -49.59 -28.16 78.68
N HIS GC 126 -48.78 -29.01 78.07
CA HIS GC 126 -48.67 -28.98 76.62
C HIS GC 126 -49.96 -29.45 75.97
N ALA GC 127 -50.51 -30.58 76.45
CA ALA GC 127 -51.79 -31.05 75.91
C ALA GC 127 -52.86 -29.97 76.00
N LEU GC 128 -52.89 -29.23 77.11
CA LEU GC 128 -53.81 -28.11 77.22
C LEU GC 128 -53.46 -27.01 76.23
N ALA GC 129 -52.17 -26.72 76.05
CA ALA GC 129 -51.74 -25.68 75.13
C ALA GC 129 -52.19 -25.95 73.71
N LEU GC 130 -52.42 -27.21 73.37
CA LEU GC 130 -52.98 -27.55 72.06
C LEU GC 130 -54.48 -27.27 71.95
N THR GC 131 -55.16 -26.96 73.05
CA THR GC 131 -56.61 -26.74 73.02
C THR GC 131 -57.01 -25.31 73.37
N THR GC 132 -56.04 -24.40 73.50
CA THR GC 132 -56.34 -23.01 73.77
C THR GC 132 -57.08 -22.38 72.59
N SER GC 133 -57.77 -21.27 72.86
CA SER GC 133 -58.47 -20.57 71.79
C SER GC 133 -57.51 -20.13 70.69
N GLU GC 134 -56.30 -19.72 71.09
CA GLU GC 134 -55.28 -19.35 70.11
C GLU GC 134 -54.86 -20.54 69.27
N ALA GC 135 -54.62 -21.69 69.90
CA ALA GC 135 -54.25 -22.90 69.15
C ALA GC 135 -55.35 -23.32 68.19
N ILE GC 136 -56.61 -23.20 68.61
CA ILE GC 136 -57.71 -23.58 67.75
C ILE GC 136 -57.83 -22.61 66.58
N ALA GC 137 -57.61 -21.32 66.83
CA ALA GC 137 -57.65 -20.34 65.75
C ALA GC 137 -56.52 -20.57 64.75
N MET GC 138 -55.34 -21.00 65.22
CA MET GC 138 -54.21 -21.19 64.33
C MET GC 138 -54.37 -22.47 63.52
N ILE GC 139 -54.76 -23.58 64.15
CA ILE GC 139 -54.78 -24.85 63.45
C ILE GC 139 -56.06 -25.02 62.61
N GLU GC 140 -57.20 -24.57 63.13
CA GLU GC 140 -58.45 -24.80 62.42
C GLU GC 140 -58.80 -23.65 61.47
N SER GC 141 -58.69 -22.41 61.95
CA SER GC 141 -59.06 -21.25 61.16
C SER GC 141 -57.88 -20.59 60.48
N LEU GC 142 -56.66 -21.01 60.81
CA LEU GC 142 -55.47 -20.55 60.11
C LEU GC 142 -55.27 -19.05 60.31
N GLN GC 143 -55.28 -18.61 61.56
CA GLN GC 143 -55.12 -17.20 61.92
C GLN GC 143 -53.97 -17.06 62.90
N PHE GC 144 -53.16 -16.03 62.70
CA PHE GC 144 -52.06 -15.73 63.60
C PHE GC 144 -52.54 -14.75 64.67
N VAL GC 145 -51.70 -14.53 65.69
CA VAL GC 145 -51.99 -13.57 66.75
C VAL GC 145 -51.27 -12.27 66.47
N TYR GC 146 -51.96 -11.15 66.69
CA TYR GC 146 -51.46 -9.83 66.32
C TYR GC 146 -51.48 -8.85 67.50
N PRO HC 1 -42.34 -67.42 79.77
CA PRO HC 1 -43.19 -66.68 80.71
C PRO HC 1 -43.50 -65.28 80.20
N GLN HC 2 -44.60 -64.71 80.67
CA GLN HC 2 -44.96 -63.37 80.26
C GLN HC 2 -44.16 -62.32 81.04
N ALA HC 3 -44.11 -61.11 80.50
CA ALA HC 3 -43.48 -60.01 81.22
C ALA HC 3 -44.36 -59.64 82.41
N ALA HC 4 -43.79 -59.76 83.61
CA ALA HC 4 -44.50 -59.44 84.83
C ALA HC 4 -43.58 -58.70 85.78
N ASP HC 5 -44.17 -58.09 86.80
CA ASP HC 5 -43.37 -57.45 87.86
C ASP HC 5 -42.45 -58.48 88.50
N ILE HC 6 -41.26 -58.04 88.89
CA ILE HC 6 -40.31 -58.87 89.61
C ILE HC 6 -40.05 -58.19 90.94
N VAL HC 7 -40.30 -58.89 92.04
CA VAL HC 7 -40.20 -58.28 93.37
C VAL HC 7 -39.01 -58.88 94.10
N ILE HC 8 -38.10 -58.01 94.56
CA ILE HC 8 -36.86 -58.42 95.21
C ILE HC 8 -36.70 -57.66 96.50
N ALA HC 9 -36.28 -58.35 97.55
CA ALA HC 9 -36.21 -57.78 98.89
C ALA HC 9 -34.94 -56.96 99.11
N ASP HC 10 -35.08 -55.87 99.86
CA ASP HC 10 -33.96 -55.04 100.26
C ASP HC 10 -33.11 -55.78 101.30
N ALA HC 11 -31.95 -55.21 101.60
CA ALA HC 11 -31.10 -55.70 102.68
C ALA HC 11 -31.11 -54.80 103.90
N GLN HC 12 -32.20 -54.06 104.11
CA GLN HC 12 -32.32 -53.21 105.27
C GLN HC 12 -32.61 -54.05 106.52
N ALA HC 13 -32.53 -53.38 107.67
CA ALA HC 13 -32.90 -54.02 108.93
C ALA HC 13 -34.28 -54.65 108.84
N THR HC 14 -35.27 -53.85 108.46
CA THR HC 14 -36.56 -54.37 108.05
C THR HC 14 -36.61 -54.34 106.54
N PRO HC 15 -36.45 -55.47 105.85
CA PRO HC 15 -36.34 -55.45 104.39
C PRO HC 15 -37.53 -54.79 103.73
N VAL HC 16 -37.26 -54.07 102.65
CA VAL HC 16 -38.26 -53.35 101.85
C VAL HC 16 -38.33 -54.00 100.47
N ASN HC 17 -39.54 -54.35 100.04
CA ASN HC 17 -39.71 -54.96 98.73
C ASN HC 17 -39.59 -53.91 97.63
N HIS HC 18 -38.66 -54.11 96.72
CA HIS HC 18 -38.53 -53.30 95.52
C HIS HC 18 -39.22 -54.03 94.37
N THR HC 19 -40.14 -53.33 93.69
CA THR HC 19 -40.90 -53.93 92.60
C THR HC 19 -40.37 -53.39 91.28
N PHE HC 20 -39.82 -54.28 90.45
CA PHE HC 20 -39.28 -53.97 89.14
C PHE HC 20 -40.38 -54.21 88.10
N VAL HC 21 -40.97 -53.14 87.60
CA VAL HC 21 -42.01 -53.17 86.58
C VAL HC 21 -41.32 -53.37 85.25
N PRO HC 22 -41.83 -54.21 84.34
CA PRO HC 22 -41.18 -54.37 83.03
C PRO HC 22 -41.26 -53.09 82.20
N ILE HC 23 -40.09 -52.62 81.76
CA ILE HC 23 -40.03 -51.51 80.81
C ILE HC 23 -40.21 -52.03 79.39
N GLY HC 24 -39.62 -53.18 79.09
CA GLY HC 24 -39.80 -53.74 77.78
C GLY HC 24 -38.49 -54.27 77.24
N PRO HC 25 -38.51 -54.68 75.98
CA PRO HC 25 -37.27 -55.17 75.36
C PRO HC 25 -36.32 -54.02 75.09
N ASP HC 26 -35.05 -54.40 75.00
CA ASP HC 26 -34.00 -53.43 74.76
C ASP HC 26 -34.17 -52.80 73.37
N PRO HC 27 -33.87 -51.51 73.21
CA PRO HC 27 -34.08 -50.87 71.89
C PRO HC 27 -33.26 -51.48 70.78
N LYS HC 28 -32.03 -51.85 71.08
CA LYS HC 28 -31.07 -52.24 70.06
C LYS HC 28 -30.82 -53.75 69.99
N ASP HC 29 -31.13 -54.49 71.05
CA ASP HC 29 -30.99 -55.94 71.07
C ASP HC 29 -32.32 -56.57 71.48
N ALA HC 30 -32.85 -57.43 70.61
CA ALA HC 30 -34.12 -58.08 70.83
C ALA HC 30 -34.02 -59.27 71.77
N THR HC 31 -32.83 -59.55 72.31
CA THR HC 31 -32.62 -60.71 73.17
C THR HC 31 -32.45 -60.35 74.62
N ILE HC 32 -32.60 -59.07 74.98
CA ILE HC 32 -32.42 -58.63 76.36
C ILE HC 32 -33.62 -57.77 76.73
N TYR HC 33 -34.20 -58.04 77.90
CA TYR HC 33 -35.44 -57.44 78.38
C TYR HC 33 -35.16 -56.71 79.69
N TRP HC 34 -35.95 -55.66 79.95
CA TRP HC 34 -35.66 -54.67 80.99
C TRP HC 34 -36.85 -54.45 81.91
N TRP HC 35 -36.60 -54.61 83.21
CA TRP HC 35 -37.46 -54.20 84.31
C TRP HC 35 -36.80 -53.06 85.09
N GLU HC 36 -37.60 -52.27 85.78
CA GLU HC 36 -37.14 -51.05 86.45
C GLU HC 36 -37.89 -50.82 87.76
N ASP HC 37 -37.14 -50.51 88.81
CA ASP HC 37 -37.66 -50.07 90.11
C ASP HC 37 -37.68 -48.55 90.11
N GLN HC 38 -38.90 -48.01 89.99
CA GLN HC 38 -39.17 -46.60 89.78
C GLN HC 38 -39.54 -45.87 91.07
N SER HC 39 -39.15 -46.42 92.21
CA SER HC 39 -39.50 -45.87 93.51
C SER HC 39 -38.58 -44.72 93.93
N GLN HC 40 -37.45 -44.58 93.26
CA GLN HC 40 -36.40 -43.66 93.68
C GLN HC 40 -36.84 -42.21 93.39
N ALA HC 41 -35.94 -41.26 93.69
CA ALA HC 41 -36.35 -39.86 93.73
C ALA HC 41 -36.55 -39.26 92.34
N SER HC 42 -35.69 -39.59 91.39
CA SER HC 42 -35.82 -39.21 89.99
C SER HC 42 -35.32 -40.38 89.16
N PRO HC 43 -35.70 -40.45 87.88
CA PRO HC 43 -35.28 -41.61 87.06
C PRO HC 43 -33.77 -41.87 87.08
N ALA HC 44 -32.96 -40.83 87.27
CA ALA HC 44 -31.51 -41.00 87.33
C ALA HC 44 -31.12 -42.01 88.40
N GLY HC 45 -31.90 -42.11 89.47
CA GLY HC 45 -31.67 -43.04 90.55
C GLY HC 45 -32.50 -44.31 90.54
N TYR HC 46 -33.32 -44.54 89.51
CA TYR HC 46 -34.10 -45.77 89.44
C TYR HC 46 -33.17 -46.98 89.33
N TRP HC 47 -33.62 -48.12 89.87
CA TRP HC 47 -32.80 -49.33 89.78
C TRP HC 47 -33.27 -50.22 88.64
N ARG HC 48 -32.34 -50.83 87.92
CA ARG HC 48 -32.71 -51.54 86.71
C ARG HC 48 -32.24 -52.99 86.77
N LEU HC 49 -33.02 -53.86 86.13
CA LEU HC 49 -32.72 -55.28 86.04
C LEU HC 49 -32.93 -55.71 84.59
N SER HC 50 -31.97 -56.46 84.05
CA SER HC 50 -32.00 -56.88 82.65
C SER HC 50 -31.68 -58.36 82.55
N MET HC 51 -32.45 -59.07 81.73
CA MET HC 51 -32.22 -60.50 81.51
C MET HC 51 -32.12 -60.77 80.01
N GLN HC 52 -31.12 -61.56 79.63
CA GLN HC 52 -30.79 -61.80 78.22
C GLN HC 52 -30.57 -63.28 77.98
N LEU HC 53 -31.23 -63.80 76.95
CA LEU HC 53 -31.08 -65.18 76.50
C LEU HC 53 -30.63 -65.16 75.06
N VAL HC 54 -29.44 -65.71 74.80
CA VAL HC 54 -28.86 -65.77 73.46
C VAL HC 54 -28.74 -67.24 73.09
N ARG HC 55 -29.60 -67.67 72.18
CA ARG HC 55 -29.74 -68.98 71.57
C ARG HC 55 -28.96 -69.03 70.27
N PRO HC 56 -28.39 -70.17 69.93
CA PRO HC 56 -27.72 -70.31 68.63
C PRO HC 56 -28.72 -70.57 67.50
N ALA HC 57 -28.23 -70.37 66.28
CA ALA HC 57 -29.06 -70.61 65.11
C ALA HC 57 -29.46 -72.09 65.06
N PRO HC 58 -30.64 -72.41 64.53
CA PRO HC 58 -31.13 -73.79 64.62
C PRO HC 58 -30.18 -74.77 63.96
N ALA HC 59 -30.15 -75.98 64.50
CA ALA HC 59 -29.20 -76.98 64.06
C ALA HC 59 -29.55 -77.47 62.65
N LYS HC 60 -28.51 -77.73 61.87
CA LYS HC 60 -28.71 -78.25 60.52
C LYS HC 60 -28.62 -79.77 60.53
N ALA HC 61 -29.22 -80.38 59.51
CA ALA HC 61 -29.28 -81.83 59.44
C ALA HC 61 -27.88 -82.40 59.29
N GLY HC 62 -27.52 -83.34 60.16
CA GLY HC 62 -26.20 -83.92 60.15
C GLY HC 62 -25.11 -83.06 60.75
N GLN HC 63 -25.41 -81.83 61.14
CA GLN HC 63 -24.40 -80.95 61.74
C GLN HC 63 -24.03 -81.43 63.13
N ASN HC 64 -22.76 -81.26 63.48
CA ASN HC 64 -22.26 -81.66 64.80
C ASN HC 64 -22.49 -80.52 65.79
N THR HC 65 -23.20 -80.81 66.88
CA THR HC 65 -23.68 -79.76 67.79
C THR HC 65 -22.83 -79.60 69.04
N ASN HC 66 -21.67 -80.28 69.12
CA ASN HC 66 -20.99 -80.24 70.43
C ASN HC 66 -20.28 -78.98 70.64
N GLN HC 67 -20.42 -77.99 69.76
CA GLN HC 67 -19.80 -76.69 70.03
C GLN HC 67 -20.81 -75.54 70.19
N ARG HC 68 -22.09 -75.79 69.93
CA ARG HC 68 -23.08 -74.71 70.03
C ARG HC 68 -23.42 -74.48 71.49
N MET HC 69 -23.64 -73.22 71.87
CA MET HC 69 -23.83 -72.87 73.27
C MET HC 69 -24.87 -71.78 73.41
N ILE HC 70 -25.52 -71.78 74.57
CA ILE HC 70 -26.57 -70.82 74.95
C ILE HC 70 -26.03 -69.96 76.08
N ARG HC 71 -26.28 -68.67 76.02
CA ARG HC 71 -25.81 -67.75 77.05
C ARG HC 71 -26.99 -67.06 77.71
N VAL HC 72 -26.90 -66.88 79.03
CA VAL HC 72 -27.90 -66.16 79.80
C VAL HC 72 -27.18 -65.12 80.63
N ARG HC 73 -27.63 -63.87 80.56
CA ARG HC 73 -27.00 -62.78 81.29
C ARG HC 73 -28.05 -62.04 82.11
N VAL HC 74 -27.83 -61.96 83.42
CA VAL HC 74 -28.66 -61.18 84.32
C VAL HC 74 -27.82 -60.02 84.83
N SER HC 75 -28.42 -58.84 84.89
CA SER HC 75 -27.66 -57.64 85.24
C SER HC 75 -28.52 -56.73 86.11
N THR HC 76 -27.94 -56.24 87.20
CA THR HC 76 -28.66 -55.33 88.11
C THR HC 76 -27.83 -54.07 88.32
N PHE HC 77 -28.50 -52.93 88.21
CA PHE HC 77 -27.88 -51.62 88.36
C PHE HC 77 -28.60 -50.86 89.46
N GLU HC 78 -27.85 -50.40 90.46
CA GLU HC 78 -28.42 -49.71 91.62
C GLU HC 78 -27.73 -48.37 91.83
N PRO HC 79 -27.99 -47.39 90.97
CA PRO HC 79 -27.37 -46.07 91.16
C PRO HC 79 -27.81 -45.41 92.46
N ILE HC 80 -26.88 -44.71 93.09
CA ILE HC 80 -27.12 -43.98 94.34
C ILE HC 80 -27.03 -42.50 94.05
N LEU HC 81 -27.98 -41.73 94.56
CA LEU HC 81 -28.04 -40.29 94.30
C LEU HC 81 -27.34 -39.51 95.41
N GLU HC 82 -27.10 -38.24 95.11
CA GLU HC 82 -26.61 -37.25 96.06
C GLU HC 82 -27.27 -35.91 95.73
N VAL HC 83 -27.34 -35.04 96.75
CA VAL HC 83 -28.00 -33.75 96.64
C VAL HC 83 -27.06 -32.68 97.18
N ALA HC 84 -27.12 -31.49 96.56
CA ALA HC 84 -26.26 -30.39 96.96
C ALA HC 84 -26.77 -29.64 98.19
N VAL HC 85 -28.08 -29.69 98.45
CA VAL HC 85 -28.67 -29.01 99.60
C VAL HC 85 -29.97 -29.73 99.97
N THR HC 86 -30.30 -29.75 101.26
CA THR HC 86 -31.33 -30.65 101.77
C THR HC 86 -32.68 -29.97 102.01
N ALA HC 87 -32.80 -28.66 101.79
CA ALA HC 87 -34.06 -27.97 102.01
C ALA HC 87 -34.59 -27.40 100.69
N THR HC 88 -35.74 -26.76 100.78
CA THR HC 88 -36.36 -26.10 99.65
C THR HC 88 -36.51 -24.61 99.95
N TYR HC 89 -36.10 -23.77 98.99
CA TYR HC 89 -36.15 -22.33 99.13
C TYR HC 89 -37.08 -21.76 98.06
N SER HC 90 -38.07 -20.98 98.50
CA SER HC 90 -38.94 -20.23 97.56
C SER HC 90 -39.48 -21.15 96.47
N GLY HC 91 -39.90 -22.35 96.87
CA GLY HC 91 -40.48 -23.31 95.97
C GLY HC 91 -39.49 -24.05 95.09
N ILE HC 92 -38.18 -23.86 95.26
CA ILE HC 92 -37.19 -24.54 94.45
C ILE HC 92 -36.73 -25.78 95.21
N ALA HC 93 -37.04 -26.95 94.66
CA ALA HC 93 -36.61 -28.10 95.45
C ALA HC 93 -35.20 -28.54 95.04
N PRO HC 94 -34.51 -29.23 95.95
CA PRO HC 94 -33.23 -29.82 95.58
C PRO HC 94 -33.40 -30.90 94.53
N SER HC 95 -32.53 -30.87 93.52
CA SER HC 95 -32.59 -31.83 92.43
C SER HC 95 -31.37 -32.73 92.51
N PRO HC 96 -31.54 -34.01 92.80
CA PRO HC 96 -30.39 -34.89 93.00
C PRO HC 96 -29.75 -35.31 91.69
N THR HC 97 -28.46 -35.62 91.77
CA THR HC 97 -27.70 -36.21 90.68
C THR HC 97 -27.18 -37.57 91.10
N VAL HC 98 -26.69 -38.33 90.12
CA VAL HC 98 -26.11 -39.62 90.45
C VAL HC 98 -24.75 -39.41 91.07
N SER HC 99 -24.45 -40.17 92.12
CA SER HC 99 -23.19 -40.09 92.85
C SER HC 99 -22.25 -41.22 92.48
N TYR HC 100 -22.75 -42.45 92.46
CA TYR HC 100 -21.97 -43.62 92.04
C TYR HC 100 -22.96 -44.73 91.71
N VAL HC 101 -22.48 -45.72 90.96
CA VAL HC 101 -23.36 -46.81 90.56
C VAL HC 101 -22.74 -48.16 90.87
N PRO HC 102 -23.12 -48.81 91.98
CA PRO HC 102 -22.79 -50.22 92.14
C PRO HC 102 -23.66 -51.08 91.23
N LYS HC 103 -23.05 -52.13 90.68
CA LYS HC 103 -23.78 -52.95 89.74
C LYS HC 103 -23.25 -54.37 89.78
N ALA HC 104 -24.01 -55.29 89.19
CA ALA HC 104 -23.65 -56.70 89.16
C ALA HC 104 -24.05 -57.31 87.83
N PHE HC 105 -23.22 -58.22 87.34
CA PHE HC 105 -23.39 -58.83 86.03
C PHE HC 105 -23.09 -60.31 86.17
N THR HC 106 -24.05 -61.17 85.84
CA THR HC 106 -23.88 -62.63 85.89
C THR HC 106 -24.14 -63.22 84.51
N GLU HC 107 -23.29 -64.16 84.10
CA GLU HC 107 -23.38 -64.82 82.80
C GLU HC 107 -23.27 -66.33 82.99
N PHE HC 108 -24.29 -67.04 82.53
CA PHE HC 108 -24.28 -68.49 82.43
C PHE HC 108 -23.94 -68.89 81.00
N VAL HC 109 -22.97 -69.77 80.86
CA VAL HC 109 -22.64 -70.41 79.59
C VAL HC 109 -23.11 -71.86 79.71
N LEU HC 110 -24.19 -72.16 79.00
CA LEU HC 110 -24.82 -73.47 79.02
C LEU HC 110 -24.65 -74.11 77.64
N PRO HC 111 -23.77 -75.09 77.48
CA PRO HC 111 -23.67 -75.75 76.19
C PRO HC 111 -24.99 -76.43 75.81
N GLU HC 112 -25.35 -76.32 74.53
CA GLU HC 112 -26.66 -76.76 74.08
C GLU HC 112 -26.90 -78.24 74.37
N ARG HC 113 -25.85 -79.06 74.39
CA ARG HC 113 -26.01 -80.48 74.67
C ARG HC 113 -26.25 -80.79 76.14
N ALA HC 114 -26.33 -79.79 77.01
CA ALA HC 114 -26.37 -80.08 78.44
C ALA HC 114 -27.77 -80.52 78.86
N THR HC 115 -27.82 -81.31 79.93
CA THR HC 115 -29.07 -81.82 80.44
C THR HC 115 -29.79 -80.76 81.29
N LEU HC 116 -31.12 -80.88 81.35
CA LEU HC 116 -31.88 -80.10 82.31
C LEU HC 116 -31.27 -80.21 83.70
N ASP HC 117 -30.79 -81.39 84.06
CA ASP HC 117 -30.16 -81.56 85.36
C ASP HC 117 -28.91 -80.71 85.48
N ASN HC 118 -28.07 -80.69 84.43
CA ASN HC 118 -26.88 -79.85 84.45
C ASN HC 118 -27.23 -78.38 84.62
N ARG HC 119 -28.31 -77.94 83.96
CA ARG HC 119 -28.69 -76.53 84.05
C ARG HC 119 -29.22 -76.19 85.43
N LYS HC 120 -30.06 -77.06 86.01
CA LYS HC 120 -30.53 -76.84 87.37
C LYS HC 120 -29.36 -76.81 88.34
N ASP HC 121 -28.38 -77.70 88.14
CA ASP HC 121 -27.18 -77.74 88.97
C ASP HC 121 -26.43 -76.41 88.93
N ILE HC 122 -26.09 -75.95 87.72
CA ILE HC 122 -25.27 -74.76 87.62
C ILE HC 122 -26.02 -73.54 88.17
N ARG HC 123 -27.31 -73.42 87.88
CA ARG HC 123 -28.10 -72.30 88.39
C ARG HC 123 -28.12 -72.31 89.91
N LYS HC 124 -28.62 -73.39 90.51
CA LYS HC 124 -28.74 -73.44 91.96
C LYS HC 124 -27.40 -73.23 92.64
N MET HC 125 -26.36 -73.89 92.14
CA MET HC 125 -25.09 -73.90 92.85
C MET HC 125 -24.38 -72.56 92.73
N HIS HC 126 -24.49 -71.88 91.58
CA HIS HC 126 -23.92 -70.55 91.51
C HIS HC 126 -24.67 -69.56 92.38
N ALA HC 127 -26.01 -69.59 92.33
CA ALA HC 127 -26.80 -68.70 93.18
C ALA HC 127 -26.44 -68.91 94.65
N LEU HC 128 -26.21 -70.17 95.04
CA LEU HC 128 -25.79 -70.45 96.41
C LEU HC 128 -24.37 -69.93 96.66
N ALA HC 129 -23.47 -70.08 95.68
CA ALA HC 129 -22.10 -69.62 95.86
C ALA HC 129 -22.04 -68.11 96.08
N LEU HC 130 -23.06 -67.38 95.62
CA LEU HC 130 -23.12 -65.95 95.90
C LEU HC 130 -23.54 -65.64 97.33
N THR HC 131 -24.00 -66.64 98.10
CA THR HC 131 -24.47 -66.41 99.46
C THR HC 131 -23.60 -67.10 100.51
N THR HC 132 -22.50 -67.71 100.11
CA THR HC 132 -21.60 -68.35 101.07
C THR HC 132 -20.98 -67.31 102.00
N SER HC 133 -20.54 -67.76 103.17
CA SER HC 133 -19.91 -66.86 104.13
C SER HC 133 -18.70 -66.16 103.53
N GLU HC 134 -17.95 -66.88 102.68
CA GLU HC 134 -16.82 -66.28 101.99
C GLU HC 134 -17.26 -65.20 101.01
N ALA HC 135 -18.30 -65.47 100.23
CA ALA HC 135 -18.81 -64.46 99.30
C ALA HC 135 -19.30 -63.23 100.05
N ILE HC 136 -19.96 -63.43 101.20
CA ILE HC 136 -20.44 -62.29 101.97
C ILE HC 136 -19.27 -61.51 102.55
N ALA HC 137 -18.24 -62.20 103.03
CA ALA HC 137 -17.06 -61.52 103.55
C ALA HC 137 -16.33 -60.74 102.46
N MET HC 138 -16.35 -61.22 101.22
CA MET HC 138 -15.63 -60.54 100.15
C MET HC 138 -16.42 -59.36 99.58
N ILE HC 139 -17.74 -59.50 99.41
CA ILE HC 139 -18.53 -58.44 98.80
C ILE HC 139 -18.95 -57.38 99.81
N GLU HC 140 -19.38 -57.80 101.00
CA GLU HC 140 -19.87 -56.85 102.00
C GLU HC 140 -18.75 -56.33 102.89
N SER HC 141 -17.92 -57.23 103.41
CA SER HC 141 -16.86 -56.88 104.34
C SER HC 141 -15.53 -56.55 103.65
N LEU HC 142 -15.40 -56.87 102.36
CA LEU HC 142 -14.22 -56.49 101.58
C LEU HC 142 -12.94 -57.12 102.15
N GLN HC 143 -13.03 -58.40 102.49
CA GLN HC 143 -11.91 -59.16 103.02
C GLN HC 143 -11.69 -60.41 102.19
N PHE HC 144 -10.47 -60.59 101.70
CA PHE HC 144 -10.10 -61.78 100.94
C PHE HC 144 -9.84 -62.96 101.89
N VAL HC 145 -9.60 -64.13 101.32
CA VAL HC 145 -9.30 -65.34 102.08
C VAL HC 145 -7.79 -65.55 102.12
N TYR HC 146 -7.25 -65.78 103.32
CA TYR HC 146 -5.81 -65.91 103.51
C TYR HC 146 -5.44 -67.23 104.19
N PRO IC 1 -52.51 -58.90 68.47
CA PRO IC 1 -52.64 -59.95 69.48
C PRO IC 1 -51.32 -60.17 70.23
N GLN IC 2 -51.36 -60.13 71.56
CA GLN IC 2 -50.13 -60.35 72.32
C GLN IC 2 -49.67 -61.79 72.12
N ALA IC 3 -48.35 -61.98 72.13
CA ALA IC 3 -47.81 -63.31 71.91
C ALA IC 3 -48.19 -64.23 73.06
N ALA IC 4 -48.64 -65.44 72.71
CA ALA IC 4 -48.94 -66.44 73.72
C ALA IC 4 -48.67 -67.82 73.15
N ASP IC 5 -48.75 -68.83 74.02
CA ASP IC 5 -48.51 -70.21 73.60
C ASP IC 5 -49.44 -70.59 72.45
N ILE IC 6 -48.91 -71.35 71.50
CA ILE IC 6 -49.69 -71.86 70.37
C ILE IC 6 -49.73 -73.38 70.51
N VAL IC 7 -50.93 -73.94 70.64
CA VAL IC 7 -51.06 -75.37 70.88
C VAL IC 7 -51.64 -76.04 69.63
N ILE IC 8 -50.92 -77.02 69.10
CA ILE IC 8 -51.29 -77.69 67.87
C ILE IC 8 -51.28 -79.20 68.11
N ALA IC 9 -52.30 -79.89 67.60
CA ALA IC 9 -52.45 -81.31 67.87
C ALA IC 9 -51.53 -82.15 66.99
N ASP IC 10 -51.06 -83.27 67.55
CA ASP IC 10 -50.26 -84.23 66.81
C ASP IC 10 -51.12 -84.98 65.81
N ALA IC 11 -50.50 -85.90 65.07
CA ALA IC 11 -51.22 -86.79 64.17
C ALA IC 11 -51.15 -88.24 64.61
N GLN IC 12 -50.96 -88.49 65.91
CA GLN IC 12 -50.83 -89.85 66.40
C GLN IC 12 -52.20 -90.51 66.50
N ALA IC 13 -52.18 -91.81 66.79
CA ALA IC 13 -53.41 -92.56 67.05
C ALA IC 13 -54.30 -91.80 68.03
N THR IC 14 -53.76 -91.54 69.22
CA THR IC 14 -54.36 -90.56 70.11
C THR IC 14 -53.58 -89.26 69.96
N PRO IC 15 -54.15 -88.23 69.35
CA PRO IC 15 -53.40 -86.99 69.13
C PRO IC 15 -52.83 -86.45 70.43
N VAL IC 16 -51.60 -85.95 70.35
CA VAL IC 16 -50.86 -85.40 71.49
C VAL IC 16 -50.64 -83.91 71.24
N ASN IC 17 -51.05 -83.07 72.19
CA ASN IC 17 -50.92 -81.64 72.01
C ASN IC 17 -49.47 -81.20 72.16
N HIS IC 18 -48.96 -80.46 71.17
CA HIS IC 18 -47.66 -79.83 71.25
C HIS IC 18 -47.86 -78.34 71.55
N THR IC 19 -47.20 -77.85 72.59
CA THR IC 19 -47.30 -76.46 73.00
C THR IC 19 -46.05 -75.71 72.57
N PHE IC 20 -46.22 -74.70 71.71
CA PHE IC 20 -45.15 -73.86 71.20
C PHE IC 20 -45.12 -72.58 72.02
N VAL IC 21 -44.14 -72.47 72.90
CA VAL IC 21 -43.91 -71.28 73.73
C VAL IC 21 -43.23 -70.24 72.86
N PRO IC 22 -43.65 -68.97 72.88
CA PRO IC 22 -42.94 -67.96 72.10
C PRO IC 22 -41.50 -67.78 72.57
N ILE IC 23 -40.57 -67.83 71.62
CA ILE IC 23 -39.21 -67.39 71.85
C ILE IC 23 -39.07 -65.89 71.64
N GLY IC 24 -39.83 -65.35 70.69
CA GLY IC 24 -39.76 -63.93 70.45
C GLY IC 24 -39.40 -63.59 69.03
N PRO IC 25 -39.18 -62.33 68.74
CA PRO IC 25 -38.85 -61.92 67.38
C PRO IC 25 -37.42 -62.28 67.03
N ASP IC 26 -37.21 -62.61 65.76
CA ASP IC 26 -35.89 -62.93 65.26
C ASP IC 26 -34.99 -61.71 65.44
N PRO IC 27 -33.84 -61.84 66.11
CA PRO IC 27 -32.95 -60.68 66.23
C PRO IC 27 -32.45 -60.17 64.89
N LYS IC 28 -32.30 -61.05 63.90
CA LYS IC 28 -31.82 -60.63 62.60
C LYS IC 28 -32.90 -59.90 61.80
N ASP IC 29 -34.17 -60.34 61.92
CA ASP IC 29 -35.29 -59.75 61.21
C ASP IC 29 -36.46 -59.56 62.17
N ALA IC 30 -36.85 -58.32 62.40
CA ALA IC 30 -37.90 -58.01 63.37
C ALA IC 30 -39.29 -58.38 62.88
N THR IC 31 -39.48 -58.65 61.59
CA THR IC 31 -40.80 -58.95 61.04
C THR IC 31 -41.15 -60.42 61.12
N ILE IC 32 -40.36 -61.23 61.81
CA ILE IC 32 -40.64 -62.65 61.90
C ILE IC 32 -40.52 -63.05 63.37
N TYR IC 33 -41.53 -63.77 63.86
CA TYR IC 33 -41.67 -64.15 65.26
C TYR IC 33 -41.62 -65.66 65.39
N TRP IC 34 -41.08 -66.13 66.51
CA TRP IC 34 -40.74 -67.54 66.69
C TRP IC 34 -41.35 -68.10 67.97
N TRP IC 35 -42.03 -69.23 67.84
CA TRP IC 35 -42.45 -70.11 68.91
C TRP IC 35 -41.68 -71.44 68.80
N GLU IC 36 -41.54 -72.13 69.92
CA GLU IC 36 -40.73 -73.34 70.02
C GLU IC 36 -41.42 -74.39 70.86
N ASP IC 37 -41.42 -75.63 70.38
CA ASP IC 37 -41.95 -76.78 71.10
C ASP IC 37 -40.79 -77.47 71.82
N GLN IC 38 -40.78 -77.37 73.14
CA GLN IC 38 -39.64 -77.83 73.94
C GLN IC 38 -39.80 -79.25 74.46
N SER IC 39 -40.69 -80.04 73.85
CA SER IC 39 -40.99 -81.37 74.35
C SER IC 39 -40.06 -82.43 73.79
N GLN IC 40 -39.12 -82.07 72.94
CA GLN IC 40 -38.26 -83.04 72.26
C GLN IC 40 -37.10 -83.42 73.18
N ALA IC 41 -36.18 -84.23 72.63
CA ALA IC 41 -35.19 -84.91 73.47
C ALA IC 41 -34.09 -83.97 73.95
N SER IC 42 -33.63 -83.06 73.09
CA SER IC 42 -32.65 -82.05 73.46
C SER IC 42 -32.87 -80.85 72.57
N PRO IC 43 -32.34 -79.67 72.93
CA PRO IC 43 -32.77 -78.44 72.24
C PRO IC 43 -32.56 -78.45 70.73
N ALA IC 44 -31.50 -79.10 70.24
CA ALA IC 44 -31.27 -79.12 68.80
C ALA IC 44 -32.47 -79.67 68.03
N GLY IC 45 -33.25 -80.55 68.67
CA GLY IC 45 -34.43 -81.15 68.06
C GLY IC 45 -35.76 -80.53 68.42
N TYR IC 46 -35.77 -79.38 69.11
CA TYR IC 46 -37.02 -78.69 69.44
C TYR IC 46 -37.73 -78.24 68.17
N TRP IC 47 -39.00 -78.56 68.04
CA TRP IC 47 -39.77 -78.10 66.89
C TRP IC 47 -40.04 -76.61 66.99
N ARG IC 48 -40.08 -75.94 65.85
CA ARG IC 48 -40.24 -74.50 65.83
C ARG IC 48 -41.31 -74.09 64.83
N LEU IC 49 -41.88 -72.91 65.10
CA LEU IC 49 -42.92 -72.33 64.28
C LEU IC 49 -42.63 -70.84 64.15
N SER IC 50 -42.76 -70.30 62.95
CA SER IC 50 -42.40 -68.91 62.66
C SER IC 50 -43.51 -68.25 61.86
N MET IC 51 -43.85 -67.02 62.23
CA MET IC 51 -44.85 -66.25 61.50
C MET IC 51 -44.28 -64.88 61.17
N GLN IC 52 -44.42 -64.45 59.91
CA GLN IC 52 -43.81 -63.24 59.41
C GLN IC 52 -44.84 -62.38 58.70
N LEU IC 53 -44.87 -61.10 59.05
CA LEU IC 53 -45.74 -60.11 58.42
C LEU IC 53 -44.88 -58.97 57.89
N VAL IC 54 -44.90 -58.79 56.58
CA VAL IC 54 -44.12 -57.76 55.91
C VAL IC 54 -45.12 -56.82 55.24
N ARG IC 55 -45.37 -55.69 55.87
CA ARG IC 55 -46.20 -54.59 55.41
C ARG IC 55 -45.31 -53.55 54.73
N PRO IC 56 -45.78 -52.96 53.64
CA PRO IC 56 -44.94 -52.01 52.91
C PRO IC 56 -44.90 -50.66 53.60
N ALA IC 57 -43.91 -49.86 53.21
CA ALA IC 57 -43.80 -48.51 53.72
C ALA IC 57 -45.09 -47.75 53.39
N PRO IC 58 -45.51 -46.84 54.27
CA PRO IC 58 -46.85 -46.24 54.12
C PRO IC 58 -47.02 -45.52 52.78
N ALA IC 59 -48.25 -45.58 52.27
CA ALA IC 59 -48.57 -44.92 51.03
C ALA IC 59 -48.33 -43.42 51.17
N LYS IC 60 -47.82 -42.80 50.09
CA LYS IC 60 -47.53 -41.38 50.09
C LYS IC 60 -48.56 -40.64 49.23
N ALA IC 61 -48.66 -39.34 49.46
CA ALA IC 61 -49.65 -38.53 48.78
C ALA IC 61 -49.42 -38.54 47.28
N GLY IC 62 -50.46 -38.85 46.52
CA GLY IC 62 -50.35 -38.93 45.08
C GLY IC 62 -49.57 -40.11 44.55
N GLN IC 63 -49.12 -41.03 45.40
CA GLN IC 63 -48.35 -42.19 44.97
C GLN IC 63 -49.28 -43.22 44.34
N ASN IC 64 -48.71 -44.10 43.53
CA ASN IC 64 -49.48 -45.14 42.86
C ASN IC 64 -49.37 -46.44 43.61
N THR IC 65 -50.51 -47.03 43.96
CA THR IC 65 -50.57 -48.18 44.85
C THR IC 65 -50.52 -49.53 44.15
N ASN IC 66 -50.71 -49.55 42.82
CA ASN IC 66 -51.14 -50.76 42.13
C ASN IC 66 -50.11 -51.88 42.20
N GLN IC 67 -48.93 -51.63 42.77
CA GLN IC 67 -47.93 -52.69 42.91
C GLN IC 67 -47.51 -52.97 44.35
N ARG IC 68 -47.97 -52.18 45.32
CA ARG IC 68 -47.56 -52.39 46.70
C ARG IC 68 -48.28 -53.61 47.26
N MET IC 69 -47.56 -54.44 48.00
CA MET IC 69 -48.10 -55.71 48.45
C MET IC 69 -47.60 -56.08 49.85
N ILE IC 70 -48.44 -56.85 50.56
CA ILE IC 70 -48.19 -57.34 51.91
C ILE IC 70 -47.91 -58.84 51.82
N ARG IC 71 -46.92 -59.31 52.57
CA ARG IC 71 -46.60 -60.73 52.56
C ARG IC 71 -46.72 -61.30 53.97
N VAL IC 72 -47.20 -62.54 54.05
CA VAL IC 72 -47.29 -63.25 55.32
C VAL IC 72 -46.73 -64.65 55.12
N ARG IC 73 -45.76 -65.04 55.93
CA ARG IC 73 -45.11 -66.35 55.79
C ARG IC 73 -45.22 -67.11 57.11
N VAL IC 74 -45.85 -68.27 57.06
CA VAL IC 74 -45.94 -69.17 58.20
C VAL IC 74 -45.11 -70.42 57.89
N SER IC 75 -44.21 -70.77 58.80
CA SER IC 75 -43.26 -71.84 58.57
C SER IC 75 -43.22 -72.75 59.79
N THR IC 76 -43.18 -74.07 59.56
CA THR IC 76 -43.09 -75.03 60.65
C THR IC 76 -41.96 -76.01 60.38
N PHE IC 77 -41.10 -76.20 61.39
CA PHE IC 77 -39.95 -77.09 61.33
C PHE IC 77 -40.07 -78.14 62.41
N GLU IC 78 -39.98 -79.41 62.02
CA GLU IC 78 -40.13 -80.54 62.95
C GLU IC 78 -38.91 -81.45 62.84
N PRO IC 79 -37.73 -80.98 63.25
CA PRO IC 79 -36.53 -81.80 63.12
C PRO IC 79 -36.61 -83.06 63.96
N ILE IC 80 -36.13 -84.16 63.39
CA ILE IC 80 -36.10 -85.46 64.05
C ILE IC 80 -34.67 -85.74 64.49
N LEU IC 81 -34.48 -85.92 65.80
CA LEU IC 81 -33.14 -86.14 66.34
C LEU IC 81 -32.65 -87.53 65.99
N GLU IC 82 -31.35 -87.63 65.69
CA GLU IC 82 -30.75 -88.93 65.42
C GLU IC 82 -30.75 -89.76 66.70
N VAL IC 83 -31.03 -91.05 66.57
CA VAL IC 83 -30.94 -91.98 67.69
C VAL IC 83 -29.57 -92.63 67.67
N ALA IC 84 -28.90 -92.62 68.80
CA ALA IC 84 -27.51 -93.06 68.87
C ALA IC 84 -27.42 -94.58 68.81
N VAL IC 85 -26.37 -95.07 68.15
CA VAL IC 85 -26.00 -96.48 68.26
C VAL IC 85 -24.57 -96.53 68.77
N THR IC 86 -24.02 -97.73 68.89
CA THR IC 86 -22.69 -97.89 69.47
C THR IC 86 -21.64 -97.28 68.55
N ALA IC 87 -20.89 -96.31 69.07
CA ALA IC 87 -19.77 -95.72 68.35
C ALA IC 87 -18.55 -96.59 68.56
N THR IC 88 -17.87 -96.94 67.47
CA THR IC 88 -16.81 -97.93 67.52
C THR IC 88 -15.41 -97.35 67.32
N TYR IC 89 -15.28 -96.16 66.73
CA TYR IC 89 -13.95 -95.58 66.57
C TYR IC 89 -13.41 -95.08 67.90
N SER IC 90 -14.16 -94.24 68.60
CA SER IC 90 -13.70 -93.64 69.84
C SER IC 90 -14.40 -94.17 71.08
N GLY IC 91 -15.51 -94.89 70.93
CA GLY IC 91 -16.28 -95.34 72.07
C GLY IC 91 -16.99 -94.22 72.80
N ILE IC 92 -16.97 -93.02 72.23
CA ILE IC 92 -17.60 -91.84 72.81
C ILE IC 92 -18.86 -91.54 72.01
N ALA IC 93 -20.02 -91.66 72.66
CA ALA IC 93 -21.28 -91.43 71.97
C ALA IC 93 -21.32 -90.02 71.42
N PRO IC 94 -21.93 -89.81 70.26
CA PRO IC 94 -21.84 -88.51 69.60
C PRO IC 94 -22.79 -87.49 70.21
N SER IC 95 -22.44 -86.22 70.04
CA SER IC 95 -23.30 -85.13 70.43
C SER IC 95 -24.67 -85.29 69.76
N PRO IC 96 -25.73 -84.78 70.37
CA PRO IC 96 -27.05 -84.88 69.72
C PRO IC 96 -27.00 -84.17 68.37
N THR IC 97 -27.35 -84.91 67.33
CA THR IC 97 -27.30 -84.41 65.96
C THR IC 97 -28.66 -84.56 65.32
N VAL IC 98 -29.02 -83.60 64.49
CA VAL IC 98 -30.30 -83.62 63.79
C VAL IC 98 -30.18 -84.57 62.60
N SER IC 99 -31.08 -85.55 62.53
CA SER IC 99 -31.01 -86.54 61.46
C SER IC 99 -31.59 -86.00 60.14
N TYR IC 100 -32.80 -85.47 60.18
CA TYR IC 100 -33.43 -84.88 59.00
C TYR IC 100 -34.54 -83.97 59.47
N VAL IC 101 -34.97 -83.07 58.59
CA VAL IC 101 -35.99 -82.10 58.99
C VAL IC 101 -37.15 -82.04 58.01
N PRO IC 102 -38.30 -82.61 58.36
CA PRO IC 102 -39.53 -82.32 57.61
C PRO IC 102 -40.01 -80.92 57.92
N LYS IC 103 -40.31 -80.15 56.88
CA LYS IC 103 -40.68 -78.76 57.13
C LYS IC 103 -41.73 -78.30 56.12
N ALA IC 104 -42.38 -77.18 56.44
CA ALA IC 104 -43.40 -76.62 55.59
C ALA IC 104 -43.32 -75.10 55.63
N PHE IC 105 -43.59 -74.48 54.48
CA PHE IC 105 -43.44 -73.04 54.28
C PHE IC 105 -44.63 -72.55 53.47
N THR IC 106 -45.45 -71.66 54.04
CA THR IC 106 -46.60 -71.10 53.36
C THR IC 106 -46.44 -69.59 53.27
N GLU IC 107 -46.61 -69.04 52.06
CA GLU IC 107 -46.50 -67.60 51.81
C GLU IC 107 -47.78 -67.09 51.18
N PHE IC 108 -48.42 -66.13 51.83
CA PHE IC 108 -49.54 -65.39 51.30
C PHE IC 108 -49.02 -64.08 50.71
N VAL IC 109 -49.37 -63.83 49.46
CA VAL IC 109 -49.16 -62.55 48.81
C VAL IC 109 -50.52 -61.87 48.72
N LEU IC 110 -50.69 -60.82 49.53
CA LEU IC 110 -51.94 -60.07 49.63
C LEU IC 110 -51.64 -58.66 49.14
N PRO IC 111 -52.06 -58.28 47.94
CA PRO IC 111 -51.85 -56.89 47.50
C PRO IC 111 -52.62 -55.93 48.41
N GLU IC 112 -51.98 -54.80 48.72
CA GLU IC 112 -52.56 -53.86 49.67
C GLU IC 112 -53.96 -53.44 49.24
N ARG IC 113 -54.16 -53.27 47.94
CA ARG IC 113 -55.46 -52.99 47.35
C ARG IC 113 -56.56 -53.96 47.79
N ALA IC 114 -56.22 -55.19 48.16
CA ALA IC 114 -57.23 -56.22 48.35
C ALA IC 114 -58.08 -55.94 49.59
N THR IC 115 -59.35 -56.37 49.53
CA THR IC 115 -60.29 -56.15 50.62
C THR IC 115 -60.18 -57.22 51.69
N LEU IC 116 -60.72 -56.89 52.86
CA LEU IC 116 -60.77 -57.85 53.96
C LEU IC 116 -61.42 -59.15 53.52
N ASP IC 117 -62.48 -59.06 52.71
CA ASP IC 117 -63.12 -60.26 52.21
C ASP IC 117 -62.14 -61.08 51.37
N ASN IC 118 -61.35 -60.42 50.52
CA ASN IC 118 -60.35 -61.13 49.73
C ASN IC 118 -59.36 -61.86 50.61
N ARG IC 119 -58.91 -61.21 51.69
CA ARG IC 119 -57.92 -61.83 52.56
C ARG IC 119 -58.51 -63.01 53.33
N LYS IC 120 -59.75 -62.86 53.83
CA LYS IC 120 -60.42 -63.96 54.51
C LYS IC 120 -60.62 -65.13 53.55
N ASP IC 121 -60.98 -64.84 52.30
CA ASP IC 121 -61.16 -65.87 51.27
C ASP IC 121 -59.87 -66.66 51.07
N ILE IC 122 -58.77 -65.95 50.80
CA ILE IC 122 -57.53 -66.66 50.47
C ILE IC 122 -57.04 -67.48 51.66
N ARG IC 123 -57.11 -66.91 52.87
CA ARG IC 123 -56.67 -67.64 54.06
C ARG IC 123 -57.50 -68.90 54.26
N LYS IC 124 -58.83 -68.76 54.36
CA LYS IC 124 -59.68 -69.92 54.62
C LYS IC 124 -59.52 -70.97 53.53
N MET IC 125 -59.53 -70.54 52.27
CA MET IC 125 -59.60 -71.50 51.17
C MET IC 125 -58.28 -72.24 51.01
N HIS IC 126 -57.15 -71.58 51.25
CA HIS IC 126 -55.89 -72.29 51.20
C HIS IC 126 -55.76 -73.26 52.37
N ALA IC 127 -56.09 -72.78 53.59
CA ALA IC 127 -56.01 -73.67 54.76
C ALA IC 127 -56.87 -74.90 54.59
N LEU IC 128 -57.99 -74.76 53.87
CA LEU IC 128 -58.82 -75.91 53.53
C LEU IC 128 -58.16 -76.76 52.44
N ALA IC 129 -57.55 -76.12 51.44
CA ALA IC 129 -56.93 -76.86 50.35
C ALA IC 129 -55.83 -77.78 50.85
N LEU IC 130 -55.22 -77.42 51.97
CA LEU IC 130 -54.22 -78.30 52.58
C LEU IC 130 -54.83 -79.52 53.26
N THR IC 131 -56.15 -79.60 53.41
CA THR IC 131 -56.80 -80.72 54.06
C THR IC 131 -57.62 -81.58 53.11
N THR IC 132 -57.58 -81.30 51.81
CA THR IC 132 -58.31 -82.09 50.83
C THR IC 132 -57.75 -83.51 50.76
N SER IC 133 -58.59 -84.44 50.30
CA SER IC 133 -58.14 -85.82 50.15
C SER IC 133 -56.95 -85.91 49.21
N GLU IC 134 -56.92 -85.06 48.19
CA GLU IC 134 -55.80 -85.03 47.24
C GLU IC 134 -54.51 -84.59 47.93
N ALA IC 135 -54.58 -83.52 48.73
CA ALA IC 135 -53.41 -83.08 49.48
C ALA IC 135 -52.93 -84.13 50.46
N ILE IC 136 -53.88 -84.80 51.14
CA ILE IC 136 -53.51 -85.87 52.06
C ILE IC 136 -52.81 -87.00 51.32
N ALA IC 137 -53.32 -87.36 50.14
CA ALA IC 137 -52.72 -88.44 49.37
C ALA IC 137 -51.32 -88.08 48.89
N MET IC 138 -51.11 -86.83 48.48
CA MET IC 138 -49.80 -86.43 47.99
C MET IC 138 -48.77 -86.34 49.11
N ILE IC 139 -49.14 -85.73 50.23
CA ILE IC 139 -48.14 -85.49 51.27
C ILE IC 139 -47.92 -86.74 52.11
N GLU IC 140 -48.98 -87.47 52.45
CA GLU IC 140 -48.84 -88.61 53.33
C GLU IC 140 -48.52 -89.90 52.57
N SER IC 141 -49.23 -90.16 51.48
CA SER IC 141 -49.11 -91.42 50.73
C SER IC 141 -48.27 -91.29 49.47
N LEU IC 142 -47.86 -90.06 49.11
CA LEU IC 142 -46.94 -89.85 47.99
C LEU IC 142 -47.54 -90.30 46.67
N GLN IC 143 -48.78 -89.92 46.43
CA GLN IC 143 -49.53 -90.29 45.23
C GLN IC 143 -50.01 -89.04 44.50
N PHE IC 144 -49.79 -89.01 43.20
CA PHE IC 144 -50.29 -87.92 42.37
C PHE IC 144 -51.72 -88.19 41.93
N VAL IC 145 -52.30 -87.28 41.16
CA VAL IC 145 -53.65 -87.45 40.63
C VAL IC 145 -53.56 -87.68 39.13
N TYR IC 146 -54.49 -88.47 38.60
CA TYR IC 146 -54.36 -88.92 37.22
C TYR IC 146 -55.70 -88.93 36.46
N PRO JC 1 9.02 69.53 -83.47
CA PRO JC 1 7.67 70.00 -83.79
C PRO JC 1 6.61 69.27 -83.00
N GLN JC 2 5.45 69.89 -82.79
CA GLN JC 2 4.38 69.23 -82.07
C GLN JC 2 3.76 68.13 -82.92
N ALA JC 3 3.32 67.08 -82.25
CA ALA JC 3 2.80 65.91 -82.94
C ALA JC 3 1.40 66.18 -83.47
N ALA JC 4 1.18 65.80 -84.73
CA ALA JC 4 -0.14 65.97 -85.36
C ALA JC 4 -0.39 64.80 -86.30
N ASP JC 5 -1.60 64.78 -86.88
CA ASP JC 5 -2.01 63.70 -87.76
C ASP JC 5 -1.03 63.53 -88.91
N ILE JC 6 -0.79 62.28 -89.30
CA ILE JC 6 0.06 61.96 -90.45
C ILE JC 6 -0.81 61.28 -91.49
N VAL JC 7 -0.90 61.86 -92.67
CA VAL JC 7 -1.79 61.33 -93.70
C VAL JC 7 -0.96 60.75 -94.83
N ILE JC 8 -1.21 59.47 -95.14
CA ILE JC 8 -0.44 58.73 -96.13
C ILE JC 8 -1.40 58.08 -97.11
N ALA JC 9 -1.08 58.16 -98.40
CA ALA JC 9 -1.97 57.67 -99.44
C ALA JC 9 -1.87 56.16 -99.60
N ASP JC 10 -3.01 55.56 -99.95
CA ASP JC 10 -3.10 54.13 -100.23
C ASP JC 10 -2.40 53.80 -101.55
N ALA JC 11 -2.38 52.52 -101.89
CA ALA JC 11 -1.91 52.07 -103.20
C ALA JC 11 -3.03 51.42 -104.00
N GLN JC 12 -4.28 51.79 -103.71
CA GLN JC 12 -5.40 51.25 -104.46
C GLN JC 12 -5.47 51.88 -105.85
N ALA JC 13 -6.35 51.32 -106.68
CA ALA JC 13 -6.63 51.90 -107.99
C ALA JC 13 -6.96 53.38 -107.85
N THR JC 14 -7.97 53.68 -107.04
CA THR JC 14 -8.18 55.04 -106.58
C THR JC 14 -7.63 55.16 -105.17
N PRO JC 15 -6.49 55.82 -104.97
CA PRO JC 15 -5.87 55.84 -103.64
C PRO JC 15 -6.80 56.41 -102.59
N VAL JC 16 -6.65 55.90 -101.36
CA VAL JC 16 -7.45 56.28 -100.20
C VAL JC 16 -6.52 56.81 -99.13
N ASN JC 17 -6.80 58.00 -98.62
CA ASN JC 17 -5.95 58.59 -97.59
C ASN JC 17 -6.19 57.88 -96.26
N HIS JC 18 -5.12 57.36 -95.66
CA HIS JC 18 -5.15 56.83 -94.32
C HIS JC 18 -4.59 57.88 -93.37
N THR JC 19 -5.35 58.20 -92.32
CA THR JC 19 -4.96 59.22 -91.36
C THR JC 19 -4.52 58.55 -90.07
N PHE JC 20 -3.23 58.68 -89.75
CA PHE JC 20 -2.62 58.15 -88.54
C PHE JC 20 -2.69 59.23 -87.46
N VAL JC 21 -3.61 59.05 -86.53
CA VAL JC 21 -3.77 59.96 -85.39
C VAL JC 21 -2.63 59.72 -84.40
N PRO JC 22 -2.04 60.73 -83.81
CA PRO JC 22 -0.98 60.49 -82.82
C PRO JC 22 -1.54 59.85 -81.56
N ILE JC 23 -1.02 58.66 -81.23
CA ILE JC 23 -1.37 58.02 -79.98
C ILE JC 23 -0.49 58.51 -78.85
N GLY JC 24 0.80 58.69 -79.11
CA GLY JC 24 1.68 59.21 -78.09
C GLY JC 24 2.98 58.44 -77.98
N PRO JC 25 3.81 58.81 -77.01
CA PRO JC 25 5.08 58.13 -76.85
C PRO JC 25 4.91 56.74 -76.26
N ASP JC 26 5.85 55.86 -76.60
CA ASP JC 26 5.83 54.49 -76.10
C ASP JC 26 6.09 54.48 -74.60
N PRO JC 27 5.29 53.77 -73.81
CA PRO JC 27 5.51 53.75 -72.35
C PRO JC 27 6.88 53.22 -71.97
N LYS JC 28 7.40 52.23 -72.70
CA LYS JC 28 8.68 51.63 -72.36
C LYS JC 28 9.85 52.52 -72.77
N ASP JC 29 9.77 53.17 -73.93
CA ASP JC 29 10.86 53.97 -74.47
C ASP JC 29 10.35 55.36 -74.81
N ALA JC 30 10.92 56.38 -74.17
CA ALA JC 30 10.51 57.76 -74.41
C ALA JC 30 10.99 58.30 -75.75
N THR JC 31 11.85 57.59 -76.46
CA THR JC 31 12.40 58.06 -77.73
C THR JC 31 11.59 57.65 -78.93
N ILE JC 32 10.54 56.85 -78.76
CA ILE JC 32 9.79 56.33 -79.88
C ILE JC 32 8.34 56.77 -79.70
N TYR JC 33 7.73 57.25 -80.78
CA TYR JC 33 6.41 57.88 -80.78
C TYR JC 33 5.51 57.16 -81.77
N TRP JC 34 4.24 57.00 -81.41
CA TRP JC 34 3.31 56.14 -82.13
C TRP JC 34 2.11 56.93 -82.64
N TRP JC 35 1.85 56.80 -83.95
CA TRP JC 35 0.62 57.19 -84.61
C TRP JC 35 -0.12 55.93 -85.04
N GLU JC 36 -1.45 56.03 -85.14
CA GLU JC 36 -2.31 54.88 -85.40
C GLU JC 36 -3.46 55.25 -86.35
N ASP JC 37 -3.62 54.46 -87.38
CA ASP JC 37 -4.76 54.53 -88.30
C ASP JC 37 -5.86 53.64 -87.76
N GLN JC 38 -6.95 54.27 -87.31
CA GLN JC 38 -8.05 53.64 -86.59
C GLN JC 38 -9.25 53.37 -87.48
N SER JC 39 -9.05 53.29 -88.79
CA SER JC 39 -10.14 53.12 -89.74
C SER JC 39 -10.48 51.67 -90.00
N GLN JC 40 -9.75 50.73 -89.39
CA GLN JC 40 -9.92 49.31 -89.68
C GLN JC 40 -11.08 48.76 -88.84
N ALA JC 41 -11.29 47.45 -88.92
CA ALA JC 41 -12.48 46.83 -88.33
C ALA JC 41 -12.51 46.96 -86.81
N SER JC 42 -11.54 46.36 -86.14
CA SER JC 42 -11.43 46.44 -84.69
C SER JC 42 -9.99 46.81 -84.34
N PRO JC 43 -9.75 47.28 -83.12
CA PRO JC 43 -8.42 47.89 -82.82
C PRO JC 43 -7.24 46.95 -83.02
N ALA JC 44 -7.45 45.63 -83.03
CA ALA JC 44 -6.35 44.70 -83.25
C ALA JC 44 -5.77 44.82 -84.65
N GLY JC 45 -6.53 45.35 -85.61
CA GLY JC 45 -6.11 45.52 -86.98
C GLY JC 45 -5.78 46.95 -87.37
N TYR JC 46 -5.68 47.85 -86.40
CA TYR JC 46 -5.33 49.25 -86.67
C TYR JC 46 -3.91 49.34 -87.21
N TRP JC 47 -3.70 50.17 -88.23
CA TRP JC 47 -2.35 50.28 -88.78
C TRP JC 47 -1.53 51.26 -87.93
N ARG JC 48 -0.25 50.99 -87.81
CA ARG JC 48 0.56 51.76 -86.87
C ARG JC 48 1.82 52.28 -87.55
N LEU JC 49 2.29 53.41 -87.04
CA LEU JC 49 3.47 54.08 -87.55
C LEU JC 49 4.26 54.59 -86.36
N SER JC 50 5.52 54.21 -86.26
CA SER JC 50 6.38 54.57 -85.13
C SER JC 50 7.61 55.30 -85.65
N MET JC 51 7.94 56.43 -85.02
CA MET JC 51 9.15 57.17 -85.34
C MET JC 51 9.98 57.35 -84.09
N GLN JC 52 11.28 57.07 -84.19
CA GLN JC 52 12.18 57.06 -83.03
C GLN JC 52 13.44 57.84 -83.34
N LEU JC 53 13.83 58.72 -82.41
CA LEU JC 53 15.03 59.54 -82.52
C LEU JC 53 15.88 59.33 -81.27
N VAL JC 54 17.02 58.66 -81.42
CA VAL JC 54 17.92 58.35 -80.32
C VAL JC 54 19.15 59.24 -80.48
N ARG JC 55 19.19 60.30 -79.68
CA ARG JC 55 20.33 61.20 -79.52
C ARG JC 55 21.28 60.66 -78.48
N PRO JC 56 22.58 60.74 -78.72
CA PRO JC 56 23.53 60.41 -77.65
C PRO JC 56 23.56 61.50 -76.57
N ALA JC 57 24.05 61.11 -75.39
CA ALA JC 57 24.00 62.03 -74.26
C ALA JC 57 24.94 63.22 -74.47
N PRO JC 58 24.56 64.42 -74.06
CA PRO JC 58 25.42 65.59 -74.31
C PRO JC 58 26.78 65.49 -73.62
N ALA JC 59 27.85 65.63 -74.40
CA ALA JC 59 29.19 65.57 -73.88
C ALA JC 59 30.15 66.34 -74.77
N THR JC 65 34.61 59.18 -78.68
CA THR JC 65 33.66 60.28 -78.82
C THR JC 65 33.50 60.73 -80.28
N ASN JC 66 34.31 60.18 -81.18
CA ASN JC 66 34.03 60.28 -82.60
C ASN JC 66 33.24 59.08 -83.11
N GLN JC 67 32.78 58.23 -82.19
CA GLN JC 67 31.89 57.12 -82.49
C GLN JC 67 30.51 57.38 -81.87
N ARG JC 68 30.06 58.63 -81.90
CA ARG JC 68 28.78 59.01 -81.34
C ARG JC 68 27.82 59.18 -82.50
N MET JC 69 26.76 58.40 -82.52
CA MET JC 69 25.91 58.36 -83.69
C MET JC 69 24.46 58.52 -83.27
N ILE JC 70 23.74 59.36 -84.00
CA ILE JC 70 22.31 59.57 -83.83
C ILE JC 70 21.57 58.54 -84.67
N ARG JC 71 20.57 57.90 -84.08
CA ARG JC 71 19.80 56.91 -84.84
C ARG JC 71 18.36 57.38 -85.00
N VAL JC 72 17.76 57.05 -86.14
CA VAL JC 72 16.37 57.37 -86.44
C VAL JC 72 15.72 56.14 -87.04
N ARG JC 73 14.62 55.68 -86.45
CA ARG JC 73 13.93 54.48 -86.93
C ARG JC 73 12.48 54.83 -87.23
N VAL JC 74 12.06 54.56 -88.47
CA VAL JC 74 10.68 54.71 -88.89
C VAL JC 74 10.14 53.32 -89.23
N SER JC 75 9.00 52.98 -88.63
CA SER JC 75 8.47 51.63 -88.76
C SER JC 75 6.97 51.71 -89.05
N THR JC 76 6.50 50.93 -90.03
CA THR JC 76 5.09 50.90 -90.40
C THR JC 76 4.58 49.46 -90.33
N PHE JC 77 3.48 49.27 -89.62
CA PHE JC 77 2.83 47.97 -89.47
C PHE JC 77 1.42 48.06 -90.05
N GLU JC 78 1.08 47.11 -90.93
CA GLU JC 78 -0.23 47.07 -91.58
C GLU JC 78 -0.88 45.71 -91.40
N PRO JC 79 -1.33 45.38 -90.19
CA PRO JC 79 -1.93 44.07 -89.96
C PRO JC 79 -3.24 43.91 -90.73
N ILE JC 80 -3.49 42.67 -91.16
CA ILE JC 80 -4.68 42.32 -91.93
C ILE JC 80 -5.53 41.36 -91.11
N LEU JC 81 -6.74 41.78 -90.75
CA LEU JC 81 -7.61 40.97 -89.92
C LEU JC 81 -8.29 39.88 -90.75
N GLU JC 82 -8.68 38.81 -90.07
CA GLU JC 82 -9.47 37.76 -90.70
C GLU JC 82 -10.91 38.23 -90.85
N VAL JC 83 -11.55 37.80 -91.94
CA VAL JC 83 -12.91 38.24 -92.23
C VAL JC 83 -13.89 37.59 -91.26
N ALA JC 84 -15.00 38.29 -91.00
CA ALA JC 84 -16.03 37.76 -90.11
C ALA JC 84 -16.46 36.37 -90.55
N VAL JC 85 -16.68 35.48 -89.55
CA VAL JC 85 -17.01 34.09 -89.83
C VAL JC 85 -18.50 33.93 -90.08
N THR JC 86 -18.85 33.03 -90.99
CA THR JC 86 -20.25 32.71 -91.26
C THR JC 86 -20.72 31.50 -90.46
N ALA JC 87 -19.79 30.68 -89.98
CA ALA JC 87 -20.15 29.48 -89.25
C ALA JC 87 -18.92 28.95 -88.54
N THR JC 88 -19.08 28.55 -87.27
CA THR JC 88 -18.02 27.90 -86.53
C THR JC 88 -18.57 26.62 -85.90
N TYR JC 89 -17.70 25.86 -85.24
CA TYR JC 89 -18.13 24.56 -84.73
C TYR JC 89 -19.14 24.72 -83.61
N SER JC 90 -19.00 25.78 -82.81
CA SER JC 90 -19.84 25.99 -81.64
C SER JC 90 -20.96 26.97 -81.88
N GLY JC 91 -20.90 27.77 -82.94
CA GLY JC 91 -21.92 28.77 -83.20
C GLY JC 91 -21.64 30.13 -82.63
N ILE JC 92 -20.54 30.29 -81.89
CA ILE JC 92 -20.11 31.59 -81.36
C ILE JC 92 -18.95 32.08 -82.20
N ALA JC 93 -19.05 33.31 -82.70
CA ALA JC 93 -18.01 33.86 -83.56
C ALA JC 93 -16.75 34.13 -82.75
N PRO JC 94 -15.57 33.81 -83.28
CA PRO JC 94 -14.34 34.05 -82.54
C PRO JC 94 -13.99 35.53 -82.46
N SER JC 95 -13.16 35.85 -81.49
CA SER JC 95 -12.68 37.22 -81.33
C SER JC 95 -11.92 37.65 -82.58
N PRO JC 96 -11.91 38.95 -82.88
CA PRO JC 96 -11.16 39.41 -84.06
C PRO JC 96 -9.69 39.03 -83.93
N THR JC 97 -9.19 38.33 -84.95
CA THR JC 97 -7.82 37.81 -84.94
C THR JC 97 -7.06 38.35 -86.14
N VAL JC 98 -5.75 38.45 -85.97
CA VAL JC 98 -4.88 38.99 -87.01
C VAL JC 98 -4.41 37.83 -87.88
N SER JC 99 -4.63 37.95 -89.19
CA SER JC 99 -4.25 36.88 -90.11
C SER JC 99 -2.74 36.89 -90.40
N TYR JC 100 -2.21 38.04 -90.78
CA TYR JC 100 -0.78 38.19 -91.07
C TYR JC 100 -0.45 39.68 -91.03
N VAL JC 101 0.84 39.98 -90.90
CA VAL JC 101 1.24 41.38 -90.77
C VAL JC 101 2.42 41.72 -91.67
N PRO JC 102 2.17 42.37 -92.81
CA PRO JC 102 3.28 42.97 -93.56
C PRO JC 102 3.76 44.22 -92.84
N LYS JC 103 5.09 44.38 -92.77
CA LYS JC 103 5.63 45.50 -92.02
C LYS JC 103 6.95 45.96 -92.64
N ALA JC 104 7.39 47.15 -92.23
CA ALA JC 104 8.62 47.73 -92.74
C ALA JC 104 9.32 48.51 -91.63
N PHE JC 105 10.65 48.44 -91.65
CA PHE JC 105 11.50 49.02 -90.61
C PHE JC 105 12.68 49.69 -91.31
N THR JC 106 12.85 51.00 -91.12
CA THR JC 106 13.95 51.75 -91.72
C THR JC 106 14.74 52.43 -90.61
N GLU JC 107 16.07 52.33 -90.67
CA GLU JC 107 16.95 52.89 -89.65
C GLU JC 107 18.03 53.72 -90.34
N PHE JC 108 18.13 54.98 -89.94
CA PHE JC 108 19.20 55.87 -90.35
C PHE JC 108 20.22 55.93 -89.21
N VAL JC 109 21.48 55.74 -89.57
CA VAL JC 109 22.61 55.92 -88.67
C VAL JC 109 23.34 57.17 -89.16
N LEU JC 110 23.32 58.21 -88.33
CA LEU JC 110 23.80 59.53 -88.71
C LEU JC 110 24.88 59.95 -87.72
N PRO JC 111 26.16 59.87 -88.08
CA PRO JC 111 27.22 60.29 -87.14
C PRO JC 111 27.03 61.74 -86.74
N GLU JC 112 27.44 62.04 -85.50
CA GLU JC 112 27.24 63.38 -84.96
C GLU JC 112 28.05 64.42 -85.71
N ARG JC 113 29.13 64.03 -86.37
CA ARG JC 113 29.90 64.93 -87.21
C ARG JC 113 29.23 65.22 -88.54
N ALA JC 114 28.15 64.52 -88.90
CA ALA JC 114 27.59 64.63 -90.23
C ALA JC 114 26.80 65.92 -90.39
N THR JC 115 26.99 66.59 -91.52
CA THR JC 115 26.39 67.89 -91.74
C THR JC 115 24.95 67.76 -92.25
N LEU JC 116 24.21 68.86 -92.12
CA LEU JC 116 22.84 68.90 -92.60
C LEU JC 116 22.74 68.45 -94.04
N ASP JC 117 23.73 68.81 -94.87
CA ASP JC 117 23.72 68.36 -96.25
C ASP JC 117 23.80 66.84 -96.34
N ASN JC 118 24.67 66.23 -95.53
CA ASN JC 118 24.79 64.77 -95.52
C ASN JC 118 23.47 64.12 -95.12
N ARG JC 119 22.80 64.68 -94.11
CA ARG JC 119 21.54 64.10 -93.65
C ARG JC 119 20.46 64.22 -94.72
N LYS JC 120 20.36 65.39 -95.36
CA LYS JC 120 19.39 65.56 -96.44
C LYS JC 120 19.68 64.59 -97.57
N ASP JC 121 20.97 64.40 -97.90
CA ASP JC 121 21.36 63.46 -98.96
C ASP JC 121 20.90 62.05 -98.63
N ILE JC 122 21.25 61.56 -97.43
CA ILE JC 122 20.95 60.16 -97.11
C ILE JC 122 19.44 59.93 -97.05
N ARG JC 123 18.70 60.88 -96.47
CA ARG JC 123 17.24 60.72 -96.40
C ARG JC 123 16.63 60.70 -97.80
N LYS JC 124 16.87 61.74 -98.61
CA LYS JC 124 16.28 61.80 -99.94
C LYS JC 124 16.66 60.59 -100.77
N MET JC 125 17.94 60.20 -100.71
CA MET JC 125 18.43 59.18 -101.62
C MET JC 125 17.95 57.79 -101.23
N HIS JC 126 17.85 57.51 -99.93
CA HIS JC 126 17.30 56.22 -99.51
C HIS JC 126 15.81 56.14 -99.83
N ALA JC 127 15.05 57.20 -99.51
CA ALA JC 127 13.63 57.21 -99.84
C ALA JC 127 13.42 56.96 -101.32
N LEU JC 128 14.26 57.58 -102.15
CA LEU JC 128 14.18 57.32 -103.59
C LEU JC 128 14.57 55.88 -103.91
N ALA JC 129 15.58 55.35 -103.24
CA ALA JC 129 16.02 53.97 -103.50
C ALA JC 129 14.92 52.97 -103.23
N LEU JC 130 13.95 53.32 -102.38
CA LEU JC 130 12.79 52.46 -102.16
C LEU JC 130 11.77 52.53 -103.29
N THR JC 131 11.91 53.46 -104.23
CA THR JC 131 10.93 53.62 -105.31
C THR JC 131 11.50 53.31 -106.69
N THR JC 132 12.73 52.80 -106.76
CA THR JC 132 13.33 52.44 -108.04
C THR JC 132 12.57 51.28 -108.66
N SER JC 133 12.74 51.11 -109.98
CA SER JC 133 12.09 49.99 -110.67
C SER JC 133 12.54 48.66 -110.09
N GLU JC 134 13.82 48.57 -109.71
CA GLU JC 134 14.33 47.36 -109.08
C GLU JC 134 13.67 47.11 -107.71
N ALA JC 135 13.55 48.16 -106.90
CA ALA JC 135 12.89 48.01 -105.60
C ALA JC 135 11.43 47.60 -105.76
N ILE JC 136 10.74 48.15 -106.75
CA ILE JC 136 9.35 47.80 -106.96
C ILE JC 136 9.24 46.36 -107.45
N ALA JC 137 10.16 45.93 -108.30
CA ALA JC 137 10.14 44.54 -108.76
C ALA JC 137 10.42 43.57 -107.62
N MET JC 138 11.29 43.95 -106.68
CA MET JC 138 11.63 43.06 -105.58
C MET JC 138 10.52 42.99 -104.55
N ILE JC 139 9.95 44.14 -104.16
CA ILE JC 139 8.98 44.14 -103.07
C ILE JC 139 7.59 43.75 -103.56
N GLU JC 140 7.19 44.20 -104.75
CA GLU JC 140 5.83 43.94 -105.20
C GLU JC 140 5.73 42.65 -106.02
N SER JC 141 6.64 42.46 -106.96
CA SER JC 141 6.61 41.30 -107.85
C SER JC 141 7.50 40.17 -107.39
N LEU JC 142 8.35 40.42 -106.38
CA LEU JC 142 9.16 39.36 -105.78
C LEU JC 142 10.14 38.78 -106.80
N GLN JC 143 10.91 39.66 -107.43
CA GLN JC 143 11.88 39.28 -108.44
C GLN JC 143 13.25 39.83 -108.07
N PHE JC 144 14.28 39.00 -108.23
CA PHE JC 144 15.65 39.43 -107.98
C PHE JC 144 16.26 39.97 -109.27
N VAL JC 145 17.45 40.58 -109.15
CA VAL JC 145 18.18 41.11 -110.30
C VAL JC 145 19.25 40.10 -110.71
N TYR JC 146 19.39 39.89 -112.01
CA TYR JC 146 20.27 38.86 -112.55
C TYR JC 146 21.25 39.41 -113.57
N PRO KC 1 4.14 75.90 -68.40
CA PRO KC 1 4.30 76.51 -69.73
C PRO KC 1 4.54 75.48 -70.82
N GLN KC 2 4.23 75.82 -72.05
CA GLN KC 2 4.43 74.91 -73.15
C GLN KC 2 5.90 74.92 -73.59
N ALA KC 3 6.30 73.88 -74.30
CA ALA KC 3 7.64 73.85 -74.87
C ALA KC 3 7.71 74.87 -76.00
N ALA KC 4 8.59 75.85 -75.86
CA ALA KC 4 8.78 76.89 -76.87
C ALA KC 4 10.26 77.18 -77.05
N ASP KC 5 10.57 77.88 -78.13
CA ASP KC 5 11.94 78.32 -78.35
C ASP KC 5 12.40 79.18 -77.18
N ILE KC 6 13.68 79.07 -76.84
CA ILE KC 6 14.30 79.91 -75.81
C ILE KC 6 15.42 80.68 -76.47
N VAL KC 7 15.37 82.00 -76.41
CA VAL KC 7 16.34 82.83 -77.12
C VAL KC 7 17.25 83.52 -76.12
N ILE KC 8 18.56 83.33 -76.27
CA ILE KC 8 19.56 83.83 -75.35
C ILE KC 8 20.64 84.56 -76.13
N ALA KC 9 21.07 85.71 -75.63
CA ALA KC 9 22.00 86.57 -76.33
C ALA KC 9 23.45 86.13 -76.17
N ASP KC 10 24.22 86.28 -77.24
CA ASP KC 10 25.65 86.02 -77.22
C ASP KC 10 26.37 87.10 -76.41
N ALA KC 11 27.66 86.86 -76.16
CA ALA KC 11 28.52 87.85 -75.52
C ALA KC 11 29.50 88.49 -76.50
N GLN KC 12 29.15 88.52 -77.79
CA GLN KC 12 30.02 89.14 -78.77
C GLN KC 12 29.93 90.66 -78.68
N ALA KC 13 30.83 91.34 -79.41
CA ALA KC 13 30.80 92.79 -79.49
C ALA KC 13 29.41 93.27 -79.90
N THR KC 14 28.91 92.76 -81.01
CA THR KC 14 27.51 92.90 -81.36
C THR KC 14 26.82 91.60 -81.03
N PRO KC 15 26.07 91.52 -79.93
CA PRO KC 15 25.51 90.22 -79.50
C PRO KC 15 24.66 89.58 -80.58
N VAL KC 16 24.75 88.25 -80.65
CA VAL KC 16 24.01 87.43 -81.60
C VAL KC 16 23.02 86.56 -80.84
N ASN KC 17 21.75 86.58 -81.25
CA ASN KC 17 20.73 85.78 -80.58
C ASN KC 17 20.87 84.32 -80.99
N HIS KC 18 21.06 83.45 -80.00
CA HIS KC 18 21.02 82.01 -80.22
C HIS KC 18 19.65 81.50 -79.83
N THR KC 19 19.00 80.77 -80.75
CA THR KC 19 17.65 80.26 -80.53
C THR KC 19 17.74 78.76 -80.24
N PHE KC 20 17.33 78.38 -79.03
CA PHE KC 20 17.31 76.99 -78.58
C PHE KC 20 15.91 76.42 -78.84
N VAL KC 21 15.79 75.60 -79.88
CA VAL KC 21 14.55 74.93 -80.26
C VAL KC 21 14.36 73.75 -79.33
N PRO KC 22 13.16 73.47 -78.82
CA PRO KC 22 12.99 72.30 -77.96
C PRO KC 22 13.20 71.00 -78.71
N ILE KC 23 14.11 70.16 -78.21
CA ILE KC 23 14.29 68.81 -78.72
C ILE KC 23 13.26 67.88 -78.11
N GLY KC 24 12.99 68.05 -76.82
CA GLY KC 24 11.99 67.22 -76.18
C GLY KC 24 12.46 66.74 -74.83
N PRO KC 25 11.69 65.86 -74.22
CA PRO KC 25 12.08 65.32 -72.92
C PRO KC 25 13.25 64.36 -73.06
N ASP KC 26 13.96 64.22 -71.96
CA ASP KC 26 15.13 63.35 -71.93
C ASP KC 26 14.69 61.90 -72.14
N PRO KC 27 15.49 61.09 -72.84
CA PRO KC 27 15.08 59.70 -73.11
C PRO KC 27 14.89 58.86 -71.86
N LYS KC 28 15.75 59.07 -70.87
CA LYS KC 28 15.82 58.18 -69.72
C LYS KC 28 15.21 58.78 -68.46
N ASP KC 29 15.08 60.10 -68.38
CA ASP KC 29 14.46 60.79 -67.25
C ASP KC 29 13.35 61.69 -67.75
N ALA KC 30 12.14 61.46 -67.24
CA ALA KC 30 10.96 62.19 -67.63
C ALA KC 30 10.86 63.54 -66.96
N THR KC 31 11.84 63.90 -66.13
CA THR KC 31 11.80 65.16 -65.36
C THR KC 31 12.75 66.21 -65.90
N ILE KC 32 13.44 65.94 -67.00
CA ILE KC 32 14.40 66.87 -67.56
C ILE KC 32 14.10 67.02 -69.04
N TYR KC 33 14.06 68.27 -69.51
CA TYR KC 33 13.66 68.64 -70.87
C TYR KC 33 14.80 69.37 -71.55
N TRP KC 34 14.86 69.25 -72.89
CA TRP KC 34 16.03 69.62 -73.68
C TRP KC 34 15.66 70.53 -74.84
N TRP KC 35 16.35 71.68 -74.90
CA TRP KC 35 16.40 72.60 -76.02
C TRP KC 35 17.81 72.60 -76.61
N GLU KC 36 17.91 72.98 -77.88
CA GLU KC 36 19.17 72.89 -78.64
C GLU KC 36 19.30 74.05 -79.62
N ASP KC 37 20.48 74.65 -79.64
CA ASP KC 37 20.90 75.67 -80.61
C ASP KC 37 21.64 74.94 -81.73
N GLN KC 38 20.95 74.83 -82.87
CA GLN KC 38 21.37 74.03 -84.02
C GLN KC 38 22.03 74.87 -85.11
N SER KC 39 22.55 76.03 -84.75
CA SER KC 39 23.13 76.95 -85.71
C SER KC 39 24.58 76.60 -86.05
N GLN KC 40 25.20 75.74 -85.26
CA GLN KC 40 26.62 75.45 -85.37
C GLN KC 40 26.90 74.60 -86.61
N ALA KC 41 28.18 74.24 -86.81
CA ALA KC 41 28.59 73.70 -88.10
C ALA KC 41 28.13 72.25 -88.31
N SER KC 42 28.18 71.42 -87.28
CA SER KC 42 27.64 70.07 -87.28
C SER KC 42 27.06 69.82 -85.90
N PRO KC 43 26.19 68.81 -85.76
CA PRO KC 43 25.56 68.59 -84.44
C PRO KC 43 26.55 68.43 -83.30
N ALA KC 44 27.76 67.93 -83.58
CA ALA KC 44 28.78 67.80 -82.54
C ALA KC 44 29.04 69.12 -81.83
N GLY KC 45 28.88 70.23 -82.54
CA GLY KC 45 29.06 71.56 -81.98
C GLY KC 45 27.81 72.31 -81.59
N TYR KC 46 26.63 71.68 -81.69
CA TYR KC 46 25.40 72.36 -81.28
C TYR KC 46 25.42 72.66 -79.78
N TRP KC 47 24.76 73.75 -79.37
CA TRP KC 47 24.73 74.10 -77.96
C TRP KC 47 23.43 73.62 -77.32
N ARG KC 48 23.50 73.13 -76.10
CA ARG KC 48 22.33 72.48 -75.52
C ARG KC 48 21.98 73.12 -74.19
N LEU KC 49 20.68 73.13 -73.88
CA LEU KC 49 20.14 73.68 -72.64
C LEU KC 49 19.14 72.67 -72.09
N SER KC 50 19.23 72.38 -70.80
CA SER KC 50 18.39 71.38 -70.16
C SER KC 50 17.83 71.93 -68.86
N MET KC 51 16.54 71.70 -68.62
CA MET KC 51 15.90 72.15 -67.39
C MET KC 51 15.18 70.97 -66.74
N GLN KC 52 15.35 70.82 -65.43
CA GLN KC 52 14.85 69.66 -64.69
C GLN KC 52 14.15 70.11 -63.41
N LEU KC 53 12.95 69.60 -63.20
CA LEU KC 53 12.18 69.84 -61.99
C LEU KC 53 11.89 68.49 -61.34
N VAL KC 54 12.38 68.30 -60.13
CA VAL KC 54 12.18 67.08 -59.37
C VAL KC 54 11.37 67.43 -58.14
N ARG KC 55 10.11 67.02 -58.14
CA ARG KC 55 9.08 67.15 -57.13
C ARG KC 55 9.06 65.90 -56.26
N PRO KC 56 8.75 66.03 -54.98
CA PRO KC 56 8.61 64.85 -54.12
C PRO KC 56 7.24 64.20 -54.28
N ALA KC 57 7.16 62.96 -53.80
CA ALA KC 57 5.90 62.23 -53.87
C ALA KC 57 4.85 62.96 -53.04
N PRO KC 58 3.57 62.88 -53.42
CA PRO KC 58 2.56 63.72 -52.76
C PRO KC 58 2.48 63.43 -51.28
N ALA KC 59 2.13 64.46 -50.52
CA ALA KC 59 2.14 64.36 -49.06
C ALA KC 59 1.02 63.45 -48.59
N LYS KC 60 1.31 62.70 -47.53
CA LYS KC 60 0.31 61.83 -46.93
C LYS KC 60 -0.39 62.54 -45.78
N ALA KC 61 -1.60 62.07 -45.46
CA ALA KC 61 -2.40 62.70 -44.42
C ALA KC 61 -1.71 62.57 -43.08
N GLY KC 62 -1.53 63.70 -42.40
CA GLY KC 62 -0.83 63.71 -41.12
C GLY KC 62 0.67 63.60 -41.20
N GLN KC 63 1.24 63.41 -42.39
CA GLN KC 63 2.69 63.32 -42.53
C GLN KC 63 3.34 64.67 -42.30
N ASN KC 64 4.54 64.65 -41.70
CA ASN KC 64 5.29 65.87 -41.43
C ASN KC 64 6.12 66.23 -42.65
N THR KC 65 5.94 67.44 -43.17
CA THR KC 65 6.51 67.81 -44.47
C THR KC 65 7.78 68.64 -44.35
N ASN KC 66 8.33 68.82 -43.15
CA ASN KC 66 9.43 69.79 -43.07
C ASN KC 66 10.69 69.24 -43.58
N GLN KC 67 10.70 68.04 -44.16
CA GLN KC 67 11.92 67.53 -44.77
C GLN KC 67 11.82 67.32 -46.29
N ARG KC 68 10.64 67.47 -46.88
CA ARG KC 68 10.47 67.23 -48.30
C ARG KC 68 10.98 68.44 -49.07
N MET KC 69 11.62 68.22 -50.22
CA MET KC 69 12.28 69.29 -50.95
C MET KC 69 12.12 69.10 -52.45
N ILE KC 70 12.14 70.23 -53.16
CA ILE KC 70 12.01 70.29 -54.61
C ILE KC 70 13.35 70.77 -55.18
N ARG KC 71 13.78 70.14 -56.27
CA ARG KC 71 15.05 70.51 -56.89
C ARG KC 71 14.81 70.97 -58.32
N VAL KC 72 15.55 72.01 -58.72
CA VAL KC 72 15.51 72.52 -60.08
C VAL KC 72 16.94 72.60 -60.58
N ARG KC 73 17.20 72.04 -61.76
CA ARG KC 73 18.55 72.03 -62.33
C ARG KC 73 18.49 72.59 -63.75
N VAL KC 74 19.27 73.63 -64.00
CA VAL KC 74 19.45 74.20 -65.33
C VAL KC 74 20.88 73.93 -65.76
N SER KC 75 21.06 73.54 -67.02
CA SER KC 75 22.36 73.12 -67.48
C SER KC 75 22.57 73.60 -68.91
N THR KC 76 23.73 74.20 -69.19
CA THR KC 76 24.06 74.68 -70.52
C THR KC 76 25.39 74.12 -70.96
N PHE KC 77 25.42 73.60 -72.19
CA PHE KC 77 26.62 72.99 -72.78
C PHE KC 77 26.94 73.72 -74.07
N GLU KC 78 28.17 74.22 -74.18
CA GLU KC 78 28.61 75.00 -75.34
C GLU KC 78 29.89 74.41 -75.93
N PRO KC 79 29.81 73.27 -76.58
CA PRO KC 79 31.01 72.68 -77.19
C PRO KC 79 31.58 73.57 -78.28
N ILE KC 80 32.92 73.61 -78.36
CA ILE KC 80 33.66 74.38 -79.35
C ILE KC 80 34.34 73.40 -80.31
N LEU KC 81 34.24 73.67 -81.60
CA LEU KC 81 34.80 72.79 -82.60
C LEU KC 81 36.20 73.23 -83.01
N GLU KC 82 36.88 72.32 -83.71
CA GLU KC 82 38.16 72.57 -84.34
C GLU KC 82 38.21 71.80 -85.65
N VAL KC 83 39.03 72.26 -86.58
CA VAL KC 83 39.14 71.68 -87.91
C VAL KC 83 40.62 71.45 -88.22
N ALA KC 84 40.89 70.37 -88.98
CA ALA KC 84 42.27 70.03 -89.32
C ALA KC 84 42.81 70.83 -90.51
N VAL KC 85 41.93 71.33 -91.38
CA VAL KC 85 42.34 72.12 -92.53
C VAL KC 85 41.18 73.03 -92.93
N THR KC 86 41.50 74.20 -93.45
CA THR KC 86 40.50 75.27 -93.60
C THR KC 86 39.95 75.42 -95.01
N ALA KC 87 40.41 74.63 -95.99
CA ALA KC 87 39.93 74.74 -97.35
C ALA KC 87 39.23 73.45 -97.77
N THR KC 88 38.73 73.44 -98.99
CA THR KC 88 38.10 72.27 -99.58
C THR KC 88 38.88 71.85 -100.82
N TYR KC 89 39.17 70.56 -100.93
CA TYR KC 89 39.91 70.00 -102.04
C TYR KC 89 39.04 68.99 -102.78
N SER KC 90 38.89 69.19 -104.10
CA SER KC 90 38.21 68.20 -104.95
C SER KC 90 36.85 67.81 -104.35
N GLY KC 91 36.12 68.80 -103.86
CA GLY KC 91 34.81 68.59 -103.30
C GLY KC 91 34.79 67.99 -101.91
N ILE KC 92 35.93 67.79 -101.25
CA ILE KC 92 35.97 67.23 -99.92
C ILE KC 92 36.02 68.38 -98.93
N ALA KC 93 34.97 68.52 -98.13
CA ALA KC 93 35.06 69.65 -97.21
C ALA KC 93 35.70 69.24 -95.89
N PRO KC 94 36.26 70.21 -95.18
CA PRO KC 94 36.76 69.93 -93.84
C PRO KC 94 35.62 69.56 -92.91
N SER KC 95 35.85 68.52 -92.11
CA SER KC 95 34.83 68.04 -91.17
C SER KC 95 35.33 68.31 -89.77
N PRO KC 96 34.68 69.20 -89.01
CA PRO KC 96 35.18 69.56 -87.69
C PRO KC 96 34.86 68.52 -86.64
N THR KC 97 35.72 68.47 -85.61
CA THR KC 97 35.49 67.67 -84.42
C THR KC 97 35.39 68.57 -83.21
N VAL KC 98 34.93 68.00 -82.10
CA VAL KC 98 34.86 68.77 -80.88
C VAL KC 98 36.26 68.94 -80.31
N SER KC 99 36.56 70.15 -79.84
CA SER KC 99 37.86 70.49 -79.28
C SER KC 99 37.84 70.53 -77.76
N TYR KC 100 36.83 71.19 -77.19
CA TYR KC 100 36.64 71.23 -75.74
C TYR KC 100 35.20 71.66 -75.47
N VAL KC 101 34.73 71.40 -74.26
CA VAL KC 101 33.35 71.74 -73.93
C VAL KC 101 33.27 72.52 -72.64
N PRO KC 102 33.16 73.85 -72.69
CA PRO KC 102 32.76 74.61 -71.51
C PRO KC 102 31.30 74.40 -71.20
N LYS KC 103 30.97 74.30 -69.91
CA LYS KC 103 29.59 74.02 -69.54
C LYS KC 103 29.30 74.62 -68.18
N ALA KC 104 28.01 74.70 -67.87
CA ALA KC 104 27.56 75.27 -66.60
C ALA KC 104 26.37 74.50 -66.08
N PHE KC 105 26.32 74.34 -64.76
CA PHE KC 105 25.31 73.53 -64.09
C PHE KC 105 24.85 74.30 -62.86
N THR KC 106 23.55 74.60 -62.76
CA THR KC 106 22.97 75.30 -61.62
C THR KC 106 21.87 74.46 -61.00
N GLU KC 107 21.86 74.38 -59.67
CA GLU KC 107 20.87 73.60 -58.92
C GLU KC 107 20.28 74.45 -57.81
N PHE KC 108 18.97 74.59 -57.82
CA PHE KC 108 18.20 75.18 -56.74
C PHE KC 108 17.62 74.07 -55.88
N VAL KC 109 17.84 74.19 -54.58
CA VAL KC 109 17.20 73.34 -53.58
C VAL KC 109 16.18 74.21 -52.87
N LEU KC 110 14.91 73.96 -53.16
CA LEU KC 110 13.79 74.71 -52.61
C LEU KC 110 12.98 73.81 -51.70
N PRO KC 111 13.07 73.96 -50.38
CA PRO KC 111 12.24 73.13 -49.49
C PRO KC 111 10.77 73.38 -49.75
N GLU KC 112 9.99 72.30 -49.75
CA GLU KC 112 8.58 72.38 -50.15
C GLU KC 112 7.79 73.38 -49.30
N ARG KC 113 8.17 73.57 -48.05
CA ARG KC 113 7.46 74.52 -47.19
C ARG KC 113 7.79 75.98 -47.48
N ALA KC 114 8.61 76.28 -48.49
CA ALA KC 114 9.07 77.64 -48.67
C ALA KC 114 7.99 78.48 -49.36
N THR KC 115 8.04 79.78 -49.09
CA THR KC 115 7.08 80.72 -49.65
C THR KC 115 7.46 81.07 -51.09
N LEU KC 116 6.43 81.45 -51.86
CA LEU KC 116 6.68 82.05 -53.17
C LEU KC 116 7.69 83.17 -53.05
N ASP KC 117 7.62 83.95 -51.98
CA ASP KC 117 8.58 85.03 -51.78
C ASP KC 117 9.99 84.47 -51.63
N ASN KC 118 10.16 83.40 -50.84
CA ASN KC 118 11.47 82.79 -50.69
C ASN KC 118 12.02 82.32 -52.03
N ARG KC 119 11.15 81.74 -52.87
CA ARG KC 119 11.60 81.23 -54.15
C ARG KC 119 12.00 82.36 -55.09
N LYS KC 120 11.19 83.43 -55.15
CA LYS KC 120 11.56 84.59 -55.95
C LYS KC 120 12.88 85.18 -55.47
N ASP KC 121 13.07 85.24 -54.14
CA ASP KC 121 14.31 85.74 -53.56
C ASP KC 121 15.51 84.94 -54.04
N ILE KC 122 15.46 83.61 -53.84
CA ILE KC 122 16.63 82.80 -54.16
C ILE KC 122 16.93 82.84 -55.65
N ARG KC 123 15.89 82.78 -56.50
CA ARG KC 123 16.10 82.84 -57.94
C ARG KC 123 16.75 84.16 -58.35
N LYS KC 124 16.10 85.28 -58.03
CA LYS KC 124 16.62 86.58 -58.44
C LYS KC 124 18.03 86.80 -57.90
N MET KC 125 18.25 86.48 -56.62
CA MET KC 125 19.50 86.85 -55.99
C MET KC 125 20.65 85.99 -56.48
N HIS KC 126 20.41 84.70 -56.76
CA HIS KC 126 21.46 83.88 -57.33
C HIS KC 126 21.79 84.32 -58.76
N ALA KC 127 20.75 84.54 -59.58
CA ALA KC 127 20.99 85.01 -60.94
C ALA KC 127 21.80 86.30 -60.93
N LEU KC 128 21.52 87.19 -59.97
CA LEU KC 128 22.30 88.41 -59.84
C LEU KC 128 23.72 88.12 -59.38
N ALA KC 129 23.88 87.16 -58.45
CA ALA KC 129 25.21 86.83 -57.94
C ALA KC 129 26.11 86.31 -59.05
N LEU KC 130 25.51 85.75 -60.11
CA LEU KC 130 26.30 85.34 -61.27
C LEU KC 130 26.78 86.51 -62.12
N THR KC 131 26.28 87.72 -61.90
CA THR KC 131 26.65 88.88 -62.71
C THR KC 131 27.42 89.94 -61.93
N THR KC 132 27.76 89.67 -60.67
CA THR KC 132 28.53 90.61 -59.87
C THR KC 132 29.92 90.80 -60.47
N SER KC 133 30.54 91.94 -60.15
CA SER KC 133 31.89 92.22 -60.65
C SER KC 133 32.86 91.13 -60.22
N GLU KC 134 32.69 90.60 -59.01
CA GLU KC 134 33.53 89.51 -58.53
C GLU KC 134 33.31 88.23 -59.36
N ALA KC 135 32.05 87.89 -59.63
CA ALA KC 135 31.76 86.72 -60.46
C ALA KC 135 32.35 86.87 -61.86
N ILE KC 136 32.27 88.08 -62.41
CA ILE KC 136 32.82 88.30 -63.75
C ILE KC 136 34.34 88.20 -63.71
N ALA KC 137 34.97 88.74 -62.67
CA ALA KC 137 36.42 88.63 -62.54
C ALA KC 137 36.87 87.19 -62.37
N MET KC 138 36.06 86.35 -61.71
CA MET KC 138 36.47 84.97 -61.48
C MET KC 138 36.22 84.08 -62.69
N ILE KC 139 35.10 84.26 -63.39
CA ILE KC 139 34.76 83.38 -64.51
C ILE KC 139 35.43 83.84 -65.80
N GLU KC 140 35.43 85.14 -66.08
CA GLU KC 140 35.99 85.65 -67.33
C GLU KC 140 37.48 85.95 -67.21
N SER KC 141 37.87 86.66 -66.17
CA SER KC 141 39.26 87.07 -65.97
C SER KC 141 40.09 86.07 -65.19
N LEU KC 142 39.46 85.09 -64.55
CA LEU KC 142 40.18 84.02 -63.86
C LEU KC 142 41.06 84.57 -62.74
N GLN KC 143 40.52 85.47 -61.94
CA GLN KC 143 41.20 86.07 -60.81
C GLN KC 143 40.36 85.91 -59.56
N PHE KC 144 40.96 85.34 -58.52
CA PHE KC 144 40.31 85.18 -57.24
C PHE KC 144 40.33 86.49 -56.46
N VAL KC 145 39.67 86.50 -55.30
CA VAL KC 145 39.63 87.68 -54.43
C VAL KC 145 40.65 87.52 -53.31
N TYR KC 146 41.47 88.55 -53.12
CA TYR KC 146 42.56 88.50 -52.15
C TYR KC 146 42.48 89.64 -51.12
N PRO LC 1 -4.16 64.12 -78.23
CA PRO LC 1 -4.33 65.52 -77.80
C PRO LC 1 -3.14 66.01 -76.99
N GLN LC 2 -2.55 67.13 -77.38
CA GLN LC 2 -1.42 67.65 -76.62
C GLN LC 2 -1.88 68.07 -75.23
N ALA LC 3 -1.00 67.91 -74.25
CA ALA LC 3 -1.35 68.25 -72.88
C ALA LC 3 -1.58 69.75 -72.76
N ALA LC 4 -2.67 70.11 -72.08
CA ALA LC 4 -2.97 71.51 -71.82
C ALA LC 4 -3.71 71.62 -70.49
N ASP LC 5 -3.89 72.86 -70.03
CA ASP LC 5 -4.58 73.10 -68.77
C ASP LC 5 -5.97 72.48 -68.80
N ILE LC 6 -6.38 71.91 -67.66
CA ILE LC 6 -7.71 71.33 -67.50
C ILE LC 6 -8.45 72.18 -66.46
N VAL LC 7 -9.56 72.79 -66.86
CA VAL LC 7 -10.28 73.70 -65.98
C VAL LC 7 -11.59 73.05 -65.55
N ILE LC 8 -11.78 72.92 -64.24
CA ILE LC 8 -12.95 72.26 -63.67
C ILE LC 8 -13.58 73.18 -62.64
N ALA LC 9 -14.91 73.26 -62.66
CA ALA LC 9 -15.61 74.20 -61.79
C ALA LC 9 -15.74 73.65 -60.37
N ASP LC 10 -15.71 74.57 -59.40
CA ASP LC 10 -15.91 74.24 -58.00
C ASP LC 10 -17.38 73.90 -57.76
N ALA LC 11 -17.70 73.58 -56.51
CA ALA LC 11 -19.08 73.36 -56.09
C ALA LC 11 -19.56 74.42 -55.11
N GLN LC 12 -18.97 75.61 -55.14
CA GLN LC 12 -19.35 76.65 -54.20
C GLN LC 12 -20.65 77.31 -54.62
N ALA LC 13 -21.16 78.18 -53.74
CA ALA LC 13 -22.33 79.00 -54.06
C ALA LC 13 -22.17 79.65 -55.41
N THR LC 14 -21.11 80.45 -55.57
CA THR LC 14 -20.68 80.86 -56.89
C THR LC 14 -19.52 79.98 -57.29
N PRO LC 15 -19.70 79.07 -58.24
CA PRO LC 15 -18.61 78.15 -58.61
C PRO LC 15 -17.33 78.91 -58.96
N VAL LC 16 -16.20 78.35 -58.51
CA VAL LC 16 -14.88 78.93 -58.74
C VAL LC 16 -14.08 77.97 -59.60
N ASN LC 17 -13.55 78.46 -60.72
CA ASN LC 17 -12.80 77.60 -61.63
C ASN LC 17 -11.44 77.25 -61.05
N HIS LC 18 -11.13 75.95 -61.02
CA HIS LC 18 -9.81 75.46 -60.66
C HIS LC 18 -9.08 75.07 -61.95
N THR LC 19 -7.88 75.60 -62.13
CA THR LC 19 -7.08 75.31 -63.32
C THR LC 19 -5.96 74.34 -62.94
N PHE LC 20 -5.98 73.16 -63.57
CA PHE LC 20 -4.98 72.12 -63.37
C PHE LC 20 -3.95 72.21 -64.49
N VAL LC 21 -2.77 72.72 -64.15
CA VAL LC 21 -1.65 72.83 -65.09
C VAL LC 21 -1.00 71.46 -65.19
N PRO LC 22 -0.67 70.96 -66.37
CA PRO LC 22 0.02 69.67 -66.44
C PRO LC 22 1.39 69.71 -65.78
N ILE LC 23 1.63 68.73 -64.91
CA ILE LC 23 2.97 68.46 -64.41
C ILE LC 23 3.73 67.55 -65.35
N GLY LC 24 3.02 66.62 -65.99
CA GLY LC 24 3.67 65.72 -66.92
C GLY LC 24 3.47 64.27 -66.56
N PRO LC 25 4.15 63.39 -67.27
CA PRO LC 25 3.99 61.96 -67.01
C PRO LC 25 4.71 61.55 -65.74
N ASP LC 26 4.14 60.58 -65.05
CA ASP LC 26 4.75 60.06 -63.84
C ASP LC 26 6.10 59.45 -64.20
N PRO LC 27 7.19 59.85 -63.54
CA PRO LC 27 8.49 59.24 -63.84
C PRO LC 27 8.53 57.75 -63.55
N LYS LC 28 7.75 57.30 -62.56
CA LYS LC 28 7.75 55.88 -62.22
C LYS LC 28 6.95 55.07 -63.24
N ASP LC 29 5.85 55.62 -63.76
CA ASP LC 29 4.99 54.94 -64.74
C ASP LC 29 4.64 55.91 -65.86
N ALA LC 30 5.08 55.60 -67.07
CA ALA LC 30 4.88 56.49 -68.21
C ALA LC 30 3.44 56.52 -68.71
N THR LC 31 2.60 55.56 -68.31
CA THR LC 31 1.23 55.49 -68.79
C THR LC 31 0.27 56.33 -67.98
N ILE LC 32 0.75 57.15 -67.05
CA ILE LC 32 -0.13 57.95 -66.23
C ILE LC 32 0.40 59.38 -66.24
N TYR LC 33 -0.49 60.34 -66.49
CA TYR LC 33 -0.16 61.74 -66.67
C TYR LC 33 -0.82 62.56 -65.56
N TRP LC 34 -0.16 63.64 -65.16
CA TRP LC 34 -0.53 64.40 -63.97
C TRP LC 34 -0.70 65.88 -64.29
N TRP LC 35 -1.84 66.43 -63.86
CA TRP LC 35 -2.11 67.85 -63.77
C TRP LC 35 -2.25 68.23 -62.29
N GLU LC 36 -2.00 69.51 -61.98
CA GLU LC 36 -1.96 69.99 -60.61
C GLU LC 36 -2.62 71.36 -60.51
N ASP LC 37 -3.46 71.52 -59.48
CA ASP LC 37 -4.10 72.79 -59.17
C ASP LC 37 -3.27 73.51 -58.12
N GLN LC 38 -2.62 74.60 -58.51
CA GLN LC 38 -1.67 75.28 -57.66
C GLN LC 38 -2.27 76.43 -56.86
N SER LC 39 -3.59 76.46 -56.71
CA SER LC 39 -4.26 77.57 -56.06
C SER LC 39 -4.35 77.42 -54.55
N GLN LC 40 -3.85 76.32 -53.99
CA GLN LC 40 -3.99 76.04 -52.57
C GLN LC 40 -2.91 76.78 -51.78
N ALA LC 41 -2.87 76.51 -50.46
CA ALA LC 41 -2.11 77.36 -49.55
C ALA LC 41 -0.61 77.12 -49.66
N SER LC 42 -0.19 75.86 -49.79
CA SER LC 42 1.21 75.50 -50.00
C SER LC 42 1.24 74.22 -50.79
N PRO LC 43 2.39 73.86 -51.39
CA PRO LC 43 2.39 72.77 -52.37
C PRO LC 43 1.86 71.45 -51.85
N ALA LC 44 2.11 71.12 -50.58
CA ALA LC 44 1.63 69.85 -50.04
C ALA LC 44 0.13 69.68 -50.22
N GLY LC 45 -0.61 70.80 -50.25
CA GLY LC 45 -2.05 70.79 -50.42
C GLY LC 45 -2.57 71.05 -51.81
N TYR LC 46 -1.70 71.11 -52.82
CA TYR LC 46 -2.14 71.32 -54.20
C TYR LC 46 -2.99 70.14 -54.67
N TRP LC 47 -4.16 70.44 -55.22
CA TRP LC 47 -5.02 69.37 -55.74
C TRP LC 47 -4.43 68.81 -57.02
N ARG LC 48 -4.63 67.52 -57.25
CA ARG LC 48 -4.03 66.85 -58.39
C ARG LC 48 -5.05 66.00 -59.12
N LEU LC 49 -4.78 65.79 -60.40
CA LEU LC 49 -5.62 65.01 -61.29
C LEU LC 49 -4.71 64.15 -62.15
N SER LC 50 -5.08 62.87 -62.31
CA SER LC 50 -4.25 61.90 -63.01
C SER LC 50 -5.09 61.11 -64.00
N MET LC 51 -4.57 60.92 -65.21
CA MET LC 51 -5.24 60.12 -66.23
C MET LC 51 -4.27 59.08 -66.77
N GLN LC 52 -4.73 57.83 -66.84
CA GLN LC 52 -3.89 56.70 -67.20
C GLN LC 52 -4.54 55.89 -68.31
N LEU LC 53 -3.76 55.58 -69.34
CA LEU LC 53 -4.20 54.75 -70.46
C LEU LC 53 -3.22 53.59 -70.59
N VAL LC 54 -3.72 52.37 -70.40
CA VAL LC 54 -2.92 51.16 -70.48
C VAL LC 54 -3.50 50.33 -71.62
N ARG LC 55 -2.84 50.40 -72.77
CA ARG LC 55 -3.10 49.63 -73.98
C ARG LC 55 -2.23 48.38 -73.98
N PRO LC 56 -2.75 47.26 -74.43
CA PRO LC 56 -1.99 46.02 -74.40
C PRO LC 56 -0.98 45.96 -75.53
N ALA LC 57 0.00 45.07 -75.37
CA ALA LC 57 0.98 44.84 -76.42
C ALA LC 57 0.26 44.45 -77.71
N PRO LC 58 0.78 44.85 -78.87
CA PRO LC 58 0.03 44.70 -80.11
C PRO LC 58 -0.33 43.25 -80.41
N ALA LC 59 -1.50 43.07 -81.02
CA ALA LC 59 -1.96 41.74 -81.40
C ALA LC 59 -0.97 41.11 -82.36
N LYS LC 60 -0.75 39.81 -82.21
CA LYS LC 60 0.16 39.07 -83.06
C LYS LC 60 -0.60 38.19 -84.03
N ALA LC 61 0.08 37.78 -85.09
CA ALA LC 61 -0.56 37.01 -86.15
C ALA LC 61 -1.06 35.67 -85.60
N GLY LC 62 -2.32 35.37 -85.86
CA GLY LC 62 -2.92 34.15 -85.36
C GLY LC 62 -3.17 34.10 -83.86
N GLN LC 63 -2.92 35.18 -83.13
CA GLN LC 63 -3.11 35.20 -81.69
C GLN LC 63 -4.61 35.34 -81.37
N ASN LC 64 -4.98 34.95 -80.17
CA ASN LC 64 -6.37 35.01 -79.74
C ASN LC 64 -6.60 36.26 -78.91
N THR LC 65 -7.60 37.05 -79.30
CA THR LC 65 -7.81 38.37 -78.74
C THR LC 65 -8.77 38.40 -77.55
N ASN LC 66 -9.51 37.31 -77.32
CA ASN LC 66 -10.75 37.37 -76.54
C ASN LC 66 -10.51 37.75 -75.09
N GLN LC 67 -9.25 37.89 -74.66
CA GLN LC 67 -8.98 38.33 -73.30
C GLN LC 67 -8.17 39.62 -73.19
N ARG LC 68 -7.68 40.17 -74.30
CA ARG LC 68 -6.87 41.37 -74.23
C ARG LC 68 -7.78 42.57 -73.95
N MET LC 69 -7.32 43.46 -73.08
CA MET LC 69 -8.16 44.56 -72.61
C MET LC 69 -7.36 45.84 -72.39
N ILE LC 70 -8.05 46.96 -72.54
CA ILE LC 70 -7.51 48.30 -72.37
C ILE LC 70 -8.10 48.88 -71.09
N ARG LC 71 -7.26 49.56 -70.30
CA ARG LC 71 -7.74 50.17 -69.06
C ARG LC 71 -7.50 51.67 -69.08
N VAL LC 72 -8.43 52.42 -68.52
CA VAL LC 72 -8.29 53.87 -68.38
C VAL LC 72 -8.67 54.24 -66.96
N ARG LC 73 -7.79 54.94 -66.25
CA ARG LC 73 -8.02 55.31 -64.86
C ARG LC 73 -7.90 56.82 -64.72
N VAL LC 74 -8.97 57.46 -64.27
CA VAL LC 74 -8.99 58.88 -63.95
C VAL LC 74 -9.12 59.03 -62.45
N SER LC 75 -8.23 59.81 -61.85
CA SER LC 75 -8.16 59.95 -60.40
C SER LC 75 -8.04 61.42 -60.02
N THR LC 76 -8.79 61.83 -58.99
CA THR LC 76 -8.72 63.21 -58.51
C THR LC 76 -8.48 63.23 -57.01
N PHE LC 77 -7.49 64.01 -56.58
CA PHE LC 77 -7.12 64.14 -55.18
C PHE LC 77 -7.25 65.61 -54.77
N GLU LC 78 -7.99 65.86 -53.69
CA GLU LC 78 -8.25 67.20 -53.21
C GLU LC 78 -7.86 67.31 -51.73
N PRO LC 79 -6.56 67.22 -51.43
CA PRO LC 79 -6.13 67.26 -50.03
C PRO LC 79 -6.45 68.60 -49.39
N ILE LC 80 -6.90 68.53 -48.13
CA ILE LC 80 -7.24 69.71 -47.33
C ILE LC 80 -6.12 69.95 -46.33
N LEU LC 81 -5.48 71.11 -46.42
CA LEU LC 81 -4.37 71.43 -45.54
C LEU LC 81 -4.85 71.69 -44.12
N GLU LC 82 -4.07 71.21 -43.15
CA GLU LC 82 -4.39 71.48 -41.76
C GLU LC 82 -4.23 72.98 -41.47
N VAL LC 83 -5.15 73.53 -40.69
CA VAL LC 83 -5.06 74.92 -40.24
C VAL LC 83 -4.37 74.94 -38.88
N ALA LC 84 -3.36 75.78 -38.75
CA ALA LC 84 -2.52 75.77 -37.56
C ALA LC 84 -3.25 76.42 -36.39
N VAL LC 85 -3.01 75.90 -35.19
CA VAL LC 85 -3.38 76.57 -33.96
C VAL LC 85 -2.12 76.76 -33.14
N THR LC 86 -2.26 77.33 -31.95
CA THR LC 86 -1.10 77.65 -31.13
C THR LC 86 -0.42 76.37 -30.66
N ALA LC 87 0.86 76.20 -31.02
CA ALA LC 87 1.66 75.09 -30.55
C ALA LC 87 2.23 75.44 -29.18
N THR LC 88 2.07 74.53 -28.22
CA THR LC 88 2.39 74.84 -26.84
C THR LC 88 3.62 74.13 -26.30
N TYR LC 89 4.06 73.04 -26.94
CA TYR LC 89 5.27 72.36 -26.47
C TYR LC 89 6.51 73.17 -26.81
N SER LC 90 6.68 73.51 -28.09
CA SER LC 90 7.88 74.21 -28.54
C SER LC 90 7.64 75.66 -28.92
N GLY LC 91 6.38 76.09 -29.06
CA GLY LC 91 6.09 77.43 -29.53
C GLY LC 91 6.46 77.66 -30.97
N ILE LC 92 6.81 76.61 -31.69
CA ILE LC 92 7.20 76.67 -33.09
C ILE LC 92 6.06 76.08 -33.92
N ALA LC 93 5.43 76.92 -34.74
CA ALA LC 93 4.30 76.46 -35.53
C ALA LC 93 4.74 75.33 -36.45
N PRO LC 94 3.87 74.35 -36.70
CA PRO LC 94 4.29 73.15 -37.42
C PRO LC 94 4.36 73.39 -38.92
N SER LC 95 5.19 72.57 -39.56
CA SER LC 95 5.27 72.55 -41.01
C SER LC 95 3.88 72.31 -41.60
N PRO LC 96 3.61 72.80 -42.80
CA PRO LC 96 2.30 72.55 -43.41
C PRO LC 96 2.09 71.04 -43.54
N THR LC 97 0.99 70.57 -42.98
CA THR LC 97 0.68 69.15 -42.95
C THR LC 97 -0.70 68.93 -43.56
N VAL LC 98 -0.85 67.83 -44.28
CA VAL LC 98 -2.12 67.49 -44.89
C VAL LC 98 -3.03 66.89 -43.83
N SER LC 99 -4.23 67.46 -43.68
CA SER LC 99 -5.14 66.99 -42.64
C SER LC 99 -5.88 65.72 -43.06
N TYR LC 100 -6.50 65.74 -44.24
CA TYR LC 100 -7.20 64.58 -44.77
C TYR LC 100 -7.36 64.76 -46.26
N VAL LC 101 -7.63 63.66 -46.96
CA VAL LC 101 -7.71 63.74 -48.42
C VAL LC 101 -8.97 63.10 -48.95
N PRO LC 102 -9.96 63.89 -49.37
CA PRO LC 102 -11.07 63.35 -50.17
C PRO LC 102 -10.59 63.05 -51.58
N LYS LC 103 -10.89 61.85 -52.07
CA LYS LC 103 -10.36 61.47 -53.37
C LYS LC 103 -11.35 60.60 -54.11
N ALA LC 104 -11.12 60.47 -55.42
CA ALA LC 104 -11.98 59.65 -56.27
C ALA LC 104 -11.15 58.96 -57.33
N PHE LC 105 -11.54 57.73 -57.66
CA PHE LC 105 -10.81 56.86 -58.55
C PHE LC 105 -11.80 56.16 -59.47
N THR LC 106 -11.70 56.38 -60.77
CA THR LC 106 -12.58 55.76 -61.76
C THR LC 106 -11.75 54.93 -62.73
N GLU LC 107 -12.13 53.67 -62.93
CA GLU LC 107 -11.44 52.75 -63.83
C GLU LC 107 -12.43 52.22 -64.86
N PHE LC 108 -12.12 52.44 -66.12
CA PHE LC 108 -12.82 51.85 -67.25
C PHE LC 108 -12.04 50.63 -67.71
N VAL LC 109 -12.73 49.51 -67.81
CA VAL LC 109 -12.22 48.29 -68.44
C VAL LC 109 -12.93 48.16 -69.78
N LEU LC 110 -12.17 48.41 -70.85
CA LEU LC 110 -12.68 48.36 -72.21
C LEU LC 110 -11.97 47.23 -72.92
N PRO LC 111 -12.62 46.08 -73.16
CA PRO LC 111 -11.96 45.02 -73.92
C PRO LC 111 -11.65 45.49 -75.33
N GLU LC 112 -10.47 45.10 -75.83
CA GLU LC 112 -10.01 45.59 -77.13
C GLU LC 112 -11.03 45.29 -78.22
N ARG LC 113 -11.66 44.13 -78.13
CA ARG LC 113 -12.75 43.74 -79.02
C ARG LC 113 -13.87 44.79 -79.13
N ALA LC 114 -14.07 45.62 -78.12
CA ALA LC 114 -15.25 46.47 -78.08
C ALA LC 114 -15.20 47.57 -79.13
N THR LC 115 -16.37 47.96 -79.62
CA THR LC 115 -16.49 48.97 -80.66
C THR LC 115 -16.46 50.38 -80.07
N LEU LC 116 -16.17 51.34 -80.96
CA LEU LC 116 -16.21 52.76 -80.59
C LEU LC 116 -17.53 53.12 -79.95
N ASP LC 117 -18.64 52.59 -80.49
CA ASP LC 117 -19.94 52.84 -79.89
C ASP LC 117 -20.00 52.33 -78.46
N ASN LC 118 -19.45 51.12 -78.22
CA ASN LC 118 -19.42 50.59 -76.86
C ASN LC 118 -18.65 51.50 -75.92
N ARG LC 119 -17.52 52.03 -76.37
CA ARG LC 119 -16.70 52.89 -75.52
C ARG LC 119 -17.40 54.22 -75.25
N LYS LC 120 -18.01 54.81 -76.27
CA LYS LC 120 -18.77 56.05 -76.07
C LYS LC 120 -19.92 55.82 -75.10
N ASP LC 121 -20.61 54.68 -75.23
CA ASP LC 121 -21.70 54.31 -74.34
C ASP LC 121 -21.23 54.26 -72.89
N ILE LC 122 -20.18 53.48 -72.62
CA ILE LC 122 -19.76 53.29 -71.24
C ILE LC 122 -19.28 54.61 -70.64
N ARG LC 123 -18.51 55.39 -71.40
CA ARG LC 123 -18.03 56.67 -70.88
C ARG LC 123 -19.19 57.60 -70.56
N LYS LC 124 -20.05 57.88 -71.54
CA LYS LC 124 -21.14 58.82 -71.31
C LYS LC 124 -22.05 58.34 -70.17
N MET LC 125 -22.40 57.06 -70.17
CA MET LC 125 -23.41 56.59 -69.23
C MET LC 125 -22.88 56.54 -67.81
N HIS LC 126 -21.60 56.21 -67.62
CA HIS LC 126 -21.03 56.26 -66.29
C HIS LC 126 -20.90 57.71 -65.81
N ALA LC 127 -20.37 58.60 -66.66
CA ALA LC 127 -20.24 60.00 -66.29
C ALA LC 127 -21.58 60.60 -65.90
N LEU LC 128 -22.65 60.13 -66.53
CA LEU LC 128 -24.00 60.55 -66.13
C LEU LC 128 -24.42 59.88 -64.82
N ALA LC 129 -24.09 58.60 -64.64
CA ALA LC 129 -24.49 57.89 -63.43
C ALA LC 129 -23.90 58.55 -62.19
N LEU LC 130 -22.77 59.23 -62.34
CA LEU LC 130 -22.20 59.97 -61.22
C LEU LC 130 -22.96 61.25 -60.90
N THR LC 131 -23.91 61.66 -61.72
CA THR LC 131 -24.67 62.89 -61.49
C THR LC 131 -26.14 62.64 -61.15
N THR LC 132 -26.54 61.38 -61.00
CA THR LC 132 -27.91 61.05 -60.65
C THR LC 132 -28.23 61.56 -59.24
N SER LC 133 -29.53 61.76 -58.99
CA SER LC 133 -29.96 62.20 -57.67
C SER LC 133 -29.53 61.21 -56.59
N GLU LC 134 -29.54 59.91 -56.93
CA GLU LC 134 -29.11 58.88 -55.99
C GLU LC 134 -27.63 59.01 -55.66
N ALA LC 135 -26.79 59.21 -56.68
CA ALA LC 135 -25.36 59.40 -56.45
C ALA LC 135 -25.11 60.66 -55.63
N ILE LC 136 -25.84 61.74 -55.92
CA ILE LC 136 -25.70 62.97 -55.14
C ILE LC 136 -26.07 62.73 -53.69
N ALA LC 137 -27.16 61.99 -53.45
CA ALA LC 137 -27.60 61.73 -52.09
C ALA LC 137 -26.59 60.86 -51.34
N MET LC 138 -25.98 59.88 -52.01
CA MET LC 138 -25.02 59.01 -51.32
C MET LC 138 -23.72 59.73 -51.01
N ILE LC 139 -23.18 60.48 -51.98
CA ILE LC 139 -21.87 61.07 -51.79
C ILE LC 139 -21.95 62.34 -50.95
N GLU LC 140 -22.95 63.18 -51.18
CA GLU LC 140 -23.04 64.46 -50.48
C GLU LC 140 -23.78 64.35 -49.15
N SER LC 141 -24.93 63.67 -49.15
CA SER LC 141 -25.79 63.60 -47.97
C SER LC 141 -25.67 62.28 -47.21
N LEU LC 142 -24.91 61.32 -47.73
CA LEU LC 142 -24.62 60.08 -47.01
C LEU LC 142 -25.87 59.27 -46.73
N GLN LC 143 -26.72 59.13 -47.75
CA GLN LC 143 -27.98 58.41 -47.64
C GLN LC 143 -28.03 57.30 -48.68
N PHE LC 144 -28.44 56.12 -48.24
CA PHE LC 144 -28.62 54.98 -49.13
C PHE LC 144 -30.03 55.00 -49.74
N VAL LC 145 -30.34 54.02 -50.58
CA VAL LC 145 -31.66 53.91 -51.19
C VAL LC 145 -32.38 52.71 -50.58
N TYR LC 146 -33.70 52.82 -50.47
CA TYR LC 146 -34.44 51.82 -49.70
C TYR LC 146 -35.77 51.43 -50.36
#